data_9L5S
#
_entry.id   9L5S
#
_cell.length_a   1.00
_cell.length_b   1.00
_cell.length_c   1.00
_cell.angle_alpha   90.00
_cell.angle_beta   90.00
_cell.angle_gamma   90.00
#
_symmetry.space_group_name_H-M   'P 1'
#
loop_
_entity.id
_entity.type
_entity.pdbx_description
1 polymer 'U2 snRNA'
2 polymer 'U5 snRNA'
3 polymer 'U6 snRNA'
4 polymer PRP8
5 polymer 'Pre-mRNA-splicing factor SYF2'
6 polymer SNU114
7 polymer 'Anaphase-promoting complex subunit 4-like WD40 domain-containing protein'
8 polymer CCDC12
9 polymer 'Putative pre-mRNA splicing protein'
10 polymer 'Suppressor of forked domain-containing protein'
11 polymer 'Putative pre-mRNA splicing protein'
12 polymer 'Pre-mRNA-splicing factor SPF27'
13 polymer 'Pre-mRNA-processing factor 19'
14 polymer 'Putative bud site selection protein'
15 polymer 'Peptidyl-prolyl cis-trans isomerase'
16 polymer 'Pre-mRNA-splicing factor PRP46'
17 polymer 'Putative pre-mRNA splicing protein'
18 polymer 'Putative pre-mRNA splicing protein'
19 polymer 'Pre-mRNA-processing protein 45'
20 polymer PRP17
21 polymer 'Putative pre-mRNA splicing protein'
22 polymer 'Pre-mRNA-splicing factor'
23 polymer GPATCH1
24 polymer 'RNA helicase'
25 polymer 'Small nuclear ribonucleoprotein E'
26 polymer 'Small nuclear ribonucleoprotein G'
27 polymer 'Sm protein F'
28 polymer 'Delta(14)-sterol reductase'
29 polymer 'Small nuclear ribonucleoprotein Sm D1'
30 polymer 'Sm protein B'
31 polymer 'Small nuclear ribonucleoprotein Sm D3'
32 polymer 'Putative pre-mRNA splicing protein'
33 polymer 'Putative pre-mRNA splicing protein'
34 polymer 'Nineteen complex-related protein 2-domain-containing protein'
35 polymer GCFC2
36 polymer TFIP11
37 polymer 'Unknown mRNA'
38 polymer 'Putative pre-mRNA splicing protein'
39 non-polymer "N,N,7-trimethylguanosine 5'-(trihydrogen diphosphate)"
40 non-polymer 'MAGNESIUM ION'
41 non-polymer "GUANOSINE-5'-TRIPHOSPHATE"
42 non-polymer 'ZINC ION'
#
loop_
_entity_poly.entity_id
_entity_poly.type
_entity_poly.pdbx_seq_one_letter_code
_entity_poly.pdbx_strand_id
1 'polyribonucleotide'
;AGCUCUCUUUGCCUUUUGGCUUAGAUCAAGUGUAGUAUCUGUUCUUUUCAGUUUAAUCUCUGAAACUGCUCUACGGAGCA
GAAUCGUGAUUAUACUAAUUUUUGGCCUUCGGCGGACUUCCCUCUGGGCUUGCCCAUGGUCGUCUGCCACAGUGUCCCUG
GUAUUACACUGCCUCCAGGUGACGCGACCUUCC
;
2
2 'polyribonucleotide'
;UUGGAGUAGGCCAGCUCAGACCGAACUCAUUUCCUGCCUUUUACCGGAUGUGACCGUGAGUUGGCCUGAAAUACUCCCUA
ACCCAAUCUUUGGAAACUCUCUGGAUAUCCCAGAUU
;
5
3 'polyribonucleotide'
;GCCCUUCGGGGCAUUUGGUCAAUUUGAAACGAUACAGAGAAGAUUAGCAUGGCCCCUGCACUAAGGAUGACACGCUACUC
AAAGAGACGCUACCAAUUUUU
;
6
4 'polypeptide(L)'
;MLRPCALAIWQGFAPLQSRESSSRFSLFKPRPVPGFHQHTTLKGEVAISNCGEIVAPISFGLWRIFANRSRSNAGNTATC
LRFRRLLPDGGPPPPPPPPPPPPGPPSDLPPPPPPSSSSLPPPPAIPAPPPPGYRPPSDPHIAKFAQKKKEWLRMQRNRF
GEKRKGGFVETQKADMPPEHLRKIVKDIGDVSQKKYTSDKRSYLGALKFMPHAVLKLLENMPMPWEAAREVKVLYHVNGC
LTLVNEIPRVIEPVFFAQWGSMWRTMRKEKSDRRLFKRMRFPPFDDEEPPLSWSENIEDVEPLEPIQMELDEDEDAAVYE
WFYDHQPLIDTPHVNGPSYKRWNLTLPQMANLYRLSEPLVSDVVDPNYFYLFELKSFLTAKALNVALPGGPRFEPLYKDI
DPNDEDFGEFNAMDRIIFRNPIRTETRVAYPYLYNSRPRSVHLSWHSYPQIVYTKTEDPELPAFYFDTSINPISSRAVAP
KNLTVSHEDELFGKGNIEEPEEEAFVLPAAVEPFFADEELETEDTRSAIELWWAPYPFDRRSGRMVRAQDVPLIKHWYLE
HCPPKQPVKVRVSYQKLLKTYVLNELHRKRPKSMQKQSLLRTLKQTKFFQQTTIDWVEAGLQVCRQGFNMLNLLIHRKNL
TYLHLDYNFNLKPVKTLTTKERKKSRFGNAFHLMREILRLTKLIVDAQVQYRLGNIDAFQLADGIHYAFNHVGQLTGMYR
YKYKLMHQIRSCKDLKHLIYYRFNTGPVGKGPGCGFWAPSWRVWLFFMRGIIPLLERWLGNLLSRQFEGRHSKGVAKTVT
KQRVESHFDLELRASVMADLMDMMPEGIKQSKVNTVLQHLSEAWRCWKSNIPWKVPGLPAPIENIILRYVKAKADWWISV
AHYNRERIRRGATVDKTVAKKNVGRLTRLWLKAEQERQHNHMKDGPYVSSEEAVAIYTTTVHWLEARKFSPIPFPSVSYK
HDTKILILALERLREAYSTKGRLNQSQREELALIEQAYDSPGTTLERIKRFLLTQRAFKEVGIDMNDNYSTINPVYDVEP
IEKISDAYLDQYLWYQADQRHLFPNWVKPSDSEVPPLLVYKWCQGINNLDKVWDTSNGECNVIIETQLSKVYEKIELTLL
NSLLRLIMDHNLADYITAKNNVTLTYKDMSHVNSYGMIRGLQFSAFVFQYYGLILDLLILGPQRAAEIAGPPQSPNDFLQ
FQDRDTETRHPIRLYTRYIDKIWVFLRFTAEESRDLIQRFLTEQPDPNFENVIGFKSKKCWPRDSRMRLMRHDVNLGRAV
FWDLKNRLPRSVTTIEWDDTFVSVYSKDNPNLLFSMCGFEVRILPKCRNQNDEFPVKDSVWSLVDNSTKERTAHAFLQVT
EEDIQKFNNRIRQILMSSGSTTFTKIANKWNTALIALFTYYREAAVSTVNLLDTIVKCETKIQTRVKIGLNSKMPSRFPP
AVFYTPKELGGLGMLSGSHILIPASDKRWCKQTDVGITHFRAGMSHDEETLIPNIARYIIPWEAEFIDSQRVWTEYSQKR
LEAQQQNRRLTLEDLEDSWDRGLPRINTLFQKDRSTLSFDKGFRARAEFKIYQLMKSNPFWWTNPRHDGKLWNLNAYRTD
VIQALGGVETILEHTLFKATGFPSWEGLFWEKSSGFEASMQFKKLTNAQRSGLNQIPNRRFTLWWSPTINRANVYVGFQV
QLDLTGIFLHGKIPTLKISLIQIFRAHLWQKIHESVVMDLCQVFDQELEALSIESVQKETIHPRKSYKMNSSCADIQLFA
SHKWNVTRPSLLFDTKDVIEATTTNKFWIDVQLRYGDYDSHDIERYVRAKYLDYTTDSMSLYPSPTGLMIGIDLAYNLYS
AYGQYFPGLKTLIQQAMAKIMKANPALYVLRERIRKGLQLYASESNQEFLNSQNYSELFSNQTQLFIDDTNVYRVTIHKT
FEGNLTTKPINGAIFIFNPRTGQLFLKIIHTSVWAGQKRLGQLAKWKTAEEVAALIRSLPVEEQPKQLIVTRKGLLDPLE
VNLVDFPNISIRASELQLPFQAAMKVEKLGDMILRATEPQMVLFNLYDDWLKTISSYTAFSRLILILRALHVNQDKTKLI
LRPDKTVITQDHHIWPSLTDEDWIKVEMQLRDLILNDYGKKNNVNVASLTTSEVRDIILGMEISAPSLQRQQAAEIEKQQ
QEQAQLTAVTTKTQNVHGEEIIVTTTSQFEQQTFASKTEWRTRAIATSNLRTRANNMYVAPVDNDVDDITYVMPKNILKK
FITIADLRVQVAGFLYGCSPADNDQVKEIRCIVMVPQIGGNRSVQLPQHLPQHEMLKGLEPLGLIHTMAGNELPYMSPAD
VTTHAKLVDAHPSWKNQNTLTVTVAFTPGSVSLSAWALTPLGYKWGVENKDPNVDNPQGFTTTMGERRQLLLSDKFKGFF
LVPDTGKWNYSFMGSSFSGIEKKPYHVKLDTPLPFYSEQHRPIHFTSFNELEDIWVDRADNFA
;
A
5 'polypeptide(L)'
;MPPAKKRKTEASQEPRPASEQQEQNGAQEEQPTVQDSTPEVESRSDDKKVSQSPTLATDPSDDTSEQPSESSTKNAALTA
AQERLARFRALQARAKESSQQNLKEATKESQRLATDPSQLTALSRKHAIAAHKLLKAEIEDAGGDFERKRAWDWTVEEAE
RWDKRMKKKEAHRDDTAFRDYAREAEKTYKRQIRNMGAPDLEKYMREKLSAIEKAAAAGTLDIIETEDGEMIAVDKDGTF
FSTANATDFAQHKPDKAAVDRLVADLRKAEEASLKRRREKLAKSGEEHGDVTYINEKNKQFNAKLARFYNKYTAEIRDSF
ERGTMV
;
B
6 'polypeptide(L)'
;MWQRATRLRLSESFGPSTTDSNHTFPDLAATMDDDLYDEFGNFIGEEAESEEESDHGANAGVYAYDEYVDEAPEEPAEEQ
MDIDEEPPSNAVILHEDKQYYPTAAQVFGEGVETLVQEEDAQPLTQPIIAPVEQKKFSIQEADLPPVYFDRGFMTDLMNF
PEQIRNIALAGHLHHGKTAFMDMLVLETHAIQERLDKRTGKKRDEQLRYTDVHVIERDRGLSIKAAPMSLVLSSTKGKSH
LFNIIDTPGHVDFVDEVAAAFRLVDGVCLVVDVVEGVQVNTEQIIKHAVLEDIPLTLIINKMDRLILELKIPPTDAYFKL
KHVIEEVNTVIENTIPGRGESKRLSPEKGNVLFACTSMGWCFTLQSFAKMYSESYGGVNVEEFARRLWGDVYFNPKKRTF
TRKPIEEGAKRSFVNFVMEPIYKLYSHTISEGPEDLKRTLSKLGIFLKPSQYKADPKVLMKLVCEQFFGPSTAFVDMVIK
HIPSPLEAAEKKLERYYTGPLDTKIAESMKNCDQNGPLVVHVTKLFNTIDAKSFYAFGRVMSGIARPGADVRVLGEGYTL
DDEEDMVVSRISDVFIAETRYNIPTDGVPAGNFVLLGGVDNSIVKTATIVDKKFDNGEDAYVFKPLSHFTESVLKVAVEP
INPSELPKMLDGIRKINKSYPLITTKVEESGEHIILGTGELYMDCVLHDLRKLYADMEVRVSDPVVRFCETVQDMSATKC
YAITPNKKNTITMAAEPLDDGIAQDIESGAVKIKDPPRKVAKFFEEKYGWDKLAARSIWAFGPDEMGPNILQDDTLPTEV
DKKRLATVKESIRQGFAWATREGPLCEEPIRNTKFRLIDVSLFPWWWPNYSDRSTCLLFLFLDGLPRLMEPMYSVSMTGP
QSSVSMVYNILSRRRGHVLSDGPIAGTPLYRVNGLIPVIDSFGFETDLRINTPGQAMVSLVFDRWSIVPGDPLDREQVTR
PLQMATAQATARDFVLKTRRRKGLSEDVTVAKFLEPEFYQSLLESGTLGEP
;
C
7 'polypeptide(L)'
;MSEKRPASDDPGEGQLVVKRQNVGSSRALTRTGDSAGALIQTTPRTSNLKAPLMELSGHTGEIFTAKFDPTGTLIASGSM
DRTIMLWRVYGDCENYGVLNGHKAAILDLQWSRDGDILFSASADMHLASWDLTTGQRIRRYIGHEEIINAMDVTQRGEEL
LISGSDDGTIGIWDPRTKNAVDYIETDFPITAVAVSEAGNEIYSGGIDNDIKVWDIRKKAVVHTMLGHNDTITTLRVSPD
GQQLLSYAMDSTARTWDIRPFAPTDRHIRTFDGAPLGLEKNLIRGSWSKDGKKIAVGAGDGTVVIWGSDTGKLLYKLPGH
KGTVNCAEFAPDGAPIILSASSDRTMLLGELI
;
E
8 'polypeptide(L)'
;MSSYSSLSAAADERKARLAKLASLKRKQPEDDHPPSQDQQPEQSAAESKQEGDSSQASDPVLQHLSLRNYDPVTRGPKLG
FEAPPTENLNTLTLEEKAAALEAEARRKAQEEQEAAAQARGLDITTLQPKKPNWDLKREFKQRMAVLDVRTENAIARMVR
ERLAEKKKAIVGASAAASGAADGAASGGGNNGKGEEGVLEGAEILEGMRMREKEEEEEARREKEAEEAEFGTA
;
F
9 'polypeptide(L)'
;MPSTLASDRQPDVALVCEDDAPYEQDILRNPGSIRPWLSYIEYKLQHGTLREQAFVMERACVQLPRSYKLWKMFRVNHIS
KLNPAIFATEYQKVNALFERALILLNKMPRIWEMYLKFLMQQPLVTFTRRTFDRALRALPITQHNRIWALYRPFANSAEG
ITAVKIWRRYMQVHPEDAEDFIELLIQCGLYTEAVKKYIEILNNPKFQSKNAKGHYELWSEMVDLLVEHAVDIETGHETG
IDVERIIRSGIERFSDQRGKLWSGLATYWIRRGNFDRARDVFEEGITTVMTVRDFTMIFDAYVEFEESVIGTLMEAASRR
AEKGVVDESADFDLDIRMMRFEHLMDRRPFLLNDVLLRQNPNNVAEWEKRVALWGDNKEEVVKTYTDAIAAINPKKAVGA
FHLLWANYAKFYEKAGDLRTARIIMEKAVKVPFKSVNELADMWIEWAEMELRNKNFDEAVRIMAKATQAPKRSTVDYFDE
SLSPQQRVHKSWKLWSFYVDLVESTSSLEETRKIYERIFELRIATPQTVVNYANLLEEHHYYEESFKIYERGLDLFSYPV
AFELWNLYLTKAVDRKISIERLRDLFEQAITDCPPKFAKVLYLMYGNLEEERGLARHAMRIYERATRAVADEDRADMFNF
YITKSASNFGLASTRPIYERAIATLPDNEARDMCLKFADMEKRLGEIDRARAIYGHASQFCDPRTNPEFWAKWEQFEVQH
GNEDTFKEMLRVKRSVQAKYNTDVNFIASQALARSQMLKQQQQQQQQQQQQQLQQQQQNGSSGAGDPEVADAMAQLERQA
RAPAGFVAASENIKGTIAPSTQSVEVSNPDAIDLDDMDE
;
I
10 'polypeptide(L)'
;MESSRGPPRVKNKAPAPIQISAEQLLREAVDRQETIIHKPTQRFADLEELKEYQGRKRREFEDYIRRNRLRLQNWFQYAQ
WELEQKEFARARSIFERALDVHPNNTQLWIRYIEAELKNRNINHARNLLDRAVTRLPRVSKLWYKYVYVMEMLGDIPGTR
QVFDRWMKWEPDEDAWNAYIKLEKRYGEYERARQIFAAYTQVHPEPRTWLKWAKFEEEFGTADMVRDVFQSAIQYIAETL
GDDAVDERLFIAFARFETRQKEYERARAIYKFGLDNLPRSRSMQLHAQYTTFEKQFGDKEGVEDVVLTKRRRLYEEQVKE
NPKNYDVWFDFARLEEMGGDPDRVREVYERAIAQVPPTQEKRHWRRYIFLFLFYAIWEEKDAKNIERARAIYDTCLNLIP
HKKFTFAKVWIAKAHFEIRQGNLTAARKTLGRAIGMCPKDKLFREYIAIEQKLYEFDRCRTLYEKHALFNPANCQTWIRW
AELERGLDDLDRTRAIFEVAISQPVLDMPEVVWKAYIDFEEEEGEYERARALYERLLQKADHPKVWISYAQFEINIPDTE
TEAQAAEGEEIPVSEAAKARARGVFERALKSMKERDLKAERVALLRAWLEFERTHGAAEDVERIRRQMPREVKKKRRIDE
DTWEEYVDYVFPADEQQTKNLSNLLAMAKQWKEKTGGGIMGLGAGGS
;
J
11 'polypeptide(L)'
;MPVVKGGVWTNIEDEILKAAVSKYGLNQWARVSSLLARKTPKQCKARWNEWLDPSIKKIEWSREEDEKLLHLAKLMPTQW
RTIAPIVGRTANQCLERYQKLLDEAEQREASELGLTGPDGGETRAPTAEDVRKLRPGEIDPDPETKPARPDTIDLDEDEK
EMLSEARARLANTQGKKAKRKARERQQEESRRLAALQKRRELKTAGINIKITTRKKGQMDYNADIPFEKKPAPGFYDTTE
EIARNEWQRAHFDPKKQQVGNKRKSDEEEEAERKKRKNNKDGPSASLQAALKAGQMQKLREAEQSSKRKPLILPAPQVSD
SELDEIVKMGMIGERASAMARESENDATRGLVGNYSTLNTGAPIRTPRAPAQEDHIANEIRNIKALTETQSSLLGGENAP
LAEGAGTTGFESVVPKKQVVSTPNPLATPLRQGPNGGATPLRPGQTPLRTPRDTFSLNATDGVSMEHALRQQLKQKLAAL
PKPKETEWELELPEEKQEPKTQEELEEDAADRDRRERELREARELAERRRRTQVMQRELPRTAVVDIDALLRAADEIEDP
ARALVAREAALLMAHDAAKYPLPGAPPGVKPVEIPRFSDDELAEARLQILMEMKEKPAPEVVHAIWNRREENLNALRLGL
GYYDSDSEDGEDDVANIRATLEAALDRLMASAEKGNKLEKKLNLHLGGYKNRAEMLRKKLGEAHAALEKARNALAGFQVL
RASEEQAIQRRLEALRAEVAFVSTRERKAQELYRKLRDELEELRLEQA
;
L
12 'polypeptide(L)'
;MPAITTVHESLPYIDPEPTPEQRAAAEALIAEERAKVPDDPYHALLPPPLPPLNESRHLTPILQNELARLASSPDPQAAK
MDALDFSRYEAPEMPSIDSSQSLEETASQLWETLKQAYTAQAYLSARRAHLALLDTHGKNAWLIGNWHLEGEVKAVEKEL
AETKREIDRVSLARQGMQEAAGAELKSLEETWKAGVGRVLETEAAAEKLRIEVLEERRRLAEAQAALAVGN
;
K
13 'polypeptide(L)'
;MLCALSGEIPEEPVVSKKTGVLFEKRLILKYLEEHNNIEPGTTEELDPETDLLPIKTSRVVRPRPPNFTSIPSLLKAFQD
EWDALVLETYTTREQLARVREELATALYQHDAAVRVIARLTRERDEAREALARLTVTGAAPAAQNGEAMAVDSESLSEGL
VEHVNEVQQQLMKTRKKRPIPQGWATADDVAALQQVAYTDLNVTQASSLDLENECAAVGGLDGKLDIYSVVANKVERTLD
IGEPVTATEWTGTKVVIGTAKGWVKVYDAGRESATFQTHAGPVTGLAVHPGGRILASVGVDKSFVFYDLETGERVARGYA
DAALTTCAFHPDGNLFAAGTQTGHILVFHTTTLEQAESFPLGTPIQALAFSENGFWFAATGKGTSSVTIFDLRKSGAAAA
VKELQTGEVLSISWDYTGQYLATGGGTGVTVQMYTKATKSWSEPVRLGMPVVGVKWGGEAKRLVVVSREGVVSVLGKKEE
;
q,t,r,s
14 'polypeptide(L)'
;MPAIRPASKRKPPPDGFSDIEEDLLIFANKMKDAQNTPTDNIPKHQAQWPIFQIAHQRSRYVYELYYQKQAISKQLYDWL
LKNGYADAMLIAKWKKQGYEKLCCLRCIQTKETNFNSTCICRVPRAQLKEDQDIQCVNCGCRGCASTD
;
N
15 'polypeptide(L)'
;MATDVALETTMGTIILELYNQHAPRTCENFKTLAARGYYDGTIFHRVIKDFMVQGGDPTGTGRGGRSIYGDTFEDEIHPG
LRHTGAGILSMANAGPNTNGSQFFLTLAPTPWLDGKHTIFGRVKKGIRVLQRMGLVPTDADDRPKTEIKIIRAYVVGEGE
EDDKQLV
;
S
16 'polypeptide(L)'
;MATDVAVNGPDVSKLEALLRDNERTTRSLYASTTPDSGRKRIKLDPGLASEDPDITKSALSLRLHAEYGDVQTLPEAIAK
KLSAAGPRKKKPKPGVAEDEAPSKSEEHTRKLIEGIPQAKPSAGAASSNALVLAHGKPSAAGAGAARPQRNEPQQLSLVR
RSESLLAQPRPDWHPPWKLMRVISGHLGWVRALAVEPNNQWFASGAGDRTIKIWDLASGQLRLTLTGHISTVRGLAVSPR
HPYMFSCGEDKMVKCWDLETNKVIRHYHGHLSGVYTLKLHPTLDVLVTGGRDGVARVWDMRTRSNVHVLSGHTGTVADLV
CQEADPQVITGSLDSTVRMWDLAAGKTMGVLTHHKKGVRALVTHPTEFTFATASTGSIKQWKCPEGAFMQNFEGHNAIIN
TLAVNDQNVLFSGGDNGSMSFWDWKSGYRFQSLDTTAQPGSLDAELGIMSSTFDMSGARLITGEADKTIKIWKEDTTATP
ETHPIEWKPSLVRRKY
;
T
17 'polypeptide(L)'
;MPPQIKQDLNRAGWESTDFPSVCENCLPENPYVKMLKEDYGAECKLCTRPFTVFSWAGDGRAHGRKKRTNICLTCARLKN
ACQCCIMDLQFGLPIVIRDKALELIAPGPQSEINREYFAQNNERAIEEGRAGVEEYEKTDEKARELLRRLANSKPYFRKG
RELDSEGNPVAGGSGSTVGGNAVVGAGLGGAGPIRTRDTRAAAAAGARTGGAGSARRGPGAALPPPGPKDWLPPADKSIM
SLFITGIEDDLPEWKIRDFFKQYGKIKSLVVSHMTHCAFVNYETREGAEKAATELKGRAVIAGCPLRIRWSIPRPIGTMN
KEERAEMLRDGRSAFPEANRKSAQKAIEAAGAQGGAAGGAAGGAAAEAQQDDLADLAIAAPPGAADVQYASLAGN
;
M
18 'polypeptide(L)'
;MAELETNPDVAVAVAEDSNEQKQENQLVAVNNEVAAPIEKKVKKIIRKKRRPARPQIDPALVKSERPPQTGTVFNIWYNK
WSGGDREDKYLSQTHAKGRCNIARDSGYTRADSRPGSYFCLYFARGICPKGQDCDYLHRLPTIHDIFNPNVDCFGRDKFA
DYRDDMGGVGSFNRQNRTIYVGRIHVTDDIEEIVARHFAEWGQIERIRVLNNRGVAFITYTNEANAQFAKEAMAHQSLDH
NEILNVRWATADPNPLAQKREQRRIEEQAAEAIRRALPAEFVAEIEGKDPEARKRRKLESSYGLEGYEAPDAVHFARGPN
AVNPRGREGFELEREQQLMLEAPPETSQPAQIEAPPQAQEKKLAGGILSSRTLAALQGAKVAVATKDSKPEKPSGPLVAY
GSDDEEDE
;
0
19 'polypeptide(L)'
;MASIAAGLAAALPKPKYSSEHEEPRATQRGPRIVSADQIDETQIVIRRTGPPPYPNRAGWRPRAPEDFGDGGAFPEIPVA
QYPWGKNDSSSKSNALVVQVDSEGKVDYTAIARQGHSSDRIIHASFKDLIPLRQRAEAGQIDLSRPSKEEVEATAERTKN
ALAALVSGALAAQKPKNVQVNTKREATFVKYTPSAQMGNNTKKQERIIKIVERQRDPMEPPKFKHKKIPRGPPSPPPPVM
HSPPRKLTAEDQEAWRIPPPVSMWKNPKGFTIPLDKRLAADGRQLQEVQINDKFAQFSEALFMADRHAREEVRQRAMMQQ
RLAEKERQQKEEHLRQLAQQARAERAAAAASGRRRSTRSRSGSYSGSESGSETDESERERRRARREKLKEEERKLRQSRM
GAERRAQVLAREMDRDISEKIALGIAKPTMSGESMYDSRLFNQSSGFGATINEDNPYDKPLFAAQEAISSIYRPRTNAEY
EDDEEAGEKEMERIRKGNRFGEALGRGTFKGTEDAQPREGPVQFEKDTETADPFNVDKFLSEVQKGSNSGGGKRGYGLQD
EDSRQAKRSRVDDDENDD
;
R
20 'polypeptide(L)'
;MPDFGEYPPNLPVRDALILRESQAQAPTANHAVVPYTGENLARPSYGPANPFRDTSSSSASASGSLKRKNNVLTGHAEEM
YISEATFRAKHRAVEAVGGGVMRSNREMKEVNKRLREMREDKGSATIADGEGAYIGPWARYKRREEYEVVDKKGEEEDGD
EYEEVEVTDEEEEVIESGTVLKAPEPAIARRKEAEEMGEERTEFLGESEYDYLGRTYMHVPQDLDVSLNKEVGSITNYIP
KKLIYTWRHHGGKPITALQLFPRSSHLGLAGSADGVVKIFDVYRGRELLRSYSGHNKAITDLSFCNDGTKFLSGGFDRKI
RLWDTETGQCVNRFNIGKTPHVIKFNPSSENGHEFLAGLSDKRIVQYDTRAGNDTVQEYDRHLGPINTIEYIDENRRFMS
TSDDRSLKVWEYGIPVEIKTISEPDMFALTKSAQHPNGKYVLYQCSDNSIVAYSCSGDKFRQHRKKAWRGHNTAGSAIGL
TCSPDGQFVASGDTSGSVCFWDFKTCKLYSKLTADSAGGIINCVAWSEQETSKVFTAGAKGEIKLWD
;
W
21 'polypeptide(L)'
;MTTAHRPTFDPARGKEALRGPAYHQRLLPAYTTLKFRQPGQGGAADKSTRDLRAELEAAEAAHYAKLKGAPIPGTSSSSE
NNTPAIAGSSASSVTGKRPLPSSSNGGGDRPPDDGDEDPEAKRRRILAETRDIDADDDSSSGSDKDSDSESGSADSDDSS
DDEEAELQRELERVRRERMEKRAREEAERKAAEEARREEEIARGNPLLNKPDFTVKRRWDEDVVFKNQARGTEDKGKRKE
FVNDLLRSDFHKRFMSKYVR
;
P
22 'polypeptide(L)'
;MPPAKRIKSSADSRPNAGASGRPTLEDLEGENQFTNLARQHWLNVPQQAAKIKVKTDVLKRELYLWPGYGEDSSNYHVLL
IILIVNAKRRERVSTWDIFADRPADFSDLFRRALSMTLDSSLSWTIRTHVLLFIIHAFQSLDYAIVRKECAPLVSISIWH
NLSTEEKREALLDSNPHLRKAWRAATKRFESADDATKARLRFDRAWLYSLVLDFLTLLYSGNAKQEHVLYCERFVEFLTD
LQSQLPTRRYVNTLLQDLHVLPALSLSPIYNDEGNGLLRELCNLFTHYTYFAVDDQSGVQLSREQAYDRHCAILAKLQRI
AMKHFKEKLTVLALSNYGSIDKRSELEPLLQALTDDELVQLSNLMNIRTSYPDAARIPVDRKFIVEVLLTTFERRKTFQD
AAQALSVLPTEETLFDISLKRTDQYDGSRPLALPKLNLQYLSVGDFLWRSFVLYRCESFYAIRQDLEDALIRLKPEVRRG
GVTGFAGFSKMALPISKPVILDVMPPQVGDDKPSCVKAEVTIDLRRLTPQIRRDWESLRPDDVVFLLAVDASRQKQSANG
GAVLSEAERLGLVHVRAAEIIQVLDDKGKAIRDPQAYFDGHTRSDIRKIQLRLDATSYKADTEANRNVYEDINLIVRRSS
RENNFKPVLESIQDLTLSEVPLASWLHEVFLGYGDPAGATFKQLPNRLKKINFRDTFLDWQHLVESFPGKIIEPSDDVSS
SFGPPYVLESVEKQVEEHPSKPSKKRRRDVEPALMSKVETLKVSTYKPPNNGPYPVDAPKLNKIRFTPTQIDAIYSGTQP
GLTIIVGPPGTGKTDVAVQIISNIYHNFPEQKTLLVAHSNQALNQLFAKIVALDIDERHLLRLGHGEEELETEGSFSKHG
RVESFLDNRQRFLYEVSRLAASMGAPGAHGNSAETAGYFNKVYVEPAWAKFNDIIQREDVGPEDIVRAFPFHAYFSDAPQ
PLFPPEADRETVLEIANGCYRHISKIFEELADVLPFEILRRDKDKANYLLTSEARIIAMTSTHAAMKRGEIASLGFQYDN
VIMEEAAQITEIENFIPLALQKPKNGQMALQRVVLCGDHYQNSPVIQGLAFRHYANLEQSLFSRLVRLGVPTINLDQQGR
ARPSISNLYRWRYPQLGDLPHTQTEPEFLTANAGFRYDYQFVNVPDYRGMGESEPTPHFIQNLGEAEYAVAIFQYMRLLG
YPASKISILATYAGQKALIKDVLAHRCAKNPIFGLPRVVTTVDKYQGEQNDYIILSLTRTTRVGYLRDLRRLTVALSRAR
LGLYILGRRAVFESCYELRDAFSLLLRRPDKLALVTGELWPSKRLLADETDDTKKLEGEVVMEGVEHLGQWVFEMTKTKI
AELRKEKGLSEEVPVEMPKEVVSAEADEGYLPLDEEEGDGEEGEGERVKGFEIEDS
;
Y
23 'polypeptide(L)'
;MSHKRSRAAYEADLTAQQSPYVFFGTPLPPLDPDVRDDGSYVPIWKQEARDERGRKRFHGAFTGGWSAGYFNTVGSKEGW
TPSSFVSSRTKRWKDDPNKVEQRPEDFMDEEDLADLEESRKLQTREAFSGLGSTADDAVRASGLMGLFRVEGETMGVKLL
KKMGWKEGQGIGPKVRRKARLGLGSDANITEETHLFAPDNVPMISFVRKTDHKGLGYAGETGLTPLSKANGQNESDEEDE
DDGGIGSLGRPRFSLTTERKKGPQRPRGSIGVGILNDTGSDDEDPYELGPKISYNRVIGGDKQKKKTATATNPTLKSKPT
FVSSKSKALGKVALGVRKCHDGRLPLDGFVFGKEPDPLISEIIAEGKYPPPRIPPGWVSSKKPTSSAKQPAGYVSTAEAA
KSSTLDPRARAAILGEKQLPGKSVFDFLSPEARERLVAATGKKDLPPARGEVPAEYALSEDERLKKLLAQVPRLDKETAV
AAITRGASGAAPYADDEAKRSRYLSFLEWQAGFKSSPGARTPKMKDDDWLRELHEFYNCARIFKPMTGFMASRFTTSSAA
KPGSSSDGGASNNSCSQTPTKPQDPTEEAAKLGMFGPMTRTVTEFYPSRLLCKRFGVNPPEHVRSDEYPANKSRFDASSI
GGCSAASTGPTEEGTKPAWMPTGKAVVVVDPSRNEALEAKRAGEEVFKAVFGDSGDEG
;
1
24 'polypeptide(L)'
;MADSEVGGAFIPALYKPAALLPIAKHRESLLYLVETNPVTIVVGQTGSGKSTQIPQFLEKAGWCADGKLIAVTQPRRVAA
VTLAIRVAEEFGCEVGKEVGYSIRFEDATSESTRIKYMTDGLLIREALVDPLLSRYSVIMIDEAHERSISSDILLGLLKK
IRRKRPDLRIIISSATLQAEDYRAYFEKASETQEEDSSNDKQKESIASIISIEGRTYPIDILYLDTPTEDYLEKAISTVF
DIHTNEPKGDILVFLTGRDEIEQAVQAVSERSASLPPGSEALLPLPLYSGLSAEQQMYVFEEAPENTRKVIFSTNLAEAS
VTIEGIVYVIDSGFVKLRAYNPKTGIESLTATPVSKASAAQRAGRAGRTKPGKCFRLYTEEAYQSLPDATVPEIQRSNLA
PIILQLKALGIDNVLRFDYFTPPPAEQMTRALELLYSLGALDDYAKLTRPLGLRMAELAVEPMMAKTLLSAQSFGCLSEI
LTIAAMTSLDGTLWIQHEGDKKKTESVKRKFAAEEGDHLTLLNVYQAFVTKGRKEAHWCHENMLNYKAMIRAVSIRAQLK
RFLERFGIDVEESLSSPSVSQQPANKAEKIQRCLTIGYFAHAAKMQPDGTFRNVSGTTVLHAHPSSIMFNRKADWVIFHE
VLETKDKTFIRDITRIKKEWLLEYAPDFYKTT
;
z
25 'polypeptide(L)'
;MTSRGAPAGRRVLLPPINFLFRLLQQRTPVQIWLYEQLAIRITGVIRGFDEFMNLVIDDAVEIKLSPKTNEPESKRPLGQ
ILLKGDNISLIQALSGSA
;
j
26 'polypeptide(L)'
;MAPAQPELKKYLDKRLFVELNGSRRVIGVLRGYDVFLNIVLDDAVEERPNGEKVKLGMVTIRGNSVVILEPLERIGDDRP
GR
;
k
27 'polypeptide(L)'
;MNTGFVPVNPRPFLQDLVNQDVIVRLKWGQTEYKGRLVSIDSYMNIQLANTEEFINYKSTGHLGQVLIRCNNVLWVTAAA
GKQMTPTEDTKMEE
;
l
28 'polypeptide(L)'
;MAPKTKKQAVSRTQHYEFFGPPGAAAISFGLPLLVYAFAFACNDITGCPAPSLLHPKSLKLDVLKQEVGWPKNGIWGLAS
WRVTGWTLAYYLWLALLYRILPGDVVEGTQLRNGGRLKYKLNAFASSMFTLVICAAGTIAQGADFPLWTFIADNYVQILT
ANVIIAYTLATFVYIRSFSVKPGNPQLRELAVGGVTGNILYDWFIGRELNPRVTLPIIGEIDIKQWMELRPGLLGWTLMN
CAFVAKQYRLYGYVTDSIVFVTAVQALYVLDSHYFEPAVLTTIDITTDGFGLMLSFGDIVWVPFIYTQSTRYLAVHPQKL
GYLGLVGVTVLLVAGFAIFRLSNSQKNAFRTNPNDPSVKHLKYIETKAGTRLLISGWWGIARHINYLGDWLQAWPYCLPT
GLAGYQILTAGSELAEGAVKMLDGRIVVPGEARGWGTIFTYFYVVYFATLLLHRDRRDDEKCSKKYGEDWEKYKEIVRWR
IIPALLQKPRSECTEWEIAQIEEWEMANGPLSLLQTAVRSHTQVLISVRSGRKLLARVKAFDRHCNMILENVKEMWTETP
VTNGKKGRPVNKDRFISKMFLRGDSVVIVLLS
;
m
29 'polypeptide(L)'
;MKLVRFLMKCANETVTIELKNGAIVHGTIASVTPKMDTALRNVRYTPKGEEPYSVESLTVRGNTIRYYILPDSLPLDTLL
IDDAPKPKNKARKEADRGRGRGRGRGGRGGRGGRARGR
;
o
30 'polypeptide(L)'
;MSSSQNRQGKMAGYINWRMRVTLNDGRQMTGQMLAFDKHMNLVLADTEEFRKTKRMQAKPNSSTTQTLIQEEKRTLGLTI
VRGANIIALSVESPPPADPSARLGKTTGAGIASTLTAGPGVARPAGRGAAAPISLAGPAPGVGGAVPPPPFPGFPAAAPP
GFPGRGGPAPPGFPAAPFPPPAGFPGAPGFPPGFPPGGAPPPAGFNPPPRR
;
p
31 'polypeptide(L)'
;MTSSIGIPIKLLNEAQGHIVTLELTTGQTYRGKLIEAEDNMNVQLKDITVTARDGRVSHLEQIYIRGSHVRFFIVPDMLR
NAPMFRSRNVRGRGVGLARGRATVSRARASGRGR
;
u
32 'polypeptide(L)'
;MSDNVGLPTPRGSGTSGYVQRNLAHLRPREPIKPRDPESYRHKPRKPDPGLLEHDRKREVEVKVFELRDKLEEEGVDEEE
IESRCSELRQKLLAEMERNKDALPAQRKTFKAHQVHEAADAKLKESERLRQALKISKDYEEGSHWRRQEERKKPLERGDL
PPGVADREKERERGRERGRDGDRNGDRYRQRDDDRYQPEPEPEQKQEQKQKLEQKSSAWAGSV
;
V
33 'polypeptide(L)'
;MASADSAAAAAKTEEQKLAEQRAEYQKLLELRSQGVYLPPHKLRALQAAITDPKTKEYQRIAWDALKKSINGLVNKVNTA
NIKHVVPELFNENLIRGRGLFCQSLLKAQHASLPFTPIYACMAAIVNTKLPQVGELLVKRLIMRFRKAFKRNDKPVCLSS
TMFIAHLVNQQVVHETLAGQILVLLLQKPTDDSVEIAVGFMREVGLFLEEMAPRIAHIVFDQFKNILHEADIDRRTQYMI
EVLFQIRKDRYKDNPVIKEELDLIEEEDQITHRISLDEDINTEDSLNIFKYDPEWEENENEYKKLKAEILGEVSGDEDEE
DEDEEDEESEESEDEEQKAIEIRDQTNADLVNLRRTIYLTIQSSADPEEAAHKLMKLKLPPGQEPELVSMIIESCAQEKV
YSKFMGLLGEKFARLNRMWMELYEEAFTKYYNTIHRYETNKLRNIARFFGHLLSYDAIGWHVLSVIQLTEEETTAASRIF
IRFLFEDIQENLGTAKLKARLGDEALQPYLEGIFRHDTRRNVTFAINYFTAIKMGYLTDEMHPGRHHGRGLGPEVALRRV
PLFVGPDPTAGAGAGAGTGAAGATPAAPAGAEAAPEIIPALFPQEVGADPSLARFLAHHPLVVKQESLTGAVSGSKEAEK
VEVEVEVEVKVEDTAEARRAVQQVSVAVKVPIEVCVPP
;
Z
34 'polypeptide(L)'
;MAAFGAKRKPRIIKAFDDDDEDLSLPLSSGGEDKQAGEELPPPARIKFGRTKFTKSSALRKNAMIGNDDTDSPNATSARD
DDDDDENSGAPVVVRPSSVNKGSLSKIKKRPAASRLSFGPSAGAEDDDEEAEVVIQPRKMLNQRAVENSALRANSSLPTR
FGGEENRPKYSKEYLAELQSATFNTPQNLADLKIHDDDEMQLDEMELEGALIVPSNEVAVPGASTTQTTHIPTEAEIRER
KERRARLAHEAKFIPLDDEFNSDNEGAQPSHPILNLPSKQKRRDTRLIREDEDLYEGFDEFVSDGNLALGRKAEKAVLQR
HRQEMAELIEAAQAEDNDEAASDDSEAEERAAYEEAQVRAAMDGLRGKYREEHLERGGGADLYEGRGPDDIPRMKPLPKL
GDVLQRIREAIQGLEGEVVRKRSRIEGLEKEKAEILVREKEVQEILNQAGQKYQEVVGGLGVHNVPKIVAGQSPLRPFPP
GLAREMPTERGLESYGATPIRRYGGEEDDG
;
CY
35 'polypeptide(L)'
;(UNK)(UNK)(UNK)(UNK)(UNK)(UNK)(UNK)(UNK)(UNK)(UNK)(UNK)(UNK)(UNK)(UNK)(UNK)(UNK)
(UNK)(UNK)(UNK)(UNK)(UNK)(UNK)(UNK)(UNK)(UNK)(UNK)(UNK)(UNK)(UNK)(UNK)(UNK)(UNK)
(UNK)(UNK)(UNK)(UNK)(UNK)(UNK)(UNK)(UNK)(UNK)(UNK)(UNK)(UNK)(UNK)(UNK)(UNK)(UNK)
(UNK)(UNK)(UNK)(UNK)(UNK)(UNK)(UNK)(UNK)(UNK)(UNK)(UNK)(UNK)(UNK)(UNK)(UNK)(UNK)
(UNK)(UNK)
;
Ck
36 'polypeptide(L)'
;(UNK)(UNK)(UNK)(UNK)(UNK)(UNK)(UNK)(UNK)(UNK)(UNK)(UNK)(UNK)(UNK)(UNK)(UNK)(UNK)
(UNK)(UNK)(UNK)(UNK)(UNK)(UNK)(UNK)(UNK)(UNK)(UNK)(UNK)(UNK)(UNK)(UNK)(UNK)(UNK)
(UNK)(UNK)(UNK)(UNK)(UNK)(UNK)(UNK)(UNK)(UNK)(UNK)(UNK)(UNK)(UNK)(UNK)(UNK)(UNK)
(UNK)(UNK)(UNK)(UNK)(UNK)(UNK)(UNK)(UNK)(UNK)(UNK)(UNK)(UNK)(UNK)(UNK)(UNK)(UNK)
(UNK)(UNK)(UNK)(UNK)(UNK)(UNK)(UNK)(UNK)(UNK)(UNK)(UNK)(UNK)(UNK)(UNK)(UNK)(UNK)
(UNK)(UNK)(UNK)(UNK)(UNK)(UNK)(UNK)(UNK)(UNK)(UNK)(UNK)(UNK)(UNK)(UNK)(UNK)(UNK)
(UNK)(UNK)(UNK)(UNK)(UNK)(UNK)(UNK)(UNK)(UNK)(UNK)(UNK)(UNK)(UNK)(UNK)(UNK)(UNK)
(UNK)(UNK)(UNK)(UNK)(UNK)(UNK)(UNK)(UNK)(UNK)(UNK)(UNK)(UNK)(UNK)(UNK)(UNK)(UNK)
(UNK)(UNK)(UNK)(UNK)(UNK)(UNK)(UNK)(UNK)(UNK)(UNK)(UNK)(UNK)(UNK)(UNK)(UNK)(UNK)
(UNK)(UNK)(UNK)(UNK)(UNK)(UNK)(UNK)(UNK)(UNK)(UNK)(UNK)(UNK)(UNK)(UNK)(UNK)(UNK)
(UNK)(UNK)(UNK)(UNK)(UNK)(UNK)(UNK)(UNK)(UNK)(UNK)(UNK)(UNK)(UNK)(UNK)(UNK)(UNK)
(UNK)(UNK)(UNK)(UNK)(UNK)(UNK)(UNK)(UNK)(UNK)(UNK)(UNK)(UNK)(UNK)(UNK)(UNK)(UNK)
(UNK)(UNK)(UNK)(UNK)(UNK)(UNK)(UNK)(UNK)(UNK)(UNK)(UNK)(UNK)(UNK)(UNK)(UNK)(UNK)
(UNK)(UNK)(UNK)(UNK)(UNK)(UNK)(UNK)(UNK)(UNK)(UNK)(UNK)(UNK)(UNK)(UNK)(UNK)(UNK)
(UNK)(UNK)(UNK)(UNK)(UNK)(UNK)(UNK)(UNK)(UNK)(UNK)(UNK)(UNK)(UNK)(UNK)(UNK)(UNK)
(UNK)(UNK)(UNK)(UNK)(UNK)(UNK)(UNK)(UNK)(UNK)(UNK)(UNK)(UNK)(UNK)(UNK)(UNK)(UNK)
(UNK)(UNK)(UNK)(UNK)(UNK)(UNK)(UNK)(UNK)(UNK)(UNK)(UNK)(UNK)(UNK)(UNK)(UNK)(UNK)
(UNK)(UNK)(UNK)(UNK)(UNK)(UNK)(UNK)(UNK)(UNK)(UNK)(UNK)(UNK)(UNK)(UNK)(UNK)(UNK)
(UNK)(UNK)(UNK)(UNK)(UNK)(UNK)(UNK)(UNK)(UNK)(UNK)(UNK)(UNK)(UNK)(UNK)(UNK)(UNK)
(UNK)(UNK)(UNK)(UNK)(UNK)(UNK)(UNK)(UNK)(UNK)(UNK)(UNK)(UNK)(UNK)(UNK)(UNK)(UNK)
(UNK)(UNK)(UNK)(UNK)(UNK)(UNK)(UNK)(UNK)(UNK)(UNK)(UNK)(UNK)(UNK)(UNK)(UNK)(UNK)
(UNK)(UNK)(UNK)(UNK)(UNK)(UNK)(UNK)(UNK)(UNK)(UNK)(UNK)(UNK)(UNK)(UNK)(UNK)(UNK)
(UNK)(UNK)(UNK)(UNK)(UNK)(UNK)(UNK)(UNK)(UNK)(UNK)(UNK)(UNK)(UNK)(UNK)(UNK)(UNK)
(UNK)(UNK)(UNK)(UNK)(UNK)(UNK)(UNK)(UNK)(UNK)(UNK)(UNK)(UNK)(UNK)(UNK)(UNK)(UNK)
(UNK)(UNK)(UNK)(UNK)(UNK)(UNK)(UNK)(UNK)(UNK)(UNK)(UNK)(UNK)(UNK)(UNK)(UNK)(UNK)
(UNK)(UNK)(UNK)(UNK)(UNK)(UNK)(UNK)(UNK)(UNK)(UNK)(UNK)(UNK)(UNK)(UNK)(UNK)(UNK)
(UNK)(UNK)(UNK)(UNK)(UNK)(UNK)(UNK)(UNK)(UNK)(UNK)(UNK)(UNK)(UNK)(UNK)(UNK)(UNK)
(UNK)(UNK)(UNK)(UNK)(UNK)(UNK)(UNK)(UNK)(UNK)(UNK)(UNK)(UNK)(UNK)(UNK)(UNK)(UNK)
(UNK)(UNK)(UNK)(UNK)(UNK)(UNK)(UNK)(UNK)(UNK)(UNK)(UNK)(UNK)(UNK)(UNK)(UNK)(UNK)
(UNK)(UNK)(UNK)(UNK)(UNK)(UNK)(UNK)(UNK)(UNK)(UNK)(UNK)(UNK)(UNK)(UNK)(UNK)(UNK)
(UNK)(UNK)(UNK)(UNK)(UNK)(UNK)(UNK)(UNK)(UNK)(UNK)(UNK)(UNK)(UNK)(UNK)(UNK)(UNK)
(UNK)(UNK)(UNK)(UNK)(UNK)(UNK)(UNK)(UNK)(UNK)(UNK)(UNK)(UNK)(UNK)(UNK)(UNK)(UNK)
(UNK)(UNK)(UNK)(UNK)(UNK)(UNK)(UNK)(UNK)(UNK)(UNK)(UNK)(UNK)(UNK)(UNK)(UNK)(UNK)
(UNK)(UNK)(UNK)(UNK)(UNK)(UNK)(UNK)(UNK)(UNK)(UNK)(UNK)(UNK)(UNK)(UNK)(UNK)(UNK)
(UNK)(UNK)(UNK)(UNK)(UNK)(UNK)(UNK)(UNK)(UNK)(UNK)(UNK)(UNK)(UNK)(UNK)(UNK)(UNK)
(UNK)(UNK)(UNK)(UNK)(UNK)(UNK)(UNK)(UNK)(UNK)(UNK)(UNK)(UNK)(UNK)(UNK)(UNK)(UNK)
(UNK)(UNK)(UNK)(UNK)(UNK)(UNK)(UNK)(UNK)(UNK)(UNK)(UNK)(UNK)(UNK)(UNK)(UNK)(UNK)
(UNK)(UNK)(UNK)(UNK)(UNK)(UNK)(UNK)(UNK)(UNK)(UNK)(UNK)(UNK)(UNK)(UNK)(UNK)(UNK)
(UNK)(UNK)(UNK)(UNK)(UNK)(UNK)(UNK)(UNK)(UNK)(UNK)(UNK)(UNK)(UNK)(UNK)(UNK)(UNK)
(UNK)(UNK)(UNK)(UNK)(UNK)(UNK)(UNK)(UNK)(UNK)(UNK)(UNK)(UNK)(UNK)(UNK)(UNK)(UNK)
(UNK)(UNK)(UNK)(UNK)(UNK)(UNK)(UNK)(UNK)(UNK)(UNK)(UNK)(UNK)(UNK)(UNK)(UNK)(UNK)
(UNK)(UNK)(UNK)(UNK)(UNK)(UNK)(UNK)(UNK)(UNK)(UNK)(UNK)(UNK)(UNK)(UNK)(UNK)(UNK)
(UNK)(UNK)(UNK)(UNK)(UNK)(UNK)(UNK)(UNK)(UNK)(UNK)(UNK)(UNK)(UNK)(UNK)(UNK)(UNK)
(UNK)(UNK)(UNK)(UNK)(UNK)(UNK)(UNK)(UNK)(UNK)(UNK)(UNK)(UNK)
;
Cb
37 'polyribonucleotide'
;(P5P)(P5P)(P5P)(Y5P)(P5P)(Y5P)(Y5P)(P5P)(P5P)(P5P)(P5P)(P5P)(Y5P)(P5P)(Y5P)(P5P)
(Y5P)(P5P)(Y5P)(N)(Y5P)(Y5P)(Y5P)(Y5P)(Y5P)
;
8
38 'polypeptide(L)'
;MARNSEKAQSMLFRFREAQAADLGIIDAGRARRPRVITEVDSIPACEKWRGQVLKEISRKVSRIQDPALSDYQIRDLNDE
INKLMREKHMWEVQIRNLGGPNYMRGGGKVYDEAGREIPGAGRGYRYFGRARELPGVKELFEAAAKAKREEEEKPLEERA
DLRRQVNAAYYGYAPGEEDDELLEYERAREEQARKALQKAGPPDAPPGWEPLPGDTGDGRVWELPTLEEVQRELIERRRQ
RLLDQL
;
CV
#
# COMPACT_ATOMS: atom_id res chain seq x y z
N ILE D 142 61.13 9.69 63.71
CA ILE D 142 60.52 8.69 62.84
C ILE D 142 59.25 8.15 63.51
N ALA D 143 59.01 8.57 64.74
CA ALA D 143 57.88 8.05 65.51
C ALA D 143 56.56 8.62 65.01
N LYS D 144 56.55 9.89 64.56
CA LYS D 144 55.31 10.46 64.06
C LYS D 144 54.98 9.91 62.67
N PHE D 145 55.99 9.66 61.85
CA PHE D 145 55.78 9.15 60.50
C PHE D 145 55.92 7.62 60.46
N ALA D 146 55.22 6.93 61.35
CA ALA D 146 55.33 5.49 61.46
C ALA D 146 54.06 4.77 61.01
N GLN D 147 52.91 5.23 61.48
CA GLN D 147 51.63 4.66 61.05
C GLN D 147 51.32 5.05 59.62
N LYS D 148 51.72 6.25 59.21
CA LYS D 148 51.60 6.66 57.82
C LYS D 148 52.45 5.77 56.91
N LYS D 149 53.65 5.41 57.37
CA LYS D 149 54.52 4.51 56.61
C LYS D 149 53.88 3.13 56.45
N LYS D 150 53.30 2.61 57.53
CA LYS D 150 52.63 1.31 57.48
C LYS D 150 51.43 1.35 56.54
N GLU D 151 50.62 2.41 56.61
CA GLU D 151 49.47 2.53 55.74
C GLU D 151 49.88 2.67 54.28
N TRP D 152 50.93 3.45 53.99
CA TRP D 152 51.41 3.59 52.62
C TRP D 152 51.94 2.27 52.08
N LEU D 153 52.73 1.55 52.88
CA LEU D 153 53.26 0.27 52.44
C LEU D 153 52.15 -0.75 52.19
N ARG D 154 51.17 -0.81 53.10
CA ARG D 154 50.05 -1.73 52.92
C ARG D 154 49.22 -1.37 51.68
N MET D 155 48.95 -0.08 51.47
CA MET D 155 48.17 0.35 50.33
C MET D 155 48.89 0.06 49.01
N GLN D 156 50.20 0.33 48.96
CA GLN D 156 50.93 0.10 47.72
C GLN D 156 51.14 -1.40 47.44
N ARG D 157 51.32 -2.21 48.49
CA ARG D 157 51.40 -3.65 48.28
C ARG D 157 50.06 -4.22 47.84
N ASN D 158 48.96 -3.70 48.38
CA ASN D 158 47.63 -4.13 47.96
C ASN D 158 47.36 -3.73 46.51
N ARG D 159 47.78 -2.52 46.11
CA ARG D 159 47.47 -2.03 44.78
C ARG D 159 48.36 -2.64 43.71
N PHE D 160 49.65 -2.74 43.96
CA PHE D 160 50.62 -3.06 42.92
C PHE D 160 51.25 -4.44 43.09
N GLY D 161 50.75 -5.25 44.01
CA GLY D 161 51.26 -6.60 44.15
C GLY D 161 50.93 -7.47 42.94
N GLU D 162 51.80 -8.47 42.70
CA GLU D 162 51.57 -9.38 41.59
C GLU D 162 50.42 -10.32 41.86
N LYS D 163 50.12 -10.59 43.13
CA LYS D 163 49.03 -11.47 43.52
C LYS D 163 47.66 -10.87 43.27
N ARG D 164 47.58 -9.57 42.98
CA ARG D 164 46.32 -8.86 42.79
C ARG D 164 46.37 -8.08 41.48
N LYS D 165 46.70 -8.79 40.40
CA LYS D 165 46.89 -8.18 39.09
C LYS D 165 45.60 -7.56 38.56
N GLY D 166 44.45 -8.11 38.92
CA GLY D 166 43.16 -7.57 38.52
C GLY D 166 42.39 -6.90 39.63
N GLY D 167 43.00 -6.67 40.79
CA GLY D 167 42.32 -6.12 41.95
C GLY D 167 42.00 -7.14 43.03
N PHE D 168 42.04 -8.42 42.68
CA PHE D 168 41.64 -9.49 43.59
C PHE D 168 42.59 -10.66 43.43
N VAL D 169 42.55 -11.58 44.39
CA VAL D 169 43.38 -12.78 44.35
C VAL D 169 42.67 -13.82 43.49
N GLU D 170 43.34 -14.28 42.44
CA GLU D 170 42.76 -15.19 41.47
C GLU D 170 43.24 -16.62 41.75
N THR D 171 42.30 -17.56 41.79
CA THR D 171 42.61 -18.97 41.96
C THR D 171 42.11 -19.75 40.75
N GLN D 172 42.46 -21.03 40.72
CA GLN D 172 42.08 -21.93 39.64
C GLN D 172 40.72 -22.56 39.93
N LYS D 173 39.90 -22.67 38.89
CA LYS D 173 38.66 -23.43 38.97
C LYS D 173 38.91 -24.85 39.42
N ALA D 174 38.39 -25.20 40.60
CA ALA D 174 38.69 -26.45 41.25
C ALA D 174 37.54 -27.44 41.10
N ASP D 175 37.85 -28.70 41.38
CA ASP D 175 36.89 -29.79 41.25
C ASP D 175 36.10 -29.94 42.55
N MET D 176 34.78 -30.02 42.43
CA MET D 176 33.90 -30.24 43.55
C MET D 176 33.82 -31.72 43.90
N PRO D 177 33.48 -32.07 45.14
CA PRO D 177 33.17 -33.46 45.47
C PRO D 177 32.00 -33.99 44.65
N PRO D 178 32.05 -35.26 44.25
CA PRO D 178 30.97 -35.81 43.40
C PRO D 178 29.63 -35.91 44.12
N GLU D 179 29.64 -35.98 45.45
CA GLU D 179 28.40 -36.07 46.20
C GLU D 179 27.59 -34.77 46.14
N HIS D 180 28.22 -33.65 45.82
CA HIS D 180 27.49 -32.40 45.62
C HIS D 180 26.55 -32.51 44.42
N LEU D 181 27.09 -32.96 43.28
CA LEU D 181 26.28 -33.22 42.09
C LEU D 181 25.27 -34.32 42.34
N ARG D 182 25.67 -35.36 43.08
CA ARG D 182 24.76 -36.46 43.41
C ARG D 182 23.56 -35.95 44.20
N LYS D 183 23.80 -35.08 45.18
CA LYS D 183 22.74 -34.51 46.00
C LYS D 183 21.85 -33.57 45.19
N ILE D 184 22.45 -32.77 44.30
CA ILE D 184 21.67 -31.86 43.47
C ILE D 184 20.71 -32.64 42.57
N VAL D 185 21.23 -33.68 41.90
CA VAL D 185 20.42 -34.46 40.97
C VAL D 185 19.34 -35.24 41.71
N LYS D 186 19.68 -35.78 42.88
CA LYS D 186 18.69 -36.49 43.69
C LYS D 186 17.62 -35.54 44.21
N ASP D 187 18.03 -34.32 44.60
CA ASP D 187 17.10 -33.37 45.20
C ASP D 187 16.10 -32.84 44.19
N ILE D 188 16.57 -32.43 43.01
CA ILE D 188 15.64 -31.83 42.06
C ILE D 188 14.68 -32.89 41.48
N GLY D 189 15.17 -34.12 41.32
CA GLY D 189 14.31 -35.26 41.03
C GLY D 189 13.61 -35.16 39.68
N ASP D 190 12.29 -35.31 39.70
CA ASP D 190 11.45 -35.25 38.52
C ASP D 190 11.00 -33.84 38.18
N VAL D 191 11.48 -32.85 38.94
CA VAL D 191 11.20 -31.42 38.81
C VAL D 191 9.68 -31.30 38.96
N SER D 192 9.15 -31.88 40.04
CA SER D 192 7.73 -31.86 40.31
C SER D 192 7.35 -31.01 41.51
N GLN D 193 8.30 -30.66 42.36
CA GLN D 193 8.03 -29.79 43.50
C GLN D 193 8.03 -28.33 43.05
N LYS D 194 7.15 -27.54 43.65
CA LYS D 194 7.06 -26.11 43.33
C LYS D 194 8.32 -25.37 43.76
N LYS D 195 9.05 -25.92 44.72
CA LYS D 195 10.31 -25.35 45.20
C LYS D 195 11.31 -25.10 44.07
N TYR D 196 11.24 -25.88 43.00
CA TYR D 196 12.18 -25.79 41.90
C TYR D 196 11.63 -25.03 40.70
N THR D 197 10.53 -24.28 40.87
CA THR D 197 9.98 -23.51 39.75
C THR D 197 10.98 -22.50 39.21
N SER D 198 11.75 -21.85 40.09
CA SER D 198 12.77 -20.91 39.67
C SER D 198 13.89 -21.56 38.87
N ASP D 199 14.01 -22.89 38.92
CA ASP D 199 14.96 -23.60 38.08
C ASP D 199 14.39 -23.97 36.72
N LYS D 200 13.06 -24.10 36.61
CA LYS D 200 12.43 -24.82 35.51
C LYS D 200 12.78 -24.29 34.13
N ARG D 201 12.67 -22.97 33.94
CA ARG D 201 13.03 -22.35 32.67
C ARG D 201 14.47 -22.66 32.30
N SER D 202 15.39 -22.45 33.25
CA SER D 202 16.79 -22.78 33.02
C SER D 202 16.95 -24.24 32.65
N TYR D 203 16.19 -25.10 33.35
CA TYR D 203 16.25 -26.54 33.12
C TYR D 203 15.87 -26.83 31.67
N LEU D 204 14.75 -26.24 31.24
CA LEU D 204 14.27 -26.47 29.88
C LEU D 204 15.22 -25.88 28.85
N GLY D 205 15.87 -24.76 29.21
CA GLY D 205 16.81 -24.15 28.28
C GLY D 205 18.00 -25.03 28.02
N ALA D 206 18.39 -25.85 29.00
CA ALA D 206 19.53 -26.73 28.78
C ALA D 206 19.22 -27.85 27.79
N LEU D 207 17.95 -28.04 27.41
CA LEU D 207 17.62 -28.90 26.29
C LEU D 207 18.39 -28.52 25.04
N LYS D 208 18.59 -27.20 24.83
CA LYS D 208 19.36 -26.67 23.72
C LYS D 208 20.78 -27.24 23.67
N PHE D 209 21.35 -27.63 24.81
CA PHE D 209 22.70 -28.17 24.85
C PHE D 209 22.75 -29.65 25.22
N MET D 210 21.61 -30.35 25.21
CA MET D 210 21.63 -31.80 25.43
C MET D 210 22.25 -32.63 24.29
N PRO D 211 22.26 -32.21 23.00
CA PRO D 211 23.03 -33.02 22.02
C PRO D 211 24.52 -33.20 22.31
N HIS D 212 25.29 -32.12 22.59
CA HIS D 212 26.70 -32.29 22.98
C HIS D 212 26.86 -33.31 24.10
N ALA D 213 26.06 -33.16 25.18
CA ALA D 213 26.10 -34.07 26.31
C ALA D 213 25.98 -35.51 25.86
N VAL D 214 25.02 -35.80 24.98
CA VAL D 214 24.83 -37.16 24.50
C VAL D 214 26.08 -37.65 23.79
N LEU D 215 26.59 -36.82 22.85
CA LEU D 215 27.81 -37.16 22.14
C LEU D 215 28.96 -37.35 23.11
N LYS D 216 29.05 -36.45 24.09
CA LYS D 216 30.14 -36.52 25.05
C LYS D 216 30.05 -37.81 25.84
N LEU D 217 28.85 -38.15 26.29
CA LEU D 217 28.65 -39.41 26.99
C LEU D 217 28.96 -40.58 26.07
N LEU D 218 28.45 -40.51 24.84
CA LEU D 218 28.63 -41.63 23.93
C LEU D 218 30.07 -41.71 23.45
N GLU D 219 30.86 -40.65 23.57
CA GLU D 219 32.24 -40.82 23.14
C GLU D 219 33.12 -41.30 24.28
N ASN D 220 32.64 -41.25 25.52
CA ASN D 220 33.47 -41.64 26.65
C ASN D 220 32.99 -42.93 27.31
N MET D 221 32.27 -43.75 26.56
CA MET D 221 31.77 -45.01 27.09
C MET D 221 32.92 -45.98 27.35
N PRO D 222 32.88 -46.73 28.46
CA PRO D 222 33.94 -47.71 28.73
C PRO D 222 34.02 -48.80 27.67
N MET D 223 35.24 -49.27 27.46
CA MET D 223 35.56 -50.33 26.52
C MET D 223 35.22 -51.69 27.14
N PRO D 224 35.17 -52.76 26.35
CA PRO D 224 34.80 -54.07 26.92
C PRO D 224 35.77 -54.59 27.98
N TRP D 225 37.00 -54.10 28.02
CA TRP D 225 37.96 -54.55 29.02
C TRP D 225 37.94 -53.72 30.29
N GLU D 226 37.07 -52.72 30.39
CA GLU D 226 36.90 -51.95 31.60
C GLU D 226 35.58 -52.31 32.25
N ALA D 227 35.62 -52.65 33.55
CA ALA D 227 34.40 -52.87 34.29
C ALA D 227 33.69 -51.55 34.59
N ALA D 228 34.46 -50.51 34.89
CA ALA D 228 33.91 -49.19 35.15
C ALA D 228 34.92 -48.15 34.72
N ARG D 229 34.43 -46.94 34.48
CA ARG D 229 35.28 -45.81 34.09
C ARG D 229 34.88 -44.59 34.88
N GLU D 230 35.86 -43.82 35.34
CA GLU D 230 35.63 -42.50 35.89
C GLU D 230 35.89 -41.45 34.83
N VAL D 231 34.93 -40.55 34.65
CA VAL D 231 35.05 -39.46 33.69
C VAL D 231 34.87 -38.15 34.45
N LYS D 232 35.53 -37.12 33.94
CA LYS D 232 35.34 -35.77 34.44
C LYS D 232 34.11 -35.17 33.77
N VAL D 233 33.24 -34.58 34.58
CA VAL D 233 32.00 -33.99 34.09
C VAL D 233 31.92 -32.54 34.55
N LEU D 234 31.36 -31.71 33.69
CA LEU D 234 30.95 -30.35 34.00
C LEU D 234 29.44 -30.36 34.13
N TYR D 235 28.95 -29.96 35.30
CA TYR D 235 27.54 -30.07 35.61
C TYR D 235 27.00 -28.71 36.04
N HIS D 236 25.76 -28.44 35.64
CA HIS D 236 25.06 -27.26 36.11
C HIS D 236 24.72 -27.41 37.59
N VAL D 237 24.74 -26.28 38.30
CA VAL D 237 24.52 -26.30 39.75
C VAL D 237 23.08 -26.60 40.12
N ASN D 238 22.13 -26.44 39.20
CA ASN D 238 20.75 -26.83 39.46
C ASN D 238 20.42 -28.25 38.99
N GLY D 239 21.36 -28.95 38.37
CA GLY D 239 21.16 -30.33 37.99
C GLY D 239 20.59 -30.56 36.61
N CYS D 240 20.57 -29.53 35.76
CA CYS D 240 19.92 -29.64 34.46
C CYS D 240 20.78 -30.28 33.38
N LEU D 241 22.11 -30.21 33.48
CA LEU D 241 22.95 -30.65 32.38
C LEU D 241 24.26 -31.21 32.90
N THR D 242 24.52 -32.47 32.61
CA THR D 242 25.82 -33.10 32.87
C THR D 242 26.52 -33.33 31.54
N LEU D 243 27.67 -32.69 31.36
CA LEU D 243 28.48 -32.82 30.15
C LEU D 243 29.76 -33.55 30.51
N VAL D 244 30.02 -34.67 29.84
CA VAL D 244 31.27 -35.38 30.09
C VAL D 244 32.42 -34.56 29.51
N ASN D 245 33.26 -34.03 30.39
CA ASN D 245 34.33 -33.12 29.99
C ASN D 245 35.64 -33.88 29.78
N GLU D 246 35.62 -34.82 28.85
CA GLU D 246 36.79 -35.61 28.49
C GLU D 246 36.82 -35.82 26.98
N ILE D 247 38.01 -36.04 26.45
CA ILE D 247 38.21 -36.52 25.09
C ILE D 247 38.91 -37.87 25.19
N PRO D 248 38.36 -38.94 24.61
CA PRO D 248 38.93 -40.29 24.80
C PRO D 248 40.21 -40.52 24.01
N ARG D 249 41.31 -40.01 24.54
CA ARG D 249 42.60 -40.13 23.89
C ARG D 249 43.19 -41.50 24.20
N VAL D 250 43.65 -42.19 23.15
CA VAL D 250 44.25 -43.51 23.30
C VAL D 250 45.56 -43.53 22.54
N ILE D 251 46.44 -44.45 22.94
CA ILE D 251 47.59 -44.82 22.11
C ILE D 251 47.08 -45.80 21.06
N GLU D 252 47.25 -45.43 19.79
CA GLU D 252 46.70 -46.24 18.71
C GLU D 252 47.27 -47.66 18.62
N PRO D 253 48.59 -47.91 18.79
CA PRO D 253 49.03 -49.32 18.90
C PRO D 253 48.42 -50.07 20.08
N VAL D 254 48.25 -49.41 21.22
CA VAL D 254 47.64 -50.05 22.38
C VAL D 254 46.17 -50.32 22.13
N PHE D 255 45.46 -49.37 21.51
CA PHE D 255 44.05 -49.54 21.20
C PHE D 255 43.83 -50.67 20.19
N PHE D 256 44.69 -50.73 19.17
CA PHE D 256 44.68 -51.85 18.22
C PHE D 256 44.90 -53.18 18.90
N ALA D 257 45.92 -53.27 19.78
CA ALA D 257 46.20 -54.54 20.45
C ALA D 257 45.08 -54.92 21.40
N GLN D 258 44.47 -53.94 22.06
CA GLN D 258 43.39 -54.23 22.99
C GLN D 258 42.16 -54.75 22.27
N TRP D 259 41.80 -54.14 21.13
CA TRP D 259 40.67 -54.68 20.38
C TRP D 259 41.01 -55.95 19.62
N GLY D 260 42.28 -56.21 19.31
CA GLY D 260 42.65 -57.52 18.77
C GLY D 260 42.52 -58.61 19.82
N SER D 261 42.94 -58.33 21.05
CA SER D 261 42.70 -59.26 22.16
C SER D 261 41.21 -59.44 22.41
N MET D 262 40.41 -58.38 22.23
CA MET D 262 38.96 -58.54 22.28
C MET D 262 38.46 -59.46 21.20
N TRP D 263 38.97 -59.31 19.97
CA TRP D 263 38.56 -60.15 18.85
C TRP D 263 38.84 -61.63 19.15
N ARG D 264 40.04 -61.90 19.67
CA ARG D 264 40.41 -63.25 20.10
C ARG D 264 39.48 -63.77 21.18
N THR D 265 39.22 -62.97 22.22
CA THR D 265 38.46 -63.44 23.37
C THR D 265 37.00 -63.67 23.04
N MET D 266 36.39 -62.80 22.23
CA MET D 266 35.00 -63.00 21.83
C MET D 266 34.86 -64.18 20.87
N ARG D 267 35.82 -64.39 19.96
CA ARG D 267 35.76 -65.57 19.12
C ARG D 267 35.88 -66.85 19.94
N LYS D 268 36.82 -66.88 20.89
CA LYS D 268 37.00 -68.05 21.73
C LYS D 268 35.77 -68.31 22.61
N GLU D 269 35.17 -67.25 23.14
CA GLU D 269 33.99 -67.42 23.99
C GLU D 269 32.76 -67.83 23.21
N LYS D 270 32.55 -67.26 22.01
CA LYS D 270 31.44 -67.69 21.17
C LYS D 270 31.64 -69.11 20.65
N SER D 271 32.87 -69.58 20.55
CA SER D 271 33.10 -70.99 20.27
C SER D 271 32.84 -71.87 21.49
N ASP D 272 33.24 -71.43 22.69
CA ASP D 272 33.15 -72.25 23.90
C ASP D 272 31.78 -72.27 24.55
N ARG D 273 31.00 -71.20 24.45
CA ARG D 273 29.75 -71.11 25.20
C ARG D 273 28.71 -72.08 24.65
N ARG D 274 27.94 -72.69 25.56
CA ARG D 274 26.92 -73.66 25.18
C ARG D 274 25.81 -73.01 24.36
N LEU D 275 25.35 -71.83 24.78
CA LEU D 275 24.23 -71.15 24.12
C LEU D 275 24.29 -69.70 24.57
N PHE D 276 24.58 -68.80 23.63
CA PHE D 276 24.69 -67.38 23.97
C PHE D 276 23.29 -66.79 24.05
N LYS D 277 22.96 -66.19 25.18
CA LYS D 277 21.66 -65.57 25.40
C LYS D 277 21.78 -64.08 25.11
N ARG D 278 21.02 -63.61 24.13
CA ARG D 278 21.00 -62.19 23.81
C ARG D 278 20.21 -61.44 24.87
N MET D 279 20.72 -60.27 25.26
CA MET D 279 20.00 -59.43 26.21
C MET D 279 18.77 -58.82 25.55
N ARG D 280 17.77 -58.51 26.38
CA ARG D 280 16.50 -58.01 25.90
C ARG D 280 16.55 -56.50 25.72
N PHE D 281 16.08 -56.03 24.56
CA PHE D 281 16.02 -54.61 24.27
C PHE D 281 14.57 -54.18 24.14
N PRO D 282 14.11 -53.16 24.89
CA PRO D 282 14.84 -52.38 25.89
C PRO D 282 15.11 -53.13 27.19
N PRO D 283 16.23 -52.83 27.84
CA PRO D 283 16.60 -53.54 29.08
C PRO D 283 15.60 -53.38 30.21
N PHE D 284 14.93 -52.25 30.31
CA PHE D 284 13.95 -52.01 31.36
C PHE D 284 12.59 -51.68 30.77
N ASP D 285 11.55 -51.91 31.57
CA ASP D 285 10.19 -51.64 31.14
C ASP D 285 9.97 -50.14 31.02
N ASP D 286 9.02 -49.76 30.15
CA ASP D 286 8.74 -48.36 29.88
C ASP D 286 8.24 -47.64 31.13
N GLU D 287 7.50 -48.32 32.00
CA GLU D 287 6.95 -47.70 33.20
C GLU D 287 7.81 -47.90 34.44
N GLU D 288 8.97 -48.53 34.30
CA GLU D 288 9.89 -48.66 35.43
C GLU D 288 10.63 -47.35 35.65
N PRO D 289 10.65 -46.82 36.87
CA PRO D 289 11.35 -45.55 37.13
C PRO D 289 12.85 -45.71 36.97
N PRO D 290 13.57 -44.63 36.68
CA PRO D 290 15.02 -44.74 36.53
C PRO D 290 15.69 -45.14 37.84
N LEU D 291 16.71 -45.98 37.73
CA LEU D 291 17.39 -46.50 38.91
C LEU D 291 18.30 -45.43 39.49
N SER D 292 18.21 -45.24 40.80
CA SER D 292 19.11 -44.32 41.49
C SER D 292 20.51 -44.91 41.51
N TRP D 293 21.51 -44.03 41.40
CA TRP D 293 22.89 -44.46 41.52
C TRP D 293 23.20 -44.96 42.92
N SER D 294 22.70 -44.26 43.95
CA SER D 294 23.11 -44.55 45.32
C SER D 294 22.52 -45.86 45.83
N GLU D 295 21.33 -46.22 45.40
CA GLU D 295 20.64 -47.39 45.92
C GLU D 295 20.76 -48.61 45.03
N ASN D 296 21.39 -48.50 43.87
CA ASN D 296 21.36 -49.65 42.98
C ASN D 296 22.73 -50.06 42.43
N ILE D 297 23.64 -49.11 42.20
CA ILE D 297 24.87 -49.44 41.49
C ILE D 297 26.10 -49.12 42.34
N GLU D 298 25.97 -48.17 43.27
CA GLU D 298 27.09 -47.37 43.77
C GLU D 298 28.24 -48.20 44.31
N ASP D 299 27.97 -49.14 45.21
CA ASP D 299 29.01 -49.98 45.78
C ASP D 299 28.87 -51.44 45.36
N VAL D 300 28.15 -51.70 44.27
CA VAL D 300 27.87 -53.06 43.83
C VAL D 300 29.10 -53.63 43.15
N GLU D 301 29.49 -54.84 43.57
CA GLU D 301 30.48 -55.70 42.94
C GLU D 301 30.27 -55.80 41.42
N PRO D 302 31.18 -55.27 40.61
CA PRO D 302 31.05 -55.45 39.16
C PRO D 302 31.49 -56.84 38.75
N LEU D 303 30.86 -57.34 37.70
CA LEU D 303 31.35 -58.58 37.09
C LEU D 303 32.64 -58.30 36.33
N GLU D 304 33.43 -59.35 36.12
CA GLU D 304 34.72 -59.17 35.48
C GLU D 304 34.54 -58.90 34.00
N PRO D 305 35.25 -57.93 33.44
CA PRO D 305 35.08 -57.55 32.04
C PRO D 305 35.77 -58.55 31.11
N ILE D 306 35.55 -58.36 29.81
CA ILE D 306 36.19 -59.19 28.80
C ILE D 306 37.67 -58.87 28.77
N GLN D 307 38.51 -59.84 29.11
CA GLN D 307 39.96 -59.65 29.07
C GLN D 307 40.63 -60.95 28.62
N MET D 308 41.50 -60.84 27.64
CA MET D 308 42.35 -61.97 27.26
C MET D 308 43.36 -62.24 28.36
N GLU D 309 43.53 -63.52 28.69
CA GLU D 309 44.47 -63.91 29.74
C GLU D 309 45.88 -63.90 29.14
N LEU D 310 46.66 -62.89 29.48
CA LEU D 310 48.00 -62.74 28.94
C LEU D 310 48.97 -63.71 29.63
N ASP D 311 49.93 -64.20 28.85
CA ASP D 311 50.99 -65.01 29.42
C ASP D 311 51.95 -64.13 30.20
N GLU D 312 52.32 -64.57 31.40
CA GLU D 312 53.17 -63.75 32.27
C GLU D 312 54.58 -63.58 31.73
N ASP D 313 55.04 -64.50 30.89
CA ASP D 313 56.41 -64.45 30.35
C ASP D 313 56.47 -64.11 28.87
N GLU D 314 55.54 -64.61 28.05
CA GLU D 314 55.53 -64.23 26.64
C GLU D 314 55.04 -62.80 26.47
N ASP D 315 53.95 -62.44 27.14
CA ASP D 315 53.46 -61.07 27.12
C ASP D 315 54.01 -60.28 28.30
N ALA D 316 55.33 -60.31 28.49
CA ALA D 316 55.93 -59.68 29.65
C ALA D 316 56.06 -58.17 29.52
N ALA D 317 56.06 -57.64 28.28
CA ALA D 317 56.26 -56.22 28.07
C ALA D 317 55.02 -55.39 28.38
N VAL D 318 53.83 -55.98 28.29
CA VAL D 318 52.57 -55.25 28.47
C VAL D 318 51.75 -55.77 29.64
N TYR D 319 52.26 -56.75 30.40
CA TYR D 319 51.44 -57.55 31.30
C TYR D 319 50.78 -56.71 32.39
N GLU D 320 51.54 -55.78 32.98
CA GLU D 320 51.05 -55.05 34.14
C GLU D 320 50.17 -53.86 33.80
N TRP D 321 50.07 -53.47 32.53
CA TRP D 321 49.34 -52.26 32.18
C TRP D 321 48.42 -52.38 30.97
N PHE D 322 48.25 -53.59 30.40
CA PHE D 322 47.59 -53.71 29.11
C PHE D 322 46.13 -53.30 29.15
N TYR D 323 45.44 -53.60 30.25
CA TYR D 323 44.00 -53.37 30.35
C TYR D 323 43.64 -52.21 31.26
N ASP D 324 44.60 -51.32 31.55
CA ASP D 324 44.30 -50.10 32.25
C ASP D 324 43.51 -49.15 31.35
N HIS D 325 42.75 -48.24 31.98
CA HIS D 325 41.92 -47.30 31.22
C HIS D 325 42.78 -46.35 30.38
N GLN D 326 43.78 -45.74 31.01
CA GLN D 326 44.77 -44.91 30.31
C GLN D 326 46.11 -45.52 30.65
N PRO D 327 46.59 -46.49 29.86
CA PRO D 327 47.81 -47.23 30.22
C PRO D 327 49.03 -46.34 30.25
N LEU D 328 49.92 -46.62 31.21
CA LEU D 328 51.23 -45.98 31.36
C LEU D 328 51.11 -44.48 31.62
N ILE D 329 50.01 -44.03 32.21
CA ILE D 329 49.79 -42.60 32.40
C ILE D 329 50.68 -42.04 33.50
N ASP D 330 51.07 -42.87 34.46
CA ASP D 330 51.96 -42.45 35.55
C ASP D 330 53.43 -42.76 35.28
N THR D 331 53.74 -43.35 34.13
CA THR D 331 55.09 -43.72 33.75
C THR D 331 55.68 -42.67 32.82
N PRO D 332 57.00 -42.65 32.64
CA PRO D 332 57.60 -41.75 31.65
C PRO D 332 57.40 -42.17 30.20
N HIS D 333 56.56 -43.17 29.92
CA HIS D 333 56.20 -43.49 28.55
C HIS D 333 55.19 -42.51 27.96
N VAL D 334 54.57 -41.67 28.78
CA VAL D 334 53.67 -40.63 28.31
C VAL D 334 54.18 -39.29 28.80
N ASN D 335 53.66 -38.22 28.19
CA ASN D 335 54.09 -36.87 28.54
C ASN D 335 53.57 -36.45 29.92
N GLY D 336 52.39 -36.91 30.31
CA GLY D 336 51.81 -36.53 31.57
C GLY D 336 50.34 -36.89 31.70
N PRO D 337 49.69 -36.40 32.76
CA PRO D 337 48.27 -36.72 32.97
C PRO D 337 47.34 -36.15 31.91
N SER D 338 47.74 -35.13 31.16
CA SER D 338 46.90 -34.69 30.04
C SER D 338 46.88 -35.67 28.89
N TYR D 339 47.84 -36.62 28.86
CA TYR D 339 47.80 -37.81 28.02
C TYR D 339 47.75 -37.44 26.54
N LYS D 340 48.83 -36.83 26.06
CA LYS D 340 48.86 -36.31 24.71
C LYS D 340 49.98 -36.84 23.83
N ARG D 341 51.08 -37.32 24.40
CA ARG D 341 52.19 -37.89 23.64
C ARG D 341 52.61 -39.21 24.25
N TRP D 342 53.05 -40.15 23.42
CA TRP D 342 53.52 -41.44 23.90
C TRP D 342 54.84 -41.80 23.24
N ASN D 343 55.64 -42.58 23.96
CA ASN D 343 56.78 -43.27 23.41
C ASN D 343 56.91 -44.64 24.06
N LEU D 344 57.28 -45.63 23.26
CA LEU D 344 57.28 -47.02 23.69
C LEU D 344 58.57 -47.69 23.25
N THR D 345 58.96 -48.71 24.01
CA THR D 345 60.19 -49.44 23.72
C THR D 345 59.93 -50.52 22.67
N LEU D 346 61.02 -51.15 22.24
CA LEU D 346 60.94 -52.22 21.25
C LEU D 346 60.17 -53.46 21.75
N PRO D 347 60.42 -54.01 22.95
CA PRO D 347 59.58 -55.15 23.38
C PRO D 347 58.11 -54.81 23.51
N GLN D 348 57.79 -53.59 23.94
CA GLN D 348 56.39 -53.18 24.07
C GLN D 348 55.71 -53.09 22.70
N MET D 349 56.38 -52.47 21.72
CA MET D 349 55.81 -52.37 20.38
C MET D 349 55.70 -53.73 19.72
N ALA D 350 56.67 -54.61 19.95
CA ALA D 350 56.60 -55.97 19.43
C ALA D 350 55.43 -56.74 20.03
N ASN D 351 55.23 -56.60 21.33
CA ASN D 351 54.12 -57.27 22.01
C ASN D 351 52.78 -56.74 21.51
N LEU D 352 52.67 -55.41 21.34
CA LEU D 352 51.44 -54.82 20.85
C LEU D 352 51.16 -55.21 19.41
N TYR D 353 52.21 -55.36 18.58
CA TYR D 353 52.03 -55.80 17.21
C TYR D 353 51.60 -57.27 17.16
N ARG D 354 52.17 -58.10 18.02
CA ARG D 354 51.78 -59.51 18.06
C ARG D 354 50.34 -59.68 18.55
N LEU D 355 49.92 -58.85 19.50
CA LEU D 355 48.54 -58.90 19.97
C LEU D 355 47.54 -58.32 18.97
N SER D 356 48.00 -57.60 17.96
CA SER D 356 47.14 -56.94 16.99
C SER D 356 46.93 -57.75 15.72
N GLU D 357 47.51 -58.95 15.63
CA GLU D 357 47.49 -59.68 14.37
C GLU D 357 46.10 -60.08 13.83
N PRO D 358 45.03 -60.21 14.63
CA PRO D 358 43.70 -60.28 14.00
C PRO D 358 43.30 -59.03 13.21
N LEU D 359 43.74 -57.84 13.63
CA LEU D 359 43.23 -56.60 13.04
C LEU D 359 44.33 -55.72 12.45
N VAL D 360 45.47 -56.30 12.06
CA VAL D 360 46.55 -55.52 11.47
C VAL D 360 46.75 -55.99 10.04
N SER D 361 47.12 -55.06 9.17
CA SER D 361 47.37 -55.39 7.77
C SER D 361 48.65 -56.19 7.64
N ASP D 362 48.66 -57.13 6.69
CA ASP D 362 49.84 -57.89 6.34
C ASP D 362 50.45 -57.43 5.02
N VAL D 363 49.96 -56.34 4.47
CA VAL D 363 50.47 -55.80 3.21
C VAL D 363 51.70 -54.95 3.51
N VAL D 364 52.83 -55.33 2.92
CA VAL D 364 54.08 -54.60 3.08
C VAL D 364 54.41 -53.78 1.84
N ASP D 365 54.20 -54.37 0.66
CA ASP D 365 54.49 -53.70 -0.60
C ASP D 365 53.38 -52.71 -0.93
N PRO D 366 53.70 -51.44 -1.16
CA PRO D 366 52.67 -50.51 -1.68
C PRO D 366 52.25 -50.83 -3.11
N ASN D 367 53.06 -51.59 -3.85
CA ASN D 367 52.69 -52.04 -5.19
C ASN D 367 51.45 -52.93 -5.19
N TYR D 368 51.09 -53.49 -4.03
CA TYR D 368 49.83 -54.20 -3.86
C TYR D 368 48.65 -53.32 -4.25
N PHE D 369 48.74 -52.03 -3.97
CA PHE D 369 47.65 -51.10 -4.26
C PHE D 369 47.77 -50.47 -5.63
N TYR D 370 48.30 -51.18 -6.63
CA TYR D 370 48.32 -50.64 -7.99
C TYR D 370 46.92 -50.63 -8.58
N LEU D 371 46.49 -49.44 -9.03
CA LEU D 371 45.17 -49.20 -9.62
C LEU D 371 44.03 -49.59 -8.69
N PHE D 372 44.29 -49.56 -7.38
CA PHE D 372 43.26 -49.78 -6.36
C PHE D 372 43.43 -48.78 -5.23
N GLU D 373 43.67 -47.52 -5.58
CA GLU D 373 43.92 -46.47 -4.60
C GLU D 373 43.02 -45.29 -4.93
N LEU D 374 43.13 -44.23 -4.12
CA LEU D 374 42.23 -43.09 -4.23
C LEU D 374 42.35 -42.40 -5.59
N LYS D 375 43.58 -42.25 -6.09
CA LYS D 375 43.78 -41.57 -7.38
C LYS D 375 43.13 -42.35 -8.53
N SER D 376 43.29 -43.67 -8.54
CA SER D 376 42.68 -44.48 -9.60
C SER D 376 41.17 -44.55 -9.44
N PHE D 377 40.67 -44.60 -8.20
CA PHE D 377 39.22 -44.57 -7.98
C PHE D 377 38.61 -43.26 -8.48
N LEU D 378 39.30 -42.14 -8.24
CA LEU D 378 38.80 -40.85 -8.72
C LEU D 378 38.92 -40.75 -10.24
N THR D 379 39.97 -41.31 -10.82
CA THR D 379 40.12 -41.32 -12.27
C THR D 379 39.00 -42.16 -12.91
N ALA D 380 38.70 -43.32 -12.33
CA ALA D 380 37.61 -44.15 -12.84
C ALA D 380 36.25 -43.49 -12.64
N LYS D 381 36.09 -42.73 -11.54
CA LYS D 381 34.87 -41.94 -11.36
C LYS D 381 34.74 -40.87 -12.43
N ALA D 382 35.87 -40.26 -12.82
CA ALA D 382 35.82 -39.23 -13.85
C ALA D 382 35.45 -39.79 -15.22
N LEU D 383 35.93 -41.00 -15.52
CA LEU D 383 35.65 -41.64 -16.80
C LEU D 383 34.37 -42.48 -16.79
N ASN D 384 33.65 -42.49 -15.67
CA ASN D 384 32.40 -43.24 -15.50
C ASN D 384 32.63 -44.74 -15.76
N VAL D 385 33.75 -45.25 -15.26
CA VAL D 385 34.08 -46.66 -15.34
C VAL D 385 34.30 -47.18 -13.93
N ALA D 386 34.28 -48.50 -13.79
CA ALA D 386 34.45 -49.15 -12.50
C ALA D 386 35.62 -50.12 -12.58
N LEU D 387 36.55 -49.99 -11.64
CA LEU D 387 37.61 -50.97 -11.50
C LEU D 387 37.03 -52.25 -10.87
N PRO D 388 37.65 -53.40 -11.12
CA PRO D 388 37.13 -54.65 -10.53
C PRO D 388 37.25 -54.63 -9.02
N GLY D 389 36.10 -54.64 -8.35
CA GLY D 389 36.04 -54.52 -6.91
C GLY D 389 35.88 -53.10 -6.39
N GLY D 390 35.83 -52.10 -7.27
CA GLY D 390 35.75 -50.73 -6.86
C GLY D 390 34.35 -50.17 -6.91
N PRO D 391 34.18 -48.95 -6.39
CA PRO D 391 32.84 -48.34 -6.34
C PRO D 391 32.38 -47.83 -7.69
N ARG D 392 31.08 -47.56 -7.77
CA ARG D 392 30.45 -46.96 -8.95
C ARG D 392 29.74 -45.68 -8.53
N PHE D 393 29.77 -44.70 -9.43
CA PHE D 393 29.19 -43.38 -9.16
C PHE D 393 28.30 -42.96 -10.32
N GLU D 394 27.67 -41.80 -10.18
CA GLU D 394 26.99 -41.17 -11.28
C GLU D 394 28.02 -40.68 -12.30
N PRO D 395 27.63 -40.58 -13.58
CA PRO D 395 28.57 -40.05 -14.58
C PRO D 395 28.93 -38.61 -14.29
N LEU D 396 30.24 -38.32 -14.31
CA LEU D 396 30.70 -36.96 -14.10
C LEU D 396 30.29 -36.05 -15.25
N TYR D 397 30.41 -36.54 -16.48
CA TYR D 397 30.03 -35.78 -17.67
C TYR D 397 29.05 -36.62 -18.47
N LYS D 398 27.80 -36.19 -18.50
CA LYS D 398 26.74 -36.88 -19.26
C LYS D 398 26.59 -36.29 -20.66
N ASP D 399 27.68 -36.17 -21.41
CA ASP D 399 27.63 -35.53 -22.72
C ASP D 399 28.00 -36.46 -23.86
N ILE D 400 29.14 -37.15 -23.78
CA ILE D 400 29.64 -37.92 -24.91
C ILE D 400 28.89 -39.25 -24.99
N ASP D 401 28.35 -39.55 -26.17
CA ASP D 401 27.60 -40.76 -26.41
C ASP D 401 27.71 -41.07 -27.89
N PRO D 402 28.20 -42.27 -28.27
CA PRO D 402 28.48 -42.54 -29.70
C PRO D 402 27.26 -42.50 -30.62
N ASN D 403 26.05 -42.68 -30.10
CA ASN D 403 24.88 -42.71 -30.98
C ASN D 403 24.59 -41.33 -31.58
N ASP D 404 24.80 -40.27 -30.79
CA ASP D 404 24.55 -38.92 -31.29
C ASP D 404 25.57 -38.52 -32.35
N GLU D 405 26.84 -38.91 -32.18
CA GLU D 405 27.87 -38.58 -33.15
C GLU D 405 27.69 -39.44 -34.39
N ASP D 406 27.62 -38.80 -35.56
CA ASP D 406 27.42 -39.49 -36.82
C ASP D 406 28.77 -39.98 -37.35
N PHE D 407 28.79 -40.34 -38.64
CA PHE D 407 29.96 -40.96 -39.26
C PHE D 407 31.05 -39.91 -39.45
N GLY D 408 31.87 -39.73 -38.42
CA GLY D 408 33.01 -38.83 -38.49
C GLY D 408 34.26 -39.52 -39.02
N GLU D 409 35.16 -38.71 -39.57
CA GLU D 409 36.37 -39.21 -40.20
C GLU D 409 37.42 -39.68 -39.22
N PHE D 410 37.50 -39.06 -38.03
CA PHE D 410 38.56 -39.40 -37.08
C PHE D 410 38.37 -40.79 -36.49
N ASN D 411 37.15 -41.09 -36.03
CA ASN D 411 36.83 -42.40 -35.46
C ASN D 411 36.16 -43.31 -36.47
N ALA D 412 36.63 -43.30 -37.72
CA ALA D 412 36.13 -44.21 -38.73
C ALA D 412 36.38 -45.66 -38.30
N MET D 413 35.37 -46.51 -38.53
CA MET D 413 35.32 -47.83 -37.92
C MET D 413 36.46 -48.73 -38.42
N ASP D 414 36.74 -48.72 -39.71
CA ASP D 414 37.73 -49.61 -40.29
C ASP D 414 39.03 -48.89 -40.68
N ARG D 415 39.30 -47.72 -40.10
CA ARG D 415 40.64 -47.14 -40.09
C ARG D 415 41.41 -47.49 -38.83
N ILE D 416 40.83 -48.34 -37.97
CA ILE D 416 41.44 -48.74 -36.71
C ILE D 416 41.90 -50.18 -36.85
N ILE D 417 43.04 -50.50 -36.25
CA ILE D 417 43.87 -51.65 -36.62
C ILE D 417 43.80 -52.61 -35.44
N PHE D 418 42.56 -52.88 -34.99
CA PHE D 418 42.20 -53.66 -33.80
C PHE D 418 43.12 -54.85 -33.54
N ARG D 419 43.53 -54.97 -32.28
CA ARG D 419 44.40 -56.03 -31.78
C ARG D 419 43.73 -56.56 -30.52
N ASN D 420 44.50 -57.24 -29.67
CA ASN D 420 44.05 -57.61 -28.34
C ASN D 420 43.42 -56.40 -27.64
N PRO D 421 42.21 -56.53 -27.09
CA PRO D 421 41.42 -55.34 -26.75
C PRO D 421 41.92 -54.62 -25.52
N ILE D 422 41.77 -53.29 -25.54
CA ILE D 422 42.14 -52.44 -24.42
C ILE D 422 41.08 -52.56 -23.34
N ARG D 423 41.51 -52.84 -22.11
CA ARG D 423 40.59 -52.97 -21.00
C ARG D 423 40.47 -51.63 -20.26
N THR D 424 39.46 -51.54 -19.39
CA THR D 424 39.17 -50.27 -18.73
C THR D 424 40.23 -49.90 -17.70
N GLU D 425 40.93 -50.89 -17.15
CA GLU D 425 42.01 -50.61 -16.22
C GLU D 425 43.19 -49.95 -16.93
N THR D 426 43.41 -50.29 -18.20
CA THR D 426 44.40 -49.59 -19.00
C THR D 426 43.96 -48.16 -19.28
N ARG D 427 42.66 -47.94 -19.43
CA ARG D 427 42.14 -46.58 -19.61
C ARG D 427 42.32 -45.76 -18.34
N VAL D 428 42.22 -46.41 -17.18
CA VAL D 428 42.42 -45.71 -15.91
C VAL D 428 43.90 -45.44 -15.65
N ALA D 429 44.77 -46.39 -16.01
CA ALA D 429 46.20 -46.26 -15.71
C ALA D 429 46.85 -45.16 -16.53
N TYR D 430 46.44 -45.01 -17.79
CA TYR D 430 46.96 -43.98 -18.69
C TYR D 430 45.76 -43.18 -19.20
N PRO D 431 45.21 -42.27 -18.38
CA PRO D 431 43.95 -41.62 -18.75
C PRO D 431 44.08 -40.63 -19.90
N TYR D 432 45.27 -40.09 -20.15
CA TYR D 432 45.42 -39.08 -21.19
C TYR D 432 45.75 -39.68 -22.55
N LEU D 433 46.19 -40.92 -22.61
CA LEU D 433 46.46 -41.58 -23.88
C LEU D 433 45.25 -42.34 -24.41
N TYR D 434 44.46 -42.94 -23.54
CA TYR D 434 43.38 -43.84 -23.94
C TYR D 434 42.00 -43.23 -23.82
N ASN D 435 41.88 -41.97 -23.41
CA ASN D 435 40.60 -41.28 -23.39
C ASN D 435 40.71 -39.98 -24.16
N SER D 436 39.67 -39.65 -24.91
CA SER D 436 39.67 -38.44 -25.72
C SER D 436 39.27 -37.20 -24.94
N ARG D 437 38.50 -37.35 -23.87
CA ARG D 437 38.12 -36.24 -22.98
C ARG D 437 38.37 -36.64 -21.53
N PRO D 438 39.64 -36.69 -21.11
CA PRO D 438 39.93 -37.08 -19.72
C PRO D 438 39.92 -35.89 -18.76
N ARG D 439 38.74 -35.32 -18.55
CA ARG D 439 38.60 -34.19 -17.65
C ARG D 439 38.48 -34.69 -16.21
N SER D 440 39.11 -33.96 -15.29
CA SER D 440 39.07 -34.22 -13.85
C SER D 440 39.61 -35.60 -13.50
N VAL D 441 40.55 -36.12 -14.30
CA VAL D 441 41.23 -37.35 -13.98
C VAL D 441 42.47 -37.02 -13.16
N HIS D 442 42.91 -37.99 -12.36
CA HIS D 442 44.05 -37.82 -11.47
C HIS D 442 45.14 -38.81 -11.84
N LEU D 443 46.34 -38.28 -12.09
CA LEU D 443 47.48 -39.14 -12.35
C LEU D 443 47.90 -39.84 -11.07
N SER D 444 48.10 -41.15 -11.15
CA SER D 444 48.39 -41.97 -9.98
C SER D 444 49.87 -42.30 -9.92
N TRP D 445 50.29 -42.82 -8.78
CA TRP D 445 51.66 -43.27 -8.61
C TRP D 445 51.92 -44.47 -9.52
N HIS D 446 52.98 -44.37 -10.33
CA HIS D 446 53.20 -45.35 -11.39
C HIS D 446 53.64 -46.70 -10.81
N SER D 447 54.75 -46.71 -10.09
CA SER D 447 55.24 -47.95 -9.50
C SER D 447 56.12 -47.63 -8.31
N TYR D 448 56.40 -48.65 -7.52
CA TYR D 448 57.35 -48.62 -6.43
C TYR D 448 58.43 -49.67 -6.67
N PRO D 449 59.61 -49.50 -6.08
CA PRO D 449 60.59 -50.59 -6.10
C PRO D 449 60.04 -51.83 -5.41
N GLN D 450 60.37 -52.98 -5.98
CA GLN D 450 59.81 -54.24 -5.48
C GLN D 450 60.40 -54.61 -4.13
N ILE D 451 59.55 -54.92 -3.17
CA ILE D 451 59.99 -55.26 -1.83
C ILE D 451 60.43 -56.72 -1.83
N VAL D 452 61.68 -56.96 -1.45
CA VAL D 452 62.22 -58.31 -1.38
C VAL D 452 62.27 -58.83 0.05
N TYR D 453 61.55 -58.18 0.96
CA TYR D 453 61.48 -58.62 2.35
C TYR D 453 60.48 -59.76 2.49
N THR D 454 60.90 -60.81 3.21
CA THR D 454 60.05 -61.94 3.51
C THR D 454 60.07 -62.18 5.02
N LYS D 455 58.89 -62.32 5.60
CA LYS D 455 58.78 -62.57 7.03
C LYS D 455 59.17 -64.01 7.34
N THR D 456 59.96 -64.18 8.39
CA THR D 456 60.53 -65.49 8.72
C THR D 456 59.50 -66.33 9.47
N GLU D 457 59.19 -67.51 8.93
CA GLU D 457 58.25 -68.41 9.58
C GLU D 457 58.86 -69.05 10.82
N ASP D 458 60.10 -69.51 10.71
CA ASP D 458 60.76 -70.20 11.83
C ASP D 458 61.05 -69.22 12.96
N PRO D 459 60.65 -69.53 14.20
CA PRO D 459 60.83 -68.55 15.29
C PRO D 459 62.23 -68.44 15.84
N GLU D 460 63.15 -69.36 15.49
CA GLU D 460 64.49 -69.34 16.06
C GLU D 460 65.56 -69.27 14.98
N LEU D 461 65.28 -68.57 13.89
CA LEU D 461 66.32 -68.23 12.93
C LEU D 461 66.96 -66.90 13.31
N PRO D 462 68.21 -66.67 12.92
CA PRO D 462 68.85 -65.38 13.19
C PRO D 462 68.22 -64.26 12.38
N ALA D 463 68.63 -63.02 12.70
CA ALA D 463 68.16 -61.88 11.94
C ALA D 463 68.78 -61.86 10.55
N PHE D 464 70.05 -62.23 10.43
CA PHE D 464 70.77 -62.19 9.17
C PHE D 464 71.11 -63.63 8.77
N TYR D 465 70.46 -64.11 7.72
CA TYR D 465 70.67 -65.47 7.24
C TYR D 465 70.30 -65.51 5.77
N PHE D 466 70.90 -66.44 5.03
CA PHE D 466 70.55 -66.62 3.64
C PHE D 466 69.29 -67.48 3.56
N ASP D 467 68.16 -66.84 3.25
CA ASP D 467 66.89 -67.52 3.16
C ASP D 467 66.87 -68.50 1.98
N THR D 468 66.02 -69.52 2.09
CA THR D 468 65.91 -70.50 1.02
C THR D 468 65.15 -69.95 -0.18
N SER D 469 64.33 -68.92 0.02
CA SER D 469 63.63 -68.28 -1.08
C SER D 469 64.51 -67.27 -1.81
N ILE D 470 65.72 -67.02 -1.33
CA ILE D 470 66.66 -66.11 -1.98
C ILE D 470 67.55 -66.92 -2.90
N ASN D 471 67.60 -66.53 -4.17
CA ASN D 471 68.40 -67.23 -5.16
C ASN D 471 69.89 -67.06 -4.84
N PRO D 472 70.68 -68.12 -4.93
CA PRO D 472 72.08 -68.04 -4.52
C PRO D 472 72.95 -67.32 -5.54
N ILE D 473 74.13 -66.90 -5.07
CA ILE D 473 75.15 -66.29 -5.91
C ILE D 473 76.27 -67.29 -6.06
N SER D 474 76.53 -67.72 -7.28
CA SER D 474 77.56 -68.71 -7.55
C SER D 474 78.90 -68.04 -7.80
N SER D 475 79.97 -68.82 -7.68
CA SER D 475 81.31 -68.32 -8.04
C SER D 475 81.41 -68.11 -9.54
N ARG D 476 80.77 -68.95 -10.33
CA ARG D 476 80.68 -68.75 -11.77
C ARG D 476 79.59 -67.76 -12.15
N ALA D 477 78.75 -67.33 -11.21
CA ALA D 477 77.79 -66.27 -11.49
C ALA D 477 78.45 -64.90 -11.48
N VAL D 478 79.42 -64.69 -10.60
CA VAL D 478 80.12 -63.41 -10.51
C VAL D 478 81.04 -63.28 -11.71
N ALA D 479 82.04 -64.19 -11.80
CA ALA D 479 82.83 -64.54 -12.98
C ALA D 479 83.30 -63.37 -13.83
N PRO D 480 84.32 -62.60 -13.40
CA PRO D 480 84.86 -61.55 -14.27
C PRO D 480 85.43 -62.15 -15.55
N LYS D 481 84.75 -61.88 -16.66
CA LYS D 481 85.01 -62.62 -17.91
C LYS D 481 86.36 -62.25 -18.52
N ASN D 482 86.80 -61.01 -18.35
CA ASN D 482 88.08 -60.56 -18.90
C ASN D 482 88.82 -59.78 -17.84
N LEU D 483 90.05 -60.19 -17.56
CA LEU D 483 90.93 -59.49 -16.63
C LEU D 483 92.36 -59.84 -17.03
N THR D 484 93.04 -58.91 -17.71
CA THR D 484 94.42 -59.14 -18.13
C THR D 484 95.34 -59.29 -16.92
N VAL D 485 95.17 -58.42 -15.92
CA VAL D 485 95.84 -58.55 -14.64
C VAL D 485 94.79 -58.36 -13.55
N SER D 486 94.85 -59.19 -12.52
CA SER D 486 93.86 -59.15 -11.45
C SER D 486 94.31 -58.21 -10.34
N HIS D 487 93.35 -57.84 -9.49
CA HIS D 487 93.68 -57.09 -8.29
C HIS D 487 94.42 -57.96 -7.30
N GLU D 488 94.08 -59.24 -7.23
CA GLU D 488 94.79 -60.16 -6.36
C GLU D 488 96.15 -60.54 -6.93
N ASP D 489 96.24 -60.71 -8.24
CA ASP D 489 97.55 -60.90 -8.88
C ASP D 489 98.14 -59.56 -9.32
N GLU D 490 98.05 -58.60 -8.41
CA GLU D 490 98.86 -57.39 -8.38
C GLU D 490 99.35 -57.07 -6.98
N LEU D 491 98.66 -57.55 -5.96
CA LEU D 491 99.00 -57.31 -4.56
C LEU D 491 99.99 -58.32 -4.03
N PHE D 492 99.93 -59.56 -4.51
CA PHE D 492 100.78 -60.65 -4.06
C PHE D 492 101.72 -61.14 -5.15
N GLY D 493 101.19 -61.40 -6.35
CA GLY D 493 102.00 -61.84 -7.46
C GLY D 493 101.70 -63.27 -7.89
N LYS D 494 100.86 -63.41 -8.92
CA LYS D 494 100.49 -64.68 -9.54
C LYS D 494 99.90 -65.66 -8.53
N GLY D 495 100.73 -66.56 -8.00
CA GLY D 495 100.27 -67.53 -7.03
C GLY D 495 101.03 -67.47 -5.73
N ASN D 496 101.31 -66.25 -5.26
CA ASN D 496 102.11 -66.09 -4.04
C ASN D 496 101.33 -66.49 -2.79
N ILE D 497 100.06 -66.05 -2.70
CA ILE D 497 99.13 -66.32 -1.61
C ILE D 497 99.76 -65.70 -0.35
N GLU D 498 100.48 -64.59 -0.54
CA GLU D 498 101.18 -63.87 0.51
C GLU D 498 101.68 -62.55 -0.06
N GLU D 499 101.64 -61.51 0.76
CA GLU D 499 102.34 -60.28 0.43
C GLU D 499 103.83 -60.55 0.36
N PRO D 500 104.54 -59.98 -0.63
CA PRO D 500 106.00 -60.08 -0.64
C PRO D 500 106.60 -59.43 0.60
N GLU D 501 107.58 -60.11 1.20
CA GLU D 501 108.14 -59.68 2.47
C GLU D 501 108.98 -58.42 2.35
N GLU D 502 109.39 -58.05 1.14
CA GLU D 502 110.13 -56.81 0.96
C GLU D 502 109.24 -55.58 1.16
N GLU D 503 107.96 -55.66 0.77
CA GLU D 503 107.02 -54.56 1.02
C GLU D 503 106.30 -54.81 2.34
N ALA D 504 105.52 -55.91 2.39
CA ALA D 504 104.96 -56.51 3.60
C ALA D 504 104.22 -55.49 4.47
N PHE D 505 103.13 -54.97 3.90
CA PHE D 505 102.32 -53.98 4.60
C PHE D 505 101.65 -54.59 5.83
N VAL D 506 101.74 -53.89 6.95
CA VAL D 506 101.15 -54.32 8.20
C VAL D 506 100.40 -53.15 8.82
N LEU D 507 99.20 -53.41 9.31
CA LEU D 507 98.42 -52.39 9.99
C LEU D 507 99.05 -52.06 11.35
N PRO D 508 98.81 -50.85 11.86
CA PRO D 508 99.17 -50.56 13.25
C PRO D 508 98.41 -51.46 14.21
N ALA D 509 99.06 -51.78 15.33
CA ALA D 509 98.50 -52.73 16.30
C ALA D 509 97.23 -52.21 16.95
N ALA D 510 97.05 -50.89 17.03
CA ALA D 510 95.85 -50.32 17.63
C ALA D 510 94.63 -50.43 16.73
N VAL D 511 94.82 -50.67 15.42
CA VAL D 511 93.73 -50.62 14.47
C VAL D 511 92.83 -51.84 14.66
N GLU D 512 91.54 -51.59 14.88
CA GLU D 512 90.52 -52.59 15.14
C GLU D 512 89.29 -52.26 14.31
N PRO D 513 88.48 -53.26 13.95
CA PRO D 513 87.16 -52.96 13.37
C PRO D 513 86.29 -52.17 14.32
N PHE D 514 85.36 -51.40 13.74
CA PHE D 514 84.69 -50.33 14.46
C PHE D 514 83.77 -50.86 15.56
N PHE D 515 83.17 -52.02 15.37
CA PHE D 515 82.36 -52.65 16.41
C PHE D 515 82.83 -54.07 16.67
N ALA D 516 84.15 -54.25 16.80
CA ALA D 516 84.74 -55.59 16.82
C ALA D 516 84.31 -56.40 18.04
N ASP D 517 84.22 -55.75 19.21
CA ASP D 517 83.81 -56.45 20.41
C ASP D 517 82.32 -56.76 20.43
N GLU D 518 81.51 -55.93 19.78
CA GLU D 518 80.06 -56.10 19.81
C GLU D 518 79.61 -57.15 18.81
N GLU D 519 78.52 -57.83 19.15
CA GLU D 519 77.99 -58.90 18.31
C GLU D 519 77.30 -58.34 17.07
N LEU D 520 77.19 -59.19 16.05
CA LEU D 520 76.50 -58.80 14.82
C LEU D 520 75.01 -58.61 15.05
N GLU D 521 74.42 -59.38 15.96
CA GLU D 521 72.99 -59.31 16.23
C GLU D 521 72.75 -59.10 17.72
N THR D 522 71.46 -59.08 18.08
CA THR D 522 71.00 -59.01 19.45
C THR D 522 69.70 -59.83 19.48
N GLU D 523 69.29 -60.26 20.67
CA GLU D 523 68.05 -61.03 20.78
C GLU D 523 66.81 -60.22 20.44
N ASP D 524 66.91 -58.89 20.35
CA ASP D 524 65.81 -58.03 19.94
C ASP D 524 65.93 -57.56 18.49
N THR D 525 66.81 -58.15 17.70
CA THR D 525 67.06 -57.68 16.34
C THR D 525 66.06 -58.23 15.33
N ARG D 526 65.68 -59.50 15.47
CA ARG D 526 64.65 -60.06 14.61
C ARG D 526 63.34 -59.30 14.77
N SER D 527 62.98 -58.99 16.02
CA SER D 527 61.79 -58.21 16.30
C SER D 527 61.92 -56.78 15.78
N ALA D 528 63.13 -56.21 15.85
CA ALA D 528 63.35 -54.86 15.34
C ALA D 528 63.16 -54.79 13.84
N ILE D 529 63.69 -55.77 13.11
CA ILE D 529 63.51 -55.78 11.66
C ILE D 529 62.07 -56.10 11.29
N GLU D 530 61.41 -56.97 12.07
CA GLU D 530 60.00 -57.27 11.84
C GLU D 530 59.12 -56.05 12.05
N LEU D 531 59.43 -55.24 13.08
CA LEU D 531 58.71 -54.01 13.33
C LEU D 531 59.07 -52.92 12.34
N TRP D 532 60.25 -53.00 11.72
CA TRP D 532 60.63 -52.04 10.69
C TRP D 532 59.69 -52.11 9.49
N TRP D 533 59.17 -53.29 9.17
CA TRP D 533 58.31 -53.48 8.02
C TRP D 533 56.84 -53.55 8.41
N ALA D 534 56.52 -53.30 9.68
CA ALA D 534 55.14 -53.33 10.12
C ALA D 534 54.38 -52.12 9.60
N PRO D 535 53.07 -52.25 9.37
CA PRO D 535 52.28 -51.10 8.94
C PRO D 535 52.13 -50.07 10.05
N TYR D 536 51.82 -48.84 9.64
CA TYR D 536 51.58 -47.74 10.56
C TYR D 536 50.41 -48.08 11.48
N PRO D 537 50.50 -47.78 12.79
CA PRO D 537 51.60 -47.09 13.48
C PRO D 537 52.60 -48.02 14.15
N PHE D 538 52.64 -49.27 13.75
CA PHE D 538 53.49 -50.23 14.44
C PHE D 538 54.95 -50.16 14.03
N ASP D 539 55.27 -49.41 12.98
CA ASP D 539 56.66 -49.15 12.63
C ASP D 539 57.24 -47.95 13.39
N ARG D 540 56.42 -47.27 14.18
CA ARG D 540 56.87 -46.16 15.00
C ARG D 540 57.23 -46.65 16.40
N ARG D 541 57.86 -45.76 17.16
CA ARG D 541 58.12 -46.00 18.57
C ARG D 541 57.73 -44.81 19.43
N SER D 542 57.25 -43.73 18.82
CA SER D 542 56.71 -42.58 19.52
C SER D 542 55.65 -41.96 18.64
N GLY D 543 54.80 -41.14 19.25
CA GLY D 543 53.77 -40.49 18.47
C GLY D 543 52.82 -39.71 19.35
N ARG D 544 51.78 -39.21 18.72
CA ARG D 544 50.71 -38.46 19.37
C ARG D 544 49.51 -39.37 19.55
N MET D 545 48.74 -39.10 20.60
CA MET D 545 47.59 -39.93 20.93
C MET D 545 46.37 -39.42 20.19
N VAL D 546 45.54 -40.36 19.73
CA VAL D 546 44.40 -40.03 18.90
C VAL D 546 43.12 -40.36 19.68
N ARG D 547 42.01 -39.82 19.19
CA ARG D 547 40.72 -40.12 19.77
C ARG D 547 40.35 -41.58 19.52
N ALA D 548 39.60 -42.16 20.47
CA ALA D 548 39.20 -43.56 20.37
C ALA D 548 38.33 -43.82 19.15
N GLN D 549 37.47 -42.86 18.79
CA GLN D 549 36.67 -42.99 17.59
C GLN D 549 37.44 -42.66 16.32
N ASP D 550 38.66 -42.15 16.44
CA ASP D 550 39.50 -41.85 15.30
C ASP D 550 40.40 -43.02 14.93
N VAL D 551 40.23 -44.17 15.56
CA VAL D 551 40.96 -45.39 15.20
C VAL D 551 40.00 -46.30 14.44
N PRO D 552 40.07 -46.37 13.11
CA PRO D 552 39.30 -47.37 12.38
C PRO D 552 40.03 -48.71 12.35
N LEU D 553 39.50 -49.67 13.08
CA LEU D 553 40.20 -50.94 13.27
C LEU D 553 40.15 -51.84 12.05
N ILE D 554 39.12 -51.71 11.20
CA ILE D 554 38.88 -52.64 10.11
C ILE D 554 38.82 -51.91 8.78
N LYS D 555 39.39 -50.71 8.73
CA LYS D 555 39.33 -49.91 7.50
C LYS D 555 40.20 -50.51 6.40
N HIS D 556 41.32 -51.13 6.76
CA HIS D 556 42.20 -51.71 5.76
C HIS D 556 41.61 -52.97 5.15
N TRP D 557 40.56 -53.52 5.76
CA TRP D 557 39.88 -54.67 5.17
C TRP D 557 39.23 -54.28 3.85
N TYR D 558 38.56 -53.13 3.79
CA TYR D 558 37.93 -52.71 2.55
C TYR D 558 38.78 -51.71 1.76
N LEU D 559 39.87 -51.19 2.34
CA LEU D 559 40.86 -50.52 1.51
C LEU D 559 41.73 -51.50 0.74
N GLU D 560 41.82 -52.75 1.19
CA GLU D 560 42.53 -53.78 0.44
C GLU D 560 41.55 -54.51 -0.47
N HIS D 561 42.10 -55.39 -1.31
CA HIS D 561 41.27 -56.22 -2.16
C HIS D 561 40.46 -57.20 -1.32
N CYS D 562 39.22 -57.45 -1.73
CA CYS D 562 38.35 -58.37 -1.02
C CYS D 562 38.88 -59.79 -1.11
N PRO D 563 38.66 -60.60 -0.07
CA PRO D 563 39.05 -62.01 -0.15
C PRO D 563 38.28 -62.73 -1.24
N PRO D 564 38.86 -63.78 -1.82
CA PRO D 564 38.13 -64.55 -2.83
C PRO D 564 37.00 -65.35 -2.20
N LYS D 565 35.97 -65.61 -3.02
CA LYS D 565 34.82 -66.44 -2.68
C LYS D 565 34.05 -65.86 -1.48
N GLN D 566 33.55 -64.64 -1.65
CA GLN D 566 32.62 -64.03 -0.73
C GLN D 566 31.20 -64.19 -1.24
N PRO D 567 30.20 -64.07 -0.37
CA PRO D 567 28.83 -63.86 -0.85
C PRO D 567 28.70 -62.51 -1.54
N VAL D 568 27.62 -62.38 -2.33
CA VAL D 568 27.37 -61.15 -3.07
C VAL D 568 27.13 -59.98 -2.12
N LYS D 569 26.44 -60.24 -1.01
CA LYS D 569 26.15 -59.20 -0.03
C LYS D 569 27.44 -58.66 0.62
N VAL D 570 28.41 -59.54 0.89
CA VAL D 570 29.65 -59.10 1.51
C VAL D 570 30.48 -58.26 0.54
N ARG D 571 30.54 -58.69 -0.73
CA ARG D 571 31.27 -57.93 -1.75
C ARG D 571 30.63 -56.56 -1.98
N VAL D 572 29.30 -56.52 -2.00
CA VAL D 572 28.59 -55.26 -2.16
C VAL D 572 28.84 -54.35 -0.97
N SER D 573 28.91 -54.91 0.24
CA SER D 573 29.25 -54.12 1.42
C SER D 573 30.68 -53.56 1.34
N TYR D 574 31.62 -54.38 0.87
CA TYR D 574 33.00 -53.91 0.65
C TYR D 574 33.01 -52.74 -0.33
N GLN D 575 32.28 -52.87 -1.44
CA GLN D 575 32.28 -51.81 -2.45
C GLN D 575 31.58 -50.55 -1.95
N LYS D 576 30.56 -50.68 -1.10
CA LYS D 576 29.90 -49.49 -0.58
C LYS D 576 30.74 -48.79 0.48
N LEU D 577 31.51 -49.55 1.29
CA LEU D 577 32.45 -48.90 2.19
C LEU D 577 33.57 -48.21 1.42
N LEU D 578 34.01 -48.81 0.31
CA LEU D 578 34.94 -48.14 -0.60
C LEU D 578 34.35 -46.85 -1.15
N LYS D 579 33.08 -46.88 -1.54
CA LYS D 579 32.40 -45.69 -2.04
C LYS D 579 32.35 -44.59 -0.98
N THR D 580 32.06 -44.97 0.26
CA THR D 580 32.03 -43.99 1.35
C THR D 580 33.40 -43.38 1.58
N TYR D 581 34.47 -44.21 1.53
CA TYR D 581 35.83 -43.69 1.68
C TYR D 581 36.19 -42.72 0.56
N VAL D 582 35.86 -43.08 -0.69
CA VAL D 582 36.22 -42.25 -1.83
C VAL D 582 35.46 -40.93 -1.81
N LEU D 583 34.17 -40.98 -1.46
CA LEU D 583 33.41 -39.73 -1.33
C LEU D 583 33.89 -38.88 -0.17
N ASN D 584 34.35 -39.49 0.91
CA ASN D 584 34.93 -38.71 2.00
C ASN D 584 36.21 -38.01 1.57
N GLU D 585 37.04 -38.68 0.77
CA GLU D 585 38.29 -38.04 0.34
C GLU D 585 38.07 -37.02 -0.77
N LEU D 586 37.10 -37.23 -1.65
CA LEU D 586 36.85 -36.29 -2.74
C LEU D 586 36.29 -34.97 -2.22
N HIS D 587 35.42 -35.04 -1.21
CA HIS D 587 34.81 -33.85 -0.62
C HIS D 587 35.58 -33.38 0.61
N ARG D 588 36.90 -33.53 0.59
CA ARG D 588 37.73 -33.19 1.73
C ARG D 588 37.82 -31.68 1.85
N LYS D 589 37.01 -31.12 2.74
CA LYS D 589 36.95 -29.68 2.93
C LYS D 589 38.07 -29.20 3.86
N ARG D 590 38.72 -28.11 3.47
CA ARG D 590 39.67 -27.40 4.34
C ARG D 590 39.70 -25.90 4.06
N PRO D 591 38.62 -25.18 4.38
CA PRO D 591 38.63 -23.73 4.25
C PRO D 591 39.18 -23.10 5.52
N LYS D 592 39.18 -21.77 5.55
CA LYS D 592 39.65 -21.04 6.73
C LYS D 592 38.72 -21.27 7.92
N SER D 593 39.32 -21.43 9.10
CA SER D 593 38.59 -21.51 10.35
C SER D 593 39.00 -20.33 11.23
N MET D 594 38.00 -19.62 11.73
CA MET D 594 38.21 -18.40 12.51
C MET D 594 38.24 -18.74 14.00
N GLN D 595 38.19 -17.72 14.85
CA GLN D 595 38.27 -17.89 16.30
C GLN D 595 37.05 -18.66 16.80
N LYS D 596 37.27 -19.91 17.19
CA LYS D 596 36.22 -20.80 17.64
C LYS D 596 36.21 -20.85 19.17
N GLN D 597 35.05 -20.55 19.76
CA GLN D 597 34.89 -20.65 21.20
C GLN D 597 34.42 -22.06 21.56
N SER D 598 35.12 -22.66 22.52
CA SER D 598 34.73 -23.97 23.02
C SER D 598 33.52 -23.84 23.92
N LEU D 599 32.54 -24.73 23.74
CA LEU D 599 31.32 -24.65 24.53
C LEU D 599 31.57 -25.01 25.99
N LEU D 600 32.27 -26.13 26.22
CA LEU D 600 32.44 -26.62 27.59
C LEU D 600 33.37 -25.73 28.40
N ARG D 601 34.37 -25.13 27.77
CA ARG D 601 35.27 -24.24 28.51
C ARG D 601 34.58 -22.91 28.83
N THR D 602 33.76 -22.40 27.90
CA THR D 602 32.99 -21.20 28.17
C THR D 602 31.96 -21.45 29.26
N LEU D 603 31.39 -22.65 29.32
CA LEU D 603 30.47 -22.98 30.41
C LEU D 603 31.22 -23.13 31.73
N LYS D 604 32.45 -23.67 31.67
CA LYS D 604 33.27 -23.81 32.86
C LYS D 604 33.72 -22.47 33.41
N GLN D 605 33.80 -21.44 32.56
CA GLN D 605 34.17 -20.11 33.05
C GLN D 605 33.10 -19.52 33.98
N THR D 606 31.84 -19.88 33.79
CA THR D 606 30.77 -19.32 34.60
C THR D 606 30.67 -20.03 35.96
N LYS D 607 29.89 -19.43 36.86
CA LYS D 607 29.66 -19.98 38.18
C LYS D 607 28.55 -21.03 38.18
N PHE D 608 27.81 -21.15 37.09
CA PHE D 608 26.67 -22.05 37.03
C PHE D 608 27.06 -23.48 36.69
N PHE D 609 28.31 -23.71 36.31
CA PHE D 609 28.80 -25.05 36.02
C PHE D 609 30.02 -25.33 36.90
N GLN D 610 29.98 -26.44 37.62
CA GLN D 610 31.13 -26.94 38.37
C GLN D 610 31.64 -28.19 37.70
N GLN D 611 32.76 -28.71 38.21
CA GLN D 611 33.38 -29.89 37.63
C GLN D 611 33.65 -30.92 38.72
N THR D 612 33.47 -32.18 38.39
CA THR D 612 33.78 -33.28 39.30
C THR D 612 34.12 -34.52 38.48
N THR D 613 34.35 -35.64 39.16
CA THR D 613 34.71 -36.89 38.51
C THR D 613 33.79 -37.98 39.03
N ILE D 614 33.02 -38.61 38.13
CA ILE D 614 32.04 -39.63 38.51
C ILE D 614 32.17 -40.82 37.58
N ASP D 615 31.56 -41.93 37.99
CA ASP D 615 31.43 -43.10 37.13
C ASP D 615 30.61 -42.76 35.89
N TRP D 616 30.98 -43.38 34.77
CA TRP D 616 30.30 -43.12 33.50
C TRP D 616 28.85 -43.59 33.55
N VAL D 617 28.56 -44.65 34.31
CA VAL D 617 27.19 -45.12 34.47
C VAL D 617 26.35 -44.07 35.20
N GLU D 618 26.92 -43.44 36.23
CA GLU D 618 26.23 -42.37 36.94
C GLU D 618 25.96 -41.19 36.04
N ALA D 619 26.95 -40.81 35.21
CA ALA D 619 26.76 -39.72 34.26
C ALA D 619 25.70 -40.06 33.22
N GLY D 620 25.66 -41.32 32.77
CA GLY D 620 24.65 -41.70 31.80
C GLY D 620 23.25 -41.71 32.37
N LEU D 621 23.11 -42.17 33.62
CA LEU D 621 21.83 -42.10 34.31
C LEU D 621 21.39 -40.66 34.49
N GLN D 622 22.33 -39.77 34.84
CA GLN D 622 22.00 -38.35 34.99
C GLN D 622 21.58 -37.74 33.66
N VAL D 623 22.30 -38.05 32.58
CA VAL D 623 21.96 -37.49 31.27
C VAL D 623 20.59 -37.98 30.80
N CYS D 624 20.31 -39.27 31.00
CA CYS D 624 19.01 -39.82 30.58
C CYS D 624 17.87 -39.21 31.40
N ARG D 625 18.04 -39.10 32.72
CA ARG D 625 17.00 -38.50 33.55
C ARG D 625 16.81 -37.02 33.21
N GLN D 626 17.91 -36.30 32.96
CA GLN D 626 17.80 -34.89 32.59
C GLN D 626 17.06 -34.71 31.28
N GLY D 627 17.39 -35.51 30.26
CA GLY D 627 16.68 -35.41 28.99
C GLY D 627 15.21 -35.76 29.10
N PHE D 628 14.90 -36.78 29.89
CA PHE D 628 13.51 -37.11 30.18
C PHE D 628 12.79 -35.94 30.84
N ASN D 629 13.43 -35.31 31.82
CA ASN D 629 12.78 -34.25 32.57
C ASN D 629 12.58 -33.00 31.72
N MET D 630 13.53 -32.69 30.82
CA MET D 630 13.32 -31.57 29.90
C MET D 630 12.17 -31.83 28.95
N LEU D 631 12.10 -33.04 28.39
CA LEU D 631 10.99 -33.33 27.48
C LEU D 631 9.66 -33.33 28.23
N ASN D 632 9.64 -33.84 29.46
CA ASN D 632 8.42 -33.85 30.26
C ASN D 632 8.00 -32.44 30.64
N LEU D 633 8.97 -31.57 31.00
CA LEU D 633 8.65 -30.18 31.30
C LEU D 633 8.14 -29.43 30.09
N LEU D 634 8.71 -29.70 28.91
CA LEU D 634 8.21 -29.07 27.69
C LEU D 634 6.79 -29.52 27.37
N ILE D 635 6.51 -30.81 27.59
CA ILE D 635 5.15 -31.32 27.38
C ILE D 635 4.17 -30.67 28.34
N HIS D 636 4.56 -30.55 29.62
CA HIS D 636 3.65 -30.03 30.64
C HIS D 636 3.48 -28.52 30.56
N ARG D 637 4.49 -27.79 30.06
CA ARG D 637 4.33 -26.35 29.86
C ARG D 637 3.33 -26.06 28.75
N LYS D 638 3.31 -26.88 27.71
CA LYS D 638 2.37 -26.75 26.62
C LYS D 638 1.00 -27.33 26.94
N ASN D 639 0.80 -27.78 28.19
CA ASN D 639 -0.48 -28.27 28.70
C ASN D 639 -0.95 -29.52 27.96
N LEU D 640 -0.01 -30.29 27.41
CA LEU D 640 -0.31 -31.54 26.75
C LEU D 640 -0.20 -32.72 27.70
N THR D 641 -0.90 -32.63 28.85
CA THR D 641 -0.80 -33.66 29.87
C THR D 641 -1.58 -34.92 29.54
N TYR D 642 -2.28 -34.96 28.41
CA TYR D 642 -2.86 -36.18 27.90
C TYR D 642 -1.86 -36.98 27.07
N LEU D 643 -0.65 -36.46 26.88
CA LEU D 643 0.46 -37.23 26.33
C LEU D 643 1.35 -37.69 27.48
N HIS D 644 1.68 -38.98 27.49
CA HIS D 644 2.59 -39.55 28.48
C HIS D 644 3.90 -39.90 27.79
N LEU D 645 5.00 -39.42 28.34
CA LEU D 645 6.33 -39.83 27.95
C LEU D 645 6.81 -40.86 28.97
N ASP D 646 6.98 -42.10 28.55
CA ASP D 646 7.48 -43.11 29.46
C ASP D 646 9.01 -43.06 29.49
N TYR D 647 9.59 -43.88 30.36
CA TYR D 647 11.01 -43.76 30.67
C TYR D 647 11.91 -44.32 29.58
N ASN D 648 11.36 -45.00 28.58
CA ASN D 648 12.09 -45.40 27.39
C ASN D 648 11.86 -44.45 26.23
N PHE D 649 11.33 -43.25 26.51
CA PHE D 649 11.16 -42.14 25.56
C PHE D 649 10.15 -42.48 24.47
N ASN D 650 9.04 -43.10 24.86
CA ASN D 650 7.89 -43.28 23.97
C ASN D 650 6.80 -42.29 24.37
N LEU D 651 6.26 -41.57 23.39
CA LEU D 651 5.22 -40.58 23.60
C LEU D 651 3.89 -41.18 23.15
N LYS D 652 3.02 -41.48 24.11
CA LYS D 652 1.74 -42.10 23.79
C LYS D 652 0.59 -41.29 24.39
N PRO D 653 -0.53 -41.17 23.69
CA PRO D 653 -1.72 -40.54 24.30
C PRO D 653 -2.31 -41.45 25.38
N VAL D 654 -2.66 -40.85 26.52
CA VAL D 654 -3.25 -41.62 27.61
C VAL D 654 -4.73 -41.92 27.39
N LYS D 655 -5.35 -41.29 26.40
CA LYS D 655 -6.77 -41.46 26.15
C LYS D 655 -7.01 -41.28 24.66
N THR D 656 -8.27 -41.09 24.29
CA THR D 656 -8.65 -40.87 22.90
C THR D 656 -8.66 -39.38 22.62
N LEU D 657 -7.96 -38.98 21.55
CA LEU D 657 -7.72 -37.57 21.28
C LEU D 657 -8.72 -37.02 20.28
N THR D 658 -9.23 -35.82 20.56
CA THR D 658 -10.04 -35.10 19.60
C THR D 658 -9.17 -34.54 18.49
N THR D 659 -9.83 -33.98 17.47
CA THR D 659 -9.12 -33.36 16.35
C THR D 659 -8.31 -32.15 16.82
N LYS D 660 -8.89 -31.33 17.70
CA LYS D 660 -8.19 -30.17 18.23
C LYS D 660 -7.01 -30.59 19.10
N GLU D 661 -7.19 -31.63 19.92
CA GLU D 661 -6.09 -32.13 20.74
C GLU D 661 -5.01 -32.77 19.88
N ARG D 662 -5.39 -33.46 18.81
CA ARG D 662 -4.40 -34.06 17.91
C ARG D 662 -3.62 -32.98 17.16
N LYS D 663 -4.27 -31.87 16.83
CA LYS D 663 -3.59 -30.78 16.15
C LYS D 663 -2.68 -29.99 17.09
N LYS D 664 -3.08 -29.85 18.36
CA LYS D 664 -2.24 -29.17 19.34
C LYS D 664 -1.02 -30.00 19.74
N SER D 665 -1.17 -31.33 19.80
CA SER D 665 -0.14 -32.20 20.34
C SER D 665 0.86 -32.69 19.30
N ARG D 666 0.77 -32.23 18.05
CA ARG D 666 1.64 -32.75 17.00
C ARG D 666 3.00 -32.05 17.09
N PHE D 667 3.97 -32.73 17.69
CA PHE D 667 5.32 -32.21 17.79
C PHE D 667 6.03 -32.28 16.43
N GLY D 668 7.20 -31.65 16.37
CA GLY D 668 7.96 -31.55 15.15
C GLY D 668 9.17 -32.46 15.12
N ASN D 669 10.03 -32.21 14.13
CA ASN D 669 11.19 -33.06 13.90
C ASN D 669 12.29 -32.84 14.93
N ALA D 670 12.41 -31.62 15.48
CA ALA D 670 13.43 -31.37 16.48
C ALA D 670 13.15 -32.13 17.78
N PHE D 671 11.92 -32.02 18.29
CA PHE D 671 11.51 -32.74 19.48
C PHE D 671 11.63 -34.24 19.30
N HIS D 672 11.16 -34.75 18.17
CA HIS D 672 11.12 -36.19 17.97
C HIS D 672 12.51 -36.75 17.69
N LEU D 673 13.33 -36.01 16.95
CA LEU D 673 14.72 -36.39 16.73
C LEU D 673 15.49 -36.43 18.04
N MET D 674 15.31 -35.41 18.89
CA MET D 674 15.98 -35.37 20.17
C MET D 674 15.50 -36.50 21.07
N ARG D 675 14.19 -36.78 21.04
CA ARG D 675 13.61 -37.89 21.79
C ARG D 675 14.18 -39.23 21.36
N GLU D 676 14.34 -39.45 20.06
CA GLU D 676 14.86 -40.73 19.60
C GLU D 676 16.35 -40.87 19.90
N ILE D 677 17.12 -39.78 19.81
CA ILE D 677 18.52 -39.82 20.21
C ILE D 677 18.64 -40.13 21.69
N LEU D 678 17.76 -39.55 22.50
CA LEU D 678 17.71 -39.88 23.92
C LEU D 678 17.30 -41.33 24.15
N ARG D 679 16.42 -41.88 23.31
CA ARG D 679 16.05 -43.29 23.42
C ARG D 679 17.23 -44.21 23.14
N LEU D 680 18.00 -43.91 22.09
CA LEU D 680 19.19 -44.72 21.79
C LEU D 680 20.22 -44.62 22.90
N THR D 681 20.42 -43.40 23.42
CA THR D 681 21.34 -43.21 24.55
C THR D 681 20.86 -43.97 25.78
N LYS D 682 19.54 -43.98 26.01
CA LYS D 682 18.98 -44.73 27.13
C LYS D 682 19.19 -46.23 26.96
N LEU D 683 19.06 -46.74 25.73
CA LEU D 683 19.33 -48.15 25.49
C LEU D 683 20.78 -48.51 25.79
N ILE D 684 21.72 -47.67 25.37
CA ILE D 684 23.13 -47.93 25.62
C ILE D 684 23.45 -47.87 27.11
N VAL D 685 22.98 -46.81 27.78
CA VAL D 685 23.21 -46.64 29.21
C VAL D 685 22.56 -47.76 30.00
N ASP D 686 21.36 -48.19 29.60
CA ASP D 686 20.67 -49.26 30.29
C ASP D 686 21.35 -50.61 30.09
N ALA D 687 21.97 -50.82 28.93
CA ALA D 687 22.81 -52.00 28.75
C ALA D 687 23.98 -52.00 29.72
N GLN D 688 24.63 -50.85 29.90
CA GLN D 688 25.71 -50.78 30.87
C GLN D 688 25.20 -50.93 32.31
N VAL D 689 24.00 -50.43 32.60
CA VAL D 689 23.40 -50.61 33.93
C VAL D 689 23.09 -52.08 34.19
N GLN D 690 22.58 -52.79 33.18
CA GLN D 690 22.33 -54.22 33.34
C GLN D 690 23.63 -55.00 33.54
N TYR D 691 24.72 -54.54 32.90
CA TYR D 691 26.01 -55.18 33.18
C TYR D 691 26.47 -54.90 34.61
N ARG D 692 26.30 -53.67 35.10
CA ARG D 692 26.76 -53.31 36.42
C ARG D 692 25.90 -53.88 37.55
N LEU D 693 24.63 -54.16 37.29
CA LEU D 693 23.77 -54.77 38.29
C LEU D 693 24.10 -56.25 38.50
N GLY D 694 24.65 -56.91 37.50
CA GLY D 694 24.94 -58.33 37.56
C GLY D 694 24.00 -59.21 36.77
N ASN D 695 22.97 -58.63 36.15
CA ASN D 695 21.98 -59.43 35.44
C ASN D 695 22.56 -60.04 34.17
N ILE D 696 23.45 -59.31 33.47
CA ILE D 696 24.15 -59.83 32.31
C ILE D 696 25.64 -59.68 32.57
N ASP D 697 26.43 -60.50 31.87
CA ASP D 697 27.87 -60.46 31.99
C ASP D 697 28.45 -59.60 30.87
N ALA D 698 29.79 -59.57 30.78
CA ALA D 698 30.45 -58.62 29.90
C ALA D 698 30.31 -59.01 28.43
N PHE D 699 30.32 -60.32 28.13
CA PHE D 699 30.12 -60.76 26.75
C PHE D 699 28.72 -60.44 26.26
N GLN D 700 27.71 -60.64 27.12
CA GLN D 700 26.35 -60.24 26.79
C GLN D 700 26.24 -58.73 26.63
N LEU D 701 26.98 -57.97 27.46
CA LEU D 701 26.99 -56.51 27.34
C LEU D 701 27.55 -56.08 26.00
N ALA D 702 28.67 -56.66 25.58
CA ALA D 702 29.30 -56.26 24.32
C ALA D 702 28.44 -56.67 23.13
N ASP D 703 27.84 -57.87 23.18
CA ASP D 703 26.95 -58.31 22.11
C ASP D 703 25.72 -57.41 22.04
N GLY D 704 25.19 -56.99 23.18
CA GLY D 704 24.04 -56.11 23.19
C GLY D 704 24.35 -54.72 22.67
N ILE D 705 25.54 -54.19 23.00
CA ILE D 705 25.96 -52.89 22.49
C ILE D 705 26.11 -52.96 20.97
N HIS D 706 26.74 -54.02 20.46
CA HIS D 706 26.92 -54.18 19.03
C HIS D 706 25.58 -54.38 18.32
N TYR D 707 24.64 -55.08 18.97
CA TYR D 707 23.30 -55.21 18.44
C TYR D 707 22.58 -53.87 18.38
N ALA D 708 22.70 -53.07 19.45
CA ALA D 708 21.99 -51.80 19.53
C ALA D 708 22.50 -50.81 18.50
N PHE D 709 23.82 -50.72 18.33
CA PHE D 709 24.36 -49.81 17.33
C PHE D 709 24.10 -50.29 15.90
N ASN D 710 23.77 -51.56 15.71
CA ASN D 710 23.46 -52.10 14.39
C ASN D 710 21.96 -52.13 14.08
N HIS D 711 21.10 -51.78 15.04
CA HIS D 711 19.67 -51.93 14.87
C HIS D 711 18.96 -50.67 15.32
N VAL D 712 19.54 -49.52 14.99
CA VAL D 712 18.91 -48.23 15.32
C VAL D 712 17.61 -48.06 14.55
N GLY D 713 17.56 -48.55 13.31
CA GLY D 713 16.32 -48.48 12.54
C GLY D 713 15.23 -49.41 13.04
N GLN D 714 15.58 -50.44 13.81
CA GLN D 714 14.60 -51.33 14.39
C GLN D 714 14.24 -50.96 15.83
N LEU D 715 15.23 -50.52 16.61
CA LEU D 715 15.00 -50.19 18.02
C LEU D 715 14.52 -48.76 18.23
N THR D 716 14.69 -47.89 17.23
CA THR D 716 14.25 -46.51 17.30
C THR D 716 13.42 -46.19 16.06
N GLY D 717 12.63 -45.14 16.16
CA GLY D 717 11.98 -44.55 15.01
C GLY D 717 12.71 -43.29 14.62
N MET D 718 14.04 -43.34 14.73
CA MET D 718 14.87 -42.15 14.61
C MET D 718 14.93 -41.67 13.16
N TYR D 719 14.88 -42.60 12.21
CA TYR D 719 14.94 -42.29 10.79
C TYR D 719 13.73 -41.49 10.31
N ARG D 720 12.61 -41.55 11.03
CA ARG D 720 11.37 -40.88 10.63
C ARG D 720 11.46 -39.37 10.64
N TYR D 721 12.44 -38.81 11.34
CA TYR D 721 12.55 -37.38 11.55
C TYR D 721 13.80 -36.81 10.90
N LYS D 722 14.69 -37.66 10.41
CA LYS D 722 15.89 -37.23 9.68
C LYS D 722 16.26 -38.43 8.80
N TYR D 723 15.93 -38.35 7.51
CA TYR D 723 16.00 -39.57 6.71
C TYR D 723 17.37 -39.84 6.12
N LYS D 724 18.24 -38.82 5.98
CA LYS D 724 19.63 -39.01 5.57
C LYS D 724 20.40 -39.91 6.54
N LEU D 725 19.92 -39.99 7.78
CA LEU D 725 20.44 -40.91 8.78
C LEU D 725 20.43 -42.36 8.32
N MET D 726 19.57 -42.70 7.36
CA MET D 726 19.57 -44.03 6.76
C MET D 726 20.93 -44.43 6.23
N HIS D 727 21.69 -43.45 5.70
CA HIS D 727 23.08 -43.68 5.31
C HIS D 727 23.88 -44.33 6.43
N GLN D 728 23.82 -43.75 7.64
CA GLN D 728 24.50 -44.32 8.79
C GLN D 728 24.05 -45.74 9.05
N ILE D 729 22.74 -45.99 8.98
CA ILE D 729 22.21 -47.34 9.18
C ILE D 729 22.82 -48.29 8.16
N ARG D 730 22.85 -47.86 6.89
CA ARG D 730 23.43 -48.68 5.84
C ARG D 730 24.90 -48.95 6.12
N SER D 731 25.61 -47.91 6.59
CA SER D 731 27.03 -48.07 6.88
C SER D 731 27.24 -49.13 7.94
N CYS D 732 26.41 -49.11 8.99
CA CYS D 732 26.56 -50.07 10.07
C CYS D 732 26.29 -51.47 9.54
N LYS D 733 25.28 -51.61 8.68
CA LYS D 733 24.97 -52.89 8.09
C LYS D 733 26.15 -53.42 7.30
N ASP D 734 26.77 -52.55 6.51
CA ASP D 734 27.94 -52.95 5.73
C ASP D 734 29.05 -53.43 6.64
N LEU D 735 29.31 -52.67 7.71
CA LEU D 735 30.37 -53.04 8.64
C LEU D 735 30.05 -54.37 9.27
N LYS D 736 28.77 -54.57 9.64
CA LYS D 736 28.34 -55.80 10.27
C LYS D 736 28.67 -56.99 9.38
N HIS D 737 28.36 -56.87 8.08
CA HIS D 737 28.61 -57.96 7.15
C HIS D 737 30.07 -58.34 7.17
N LEU D 738 30.95 -57.34 7.01
CA LEU D 738 32.39 -57.60 7.00
C LEU D 738 32.82 -58.24 8.30
N ILE D 739 32.39 -57.64 9.42
CA ILE D 739 32.80 -58.14 10.73
C ILE D 739 32.29 -59.54 10.91
N TYR D 740 31.02 -59.77 10.53
CA TYR D 740 30.42 -61.06 10.80
C TYR D 740 31.08 -62.13 9.95
N TYR D 741 31.46 -61.78 8.71
CA TYR D 741 32.04 -62.79 7.85
C TYR D 741 33.46 -63.10 8.24
N ARG D 742 34.12 -62.20 8.98
CA ARG D 742 35.41 -62.54 9.55
C ARG D 742 35.30 -63.07 10.97
N PHE D 743 34.12 -62.97 11.59
CA PHE D 743 34.03 -63.41 12.97
C PHE D 743 33.64 -64.88 13.07
N ASN D 744 32.82 -65.36 12.14
CA ASN D 744 32.39 -66.76 12.12
C ASN D 744 33.20 -67.51 11.07
N THR D 745 34.39 -67.98 11.48
CA THR D 745 35.22 -68.80 10.63
C THR D 745 35.75 -69.96 11.45
N GLY D 746 35.39 -71.18 11.04
CA GLY D 746 35.83 -72.37 11.74
C GLY D 746 34.91 -72.76 12.87
N PRO D 747 35.46 -72.88 14.09
CA PRO D 747 34.65 -73.34 15.23
C PRO D 747 33.63 -72.34 15.72
N VAL D 748 33.76 -71.06 15.36
CA VAL D 748 32.85 -70.02 15.86
C VAL D 748 31.53 -70.15 15.10
N GLY D 749 30.54 -70.76 15.74
CA GLY D 749 29.26 -70.97 15.08
C GLY D 749 28.43 -69.71 15.01
N LYS D 750 27.31 -69.81 14.30
CA LYS D 750 26.44 -68.66 14.12
C LYS D 750 25.59 -68.43 15.36
N GLY D 751 25.10 -67.20 15.51
CA GLY D 751 24.25 -66.82 16.62
C GLY D 751 24.69 -65.52 17.24
N PRO D 752 24.13 -65.18 18.39
CA PRO D 752 24.61 -64.00 19.12
C PRO D 752 25.98 -64.27 19.75
N GLY D 753 26.71 -63.19 20.00
CA GLY D 753 28.01 -63.33 20.64
C GLY D 753 29.07 -62.39 20.11
N CYS D 754 28.80 -61.72 18.99
CA CYS D 754 29.76 -60.79 18.42
C CYS D 754 29.64 -59.44 19.12
N GLY D 755 30.67 -59.08 19.89
CA GLY D 755 30.65 -57.83 20.62
C GLY D 755 31.62 -56.79 20.10
N PHE D 756 32.07 -56.97 18.85
CA PHE D 756 32.99 -56.03 18.23
C PHE D 756 32.26 -54.77 17.81
N TRP D 757 32.00 -53.87 18.76
CA TRP D 757 31.05 -52.79 18.54
C TRP D 757 31.69 -51.47 18.13
N ALA D 758 33.01 -51.39 18.06
CA ALA D 758 33.69 -50.11 17.82
C ALA D 758 33.36 -49.43 16.49
N PRO D 759 33.29 -50.10 15.32
CA PRO D 759 32.99 -49.34 14.09
C PRO D 759 31.61 -48.69 14.05
N SER D 760 30.56 -49.40 14.49
CA SER D 760 29.23 -48.81 14.50
C SER D 760 29.13 -47.69 15.53
N TRP D 761 29.81 -47.86 16.67
CA TRP D 761 29.89 -46.80 17.68
C TRP D 761 30.56 -45.55 17.11
N ARG D 762 31.64 -45.72 16.34
CA ARG D 762 32.25 -44.63 15.60
C ARG D 762 31.25 -43.94 14.69
N VAL D 763 30.52 -44.74 13.90
CA VAL D 763 29.57 -44.21 12.91
C VAL D 763 28.53 -43.31 13.58
N TRP D 764 27.99 -43.76 14.71
CA TRP D 764 27.00 -42.93 15.38
C TRP D 764 27.60 -41.73 16.10
N LEU D 765 28.86 -41.80 16.55
CA LEU D 765 29.53 -40.59 17.02
C LEU D 765 29.72 -39.54 15.92
N PHE D 766 30.09 -39.97 14.71
CA PHE D 766 30.22 -39.01 13.62
C PHE D 766 28.86 -38.47 13.19
N PHE D 767 27.81 -39.30 13.28
CA PHE D 767 26.45 -38.80 13.11
C PHE D 767 26.14 -37.70 14.12
N MET D 768 26.50 -37.91 15.39
CA MET D 768 26.25 -36.88 16.40
C MET D 768 27.03 -35.60 16.11
N ARG D 769 28.29 -35.75 15.68
CA ARG D 769 29.08 -34.60 15.23
C ARG D 769 28.35 -33.79 14.17
N GLY D 770 27.79 -34.46 13.18
CA GLY D 770 27.02 -33.75 12.17
C GLY D 770 25.71 -33.16 12.66
N ILE D 771 25.04 -33.86 13.58
CA ILE D 771 23.67 -33.51 13.93
C ILE D 771 23.59 -32.45 15.03
N ILE D 772 24.66 -32.21 15.78
CA ILE D 772 24.63 -31.18 16.83
C ILE D 772 24.32 -29.77 16.34
N PRO D 773 24.97 -29.20 15.29
CA PRO D 773 24.58 -27.83 14.90
C PRO D 773 23.15 -27.71 14.44
N LEU D 774 22.68 -28.65 13.62
CA LEU D 774 21.32 -28.63 13.11
C LEU D 774 20.29 -28.78 14.23
N LEU D 775 20.46 -29.79 15.08
CA LEU D 775 19.47 -30.04 16.12
C LEU D 775 19.52 -28.97 17.21
N GLU D 776 20.69 -28.40 17.48
CA GLU D 776 20.74 -27.34 18.47
C GLU D 776 20.13 -26.04 17.95
N ARG D 777 20.33 -25.72 16.66
CA ARG D 777 19.61 -24.60 16.08
C ARG D 777 18.10 -24.85 16.09
N TRP D 778 17.69 -26.08 15.81
CA TRP D 778 16.28 -26.43 15.76
C TRP D 778 15.63 -26.32 17.14
N LEU D 779 16.31 -26.82 18.17
CA LEU D 779 15.80 -26.73 19.53
C LEU D 779 15.87 -25.31 20.08
N GLY D 780 16.84 -24.51 19.64
CA GLY D 780 16.84 -23.10 19.99
C GLY D 780 15.65 -22.37 19.40
N ASN D 781 15.30 -22.69 18.15
CA ASN D 781 14.11 -22.13 17.55
C ASN D 781 12.85 -22.60 18.26
N LEU D 782 12.82 -23.86 18.70
CA LEU D 782 11.70 -24.39 19.45
C LEU D 782 11.51 -23.65 20.78
N LEU D 783 12.61 -23.49 21.54
CA LEU D 783 12.53 -22.77 22.79
C LEU D 783 12.23 -21.29 22.58
N SER D 784 12.65 -20.72 21.45
CA SER D 784 12.31 -19.34 21.15
C SER D 784 10.82 -19.18 20.89
N ARG D 785 10.21 -20.10 20.13
CA ARG D 785 8.75 -20.05 19.97
C ARG D 785 8.04 -20.35 21.29
N GLN D 786 8.64 -21.15 22.16
CA GLN D 786 8.02 -21.47 23.44
C GLN D 786 8.07 -20.30 24.42
N PHE D 787 9.13 -19.49 24.40
CA PHE D 787 9.33 -18.51 25.44
C PHE D 787 9.23 -17.05 25.00
N GLU D 788 9.15 -16.77 23.69
CA GLU D 788 8.87 -15.40 23.29
C GLU D 788 7.83 -15.31 22.17
N GLY D 789 7.22 -16.42 21.77
CA GLY D 789 6.09 -16.40 20.87
C GLY D 789 6.45 -16.51 19.42
N ARG D 790 5.42 -16.49 18.58
CA ARG D 790 5.54 -16.69 17.14
C ARG D 790 5.44 -15.36 16.41
N HIS D 791 6.43 -15.06 15.56
CA HIS D 791 6.37 -13.92 14.65
C HIS D 791 5.69 -14.38 13.37
N SER D 792 4.38 -14.59 13.46
CA SER D 792 3.62 -15.11 12.33
C SER D 792 3.40 -14.06 11.24
N LYS D 793 3.15 -12.82 11.62
CA LYS D 793 2.77 -11.78 10.68
C LYS D 793 3.88 -10.75 10.52
N GLY D 794 4.19 -10.42 9.27
CA GLY D 794 5.18 -9.40 8.95
C GLY D 794 6.32 -9.88 8.09
N VAL D 795 6.46 -11.17 7.83
CA VAL D 795 7.55 -11.71 7.04
C VAL D 795 7.07 -11.89 5.60
N ALA D 796 8.00 -11.77 4.65
CA ALA D 796 7.69 -11.91 3.25
C ALA D 796 7.73 -13.37 2.83
N LYS D 797 6.60 -13.90 2.41
CA LYS D 797 6.55 -15.25 1.86
C LYS D 797 7.06 -15.24 0.42
N THR D 798 7.78 -16.31 0.06
CA THR D 798 8.25 -16.42 -1.30
C THR D 798 7.10 -16.80 -2.23
N VAL D 799 7.32 -16.59 -3.53
CA VAL D 799 6.36 -16.97 -4.55
C VAL D 799 6.73 -18.38 -5.00
N THR D 800 6.12 -19.37 -4.37
CA THR D 800 6.30 -20.76 -4.77
C THR D 800 5.42 -21.03 -5.98
N LYS D 801 5.38 -22.28 -6.45
CA LYS D 801 4.64 -22.60 -7.67
C LYS D 801 3.15 -22.39 -7.47
N GLN D 802 2.61 -22.87 -6.34
CA GLN D 802 1.19 -22.79 -6.02
C GLN D 802 0.70 -21.35 -5.89
N ARG D 803 1.60 -20.37 -5.81
CA ARG D 803 1.22 -18.98 -5.70
C ARG D 803 1.41 -18.18 -6.98
N VAL D 804 2.09 -18.75 -8.00
CA VAL D 804 2.62 -17.96 -9.12
C VAL D 804 1.52 -17.14 -9.80
N GLU D 805 0.46 -17.82 -10.26
CA GLU D 805 -0.63 -17.15 -10.95
C GLU D 805 -1.28 -16.08 -10.07
N SER D 806 -1.51 -16.40 -8.79
CA SER D 806 -2.11 -15.42 -7.89
C SER D 806 -1.22 -14.19 -7.78
N HIS D 807 0.10 -14.42 -7.63
CA HIS D 807 1.02 -13.30 -7.52
C HIS D 807 0.98 -12.46 -8.79
N PHE D 808 0.91 -13.12 -9.94
CA PHE D 808 0.85 -12.43 -11.22
C PHE D 808 -0.34 -11.50 -11.25
N ASP D 809 -1.50 -12.00 -10.80
CA ASP D 809 -2.73 -11.20 -10.83
C ASP D 809 -2.56 -9.95 -9.98
N LEU D 810 -2.00 -10.13 -8.77
CA LEU D 810 -1.78 -9.02 -7.86
C LEU D 810 -0.95 -7.94 -8.54
N GLU D 811 0.21 -8.36 -9.09
CA GLU D 811 1.12 -7.40 -9.69
C GLU D 811 0.45 -6.71 -10.86
N LEU D 812 -0.26 -7.48 -11.69
CA LEU D 812 -0.85 -6.91 -12.88
C LEU D 812 -1.89 -5.89 -12.50
N ARG D 813 -2.72 -6.22 -11.50
CA ARG D 813 -3.77 -5.30 -11.08
C ARG D 813 -3.17 -4.01 -10.58
N ALA D 814 -2.10 -4.13 -9.77
CA ALA D 814 -1.45 -2.95 -9.22
C ALA D 814 -0.91 -2.08 -10.33
N SER D 815 -0.28 -2.73 -11.33
CA SER D 815 0.29 -1.99 -12.44
C SER D 815 -0.80 -1.24 -13.19
N VAL D 816 -1.91 -1.92 -13.47
CA VAL D 816 -3.01 -1.28 -14.19
C VAL D 816 -3.54 -0.13 -13.37
N MET D 817 -3.69 -0.36 -12.07
CA MET D 817 -4.25 0.65 -11.19
C MET D 817 -3.34 1.87 -11.17
N ALA D 818 -2.02 1.62 -11.14
CA ALA D 818 -1.05 2.70 -11.12
C ALA D 818 -1.17 3.56 -12.38
N ASP D 819 -1.29 2.89 -13.53
CA ASP D 819 -1.41 3.62 -14.79
C ASP D 819 -2.66 4.47 -14.80
N LEU D 820 -3.74 3.94 -14.22
CA LEU D 820 -4.99 4.70 -14.16
C LEU D 820 -4.81 5.97 -13.35
N MET D 821 -4.14 5.86 -12.19
CA MET D 821 -3.92 7.05 -11.38
C MET D 821 -3.02 8.05 -12.08
N ASP D 822 -2.20 7.60 -13.02
CA ASP D 822 -1.38 8.55 -13.74
C ASP D 822 -2.01 9.04 -15.04
N MET D 823 -3.14 8.46 -15.47
CA MET D 823 -3.85 9.01 -16.61
C MET D 823 -5.05 9.87 -16.25
N MET D 824 -5.53 9.81 -15.02
CA MET D 824 -6.64 10.65 -14.60
C MET D 824 -6.20 12.11 -14.59
N PRO D 825 -6.93 13.01 -15.26
CA PRO D 825 -6.66 14.44 -15.09
C PRO D 825 -6.98 14.91 -13.68
N GLU D 826 -6.33 15.99 -13.29
CA GLU D 826 -6.46 16.53 -11.94
C GLU D 826 -7.82 17.18 -11.79
N GLY D 827 -8.73 16.50 -11.09
CA GLY D 827 -10.07 17.04 -10.86
C GLY D 827 -11.18 16.07 -11.20
N ILE D 828 -10.81 14.98 -11.87
CA ILE D 828 -11.77 13.94 -12.22
C ILE D 828 -12.15 13.18 -10.96
N LYS D 829 -13.36 12.63 -10.93
CA LYS D 829 -13.82 11.83 -9.80
C LYS D 829 -13.09 10.47 -9.81
N GLN D 830 -12.06 10.36 -8.97
CA GLN D 830 -11.27 9.12 -8.86
C GLN D 830 -11.76 8.19 -7.75
N SER D 831 -13.06 7.88 -7.68
CA SER D 831 -13.51 6.84 -6.75
C SER D 831 -13.78 5.54 -7.51
N LYS D 832 -14.62 5.59 -8.53
CA LYS D 832 -14.96 4.40 -9.32
C LYS D 832 -13.92 4.23 -10.42
N VAL D 833 -12.75 3.74 -10.00
CA VAL D 833 -11.70 3.36 -10.94
C VAL D 833 -11.41 1.87 -10.89
N ASN D 834 -11.84 1.15 -9.85
CA ASN D 834 -11.85 -0.30 -9.85
C ASN D 834 -12.81 -0.88 -10.88
N THR D 835 -13.76 -0.06 -11.34
CA THR D 835 -14.58 -0.38 -12.50
C THR D 835 -13.71 -0.72 -13.72
N VAL D 836 -12.58 -0.03 -13.86
CA VAL D 836 -11.64 -0.36 -14.93
C VAL D 836 -10.99 -1.72 -14.70
N LEU D 837 -10.74 -2.09 -13.44
CA LEU D 837 -10.22 -3.42 -13.17
C LEU D 837 -11.23 -4.50 -13.49
N GLN D 838 -12.52 -4.21 -13.27
CA GLN D 838 -13.57 -5.14 -13.70
C GLN D 838 -13.64 -5.21 -15.22
N HIS D 839 -13.46 -4.08 -15.89
CA HIS D 839 -13.40 -4.08 -17.35
C HIS D 839 -12.21 -4.88 -17.86
N LEU D 840 -11.09 -4.84 -17.14
CA LEU D 840 -9.91 -5.64 -17.48
C LEU D 840 -10.19 -7.13 -17.31
N SER D 841 -10.88 -7.51 -16.23
CA SER D 841 -11.29 -8.90 -16.05
C SER D 841 -12.22 -9.35 -17.17
N GLU D 842 -13.16 -8.49 -17.55
CA GLU D 842 -14.07 -8.80 -18.65
C GLU D 842 -13.32 -8.94 -19.98
N ALA D 843 -12.33 -8.09 -20.22
CA ALA D 843 -11.54 -8.18 -21.45
C ALA D 843 -10.70 -9.46 -21.48
N TRP D 844 -10.15 -9.88 -20.34
CA TRP D 844 -9.42 -11.15 -20.30
C TRP D 844 -10.35 -12.33 -20.54
N ARG D 845 -11.55 -12.30 -19.97
CA ARG D 845 -12.53 -13.36 -20.22
C ARG D 845 -12.95 -13.38 -21.69
N CYS D 846 -13.03 -12.22 -22.32
CA CYS D 846 -13.35 -12.17 -23.74
C CYS D 846 -12.19 -12.64 -24.60
N TRP D 847 -10.95 -12.44 -24.15
CA TRP D 847 -9.80 -12.96 -24.88
C TRP D 847 -9.78 -14.48 -24.83
N LYS D 848 -10.05 -15.06 -23.66
CA LYS D 848 -9.99 -16.52 -23.54
C LYS D 848 -11.06 -17.23 -24.35
N SER D 849 -12.17 -16.56 -24.65
CA SER D 849 -13.26 -17.15 -25.42
C SER D 849 -13.25 -16.76 -26.89
N ASN D 850 -12.22 -16.01 -27.32
CA ASN D 850 -12.10 -15.47 -28.69
C ASN D 850 -13.32 -14.65 -29.07
N ILE D 851 -13.81 -13.86 -28.12
CA ILE D 851 -14.92 -12.94 -28.34
C ILE D 851 -14.34 -11.54 -28.45
N PRO D 852 -14.64 -10.79 -29.51
CA PRO D 852 -14.06 -9.43 -29.65
C PRO D 852 -14.61 -8.50 -28.57
N TRP D 853 -13.69 -7.92 -27.79
CA TRP D 853 -14.04 -7.07 -26.66
C TRP D 853 -14.05 -5.62 -27.12
N LYS D 854 -15.20 -4.97 -26.99
CA LYS D 854 -15.36 -3.58 -27.43
C LYS D 854 -16.47 -2.96 -26.60
N VAL D 855 -16.10 -2.16 -25.61
CA VAL D 855 -17.07 -1.48 -24.75
C VAL D 855 -17.39 -0.12 -25.38
N PRO D 856 -18.63 0.14 -25.77
CA PRO D 856 -18.97 1.46 -26.32
C PRO D 856 -18.94 2.53 -25.24
N GLY D 857 -18.31 3.66 -25.56
CA GLY D 857 -18.23 4.77 -24.65
C GLY D 857 -17.04 4.75 -23.70
N LEU D 858 -16.21 3.71 -23.74
CA LEU D 858 -15.01 3.69 -22.92
C LEU D 858 -13.97 4.66 -23.47
N PRO D 859 -13.29 5.42 -22.62
CA PRO D 859 -12.26 6.34 -23.11
C PRO D 859 -11.09 5.61 -23.75
N ALA D 860 -10.50 6.25 -24.75
CA ALA D 860 -9.42 5.63 -25.51
C ALA D 860 -8.15 5.32 -24.70
N PRO D 861 -7.61 6.21 -23.83
CA PRO D 861 -6.44 5.80 -23.05
C PRO D 861 -6.70 4.63 -22.10
N ILE D 862 -7.90 4.57 -21.52
CA ILE D 862 -8.24 3.47 -20.62
C ILE D 862 -8.37 2.17 -21.40
N GLU D 863 -8.98 2.22 -22.58
CA GLU D 863 -9.05 1.06 -23.46
C GLU D 863 -7.64 0.62 -23.90
N ASN D 864 -6.75 1.58 -24.13
CA ASN D 864 -5.37 1.25 -24.49
C ASN D 864 -4.64 0.54 -23.35
N ILE D 865 -4.83 1.03 -22.12
CA ILE D 865 -4.22 0.38 -20.95
C ILE D 865 -4.73 -1.04 -20.81
N ILE D 866 -6.04 -1.23 -20.99
CA ILE D 866 -6.65 -2.55 -20.84
C ILE D 866 -6.14 -3.50 -21.92
N LEU D 867 -6.08 -3.05 -23.18
CA LEU D 867 -5.58 -3.89 -24.27
C LEU D 867 -4.11 -4.26 -24.06
N ARG D 868 -3.31 -3.29 -23.62
CA ARG D 868 -1.89 -3.51 -23.38
C ARG D 868 -1.65 -4.57 -22.31
N TYR D 869 -2.38 -4.46 -21.19
CA TYR D 869 -2.14 -5.42 -20.12
C TYR D 869 -2.81 -6.77 -20.39
N VAL D 870 -3.91 -6.80 -21.15
CA VAL D 870 -4.50 -8.06 -21.57
C VAL D 870 -3.54 -8.80 -22.50
N LYS D 871 -2.85 -8.09 -23.38
CA LYS D 871 -1.88 -8.77 -24.24
C LYS D 871 -0.66 -9.24 -23.45
N ALA D 872 -0.25 -8.50 -22.42
CA ALA D 872 0.83 -8.99 -21.56
C ALA D 872 0.42 -10.26 -20.81
N LYS D 873 -0.80 -10.28 -20.27
CA LYS D 873 -1.31 -11.48 -19.59
C LYS D 873 -1.43 -12.65 -20.57
N ALA D 874 -1.85 -12.36 -21.80
CA ALA D 874 -1.97 -13.39 -22.82
C ALA D 874 -0.61 -13.98 -23.18
N ASP D 875 0.42 -13.13 -23.28
CA ASP D 875 1.77 -13.61 -23.56
C ASP D 875 2.27 -14.51 -22.44
N TRP D 876 2.04 -14.11 -21.19
CA TRP D 876 2.43 -14.95 -20.05
C TRP D 876 1.68 -16.28 -20.05
N TRP D 877 0.38 -16.23 -20.34
CA TRP D 877 -0.47 -17.43 -20.35
C TRP D 877 -0.03 -18.41 -21.43
N ILE D 878 0.27 -17.91 -22.63
CA ILE D 878 0.71 -18.77 -23.72
C ILE D 878 2.10 -19.35 -23.43
N SER D 879 2.99 -18.55 -22.85
CA SER D 879 4.32 -19.07 -22.52
C SER D 879 4.25 -20.17 -21.46
N VAL D 880 3.38 -19.99 -20.46
CA VAL D 880 3.21 -21.02 -19.43
C VAL D 880 2.60 -22.28 -20.04
N ALA D 881 1.63 -22.13 -20.95
CA ALA D 881 1.04 -23.28 -21.63
C ALA D 881 2.07 -24.05 -22.44
N HIS D 882 2.94 -23.33 -23.16
CA HIS D 882 4.00 -23.98 -23.94
C HIS D 882 4.97 -24.72 -23.03
N TYR D 883 5.37 -24.09 -21.93
CA TYR D 883 6.30 -24.72 -20.99
C TYR D 883 5.72 -25.97 -20.37
N ASN D 884 4.45 -25.93 -20.00
CA ASN D 884 3.81 -27.10 -19.41
C ASN D 884 3.62 -28.22 -20.43
N ARG D 885 3.33 -27.88 -21.69
CA ARG D 885 3.24 -28.91 -22.72
C ARG D 885 4.59 -29.58 -22.96
N GLU D 886 5.67 -28.78 -22.97
CA GLU D 886 7.00 -29.37 -23.14
C GLU D 886 7.37 -30.26 -21.96
N ARG D 887 6.93 -29.90 -20.75
CA ARG D 887 7.19 -30.78 -19.61
C ARG D 887 6.37 -32.06 -19.70
N ILE D 888 5.13 -31.98 -20.18
CA ILE D 888 4.28 -33.17 -20.28
C ILE D 888 4.81 -34.12 -21.35
N ARG D 889 5.28 -33.58 -22.48
CA ARG D 889 5.86 -34.44 -23.52
C ARG D 889 7.13 -35.13 -23.03
N ARG D 890 7.96 -34.40 -22.27
CA ARG D 890 9.20 -34.95 -21.75
C ARG D 890 8.99 -36.00 -20.66
N GLY D 891 7.78 -36.12 -20.12
CA GLY D 891 7.55 -37.02 -19.02
C GLY D 891 8.02 -36.50 -17.68
N ALA D 892 8.27 -35.20 -17.57
CA ALA D 892 8.79 -34.60 -16.35
C ALA D 892 7.70 -34.20 -15.36
N THR D 893 6.44 -34.40 -15.71
CA THR D 893 5.33 -34.00 -14.85
C THR D 893 4.48 -35.21 -14.53
N VAL D 894 4.17 -35.40 -13.25
CA VAL D 894 3.24 -36.42 -12.80
C VAL D 894 1.99 -35.83 -12.17
N ASP D 895 1.84 -34.51 -12.20
CA ASP D 895 0.64 -33.87 -11.69
C ASP D 895 -0.48 -33.99 -12.72
N LYS D 896 -1.68 -34.33 -12.23
CA LYS D 896 -2.83 -34.55 -13.10
C LYS D 896 -3.58 -33.25 -13.41
N THR D 897 -3.72 -32.39 -12.40
CA THR D 897 -4.40 -31.11 -12.61
C THR D 897 -3.62 -30.21 -13.54
N VAL D 898 -2.28 -30.28 -13.49
CA VAL D 898 -1.44 -29.52 -14.41
C VAL D 898 -1.68 -29.97 -15.84
N ALA D 899 -1.78 -31.29 -16.05
CA ALA D 899 -2.02 -31.83 -17.38
C ALA D 899 -3.40 -31.44 -17.90
N LYS D 900 -4.42 -31.48 -17.03
CA LYS D 900 -5.77 -31.11 -17.48
C LYS D 900 -5.86 -29.61 -17.77
N LYS D 901 -5.15 -28.79 -16.98
CA LYS D 901 -5.05 -27.36 -17.26
C LYS D 901 -4.40 -27.10 -18.62
N ASN D 902 -3.33 -27.83 -18.91
CA ASN D 902 -2.64 -27.66 -20.19
C ASN D 902 -3.51 -28.09 -21.37
N VAL D 903 -4.29 -29.17 -21.20
CA VAL D 903 -5.22 -29.60 -22.24
C VAL D 903 -6.28 -28.53 -22.48
N GLY D 904 -6.80 -27.92 -21.42
CA GLY D 904 -7.75 -26.83 -21.58
C GLY D 904 -7.16 -25.62 -22.29
N ARG D 905 -5.92 -25.26 -21.93
CA ARG D 905 -5.28 -24.10 -22.55
C ARG D 905 -5.02 -24.31 -24.04
N LEU D 906 -4.50 -25.47 -24.41
CA LEU D 906 -4.31 -25.74 -25.83
C LEU D 906 -5.62 -25.97 -26.56
N THR D 907 -6.68 -26.39 -25.86
CA THR D 907 -8.00 -26.45 -26.49
C THR D 907 -8.47 -25.05 -26.87
N ARG D 908 -8.31 -24.09 -25.96
CA ARG D 908 -8.69 -22.71 -26.26
C ARG D 908 -7.82 -22.11 -27.37
N LEU D 909 -6.51 -22.39 -27.34
CA LEU D 909 -5.62 -21.87 -28.39
C LEU D 909 -5.95 -22.47 -29.75
N TRP D 910 -6.24 -23.77 -29.80
CA TRP D 910 -6.60 -24.40 -31.07
C TRP D 910 -7.94 -23.90 -31.58
N LEU D 911 -8.88 -23.61 -30.69
CA LEU D 911 -10.15 -23.09 -31.16
C LEU D 911 -10.02 -21.65 -31.65
N LYS D 912 -9.15 -20.84 -31.02
CA LYS D 912 -8.87 -19.51 -31.56
C LYS D 912 -8.24 -19.59 -32.95
N ALA D 913 -7.28 -20.50 -33.12
CA ALA D 913 -6.65 -20.69 -34.42
C ALA D 913 -7.66 -21.20 -35.45
N GLU D 914 -8.58 -22.07 -35.03
CA GLU D 914 -9.58 -22.63 -35.94
C GLU D 914 -10.58 -21.56 -36.37
N GLN D 915 -11.00 -20.70 -35.44
CA GLN D 915 -11.89 -19.59 -35.79
C GLN D 915 -11.20 -18.63 -36.75
N GLU D 916 -9.92 -18.35 -36.53
CA GLU D 916 -9.17 -17.49 -37.44
C GLU D 916 -9.05 -18.14 -38.82
N ARG D 917 -8.85 -19.46 -38.86
CA ARG D 917 -8.78 -20.17 -40.14
C ARG D 917 -10.10 -20.11 -40.91
N GLN D 918 -11.22 -20.32 -40.21
CA GLN D 918 -12.53 -20.24 -40.88
C GLN D 918 -12.81 -18.83 -41.38
N HIS D 919 -12.49 -17.82 -40.56
CA HIS D 919 -12.70 -16.43 -40.97
C HIS D 919 -11.81 -16.08 -42.16
N ASN D 920 -10.57 -16.57 -42.16
CA ASN D 920 -9.67 -16.36 -43.29
C ASN D 920 -10.16 -17.05 -44.56
N HIS D 921 -10.78 -18.22 -44.42
CA HIS D 921 -11.33 -18.87 -45.61
C HIS D 921 -12.53 -18.11 -46.15
N MET D 922 -13.35 -17.55 -45.25
CA MET D 922 -14.44 -16.67 -45.67
C MET D 922 -13.92 -15.44 -46.41
N LYS D 923 -12.86 -14.81 -45.89
CA LYS D 923 -12.35 -13.60 -46.51
C LYS D 923 -11.62 -13.89 -47.82
N ASP D 924 -10.60 -14.73 -47.78
CA ASP D 924 -9.69 -14.93 -48.91
C ASP D 924 -10.22 -15.94 -49.93
N GLY D 925 -11.48 -16.35 -49.84
CA GLY D 925 -12.07 -17.21 -50.83
C GLY D 925 -11.62 -18.64 -50.72
N PRO D 926 -12.13 -19.50 -51.60
CA PRO D 926 -11.62 -20.87 -51.66
C PRO D 926 -10.21 -20.88 -52.21
N TYR D 927 -9.30 -21.50 -51.47
CA TYR D 927 -7.90 -21.52 -51.86
C TYR D 927 -7.64 -22.42 -53.06
N VAL D 928 -8.49 -23.43 -53.27
CA VAL D 928 -8.44 -24.22 -54.49
C VAL D 928 -8.97 -23.37 -55.63
N SER D 929 -8.14 -23.15 -56.65
CA SER D 929 -8.58 -22.39 -57.81
C SER D 929 -9.60 -23.18 -58.61
N SER D 930 -10.37 -22.46 -59.43
CA SER D 930 -11.41 -23.11 -60.24
C SER D 930 -10.80 -24.06 -61.26
N GLU D 931 -9.63 -23.73 -61.82
CA GLU D 931 -8.95 -24.65 -62.72
C GLU D 931 -8.51 -25.92 -62.00
N GLU D 932 -8.00 -25.78 -60.77
CA GLU D 932 -7.58 -26.94 -59.99
C GLU D 932 -8.76 -27.85 -59.67
N ALA D 933 -9.89 -27.26 -59.25
CA ALA D 933 -11.07 -28.04 -58.93
C ALA D 933 -11.65 -28.71 -60.17
N VAL D 934 -11.66 -28.02 -61.30
CA VAL D 934 -12.15 -28.61 -62.54
C VAL D 934 -11.24 -29.76 -62.97
N ALA D 935 -9.92 -29.61 -62.81
CA ALA D 935 -8.99 -30.69 -63.14
C ALA D 935 -9.18 -31.90 -62.23
N ILE D 936 -9.37 -31.67 -60.93
CA ILE D 936 -9.60 -32.77 -59.99
C ILE D 936 -10.90 -33.48 -60.31
N TYR D 937 -11.96 -32.71 -60.59
CA TYR D 937 -13.27 -33.29 -60.90
C TYR D 937 -13.21 -34.08 -62.20
N THR D 938 -12.51 -33.55 -63.21
CA THR D 938 -12.37 -34.22 -64.49
C THR D 938 -11.57 -35.51 -64.36
N THR D 939 -10.49 -35.49 -63.56
CA THR D 939 -9.72 -36.70 -63.32
C THR D 939 -10.57 -37.76 -62.63
N THR D 940 -11.38 -37.35 -61.65
CA THR D 940 -12.26 -38.29 -60.98
C THR D 940 -13.33 -38.85 -61.93
N VAL D 941 -13.88 -38.01 -62.81
CA VAL D 941 -14.88 -38.46 -63.76
C VAL D 941 -14.29 -39.47 -64.73
N HIS D 942 -13.09 -39.18 -65.25
CA HIS D 942 -12.46 -40.09 -66.21
C HIS D 942 -12.04 -41.39 -65.55
N TRP D 943 -11.58 -41.33 -64.29
CA TRP D 943 -11.26 -42.56 -63.57
C TRP D 943 -12.49 -43.42 -63.34
N LEU D 944 -13.55 -42.84 -62.77
CA LEU D 944 -14.75 -43.60 -62.47
C LEU D 944 -15.49 -44.06 -63.72
N GLU D 945 -15.30 -43.38 -64.85
CA GLU D 945 -15.81 -43.89 -66.12
C GLU D 945 -14.96 -45.05 -66.62
N ALA D 946 -13.64 -44.98 -66.43
CA ALA D 946 -12.76 -46.06 -66.82
C ALA D 946 -12.94 -47.31 -65.96
N ARG D 947 -13.46 -47.18 -64.74
CA ARG D 947 -13.67 -48.33 -63.88
C ARG D 947 -15.07 -48.92 -63.98
N LYS D 948 -15.93 -48.35 -64.84
CA LYS D 948 -17.32 -48.78 -65.01
C LYS D 948 -18.07 -48.75 -63.69
N PHE D 949 -17.81 -47.72 -62.88
CA PHE D 949 -18.40 -47.63 -61.55
C PHE D 949 -19.88 -47.31 -61.63
N SER D 950 -20.69 -48.06 -60.89
CA SER D 950 -22.10 -47.77 -60.74
C SER D 950 -22.29 -46.92 -59.49
N PRO D 951 -22.92 -45.74 -59.61
CA PRO D 951 -23.13 -44.90 -58.42
C PRO D 951 -24.00 -45.58 -57.38
N ILE D 952 -23.70 -45.33 -56.12
CA ILE D 952 -24.45 -45.94 -55.02
C ILE D 952 -25.84 -45.31 -54.95
N PRO D 953 -26.90 -46.10 -55.01
CA PRO D 953 -28.25 -45.53 -54.97
C PRO D 953 -28.65 -45.13 -53.56
N PHE D 954 -29.76 -44.42 -53.48
CA PHE D 954 -30.37 -44.16 -52.18
C PHE D 954 -30.88 -45.47 -51.58
N PRO D 955 -30.79 -45.65 -50.25
CA PRO D 955 -31.37 -46.85 -49.63
C PRO D 955 -32.86 -46.96 -49.87
N SER D 956 -33.27 -47.97 -50.63
CA SER D 956 -34.66 -48.14 -51.00
C SER D 956 -35.48 -48.62 -49.82
N VAL D 957 -36.78 -48.35 -49.88
CA VAL D 957 -37.71 -48.87 -48.88
C VAL D 957 -37.78 -50.39 -48.98
N SER D 958 -37.70 -50.92 -50.20
CA SER D 958 -37.73 -52.35 -50.45
C SER D 958 -36.35 -53.00 -50.39
N TYR D 959 -35.39 -52.34 -49.74
CA TYR D 959 -34.07 -52.94 -49.55
C TYR D 959 -34.18 -54.11 -48.59
N LYS D 960 -33.64 -55.25 -49.00
CA LYS D 960 -33.74 -56.49 -48.23
C LYS D 960 -32.61 -56.64 -47.23
N HIS D 961 -31.75 -55.63 -47.08
CA HIS D 961 -30.61 -55.70 -46.17
C HIS D 961 -30.62 -54.56 -45.15
N ASP D 962 -31.74 -53.84 -45.00
CA ASP D 962 -31.80 -52.72 -44.08
C ASP D 962 -31.63 -53.14 -42.63
N THR D 963 -32.24 -54.26 -42.24
CA THR D 963 -32.22 -54.71 -40.85
C THR D 963 -30.83 -55.09 -40.38
N LYS D 964 -30.04 -55.76 -41.21
CA LYS D 964 -28.72 -56.23 -40.77
C LYS D 964 -27.72 -55.08 -40.72
N ILE D 965 -27.82 -54.16 -41.68
CA ILE D 965 -27.02 -52.93 -41.64
C ILE D 965 -27.38 -52.11 -40.41
N LEU D 966 -28.67 -52.06 -40.05
CA LEU D 966 -29.08 -51.37 -38.84
C LEU D 966 -28.56 -52.06 -37.58
N ILE D 967 -28.54 -53.40 -37.60
CA ILE D 967 -27.96 -54.17 -36.49
C ILE D 967 -26.48 -53.82 -36.31
N LEU D 968 -25.74 -53.76 -37.42
CA LEU D 968 -24.33 -53.42 -37.35
C LEU D 968 -24.12 -51.99 -36.84
N ALA D 969 -24.92 -51.05 -37.33
CA ALA D 969 -24.82 -49.66 -36.90
C ALA D 969 -25.10 -49.53 -35.41
N LEU D 970 -26.17 -50.16 -34.93
CA LEU D 970 -26.50 -50.11 -33.50
C LEU D 970 -25.47 -50.85 -32.66
N GLU D 971 -24.89 -51.93 -33.19
CA GLU D 971 -23.86 -52.66 -32.44
C GLU D 971 -22.60 -51.83 -32.25
N ARG D 972 -22.18 -51.12 -33.30
CA ARG D 972 -21.03 -50.23 -33.14
C ARG D 972 -21.37 -48.95 -32.38
N LEU D 973 -22.65 -48.58 -32.29
CA LEU D 973 -23.02 -47.52 -31.37
C LEU D 973 -23.05 -47.98 -29.92
N ARG D 974 -23.34 -49.26 -29.67
CA ARG D 974 -23.32 -49.79 -28.31
C ARG D 974 -21.93 -49.94 -27.73
N GLU D 975 -20.91 -50.19 -28.58
CA GLU D 975 -19.56 -50.47 -28.10
C GLU D 975 -18.98 -49.31 -27.29
N ALA D 976 -19.46 -48.09 -27.51
CA ALA D 976 -19.07 -46.97 -26.66
C ALA D 976 -19.73 -47.05 -25.28
N TYR D 977 -21.04 -47.30 -25.22
CA TYR D 977 -21.82 -47.05 -24.02
C TYR D 977 -22.53 -48.26 -23.43
N SER D 978 -22.39 -49.45 -24.01
CA SER D 978 -22.98 -50.64 -23.39
C SER D 978 -22.22 -51.05 -22.13
N THR D 979 -21.02 -50.48 -21.94
CA THR D 979 -20.31 -50.56 -20.69
C THR D 979 -21.18 -50.03 -19.55
N LYS D 980 -21.58 -50.92 -18.63
CA LYS D 980 -22.61 -50.60 -17.66
C LYS D 980 -22.11 -49.66 -16.56
N GLY D 981 -22.85 -48.57 -16.32
CA GLY D 981 -22.52 -47.66 -15.24
C GLY D 981 -21.95 -46.33 -15.68
N ARG D 982 -22.30 -45.27 -14.94
CA ARG D 982 -21.73 -43.92 -15.05
C ARG D 982 -21.93 -43.34 -16.46
N LEU D 983 -23.19 -43.14 -16.79
CA LEU D 983 -23.60 -42.47 -18.01
C LEU D 983 -24.14 -41.09 -17.69
N ASN D 984 -23.85 -40.13 -18.57
CA ASN D 984 -24.51 -38.84 -18.48
C ASN D 984 -25.85 -38.91 -19.23
N GLN D 985 -26.54 -37.76 -19.31
CA GLN D 985 -27.89 -37.74 -19.83
C GLN D 985 -27.93 -38.10 -21.31
N SER D 986 -26.95 -37.61 -22.09
CA SER D 986 -26.93 -37.90 -23.52
C SER D 986 -26.62 -39.37 -23.79
N GLN D 987 -25.78 -39.99 -22.96
CA GLN D 987 -25.50 -41.42 -23.14
C GLN D 987 -26.72 -42.27 -22.84
N ARG D 988 -27.46 -41.90 -21.80
CA ARG D 988 -28.70 -42.61 -21.47
C ARG D 988 -29.76 -42.40 -22.54
N GLU D 989 -29.84 -41.19 -23.10
CA GLU D 989 -30.74 -40.95 -24.23
C GLU D 989 -30.35 -41.77 -25.44
N GLU D 990 -29.04 -41.90 -25.70
CA GLU D 990 -28.56 -42.73 -26.81
C GLU D 990 -28.90 -44.20 -26.59
N LEU D 991 -28.73 -44.70 -25.36
CA LEU D 991 -29.07 -46.09 -25.07
C LEU D 991 -30.57 -46.33 -25.21
N ALA D 992 -31.39 -45.38 -24.76
CA ALA D 992 -32.84 -45.49 -24.94
C ALA D 992 -33.21 -45.49 -26.41
N LEU D 993 -32.56 -44.64 -27.21
CA LEU D 993 -32.83 -44.58 -28.64
C LEU D 993 -32.41 -45.88 -29.34
N ILE D 994 -31.28 -46.45 -28.93
CA ILE D 994 -30.82 -47.70 -29.54
C ILE D 994 -31.74 -48.85 -29.18
N GLU D 995 -32.19 -48.92 -27.93
CA GLU D 995 -33.15 -49.96 -27.54
C GLU D 995 -34.49 -49.78 -28.24
N GLN D 996 -34.92 -48.53 -28.43
CA GLN D 996 -36.15 -48.26 -29.18
C GLN D 996 -36.00 -48.69 -30.64
N ALA D 997 -34.83 -48.45 -31.24
CA ALA D 997 -34.58 -48.90 -32.60
C ALA D 997 -34.52 -50.42 -32.70
N TYR D 998 -34.00 -51.07 -31.67
CA TYR D 998 -34.01 -52.53 -31.64
C TYR D 998 -35.42 -53.09 -31.54
N ASP D 999 -36.28 -52.44 -30.74
CA ASP D 999 -37.65 -52.93 -30.58
C ASP D 999 -38.47 -52.72 -31.85
N SER D 1000 -38.35 -51.56 -32.49
CA SER D 1000 -39.13 -51.23 -33.68
C SER D 1000 -38.18 -50.81 -34.79
N PRO D 1001 -37.72 -51.75 -35.61
CA PRO D 1001 -36.74 -51.42 -36.65
C PRO D 1001 -37.30 -50.63 -37.82
N GLY D 1002 -38.54 -50.93 -38.21
CA GLY D 1002 -39.10 -50.30 -39.40
C GLY D 1002 -39.34 -48.81 -39.25
N THR D 1003 -39.85 -48.39 -38.09
CA THR D 1003 -40.06 -46.97 -37.83
C THR D 1003 -38.73 -46.23 -37.79
N THR D 1004 -37.72 -46.85 -37.19
CA THR D 1004 -36.38 -46.27 -37.16
C THR D 1004 -35.80 -46.12 -38.55
N LEU D 1005 -35.98 -47.13 -39.40
CA LEU D 1005 -35.47 -47.07 -40.77
C LEU D 1005 -36.19 -45.99 -41.57
N GLU D 1006 -37.51 -45.87 -41.39
CA GLU D 1006 -38.25 -44.82 -42.08
C GLU D 1006 -37.81 -43.43 -41.61
N ARG D 1007 -37.58 -43.28 -40.30
CA ARG D 1007 -37.04 -42.03 -39.77
C ARG D 1007 -35.68 -41.70 -40.36
N ILE D 1008 -34.79 -42.69 -40.44
CA ILE D 1008 -33.44 -42.47 -40.96
C ILE D 1008 -33.49 -42.06 -42.43
N LYS D 1009 -34.34 -42.74 -43.22
CA LYS D 1009 -34.45 -42.40 -44.63
C LYS D 1009 -35.07 -41.02 -44.84
N ARG D 1010 -36.05 -40.66 -44.00
CA ARG D 1010 -36.61 -39.31 -44.05
C ARG D 1010 -35.55 -38.26 -43.69
N PHE D 1011 -34.69 -38.58 -42.71
CA PHE D 1011 -33.61 -37.67 -42.35
C PHE D 1011 -32.61 -37.51 -43.48
N LEU D 1012 -32.30 -38.60 -44.18
CA LEU D 1012 -31.38 -38.51 -45.32
C LEU D 1012 -31.98 -37.72 -46.47
N LEU D 1013 -33.29 -37.85 -46.69
CA LEU D 1013 -33.94 -37.08 -47.76
C LEU D 1013 -34.05 -35.60 -47.40
N THR D 1014 -34.40 -35.28 -46.16
CA THR D 1014 -34.88 -33.94 -45.80
C THR D 1014 -33.92 -33.12 -44.96
N GLN D 1015 -33.26 -33.72 -43.96
CA GLN D 1015 -32.54 -32.93 -42.97
C GLN D 1015 -31.25 -32.36 -43.54
N ARG D 1016 -31.12 -31.03 -43.51
CA ARG D 1016 -29.92 -30.35 -43.94
C ARG D 1016 -29.38 -29.36 -42.91
N ALA D 1017 -30.05 -29.21 -41.78
CA ALA D 1017 -29.57 -28.40 -40.67
C ALA D 1017 -29.54 -29.26 -39.42
N PHE D 1018 -28.43 -29.25 -38.70
CA PHE D 1018 -28.19 -30.20 -37.64
C PHE D 1018 -27.81 -29.48 -36.36
N LYS D 1019 -27.79 -30.24 -35.26
CA LYS D 1019 -27.51 -29.70 -33.95
C LYS D 1019 -26.05 -29.30 -33.82
N GLU D 1020 -25.73 -28.67 -32.70
CA GLU D 1020 -24.35 -28.30 -32.42
C GLU D 1020 -23.54 -29.53 -32.02
N VAL D 1021 -22.30 -29.58 -32.47
CA VAL D 1021 -21.39 -30.67 -32.18
C VAL D 1021 -20.40 -30.20 -31.12
N GLY D 1022 -20.35 -30.90 -29.99
CA GLY D 1022 -19.37 -30.56 -28.98
C GLY D 1022 -17.98 -30.97 -29.40
N ILE D 1023 -16.99 -30.16 -29.01
CA ILE D 1023 -15.60 -30.44 -29.35
C ILE D 1023 -14.77 -30.48 -28.07
N ASP D 1024 -13.96 -31.53 -27.93
CA ASP D 1024 -13.09 -31.70 -26.78
C ASP D 1024 -11.73 -32.17 -27.29
N MET D 1025 -10.77 -32.28 -26.38
CA MET D 1025 -9.42 -32.72 -26.71
C MET D 1025 -9.08 -33.98 -25.95
N ASN D 1026 -8.57 -34.99 -26.65
CA ASN D 1026 -8.00 -36.18 -26.04
C ASN D 1026 -6.49 -36.05 -26.04
N ASP D 1027 -5.88 -36.33 -24.89
CA ASP D 1027 -4.47 -36.08 -24.65
C ASP D 1027 -3.71 -37.40 -24.54
N ASN D 1028 -2.78 -37.62 -25.46
CA ASN D 1028 -1.91 -38.79 -25.44
C ASN D 1028 -0.54 -38.47 -24.85
N TYR D 1029 -0.36 -37.27 -24.28
CA TYR D 1029 0.84 -36.75 -23.63
C TYR D 1029 1.98 -36.45 -24.60
N SER D 1030 1.80 -36.80 -25.87
CA SER D 1030 2.69 -36.34 -26.93
C SER D 1030 1.99 -35.47 -27.95
N THR D 1031 0.75 -35.81 -28.29
CA THR D 1031 -0.11 -34.99 -29.11
C THR D 1031 -1.50 -34.98 -28.49
N ILE D 1032 -2.31 -34.01 -28.89
CA ILE D 1032 -3.72 -34.00 -28.54
C ILE D 1032 -4.52 -34.03 -29.83
N ASN D 1033 -5.72 -34.57 -29.76
CA ASN D 1033 -6.54 -34.69 -30.95
C ASN D 1033 -7.99 -34.31 -30.64
N PRO D 1034 -8.70 -33.74 -31.61
CA PRO D 1034 -10.10 -33.40 -31.40
C PRO D 1034 -10.98 -34.64 -31.26
N VAL D 1035 -11.98 -34.51 -30.39
CA VAL D 1035 -13.02 -35.52 -30.22
C VAL D 1035 -14.36 -34.81 -30.35
N TYR D 1036 -15.22 -35.34 -31.21
CA TYR D 1036 -16.49 -34.70 -31.57
C TYR D 1036 -17.65 -35.45 -30.92
N ASP D 1037 -18.59 -34.67 -30.39
CA ASP D 1037 -19.77 -35.19 -29.71
C ASP D 1037 -21.00 -34.79 -30.53
N VAL D 1038 -21.62 -35.78 -31.18
CA VAL D 1038 -22.75 -35.58 -32.07
C VAL D 1038 -24.01 -36.02 -31.34
N GLU D 1039 -25.14 -35.43 -31.72
CA GLU D 1039 -26.44 -35.80 -31.14
C GLU D 1039 -26.76 -37.26 -31.44
N PRO D 1040 -27.31 -38.00 -30.47
CA PRO D 1040 -27.54 -39.44 -30.67
C PRO D 1040 -28.46 -39.81 -31.83
N ILE D 1041 -29.49 -39.00 -32.10
CA ILE D 1041 -30.40 -39.33 -33.21
C ILE D 1041 -29.67 -39.17 -34.55
N GLU D 1042 -28.86 -38.12 -34.67
CA GLU D 1042 -28.02 -37.95 -35.84
C GLU D 1042 -26.92 -38.98 -35.87
N LYS D 1043 -26.44 -39.43 -34.70
CA LYS D 1043 -25.44 -40.49 -34.67
C LYS D 1043 -26.00 -41.80 -35.20
N ILE D 1044 -27.27 -42.09 -34.90
CA ILE D 1044 -27.92 -43.29 -35.44
C ILE D 1044 -28.03 -43.18 -36.97
N SER D 1045 -28.47 -42.01 -37.46
CA SER D 1045 -28.57 -41.82 -38.91
C SER D 1045 -27.20 -41.94 -39.59
N ASP D 1046 -26.17 -41.34 -38.99
CA ASP D 1046 -24.82 -41.38 -39.56
C ASP D 1046 -24.25 -42.78 -39.53
N ALA D 1047 -24.53 -43.56 -38.48
CA ALA D 1047 -24.02 -44.93 -38.41
C ALA D 1047 -24.67 -45.81 -39.46
N TYR D 1048 -25.98 -45.66 -39.67
CA TYR D 1048 -26.63 -46.40 -40.75
C TYR D 1048 -26.08 -46.02 -42.11
N LEU D 1049 -25.88 -44.71 -42.34
CA LEU D 1049 -25.32 -44.25 -43.60
C LEU D 1049 -23.91 -44.77 -43.81
N ASP D 1050 -23.11 -44.79 -42.74
CA ASP D 1050 -21.72 -45.24 -42.82
C ASP D 1050 -21.65 -46.72 -43.19
N GLN D 1051 -22.45 -47.56 -42.52
CA GLN D 1051 -22.45 -48.98 -42.83
C GLN D 1051 -22.97 -49.24 -44.23
N TYR D 1052 -24.04 -48.55 -44.64
CA TYR D 1052 -24.58 -48.72 -45.99
C TYR D 1052 -23.57 -48.32 -47.05
N LEU D 1053 -22.90 -47.18 -46.85
CA LEU D 1053 -21.93 -46.70 -47.83
C LEU D 1053 -20.73 -47.64 -47.94
N TRP D 1054 -20.22 -48.12 -46.81
CA TRP D 1054 -19.09 -49.05 -46.84
C TRP D 1054 -19.46 -50.35 -47.54
N TYR D 1055 -20.65 -50.89 -47.25
CA TYR D 1055 -21.06 -52.14 -47.89
C TYR D 1055 -21.27 -51.95 -49.39
N GLN D 1056 -21.91 -50.85 -49.80
CA GLN D 1056 -22.17 -50.65 -51.22
C GLN D 1056 -20.91 -50.31 -52.00
N ALA D 1057 -19.92 -49.66 -51.36
CA ALA D 1057 -18.65 -49.45 -52.04
C ALA D 1057 -17.83 -50.73 -52.09
N ASP D 1058 -18.01 -51.63 -51.13
CA ASP D 1058 -17.37 -52.94 -51.23
C ASP D 1058 -17.99 -53.76 -52.35
N GLN D 1059 -19.30 -53.65 -52.54
CA GLN D 1059 -19.97 -54.38 -53.62
C GLN D 1059 -19.58 -53.86 -54.99
N ARG D 1060 -19.31 -52.56 -55.12
CA ARG D 1060 -19.07 -51.93 -56.41
C ARG D 1060 -17.60 -51.66 -56.70
N HIS D 1061 -16.70 -52.11 -55.82
CA HIS D 1061 -15.24 -52.00 -56.01
C HIS D 1061 -14.79 -50.55 -56.19
N LEU D 1062 -15.23 -49.69 -55.28
CA LEU D 1062 -14.84 -48.29 -55.33
C LEU D 1062 -13.36 -48.10 -54.98
N PHE D 1063 -12.87 -48.86 -53.99
CA PHE D 1063 -11.52 -48.67 -53.48
C PHE D 1063 -10.59 -49.71 -54.07
N PRO D 1064 -9.53 -49.31 -54.78
CA PRO D 1064 -8.57 -50.29 -55.31
C PRO D 1064 -7.69 -50.93 -54.24
N ASN D 1065 -6.74 -51.74 -54.67
CA ASN D 1065 -5.95 -52.56 -53.75
C ASN D 1065 -5.00 -51.75 -52.89
N TRP D 1066 -4.60 -50.54 -53.31
CA TRP D 1066 -3.65 -49.78 -52.53
C TRP D 1066 -4.29 -49.04 -51.36
N VAL D 1067 -5.62 -48.97 -51.30
CA VAL D 1067 -6.30 -48.19 -50.28
C VAL D 1067 -6.37 -49.01 -49.01
N LYS D 1068 -5.68 -48.55 -47.97
CA LYS D 1068 -5.58 -49.21 -46.68
C LYS D 1068 -6.04 -48.25 -45.58
N PRO D 1069 -6.53 -48.76 -44.44
CA PRO D 1069 -6.72 -50.12 -43.91
C PRO D 1069 -7.72 -50.97 -44.69
N SER D 1070 -7.29 -52.13 -45.16
CA SER D 1070 -8.19 -53.08 -45.78
C SER D 1070 -8.67 -54.10 -44.75
N ASP D 1071 -9.84 -54.68 -45.02
CA ASP D 1071 -10.45 -55.63 -44.08
C ASP D 1071 -9.80 -57.01 -44.15
N SER D 1072 -8.91 -57.25 -45.11
CA SER D 1072 -8.35 -58.57 -45.32
C SER D 1072 -7.10 -58.84 -44.48
N GLU D 1073 -6.61 -57.86 -43.72
CA GLU D 1073 -5.32 -58.04 -43.08
C GLU D 1073 -5.20 -57.15 -41.84
N VAL D 1074 -4.38 -57.59 -40.91
CA VAL D 1074 -3.93 -56.79 -39.77
C VAL D 1074 -2.74 -55.97 -40.25
N PRO D 1075 -2.41 -54.85 -39.59
CA PRO D 1075 -1.25 -54.03 -40.03
C PRO D 1075 0.08 -54.77 -40.03
N PRO D 1076 0.36 -55.72 -39.11
CA PRO D 1076 1.57 -56.55 -39.33
C PRO D 1076 1.55 -57.34 -40.62
N LEU D 1077 0.38 -57.84 -41.04
CA LEU D 1077 0.29 -58.50 -42.33
C LEU D 1077 0.49 -57.51 -43.48
N LEU D 1078 0.11 -56.24 -43.28
CA LEU D 1078 0.40 -55.21 -44.27
C LEU D 1078 1.90 -54.98 -44.41
N VAL D 1079 2.62 -54.92 -43.29
CA VAL D 1079 4.08 -54.78 -43.35
C VAL D 1079 4.72 -55.99 -44.01
N TYR D 1080 4.21 -57.19 -43.68
CA TYR D 1080 4.73 -58.42 -44.27
C TYR D 1080 4.51 -58.45 -45.79
N LYS D 1081 3.32 -58.04 -46.24
CA LYS D 1081 3.04 -58.02 -47.67
C LYS D 1081 3.82 -56.92 -48.39
N TRP D 1082 4.11 -55.80 -47.71
CA TRP D 1082 5.05 -54.82 -48.25
C TRP D 1082 6.44 -55.42 -48.46
N CYS D 1083 6.93 -56.17 -47.47
CA CYS D 1083 8.24 -56.80 -47.62
C CYS D 1083 8.25 -57.85 -48.72
N GLN D 1084 7.19 -58.66 -48.81
CA GLN D 1084 7.11 -59.69 -49.83
C GLN D 1084 6.91 -59.10 -51.22
N GLY D 1085 6.23 -57.95 -51.32
CA GLY D 1085 6.09 -57.31 -52.62
C GLY D 1085 7.33 -56.58 -53.07
N ILE D 1086 8.11 -56.06 -52.12
CA ILE D 1086 9.42 -55.53 -52.47
C ILE D 1086 10.33 -56.65 -52.96
N ASN D 1087 10.32 -57.80 -52.27
CA ASN D 1087 11.19 -58.89 -52.65
C ASN D 1087 10.80 -59.57 -53.95
N ASN D 1088 9.56 -59.40 -54.43
CA ASN D 1088 9.07 -60.11 -55.60
C ASN D 1088 9.00 -59.22 -56.84
N LEU D 1089 9.63 -58.06 -56.81
CA LEU D 1089 9.71 -57.23 -58.00
C LEU D 1089 10.83 -57.72 -58.92
N ASP D 1090 10.67 -57.44 -60.22
CA ASP D 1090 11.57 -57.98 -61.23
C ASP D 1090 12.94 -57.34 -61.13
N LYS D 1091 13.94 -58.17 -60.80
CA LYS D 1091 15.34 -57.75 -60.66
C LYS D 1091 15.48 -56.58 -59.69
N VAL D 1092 14.77 -56.66 -58.57
CA VAL D 1092 14.72 -55.56 -57.61
C VAL D 1092 16.08 -55.37 -56.94
N TRP D 1093 16.79 -56.45 -56.69
CA TRP D 1093 18.08 -56.37 -56.02
C TRP D 1093 19.26 -56.28 -56.97
N ASP D 1094 19.03 -56.43 -58.27
CA ASP D 1094 20.09 -56.26 -59.26
C ASP D 1094 20.41 -54.78 -59.40
N THR D 1095 21.65 -54.40 -59.08
CA THR D 1095 22.09 -53.01 -59.12
C THR D 1095 23.36 -52.84 -59.94
N SER D 1096 23.69 -53.79 -60.82
CA SER D 1096 24.93 -53.73 -61.56
C SER D 1096 24.90 -52.63 -62.63
N ASN D 1097 23.73 -52.41 -63.23
CA ASN D 1097 23.61 -51.49 -64.36
C ASN D 1097 23.31 -50.06 -63.95
N GLY D 1098 23.51 -49.73 -62.68
CA GLY D 1098 23.24 -48.38 -62.21
C GLY D 1098 21.84 -48.13 -61.70
N GLU D 1099 20.99 -49.15 -61.66
CA GLU D 1099 19.64 -48.97 -61.17
C GLU D 1099 19.62 -48.72 -59.67
N CYS D 1100 18.65 -47.94 -59.22
CA CYS D 1100 18.46 -47.63 -57.81
C CYS D 1100 17.02 -47.85 -57.42
N ASN D 1101 16.82 -48.21 -56.15
CA ASN D 1101 15.50 -48.37 -55.58
C ASN D 1101 15.27 -47.27 -54.56
N VAL D 1102 14.19 -46.51 -54.73
CA VAL D 1102 13.85 -45.42 -53.82
C VAL D 1102 12.56 -45.80 -53.12
N ILE D 1103 12.52 -45.67 -51.79
CA ILE D 1103 11.28 -45.80 -51.05
C ILE D 1103 11.05 -44.51 -50.28
N ILE D 1104 9.90 -43.88 -50.51
CA ILE D 1104 9.54 -42.62 -49.88
C ILE D 1104 8.31 -42.85 -49.01
N GLU D 1105 8.41 -42.47 -47.75
CA GLU D 1105 7.34 -42.59 -46.77
C GLU D 1105 7.03 -41.19 -46.26
N THR D 1106 5.81 -40.72 -46.51
CA THR D 1106 5.48 -39.35 -46.12
C THR D 1106 4.01 -39.29 -45.74
N GLN D 1107 3.56 -38.09 -45.36
CA GLN D 1107 2.21 -37.87 -44.90
C GLN D 1107 1.61 -36.68 -45.63
N LEU D 1108 0.31 -36.75 -45.89
CA LEU D 1108 -0.40 -35.65 -46.54
C LEU D 1108 -0.70 -34.58 -45.49
N SER D 1109 0.01 -33.46 -45.57
CA SER D 1109 -0.09 -32.43 -44.54
C SER D 1109 -1.39 -31.65 -44.69
N LYS D 1110 -2.11 -31.51 -43.57
CA LYS D 1110 -3.32 -30.68 -43.46
C LYS D 1110 -4.39 -31.09 -44.46
N VAL D 1111 -4.54 -32.40 -44.64
CA VAL D 1111 -5.42 -32.91 -45.69
C VAL D 1111 -6.89 -32.89 -45.25
N TYR D 1112 -7.17 -33.18 -43.98
CA TYR D 1112 -8.52 -33.02 -43.46
C TYR D 1112 -8.87 -31.54 -43.37
N GLU D 1113 -7.88 -30.73 -42.99
CA GLU D 1113 -8.06 -29.32 -42.69
C GLU D 1113 -8.41 -28.50 -43.93
N LYS D 1114 -8.01 -28.97 -45.11
CA LYS D 1114 -8.08 -28.19 -46.34
C LYS D 1114 -9.12 -28.71 -47.33
N ILE D 1115 -10.21 -29.30 -46.86
CA ILE D 1115 -11.20 -29.89 -47.76
C ILE D 1115 -12.29 -28.86 -48.04
N GLU D 1116 -12.49 -28.53 -49.31
CA GLU D 1116 -13.59 -27.69 -49.73
C GLU D 1116 -14.88 -28.50 -49.74
N LEU D 1117 -15.93 -27.95 -49.12
CA LEU D 1117 -17.18 -28.69 -49.02
C LEU D 1117 -17.95 -28.72 -50.32
N THR D 1118 -17.80 -27.70 -51.17
CA THR D 1118 -18.46 -27.71 -52.48
C THR D 1118 -17.83 -28.74 -53.41
N LEU D 1119 -16.50 -28.77 -53.48
CA LEU D 1119 -15.81 -29.78 -54.28
C LEU D 1119 -16.08 -31.18 -53.75
N LEU D 1120 -16.09 -31.33 -52.42
CA LEU D 1120 -16.42 -32.62 -51.81
C LEU D 1120 -17.84 -33.04 -52.15
N ASN D 1121 -18.77 -32.09 -52.16
CA ASN D 1121 -20.15 -32.39 -52.57
C ASN D 1121 -20.20 -32.84 -54.02
N SER D 1122 -19.42 -32.21 -54.90
CA SER D 1122 -19.37 -32.61 -56.30
C SER D 1122 -18.86 -34.04 -56.46
N LEU D 1123 -17.79 -34.39 -55.75
CA LEU D 1123 -17.21 -35.72 -55.88
C LEU D 1123 -18.11 -36.80 -55.27
N LEU D 1124 -18.74 -36.50 -54.13
CA LEU D 1124 -19.70 -37.44 -53.56
C LEU D 1124 -20.92 -37.57 -54.44
N ARG D 1125 -21.33 -36.49 -55.11
CA ARG D 1125 -22.40 -36.58 -56.09
C ARG D 1125 -22.00 -37.45 -57.28
N LEU D 1126 -20.71 -37.47 -57.61
CA LEU D 1126 -20.22 -38.38 -58.62
C LEU D 1126 -20.39 -39.83 -58.18
N ILE D 1127 -20.04 -40.16 -56.93
CA ILE D 1127 -20.02 -41.57 -56.56
C ILE D 1127 -21.30 -42.12 -55.95
N MET D 1128 -22.25 -41.28 -55.55
CA MET D 1128 -23.46 -41.81 -54.93
C MET D 1128 -24.63 -40.92 -55.29
N ASP D 1129 -25.80 -41.23 -54.72
CA ASP D 1129 -26.98 -40.42 -54.90
C ASP D 1129 -26.79 -39.03 -54.30
N HIS D 1130 -27.45 -38.05 -54.90
CA HIS D 1130 -27.24 -36.66 -54.50
C HIS D 1130 -27.83 -36.35 -53.13
N ASN D 1131 -28.85 -37.11 -52.68
CA ASN D 1131 -29.40 -36.90 -51.35
C ASN D 1131 -28.39 -37.27 -50.27
N LEU D 1132 -27.71 -38.41 -50.43
CA LEU D 1132 -26.69 -38.82 -49.47
C LEU D 1132 -25.51 -37.87 -49.47
N ALA D 1133 -25.09 -37.41 -50.66
CA ALA D 1133 -24.00 -36.46 -50.77
C ALA D 1133 -24.34 -35.13 -50.10
N ASP D 1134 -25.58 -34.65 -50.31
CA ASP D 1134 -26.01 -33.41 -49.67
C ASP D 1134 -26.11 -33.58 -48.16
N TYR D 1135 -26.56 -34.75 -47.69
CA TYR D 1135 -26.62 -35.00 -46.26
C TYR D 1135 -25.22 -34.99 -45.64
N ILE D 1136 -24.25 -35.62 -46.31
CA ILE D 1136 -22.88 -35.66 -45.79
C ILE D 1136 -22.27 -34.26 -45.76
N THR D 1137 -22.47 -33.49 -46.84
CA THR D 1137 -21.88 -32.16 -46.93
C THR D 1137 -22.53 -31.20 -45.94
N ALA D 1138 -23.85 -31.30 -45.73
CA ALA D 1138 -24.50 -30.50 -44.70
C ALA D 1138 -24.12 -30.95 -43.30
N LYS D 1139 -23.80 -32.24 -43.12
CA LYS D 1139 -23.42 -32.74 -41.82
C LYS D 1139 -22.01 -32.30 -41.45
N ASN D 1140 -21.15 -32.07 -42.45
CA ASN D 1140 -19.84 -31.51 -42.15
C ASN D 1140 -19.92 -30.04 -41.79
N ASN D 1141 -20.94 -29.35 -42.26
CA ASN D 1141 -21.11 -27.91 -42.00
C ASN D 1141 -22.00 -27.74 -40.77
N VAL D 1142 -21.37 -27.77 -39.59
CA VAL D 1142 -22.07 -27.67 -38.30
C VAL D 1142 -21.33 -26.70 -37.40
N THR D 1143 -21.99 -26.34 -36.30
CA THR D 1143 -21.42 -25.47 -35.28
C THR D 1143 -20.64 -26.29 -34.26
N LEU D 1144 -19.39 -25.91 -34.04
CA LEU D 1144 -18.54 -26.54 -33.03
C LEU D 1144 -18.46 -25.66 -31.80
N THR D 1145 -18.76 -26.25 -30.63
CA THR D 1145 -18.79 -25.55 -29.37
C THR D 1145 -17.94 -26.27 -28.33
N TYR D 1146 -17.19 -25.49 -27.55
CA TYR D 1146 -16.47 -25.97 -26.37
C TYR D 1146 -16.58 -24.89 -25.31
N LYS D 1147 -17.30 -25.20 -24.23
CA LYS D 1147 -17.60 -24.28 -23.11
C LYS D 1147 -18.24 -23.02 -23.70
N ASP D 1148 -17.63 -21.84 -23.54
CA ASP D 1148 -18.17 -20.60 -24.06
C ASP D 1148 -17.63 -20.25 -25.44
N MET D 1149 -16.85 -21.13 -26.04
CA MET D 1149 -16.26 -20.92 -27.35
C MET D 1149 -17.12 -21.60 -28.40
N SER D 1150 -17.37 -20.91 -29.51
CA SER D 1150 -18.25 -21.46 -30.54
C SER D 1150 -17.92 -20.85 -31.90
N HIS D 1151 -17.94 -21.69 -32.92
CA HIS D 1151 -17.84 -21.21 -34.30
C HIS D 1151 -18.56 -22.18 -35.22
N VAL D 1152 -18.53 -21.87 -36.52
CA VAL D 1152 -19.17 -22.69 -37.54
C VAL D 1152 -18.07 -23.27 -38.42
N ASN D 1153 -18.08 -24.59 -38.60
CA ASN D 1153 -17.16 -25.25 -39.51
C ASN D 1153 -17.69 -25.10 -40.93
N SER D 1154 -17.02 -24.29 -41.74
CA SER D 1154 -17.38 -24.09 -43.13
C SER D 1154 -16.25 -24.46 -44.09
N TYR D 1155 -15.10 -24.85 -43.55
CA TYR D 1155 -13.95 -25.24 -44.36
C TYR D 1155 -13.18 -26.28 -43.59
N GLY D 1156 -12.85 -27.38 -44.25
CA GLY D 1156 -12.24 -28.51 -43.59
C GLY D 1156 -13.25 -29.60 -43.30
N MET D 1157 -12.76 -30.65 -42.66
CA MET D 1157 -13.52 -31.87 -42.47
C MET D 1157 -13.72 -32.14 -40.98
N ILE D 1158 -14.93 -32.56 -40.62
CA ILE D 1158 -15.22 -33.05 -39.27
C ILE D 1158 -14.88 -34.54 -39.24
N ARG D 1159 -13.81 -34.89 -38.53
CA ARG D 1159 -13.34 -36.26 -38.51
C ARG D 1159 -14.10 -37.15 -37.53
N GLY D 1160 -14.99 -36.59 -36.72
CA GLY D 1160 -15.74 -37.34 -35.74
C GLY D 1160 -17.10 -37.81 -36.19
N LEU D 1161 -17.46 -37.60 -37.46
CA LEU D 1161 -18.70 -38.17 -37.96
C LEU D 1161 -18.52 -39.67 -38.20
N GLN D 1162 -19.65 -40.38 -38.24
CA GLN D 1162 -19.59 -41.83 -38.36
C GLN D 1162 -19.12 -42.26 -39.74
N PHE D 1163 -19.42 -41.48 -40.77
CA PHE D 1163 -19.05 -41.81 -42.14
C PHE D 1163 -17.79 -41.11 -42.60
N SER D 1164 -17.02 -40.52 -41.68
CA SER D 1164 -15.83 -39.75 -42.06
C SER D 1164 -14.75 -40.63 -42.66
N ALA D 1165 -14.66 -41.89 -42.21
CA ALA D 1165 -13.67 -42.81 -42.78
C ALA D 1165 -13.94 -43.05 -44.26
N PHE D 1166 -15.20 -43.27 -44.63
CA PHE D 1166 -15.55 -43.49 -46.03
C PHE D 1166 -15.24 -42.27 -46.89
N VAL D 1167 -15.66 -41.10 -46.42
CA VAL D 1167 -15.48 -39.86 -47.19
C VAL D 1167 -14.00 -39.56 -47.36
N PHE D 1168 -13.20 -39.78 -46.31
CA PHE D 1168 -11.79 -39.48 -46.44
C PHE D 1168 -11.06 -40.53 -47.27
N GLN D 1169 -11.47 -41.80 -47.23
CA GLN D 1169 -10.83 -42.78 -48.11
C GLN D 1169 -11.14 -42.49 -49.57
N TYR D 1170 -12.35 -42.02 -49.87
CA TYR D 1170 -12.66 -41.62 -51.26
C TYR D 1170 -11.87 -40.38 -51.68
N TYR D 1171 -11.80 -39.36 -50.81
CA TYR D 1171 -11.06 -38.15 -51.12
C TYR D 1171 -9.57 -38.46 -51.28
N GLY D 1172 -9.03 -39.34 -50.43
CA GLY D 1172 -7.65 -39.76 -50.57
C GLY D 1172 -7.41 -40.65 -51.77
N LEU D 1173 -8.44 -41.37 -52.23
CA LEU D 1173 -8.33 -42.08 -53.50
C LEU D 1173 -8.18 -41.08 -54.66
N ILE D 1174 -8.93 -39.99 -54.61
CA ILE D 1174 -8.76 -38.94 -55.62
C ILE D 1174 -7.36 -38.33 -55.55
N LEU D 1175 -6.87 -38.09 -54.33
CA LEU D 1175 -5.49 -37.61 -54.19
C LEU D 1175 -4.47 -38.66 -54.64
N ASP D 1176 -4.80 -39.94 -54.51
CA ASP D 1176 -3.94 -41.00 -55.03
C ASP D 1176 -3.87 -40.95 -56.55
N LEU D 1177 -5.01 -40.65 -57.18
CA LEU D 1177 -5.02 -40.40 -58.62
C LEU D 1177 -4.16 -39.21 -58.99
N LEU D 1178 -4.20 -38.16 -58.16
CA LEU D 1178 -3.33 -37.00 -58.40
C LEU D 1178 -1.85 -37.37 -58.28
N ILE D 1179 -1.50 -38.18 -57.28
CA ILE D 1179 -0.10 -38.54 -57.05
C ILE D 1179 0.41 -39.47 -58.16
N LEU D 1180 -0.36 -40.51 -58.47
CA LEU D 1180 0.13 -41.55 -59.37
C LEU D 1180 0.00 -41.13 -60.84
N GLY D 1181 -1.08 -40.44 -61.18
CA GLY D 1181 -1.46 -40.28 -62.57
C GLY D 1181 -2.44 -41.37 -62.94
N PRO D 1182 -3.44 -41.04 -63.75
CA PRO D 1182 -4.52 -42.00 -64.04
C PRO D 1182 -4.06 -43.27 -64.75
N GLN D 1183 -3.03 -43.20 -65.60
CA GLN D 1183 -2.61 -44.38 -66.34
C GLN D 1183 -1.87 -45.36 -65.42
N ARG D 1184 -0.94 -44.85 -64.60
CA ARG D 1184 -0.25 -45.72 -63.66
C ARG D 1184 -1.18 -46.22 -62.56
N ALA D 1185 -2.16 -45.40 -62.17
CA ALA D 1185 -3.17 -45.87 -61.23
C ALA D 1185 -4.00 -47.00 -61.82
N ALA D 1186 -4.34 -46.91 -63.11
CA ALA D 1186 -5.08 -47.99 -63.76
C ALA D 1186 -4.22 -49.24 -63.89
N GLU D 1187 -2.92 -49.08 -64.14
CA GLU D 1187 -2.04 -50.24 -64.25
C GLU D 1187 -1.83 -50.91 -62.90
N ILE D 1188 -1.70 -50.12 -61.82
CA ILE D 1188 -1.51 -50.69 -60.49
C ILE D 1188 -2.79 -51.36 -60.00
N ALA D 1189 -3.93 -50.68 -60.17
CA ALA D 1189 -5.20 -51.22 -59.70
C ALA D 1189 -5.69 -52.41 -60.51
N GLY D 1190 -5.26 -52.52 -61.76
CA GLY D 1190 -5.70 -53.59 -62.62
C GLY D 1190 -6.99 -53.23 -63.34
N PRO D 1191 -7.40 -54.05 -64.31
CA PRO D 1191 -8.65 -53.80 -65.02
C PRO D 1191 -9.85 -54.04 -64.12
N PRO D 1192 -10.98 -53.38 -64.41
CA PRO D 1192 -12.20 -53.63 -63.61
C PRO D 1192 -12.72 -55.06 -63.72
N GLN D 1193 -12.44 -55.75 -64.83
CA GLN D 1193 -12.93 -57.11 -64.99
C GLN D 1193 -12.16 -58.08 -64.09
N SER D 1194 -10.84 -57.95 -64.04
CA SER D 1194 -9.97 -58.78 -63.22
C SER D 1194 -9.03 -57.87 -62.45
N PRO D 1195 -9.45 -57.37 -61.28
CA PRO D 1195 -8.59 -56.47 -60.51
C PRO D 1195 -7.35 -57.18 -59.99
N ASN D 1196 -6.28 -56.41 -59.85
CA ASN D 1196 -5.02 -56.96 -59.38
C ASN D 1196 -5.05 -57.19 -57.88
N ASP D 1197 -4.24 -58.14 -57.42
CA ASP D 1197 -4.01 -58.31 -56.00
C ASP D 1197 -3.10 -57.20 -55.48
N PHE D 1198 -2.97 -57.14 -54.16
CA PHE D 1198 -2.18 -56.10 -53.51
C PHE D 1198 -0.71 -56.27 -53.87
N LEU D 1199 -0.11 -55.20 -54.42
CA LEU D 1199 1.30 -55.14 -54.81
C LEU D 1199 1.65 -56.18 -55.88
N GLN D 1200 0.73 -56.45 -56.80
CA GLN D 1200 1.00 -57.37 -57.90
C GLN D 1200 0.41 -56.83 -59.18
N PHE D 1201 1.05 -57.19 -60.29
CA PHE D 1201 0.61 -56.83 -61.64
C PHE D 1201 0.23 -58.09 -62.40
N GLN D 1202 -0.28 -57.91 -63.63
CA GLN D 1202 -0.54 -59.05 -64.48
C GLN D 1202 0.76 -59.73 -64.91
N ASP D 1203 1.74 -58.95 -65.35
CA ASP D 1203 2.94 -59.48 -65.97
C ASP D 1203 4.12 -58.56 -65.66
N ARG D 1204 5.32 -59.04 -65.98
CA ARG D 1204 6.51 -58.23 -65.75
C ARG D 1204 6.63 -57.10 -66.77
N ASP D 1205 5.83 -57.15 -67.84
CA ASP D 1205 5.79 -56.04 -68.78
C ASP D 1205 5.21 -54.79 -68.15
N THR D 1206 3.96 -54.87 -67.68
CA THR D 1206 3.23 -53.71 -67.19
C THR D 1206 3.87 -53.14 -65.93
N GLU D 1207 4.50 -54.00 -65.13
CA GLU D 1207 5.17 -53.57 -63.91
C GLU D 1207 6.32 -52.61 -64.19
N THR D 1208 7.07 -52.86 -65.27
CA THR D 1208 8.33 -52.16 -65.50
C THR D 1208 8.24 -51.00 -66.48
N ARG D 1209 7.03 -50.66 -66.96
CA ARG D 1209 6.92 -49.51 -67.86
C ARG D 1209 7.05 -48.18 -67.12
N HIS D 1210 6.81 -48.19 -65.81
CA HIS D 1210 6.84 -46.96 -65.03
C HIS D 1210 7.76 -47.13 -63.84
N PRO D 1211 8.47 -46.06 -63.43
CA PRO D 1211 9.34 -46.17 -62.25
C PRO D 1211 8.60 -46.53 -60.97
N ILE D 1212 7.38 -46.04 -60.79
CA ILE D 1212 6.61 -46.29 -59.57
C ILE D 1212 6.16 -47.74 -59.57
N ARG D 1213 6.84 -48.58 -58.78
CA ARG D 1213 6.52 -49.99 -58.70
C ARG D 1213 5.41 -50.26 -57.69
N LEU D 1214 5.56 -49.79 -56.47
CA LEU D 1214 4.59 -50.08 -55.42
C LEU D 1214 4.00 -48.79 -54.85
N TYR D 1215 2.73 -48.85 -54.46
CA TYR D 1215 2.06 -47.70 -53.89
C TYR D 1215 1.09 -48.15 -52.81
N THR D 1216 1.06 -47.43 -51.69
CA THR D 1216 0.07 -47.68 -50.66
C THR D 1216 -0.25 -46.39 -49.91
N ARG D 1217 -1.54 -46.13 -49.71
CA ARG D 1217 -2.00 -45.05 -48.85
C ARG D 1217 -2.75 -45.65 -47.68
N TYR D 1218 -2.21 -45.46 -46.47
CA TYR D 1218 -2.86 -45.80 -45.22
C TYR D 1218 -3.43 -44.53 -44.64
N ILE D 1219 -4.73 -44.31 -44.89
CA ILE D 1219 -5.50 -43.12 -44.52
C ILE D 1219 -4.81 -41.89 -45.08
N ASP D 1220 -3.82 -41.36 -44.36
CA ASP D 1220 -3.16 -40.12 -44.75
C ASP D 1220 -1.65 -40.26 -44.92
N LYS D 1221 -1.09 -41.44 -44.68
CA LYS D 1221 0.32 -41.68 -44.91
C LYS D 1221 0.50 -42.49 -46.19
N ILE D 1222 1.47 -42.11 -47.01
CA ILE D 1222 1.72 -42.84 -48.24
C ILE D 1222 3.13 -43.40 -48.23
N TRP D 1223 3.25 -44.60 -48.79
CA TRP D 1223 4.51 -45.25 -49.09
C TRP D 1223 4.56 -45.51 -50.58
N VAL D 1224 5.60 -45.00 -51.23
CA VAL D 1224 5.76 -45.18 -52.67
C VAL D 1224 7.14 -45.81 -52.90
N PHE D 1225 7.18 -46.89 -53.66
CA PHE D 1225 8.42 -47.56 -54.02
C PHE D 1225 8.66 -47.40 -55.52
N LEU D 1226 9.80 -46.79 -55.87
CA LEU D 1226 10.17 -46.45 -57.22
C LEU D 1226 11.43 -47.22 -57.60
N ARG D 1227 11.52 -47.63 -58.86
CA ARG D 1227 12.74 -48.23 -59.40
C ARG D 1227 13.22 -47.38 -60.58
N PHE D 1228 14.48 -46.98 -60.54
CA PHE D 1228 15.07 -46.12 -61.56
C PHE D 1228 16.22 -46.82 -62.26
N THR D 1229 16.18 -46.81 -63.59
CA THR D 1229 17.39 -47.05 -64.35
C THR D 1229 18.33 -45.85 -64.22
N ALA D 1230 19.59 -46.07 -64.61
CA ALA D 1230 20.61 -45.04 -64.41
C ALA D 1230 20.32 -43.78 -65.24
N GLU D 1231 19.75 -43.94 -66.43
CA GLU D 1231 19.39 -42.79 -67.24
C GLU D 1231 18.25 -41.99 -66.62
N GLU D 1232 17.23 -42.68 -66.12
CA GLU D 1232 16.10 -42.01 -65.47
C GLU D 1232 16.55 -41.29 -64.20
N SER D 1233 17.39 -41.95 -63.40
CA SER D 1233 17.90 -41.33 -62.18
C SER D 1233 18.76 -40.11 -62.51
N ARG D 1234 19.62 -40.22 -63.53
CA ARG D 1234 20.45 -39.08 -63.91
C ARG D 1234 19.59 -37.91 -64.41
N ASP D 1235 18.56 -38.20 -65.20
CA ASP D 1235 17.66 -37.15 -65.68
C ASP D 1235 16.91 -36.48 -64.53
N LEU D 1236 16.45 -37.28 -63.56
CA LEU D 1236 15.71 -36.73 -62.43
C LEU D 1236 16.59 -35.85 -61.55
N ILE D 1237 17.81 -36.31 -61.26
CA ILE D 1237 18.73 -35.51 -60.45
C ILE D 1237 19.15 -34.26 -61.21
N GLN D 1238 19.33 -34.35 -62.53
CA GLN D 1238 19.68 -33.17 -63.32
C GLN D 1238 18.57 -32.14 -63.30
N ARG D 1239 17.32 -32.59 -63.44
CA ARG D 1239 16.18 -31.67 -63.42
C ARG D 1239 16.00 -31.04 -62.05
N PHE D 1240 16.20 -31.83 -60.98
CA PHE D 1240 16.10 -31.28 -59.62
C PHE D 1240 17.20 -30.27 -59.36
N LEU D 1241 18.43 -30.55 -59.81
CA LEU D 1241 19.53 -29.64 -59.59
C LEU D 1241 19.49 -28.40 -60.47
N THR D 1242 18.81 -28.45 -61.63
CA THR D 1242 18.63 -27.23 -62.40
C THR D 1242 17.38 -26.47 -62.00
N GLU D 1243 16.48 -27.08 -61.22
CA GLU D 1243 15.33 -26.34 -60.69
C GLU D 1243 15.65 -25.64 -59.38
N GLN D 1244 16.34 -26.32 -58.46
CA GLN D 1244 16.77 -25.75 -57.19
C GLN D 1244 18.27 -25.99 -57.05
N PRO D 1245 19.09 -25.09 -57.60
CA PRO D 1245 20.54 -25.35 -57.61
C PRO D 1245 21.15 -25.27 -56.22
N ASP D 1246 22.12 -26.14 -55.98
CA ASP D 1246 22.87 -26.16 -54.73
C ASP D 1246 24.30 -26.58 -55.05
N PRO D 1247 25.20 -25.62 -55.25
CA PRO D 1247 26.58 -25.94 -55.65
C PRO D 1247 27.54 -26.25 -54.50
N ASN D 1248 27.09 -26.14 -53.25
CA ASN D 1248 27.93 -26.42 -52.10
C ASN D 1248 27.41 -27.58 -51.26
N PHE D 1249 26.32 -28.22 -51.68
CA PHE D 1249 25.78 -29.43 -51.06
C PHE D 1249 25.42 -29.22 -49.59
N GLU D 1250 24.42 -28.39 -49.36
CA GLU D 1250 23.76 -28.29 -48.07
C GLU D 1250 22.69 -29.37 -47.88
N ASN D 1251 22.70 -30.39 -48.73
CA ASN D 1251 21.64 -31.40 -48.74
C ASN D 1251 21.91 -32.54 -47.75
N VAL D 1252 23.14 -32.71 -47.29
CA VAL D 1252 23.44 -33.78 -46.35
C VAL D 1252 22.79 -33.49 -44.99
N ILE D 1253 22.73 -32.22 -44.59
CA ILE D 1253 21.99 -31.83 -43.41
C ILE D 1253 20.51 -31.67 -43.78
N GLY D 1254 19.64 -32.36 -43.06
CA GLY D 1254 18.22 -32.42 -43.35
C GLY D 1254 17.77 -33.75 -43.90
N PHE D 1255 18.66 -34.48 -44.58
CA PHE D 1255 18.31 -35.80 -45.10
C PHE D 1255 18.15 -36.79 -43.96
N LYS D 1256 17.42 -37.87 -44.22
CA LYS D 1256 16.95 -38.76 -43.17
C LYS D 1256 17.64 -40.11 -43.27
N SER D 1257 18.08 -40.63 -42.12
CA SER D 1257 18.63 -41.97 -42.00
C SER D 1257 18.44 -42.41 -40.56
N LYS D 1258 17.94 -43.64 -40.38
CA LYS D 1258 17.51 -44.11 -39.07
C LYS D 1258 18.71 -44.33 -38.15
N LYS D 1259 18.70 -43.65 -36.99
CA LYS D 1259 19.70 -43.82 -35.96
C LYS D 1259 19.50 -45.09 -35.13
N CYS D 1260 18.32 -45.72 -35.24
CA CYS D 1260 18.03 -46.88 -34.42
C CYS D 1260 18.78 -48.12 -34.90
N TRP D 1261 19.09 -48.19 -36.19
CA TRP D 1261 19.79 -49.33 -36.74
C TRP D 1261 21.29 -49.23 -36.42
N PRO D 1262 22.00 -50.38 -36.39
CA PRO D 1262 23.42 -50.37 -35.99
C PRO D 1262 24.35 -49.58 -36.91
N ARG D 1263 25.62 -49.52 -36.51
CA ARG D 1263 26.61 -48.70 -37.22
C ARG D 1263 26.85 -49.21 -38.63
N ASP D 1264 26.99 -50.53 -38.79
CA ASP D 1264 27.16 -51.12 -40.12
C ASP D 1264 25.92 -50.95 -40.97
N SER D 1265 24.73 -51.03 -40.35
CA SER D 1265 23.46 -50.99 -41.09
C SER D 1265 23.25 -49.63 -41.74
N ARG D 1266 23.43 -48.55 -40.98
CA ARG D 1266 23.42 -47.20 -41.54
C ARG D 1266 24.74 -46.99 -42.28
N MET D 1267 24.77 -47.37 -43.56
CA MET D 1267 26.05 -47.70 -44.21
C MET D 1267 26.78 -46.44 -44.67
N ARG D 1268 26.25 -45.77 -45.71
CA ARG D 1268 26.83 -44.53 -46.22
C ARG D 1268 25.73 -43.60 -46.73
N LEU D 1269 26.09 -42.32 -46.89
CA LEU D 1269 25.21 -41.27 -47.41
C LEU D 1269 26.04 -40.41 -48.35
N MET D 1270 26.03 -40.76 -49.63
CA MET D 1270 26.85 -40.07 -50.62
C MET D 1270 26.06 -39.00 -51.35
N ARG D 1271 26.71 -38.43 -52.36
CA ARG D 1271 26.13 -37.36 -53.16
C ARG D 1271 24.91 -37.85 -53.94
N HIS D 1272 25.08 -38.94 -54.69
CA HIS D 1272 24.09 -39.37 -55.66
C HIS D 1272 22.81 -39.85 -54.98
N ASP D 1273 22.94 -40.61 -53.89
CA ASP D 1273 21.78 -41.14 -53.20
C ASP D 1273 20.96 -40.04 -52.56
N VAL D 1274 21.62 -39.08 -51.90
CA VAL D 1274 20.93 -37.97 -51.24
C VAL D 1274 20.24 -37.09 -52.28
N ASN D 1275 20.92 -36.78 -53.38
CA ASN D 1275 20.30 -35.96 -54.41
C ASN D 1275 19.17 -36.70 -55.12
N LEU D 1276 19.29 -38.02 -55.29
CA LEU D 1276 18.21 -38.80 -55.88
C LEU D 1276 16.98 -38.84 -54.98
N GLY D 1277 17.19 -39.02 -53.67
CA GLY D 1277 16.06 -39.01 -52.74
C GLY D 1277 15.37 -37.66 -52.68
N ARG D 1278 16.16 -36.58 -52.66
CA ARG D 1278 15.56 -35.24 -52.68
C ARG D 1278 14.87 -34.95 -54.00
N ALA D 1279 15.40 -35.49 -55.11
CA ALA D 1279 14.75 -35.35 -56.40
C ALA D 1279 13.41 -36.06 -56.44
N VAL D 1280 13.34 -37.27 -55.86
CA VAL D 1280 12.09 -38.00 -55.79
C VAL D 1280 11.08 -37.24 -54.94
N PHE D 1281 11.52 -36.71 -53.79
CA PHE D 1281 10.63 -35.92 -52.94
C PHE D 1281 10.13 -34.67 -53.66
N TRP D 1282 11.02 -33.98 -54.38
CA TRP D 1282 10.63 -32.76 -55.09
C TRP D 1282 9.66 -33.06 -56.23
N ASP D 1283 9.91 -34.15 -56.96
CA ASP D 1283 9.02 -34.52 -58.05
C ASP D 1283 7.64 -34.92 -57.55
N LEU D 1284 7.59 -35.69 -56.46
CA LEU D 1284 6.28 -36.08 -55.92
C LEU D 1284 5.58 -34.92 -55.24
N LYS D 1285 6.34 -33.96 -54.71
CA LYS D 1285 5.75 -32.77 -54.12
C LYS D 1285 5.21 -31.83 -55.19
N ASN D 1286 5.76 -31.89 -56.40
CA ASN D 1286 5.27 -31.03 -57.47
C ASN D 1286 3.93 -31.50 -58.05
N ARG D 1287 3.50 -32.72 -57.71
CA ARG D 1287 2.23 -33.21 -58.25
C ARG D 1287 1.03 -32.84 -57.39
N LEU D 1288 1.26 -32.34 -56.18
CA LEU D 1288 0.18 -32.04 -55.25
C LEU D 1288 -0.06 -30.55 -55.18
N PRO D 1289 -1.23 -30.06 -55.59
CA PRO D 1289 -1.56 -28.64 -55.41
C PRO D 1289 -1.67 -28.30 -53.94
N ARG D 1290 -0.85 -27.34 -53.49
CA ARG D 1290 -0.70 -27.07 -52.07
C ARG D 1290 -1.94 -26.43 -51.44
N SER D 1291 -2.91 -25.99 -52.24
CA SER D 1291 -4.20 -25.57 -51.69
C SER D 1291 -5.06 -26.76 -51.27
N VAL D 1292 -4.75 -27.96 -51.75
CA VAL D 1292 -5.46 -29.16 -51.38
C VAL D 1292 -4.67 -29.87 -50.28
N THR D 1293 -3.44 -30.28 -50.61
CA THR D 1293 -2.51 -30.86 -49.65
C THR D 1293 -1.12 -30.81 -50.27
N THR D 1294 -0.12 -31.07 -49.43
CA THR D 1294 1.25 -31.19 -49.88
C THR D 1294 1.96 -32.16 -48.96
N ILE D 1295 3.26 -32.36 -49.19
CA ILE D 1295 4.07 -33.22 -48.36
C ILE D 1295 5.28 -32.42 -47.88
N GLU D 1296 5.53 -32.45 -46.57
CA GLU D 1296 6.62 -31.69 -45.99
C GLU D 1296 7.83 -32.58 -45.78
N TRP D 1297 9.02 -31.98 -45.90
CA TRP D 1297 10.26 -32.72 -45.71
C TRP D 1297 10.46 -33.15 -44.26
N ASP D 1298 9.85 -32.45 -43.31
CA ASP D 1298 9.92 -32.88 -41.92
C ASP D 1298 9.15 -34.18 -41.68
N ASP D 1299 8.03 -34.36 -42.39
CA ASP D 1299 7.21 -35.56 -42.27
C ASP D 1299 7.59 -36.65 -43.26
N THR D 1300 8.80 -36.62 -43.81
CA THR D 1300 9.18 -37.49 -44.91
C THR D 1300 10.46 -38.23 -44.57
N PHE D 1301 10.48 -39.53 -44.88
CA PHE D 1301 11.69 -40.34 -44.80
C PHE D 1301 11.90 -41.02 -46.16
N VAL D 1302 13.09 -40.87 -46.72
CA VAL D 1302 13.43 -41.44 -48.02
C VAL D 1302 14.65 -42.33 -47.84
N SER D 1303 14.57 -43.55 -48.39
CA SER D 1303 15.70 -44.48 -48.36
C SER D 1303 16.03 -44.92 -49.77
N VAL D 1304 17.33 -45.00 -50.08
CA VAL D 1304 17.82 -45.33 -51.40
C VAL D 1304 18.71 -46.56 -51.29
N TYR D 1305 18.30 -47.65 -51.94
CA TYR D 1305 19.15 -48.80 -52.17
C TYR D 1305 19.83 -48.63 -53.51
N SER D 1306 21.15 -48.80 -53.54
CA SER D 1306 21.93 -48.40 -54.70
C SER D 1306 23.06 -49.42 -54.92
N LYS D 1307 24.05 -49.00 -55.70
CA LYS D 1307 25.23 -49.83 -55.92
C LYS D 1307 26.00 -50.07 -54.63
N ASP D 1308 26.01 -49.08 -53.73
CA ASP D 1308 26.87 -49.09 -52.56
C ASP D 1308 26.11 -48.72 -51.28
N ASN D 1309 24.85 -49.10 -51.18
CA ASN D 1309 24.07 -48.98 -49.94
C ASN D 1309 23.07 -50.13 -49.93
N PRO D 1310 23.44 -51.28 -49.36
CA PRO D 1310 22.67 -52.51 -49.57
C PRO D 1310 21.47 -52.69 -48.64
N ASN D 1311 21.04 -51.67 -47.90
CA ASN D 1311 19.96 -51.80 -46.95
C ASN D 1311 18.77 -50.95 -47.39
N LEU D 1312 17.57 -51.50 -47.26
CA LEU D 1312 16.34 -50.77 -47.57
C LEU D 1312 15.61 -50.46 -46.29
N LEU D 1313 15.37 -49.17 -46.02
CA LEU D 1313 14.81 -48.74 -44.75
C LEU D 1313 13.39 -48.20 -44.96
N PHE D 1314 12.46 -48.63 -44.11
CA PHE D 1314 11.17 -47.94 -44.06
C PHE D 1314 10.54 -48.16 -42.68
N SER D 1315 9.41 -47.48 -42.47
CA SER D 1315 8.60 -47.64 -41.26
C SER D 1315 7.15 -47.70 -41.69
N MET D 1316 6.39 -48.62 -41.08
CA MET D 1316 4.99 -48.81 -41.46
C MET D 1316 4.23 -49.39 -40.29
N CYS D 1317 3.19 -48.65 -39.86
CA CYS D 1317 2.16 -49.14 -38.93
C CYS D 1317 2.74 -49.64 -37.62
N GLY D 1318 3.85 -49.07 -37.18
CA GLY D 1318 4.49 -49.46 -35.96
C GLY D 1318 5.81 -50.16 -36.10
N PHE D 1319 6.13 -50.67 -37.29
CA PHE D 1319 7.31 -51.50 -37.48
C PHE D 1319 8.35 -50.75 -38.28
N GLU D 1320 9.58 -50.72 -37.76
CA GLU D 1320 10.74 -50.17 -38.45
C GLU D 1320 11.50 -51.32 -39.09
N VAL D 1321 11.54 -51.34 -40.42
CA VAL D 1321 11.99 -52.49 -41.19
C VAL D 1321 13.25 -52.14 -41.96
N ARG D 1322 14.24 -53.02 -41.88
CA ARG D 1322 15.45 -52.96 -42.70
C ARG D 1322 15.52 -54.23 -43.53
N ILE D 1323 15.29 -54.10 -44.83
CA ILE D 1323 15.35 -55.23 -45.74
C ILE D 1323 16.78 -55.37 -46.25
N LEU D 1324 17.34 -56.56 -46.09
CA LEU D 1324 18.65 -56.92 -46.61
C LEU D 1324 18.50 -58.16 -47.48
N PRO D 1325 18.88 -58.10 -48.74
CA PRO D 1325 18.81 -59.31 -49.59
C PRO D 1325 19.96 -60.26 -49.32
N LYS D 1326 19.72 -61.54 -49.58
CA LYS D 1326 20.77 -62.54 -49.49
C LYS D 1326 21.55 -62.66 -50.80
N CYS D 1327 22.00 -61.51 -51.30
CA CYS D 1327 22.96 -61.42 -52.40
C CYS D 1327 24.12 -60.52 -52.04
N ARG D 1328 23.84 -59.30 -51.58
CA ARG D 1328 24.87 -58.36 -51.15
C ARG D 1328 25.11 -58.44 -49.65
N ASN D 1329 25.47 -59.62 -49.15
CA ASN D 1329 25.72 -59.81 -47.73
C ASN D 1329 27.19 -60.10 -47.51
N GLN D 1330 27.87 -59.23 -46.75
CA GLN D 1330 29.24 -59.51 -46.32
C GLN D 1330 29.28 -60.50 -45.17
N ASN D 1331 28.19 -60.65 -44.42
CA ASN D 1331 28.11 -61.55 -43.28
C ASN D 1331 27.84 -62.97 -43.79
N ASP D 1332 28.87 -63.81 -43.80
CA ASP D 1332 28.72 -65.18 -44.27
C ASP D 1332 27.87 -66.02 -43.32
N GLU D 1333 27.86 -65.67 -42.04
CA GLU D 1333 27.02 -66.33 -41.05
C GLU D 1333 25.80 -65.45 -40.79
N PHE D 1334 24.63 -66.07 -40.76
CA PHE D 1334 23.38 -65.33 -40.63
C PHE D 1334 22.88 -65.39 -39.19
N PRO D 1335 22.85 -64.28 -38.45
CA PRO D 1335 22.23 -64.26 -37.12
C PRO D 1335 20.72 -64.09 -37.21
N VAL D 1336 20.04 -65.06 -37.82
CA VAL D 1336 18.61 -64.97 -38.07
C VAL D 1336 17.87 -65.34 -36.79
N LYS D 1337 17.16 -64.35 -36.24
CA LYS D 1337 16.31 -64.55 -35.08
C LYS D 1337 14.85 -64.58 -35.53
N ASP D 1338 13.92 -64.58 -34.58
CA ASP D 1338 12.51 -64.54 -34.93
C ASP D 1338 12.11 -63.20 -35.53
N SER D 1339 12.82 -62.12 -35.18
CA SER D 1339 12.52 -60.81 -35.74
C SER D 1339 12.91 -60.71 -37.21
N VAL D 1340 13.94 -61.45 -37.62
CA VAL D 1340 14.46 -61.35 -38.98
C VAL D 1340 13.52 -62.10 -39.92
N TRP D 1341 13.21 -61.50 -41.07
CA TRP D 1341 12.24 -62.07 -42.00
C TRP D 1341 12.94 -62.57 -43.27
N SER D 1342 12.80 -63.88 -43.50
CA SER D 1342 13.17 -64.49 -44.75
C SER D 1342 12.12 -64.17 -45.79
N LEU D 1343 12.47 -63.32 -46.75
CA LEU D 1343 11.56 -62.94 -47.81
C LEU D 1343 11.77 -63.89 -49.00
N VAL D 1344 10.72 -64.61 -49.36
CA VAL D 1344 10.81 -65.71 -50.32
C VAL D 1344 10.41 -65.21 -51.69
N ASP D 1345 11.29 -65.42 -52.68
CA ASP D 1345 10.94 -65.23 -54.08
C ASP D 1345 10.06 -66.38 -54.53
N ASN D 1346 8.89 -66.03 -55.09
CA ASN D 1346 7.89 -67.01 -55.47
C ASN D 1346 8.25 -67.76 -56.74
N SER D 1347 8.86 -67.08 -57.71
CA SER D 1347 9.26 -67.71 -58.98
C SER D 1347 10.35 -68.74 -58.80
N THR D 1348 11.09 -68.69 -57.68
CA THR D 1348 12.02 -69.74 -57.32
C THR D 1348 11.69 -70.40 -56.00
N LYS D 1349 10.75 -69.84 -55.22
CA LYS D 1349 10.43 -70.26 -53.85
C LYS D 1349 11.69 -70.30 -52.98
N GLU D 1350 12.52 -69.27 -53.13
CA GLU D 1350 13.83 -69.26 -52.51
C GLU D 1350 13.97 -68.05 -51.61
N ARG D 1351 14.50 -68.26 -50.41
CA ARG D 1351 14.66 -67.18 -49.43
C ARG D 1351 15.78 -66.26 -49.92
N THR D 1352 15.40 -65.10 -50.45
CA THR D 1352 16.36 -64.18 -51.03
C THR D 1352 16.65 -62.96 -50.17
N ALA D 1353 15.98 -62.81 -49.04
CA ALA D 1353 16.15 -61.60 -48.22
C ALA D 1353 15.81 -61.93 -46.77
N HIS D 1354 15.81 -60.89 -45.95
CA HIS D 1354 15.81 -60.85 -44.48
C HIS D 1354 15.38 -59.46 -44.09
N ALA D 1355 14.17 -59.33 -43.56
CA ALA D 1355 13.68 -58.05 -43.08
C ALA D 1355 13.88 -58.02 -41.57
N PHE D 1356 14.82 -57.21 -41.11
CA PHE D 1356 15.04 -57.00 -39.70
C PHE D 1356 13.97 -56.03 -39.19
N LEU D 1357 13.31 -56.41 -38.11
CA LEU D 1357 12.19 -55.67 -37.57
C LEU D 1357 12.55 -55.09 -36.21
N GLN D 1358 12.12 -53.85 -35.98
CA GLN D 1358 12.21 -53.23 -34.67
C GLN D 1358 10.97 -52.39 -34.45
N VAL D 1359 10.78 -51.95 -33.22
CA VAL D 1359 9.68 -51.05 -32.88
C VAL D 1359 10.22 -49.63 -32.90
N THR D 1360 9.50 -48.74 -33.57
CA THR D 1360 9.92 -47.35 -33.70
C THR D 1360 9.92 -46.64 -32.35
N GLU D 1361 10.73 -45.58 -32.26
CA GLU D 1361 10.87 -44.87 -31.00
C GLU D 1361 9.59 -44.13 -30.63
N GLU D 1362 8.82 -43.66 -31.63
CA GLU D 1362 7.55 -43.01 -31.37
C GLU D 1362 6.56 -43.96 -30.71
N ASP D 1363 6.62 -45.24 -31.03
CA ASP D 1363 5.72 -46.22 -30.46
C ASP D 1363 6.15 -46.71 -29.10
N ILE D 1364 7.46 -46.76 -28.84
CA ILE D 1364 7.95 -46.97 -27.48
C ILE D 1364 7.49 -45.83 -26.59
N GLN D 1365 7.56 -44.59 -27.10
CA GLN D 1365 7.06 -43.46 -26.34
C GLN D 1365 5.53 -43.49 -26.22
N LYS D 1366 4.85 -44.05 -27.21
CA LYS D 1366 3.40 -44.24 -27.12
C LYS D 1366 3.04 -45.20 -26.00
N PHE D 1367 3.76 -46.32 -25.89
CA PHE D 1367 3.52 -47.25 -24.79
C PHE D 1367 3.85 -46.62 -23.44
N ASN D 1368 4.96 -45.87 -23.37
CA ASN D 1368 5.32 -45.16 -22.15
C ASN D 1368 4.22 -44.17 -21.74
N ASN D 1369 3.69 -43.43 -22.72
CA ASN D 1369 2.61 -42.49 -22.45
C ASN D 1369 1.33 -43.20 -22.05
N ARG D 1370 1.10 -44.40 -22.59
CA ARG D 1370 -0.06 -45.20 -22.18
C ARG D 1370 0.06 -45.60 -20.72
N ILE D 1371 1.26 -45.98 -20.28
CA ILE D 1371 1.45 -46.32 -18.86
C ILE D 1371 1.35 -45.08 -17.98
N ARG D 1372 1.84 -43.93 -18.46
CA ARG D 1372 1.69 -42.69 -17.70
C ARG D 1372 0.22 -42.30 -17.57
N GLN D 1373 -0.55 -42.48 -18.64
CA GLN D 1373 -1.99 -42.23 -18.58
C GLN D 1373 -2.70 -43.20 -17.66
N ILE D 1374 -2.24 -44.45 -17.62
CA ILE D 1374 -2.75 -45.43 -16.66
C ILE D 1374 -2.47 -44.98 -15.23
N LEU D 1375 -1.26 -44.49 -14.98
CA LEU D 1375 -0.84 -44.04 -13.66
C LEU D 1375 -1.46 -42.71 -13.25
N MET D 1376 -1.98 -41.93 -14.20
CA MET D 1376 -2.67 -40.69 -13.89
C MET D 1376 -4.18 -40.83 -13.89
N SER D 1377 -4.70 -42.04 -14.12
CA SER D 1377 -6.13 -42.24 -14.26
C SER D 1377 -6.84 -42.12 -12.91
N SER D 1378 -8.18 -42.08 -12.98
CA SER D 1378 -8.99 -41.86 -11.77
C SER D 1378 -8.92 -43.04 -10.82
N GLY D 1379 -8.98 -44.27 -11.34
CA GLY D 1379 -9.00 -45.45 -10.51
C GLY D 1379 -7.62 -46.05 -10.30
N SER D 1380 -6.57 -45.25 -10.46
CA SER D 1380 -5.20 -45.72 -10.41
C SER D 1380 -4.66 -45.86 -8.99
N THR D 1381 -5.53 -45.86 -7.97
CA THR D 1381 -5.12 -46.12 -6.60
C THR D 1381 -5.56 -47.48 -6.09
N THR D 1382 -6.53 -48.12 -6.74
CA THR D 1382 -6.93 -49.48 -6.41
C THR D 1382 -5.95 -50.43 -7.10
N PHE D 1383 -5.44 -51.41 -6.34
CA PHE D 1383 -4.38 -52.28 -6.85
C PHE D 1383 -4.87 -53.22 -7.95
N THR D 1384 -6.08 -53.74 -7.84
CA THR D 1384 -6.61 -54.61 -8.88
C THR D 1384 -6.91 -53.85 -10.16
N LYS D 1385 -7.44 -52.63 -10.05
CA LYS D 1385 -7.70 -51.81 -11.23
C LYS D 1385 -6.40 -51.42 -11.94
N ILE D 1386 -5.39 -51.00 -11.18
CA ILE D 1386 -4.12 -50.61 -11.79
C ILE D 1386 -3.43 -51.82 -12.42
N ALA D 1387 -3.60 -53.00 -11.80
CA ALA D 1387 -3.04 -54.23 -12.37
C ALA D 1387 -3.75 -54.63 -13.65
N ASN D 1388 -5.08 -54.49 -13.68
CA ASN D 1388 -5.83 -54.81 -14.90
C ASN D 1388 -5.48 -53.87 -16.04
N LYS D 1389 -5.32 -52.57 -15.75
CA LYS D 1389 -4.94 -51.63 -16.78
C LYS D 1389 -3.53 -51.92 -17.32
N TRP D 1390 -2.60 -52.26 -16.41
CA TRP D 1390 -1.27 -52.67 -16.85
C TRP D 1390 -1.33 -53.93 -17.70
N ASN D 1391 -2.16 -54.90 -17.32
CA ASN D 1391 -2.27 -56.14 -18.07
C ASN D 1391 -2.82 -55.88 -19.47
N THR D 1392 -3.84 -55.02 -19.58
CA THR D 1392 -4.39 -54.69 -20.89
C THR D 1392 -3.35 -54.00 -21.78
N ALA D 1393 -2.61 -53.04 -21.21
CA ALA D 1393 -1.60 -52.34 -22.00
C ALA D 1393 -0.48 -53.27 -22.44
N LEU D 1394 -0.02 -54.15 -21.55
CA LEU D 1394 1.07 -55.06 -21.88
C LEU D 1394 0.65 -56.11 -22.91
N ILE D 1395 -0.58 -56.63 -22.77
CA ILE D 1395 -1.11 -57.57 -23.75
C ILE D 1395 -1.24 -56.91 -25.12
N ALA D 1396 -1.74 -55.67 -25.15
CA ALA D 1396 -1.87 -54.96 -26.42
C ALA D 1396 -0.52 -54.75 -27.08
N LEU D 1397 0.47 -54.29 -26.31
CA LEU D 1397 1.80 -54.04 -26.84
C LEU D 1397 2.43 -55.31 -27.39
N PHE D 1398 2.43 -56.39 -26.60
CA PHE D 1398 3.14 -57.59 -27.05
C PHE D 1398 2.38 -58.32 -28.15
N THR D 1399 1.06 -58.48 -28.04
CA THR D 1399 0.32 -59.15 -29.10
C THR D 1399 0.26 -58.33 -30.39
N TYR D 1400 0.57 -57.04 -30.34
CA TYR D 1400 0.71 -56.31 -31.60
C TYR D 1400 2.12 -56.43 -32.16
N TYR D 1401 3.15 -56.22 -31.34
CA TYR D 1401 4.49 -56.02 -31.86
C TYR D 1401 5.42 -57.24 -31.79
N ARG D 1402 5.01 -58.35 -31.16
CA ARG D 1402 5.67 -59.65 -31.08
C ARG D 1402 7.19 -59.72 -31.26
N GLU D 1403 7.64 -60.27 -32.39
CA GLU D 1403 9.06 -60.54 -32.57
C GLU D 1403 9.84 -59.26 -32.84
N ALA D 1404 9.18 -58.22 -33.35
CA ALA D 1404 9.82 -56.92 -33.44
C ALA D 1404 10.02 -56.32 -32.06
N ALA D 1405 9.11 -56.61 -31.14
CA ALA D 1405 9.20 -56.09 -29.78
C ALA D 1405 10.29 -56.79 -28.98
N VAL D 1406 10.46 -58.10 -29.18
CA VAL D 1406 11.48 -58.80 -28.41
C VAL D 1406 12.90 -58.44 -28.85
N SER D 1407 13.06 -57.79 -30.00
CA SER D 1407 14.38 -57.45 -30.53
C SER D 1407 14.73 -55.97 -30.35
N THR D 1408 13.93 -55.21 -29.60
CA THR D 1408 14.17 -53.79 -29.37
C THR D 1408 14.60 -53.60 -27.93
N VAL D 1409 15.84 -53.13 -27.73
CA VAL D 1409 16.39 -53.00 -26.38
C VAL D 1409 15.71 -51.85 -25.63
N ASN D 1410 15.47 -50.73 -26.31
CA ASN D 1410 14.81 -49.59 -25.69
C ASN D 1410 13.40 -49.93 -25.24
N LEU D 1411 12.69 -50.74 -26.03
CA LEU D 1411 11.34 -51.15 -25.66
C LEU D 1411 11.36 -52.05 -24.43
N LEU D 1412 12.33 -52.96 -24.34
CA LEU D 1412 12.42 -53.82 -23.15
C LEU D 1412 12.77 -53.02 -21.91
N ASP D 1413 13.66 -52.02 -22.06
CA ASP D 1413 13.96 -51.13 -20.93
C ASP D 1413 12.72 -50.34 -20.51
N THR D 1414 11.94 -49.87 -21.47
CA THR D 1414 10.71 -49.16 -21.17
C THR D 1414 9.70 -50.05 -20.46
N ILE D 1415 9.59 -51.32 -20.89
CA ILE D 1415 8.69 -52.26 -20.24
C ILE D 1415 9.12 -52.51 -18.80
N VAL D 1416 10.43 -52.68 -18.57
CA VAL D 1416 10.93 -52.90 -17.22
C VAL D 1416 10.65 -51.70 -16.32
N LYS D 1417 10.92 -50.48 -16.83
CA LYS D 1417 10.70 -49.28 -16.03
C LYS D 1417 9.21 -49.05 -15.77
N CYS D 1418 8.34 -49.31 -16.75
CA CYS D 1418 6.91 -49.10 -16.55
C CYS D 1418 6.30 -50.12 -15.61
N GLU D 1419 6.77 -51.38 -15.68
CA GLU D 1419 6.31 -52.39 -14.73
C GLU D 1419 6.78 -52.05 -13.32
N THR D 1420 8.02 -51.54 -13.20
CA THR D 1420 8.51 -51.05 -11.91
C THR D 1420 7.67 -49.89 -11.40
N LYS D 1421 7.23 -49.01 -12.30
CA LYS D 1421 6.40 -47.88 -11.88
C LYS D 1421 5.02 -48.34 -11.41
N ILE D 1422 4.43 -49.34 -12.08
CA ILE D 1422 3.14 -49.88 -11.64
C ILE D 1422 3.27 -50.52 -10.26
N GLN D 1423 4.32 -51.32 -10.05
CA GLN D 1423 4.53 -51.93 -8.74
C GLN D 1423 4.85 -50.87 -7.68
N THR D 1424 5.55 -49.80 -8.07
CA THR D 1424 5.85 -48.72 -7.14
C THR D 1424 4.57 -47.99 -6.74
N ARG D 1425 3.63 -47.80 -7.68
CA ARG D 1425 2.32 -47.26 -7.34
C ARG D 1425 1.59 -48.14 -6.33
N VAL D 1426 1.66 -49.46 -6.54
CA VAL D 1426 1.03 -50.40 -5.60
C VAL D 1426 1.67 -50.27 -4.22
N LYS D 1427 2.99 -50.15 -4.17
CA LYS D 1427 3.70 -50.03 -2.89
C LYS D 1427 3.40 -48.71 -2.20
N ILE D 1428 3.36 -47.61 -2.96
CA ILE D 1428 3.03 -46.30 -2.40
C ILE D 1428 1.61 -46.28 -1.86
N GLY D 1429 0.71 -47.06 -2.48
CA GLY D 1429 -0.62 -47.24 -1.91
C GLY D 1429 -0.62 -47.90 -0.54
N LEU D 1430 0.49 -48.53 -0.16
CA LEU D 1430 0.63 -49.16 1.15
C LEU D 1430 1.63 -48.46 2.06
N ASN D 1431 2.12 -47.28 1.66
CA ASN D 1431 3.04 -46.45 2.43
C ASN D 1431 4.35 -47.18 2.76
N SER D 1432 4.82 -48.02 1.84
CA SER D 1432 6.09 -48.72 1.99
C SER D 1432 6.74 -48.83 0.62
N LYS D 1433 8.06 -49.05 0.62
CA LYS D 1433 8.79 -49.36 -0.61
C LYS D 1433 9.81 -50.45 -0.33
N MET D 1434 9.60 -51.19 0.74
CA MET D 1434 10.52 -52.23 1.16
C MET D 1434 10.48 -53.40 0.18
N PRO D 1435 11.60 -53.78 -0.44
CA PRO D 1435 11.55 -54.87 -1.43
C PRO D 1435 11.24 -56.23 -0.83
N SER D 1436 11.65 -56.48 0.41
CA SER D 1436 11.34 -57.75 1.05
C SER D 1436 9.88 -57.81 1.48
N ARG D 1437 9.23 -56.66 1.63
CA ARG D 1437 7.83 -56.60 2.02
C ARG D 1437 6.90 -57.03 0.89
N PHE D 1438 7.36 -56.94 -0.35
CA PHE D 1438 6.55 -57.27 -1.53
C PHE D 1438 7.30 -58.25 -2.40
N PRO D 1439 7.22 -59.55 -2.09
CA PRO D 1439 7.79 -60.57 -2.96
C PRO D 1439 7.03 -60.67 -4.27
N PRO D 1440 7.59 -61.34 -5.29
CA PRO D 1440 6.87 -61.48 -6.56
C PRO D 1440 5.52 -62.19 -6.45
N ALA D 1441 5.30 -62.97 -5.40
CA ALA D 1441 4.01 -63.59 -5.18
C ALA D 1441 2.90 -62.58 -4.90
N VAL D 1442 3.24 -61.38 -4.40
CA VAL D 1442 2.21 -60.37 -4.16
C VAL D 1442 1.64 -59.86 -5.48
N PHE D 1443 2.50 -59.65 -6.47
CA PHE D 1443 2.07 -59.07 -7.74
C PHE D 1443 1.61 -60.12 -8.76
N TYR D 1444 2.36 -61.21 -8.91
CA TYR D 1444 2.21 -62.10 -10.05
C TYR D 1444 1.40 -63.35 -9.74
N THR D 1445 0.86 -63.46 -8.55
CA THR D 1445 -0.10 -64.51 -8.27
C THR D 1445 -1.41 -64.20 -9.01
N PRO D 1446 -2.02 -65.21 -9.65
CA PRO D 1446 -3.30 -64.97 -10.33
C PRO D 1446 -4.39 -64.51 -9.38
N LYS D 1447 -5.33 -63.73 -9.91
CA LYS D 1447 -6.44 -63.12 -9.19
C LYS D 1447 -7.35 -64.13 -8.50
N GLU D 1448 -7.33 -65.38 -8.96
CA GLU D 1448 -8.06 -66.47 -8.35
C GLU D 1448 -7.59 -66.78 -6.94
N LEU D 1449 -6.27 -66.71 -6.69
CA LEU D 1449 -5.69 -66.99 -5.39
C LEU D 1449 -5.57 -65.73 -4.53
N GLY D 1450 -6.22 -64.65 -4.94
CA GLY D 1450 -6.15 -63.40 -4.22
C GLY D 1450 -5.04 -62.45 -4.64
N GLY D 1451 -4.20 -62.87 -5.59
CA GLY D 1451 -3.14 -62.01 -6.06
C GLY D 1451 -3.64 -60.93 -7.01
N LEU D 1452 -2.69 -60.13 -7.50
CA LEU D 1452 -3.04 -59.07 -8.44
C LEU D 1452 -3.23 -59.57 -9.86
N GLY D 1453 -2.62 -60.70 -10.21
CA GLY D 1453 -2.76 -61.21 -11.55
C GLY D 1453 -1.98 -60.45 -12.59
N MET D 1454 -0.88 -59.82 -12.20
CA MET D 1454 -0.06 -59.07 -13.14
C MET D 1454 0.68 -60.00 -14.09
N LEU D 1455 0.80 -59.58 -15.34
CA LEU D 1455 1.65 -60.27 -16.30
C LEU D 1455 2.96 -59.50 -16.43
N SER D 1456 4.03 -60.23 -16.69
CA SER D 1456 5.36 -59.66 -16.74
C SER D 1456 5.96 -59.77 -18.14
N GLY D 1457 6.58 -58.68 -18.59
CA GLY D 1457 7.38 -58.71 -19.78
C GLY D 1457 8.84 -58.57 -19.41
N SER D 1458 9.09 -58.45 -18.11
CA SER D 1458 10.43 -58.36 -17.56
C SER D 1458 10.94 -59.76 -17.22
N HIS D 1459 12.08 -59.84 -16.54
CA HIS D 1459 12.68 -61.10 -16.13
C HIS D 1459 12.98 -61.01 -14.64
N ILE D 1460 12.14 -61.64 -13.83
CA ILE D 1460 12.11 -61.42 -12.39
C ILE D 1460 12.41 -62.74 -11.67
N LEU D 1461 13.34 -62.70 -10.73
CA LEU D 1461 13.73 -63.88 -9.97
C LEU D 1461 12.72 -64.15 -8.86
N ILE D 1462 12.50 -65.43 -8.58
CA ILE D 1462 11.74 -65.88 -7.42
C ILE D 1462 12.69 -66.63 -6.49
N PRO D 1463 13.05 -66.04 -5.36
CA PRO D 1463 14.07 -66.65 -4.50
C PRO D 1463 13.58 -67.90 -3.80
N ALA D 1464 14.54 -68.74 -3.41
CA ALA D 1464 14.23 -69.98 -2.71
C ALA D 1464 13.72 -69.72 -1.29
N SER D 1465 13.94 -68.52 -0.75
CA SER D 1465 13.36 -68.16 0.54
C SER D 1465 11.83 -68.12 0.46
N ASP D 1466 11.29 -67.67 -0.66
CA ASP D 1466 9.84 -67.68 -0.88
C ASP D 1466 9.38 -68.96 -1.58
N LYS D 1467 9.81 -70.11 -1.04
CA LYS D 1467 9.50 -71.39 -1.67
C LYS D 1467 9.17 -72.47 -0.62
N ARG D 1468 8.85 -72.08 0.60
CA ARG D 1468 8.64 -73.00 1.71
C ARG D 1468 7.21 -72.90 2.21
N TRP D 1469 6.72 -74.00 2.79
CA TRP D 1469 5.40 -73.97 3.42
C TRP D 1469 5.33 -75.07 4.46
N CYS D 1470 4.66 -74.79 5.57
CA CYS D 1470 4.54 -75.74 6.67
C CYS D 1470 3.11 -76.24 6.79
N LYS D 1471 2.96 -77.47 7.26
CA LYS D 1471 1.66 -78.06 7.45
C LYS D 1471 1.61 -78.76 8.80
N GLN D 1472 0.51 -78.54 9.53
CA GLN D 1472 0.30 -79.16 10.83
C GLN D 1472 -0.58 -80.40 10.63
N THR D 1473 0.04 -81.57 10.66
CA THR D 1473 -0.66 -82.84 10.62
C THR D 1473 -0.79 -83.40 12.03
N ASP D 1474 -1.47 -84.54 12.14
CA ASP D 1474 -1.76 -85.14 13.44
C ASP D 1474 -0.52 -85.61 14.17
N VAL D 1475 0.61 -85.76 13.48
CA VAL D 1475 1.87 -86.14 14.12
C VAL D 1475 2.78 -84.95 14.37
N GLY D 1476 2.36 -83.73 13.98
CA GLY D 1476 3.18 -82.57 14.26
C GLY D 1476 3.31 -81.70 13.03
N ILE D 1477 4.32 -80.82 13.05
CA ILE D 1477 4.53 -79.83 12.01
C ILE D 1477 5.59 -80.35 11.05
N THR D 1478 5.26 -80.36 9.76
CA THR D 1478 6.20 -80.75 8.71
C THR D 1478 6.39 -79.58 7.76
N HIS D 1479 7.65 -79.20 7.53
CA HIS D 1479 8.00 -78.12 6.63
C HIS D 1479 8.35 -78.69 5.26
N PHE D 1480 7.47 -78.50 4.29
CA PHE D 1480 7.73 -78.90 2.92
C PHE D 1480 8.39 -77.77 2.13
N ARG D 1481 9.23 -78.17 1.19
CA ARG D 1481 9.99 -77.24 0.37
C ARG D 1481 10.05 -77.78 -1.06
N ALA D 1482 9.67 -76.95 -2.02
CA ALA D 1482 9.84 -77.31 -3.42
C ALA D 1482 11.25 -77.00 -3.88
N GLY D 1483 11.79 -77.83 -4.76
CA GLY D 1483 13.15 -77.64 -5.23
C GLY D 1483 14.19 -78.04 -4.20
N MET D 1484 14.26 -79.34 -3.90
CA MET D 1484 15.16 -79.83 -2.86
C MET D 1484 16.61 -79.75 -3.33
N SER D 1485 17.40 -78.87 -2.68
CA SER D 1485 18.83 -78.71 -2.93
C SER D 1485 19.13 -78.35 -4.37
N HIS D 1486 18.51 -77.28 -4.85
CA HIS D 1486 18.69 -76.78 -6.21
C HIS D 1486 19.04 -75.30 -6.14
N ASP D 1487 20.27 -74.97 -6.50
CA ASP D 1487 20.80 -73.63 -6.31
C ASP D 1487 20.24 -72.60 -7.29
N GLU D 1488 19.53 -73.04 -8.33
CA GLU D 1488 18.91 -72.11 -9.26
C GLU D 1488 17.55 -71.65 -8.73
N GLU D 1489 17.08 -70.54 -9.27
CA GLU D 1489 15.78 -70.00 -8.92
C GLU D 1489 14.87 -69.99 -10.14
N THR D 1490 13.60 -70.31 -9.94
CA THR D 1490 12.62 -70.17 -11.00
C THR D 1490 12.34 -68.69 -11.25
N LEU D 1491 12.09 -68.35 -12.50
CA LEU D 1491 11.83 -66.98 -12.90
C LEU D 1491 10.36 -66.81 -13.27
N ILE D 1492 9.87 -65.58 -13.12
CA ILE D 1492 8.51 -65.27 -13.57
C ILE D 1492 8.45 -65.41 -15.09
N PRO D 1493 7.44 -66.08 -15.65
CA PRO D 1493 7.40 -66.28 -17.10
C PRO D 1493 7.25 -64.97 -17.87
N ASN D 1494 7.79 -64.96 -19.08
CA ASN D 1494 7.68 -63.82 -19.98
C ASN D 1494 6.45 -64.00 -20.86
N ILE D 1495 5.65 -62.93 -20.97
CA ILE D 1495 4.44 -62.98 -21.78
C ILE D 1495 4.78 -63.16 -23.27
N ALA D 1496 5.94 -62.65 -23.70
CA ALA D 1496 6.34 -62.74 -25.10
C ALA D 1496 6.54 -64.17 -25.55
N ARG D 1497 6.87 -65.06 -24.61
CA ARG D 1497 7.00 -66.49 -24.89
C ARG D 1497 5.67 -67.17 -25.15
N TYR D 1498 4.55 -66.57 -24.76
CA TYR D 1498 3.26 -67.22 -24.88
C TYR D 1498 2.45 -66.70 -26.06
N ILE D 1499 3.08 -65.92 -26.94
CA ILE D 1499 2.47 -65.41 -28.15
C ILE D 1499 3.26 -65.92 -29.34
N ILE D 1500 2.56 -66.54 -30.29
CA ILE D 1500 3.23 -67.08 -31.49
C ILE D 1500 3.65 -65.92 -32.38
N PRO D 1501 4.87 -65.92 -32.92
CA PRO D 1501 5.34 -64.80 -33.75
C PRO D 1501 4.52 -64.63 -35.02
N TRP D 1502 4.68 -63.46 -35.64
CA TRP D 1502 3.80 -63.07 -36.75
C TRP D 1502 4.11 -63.87 -38.02
N GLU D 1503 5.39 -64.05 -38.34
CA GLU D 1503 5.77 -64.79 -39.55
C GLU D 1503 5.33 -66.24 -39.46
N ALA D 1504 5.41 -66.82 -38.25
CA ALA D 1504 4.93 -68.17 -38.02
C ALA D 1504 3.43 -68.28 -38.31
N GLU D 1505 2.65 -67.29 -37.86
CA GLU D 1505 1.22 -67.33 -38.12
C GLU D 1505 0.90 -67.01 -39.57
N PHE D 1506 1.74 -66.25 -40.27
CA PHE D 1506 1.52 -66.02 -41.70
C PHE D 1506 1.71 -67.32 -42.49
N ILE D 1507 2.82 -68.02 -42.22
CA ILE D 1507 3.09 -69.28 -42.90
C ILE D 1507 2.03 -70.31 -42.57
N ASP D 1508 1.65 -70.41 -41.29
CA ASP D 1508 0.64 -71.37 -40.90
C ASP D 1508 -0.74 -71.02 -41.42
N SER D 1509 -1.05 -69.72 -41.55
CA SER D 1509 -2.32 -69.30 -42.15
C SER D 1509 -2.39 -69.69 -43.61
N GLN D 1510 -1.28 -69.51 -44.34
CA GLN D 1510 -1.24 -69.93 -45.74
C GLN D 1510 -1.45 -71.44 -45.86
N ARG D 1511 -0.74 -72.21 -45.04
CA ARG D 1511 -0.85 -73.68 -45.10
C ARG D 1511 -2.26 -74.13 -44.73
N VAL D 1512 -2.80 -73.63 -43.62
CA VAL D 1512 -4.12 -73.99 -43.15
C VAL D 1512 -5.22 -73.62 -44.12
N TRP D 1513 -5.19 -72.42 -44.71
CA TRP D 1513 -6.24 -72.05 -45.64
C TRP D 1513 -6.12 -72.74 -46.99
N THR D 1514 -4.92 -73.11 -47.46
CA THR D 1514 -4.85 -73.97 -48.63
C THR D 1514 -5.40 -75.36 -48.35
N GLU D 1515 -5.12 -75.93 -47.18
CA GLU D 1515 -5.71 -77.21 -46.81
C GLU D 1515 -7.23 -77.10 -46.71
N TYR D 1516 -7.73 -75.98 -46.18
CA TYR D 1516 -9.17 -75.77 -46.11
C TYR D 1516 -9.79 -75.66 -47.49
N SER D 1517 -9.11 -74.99 -48.43
CA SER D 1517 -9.62 -74.90 -49.80
C SER D 1517 -9.69 -76.28 -50.46
N GLN D 1518 -8.64 -77.10 -50.27
CA GLN D 1518 -8.63 -78.47 -50.76
C GLN D 1518 -9.77 -79.29 -50.16
N LYS D 1519 -9.96 -79.16 -48.84
CA LYS D 1519 -11.01 -79.89 -48.13
C LYS D 1519 -12.40 -79.45 -48.59
N ARG D 1520 -12.58 -78.16 -48.82
CA ARG D 1520 -13.87 -77.67 -49.30
C ARG D 1520 -14.17 -78.17 -50.71
N LEU D 1521 -13.18 -78.16 -51.59
CA LEU D 1521 -13.40 -78.65 -52.95
C LEU D 1521 -13.71 -80.14 -52.96
N GLU D 1522 -12.98 -80.93 -52.18
CA GLU D 1522 -13.26 -82.36 -52.16
C GLU D 1522 -14.58 -82.67 -51.44
N ALA D 1523 -14.96 -81.85 -50.45
CA ALA D 1523 -16.22 -82.07 -49.76
C ALA D 1523 -17.42 -81.71 -50.63
N GLN D 1524 -17.31 -80.66 -51.45
CA GLN D 1524 -18.38 -80.37 -52.38
C GLN D 1524 -18.37 -81.30 -53.59
N GLN D 1525 -17.25 -81.99 -53.83
CA GLN D 1525 -17.24 -83.01 -54.88
C GLN D 1525 -18.10 -84.21 -54.50
N GLN D 1526 -17.97 -84.72 -53.28
CA GLN D 1526 -18.82 -85.81 -52.82
C GLN D 1526 -20.14 -85.32 -52.22
N ASN D 1527 -20.44 -84.02 -52.32
CA ASN D 1527 -21.71 -83.43 -51.91
C ASN D 1527 -22.01 -83.66 -50.43
N ARG D 1528 -20.99 -83.51 -49.59
CA ARG D 1528 -21.18 -83.56 -48.14
C ARG D 1528 -20.87 -82.18 -47.59
N ARG D 1529 -21.43 -81.87 -46.43
CA ARG D 1529 -21.33 -80.53 -45.88
C ARG D 1529 -20.24 -80.46 -44.82
N LEU D 1530 -19.42 -79.41 -44.89
CA LEU D 1530 -18.27 -79.26 -44.01
C LEU D 1530 -18.71 -79.04 -42.58
N THR D 1531 -18.00 -79.68 -41.64
CA THR D 1531 -18.37 -79.67 -40.23
C THR D 1531 -17.16 -79.34 -39.37
N LEU D 1532 -17.38 -79.37 -38.05
CA LEU D 1532 -16.30 -79.20 -37.08
C LEU D 1532 -15.37 -80.42 -37.04
N GLU D 1533 -15.86 -81.59 -37.44
CA GLU D 1533 -15.12 -82.83 -37.22
C GLU D 1533 -13.87 -82.92 -38.09
N ASP D 1534 -13.96 -82.50 -39.35
CA ASP D 1534 -12.80 -82.59 -40.24
C ASP D 1534 -11.91 -81.36 -40.17
N LEU D 1535 -12.26 -80.38 -39.35
CA LEU D 1535 -11.40 -79.23 -39.08
C LEU D 1535 -11.19 -79.17 -37.56
N GLU D 1536 -10.20 -79.92 -37.08
CA GLU D 1536 -9.84 -79.96 -35.67
C GLU D 1536 -8.40 -79.54 -35.42
N ASP D 1537 -7.47 -80.03 -36.23
CA ASP D 1537 -6.07 -79.62 -36.14
C ASP D 1537 -5.83 -78.23 -36.68
N SER D 1538 -6.82 -77.62 -37.33
CA SER D 1538 -6.74 -76.26 -37.84
C SER D 1538 -7.83 -75.41 -37.22
N TRP D 1539 -7.99 -75.50 -35.89
CA TRP D 1539 -9.10 -74.82 -35.22
C TRP D 1539 -8.75 -73.39 -34.84
N ASP D 1540 -7.73 -73.21 -34.01
CA ASP D 1540 -7.28 -71.87 -33.66
C ASP D 1540 -6.13 -71.43 -34.56
N ARG D 1541 -6.34 -71.57 -35.87
CA ARG D 1541 -5.28 -71.41 -36.85
C ARG D 1541 -5.76 -70.49 -37.96
N GLY D 1542 -4.84 -69.72 -38.51
CA GLY D 1542 -5.13 -68.92 -39.69
C GLY D 1542 -5.38 -67.45 -39.38
N LEU D 1543 -5.17 -66.62 -40.39
CA LEU D 1543 -5.46 -65.19 -40.35
C LEU D 1543 -6.28 -64.84 -41.57
N PRO D 1544 -7.62 -64.74 -41.45
CA PRO D 1544 -8.46 -64.86 -40.24
C PRO D 1544 -8.59 -66.30 -39.76
N ARG D 1545 -9.05 -66.47 -38.53
CA ARG D 1545 -9.17 -67.81 -37.96
C ARG D 1545 -10.22 -68.62 -38.70
N ILE D 1546 -10.04 -69.94 -38.69
CA ILE D 1546 -11.04 -70.87 -39.21
C ILE D 1546 -12.31 -70.80 -38.38
N ASN D 1547 -12.18 -70.42 -37.09
CA ASN D 1547 -13.29 -70.25 -36.17
C ASN D 1547 -14.38 -69.33 -36.72
N THR D 1548 -14.00 -68.28 -37.46
CA THR D 1548 -14.95 -67.33 -38.03
C THR D 1548 -15.86 -67.97 -39.08
N LEU D 1549 -15.47 -69.13 -39.63
CA LEU D 1549 -16.35 -69.84 -40.54
C LEU D 1549 -17.47 -70.59 -39.82
N PHE D 1550 -17.45 -70.65 -38.48
CA PHE D 1550 -18.41 -71.46 -37.74
C PHE D 1550 -19.19 -70.64 -36.73
N GLN D 1551 -18.96 -69.33 -36.66
CA GLN D 1551 -19.63 -68.49 -35.68
C GLN D 1551 -21.08 -68.28 -36.09
N LYS D 1552 -21.90 -67.83 -35.13
CA LYS D 1552 -23.36 -67.88 -35.26
C LYS D 1552 -23.91 -66.87 -36.25
N ASP D 1553 -23.32 -65.68 -36.31
CA ASP D 1553 -23.93 -64.57 -37.04
C ASP D 1553 -23.10 -64.14 -38.24
N ARG D 1554 -22.66 -65.11 -39.05
CA ARG D 1554 -21.79 -64.83 -40.19
C ARG D 1554 -22.42 -63.95 -41.26
N SER D 1555 -23.76 -63.90 -41.33
CA SER D 1555 -24.42 -63.16 -42.40
C SER D 1555 -24.38 -61.65 -42.14
N THR D 1556 -24.90 -61.22 -40.97
CA THR D 1556 -24.80 -59.83 -40.57
C THR D 1556 -23.35 -59.37 -40.50
N LEU D 1557 -22.42 -60.26 -40.18
CA LEU D 1557 -21.00 -59.96 -40.29
C LEU D 1557 -20.52 -59.89 -41.73
N SER D 1558 -21.19 -60.55 -42.68
CA SER D 1558 -20.86 -60.39 -44.08
C SER D 1558 -21.30 -59.04 -44.63
N PHE D 1559 -22.31 -58.42 -44.01
CA PHE D 1559 -22.65 -57.06 -44.39
C PHE D 1559 -21.83 -56.00 -43.68
N ASP D 1560 -20.83 -56.40 -42.90
CA ASP D 1560 -19.94 -55.48 -42.18
C ASP D 1560 -18.68 -55.29 -42.99
N LYS D 1561 -18.55 -54.13 -43.64
CA LYS D 1561 -17.38 -53.79 -44.42
C LYS D 1561 -16.79 -52.47 -43.93
N GLY D 1562 -15.49 -52.30 -44.17
CA GLY D 1562 -14.81 -51.08 -43.80
C GLY D 1562 -14.69 -50.84 -42.31
N PHE D 1563 -14.47 -51.89 -41.52
CA PHE D 1563 -14.40 -51.76 -40.08
C PHE D 1563 -13.03 -51.35 -39.57
N ARG D 1564 -11.96 -51.61 -40.33
CA ARG D 1564 -10.62 -51.26 -39.87
C ARG D 1564 -10.39 -49.75 -39.96
N ALA D 1565 -10.78 -49.13 -41.06
CA ALA D 1565 -10.68 -47.68 -41.17
C ALA D 1565 -11.64 -46.99 -40.19
N ARG D 1566 -12.78 -47.62 -39.94
CA ARG D 1566 -13.69 -47.13 -38.92
C ARG D 1566 -13.05 -47.14 -37.53
N ALA D 1567 -12.34 -48.23 -37.21
CA ALA D 1567 -11.64 -48.30 -35.93
C ALA D 1567 -10.46 -47.34 -35.87
N GLU D 1568 -9.89 -46.99 -37.03
CA GLU D 1568 -8.86 -45.95 -37.04
C GLU D 1568 -9.45 -44.57 -36.80
N PHE D 1569 -10.64 -44.31 -37.33
CA PHE D 1569 -11.29 -43.02 -37.14
C PHE D 1569 -12.09 -42.93 -35.84
N LYS D 1570 -12.14 -44.02 -35.06
CA LYS D 1570 -12.82 -43.98 -33.77
C LYS D 1570 -12.15 -43.04 -32.76
N ILE D 1571 -10.89 -42.63 -33.00
CA ILE D 1571 -10.22 -41.74 -32.05
C ILE D 1571 -10.79 -40.34 -32.05
N TYR D 1572 -11.55 -39.97 -33.08
CA TYR D 1572 -12.18 -38.66 -33.16
C TYR D 1572 -13.60 -38.66 -32.62
N GLN D 1573 -14.07 -39.77 -32.09
CA GLN D 1573 -15.43 -39.89 -31.58
C GLN D 1573 -15.49 -40.21 -30.09
N LEU D 1574 -14.53 -40.99 -29.59
CA LEU D 1574 -14.54 -41.45 -28.21
C LEU D 1574 -13.30 -40.95 -27.49
N MET D 1575 -13.47 -40.51 -26.24
CA MET D 1575 -12.33 -40.14 -25.42
C MET D 1575 -11.57 -41.35 -24.90
N LYS D 1576 -12.19 -42.53 -24.92
CA LYS D 1576 -11.54 -43.76 -24.49
C LYS D 1576 -10.81 -44.39 -25.66
N SER D 1577 -9.54 -44.76 -25.44
CA SER D 1577 -8.74 -45.36 -26.48
C SER D 1577 -8.98 -46.86 -26.55
N ASN D 1578 -8.85 -47.41 -27.75
CA ASN D 1578 -8.99 -48.85 -27.95
C ASN D 1578 -7.61 -49.45 -28.15
N PRO D 1579 -7.09 -50.21 -27.19
CA PRO D 1579 -5.76 -50.82 -27.36
C PRO D 1579 -5.72 -51.86 -28.46
N PHE D 1580 -6.88 -52.40 -28.86
CA PHE D 1580 -6.99 -53.43 -29.88
C PHE D 1580 -7.74 -52.92 -31.11
N TRP D 1581 -7.42 -51.69 -31.54
CA TRP D 1581 -7.93 -51.07 -32.75
C TRP D 1581 -7.63 -51.88 -34.00
N TRP D 1582 -6.51 -52.59 -34.00
CA TRP D 1582 -5.99 -53.25 -35.19
C TRP D 1582 -6.66 -54.59 -35.48
N THR D 1583 -7.40 -55.16 -34.53
CA THR D 1583 -8.01 -56.47 -34.71
C THR D 1583 -9.50 -56.42 -34.35
N ASN D 1584 -10.30 -57.14 -35.13
CA ASN D 1584 -11.72 -57.31 -34.85
C ASN D 1584 -11.97 -58.77 -34.51
N PRO D 1585 -12.42 -59.10 -33.30
CA PRO D 1585 -12.63 -60.51 -32.93
C PRO D 1585 -13.68 -61.21 -33.77
N ARG D 1586 -14.68 -60.49 -34.26
CA ARG D 1586 -15.75 -61.11 -35.05
C ARG D 1586 -15.35 -61.32 -36.50
N HIS D 1587 -14.25 -60.73 -36.95
CA HIS D 1587 -13.76 -60.92 -38.31
C HIS D 1587 -12.42 -61.62 -38.37
N ASP D 1588 -11.53 -61.38 -37.41
CA ASP D 1588 -10.23 -62.03 -37.38
C ASP D 1588 -10.24 -63.27 -36.50
N GLY D 1589 -11.05 -63.30 -35.46
CA GLY D 1589 -10.99 -64.34 -34.46
C GLY D 1589 -10.09 -63.96 -33.31
N LYS D 1590 -9.99 -64.86 -32.34
CA LYS D 1590 -9.11 -64.68 -31.20
C LYS D 1590 -7.69 -65.01 -31.63
N LEU D 1591 -6.79 -64.05 -31.50
CA LEU D 1591 -5.46 -64.15 -32.08
C LEU D 1591 -4.37 -64.50 -31.06
N TRP D 1592 -4.73 -64.72 -29.79
CA TRP D 1592 -3.76 -65.13 -28.79
C TRP D 1592 -4.45 -65.91 -27.69
N ASN D 1593 -3.65 -66.60 -26.88
CA ASN D 1593 -4.15 -67.41 -25.78
C ASN D 1593 -3.07 -67.49 -24.71
N LEU D 1594 -3.40 -67.07 -23.48
CA LEU D 1594 -2.39 -66.88 -22.45
C LEU D 1594 -2.75 -67.57 -21.13
N ASN D 1595 -3.48 -68.69 -21.19
CA ASN D 1595 -3.81 -69.41 -19.96
C ASN D 1595 -2.64 -70.26 -19.46
N ALA D 1596 -1.79 -70.72 -20.38
CA ALA D 1596 -0.57 -71.41 -19.97
C ALA D 1596 0.35 -70.49 -19.18
N TYR D 1597 0.25 -69.17 -19.40
CA TYR D 1597 0.93 -68.22 -18.53
C TYR D 1597 0.43 -68.32 -17.09
N ARG D 1598 -0.89 -68.46 -16.91
CA ARG D 1598 -1.44 -68.59 -15.57
C ARG D 1598 -0.95 -69.88 -14.90
N THR D 1599 -0.98 -70.99 -15.64
CA THR D 1599 -0.50 -72.26 -15.06
C THR D 1599 0.98 -72.19 -14.72
N ASP D 1600 1.80 -71.62 -15.60
CA ASP D 1600 3.23 -71.58 -15.35
C ASP D 1600 3.64 -70.49 -14.37
N VAL D 1601 2.81 -69.48 -14.12
CA VAL D 1601 3.16 -68.54 -13.06
C VAL D 1601 2.73 -69.10 -11.71
N ILE D 1602 1.70 -69.95 -11.68
CA ILE D 1602 1.41 -70.71 -10.48
C ILE D 1602 2.57 -71.67 -10.19
N GLN D 1603 3.09 -72.33 -11.22
CA GLN D 1603 4.20 -73.26 -11.03
C GLN D 1603 5.51 -72.52 -10.74
N ALA D 1604 5.67 -71.30 -11.24
CA ALA D 1604 6.93 -70.57 -11.07
C ALA D 1604 7.10 -70.07 -9.63
N LEU D 1605 6.00 -69.76 -8.95
CA LEU D 1605 6.03 -69.29 -7.58
C LEU D 1605 6.07 -70.43 -6.57
N GLY D 1606 6.56 -71.60 -6.97
CA GLY D 1606 6.58 -72.76 -6.10
C GLY D 1606 5.35 -73.64 -6.28
N GLY D 1607 4.19 -73.07 -6.01
CA GLY D 1607 2.95 -73.81 -6.12
C GLY D 1607 1.84 -73.08 -5.41
N VAL D 1608 0.68 -73.73 -5.38
CA VAL D 1608 -0.48 -73.16 -4.69
C VAL D 1608 -0.23 -73.07 -3.20
N GLU D 1609 0.46 -74.07 -2.64
CA GLU D 1609 0.66 -74.13 -1.19
C GLU D 1609 1.62 -73.06 -0.70
N THR D 1610 2.68 -72.78 -1.46
CA THR D 1610 3.60 -71.71 -1.10
C THR D 1610 2.92 -70.34 -1.15
N ILE D 1611 2.11 -70.11 -2.19
CA ILE D 1611 1.38 -68.85 -2.34
C ILE D 1611 0.40 -68.68 -1.18
N LEU D 1612 -0.33 -69.74 -0.84
CA LEU D 1612 -1.25 -69.68 0.29
C LEU D 1612 -0.51 -69.55 1.62
N GLU D 1613 0.73 -70.05 1.70
CA GLU D 1613 1.56 -69.81 2.87
C GLU D 1613 1.94 -68.33 3.00
N HIS D 1614 2.07 -67.62 1.88
CA HIS D 1614 2.29 -66.18 1.95
C HIS D 1614 1.08 -65.42 2.46
N THR D 1615 -0.11 -66.01 2.43
CA THR D 1615 -1.36 -65.33 2.74
C THR D 1615 -1.94 -65.80 4.08
N LEU D 1616 -3.04 -65.16 4.46
CA LEU D 1616 -3.83 -65.58 5.62
C LEU D 1616 -4.84 -66.66 5.25
N PHE D 1617 -4.38 -67.74 4.64
CA PHE D 1617 -5.29 -68.82 4.28
C PHE D 1617 -5.56 -69.77 5.44
N LYS D 1618 -4.53 -70.08 6.22
CA LYS D 1618 -4.71 -70.97 7.37
C LYS D 1618 -5.42 -70.30 8.53
N ALA D 1619 -5.52 -68.97 8.53
CA ALA D 1619 -6.27 -68.27 9.57
C ALA D 1619 -7.76 -68.23 9.28
N THR D 1620 -8.18 -68.56 8.06
CA THR D 1620 -9.61 -68.64 7.75
C THR D 1620 -10.26 -69.89 8.30
N GLY D 1621 -9.49 -70.94 8.57
CA GLY D 1621 -10.04 -72.20 9.02
C GLY D 1621 -10.70 -73.03 7.93
N PHE D 1622 -10.57 -72.63 6.69
CA PHE D 1622 -11.10 -73.42 5.58
C PHE D 1622 -10.25 -74.66 5.39
N PRO D 1623 -10.87 -75.84 5.22
CA PRO D 1623 -10.07 -77.07 5.18
C PRO D 1623 -9.25 -77.23 3.92
N SER D 1624 -9.82 -76.94 2.75
CA SER D 1624 -9.11 -77.06 1.49
C SER D 1624 -9.31 -75.79 0.67
N TRP D 1625 -8.38 -75.54 -0.24
CA TRP D 1625 -8.47 -74.35 -1.09
C TRP D 1625 -9.55 -74.52 -2.16
N GLU D 1626 -9.74 -75.74 -2.65
CA GLU D 1626 -10.67 -75.98 -3.75
C GLU D 1626 -12.11 -75.87 -3.25
N GLY D 1627 -12.88 -74.98 -3.86
CA GLY D 1627 -14.24 -74.75 -3.43
C GLY D 1627 -14.39 -73.42 -2.71
N LEU D 1628 -13.48 -72.49 -2.99
CA LEU D 1628 -13.39 -71.22 -2.28
C LEU D 1628 -13.48 -70.10 -3.29
N PHE D 1629 -14.57 -69.33 -3.26
CA PHE D 1629 -14.79 -68.29 -4.26
C PHE D 1629 -14.80 -66.91 -3.62
N TRP D 1630 -14.35 -65.92 -4.38
CA TRP D 1630 -14.29 -64.52 -3.95
C TRP D 1630 -15.55 -63.81 -4.40
N GLU D 1631 -16.13 -63.01 -3.50
CA GLU D 1631 -17.14 -62.05 -3.91
C GLU D 1631 -16.45 -60.75 -4.31
N LYS D 1632 -16.87 -60.17 -5.43
CA LYS D 1632 -16.21 -58.99 -5.96
C LYS D 1632 -16.49 -57.78 -5.09
N SER D 1633 -17.76 -57.43 -4.91
CA SER D 1633 -18.16 -56.35 -4.02
C SER D 1633 -18.80 -56.94 -2.76
N SER D 1634 -19.24 -56.05 -1.88
CA SER D 1634 -19.94 -56.44 -0.66
C SER D 1634 -21.38 -55.93 -0.72
N GLY D 1635 -22.20 -56.43 0.20
CA GLY D 1635 -23.56 -55.94 0.30
C GLY D 1635 -23.62 -54.46 0.65
N PHE D 1636 -22.81 -54.06 1.64
CA PHE D 1636 -22.71 -52.65 1.98
C PHE D 1636 -22.09 -51.85 0.85
N GLU D 1637 -21.07 -52.41 0.20
CA GLU D 1637 -20.37 -51.68 -0.86
C GLU D 1637 -21.24 -51.52 -2.10
N ALA D 1638 -22.02 -52.55 -2.46
CA ALA D 1638 -22.97 -52.41 -3.56
C ALA D 1638 -24.17 -51.56 -3.16
N SER D 1639 -24.47 -51.47 -1.86
CA SER D 1639 -25.53 -50.58 -1.41
C SER D 1639 -25.16 -49.11 -1.64
N MET D 1640 -23.91 -48.75 -1.37
CA MET D 1640 -23.47 -47.37 -1.50
C MET D 1640 -22.93 -47.07 -2.89
N GLN D 1641 -23.69 -47.41 -3.94
CA GLN D 1641 -23.19 -47.24 -5.29
C GLN D 1641 -23.60 -45.92 -5.95
N PHE D 1642 -24.86 -45.52 -5.84
CA PHE D 1642 -25.32 -44.29 -6.48
C PHE D 1642 -25.79 -43.23 -5.51
N LYS D 1643 -25.59 -43.40 -4.21
CA LYS D 1643 -26.06 -42.42 -3.25
C LYS D 1643 -25.18 -41.17 -3.28
N LYS D 1644 -25.70 -40.08 -2.72
CA LYS D 1644 -24.94 -38.85 -2.60
C LYS D 1644 -23.93 -38.99 -1.48
N LEU D 1645 -22.65 -39.11 -1.83
CA LEU D 1645 -21.58 -39.36 -0.88
C LEU D 1645 -20.62 -38.18 -0.83
N THR D 1646 -20.11 -37.92 0.37
CA THR D 1646 -19.06 -36.94 0.54
C THR D 1646 -17.73 -37.50 0.06
N ASN D 1647 -16.71 -36.63 0.00
CA ASN D 1647 -15.44 -37.01 -0.61
C ASN D 1647 -14.70 -38.03 0.26
N ALA D 1648 -14.75 -37.86 1.59
CA ALA D 1648 -14.08 -38.79 2.48
C ALA D 1648 -14.75 -40.17 2.44
N GLN D 1649 -16.07 -40.21 2.40
CA GLN D 1649 -16.80 -41.47 2.28
C GLN D 1649 -16.50 -42.16 0.95
N ARG D 1650 -16.45 -41.38 -0.13
CA ARG D 1650 -16.11 -41.91 -1.44
C ARG D 1650 -14.69 -42.49 -1.44
N SER D 1651 -13.76 -41.79 -0.79
CA SER D 1651 -12.37 -42.25 -0.76
C SER D 1651 -12.22 -43.51 0.06
N GLY D 1652 -12.93 -43.61 1.19
CA GLY D 1652 -12.91 -44.83 1.98
C GLY D 1652 -13.54 -46.02 1.25
N LEU D 1653 -14.63 -45.75 0.53
CA LEU D 1653 -15.27 -46.79 -0.27
C LEU D 1653 -14.35 -47.28 -1.38
N ASN D 1654 -13.65 -46.36 -2.04
CA ASN D 1654 -12.61 -46.74 -2.99
C ASN D 1654 -11.44 -47.47 -2.35
N GLN D 1655 -11.19 -47.20 -1.06
CA GLN D 1655 -10.06 -47.76 -0.34
C GLN D 1655 -10.31 -49.18 0.16
N ILE D 1656 -11.59 -49.59 0.27
CA ILE D 1656 -11.92 -50.93 0.79
C ILE D 1656 -11.21 -52.08 0.09
N PRO D 1657 -11.20 -52.20 -1.26
CA PRO D 1657 -10.53 -53.38 -1.88
C PRO D 1657 -9.04 -53.48 -1.60
N ASN D 1658 -8.36 -52.33 -1.48
CA ASN D 1658 -6.96 -52.34 -1.07
C ASN D 1658 -6.80 -52.89 0.34
N ARG D 1659 -7.76 -52.59 1.23
CA ARG D 1659 -7.72 -53.15 2.58
C ARG D 1659 -7.94 -54.64 2.57
N ARG D 1660 -8.84 -55.14 1.72
CA ARG D 1660 -9.01 -56.58 1.58
C ARG D 1660 -7.74 -57.25 1.03
N PHE D 1661 -7.11 -56.62 0.04
CA PHE D 1661 -5.87 -57.16 -0.53
C PHE D 1661 -4.75 -57.18 0.50
N THR D 1662 -4.66 -56.13 1.33
CA THR D 1662 -3.63 -56.05 2.34
C THR D 1662 -3.86 -57.07 3.46
N LEU D 1663 -5.12 -57.25 3.86
CA LEU D 1663 -5.45 -58.25 4.87
C LEU D 1663 -5.15 -59.65 4.37
N TRP D 1664 -5.43 -59.92 3.09
CA TRP D 1664 -5.14 -61.23 2.52
C TRP D 1664 -3.64 -61.52 2.51
N TRP D 1665 -2.83 -60.53 2.17
CA TRP D 1665 -1.39 -60.72 2.04
C TRP D 1665 -0.63 -60.24 3.27
N SER D 1666 -1.32 -60.09 4.40
CA SER D 1666 -0.69 -59.56 5.60
C SER D 1666 0.46 -60.37 6.20
N PRO D 1667 0.51 -61.72 6.13
CA PRO D 1667 1.71 -62.40 6.64
C PRO D 1667 3.01 -62.04 5.93
N THR D 1668 2.96 -61.75 4.63
CA THR D 1668 4.16 -61.32 3.94
C THR D 1668 4.32 -59.81 3.88
N ILE D 1669 3.27 -59.06 4.17
CA ILE D 1669 3.36 -57.61 4.26
C ILE D 1669 3.83 -57.16 5.64
N ASN D 1670 3.25 -57.74 6.70
CA ASN D 1670 3.75 -57.53 8.06
C ASN D 1670 4.85 -58.53 8.39
N ARG D 1671 5.86 -58.58 7.54
CA ARG D 1671 6.90 -59.58 7.62
C ARG D 1671 7.94 -59.20 8.67
N ALA D 1672 8.49 -60.20 9.35
CA ALA D 1672 9.38 -59.94 10.48
C ALA D 1672 10.74 -59.44 10.01
N ASN D 1673 11.25 -59.97 8.90
CA ASN D 1673 12.58 -59.61 8.42
C ASN D 1673 12.45 -58.40 7.50
N VAL D 1674 12.57 -57.21 8.10
CA VAL D 1674 12.53 -55.96 7.37
C VAL D 1674 13.91 -55.31 7.43
N TYR D 1675 14.16 -54.42 6.47
CA TYR D 1675 15.45 -53.73 6.40
C TYR D 1675 15.58 -52.71 7.53
N VAL D 1676 14.60 -51.82 7.63
CA VAL D 1676 14.43 -50.93 8.77
C VAL D 1676 12.97 -50.95 9.19
N GLY D 1677 12.65 -50.21 10.24
CA GLY D 1677 11.29 -50.11 10.71
C GLY D 1677 11.17 -50.27 12.21
N PHE D 1678 10.58 -49.29 12.87
CA PHE D 1678 10.45 -49.30 14.31
C PHE D 1678 9.33 -50.27 14.69
N GLN D 1679 9.71 -51.37 15.35
CA GLN D 1679 8.73 -52.37 15.75
C GLN D 1679 7.89 -51.84 16.92
N VAL D 1680 6.59 -51.88 16.76
CA VAL D 1680 5.66 -51.40 17.78
C VAL D 1680 4.55 -52.43 17.96
N GLN D 1681 4.22 -52.73 19.21
CA GLN D 1681 3.14 -53.66 19.48
C GLN D 1681 1.81 -52.95 19.38
N LEU D 1682 0.88 -53.51 18.61
CA LEU D 1682 -0.48 -52.99 18.57
C LEU D 1682 -1.12 -53.14 19.94
N ASP D 1683 -1.78 -52.09 20.40
CA ASP D 1683 -2.25 -52.04 21.78
C ASP D 1683 -3.37 -53.05 22.00
N LEU D 1684 -3.30 -53.72 23.16
CA LEU D 1684 -4.23 -54.75 23.65
C LEU D 1684 -4.21 -56.03 22.83
N THR D 1685 -3.31 -56.16 21.85
CA THR D 1685 -3.10 -57.38 21.10
C THR D 1685 -1.61 -57.72 21.11
N GLY D 1686 -1.28 -58.88 20.56
CA GLY D 1686 0.10 -59.32 20.50
C GLY D 1686 0.71 -59.16 19.13
N ILE D 1687 0.12 -58.31 18.30
CA ILE D 1687 0.56 -58.13 16.92
C ILE D 1687 1.65 -57.07 16.90
N PHE D 1688 2.81 -57.43 16.35
CA PHE D 1688 3.93 -56.50 16.18
C PHE D 1688 3.90 -55.94 14.76
N LEU D 1689 3.81 -54.63 14.65
CA LEU D 1689 3.86 -53.94 13.36
C LEU D 1689 5.23 -53.34 13.15
N HIS D 1690 5.79 -53.56 11.97
CA HIS D 1690 7.06 -52.96 11.57
C HIS D 1690 6.73 -51.84 10.60
N GLY D 1691 7.09 -50.61 10.96
CA GLY D 1691 6.70 -49.46 10.19
C GLY D 1691 5.25 -49.09 10.40
N LYS D 1692 4.80 -48.11 9.62
CA LYS D 1692 3.43 -47.61 9.70
C LYS D 1692 2.72 -47.91 8.38
N ILE D 1693 1.94 -48.98 8.36
CA ILE D 1693 1.03 -49.25 7.24
C ILE D 1693 -0.38 -49.02 7.75
N PRO D 1694 -0.99 -47.87 7.47
CA PRO D 1694 -2.33 -47.59 8.00
C PRO D 1694 -3.40 -48.54 7.51
N THR D 1695 -3.28 -49.04 6.27
CA THR D 1695 -4.26 -49.95 5.71
C THR D 1695 -4.27 -51.28 6.45
N LEU D 1696 -3.07 -51.85 6.68
CA LEU D 1696 -2.95 -53.09 7.43
C LEU D 1696 -3.39 -52.88 8.88
N LYS D 1697 -3.05 -51.74 9.46
CA LYS D 1697 -3.42 -51.45 10.84
C LYS D 1697 -4.93 -51.34 11.01
N ILE D 1698 -5.61 -50.65 10.09
CA ILE D 1698 -7.06 -50.51 10.22
C ILE D 1698 -7.74 -51.84 9.93
N SER D 1699 -7.19 -52.66 9.02
CA SER D 1699 -7.75 -53.98 8.78
C SER D 1699 -7.63 -54.87 10.02
N LEU D 1700 -6.47 -54.86 10.67
CA LEU D 1700 -6.27 -55.67 11.87
C LEU D 1700 -7.03 -55.13 13.07
N ILE D 1701 -7.34 -53.83 13.10
CA ILE D 1701 -8.20 -53.30 14.14
C ILE D 1701 -9.64 -53.78 13.92
N GLN D 1702 -10.10 -53.78 12.67
CA GLN D 1702 -11.43 -54.30 12.37
C GLN D 1702 -11.55 -55.79 12.67
N ILE D 1703 -10.50 -56.58 12.40
CA ILE D 1703 -10.55 -58.01 12.67
C ILE D 1703 -10.60 -58.30 14.16
N PHE D 1704 -9.91 -57.49 14.97
CA PHE D 1704 -9.72 -57.77 16.39
C PHE D 1704 -10.49 -56.81 17.29
N ARG D 1705 -11.70 -56.42 16.87
CA ARG D 1705 -12.50 -55.48 17.64
C ARG D 1705 -12.90 -56.06 18.99
N ALA D 1706 -12.97 -55.18 19.99
CA ALA D 1706 -13.58 -55.43 21.30
C ALA D 1706 -12.89 -56.60 22.03
N HIS D 1707 -11.60 -56.42 22.32
CA HIS D 1707 -10.83 -57.28 23.22
C HIS D 1707 -10.77 -58.73 22.76
N LEU D 1708 -10.75 -58.94 21.44
CA LEU D 1708 -10.86 -60.30 20.91
C LEU D 1708 -9.60 -61.13 21.16
N TRP D 1709 -8.43 -60.50 21.29
CA TRP D 1709 -7.23 -61.24 21.68
C TRP D 1709 -7.36 -61.75 23.11
N GLN D 1710 -7.79 -60.88 24.02
CA GLN D 1710 -8.03 -61.27 25.40
C GLN D 1710 -9.13 -62.32 25.50
N LYS D 1711 -10.18 -62.16 24.69
CA LYS D 1711 -11.28 -63.12 24.71
C LYS D 1711 -10.85 -64.48 24.15
N ILE D 1712 -9.97 -64.50 23.15
CA ILE D 1712 -9.42 -65.77 22.66
C ILE D 1712 -8.59 -66.44 23.74
N HIS D 1713 -7.76 -65.67 24.44
CA HIS D 1713 -6.97 -66.23 25.53
C HIS D 1713 -7.85 -66.79 26.64
N GLU D 1714 -8.89 -66.02 27.02
CA GLU D 1714 -9.83 -66.47 28.04
C GLU D 1714 -10.58 -67.72 27.61
N SER D 1715 -10.98 -67.78 26.33
CA SER D 1715 -11.72 -68.93 25.84
C SER D 1715 -10.85 -70.18 25.82
N VAL D 1716 -9.59 -70.04 25.41
CA VAL D 1716 -8.68 -71.19 25.39
C VAL D 1716 -8.43 -71.69 26.81
N VAL D 1717 -8.17 -70.78 27.76
CA VAL D 1717 -7.91 -71.24 29.13
C VAL D 1717 -9.17 -71.83 29.76
N MET D 1718 -10.36 -71.28 29.48
CA MET D 1718 -11.57 -71.86 30.02
C MET D 1718 -11.88 -73.22 29.41
N ASP D 1719 -11.65 -73.40 28.11
CA ASP D 1719 -11.96 -74.70 27.52
C ASP D 1719 -10.97 -75.76 27.95
N LEU D 1720 -9.70 -75.37 28.16
CA LEU D 1720 -8.77 -76.28 28.81
C LEU D 1720 -9.19 -76.57 30.25
N CYS D 1721 -9.81 -75.59 30.92
CA CYS D 1721 -10.30 -75.81 32.28
C CYS D 1721 -11.45 -76.81 32.32
N GLN D 1722 -12.40 -76.71 31.39
CA GLN D 1722 -13.44 -77.75 31.32
C GLN D 1722 -12.88 -79.11 30.91
N VAL D 1723 -11.85 -79.14 30.05
CA VAL D 1723 -11.23 -80.43 29.73
C VAL D 1723 -10.62 -81.06 30.98
N PHE D 1724 -9.86 -80.27 31.74
CA PHE D 1724 -9.27 -80.78 32.97
C PHE D 1724 -10.33 -81.11 34.02
N ASP D 1725 -11.45 -80.38 34.01
CA ASP D 1725 -12.56 -80.66 34.91
C ASP D 1725 -13.22 -82.00 34.60
N GLN D 1726 -13.46 -82.29 33.32
CA GLN D 1726 -13.96 -83.60 32.94
C GLN D 1726 -12.89 -84.69 32.99
N GLU D 1727 -11.63 -84.33 33.28
CA GLU D 1727 -10.62 -85.38 33.41
C GLU D 1727 -9.79 -85.25 34.69
N LEU D 1728 -10.44 -85.08 35.85
CA LEU D 1728 -9.72 -85.21 37.11
C LEU D 1728 -9.31 -86.64 37.42
N GLU D 1729 -10.21 -87.60 37.24
CA GLU D 1729 -10.06 -88.96 37.73
C GLU D 1729 -8.93 -89.73 37.07
N ALA D 1730 -8.76 -89.58 35.76
CA ALA D 1730 -7.78 -90.38 35.04
C ALA D 1730 -6.35 -89.93 35.34
N LEU D 1731 -6.17 -88.68 35.77
CA LEU D 1731 -4.84 -88.13 36.01
C LEU D 1731 -4.60 -87.80 37.48
N SER D 1732 -5.50 -88.21 38.38
CA SER D 1732 -5.41 -87.96 39.82
C SER D 1732 -5.30 -86.47 40.13
N ILE D 1733 -6.02 -85.65 39.39
CA ILE D 1733 -6.05 -84.21 39.64
C ILE D 1733 -6.91 -83.97 40.87
N GLU D 1734 -6.36 -83.25 41.85
CA GLU D 1734 -7.09 -82.99 43.08
C GLU D 1734 -8.10 -81.86 42.90
N SER D 1735 -7.63 -80.71 42.40
CA SER D 1735 -8.51 -79.58 42.14
C SER D 1735 -7.85 -78.69 41.09
N VAL D 1736 -8.65 -78.22 40.14
CA VAL D 1736 -8.16 -77.36 39.06
C VAL D 1736 -8.86 -76.00 39.15
N GLN D 1737 -8.07 -74.94 39.06
CA GLN D 1737 -8.60 -73.59 38.97
C GLN D 1737 -7.67 -72.79 38.08
N LYS D 1738 -8.17 -71.69 37.54
CA LYS D 1738 -7.38 -70.84 36.67
C LYS D 1738 -7.09 -69.52 37.39
N GLU D 1739 -5.84 -69.06 37.25
CA GLU D 1739 -5.34 -67.94 38.04
C GLU D 1739 -5.66 -66.63 37.34
N THR D 1740 -6.11 -65.64 38.11
CA THR D 1740 -6.53 -64.34 37.54
C THR D 1740 -6.20 -63.21 38.52
N ILE D 1741 -5.15 -62.44 38.20
CA ILE D 1741 -4.95 -61.11 38.77
C ILE D 1741 -4.77 -60.06 37.69
N HIS D 1742 -3.98 -60.36 36.64
CA HIS D 1742 -3.70 -59.37 35.60
C HIS D 1742 -4.65 -59.59 34.45
N PRO D 1743 -5.44 -58.59 34.02
CA PRO D 1743 -6.12 -58.71 32.72
C PRO D 1743 -5.25 -58.21 31.58
N ARG D 1744 -3.94 -58.50 31.64
CA ARG D 1744 -2.97 -58.03 30.67
C ARG D 1744 -2.08 -59.16 30.16
N LYS D 1745 -2.29 -60.38 30.64
CA LYS D 1745 -1.34 -61.47 30.40
C LYS D 1745 -1.34 -61.92 28.95
N SER D 1746 -2.46 -61.75 28.24
CA SER D 1746 -2.59 -62.25 26.88
C SER D 1746 -1.62 -61.57 25.92
N TYR D 1747 -1.45 -60.26 26.05
CA TYR D 1747 -0.62 -59.48 25.13
C TYR D 1747 0.66 -58.99 25.80
N LYS D 1748 1.21 -59.80 26.70
CA LYS D 1748 2.45 -59.49 27.40
C LYS D 1748 3.54 -60.41 26.85
N MET D 1749 4.33 -59.87 25.92
CA MET D 1749 5.39 -60.64 25.27
C MET D 1749 6.74 -60.54 25.98
N ASN D 1750 6.87 -59.66 26.97
CA ASN D 1750 8.13 -59.59 27.72
C ASN D 1750 8.27 -60.77 28.67
N SER D 1751 7.34 -60.91 29.60
CA SER D 1751 7.29 -62.03 30.53
C SER D 1751 5.89 -62.65 30.48
N SER D 1752 5.63 -63.60 31.37
CA SER D 1752 4.34 -64.26 31.42
C SER D 1752 4.06 -64.70 32.85
N CYS D 1753 2.86 -65.23 33.06
CA CYS D 1753 2.46 -65.78 34.35
C CYS D 1753 1.96 -67.20 34.11
N ALA D 1754 1.45 -67.81 35.17
CA ALA D 1754 0.75 -69.08 35.04
C ALA D 1754 -0.75 -68.84 35.17
N ASP D 1755 -1.52 -69.39 34.24
CA ASP D 1755 -2.96 -69.18 34.25
C ASP D 1755 -3.78 -70.44 34.43
N ILE D 1756 -3.15 -71.62 34.53
CA ILE D 1756 -3.85 -72.83 34.94
C ILE D 1756 -2.96 -73.56 35.94
N GLN D 1757 -3.54 -74.02 37.05
CA GLN D 1757 -2.81 -74.79 38.05
C GLN D 1757 -3.44 -76.15 38.27
N LEU D 1758 -2.59 -77.14 38.51
CA LEU D 1758 -3.00 -78.50 38.84
C LEU D 1758 -2.31 -78.93 40.12
N PHE D 1759 -3.08 -79.55 41.02
CA PHE D 1759 -2.56 -80.05 42.29
C PHE D 1759 -2.55 -81.57 42.28
N ALA D 1760 -1.43 -82.13 42.72
CA ALA D 1760 -1.21 -83.58 42.69
C ALA D 1760 -1.40 -84.17 44.08
N SER D 1761 -2.18 -85.23 44.17
CA SER D 1761 -2.32 -85.95 45.43
C SER D 1761 -1.07 -86.77 45.74
N HIS D 1762 -0.38 -87.25 44.70
CA HIS D 1762 0.82 -88.05 44.86
C HIS D 1762 1.94 -87.48 43.99
N LYS D 1763 3.16 -87.90 44.29
CA LYS D 1763 4.32 -87.42 43.53
C LYS D 1763 4.30 -87.98 42.12
N TRP D 1764 4.49 -87.10 41.13
CA TRP D 1764 4.47 -87.48 39.72
C TRP D 1764 5.89 -87.51 39.18
N ASN D 1765 6.24 -88.61 38.51
CA ASN D 1765 7.56 -88.75 37.87
C ASN D 1765 7.50 -88.12 36.48
N VAL D 1766 7.67 -86.79 36.45
CA VAL D 1766 7.63 -86.08 35.18
C VAL D 1766 8.91 -86.36 34.38
N THR D 1767 8.79 -86.23 33.06
CA THR D 1767 9.89 -86.51 32.15
C THR D 1767 10.73 -85.25 31.94
N ARG D 1768 11.62 -85.29 30.94
CA ARG D 1768 12.31 -84.09 30.51
C ARG D 1768 11.33 -83.14 29.83
N PRO D 1769 11.63 -81.84 29.81
CA PRO D 1769 10.85 -80.91 28.97
C PRO D 1769 10.98 -81.28 27.51
N SER D 1770 9.85 -81.61 26.89
CA SER D 1770 9.82 -82.10 25.52
C SER D 1770 8.62 -81.52 24.80
N LEU D 1771 8.66 -81.61 23.46
CA LEU D 1771 7.62 -81.05 22.62
C LEU D 1771 6.34 -81.88 22.73
N LEU D 1772 5.25 -81.31 22.23
CA LEU D 1772 3.93 -81.93 22.37
C LEU D 1772 3.81 -83.22 21.56
N PHE D 1773 4.60 -83.38 20.50
CA PHE D 1773 4.53 -84.58 19.66
C PHE D 1773 5.80 -85.41 19.76
N ASP D 1774 6.61 -85.21 20.80
CA ASP D 1774 7.80 -86.03 20.98
C ASP D 1774 7.42 -87.43 21.44
N THR D 1775 8.17 -88.42 20.95
CA THR D 1775 7.93 -89.81 21.31
C THR D 1775 9.06 -90.45 22.11
N LYS D 1776 10.26 -89.87 22.07
CA LYS D 1776 11.40 -90.39 22.84
C LYS D 1776 11.42 -89.77 24.24
N ASP D 1777 10.37 -90.08 25.01
CA ASP D 1777 10.25 -89.54 26.36
C ASP D 1777 11.25 -90.22 27.29
N VAL D 1778 11.93 -89.40 28.10
CA VAL D 1778 12.91 -89.88 29.06
C VAL D 1778 12.43 -89.46 30.45
N ILE D 1779 11.97 -90.42 31.23
CA ILE D 1779 11.50 -90.15 32.58
C ILE D 1779 12.69 -90.12 33.53
N GLU D 1780 12.82 -89.03 34.27
CA GLU D 1780 13.90 -88.89 35.24
C GLU D 1780 13.38 -89.08 36.66
N ALA D 1781 14.33 -89.20 37.60
CA ALA D 1781 14.01 -89.55 38.98
C ALA D 1781 13.40 -88.41 39.77
N THR D 1782 13.39 -87.19 39.24
CA THR D 1782 12.83 -86.06 39.95
C THR D 1782 11.31 -86.16 40.02
N THR D 1783 10.74 -85.92 41.19
CA THR D 1783 9.31 -85.98 41.42
C THR D 1783 8.78 -84.60 41.75
N THR D 1784 7.50 -84.38 41.47
CA THR D 1784 6.85 -83.10 41.72
C THR D 1784 5.46 -83.34 42.27
N ASN D 1785 4.89 -82.28 42.87
CA ASN D 1785 3.58 -82.35 43.47
C ASN D 1785 2.64 -81.24 43.01
N LYS D 1786 3.04 -80.43 42.04
CA LYS D 1786 2.20 -79.37 41.51
C LYS D 1786 2.60 -79.10 40.07
N PHE D 1787 1.63 -78.70 39.26
CA PHE D 1787 1.83 -78.47 37.84
C PHE D 1787 1.19 -77.14 37.44
N TRP D 1788 1.76 -76.49 36.44
CA TRP D 1788 1.15 -75.31 35.86
C TRP D 1788 1.04 -75.47 34.36
N ILE D 1789 -0.01 -74.87 33.80
CA ILE D 1789 -0.23 -74.79 32.36
C ILE D 1789 -0.30 -73.31 32.00
N ASP D 1790 0.55 -72.91 31.06
CA ASP D 1790 0.60 -71.54 30.56
C ASP D 1790 0.16 -71.54 29.10
N VAL D 1791 -0.55 -70.48 28.70
CA VAL D 1791 -1.06 -70.35 27.33
C VAL D 1791 -0.44 -69.10 26.72
N GLN D 1792 0.16 -69.25 25.55
CA GLN D 1792 0.80 -68.14 24.84
C GLN D 1792 0.18 -67.97 23.46
N LEU D 1793 -0.56 -66.89 23.27
CA LEU D 1793 -1.06 -66.51 21.96
C LEU D 1793 0.04 -65.83 21.15
N ARG D 1794 -0.06 -65.99 19.83
CA ARG D 1794 0.95 -65.42 18.94
C ARG D 1794 0.32 -65.15 17.59
N TYR D 1795 0.64 -64.00 17.00
CA TYR D 1795 0.26 -63.68 15.63
C TYR D 1795 1.55 -63.70 14.81
N GLY D 1796 1.77 -64.79 14.08
CA GLY D 1796 2.98 -64.96 13.31
C GLY D 1796 2.94 -64.26 11.97
N ASP D 1797 4.01 -64.44 11.21
CA ASP D 1797 4.15 -63.86 9.89
C ASP D 1797 4.85 -64.87 8.99
N TYR D 1798 5.29 -64.41 7.83
CA TYR D 1798 5.85 -65.33 6.85
C TYR D 1798 7.23 -65.84 7.26
N ASP D 1799 8.07 -64.98 7.83
CA ASP D 1799 9.40 -65.38 8.24
C ASP D 1799 9.48 -65.90 9.66
N SER D 1800 8.38 -65.87 10.41
CA SER D 1800 8.38 -66.43 11.77
C SER D 1800 6.96 -66.95 12.06
N HIS D 1801 6.76 -68.25 11.80
CA HIS D 1801 5.52 -68.90 12.23
C HIS D 1801 5.80 -70.30 12.76
N ASP D 1802 7.05 -70.64 13.02
CA ASP D 1802 7.40 -71.93 13.61
C ASP D 1802 7.05 -71.87 15.10
N ILE D 1803 5.89 -72.42 15.44
CA ILE D 1803 5.43 -72.38 16.83
C ILE D 1803 6.18 -73.40 17.69
N GLU D 1804 6.82 -74.41 17.08
CA GLU D 1804 7.64 -75.35 17.83
C GLU D 1804 8.83 -74.66 18.48
N ARG D 1805 9.62 -73.94 17.67
CA ARG D 1805 10.72 -73.16 18.20
C ARG D 1805 10.24 -72.04 19.11
N TYR D 1806 9.06 -71.49 18.83
CA TYR D 1806 8.50 -70.43 19.66
C TYR D 1806 8.25 -70.93 21.07
N VAL D 1807 7.55 -72.06 21.21
CA VAL D 1807 7.25 -72.57 22.54
C VAL D 1807 8.50 -73.09 23.24
N ARG D 1808 9.44 -73.69 22.49
CA ARG D 1808 10.66 -74.20 23.12
C ARG D 1808 11.54 -73.05 23.63
N ALA D 1809 11.77 -72.05 22.79
CA ALA D 1809 12.58 -70.90 23.19
C ALA D 1809 11.90 -70.09 24.27
N LYS D 1810 10.58 -69.95 24.22
CA LYS D 1810 9.88 -69.20 25.25
C LYS D 1810 9.82 -69.96 26.58
N TYR D 1811 9.86 -71.29 26.55
CA TYR D 1811 9.96 -72.02 27.81
C TYR D 1811 11.36 -71.92 28.39
N LEU D 1812 12.39 -72.04 27.53
CA LEU D 1812 13.76 -71.90 28.00
C LEU D 1812 14.09 -70.48 28.44
N ASP D 1813 13.35 -69.49 27.93
CA ASP D 1813 13.54 -68.10 28.31
C ASP D 1813 12.70 -67.71 29.52
N TYR D 1814 11.49 -68.28 29.65
CA TYR D 1814 10.51 -67.82 30.61
C TYR D 1814 10.55 -68.60 31.93
N THR D 1815 11.44 -69.59 32.06
CA THR D 1815 11.65 -70.27 33.33
C THR D 1815 12.90 -69.78 34.04
N THR D 1816 14.01 -69.61 33.31
CA THR D 1816 15.23 -69.09 33.90
C THR D 1816 15.13 -67.60 34.23
N ASP D 1817 14.19 -66.88 33.61
CA ASP D 1817 14.00 -65.47 33.90
C ASP D 1817 13.28 -65.29 35.23
N SER D 1818 13.68 -64.27 35.99
CA SER D 1818 13.11 -64.01 37.30
C SER D 1818 11.85 -63.15 37.24
N MET D 1819 11.60 -62.44 36.14
CA MET D 1819 10.39 -61.63 36.04
C MET D 1819 9.14 -62.49 35.93
N SER D 1820 9.25 -63.66 35.31
CA SER D 1820 8.15 -64.60 35.29
C SER D 1820 7.92 -65.18 36.68
N LEU D 1821 6.65 -65.36 37.04
CA LEU D 1821 6.24 -65.70 38.40
C LEU D 1821 5.58 -67.08 38.46
N TYR D 1822 6.15 -68.05 37.76
CA TYR D 1822 5.62 -69.41 37.73
C TYR D 1822 5.80 -70.06 39.10
N PRO D 1823 4.70 -70.47 39.78
CA PRO D 1823 4.85 -71.04 41.14
C PRO D 1823 5.57 -72.37 41.19
N SER D 1824 5.07 -73.37 40.45
CA SER D 1824 5.67 -74.70 40.50
C SER D 1824 6.91 -74.77 39.62
N PRO D 1825 7.91 -75.56 40.02
CA PRO D 1825 9.09 -75.72 39.15
C PRO D 1825 8.83 -76.54 37.91
N THR D 1826 7.72 -77.28 37.85
CA THR D 1826 7.40 -78.14 36.72
C THR D 1826 6.08 -77.71 36.10
N GLY D 1827 6.03 -77.68 34.77
CA GLY D 1827 4.82 -77.29 34.10
C GLY D 1827 4.92 -77.48 32.60
N LEU D 1828 3.97 -76.87 31.89
CA LEU D 1828 3.84 -77.00 30.45
C LEU D 1828 3.29 -75.70 29.89
N MET D 1829 3.88 -75.23 28.80
CA MET D 1829 3.41 -74.04 28.10
C MET D 1829 2.96 -74.41 26.70
N ILE D 1830 1.72 -74.08 26.38
CA ILE D 1830 1.18 -74.27 25.05
C ILE D 1830 1.27 -72.94 24.30
N GLY D 1831 1.34 -73.05 22.98
CA GLY D 1831 1.41 -71.87 22.13
C GLY D 1831 0.47 -72.03 20.95
N ILE D 1832 -0.26 -70.95 20.67
CA ILE D 1832 -1.30 -70.91 19.64
C ILE D 1832 -0.95 -69.79 18.67
N ASP D 1833 -0.61 -70.16 17.44
CA ASP D 1833 -0.36 -69.19 16.37
C ASP D 1833 -1.69 -68.90 15.67
N LEU D 1834 -2.19 -67.68 15.87
CA LEU D 1834 -3.50 -67.31 15.32
C LEU D 1834 -3.44 -67.08 13.82
N ALA D 1835 -2.36 -66.46 13.34
CA ALA D 1835 -2.26 -66.12 11.92
C ALA D 1835 -2.10 -67.35 11.04
N TYR D 1836 -1.66 -68.47 11.60
CA TYR D 1836 -1.54 -69.71 10.84
C TYR D 1836 -2.33 -70.86 11.44
N ASN D 1837 -3.06 -70.61 12.55
CA ASN D 1837 -3.83 -71.62 13.28
C ASN D 1837 -2.98 -72.83 13.66
N LEU D 1838 -1.77 -72.55 14.16
CA LEU D 1838 -0.85 -73.59 14.59
C LEU D 1838 -0.91 -73.72 16.10
N TYR D 1839 -0.42 -74.86 16.60
CA TYR D 1839 -0.47 -75.15 18.02
C TYR D 1839 0.66 -76.10 18.39
N SER D 1840 1.26 -75.85 19.55
CA SER D 1840 2.31 -76.74 20.08
C SER D 1840 2.40 -76.52 21.59
N ALA D 1841 3.38 -77.19 22.21
CA ALA D 1841 3.65 -77.00 23.63
C ALA D 1841 5.06 -77.48 23.93
N TYR D 1842 5.59 -77.01 25.05
CA TYR D 1842 6.89 -77.45 25.56
C TYR D 1842 6.83 -77.49 27.08
N GLY D 1843 7.42 -78.54 27.65
CA GLY D 1843 7.40 -78.72 29.09
C GLY D 1843 7.39 -80.18 29.52
N GLN D 1844 7.40 -80.42 30.83
CA GLN D 1844 7.38 -81.78 31.35
C GLN D 1844 6.00 -82.39 31.20
N TYR D 1845 5.93 -83.71 31.37
CA TYR D 1845 4.68 -84.45 31.27
C TYR D 1845 4.64 -85.54 32.33
N PHE D 1846 3.69 -85.45 33.25
CA PHE D 1846 3.30 -86.61 34.01
C PHE D 1846 2.48 -87.54 33.11
N PRO D 1847 2.59 -88.87 33.31
CA PRO D 1847 2.01 -89.82 32.35
C PRO D 1847 0.50 -89.71 32.24
N GLY D 1848 0.02 -89.59 31.00
CA GLY D 1848 -1.39 -89.41 30.71
C GLY D 1848 -1.78 -87.98 30.38
N LEU D 1849 -0.83 -87.05 30.40
CA LEU D 1849 -1.13 -85.65 30.07
C LEU D 1849 -0.95 -85.35 28.59
N LYS D 1850 0.07 -85.94 27.95
CA LYS D 1850 0.41 -85.58 26.58
C LYS D 1850 -0.71 -85.93 25.60
N THR D 1851 -1.25 -87.14 25.70
CA THR D 1851 -2.34 -87.54 24.80
C THR D 1851 -3.63 -86.79 25.10
N LEU D 1852 -3.90 -86.53 26.38
CA LEU D 1852 -5.05 -85.73 26.76
C LEU D 1852 -4.94 -84.31 26.22
N ILE D 1853 -3.73 -83.72 26.30
CA ILE D 1853 -3.49 -82.40 25.75
C ILE D 1853 -3.62 -82.42 24.23
N GLN D 1854 -3.18 -83.50 23.58
CA GLN D 1854 -3.34 -83.64 22.14
C GLN D 1854 -4.82 -83.61 21.73
N GLN D 1855 -5.64 -84.44 22.38
CA GLN D 1855 -7.05 -84.50 22.05
C GLN D 1855 -7.76 -83.19 22.35
N ALA D 1856 -7.45 -82.59 23.52
CA ALA D 1856 -8.07 -81.32 23.89
C ALA D 1856 -7.65 -80.20 22.95
N MET D 1857 -6.38 -80.20 22.50
CA MET D 1857 -5.90 -79.17 21.61
C MET D 1857 -6.54 -79.27 20.23
N ALA D 1858 -6.69 -80.50 19.72
CA ALA D 1858 -7.41 -80.68 18.45
C ALA D 1858 -8.85 -80.22 18.58
N LYS D 1859 -9.51 -80.57 19.70
CA LYS D 1859 -10.89 -80.17 19.90
C LYS D 1859 -11.05 -78.66 20.01
N ILE D 1860 -10.07 -77.98 20.63
CA ILE D 1860 -10.24 -76.54 20.84
C ILE D 1860 -9.84 -75.80 19.57
N MET D 1861 -8.93 -76.36 18.75
CA MET D 1861 -8.63 -75.72 17.47
C MET D 1861 -9.78 -75.86 16.49
N LYS D 1862 -10.52 -76.97 16.53
CA LYS D 1862 -11.67 -77.11 15.65
C LYS D 1862 -12.97 -76.51 16.20
N ALA D 1863 -13.09 -76.29 17.51
CA ALA D 1863 -14.40 -75.91 18.05
C ALA D 1863 -14.33 -74.79 19.08
N ASN D 1864 -13.39 -73.87 18.95
CA ASN D 1864 -13.38 -72.69 19.82
C ASN D 1864 -14.44 -71.68 19.37
N PRO D 1865 -15.33 -71.25 20.27
CA PRO D 1865 -16.21 -70.11 19.91
C PRO D 1865 -15.47 -68.83 19.59
N ALA D 1866 -14.39 -68.52 20.33
CA ALA D 1866 -13.66 -67.28 20.09
C ALA D 1866 -12.88 -67.33 18.78
N LEU D 1867 -12.21 -68.46 18.52
CA LEU D 1867 -11.62 -68.65 17.20
C LEU D 1867 -12.66 -68.66 16.10
N TYR D 1868 -13.89 -69.13 16.41
CA TYR D 1868 -14.95 -69.06 15.42
C TYR D 1868 -15.30 -67.61 15.08
N VAL D 1869 -15.37 -66.74 16.11
CA VAL D 1869 -15.62 -65.32 15.86
C VAL D 1869 -14.48 -64.70 15.07
N LEU D 1870 -13.23 -65.04 15.41
CA LEU D 1870 -12.07 -64.53 14.68
C LEU D 1870 -12.10 -64.97 13.21
N ARG D 1871 -12.37 -66.25 12.98
CA ARG D 1871 -12.43 -66.78 11.62
C ARG D 1871 -13.58 -66.18 10.82
N GLU D 1872 -14.72 -65.95 11.47
CA GLU D 1872 -15.85 -65.34 10.77
C GLU D 1872 -15.57 -63.89 10.42
N ARG D 1873 -14.91 -63.15 11.32
CA ARG D 1873 -14.53 -61.77 11.00
C ARG D 1873 -13.51 -61.72 9.87
N ILE D 1874 -12.55 -62.66 9.87
CA ILE D 1874 -11.58 -62.74 8.78
C ILE D 1874 -12.28 -63.07 7.47
N ARG D 1875 -13.23 -64.01 7.50
CA ARG D 1875 -13.96 -64.40 6.29
C ARG D 1875 -14.81 -63.26 5.74
N LYS D 1876 -15.44 -62.48 6.62
CA LYS D 1876 -16.17 -61.30 6.14
C LYS D 1876 -15.21 -60.25 5.59
N GLY D 1877 -14.06 -60.05 6.24
CA GLY D 1877 -13.10 -59.08 5.74
C GLY D 1877 -12.57 -59.44 4.36
N LEU D 1878 -12.30 -60.72 4.13
CA LEU D 1878 -11.82 -61.16 2.82
C LEU D 1878 -12.93 -61.27 1.80
N GLN D 1879 -14.17 -61.51 2.23
CA GLN D 1879 -15.28 -61.96 1.36
C GLN D 1879 -14.87 -63.18 0.55
N LEU D 1880 -14.30 -64.16 1.24
CA LEU D 1880 -13.89 -65.43 0.64
C LEU D 1880 -14.81 -66.51 1.20
N TYR D 1881 -15.74 -66.99 0.39
CA TYR D 1881 -16.76 -67.93 0.81
C TYR D 1881 -16.44 -69.33 0.33
N ALA D 1882 -17.10 -70.30 0.95
CA ALA D 1882 -16.97 -71.70 0.58
C ALA D 1882 -18.18 -72.17 -0.22
N SER D 1883 -18.15 -73.44 -0.59
CA SER D 1883 -19.22 -74.03 -1.40
C SER D 1883 -19.41 -75.50 -1.09
N LEU D 1898 -31.10 -83.93 -5.86
CA LEU D 1898 -31.07 -84.43 -7.24
C LEU D 1898 -32.05 -85.58 -7.41
N PHE D 1899 -31.96 -86.59 -6.53
CA PHE D 1899 -32.86 -87.73 -6.54
C PHE D 1899 -33.81 -87.60 -5.37
N SER D 1900 -35.11 -87.59 -5.65
CA SER D 1900 -36.11 -87.43 -4.61
C SER D 1900 -36.27 -88.72 -3.81
N ASN D 1901 -36.95 -88.61 -2.67
CA ASN D 1901 -37.22 -89.76 -1.82
C ASN D 1901 -38.42 -90.57 -2.30
N GLN D 1902 -39.13 -90.10 -3.31
CA GLN D 1902 -40.28 -90.83 -3.83
C GLN D 1902 -39.83 -92.06 -4.60
N THR D 1903 -40.64 -93.11 -4.55
CA THR D 1903 -40.38 -94.36 -5.25
C THR D 1903 -41.16 -94.38 -6.55
N GLN D 1904 -40.49 -94.67 -7.66
CA GLN D 1904 -41.11 -94.73 -8.97
C GLN D 1904 -40.95 -96.11 -9.57
N LEU D 1905 -41.88 -96.49 -10.44
CA LEU D 1905 -41.87 -97.79 -11.09
C LEU D 1905 -42.31 -97.62 -12.54
N PHE D 1906 -41.37 -97.80 -13.47
CA PHE D 1906 -41.68 -97.81 -14.89
C PHE D 1906 -42.42 -99.10 -15.24
N ILE D 1907 -43.54 -98.97 -15.95
CA ILE D 1907 -44.40 -100.10 -16.29
C ILE D 1907 -44.37 -100.29 -17.80
N ASP D 1908 -44.00 -101.49 -18.23
CA ASP D 1908 -44.01 -101.88 -19.64
C ASP D 1908 -44.97 -103.05 -19.81
N ASP D 1909 -45.97 -102.87 -20.67
CA ASP D 1909 -47.01 -103.86 -20.91
C ASP D 1909 -47.20 -104.13 -22.40
N THR D 1910 -46.23 -103.76 -23.25
CA THR D 1910 -46.37 -103.95 -24.68
C THR D 1910 -46.41 -105.44 -25.05
N ASN D 1911 -45.72 -106.26 -24.27
CA ASN D 1911 -45.50 -107.66 -24.62
C ASN D 1911 -46.11 -108.59 -23.57
N VAL D 1912 -47.32 -108.25 -23.10
CA VAL D 1912 -48.04 -109.11 -22.18
C VAL D 1912 -48.53 -110.37 -22.90
N TYR D 1913 -48.98 -110.20 -24.14
CA TYR D 1913 -49.47 -111.29 -24.98
C TYR D 1913 -48.60 -111.35 -26.22
N ARG D 1914 -47.92 -112.47 -26.45
CA ARG D 1914 -47.11 -112.57 -27.66
C ARG D 1914 -47.74 -113.53 -28.65
N VAL D 1915 -47.43 -113.31 -29.93
CA VAL D 1915 -48.07 -114.04 -31.02
C VAL D 1915 -47.01 -114.76 -31.86
N THR D 1916 -47.44 -115.84 -32.50
CA THR D 1916 -46.66 -116.49 -33.55
C THR D 1916 -47.56 -116.73 -34.75
N ILE D 1917 -47.14 -116.25 -35.92
CA ILE D 1917 -47.92 -116.41 -37.14
C ILE D 1917 -47.50 -117.71 -37.81
N HIS D 1918 -48.42 -118.66 -37.88
CA HIS D 1918 -48.16 -119.97 -38.47
C HIS D 1918 -49.03 -120.16 -39.70
N LYS D 1919 -48.42 -120.71 -40.75
CA LYS D 1919 -49.13 -121.03 -41.99
C LYS D 1919 -49.62 -122.46 -41.92
N THR D 1920 -50.94 -122.64 -42.01
CA THR D 1920 -51.53 -123.97 -41.95
C THR D 1920 -51.40 -124.68 -43.30
N PHE D 1921 -51.87 -125.92 -43.36
CA PHE D 1921 -51.83 -126.68 -44.60
C PHE D 1921 -52.79 -126.15 -45.64
N GLU D 1922 -53.83 -125.43 -45.23
CA GLU D 1922 -54.78 -124.82 -46.15
C GLU D 1922 -54.39 -123.40 -46.55
N GLY D 1923 -53.26 -122.90 -46.06
CA GLY D 1923 -52.80 -121.56 -46.37
C GLY D 1923 -53.28 -120.49 -45.42
N ASN D 1924 -54.15 -120.81 -44.47
CA ASN D 1924 -54.63 -119.83 -43.52
C ASN D 1924 -53.57 -119.49 -42.49
N LEU D 1925 -53.58 -118.24 -42.04
CA LEU D 1925 -52.64 -117.75 -41.04
C LEU D 1925 -53.27 -117.83 -39.66
N THR D 1926 -52.57 -118.44 -38.71
CA THR D 1926 -53.05 -118.60 -37.35
C THR D 1926 -52.11 -117.86 -36.41
N THR D 1927 -52.69 -117.08 -35.49
CA THR D 1927 -51.94 -116.32 -34.49
C THR D 1927 -51.93 -117.15 -33.21
N LYS D 1928 -50.98 -118.08 -33.13
CA LYS D 1928 -50.86 -118.94 -31.95
C LYS D 1928 -50.33 -118.13 -30.77
N PRO D 1929 -50.97 -118.22 -29.61
CA PRO D 1929 -50.49 -117.47 -28.44
C PRO D 1929 -49.20 -118.05 -27.88
N ILE D 1930 -48.30 -117.15 -27.47
CA ILE D 1930 -47.11 -117.52 -26.71
C ILE D 1930 -46.91 -116.51 -25.58
N ASN D 1931 -46.15 -116.97 -24.58
CA ASN D 1931 -46.07 -116.36 -23.26
C ASN D 1931 -45.53 -114.94 -23.34
N GLY D 1932 -45.93 -114.12 -22.36
CA GLY D 1932 -45.57 -112.72 -22.36
C GLY D 1932 -44.96 -112.28 -21.04
N ALA D 1933 -44.53 -111.02 -21.01
CA ALA D 1933 -43.80 -110.47 -19.89
C ALA D 1933 -44.32 -109.08 -19.55
N ILE D 1934 -44.49 -108.82 -18.26
CA ILE D 1934 -44.81 -107.49 -17.74
C ILE D 1934 -43.58 -106.98 -17.00
N PHE D 1935 -43.12 -105.78 -17.36
CA PHE D 1935 -41.91 -105.22 -16.77
C PHE D 1935 -42.28 -104.11 -15.79
N ILE D 1936 -41.76 -104.20 -14.56
CA ILE D 1936 -41.94 -103.16 -13.56
C ILE D 1936 -40.56 -102.83 -13.02
N PHE D 1937 -39.96 -101.76 -13.52
CA PHE D 1937 -38.57 -101.43 -13.21
C PHE D 1937 -38.48 -100.28 -12.21
N ASN D 1938 -37.60 -100.45 -11.22
CA ASN D 1938 -37.32 -99.38 -10.28
C ASN D 1938 -36.08 -98.63 -10.73
N PRO D 1939 -36.18 -97.35 -11.12
CA PRO D 1939 -34.99 -96.64 -11.60
C PRO D 1939 -34.02 -96.26 -10.50
N ARG D 1940 -34.49 -96.09 -9.26
CA ARG D 1940 -33.60 -95.65 -8.19
C ARG D 1940 -32.69 -96.77 -7.71
N THR D 1941 -33.23 -97.99 -7.57
CA THR D 1941 -32.48 -99.10 -7.00
C THR D 1941 -32.11 -100.17 -8.01
N GLY D 1942 -32.65 -100.11 -9.23
CA GLY D 1942 -32.36 -101.13 -10.22
C GLY D 1942 -33.19 -102.39 -10.11
N GLN D 1943 -34.15 -102.44 -9.19
CA GLN D 1943 -35.00 -103.61 -9.05
C GLN D 1943 -35.96 -103.73 -10.23
N LEU D 1944 -36.09 -104.93 -10.76
CA LEU D 1944 -36.99 -105.21 -11.88
C LEU D 1944 -37.87 -106.39 -11.51
N PHE D 1945 -39.18 -106.18 -11.56
CA PHE D 1945 -40.16 -107.25 -11.38
C PHE D 1945 -40.62 -107.69 -12.76
N LEU D 1946 -40.40 -108.97 -13.06
CA LEU D 1946 -40.80 -109.58 -14.33
C LEU D 1946 -41.96 -110.51 -14.06
N LYS D 1947 -43.14 -110.14 -14.55
CA LYS D 1947 -44.33 -110.97 -14.40
C LYS D 1947 -44.50 -111.77 -15.68
N ILE D 1948 -44.19 -113.07 -15.62
CA ILE D 1948 -44.31 -113.94 -16.78
C ILE D 1948 -45.72 -114.50 -16.82
N ILE D 1949 -46.40 -114.32 -17.95
CA ILE D 1949 -47.78 -114.75 -18.14
C ILE D 1949 -47.77 -115.89 -19.17
N HIS D 1950 -48.40 -117.00 -18.80
CA HIS D 1950 -48.47 -118.20 -19.62
C HIS D 1950 -49.68 -118.15 -20.57
N THR D 1951 -49.73 -119.13 -21.47
CA THR D 1951 -50.82 -119.22 -22.44
C THR D 1951 -52.13 -119.71 -21.81
N SER D 1952 -52.08 -120.22 -20.58
CA SER D 1952 -53.29 -120.72 -19.94
C SER D 1952 -54.27 -119.59 -19.63
N VAL D 1953 -53.76 -118.37 -19.43
CA VAL D 1953 -54.64 -117.23 -19.21
C VAL D 1953 -55.41 -116.88 -20.48
N TRP D 1954 -54.75 -116.99 -21.63
CA TRP D 1954 -55.35 -116.62 -22.90
C TRP D 1954 -56.22 -117.72 -23.51
N ALA D 1955 -56.29 -118.89 -22.89
CA ALA D 1955 -57.08 -119.99 -23.41
C ALA D 1955 -58.56 -119.73 -23.19
N GLY D 1956 -59.35 -119.80 -24.26
CA GLY D 1956 -60.78 -119.63 -24.16
C GLY D 1956 -61.26 -118.21 -23.92
N GLN D 1957 -60.46 -117.21 -24.30
CA GLN D 1957 -60.81 -115.81 -24.09
C GLN D 1957 -60.88 -115.08 -25.43
N LYS D 1958 -61.69 -114.03 -25.46
CA LYS D 1958 -61.88 -113.21 -26.65
C LYS D 1958 -61.49 -111.77 -26.35
N ARG D 1959 -61.14 -111.04 -27.43
CA ARG D 1959 -60.63 -109.67 -27.36
C ARG D 1959 -59.41 -109.59 -26.42
N LEU D 1960 -58.35 -110.27 -26.86
CA LEU D 1960 -57.26 -110.64 -25.95
C LEU D 1960 -56.48 -109.42 -25.44
N GLY D 1961 -56.42 -108.34 -26.22
CA GLY D 1961 -55.75 -107.14 -25.75
C GLY D 1961 -56.45 -106.48 -24.57
N GLN D 1962 -57.78 -106.52 -24.58
CA GLN D 1962 -58.60 -105.85 -23.56
C GLN D 1962 -58.40 -106.48 -22.19
N LEU D 1963 -58.67 -107.78 -22.07
CA LEU D 1963 -58.41 -108.42 -20.78
C LEU D 1963 -56.92 -108.65 -20.54
N ALA D 1964 -56.07 -108.53 -21.57
CA ALA D 1964 -54.63 -108.50 -21.33
C ALA D 1964 -54.22 -107.26 -20.55
N LYS D 1965 -54.73 -106.09 -20.97
CA LYS D 1965 -54.48 -104.86 -20.21
C LYS D 1965 -55.10 -104.93 -18.83
N TRP D 1966 -56.30 -105.51 -18.72
CA TRP D 1966 -56.94 -105.64 -17.40
C TRP D 1966 -56.15 -106.57 -16.47
N LYS D 1967 -55.66 -107.69 -17.00
CA LYS D 1967 -54.85 -108.59 -16.19
C LYS D 1967 -53.52 -107.97 -15.82
N THR D 1968 -52.95 -107.16 -16.72
CA THR D 1968 -51.71 -106.44 -16.40
C THR D 1968 -51.93 -105.46 -15.26
N ALA D 1969 -53.03 -104.70 -15.31
CA ALA D 1969 -53.35 -103.76 -14.24
C ALA D 1969 -53.63 -104.49 -12.94
N GLU D 1970 -54.32 -105.62 -13.00
CA GLU D 1970 -54.61 -106.41 -11.80
C GLU D 1970 -53.34 -106.97 -11.18
N GLU D 1971 -52.40 -107.44 -12.02
CA GLU D 1971 -51.13 -107.96 -11.51
C GLU D 1971 -50.29 -106.85 -10.89
N VAL D 1972 -50.28 -105.67 -11.51
CA VAL D 1972 -49.55 -104.53 -10.94
C VAL D 1972 -50.15 -104.14 -9.59
N ALA D 1973 -51.49 -104.11 -9.51
CA ALA D 1973 -52.14 -103.78 -8.25
C ALA D 1973 -51.87 -104.84 -7.17
N ALA D 1974 -51.85 -106.11 -7.57
CA ALA D 1974 -51.56 -107.18 -6.62
C ALA D 1974 -50.12 -107.09 -6.10
N LEU D 1975 -49.18 -106.77 -7.00
CA LEU D 1975 -47.79 -106.61 -6.55
C LEU D 1975 -47.63 -105.38 -5.67
N ILE D 1976 -48.39 -104.32 -5.94
CA ILE D 1976 -48.37 -103.14 -5.07
C ILE D 1976 -48.91 -103.48 -3.69
N ARG D 1977 -50.01 -104.23 -3.64
CA ARG D 1977 -50.58 -104.67 -2.36
C ARG D 1977 -49.64 -105.59 -1.62
N SER D 1978 -48.88 -106.43 -2.34
CA SER D 1978 -47.91 -107.29 -1.70
C SER D 1978 -46.73 -106.50 -1.14
N LEU D 1979 -46.33 -105.43 -1.82
CA LEU D 1979 -45.22 -104.62 -1.36
C LEU D 1979 -45.62 -103.82 -0.10
N PRO D 1980 -44.69 -103.59 0.81
CA PRO D 1980 -44.99 -102.78 1.99
C PRO D 1980 -45.15 -101.31 1.63
N VAL D 1981 -45.66 -100.55 2.60
CA VAL D 1981 -46.00 -99.14 2.38
C VAL D 1981 -44.73 -98.33 2.13
N GLU D 1982 -43.64 -98.64 2.83
CA GLU D 1982 -42.38 -97.95 2.58
C GLU D 1982 -41.82 -98.26 1.21
N GLU D 1983 -42.02 -99.48 0.71
CA GLU D 1983 -41.61 -99.86 -0.63
C GLU D 1983 -42.69 -99.63 -1.67
N GLN D 1984 -43.84 -99.08 -1.28
CA GLN D 1984 -44.89 -98.76 -2.24
C GLN D 1984 -44.45 -97.60 -3.13
N PRO D 1985 -44.69 -97.69 -4.44
CA PRO D 1985 -44.31 -96.59 -5.33
C PRO D 1985 -45.19 -95.37 -5.11
N LYS D 1986 -44.62 -94.20 -5.43
CA LYS D 1986 -45.38 -92.96 -5.38
C LYS D 1986 -45.82 -92.48 -6.76
N GLN D 1987 -45.06 -92.79 -7.81
CA GLN D 1987 -45.42 -92.45 -9.17
C GLN D 1987 -45.24 -93.68 -10.06
N LEU D 1988 -46.20 -93.90 -10.95
CA LEU D 1988 -46.14 -94.98 -11.93
C LEU D 1988 -46.03 -94.37 -13.31
N ILE D 1989 -44.98 -94.75 -14.04
CA ILE D 1989 -44.73 -94.26 -15.38
C ILE D 1989 -44.99 -95.40 -16.35
N VAL D 1990 -46.02 -95.26 -17.18
CA VAL D 1990 -46.47 -96.32 -18.08
C VAL D 1990 -45.98 -96.01 -19.49
N THR D 1991 -45.50 -97.04 -20.18
CA THR D 1991 -45.05 -96.89 -21.56
C THR D 1991 -46.20 -96.81 -22.55
N ARG D 1992 -47.41 -97.18 -22.14
CA ARG D 1992 -48.59 -97.14 -22.99
C ARG D 1992 -49.68 -96.34 -22.31
N LYS D 1993 -50.38 -95.52 -23.08
CA LYS D 1993 -51.36 -94.59 -22.52
C LYS D 1993 -52.62 -95.32 -22.06
N GLY D 1994 -52.96 -96.45 -22.69
CA GLY D 1994 -54.19 -97.16 -22.36
C GLY D 1994 -54.24 -97.65 -20.92
N LEU D 1995 -53.07 -97.92 -20.32
CA LEU D 1995 -53.01 -98.34 -18.92
C LEU D 1995 -53.50 -97.27 -17.95
N LEU D 1996 -53.73 -96.04 -18.42
CA LEU D 1996 -54.37 -95.04 -17.57
C LEU D 1996 -55.78 -95.46 -17.17
N ASP D 1997 -56.46 -96.26 -18.01
CA ASP D 1997 -57.83 -96.64 -17.65
C ASP D 1997 -57.93 -97.78 -16.62
N PRO D 1998 -57.36 -98.96 -16.83
CA PRO D 1998 -57.66 -100.07 -15.90
C PRO D 1998 -56.96 -99.95 -14.56
N LEU D 1999 -55.74 -99.39 -14.55
CA LEU D 1999 -54.97 -99.26 -13.31
C LEU D 1999 -55.69 -98.35 -12.32
N GLU D 2000 -56.32 -97.28 -12.83
CA GLU D 2000 -57.13 -96.42 -11.97
C GLU D 2000 -58.30 -97.19 -11.34
N VAL D 2001 -58.85 -98.16 -12.07
CA VAL D 2001 -59.83 -99.06 -11.46
C VAL D 2001 -59.16 -99.98 -10.45
N ASN D 2002 -57.93 -100.41 -10.74
CA ASN D 2002 -57.25 -101.36 -9.87
C ASN D 2002 -56.53 -100.70 -8.71
N LEU D 2003 -56.46 -99.37 -8.67
CA LEU D 2003 -55.77 -98.64 -7.61
C LEU D 2003 -56.67 -97.57 -7.02
N VAL D 2004 -57.95 -97.91 -6.78
CA VAL D 2004 -58.84 -97.02 -6.05
C VAL D 2004 -58.40 -96.91 -4.60
N ASP D 2005 -57.91 -98.03 -4.04
CA ASP D 2005 -57.48 -98.07 -2.64
C ASP D 2005 -56.17 -97.33 -2.40
N PHE D 2006 -55.48 -96.89 -3.44
CA PHE D 2006 -54.20 -96.19 -3.31
C PHE D 2006 -54.25 -94.87 -4.06
N PRO D 2007 -54.87 -93.84 -3.46
CA PRO D 2007 -54.86 -92.52 -4.10
C PRO D 2007 -53.51 -91.82 -4.01
N ASN D 2008 -52.60 -92.29 -3.14
CA ASN D 2008 -51.29 -91.68 -2.99
C ASN D 2008 -50.31 -92.10 -4.09
N ILE D 2009 -50.69 -93.04 -4.95
CA ILE D 2009 -49.84 -93.50 -6.04
C ILE D 2009 -50.37 -92.89 -7.34
N SER D 2010 -49.52 -92.17 -8.04
CA SER D 2010 -49.90 -91.50 -9.27
C SER D 2010 -49.48 -92.32 -10.49
N ILE D 2011 -50.26 -92.18 -11.57
CA ILE D 2011 -49.99 -92.87 -12.83
C ILE D 2011 -49.83 -91.80 -13.90
N ARG D 2012 -48.70 -91.81 -14.60
CA ARG D 2012 -48.40 -90.81 -15.61
C ARG D 2012 -47.98 -91.51 -16.90
N ALA D 2013 -48.58 -91.10 -18.02
CA ALA D 2013 -48.19 -91.61 -19.32
C ALA D 2013 -46.84 -91.03 -19.73
N SER D 2014 -45.99 -91.87 -20.30
CA SER D 2014 -44.65 -91.47 -20.70
C SER D 2014 -44.67 -91.00 -22.16
N GLU D 2015 -44.32 -89.74 -22.38
CA GLU D 2015 -44.15 -89.24 -23.74
C GLU D 2015 -42.86 -89.73 -24.38
N LEU D 2016 -41.90 -90.20 -23.58
CA LEU D 2016 -40.70 -90.81 -24.11
C LEU D 2016 -41.02 -92.20 -24.64
N GLN D 2017 -40.55 -92.51 -25.85
CA GLN D 2017 -40.69 -93.86 -26.41
C GLN D 2017 -39.60 -94.73 -25.80
N LEU D 2018 -39.86 -95.17 -24.58
CA LEU D 2018 -38.87 -95.94 -23.82
C LEU D 2018 -38.73 -97.35 -24.40
N PRO D 2019 -37.52 -97.81 -24.70
CA PRO D 2019 -37.31 -99.13 -25.30
C PRO D 2019 -37.25 -100.28 -24.29
N PHE D 2020 -38.26 -100.34 -23.41
CA PHE D 2020 -38.33 -101.41 -22.42
C PHE D 2020 -38.73 -102.75 -23.04
N GLN D 2021 -39.31 -102.73 -24.24
CA GLN D 2021 -39.63 -103.98 -24.93
C GLN D 2021 -38.38 -104.75 -25.30
N ALA D 2022 -37.32 -104.06 -25.72
CA ALA D 2022 -36.08 -104.69 -26.21
C ALA D 2022 -35.37 -105.56 -25.18
N ALA D 2023 -35.91 -105.64 -23.97
CA ALA D 2023 -35.49 -106.58 -22.95
C ALA D 2023 -35.79 -108.04 -23.31
N MET D 2024 -36.61 -108.33 -24.32
CA MET D 2024 -36.63 -109.72 -24.76
C MET D 2024 -35.36 -110.11 -25.51
N LYS D 2025 -34.65 -109.13 -26.08
CA LYS D 2025 -33.52 -109.44 -26.93
C LYS D 2025 -32.29 -109.90 -26.16
N VAL D 2026 -32.29 -109.76 -24.83
CA VAL D 2026 -31.32 -110.47 -24.00
C VAL D 2026 -31.63 -111.95 -24.08
N GLU D 2027 -30.58 -112.76 -24.29
CA GLU D 2027 -30.77 -114.19 -24.52
C GLU D 2027 -31.33 -114.88 -23.28
N LYS D 2028 -30.75 -114.60 -22.11
CA LYS D 2028 -31.17 -115.26 -20.87
C LYS D 2028 -32.61 -114.91 -20.48
N LEU D 2029 -32.98 -113.63 -20.64
CA LEU D 2029 -34.30 -113.17 -20.25
C LEU D 2029 -35.39 -113.85 -21.07
N GLY D 2030 -35.25 -113.82 -22.41
CA GLY D 2030 -36.18 -114.54 -23.26
C GLY D 2030 -36.13 -116.04 -23.05
N ASP D 2031 -34.97 -116.56 -22.63
CA ASP D 2031 -34.85 -117.99 -22.35
C ASP D 2031 -35.72 -118.41 -21.17
N MET D 2032 -35.66 -117.71 -20.04
CA MET D 2032 -36.57 -118.21 -19.00
C MET D 2032 -37.97 -117.63 -19.14
N ILE D 2033 -38.19 -116.63 -20.01
CA ILE D 2033 -39.56 -116.21 -20.29
C ILE D 2033 -40.28 -117.27 -21.12
N LEU D 2034 -39.62 -117.80 -22.15
CA LEU D 2034 -40.25 -118.80 -23.00
C LEU D 2034 -40.34 -120.17 -22.32
N ARG D 2035 -39.37 -120.50 -21.46
CA ARG D 2035 -39.37 -121.79 -20.78
C ARG D 2035 -40.26 -121.83 -19.55
N ALA D 2036 -40.79 -120.69 -19.10
CA ALA D 2036 -41.63 -120.68 -17.92
C ALA D 2036 -43.00 -121.26 -18.23
N THR D 2037 -43.44 -122.20 -17.39
CA THR D 2037 -44.73 -122.86 -17.59
C THR D 2037 -45.86 -122.24 -16.76
N GLU D 2038 -45.54 -121.34 -15.83
CA GLU D 2038 -46.54 -120.74 -14.97
C GLU D 2038 -46.36 -119.23 -14.91
N PRO D 2039 -47.44 -118.48 -14.73
CA PRO D 2039 -47.29 -117.04 -14.45
C PRO D 2039 -46.64 -116.82 -13.09
N GLN D 2040 -45.60 -115.98 -13.08
CA GLN D 2040 -44.80 -115.86 -11.87
C GLN D 2040 -44.09 -114.51 -11.82
N MET D 2041 -43.67 -114.14 -10.60
CA MET D 2041 -42.84 -112.97 -10.35
C MET D 2041 -41.38 -113.39 -10.32
N VAL D 2042 -40.54 -112.67 -11.05
CA VAL D 2042 -39.09 -112.90 -11.06
C VAL D 2042 -38.40 -111.58 -10.73
N LEU D 2043 -37.42 -111.64 -9.84
CA LEU D 2043 -36.66 -110.46 -9.41
C LEU D 2043 -35.37 -110.37 -10.21
N PHE D 2044 -35.05 -109.17 -10.68
CA PHE D 2044 -33.80 -108.92 -11.40
C PHE D 2044 -33.19 -107.60 -10.94
N ASN D 2045 -31.90 -107.47 -11.17
CA ASN D 2045 -31.16 -106.23 -10.93
C ASN D 2045 -30.58 -105.79 -12.27
N LEU D 2046 -31.24 -104.82 -12.92
CA LEU D 2046 -30.80 -104.36 -14.23
C LEU D 2046 -29.52 -103.54 -14.16
N TYR D 2047 -29.19 -102.97 -13.00
CA TYR D 2047 -27.96 -102.21 -12.85
C TYR D 2047 -26.77 -103.09 -12.49
N ASP D 2048 -27.00 -104.36 -12.16
CA ASP D 2048 -25.98 -105.30 -11.70
C ASP D 2048 -25.21 -104.76 -10.51
N ASP D 2049 -24.01 -104.22 -10.76
CA ASP D 2049 -23.16 -103.66 -9.72
C ASP D 2049 -22.71 -102.24 -10.08
N TRP D 2050 -23.50 -101.52 -10.87
CA TRP D 2050 -23.13 -100.15 -11.22
C TRP D 2050 -23.32 -99.19 -10.06
N LEU D 2051 -24.26 -99.49 -9.15
CA LEU D 2051 -24.58 -98.58 -8.05
C LEU D 2051 -23.45 -98.46 -7.04
N LYS D 2052 -22.54 -99.44 -6.99
CA LYS D 2052 -21.38 -99.31 -6.12
C LYS D 2052 -20.39 -98.28 -6.65
N THR D 2053 -20.38 -98.06 -7.97
CA THR D 2053 -19.45 -97.13 -8.61
C THR D 2053 -20.10 -95.83 -9.04
N ILE D 2054 -21.17 -95.90 -9.82
CA ILE D 2054 -21.82 -94.71 -10.35
C ILE D 2054 -23.18 -94.54 -9.68
N SER D 2055 -23.81 -93.39 -9.93
CA SER D 2055 -25.08 -93.05 -9.33
C SER D 2055 -26.23 -93.70 -10.11
N SER D 2056 -27.45 -93.44 -9.67
CA SER D 2056 -28.62 -94.02 -10.34
C SER D 2056 -28.89 -93.34 -11.68
N TYR D 2057 -28.53 -92.07 -11.83
CA TYR D 2057 -28.79 -91.36 -13.08
C TYR D 2057 -27.94 -91.90 -14.22
N THR D 2058 -26.64 -92.09 -13.98
CA THR D 2058 -25.76 -92.62 -15.01
C THR D 2058 -26.11 -94.07 -15.34
N ALA D 2059 -26.46 -94.86 -14.32
CA ALA D 2059 -26.88 -96.24 -14.56
C ALA D 2059 -28.17 -96.30 -15.36
N PHE D 2060 -29.13 -95.42 -15.06
CA PHE D 2060 -30.38 -95.36 -15.81
C PHE D 2060 -30.13 -94.94 -17.26
N SER D 2061 -29.27 -93.95 -17.48
CA SER D 2061 -28.94 -93.52 -18.84
C SER D 2061 -28.25 -94.62 -19.62
N ARG D 2062 -27.34 -95.35 -18.96
CA ARG D 2062 -26.66 -96.47 -19.62
C ARG D 2062 -27.63 -97.59 -19.96
N LEU D 2063 -28.57 -97.89 -19.04
CA LEU D 2063 -29.57 -98.93 -19.31
C LEU D 2063 -30.48 -98.53 -20.46
N ILE D 2064 -30.91 -97.26 -20.50
CA ILE D 2064 -31.75 -96.78 -21.58
C ILE D 2064 -31.01 -96.83 -22.91
N LEU D 2065 -29.72 -96.46 -22.90
CA LEU D 2065 -28.90 -96.53 -24.11
C LEU D 2065 -28.72 -97.96 -24.59
N ILE D 2066 -28.49 -98.89 -23.66
CA ILE D 2066 -28.34 -100.30 -24.02
C ILE D 2066 -29.63 -100.86 -24.61
N LEU D 2067 -30.78 -100.52 -24.00
CA LEU D 2067 -32.06 -100.97 -24.51
C LEU D 2067 -32.36 -100.39 -25.89
N ARG D 2068 -32.04 -99.11 -26.09
CA ARG D 2068 -32.23 -98.48 -27.40
C ARG D 2068 -31.34 -99.11 -28.46
N ALA D 2069 -30.08 -99.40 -28.10
CA ALA D 2069 -29.17 -100.05 -29.05
C ALA D 2069 -29.63 -101.46 -29.38
N LEU D 2070 -30.15 -102.18 -28.39
CA LEU D 2070 -30.68 -103.52 -28.63
C LEU D 2070 -31.90 -103.46 -29.55
N HIS D 2071 -32.78 -102.47 -29.34
CA HIS D 2071 -33.91 -102.27 -30.23
C HIS D 2071 -33.45 -101.90 -31.63
N VAL D 2072 -32.33 -101.19 -31.75
CA VAL D 2072 -31.78 -100.86 -33.06
C VAL D 2072 -31.13 -102.09 -33.70
N ASN D 2073 -30.24 -102.75 -32.96
CA ASN D 2073 -29.51 -103.89 -33.50
C ASN D 2073 -29.10 -104.79 -32.34
N GLN D 2074 -29.69 -105.99 -32.28
CA GLN D 2074 -29.41 -106.92 -31.20
C GLN D 2074 -28.00 -107.48 -31.29
N ASP D 2075 -27.60 -107.92 -32.49
CA ASP D 2075 -26.30 -108.58 -32.66
C ASP D 2075 -25.15 -107.60 -32.51
N LYS D 2076 -25.32 -106.37 -33.02
CA LYS D 2076 -24.28 -105.36 -32.88
C LYS D 2076 -24.12 -104.94 -31.43
N THR D 2077 -25.22 -104.85 -30.69
CA THR D 2077 -25.14 -104.53 -29.27
C THR D 2077 -24.49 -105.66 -28.49
N LYS D 2078 -24.77 -106.92 -28.88
CA LYS D 2078 -24.10 -108.05 -28.25
C LYS D 2078 -22.60 -108.03 -28.51
N LEU D 2079 -22.21 -107.66 -29.74
CA LEU D 2079 -20.79 -107.60 -30.08
C LEU D 2079 -20.09 -106.46 -29.34
N ILE D 2080 -20.76 -105.30 -29.22
CA ILE D 2080 -20.16 -104.16 -28.53
C ILE D 2080 -20.05 -104.41 -27.04
N LEU D 2081 -21.11 -104.97 -26.43
CA LEU D 2081 -21.11 -105.26 -25.00
C LEU D 2081 -20.10 -106.34 -24.62
N ARG D 2082 -19.78 -107.24 -25.54
CA ARG D 2082 -18.76 -108.28 -25.32
C ARG D 2082 -17.76 -108.20 -26.46
N PRO D 2083 -16.85 -107.22 -26.44
CA PRO D 2083 -15.88 -107.10 -27.54
C PRO D 2083 -14.80 -108.15 -27.52
N ASP D 2084 -14.55 -108.79 -26.38
CA ASP D 2084 -13.54 -109.83 -26.26
C ASP D 2084 -14.11 -111.00 -25.49
N LYS D 2085 -13.50 -112.17 -25.69
CA LYS D 2085 -13.93 -113.37 -24.98
C LYS D 2085 -13.56 -113.33 -23.50
N THR D 2086 -12.61 -112.48 -23.11
CA THR D 2086 -12.27 -112.33 -21.70
C THR D 2086 -13.36 -111.63 -20.90
N VAL D 2087 -14.23 -110.87 -21.56
CA VAL D 2087 -15.35 -110.22 -20.89
C VAL D 2087 -16.44 -111.26 -20.66
N ILE D 2088 -16.61 -111.68 -19.41
CA ILE D 2088 -17.52 -112.77 -19.05
C ILE D 2088 -18.65 -112.20 -18.21
N THR D 2089 -19.88 -112.49 -18.60
CA THR D 2089 -21.05 -112.08 -17.83
C THR D 2089 -21.22 -112.99 -16.63
N GLN D 2090 -21.45 -112.38 -15.46
CA GLN D 2090 -21.65 -113.15 -14.25
C GLN D 2090 -22.99 -113.87 -14.27
N ASP D 2091 -23.09 -114.91 -13.44
CA ASP D 2091 -24.33 -115.70 -13.38
C ASP D 2091 -25.48 -114.88 -12.80
N HIS D 2092 -25.21 -114.09 -11.77
CA HIS D 2092 -26.22 -113.23 -11.16
C HIS D 2092 -26.35 -111.88 -11.84
N HIS D 2093 -25.55 -111.61 -12.86
CA HIS D 2093 -25.59 -110.36 -13.60
C HIS D 2093 -26.19 -110.60 -14.99
N ILE D 2094 -26.83 -109.57 -15.53
CA ILE D 2094 -27.37 -109.62 -16.88
C ILE D 2094 -26.38 -109.04 -17.89
N TRP D 2095 -25.78 -107.90 -17.56
CA TRP D 2095 -24.74 -107.32 -18.40
C TRP D 2095 -23.37 -107.78 -17.93
N PRO D 2096 -22.41 -107.93 -18.85
CA PRO D 2096 -21.07 -108.34 -18.45
C PRO D 2096 -20.37 -107.27 -17.63
N SER D 2097 -19.46 -107.72 -16.76
CA SER D 2097 -18.74 -106.82 -15.86
C SER D 2097 -17.68 -106.07 -16.65
N LEU D 2098 -17.69 -104.74 -16.54
CA LEU D 2098 -16.74 -103.89 -17.23
C LEU D 2098 -16.28 -102.77 -16.29
N THR D 2099 -15.11 -102.21 -16.60
CA THR D 2099 -14.60 -101.09 -15.84
C THR D 2099 -15.32 -99.81 -16.27
N ASP D 2100 -15.04 -98.73 -15.53
CA ASP D 2100 -15.70 -97.45 -15.80
C ASP D 2100 -15.29 -96.88 -17.16
N GLU D 2101 -14.01 -96.95 -17.50
CA GLU D 2101 -13.56 -96.47 -18.79
C GLU D 2101 -14.05 -97.38 -19.93
N ASP D 2102 -14.09 -98.69 -19.68
CA ASP D 2102 -14.67 -99.60 -20.65
C ASP D 2102 -16.16 -99.36 -20.84
N TRP D 2103 -16.87 -99.04 -19.75
CA TRP D 2103 -18.29 -98.69 -19.86
C TRP D 2103 -18.48 -97.39 -20.60
N ILE D 2104 -17.56 -96.43 -20.43
CA ILE D 2104 -17.62 -95.17 -21.17
C ILE D 2104 -17.43 -95.42 -22.66
N LYS D 2105 -16.46 -96.27 -23.01
CA LYS D 2105 -16.23 -96.60 -24.42
C LYS D 2105 -17.43 -97.35 -25.01
N VAL D 2106 -18.03 -98.26 -24.24
CA VAL D 2106 -19.21 -98.99 -24.69
C VAL D 2106 -20.38 -98.02 -24.91
N GLU D 2107 -20.56 -97.06 -23.98
CA GLU D 2107 -21.61 -96.06 -24.11
C GLU D 2107 -21.40 -95.20 -25.35
N MET D 2108 -20.14 -94.80 -25.62
CA MET D 2108 -19.87 -93.97 -26.79
C MET D 2108 -20.09 -94.75 -28.08
N GLN D 2109 -19.70 -96.03 -28.10
CA GLN D 2109 -19.92 -96.86 -29.28
C GLN D 2109 -21.42 -97.08 -29.54
N LEU D 2110 -22.20 -97.31 -28.48
CA LEU D 2110 -23.63 -97.48 -28.64
C LEU D 2110 -24.30 -96.17 -29.07
N ARG D 2111 -23.78 -95.04 -28.56
CA ARG D 2111 -24.28 -93.74 -29.01
C ARG D 2111 -24.00 -93.53 -30.49
N ASP D 2112 -22.80 -93.91 -30.95
CA ASP D 2112 -22.48 -93.81 -32.37
C ASP D 2112 -23.38 -94.70 -33.22
N LEU D 2113 -23.65 -95.93 -32.74
CA LEU D 2113 -24.52 -96.84 -33.47
C LEU D 2113 -25.95 -96.29 -33.55
N ILE D 2114 -26.47 -95.76 -32.45
CA ILE D 2114 -27.83 -95.23 -32.43
C ILE D 2114 -27.93 -93.98 -33.31
N LEU D 2115 -26.91 -93.13 -33.27
CA LEU D 2115 -26.92 -91.93 -34.11
C LEU D 2115 -26.82 -92.28 -35.59
N ASN D 2116 -26.00 -93.27 -35.94
CA ASN D 2116 -25.91 -93.72 -37.33
C ASN D 2116 -27.23 -94.32 -37.81
N ASP D 2117 -27.88 -95.11 -36.96
CA ASP D 2117 -29.18 -95.68 -37.31
C ASP D 2117 -30.24 -94.60 -37.50
N TYR D 2118 -30.26 -93.60 -36.61
CA TYR D 2118 -31.23 -92.51 -36.74
C TYR D 2118 -30.96 -91.67 -37.98
N GLY D 2119 -29.67 -91.43 -38.29
CA GLY D 2119 -29.35 -90.69 -39.50
C GLY D 2119 -29.70 -91.44 -40.77
N LYS D 2120 -29.51 -92.76 -40.77
CA LYS D 2120 -29.88 -93.55 -41.94
C LYS D 2120 -31.39 -93.64 -42.09
N LYS D 2121 -32.13 -93.73 -40.98
CA LYS D 2121 -33.58 -93.86 -41.06
C LYS D 2121 -34.25 -92.54 -41.43
N ASN D 2122 -33.82 -91.43 -40.84
CA ASN D 2122 -34.50 -90.15 -40.99
C ASN D 2122 -33.81 -89.20 -41.97
N ASN D 2123 -32.75 -89.64 -42.64
CA ASN D 2123 -32.00 -88.85 -43.62
C ASN D 2123 -31.48 -87.53 -43.03
N VAL D 2124 -30.90 -87.63 -41.84
CA VAL D 2124 -30.33 -86.49 -41.13
C VAL D 2124 -28.83 -86.72 -40.99
N ASN D 2125 -28.06 -85.66 -41.14
CA ASN D 2125 -26.61 -85.74 -40.96
C ASN D 2125 -26.27 -86.08 -39.51
N VAL D 2126 -25.25 -86.93 -39.34
CA VAL D 2126 -24.87 -87.39 -38.01
C VAL D 2126 -23.92 -86.41 -37.31
N ALA D 2127 -22.91 -85.95 -38.04
CA ALA D 2127 -21.89 -85.06 -37.47
C ALA D 2127 -22.40 -83.66 -37.17
N SER D 2128 -23.55 -83.26 -37.71
CA SER D 2128 -24.10 -81.94 -37.47
C SER D 2128 -25.07 -81.88 -36.31
N LEU D 2129 -25.30 -83.01 -35.63
CA LEU D 2129 -26.27 -83.04 -34.53
C LEU D 2129 -25.68 -82.40 -33.28
N THR D 2130 -26.49 -81.59 -32.61
CA THR D 2130 -26.07 -80.93 -31.37
C THR D 2130 -26.26 -81.90 -30.20
N THR D 2131 -25.91 -81.46 -29.00
CA THR D 2131 -26.05 -82.30 -27.81
C THR D 2131 -27.51 -82.54 -27.46
N SER D 2132 -28.36 -81.52 -27.64
CA SER D 2132 -29.78 -81.68 -27.35
C SER D 2132 -30.44 -82.68 -28.29
N GLU D 2133 -30.09 -82.63 -29.58
CA GLU D 2133 -30.65 -83.57 -30.54
C GLU D 2133 -30.19 -85.00 -30.25
N VAL D 2134 -28.90 -85.17 -29.89
CA VAL D 2134 -28.38 -86.49 -29.55
C VAL D 2134 -29.08 -87.05 -28.32
N ARG D 2135 -29.26 -86.20 -27.29
CA ARG D 2135 -29.93 -86.64 -26.07
C ARG D 2135 -31.41 -86.95 -26.32
N ASP D 2136 -32.06 -86.19 -27.21
CA ASP D 2136 -33.45 -86.49 -27.54
C ASP D 2136 -33.58 -87.78 -28.35
N ILE D 2137 -32.60 -88.07 -29.22
CA ILE D 2137 -32.59 -89.33 -29.94
C ILE D 2137 -32.38 -90.49 -28.95
N ILE D 2138 -31.49 -90.30 -27.97
CA ILE D 2138 -31.24 -91.33 -26.96
C ILE D 2138 -32.49 -91.58 -26.13
N LEU D 2139 -33.16 -90.50 -25.69
CA LEU D 2139 -34.37 -90.65 -24.90
C LEU D 2139 -35.55 -91.12 -25.73
N GLY D 2140 -35.51 -90.95 -27.05
CA GLY D 2140 -36.55 -91.46 -27.92
C GLY D 2140 -37.80 -90.62 -28.01
N MET D 2141 -37.77 -89.37 -27.54
CA MET D 2141 -38.93 -88.50 -27.67
C MET D 2141 -39.16 -88.13 -29.13
N GLU D 2142 -40.42 -87.89 -29.47
CA GLU D 2142 -40.79 -87.54 -30.84
C GLU D 2142 -40.27 -86.16 -31.18
N ILE D 2143 -39.21 -86.10 -31.99
CA ILE D 2143 -38.57 -84.84 -32.34
C ILE D 2143 -39.43 -84.07 -33.32
N SER E 69 -99.65 102.99 19.40
CA SER E 69 -100.62 102.25 18.61
C SER E 69 -100.64 100.78 19.01
N GLU E 70 -101.84 100.25 19.26
CA GLU E 70 -102.03 98.85 19.65
C GLU E 70 -102.77 98.05 18.59
N SER E 71 -102.89 98.56 17.37
CA SER E 71 -103.56 97.86 16.29
C SER E 71 -102.58 97.03 15.45
N SER E 72 -101.57 97.69 14.88
CA SER E 72 -100.54 96.99 14.13
C SER E 72 -99.49 96.35 15.02
N THR E 73 -99.52 96.62 16.33
CA THR E 73 -98.57 96.00 17.25
C THR E 73 -98.78 94.49 17.33
N LYS E 74 -100.03 94.05 17.29
CA LYS E 74 -100.32 92.60 17.29
C LYS E 74 -99.78 91.93 16.03
N ASN E 75 -99.94 92.58 14.87
CA ASN E 75 -99.40 92.03 13.63
C ASN E 75 -97.88 92.01 13.64
N ALA E 76 -97.26 93.06 14.19
CA ALA E 76 -95.80 93.09 14.30
C ALA E 76 -95.30 92.00 15.24
N ALA E 77 -96.00 91.77 16.36
CA ALA E 77 -95.63 90.71 17.29
C ALA E 77 -95.81 89.33 16.65
N LEU E 78 -96.86 89.16 15.85
CA LEU E 78 -97.06 87.89 15.15
C LEU E 78 -95.96 87.64 14.12
N THR E 79 -95.57 88.70 13.39
CA THR E 79 -94.47 88.57 12.43
C THR E 79 -93.15 88.25 13.13
N ALA E 80 -92.89 88.90 14.28
CA ALA E 80 -91.69 88.62 15.05
C ALA E 80 -91.69 87.20 15.59
N ALA E 81 -92.85 86.71 16.04
CA ALA E 81 -92.96 85.34 16.51
C ALA E 81 -92.75 84.34 15.39
N GLN E 82 -93.27 84.63 14.20
CA GLN E 82 -93.04 83.77 13.04
C GLN E 82 -91.57 83.75 12.65
N GLU E 83 -90.91 84.90 12.68
CA GLU E 83 -89.48 84.97 12.39
C GLU E 83 -88.66 84.20 13.43
N ARG E 84 -89.04 84.31 14.71
CA ARG E 84 -88.36 83.58 15.77
C ARG E 84 -88.56 82.08 15.63
N LEU E 85 -89.77 81.66 15.24
CA LEU E 85 -90.03 80.24 15.01
C LEU E 85 -89.24 79.71 13.82
N ALA E 86 -89.13 80.51 12.76
CA ALA E 86 -88.32 80.12 11.61
C ALA E 86 -86.84 80.01 11.98
N ARG E 87 -86.35 80.96 12.79
CA ARG E 87 -84.96 80.90 13.25
C ARG E 87 -84.72 79.69 14.15
N PHE E 88 -85.69 79.36 15.00
CA PHE E 88 -85.56 78.18 15.86
C PHE E 88 -85.57 76.90 15.04
N ARG E 89 -86.42 76.84 14.01
CA ARG E 89 -86.45 75.68 13.13
C ARG E 89 -85.15 75.54 12.35
N ALA E 90 -84.60 76.66 11.90
CA ALA E 90 -83.31 76.62 11.21
C ALA E 90 -82.19 76.18 12.13
N LEU E 91 -82.21 76.64 13.39
CA LEU E 91 -81.21 76.22 14.37
C LEU E 91 -81.35 74.73 14.68
N GLN E 92 -82.58 74.23 14.79
CA GLN E 92 -82.78 72.81 15.04
C GLN E 92 -82.32 71.96 13.86
N ALA E 93 -82.59 72.43 12.63
CA ALA E 93 -82.11 71.72 11.45
C ALA E 93 -80.59 71.73 11.37
N ARG E 94 -79.96 72.86 11.71
CA ARG E 94 -78.51 72.93 11.74
C ARG E 94 -77.92 72.00 12.80
N ALA E 95 -78.56 71.92 13.96
CA ALA E 95 -78.11 71.01 15.01
C ALA E 95 -78.25 69.55 14.58
N LYS E 96 -79.36 69.22 13.91
CA LYS E 96 -79.54 67.85 13.41
C LYS E 96 -78.50 67.51 12.34
N GLU E 97 -78.22 68.46 11.44
CA GLU E 97 -77.21 68.25 10.42
C GLU E 97 -75.82 68.10 11.03
N SER E 98 -75.52 68.90 12.06
CA SER E 98 -74.25 68.77 12.76
C SER E 98 -74.12 67.44 13.47
N SER E 99 -75.21 66.96 14.08
CA SER E 99 -75.20 65.65 14.72
C SER E 99 -75.00 64.53 13.70
N GLN E 100 -75.66 64.63 12.55
CA GLN E 100 -75.48 63.63 11.50
C GLN E 100 -74.06 63.64 10.95
N GLN E 101 -73.48 64.84 10.77
CA GLN E 101 -72.10 64.95 10.30
C GLN E 101 -71.12 64.41 11.34
N ASN E 102 -71.40 64.65 12.63
CA ASN E 102 -70.56 64.11 13.69
C ASN E 102 -70.64 62.59 13.74
N LEU E 103 -71.83 62.02 13.54
CA LEU E 103 -71.96 60.57 13.49
C LEU E 103 -71.23 59.98 12.30
N LYS E 104 -71.32 60.64 11.14
CA LYS E 104 -70.61 60.17 9.94
C LYS E 104 -69.10 60.25 10.14
N GLU E 105 -68.61 61.33 10.75
CA GLU E 105 -67.19 61.47 11.02
C GLU E 105 -66.72 60.46 12.06
N ALA E 106 -67.59 60.14 13.03
CA ALA E 106 -67.25 59.11 14.01
C ALA E 106 -67.15 57.74 13.35
N THR E 107 -68.07 57.43 12.44
CA THR E 107 -67.99 56.16 11.71
C THR E 107 -66.75 56.11 10.83
N LYS E 108 -66.42 57.22 10.16
CA LYS E 108 -65.22 57.27 9.33
C LYS E 108 -63.95 57.11 10.15
N GLU E 109 -63.90 57.75 11.32
CA GLU E 109 -62.71 57.62 12.18
C GLU E 109 -62.61 56.24 12.79
N SER E 110 -63.74 55.60 13.08
CA SER E 110 -63.71 54.22 13.57
C SER E 110 -63.24 53.26 12.48
N GLN E 111 -63.64 53.51 11.23
CA GLN E 111 -63.16 52.69 10.13
C GLN E 111 -61.68 52.93 9.87
N ARG E 112 -61.22 54.17 9.98
CA ARG E 112 -59.82 54.49 9.72
C ARG E 112 -58.91 53.99 10.82
N LEU E 113 -59.38 54.00 12.07
CA LEU E 113 -58.56 53.53 13.18
C LEU E 113 -58.43 52.02 13.18
N ALA E 114 -59.39 51.31 12.60
CA ALA E 114 -59.33 49.85 12.50
C ALA E 114 -58.51 49.38 11.30
N THR E 115 -58.12 50.27 10.40
CA THR E 115 -57.31 49.94 9.24
C THR E 115 -55.96 50.61 9.39
N ASP E 116 -54.92 49.80 9.62
CA ASP E 116 -53.58 50.34 9.80
C ASP E 116 -53.02 50.84 8.48
N PRO E 117 -52.07 51.78 8.51
CA PRO E 117 -51.42 52.23 7.26
C PRO E 117 -50.65 51.13 6.56
N SER E 118 -50.08 50.18 7.30
CA SER E 118 -49.39 49.06 6.68
C SER E 118 -50.37 48.16 5.93
N GLN E 119 -51.55 47.94 6.50
CA GLN E 119 -52.58 47.16 5.81
C GLN E 119 -53.06 47.87 4.55
N LEU E 120 -53.21 49.20 4.62
CA LEU E 120 -53.59 49.97 3.44
C LEU E 120 -52.52 49.91 2.36
N THR E 121 -51.24 49.97 2.76
CA THR E 121 -50.15 49.86 1.80
C THR E 121 -50.11 48.48 1.16
N ALA E 122 -50.33 47.42 1.95
CA ALA E 122 -50.37 46.08 1.42
C ALA E 122 -51.54 45.88 0.46
N LEU E 123 -52.70 46.45 0.80
CA LEU E 123 -53.86 46.38 -0.09
C LEU E 123 -53.60 47.14 -1.39
N SER E 124 -52.94 48.30 -1.30
CA SER E 124 -52.59 49.05 -2.50
C SER E 124 -51.60 48.30 -3.38
N ARG E 125 -50.61 47.64 -2.76
CA ARG E 125 -49.65 46.84 -3.52
C ARG E 125 -50.33 45.65 -4.19
N LYS E 126 -51.25 44.99 -3.48
CA LYS E 126 -51.98 43.87 -4.06
C LYS E 126 -52.88 44.33 -5.21
N HIS E 127 -53.52 45.49 -5.05
CA HIS E 127 -54.34 46.05 -6.12
C HIS E 127 -53.51 46.42 -7.33
N ALA E 128 -52.31 46.98 -7.11
CA ALA E 128 -51.42 47.31 -8.22
C ALA E 128 -50.95 46.05 -8.95
N ILE E 129 -50.63 44.99 -8.19
CA ILE E 129 -50.22 43.73 -8.81
C ILE E 129 -51.36 43.12 -9.60
N ALA E 130 -52.57 43.16 -9.07
CA ALA E 130 -53.74 42.63 -9.78
C ALA E 130 -54.03 43.45 -11.04
N ALA E 131 -53.88 44.77 -10.97
CA ALA E 131 -54.09 45.62 -12.14
C ALA E 131 -53.04 45.36 -13.20
N HIS E 132 -51.78 45.15 -12.79
CA HIS E 132 -50.73 44.81 -13.75
C HIS E 132 -50.99 43.46 -14.40
N LYS E 133 -51.44 42.47 -13.62
CA LYS E 133 -51.78 41.16 -14.18
C LYS E 133 -52.95 41.26 -15.15
N LEU E 134 -53.97 42.05 -14.81
CA LEU E 134 -55.11 42.24 -15.70
C LEU E 134 -54.70 42.95 -16.99
N LEU E 135 -53.82 43.95 -16.88
CA LEU E 135 -53.33 44.63 -18.07
C LEU E 135 -52.51 43.70 -18.95
N LYS E 136 -51.69 42.85 -18.35
CA LYS E 136 -50.92 41.87 -19.12
C LYS E 136 -51.83 40.86 -19.80
N ALA E 137 -52.88 40.41 -19.09
CA ALA E 137 -53.84 39.48 -19.70
C ALA E 137 -54.60 40.13 -20.83
N GLU E 138 -54.97 41.41 -20.70
CA GLU E 138 -55.67 42.11 -21.76
C GLU E 138 -54.76 42.35 -22.97
N ILE E 139 -53.47 42.59 -22.72
CA ILE E 139 -52.53 42.77 -23.81
C ILE E 139 -52.29 41.45 -24.53
N GLU E 140 -52.22 40.34 -23.79
CA GLU E 140 -52.02 39.04 -24.41
C GLU E 140 -53.25 38.58 -25.16
N ASP E 141 -54.45 38.90 -24.66
CA ASP E 141 -55.67 38.51 -25.35
C ASP E 141 -55.92 39.35 -26.61
N ALA E 142 -55.32 40.54 -26.70
CA ALA E 142 -55.47 41.39 -27.86
C ALA E 142 -54.51 41.06 -28.99
N GLY E 143 -53.64 40.07 -28.81
CA GLY E 143 -52.68 39.71 -29.82
C GLY E 143 -51.45 40.56 -29.88
N GLY E 144 -51.21 41.39 -28.86
CA GLY E 144 -50.05 42.26 -28.81
C GLY E 144 -49.04 41.75 -27.81
N ASP E 145 -47.77 42.08 -28.03
CA ASP E 145 -46.69 41.65 -27.17
C ASP E 145 -46.51 42.66 -26.03
N PHE E 146 -46.75 42.20 -24.79
CA PHE E 146 -46.70 43.07 -23.63
C PHE E 146 -45.28 43.49 -23.29
N GLU E 147 -44.30 42.62 -23.57
CA GLU E 147 -42.91 42.95 -23.30
C GLU E 147 -42.42 44.10 -24.17
N ARG E 148 -42.87 44.17 -25.42
CA ARG E 148 -42.52 45.31 -26.26
C ARG E 148 -43.21 46.59 -25.79
N LYS E 149 -44.46 46.47 -25.30
CA LYS E 149 -45.17 47.61 -24.75
C LYS E 149 -44.46 48.18 -23.53
N ARG E 150 -43.89 47.30 -22.69
CA ARG E 150 -43.00 47.79 -21.65
C ARG E 150 -41.71 48.35 -22.23
N ALA E 151 -41.20 47.74 -23.30
CA ALA E 151 -39.91 48.11 -23.89
C ALA E 151 -39.95 49.43 -24.63
N TRP E 152 -41.12 50.02 -24.84
CA TRP E 152 -41.18 51.35 -25.43
C TRP E 152 -40.54 52.41 -24.55
N ASP E 153 -40.73 52.34 -23.24
CA ASP E 153 -40.44 53.47 -22.35
C ASP E 153 -39.67 53.05 -21.10
N TRP E 154 -38.57 52.31 -21.27
CA TRP E 154 -37.64 52.13 -20.16
C TRP E 154 -36.54 53.19 -20.21
N THR E 155 -36.00 53.51 -19.04
CA THR E 155 -34.82 54.35 -18.96
C THR E 155 -33.57 53.54 -19.28
N VAL E 156 -32.44 54.24 -19.37
CA VAL E 156 -31.18 53.59 -19.74
C VAL E 156 -30.70 52.67 -18.63
N GLU E 157 -30.68 53.18 -17.39
CA GLU E 157 -30.10 52.45 -16.26
C GLU E 157 -30.84 51.13 -16.01
N GLU E 158 -32.17 51.14 -16.19
CA GLU E 158 -32.93 49.91 -16.13
C GLU E 158 -32.53 48.95 -17.24
N ALA E 159 -32.16 49.48 -18.42
CA ALA E 159 -31.75 48.60 -19.51
C ALA E 159 -30.42 47.91 -19.22
N GLU E 160 -29.42 48.66 -18.70
CA GLU E 160 -28.20 47.95 -18.30
C GLU E 160 -28.43 47.02 -17.12
N ARG E 161 -29.33 47.38 -16.20
CA ARG E 161 -29.62 46.49 -15.07
C ARG E 161 -30.24 45.18 -15.54
N TRP E 162 -31.20 45.26 -16.47
CA TRP E 162 -31.84 44.05 -16.97
C TRP E 162 -30.89 43.23 -17.85
N ASP E 163 -30.04 43.90 -18.64
CA ASP E 163 -29.05 43.17 -19.43
C ASP E 163 -28.06 42.43 -18.53
N LYS E 164 -27.62 43.08 -17.45
CA LYS E 164 -26.71 42.45 -16.51
C LYS E 164 -27.38 41.29 -15.78
N ARG E 165 -28.66 41.45 -15.42
CA ARG E 165 -29.37 40.36 -14.76
C ARG E 165 -29.55 39.16 -15.68
N MET E 166 -29.90 39.41 -16.95
CA MET E 166 -30.07 38.32 -17.91
C MET E 166 -28.75 37.62 -18.20
N LYS E 167 -27.65 38.37 -18.34
CA LYS E 167 -26.37 37.74 -18.59
C LYS E 167 -25.85 37.00 -17.35
N LYS E 168 -26.18 37.48 -16.15
CA LYS E 168 -25.79 36.77 -14.94
C LYS E 168 -26.56 35.46 -14.79
N LYS E 169 -27.86 35.48 -15.11
CA LYS E 169 -28.63 34.24 -15.05
C LYS E 169 -28.24 33.28 -16.17
N GLU E 170 -27.85 33.79 -17.33
CA GLU E 170 -27.31 32.94 -18.38
C GLU E 170 -25.99 32.30 -17.96
N ALA E 171 -25.12 33.06 -17.29
CA ALA E 171 -23.89 32.50 -16.76
C ALA E 171 -24.17 31.48 -15.66
N HIS E 172 -25.21 31.69 -14.86
CA HIS E 172 -25.62 30.71 -13.87
C HIS E 172 -26.08 29.41 -14.53
N ARG E 173 -26.85 29.53 -15.62
CA ARG E 173 -27.31 28.34 -16.34
C ARG E 173 -26.16 27.61 -17.03
N ASP E 174 -25.18 28.35 -17.56
CA ASP E 174 -24.05 27.72 -18.22
C ASP E 174 -23.09 27.06 -17.23
N ASP E 175 -23.13 27.45 -15.96
CA ASP E 175 -22.18 26.99 -14.96
C ASP E 175 -22.77 25.90 -14.07
N THR E 176 -23.93 25.35 -14.45
CA THR E 176 -24.58 24.34 -13.65
C THR E 176 -23.81 23.02 -13.66
N ALA E 177 -23.23 22.67 -14.81
CA ALA E 177 -22.50 21.42 -14.93
C ALA E 177 -21.21 21.47 -14.10
N PHE E 178 -20.87 20.34 -13.48
CA PHE E 178 -19.69 20.24 -12.64
C PHE E 178 -18.42 20.35 -13.49
N ARG E 179 -17.67 21.43 -13.28
CA ARG E 179 -16.38 21.60 -13.95
C ARG E 179 -15.24 21.07 -13.09
N ASP E 180 -15.08 21.66 -11.90
CA ASP E 180 -14.04 21.27 -10.94
C ASP E 180 -14.46 21.81 -9.58
N TYR E 181 -13.55 21.74 -8.60
CA TYR E 181 -13.92 22.06 -7.23
C TYR E 181 -13.71 23.52 -6.88
N ALA E 182 -12.73 24.19 -7.50
CA ALA E 182 -12.52 25.61 -7.26
C ALA E 182 -13.69 26.45 -7.78
N ARG E 183 -14.29 26.02 -8.89
CA ARG E 183 -15.46 26.71 -9.42
C ARG E 183 -16.65 26.61 -8.48
N GLU E 184 -16.89 25.41 -7.93
CA GLU E 184 -17.95 25.25 -6.93
C GLU E 184 -17.63 26.01 -5.66
N ALA E 185 -16.34 26.09 -5.29
CA ALA E 185 -15.95 26.85 -4.11
C ALA E 185 -16.26 28.34 -4.28
N GLU E 186 -15.94 28.88 -5.46
CA GLU E 186 -16.27 30.27 -5.77
C GLU E 186 -17.78 30.49 -5.79
N LYS E 187 -18.52 29.52 -6.34
CA LYS E 187 -19.97 29.64 -6.40
C LYS E 187 -20.59 29.66 -5.00
N THR E 188 -20.17 28.74 -4.13
CA THR E 188 -20.71 28.72 -2.77
C THR E 188 -20.26 29.92 -1.96
N TYR E 189 -19.05 30.43 -2.20
CA TYR E 189 -18.61 31.63 -1.51
C TYR E 189 -19.44 32.84 -1.93
N LYS E 190 -19.71 32.98 -3.24
CA LYS E 190 -20.56 34.07 -3.71
C LYS E 190 -21.96 33.94 -3.16
N ARG E 191 -22.48 32.72 -3.09
CA ARG E 191 -23.81 32.49 -2.52
C ARG E 191 -23.87 32.86 -1.05
N GLN E 192 -22.83 32.51 -0.29
CA GLN E 192 -22.80 32.82 1.14
C GLN E 192 -22.62 34.32 1.38
N ILE E 193 -21.83 34.98 0.54
CA ILE E 193 -21.67 36.43 0.64
C ILE E 193 -22.98 37.13 0.27
N ARG E 194 -23.72 36.58 -0.68
CA ARG E 194 -25.06 37.10 -0.97
C ARG E 194 -25.99 36.89 0.22
N ASN E 195 -25.90 35.74 0.88
CA ASN E 195 -26.72 35.45 2.05
C ASN E 195 -26.25 36.18 3.31
N MET E 196 -25.10 36.86 3.26
CA MET E 196 -24.74 37.81 4.32
C MET E 196 -25.82 38.87 4.48
N GLY E 197 -26.33 39.39 3.37
CA GLY E 197 -27.08 40.62 3.40
C GLY E 197 -26.15 41.81 3.31
N ALA E 198 -26.71 42.99 3.51
CA ALA E 198 -25.89 44.18 3.57
C ALA E 198 -25.04 44.16 4.84
N PRO E 199 -23.76 44.55 4.76
CA PRO E 199 -22.93 44.58 5.96
C PRO E 199 -23.35 45.70 6.89
N ASP E 200 -23.06 45.50 8.18
CA ASP E 200 -23.38 46.51 9.19
C ASP E 200 -22.28 47.56 9.16
N LEU E 201 -22.45 48.53 8.25
CA LEU E 201 -21.45 49.58 8.07
C LEU E 201 -21.37 50.48 9.30
N GLU E 202 -22.50 50.73 9.97
CA GLU E 202 -22.50 51.51 11.19
C GLU E 202 -21.71 50.81 12.30
N LYS E 203 -21.83 49.48 12.39
CA LYS E 203 -21.06 48.75 13.39
C LYS E 203 -19.56 48.89 13.13
N TYR E 204 -19.13 48.62 11.89
CA TYR E 204 -17.73 48.74 11.50
C TYR E 204 -17.20 50.15 11.73
N MET E 205 -18.09 51.15 11.57
CA MET E 205 -17.78 52.52 11.98
C MET E 205 -17.47 52.59 13.48
N ARG E 206 -18.27 51.92 14.32
CA ARG E 206 -18.01 51.96 15.76
C ARG E 206 -16.71 51.24 16.16
N GLU E 207 -16.44 50.05 15.62
CA GLU E 207 -15.16 49.42 15.99
C GLU E 207 -13.97 50.15 15.39
N LYS E 208 -14.13 50.81 14.23
CA LYS E 208 -13.02 51.61 13.70
C LYS E 208 -12.72 52.78 14.62
N LEU E 209 -13.75 53.49 15.09
CA LEU E 209 -13.52 54.60 16.03
C LEU E 209 -12.96 54.12 17.36
N SER E 210 -13.47 52.99 17.88
CA SER E 210 -12.98 52.48 19.16
C SER E 210 -11.53 52.03 19.05
N ALA E 211 -11.17 51.35 17.96
CA ALA E 211 -9.79 50.93 17.76
C ALA E 211 -8.87 52.12 17.55
N ILE E 212 -9.36 53.17 16.87
CA ILE E 212 -8.58 54.42 16.74
C ILE E 212 -8.35 55.03 18.12
N GLU E 213 -9.37 55.05 18.96
CA GLU E 213 -9.25 55.62 20.30
C GLU E 213 -8.22 54.86 21.13
N LYS E 214 -8.33 53.52 21.17
CA LYS E 214 -7.39 52.76 21.99
C LYS E 214 -5.98 52.72 21.40
N ALA E 215 -5.84 52.83 20.08
CA ALA E 215 -4.51 52.87 19.49
C ALA E 215 -3.85 54.23 19.69
N ALA E 216 -4.63 55.31 19.66
CA ALA E 216 -4.10 56.62 20.00
C ALA E 216 -3.74 56.71 21.47
N ALA E 217 -4.50 56.04 22.34
CA ALA E 217 -4.11 55.93 23.74
C ALA E 217 -2.88 55.04 23.91
N ALA E 218 -2.66 54.11 22.97
CA ALA E 218 -1.49 53.24 23.00
C ALA E 218 -0.32 53.79 22.19
N GLY E 219 -0.50 54.91 21.48
CA GLY E 219 0.59 55.54 20.77
C GLY E 219 0.91 54.97 19.41
N THR E 220 0.28 53.87 19.00
CA THR E 220 0.52 53.31 17.68
C THR E 220 -0.08 54.21 16.60
N LEU E 221 -1.32 54.63 16.79
CA LEU E 221 -1.97 55.58 15.89
C LEU E 221 -1.76 56.99 16.40
N ASP E 222 -1.57 57.93 15.47
CA ASP E 222 -1.27 59.31 15.80
C ASP E 222 -2.32 60.22 15.17
N ILE E 223 -3.00 61.00 16.02
CA ILE E 223 -4.01 61.95 15.58
C ILE E 223 -3.33 63.30 15.38
N ILE E 224 -3.46 63.86 14.18
CA ILE E 224 -2.89 65.16 13.84
C ILE E 224 -3.96 66.03 13.23
N GLU E 225 -4.13 67.24 13.76
CA GLU E 225 -4.93 68.29 13.13
C GLU E 225 -4.02 69.03 12.16
N THR E 226 -4.20 68.78 10.87
CA THR E 226 -3.29 69.29 9.84
C THR E 226 -3.56 70.77 9.59
N GLU E 227 -2.87 71.34 8.59
CA GLU E 227 -3.02 72.75 8.26
C GLU E 227 -4.38 73.07 7.66
N ASP E 228 -5.10 72.06 7.15
CA ASP E 228 -6.44 72.24 6.62
C ASP E 228 -7.51 72.08 7.69
N GLY E 229 -7.13 71.84 8.93
CA GLY E 229 -8.09 71.69 10.03
C GLY E 229 -8.93 70.44 9.96
N GLU E 230 -8.37 69.31 9.54
CA GLU E 230 -9.05 68.04 9.52
C GLU E 230 -8.24 67.01 10.29
N MET E 231 -8.94 66.14 11.02
CA MET E 231 -8.28 65.17 11.89
C MET E 231 -7.81 64.00 11.04
N ILE E 232 -6.49 63.85 10.91
CA ILE E 232 -5.89 62.71 10.21
C ILE E 232 -5.36 61.77 11.28
N ALA E 233 -5.30 60.47 10.94
CA ALA E 233 -4.85 59.43 11.87
C ALA E 233 -3.83 58.56 11.14
N VAL E 234 -2.55 58.85 11.35
CA VAL E 234 -1.50 58.10 10.68
C VAL E 234 -1.08 56.91 11.55
N ASP E 235 -0.68 55.83 10.88
CA ASP E 235 -0.29 54.60 11.55
C ASP E 235 1.22 54.45 11.46
N LYS E 236 1.88 54.30 12.61
CA LYS E 236 3.31 54.03 12.62
C LYS E 236 3.61 52.66 12.01
N ASP E 237 2.94 51.63 12.51
CA ASP E 237 3.08 50.27 12.02
C ASP E 237 2.00 49.98 10.98
N GLY E 238 1.81 48.70 10.65
CA GLY E 238 0.71 48.29 9.81
C GLY E 238 -0.30 47.44 10.55
N THR E 239 -0.27 47.52 11.88
CA THR E 239 -1.09 46.66 12.73
C THR E 239 -2.57 47.02 12.76
N PHE E 240 -2.93 48.22 12.32
CA PHE E 240 -4.33 48.64 12.37
C PHE E 240 -5.11 48.16 11.15
N PHE E 241 -4.51 48.32 9.95
CA PHE E 241 -5.20 48.00 8.71
C PHE E 241 -5.52 46.51 8.61
N SER E 242 -4.49 45.68 8.53
CA SER E 242 -4.62 44.23 8.66
C SER E 242 -3.87 43.82 9.91
N THR E 243 -4.42 42.85 10.64
CA THR E 243 -3.83 42.47 11.92
C THR E 243 -2.60 41.57 11.77
N ALA E 244 -2.05 41.45 10.56
CA ALA E 244 -0.66 41.06 10.42
C ALA E 244 0.23 42.15 11.01
N ASN E 245 1.35 41.72 11.61
CA ASN E 245 2.27 42.49 12.46
C ASN E 245 1.63 42.83 13.81
N ALA E 246 0.37 42.49 13.98
CA ALA E 246 -0.33 42.66 15.25
C ALA E 246 -0.47 41.27 15.87
N THR E 247 0.36 40.99 16.87
CA THR E 247 0.37 39.69 17.51
C THR E 247 -0.84 39.45 18.41
N ASP E 248 -1.70 40.45 18.58
CA ASP E 248 -2.95 40.29 19.31
C ASP E 248 -4.11 39.96 18.39
N PHE E 249 -3.85 39.30 17.26
CA PHE E 249 -4.92 38.74 16.46
C PHE E 249 -5.55 37.53 17.14
N ALA E 250 -4.80 36.87 18.02
CA ALA E 250 -5.36 35.78 18.81
C ALA E 250 -6.34 36.29 19.86
N GLN E 251 -6.20 37.54 20.28
CA GLN E 251 -6.98 38.08 21.38
C GLN E 251 -8.35 38.58 20.95
N HIS E 252 -8.70 38.49 19.67
CA HIS E 252 -10.04 38.85 19.24
C HIS E 252 -11.05 37.82 19.75
N LYS E 253 -12.15 38.30 20.31
CA LYS E 253 -13.20 37.43 20.82
C LYS E 253 -14.53 37.80 20.15
N PRO E 254 -15.05 36.97 19.26
CA PRO E 254 -16.36 37.27 18.66
C PRO E 254 -17.48 37.20 19.69
N ASP E 255 -18.48 38.04 19.49
CA ASP E 255 -19.61 38.11 20.41
C ASP E 255 -20.55 36.93 20.20
N LYS E 256 -21.59 36.87 21.04
CA LYS E 256 -22.52 35.75 21.03
C LYS E 256 -23.32 35.69 19.74
N ALA E 257 -23.73 36.85 19.21
CA ALA E 257 -24.60 36.91 18.04
C ALA E 257 -23.92 36.35 16.80
N ALA E 258 -22.65 36.68 16.58
CA ALA E 258 -21.95 36.21 15.40
C ALA E 258 -21.72 34.70 15.44
N VAL E 259 -21.35 34.18 16.62
CA VAL E 259 -21.15 32.73 16.77
C VAL E 259 -22.48 32.00 16.58
N ASP E 260 -23.57 32.57 17.10
CA ASP E 260 -24.90 31.98 16.91
C ASP E 260 -25.29 32.00 15.44
N ARG E 261 -24.97 33.08 14.73
CA ARG E 261 -25.24 33.15 13.29
C ARG E 261 -24.46 32.09 12.52
N LEU E 262 -23.19 31.89 12.87
CA LEU E 262 -22.38 30.87 12.20
C LEU E 262 -22.91 29.46 12.46
N VAL E 263 -23.26 29.16 13.71
CA VAL E 263 -23.79 27.85 14.05
C VAL E 263 -25.14 27.64 13.36
N ALA E 264 -25.97 28.67 13.30
CA ALA E 264 -27.26 28.58 12.63
C ALA E 264 -27.11 28.33 11.13
N ASP E 265 -26.14 29.00 10.49
CA ASP E 265 -25.93 28.78 9.06
C ASP E 265 -25.39 27.39 8.78
N LEU E 266 -24.47 26.90 9.64
CA LEU E 266 -23.98 25.53 9.46
C LEU E 266 -25.08 24.50 9.66
N ARG E 267 -25.94 24.72 10.65
CA ARG E 267 -27.09 23.82 10.85
C ARG E 267 -28.09 23.93 9.71
N LYS E 268 -28.22 25.11 9.11
CA LYS E 268 -29.09 25.27 7.94
C LYS E 268 -28.56 24.47 6.76
N ALA E 269 -27.24 24.50 6.55
CA ALA E 269 -26.64 23.66 5.51
C ALA E 269 -26.84 22.18 5.81
N GLU E 270 -26.73 21.80 7.08
CA GLU E 270 -26.99 20.42 7.48
C GLU E 270 -28.42 20.00 7.16
N GLU E 271 -29.40 20.83 7.52
CA GLU E 271 -30.80 20.51 7.24
C GLU E 271 -31.09 20.52 5.74
N ALA E 272 -30.39 21.36 4.97
CA ALA E 272 -30.51 21.31 3.52
C ALA E 272 -30.00 19.98 2.98
N SER E 273 -28.90 19.47 3.54
CA SER E 273 -28.39 18.17 3.12
C SER E 273 -29.37 17.05 3.45
N LEU E 274 -29.96 17.08 4.66
CA LEU E 274 -30.97 16.08 5.00
C LEU E 274 -32.21 16.17 4.10
N LYS E 275 -32.65 17.40 3.79
CA LYS E 275 -33.80 17.58 2.91
C LYS E 275 -33.53 17.04 1.51
N ARG E 276 -32.32 17.30 0.99
CA ARG E 276 -31.96 16.79 -0.33
C ARG E 276 -31.86 15.26 -0.33
N ARG E 277 -31.32 14.68 0.74
CA ARG E 277 -31.25 13.22 0.85
C ARG E 277 -32.65 12.61 0.88
N ARG E 278 -33.55 13.20 1.68
CA ARG E 278 -34.92 12.70 1.77
C ARG E 278 -35.65 12.83 0.43
N GLU E 279 -35.45 13.95 -0.27
CA GLU E 279 -36.10 14.15 -1.56
C GLU E 279 -35.57 13.17 -2.61
N LYS E 280 -34.26 12.91 -2.61
CA LYS E 280 -33.69 11.95 -3.54
C LYS E 280 -34.20 10.53 -3.27
N LEU E 281 -34.29 10.15 -1.99
CA LEU E 281 -34.84 8.84 -1.66
C LEU E 281 -36.32 8.73 -2.04
N ALA E 282 -37.10 9.79 -1.81
CA ALA E 282 -38.51 9.78 -2.18
C ALA E 282 -38.69 9.69 -3.70
N LYS E 283 -37.87 10.41 -4.47
CA LYS E 283 -37.96 10.32 -5.92
C LYS E 283 -37.39 9.01 -6.46
N SER E 284 -36.52 8.34 -5.70
CA SER E 284 -36.06 7.02 -6.09
C SER E 284 -37.02 5.91 -5.68
N GLY E 285 -37.97 6.19 -4.80
CA GLY E 285 -38.94 5.21 -4.37
C GLY E 285 -40.13 5.00 -5.27
N GLU E 286 -40.12 5.54 -6.49
CA GLU E 286 -41.25 5.43 -7.41
C GLU E 286 -41.00 4.33 -8.43
N GLU E 287 -42.00 3.48 -8.63
CA GLU E 287 -41.94 2.38 -9.60
C GLU E 287 -42.49 2.76 -10.98
N HIS E 288 -42.04 3.87 -11.55
CA HIS E 288 -42.53 4.31 -12.85
C HIS E 288 -41.63 3.72 -13.94
N GLY E 289 -42.20 2.84 -14.75
CA GLY E 289 -41.51 2.24 -15.87
C GLY E 289 -41.49 0.73 -15.76
N ASP E 290 -40.80 0.09 -16.71
CA ASP E 290 -40.65 -1.36 -16.69
C ASP E 290 -39.70 -1.77 -15.58
N VAL E 291 -40.03 -2.87 -14.91
CA VAL E 291 -39.20 -3.40 -13.83
C VAL E 291 -38.33 -4.53 -14.38
N THR E 292 -37.05 -4.52 -14.00
CA THR E 292 -36.12 -5.57 -14.40
C THR E 292 -35.38 -6.07 -13.17
N TYR E 293 -35.17 -5.18 -12.20
CA TYR E 293 -34.35 -5.47 -11.03
C TYR E 293 -35.04 -6.47 -10.10
N ILE E 294 -34.32 -6.85 -9.06
CA ILE E 294 -34.90 -7.61 -7.94
C ILE E 294 -34.63 -6.96 -6.59
N ASN E 295 -33.62 -6.10 -6.46
CA ASN E 295 -33.26 -5.45 -5.20
C ASN E 295 -33.14 -3.95 -5.42
N GLU E 296 -32.97 -3.21 -4.32
CA GLU E 296 -32.81 -1.76 -4.41
C GLU E 296 -31.47 -1.39 -5.05
N LYS E 297 -30.39 -2.06 -4.64
CA LYS E 297 -29.10 -1.83 -5.28
C LYS E 297 -29.11 -2.27 -6.72
N ASN E 298 -29.85 -3.34 -7.03
CA ASN E 298 -30.05 -3.75 -8.41
C ASN E 298 -30.79 -2.68 -9.20
N LYS E 299 -31.80 -2.05 -8.58
CA LYS E 299 -32.54 -0.97 -9.24
C LYS E 299 -31.63 0.22 -9.53
N GLN E 300 -30.79 0.60 -8.57
CA GLN E 300 -29.88 1.72 -8.78
C GLN E 300 -28.84 1.41 -9.84
N PHE E 301 -28.31 0.17 -9.83
CA PHE E 301 -27.34 -0.21 -10.85
C PHE E 301 -27.98 -0.25 -12.24
N ASN E 302 -29.21 -0.73 -12.35
CA ASN E 302 -29.89 -0.74 -13.64
C ASN E 302 -30.23 0.67 -14.12
N ALA E 303 -30.53 1.58 -13.20
CA ALA E 303 -30.72 2.98 -13.58
C ALA E 303 -29.42 3.58 -14.10
N LYS E 304 -28.29 3.26 -13.46
CA LYS E 304 -27.00 3.72 -13.95
C LYS E 304 -26.67 3.12 -15.32
N LEU E 305 -26.96 1.83 -15.50
CA LEU E 305 -26.75 1.18 -16.79
C LEU E 305 -27.60 1.83 -17.87
N ALA E 306 -28.83 2.23 -17.55
CA ALA E 306 -29.64 3.00 -18.49
C ALA E 306 -28.97 4.33 -18.82
N ARG E 307 -28.61 5.10 -17.78
CA ARG E 307 -28.09 6.46 -17.96
C ARG E 307 -26.80 6.49 -18.78
N PHE E 308 -26.04 5.39 -18.79
CA PHE E 308 -24.92 5.31 -19.71
C PHE E 308 -25.23 4.65 -21.05
N TYR E 309 -26.08 3.61 -21.09
CA TYR E 309 -26.14 2.74 -22.25
C TYR E 309 -27.37 2.94 -23.15
N ASN E 310 -28.27 3.89 -22.86
CA ASN E 310 -29.35 4.18 -23.81
C ASN E 310 -28.82 4.68 -25.16
N LYS E 311 -27.85 5.60 -25.14
CA LYS E 311 -27.36 6.16 -26.40
C LYS E 311 -26.56 5.18 -27.25
N TYR E 312 -26.25 3.98 -26.72
CA TYR E 312 -25.60 2.94 -27.50
C TYR E 312 -26.47 1.70 -27.69
N THR E 313 -27.58 1.55 -26.96
CA THR E 313 -28.30 0.29 -26.93
C THR E 313 -29.81 0.52 -27.14
N ALA E 314 -30.19 1.75 -27.53
CA ALA E 314 -31.59 2.01 -27.83
C ALA E 314 -32.09 1.21 -29.04
N GLU E 315 -31.19 0.92 -30.00
CA GLU E 315 -31.57 0.12 -31.15
C GLU E 315 -31.82 -1.33 -30.75
N ILE E 316 -31.01 -1.85 -29.83
CA ILE E 316 -31.24 -3.20 -29.30
C ILE E 316 -32.53 -3.24 -28.50
N ARG E 317 -32.83 -2.17 -27.75
CA ARG E 317 -34.09 -2.11 -27.03
C ARG E 317 -35.28 -2.09 -27.97
N ASP E 318 -35.16 -1.38 -29.09
CA ASP E 318 -36.20 -1.42 -30.12
C ASP E 318 -36.39 -2.83 -30.65
N SER E 319 -35.27 -3.54 -30.92
CA SER E 319 -35.33 -4.92 -31.40
C SER E 319 -36.00 -5.84 -30.38
N PHE E 320 -35.77 -5.58 -29.09
CA PHE E 320 -36.42 -6.37 -28.05
C PHE E 320 -37.91 -6.04 -27.92
N GLU E 321 -38.27 -4.78 -28.13
CA GLU E 321 -39.67 -4.38 -28.03
C GLU E 321 -40.49 -4.96 -29.18
N ARG E 322 -39.93 -5.00 -30.38
CA ARG E 322 -40.70 -5.45 -31.53
C ARG E 322 -40.86 -6.97 -31.59
N GLY E 323 -39.90 -7.73 -31.07
CA GLY E 323 -39.95 -9.17 -31.21
C GLY E 323 -39.54 -9.67 -32.57
N THR E 324 -38.78 -8.88 -33.31
CA THR E 324 -38.32 -9.17 -34.66
C THR E 324 -36.98 -8.46 -34.86
N MET E 325 -36.66 -8.06 -36.10
CA MET E 325 -35.36 -7.66 -36.65
C MET E 325 -34.42 -6.94 -35.69
N VAL E 326 -33.13 -7.29 -35.77
CA VAL E 326 -32.02 -6.71 -34.97
C VAL E 326 -32.06 -5.19 -34.77
N ASN F 90 -3.57 -11.09 -58.08
CA ASN F 90 -4.49 -12.13 -58.53
C ASN F 90 -4.02 -13.50 -58.05
N ALA F 91 -2.88 -13.52 -57.36
CA ALA F 91 -2.34 -14.77 -56.84
C ALA F 91 -3.12 -15.23 -55.62
N VAL F 92 -2.97 -16.50 -55.29
CA VAL F 92 -3.68 -17.13 -54.18
C VAL F 92 -2.76 -17.15 -52.97
N ILE F 93 -3.23 -16.58 -51.86
CA ILE F 93 -2.51 -16.61 -50.60
C ILE F 93 -3.18 -17.63 -49.69
N LEU F 94 -2.46 -18.68 -49.33
CA LEU F 94 -2.98 -19.68 -48.43
C LEU F 94 -3.03 -19.14 -47.00
N HIS F 95 -3.71 -19.89 -46.13
CA HIS F 95 -3.82 -19.48 -44.74
C HIS F 95 -2.48 -19.57 -44.02
N GLU F 96 -1.67 -20.57 -44.36
CA GLU F 96 -0.44 -20.85 -43.63
C GLU F 96 0.74 -19.98 -44.07
N ASP F 97 0.60 -19.18 -45.12
CA ASP F 97 1.64 -18.24 -45.50
C ASP F 97 1.09 -16.82 -45.59
N LYS F 98 0.06 -16.54 -44.81
CA LYS F 98 -0.53 -15.21 -44.78
C LYS F 98 0.32 -14.29 -43.90
N GLN F 99 0.51 -13.06 -44.35
CA GLN F 99 1.20 -12.04 -43.58
C GLN F 99 0.18 -11.00 -43.14
N TYR F 100 0.04 -10.84 -41.84
CA TYR F 100 -0.89 -9.87 -41.27
C TYR F 100 -0.24 -8.53 -40.98
N TYR F 101 1.09 -8.48 -40.97
CA TYR F 101 1.86 -7.32 -40.59
C TYR F 101 2.96 -7.09 -41.61
N PRO F 102 3.39 -5.84 -41.79
CA PRO F 102 4.55 -5.58 -42.67
C PRO F 102 5.85 -6.08 -42.08
N THR F 103 6.94 -5.99 -42.84
CA THR F 103 8.22 -6.45 -42.33
C THR F 103 8.86 -5.37 -41.46
N ALA F 104 10.00 -5.74 -40.85
CA ALA F 104 10.71 -4.80 -39.98
C ALA F 104 11.30 -3.65 -40.79
N ALA F 105 11.78 -3.93 -42.00
CA ALA F 105 12.34 -2.87 -42.84
C ALA F 105 11.27 -1.91 -43.33
N GLN F 106 10.03 -2.40 -43.51
CA GLN F 106 8.95 -1.53 -43.95
C GLN F 106 8.50 -0.59 -42.85
N VAL F 107 8.70 -0.97 -41.59
CA VAL F 107 8.25 -0.17 -40.45
C VAL F 107 9.35 0.77 -39.97
N PHE F 108 10.56 0.26 -39.83
CA PHE F 108 11.63 1.01 -39.18
C PHE F 108 12.41 1.88 -40.15
N GLY F 109 12.44 1.52 -41.42
CA GLY F 109 13.15 2.30 -42.44
C GLY F 109 14.37 1.56 -42.96
N GLU F 110 15.07 2.25 -43.84
CA GLU F 110 16.24 1.68 -44.51
C GLU F 110 17.53 1.89 -43.74
N GLY F 111 17.62 2.91 -42.91
CA GLY F 111 18.81 3.19 -42.14
C GLY F 111 18.87 2.54 -40.79
N VAL F 112 17.86 1.76 -40.41
CA VAL F 112 17.80 1.12 -39.10
C VAL F 112 18.17 -0.35 -39.25
N GLU F 113 19.19 -0.78 -38.51
CA GLU F 113 19.56 -2.19 -38.46
C GLU F 113 18.61 -2.93 -37.53
N THR F 114 17.96 -3.97 -38.03
CA THR F 114 16.99 -4.74 -37.24
C THR F 114 17.55 -6.13 -37.02
N LEU F 115 17.72 -6.50 -35.75
CA LEU F 115 18.27 -7.80 -35.37
C LEU F 115 17.21 -8.64 -34.69
N VAL F 116 17.19 -9.93 -35.01
CA VAL F 116 16.33 -10.91 -34.36
C VAL F 116 17.26 -11.94 -33.72
N GLN F 117 17.50 -11.80 -32.42
CA GLN F 117 18.46 -12.63 -31.70
C GLN F 117 17.69 -13.53 -30.74
N GLU F 118 17.64 -14.84 -31.05
CA GLU F 118 16.92 -15.79 -30.21
C GLU F 118 17.76 -16.98 -29.78
N GLU F 119 19.08 -16.91 -29.93
CA GLU F 119 19.96 -17.93 -29.38
C GLU F 119 21.25 -17.26 -28.91
N ASP F 120 21.79 -17.76 -27.80
CA ASP F 120 22.97 -17.17 -27.19
C ASP F 120 24.23 -17.51 -27.98
N ALA F 121 25.21 -16.62 -27.90
CA ALA F 121 26.51 -16.86 -28.50
C ALA F 121 27.48 -17.60 -27.59
N GLN F 122 27.14 -17.75 -26.33
CA GLN F 122 28.00 -18.42 -25.35
C GLN F 122 27.20 -19.51 -24.66
N PRO F 123 27.87 -20.55 -24.16
CA PRO F 123 27.23 -21.45 -23.21
C PRO F 123 27.11 -20.77 -21.85
N LEU F 124 26.28 -21.35 -20.99
CA LEU F 124 26.13 -20.84 -19.64
C LEU F 124 27.38 -21.09 -18.80
N THR F 125 28.24 -22.01 -19.22
CA THR F 125 29.46 -22.33 -18.49
C THR F 125 30.60 -21.38 -18.79
N GLN F 126 30.49 -20.53 -19.81
CA GLN F 126 31.53 -19.56 -20.11
C GLN F 126 31.26 -18.27 -19.34
N PRO F 127 32.15 -17.85 -18.46
CA PRO F 127 31.89 -16.67 -17.62
C PRO F 127 31.79 -15.38 -18.42
N ILE F 128 30.96 -14.47 -17.92
CA ILE F 128 30.88 -13.12 -18.49
C ILE F 128 32.17 -12.36 -18.20
N ILE F 129 32.63 -12.40 -16.95
CA ILE F 129 33.94 -11.91 -16.57
C ILE F 129 34.82 -13.11 -16.26
N ALA F 130 35.90 -13.26 -17.02
CA ALA F 130 36.80 -14.39 -16.81
C ALA F 130 37.56 -14.20 -15.50
N PRO F 131 37.55 -15.20 -14.62
CA PRO F 131 38.32 -15.08 -13.37
C PRO F 131 39.82 -15.06 -13.62
N VAL F 132 40.53 -14.40 -12.72
CA VAL F 132 41.99 -14.32 -12.81
C VAL F 132 42.56 -15.70 -12.49
N GLU F 133 43.15 -16.34 -13.49
CA GLU F 133 43.46 -17.75 -13.44
C GLU F 133 44.95 -17.96 -13.24
N GLN F 134 45.31 -18.91 -12.37
CA GLN F 134 46.69 -19.09 -11.94
C GLN F 134 47.46 -20.05 -12.85
N LYS F 135 46.97 -21.29 -12.97
CA LYS F 135 47.55 -22.35 -13.81
C LYS F 135 49.00 -22.64 -13.44
N LYS F 136 49.17 -23.13 -12.22
CA LYS F 136 50.47 -23.59 -11.74
C LYS F 136 50.73 -25.00 -12.25
N PHE F 137 51.81 -25.17 -13.01
CA PHE F 137 52.18 -26.48 -13.54
C PHE F 137 53.45 -27.02 -12.92
N SER F 138 54.00 -26.35 -11.91
CA SER F 138 55.22 -26.80 -11.27
C SER F 138 55.29 -26.20 -9.87
N ILE F 139 56.12 -26.80 -9.03
CA ILE F 139 56.38 -26.29 -7.69
C ILE F 139 57.69 -25.51 -7.72
N GLN F 140 57.61 -24.22 -7.43
CA GLN F 140 58.76 -23.34 -7.47
C GLN F 140 58.74 -22.46 -6.22
N GLU F 141 59.84 -22.46 -5.48
CA GLU F 141 59.96 -21.58 -4.34
C GLU F 141 59.99 -20.12 -4.80
N ALA F 142 59.30 -19.25 -4.07
CA ALA F 142 59.21 -17.85 -4.44
C ALA F 142 60.53 -17.15 -4.17
N ASP F 143 60.94 -17.13 -2.90
CA ASP F 143 62.25 -16.61 -2.54
C ASP F 143 63.31 -17.70 -2.66
N LEU F 144 64.56 -17.28 -2.78
CA LEU F 144 65.66 -18.22 -2.76
C LEU F 144 65.82 -18.81 -1.36
N PRO F 145 65.96 -20.12 -1.23
CA PRO F 145 66.01 -20.74 0.10
C PRO F 145 67.35 -20.47 0.77
N PRO F 146 67.41 -20.52 2.10
CA PRO F 146 68.70 -20.39 2.78
C PRO F 146 69.59 -21.61 2.53
N VAL F 147 70.81 -21.34 2.09
CA VAL F 147 71.80 -22.39 1.82
C VAL F 147 72.95 -22.22 2.81
N TYR F 148 73.77 -23.27 2.90
CA TYR F 148 74.87 -23.30 3.85
C TYR F 148 76.18 -22.77 3.27
N PHE F 149 76.17 -22.34 2.02
CA PHE F 149 77.31 -21.69 1.39
C PHE F 149 76.92 -20.28 0.96
N ASP F 150 77.86 -19.58 0.35
CA ASP F 150 77.61 -18.24 -0.18
C ASP F 150 77.39 -18.34 -1.68
N ARG F 151 76.32 -17.72 -2.18
CA ARG F 151 76.06 -17.73 -3.61
C ARG F 151 77.07 -16.88 -4.36
N GLY F 152 77.54 -15.79 -3.74
CA GLY F 152 78.61 -15.02 -4.34
C GLY F 152 79.90 -15.82 -4.44
N PHE F 153 80.17 -16.64 -3.43
CA PHE F 153 81.32 -17.54 -3.48
C PHE F 153 81.18 -18.57 -4.61
N MET F 154 79.95 -19.05 -4.83
CA MET F 154 79.72 -20.01 -5.91
C MET F 154 79.89 -19.34 -7.27
N THR F 155 79.44 -18.08 -7.41
CA THR F 155 79.69 -17.36 -8.66
C THR F 155 81.16 -17.07 -8.85
N ASP F 156 81.92 -16.89 -7.76
CA ASP F 156 83.37 -16.81 -7.87
C ASP F 156 83.97 -18.13 -8.31
N LEU F 157 83.36 -19.25 -7.88
CA LEU F 157 83.87 -20.57 -8.24
C LEU F 157 83.68 -20.91 -9.71
N MET F 158 82.79 -20.21 -10.43
CA MET F 158 82.63 -20.54 -11.84
C MET F 158 83.79 -20.04 -12.68
N ASN F 159 84.56 -19.07 -12.17
CA ASN F 159 85.68 -18.51 -12.94
C ASN F 159 86.96 -19.32 -12.74
N PHE F 160 86.86 -20.64 -12.82
CA PHE F 160 87.94 -21.57 -12.49
C PHE F 160 87.66 -22.96 -13.06
N PRO F 161 87.82 -23.18 -14.38
CA PRO F 161 87.52 -24.51 -14.93
C PRO F 161 88.63 -25.52 -14.72
N GLU F 162 89.20 -25.55 -13.51
CA GLU F 162 90.05 -26.62 -13.02
C GLU F 162 89.32 -27.52 -12.02
N GLN F 163 88.48 -26.91 -11.17
CA GLN F 163 87.86 -27.58 -10.04
C GLN F 163 86.34 -27.73 -10.21
N ILE F 164 85.83 -27.47 -11.40
CA ILE F 164 84.42 -27.67 -11.70
C ILE F 164 84.23 -29.07 -12.25
N ARG F 165 83.12 -29.70 -11.91
CA ARG F 165 82.78 -31.02 -12.46
C ARG F 165 81.36 -30.96 -13.00
N ASN F 166 81.19 -31.40 -14.25
CA ASN F 166 79.88 -31.48 -14.89
C ASN F 166 79.55 -32.96 -15.05
N ILE F 167 78.58 -33.43 -14.28
CA ILE F 167 78.25 -34.85 -14.24
C ILE F 167 76.74 -35.02 -14.35
N ALA F 168 76.34 -36.18 -14.88
CA ALA F 168 74.95 -36.56 -14.97
C ALA F 168 74.71 -37.80 -14.12
N LEU F 169 73.64 -37.76 -13.31
CA LEU F 169 73.22 -38.93 -12.54
C LEU F 169 72.25 -39.74 -13.37
N ALA F 170 72.62 -40.96 -13.74
CA ALA F 170 71.80 -41.76 -14.63
C ALA F 170 71.68 -43.18 -14.08
N GLY F 171 70.56 -43.83 -14.41
CA GLY F 171 70.35 -45.19 -13.95
C GLY F 171 68.96 -45.66 -14.33
N HIS F 172 68.61 -46.85 -13.80
CA HIS F 172 67.31 -47.44 -14.05
C HIS F 172 66.23 -46.70 -13.26
N LEU F 173 64.98 -47.00 -13.58
CA LEU F 173 63.84 -46.41 -12.90
C LEU F 173 63.84 -46.76 -11.41
N HIS F 174 63.69 -45.73 -10.57
CA HIS F 174 63.57 -45.85 -9.12
C HIS F 174 64.79 -46.52 -8.49
N HIS F 175 65.97 -46.16 -8.99
CA HIS F 175 67.22 -46.67 -8.44
C HIS F 175 67.93 -45.67 -7.52
N GLY F 176 67.42 -44.45 -7.40
CA GLY F 176 67.90 -43.54 -6.37
C GLY F 176 68.69 -42.34 -6.84
N LYS F 177 68.45 -41.87 -8.06
CA LYS F 177 69.15 -40.67 -8.53
C LYS F 177 68.60 -39.41 -7.88
N THR F 178 67.27 -39.28 -7.80
CA THR F 178 66.68 -38.11 -7.16
C THR F 178 66.91 -38.13 -5.66
N ALA F 179 67.04 -39.32 -5.06
CA ALA F 179 67.36 -39.41 -3.64
C ALA F 179 68.82 -39.03 -3.37
N PHE F 180 69.73 -39.34 -4.29
CA PHE F 180 71.10 -38.86 -4.19
C PHE F 180 71.14 -37.33 -4.29
N MET F 181 70.36 -36.77 -5.21
CA MET F 181 70.24 -35.32 -5.28
C MET F 181 69.63 -34.75 -4.01
N ASP F 182 68.68 -35.48 -3.41
CA ASP F 182 68.08 -35.06 -2.14
C ASP F 182 69.11 -35.03 -1.03
N MET F 183 70.00 -36.02 -0.99
CA MET F 183 71.07 -36.04 0.00
C MET F 183 71.98 -34.83 -0.15
N LEU F 184 72.38 -34.53 -1.40
CA LEU F 184 73.22 -33.36 -1.64
C LEU F 184 72.51 -32.06 -1.29
N VAL F 185 71.22 -31.96 -1.61
CA VAL F 185 70.44 -30.75 -1.31
C VAL F 185 70.33 -30.56 0.20
N LEU F 186 70.00 -31.62 0.93
CA LEU F 186 69.89 -31.54 2.38
C LEU F 186 71.23 -31.27 3.04
N GLU F 187 72.34 -31.65 2.39
CA GLU F 187 73.65 -31.22 2.87
C GLU F 187 73.87 -29.73 2.63
N THR F 188 73.39 -29.21 1.50
CA THR F 188 73.68 -27.83 1.11
C THR F 188 72.59 -26.83 1.42
N HIS F 189 71.35 -27.25 1.66
CA HIS F 189 70.25 -26.34 1.88
C HIS F 189 69.73 -26.48 3.31
N ALA F 190 69.35 -25.34 3.90
CA ALA F 190 68.77 -25.33 5.25
C ALA F 190 67.25 -25.44 5.13
N ILE F 191 66.81 -26.62 4.66
CA ILE F 191 65.40 -26.89 4.47
C ILE F 191 64.90 -28.04 5.33
N GLN F 192 65.76 -28.64 6.15
CA GLN F 192 65.32 -29.70 7.05
C GLN F 192 64.40 -29.15 8.13
N GLU F 193 64.53 -27.86 8.46
CA GLU F 193 63.67 -27.24 9.45
C GLU F 193 62.21 -27.21 8.99
N ARG F 194 61.98 -26.90 7.72
CA ARG F 194 60.62 -26.88 7.19
C ARG F 194 60.10 -28.26 6.82
N LEU F 195 60.99 -29.25 6.67
CA LEU F 195 60.53 -30.61 6.46
C LEU F 195 60.11 -31.27 7.77
N ASP F 196 60.58 -30.75 8.90
CA ASP F 196 60.21 -31.29 10.20
C ASP F 196 58.95 -30.63 10.77
N LYS F 197 58.41 -29.62 10.09
CA LYS F 197 57.12 -29.02 10.44
C LYS F 197 55.97 -29.69 9.71
N ARG F 198 56.13 -30.97 9.38
CA ARG F 198 55.26 -31.70 8.48
C ARG F 198 54.65 -32.89 9.20
N THR F 199 53.34 -33.10 9.02
CA THR F 199 52.61 -34.09 9.77
C THR F 199 51.94 -35.07 8.82
N GLY F 200 51.46 -36.19 9.38
CA GLY F 200 50.74 -37.18 8.61
C GLY F 200 51.65 -37.96 7.67
N LYS F 201 51.01 -38.60 6.68
CA LYS F 201 51.74 -39.34 5.66
C LYS F 201 52.72 -38.46 4.91
N LYS F 202 52.44 -37.15 4.87
CA LYS F 202 53.30 -36.20 4.18
C LYS F 202 54.70 -36.13 4.80
N ARG F 203 54.85 -36.44 6.09
CA ARG F 203 56.22 -36.41 6.61
C ARG F 203 57.00 -37.67 6.26
N ASP F 204 56.33 -38.69 5.74
CA ASP F 204 57.02 -39.89 5.29
C ASP F 204 57.35 -39.85 3.81
N GLU F 205 56.95 -38.79 3.11
CA GLU F 205 57.24 -38.67 1.69
C GLU F 205 58.71 -38.37 1.47
N GLN F 206 59.27 -38.92 0.39
CA GLN F 206 60.58 -38.51 -0.07
C GLN F 206 60.53 -37.04 -0.50
N LEU F 207 61.63 -36.33 -0.27
CA LEU F 207 61.68 -34.91 -0.59
C LEU F 207 61.56 -34.68 -2.09
N ARG F 208 62.38 -35.37 -2.88
CA ARG F 208 62.37 -35.31 -4.35
C ARG F 208 62.46 -33.88 -4.87
N TYR F 209 63.62 -33.25 -4.57
CA TYR F 209 63.79 -31.82 -4.77
C TYR F 209 63.75 -31.44 -6.24
N THR F 210 64.34 -32.25 -7.11
CA THR F 210 64.42 -31.95 -8.52
C THR F 210 63.27 -32.54 -9.34
N ASP F 211 62.27 -33.12 -8.68
CA ASP F 211 61.02 -33.48 -9.34
C ASP F 211 60.03 -32.36 -9.07
N VAL F 212 59.75 -31.56 -10.09
CA VAL F 212 58.93 -30.37 -9.92
C VAL F 212 57.74 -30.33 -10.87
N HIS F 213 57.76 -31.06 -11.98
CA HIS F 213 56.59 -31.20 -12.83
C HIS F 213 55.43 -31.80 -12.05
N VAL F 214 54.21 -31.37 -12.38
CA VAL F 214 53.03 -31.95 -11.73
C VAL F 214 52.88 -33.41 -12.13
N ILE F 215 53.29 -33.77 -13.34
CA ILE F 215 53.38 -35.17 -13.72
C ILE F 215 54.40 -35.88 -12.83
N GLU F 216 55.54 -35.23 -12.59
CA GLU F 216 56.57 -35.83 -11.74
C GLU F 216 56.07 -36.03 -10.32
N ARG F 217 55.29 -35.08 -9.80
CA ARG F 217 54.76 -35.21 -8.46
C ARG F 217 53.69 -36.30 -8.37
N ASP F 218 52.79 -36.37 -9.36
CA ASP F 218 51.68 -37.30 -9.27
C ASP F 218 52.10 -38.73 -9.62
N ARG F 219 52.93 -38.91 -10.65
CA ARG F 219 53.37 -40.25 -11.04
C ARG F 219 54.43 -40.81 -10.11
N GLY F 220 55.13 -39.96 -9.35
CA GLY F 220 56.17 -40.44 -8.47
C GLY F 220 57.44 -40.84 -9.17
N LEU F 221 57.69 -40.34 -10.38
CA LEU F 221 58.91 -40.61 -11.10
C LEU F 221 59.30 -39.37 -11.89
N SER F 222 60.58 -39.32 -12.27
CA SER F 222 61.10 -38.19 -13.03
C SER F 222 60.80 -38.37 -14.52
N ILE F 223 60.37 -37.30 -15.18
CA ILE F 223 60.13 -37.30 -16.61
C ILE F 223 61.05 -36.36 -17.35
N LYS F 224 61.74 -35.46 -16.66
CA LYS F 224 62.56 -34.43 -17.29
C LYS F 224 63.95 -34.44 -16.67
N ALA F 225 64.93 -33.97 -17.44
CA ALA F 225 66.26 -33.73 -16.89
C ALA F 225 66.20 -32.59 -15.89
N ALA F 226 67.10 -32.61 -14.93
CA ALA F 226 66.99 -31.66 -13.84
C ALA F 226 68.35 -31.14 -13.38
N PRO F 227 68.72 -29.91 -13.72
CA PRO F 227 70.06 -29.42 -13.36
C PRO F 227 70.09 -28.68 -12.02
N MET F 228 71.22 -28.84 -11.33
CA MET F 228 71.52 -28.07 -10.14
C MET F 228 73.00 -27.72 -10.13
N SER F 229 73.34 -26.64 -9.44
CA SER F 229 74.73 -26.25 -9.20
C SER F 229 74.93 -26.10 -7.70
N LEU F 230 75.83 -26.90 -7.14
CA LEU F 230 76.01 -26.97 -5.70
C LEU F 230 77.47 -26.81 -5.32
N VAL F 231 77.71 -26.29 -4.12
CA VAL F 231 79.04 -26.17 -3.57
C VAL F 231 79.23 -27.31 -2.59
N LEU F 232 80.07 -28.28 -2.95
CA LEU F 232 80.28 -29.47 -2.15
C LEU F 232 81.75 -29.56 -1.74
N SER F 233 81.99 -30.01 -0.51
CA SER F 233 83.32 -30.06 0.05
C SER F 233 83.93 -31.45 -0.10
N SER F 234 85.23 -31.49 -0.31
CA SER F 234 85.97 -32.74 -0.40
C SER F 234 86.38 -33.19 1.01
N THR F 235 87.13 -34.30 1.09
CA THR F 235 87.60 -34.78 2.38
C THR F 235 88.62 -33.81 3.00
N LYS F 236 89.51 -33.27 2.17
CA LYS F 236 90.52 -32.34 2.66
C LYS F 236 89.94 -31.00 3.08
N GLY F 237 88.74 -30.65 2.61
CA GLY F 237 88.10 -29.41 2.98
C GLY F 237 87.97 -28.39 1.87
N LYS F 238 88.38 -28.73 0.65
CA LYS F 238 88.28 -27.79 -0.46
C LYS F 238 86.88 -27.85 -1.07
N SER F 239 86.23 -26.70 -1.18
CA SER F 239 84.91 -26.63 -1.79
C SER F 239 85.05 -26.56 -3.30
N HIS F 240 84.24 -27.36 -3.99
CA HIS F 240 84.17 -27.38 -5.44
C HIS F 240 82.74 -27.09 -5.87
N LEU F 241 82.60 -26.65 -7.12
CA LEU F 241 81.30 -26.44 -7.72
C LEU F 241 80.97 -27.64 -8.59
N PHE F 242 79.88 -28.32 -8.24
CA PHE F 242 79.40 -29.46 -9.02
C PHE F 242 78.14 -29.04 -9.76
N ASN F 243 78.16 -29.20 -11.07
CA ASN F 243 77.00 -28.97 -11.91
C ASN F 243 76.44 -30.35 -12.28
N ILE F 244 75.33 -30.72 -11.65
CA ILE F 244 74.83 -32.09 -11.69
C ILE F 244 73.46 -32.09 -12.34
N ILE F 245 73.29 -32.95 -13.34
CA ILE F 245 71.99 -33.15 -13.98
C ILE F 245 71.43 -34.49 -13.53
N ASP F 246 70.22 -34.45 -12.99
CA ASP F 246 69.47 -35.62 -12.57
C ASP F 246 68.59 -36.05 -13.73
N THR F 247 68.93 -37.17 -14.35
CA THR F 247 68.20 -37.68 -15.48
C THR F 247 67.09 -38.61 -15.02
N PRO F 248 66.03 -38.78 -15.83
CA PRO F 248 65.01 -39.76 -15.49
C PRO F 248 65.53 -41.19 -15.65
N GLY F 249 64.80 -42.13 -15.05
CA GLY F 249 65.21 -43.51 -15.07
C GLY F 249 64.24 -44.40 -15.80
N HIS F 250 63.06 -43.88 -16.14
CA HIS F 250 62.14 -44.62 -16.97
C HIS F 250 62.68 -44.67 -18.40
N VAL F 251 62.46 -45.81 -19.07
CA VAL F 251 63.03 -46.02 -20.40
C VAL F 251 62.49 -45.04 -21.42
N ASP F 252 61.18 -44.74 -21.38
CA ASP F 252 60.55 -43.86 -22.37
C ASP F 252 61.14 -42.45 -22.39
N PHE F 253 61.79 -42.04 -21.31
CA PHE F 253 62.31 -40.69 -21.17
C PHE F 253 63.83 -40.64 -21.34
N VAL F 254 64.43 -41.70 -21.91
CA VAL F 254 65.89 -41.75 -22.04
C VAL F 254 66.46 -40.66 -22.93
N ASP F 255 65.63 -40.03 -23.79
CA ASP F 255 66.10 -38.91 -24.59
C ASP F 255 66.58 -37.77 -23.71
N GLU F 256 65.88 -37.54 -22.59
CA GLU F 256 66.35 -36.57 -21.61
C GLU F 256 67.75 -36.92 -21.13
N VAL F 257 67.98 -38.21 -20.85
CA VAL F 257 69.30 -38.71 -20.50
C VAL F 257 70.30 -38.34 -21.58
N ALA F 258 69.92 -38.58 -22.84
CA ALA F 258 70.81 -38.27 -23.96
C ALA F 258 71.16 -36.80 -24.00
N ALA F 259 70.17 -35.93 -23.74
CA ALA F 259 70.45 -34.50 -23.70
C ALA F 259 71.45 -34.18 -22.61
N ALA F 260 71.27 -34.79 -21.43
CA ALA F 260 72.21 -34.58 -20.34
C ALA F 260 73.58 -35.12 -20.72
N PHE F 261 73.60 -36.22 -21.48
CA PHE F 261 74.87 -36.85 -21.81
C PHE F 261 75.64 -36.00 -22.82
N ARG F 262 75.00 -35.02 -23.44
CA ARG F 262 75.73 -34.11 -24.31
C ARG F 262 76.48 -33.07 -23.48
N LEU F 263 75.92 -32.67 -22.32
CA LEU F 263 76.41 -31.49 -21.64
C LEU F 263 77.40 -31.78 -20.52
N VAL F 264 77.58 -33.02 -20.12
CA VAL F 264 78.30 -33.34 -18.89
C VAL F 264 79.67 -33.91 -19.23
N ASP F 265 80.62 -33.72 -18.31
CA ASP F 265 81.94 -34.30 -18.41
C ASP F 265 81.98 -35.75 -17.97
N GLY F 266 81.11 -36.17 -17.04
CA GLY F 266 81.12 -37.54 -16.57
C GLY F 266 79.72 -38.00 -16.23
N VAL F 267 79.59 -39.31 -16.05
CA VAL F 267 78.31 -39.93 -15.73
C VAL F 267 78.48 -40.75 -14.46
N CYS F 268 77.69 -40.44 -13.45
CA CYS F 268 77.57 -41.27 -12.25
C CYS F 268 76.37 -42.18 -12.46
N LEU F 269 76.63 -43.48 -12.56
CA LEU F 269 75.60 -44.48 -12.80
C LEU F 269 75.15 -45.04 -11.47
N VAL F 270 73.89 -44.78 -11.11
CA VAL F 270 73.32 -45.24 -9.86
C VAL F 270 72.65 -46.58 -10.11
N VAL F 271 73.12 -47.62 -9.43
CA VAL F 271 72.60 -48.97 -9.57
C VAL F 271 72.11 -49.44 -8.20
N ASP F 272 70.84 -49.84 -8.14
CA ASP F 272 70.29 -50.43 -6.93
C ASP F 272 70.97 -51.77 -6.67
N VAL F 273 71.37 -52.01 -5.43
CA VAL F 273 72.12 -53.22 -5.11
C VAL F 273 71.23 -54.47 -5.17
N VAL F 274 69.92 -54.31 -5.01
CA VAL F 274 69.03 -55.48 -5.06
C VAL F 274 68.78 -55.88 -6.50
N GLU F 275 68.19 -54.99 -7.30
CA GLU F 275 67.85 -55.34 -8.68
C GLU F 275 69.08 -55.47 -9.55
N GLY F 276 70.17 -54.80 -9.20
CA GLY F 276 71.37 -54.89 -10.01
C GLY F 276 71.21 -54.15 -11.33
N VAL F 277 71.91 -54.63 -12.34
CA VAL F 277 71.84 -54.04 -13.67
C VAL F 277 70.53 -54.42 -14.33
N GLN F 278 69.81 -53.42 -14.82
CA GLN F 278 68.55 -53.61 -15.53
C GLN F 278 68.73 -53.14 -16.97
N VAL F 279 67.62 -53.17 -17.73
CA VAL F 279 67.69 -52.90 -19.16
C VAL F 279 68.06 -51.43 -19.42
N ASN F 280 67.55 -50.52 -18.60
CA ASN F 280 67.92 -49.12 -18.77
C ASN F 280 69.34 -48.86 -18.26
N THR F 281 69.79 -49.61 -17.26
CA THR F 281 71.19 -49.53 -16.86
C THR F 281 72.10 -49.98 -18.00
N GLU F 282 71.73 -51.06 -18.69
CA GLU F 282 72.48 -51.51 -19.86
C GLU F 282 72.47 -50.47 -20.97
N GLN F 283 71.32 -49.84 -21.21
CA GLN F 283 71.22 -48.80 -22.24
C GLN F 283 72.11 -47.61 -21.91
N ILE F 284 72.07 -47.16 -20.65
CA ILE F 284 72.86 -46.00 -20.23
C ILE F 284 74.35 -46.32 -20.28
N ILE F 285 74.73 -47.53 -19.85
CA ILE F 285 76.13 -47.95 -19.91
C ILE F 285 76.62 -47.98 -21.36
N LYS F 286 75.81 -48.58 -22.24
CA LYS F 286 76.20 -48.73 -23.64
C LYS F 286 76.32 -47.36 -24.32
N HIS F 287 75.38 -46.46 -24.03
CA HIS F 287 75.45 -45.12 -24.63
C HIS F 287 76.62 -44.31 -24.09
N ALA F 288 76.86 -44.37 -22.78
CA ALA F 288 77.95 -43.60 -22.20
C ALA F 288 79.31 -44.13 -22.62
N VAL F 289 79.41 -45.44 -22.83
CA VAL F 289 80.67 -46.01 -23.29
C VAL F 289 80.90 -45.70 -24.77
N LEU F 290 79.85 -45.81 -25.59
CA LEU F 290 80.00 -45.56 -27.03
C LEU F 290 80.27 -44.09 -27.32
N GLU F 291 79.82 -43.18 -26.46
CA GLU F 291 80.11 -41.77 -26.64
C GLU F 291 81.38 -41.34 -25.92
N ASP F 292 82.13 -42.29 -25.34
CA ASP F 292 83.42 -42.06 -24.67
C ASP F 292 83.29 -41.06 -23.53
N ILE F 293 82.20 -41.19 -22.78
CA ILE F 293 81.97 -40.39 -21.57
C ILE F 293 82.55 -41.15 -20.39
N PRO F 294 83.38 -40.53 -19.55
CA PRO F 294 83.86 -41.21 -18.34
C PRO F 294 82.73 -41.57 -17.41
N LEU F 295 82.88 -42.71 -16.74
CA LEU F 295 81.81 -43.34 -15.99
C LEU F 295 82.29 -43.70 -14.60
N THR F 296 81.47 -43.43 -13.60
CA THR F 296 81.68 -43.87 -12.24
C THR F 296 80.44 -44.62 -11.76
N LEU F 297 80.61 -45.44 -10.73
CA LEU F 297 79.57 -46.33 -10.24
C LEU F 297 79.15 -45.91 -8.83
N ILE F 298 77.84 -45.79 -8.62
CA ILE F 298 77.26 -45.55 -7.31
C ILE F 298 76.32 -46.70 -7.01
N ILE F 299 76.72 -47.58 -6.11
CA ILE F 299 75.86 -48.67 -5.65
C ILE F 299 74.97 -48.13 -4.54
N ASN F 300 73.67 -48.10 -4.78
CA ASN F 300 72.71 -47.49 -3.89
C ASN F 300 71.93 -48.54 -3.11
N LYS F 301 71.16 -48.05 -2.13
CA LYS F 301 70.19 -48.85 -1.37
C LYS F 301 70.87 -49.97 -0.59
N MET F 302 71.99 -49.64 0.07
CA MET F 302 72.77 -50.63 0.79
C MET F 302 72.03 -51.17 2.01
N ASP F 303 71.19 -50.33 2.63
CA ASP F 303 70.44 -50.73 3.82
C ASP F 303 69.53 -51.92 3.56
N ARG F 304 69.10 -52.09 2.30
CA ARG F 304 68.29 -53.25 1.93
C ARG F 304 69.02 -54.55 2.23
N LEU F 305 70.32 -54.60 1.93
CA LEU F 305 71.14 -55.77 2.25
C LEU F 305 71.12 -56.10 3.74
N ILE F 306 70.95 -55.08 4.58
CA ILE F 306 70.79 -55.31 6.01
C ILE F 306 69.33 -55.50 6.39
N LEU F 307 68.41 -54.79 5.74
CA LEU F 307 67.06 -54.67 6.27
C LEU F 307 65.99 -55.36 5.44
N GLU F 308 66.25 -55.62 4.16
CA GLU F 308 65.26 -56.24 3.27
C GLU F 308 65.66 -57.67 2.90
N LEU F 309 66.88 -57.86 2.39
CA LEU F 309 67.34 -59.21 2.10
C LEU F 309 67.71 -59.97 3.37
N LYS F 310 68.24 -59.26 4.36
CA LYS F 310 68.68 -59.82 5.65
C LYS F 310 69.68 -60.95 5.46
N ILE F 311 70.66 -60.73 4.58
CA ILE F 311 71.67 -61.74 4.28
C ILE F 311 72.93 -61.43 5.09
N PRO F 312 73.75 -62.41 5.41
CA PRO F 312 74.98 -62.15 6.18
C PRO F 312 75.97 -61.30 5.40
N PRO F 313 76.91 -60.62 6.08
CA PRO F 313 77.80 -59.68 5.40
C PRO F 313 78.69 -60.30 4.32
N THR F 314 79.06 -61.57 4.44
CA THR F 314 79.81 -62.23 3.36
C THR F 314 78.96 -62.34 2.11
N ASP F 315 77.70 -62.74 2.26
CA ASP F 315 76.80 -62.80 1.11
C ASP F 315 76.48 -61.41 0.59
N ALA F 316 76.50 -60.40 1.46
CA ALA F 316 76.35 -59.02 1.00
C ALA F 316 77.54 -58.59 0.15
N TYR F 317 78.75 -59.02 0.54
CA TYR F 317 79.93 -58.81 -0.30
C TYR F 317 79.77 -59.49 -1.64
N PHE F 318 79.27 -60.73 -1.65
CA PHE F 318 79.10 -61.45 -2.91
C PHE F 318 78.06 -60.78 -3.79
N LYS F 319 77.00 -60.23 -3.19
CA LYS F 319 75.99 -59.49 -3.95
C LYS F 319 76.59 -58.22 -4.55
N LEU F 320 77.38 -57.48 -3.77
CA LEU F 320 78.05 -56.29 -4.27
C LEU F 320 79.00 -56.61 -5.42
N LYS F 321 79.79 -57.67 -5.25
CA LYS F 321 80.74 -58.07 -6.28
C LYS F 321 80.02 -58.55 -7.54
N HIS F 322 78.87 -59.20 -7.35
CA HIS F 322 78.04 -59.63 -8.49
C HIS F 322 77.53 -58.43 -9.27
N VAL F 323 77.04 -57.39 -8.57
CA VAL F 323 76.53 -56.21 -9.26
C VAL F 323 77.67 -55.47 -9.97
N ILE F 324 78.84 -55.37 -9.32
CA ILE F 324 79.99 -54.69 -9.91
C ILE F 324 80.46 -55.44 -11.17
N GLU F 325 80.53 -56.76 -11.10
CA GLU F 325 80.94 -57.54 -12.26
C GLU F 325 79.87 -57.55 -13.35
N GLU F 326 78.60 -57.40 -12.99
CA GLU F 326 77.56 -57.22 -14.01
C GLU F 326 77.76 -55.91 -14.77
N VAL F 327 78.05 -54.83 -14.04
CA VAL F 327 78.33 -53.54 -14.69
C VAL F 327 79.54 -53.64 -15.59
N ASN F 328 80.61 -54.26 -15.10
CA ASN F 328 81.82 -54.41 -15.91
C ASN F 328 81.60 -55.35 -17.09
N THR F 329 80.73 -56.36 -16.94
CA THR F 329 80.39 -57.24 -18.05
C THR F 329 79.67 -56.50 -19.16
N VAL F 330 78.71 -55.62 -18.80
CA VAL F 330 78.03 -54.82 -19.81
C VAL F 330 79.00 -53.83 -20.47
N ILE F 331 79.92 -53.24 -19.68
CA ILE F 331 80.92 -52.32 -20.24
C ILE F 331 81.82 -53.06 -21.24
N GLU F 332 82.26 -54.26 -20.88
CA GLU F 332 83.12 -55.04 -21.77
C GLU F 332 82.36 -55.49 -23.03
N ASN F 333 81.08 -55.86 -22.86
CA ASN F 333 80.28 -56.27 -24.01
C ASN F 333 79.99 -55.10 -24.96
N THR F 334 80.00 -53.87 -24.46
CA THR F 334 79.85 -52.73 -25.37
C THR F 334 81.07 -52.57 -26.27
N ILE F 335 82.25 -52.48 -25.69
CA ILE F 335 83.50 -52.41 -26.46
C ILE F 335 84.36 -53.63 -26.13
N PRO F 336 84.39 -54.65 -27.00
CA PRO F 336 85.16 -55.87 -26.69
C PRO F 336 86.66 -55.60 -26.76
N GLY F 337 87.36 -55.95 -25.68
CA GLY F 337 88.80 -55.81 -25.59
C GLY F 337 89.28 -54.53 -24.94
N ARG F 338 88.43 -53.51 -24.87
CA ARG F 338 88.79 -52.22 -24.29
C ARG F 338 88.21 -52.02 -22.90
N GLY F 339 87.64 -53.05 -22.29
CA GLY F 339 87.00 -52.90 -20.99
C GLY F 339 87.95 -52.79 -19.82
N GLU F 340 89.25 -53.05 -20.01
CA GLU F 340 90.19 -52.93 -18.91
C GLU F 340 90.48 -51.47 -18.58
N SER F 341 90.56 -50.61 -19.60
CA SER F 341 90.78 -49.19 -19.36
C SER F 341 89.57 -48.56 -18.67
N LYS F 342 88.37 -48.89 -19.12
CA LYS F 342 87.15 -48.42 -18.48
C LYS F 342 86.58 -49.53 -17.60
N ARG F 343 87.21 -49.72 -16.45
CA ARG F 343 86.79 -50.72 -15.49
C ARG F 343 86.43 -50.06 -14.17
N LEU F 344 85.27 -50.41 -13.63
CA LEU F 344 84.82 -49.93 -12.32
C LEU F 344 85.08 -51.01 -11.28
N SER F 345 85.82 -50.65 -10.23
CA SER F 345 86.10 -51.57 -9.13
C SER F 345 86.35 -50.73 -7.90
N PRO F 346 85.93 -51.19 -6.71
CA PRO F 346 86.09 -50.35 -5.50
C PRO F 346 87.53 -50.04 -5.14
N GLU F 347 88.48 -50.91 -5.47
CA GLU F 347 89.88 -50.61 -5.19
C GLU F 347 90.44 -49.53 -6.10
N LYS F 348 89.80 -49.28 -7.25
CA LYS F 348 90.20 -48.18 -8.12
C LYS F 348 89.66 -46.84 -7.66
N GLY F 349 88.70 -46.83 -6.73
CA GLY F 349 88.14 -45.60 -6.22
C GLY F 349 87.01 -45.02 -7.02
N ASN F 350 86.55 -45.69 -8.07
CA ASN F 350 85.46 -45.20 -8.89
C ASN F 350 84.14 -45.93 -8.61
N VAL F 351 84.04 -46.59 -7.47
CA VAL F 351 82.80 -47.23 -7.03
C VAL F 351 82.44 -46.69 -5.66
N LEU F 352 81.22 -46.19 -5.54
CA LEU F 352 80.72 -45.58 -4.30
C LEU F 352 79.56 -46.41 -3.77
N PHE F 353 79.60 -46.70 -2.46
CA PHE F 353 78.54 -47.43 -1.80
C PHE F 353 77.70 -46.43 -1.00
N ALA F 354 76.41 -46.35 -1.32
CA ALA F 354 75.55 -45.32 -0.76
C ALA F 354 74.22 -45.92 -0.30
N CYS F 355 73.62 -45.28 0.69
CA CYS F 355 72.21 -45.42 1.01
C CYS F 355 71.64 -44.01 1.06
N THR F 356 70.82 -43.68 0.07
CA THR F 356 70.35 -42.32 -0.11
C THR F 356 69.11 -42.00 0.70
N SER F 357 68.34 -43.00 1.12
CA SER F 357 67.24 -42.75 2.03
C SER F 357 67.75 -42.32 3.40
N MET F 358 68.86 -42.89 3.84
CA MET F 358 69.52 -42.50 5.07
C MET F 358 70.66 -41.52 4.83
N GLY F 359 70.91 -41.14 3.57
CA GLY F 359 71.81 -40.05 3.24
C GLY F 359 73.27 -40.25 3.56
N TRP F 360 73.83 -41.42 3.27
CA TRP F 360 75.26 -41.65 3.49
C TRP F 360 75.88 -42.32 2.28
N CYS F 361 77.17 -42.11 2.11
CA CYS F 361 77.93 -42.70 1.02
C CYS F 361 79.39 -42.79 1.42
N PHE F 362 80.10 -43.77 0.84
CA PHE F 362 81.51 -43.91 1.11
C PHE F 362 82.19 -44.61 -0.06
N THR F 363 83.48 -44.34 -0.22
CA THR F 363 84.37 -45.18 -0.99
C THR F 363 85.26 -45.97 -0.02
N LEU F 364 86.05 -46.88 -0.57
CA LEU F 364 87.03 -47.58 0.27
C LEU F 364 88.11 -46.63 0.75
N GLN F 365 88.44 -45.62 -0.06
CA GLN F 365 89.43 -44.63 0.33
C GLN F 365 88.96 -43.80 1.51
N SER F 366 87.69 -43.37 1.49
CA SER F 366 87.17 -42.59 2.60
C SER F 366 86.95 -43.43 3.85
N PHE F 367 86.68 -44.73 3.68
CA PHE F 367 86.47 -45.58 4.85
C PHE F 367 87.82 -45.90 5.51
N ALA F 368 88.86 -46.13 4.71
CA ALA F 368 90.21 -46.20 5.25
C ALA F 368 90.63 -44.87 5.85
N LYS F 369 90.17 -43.76 5.28
CA LYS F 369 90.47 -42.44 5.82
C LYS F 369 89.85 -42.25 7.19
N MET F 370 88.62 -42.72 7.38
CA MET F 370 88.01 -42.57 8.71
C MET F 370 88.61 -43.56 9.71
N TYR F 371 89.11 -44.71 9.24
CA TYR F 371 89.91 -45.57 10.12
C TYR F 371 91.18 -44.85 10.56
N SER F 372 91.85 -44.18 9.62
CA SER F 372 93.07 -43.44 9.96
C SER F 372 92.78 -42.27 10.88
N GLU F 373 91.63 -41.61 10.70
CA GLU F 373 91.22 -40.54 11.60
C GLU F 373 90.93 -41.07 13.00
N SER F 374 90.30 -42.24 13.09
CA SER F 374 89.97 -42.81 14.39
C SER F 374 91.18 -43.40 15.10
N TYR F 375 92.22 -43.80 14.38
CA TYR F 375 93.36 -44.46 15.02
C TYR F 375 94.67 -43.71 14.83
N GLY F 376 95.02 -43.34 13.59
CA GLY F 376 96.29 -42.68 13.36
C GLY F 376 97.40 -43.61 12.96
N GLY F 377 98.30 -43.15 12.10
CA GLY F 377 99.39 -43.97 11.62
C GLY F 377 99.03 -44.92 10.49
N VAL F 378 97.84 -44.78 9.92
CA VAL F 378 97.36 -45.68 8.87
C VAL F 378 97.56 -45.00 7.52
N ASN F 379 98.13 -45.73 6.57
CA ASN F 379 98.28 -45.22 5.21
C ASN F 379 96.99 -45.47 4.45
N VAL F 380 96.35 -44.39 4.00
CA VAL F 380 94.98 -44.45 3.51
C VAL F 380 94.90 -45.22 2.20
N GLU F 381 95.79 -44.93 1.26
CA GLU F 381 95.67 -45.51 -0.08
C GLU F 381 95.99 -47.01 -0.07
N GLU F 382 97.01 -47.42 0.69
CA GLU F 382 97.31 -48.84 0.81
C GLU F 382 96.20 -49.61 1.53
N PHE F 383 95.70 -49.07 2.64
CA PHE F 383 94.62 -49.74 3.36
C PHE F 383 93.37 -49.84 2.49
N ALA F 384 93.10 -48.79 1.70
CA ALA F 384 91.96 -48.80 0.78
C ALA F 384 92.12 -49.86 -0.31
N ARG F 385 93.31 -49.99 -0.89
CA ARG F 385 93.49 -50.99 -1.94
C ARG F 385 93.64 -52.40 -1.38
N ARG F 386 93.77 -52.55 -0.07
CA ARG F 386 93.73 -53.83 0.61
C ARG F 386 92.36 -54.14 1.22
N LEU F 387 91.31 -53.41 0.84
CA LEU F 387 89.97 -53.61 1.38
C LEU F 387 88.99 -54.16 0.34
N TRP F 388 89.46 -54.89 -0.66
CA TRP F 388 88.54 -55.45 -1.64
C TRP F 388 89.16 -56.70 -2.25
N GLY F 389 88.30 -57.61 -2.70
CA GLY F 389 88.72 -58.79 -3.42
C GLY F 389 88.85 -60.01 -2.53
N ASP F 390 89.66 -60.96 -3.00
CA ASP F 390 89.99 -62.15 -2.22
C ASP F 390 91.19 -61.88 -1.30
N VAL F 391 91.01 -60.88 -0.44
CA VAL F 391 92.03 -60.44 0.51
C VAL F 391 91.49 -60.67 1.91
N TYR F 392 92.19 -61.51 2.68
CA TYR F 392 91.78 -61.88 4.03
C TYR F 392 92.76 -61.32 5.04
N PHE F 393 92.23 -60.76 6.12
CA PHE F 393 93.03 -60.18 7.19
C PHE F 393 93.28 -61.21 8.28
N ASN F 394 94.55 -61.40 8.62
CA ASN F 394 94.95 -62.26 9.73
C ASN F 394 95.24 -61.39 10.93
N PRO F 395 94.44 -61.48 12.00
CA PRO F 395 94.53 -60.51 13.10
C PRO F 395 95.71 -60.72 14.05
N LYS F 396 96.10 -61.98 14.32
CA LYS F 396 97.30 -62.17 15.13
C LYS F 396 98.55 -61.83 14.34
N LYS F 397 98.63 -62.26 13.08
CA LYS F 397 99.73 -61.86 12.21
C LYS F 397 99.56 -60.45 11.67
N ARG F 398 98.34 -59.92 11.70
CA ARG F 398 97.99 -58.60 11.14
C ARG F 398 98.42 -58.48 9.68
N THR F 399 98.14 -59.53 8.89
CA THR F 399 98.65 -59.57 7.52
C THR F 399 97.52 -59.85 6.53
N PHE F 400 97.59 -59.23 5.36
CA PHE F 400 96.61 -59.44 4.31
C PHE F 400 97.13 -60.52 3.36
N THR F 401 96.39 -61.62 3.23
CA THR F 401 96.78 -62.73 2.37
C THR F 401 95.66 -63.02 1.37
N ARG F 402 95.92 -63.98 0.48
CA ARG F 402 94.92 -64.39 -0.50
C ARG F 402 93.97 -65.44 0.06
N LYS F 403 94.47 -66.34 0.90
CA LYS F 403 93.70 -67.36 1.58
C LYS F 403 93.77 -67.12 3.09
N PRO F 404 92.77 -67.59 3.85
CA PRO F 404 92.84 -67.43 5.31
C PRO F 404 93.84 -68.39 5.93
N ILE F 405 95.12 -68.00 5.96
CA ILE F 405 96.15 -68.82 6.59
C ILE F 405 95.95 -68.91 8.10
N GLU F 406 95.22 -67.97 8.70
CA GLU F 406 94.87 -68.01 10.10
C GLU F 406 93.45 -68.54 10.25
N GLU F 407 93.21 -69.30 11.32
CA GLU F 407 91.90 -69.90 11.53
C GLU F 407 90.87 -68.85 11.89
N GLY F 408 89.72 -68.91 11.23
CA GLY F 408 88.65 -67.96 11.50
C GLY F 408 88.85 -66.58 10.93
N ALA F 409 89.79 -66.42 10.00
CA ALA F 409 90.03 -65.11 9.40
C ALA F 409 88.91 -64.75 8.45
N LYS F 410 88.51 -63.49 8.47
CA LYS F 410 87.46 -62.97 7.60
C LYS F 410 88.07 -62.23 6.42
N ARG F 411 87.27 -62.08 5.37
CA ARG F 411 87.64 -61.24 4.24
C ARG F 411 87.75 -59.79 4.70
N SER F 412 88.71 -59.05 4.11
CA SER F 412 89.05 -57.73 4.60
C SER F 412 87.89 -56.74 4.45
N PHE F 413 87.17 -56.81 3.32
CA PHE F 413 86.00 -55.95 3.15
C PHE F 413 84.87 -56.36 4.08
N VAL F 414 84.72 -57.66 4.33
CA VAL F 414 83.73 -58.12 5.30
C VAL F 414 84.17 -57.76 6.72
N ASN F 415 85.45 -57.93 7.04
CA ASN F 415 85.93 -57.68 8.39
C ASN F 415 85.87 -56.21 8.77
N PHE F 416 86.33 -55.33 7.88
CA PHE F 416 86.54 -53.94 8.25
C PHE F 416 85.41 -53.01 7.83
N VAL F 417 84.58 -53.40 6.86
CA VAL F 417 83.58 -52.48 6.32
C VAL F 417 82.17 -52.97 6.60
N MET F 418 81.81 -54.14 6.07
CA MET F 418 80.41 -54.55 6.10
C MET F 418 79.94 -54.93 7.50
N GLU F 419 80.80 -55.57 8.29
CA GLU F 419 80.38 -55.94 9.63
C GLU F 419 80.24 -54.71 10.56
N PRO F 420 81.10 -53.68 10.49
CA PRO F 420 80.75 -52.44 11.20
C PRO F 420 79.42 -51.82 10.80
N ILE F 421 79.07 -51.83 9.51
CA ILE F 421 77.81 -51.23 9.08
C ILE F 421 76.63 -52.09 9.54
N TYR F 422 76.76 -53.42 9.43
CA TYR F 422 75.72 -54.33 9.91
C TYR F 422 75.50 -54.19 11.40
N LYS F 423 76.59 -54.10 12.17
CA LYS F 423 76.47 -53.93 13.61
C LYS F 423 75.93 -52.56 13.98
N LEU F 424 76.27 -51.52 13.21
CA LEU F 424 75.74 -50.19 13.44
C LEU F 424 74.22 -50.19 13.25
N TYR F 425 73.75 -50.81 12.16
CA TYR F 425 72.30 -50.90 11.91
C TYR F 425 71.60 -51.72 12.98
N SER F 426 72.16 -52.90 13.30
CA SER F 426 71.53 -53.82 14.23
C SER F 426 71.45 -53.21 15.63
N HIS F 427 72.53 -52.58 16.09
CA HIS F 427 72.52 -52.00 17.43
C HIS F 427 71.74 -50.69 17.48
N THR F 428 71.64 -49.96 16.37
CA THR F 428 70.81 -48.76 16.37
C THR F 428 69.33 -49.11 16.43
N ILE F 429 68.89 -50.05 15.61
CA ILE F 429 67.46 -50.38 15.60
C ILE F 429 67.07 -51.35 16.71
N SER F 430 68.03 -52.01 17.35
CA SER F 430 67.71 -53.09 18.28
C SER F 430 67.85 -52.73 19.75
N GLU F 431 68.48 -51.61 20.08
CA GLU F 431 68.81 -51.30 21.47
C GLU F 431 67.97 -50.14 22.00
N GLY F 432 67.78 -50.12 23.32
CA GLY F 432 67.13 -49.02 23.98
C GLY F 432 68.04 -47.82 24.12
N PRO F 433 67.48 -46.73 24.66
CA PRO F 433 68.24 -45.46 24.68
C PRO F 433 69.53 -45.50 25.48
N GLU F 434 69.57 -46.22 26.60
CA GLU F 434 70.78 -46.25 27.42
C GLU F 434 71.87 -47.10 26.77
N ASP F 435 71.49 -48.29 26.31
CA ASP F 435 72.45 -49.18 25.64
C ASP F 435 72.97 -48.55 24.35
N LEU F 436 72.07 -47.93 23.57
CA LEU F 436 72.50 -47.24 22.36
C LEU F 436 73.37 -46.04 22.68
N LYS F 437 73.06 -45.33 23.77
CA LYS F 437 73.88 -44.17 24.15
C LYS F 437 75.31 -44.60 24.50
N ARG F 438 75.45 -45.68 25.28
CA ARG F 438 76.80 -46.17 25.59
C ARG F 438 77.50 -46.73 24.36
N THR F 439 76.76 -47.46 23.51
CA THR F 439 77.34 -48.06 22.30
C THR F 439 77.85 -46.99 21.34
N LEU F 440 77.08 -45.91 21.17
CA LEU F 440 77.51 -44.82 20.30
C LEU F 440 78.58 -43.97 20.94
N SER F 441 78.58 -43.86 22.28
CA SER F 441 79.63 -43.12 22.97
C SER F 441 80.96 -43.84 22.88
N LYS F 442 80.93 -45.17 22.73
CA LYS F 442 82.19 -45.90 22.58
C LYS F 442 82.89 -45.60 21.25
N LEU F 443 82.17 -45.01 20.28
CA LEU F 443 82.78 -44.59 19.02
C LEU F 443 82.79 -43.07 18.85
N GLY F 444 82.51 -42.33 19.91
CA GLY F 444 82.50 -40.89 19.80
C GLY F 444 81.28 -40.30 19.11
N ILE F 445 80.23 -41.10 18.91
CA ILE F 445 79.00 -40.63 18.28
C ILE F 445 78.04 -40.21 19.38
N PHE F 446 77.60 -38.95 19.32
CA PHE F 446 76.75 -38.38 20.36
C PHE F 446 75.57 -37.69 19.69
N LEU F 447 74.37 -38.16 20.01
CA LEU F 447 73.14 -37.51 19.60
C LEU F 447 72.62 -36.62 20.71
N LYS F 448 71.70 -35.72 20.35
CA LYS F 448 71.00 -34.93 21.34
C LYS F 448 70.12 -35.84 22.19
N PRO F 449 69.96 -35.53 23.48
CA PRO F 449 69.32 -36.49 24.41
C PRO F 449 67.87 -36.83 24.07
N SER F 450 67.15 -35.95 23.38
CA SER F 450 65.80 -36.26 22.95
C SER F 450 65.74 -37.13 21.70
N GLN F 451 66.88 -37.37 21.05
CA GLN F 451 66.89 -38.11 19.80
C GLN F 451 67.04 -39.62 19.98
N TYR F 452 67.45 -40.08 21.17
CA TYR F 452 67.59 -41.52 21.39
C TYR F 452 66.26 -42.24 21.50
N LYS F 453 65.17 -41.51 21.73
CA LYS F 453 63.84 -42.11 21.77
C LYS F 453 63.02 -41.78 20.52
N ALA F 454 63.70 -41.33 19.45
CA ALA F 454 63.03 -41.07 18.19
C ALA F 454 62.64 -42.38 17.51
N ASP F 455 61.86 -42.25 16.43
CA ASP F 455 61.44 -43.40 15.66
C ASP F 455 62.65 -44.06 15.01
N PRO F 456 62.62 -45.38 14.81
CA PRO F 456 63.81 -46.10 14.32
C PRO F 456 64.36 -45.64 12.98
N LYS F 457 63.52 -45.16 12.06
CA LYS F 457 64.06 -44.66 10.80
C LYS F 457 64.75 -43.32 10.98
N VAL F 458 64.14 -42.41 11.75
CA VAL F 458 64.76 -41.11 12.02
C VAL F 458 66.02 -41.29 12.86
N LEU F 459 65.95 -42.16 13.87
CA LEU F 459 67.12 -42.47 14.69
C LEU F 459 68.23 -43.09 13.86
N MET F 460 67.88 -43.98 12.93
CA MET F 460 68.88 -44.62 12.09
C MET F 460 69.52 -43.60 11.15
N LYS F 461 68.73 -42.65 10.64
CA LYS F 461 69.27 -41.59 9.81
C LYS F 461 70.24 -40.70 10.58
N LEU F 462 69.89 -40.34 11.82
CA LEU F 462 70.77 -39.52 12.65
C LEU F 462 72.08 -40.26 12.95
N VAL F 463 71.99 -41.54 13.30
CA VAL F 463 73.18 -42.32 13.59
C VAL F 463 74.05 -42.47 12.34
N CYS F 464 73.42 -42.65 11.17
CA CYS F 464 74.18 -42.78 9.93
C CYS F 464 74.90 -41.48 9.57
N GLU F 465 74.23 -40.33 9.72
CA GLU F 465 74.89 -39.07 9.41
C GLU F 465 75.95 -38.71 10.44
N GLN F 466 75.84 -39.24 11.67
CA GLN F 466 76.93 -39.08 12.62
C GLN F 466 78.11 -39.99 12.27
N PHE F 467 77.83 -41.20 11.78
CA PHE F 467 78.90 -42.17 11.52
C PHE F 467 79.63 -41.84 10.22
N PHE F 468 78.92 -41.88 9.08
CA PHE F 468 79.56 -41.72 7.79
C PHE F 468 79.92 -40.26 7.51
N GLY F 469 79.11 -39.31 7.98
CA GLY F 469 79.37 -37.92 7.73
C GLY F 469 78.82 -37.45 6.40
N PRO F 470 79.36 -36.34 5.90
CA PRO F 470 78.88 -35.79 4.62
C PRO F 470 79.32 -36.57 3.40
N SER F 471 79.05 -36.03 2.21
CA SER F 471 79.26 -36.71 0.94
C SER F 471 80.63 -36.44 0.34
N THR F 472 81.65 -36.25 1.19
CA THR F 472 82.99 -35.95 0.72
C THR F 472 83.58 -37.09 -0.12
N ALA F 473 83.15 -38.33 0.12
CA ALA F 473 83.63 -39.45 -0.68
C ALA F 473 83.14 -39.37 -2.12
N PHE F 474 81.90 -38.94 -2.30
CA PHE F 474 81.35 -38.73 -3.65
C PHE F 474 82.12 -37.63 -4.37
N VAL F 475 82.44 -36.55 -3.67
CA VAL F 475 83.22 -35.45 -4.24
C VAL F 475 84.61 -35.93 -4.61
N ASP F 476 85.23 -36.74 -3.75
CA ASP F 476 86.57 -37.27 -4.04
C ASP F 476 86.55 -38.17 -5.27
N MET F 477 85.53 -39.03 -5.38
CA MET F 477 85.40 -39.92 -6.54
C MET F 477 85.23 -39.13 -7.83
N VAL F 478 84.38 -38.09 -7.81
CA VAL F 478 84.14 -37.32 -9.03
C VAL F 478 85.36 -36.48 -9.38
N ILE F 479 86.06 -35.93 -8.39
CA ILE F 479 87.25 -35.14 -8.66
C ILE F 479 88.35 -36.03 -9.25
N LYS F 480 88.54 -37.23 -8.68
CA LYS F 480 89.66 -38.06 -9.11
C LYS F 480 89.39 -38.74 -10.46
N HIS F 481 88.15 -39.18 -10.69
CA HIS F 481 87.88 -40.04 -11.85
C HIS F 481 87.12 -39.36 -12.97
N ILE F 482 86.72 -38.09 -12.82
CA ILE F 482 85.97 -37.42 -13.86
C ILE F 482 86.67 -36.11 -14.21
N PRO F 483 86.91 -35.83 -15.49
CA PRO F 483 87.74 -34.69 -15.87
C PRO F 483 87.07 -33.35 -15.64
N SER F 484 87.91 -32.31 -15.61
CA SER F 484 87.50 -30.92 -15.58
C SER F 484 86.90 -30.54 -16.93
N PRO F 485 86.24 -29.38 -17.04
CA PRO F 485 85.73 -28.95 -18.35
C PRO F 485 86.80 -28.68 -19.40
N LEU F 486 88.08 -28.61 -19.03
CA LEU F 486 89.13 -28.42 -20.04
C LEU F 486 89.34 -29.69 -20.85
N GLU F 487 89.63 -30.81 -20.18
CA GLU F 487 89.85 -32.08 -20.87
C GLU F 487 88.60 -32.55 -21.59
N ALA F 488 87.46 -32.50 -20.90
CA ALA F 488 86.20 -32.84 -21.52
C ALA F 488 85.79 -31.85 -22.59
N ALA F 489 86.26 -30.60 -22.52
CA ALA F 489 86.01 -29.65 -23.60
C ALA F 489 86.81 -30.03 -24.84
N GLU F 490 88.06 -30.43 -24.66
CA GLU F 490 88.86 -30.92 -25.80
C GLU F 490 88.19 -32.12 -26.45
N LYS F 491 87.73 -33.07 -25.64
CA LYS F 491 87.03 -34.24 -26.15
C LYS F 491 85.71 -33.85 -26.82
N LYS F 492 85.00 -32.88 -26.25
CA LYS F 492 83.71 -32.46 -26.78
C LYS F 492 83.86 -31.78 -28.14
N LEU F 493 84.85 -30.91 -28.28
CA LEU F 493 85.13 -30.29 -29.57
C LEU F 493 85.62 -31.29 -30.59
N GLU F 494 86.37 -32.31 -30.14
CA GLU F 494 86.75 -33.37 -31.07
C GLU F 494 85.54 -34.17 -31.55
N ARG F 495 84.57 -34.42 -30.66
CA ARG F 495 83.51 -35.38 -30.94
C ARG F 495 82.25 -34.78 -31.55
N TYR F 496 81.81 -33.60 -31.12
CA TYR F 496 80.51 -33.07 -31.52
C TYR F 496 80.57 -31.72 -32.21
N TYR F 497 81.76 -31.25 -32.60
CA TYR F 497 81.87 -29.98 -33.30
C TYR F 497 82.13 -30.23 -34.78
N THR F 498 81.48 -29.43 -35.63
CA THR F 498 81.54 -29.63 -37.07
C THR F 498 82.56 -28.74 -37.76
N GLY F 499 83.00 -27.66 -37.12
CA GLY F 499 83.97 -26.78 -37.71
C GLY F 499 85.38 -27.30 -37.57
N PRO F 500 86.33 -26.58 -38.18
CA PRO F 500 87.74 -26.95 -38.05
C PRO F 500 88.26 -26.72 -36.64
N LEU F 501 89.21 -27.54 -36.24
CA LEU F 501 89.79 -27.48 -34.90
C LEU F 501 91.05 -26.62 -34.82
N ASP F 502 91.57 -26.15 -35.95
CA ASP F 502 92.77 -25.34 -35.97
C ASP F 502 92.49 -23.84 -35.92
N THR F 503 91.23 -23.43 -35.80
CA THR F 503 90.86 -22.03 -35.85
C THR F 503 90.86 -21.42 -34.45
N LYS F 504 90.62 -20.11 -34.38
CA LYS F 504 90.73 -19.38 -33.12
C LYS F 504 89.54 -19.67 -32.20
N ILE F 505 88.34 -19.78 -32.77
CA ILE F 505 87.17 -20.04 -31.95
C ILE F 505 87.24 -21.46 -31.37
N ALA F 506 87.79 -22.42 -32.13
CA ALA F 506 88.02 -23.74 -31.59
C ALA F 506 89.08 -23.74 -30.49
N GLU F 507 90.04 -22.83 -30.56
CA GLU F 507 91.00 -22.69 -29.48
C GLU F 507 90.36 -22.06 -28.24
N SER F 508 89.41 -21.14 -28.45
CA SER F 508 88.67 -20.58 -27.31
C SER F 508 87.80 -21.63 -26.65
N MET F 509 87.17 -22.49 -27.46
CA MET F 509 86.34 -23.57 -26.93
C MET F 509 87.16 -24.71 -26.33
N LYS F 510 88.39 -24.90 -26.79
CA LYS F 510 89.25 -25.94 -26.23
C LYS F 510 89.80 -25.53 -24.88
N ASN F 511 90.11 -24.24 -24.71
CA ASN F 511 90.73 -23.74 -23.50
C ASN F 511 89.72 -23.21 -22.48
N CYS F 512 88.42 -23.34 -22.78
CA CYS F 512 87.32 -22.83 -21.95
C CYS F 512 87.53 -21.36 -21.61
N ASP F 513 87.85 -20.57 -22.64
CA ASP F 513 88.30 -19.20 -22.45
C ASP F 513 87.14 -18.32 -21.99
N GLN F 514 87.32 -17.70 -20.82
CA GLN F 514 86.30 -16.81 -20.27
C GLN F 514 86.19 -15.52 -21.09
N ASN F 515 87.30 -15.05 -21.65
CA ASN F 515 87.34 -13.78 -22.35
C ASN F 515 87.13 -13.91 -23.86
N GLY F 516 86.86 -15.11 -24.35
CA GLY F 516 86.63 -15.29 -25.76
C GLY F 516 85.22 -14.93 -26.17
N PRO F 517 84.90 -15.17 -27.44
CA PRO F 517 83.54 -14.93 -27.91
C PRO F 517 82.60 -16.03 -27.45
N LEU F 518 81.37 -15.64 -27.17
CA LEU F 518 80.40 -16.53 -26.52
C LEU F 518 79.94 -17.63 -27.47
N VAL F 519 80.11 -18.88 -27.04
CA VAL F 519 79.52 -20.04 -27.70
C VAL F 519 78.86 -20.90 -26.63
N VAL F 520 77.55 -21.15 -26.80
CA VAL F 520 76.75 -21.96 -25.89
C VAL F 520 76.07 -23.04 -26.72
N HIS F 521 76.12 -24.29 -26.25
CA HIS F 521 75.45 -25.40 -26.91
C HIS F 521 74.20 -25.75 -26.11
N VAL F 522 73.03 -25.36 -26.62
CA VAL F 522 71.78 -25.55 -25.93
C VAL F 522 71.16 -26.87 -26.39
N THR F 523 70.94 -27.78 -25.44
CA THR F 523 70.30 -29.06 -25.75
C THR F 523 68.99 -29.28 -25.00
N LYS F 524 68.59 -28.39 -24.09
CA LYS F 524 67.38 -28.61 -23.33
C LYS F 524 66.51 -27.35 -23.34
N LEU F 525 65.21 -27.54 -23.22
CA LEU F 525 64.26 -26.45 -23.08
C LEU F 525 63.35 -26.74 -21.90
N PHE F 526 63.26 -25.79 -20.96
CA PHE F 526 62.49 -25.95 -19.74
C PHE F 526 61.36 -24.93 -19.75
N ASN F 527 60.12 -25.40 -19.58
CA ASN F 527 59.00 -24.48 -19.53
C ASN F 527 59.01 -23.68 -18.24
N THR F 528 58.38 -22.51 -18.27
CA THR F 528 58.31 -21.64 -17.11
C THR F 528 57.19 -22.09 -16.18
N ILE F 529 56.94 -21.30 -15.13
CA ILE F 529 55.91 -21.64 -14.16
C ILE F 529 54.53 -21.56 -14.79
N ASP F 530 54.28 -20.50 -15.56
CA ASP F 530 53.01 -20.34 -16.26
C ASP F 530 53.00 -21.01 -17.63
N ALA F 531 54.14 -21.56 -18.05
CA ALA F 531 54.28 -22.37 -19.27
C ALA F 531 53.93 -21.59 -20.55
N LYS F 532 54.08 -20.27 -20.51
CA LYS F 532 53.90 -19.47 -21.73
C LYS F 532 55.10 -19.59 -22.65
N SER F 533 56.31 -19.59 -22.08
CA SER F 533 57.55 -19.57 -22.85
C SER F 533 58.51 -20.61 -22.28
N PHE F 534 59.66 -20.73 -22.93
CA PHE F 534 60.70 -21.67 -22.53
C PHE F 534 61.97 -20.93 -22.16
N TYR F 535 62.74 -21.53 -21.27
CA TYR F 535 64.14 -21.20 -21.05
C TYR F 535 64.99 -22.21 -21.79
N ALA F 536 66.09 -21.73 -22.36
CA ALA F 536 67.03 -22.60 -23.06
C ALA F 536 68.13 -22.99 -22.08
N PHE F 537 68.24 -24.28 -21.80
CA PHE F 537 69.29 -24.80 -20.95
C PHE F 537 70.39 -25.38 -21.82
N GLY F 538 71.62 -24.94 -21.56
CA GLY F 538 72.75 -25.39 -22.32
C GLY F 538 74.03 -25.22 -21.52
N ARG F 539 75.15 -25.28 -22.23
CA ARG F 539 76.47 -25.19 -21.63
C ARG F 539 77.23 -24.04 -22.28
N VAL F 540 77.56 -23.03 -21.48
CA VAL F 540 78.52 -22.02 -21.91
C VAL F 540 79.86 -22.73 -22.08
N MET F 541 80.32 -22.80 -23.32
CA MET F 541 81.60 -23.40 -23.64
C MET F 541 82.64 -22.35 -24.00
N SER F 542 82.19 -21.15 -24.37
CA SER F 542 83.09 -20.01 -24.50
C SER F 542 82.36 -18.72 -24.21
N GLY F 543 83.14 -17.72 -23.81
CA GLY F 543 82.60 -16.43 -23.45
C GLY F 543 81.88 -16.43 -22.11
N ILE F 544 81.16 -15.34 -21.88
CA ILE F 544 80.31 -15.20 -20.69
C ILE F 544 78.91 -14.88 -21.16
N ALA F 545 77.95 -15.71 -20.75
CA ALA F 545 76.56 -15.42 -21.03
C ALA F 545 76.11 -14.25 -20.17
N ARG F 546 75.69 -13.16 -20.82
CA ARG F 546 75.32 -11.96 -20.10
C ARG F 546 73.92 -11.51 -20.51
N PRO F 547 73.18 -10.90 -19.58
CA PRO F 547 71.85 -10.38 -19.93
C PRO F 547 71.97 -9.21 -20.89
N GLY F 548 70.96 -9.05 -21.73
CA GLY F 548 70.98 -8.01 -22.73
C GLY F 548 72.07 -8.15 -23.75
N ALA F 549 72.26 -9.36 -24.29
CA ALA F 549 73.34 -9.62 -25.23
C ALA F 549 72.77 -9.93 -26.61
N ASP F 550 73.37 -9.35 -27.65
CA ASP F 550 72.97 -9.65 -29.02
C ASP F 550 73.63 -10.96 -29.47
N VAL F 551 72.82 -11.95 -29.85
CA VAL F 551 73.33 -13.28 -30.19
C VAL F 551 72.66 -13.79 -31.45
N ARG F 552 73.28 -14.80 -32.06
CA ARG F 552 72.71 -15.55 -33.17
C ARG F 552 72.44 -16.97 -32.70
N VAL F 553 71.18 -17.38 -32.74
CA VAL F 553 70.79 -18.75 -32.46
C VAL F 553 70.79 -19.52 -33.77
N LEU F 554 71.55 -20.61 -33.80
CA LEU F 554 71.81 -21.38 -35.00
C LEU F 554 71.13 -22.74 -34.84
N GLY F 555 70.22 -23.04 -35.77
CA GLY F 555 69.51 -24.30 -35.74
C GLY F 555 70.37 -25.45 -36.22
N GLU F 556 69.77 -26.64 -36.21
CA GLU F 556 70.48 -27.86 -36.60
C GLU F 556 70.82 -27.87 -38.09
N GLY F 557 70.04 -27.19 -38.92
CA GLY F 557 70.26 -27.15 -40.35
C GLY F 557 71.15 -26.02 -40.84
N TYR F 558 71.78 -25.27 -39.95
CA TYR F 558 72.62 -24.14 -40.36
C TYR F 558 73.95 -24.64 -40.91
N THR F 559 74.34 -24.12 -42.06
CA THR F 559 75.68 -24.34 -42.62
C THR F 559 76.26 -23.03 -43.11
N LEU F 560 77.43 -23.09 -43.75
CA LEU F 560 78.02 -21.89 -44.31
C LEU F 560 77.27 -21.42 -45.55
N ASP F 561 76.95 -22.35 -46.45
CA ASP F 561 76.25 -21.99 -47.68
C ASP F 561 74.77 -21.69 -47.45
N ASP F 562 74.17 -22.27 -46.41
CA ASP F 562 72.76 -22.07 -46.10
C ASP F 562 72.65 -21.42 -44.72
N GLU F 563 72.38 -20.12 -44.70
CA GLU F 563 72.10 -19.39 -43.47
C GLU F 563 70.61 -19.26 -43.20
N GLU F 564 69.82 -20.21 -43.71
CA GLU F 564 68.37 -20.13 -43.54
C GLU F 564 67.97 -20.37 -42.09
N ASP F 565 68.61 -21.33 -41.42
CA ASP F 565 68.24 -21.70 -40.05
C ASP F 565 69.14 -20.92 -39.09
N MET F 566 68.81 -19.64 -38.92
CA MET F 566 69.53 -18.76 -38.01
C MET F 566 68.61 -17.60 -37.66
N VAL F 567 68.60 -17.21 -36.39
CA VAL F 567 67.77 -16.10 -35.92
C VAL F 567 68.61 -15.23 -35.00
N VAL F 568 68.63 -13.93 -35.27
CA VAL F 568 69.30 -12.99 -34.37
C VAL F 568 68.35 -12.65 -33.24
N SER F 569 68.75 -12.95 -32.00
CA SER F 569 67.90 -12.76 -30.84
C SER F 569 68.72 -12.10 -29.73
N ARG F 570 68.10 -11.98 -28.56
CA ARG F 570 68.61 -11.12 -27.50
C ARG F 570 68.48 -11.84 -26.17
N ILE F 571 69.62 -12.12 -25.53
CA ILE F 571 69.61 -12.68 -24.18
C ILE F 571 69.21 -11.60 -23.17
N SER F 572 68.23 -11.93 -22.34
CA SER F 572 67.59 -10.98 -21.44
C SER F 572 68.02 -11.13 -19.98
N ASP F 573 68.27 -12.35 -19.51
CA ASP F 573 68.64 -12.58 -18.11
C ASP F 573 69.32 -13.93 -18.00
N VAL F 574 70.39 -14.01 -17.21
CA VAL F 574 71.11 -15.27 -17.10
C VAL F 574 70.65 -15.94 -15.81
N PHE F 575 70.56 -17.26 -15.82
CA PHE F 575 70.10 -17.98 -14.63
C PHE F 575 71.05 -19.12 -14.32
N ILE F 576 71.24 -19.36 -13.03
CA ILE F 576 71.76 -20.64 -12.55
C ILE F 576 70.55 -21.47 -12.12
N ALA F 577 70.36 -22.59 -12.81
CA ALA F 577 69.18 -23.43 -12.60
C ALA F 577 69.41 -24.35 -11.41
N GLU F 578 68.45 -24.36 -10.48
CA GLU F 578 68.46 -25.28 -9.36
C GLU F 578 67.21 -26.15 -9.36
N THR F 579 66.39 -26.05 -10.41
CA THR F 579 65.25 -26.88 -10.79
C THR F 579 64.03 -26.65 -9.90
N ARG F 580 64.20 -25.94 -8.79
CA ARG F 580 63.06 -25.44 -8.04
C ARG F 580 63.14 -23.94 -7.79
N TYR F 581 64.32 -23.36 -7.89
CA TYR F 581 64.47 -21.92 -7.94
C TYR F 581 65.54 -21.60 -8.96
N ASN F 582 65.48 -20.39 -9.50
CA ASN F 582 66.46 -19.92 -10.47
C ASN F 582 67.21 -18.74 -9.85
N ILE F 583 68.53 -18.82 -9.83
CA ILE F 583 69.36 -17.76 -9.30
C ILE F 583 69.61 -16.75 -10.43
N PRO F 584 69.10 -15.53 -10.32
CA PRO F 584 69.33 -14.54 -11.39
C PRO F 584 70.77 -14.06 -11.38
N THR F 585 71.44 -14.22 -12.52
CA THR F 585 72.84 -13.88 -12.66
C THR F 585 73.07 -13.04 -13.90
N ASP F 586 74.07 -12.17 -13.76
CA ASP F 586 74.57 -11.25 -14.76
C ASP F 586 75.75 -11.83 -15.55
N GLY F 587 76.14 -13.07 -15.27
CA GLY F 587 77.25 -13.68 -15.97
C GLY F 587 77.55 -15.10 -15.59
N VAL F 588 77.74 -15.96 -16.58
CA VAL F 588 78.15 -17.34 -16.39
C VAL F 588 79.30 -17.61 -17.35
N PRO F 589 80.51 -17.91 -16.87
CA PRO F 589 81.66 -18.09 -17.76
C PRO F 589 81.64 -19.41 -18.53
N ALA F 590 82.73 -19.66 -19.26
CA ALA F 590 82.82 -20.83 -20.11
C ALA F 590 82.89 -22.12 -19.29
N GLY F 591 82.48 -23.22 -19.93
CA GLY F 591 82.47 -24.52 -19.30
C GLY F 591 81.49 -24.69 -18.17
N ASN F 592 80.32 -24.06 -18.24
CA ASN F 592 79.35 -24.11 -17.15
C ASN F 592 77.96 -24.31 -17.72
N PHE F 593 76.99 -24.58 -16.83
CA PHE F 593 75.61 -24.76 -17.26
C PHE F 593 74.84 -23.46 -17.11
N VAL F 594 74.03 -23.14 -18.12
CA VAL F 594 73.35 -21.86 -18.20
C VAL F 594 71.89 -22.09 -18.56
N LEU F 595 71.03 -21.21 -18.04
CA LEU F 595 69.60 -21.18 -18.34
C LEU F 595 69.28 -19.78 -18.85
N LEU F 596 69.10 -19.65 -20.16
CA LEU F 596 68.88 -18.36 -20.81
C LEU F 596 67.41 -18.13 -21.13
N GLY F 597 66.99 -16.88 -21.04
CA GLY F 597 65.64 -16.48 -21.37
C GLY F 597 65.61 -15.60 -22.61
N GLY F 598 64.52 -15.72 -23.37
CA GLY F 598 64.31 -14.88 -24.53
C GLY F 598 64.96 -15.36 -25.82
N VAL F 599 65.63 -16.51 -25.81
CA VAL F 599 66.27 -17.05 -26.99
C VAL F 599 65.68 -18.41 -27.38
N ASP F 600 64.46 -18.70 -26.93
CA ASP F 600 63.87 -20.02 -27.07
C ASP F 600 63.10 -20.22 -28.37
N ASN F 601 62.63 -19.14 -28.99
CA ASN F 601 61.61 -19.25 -30.04
C ASN F 601 62.13 -19.97 -31.28
N SER F 602 63.38 -19.71 -31.67
CA SER F 602 63.94 -20.35 -32.85
C SER F 602 64.44 -21.76 -32.58
N ILE F 603 64.62 -22.14 -31.31
CA ILE F 603 65.15 -23.46 -30.98
C ILE F 603 64.03 -24.49 -31.10
N VAL F 604 64.29 -25.55 -31.87
CA VAL F 604 63.33 -26.64 -32.01
C VAL F 604 63.72 -27.76 -31.05
N LYS F 605 64.88 -28.37 -31.29
CA LYS F 605 65.36 -29.45 -30.43
C LYS F 605 66.69 -29.10 -29.76
N THR F 606 67.71 -28.76 -30.55
CA THR F 606 68.99 -28.26 -30.05
C THR F 606 69.38 -27.03 -30.85
N ALA F 607 70.33 -26.28 -30.32
CA ALA F 607 70.76 -25.05 -30.97
C ALA F 607 72.16 -24.69 -30.53
N THR F 608 72.80 -23.83 -31.30
CA THR F 608 74.09 -23.25 -30.95
C THR F 608 73.95 -21.73 -30.91
N ILE F 609 74.17 -21.15 -29.74
CA ILE F 609 74.05 -19.71 -29.55
C ILE F 609 75.43 -19.11 -29.60
N VAL F 610 75.70 -18.28 -30.62
CA VAL F 610 76.99 -17.63 -30.77
C VAL F 610 76.78 -16.13 -30.71
N ASP F 611 77.86 -15.35 -30.74
CA ASP F 611 77.73 -13.91 -30.74
C ASP F 611 77.22 -13.41 -32.09
N LYS F 612 76.75 -12.16 -32.09
CA LYS F 612 76.30 -11.54 -33.34
C LYS F 612 77.45 -11.40 -34.33
N LYS F 613 78.61 -10.97 -33.85
CA LYS F 613 79.81 -10.90 -34.67
C LYS F 613 81.02 -11.31 -33.83
N PHE F 614 81.87 -12.14 -34.41
CA PHE F 614 83.14 -12.50 -33.78
C PHE F 614 84.16 -11.42 -34.09
N ASP F 615 84.91 -11.00 -33.07
CA ASP F 615 85.79 -9.84 -33.19
C ASP F 615 86.98 -10.08 -34.11
N ASN F 616 87.30 -11.34 -34.42
CA ASN F 616 88.33 -11.64 -35.41
C ASN F 616 87.77 -11.77 -36.82
N GLY F 617 86.49 -11.53 -37.01
CA GLY F 617 85.87 -11.71 -38.31
C GLY F 617 85.81 -13.15 -38.75
N GLU F 618 85.04 -13.97 -38.04
CA GLU F 618 85.09 -15.42 -38.22
C GLU F 618 83.69 -15.99 -38.32
N ASP F 619 83.55 -17.02 -39.15
CA ASP F 619 82.28 -17.70 -39.30
C ASP F 619 82.03 -18.69 -38.16
N ALA F 620 80.76 -18.95 -37.89
CA ALA F 620 80.36 -19.85 -36.83
C ALA F 620 79.80 -21.14 -37.39
N TYR F 621 79.90 -22.21 -36.61
CA TYR F 621 79.39 -23.52 -36.99
C TYR F 621 78.48 -24.05 -35.89
N VAL F 622 77.78 -25.13 -36.20
CA VAL F 622 76.82 -25.73 -35.28
C VAL F 622 77.39 -27.01 -34.72
N PHE F 623 76.91 -27.39 -33.54
CA PHE F 623 77.22 -28.69 -32.99
C PHE F 623 76.33 -29.76 -33.63
N LYS F 624 76.79 -31.00 -33.56
CA LYS F 624 76.04 -32.10 -34.14
C LYS F 624 74.74 -32.34 -33.37
N PRO F 625 73.70 -32.81 -34.05
CA PRO F 625 72.44 -33.10 -33.35
C PRO F 625 72.56 -34.29 -32.43
N LEU F 626 71.61 -34.38 -31.51
CA LEU F 626 71.58 -35.48 -30.54
C LEU F 626 71.28 -36.80 -31.25
N SER F 627 72.08 -37.82 -30.92
CA SER F 627 71.90 -39.16 -31.44
C SER F 627 71.28 -40.00 -30.31
N HIS F 628 69.97 -40.12 -30.33
CA HIS F 628 69.28 -40.85 -29.27
C HIS F 628 69.47 -42.35 -29.47
N PHE F 629 69.33 -43.10 -28.38
CA PHE F 629 69.58 -44.53 -28.38
C PHE F 629 68.31 -45.35 -28.23
N THR F 630 67.17 -44.77 -28.61
CA THR F 630 65.97 -45.53 -28.94
C THR F 630 65.16 -44.71 -29.92
N GLU F 631 64.13 -45.32 -30.49
CA GLU F 631 63.32 -44.69 -31.52
C GLU F 631 61.89 -44.50 -31.04
N SER F 632 61.22 -43.50 -31.61
CA SER F 632 59.83 -43.20 -31.30
C SER F 632 58.96 -43.94 -32.31
N VAL F 633 58.46 -45.10 -31.91
CA VAL F 633 57.72 -45.98 -32.82
C VAL F 633 56.26 -46.11 -32.41
N LEU F 634 55.77 -45.27 -31.50
CA LEU F 634 54.37 -45.31 -31.10
C LEU F 634 53.70 -44.06 -31.66
N LYS F 635 52.64 -44.28 -32.44
CA LYS F 635 52.01 -43.24 -33.24
C LYS F 635 50.60 -42.97 -32.73
N VAL F 636 50.27 -41.70 -32.53
CA VAL F 636 48.94 -41.28 -32.09
C VAL F 636 48.46 -40.17 -33.02
N ALA F 637 47.25 -40.35 -33.55
CA ALA F 637 46.60 -39.31 -34.34
C ALA F 637 45.78 -38.42 -33.42
N VAL F 638 45.93 -37.11 -33.58
CA VAL F 638 45.20 -36.12 -32.81
C VAL F 638 44.50 -35.16 -33.77
N GLU F 639 43.42 -34.57 -33.26
CA GLU F 639 42.68 -33.50 -33.91
C GLU F 639 42.02 -32.66 -32.83
N PRO F 640 41.65 -31.42 -33.13
CA PRO F 640 40.88 -30.64 -32.17
C PRO F 640 39.43 -31.12 -32.08
N ILE F 641 38.86 -30.98 -30.89
CA ILE F 641 37.44 -31.30 -30.72
C ILE F 641 36.59 -30.15 -31.21
N ASN F 642 36.87 -28.94 -30.76
CA ASN F 642 36.34 -27.75 -31.39
C ASN F 642 37.23 -27.39 -32.57
N PRO F 643 36.70 -27.43 -33.81
CA PRO F 643 37.56 -27.16 -34.98
C PRO F 643 38.15 -25.76 -35.01
N SER F 644 37.44 -24.76 -34.48
CA SER F 644 37.92 -23.39 -34.46
C SER F 644 39.20 -23.22 -33.64
N GLU F 645 39.46 -24.12 -32.71
CA GLU F 645 40.69 -24.12 -31.94
C GLU F 645 41.77 -25.00 -32.57
N LEU F 646 41.69 -25.24 -33.89
CA LEU F 646 42.75 -25.97 -34.59
C LEU F 646 44.06 -25.16 -34.67
N PRO F 647 44.04 -23.81 -34.75
CA PRO F 647 45.29 -23.08 -34.50
C PRO F 647 45.96 -23.38 -33.16
N LYS F 648 45.23 -23.23 -32.05
CA LYS F 648 45.83 -23.27 -30.72
C LYS F 648 46.52 -24.59 -30.44
N MET F 649 45.87 -25.71 -30.80
CA MET F 649 46.46 -27.02 -30.63
C MET F 649 47.77 -27.13 -31.38
N LEU F 650 47.81 -26.59 -32.61
CA LEU F 650 49.04 -26.56 -33.39
C LEU F 650 50.14 -25.83 -32.63
N ASP F 651 49.80 -24.68 -32.04
CA ASP F 651 50.75 -23.96 -31.21
C ASP F 651 51.22 -24.82 -30.05
N GLY F 652 50.25 -25.49 -29.40
CA GLY F 652 50.60 -26.42 -28.33
C GLY F 652 51.46 -27.55 -28.83
N ILE F 653 51.18 -28.03 -30.05
CA ILE F 653 51.98 -29.10 -30.64
C ILE F 653 53.42 -28.64 -30.80
N ARG F 654 53.61 -27.37 -31.21
CA ARG F 654 54.95 -26.82 -31.34
C ARG F 654 55.66 -26.83 -29.99
N LYS F 655 54.94 -26.45 -28.93
CA LYS F 655 55.53 -26.47 -27.60
C LYS F 655 55.86 -27.89 -27.17
N ILE F 656 55.04 -28.87 -27.58
CA ILE F 656 55.37 -30.27 -27.34
C ILE F 656 56.70 -30.61 -27.98
N ASN F 657 56.88 -30.17 -29.24
CA ASN F 657 58.12 -30.46 -29.94
C ASN F 657 59.30 -29.71 -29.36
N LYS F 658 59.05 -28.72 -28.50
CA LYS F 658 60.15 -28.06 -27.81
C LYS F 658 60.46 -28.67 -26.46
N SER F 659 59.53 -29.42 -25.87
CA SER F 659 59.74 -29.94 -24.53
C SER F 659 60.06 -31.43 -24.48
N TYR F 660 59.83 -32.17 -25.56
CA TYR F 660 60.12 -33.61 -25.60
C TYR F 660 61.09 -33.90 -26.74
N PRO F 661 62.36 -34.16 -26.45
CA PRO F 661 63.38 -34.23 -27.51
C PRO F 661 63.18 -35.33 -28.55
N LEU F 662 62.60 -36.47 -28.19
CA LEU F 662 62.51 -37.59 -29.11
C LEU F 662 61.11 -37.70 -29.74
N ILE F 663 60.35 -36.67 -29.69
CA ILE F 663 59.01 -36.69 -30.27
C ILE F 663 59.09 -36.18 -31.70
N THR F 664 58.25 -36.72 -32.58
CA THR F 664 58.16 -36.18 -33.93
C THR F 664 56.70 -35.86 -34.26
N THR F 665 56.46 -34.67 -34.77
CA THR F 665 55.13 -34.23 -35.16
C THR F 665 55.04 -34.12 -36.67
N LYS F 666 53.90 -34.50 -37.23
CA LYS F 666 53.72 -34.53 -38.68
C LYS F 666 52.30 -34.14 -39.03
N VAL F 667 52.14 -33.55 -40.21
CA VAL F 667 50.84 -33.26 -40.81
C VAL F 667 50.71 -34.14 -42.05
N GLU F 668 49.73 -35.03 -42.04
CA GLU F 668 49.58 -36.00 -43.12
C GLU F 668 48.94 -35.36 -44.34
N GLU F 669 48.87 -36.15 -45.41
CA GLU F 669 48.09 -35.75 -46.58
C GLU F 669 46.60 -35.75 -46.27
N SER F 670 46.16 -36.63 -45.38
CA SER F 670 44.75 -36.70 -45.01
C SER F 670 44.32 -35.55 -44.10
N GLY F 671 45.26 -34.88 -43.44
CA GLY F 671 44.97 -33.73 -42.60
C GLY F 671 44.97 -34.00 -41.10
N GLU F 672 44.89 -35.26 -40.68
CA GLU F 672 45.00 -35.58 -39.26
C GLU F 672 46.43 -35.32 -38.79
N HIS F 673 46.57 -35.01 -37.50
CA HIS F 673 47.90 -34.67 -37.00
C HIS F 673 48.51 -35.86 -36.28
N ILE F 674 49.80 -36.08 -36.50
CA ILE F 674 50.49 -37.29 -36.06
C ILE F 674 51.55 -36.93 -35.05
N ILE F 675 51.52 -37.60 -33.90
CA ILE F 675 52.51 -37.44 -32.85
C ILE F 675 53.16 -38.79 -32.60
N LEU F 676 54.49 -38.83 -32.62
CA LEU F 676 55.24 -40.07 -32.47
C LEU F 676 56.15 -39.99 -31.25
N GLY F 677 55.93 -40.90 -30.32
CA GLY F 677 56.70 -41.01 -29.09
C GLY F 677 57.12 -42.45 -28.83
N THR F 678 57.65 -42.72 -27.64
CA THR F 678 58.32 -43.98 -27.37
C THR F 678 57.47 -45.03 -26.66
N GLY F 679 56.49 -44.63 -25.87
CA GLY F 679 55.75 -45.61 -25.10
C GLY F 679 54.46 -45.05 -24.55
N GLU F 680 53.79 -45.90 -23.75
CA GLU F 680 52.51 -45.53 -23.15
C GLU F 680 52.66 -44.36 -22.19
N LEU F 681 53.65 -44.43 -21.29
CA LEU F 681 53.83 -43.38 -20.29
C LEU F 681 54.30 -42.09 -20.94
N TYR F 682 55.19 -42.20 -21.95
CA TYR F 682 55.66 -41.04 -22.69
C TYR F 682 54.52 -40.29 -23.35
N MET F 683 53.65 -41.01 -24.07
CA MET F 683 52.55 -40.36 -24.75
C MET F 683 51.48 -39.89 -23.77
N ASP F 684 51.33 -40.57 -22.64
CA ASP F 684 50.41 -40.10 -21.60
C ASP F 684 50.86 -38.75 -21.06
N CYS F 685 52.17 -38.62 -20.77
CA CYS F 685 52.71 -37.35 -20.31
C CYS F 685 52.62 -36.27 -21.38
N VAL F 686 52.84 -36.65 -22.64
CA VAL F 686 52.80 -35.69 -23.74
C VAL F 686 51.39 -35.16 -23.94
N LEU F 687 50.39 -36.05 -23.93
CA LEU F 687 49.01 -35.60 -24.09
C LEU F 687 48.53 -34.83 -22.87
N HIS F 688 49.03 -35.15 -21.67
CA HIS F 688 48.76 -34.32 -20.51
C HIS F 688 49.30 -32.91 -20.71
N ASP F 689 50.54 -32.80 -21.18
CA ASP F 689 51.14 -31.48 -21.41
C ASP F 689 50.44 -30.73 -22.52
N LEU F 690 49.95 -31.43 -23.54
CA LEU F 690 49.24 -30.80 -24.63
C LEU F 690 47.88 -30.28 -24.18
N ARG F 691 47.12 -31.09 -23.44
CA ARG F 691 45.78 -30.68 -23.03
C ARG F 691 45.80 -29.64 -21.92
N LYS F 692 46.70 -29.76 -20.96
CA LYS F 692 46.60 -28.97 -19.74
C LYS F 692 47.59 -27.80 -19.68
N LEU F 693 48.75 -27.93 -20.30
CA LEU F 693 49.80 -26.90 -20.16
C LEU F 693 49.85 -25.94 -21.35
N TYR F 694 50.01 -26.48 -22.56
CA TYR F 694 50.36 -25.64 -23.71
C TYR F 694 49.14 -25.17 -24.49
N ALA F 695 48.39 -26.12 -25.06
CA ALA F 695 47.24 -25.75 -25.89
C ALA F 695 46.06 -25.28 -25.06
N ASP F 696 45.87 -25.88 -23.86
CA ASP F 696 44.81 -25.53 -22.93
C ASP F 696 43.42 -25.67 -23.57
N MET F 697 43.15 -26.85 -24.11
CA MET F 697 41.88 -27.12 -24.76
C MET F 697 41.57 -28.62 -24.63
N GLU F 698 40.59 -29.07 -25.40
CA GLU F 698 40.22 -30.49 -25.44
C GLU F 698 40.59 -31.04 -26.81
N VAL F 699 41.38 -32.12 -26.81
CA VAL F 699 41.97 -32.68 -28.01
C VAL F 699 41.47 -34.10 -28.19
N ARG F 700 40.85 -34.38 -29.34
CA ARG F 700 40.44 -35.74 -29.66
C ARG F 700 41.66 -36.56 -30.05
N VAL F 701 41.80 -37.73 -29.42
CA VAL F 701 42.97 -38.58 -29.54
C VAL F 701 42.51 -39.96 -30.00
N SER F 702 43.15 -40.47 -31.05
CA SER F 702 42.74 -41.75 -31.63
C SER F 702 43.35 -42.90 -30.85
N ASP F 703 43.07 -44.12 -31.32
CA ASP F 703 43.69 -45.31 -30.77
C ASP F 703 45.18 -45.31 -31.10
N PRO F 704 46.03 -45.82 -30.21
CA PRO F 704 47.46 -45.86 -30.51
C PRO F 704 47.78 -46.85 -31.61
N VAL F 705 48.73 -46.47 -32.47
CA VAL F 705 49.16 -47.27 -33.60
C VAL F 705 50.67 -47.11 -33.69
N VAL F 706 51.29 -47.86 -34.60
CA VAL F 706 52.74 -47.91 -34.71
C VAL F 706 53.18 -47.38 -36.06
N ARG F 707 54.45 -46.98 -36.13
CA ARG F 707 55.10 -46.80 -37.41
C ARG F 707 55.28 -48.13 -38.10
N PHE F 708 55.35 -48.10 -39.42
CA PHE F 708 55.64 -49.29 -40.20
C PHE F 708 56.81 -49.00 -41.13
N CYS F 709 57.49 -50.07 -41.53
CA CYS F 709 58.49 -50.01 -42.57
C CYS F 709 58.20 -51.13 -43.54
N GLU F 710 58.95 -51.19 -44.63
CA GLU F 710 58.77 -52.25 -45.61
C GLU F 710 60.12 -52.87 -45.92
N THR F 711 60.08 -54.00 -46.61
CA THR F 711 61.29 -54.69 -47.04
C THR F 711 60.95 -55.57 -48.23
N VAL F 712 61.96 -56.23 -48.77
CA VAL F 712 61.77 -57.23 -49.81
C VAL F 712 62.35 -58.55 -49.31
N GLN F 713 61.78 -59.65 -49.80
CA GLN F 713 62.12 -60.99 -49.31
C GLN F 713 63.12 -61.71 -50.20
N ASP F 714 62.88 -61.74 -51.51
CA ASP F 714 63.77 -62.48 -52.41
C ASP F 714 64.24 -61.61 -53.58
N MET F 715 64.87 -62.23 -54.56
CA MET F 715 65.50 -61.51 -55.66
C MET F 715 64.44 -60.90 -56.59
N SER F 716 64.91 -60.00 -57.46
CA SER F 716 64.04 -59.35 -58.42
C SER F 716 63.58 -60.34 -59.48
N ALA F 717 62.28 -60.35 -59.75
CA ALA F 717 61.76 -61.19 -60.82
C ALA F 717 62.09 -60.64 -62.19
N THR F 718 61.97 -59.32 -62.38
CA THR F 718 62.22 -58.68 -63.65
C THR F 718 63.10 -57.45 -63.46
N LYS F 719 64.03 -57.25 -64.39
CA LYS F 719 64.75 -55.99 -64.50
C LYS F 719 63.79 -54.93 -65.01
N CYS F 720 63.57 -53.87 -64.24
CA CYS F 720 62.51 -52.93 -64.56
C CYS F 720 63.09 -51.60 -65.02
N TYR F 721 62.40 -50.94 -65.96
CA TYR F 721 62.90 -49.73 -66.58
C TYR F 721 61.88 -48.61 -66.50
N ALA F 722 62.41 -47.38 -66.44
CA ALA F 722 61.65 -46.14 -66.38
C ALA F 722 61.88 -45.35 -67.66
N ILE F 723 60.80 -44.76 -68.18
CA ILE F 723 60.80 -44.01 -69.43
C ILE F 723 60.25 -42.61 -69.16
N THR F 724 60.96 -41.60 -69.66
CA THR F 724 60.55 -40.21 -69.49
C THR F 724 59.36 -39.88 -70.38
N PRO F 725 58.65 -38.77 -70.10
CA PRO F 725 57.62 -38.30 -71.05
C PRO F 725 58.16 -37.98 -72.44
N ASN F 726 59.40 -37.50 -72.55
CA ASN F 726 59.99 -37.33 -73.87
C ASN F 726 60.50 -38.64 -74.45
N LYS F 727 60.48 -39.72 -73.65
CA LYS F 727 60.82 -41.08 -74.08
C LYS F 727 62.25 -41.17 -74.61
N LYS F 728 63.18 -40.55 -73.89
CA LYS F 728 64.60 -40.66 -74.20
C LYS F 728 65.36 -41.45 -73.13
N ASN F 729 65.29 -41.00 -71.88
CA ASN F 729 66.02 -41.67 -70.80
C ASN F 729 65.29 -42.95 -70.40
N THR F 730 66.05 -44.03 -70.29
CA THR F 730 65.54 -45.31 -69.82
C THR F 730 66.42 -45.80 -68.69
N ILE F 731 65.82 -46.10 -67.54
CA ILE F 731 66.56 -46.51 -66.35
C ILE F 731 66.19 -47.95 -66.03
N THR F 732 67.19 -48.84 -66.00
CA THR F 732 66.97 -50.24 -65.70
C THR F 732 67.61 -50.56 -64.36
N MET F 733 66.83 -51.22 -63.49
CA MET F 733 67.17 -51.34 -62.09
C MET F 733 66.63 -52.68 -61.57
N ALA F 734 67.28 -53.19 -60.52
CA ALA F 734 66.80 -54.36 -59.78
C ALA F 734 66.92 -54.14 -58.28
N ALA F 735 66.07 -54.86 -57.54
CA ALA F 735 65.98 -54.79 -56.09
C ALA F 735 66.47 -56.09 -55.47
N GLU F 736 67.07 -55.97 -54.28
CA GLU F 736 67.64 -57.10 -53.56
C GLU F 736 67.39 -56.90 -52.07
N PRO F 737 67.13 -57.97 -51.31
CA PRO F 737 67.16 -57.85 -49.84
C PRO F 737 68.59 -57.84 -49.34
N LEU F 738 68.93 -56.83 -48.54
CA LEU F 738 70.25 -56.77 -47.93
C LEU F 738 70.42 -57.89 -46.91
N ASP F 739 71.66 -58.36 -46.78
CA ASP F 739 71.98 -59.39 -45.80
C ASP F 739 71.92 -58.80 -44.39
N ASP F 740 71.86 -59.68 -43.41
CA ASP F 740 71.77 -59.24 -42.02
C ASP F 740 73.11 -58.70 -41.54
N GLY F 741 73.07 -57.52 -40.93
CA GLY F 741 74.25 -56.88 -40.38
C GLY F 741 74.65 -55.59 -41.07
N ILE F 742 74.22 -55.38 -42.31
CA ILE F 742 74.60 -54.15 -43.03
C ILE F 742 73.76 -52.98 -42.55
N ALA F 743 72.45 -53.18 -42.40
CA ALA F 743 71.54 -52.09 -42.06
C ALA F 743 71.83 -51.52 -40.68
N GLN F 744 72.07 -52.39 -39.69
CA GLN F 744 72.43 -51.91 -38.36
C GLN F 744 73.83 -51.32 -38.33
N ASP F 745 74.70 -51.67 -39.27
CA ASP F 745 76.01 -51.04 -39.34
C ASP F 745 75.92 -49.63 -39.93
N ILE F 746 75.06 -49.43 -40.92
CA ILE F 746 74.84 -48.08 -41.44
C ILE F 746 74.13 -47.22 -40.41
N GLU F 747 73.15 -47.79 -39.68
CA GLU F 747 72.43 -47.01 -38.69
C GLU F 747 73.31 -46.66 -37.48
N SER F 748 74.31 -47.50 -37.18
CA SER F 748 75.20 -47.22 -36.06
C SER F 748 76.35 -46.30 -36.42
N GLY F 749 76.49 -45.92 -37.69
CA GLY F 749 77.58 -45.06 -38.10
C GLY F 749 78.89 -45.76 -38.38
N ALA F 750 78.90 -47.09 -38.43
CA ALA F 750 80.12 -47.83 -38.75
C ALA F 750 80.56 -47.60 -40.19
N VAL F 751 79.60 -47.42 -41.10
CA VAL F 751 79.88 -47.10 -42.50
C VAL F 751 79.41 -45.68 -42.76
N LYS F 752 80.33 -44.82 -43.18
CA LYS F 752 80.04 -43.42 -43.44
C LYS F 752 80.08 -43.15 -44.95
N ILE F 753 79.06 -42.45 -45.44
CA ILE F 753 79.03 -42.09 -46.85
C ILE F 753 79.93 -40.89 -47.14
N LYS F 754 80.29 -40.12 -46.11
CA LYS F 754 81.24 -39.02 -46.26
C LYS F 754 82.68 -39.52 -46.30
N ASP F 755 82.92 -40.78 -45.94
CA ASP F 755 84.25 -41.35 -46.00
C ASP F 755 84.68 -41.55 -47.45
N PRO F 756 85.99 -41.65 -47.70
CA PRO F 756 86.46 -42.04 -49.04
C PRO F 756 85.94 -43.41 -49.43
N PRO F 757 85.65 -43.63 -50.71
CA PRO F 757 85.06 -44.91 -51.12
C PRO F 757 86.00 -46.10 -50.98
N ARG F 758 87.31 -45.88 -50.90
CA ARG F 758 88.23 -46.97 -50.66
C ARG F 758 88.02 -47.57 -49.27
N LYS F 759 87.78 -46.73 -48.27
CA LYS F 759 87.53 -47.23 -46.91
C LYS F 759 86.23 -48.02 -46.83
N VAL F 760 85.18 -47.52 -47.49
CA VAL F 760 83.89 -48.21 -47.50
C VAL F 760 84.01 -49.55 -48.22
N ALA F 761 84.72 -49.55 -49.36
CA ALA F 761 84.95 -50.78 -50.11
C ALA F 761 85.75 -51.79 -49.30
N LYS F 762 86.79 -51.31 -48.58
CA LYS F 762 87.58 -52.19 -47.74
C LYS F 762 86.75 -52.78 -46.60
N PHE F 763 85.87 -51.97 -46.00
CA PHE F 763 85.00 -52.47 -44.94
C PHE F 763 84.06 -53.55 -45.46
N PHE F 764 83.44 -53.31 -46.62
CA PHE F 764 82.52 -54.31 -47.18
C PHE F 764 83.25 -55.58 -47.60
N GLU F 765 84.45 -55.46 -48.18
CA GLU F 765 85.22 -56.64 -48.54
C GLU F 765 85.65 -57.44 -47.32
N GLU F 766 86.09 -56.76 -46.26
CA GLU F 766 86.60 -57.45 -45.09
C GLU F 766 85.49 -57.97 -44.17
N LYS F 767 84.27 -57.47 -44.32
CA LYS F 767 83.17 -57.93 -43.46
C LYS F 767 82.19 -58.85 -44.17
N TYR F 768 81.70 -58.48 -45.35
CA TYR F 768 80.64 -59.23 -46.00
C TYR F 768 81.08 -59.92 -47.28
N GLY F 769 82.31 -59.70 -47.73
CA GLY F 769 82.83 -60.39 -48.90
C GLY F 769 82.12 -60.06 -50.20
N TRP F 770 81.90 -58.78 -50.46
CA TRP F 770 81.18 -58.33 -51.65
C TRP F 770 82.11 -58.38 -52.87
N ASP F 771 81.61 -57.88 -53.99
CA ASP F 771 82.43 -57.69 -55.19
C ASP F 771 83.10 -56.32 -55.11
N LYS F 772 84.38 -56.28 -55.52
CA LYS F 772 85.16 -55.05 -55.39
C LYS F 772 84.63 -53.94 -56.28
N LEU F 773 84.22 -54.27 -57.50
CA LEU F 773 83.57 -53.27 -58.35
C LEU F 773 82.21 -52.88 -57.78
N ALA F 774 81.48 -53.84 -57.22
CA ALA F 774 80.23 -53.52 -56.54
C ALA F 774 80.47 -52.67 -55.30
N ALA F 775 81.53 -52.96 -54.55
CA ALA F 775 81.87 -52.17 -53.36
C ALA F 775 82.26 -50.75 -53.72
N ARG F 776 83.01 -50.57 -54.81
CA ARG F 776 83.36 -49.23 -55.28
C ARG F 776 82.23 -48.55 -56.04
N SER F 777 81.19 -49.30 -56.42
CA SER F 777 80.07 -48.77 -57.17
C SER F 777 78.86 -48.48 -56.30
N ILE F 778 78.99 -48.59 -54.97
CA ILE F 778 77.93 -48.22 -54.06
C ILE F 778 77.78 -46.70 -54.13
N TRP F 779 76.68 -46.22 -54.72
CA TRP F 779 76.52 -44.79 -54.90
C TRP F 779 76.10 -44.10 -53.61
N ALA F 780 75.00 -44.54 -53.01
CA ALA F 780 74.42 -43.72 -51.94
C ALA F 780 73.66 -44.58 -50.95
N PHE F 781 73.39 -43.97 -49.80
CA PHE F 781 72.51 -44.51 -48.78
C PHE F 781 71.23 -43.68 -48.73
N GLY F 782 70.13 -44.33 -48.37
CA GLY F 782 68.84 -43.71 -48.35
C GLY F 782 67.97 -44.24 -47.23
N PRO F 783 66.92 -43.48 -46.82
CA PRO F 783 66.43 -42.19 -47.34
C PRO F 783 67.33 -40.98 -47.09
N ASP F 784 68.15 -41.06 -46.05
CA ASP F 784 69.15 -40.05 -45.75
C ASP F 784 70.55 -40.66 -45.82
N GLU F 785 71.55 -39.90 -45.40
CA GLU F 785 72.93 -40.38 -45.40
C GLU F 785 73.21 -41.38 -44.28
N MET F 786 72.23 -41.71 -43.46
CA MET F 786 72.35 -42.73 -42.43
C MET F 786 71.36 -43.88 -42.62
N GLY F 787 70.50 -43.83 -43.63
CA GLY F 787 69.46 -44.80 -43.81
C GLY F 787 69.95 -46.16 -44.26
N PRO F 788 69.13 -47.19 -44.06
CA PRO F 788 69.57 -48.57 -44.32
C PRO F 788 69.35 -49.05 -45.75
N ASN F 789 69.07 -48.15 -46.69
CA ASN F 789 68.86 -48.53 -48.08
C ASN F 789 70.10 -48.15 -48.89
N ILE F 790 70.48 -49.00 -49.84
CA ILE F 790 71.72 -48.82 -50.61
C ILE F 790 71.38 -48.74 -52.09
N LEU F 791 71.91 -47.71 -52.76
CA LEU F 791 71.82 -47.57 -54.21
C LEU F 791 73.22 -47.76 -54.78
N GLN F 792 73.34 -48.67 -55.76
CA GLN F 792 74.64 -49.18 -56.22
C GLN F 792 74.59 -49.45 -57.72
N ASP F 793 75.69 -49.13 -58.40
CA ASP F 793 75.86 -49.44 -59.81
C ASP F 793 76.25 -50.91 -59.98
N ASP F 794 75.66 -51.56 -60.99
CA ASP F 794 76.09 -52.88 -61.42
C ASP F 794 76.14 -52.94 -62.96
N THR F 795 76.13 -51.79 -63.62
CA THR F 795 76.20 -51.74 -65.07
C THR F 795 77.63 -52.02 -65.55
N LEU F 796 77.77 -52.06 -66.88
CA LEU F 796 79.06 -52.23 -67.52
C LEU F 796 79.44 -50.97 -68.29
N PRO F 797 80.72 -50.59 -68.28
CA PRO F 797 81.14 -49.42 -69.08
C PRO F 797 81.06 -49.64 -70.58
N THR F 798 81.02 -50.90 -71.04
CA THR F 798 80.98 -51.17 -72.48
C THR F 798 79.66 -50.79 -73.11
N GLU F 799 78.56 -50.77 -72.34
CA GLU F 799 77.25 -50.44 -72.86
C GLU F 799 76.70 -49.10 -72.40
N VAL F 800 77.20 -48.57 -71.27
CA VAL F 800 76.74 -47.29 -70.74
C VAL F 800 77.95 -46.39 -70.53
N ASP F 801 77.91 -45.20 -71.12
CA ASP F 801 78.95 -44.21 -70.88
C ASP F 801 78.83 -43.61 -69.48
N LYS F 802 79.92 -43.08 -68.96
CA LYS F 802 80.00 -42.76 -67.54
C LYS F 802 79.70 -41.30 -67.22
N LYS F 803 79.97 -40.37 -68.14
CA LYS F 803 79.74 -38.96 -67.87
C LYS F 803 78.25 -38.64 -67.81
N ARG F 804 77.49 -39.11 -68.81
CA ARG F 804 76.04 -39.00 -68.74
C ARG F 804 75.49 -39.81 -67.58
N LEU F 805 76.15 -40.91 -67.23
CA LEU F 805 75.74 -41.69 -66.06
C LEU F 805 75.84 -40.85 -64.79
N ALA F 806 76.90 -40.05 -64.64
CA ALA F 806 77.02 -39.20 -63.46
C ALA F 806 76.01 -38.05 -63.47
N THR F 807 75.83 -37.42 -64.64
CA THR F 807 74.92 -36.28 -64.73
C THR F 807 73.47 -36.69 -64.47
N VAL F 808 73.07 -37.89 -64.91
CA VAL F 808 71.78 -38.43 -64.51
C VAL F 808 71.83 -39.00 -63.09
N LYS F 809 73.02 -39.42 -62.62
CA LYS F 809 73.15 -40.08 -61.33
C LYS F 809 72.88 -39.13 -60.18
N GLU F 810 73.13 -37.84 -60.36
CA GLU F 810 72.77 -36.86 -59.33
C GLU F 810 71.27 -36.88 -59.05
N SER F 811 70.45 -36.74 -60.10
CA SER F 811 69.01 -36.83 -59.94
C SER F 811 68.56 -38.26 -59.63
N ILE F 812 69.36 -39.26 -59.98
CA ILE F 812 69.04 -40.64 -59.60
C ILE F 812 69.15 -40.80 -58.10
N ARG F 813 70.19 -40.22 -57.49
CA ARG F 813 70.31 -40.22 -56.03
C ARG F 813 69.18 -39.44 -55.38
N GLN F 814 68.78 -38.32 -55.99
CA GLN F 814 67.66 -37.55 -55.44
C GLN F 814 66.35 -38.34 -55.48
N GLY F 815 66.07 -38.99 -56.62
CA GLY F 815 64.87 -39.81 -56.73
C GLY F 815 64.93 -41.04 -55.85
N PHE F 816 66.11 -41.62 -55.68
CA PHE F 816 66.33 -42.69 -54.70
C PHE F 816 66.00 -42.24 -53.30
N ALA F 817 66.45 -41.05 -52.91
CA ALA F 817 66.17 -40.53 -51.57
C ALA F 817 64.67 -40.33 -51.38
N TRP F 818 63.99 -39.75 -52.36
CA TRP F 818 62.57 -39.47 -52.17
C TRP F 818 61.74 -40.75 -52.23
N ALA F 819 62.14 -41.71 -53.07
CA ALA F 819 61.41 -42.97 -53.18
C ALA F 819 61.57 -43.82 -51.92
N THR F 820 62.80 -43.98 -51.43
CA THR F 820 63.00 -44.73 -50.21
C THR F 820 62.49 -43.98 -48.98
N ARG F 821 62.37 -42.65 -49.05
CA ARG F 821 61.68 -41.92 -48.00
C ARG F 821 60.19 -42.24 -48.00
N GLU F 822 59.57 -42.27 -49.19
CA GLU F 822 58.14 -42.57 -49.22
C GLU F 822 57.87 -44.07 -49.16
N GLY F 823 58.20 -44.81 -50.21
CA GLY F 823 57.84 -46.20 -50.29
C GLY F 823 56.48 -46.40 -50.95
N PRO F 824 56.28 -47.60 -51.54
CA PRO F 824 55.07 -47.82 -52.36
C PRO F 824 53.83 -48.32 -51.62
N LEU F 825 54.01 -49.04 -50.51
CA LEU F 825 52.90 -49.80 -49.94
C LEU F 825 51.94 -48.90 -49.19
N CYS F 826 52.45 -48.19 -48.17
CA CYS F 826 51.64 -47.25 -47.40
C CYS F 826 52.33 -45.90 -47.27
N GLU F 827 53.26 -45.60 -48.20
CA GLU F 827 54.29 -44.56 -48.07
C GLU F 827 54.84 -44.47 -46.64
N GLU F 828 55.28 -45.63 -46.16
CA GLU F 828 56.05 -45.80 -44.95
C GLU F 828 57.51 -45.98 -45.31
N PRO F 829 58.44 -45.35 -44.59
CA PRO F 829 59.84 -45.35 -45.05
C PRO F 829 60.47 -46.73 -44.96
N ILE F 830 61.15 -47.11 -46.04
CA ILE F 830 61.45 -48.52 -46.31
C ILE F 830 62.89 -48.82 -45.92
N ARG F 831 63.11 -50.03 -45.43
CA ARG F 831 64.37 -50.42 -44.79
C ARG F 831 64.91 -51.68 -45.43
N ASN F 832 66.25 -51.82 -45.37
CA ASN F 832 66.96 -53.07 -45.68
C ASN F 832 66.76 -53.50 -47.14
N THR F 833 67.12 -52.61 -48.06
CA THR F 833 67.01 -52.90 -49.49
C THR F 833 68.28 -52.44 -50.20
N LYS F 834 68.61 -53.15 -51.28
CA LYS F 834 69.76 -52.87 -52.12
C LYS F 834 69.29 -52.73 -53.55
N PHE F 835 69.92 -51.82 -54.29
CA PHE F 835 69.54 -51.57 -55.67
C PHE F 835 70.73 -51.67 -56.59
N ARG F 836 70.57 -52.44 -57.67
CA ARG F 836 71.62 -52.64 -58.66
C ARG F 836 71.19 -52.03 -59.97
N LEU F 837 71.99 -51.08 -60.47
CA LEU F 837 71.78 -50.56 -61.81
C LEU F 837 72.10 -51.62 -62.85
N ILE F 838 71.35 -51.63 -63.95
CA ILE F 838 71.45 -52.69 -64.94
C ILE F 838 71.71 -52.08 -66.32
N ASP F 839 72.48 -52.81 -67.13
CA ASP F 839 72.78 -52.46 -68.51
C ASP F 839 71.51 -52.36 -69.36
N VAL F 840 71.71 -51.91 -70.61
CA VAL F 840 70.72 -51.60 -71.66
C VAL F 840 69.98 -50.30 -71.31
N SER F 841 70.12 -49.84 -70.07
CA SER F 841 69.59 -48.54 -69.66
C SER F 841 70.38 -47.43 -70.35
N LEU F 842 69.71 -46.67 -71.20
CA LEU F 842 70.32 -45.60 -71.98
C LEU F 842 69.90 -44.25 -71.42
N PHE F 843 70.86 -43.32 -71.38
CA PHE F 843 70.65 -42.00 -70.78
C PHE F 843 71.03 -40.91 -71.78
N PRO F 844 70.09 -40.47 -72.61
CA PRO F 844 70.34 -39.31 -73.48
C PRO F 844 70.39 -37.99 -72.71
N TRP F 845 70.47 -36.89 -73.46
CA TRP F 845 70.78 -35.59 -72.91
C TRP F 845 69.64 -35.05 -72.03
N TRP F 846 70.00 -34.67 -70.79
CA TRP F 846 69.21 -33.87 -69.85
C TRP F 846 67.93 -34.51 -69.32
N TRP F 847 67.76 -34.44 -68.00
CA TRP F 847 66.56 -34.89 -67.29
C TRP F 847 66.37 -34.00 -66.06
N PRO F 848 65.38 -33.10 -66.06
CA PRO F 848 65.16 -32.24 -64.89
C PRO F 848 64.13 -32.78 -63.91
N ASN F 849 63.46 -33.87 -64.26
CA ASN F 849 62.41 -34.45 -63.45
C ASN F 849 62.93 -35.62 -62.62
N TYR F 850 62.10 -36.07 -61.67
CA TYR F 850 62.46 -37.12 -60.73
C TYR F 850 61.47 -38.25 -60.62
N SER F 851 60.26 -38.11 -61.19
CA SER F 851 59.15 -39.00 -60.84
C SER F 851 59.28 -40.38 -61.47
N ASP F 852 59.85 -40.48 -62.67
CA ASP F 852 59.78 -41.72 -63.45
C ASP F 852 60.67 -42.81 -62.85
N ARG F 853 61.91 -42.44 -62.50
CA ARG F 853 62.84 -43.40 -61.90
C ARG F 853 62.29 -43.93 -60.57
N SER F 854 61.72 -43.05 -59.76
CA SER F 854 61.17 -43.49 -58.48
C SER F 854 59.90 -44.32 -58.66
N THR F 855 59.10 -44.00 -59.69
CA THR F 855 57.94 -44.81 -60.02
C THR F 855 58.34 -46.24 -60.37
N CYS F 856 59.33 -46.39 -61.24
CA CYS F 856 59.87 -47.71 -61.55
C CYS F 856 60.49 -48.36 -60.32
N LEU F 857 61.04 -47.56 -59.41
CA LEU F 857 61.72 -48.10 -58.26
C LEU F 857 60.72 -48.65 -57.25
N LEU F 858 59.57 -47.98 -57.10
CA LEU F 858 58.46 -48.53 -56.33
C LEU F 858 57.94 -49.81 -56.96
N PHE F 859 57.82 -49.85 -58.30
CA PHE F 859 57.40 -51.12 -58.90
C PHE F 859 58.44 -52.23 -58.69
N LEU F 860 59.72 -51.86 -58.58
CA LEU F 860 60.75 -52.81 -58.20
C LEU F 860 60.56 -53.32 -56.77
N PHE F 861 60.08 -52.47 -55.88
CA PHE F 861 59.62 -52.97 -54.59
C PHE F 861 58.46 -53.95 -54.74
N LEU F 862 57.51 -53.66 -55.64
CA LEU F 862 56.37 -54.55 -55.85
C LEU F 862 56.77 -55.93 -56.37
N ASP F 863 57.69 -56.00 -57.35
CA ASP F 863 57.93 -57.32 -57.93
C ASP F 863 59.05 -58.09 -57.24
N GLY F 864 59.63 -57.53 -56.17
CA GLY F 864 60.65 -58.22 -55.40
C GLY F 864 60.11 -58.95 -54.20
N LEU F 865 58.80 -59.25 -54.21
CA LEU F 865 58.01 -59.81 -53.12
C LEU F 865 58.20 -58.97 -51.86
N PRO F 866 57.55 -57.81 -51.77
CA PRO F 866 57.69 -56.97 -50.59
C PRO F 866 56.93 -57.53 -49.40
N ARG F 867 57.42 -57.19 -48.21
CA ARG F 867 56.78 -57.51 -46.95
C ARG F 867 56.75 -56.26 -46.08
N LEU F 868 55.88 -56.28 -45.08
CA LEU F 868 55.76 -55.20 -44.12
C LEU F 868 56.55 -55.55 -42.86
N MET F 869 57.07 -54.52 -42.20
CA MET F 869 57.87 -54.67 -41.00
C MET F 869 57.36 -53.74 -39.91
N GLU F 870 57.38 -54.23 -38.69
CA GLU F 870 56.84 -53.57 -37.52
C GLU F 870 57.91 -53.48 -36.43
N PRO F 871 57.82 -52.48 -35.56
CA PRO F 871 58.77 -52.39 -34.45
C PRO F 871 58.47 -53.44 -33.38
N MET F 872 59.51 -53.76 -32.61
CA MET F 872 59.48 -54.83 -31.63
C MET F 872 60.11 -54.33 -30.34
N TYR F 873 59.30 -54.23 -29.28
CA TYR F 873 59.79 -54.03 -27.93
C TYR F 873 60.47 -55.28 -27.38
N SER F 874 61.47 -55.04 -26.53
CA SER F 874 62.09 -56.08 -25.72
C SER F 874 61.48 -56.03 -24.32
N VAL F 875 60.80 -57.10 -23.94
CA VAL F 875 60.14 -57.19 -22.65
C VAL F 875 61.14 -57.62 -21.59
N SER F 876 61.19 -56.88 -20.48
CA SER F 876 62.04 -57.22 -19.34
C SER F 876 61.21 -57.17 -18.08
N MET F 877 61.04 -58.32 -17.43
CA MET F 877 60.37 -58.40 -16.14
C MET F 877 61.36 -58.77 -15.03
N THR F 878 61.27 -58.05 -13.92
CA THR F 878 61.69 -58.56 -12.62
C THR F 878 60.46 -58.90 -11.81
N GLY F 879 60.46 -60.08 -11.19
CA GLY F 879 59.34 -60.54 -10.40
C GLY F 879 59.39 -62.03 -10.09
N PRO F 880 58.48 -62.50 -9.22
CA PRO F 880 58.51 -63.90 -8.77
C PRO F 880 58.10 -64.92 -9.83
N GLN F 881 57.99 -66.19 -9.40
CA GLN F 881 57.82 -67.31 -10.33
C GLN F 881 56.41 -67.35 -10.93
N SER F 882 55.39 -67.07 -10.11
CA SER F 882 54.03 -66.98 -10.64
C SER F 882 53.92 -65.86 -11.66
N SER F 883 54.65 -64.77 -11.44
CA SER F 883 54.74 -63.71 -12.43
C SER F 883 55.41 -64.21 -13.71
N VAL F 884 56.38 -65.12 -13.58
CA VAL F 884 57.05 -65.68 -14.76
C VAL F 884 56.07 -66.51 -15.58
N SER F 885 55.30 -67.37 -14.91
CA SER F 885 54.28 -68.17 -15.61
C SER F 885 53.24 -67.28 -16.26
N MET F 886 52.83 -66.21 -15.59
CA MET F 886 51.91 -65.25 -16.20
C MET F 886 52.54 -64.55 -17.40
N VAL F 887 53.86 -64.33 -17.37
CA VAL F 887 54.52 -63.74 -18.53
C VAL F 887 54.47 -64.67 -19.73
N TYR F 888 54.73 -65.97 -19.52
CA TYR F 888 54.54 -66.93 -20.61
C TYR F 888 53.11 -66.93 -21.12
N ASN F 889 52.12 -66.87 -20.22
CA ASN F 889 50.71 -66.88 -20.66
C ASN F 889 50.37 -65.64 -21.49
N ILE F 890 50.67 -64.45 -20.97
CA ILE F 890 50.30 -63.22 -21.65
C ILE F 890 51.11 -63.01 -22.93
N LEU F 891 52.40 -63.37 -22.92
CA LEU F 891 53.20 -63.25 -24.13
C LEU F 891 52.77 -64.26 -25.18
N SER F 892 52.28 -65.43 -24.76
CA SER F 892 51.67 -66.36 -25.69
C SER F 892 50.41 -65.78 -26.31
N ARG F 893 49.60 -65.06 -25.51
CA ARG F 893 48.39 -64.47 -26.07
C ARG F 893 48.63 -63.19 -26.86
N ARG F 894 49.80 -62.55 -26.76
CA ARG F 894 50.02 -61.26 -27.42
C ARG F 894 51.11 -61.31 -28.49
N ARG F 895 51.23 -62.45 -29.19
CA ARG F 895 52.20 -62.66 -30.27
C ARG F 895 53.63 -62.42 -29.80
N GLY F 896 53.94 -62.79 -28.56
CA GLY F 896 55.24 -62.52 -27.98
C GLY F 896 55.98 -63.80 -27.67
N HIS F 897 57.30 -63.67 -27.52
CA HIS F 897 58.18 -64.80 -27.26
C HIS F 897 59.00 -64.50 -26.02
N VAL F 898 59.47 -65.56 -25.37
CA VAL F 898 60.37 -65.45 -24.24
C VAL F 898 61.76 -65.89 -24.68
N LEU F 899 62.69 -64.94 -24.73
CA LEU F 899 64.06 -65.29 -25.09
C LEU F 899 64.75 -66.05 -23.96
N SER F 900 64.61 -65.57 -22.73
CA SER F 900 65.30 -66.18 -21.61
C SER F 900 64.53 -65.93 -20.33
N ASP F 901 64.79 -66.79 -19.35
CA ASP F 901 64.22 -66.69 -18.02
C ASP F 901 65.28 -67.17 -17.05
N GLY F 902 65.36 -66.51 -15.89
CA GLY F 902 66.34 -66.89 -14.91
C GLY F 902 66.18 -66.18 -13.59
N PRO F 903 66.95 -66.58 -12.59
CA PRO F 903 66.90 -65.89 -11.30
C PRO F 903 67.92 -64.77 -11.20
N ILE F 904 67.50 -63.67 -10.59
CA ILE F 904 68.42 -62.60 -10.22
C ILE F 904 69.14 -63.05 -8.95
N ALA F 905 70.47 -63.14 -9.02
CA ALA F 905 71.25 -63.73 -7.94
C ALA F 905 71.24 -62.85 -6.70
N GLY F 906 71.09 -63.48 -5.54
CA GLY F 906 71.05 -62.77 -4.28
C GLY F 906 69.72 -62.17 -3.91
N THR F 907 68.68 -62.37 -4.72
CA THR F 907 67.34 -61.85 -4.49
C THR F 907 66.33 -62.97 -4.65
N PRO F 908 65.13 -62.82 -4.09
CA PRO F 908 64.02 -63.72 -4.43
C PRO F 908 63.32 -63.38 -5.74
N LEU F 909 63.91 -62.55 -6.59
CA LEU F 909 63.29 -62.11 -7.83
C LEU F 909 63.80 -62.93 -9.01
N TYR F 910 63.06 -62.85 -10.12
CA TYR F 910 63.38 -63.56 -11.35
C TYR F 910 63.25 -62.59 -12.51
N ARG F 911 64.19 -62.67 -13.45
CA ARG F 911 64.18 -61.84 -14.64
C ARG F 911 63.79 -62.66 -15.87
N VAL F 912 62.87 -62.12 -16.66
CA VAL F 912 62.40 -62.72 -17.90
C VAL F 912 62.61 -61.71 -19.02
N ASN F 913 63.34 -62.12 -20.05
CA ASN F 913 63.61 -61.30 -21.22
C ASN F 913 62.94 -61.91 -22.45
N GLY F 914 62.27 -61.09 -23.23
CA GLY F 914 61.56 -61.56 -24.40
C GLY F 914 61.32 -60.46 -25.41
N LEU F 915 60.48 -60.77 -26.40
CA LEU F 915 60.11 -59.83 -27.46
C LEU F 915 58.59 -59.70 -27.55
N ILE F 916 58.14 -58.54 -28.01
CA ILE F 916 56.73 -58.33 -28.29
C ILE F 916 56.59 -57.32 -29.43
N PRO F 917 55.57 -57.43 -30.27
CA PRO F 917 55.24 -56.32 -31.18
C PRO F 917 54.72 -55.13 -30.41
N VAL F 918 55.01 -53.94 -30.93
CA VAL F 918 54.57 -52.72 -30.28
C VAL F 918 53.06 -52.56 -30.41
N ILE F 919 52.50 -52.97 -31.55
CA ILE F 919 51.07 -52.90 -31.76
C ILE F 919 50.31 -53.91 -30.91
N ASP F 920 50.97 -54.97 -30.44
CA ASP F 920 50.36 -55.93 -29.55
C ASP F 920 50.71 -55.71 -28.09
N SER F 921 51.46 -54.66 -27.78
CA SER F 921 51.88 -54.37 -26.41
C SER F 921 51.06 -53.27 -25.75
N PHE F 922 49.97 -52.84 -26.39
CA PHE F 922 49.12 -51.82 -25.82
C PHE F 922 48.29 -52.44 -24.69
N GLY F 923 48.49 -51.95 -23.47
CA GLY F 923 47.87 -52.54 -22.32
C GLY F 923 48.55 -53.80 -21.81
N PHE F 924 49.76 -54.09 -22.30
CA PHE F 924 50.47 -55.28 -21.84
C PHE F 924 50.98 -55.11 -20.42
N GLU F 925 51.53 -53.93 -20.12
CA GLU F 925 52.07 -53.67 -18.78
C GLU F 925 50.97 -53.68 -17.73
N THR F 926 49.81 -53.09 -18.04
CA THR F 926 48.72 -53.04 -17.09
C THR F 926 48.14 -54.43 -16.82
N ASP F 927 47.93 -55.22 -17.89
CA ASP F 927 47.43 -56.57 -17.73
C ASP F 927 48.41 -57.45 -16.97
N LEU F 928 49.71 -57.28 -17.22
CA LEU F 928 50.70 -58.11 -16.54
C LEU F 928 50.87 -57.70 -15.08
N ARG F 929 50.71 -56.42 -14.76
CA ARG F 929 50.79 -55.97 -13.37
C ARG F 929 49.52 -56.29 -12.58
N ILE F 930 48.37 -56.41 -13.24
CA ILE F 930 47.12 -56.65 -12.52
C ILE F 930 46.85 -58.15 -12.36
N ASN F 931 46.94 -58.93 -13.44
CA ASN F 931 46.56 -60.33 -13.37
C ASN F 931 47.69 -61.20 -12.83
N THR F 932 48.22 -60.84 -11.65
CA THR F 932 49.35 -61.55 -11.06
C THR F 932 49.20 -61.50 -9.55
N PRO F 933 49.37 -62.62 -8.85
CA PRO F 933 49.39 -62.59 -7.37
C PRO F 933 50.47 -61.68 -6.81
N GLY F 934 51.72 -61.87 -7.22
CA GLY F 934 52.80 -60.99 -6.84
C GLY F 934 52.75 -59.67 -7.60
N GLN F 935 53.80 -58.88 -7.43
CA GLN F 935 53.93 -57.61 -8.11
C GLN F 935 55.04 -57.70 -9.15
N ALA F 936 54.71 -57.47 -10.40
CA ALA F 936 55.63 -57.56 -11.52
C ALA F 936 55.93 -56.17 -12.07
N MET F 937 57.20 -55.91 -12.34
CA MET F 937 57.61 -54.68 -12.99
C MET F 937 57.94 -54.97 -14.46
N VAL F 938 57.52 -54.06 -15.34
CA VAL F 938 57.62 -54.25 -16.78
C VAL F 938 58.39 -53.08 -17.38
N SER F 939 59.35 -53.40 -18.25
CA SER F 939 60.07 -52.39 -19.02
C SER F 939 59.98 -52.77 -20.49
N LEU F 940 59.52 -51.83 -21.31
CA LEU F 940 59.31 -52.05 -22.74
C LEU F 940 60.22 -51.11 -23.53
N VAL F 941 61.29 -51.66 -24.08
CA VAL F 941 62.30 -50.90 -24.81
C VAL F 941 62.29 -51.35 -26.26
N PHE F 942 62.32 -50.38 -27.18
CA PHE F 942 62.36 -50.67 -28.61
C PHE F 942 63.63 -51.45 -28.96
N ASP F 943 63.45 -52.61 -29.58
CA ASP F 943 64.53 -53.54 -29.86
C ASP F 943 64.77 -53.74 -31.35
N ARG F 944 63.72 -54.10 -32.10
CA ARG F 944 63.94 -54.67 -33.43
C ARG F 944 62.94 -54.11 -34.43
N TRP F 945 63.26 -54.28 -35.71
CA TRP F 945 62.30 -54.22 -36.81
C TRP F 945 62.14 -55.63 -37.36
N SER F 946 60.91 -56.14 -37.37
CA SER F 946 60.68 -57.53 -37.77
C SER F 946 59.56 -57.61 -38.79
N ILE F 947 59.63 -58.64 -39.64
CA ILE F 947 58.67 -58.80 -40.72
C ILE F 947 57.32 -59.23 -40.15
N VAL F 948 56.27 -58.53 -40.55
CA VAL F 948 54.91 -58.88 -40.12
C VAL F 948 54.52 -60.21 -40.74
N PRO F 949 53.94 -61.14 -39.98
CA PRO F 949 53.52 -62.42 -40.56
C PRO F 949 52.37 -62.22 -41.56
N GLY F 950 52.48 -62.86 -42.70
CA GLY F 950 51.50 -62.76 -43.77
C GLY F 950 52.07 -62.07 -44.99
N ASP F 951 51.23 -62.00 -46.02
CA ASP F 951 51.60 -61.38 -47.28
C ASP F 951 50.83 -60.09 -47.48
N PRO F 952 51.51 -58.98 -47.78
CA PRO F 952 50.79 -57.70 -47.92
C PRO F 952 50.01 -57.57 -49.21
N LEU F 953 50.42 -58.27 -50.27
CA LEU F 953 49.78 -58.13 -51.57
C LEU F 953 48.75 -59.22 -51.86
N ASP F 954 48.50 -60.11 -50.90
CA ASP F 954 47.49 -61.16 -51.08
C ASP F 954 46.11 -60.53 -51.04
N ARG F 955 45.43 -60.51 -52.20
CA ARG F 955 44.15 -59.81 -52.30
C ARG F 955 43.01 -60.57 -51.65
N GLU F 956 43.06 -61.91 -51.65
CA GLU F 956 41.92 -62.70 -51.19
C GLU F 956 41.78 -62.71 -49.68
N GLN F 957 42.84 -62.36 -48.96
CA GLN F 957 42.80 -62.34 -47.49
C GLN F 957 42.05 -61.09 -47.04
N VAL F 958 40.89 -61.30 -46.41
CA VAL F 958 40.04 -60.20 -45.96
C VAL F 958 39.72 -60.43 -44.49
N THR F 959 39.43 -59.34 -43.78
CA THR F 959 39.16 -59.37 -42.35
C THR F 959 37.81 -58.72 -42.07
N ARG F 960 37.06 -59.31 -41.15
CA ARG F 960 35.78 -58.75 -40.76
C ARG F 960 35.96 -57.46 -39.97
N PRO F 961 35.09 -56.46 -40.17
CA PRO F 961 35.04 -55.33 -39.24
C PRO F 961 34.74 -55.79 -37.82
N LEU F 962 35.20 -55.00 -36.85
CA LEU F 962 35.17 -55.23 -35.41
C LEU F 962 36.14 -56.32 -34.96
N GLN F 963 36.88 -56.93 -35.88
CA GLN F 963 37.62 -58.14 -35.60
C GLN F 963 39.12 -57.94 -35.81
N MET F 964 39.90 -58.73 -35.09
CA MET F 964 41.35 -58.75 -35.23
C MET F 964 41.75 -59.71 -36.34
N ALA F 965 42.74 -59.31 -37.13
CA ALA F 965 43.23 -60.13 -38.23
C ALA F 965 43.84 -61.43 -37.71
N THR F 966 43.79 -62.46 -38.55
CA THR F 966 44.31 -63.78 -38.18
C THR F 966 45.82 -63.82 -38.39
N ALA F 967 46.41 -65.02 -38.28
CA ALA F 967 47.86 -65.16 -38.33
C ALA F 967 48.44 -64.80 -39.69
N GLN F 968 47.74 -65.13 -40.77
CA GLN F 968 48.25 -64.89 -42.11
C GLN F 968 47.66 -63.65 -42.78
N ALA F 969 46.52 -63.14 -42.29
CA ALA F 969 45.91 -61.94 -42.83
C ALA F 969 46.33 -60.69 -42.08
N THR F 970 47.33 -60.80 -41.20
CA THR F 970 47.76 -59.67 -40.39
C THR F 970 48.41 -58.58 -41.24
N ALA F 971 49.32 -58.97 -42.13
CA ALA F 971 50.05 -58.00 -42.95
C ALA F 971 49.10 -57.30 -43.94
N ARG F 972 48.16 -58.05 -44.52
CA ARG F 972 47.19 -57.46 -45.44
C ARG F 972 46.33 -56.42 -44.74
N ASP F 973 45.84 -56.75 -43.54
CA ASP F 973 45.04 -55.82 -42.76
C ASP F 973 45.83 -54.57 -42.40
N PHE F 974 47.10 -54.75 -41.98
CA PHE F 974 47.95 -53.61 -41.65
C PHE F 974 48.16 -52.71 -42.85
N VAL F 975 48.46 -53.29 -44.02
CA VAL F 975 48.72 -52.49 -45.21
C VAL F 975 47.48 -51.74 -45.67
N LEU F 976 46.32 -52.41 -45.70
CA LEU F 976 45.09 -51.75 -46.12
C LEU F 976 44.72 -50.59 -45.19
N LYS F 977 44.73 -50.84 -43.88
CA LYS F 977 44.29 -49.80 -42.97
C LYS F 977 45.31 -48.68 -42.79
N THR F 978 46.61 -48.99 -42.86
CA THR F 978 47.61 -47.92 -42.85
C THR F 978 47.59 -47.13 -44.15
N ARG F 979 47.28 -47.78 -45.27
CA ARG F 979 47.24 -47.13 -46.57
C ARG F 979 46.08 -46.14 -46.66
N ARG F 980 44.88 -46.55 -46.27
CA ARG F 980 43.77 -45.63 -46.35
C ARG F 980 43.50 -44.87 -45.06
N ARG F 981 44.31 -45.09 -44.02
CA ARG F 981 44.37 -44.13 -42.93
C ARG F 981 45.10 -42.86 -43.36
N LYS F 982 46.05 -43.00 -44.28
CA LYS F 982 46.87 -41.90 -44.74
C LYS F 982 46.28 -41.17 -45.95
N GLY F 983 45.14 -41.65 -46.46
CA GLY F 983 44.45 -40.97 -47.54
C GLY F 983 44.79 -41.42 -48.94
N LEU F 984 44.68 -42.72 -49.21
CA LEU F 984 44.90 -43.27 -50.54
C LEU F 984 43.73 -44.16 -50.95
N SER F 985 43.87 -44.76 -52.14
CA SER F 985 42.94 -45.76 -52.61
C SER F 985 43.10 -47.06 -51.83
N GLU F 986 42.11 -47.93 -51.95
CA GLU F 986 42.08 -49.19 -51.22
C GLU F 986 42.89 -50.29 -51.88
N ASP F 987 43.54 -50.03 -53.01
CA ASP F 987 44.27 -51.03 -53.76
C ASP F 987 45.70 -50.56 -54.02
N VAL F 988 46.65 -51.47 -53.93
CA VAL F 988 48.03 -51.18 -54.28
C VAL F 988 48.10 -51.09 -55.81
N THR F 989 48.20 -49.89 -56.34
CA THR F 989 48.04 -49.64 -57.76
C THR F 989 49.31 -50.04 -58.51
N VAL F 990 49.26 -51.20 -59.18
CA VAL F 990 50.37 -51.64 -60.00
C VAL F 990 50.48 -50.78 -61.26
N ALA F 991 49.35 -50.51 -61.91
CA ALA F 991 49.35 -49.82 -63.20
C ALA F 991 49.71 -48.34 -63.05
N LYS F 992 49.42 -47.75 -61.89
CA LYS F 992 49.79 -46.35 -61.67
C LYS F 992 51.29 -46.17 -61.50
N PHE F 993 52.01 -47.24 -61.16
CA PHE F 993 53.45 -47.19 -60.99
C PHE F 993 54.19 -47.93 -62.12
N LEU F 994 53.65 -47.86 -63.33
CA LEU F 994 54.28 -48.54 -64.47
C LEU F 994 54.05 -47.75 -65.75
N GLU F 995 54.98 -47.89 -66.68
CA GLU F 995 54.74 -47.47 -68.06
C GLU F 995 53.69 -48.40 -68.69
N PRO F 996 52.82 -47.87 -69.55
CA PRO F 996 51.76 -48.72 -70.14
C PRO F 996 52.29 -49.87 -70.99
N GLU F 997 53.35 -49.63 -71.77
CA GLU F 997 53.91 -50.70 -72.60
C GLU F 997 54.57 -51.77 -71.75
N PHE F 998 55.32 -51.36 -70.72
CA PHE F 998 55.93 -52.32 -69.81
C PHE F 998 54.89 -53.08 -69.01
N TYR F 999 53.82 -52.39 -68.60
CA TYR F 999 52.74 -53.06 -67.87
C TYR F 999 52.03 -54.09 -68.74
N GLN F 1000 51.78 -53.75 -70.01
CA GLN F 1000 51.16 -54.71 -70.92
C GLN F 1000 52.08 -55.87 -71.23
N SER F 1001 53.39 -55.61 -71.36
CA SER F 1001 54.35 -56.68 -71.60
C SER F 1001 54.44 -57.63 -70.41
N LEU F 1002 54.41 -57.09 -69.19
CA LEU F 1002 54.46 -57.95 -68.01
C LEU F 1002 53.14 -58.67 -67.80
N LEU F 1003 52.01 -58.09 -68.22
CA LEU F 1003 50.74 -58.80 -68.21
C LEU F 1003 50.76 -59.96 -69.19
N GLU F 1004 51.34 -59.76 -70.38
CA GLU F 1004 51.41 -60.82 -71.38
C GLU F 1004 52.39 -61.91 -70.96
N SER F 1005 53.47 -61.54 -70.28
CA SER F 1005 54.46 -62.51 -69.84
C SER F 1005 54.03 -63.29 -68.61
N GLY F 1006 52.96 -62.87 -67.93
CA GLY F 1006 52.46 -63.58 -66.78
C GLY F 1006 53.14 -63.26 -65.47
N THR F 1007 54.04 -62.28 -65.45
CA THR F 1007 54.72 -61.93 -64.20
C THR F 1007 53.84 -61.14 -63.25
N LEU F 1008 52.72 -60.60 -63.73
CA LEU F 1008 51.78 -59.85 -62.91
C LEU F 1008 50.44 -60.56 -62.86
N GLY F 1009 49.69 -60.28 -61.80
CA GLY F 1009 48.42 -60.95 -61.58
C GLY F 1009 47.30 -60.37 -62.42
N GLU F 1010 46.12 -60.94 -62.22
CA GLU F 1010 44.94 -60.51 -62.97
C GLU F 1010 44.45 -59.16 -62.45
N PRO F 1011 44.29 -58.15 -63.32
CA PRO F 1011 43.78 -56.84 -62.90
C PRO F 1011 42.30 -56.87 -62.57
N THR G 43 40.82 29.02 16.49
CA THR G 43 42.28 28.97 16.60
C THR G 43 42.93 28.47 15.32
N PRO G 44 43.93 29.20 14.83
CA PRO G 44 44.71 28.71 13.70
C PRO G 44 45.73 27.67 14.17
N ARG G 45 46.34 27.02 13.18
CA ARG G 45 47.32 25.98 13.48
C ARG G 45 48.60 26.60 14.04
N THR G 46 49.11 26.03 15.13
CA THR G 46 50.30 26.53 15.80
C THR G 46 51.52 25.66 15.56
N SER G 47 51.38 24.34 15.66
CA SER G 47 52.48 23.40 15.55
C SER G 47 52.32 22.51 14.33
N ASN G 48 53.25 21.58 14.18
CA ASN G 48 53.26 20.66 13.05
C ASN G 48 52.65 19.34 13.55
N LEU G 49 51.34 19.37 13.77
CA LEU G 49 50.58 18.19 14.13
C LEU G 49 49.51 17.91 13.09
N LYS G 50 49.13 16.63 13.00
CA LYS G 50 48.00 16.23 12.14
C LYS G 50 46.68 16.81 12.62
N ALA G 51 46.52 16.99 13.93
CA ALA G 51 45.33 17.58 14.51
C ALA G 51 45.76 18.47 15.67
N PRO G 52 44.99 19.53 15.98
CA PRO G 52 45.36 20.39 17.11
C PRO G 52 45.39 19.66 18.45
N LEU G 53 44.57 18.63 18.61
CA LEU G 53 44.62 17.78 19.78
C LEU G 53 44.02 16.43 19.40
N MET G 54 44.60 15.35 19.93
CA MET G 54 44.20 14.02 19.50
C MET G 54 44.55 12.98 20.55
N GLU G 55 43.82 11.88 20.52
CA GLU G 55 43.92 10.82 21.51
C GLU G 55 44.95 9.77 21.11
N LEU G 56 45.49 9.11 22.14
CA LEU G 56 46.27 7.88 22.00
C LEU G 56 45.71 6.90 23.02
N SER G 57 45.20 5.77 22.53
CA SER G 57 44.56 4.78 23.38
C SER G 57 44.96 3.39 22.90
N GLY G 58 44.77 2.42 23.78
CA GLY G 58 45.13 1.04 23.49
C GLY G 58 45.64 0.31 24.71
N HIS G 59 45.99 1.06 25.75
CA HIS G 59 46.29 0.45 27.03
C HIS G 59 45.03 -0.10 27.67
N THR G 60 45.14 -1.25 28.31
CA THR G 60 44.04 -1.85 29.04
C THR G 60 44.13 -1.58 30.54
N GLY G 61 45.05 -0.72 30.95
CA GLY G 61 45.19 -0.36 32.35
C GLY G 61 45.51 1.11 32.48
N GLU G 62 45.65 1.54 33.74
CA GLU G 62 45.92 2.94 34.03
C GLU G 62 47.31 3.31 33.56
N ILE G 63 47.41 4.36 32.75
CA ILE G 63 48.70 4.83 32.27
C ILE G 63 49.34 5.66 33.38
N PHE G 64 50.47 5.18 33.89
CA PHE G 64 51.12 5.79 35.03
C PHE G 64 52.25 6.74 34.66
N THR G 65 52.96 6.49 33.56
CA THR G 65 54.05 7.34 33.15
C THR G 65 54.11 7.38 31.62
N ALA G 66 54.28 8.60 31.10
CA ALA G 66 54.51 8.81 29.67
C ALA G 66 55.65 9.82 29.49
N LYS G 67 56.45 9.65 28.46
CA LYS G 67 57.65 10.46 28.28
C LYS G 67 57.72 10.91 26.83
N PHE G 68 58.86 11.48 26.45
CA PHE G 68 59.13 11.93 25.09
C PHE G 68 60.52 11.49 24.69
N ASP G 69 60.74 11.37 23.39
CA ASP G 69 62.08 11.25 22.85
C ASP G 69 62.85 12.54 23.14
N PRO G 70 64.16 12.44 23.39
CA PRO G 70 65.00 13.66 23.38
C PRO G 70 64.93 14.40 22.05
N THR G 71 64.79 13.68 20.94
CA THR G 71 64.49 14.32 19.67
C THR G 71 63.09 14.93 19.68
N GLY G 72 62.18 14.36 20.45
CA GLY G 72 60.81 14.83 20.50
C GLY G 72 59.87 14.19 19.49
N THR G 73 60.24 13.04 18.93
CA THR G 73 59.44 12.40 17.88
C THR G 73 58.81 11.09 18.32
N LEU G 74 59.18 10.55 19.47
CA LEU G 74 58.69 9.26 19.94
C LEU G 74 58.14 9.41 21.36
N ILE G 75 57.05 8.71 21.64
CA ILE G 75 56.45 8.68 22.97
C ILE G 75 56.50 7.24 23.48
N ALA G 76 56.90 7.07 24.73
CA ALA G 76 56.93 5.76 25.38
C ALA G 76 56.08 5.84 26.63
N SER G 77 55.09 4.96 26.75
CA SER G 77 54.16 4.98 27.88
C SER G 77 54.11 3.61 28.53
N GLY G 78 54.23 3.59 29.86
CA GLY G 78 54.07 2.37 30.64
C GLY G 78 52.82 2.49 31.51
N SER G 79 52.18 1.36 31.76
CA SER G 79 50.85 1.38 32.36
C SER G 79 50.69 0.26 33.37
N MET G 80 49.49 0.21 33.96
CA MET G 80 49.12 -0.83 34.92
C MET G 80 49.07 -2.21 34.29
N ASP G 81 48.87 -2.29 32.97
CA ASP G 81 48.73 -3.56 32.27
C ASP G 81 50.06 -4.21 31.88
N ARG G 82 51.17 -3.81 32.52
CA ARG G 82 52.48 -4.44 32.44
C ARG G 82 53.09 -4.38 31.05
N THR G 83 52.65 -3.46 30.19
CA THR G 83 53.21 -3.29 28.86
C THR G 83 53.74 -1.87 28.69
N ILE G 84 54.56 -1.69 27.66
CA ILE G 84 55.02 -0.38 27.24
C ILE G 84 54.65 -0.18 25.77
N MET G 85 53.97 0.93 25.49
CA MET G 85 53.56 1.25 24.12
C MET G 85 54.39 2.41 23.61
N LEU G 86 54.96 2.23 22.41
CA LEU G 86 55.83 3.18 21.75
C LEU G 86 55.12 3.73 20.53
N TRP G 87 54.89 5.05 20.52
CA TRP G 87 54.11 5.76 19.52
C TRP G 87 55.01 6.75 18.79
N ARG G 88 54.65 7.02 17.53
CA ARG G 88 55.32 8.02 16.71
C ARG G 88 54.44 9.27 16.65
N VAL G 89 55.01 10.41 17.02
CA VAL G 89 54.22 11.64 17.12
C VAL G 89 53.92 12.22 15.75
N TYR G 90 54.94 12.35 14.91
CA TYR G 90 54.83 13.10 13.67
C TYR G 90 54.59 12.16 12.49
N GLY G 91 54.26 12.77 11.35
CA GLY G 91 53.75 11.97 10.24
C GLY G 91 52.37 11.43 10.60
N ASP G 92 52.12 10.18 10.21
CA ASP G 92 50.96 9.47 10.72
C ASP G 92 51.22 9.01 12.15
N CYS G 93 50.30 9.33 13.06
CA CYS G 93 50.50 9.00 14.46
C CYS G 93 50.24 7.51 14.67
N GLU G 94 51.32 6.72 14.64
CA GLU G 94 51.23 5.27 14.57
C GLU G 94 51.88 4.66 15.81
N ASN G 95 51.18 3.71 16.44
CA ASN G 95 51.80 2.85 17.43
C ASN G 95 52.76 1.90 16.73
N TYR G 96 54.04 1.95 17.11
CA TYR G 96 55.03 1.12 16.47
C TYR G 96 55.73 0.13 17.39
N GLY G 97 55.48 0.17 18.70
CA GLY G 97 56.14 -0.83 19.53
C GLY G 97 55.43 -1.22 20.80
N VAL G 98 55.59 -2.48 21.24
CA VAL G 98 55.10 -2.93 22.53
C VAL G 98 56.21 -3.74 23.20
N LEU G 99 56.52 -3.40 24.45
CA LEU G 99 57.47 -4.13 25.26
C LEU G 99 56.74 -4.84 26.39
N ASN G 100 56.96 -6.16 26.50
CA ASN G 100 56.27 -7.03 27.45
C ASN G 100 57.30 -7.86 28.21
N GLY G 101 57.81 -7.34 29.32
CA GLY G 101 58.70 -8.14 30.13
C GLY G 101 58.44 -8.08 31.62
N HIS G 102 57.58 -7.15 32.06
CA HIS G 102 57.44 -6.86 33.47
C HIS G 102 56.28 -7.62 34.08
N LYS G 103 56.46 -8.07 35.32
CA LYS G 103 55.47 -8.87 36.01
C LYS G 103 54.43 -8.03 36.75
N ALA G 104 54.57 -6.72 36.79
CA ALA G 104 53.62 -5.85 37.47
C ALA G 104 53.59 -4.51 36.77
N ALA G 105 52.97 -3.52 37.42
CA ALA G 105 52.76 -2.22 36.80
C ALA G 105 54.08 -1.48 36.59
N ILE G 106 54.19 -0.82 35.43
CA ILE G 106 55.39 -0.07 35.08
C ILE G 106 55.16 1.38 35.49
N LEU G 107 55.87 1.82 36.52
CA LEU G 107 55.67 3.15 37.07
C LEU G 107 56.60 4.20 36.48
N ASP G 108 57.67 3.79 35.79
CA ASP G 108 58.57 4.73 35.14
C ASP G 108 59.30 4.04 34.01
N LEU G 109 59.94 4.85 33.16
CA LEU G 109 60.56 4.53 31.89
C LEU G 109 61.20 5.84 31.43
N GLN G 110 62.45 5.79 31.02
CA GLN G 110 63.18 7.01 30.71
C GLN G 110 64.09 6.75 29.52
N TRP G 111 63.99 7.62 28.52
CA TRP G 111 64.88 7.54 27.38
C TRP G 111 66.29 7.93 27.78
N SER G 112 67.27 7.32 27.11
CA SER G 112 68.67 7.61 27.37
C SER G 112 69.08 8.92 26.72
N ARG G 113 70.37 9.25 26.82
CA ARG G 113 70.88 10.48 26.24
C ARG G 113 70.83 10.46 24.71
N ASP G 114 70.98 9.29 24.10
CA ASP G 114 70.93 9.19 22.65
C ASP G 114 69.52 8.98 22.12
N GLY G 115 68.80 8.01 22.66
CA GLY G 115 67.43 7.77 22.24
C GLY G 115 67.16 6.40 21.68
N ASP G 116 68.01 5.42 22.03
CA ASP G 116 67.84 4.05 21.60
C ASP G 116 67.59 3.09 22.75
N ILE G 117 67.75 3.54 23.99
CA ILE G 117 67.59 2.68 25.17
C ILE G 117 66.44 3.23 26.00
N LEU G 118 65.59 2.32 26.49
CA LEU G 118 64.47 2.70 27.35
C LEU G 118 64.65 2.11 28.73
N PHE G 119 64.20 2.84 29.76
CA PHE G 119 64.43 2.45 31.14
C PHE G 119 63.11 2.35 31.91
N SER G 120 62.85 1.17 32.45
CA SER G 120 61.60 0.86 33.09
C SER G 120 61.82 0.60 34.58
N ALA G 121 61.06 1.29 35.41
CA ALA G 121 60.95 0.97 36.83
C ALA G 121 59.60 0.32 37.04
N SER G 122 59.57 -0.84 37.71
CA SER G 122 58.31 -1.55 37.78
C SER G 122 58.14 -2.21 39.14
N ALA G 123 56.86 -2.26 39.56
CA ALA G 123 56.31 -2.74 40.82
C ALA G 123 56.48 -4.24 41.01
N ASP G 124 57.10 -4.94 40.05
CA ASP G 124 57.59 -6.29 40.29
C ASP G 124 58.93 -6.30 41.02
N MET G 125 59.28 -5.15 41.62
CA MET G 125 60.55 -4.91 42.31
C MET G 125 61.73 -5.03 41.35
N HIS G 126 61.58 -4.46 40.15
CA HIS G 126 62.69 -4.51 39.21
C HIS G 126 62.86 -3.21 38.45
N LEU G 127 64.04 -3.07 37.84
CA LEU G 127 64.28 -2.12 36.77
C LEU G 127 64.63 -2.90 35.51
N ALA G 128 64.60 -2.22 34.37
CA ALA G 128 64.86 -2.89 33.11
C ALA G 128 65.41 -1.91 32.10
N SER G 129 66.34 -2.37 31.28
CA SER G 129 66.84 -1.63 30.13
C SER G 129 66.43 -2.38 28.87
N TRP G 130 65.85 -1.64 27.93
CA TRP G 130 65.23 -2.16 26.71
C TRP G 130 65.92 -1.58 25.49
N ASP G 131 66.26 -2.45 24.54
CA ASP G 131 66.70 -2.04 23.21
C ASP G 131 65.47 -1.71 22.37
N LEU G 132 65.41 -0.51 21.84
CA LEU G 132 64.26 -0.08 21.03
C LEU G 132 64.57 -0.16 19.54
N THR G 133 65.48 -1.05 19.17
CA THR G 133 65.73 -1.41 17.78
C THR G 133 65.23 -2.81 17.48
N THR G 134 65.68 -3.81 18.25
CA THR G 134 65.12 -5.15 18.14
C THR G 134 63.84 -5.32 18.94
N GLY G 135 63.54 -4.38 19.84
CA GLY G 135 62.38 -4.51 20.70
C GLY G 135 62.56 -5.44 21.88
N GLN G 136 63.70 -6.12 21.98
CA GLN G 136 63.95 -7.02 23.08
C GLN G 136 64.35 -6.23 24.33
N ARG G 137 64.34 -6.91 25.47
CA ARG G 137 64.87 -6.36 26.70
C ARG G 137 66.37 -6.60 26.74
N ILE G 138 67.14 -5.53 26.95
CA ILE G 138 68.58 -5.71 27.14
C ILE G 138 68.84 -6.48 28.42
N ARG G 139 68.41 -5.94 29.57
CA ARG G 139 68.63 -6.64 30.82
C ARG G 139 67.67 -6.13 31.89
N ARG G 140 67.73 -6.77 33.06
CA ARG G 140 66.95 -6.41 34.23
C ARG G 140 67.89 -6.08 35.37
N TYR G 141 67.48 -5.11 36.18
CA TYR G 141 68.24 -4.66 37.34
C TYR G 141 67.50 -5.07 38.60
N ILE G 142 68.17 -5.89 39.42
CA ILE G 142 67.56 -6.63 40.51
C ILE G 142 68.26 -6.24 41.81
N GLY G 143 67.50 -6.15 42.90
CA GLY G 143 68.09 -5.88 44.19
C GLY G 143 67.22 -5.04 45.10
N HIS G 144 66.25 -4.32 44.51
CA HIS G 144 65.30 -3.56 45.31
C HIS G 144 64.32 -4.52 45.98
N GLU G 145 64.06 -4.32 47.27
CA GLU G 145 63.23 -5.23 48.04
C GLU G 145 61.77 -4.78 48.12
N GLU G 146 61.41 -3.66 47.51
CA GLU G 146 60.03 -3.20 47.47
C GLU G 146 59.74 -2.58 46.11
N ILE G 147 58.55 -1.99 45.98
CA ILE G 147 58.12 -1.38 44.74
C ILE G 147 58.93 -0.14 44.46
N ILE G 148 59.49 -0.05 43.26
CA ILE G 148 60.22 1.14 42.83
C ILE G 148 59.23 2.18 42.36
N ASN G 149 59.27 3.37 42.95
CA ASN G 149 58.37 4.44 42.56
C ASN G 149 58.99 5.41 41.57
N ALA G 150 60.30 5.63 41.65
CA ALA G 150 60.96 6.64 40.82
C ALA G 150 62.34 6.14 40.42
N MET G 151 62.93 6.85 39.44
CA MET G 151 64.02 6.39 38.61
C MET G 151 64.39 7.59 37.74
N ASP G 152 65.69 7.81 37.56
CA ASP G 152 66.15 8.88 36.69
C ASP G 152 67.50 8.52 36.11
N VAL G 153 67.75 8.96 34.88
CA VAL G 153 69.02 8.74 34.23
C VAL G 153 69.70 10.08 34.03
N THR G 154 71.03 10.04 33.96
CA THR G 154 71.82 11.26 33.78
C THR G 154 71.95 11.58 32.30
N GLN G 155 71.49 12.75 31.90
CA GLN G 155 71.58 13.18 30.51
C GLN G 155 72.92 13.80 30.16
N ARG G 156 73.72 14.17 31.16
CA ARG G 156 75.04 14.75 30.95
C ARG G 156 76.06 14.00 31.78
N GLY G 157 77.18 13.61 31.16
CA GLY G 157 78.23 12.90 31.86
C GLY G 157 78.14 11.40 31.74
N GLU G 158 78.55 10.68 32.78
CA GLU G 158 78.40 9.24 32.80
C GLU G 158 76.92 8.87 32.98
N GLU G 159 76.55 7.69 32.52
CA GLU G 159 75.17 7.25 32.54
C GLU G 159 74.92 6.44 33.81
N LEU G 160 73.89 6.83 34.58
CA LEU G 160 73.54 6.18 35.82
C LEU G 160 72.02 6.05 35.88
N LEU G 161 71.54 5.27 36.86
CA LEU G 161 70.11 5.06 37.07
C LEU G 161 69.79 5.34 38.52
N ILE G 162 68.72 6.11 38.77
CA ILE G 162 68.35 6.56 40.11
C ILE G 162 66.97 5.99 40.45
N SER G 163 66.98 4.96 41.29
CA SER G 163 65.77 4.18 41.58
C SER G 163 65.40 4.33 43.05
N GLY G 164 64.35 5.09 43.33
CA GLY G 164 63.82 5.22 44.68
C GLY G 164 62.73 4.19 44.91
N SER G 165 62.72 3.58 46.09
CA SER G 165 61.80 2.49 46.32
C SER G 165 61.37 2.43 47.78
N ASP G 166 60.20 1.79 47.97
CA ASP G 166 59.42 1.78 49.20
C ASP G 166 60.10 1.11 50.38
N ASP G 167 61.20 0.39 50.15
CA ASP G 167 62.07 -0.04 51.24
C ASP G 167 62.95 1.09 51.77
N GLY G 168 62.64 2.33 51.40
CA GLY G 168 63.42 3.49 51.79
C GLY G 168 64.78 3.52 51.15
N THR G 169 64.88 3.12 49.89
CA THR G 169 66.20 2.94 49.28
C THR G 169 66.29 3.69 47.96
N ILE G 170 67.31 4.54 47.83
CA ILE G 170 67.75 5.04 46.54
C ILE G 170 68.80 4.09 46.01
N GLY G 171 68.75 3.80 44.72
CA GLY G 171 69.72 2.92 44.11
C GLY G 171 70.38 3.58 42.92
N ILE G 172 71.71 3.58 42.92
CA ILE G 172 72.52 4.09 41.82
C ILE G 172 73.02 2.89 41.04
N TRP G 173 72.60 2.79 39.78
CA TRP G 173 72.82 1.63 38.94
C TRP G 173 73.63 2.03 37.70
N ASP G 174 74.54 1.14 37.28
CA ASP G 174 75.19 1.33 35.99
C ASP G 174 74.46 0.54 34.92
N PRO G 175 74.11 1.14 33.78
CA PRO G 175 73.31 0.42 32.79
C PRO G 175 74.10 -0.54 31.91
N ARG G 176 75.04 -1.27 32.50
CA ARG G 176 75.69 -2.39 31.82
C ARG G 176 75.80 -3.62 32.72
N THR G 177 75.80 -3.46 34.04
CA THR G 177 75.86 -4.56 34.98
C THR G 177 74.50 -4.73 35.64
N LYS G 178 74.09 -5.99 35.84
CA LYS G 178 72.81 -6.27 36.46
C LYS G 178 72.79 -6.01 37.96
N ASN G 179 73.96 -5.77 38.57
CA ASN G 179 74.05 -5.47 39.99
C ASN G 179 74.20 -3.97 40.20
N ALA G 180 73.72 -3.49 41.34
CA ALA G 180 73.72 -2.08 41.64
C ALA G 180 75.13 -1.60 42.00
N VAL G 181 75.48 -0.42 41.50
CA VAL G 181 76.73 0.22 41.91
C VAL G 181 76.67 0.58 43.38
N ASP G 182 75.57 1.20 43.80
CA ASP G 182 75.45 1.61 45.19
C ASP G 182 73.97 1.74 45.55
N TYR G 183 73.69 1.79 46.85
CA TYR G 183 72.35 2.10 47.31
C TYR G 183 72.44 2.87 48.63
N ILE G 184 71.67 3.94 48.73
CA ILE G 184 71.55 4.75 49.93
C ILE G 184 70.26 4.36 50.64
N GLU G 185 70.38 3.96 51.89
CA GLU G 185 69.23 3.49 52.67
C GLU G 185 68.71 4.62 53.55
N THR G 186 67.40 4.82 53.51
CA THR G 186 66.70 5.79 54.35
C THR G 186 65.72 5.04 55.24
N ASP G 187 64.90 5.80 55.97
CA ASP G 187 63.92 5.22 56.88
C ASP G 187 62.49 5.37 56.39
N PHE G 188 62.28 5.98 55.22
CA PHE G 188 60.94 6.23 54.74
C PHE G 188 60.85 5.93 53.25
N PRO G 189 59.72 5.38 52.79
CA PRO G 189 59.53 5.12 51.36
C PRO G 189 59.69 6.38 50.51
N ILE G 190 60.32 6.20 49.35
CA ILE G 190 60.71 7.30 48.48
C ILE G 190 59.89 7.21 47.21
N THR G 191 59.20 8.30 46.87
CA THR G 191 58.26 8.32 45.75
C THR G 191 58.71 9.20 44.59
N ALA G 192 59.76 10.01 44.77
CA ALA G 192 60.24 10.87 43.70
C ALA G 192 61.73 11.09 43.85
N VAL G 193 62.46 10.88 42.76
CA VAL G 193 63.90 11.15 42.74
C VAL G 193 64.21 12.01 41.54
N ALA G 194 65.34 12.71 41.60
CA ALA G 194 65.87 13.48 40.48
C ALA G 194 67.37 13.57 40.63
N VAL G 195 68.07 13.57 39.49
CA VAL G 195 69.52 13.70 39.48
C VAL G 195 69.87 15.10 38.97
N SER G 196 70.96 15.65 39.49
CA SER G 196 71.35 17.02 39.22
C SER G 196 72.10 17.13 37.90
N GLU G 197 72.40 18.37 37.51
CA GLU G 197 73.25 18.62 36.35
C GLU G 197 74.68 18.14 36.60
N ALA G 198 75.20 18.37 37.81
CA ALA G 198 76.56 17.98 38.15
C ALA G 198 76.73 16.46 38.21
N GLY G 199 75.66 15.70 38.37
CA GLY G 199 75.75 14.27 38.45
C GLY G 199 76.22 13.72 39.78
N ASN G 200 76.27 14.55 40.81
CA ASN G 200 76.68 14.11 42.14
C ASN G 200 75.65 14.42 43.23
N GLU G 201 74.51 15.00 42.88
CA GLU G 201 73.48 15.36 43.84
C GLU G 201 72.19 14.65 43.50
N ILE G 202 71.57 14.04 44.51
CA ILE G 202 70.30 13.32 44.37
C ILE G 202 69.24 14.07 45.15
N TYR G 203 68.17 14.46 44.46
CA TYR G 203 67.01 15.09 45.08
C TYR G 203 65.98 13.99 45.26
N SER G 204 65.65 13.68 46.51
CA SER G 204 64.76 12.57 46.84
C SER G 204 63.57 13.09 47.65
N GLY G 205 62.37 12.78 47.18
CA GLY G 205 61.15 13.09 47.89
C GLY G 205 60.41 11.81 48.22
N GLY G 206 59.77 11.78 49.38
CA GLY G 206 59.08 10.61 49.84
C GLY G 206 57.94 10.95 50.75
N ILE G 207 57.67 10.06 51.71
CA ILE G 207 56.55 10.25 52.62
C ILE G 207 56.92 11.04 53.87
N ASP G 208 58.17 11.48 53.99
CA ASP G 208 58.60 12.26 55.14
C ASP G 208 58.44 13.76 54.93
N ASN G 209 57.80 14.16 53.83
CA ASN G 209 57.37 15.52 53.54
C ASN G 209 58.55 16.48 53.36
N ASP G 210 59.72 15.94 53.01
CA ASP G 210 60.91 16.74 52.84
C ASP G 210 61.59 16.37 51.53
N ILE G 211 62.16 17.38 50.87
CA ILE G 211 62.97 17.14 49.69
C ILE G 211 64.43 17.09 50.17
N LYS G 212 65.01 15.90 50.20
CA LYS G 212 66.36 15.73 50.70
C LYS G 212 67.35 15.76 49.53
N VAL G 213 68.44 16.50 49.70
CA VAL G 213 69.50 16.60 48.71
C VAL G 213 70.70 15.88 49.29
N TRP G 214 71.08 14.79 48.62
CA TRP G 214 72.13 13.87 49.01
C TRP G 214 73.32 14.00 48.07
N ASP G 215 74.50 13.64 48.58
CA ASP G 215 75.70 13.51 47.75
C ASP G 215 75.97 12.04 47.49
N ILE G 216 76.26 11.71 46.22
CA ILE G 216 76.41 10.31 45.84
C ILE G 216 77.67 9.70 46.45
N ARG G 217 78.81 10.39 46.31
CA ARG G 217 80.07 9.83 46.79
C ARG G 217 80.18 9.83 48.30
N LYS G 218 79.33 10.60 48.99
CA LYS G 218 79.34 10.64 50.44
C LYS G 218 78.24 9.79 51.08
N LYS G 219 77.21 9.43 50.30
CA LYS G 219 76.04 8.68 50.77
C LYS G 219 75.36 9.36 51.96
N ALA G 220 75.29 10.70 51.91
CA ALA G 220 74.70 11.45 53.00
C ALA G 220 73.96 12.65 52.45
N VAL G 221 72.94 13.08 53.18
CA VAL G 221 72.14 14.24 52.77
C VAL G 221 72.94 15.51 52.98
N VAL G 222 73.05 16.33 51.94
CA VAL G 222 73.76 17.59 52.13
C VAL G 222 72.82 18.67 52.69
N HIS G 223 71.54 18.64 52.30
CA HIS G 223 70.58 19.50 52.99
C HIS G 223 69.15 19.02 52.76
N THR G 224 68.30 19.29 53.74
CA THR G 224 66.87 19.01 53.63
C THR G 224 66.11 20.28 53.29
N MET G 225 64.98 20.11 52.61
CA MET G 225 64.19 21.23 52.11
C MET G 225 62.74 21.00 52.52
N LEU G 226 62.22 21.88 53.37
CA LEU G 226 60.91 21.70 53.98
C LEU G 226 59.91 22.69 53.39
N GLY G 227 58.63 22.43 53.69
CA GLY G 227 57.55 23.28 53.21
C GLY G 227 56.31 22.51 52.80
N HIS G 228 56.50 21.29 52.33
CA HIS G 228 55.36 20.44 51.98
C HIS G 228 54.80 19.77 53.24
N ASN G 229 53.55 19.35 53.15
CA ASN G 229 52.95 18.60 54.25
C ASN G 229 52.19 17.36 53.77
N ASP G 230 52.41 16.93 52.52
CA ASP G 230 51.95 15.64 52.06
C ASP G 230 53.00 15.12 51.08
N THR G 231 52.87 13.85 50.71
CA THR G 231 53.98 13.12 50.11
C THR G 231 54.33 13.68 48.73
N ILE G 232 55.63 13.87 48.49
CA ILE G 232 56.11 14.47 47.25
C ILE G 232 56.00 13.44 46.13
N THR G 233 55.33 13.83 45.04
CA THR G 233 55.08 12.93 43.93
C THR G 233 56.00 13.12 42.74
N THR G 234 56.50 14.34 42.50
CA THR G 234 57.42 14.58 41.41
C THR G 234 58.57 15.47 41.88
N LEU G 235 59.68 15.36 41.16
CA LEU G 235 60.86 16.20 41.38
C LEU G 235 61.52 16.38 40.02
N ARG G 236 61.42 17.58 39.46
CA ARG G 236 61.99 17.88 38.15
C ARG G 236 62.89 19.09 38.23
N VAL G 237 64.09 18.96 37.68
CA VAL G 237 65.05 20.05 37.58
C VAL G 237 64.74 20.82 36.31
N SER G 238 64.94 22.14 36.35
CA SER G 238 64.69 23.00 35.20
C SER G 238 65.66 22.66 34.06
N PRO G 239 65.28 22.98 32.81
CA PRO G 239 66.20 22.72 31.69
C PRO G 239 67.53 23.45 31.79
N ASP G 240 67.55 24.67 32.35
CA ASP G 240 68.83 25.32 32.64
C ASP G 240 69.42 24.85 33.95
N GLY G 241 68.63 24.21 34.82
CA GLY G 241 69.12 23.69 36.07
C GLY G 241 69.12 24.68 37.22
N GLN G 242 68.35 25.76 37.12
CA GLN G 242 68.38 26.81 38.13
C GLN G 242 67.24 26.73 39.14
N GLN G 243 66.19 25.97 38.86
CA GLN G 243 65.03 25.90 39.73
C GLN G 243 64.58 24.46 39.86
N LEU G 244 63.88 24.15 40.95
CA LEU G 244 63.36 22.80 41.19
C LEU G 244 61.86 22.84 41.36
N LEU G 245 61.16 21.94 40.67
CA LEU G 245 59.72 21.80 40.79
C LEU G 245 59.38 20.59 41.64
N SER G 246 58.40 20.74 42.54
CA SER G 246 57.99 19.63 43.39
C SER G 246 56.48 19.73 43.61
N TYR G 247 55.73 18.79 43.04
CA TYR G 247 54.32 18.64 43.34
C TYR G 247 54.14 17.52 44.36
N ALA G 248 53.20 17.71 45.28
CA ALA G 248 52.94 16.76 46.35
C ALA G 248 51.44 16.53 46.47
N MET G 249 51.06 15.73 47.46
CA MET G 249 49.69 15.28 47.62
C MET G 249 48.83 16.26 48.41
N ASP G 250 49.34 17.44 48.69
CA ASP G 250 48.56 18.52 49.28
C ASP G 250 48.03 19.47 48.21
N SER G 251 48.14 19.08 46.93
CA SER G 251 47.64 19.83 45.78
C SER G 251 48.31 21.18 45.64
N THR G 252 49.55 21.31 46.13
CA THR G 252 50.35 22.52 45.98
C THR G 252 51.65 22.16 45.27
N ALA G 253 51.96 22.89 44.21
CA ALA G 253 53.21 22.70 43.49
C ALA G 253 54.18 23.81 43.86
N ARG G 254 55.35 23.46 44.38
CA ARG G 254 56.30 24.44 44.86
C ARG G 254 57.52 24.47 43.94
N THR G 255 57.92 25.69 43.56
CA THR G 255 59.18 25.93 42.88
C THR G 255 60.17 26.44 43.91
N TRP G 256 61.40 25.94 43.82
CA TRP G 256 62.46 26.16 44.80
C TRP G 256 63.70 26.71 44.12
N ASP G 257 64.40 27.62 44.80
CA ASP G 257 65.72 28.02 44.34
C ASP G 257 66.73 26.92 44.64
N ILE G 258 67.45 26.48 43.61
CA ILE G 258 68.35 25.32 43.73
C ILE G 258 69.81 25.71 43.58
N ARG G 259 70.12 26.97 43.28
CA ARG G 259 71.48 27.40 43.00
C ARG G 259 72.34 27.25 44.25
N PRO G 260 73.61 26.83 44.11
CA PRO G 260 74.43 26.50 45.30
C PRO G 260 74.61 27.63 46.30
N PHE G 261 74.73 28.87 45.84
CA PHE G 261 74.84 30.02 46.72
C PHE G 261 73.46 30.66 46.83
N ALA G 262 72.67 30.17 47.77
CA ALA G 262 71.28 30.54 47.96
C ALA G 262 71.06 30.89 49.42
N PRO G 263 70.00 31.66 49.75
CA PRO G 263 69.69 31.91 51.15
C PRO G 263 69.26 30.66 51.92
N THR G 264 69.00 30.83 53.22
CA THR G 264 68.68 29.70 54.08
C THR G 264 67.38 29.01 53.66
N ASP G 265 66.37 29.79 53.28
CA ASP G 265 65.14 29.26 52.73
C ASP G 265 65.29 29.18 51.21
N ARG G 266 65.38 27.95 50.69
CA ARG G 266 65.60 27.72 49.26
C ARG G 266 64.31 27.60 48.47
N HIS G 267 63.24 28.25 48.93
CA HIS G 267 61.94 28.24 48.27
C HIS G 267 62.02 29.12 47.01
N ILE G 268 60.95 29.16 46.20
CA ILE G 268 60.68 30.31 45.33
C ILE G 268 59.21 30.71 45.43
N ARG G 269 58.32 29.77 45.11
CA ARG G 269 56.91 30.12 44.88
C ARG G 269 56.05 28.88 45.09
N THR G 270 54.77 29.12 45.32
CA THR G 270 53.78 28.08 45.53
C THR G 270 52.62 28.30 44.56
N PHE G 271 52.12 27.21 43.99
CA PHE G 271 51.06 27.24 42.99
C PHE G 271 49.92 26.35 43.44
N ASP G 272 48.70 26.89 43.37
CA ASP G 272 47.48 26.17 43.70
C ASP G 272 46.62 26.04 42.46
N GLY G 273 45.58 25.21 42.57
CA GLY G 273 44.64 25.02 41.48
C GLY G 273 44.72 23.68 40.79
N ALA G 274 45.50 22.73 41.31
CA ALA G 274 45.63 21.38 40.75
C ALA G 274 45.27 20.40 41.84
N PRO G 275 43.97 20.19 42.09
CA PRO G 275 43.56 19.36 43.21
C PRO G 275 43.83 17.89 42.96
N LEU G 276 44.24 17.19 44.01
CA LEU G 276 44.38 15.73 43.98
C LEU G 276 43.08 15.12 44.45
N GLY G 277 42.51 14.23 43.64
CA GLY G 277 41.21 13.68 43.93
C GLY G 277 41.24 12.52 44.91
N LEU G 278 40.44 11.49 44.63
CA LEU G 278 40.35 10.35 45.53
C LEU G 278 41.56 9.44 45.42
N GLU G 279 42.14 9.30 44.23
CA GLU G 279 43.29 8.43 44.04
C GLU G 279 44.56 9.08 44.58
N LYS G 280 45.35 8.30 45.31
CA LYS G 280 46.66 8.74 45.78
C LYS G 280 47.75 8.29 44.81
N ASN G 281 47.65 8.81 43.59
CA ASN G 281 48.60 8.48 42.54
C ASN G 281 49.87 9.34 42.66
N LEU G 282 50.89 8.95 41.92
CA LEU G 282 52.15 9.70 41.85
C LEU G 282 52.08 10.59 40.62
N ILE G 283 51.50 11.76 40.79
CA ILE G 283 51.32 12.70 39.69
C ILE G 283 52.64 13.38 39.40
N ARG G 284 53.06 13.36 38.13
CA ARG G 284 54.36 13.86 37.74
C ARG G 284 54.20 15.03 36.78
N GLY G 285 54.88 16.14 37.09
CA GLY G 285 54.84 17.33 36.27
C GLY G 285 56.10 17.49 35.43
N SER G 286 56.18 18.62 34.74
CA SER G 286 57.29 18.87 33.83
C SER G 286 57.49 20.37 33.65
N TRP G 287 58.66 20.72 33.13
CA TRP G 287 59.01 22.07 32.76
C TRP G 287 58.90 22.25 31.25
N SER G 288 58.54 23.44 30.82
CA SER G 288 58.74 23.82 29.42
C SER G 288 60.22 24.03 29.16
N LYS G 289 60.60 24.01 27.88
CA LYS G 289 62.01 24.12 27.52
C LYS G 289 62.60 25.46 27.95
N ASP G 290 61.86 26.54 27.72
CA ASP G 290 62.32 27.86 28.16
C ASP G 290 62.21 28.04 29.66
N GLY G 291 61.53 27.14 30.37
CA GLY G 291 61.38 27.24 31.80
C GLY G 291 60.31 28.21 32.26
N LYS G 292 59.57 28.81 31.34
CA LYS G 292 58.57 29.80 31.71
C LYS G 292 57.31 29.15 32.29
N LYS G 293 56.94 27.97 31.78
CA LYS G 293 55.68 27.32 32.16
C LYS G 293 55.95 26.00 32.86
N ILE G 294 55.06 25.67 33.79
CA ILE G 294 55.04 24.37 34.45
C ILE G 294 53.65 23.77 34.30
N ALA G 295 53.59 22.46 34.11
CA ALA G 295 52.31 21.75 33.96
C ALA G 295 52.24 20.61 34.95
N VAL G 296 51.10 20.50 35.64
CA VAL G 296 50.86 19.44 36.62
C VAL G 296 49.48 18.86 36.35
N GLY G 297 49.39 17.53 36.26
CA GLY G 297 48.10 16.89 36.14
C GLY G 297 47.29 17.00 37.42
N ALA G 298 45.97 17.05 37.26
CA ALA G 298 45.05 17.14 38.39
C ALA G 298 44.17 15.90 38.45
N GLY G 299 43.49 15.76 39.59
CA GLY G 299 42.54 14.68 39.79
C GLY G 299 41.19 14.89 39.16
N ASP G 300 40.95 16.06 38.57
CA ASP G 300 39.71 16.37 37.88
C ASP G 300 39.74 16.02 36.41
N GLY G 301 40.81 15.36 35.95
CA GLY G 301 41.00 15.15 34.53
C GLY G 301 41.61 16.32 33.80
N THR G 302 42.02 17.35 34.52
CA THR G 302 42.57 18.56 33.92
C THR G 302 44.09 18.60 34.12
N VAL G 303 44.75 19.32 33.22
CA VAL G 303 46.16 19.67 33.35
C VAL G 303 46.23 21.15 33.66
N VAL G 304 46.83 21.50 34.80
CA VAL G 304 46.93 22.89 35.22
C VAL G 304 48.33 23.38 34.88
N ILE G 305 48.40 24.44 34.09
CA ILE G 305 49.66 25.02 33.63
C ILE G 305 49.77 26.41 34.24
N TRP G 306 50.85 26.65 34.97
CA TRP G 306 51.16 27.96 35.52
C TRP G 306 52.39 28.54 34.83
N GLY G 307 52.59 29.84 35.04
CA GLY G 307 53.84 30.48 34.71
C GLY G 307 54.79 30.37 35.89
N SER G 308 56.00 29.88 35.62
CA SER G 308 56.94 29.59 36.70
C SER G 308 57.42 30.85 37.40
N ASP G 309 57.49 31.96 36.69
CA ASP G 309 57.95 33.24 37.25
C ASP G 309 56.82 34.15 37.71
N THR G 310 55.67 34.12 37.06
CA THR G 310 54.59 35.04 37.41
C THR G 310 53.63 34.42 38.43
N GLY G 311 53.17 33.20 38.18
CA GLY G 311 52.28 32.52 39.08
C GLY G 311 50.83 32.47 38.67
N LYS G 312 50.48 33.01 37.52
CA LYS G 312 49.10 32.95 37.06
C LYS G 312 48.74 31.54 36.60
N LEU G 313 47.45 31.20 36.73
CA LEU G 313 46.94 29.97 36.17
C LEU G 313 46.81 30.17 34.66
N LEU G 314 47.82 29.73 33.91
CA LEU G 314 47.80 29.96 32.46
C LEU G 314 46.80 29.06 31.77
N TYR G 315 46.63 27.82 32.24
CA TYR G 315 45.74 26.88 31.60
C TYR G 315 45.14 25.94 32.63
N LYS G 316 43.90 25.52 32.38
CA LYS G 316 43.28 24.39 33.07
C LYS G 316 42.59 23.56 31.98
N LEU G 317 43.28 22.52 31.53
CA LEU G 317 42.88 21.79 30.32
C LEU G 317 42.09 20.54 30.69
N PRO G 318 40.80 20.47 30.37
CA PRO G 318 40.03 19.25 30.64
C PRO G 318 40.20 18.20 29.55
N GLY G 319 39.42 17.13 29.62
CA GLY G 319 39.42 16.12 28.59
C GLY G 319 39.70 14.71 29.06
N HIS G 320 39.93 14.49 30.35
CA HIS G 320 40.20 13.17 30.89
C HIS G 320 39.13 12.82 31.91
N LYS G 321 38.83 11.52 32.01
CA LYS G 321 37.82 11.01 32.94
C LYS G 321 38.48 10.30 34.12
N GLY G 322 39.71 10.67 34.42
CA GLY G 322 40.43 10.09 35.54
C GLY G 322 41.57 11.01 35.93
N THR G 323 42.29 10.58 36.96
CA THR G 323 43.44 11.35 37.45
C THR G 323 44.54 11.38 36.41
N VAL G 324 44.95 12.59 36.02
CA VAL G 324 46.01 12.76 35.03
C VAL G 324 47.33 12.43 35.72
N ASN G 325 47.91 11.28 35.38
CA ASN G 325 49.12 10.83 36.05
C ASN G 325 50.35 11.58 35.59
N CYS G 326 50.42 11.97 34.31
CA CYS G 326 51.59 12.67 33.80
C CYS G 326 51.20 13.82 32.90
N ALA G 327 51.92 14.93 33.01
CA ALA G 327 51.78 16.09 32.14
C ALA G 327 53.18 16.49 31.70
N GLU G 328 53.48 16.33 30.41
CA GLU G 328 54.82 16.53 29.90
C GLU G 328 54.81 17.56 28.76
N PHE G 329 55.91 18.29 28.66
CA PHE G 329 56.14 19.22 27.56
C PHE G 329 57.06 18.58 26.52
N ALA G 330 56.90 19.02 25.28
CA ALA G 330 57.79 18.58 24.21
C ALA G 330 59.18 19.16 24.42
N PRO G 331 60.24 18.33 24.45
CA PRO G 331 61.58 18.88 24.72
C PRO G 331 62.20 19.60 23.55
N ASP G 332 61.70 19.41 22.33
CA ASP G 332 62.32 20.00 21.14
C ASP G 332 61.70 21.34 20.77
N GLY G 333 61.60 22.25 21.74
CA GLY G 333 61.17 23.62 21.49
C GLY G 333 59.79 23.79 20.90
N ALA G 334 58.90 22.82 21.12
CA ALA G 334 57.58 22.88 20.54
C ALA G 334 56.54 23.17 21.61
N PRO G 335 55.46 23.89 21.27
CA PRO G 335 54.36 24.11 22.24
C PRO G 335 53.39 22.93 22.28
N ILE G 336 53.90 21.77 22.66
CA ILE G 336 53.14 20.52 22.66
C ILE G 336 53.10 19.98 24.07
N ILE G 337 51.92 19.62 24.53
CA ILE G 337 51.73 19.03 25.85
C ILE G 337 51.09 17.66 25.70
N LEU G 338 51.65 16.68 26.40
CA LEU G 338 51.13 15.31 26.42
C LEU G 338 50.65 15.00 27.82
N SER G 339 49.39 14.57 27.93
CA SER G 339 48.81 14.18 29.20
C SER G 339 48.50 12.69 29.18
N ALA G 340 48.88 12.00 30.25
CA ALA G 340 48.60 10.58 30.40
C ALA G 340 47.77 10.38 31.66
N SER G 341 46.64 9.69 31.51
CA SER G 341 45.67 9.61 32.58
C SER G 341 45.09 8.20 32.68
N SER G 342 44.63 7.89 33.89
CA SER G 342 44.13 6.61 34.36
C SER G 342 42.76 6.25 33.79
N ASP G 343 42.23 7.05 32.86
CA ASP G 343 41.20 6.59 31.95
C ASP G 343 41.81 5.89 30.74
N ARG G 344 43.02 5.34 30.91
CA ARG G 344 43.74 4.53 29.94
C ARG G 344 44.15 5.31 28.71
N THR G 345 44.24 6.65 28.79
CA THR G 345 44.41 7.43 27.57
C THR G 345 45.45 8.52 27.72
N MET G 346 45.96 8.96 26.56
CA MET G 346 46.84 10.11 26.47
C MET G 346 46.25 11.12 25.49
N LEU G 347 46.38 12.40 25.82
CA LEU G 347 46.01 13.48 24.93
C LEU G 347 47.27 14.21 24.48
N LEU G 348 47.46 14.34 23.17
CA LEU G 348 48.50 15.16 22.59
C LEU G 348 47.83 16.46 22.12
N GLY G 349 48.22 17.58 22.71
CA GLY G 349 47.65 18.86 22.36
C GLY G 349 48.72 19.89 22.08
N GLU G 350 48.32 20.93 21.37
CA GLU G 350 49.18 22.07 21.10
C GLU G 350 48.69 23.29 21.88
N LEU G 351 49.63 24.13 22.28
CA LEU G 351 49.32 25.31 23.07
C LEU G 351 49.21 26.51 22.13
N ILE G 352 48.05 27.16 22.13
CA ILE G 352 47.79 28.24 21.20
C ILE G 352 47.66 29.57 21.95
N SER H 58 -56.25 80.00 -25.53
CA SER H 58 -56.08 78.77 -24.78
C SER H 58 -55.43 79.03 -23.41
N ASP H 59 -55.02 77.97 -22.74
CA ASP H 59 -54.36 78.11 -21.45
C ASP H 59 -52.97 78.70 -21.62
N PRO H 60 -52.58 79.69 -20.81
CA PRO H 60 -51.22 80.23 -20.91
C PRO H 60 -50.14 79.21 -20.58
N VAL H 61 -50.42 78.28 -19.65
CA VAL H 61 -49.46 77.23 -19.35
C VAL H 61 -49.33 76.26 -20.51
N LEU H 62 -50.45 75.87 -21.10
CA LEU H 62 -50.45 74.97 -22.25
C LEU H 62 -50.42 75.73 -23.56
N GLN H 63 -49.45 76.63 -23.70
CA GLN H 63 -49.25 77.38 -24.93
C GLN H 63 -47.80 77.48 -25.37
N HIS H 64 -46.83 77.18 -24.50
CA HIS H 64 -45.42 77.21 -24.84
C HIS H 64 -44.79 75.84 -24.68
N LEU H 65 -45.57 74.78 -24.91
CA LEU H 65 -45.09 73.41 -24.80
C LEU H 65 -45.24 72.70 -26.13
N SER H 66 -44.27 71.84 -26.44
CA SER H 66 -44.30 71.11 -27.70
C SER H 66 -45.36 70.00 -27.69
N LEU H 67 -45.72 69.52 -26.48
CA LEU H 67 -46.71 68.45 -26.29
C LEU H 67 -46.34 67.19 -27.07
N ARG H 68 -45.05 66.84 -27.05
CA ARG H 68 -44.55 65.66 -27.75
C ARG H 68 -44.23 64.50 -26.81
N ASN H 69 -43.85 64.78 -25.57
CA ASN H 69 -43.54 63.73 -24.61
C ASN H 69 -44.16 63.95 -23.23
N TYR H 70 -44.86 65.07 -23.02
CA TYR H 70 -45.50 65.36 -21.74
C TYR H 70 -47.00 65.39 -21.93
N ASP H 71 -47.71 64.63 -21.11
CA ASP H 71 -49.17 64.57 -21.21
C ASP H 71 -49.79 65.81 -20.59
N PRO H 72 -50.58 66.58 -21.33
CA PRO H 72 -51.21 67.76 -20.73
C PRO H 72 -52.38 67.44 -19.81
N VAL H 73 -52.98 66.26 -19.94
CA VAL H 73 -54.12 65.89 -19.09
C VAL H 73 -53.66 65.16 -17.84
N THR H 74 -52.75 64.21 -17.98
CA THR H 74 -52.25 63.43 -16.85
C THR H 74 -51.14 64.14 -16.09
N ARG H 75 -50.63 65.25 -16.62
CA ARG H 75 -49.53 66.03 -16.02
C ARG H 75 -48.29 65.16 -15.78
N GLY H 76 -47.98 64.29 -16.74
CA GLY H 76 -46.84 63.42 -16.63
C GLY H 76 -46.24 63.08 -17.98
N PRO H 77 -45.24 62.21 -17.99
CA PRO H 77 -44.61 61.84 -19.26
C PRO H 77 -45.48 60.92 -20.09
N LYS H 78 -45.43 61.10 -21.41
CA LYS H 78 -46.19 60.26 -22.31
C LYS H 78 -45.57 58.87 -22.39
N LEU H 79 -46.42 57.87 -22.57
CA LEU H 79 -46.01 56.48 -22.63
C LEU H 79 -46.39 55.89 -23.98
N GLY H 80 -45.53 55.04 -24.53
CA GLY H 80 -45.76 54.39 -25.80
C GLY H 80 -46.63 53.15 -25.75
N PHE H 81 -47.06 52.73 -24.56
CA PHE H 81 -47.93 51.57 -24.46
C PHE H 81 -49.31 51.86 -25.04
N GLU H 82 -49.81 53.08 -24.83
CA GLU H 82 -51.11 53.48 -25.35
C GLU H 82 -51.02 54.41 -26.56
N ALA H 83 -49.97 55.23 -26.63
CA ALA H 83 -49.78 56.17 -27.73
C ALA H 83 -48.37 56.00 -28.29
N PRO H 84 -48.14 54.96 -29.09
CA PRO H 84 -46.81 54.78 -29.69
C PRO H 84 -46.55 55.85 -30.74
N PRO H 85 -45.28 56.23 -30.94
CA PRO H 85 -44.97 57.25 -31.94
C PRO H 85 -45.05 56.75 -33.37
N THR H 86 -45.04 55.44 -33.60
CA THR H 86 -45.06 54.87 -34.93
C THR H 86 -46.34 55.17 -35.70
N GLU H 87 -47.43 55.48 -35.00
CA GLU H 87 -48.66 55.91 -35.66
C GLU H 87 -48.58 57.33 -36.19
N ASN H 88 -47.59 58.12 -35.75
CA ASN H 88 -47.42 59.48 -36.22
C ASN H 88 -46.54 59.58 -37.45
N LEU H 89 -46.00 58.46 -37.94
CA LEU H 89 -45.14 58.49 -39.11
C LEU H 89 -45.97 58.68 -40.38
N ASN H 90 -45.44 59.46 -41.31
CA ASN H 90 -46.10 59.72 -42.58
C ASN H 90 -45.77 58.68 -43.64
N THR H 91 -44.90 57.72 -43.33
CA THR H 91 -44.55 56.67 -44.27
C THR H 91 -44.77 55.30 -43.65
N LEU H 92 -44.37 54.24 -44.36
CA LEU H 92 -44.52 52.88 -43.86
C LEU H 92 -43.26 52.46 -43.12
N THR H 93 -43.43 52.06 -41.86
CA THR H 93 -42.32 51.60 -41.06
C THR H 93 -41.97 50.15 -41.41
N LEU H 94 -40.98 49.59 -40.70
CA LEU H 94 -40.57 48.21 -40.94
C LEU H 94 -41.67 47.23 -40.52
N GLU H 95 -42.42 47.58 -39.47
CA GLU H 95 -43.60 46.78 -39.13
C GLU H 95 -44.67 46.90 -40.20
N GLU H 96 -44.86 48.11 -40.76
CA GLU H 96 -45.80 48.28 -41.85
C GLU H 96 -45.30 47.61 -43.13
N LYS H 97 -44.00 47.67 -43.38
CA LYS H 97 -43.41 46.98 -44.53
C LYS H 97 -43.25 45.50 -44.24
N ALA H 98 -42.78 44.77 -45.25
CA ALA H 98 -42.54 43.33 -45.24
C ALA H 98 -43.80 42.51 -44.94
N ALA H 99 -44.98 43.10 -45.09
CA ALA H 99 -46.25 42.40 -44.92
C ALA H 99 -47.10 42.41 -46.19
N ALA H 100 -47.16 43.54 -46.88
CA ALA H 100 -47.83 43.59 -48.17
C ALA H 100 -47.03 42.92 -49.27
N LEU H 101 -45.70 42.90 -49.16
CA LEU H 101 -44.87 42.18 -50.12
C LEU H 101 -45.10 40.69 -50.06
N GLU H 102 -45.23 40.14 -48.85
CA GLU H 102 -45.52 38.71 -48.69
C GLU H 102 -46.91 38.37 -49.24
N ALA H 103 -47.88 39.25 -49.00
CA ALA H 103 -49.23 39.03 -49.53
C ALA H 103 -49.23 39.10 -51.06
N GLU H 104 -48.46 40.04 -51.62
CA GLU H 104 -48.36 40.13 -53.08
C GLU H 104 -47.68 38.90 -53.66
N ALA H 105 -46.64 38.39 -52.99
CA ALA H 105 -45.98 37.18 -53.45
C ALA H 105 -46.91 35.97 -53.38
N ARG H 106 -47.70 35.88 -52.30
CA ARG H 106 -48.67 34.79 -52.19
C ARG H 106 -49.75 34.88 -53.25
N ARG H 107 -50.21 36.10 -53.55
CA ARG H 107 -51.21 36.29 -54.61
C ARG H 107 -50.63 35.94 -55.97
N LYS H 108 -49.37 36.31 -56.23
CA LYS H 108 -48.73 35.96 -57.49
C LYS H 108 -48.54 34.45 -57.62
N ALA H 109 -48.17 33.78 -56.52
CA ALA H 109 -48.04 32.33 -56.54
C ALA H 109 -49.38 31.65 -56.78
N GLN H 110 -50.44 32.16 -56.15
CA GLN H 110 -51.78 31.60 -56.38
C GLN H 110 -52.25 31.82 -57.81
N GLU H 111 -51.95 32.99 -58.38
CA GLU H 111 -52.30 33.26 -59.77
C GLU H 111 -51.53 32.35 -60.72
N GLU H 112 -50.24 32.13 -60.44
CA GLU H 112 -49.44 31.23 -61.26
C GLU H 112 -49.95 29.80 -61.17
N GLN H 113 -50.33 29.36 -59.97
CA GLN H 113 -50.89 28.02 -59.80
C GLN H 113 -52.22 27.87 -60.53
N GLU H 114 -53.07 28.90 -60.48
CA GLU H 114 -54.34 28.86 -61.20
C GLU H 114 -54.12 28.85 -62.71
N ALA H 115 -53.14 29.61 -63.19
CA ALA H 115 -52.83 29.62 -64.63
C ALA H 115 -52.27 28.27 -65.08
N ALA H 116 -51.44 27.64 -64.24
CA ALA H 116 -50.90 26.33 -64.57
C ALA H 116 -51.99 25.26 -64.55
N ALA H 117 -52.94 25.37 -63.61
CA ALA H 117 -54.05 24.41 -63.57
C ALA H 117 -54.99 24.60 -64.75
N GLN H 118 -55.24 25.86 -65.15
CA GLN H 118 -56.14 26.11 -66.27
C GLN H 118 -55.52 25.69 -67.60
N ALA H 119 -54.24 26.00 -67.80
CA ALA H 119 -53.57 25.65 -69.04
C ALA H 119 -53.17 24.17 -69.03
N ARG H 120 -52.92 23.64 -70.23
CA ARG H 120 -52.50 22.25 -70.38
C ARG H 120 -51.05 22.09 -70.80
N GLY H 121 -50.43 23.11 -71.40
CA GLY H 121 -49.04 23.06 -71.80
C GLY H 121 -48.22 24.03 -70.98
N LEU H 122 -46.92 23.71 -70.83
CA LEU H 122 -46.03 24.55 -70.06
C LEU H 122 -45.69 25.81 -70.85
N ASP H 123 -45.86 26.97 -70.22
CA ASP H 123 -45.55 28.23 -70.87
C ASP H 123 -44.03 28.41 -71.01
N ILE H 124 -43.61 29.00 -72.13
CA ILE H 124 -42.20 29.26 -72.34
C ILE H 124 -41.69 30.33 -71.40
N THR H 125 -42.49 31.39 -71.18
CA THR H 125 -42.13 32.44 -70.24
C THR H 125 -42.69 32.17 -68.85
N THR H 126 -42.44 30.97 -68.33
CA THR H 126 -42.83 30.61 -66.97
C THR H 126 -41.64 30.02 -66.23
N LEU H 127 -40.76 29.33 -66.96
CA LEU H 127 -39.53 28.84 -66.37
C LEU H 127 -38.40 29.87 -66.49
N GLN H 128 -38.45 30.70 -67.53
CA GLN H 128 -37.49 31.79 -67.72
C GLN H 128 -38.26 33.07 -68.02
N PRO H 129 -38.97 33.61 -67.02
CA PRO H 129 -39.71 34.87 -67.25
C PRO H 129 -38.82 36.07 -67.52
N LYS H 130 -37.55 36.02 -67.14
CA LYS H 130 -36.60 37.09 -67.41
C LYS H 130 -35.38 36.51 -68.11
N LYS H 131 -34.74 37.35 -68.92
CA LYS H 131 -33.55 36.92 -69.65
C LYS H 131 -32.38 36.73 -68.69
N PRO H 132 -31.39 35.93 -69.09
CA PRO H 132 -30.20 35.75 -68.25
C PRO H 132 -29.40 37.04 -68.14
N ASN H 133 -28.77 37.22 -66.97
CA ASN H 133 -28.03 38.44 -66.60
C ASN H 133 -28.90 39.68 -66.76
N TRP H 134 -30.15 39.58 -66.33
CA TRP H 134 -31.07 40.73 -66.40
C TRP H 134 -30.65 41.83 -65.44
N ASP H 135 -30.15 41.46 -64.25
CA ASP H 135 -29.65 42.46 -63.31
C ASP H 135 -28.43 43.18 -63.87
N LEU H 136 -27.54 42.44 -64.55
CA LEU H 136 -26.38 43.08 -65.17
C LEU H 136 -26.80 44.00 -66.30
N LYS H 137 -27.80 43.61 -67.09
CA LYS H 137 -28.31 44.47 -68.15
C LYS H 137 -28.95 45.73 -67.58
N ARG H 138 -29.71 45.60 -66.49
CA ARG H 138 -30.31 46.76 -65.85
C ARG H 138 -29.25 47.69 -65.27
N GLU H 139 -28.19 47.12 -64.68
CA GLU H 139 -27.09 47.93 -64.16
C GLU H 139 -26.35 48.65 -65.28
N PHE H 140 -26.16 47.98 -66.42
CA PHE H 140 -25.51 48.61 -67.56
C PHE H 140 -26.37 49.73 -68.15
N LYS H 141 -27.70 49.52 -68.18
CA LYS H 141 -28.61 50.56 -68.66
C LYS H 141 -28.63 51.76 -67.72
N GLN H 142 -28.61 51.51 -66.41
CA GLN H 142 -28.60 52.60 -65.44
C GLN H 142 -27.28 53.36 -65.46
N ARG H 143 -26.16 52.64 -65.66
CA ARG H 143 -24.87 53.28 -65.72
C ARG H 143 -24.68 54.08 -67.01
N MET H 144 -25.35 53.68 -68.09
CA MET H 144 -25.26 54.38 -69.37
C MET H 144 -26.37 55.43 -69.45
N ALA H 145 -26.29 56.38 -68.52
CA ALA H 145 -27.23 57.50 -68.47
C ALA H 145 -26.72 58.71 -69.26
N VAL H 146 -25.49 59.15 -68.99
CA VAL H 146 -24.91 60.24 -69.75
C VAL H 146 -24.04 59.74 -70.90
N LEU H 147 -23.59 58.48 -70.86
CA LEU H 147 -22.80 57.94 -71.96
C LEU H 147 -23.62 57.79 -73.23
N ASP H 148 -24.88 57.37 -73.10
CA ASP H 148 -25.76 57.28 -74.27
C ASP H 148 -26.06 58.65 -74.85
N VAL H 149 -26.24 59.66 -73.98
CA VAL H 149 -26.47 61.02 -74.45
C VAL H 149 -25.24 61.56 -75.15
N ARG H 150 -24.04 61.26 -74.62
CA ARG H 150 -22.80 61.68 -75.27
C ARG H 150 -22.62 61.00 -76.62
N THR H 151 -22.97 59.71 -76.72
CA THR H 151 -22.88 59.01 -78.00
C THR H 151 -23.88 59.58 -79.01
N GLU H 152 -25.09 59.90 -78.56
CA GLU H 152 -26.08 60.51 -79.45
C GLU H 152 -25.62 61.90 -79.91
N ASN H 153 -25.01 62.68 -79.01
CA ASN H 153 -24.49 63.99 -79.39
C ASN H 153 -23.34 63.86 -80.38
N ALA H 154 -22.47 62.87 -80.19
CA ALA H 154 -21.38 62.62 -81.14
C ALA H 154 -21.92 62.20 -82.50
N ILE H 155 -22.96 61.36 -82.52
CA ILE H 155 -23.56 60.95 -83.78
C ILE H 155 -24.22 62.13 -84.49
N ALA H 156 -24.90 62.99 -83.73
CA ALA H 156 -25.50 64.19 -84.31
C ALA H 156 -24.44 65.15 -84.85
N ARG H 157 -23.32 65.29 -84.14
CA ARG H 157 -22.23 66.13 -84.61
C ARG H 157 -21.59 65.56 -85.87
N MET H 158 -21.45 64.23 -85.94
CA MET H 158 -20.92 63.61 -87.16
C MET H 158 -21.88 63.78 -88.34
N VAL H 159 -23.19 63.68 -88.08
CA VAL H 159 -24.17 63.89 -89.14
C VAL H 159 -24.14 65.35 -89.63
N ARG H 160 -24.01 66.29 -88.69
CA ARG H 160 -23.93 67.70 -89.06
C ARG H 160 -22.65 67.99 -89.85
N GLU H 161 -21.53 67.36 -89.46
CA GLU H 161 -20.28 67.53 -90.20
C GLU H 161 -20.39 66.95 -91.61
N ARG H 162 -21.04 65.79 -91.75
CA ARG H 162 -21.26 65.20 -93.07
C ARG H 162 -22.15 66.08 -93.93
N LEU H 163 -23.19 66.66 -93.33
CA LEU H 163 -24.08 67.57 -94.07
C LEU H 163 -23.34 68.84 -94.49
N ALA H 164 -22.46 69.36 -93.62
CA ALA H 164 -21.69 70.54 -93.98
C ALA H 164 -20.66 70.23 -95.06
N GLU H 165 -20.07 69.03 -95.03
CA GLU H 165 -19.15 68.63 -96.08
C GLU H 165 -19.88 68.44 -97.41
N LYS H 166 -21.09 67.89 -97.36
CA LYS H 166 -21.89 67.75 -98.59
C LYS H 166 -22.32 69.12 -99.12
N LYS H 167 -22.67 70.05 -98.23
CA LYS H 167 -23.08 71.38 -98.64
C LYS H 167 -21.87 72.30 -98.78
N GLU I 18 -86.47 1.77 88.85
CA GLU I 18 -85.63 0.82 89.57
C GLU I 18 -84.65 0.13 88.62
N ASP I 19 -84.89 0.29 87.32
CA ASP I 19 -84.01 -0.32 86.32
C ASP I 19 -82.68 0.42 86.18
N ASP I 20 -82.60 1.66 86.63
CA ASP I 20 -81.39 2.46 86.56
C ASP I 20 -80.52 2.36 87.81
N ALA I 21 -80.90 1.49 88.75
CA ALA I 21 -80.12 1.33 89.98
C ALA I 21 -78.73 0.79 89.71
N PRO I 22 -78.53 -0.25 88.88
CA PRO I 22 -77.16 -0.69 88.57
C PRO I 22 -76.34 0.35 87.84
N TYR I 23 -76.96 1.13 86.95
CA TYR I 23 -76.24 2.21 86.28
C TYR I 23 -75.83 3.30 87.25
N GLU I 24 -76.72 3.64 88.20
CA GLU I 24 -76.39 4.62 89.22
C GLU I 24 -75.28 4.12 90.13
N GLN I 25 -75.29 2.83 90.48
CA GLN I 25 -74.23 2.26 91.29
C GLN I 25 -72.90 2.26 90.56
N ASP I 26 -72.92 1.96 89.25
CA ASP I 26 -71.69 1.98 88.46
C ASP I 26 -71.16 3.40 88.30
N ILE I 27 -72.06 4.39 88.19
CA ILE I 27 -71.64 5.78 88.09
C ILE I 27 -71.05 6.25 89.41
N LEU I 28 -71.66 5.84 90.54
CA LEU I 28 -71.14 6.25 91.84
C LEU I 28 -69.83 5.56 92.17
N ARG I 29 -69.63 4.33 91.70
CA ARG I 29 -68.38 3.62 91.94
C ARG I 29 -67.22 4.26 91.18
N ASN I 30 -67.47 4.70 89.94
CA ASN I 30 -66.45 5.32 89.10
C ASN I 30 -67.00 6.64 88.58
N PRO I 31 -66.94 7.70 89.39
CA PRO I 31 -67.42 9.01 88.92
C PRO I 31 -66.58 9.59 87.78
N GLY I 32 -65.29 9.28 87.73
CA GLY I 32 -64.42 9.78 86.71
C GLY I 32 -64.37 8.99 85.42
N SER I 33 -65.17 7.94 85.31
CA SER I 33 -65.19 7.11 84.11
C SER I 33 -66.32 7.55 83.18
N ILE I 34 -66.02 7.58 81.88
CA ILE I 34 -67.00 7.99 80.88
C ILE I 34 -67.71 6.80 80.24
N ARG I 35 -67.17 5.59 80.37
CA ARG I 35 -67.84 4.41 79.83
C ARG I 35 -69.17 4.13 80.51
N PRO I 36 -69.26 4.16 81.86
CA PRO I 36 -70.58 4.00 82.49
C PRO I 36 -71.58 5.10 82.14
N TRP I 37 -71.10 6.34 81.98
CA TRP I 37 -71.96 7.43 81.56
C TRP I 37 -72.48 7.21 80.14
N LEU I 38 -71.62 6.74 79.24
CA LEU I 38 -72.04 6.43 77.88
C LEU I 38 -73.04 5.28 77.85
N SER I 39 -72.81 4.26 78.69
CA SER I 39 -73.75 3.14 78.78
C SER I 39 -75.10 3.59 79.32
N TYR I 40 -75.10 4.47 80.33
CA TYR I 40 -76.35 5.00 80.87
C TYR I 40 -77.08 5.86 79.83
N ILE I 41 -76.33 6.64 79.05
CA ILE I 41 -76.95 7.46 78.01
C ILE I 41 -77.55 6.58 76.92
N GLU I 42 -76.85 5.51 76.54
CA GLU I 42 -77.38 4.59 75.55
C GLU I 42 -78.62 3.87 76.07
N TYR I 43 -78.62 3.49 77.34
CA TYR I 43 -79.79 2.84 77.93
C TYR I 43 -80.98 3.79 78.00
N LYS I 44 -80.72 5.07 78.32
CA LYS I 44 -81.80 6.06 78.36
C LYS I 44 -82.33 6.37 76.97
N LEU I 45 -81.46 6.36 75.95
CA LEU I 45 -81.93 6.60 74.59
C LEU I 45 -82.71 5.39 74.06
N GLN I 46 -82.30 4.18 74.43
CA GLN I 46 -82.94 2.98 73.91
C GLN I 46 -84.29 2.71 74.56
N HIS I 47 -84.41 2.97 75.86
CA HIS I 47 -85.63 2.59 76.56
C HIS I 47 -86.28 3.74 77.31
N GLY I 48 -85.50 4.66 77.88
CA GLY I 48 -86.07 5.73 78.66
C GLY I 48 -86.75 6.79 77.80
N THR I 49 -87.51 7.65 78.49
CA THR I 49 -88.25 8.71 77.82
C THR I 49 -87.30 9.84 77.40
N LEU I 50 -87.86 10.78 76.64
CA LEU I 50 -87.07 11.92 76.17
C LEU I 50 -86.66 12.83 77.31
N ARG I 51 -87.56 13.07 78.27
CA ARG I 51 -87.23 13.91 79.42
C ARG I 51 -86.20 13.23 80.31
N GLU I 52 -86.33 11.92 80.53
CA GLU I 52 -85.36 11.19 81.32
C GLU I 52 -83.99 11.16 80.64
N GLN I 53 -83.97 10.98 79.32
CA GLN I 53 -82.71 11.00 78.58
C GLN I 53 -82.06 12.38 78.63
N ALA I 54 -82.87 13.44 78.53
CA ALA I 54 -82.34 14.80 78.63
C ALA I 54 -81.78 15.07 80.02
N PHE I 55 -82.47 14.61 81.06
CA PHE I 55 -81.97 14.78 82.43
C PHE I 55 -80.68 14.00 82.65
N VAL I 56 -80.59 12.78 82.10
CA VAL I 56 -79.39 11.98 82.22
C VAL I 56 -78.22 12.64 81.49
N MET I 57 -78.48 13.18 80.31
CA MET I 57 -77.44 13.89 79.56
C MET I 57 -76.98 15.15 80.29
N GLU I 58 -77.91 15.89 80.90
CA GLU I 58 -77.54 17.07 81.67
C GLU I 58 -76.72 16.69 82.90
N ARG I 59 -77.10 15.61 83.58
CA ARG I 59 -76.33 15.14 84.74
C ARG I 59 -74.94 14.67 84.33
N ALA I 60 -74.83 14.00 83.19
CA ALA I 60 -73.52 13.56 82.71
C ALA I 60 -72.65 14.74 82.30
N CYS I 61 -73.25 15.78 81.71
CA CYS I 61 -72.49 16.96 81.33
C CYS I 61 -72.07 17.76 82.56
N VAL I 62 -72.90 17.80 83.59
CA VAL I 62 -72.54 18.51 84.82
C VAL I 62 -71.45 17.76 85.57
N GLN I 63 -71.55 16.43 85.64
CA GLN I 63 -70.57 15.64 86.38
C GLN I 63 -69.25 15.54 85.62
N LEU I 64 -69.31 15.43 84.29
CA LEU I 64 -68.13 15.25 83.46
C LEU I 64 -68.15 16.30 82.35
N PRO I 65 -67.82 17.55 82.66
CA PRO I 65 -67.78 18.58 81.61
C PRO I 65 -66.60 18.43 80.67
N ARG I 66 -65.55 17.70 81.05
CA ARG I 66 -64.38 17.52 80.21
C ARG I 66 -64.53 16.38 79.22
N SER I 67 -65.62 15.62 79.28
CA SER I 67 -65.82 14.50 78.37
C SER I 67 -66.30 15.01 77.01
N TYR I 68 -65.51 14.78 75.97
CA TYR I 68 -65.88 15.22 74.64
C TYR I 68 -67.00 14.37 74.06
N LYS I 69 -67.05 13.09 74.42
CA LYS I 69 -68.11 12.22 73.90
C LYS I 69 -69.47 12.59 74.47
N LEU I 70 -69.53 13.03 75.72
CA LEU I 70 -70.80 13.47 76.31
C LEU I 70 -71.27 14.77 75.67
N TRP I 71 -70.34 15.67 75.35
CA TRP I 71 -70.71 16.94 74.72
C TRP I 71 -71.10 16.74 73.27
N LYS I 72 -70.48 15.80 72.57
CA LYS I 72 -70.83 15.55 71.17
C LYS I 72 -72.16 14.82 71.04
N MET I 73 -72.59 14.13 72.08
CA MET I 73 -73.86 13.40 72.07
C MET I 73 -74.99 14.18 72.71
N PHE I 74 -74.78 15.45 73.05
CA PHE I 74 -75.82 16.26 73.64
C PHE I 74 -76.89 16.61 72.61
N ARG I 75 -78.15 16.43 72.99
CA ARG I 75 -79.28 16.70 72.11
C ARG I 75 -80.22 17.71 72.77
N VAL I 76 -80.74 18.63 71.97
CA VAL I 76 -81.66 19.65 72.47
C VAL I 76 -83.00 19.47 71.79
N ASN I 77 -83.33 18.22 71.43
CA ASN I 77 -84.61 17.94 70.77
C ASN I 77 -85.78 18.02 71.73
N HIS I 78 -85.54 17.91 73.04
CA HIS I 78 -86.61 17.98 74.02
C HIS I 78 -87.06 19.41 74.30
N ILE I 79 -86.30 20.42 73.86
CA ILE I 79 -86.66 21.82 74.07
C ILE I 79 -86.85 22.57 72.76
N SER I 80 -86.46 22.00 71.62
CA SER I 80 -86.61 22.69 70.34
C SER I 80 -88.05 22.71 69.86
N LYS I 81 -88.90 21.81 70.37
CA LYS I 81 -90.30 21.75 69.97
C LYS I 81 -91.19 22.67 70.79
N LEU I 82 -90.64 23.34 71.79
CA LEU I 82 -91.40 24.25 72.65
C LEU I 82 -91.11 25.70 72.27
N ASN I 83 -92.03 26.57 72.65
CA ASN I 83 -91.88 28.00 72.38
C ASN I 83 -90.84 28.59 73.33
N PRO I 84 -89.81 29.27 72.80
CA PRO I 84 -88.78 29.83 73.70
C PRO I 84 -89.26 31.00 74.53
N ALA I 85 -90.37 31.65 74.15
CA ALA I 85 -90.87 32.78 74.91
C ALA I 85 -91.52 32.36 76.22
N ILE I 86 -92.15 31.19 76.25
CA ILE I 86 -92.86 30.72 77.45
C ILE I 86 -91.94 29.78 78.23
N PHE I 87 -91.07 29.07 77.53
CA PHE I 87 -90.15 28.10 78.13
C PHE I 87 -88.76 28.70 78.31
N ALA I 88 -88.68 29.99 78.67
CA ALA I 88 -87.41 30.67 78.78
C ALA I 88 -86.55 30.17 79.93
N THR I 89 -87.15 29.51 80.93
CA THR I 89 -86.36 28.96 82.04
C THR I 89 -85.48 27.81 81.57
N GLU I 90 -86.04 26.88 80.79
CA GLU I 90 -85.24 25.78 80.25
C GLU I 90 -84.21 26.28 79.25
N TYR I 91 -84.57 27.31 78.47
CA TYR I 91 -83.61 27.91 77.54
C TYR I 91 -82.47 28.58 78.28
N GLN I 92 -82.76 29.25 79.41
CA GLN I 92 -81.71 29.86 80.21
C GLN I 92 -80.82 28.82 80.86
N LYS I 93 -81.42 27.70 81.31
CA LYS I 93 -80.62 26.61 81.88
C LYS I 93 -79.71 25.98 80.83
N VAL I 94 -80.23 25.80 79.61
CA VAL I 94 -79.41 25.25 78.52
C VAL I 94 -78.31 26.23 78.13
N ASN I 95 -78.61 27.53 78.16
CA ASN I 95 -77.59 28.54 77.86
C ASN I 95 -76.50 28.56 78.93
N ALA I 96 -76.88 28.40 80.20
CA ALA I 96 -75.88 28.32 81.27
C ALA I 96 -75.02 27.07 81.13
N LEU I 97 -75.63 25.93 80.78
CA LEU I 97 -74.87 24.71 80.56
C LEU I 97 -73.92 24.85 79.38
N PHE I 98 -74.38 25.50 78.30
CA PHE I 98 -73.52 25.72 77.14
C PHE I 98 -72.38 26.69 77.47
N GLU I 99 -72.65 27.70 78.31
CA GLU I 99 -71.60 28.62 78.73
C GLU I 99 -70.56 27.91 79.60
N ARG I 100 -71.01 27.03 80.49
CA ARG I 100 -70.06 26.23 81.28
C ARG I 100 -69.24 25.30 80.41
N ALA I 101 -69.88 24.68 79.41
CA ALA I 101 -69.15 23.81 78.48
C ALA I 101 -68.14 24.59 77.65
N LEU I 102 -68.50 25.79 77.21
CA LEU I 102 -67.57 26.64 76.45
C LEU I 102 -66.44 27.15 77.34
N ILE I 103 -66.71 27.35 78.63
CA ILE I 103 -65.64 27.69 79.56
C ILE I 103 -64.69 26.51 79.74
N LEU I 104 -65.23 25.29 79.76
CA LEU I 104 -64.41 24.10 79.95
C LEU I 104 -63.82 23.55 78.66
N LEU I 105 -64.45 23.82 77.52
CA LEU I 105 -64.04 23.24 76.23
C LEU I 105 -63.98 24.31 75.15
N ASN I 106 -63.28 25.41 75.44
CA ASN I 106 -63.17 26.52 74.50
C ASN I 106 -62.39 26.19 73.24
N LYS I 107 -61.64 25.09 73.22
CA LYS I 107 -60.86 24.71 72.05
C LYS I 107 -61.63 23.83 71.08
N MET I 108 -62.90 23.55 71.35
CA MET I 108 -63.71 22.71 70.49
C MET I 108 -64.71 23.55 69.72
N PRO I 109 -64.78 23.43 68.39
CA PRO I 109 -65.74 24.22 67.61
C PRO I 109 -67.10 23.57 67.43
N ARG I 110 -67.23 22.27 67.71
CA ARG I 110 -68.53 21.62 67.60
C ARG I 110 -69.51 22.14 68.66
N ILE I 111 -69.02 22.36 69.88
CA ILE I 111 -69.86 22.91 70.94
C ILE I 111 -70.26 24.34 70.62
N TRP I 112 -69.34 25.11 70.04
CA TRP I 112 -69.68 26.47 69.63
C TRP I 112 -70.71 26.49 68.51
N GLU I 113 -70.59 25.56 67.56
CA GLU I 113 -71.59 25.46 66.49
C GLU I 113 -72.95 25.04 67.04
N MET I 114 -72.97 24.11 68.00
CA MET I 114 -74.23 23.70 68.63
C MET I 114 -74.85 24.85 69.41
N TYR I 115 -74.04 25.64 70.11
CA TYR I 115 -74.54 26.80 70.84
C TYR I 115 -75.09 27.85 69.89
N LEU I 116 -74.41 28.07 68.75
CA LEU I 116 -74.91 29.02 67.76
C LEU I 116 -76.22 28.55 67.14
N LYS I 117 -76.34 27.24 66.88
CA LYS I 117 -77.58 26.70 66.34
C LYS I 117 -78.72 26.80 67.36
N PHE I 118 -78.41 26.60 68.64
CA PHE I 118 -79.43 26.76 69.67
C PHE I 118 -79.85 28.22 69.83
N LEU I 119 -78.89 29.15 69.74
CA LEU I 119 -79.21 30.56 69.84
C LEU I 119 -79.87 31.11 68.58
N MET I 120 -79.77 30.40 67.45
CA MET I 120 -80.44 30.83 66.24
C MET I 120 -81.96 30.74 66.38
N GLN I 121 -82.46 29.78 67.16
CA GLN I 121 -83.89 29.66 67.40
C GLN I 121 -84.41 30.69 68.39
N GLN I 122 -83.53 31.40 69.10
CA GLN I 122 -83.91 32.42 70.06
C GLN I 122 -83.92 33.80 69.40
N PRO I 123 -84.73 34.73 69.92
CA PRO I 123 -84.81 36.06 69.32
C PRO I 123 -83.85 37.09 69.90
N LEU I 124 -82.91 36.69 70.75
CA LEU I 124 -81.94 37.61 71.34
C LEU I 124 -80.85 37.88 70.33
N VAL I 125 -80.97 38.99 69.60
CA VAL I 125 -79.98 39.33 68.58
C VAL I 125 -78.65 39.74 69.22
N THR I 126 -78.72 40.54 70.29
CA THR I 126 -77.50 41.00 70.95
C THR I 126 -76.74 39.85 71.61
N PHE I 127 -77.47 38.94 72.25
CA PHE I 127 -76.82 37.78 72.88
C PHE I 127 -76.20 36.87 71.84
N THR I 128 -76.88 36.67 70.69
CA THR I 128 -76.33 35.87 69.62
C THR I 128 -75.09 36.51 69.02
N ARG I 129 -75.11 37.84 68.86
CA ARG I 129 -73.93 38.55 68.35
C ARG I 129 -72.76 38.45 69.33
N ARG I 130 -73.04 38.57 70.63
CA ARG I 130 -71.97 38.43 71.63
C ARG I 130 -71.41 37.01 71.65
N THR I 131 -72.27 36.00 71.51
CA THR I 131 -71.80 34.62 71.45
C THR I 131 -70.98 34.37 70.19
N PHE I 132 -71.39 34.94 69.07
CA PHE I 132 -70.62 34.80 67.83
C PHE I 132 -69.25 35.48 67.94
N ASP I 133 -69.22 36.67 68.57
CA ASP I 133 -67.94 37.36 68.78
C ASP I 133 -67.03 36.57 69.71
N ARG I 134 -67.59 35.99 70.78
CA ARG I 134 -66.80 35.17 71.70
C ARG I 134 -66.27 33.91 71.00
N ALA I 135 -67.09 33.29 70.15
CA ALA I 135 -66.65 32.11 69.41
C ALA I 135 -65.57 32.48 68.40
N LEU I 136 -65.68 33.64 67.76
CA LEU I 136 -64.65 34.08 66.83
C LEU I 136 -63.34 34.39 67.54
N ARG I 137 -63.42 35.00 68.73
CA ARG I 137 -62.23 35.33 69.49
C ARG I 137 -61.65 34.14 70.25
N ALA I 138 -62.39 33.04 70.38
CA ALA I 138 -61.93 31.88 71.11
C ALA I 138 -61.53 30.71 70.23
N LEU I 139 -61.80 30.77 68.94
CA LEU I 139 -61.50 29.67 68.01
C LEU I 139 -60.57 30.14 66.90
N PRO I 140 -59.92 29.20 66.21
CA PRO I 140 -59.00 29.59 65.13
C PRO I 140 -59.74 30.02 63.88
N ILE I 141 -58.95 30.47 62.89
CA ILE I 141 -59.52 30.98 61.64
C ILE I 141 -60.20 29.88 60.84
N THR I 142 -59.68 28.64 60.92
CA THR I 142 -60.29 27.53 60.22
C THR I 142 -61.70 27.24 60.74
N GLN I 143 -61.88 27.30 62.06
CA GLN I 143 -63.21 27.23 62.66
C GLN I 143 -63.99 28.53 62.50
N HIS I 144 -63.29 29.67 62.39
CA HIS I 144 -63.97 30.94 62.16
C HIS I 144 -64.62 30.99 60.78
N ASN I 145 -64.08 30.26 59.81
CA ASN I 145 -64.73 30.15 58.51
C ASN I 145 -66.10 29.47 58.63
N ARG I 146 -66.17 28.37 59.37
CA ARG I 146 -67.46 27.70 59.57
C ARG I 146 -68.39 28.55 60.45
N ILE I 147 -67.81 29.30 61.39
CA ILE I 147 -68.61 30.22 62.22
C ILE I 147 -69.23 31.32 61.37
N TRP I 148 -68.46 31.89 60.44
CA TRP I 148 -69.01 32.89 59.54
C TRP I 148 -70.00 32.29 58.55
N ALA I 149 -69.79 31.03 58.16
CA ALA I 149 -70.78 30.32 57.35
C ALA I 149 -72.07 30.09 58.13
N LEU I 150 -72.00 29.98 59.45
CA LEU I 150 -73.18 29.88 60.30
C LEU I 150 -73.67 31.23 60.79
N TYR I 151 -73.04 32.33 60.38
CA TYR I 151 -73.43 33.66 60.80
C TYR I 151 -73.83 34.57 59.65
N ARG I 152 -73.53 34.21 58.40
CA ARG I 152 -73.91 34.98 57.23
C ARG I 152 -75.43 35.03 57.09
N PRO I 153 -76.12 33.89 57.21
CA PRO I 153 -77.59 33.90 57.19
C PRO I 153 -78.18 34.60 58.40
N PHE I 154 -77.48 34.54 59.53
CA PHE I 154 -77.92 35.27 60.72
C PHE I 154 -77.82 36.77 60.52
N ALA I 155 -76.75 37.23 59.86
CA ALA I 155 -76.62 38.65 59.56
C ALA I 155 -77.61 39.08 58.49
N ASN I 156 -77.91 38.21 57.52
CA ASN I 156 -78.88 38.54 56.48
C ASN I 156 -80.30 38.60 57.04
N SER I 157 -80.58 37.87 58.10
CA SER I 157 -81.91 37.85 58.71
C SER I 157 -82.10 38.95 59.75
N ALA I 158 -81.07 39.75 60.01
CA ALA I 158 -81.15 40.82 61.02
C ALA I 158 -81.23 42.21 60.40
N GLU I 159 -80.41 42.48 59.37
CA GLU I 159 -80.34 43.73 58.62
C GLU I 159 -79.94 44.93 59.47
N GLY I 160 -79.72 46.07 58.82
CA GLY I 160 -79.45 47.30 59.54
C GLY I 160 -77.98 47.51 59.86
N ILE I 161 -77.76 48.38 60.85
CA ILE I 161 -76.41 48.76 61.25
C ILE I 161 -75.66 47.60 61.88
N THR I 162 -76.37 46.73 62.62
CA THR I 162 -75.73 45.56 63.20
C THR I 162 -75.22 44.61 62.12
N ALA I 163 -76.02 44.38 61.07
CA ALA I 163 -75.57 43.55 59.97
C ALA I 163 -74.46 44.23 59.17
N VAL I 164 -74.49 45.56 59.07
CA VAL I 164 -73.40 46.28 58.40
C VAL I 164 -72.10 46.11 59.16
N LYS I 165 -72.16 46.21 60.50
CA LYS I 165 -70.97 45.99 61.32
C LYS I 165 -70.50 44.55 61.26
N ILE I 166 -71.43 43.58 61.20
CA ILE I 166 -71.05 42.18 61.07
C ILE I 166 -70.36 41.92 59.74
N TRP I 167 -70.87 42.52 58.66
CA TRP I 167 -70.23 42.38 57.35
C TRP I 167 -68.88 43.07 57.31
N ARG I 168 -68.73 44.20 57.99
CA ARG I 168 -67.43 44.86 58.08
C ARG I 168 -66.43 44.04 58.86
N ARG I 169 -66.86 43.40 59.95
CA ARG I 169 -65.99 42.52 60.72
C ARG I 169 -65.68 41.22 60.01
N TYR I 170 -66.55 40.76 59.10
CA TYR I 170 -66.30 39.56 58.33
C TYR I 170 -65.47 39.81 57.08
N MET I 171 -65.23 41.08 56.73
CA MET I 171 -64.42 41.39 55.56
C MET I 171 -62.93 41.21 55.82
N GLN I 172 -62.51 41.13 57.09
CA GLN I 172 -61.11 40.96 57.41
C GLN I 172 -60.63 39.52 57.16
N VAL I 173 -61.55 38.57 57.03
CA VAL I 173 -61.21 37.18 56.82
C VAL I 173 -61.49 36.75 55.38
N HIS I 174 -62.65 37.12 54.85
CA HIS I 174 -63.06 36.74 53.49
C HIS I 174 -63.49 38.00 52.75
N PRO I 175 -62.52 38.78 52.23
CA PRO I 175 -62.88 40.00 51.50
C PRO I 175 -63.37 39.76 50.08
N GLU I 176 -63.26 38.52 49.57
CA GLU I 176 -63.68 38.22 48.20
C GLU I 176 -65.19 38.37 48.01
N ASP I 177 -65.97 38.21 49.08
CA ASP I 177 -67.42 38.45 49.03
C ASP I 177 -67.78 39.88 49.45
N ALA I 178 -66.77 40.73 49.68
CA ALA I 178 -67.03 42.09 50.14
C ALA I 178 -67.79 42.91 49.10
N GLU I 179 -67.60 42.61 47.81
CA GLU I 179 -68.39 43.23 46.77
C GLU I 179 -69.87 42.90 46.93
N ASP I 180 -70.17 41.67 47.35
CA ASP I 180 -71.54 41.32 47.72
C ASP I 180 -72.02 42.15 48.90
N PHE I 181 -71.11 42.43 49.84
CA PHE I 181 -71.43 43.37 50.91
C PHE I 181 -71.68 44.77 50.38
N ILE I 182 -71.06 45.11 49.25
CA ILE I 182 -71.38 46.37 48.56
C ILE I 182 -72.83 46.37 48.11
N GLU I 183 -73.33 45.19 47.68
CA GLU I 183 -74.75 45.05 47.40
C GLU I 183 -75.57 45.29 48.67
N LEU I 184 -75.06 44.86 49.83
CA LEU I 184 -75.68 45.22 51.09
C LEU I 184 -75.65 46.73 51.31
N LEU I 185 -74.56 47.38 50.87
CA LEU I 185 -74.51 48.84 50.88
C LEU I 185 -75.54 49.43 49.92
N ILE I 186 -75.90 48.69 48.87
CA ILE I 186 -77.02 49.08 48.03
C ILE I 186 -78.33 48.95 48.81
N GLN I 187 -78.44 47.92 49.65
CA GLN I 187 -79.66 47.70 50.41
C GLN I 187 -79.76 48.67 51.59
N CYS I 188 -78.63 49.02 52.21
CA CYS I 188 -78.63 49.91 53.34
C CYS I 188 -78.68 51.39 52.95
N GLY I 189 -78.51 51.70 51.67
CA GLY I 189 -78.53 53.07 51.22
C GLY I 189 -77.27 53.86 51.44
N LEU I 190 -76.19 53.22 51.92
CA LEU I 190 -74.93 53.90 52.18
C LEU I 190 -74.11 53.93 50.89
N TYR I 191 -74.30 54.99 50.12
CA TYR I 191 -73.56 55.15 48.87
C TYR I 191 -72.08 55.46 49.14
N THR I 192 -71.80 56.22 50.20
CA THR I 192 -70.41 56.52 50.54
C THR I 192 -69.65 55.27 50.96
N GLU I 193 -70.30 54.38 51.72
CA GLU I 193 -69.67 53.12 52.10
C GLU I 193 -69.43 52.23 50.89
N ALA I 194 -70.38 52.22 49.93
CA ALA I 194 -70.20 51.45 48.70
C ALA I 194 -69.05 52.00 47.88
N VAL I 195 -68.93 53.33 47.81
CA VAL I 195 -67.83 53.95 47.06
C VAL I 195 -66.50 53.65 47.73
N LYS I 196 -66.46 53.68 49.06
CA LYS I 196 -65.24 53.35 49.79
C LYS I 196 -64.85 51.88 49.59
N LYS I 197 -65.83 50.98 49.59
CA LYS I 197 -65.56 49.57 49.34
C LYS I 197 -65.06 49.35 47.91
N TYR I 198 -65.64 50.05 46.94
CA TYR I 198 -65.18 49.94 45.55
C TYR I 198 -63.76 50.48 45.40
N ILE I 199 -63.44 51.58 46.09
CA ILE I 199 -62.09 52.13 46.03
C ILE I 199 -61.09 51.20 46.69
N GLU I 200 -61.48 50.55 47.79
CA GLU I 200 -60.60 49.61 48.46
C GLU I 200 -60.40 48.35 47.61
N ILE I 201 -61.43 47.93 46.87
CA ILE I 201 -61.29 46.78 45.98
C ILE I 201 -60.40 47.12 44.79
N LEU I 202 -60.56 48.32 44.23
CA LEU I 202 -59.73 48.73 43.11
C LEU I 202 -58.30 49.07 43.51
N ASN I 203 -58.06 49.37 44.80
CA ASN I 203 -56.72 49.68 45.24
C ASN I 203 -55.83 48.44 45.26
N ASN I 204 -56.40 47.27 45.55
CA ASN I 204 -55.62 46.04 45.59
C ASN I 204 -55.68 45.36 44.23
N PRO I 205 -54.56 45.22 43.52
CA PRO I 205 -54.59 44.57 42.21
C PRO I 205 -54.74 43.05 42.27
N LYS I 206 -54.52 42.45 43.43
CA LYS I 206 -54.61 40.99 43.57
C LYS I 206 -56.03 40.52 43.90
N PHE I 207 -56.98 41.44 44.04
CA PHE I 207 -58.35 41.06 44.36
C PHE I 207 -59.02 40.45 43.13
N GLN I 208 -59.68 39.32 43.31
CA GLN I 208 -60.39 38.61 42.25
C GLN I 208 -61.88 38.61 42.55
N SER I 209 -62.68 39.03 41.57
CA SER I 209 -64.12 39.07 41.74
C SER I 209 -64.69 37.65 41.72
N LYS I 210 -65.59 37.36 42.67
CA LYS I 210 -66.21 36.05 42.73
C LYS I 210 -67.22 35.86 41.60
N ASN I 211 -67.86 36.94 41.15
CA ASN I 211 -68.85 36.88 40.09
C ASN I 211 -68.26 37.08 38.70
N ALA I 212 -66.93 36.92 38.57
CA ALA I 212 -66.20 37.07 37.30
C ALA I 212 -66.43 38.44 36.67
N LYS I 213 -66.44 39.48 37.50
CA LYS I 213 -66.62 40.85 37.03
C LYS I 213 -65.28 41.52 36.84
N GLY I 214 -65.11 42.17 35.69
CA GLY I 214 -63.87 42.85 35.40
C GLY I 214 -63.71 44.15 36.17
N HIS I 215 -62.48 44.66 36.15
CA HIS I 215 -62.19 45.92 36.82
C HIS I 215 -62.88 47.09 36.11
N TYR I 216 -62.94 47.04 34.77
CA TYR I 216 -63.64 48.09 34.03
C TYR I 216 -65.13 48.07 34.31
N GLU I 217 -65.73 46.87 34.42
CA GLU I 217 -67.14 46.76 34.75
C GLU I 217 -67.42 47.28 36.15
N LEU I 218 -66.54 46.97 37.11
CA LEU I 218 -66.70 47.48 38.47
C LEU I 218 -66.56 48.99 38.51
N TRP I 219 -65.62 49.55 37.75
CA TRP I 219 -65.46 51.00 37.68
C TRP I 219 -66.68 51.67 37.05
N SER I 220 -67.24 51.05 36.00
CA SER I 220 -68.45 51.59 35.38
C SER I 220 -69.64 51.53 36.33
N GLU I 221 -69.76 50.44 37.10
CA GLU I 221 -70.83 50.33 38.08
C GLU I 221 -70.67 51.37 39.19
N MET I 222 -69.44 51.60 39.64
CA MET I 222 -69.19 52.62 40.66
C MET I 222 -69.50 54.01 40.13
N VAL I 223 -69.15 54.28 38.87
CA VAL I 223 -69.44 55.58 38.26
C VAL I 223 -70.95 55.77 38.11
N ASP I 224 -71.66 54.72 37.72
CA ASP I 224 -73.12 54.81 37.62
C ASP I 224 -73.78 55.03 38.97
N LEU I 225 -73.25 54.36 40.02
CA LEU I 225 -73.79 54.56 41.36
C LEU I 225 -73.50 55.97 41.87
N LEU I 226 -72.33 56.51 41.54
CA LEU I 226 -72.00 57.88 41.94
C LEU I 226 -72.84 58.90 41.19
N VAL I 227 -73.14 58.63 39.91
CA VAL I 227 -73.97 59.55 39.13
C VAL I 227 -75.41 59.50 39.61
N GLU I 228 -75.91 58.30 39.94
CA GLU I 228 -77.30 58.19 40.39
C GLU I 228 -77.48 58.71 41.81
N HIS I 229 -76.42 58.67 42.63
CA HIS I 229 -76.53 59.11 44.02
C HIS I 229 -75.54 60.25 44.29
N ALA I 230 -75.47 61.22 43.39
CA ALA I 230 -74.57 62.36 43.59
C ALA I 230 -75.05 63.26 44.70
N VAL I 231 -76.37 63.42 44.84
CA VAL I 231 -76.91 64.25 45.90
C VAL I 231 -76.72 63.60 47.26
N ASP I 232 -76.89 62.27 47.33
CA ASP I 232 -76.78 61.55 48.59
C ASP I 232 -75.34 61.29 49.00
N ILE I 233 -74.36 61.58 48.14
CA ILE I 233 -72.96 61.36 48.46
C ILE I 233 -72.37 62.66 48.99
N GLU I 234 -71.79 62.61 50.19
CA GLU I 234 -71.18 63.77 50.81
C GLU I 234 -69.73 63.90 50.36
N THR I 235 -69.38 65.06 49.83
CA THR I 235 -68.04 65.35 49.35
C THR I 235 -67.47 66.54 50.10
N GLY I 236 -66.23 66.44 50.55
CA GLY I 236 -65.60 67.51 51.28
C GLY I 236 -64.15 67.19 51.55
N HIS I 237 -63.44 68.17 52.10
CA HIS I 237 -62.03 68.00 52.43
C HIS I 237 -61.82 67.15 53.67
N GLU I 238 -62.83 66.99 54.52
CA GLU I 238 -62.69 66.19 55.72
C GLU I 238 -62.64 64.69 55.42
N THR I 239 -63.36 64.23 54.40
CA THR I 239 -63.36 62.82 54.05
C THR I 239 -62.15 62.39 53.24
N GLY I 240 -61.41 63.34 52.67
CA GLY I 240 -60.23 63.02 51.89
C GLY I 240 -60.51 62.27 50.61
N ILE I 241 -61.54 62.67 49.87
CA ILE I 241 -61.91 62.03 48.62
C ILE I 241 -62.03 63.08 47.53
N ASP I 242 -61.82 62.65 46.29
CA ASP I 242 -61.90 63.54 45.13
C ASP I 242 -62.55 62.80 43.98
N VAL I 243 -63.65 63.36 43.46
CA VAL I 243 -64.34 62.71 42.34
C VAL I 243 -63.67 63.05 41.02
N GLU I 244 -63.09 64.25 40.90
CA GLU I 244 -62.42 64.65 39.66
C GLU I 244 -61.18 63.82 39.41
N ARG I 245 -60.41 63.51 40.47
CA ARG I 245 -59.24 62.66 40.32
C ARG I 245 -59.62 61.25 39.92
N ILE I 246 -60.70 60.71 40.48
CA ILE I 246 -61.16 59.38 40.11
C ILE I 246 -61.67 59.36 38.68
N ILE I 247 -62.34 60.43 38.24
CA ILE I 247 -62.81 60.52 36.87
C ILE I 247 -61.64 60.60 35.90
N ARG I 248 -60.61 61.37 36.25
CA ARG I 248 -59.41 61.46 35.41
C ARG I 248 -58.67 60.13 35.34
N SER I 249 -58.58 59.42 36.47
CA SER I 249 -57.95 58.09 36.47
C SER I 249 -58.74 57.09 35.62
N GLY I 250 -60.08 57.15 35.70
CA GLY I 250 -60.89 56.27 34.88
C GLY I 250 -60.79 56.60 33.40
N ILE I 251 -60.66 57.89 33.07
CA ILE I 251 -60.51 58.30 31.68
C ILE I 251 -59.15 57.87 31.14
N GLU I 252 -58.11 57.99 31.96
CA GLU I 252 -56.77 57.59 31.52
C GLU I 252 -56.64 56.09 31.40
N ARG I 253 -57.25 55.34 32.32
CA ARG I 253 -57.16 53.88 32.27
C ARG I 253 -58.04 53.31 31.16
N PHE I 254 -59.25 53.83 31.00
CA PHE I 254 -60.19 53.36 29.97
C PHE I 254 -60.26 54.42 28.88
N SER I 255 -59.36 54.32 27.91
CA SER I 255 -59.35 55.25 26.79
C SER I 255 -60.49 55.00 25.81
N ASP I 256 -60.94 53.75 25.71
CA ASP I 256 -62.04 53.42 24.81
C ASP I 256 -63.39 53.90 25.34
N GLN I 257 -63.49 54.16 26.64
CA GLN I 257 -64.73 54.61 27.27
C GLN I 257 -64.52 55.93 28.00
N ARG I 258 -63.61 56.76 27.48
CA ARG I 258 -63.38 58.06 28.09
C ARG I 258 -64.56 59.01 27.86
N GLY I 259 -65.22 58.90 26.70
CA GLY I 259 -66.41 59.69 26.45
C GLY I 259 -67.57 59.35 27.36
N LYS I 260 -67.71 58.06 27.70
CA LYS I 260 -68.74 57.66 28.65
C LYS I 260 -68.46 58.24 30.03
N LEU I 261 -67.19 58.25 30.45
CA LEU I 261 -66.83 58.85 31.73
C LEU I 261 -67.06 60.36 31.72
N TRP I 262 -66.76 61.02 30.59
CA TRP I 262 -67.01 62.45 30.47
C TRP I 262 -68.51 62.76 30.53
N SER I 263 -69.32 61.93 29.86
CA SER I 263 -70.77 62.10 29.91
C SER I 263 -71.31 61.86 31.32
N GLY I 264 -70.77 60.87 32.02
CA GLY I 264 -71.19 60.64 33.40
C GLY I 264 -70.80 61.78 34.32
N LEU I 265 -69.60 62.35 34.12
CA LEU I 265 -69.19 63.51 34.91
C LEU I 265 -70.07 64.72 34.61
N ALA I 266 -70.43 64.92 33.33
CA ALA I 266 -71.32 66.01 32.97
C ALA I 266 -72.71 65.83 33.57
N THR I 267 -73.21 64.59 33.59
CA THR I 267 -74.51 64.31 34.20
C THR I 267 -74.47 64.52 35.70
N TYR I 268 -73.36 64.15 36.35
CA TYR I 268 -73.21 64.38 37.79
C TYR I 268 -73.14 65.87 38.10
N TRP I 269 -72.45 66.63 37.25
CA TRP I 269 -72.38 68.08 37.45
C TRP I 269 -73.73 68.75 37.21
N ILE I 270 -74.50 68.23 36.25
CA ILE I 270 -75.84 68.77 36.00
C ILE I 270 -76.77 68.44 37.15
N ARG I 271 -76.63 67.24 37.73
CA ARG I 271 -77.43 66.86 38.89
C ARG I 271 -77.03 67.63 40.14
N ARG I 272 -75.81 68.15 40.19
CA ARG I 272 -75.35 68.94 41.33
C ARG I 272 -75.78 70.40 41.26
N GLY I 273 -76.41 70.81 40.17
CA GLY I 273 -76.86 72.17 40.01
C GLY I 273 -75.83 73.15 39.48
N ASN I 274 -74.64 72.68 39.13
CA ASN I 274 -73.58 73.52 38.61
C ASN I 274 -73.60 73.44 37.09
N PHE I 275 -74.25 74.41 36.44
CA PHE I 275 -74.33 74.41 34.98
C PHE I 275 -73.01 74.83 34.36
N ASP I 276 -72.30 75.78 34.98
CA ASP I 276 -71.01 76.23 34.46
C ASP I 276 -69.96 75.12 34.54
N ARG I 277 -69.96 74.37 35.65
CA ARG I 277 -69.04 73.24 35.77
C ARG I 277 -69.35 72.15 34.76
N ALA I 278 -70.64 71.90 34.51
CA ALA I 278 -71.03 70.92 33.50
C ALA I 278 -70.61 71.36 32.10
N ARG I 279 -70.77 72.65 31.79
CA ARG I 279 -70.33 73.17 30.51
C ARG I 279 -68.82 73.09 30.35
N ASP I 280 -68.07 73.39 31.42
CA ASP I 280 -66.62 73.27 31.37
C ASP I 280 -66.18 71.83 31.20
N VAL I 281 -66.86 70.89 31.86
CA VAL I 281 -66.54 69.48 31.73
C VAL I 281 -66.85 68.99 30.31
N PHE I 282 -67.96 69.45 29.74
CA PHE I 282 -68.29 69.08 28.36
C PHE I 282 -67.28 69.64 27.38
N GLU I 283 -66.83 70.89 27.59
CA GLU I 283 -65.82 71.48 26.72
C GLU I 283 -64.48 70.74 26.84
N GLU I 284 -64.11 70.36 28.07
CA GLU I 284 -62.87 69.60 28.27
C GLU I 284 -62.95 68.22 27.62
N GLY I 285 -64.12 67.56 27.72
CA GLY I 285 -64.28 66.27 27.07
C GLY I 285 -64.27 66.38 25.56
N ILE I 286 -64.84 67.45 25.01
CA ILE I 286 -64.82 67.65 23.56
C ILE I 286 -63.42 67.96 23.08
N THR I 287 -62.65 68.73 23.85
CA THR I 287 -61.33 69.16 23.44
C THR I 287 -60.24 68.14 23.72
N THR I 288 -60.54 67.04 24.41
CA THR I 288 -59.54 66.04 24.77
C THR I 288 -59.98 64.62 24.41
N VAL I 289 -60.84 64.47 23.41
CA VAL I 289 -61.29 63.15 22.98
C VAL I 289 -60.51 62.75 21.73
N MET I 290 -59.72 61.68 21.85
CA MET I 290 -58.97 61.18 20.71
C MET I 290 -59.85 60.46 19.70
N THR I 291 -60.83 59.70 20.18
CA THR I 291 -61.75 58.99 19.31
C THR I 291 -62.94 59.88 18.98
N VAL I 292 -63.34 59.87 17.71
CA VAL I 292 -64.45 60.70 17.27
C VAL I 292 -65.80 60.16 17.72
N ARG I 293 -65.89 58.87 18.04
CA ARG I 293 -67.14 58.32 18.56
C ARG I 293 -67.43 58.85 19.96
N ASP I 294 -66.40 58.86 20.82
CA ASP I 294 -66.56 59.41 22.16
C ASP I 294 -66.83 60.91 22.11
N PHE I 295 -66.16 61.61 21.19
CA PHE I 295 -66.40 63.04 21.03
C PHE I 295 -67.82 63.32 20.55
N THR I 296 -68.32 62.49 19.63
CA THR I 296 -69.70 62.65 19.14
C THR I 296 -70.70 62.35 20.23
N MET I 297 -70.44 61.33 21.06
CA MET I 297 -71.34 61.03 22.17
C MET I 297 -71.35 62.14 23.21
N ILE I 298 -70.18 62.70 23.52
CA ILE I 298 -70.10 63.80 24.48
C ILE I 298 -70.79 65.05 23.93
N PHE I 299 -70.61 65.31 22.62
CA PHE I 299 -71.27 66.45 21.99
C PHE I 299 -72.79 66.28 21.98
N ASP I 300 -73.26 65.05 21.73
CA ASP I 300 -74.69 64.78 21.77
C ASP I 300 -75.26 64.96 23.17
N ALA I 301 -74.54 64.49 24.19
CA ALA I 301 -75.00 64.67 25.57
C ALA I 301 -75.02 66.15 25.96
N TYR I 302 -73.98 66.90 25.58
CA TYR I 302 -73.95 68.33 25.87
C TYR I 302 -75.05 69.08 25.13
N VAL I 303 -75.33 68.68 23.88
CA VAL I 303 -76.39 69.32 23.11
C VAL I 303 -77.76 69.01 23.71
N GLU I 304 -77.96 67.78 24.20
CA GLU I 304 -79.20 67.43 24.86
C GLU I 304 -79.39 68.21 26.16
N PHE I 305 -78.32 68.36 26.95
CA PHE I 305 -78.40 69.14 28.18
C PHE I 305 -78.68 70.61 27.89
N GLU I 306 -78.02 71.17 26.86
CA GLU I 306 -78.25 72.56 26.48
C GLU I 306 -79.67 72.76 25.95
N GLU I 307 -80.18 71.79 25.19
CA GLU I 307 -81.55 71.88 24.69
C GLU I 307 -82.56 71.81 25.82
N SER I 308 -82.31 70.95 26.82
CA SER I 308 -83.19 70.89 27.99
C SER I 308 -83.16 72.20 28.78
N VAL I 309 -81.96 72.78 28.96
CA VAL I 309 -81.85 74.05 29.67
C VAL I 309 -82.55 75.17 28.90
N ILE I 310 -82.40 75.19 27.57
CA ILE I 310 -83.03 76.22 26.75
C ILE I 310 -84.55 76.05 26.76
N GLY I 311 -85.04 74.80 26.76
CA GLY I 311 -86.47 74.58 26.85
C GLY I 311 -87.03 75.00 28.20
N THR I 312 -86.31 74.73 29.28
CA THR I 312 -86.74 75.19 30.60
C THR I 312 -86.75 76.71 30.68
N LEU I 313 -85.73 77.36 30.11
CA LEU I 313 -85.68 78.82 30.10
C LEU I 313 -86.81 79.41 29.26
N MET I 314 -87.12 78.79 28.11
CA MET I 314 -88.21 79.25 27.27
C MET I 314 -89.55 79.06 27.95
N GLU I 315 -89.74 77.94 28.67
CA GLU I 315 -90.97 77.73 29.42
C GLU I 315 -91.12 78.75 30.54
N ALA I 316 -90.02 79.07 31.24
CA ALA I 316 -90.07 80.08 32.28
C ALA I 316 -90.38 81.45 31.71
N ALA I 317 -89.79 81.78 30.56
CA ALA I 317 -90.06 83.07 29.91
C ALA I 317 -91.51 83.16 29.44
N SER I 318 -92.05 82.07 28.91
CA SER I 318 -93.46 82.05 28.49
C SER I 318 -94.40 82.17 29.67
N ARG I 319 -94.06 81.52 30.80
CA ARG I 319 -94.88 81.64 32.00
C ARG I 319 -94.82 83.05 32.56
N ARG I 320 -93.66 83.69 32.49
CA ARG I 320 -93.55 85.08 32.96
C ARG I 320 -94.31 86.03 32.04
N ALA I 321 -94.25 85.80 30.73
CA ALA I 321 -94.95 86.68 29.79
C ALA I 321 -96.46 86.49 29.87
N GLU I 322 -96.92 85.27 30.15
CA GLU I 322 -98.35 85.04 30.31
C GLU I 322 -98.89 85.70 31.57
N LYS I 323 -98.07 85.80 32.62
CA LYS I 323 -98.46 86.42 33.87
C LYS I 323 -98.27 87.93 33.87
N GLY I 324 -97.71 88.50 32.80
CA GLY I 324 -97.51 89.92 32.72
C GLY I 324 -96.28 90.45 33.42
N VAL I 325 -95.39 89.57 33.89
CA VAL I 325 -94.17 89.97 34.57
C VAL I 325 -93.01 89.86 33.58
N VAL I 326 -92.30 90.95 33.38
CA VAL I 326 -91.19 91.01 32.43
C VAL I 326 -89.89 90.89 33.22
N ASP I 327 -89.16 89.81 32.97
CA ASP I 327 -87.87 89.56 33.63
C ASP I 327 -86.77 89.74 32.57
N GLU I 328 -86.01 90.82 32.70
CA GLU I 328 -84.93 91.07 31.75
C GLU I 328 -83.77 90.09 31.92
N SER I 329 -83.51 89.66 33.16
CA SER I 329 -82.41 88.73 33.41
C SER I 329 -82.68 87.36 32.80
N ALA I 330 -83.92 86.87 32.90
CA ALA I 330 -84.26 85.58 32.31
C ALA I 330 -84.19 85.62 30.79
N ASP I 331 -84.67 86.70 30.17
CA ASP I 331 -84.59 86.85 28.72
C ASP I 331 -83.15 86.97 28.27
N PHE I 332 -82.32 87.70 29.02
CA PHE I 332 -80.90 87.81 28.68
C PHE I 332 -80.20 86.47 28.80
N ASP I 333 -80.54 85.69 29.83
CA ASP I 333 -79.95 84.36 29.99
C ASP I 333 -80.39 83.42 28.87
N LEU I 334 -81.65 83.50 28.45
CA LEU I 334 -82.12 82.68 27.33
C LEU I 334 -81.43 83.07 26.03
N ASP I 335 -81.25 84.38 25.80
CA ASP I 335 -80.54 84.83 24.60
C ASP I 335 -79.07 84.41 24.63
N ILE I 336 -78.45 84.45 25.81
CA ILE I 336 -77.05 84.02 25.94
C ILE I 336 -76.93 82.52 25.70
N ARG I 337 -77.91 81.74 26.19
CA ARG I 337 -77.89 80.31 25.94
C ARG I 337 -78.09 79.99 24.47
N MET I 338 -78.97 80.73 23.79
CA MET I 338 -79.17 80.53 22.36
C MET I 338 -77.91 80.90 21.57
N MET I 339 -77.26 81.99 21.96
CA MET I 339 -76.01 82.39 21.30
C MET I 339 -74.91 81.38 21.53
N ARG I 340 -74.82 80.83 22.75
CA ARG I 340 -73.84 79.79 23.04
C ARG I 340 -74.10 78.52 22.25
N PHE I 341 -75.38 78.14 22.10
CA PHE I 341 -75.73 76.99 21.28
C PHE I 341 -75.38 77.21 19.82
N GLU I 342 -75.63 78.42 19.31
CA GLU I 342 -75.27 78.74 17.93
C GLU I 342 -73.76 78.72 17.73
N HIS I 343 -73.01 79.24 18.70
CA HIS I 343 -71.55 79.22 18.62
C HIS I 343 -71.01 77.79 18.68
N LEU I 344 -71.61 76.93 19.52
CA LEU I 344 -71.21 75.53 19.58
C LEU I 344 -71.53 74.82 18.27
N MET I 345 -72.69 75.11 17.66
CA MET I 345 -73.02 74.51 16.37
C MET I 345 -72.07 74.99 15.28
N ASP I 346 -71.65 76.24 15.33
CA ASP I 346 -70.70 76.76 14.34
C ASP I 346 -69.31 76.16 14.54
N ARG I 347 -68.89 75.96 15.78
CA ARG I 347 -67.57 75.45 16.08
C ARG I 347 -67.50 73.92 16.09
N ARG I 348 -68.63 73.25 15.94
CA ARG I 348 -68.62 71.78 15.82
C ARG I 348 -67.81 71.31 14.62
N PRO I 349 -67.92 71.90 13.43
CA PRO I 349 -67.00 71.52 12.34
C PRO I 349 -65.54 71.81 12.66
N PHE I 350 -65.27 72.91 13.38
CA PHE I 350 -63.90 73.21 13.80
C PHE I 350 -63.41 72.18 14.81
N LEU I 351 -64.28 71.75 15.73
CA LEU I 351 -63.92 70.70 16.67
C LEU I 351 -63.66 69.37 15.96
N LEU I 352 -64.47 69.05 14.94
CA LEU I 352 -64.25 67.84 14.17
C LEU I 352 -62.92 67.90 13.40
N ASN I 353 -62.60 69.07 12.83
CA ASN I 353 -61.32 69.24 12.14
C ASN I 353 -60.15 69.12 13.11
N ASP I 354 -60.31 69.67 14.32
CA ASP I 354 -59.25 69.55 15.33
C ASP I 354 -59.08 68.10 15.78
N VAL I 355 -60.18 67.36 15.90
CA VAL I 355 -60.10 65.94 16.28
C VAL I 355 -59.44 65.14 15.16
N LEU I 356 -59.76 65.46 13.91
CA LEU I 356 -59.12 64.78 12.78
C LEU I 356 -57.64 65.08 12.71
N LEU I 357 -57.25 66.32 13.01
CA LEU I 357 -55.83 66.68 13.05
C LEU I 357 -55.11 66.01 14.21
N ARG I 358 -55.78 65.85 15.35
CA ARG I 358 -55.19 65.14 16.48
C ARG I 358 -55.04 63.66 16.19
N GLN I 359 -55.99 63.07 15.44
CA GLN I 359 -55.89 61.66 15.07
C GLN I 359 -54.75 61.42 14.09
N ASN I 360 -54.50 62.37 13.18
CA ASN I 360 -53.44 62.24 12.18
C ASN I 360 -52.96 63.64 11.82
N PRO I 361 -51.87 64.11 12.42
CA PRO I 361 -51.34 65.44 12.05
C PRO I 361 -50.75 65.49 10.65
N ASN I 362 -50.35 64.36 10.08
CA ASN I 362 -49.80 64.30 8.74
C ASN I 362 -50.86 64.18 7.66
N ASN I 363 -52.14 64.10 8.04
CA ASN I 363 -53.22 63.98 7.07
C ASN I 363 -53.46 65.34 6.42
N VAL I 364 -53.05 65.48 5.16
CA VAL I 364 -53.25 66.72 4.43
C VAL I 364 -54.72 66.94 4.07
N ALA I 365 -55.51 65.86 4.01
CA ALA I 365 -56.93 65.99 3.69
C ALA I 365 -57.68 66.73 4.79
N GLU I 366 -57.35 66.44 6.06
CA GLU I 366 -57.98 67.15 7.17
C GLU I 366 -57.59 68.62 7.18
N TRP I 367 -56.33 68.93 6.85
CA TRP I 367 -55.89 70.32 6.76
C TRP I 367 -56.59 71.06 5.63
N GLU I 368 -56.77 70.39 4.48
CA GLU I 368 -57.49 70.98 3.36
C GLU I 368 -58.96 71.21 3.71
N LYS I 369 -59.57 70.28 4.43
CA LYS I 369 -60.95 70.45 4.87
C LYS I 369 -61.08 71.61 5.85
N ARG I 370 -60.12 71.75 6.76
CA ARG I 370 -60.13 72.87 7.70
C ARG I 370 -59.93 74.20 6.97
N VAL I 371 -59.07 74.23 5.95
CA VAL I 371 -58.86 75.45 5.19
C VAL I 371 -60.10 75.80 4.37
N ALA I 372 -60.79 74.79 3.85
CA ALA I 372 -62.05 75.04 3.14
C ALA I 372 -63.14 75.54 4.09
N LEU I 373 -63.18 74.98 5.30
CA LEU I 373 -64.16 75.43 6.29
C LEU I 373 -63.83 76.81 6.85
N TRP I 374 -62.56 77.24 6.73
CA TRP I 374 -62.21 78.60 7.12
C TRP I 374 -62.90 79.65 6.24
N GLY I 375 -63.00 79.39 4.94
CA GLY I 375 -63.74 80.29 4.08
C GLY I 375 -62.90 81.47 3.64
N ASP I 376 -63.50 82.66 3.70
CA ASP I 376 -62.84 83.88 3.27
C ASP I 376 -61.96 84.52 4.34
N ASN I 377 -61.89 83.92 5.53
CA ASN I 377 -61.05 84.43 6.61
C ASN I 377 -59.59 84.17 6.25
N LYS I 378 -58.89 85.23 5.82
CA LYS I 378 -57.51 85.07 5.38
C LYS I 378 -56.57 84.75 6.55
N GLU I 379 -56.81 85.38 7.70
CA GLU I 379 -55.96 85.13 8.87
C GLU I 379 -56.16 83.70 9.39
N GLU I 380 -57.41 83.22 9.44
CA GLU I 380 -57.67 81.86 9.88
C GLU I 380 -57.09 80.83 8.90
N VAL I 381 -57.19 81.11 7.60
CA VAL I 381 -56.64 80.20 6.61
C VAL I 381 -55.11 80.17 6.69
N VAL I 382 -54.49 81.34 6.93
CA VAL I 382 -53.04 81.40 7.06
C VAL I 382 -52.58 80.67 8.32
N LYS I 383 -53.33 80.81 9.42
CA LYS I 383 -53.00 80.08 10.65
C LYS I 383 -53.16 78.58 10.46
N THR I 384 -54.21 78.16 9.76
CA THR I 384 -54.40 76.74 9.48
C THR I 384 -53.29 76.18 8.59
N TYR I 385 -52.87 76.96 7.59
CA TYR I 385 -51.77 76.53 6.73
C TYR I 385 -50.45 76.44 7.50
N THR I 386 -50.20 77.40 8.39
CA THR I 386 -48.99 77.35 9.21
C THR I 386 -49.01 76.15 10.17
N ASP I 387 -50.19 75.86 10.76
CA ASP I 387 -50.30 74.70 11.64
C ASP I 387 -50.14 73.40 10.87
N ALA I 388 -50.65 73.34 9.63
CA ALA I 388 -50.46 72.16 8.80
C ALA I 388 -49.00 71.98 8.40
N ILE I 389 -48.30 73.09 8.13
CA ILE I 389 -46.89 73.00 7.78
C ILE I 389 -46.06 72.57 8.97
N ALA I 390 -46.37 73.08 10.16
CA ALA I 390 -45.61 72.74 11.36
C ALA I 390 -46.05 71.43 12.01
N ALA I 391 -47.16 70.83 11.56
CA ALA I 391 -47.67 69.62 12.18
C ALA I 391 -47.48 68.37 11.32
N ILE I 392 -47.62 68.50 10.00
CA ILE I 392 -47.51 67.33 9.12
C ILE I 392 -46.03 67.00 8.93
N ASN I 393 -45.68 65.75 9.23
CA ASN I 393 -44.30 65.30 9.05
C ASN I 393 -44.04 65.03 7.58
N PRO I 394 -43.01 65.66 6.98
CA PRO I 394 -42.70 65.37 5.57
C PRO I 394 -42.28 63.94 5.31
N LYS I 395 -41.64 63.28 6.27
CA LYS I 395 -41.21 61.90 6.12
C LYS I 395 -42.29 60.89 6.49
N LYS I 396 -43.43 61.35 7.02
CA LYS I 396 -44.52 60.46 7.41
C LYS I 396 -45.87 60.97 6.93
N ALA I 397 -45.89 61.79 5.87
CA ALA I 397 -47.14 62.35 5.38
C ALA I 397 -47.97 61.29 4.68
N VAL I 398 -49.25 61.21 5.05
CA VAL I 398 -50.17 60.29 4.39
C VAL I 398 -50.87 60.92 3.20
N GLY I 399 -50.99 62.23 3.16
CA GLY I 399 -51.58 62.96 2.05
C GLY I 399 -50.53 63.53 1.13
N ALA I 400 -50.84 64.69 0.55
CA ALA I 400 -49.94 65.38 -0.36
C ALA I 400 -49.66 66.77 0.20
N PHE I 401 -48.51 66.93 0.85
CA PHE I 401 -48.11 68.23 1.38
C PHE I 401 -47.77 69.20 0.25
N HIS I 402 -47.29 68.68 -0.89
CA HIS I 402 -47.03 69.53 -2.05
C HIS I 402 -48.32 70.11 -2.61
N LEU I 403 -49.42 69.36 -2.54
CA LEU I 403 -50.72 69.90 -2.95
C LEU I 403 -51.15 71.04 -2.04
N LEU I 404 -50.91 70.92 -0.74
CA LEU I 404 -51.23 72.01 0.19
C LEU I 404 -50.35 73.22 -0.07
N TRP I 405 -49.06 73.00 -0.37
CA TRP I 405 -48.16 74.10 -0.69
C TRP I 405 -48.59 74.80 -1.99
N ALA I 406 -49.01 74.02 -2.98
CA ALA I 406 -49.50 74.60 -4.24
C ALA I 406 -50.79 75.37 -4.03
N ASN I 407 -51.67 74.87 -3.16
CA ASN I 407 -52.90 75.59 -2.83
C ASN I 407 -52.60 76.90 -2.12
N TYR I 408 -51.63 76.89 -1.20
CA TYR I 408 -51.22 78.13 -0.52
C TYR I 408 -50.61 79.12 -1.50
N ALA I 409 -49.79 78.63 -2.43
CA ALA I 409 -49.19 79.50 -3.44
C ALA I 409 -50.26 80.08 -4.36
N LYS I 410 -51.27 79.28 -4.73
CA LYS I 410 -52.36 79.78 -5.57
C LYS I 410 -53.21 80.80 -4.82
N PHE I 411 -53.42 80.60 -3.52
CA PHE I 411 -54.14 81.57 -2.72
C PHE I 411 -53.36 82.88 -2.59
N TYR I 412 -52.03 82.78 -2.45
CA TYR I 412 -51.20 83.98 -2.39
C TYR I 412 -51.19 84.71 -3.73
N GLU I 413 -51.17 83.97 -4.84
CA GLU I 413 -51.20 84.58 -6.16
C GLU I 413 -52.55 85.23 -6.45
N LYS I 414 -53.64 84.61 -5.97
CA LYS I 414 -54.96 85.21 -6.14
C LYS I 414 -55.12 86.46 -5.29
N ALA I 415 -54.38 86.55 -4.17
CA ALA I 415 -54.38 87.75 -3.35
C ALA I 415 -53.44 88.82 -3.87
N GLY I 416 -52.69 88.56 -4.93
CA GLY I 416 -51.76 89.51 -5.49
C GLY I 416 -50.39 89.53 -4.85
N ASP I 417 -50.13 88.65 -3.89
CA ASP I 417 -48.83 88.60 -3.20
C ASP I 417 -47.93 87.62 -3.95
N LEU I 418 -47.30 88.11 -5.02
CA LEU I 418 -46.38 87.28 -5.79
C LEU I 418 -45.10 86.99 -5.02
N ARG I 419 -44.61 87.97 -4.25
CA ARG I 419 -43.40 87.76 -3.46
C ARG I 419 -43.64 86.75 -2.35
N THR I 420 -44.80 86.82 -1.70
CA THR I 420 -45.14 85.84 -0.67
C THR I 420 -45.33 84.44 -1.26
N ALA I 421 -45.91 84.36 -2.46
CA ALA I 421 -46.04 83.09 -3.14
C ALA I 421 -44.68 82.50 -3.50
N ARG I 422 -43.75 83.34 -3.96
CA ARG I 422 -42.40 82.88 -4.27
C ARG I 422 -41.67 82.43 -3.01
N ILE I 423 -41.86 83.15 -1.90
CA ILE I 423 -41.25 82.76 -0.63
C ILE I 423 -41.81 81.43 -0.14
N ILE I 424 -43.12 81.23 -0.30
CA ILE I 424 -43.74 79.97 0.11
C ILE I 424 -43.26 78.82 -0.77
N MET I 425 -43.08 79.08 -2.08
CA MET I 425 -42.56 78.06 -2.97
C MET I 425 -41.11 77.70 -2.63
N GLU I 426 -40.31 78.71 -2.28
CA GLU I 426 -38.93 78.45 -1.87
C GLU I 426 -38.87 77.68 -0.55
N LYS I 427 -39.78 77.99 0.37
CA LYS I 427 -39.83 77.25 1.63
C LYS I 427 -40.27 75.81 1.42
N ALA I 428 -41.22 75.59 0.51
CA ALA I 428 -41.65 74.23 0.19
C ALA I 428 -40.55 73.46 -0.53
N VAL I 429 -39.78 74.13 -1.38
CA VAL I 429 -38.65 73.48 -2.04
C VAL I 429 -37.56 73.15 -1.04
N LYS I 430 -37.42 73.95 0.01
CA LYS I 430 -36.44 73.69 1.06
C LYS I 430 -36.94 72.72 2.11
N VAL I 431 -38.16 72.24 2.00
CA VAL I 431 -38.76 71.28 2.91
C VAL I 431 -38.47 69.88 2.38
N PRO I 432 -37.76 69.03 3.11
CA PRO I 432 -37.40 67.69 2.60
C PRO I 432 -38.57 66.70 2.65
N PHE I 433 -39.40 66.76 1.61
CA PHE I 433 -40.54 65.86 1.49
C PHE I 433 -40.06 64.44 1.19
N LYS I 434 -40.95 63.47 1.45
CA LYS I 434 -40.59 62.07 1.24
C LYS I 434 -40.51 61.75 -0.25
N SER I 435 -41.48 62.22 -1.04
CA SER I 435 -41.53 61.92 -2.46
C SER I 435 -40.84 63.02 -3.26
N VAL I 436 -39.88 62.62 -4.10
CA VAL I 436 -39.24 63.56 -5.01
C VAL I 436 -40.21 64.05 -6.08
N ASN I 437 -41.20 63.24 -6.43
CA ASN I 437 -42.22 63.68 -7.38
C ASN I 437 -43.05 64.83 -6.83
N GLU I 438 -43.24 64.88 -5.52
CA GLU I 438 -43.93 66.02 -4.91
C GLU I 438 -43.14 67.31 -5.09
N LEU I 439 -41.81 67.24 -4.89
CA LEU I 439 -40.97 68.42 -5.11
C LEU I 439 -40.93 68.81 -6.58
N ALA I 440 -40.93 67.81 -7.47
CA ALA I 440 -40.98 68.09 -8.91
C ALA I 440 -42.29 68.77 -9.29
N ASP I 441 -43.40 68.32 -8.70
CA ASP I 441 -44.69 68.95 -8.96
C ASP I 441 -44.74 70.36 -8.40
N MET I 442 -44.13 70.59 -7.23
CA MET I 442 -44.07 71.95 -6.68
C MET I 442 -43.25 72.87 -7.57
N TRP I 443 -42.11 72.38 -8.08
CA TRP I 443 -41.30 73.17 -9.00
C TRP I 443 -42.03 73.44 -10.30
N ILE I 444 -42.79 72.46 -10.80
CA ILE I 444 -43.56 72.65 -12.02
C ILE I 444 -44.68 73.66 -11.80
N GLU I 445 -45.30 73.64 -10.61
CA GLU I 445 -46.33 74.63 -10.30
C GLU I 445 -45.75 76.03 -10.20
N TRP I 446 -44.56 76.15 -9.60
CA TRP I 446 -43.89 77.45 -9.54
C TRP I 446 -43.53 77.96 -10.93
N ALA I 447 -43.05 77.06 -11.80
CA ALA I 447 -42.73 77.43 -13.18
C ALA I 447 -43.99 77.83 -13.95
N GLU I 448 -45.11 77.13 -13.72
CA GLU I 448 -46.36 77.48 -14.37
C GLU I 448 -46.87 78.84 -13.88
N MET I 449 -46.73 79.13 -12.59
CA MET I 449 -47.12 80.44 -12.07
C MET I 449 -46.24 81.54 -12.65
N GLU I 450 -44.95 81.28 -12.80
CA GLU I 450 -44.05 82.25 -13.42
C GLU I 450 -44.40 82.48 -14.88
N LEU I 451 -44.73 81.40 -15.61
CA LEU I 451 -45.12 81.52 -17.02
C LEU I 451 -46.44 82.28 -17.16
N ARG I 452 -47.39 82.05 -16.25
CA ARG I 452 -48.61 82.84 -16.25
C ARG I 452 -48.37 84.29 -15.83
N ASN I 453 -47.28 84.55 -15.11
CA ASN I 453 -46.90 85.90 -14.73
C ASN I 453 -45.94 86.54 -15.74
N LYS I 454 -45.90 86.02 -16.97
CA LYS I 454 -45.05 86.53 -18.07
C LYS I 454 -43.58 86.51 -17.69
N ASN I 455 -43.16 85.42 -17.05
CA ASN I 455 -41.77 85.22 -16.62
C ASN I 455 -41.29 83.84 -17.03
N PHE I 456 -41.48 83.52 -18.33
CA PHE I 456 -41.10 82.21 -18.85
C PHE I 456 -39.60 81.99 -18.77
N ASP I 457 -38.80 83.05 -18.97
CA ASP I 457 -37.36 82.95 -18.78
C ASP I 457 -37.02 82.67 -17.32
N GLU I 458 -37.72 83.34 -16.40
CA GLU I 458 -37.52 83.07 -14.98
C GLU I 458 -37.97 81.66 -14.61
N ALA I 459 -39.05 81.18 -15.24
CA ALA I 459 -39.50 79.81 -15.02
C ALA I 459 -38.47 78.79 -15.51
N VAL I 460 -37.86 79.05 -16.66
CA VAL I 460 -36.82 78.17 -17.19
C VAL I 460 -35.58 78.20 -16.29
N ARG I 461 -35.24 79.39 -15.77
CA ARG I 461 -34.12 79.50 -14.84
C ARG I 461 -34.38 78.73 -13.55
N ILE I 462 -35.62 78.82 -13.03
CA ILE I 462 -35.97 78.09 -11.82
C ILE I 462 -35.97 76.59 -12.06
N MET I 463 -36.42 76.16 -13.24
CA MET I 463 -36.40 74.74 -13.58
C MET I 463 -34.97 74.23 -13.73
N ALA I 464 -34.08 75.04 -14.30
CA ALA I 464 -32.67 74.65 -14.41
C ALA I 464 -32.01 74.62 -13.04
N LYS I 465 -32.37 75.55 -12.16
CA LYS I 465 -31.82 75.55 -10.81
C LYS I 465 -32.33 74.35 -9.99
N ALA I 466 -33.57 73.93 -10.22
CA ALA I 466 -34.09 72.76 -9.55
C ALA I 466 -33.38 71.49 -10.01
N THR I 467 -33.13 71.36 -11.31
CA THR I 467 -32.40 70.23 -11.86
C THR I 467 -30.94 70.60 -12.06
N GLN I 468 -30.28 70.90 -10.95
CA GLN I 468 -28.88 71.30 -10.93
C GLN I 468 -28.07 70.25 -10.19
N ALA I 469 -27.02 69.75 -10.84
CA ALA I 469 -26.16 68.72 -10.24
C ALA I 469 -24.83 68.77 -10.95
N PRO I 470 -23.88 67.92 -10.55
CA PRO I 470 -22.57 67.90 -11.22
C PRO I 470 -22.63 67.22 -12.58
N LYS I 471 -21.48 67.13 -13.26
CA LYS I 471 -21.44 66.53 -14.58
C LYS I 471 -21.58 65.02 -14.55
N ARG I 472 -21.31 64.38 -13.42
CA ARG I 472 -21.34 62.92 -13.29
C ARG I 472 -22.18 62.51 -12.08
N SER I 473 -23.35 63.10 -11.94
CA SER I 473 -24.25 62.76 -10.84
C SER I 473 -24.81 61.36 -11.03
N THR I 474 -24.64 60.51 -10.01
CA THR I 474 -25.06 59.11 -10.09
C THR I 474 -25.92 58.69 -8.91
N VAL I 475 -26.55 59.65 -8.23
CA VAL I 475 -27.40 59.34 -7.08
C VAL I 475 -28.71 58.74 -7.58
N ASP I 476 -29.08 57.58 -7.02
CA ASP I 476 -30.31 56.92 -7.38
C ASP I 476 -31.50 57.60 -6.73
N TYR I 477 -32.52 57.90 -7.52
CA TYR I 477 -33.71 58.56 -6.99
C TYR I 477 -34.54 57.62 -6.13
N PHE I 478 -34.46 56.31 -6.37
CA PHE I 478 -35.21 55.33 -5.61
C PHE I 478 -34.56 55.00 -4.26
N ASP I 479 -33.35 55.48 -4.00
CA ASP I 479 -32.67 55.23 -2.73
C ASP I 479 -33.27 56.12 -1.66
N GLU I 480 -33.83 55.49 -0.62
CA GLU I 480 -34.45 56.23 0.48
C GLU I 480 -33.45 56.54 1.58
N SER I 481 -32.33 57.17 1.21
CA SER I 481 -31.30 57.59 2.15
C SER I 481 -30.95 59.06 2.00
N LEU I 482 -30.95 59.59 0.78
CA LEU I 482 -30.68 60.99 0.53
C LEU I 482 -31.97 61.80 0.52
N SER I 483 -31.82 63.11 0.64
CA SER I 483 -32.98 63.99 0.63
C SER I 483 -33.59 64.07 -0.78
N PRO I 484 -34.88 64.39 -0.88
CA PRO I 484 -35.50 64.54 -2.21
C PRO I 484 -34.94 65.69 -3.02
N GLN I 485 -34.38 66.72 -2.37
CA GLN I 485 -33.74 67.80 -3.11
C GLN I 485 -32.46 67.33 -3.79
N GLN I 486 -31.68 66.49 -3.10
CA GLN I 486 -30.48 65.93 -3.70
C GLN I 486 -30.84 64.94 -4.81
N ARG I 487 -31.86 64.12 -4.59
CA ARG I 487 -32.31 63.15 -5.59
C ARG I 487 -33.42 63.74 -6.46
N VAL I 488 -33.16 64.91 -7.04
CA VAL I 488 -34.11 65.58 -7.93
C VAL I 488 -33.56 65.78 -9.33
N HIS I 489 -32.26 65.61 -9.54
CA HIS I 489 -31.68 65.77 -10.88
C HIS I 489 -32.10 64.65 -11.83
N LYS I 490 -32.43 63.48 -11.30
CA LYS I 490 -32.86 62.34 -12.12
C LYS I 490 -34.37 62.27 -12.26
N SER I 491 -35.06 63.40 -12.16
CA SER I 491 -36.51 63.44 -12.29
C SER I 491 -36.88 63.56 -13.77
N TRP I 492 -37.55 62.55 -14.31
CA TRP I 492 -37.94 62.57 -15.71
C TRP I 492 -39.04 63.58 -15.97
N LYS I 493 -39.95 63.78 -15.02
CA LYS I 493 -41.04 64.73 -15.20
C LYS I 493 -40.53 66.16 -15.23
N LEU I 494 -39.62 66.51 -14.31
CA LEU I 494 -39.05 67.85 -14.29
C LEU I 494 -38.20 68.12 -15.54
N TRP I 495 -37.44 67.13 -15.98
CA TRP I 495 -36.65 67.28 -17.21
C TRP I 495 -37.54 67.44 -18.42
N SER I 496 -38.64 66.67 -18.48
CA SER I 496 -39.58 66.81 -19.59
C SER I 496 -40.26 68.17 -19.59
N PHE I 497 -40.63 68.67 -18.41
CA PHE I 497 -41.23 69.99 -18.31
C PHE I 497 -40.25 71.08 -18.72
N TYR I 498 -38.98 70.95 -18.31
CA TYR I 498 -37.97 71.92 -18.71
C TYR I 498 -37.72 71.89 -20.21
N VAL I 499 -37.70 70.69 -20.80
CA VAL I 499 -37.50 70.57 -22.25
C VAL I 499 -38.69 71.15 -23.00
N ASP I 500 -39.91 70.92 -22.52
CA ASP I 500 -41.09 71.49 -23.16
C ASP I 500 -41.12 73.01 -23.04
N LEU I 501 -40.67 73.54 -21.90
CA LEU I 501 -40.61 74.99 -21.73
C LEU I 501 -39.55 75.62 -22.63
N VAL I 502 -38.38 74.98 -22.73
CA VAL I 502 -37.30 75.54 -23.54
C VAL I 502 -37.49 75.28 -25.03
N GLU I 503 -38.39 74.38 -25.41
CA GLU I 503 -38.60 74.08 -26.83
C GLU I 503 -39.26 75.25 -27.55
N SER I 504 -40.24 75.89 -26.92
CA SER I 504 -40.99 76.99 -27.52
C SER I 504 -40.52 78.36 -27.04
N THR I 505 -39.42 78.43 -26.29
CA THR I 505 -38.90 79.69 -25.80
C THR I 505 -37.49 80.00 -26.25
N SER I 506 -36.67 78.99 -26.54
CA SER I 506 -35.29 79.17 -26.96
C SER I 506 -35.08 78.56 -28.35
N SER I 507 -33.84 78.66 -28.83
CA SER I 507 -33.49 78.18 -30.16
C SER I 507 -33.10 76.70 -30.08
N LEU I 508 -32.55 76.17 -31.18
CA LEU I 508 -32.17 74.77 -31.22
C LEU I 508 -30.92 74.47 -30.42
N GLU I 509 -30.08 75.48 -30.18
CA GLU I 509 -28.85 75.27 -29.41
C GLU I 509 -29.17 74.93 -27.95
N GLU I 510 -30.10 75.65 -27.34
CA GLU I 510 -30.49 75.34 -25.97
C GLU I 510 -31.23 74.01 -25.87
N THR I 511 -32.02 73.66 -26.89
CA THR I 511 -32.66 72.35 -26.93
C THR I 511 -31.63 71.24 -27.03
N ARG I 512 -30.60 71.42 -27.85
CA ARG I 512 -29.53 70.43 -27.95
C ARG I 512 -28.76 70.33 -26.64
N LYS I 513 -28.53 71.46 -25.96
CA LYS I 513 -27.86 71.44 -24.67
C LYS I 513 -28.69 70.71 -23.62
N ILE I 514 -30.02 70.92 -23.64
CA ILE I 514 -30.91 70.23 -22.71
C ILE I 514 -30.94 68.73 -22.99
N TYR I 515 -30.93 68.36 -24.28
CA TYR I 515 -30.88 66.95 -24.65
C TYR I 515 -29.58 66.30 -24.21
N GLU I 516 -28.46 67.03 -24.36
CA GLU I 516 -27.17 66.50 -23.90
C GLU I 516 -27.12 66.36 -22.39
N ARG I 517 -27.72 67.31 -21.67
CA ARG I 517 -27.79 67.22 -20.21
C ARG I 517 -28.68 66.07 -19.76
N ILE I 518 -29.76 65.81 -20.49
CA ILE I 518 -30.62 64.67 -20.17
C ILE I 518 -29.91 63.35 -20.46
N PHE I 519 -29.13 63.31 -21.55
CA PHE I 519 -28.38 62.11 -21.88
C PHE I 519 -27.22 61.89 -20.93
N GLU I 520 -26.69 62.96 -20.33
CA GLU I 520 -25.62 62.82 -19.35
C GLU I 520 -26.10 62.15 -18.07
N LEU I 521 -27.35 62.39 -17.67
CA LEU I 521 -27.91 61.76 -16.49
C LEU I 521 -28.45 60.36 -16.76
N ARG I 522 -28.46 59.94 -18.03
CA ARG I 522 -28.94 58.62 -18.46
C ARG I 522 -30.38 58.36 -18.02
N ILE I 523 -31.20 59.40 -18.08
CA ILE I 523 -32.61 59.32 -17.73
C ILE I 523 -33.50 59.51 -18.96
N ALA I 524 -32.97 59.28 -20.16
CA ALA I 524 -33.71 59.47 -21.40
C ALA I 524 -34.16 58.11 -21.92
N THR I 525 -35.47 57.99 -22.15
CA THR I 525 -36.05 56.75 -22.66
C THR I 525 -35.96 56.71 -24.17
N PRO I 526 -36.42 55.64 -24.81
CA PRO I 526 -36.52 55.63 -26.28
C PRO I 526 -37.48 56.68 -26.81
N GLN I 527 -38.52 57.02 -26.05
CA GLN I 527 -39.42 58.10 -26.44
C GLN I 527 -38.69 59.44 -26.42
N THR I 528 -37.76 59.62 -25.47
CA THR I 528 -36.96 60.84 -25.44
C THR I 528 -36.04 60.93 -26.64
N VAL I 529 -35.46 59.80 -27.06
CA VAL I 529 -34.62 59.79 -28.25
C VAL I 529 -35.44 60.05 -29.51
N VAL I 530 -36.67 59.52 -29.55
CA VAL I 530 -37.55 59.79 -30.67
C VAL I 530 -37.95 61.26 -30.72
N ASN I 531 -38.20 61.86 -29.55
CA ASN I 531 -38.51 63.29 -29.49
C ASN I 531 -37.32 64.14 -29.93
N TYR I 532 -36.10 63.74 -29.54
CA TYR I 532 -34.91 64.46 -29.97
C TYR I 532 -34.72 64.34 -31.49
N ALA I 533 -34.97 63.15 -32.05
CA ALA I 533 -34.88 62.98 -33.49
C ALA I 533 -35.94 63.80 -34.22
N ASN I 534 -37.16 63.87 -33.67
CA ASN I 534 -38.20 64.69 -34.27
C ASN I 534 -37.87 66.18 -34.20
N LEU I 535 -37.28 66.62 -33.09
CA LEU I 535 -36.88 68.02 -32.96
C LEU I 535 -35.74 68.34 -33.91
N LEU I 536 -34.83 67.40 -34.14
CA LEU I 536 -33.78 67.60 -35.14
C LEU I 536 -34.36 67.65 -36.55
N GLU I 537 -35.32 66.78 -36.85
CA GLU I 537 -35.93 66.77 -38.18
C GLU I 537 -36.75 68.03 -38.42
N GLU I 538 -37.36 68.59 -37.37
CA GLU I 538 -38.12 69.83 -37.52
C GLU I 538 -37.23 71.03 -37.74
N HIS I 539 -35.94 70.94 -37.43
CA HIS I 539 -34.99 72.03 -37.60
C HIS I 539 -34.12 71.87 -38.83
N HIS I 540 -34.62 71.15 -39.86
CA HIS I 540 -33.92 70.89 -41.12
C HIS I 540 -32.56 70.23 -40.89
N TYR I 541 -32.56 69.20 -40.04
CA TYR I 541 -31.35 68.44 -39.71
C TYR I 541 -31.66 66.96 -39.83
N TYR I 542 -31.06 66.31 -40.82
CA TYR I 542 -31.22 64.87 -41.01
C TYR I 542 -30.04 64.05 -40.52
N GLU I 543 -28.82 64.60 -40.55
CA GLU I 543 -27.68 63.90 -39.99
C GLU I 543 -27.75 63.85 -38.48
N GLU I 544 -28.28 64.91 -37.85
CA GLU I 544 -28.48 64.90 -36.40
C GLU I 544 -29.54 63.90 -35.98
N SER I 545 -30.57 63.70 -36.81
CA SER I 545 -31.56 62.67 -36.54
C SER I 545 -30.93 61.27 -36.60
N PHE I 546 -30.05 61.05 -37.56
CA PHE I 546 -29.32 59.78 -37.64
C PHE I 546 -28.40 59.60 -36.43
N LYS I 547 -27.78 60.68 -35.97
CA LYS I 547 -26.94 60.61 -34.78
C LYS I 547 -27.76 60.28 -33.54
N ILE I 548 -28.95 60.86 -33.42
CA ILE I 548 -29.83 60.56 -32.29
C ILE I 548 -30.33 59.12 -32.35
N TYR I 549 -30.62 58.63 -33.57
CA TYR I 549 -31.02 57.24 -33.73
C TYR I 549 -29.88 56.28 -33.36
N GLU I 550 -28.65 56.63 -33.74
CA GLU I 550 -27.50 55.84 -33.35
C GLU I 550 -27.29 55.86 -31.84
N ARG I 551 -27.56 57.01 -31.20
CA ARG I 551 -27.46 57.08 -29.74
C ARG I 551 -28.51 56.22 -29.07
N GLY I 552 -29.73 56.21 -29.61
CA GLY I 552 -30.76 55.34 -29.07
C GLY I 552 -30.45 53.87 -29.27
N LEU I 553 -29.84 53.52 -30.40
CA LEU I 553 -29.44 52.14 -30.64
C LEU I 553 -28.29 51.71 -29.74
N ASP I 554 -27.32 52.60 -29.50
CA ASP I 554 -26.15 52.24 -28.70
C ASP I 554 -26.48 52.21 -27.21
N LEU I 555 -27.37 53.09 -26.75
CA LEU I 555 -27.69 53.13 -25.32
C LEU I 555 -28.45 51.90 -24.87
N PHE I 556 -29.33 51.37 -25.71
CA PHE I 556 -30.06 50.14 -25.43
C PHE I 556 -30.05 49.29 -26.70
N SER I 557 -29.33 48.16 -26.66
CA SER I 557 -29.05 47.45 -27.90
C SER I 557 -30.20 46.52 -28.32
N TYR I 558 -30.48 45.49 -27.52
CA TYR I 558 -31.32 44.40 -28.01
C TYR I 558 -32.81 44.74 -28.09
N PRO I 559 -33.51 44.84 -26.95
CA PRO I 559 -34.98 44.95 -27.01
C PRO I 559 -35.52 46.35 -27.20
N VAL I 560 -34.87 47.33 -26.57
CA VAL I 560 -35.49 48.65 -26.40
C VAL I 560 -35.25 49.60 -27.56
N ALA I 561 -34.57 49.16 -28.62
CA ALA I 561 -34.36 50.00 -29.78
C ALA I 561 -34.57 49.28 -31.10
N PHE I 562 -35.19 48.10 -31.10
CA PHE I 562 -35.56 47.46 -32.36
C PHE I 562 -36.59 48.29 -33.10
N GLU I 563 -37.56 48.86 -32.38
CA GLU I 563 -38.47 49.83 -32.97
C GLU I 563 -37.73 51.11 -33.35
N LEU I 564 -36.76 51.52 -32.53
CA LEU I 564 -35.92 52.66 -32.89
C LEU I 564 -35.06 52.36 -34.10
N TRP I 565 -34.60 51.10 -34.23
CA TRP I 565 -33.86 50.69 -35.42
C TRP I 565 -34.77 50.72 -36.65
N ASN I 566 -36.04 50.33 -36.49
CA ASN I 566 -36.99 50.41 -37.58
C ASN I 566 -37.24 51.87 -37.99
N LEU I 567 -37.35 52.76 -37.00
CA LEU I 567 -37.52 54.18 -37.30
C LEU I 567 -36.29 54.75 -38.00
N TYR I 568 -35.09 54.32 -37.57
CA TYR I 568 -33.86 54.76 -38.23
C TYR I 568 -33.79 54.24 -39.66
N LEU I 569 -34.25 53.01 -39.89
CA LEU I 569 -34.28 52.46 -41.24
C LEU I 569 -35.27 53.21 -42.12
N THR I 570 -36.42 53.59 -41.55
CA THR I 570 -37.39 54.39 -42.30
C THR I 570 -36.83 55.77 -42.63
N LYS I 571 -36.11 56.38 -41.68
CA LYS I 571 -35.49 57.68 -41.94
C LYS I 571 -34.39 57.57 -43.00
N ALA I 572 -33.63 56.47 -42.99
CA ALA I 572 -32.60 56.27 -44.00
C ALA I 572 -33.21 56.02 -45.37
N VAL I 573 -34.35 55.31 -45.41
CA VAL I 573 -35.05 55.11 -46.68
C VAL I 573 -35.60 56.42 -47.20
N ASP I 574 -36.10 57.28 -46.32
CA ASP I 574 -36.59 58.59 -46.73
C ASP I 574 -35.46 59.57 -47.05
N ARG I 575 -34.23 59.27 -46.60
CA ARG I 575 -33.11 60.18 -46.85
C ARG I 575 -32.37 59.85 -48.14
N LYS I 576 -32.59 58.65 -48.69
CA LYS I 576 -31.92 58.15 -49.89
C LYS I 576 -30.40 58.18 -49.74
N ILE I 577 -29.91 57.51 -48.71
CA ILE I 577 -28.48 57.44 -48.40
C ILE I 577 -27.77 56.56 -49.41
N SER I 578 -26.44 56.61 -49.43
CA SER I 578 -25.65 55.79 -50.34
C SER I 578 -25.79 54.31 -50.01
N ILE I 579 -25.47 53.48 -51.00
CA ILE I 579 -25.72 52.04 -50.88
C ILE I 579 -24.79 51.41 -49.84
N GLU I 580 -23.54 51.87 -49.76
CA GLU I 580 -22.60 51.32 -48.80
C GLU I 580 -23.00 51.64 -47.37
N ARG I 581 -23.38 52.89 -47.11
CA ARG I 581 -23.79 53.29 -45.76
C ARG I 581 -25.09 52.60 -45.35
N LEU I 582 -26.05 52.49 -46.29
CA LEU I 582 -27.30 51.79 -46.00
C LEU I 582 -27.06 50.31 -45.73
N ARG I 583 -26.16 49.69 -46.51
CA ARG I 583 -25.83 48.28 -46.28
C ARG I 583 -25.14 48.08 -44.93
N ASP I 584 -24.25 49.00 -44.56
CA ASP I 584 -23.60 48.92 -43.26
C ASP I 584 -24.60 49.08 -42.12
N LEU I 585 -25.54 50.02 -42.27
CA LEU I 585 -26.57 50.21 -41.25
C LEU I 585 -27.48 49.00 -41.13
N PHE I 586 -27.83 48.39 -42.26
CA PHE I 586 -28.67 47.20 -42.24
C PHE I 586 -27.93 46.01 -41.62
N GLU I 587 -26.63 45.89 -41.89
CA GLU I 587 -25.84 44.83 -41.27
C GLU I 587 -25.70 45.03 -39.78
N GLN I 588 -25.52 46.29 -39.35
CA GLN I 588 -25.41 46.58 -37.93
C GLN I 588 -26.74 46.35 -37.20
N ALA I 589 -27.85 46.70 -37.84
CA ALA I 589 -29.15 46.52 -37.21
C ALA I 589 -29.57 45.06 -37.15
N ILE I 590 -29.11 44.25 -38.09
CA ILE I 590 -29.46 42.84 -38.15
C ILE I 590 -28.32 41.93 -37.69
N THR I 591 -27.36 42.49 -36.94
CA THR I 591 -26.23 41.70 -36.47
C THR I 591 -26.64 40.77 -35.34
N ASP I 592 -27.19 41.32 -34.26
CA ASP I 592 -27.59 40.54 -33.10
C ASP I 592 -29.05 40.79 -32.72
N CYS I 593 -29.89 41.05 -33.72
CA CYS I 593 -31.30 41.31 -33.45
C CYS I 593 -32.04 39.99 -33.18
N PRO I 594 -33.15 40.05 -32.43
CA PRO I 594 -33.95 38.85 -32.22
C PRO I 594 -34.63 38.42 -33.52
N PRO I 595 -34.89 37.13 -33.69
CA PRO I 595 -35.41 36.64 -34.98
C PRO I 595 -36.77 37.19 -35.38
N LYS I 596 -37.63 37.53 -34.39
CA LYS I 596 -38.94 38.10 -34.70
C LYS I 596 -38.81 39.44 -35.40
N PHE I 597 -37.81 40.24 -35.03
CA PHE I 597 -37.49 41.46 -35.76
C PHE I 597 -36.49 41.24 -36.88
N ALA I 598 -35.63 40.21 -36.76
CA ALA I 598 -34.62 39.96 -37.79
C ALA I 598 -35.26 39.48 -39.09
N LYS I 599 -36.41 38.80 -39.02
CA LYS I 599 -37.11 38.41 -40.24
C LYS I 599 -37.55 39.63 -41.05
N VAL I 600 -38.17 40.60 -40.38
CA VAL I 600 -38.60 41.82 -41.06
C VAL I 600 -37.39 42.64 -41.50
N LEU I 601 -36.32 42.65 -40.69
CA LEU I 601 -35.12 43.38 -41.06
C LEU I 601 -34.46 42.78 -42.31
N TYR I 602 -34.42 41.44 -42.39
CA TYR I 602 -33.84 40.78 -43.56
C TYR I 602 -34.71 40.96 -44.79
N LEU I 603 -36.04 40.96 -44.61
CA LEU I 603 -36.94 41.24 -45.73
C LEU I 603 -36.75 42.65 -46.25
N MET I 604 -36.61 43.63 -45.35
CA MET I 604 -36.36 45.01 -45.76
C MET I 604 -35.00 45.15 -46.43
N TYR I 605 -33.99 44.44 -45.91
CA TYR I 605 -32.66 44.48 -46.52
C TYR I 605 -32.67 43.87 -47.92
N GLY I 606 -33.40 42.77 -48.10
CA GLY I 606 -33.52 42.18 -49.43
C GLY I 606 -34.27 43.08 -50.39
N ASN I 607 -35.32 43.75 -49.91
CA ASN I 607 -36.06 44.69 -50.76
C ASN I 607 -35.18 45.87 -51.15
N LEU I 608 -34.37 46.38 -50.22
CA LEU I 608 -33.47 47.49 -50.52
C LEU I 608 -32.35 47.05 -51.47
N GLU I 609 -31.86 45.82 -51.32
CA GLU I 609 -30.84 45.31 -52.23
C GLU I 609 -31.40 45.12 -53.64
N GLU I 610 -32.64 44.64 -53.74
CA GLU I 610 -33.26 44.51 -55.06
C GLU I 610 -33.58 45.87 -55.67
N GLU I 611 -33.96 46.86 -54.85
CA GLU I 611 -34.34 48.16 -55.40
C GLU I 611 -33.11 48.97 -55.83
N ARG I 612 -32.03 48.91 -55.07
CA ARG I 612 -30.85 49.73 -55.30
C ARG I 612 -29.59 48.88 -55.39
N GLY I 613 -29.65 47.83 -56.20
CA GLY I 613 -28.48 46.99 -56.39
C GLY I 613 -28.85 45.73 -57.16
N LEU I 614 -27.89 44.82 -57.22
CA LEU I 614 -28.08 43.55 -57.89
C LEU I 614 -28.98 42.63 -57.07
N ALA I 615 -29.62 41.69 -57.76
CA ALA I 615 -30.48 40.71 -57.10
C ALA I 615 -29.71 39.62 -56.38
N ARG I 616 -28.40 39.50 -56.62
CA ARG I 616 -27.60 38.52 -55.91
C ARG I 616 -27.51 38.83 -54.42
N HIS I 617 -27.41 40.11 -54.06
CA HIS I 617 -27.41 40.49 -52.65
C HIS I 617 -28.74 40.17 -51.99
N ALA I 618 -29.85 40.40 -52.69
CA ALA I 618 -31.16 40.05 -52.16
C ALA I 618 -31.32 38.55 -52.00
N MET I 619 -30.80 37.76 -52.96
CA MET I 619 -30.85 36.31 -52.85
C MET I 619 -30.00 35.81 -51.68
N ARG I 620 -28.82 36.41 -51.48
CA ARG I 620 -27.99 36.04 -50.34
C ARG I 620 -28.64 36.42 -49.02
N ILE I 621 -29.32 37.57 -48.96
CA ILE I 621 -30.03 37.97 -47.77
C ILE I 621 -31.19 37.02 -47.47
N TYR I 622 -31.89 36.59 -48.52
CA TYR I 622 -32.97 35.62 -48.33
C TYR I 622 -32.44 34.27 -47.87
N GLU I 623 -31.30 33.85 -48.40
CA GLU I 623 -30.69 32.59 -47.96
C GLU I 623 -30.22 32.67 -46.52
N ARG I 624 -29.67 33.83 -46.11
CA ARG I 624 -29.28 34.01 -44.72
C ARG I 624 -30.49 34.04 -43.80
N ALA I 625 -31.59 34.66 -44.25
CA ALA I 625 -32.81 34.69 -43.46
C ALA I 625 -33.45 33.32 -43.33
N THR I 626 -33.30 32.47 -44.35
CA THR I 626 -33.84 31.12 -44.28
C THR I 626 -33.12 30.27 -43.23
N ARG I 627 -31.86 30.59 -42.95
CA ARG I 627 -31.08 29.88 -41.94
C ARG I 627 -31.03 30.61 -40.60
N ALA I 628 -31.65 31.80 -40.50
CA ALA I 628 -31.59 32.58 -39.27
C ALA I 628 -32.95 33.16 -38.91
N VAL I 629 -34.02 32.38 -39.06
CA VAL I 629 -35.36 32.81 -38.68
C VAL I 629 -35.94 31.82 -37.69
N ALA I 630 -37.08 32.17 -37.11
CA ALA I 630 -37.77 31.30 -36.18
C ALA I 630 -38.38 30.11 -36.92
N ASP I 631 -38.64 29.04 -36.17
CA ASP I 631 -39.21 27.83 -36.76
C ASP I 631 -40.64 28.03 -37.24
N GLU I 632 -41.38 28.96 -36.63
CA GLU I 632 -42.75 29.23 -37.07
C GLU I 632 -42.77 29.93 -38.44
N ASP I 633 -41.85 30.86 -38.64
CA ASP I 633 -41.79 31.64 -39.87
C ASP I 633 -40.75 31.11 -40.86
N ARG I 634 -40.14 29.96 -40.58
CA ARG I 634 -39.14 29.41 -41.49
C ARG I 634 -39.76 28.97 -42.81
N ALA I 635 -40.92 28.32 -42.75
CA ALA I 635 -41.60 27.88 -43.97
C ALA I 635 -42.09 29.07 -44.79
N ASP I 636 -42.62 30.10 -44.12
CA ASP I 636 -43.06 31.31 -44.81
C ASP I 636 -41.89 32.04 -45.45
N MET I 637 -40.75 32.10 -44.76
CA MET I 637 -39.55 32.73 -45.32
C MET I 637 -39.03 31.94 -46.52
N PHE I 638 -39.07 30.61 -46.44
CA PHE I 638 -38.64 29.78 -47.56
C PHE I 638 -39.56 29.96 -48.77
N ASN I 639 -40.88 30.03 -48.52
CA ASN I 639 -41.83 30.26 -49.60
C ASN I 639 -41.64 31.63 -50.23
N PHE I 640 -41.39 32.66 -49.41
CA PHE I 640 -41.14 33.99 -49.94
C PHE I 640 -39.85 34.05 -50.75
N TYR I 641 -38.80 33.35 -50.28
CA TYR I 641 -37.55 33.29 -51.03
C TYR I 641 -37.73 32.56 -52.36
N ILE I 642 -38.51 31.48 -52.36
CA ILE I 642 -38.79 30.75 -53.60
C ILE I 642 -39.58 31.62 -54.58
N THR I 643 -40.57 32.37 -54.06
CA THR I 643 -41.35 33.26 -54.91
C THR I 643 -40.48 34.38 -55.49
N LYS I 644 -39.58 34.94 -54.67
CA LYS I 644 -38.68 35.99 -55.15
C LYS I 644 -37.70 35.45 -56.19
N SER I 645 -37.22 34.22 -55.99
CA SER I 645 -36.32 33.61 -56.96
C SER I 645 -37.04 33.31 -58.27
N ALA I 646 -38.31 32.90 -58.19
CA ALA I 646 -39.08 32.67 -59.40
C ALA I 646 -39.43 33.97 -60.12
N SER I 647 -39.65 35.04 -59.38
CA SER I 647 -39.99 36.32 -60.00
C SER I 647 -38.76 36.97 -60.63
N ASN I 648 -37.62 36.94 -59.94
CA ASN I 648 -36.44 37.64 -60.40
C ASN I 648 -35.50 36.78 -61.26
N PHE I 649 -35.66 35.47 -61.23
CA PHE I 649 -34.79 34.58 -61.99
C PHE I 649 -35.61 33.35 -62.41
N GLY I 650 -34.92 32.29 -62.83
CA GLY I 650 -35.60 31.10 -63.26
C GLY I 650 -36.15 30.29 -62.10
N LEU I 651 -37.09 29.39 -62.44
CA LEU I 651 -37.69 28.54 -61.42
C LEU I 651 -36.76 27.39 -61.05
N ALA I 652 -35.76 27.10 -61.88
CA ALA I 652 -34.82 26.03 -61.58
C ALA I 652 -33.87 26.42 -60.44
N SER I 653 -33.66 27.72 -60.22
CA SER I 653 -32.81 28.18 -59.14
C SER I 653 -33.37 27.85 -57.77
N THR I 654 -34.69 27.71 -57.66
CA THR I 654 -35.31 27.26 -56.41
C THR I 654 -35.33 25.74 -56.29
N ARG I 655 -34.83 25.02 -57.30
CA ARG I 655 -34.79 23.56 -57.22
C ARG I 655 -33.85 23.06 -56.12
N PRO I 656 -32.63 23.58 -55.98
CA PRO I 656 -31.76 23.09 -54.89
C PRO I 656 -32.13 23.68 -53.54
N ILE I 657 -32.60 24.93 -53.51
CA ILE I 657 -32.95 25.59 -52.25
C ILE I 657 -34.12 24.87 -51.59
N TYR I 658 -35.11 24.45 -52.37
CA TYR I 658 -36.18 23.61 -51.86
C TYR I 658 -35.62 22.28 -51.35
N GLU I 659 -34.60 21.75 -52.04
CA GLU I 659 -33.88 20.60 -51.52
C GLU I 659 -33.21 20.93 -50.19
N ARG I 660 -32.66 22.15 -50.07
CA ARG I 660 -32.20 22.64 -48.78
C ARG I 660 -33.35 22.76 -47.80
N ALA I 661 -34.54 23.13 -48.29
CA ALA I 661 -35.73 23.13 -47.44
C ALA I 661 -36.12 21.71 -47.04
N ILE I 662 -35.67 20.71 -47.79
CA ILE I 662 -35.85 19.33 -47.37
C ILE I 662 -35.00 19.02 -46.14
N ALA I 663 -33.85 19.70 -46.01
CA ALA I 663 -32.92 19.41 -44.93
C ALA I 663 -33.03 20.37 -43.75
N THR I 664 -33.93 21.35 -43.81
CA THR I 664 -34.01 22.36 -42.77
C THR I 664 -35.40 22.51 -42.16
N LEU I 665 -36.46 22.30 -42.94
CA LEU I 665 -37.80 22.55 -42.47
C LEU I 665 -38.28 21.44 -41.53
N PRO I 666 -39.32 21.71 -40.74
CA PRO I 666 -39.89 20.66 -39.88
C PRO I 666 -40.68 19.62 -40.69
N ASP I 667 -41.20 18.60 -40.02
CA ASP I 667 -41.75 17.43 -40.72
C ASP I 667 -42.95 17.79 -41.58
N ASN I 668 -43.92 18.52 -41.02
CA ASN I 668 -45.04 19.00 -41.82
C ASN I 668 -44.59 20.05 -42.82
N GLU I 669 -43.66 20.91 -42.43
CA GLU I 669 -43.12 21.91 -43.34
C GLU I 669 -42.33 21.26 -44.48
N ALA I 670 -41.54 20.23 -44.17
CA ALA I 670 -40.83 19.52 -45.24
C ALA I 670 -41.78 18.73 -46.12
N ARG I 671 -42.89 18.22 -45.57
CA ARG I 671 -43.89 17.57 -46.39
C ARG I 671 -44.54 18.55 -47.36
N ASP I 672 -44.88 19.76 -46.87
CA ASP I 672 -45.45 20.78 -47.75
C ASP I 672 -44.45 21.24 -48.80
N MET I 673 -43.18 21.39 -48.42
CA MET I 673 -42.14 21.77 -49.36
C MET I 673 -41.92 20.70 -50.42
N CYS I 674 -41.97 19.42 -50.01
CA CYS I 674 -41.82 18.32 -50.96
C CYS I 674 -43.01 18.26 -51.91
N LEU I 675 -44.23 18.53 -51.41
CA LEU I 675 -45.39 18.59 -52.28
C LEU I 675 -45.28 19.72 -53.29
N LYS I 676 -44.81 20.90 -52.84
CA LYS I 676 -44.63 22.02 -53.75
C LYS I 676 -43.55 21.74 -54.79
N PHE I 677 -42.45 21.10 -54.37
CA PHE I 677 -41.38 20.76 -55.30
C PHE I 677 -41.83 19.70 -56.29
N ALA I 678 -42.65 18.73 -55.86
CA ALA I 678 -43.18 17.74 -56.77
C ALA I 678 -44.14 18.37 -57.77
N ASP I 679 -44.96 19.32 -57.32
CA ASP I 679 -45.83 20.03 -58.26
C ASP I 679 -45.03 20.85 -59.26
N MET I 680 -43.95 21.51 -58.80
CA MET I 680 -43.09 22.27 -59.70
C MET I 680 -42.39 21.37 -60.71
N GLU I 681 -41.95 20.18 -60.26
CA GLU I 681 -41.28 19.25 -61.17
C GLU I 681 -42.26 18.65 -62.18
N LYS I 682 -43.51 18.42 -61.74
CA LYS I 682 -44.54 17.94 -62.67
C LYS I 682 -44.89 19.00 -63.70
N ARG I 683 -44.92 20.28 -63.27
CA ARG I 683 -45.13 21.36 -64.22
C ARG I 683 -43.96 21.49 -65.19
N LEU I 684 -42.74 21.32 -64.70
CA LEU I 684 -41.57 21.39 -65.57
C LEU I 684 -41.43 20.14 -66.43
N GLY I 685 -41.87 18.99 -65.93
CA GLY I 685 -41.81 17.74 -66.67
C GLY I 685 -40.93 16.68 -66.03
N GLU I 686 -40.29 16.97 -64.90
CA GLU I 686 -39.44 15.98 -64.21
C GLU I 686 -40.34 15.01 -63.47
N ILE I 687 -40.79 13.99 -64.20
CA ILE I 687 -41.68 12.99 -63.61
C ILE I 687 -40.95 12.12 -62.60
N ASP I 688 -39.71 11.73 -62.93
CA ASP I 688 -38.93 10.88 -62.03
C ASP I 688 -38.56 11.61 -60.75
N ARG I 689 -38.18 12.89 -60.85
CA ARG I 689 -37.86 13.68 -59.66
C ARG I 689 -39.10 13.90 -58.80
N ALA I 690 -40.25 14.15 -59.42
CA ALA I 690 -41.49 14.30 -58.67
C ALA I 690 -41.90 13.00 -57.98
N ARG I 691 -41.71 11.87 -58.66
CA ARG I 691 -41.99 10.57 -58.05
C ARG I 691 -41.06 10.29 -56.87
N ALA I 692 -39.78 10.64 -57.01
CA ALA I 692 -38.83 10.47 -55.91
C ALA I 692 -39.18 11.37 -54.73
N ILE I 693 -39.62 12.60 -55.00
CA ILE I 693 -40.03 13.51 -53.93
C ILE I 693 -41.27 12.99 -53.23
N TYR I 694 -42.23 12.45 -54.00
CA TYR I 694 -43.43 11.87 -53.41
C TYR I 694 -43.09 10.63 -52.57
N GLY I 695 -42.14 9.82 -53.03
CA GLY I 695 -41.71 8.67 -52.25
C GLY I 695 -41.00 9.08 -50.96
N HIS I 696 -40.20 10.15 -51.02
CA HIS I 696 -39.56 10.66 -49.82
C HIS I 696 -40.59 11.22 -48.83
N ALA I 697 -41.61 11.90 -49.35
CA ALA I 697 -42.67 12.42 -48.49
C ALA I 697 -43.47 11.29 -47.86
N SER I 698 -43.73 10.22 -48.62
CA SER I 698 -44.42 9.05 -48.07
C SER I 698 -43.56 8.32 -47.05
N GLN I 699 -42.24 8.34 -47.23
CA GLN I 699 -41.36 7.74 -46.24
C GLN I 699 -41.24 8.62 -44.99
N PHE I 700 -41.49 9.91 -45.13
CA PHE I 700 -41.36 10.86 -44.02
C PHE I 700 -42.72 11.22 -43.42
N CYS I 701 -43.75 10.42 -43.70
CA CYS I 701 -45.08 10.66 -43.15
C CYS I 701 -45.82 9.35 -43.05
N ASP I 702 -46.55 9.16 -41.94
CA ASP I 702 -47.31 7.95 -41.74
C ASP I 702 -48.51 7.91 -42.68
N PRO I 703 -48.95 6.72 -43.10
CA PRO I 703 -50.11 6.66 -44.00
C PRO I 703 -51.43 6.98 -43.31
N ARG I 704 -51.63 6.47 -42.09
CA ARG I 704 -52.87 6.76 -41.37
C ARG I 704 -52.89 8.17 -40.80
N THR I 705 -51.72 8.80 -40.64
CA THR I 705 -51.64 10.16 -40.10
C THR I 705 -51.56 11.24 -41.16
N ASN I 706 -51.20 10.89 -42.39
CA ASN I 706 -51.12 11.84 -43.50
C ASN I 706 -51.85 11.27 -44.71
N PRO I 707 -53.17 11.15 -44.62
CA PRO I 707 -53.94 10.67 -45.78
C PRO I 707 -53.99 11.65 -46.94
N GLU I 708 -53.84 12.95 -46.67
CA GLU I 708 -53.85 13.93 -47.75
C GLU I 708 -52.63 13.79 -48.64
N PHE I 709 -51.46 13.51 -48.04
CA PHE I 709 -50.25 13.27 -48.82
C PHE I 709 -50.37 12.02 -49.68
N TRP I 710 -50.97 10.96 -49.13
CA TRP I 710 -51.19 9.74 -49.90
C TRP I 710 -52.18 9.98 -51.04
N ALA I 711 -53.23 10.77 -50.79
CA ALA I 711 -54.18 11.11 -51.84
C ALA I 711 -53.53 11.94 -52.94
N LYS I 712 -52.67 12.89 -52.56
CA LYS I 712 -51.95 13.69 -53.56
C LYS I 712 -50.99 12.82 -54.36
N TRP I 713 -50.32 11.87 -53.71
CA TRP I 713 -49.44 10.95 -54.43
C TRP I 713 -50.21 10.06 -55.39
N GLU I 714 -51.40 9.60 -54.97
CA GLU I 714 -52.24 8.78 -55.85
C GLU I 714 -52.75 9.60 -57.04
N GLN I 715 -53.10 10.87 -56.81
CA GLN I 715 -53.53 11.75 -57.89
C GLN I 715 -52.38 12.01 -58.86
N PHE I 716 -51.16 12.19 -58.34
CA PHE I 716 -50.01 12.37 -59.21
C PHE I 716 -49.69 11.11 -60.01
N GLU I 717 -49.85 9.93 -59.38
CA GLU I 717 -49.64 8.67 -60.09
C GLU I 717 -50.70 8.45 -61.17
N VAL I 718 -51.94 8.88 -60.91
CA VAL I 718 -52.97 8.83 -61.94
C VAL I 718 -52.64 9.80 -63.07
N GLN I 719 -52.16 10.99 -62.73
CA GLN I 719 -51.75 11.95 -63.75
C GLN I 719 -50.46 11.51 -64.45
N HIS I 720 -49.55 10.87 -63.71
CA HIS I 720 -48.28 10.44 -64.27
C HIS I 720 -47.80 9.22 -63.49
N GLY I 721 -47.97 8.04 -64.07
CA GLY I 721 -47.58 6.80 -63.43
C GLY I 721 -48.34 5.61 -63.95
N ASN I 722 -47.66 4.47 -64.11
CA ASN I 722 -48.27 3.29 -64.69
C ASN I 722 -48.84 2.38 -63.61
N GLU I 723 -49.29 1.20 -64.03
CA GLU I 723 -49.79 0.21 -63.08
C GLU I 723 -48.67 -0.36 -62.21
N ASP I 724 -47.46 -0.48 -62.77
CA ASP I 724 -46.30 -0.86 -61.96
C ASP I 724 -45.97 0.23 -60.96
N THR I 725 -46.08 1.50 -61.36
CA THR I 725 -45.90 2.60 -60.42
C THR I 725 -46.98 2.61 -59.36
N PHE I 726 -48.21 2.27 -59.73
CA PHE I 726 -49.29 2.18 -58.74
C PHE I 726 -49.03 1.04 -57.74
N LYS I 727 -48.52 -0.09 -58.23
CA LYS I 727 -48.17 -1.20 -57.34
C LYS I 727 -47.02 -0.83 -56.42
N GLU I 728 -46.04 -0.09 -56.93
CA GLU I 728 -44.93 0.38 -56.10
C GLU I 728 -45.42 1.37 -55.04
N MET I 729 -46.36 2.25 -55.41
CA MET I 729 -46.94 3.18 -54.44
C MET I 729 -47.74 2.44 -53.38
N LEU I 730 -48.48 1.39 -53.77
CA LEU I 730 -49.21 0.59 -52.80
C LEU I 730 -48.26 -0.14 -51.86
N ARG I 731 -47.14 -0.66 -52.39
CA ARG I 731 -46.15 -1.30 -51.55
C ARG I 731 -45.51 -0.31 -50.58
N VAL I 732 -45.26 0.92 -51.05
CA VAL I 732 -44.70 1.95 -50.18
C VAL I 732 -45.68 2.33 -49.09
N LYS I 733 -46.97 2.41 -49.44
CA LYS I 733 -48.00 2.70 -48.44
C LYS I 733 -48.11 1.57 -47.41
N ARG I 734 -48.00 0.32 -47.86
CA ARG I 734 -48.02 -0.82 -46.94
C ARG I 734 -46.80 -0.79 -46.03
N SER I 735 -45.64 -0.43 -46.57
CA SER I 735 -44.43 -0.32 -45.75
C SER I 735 -44.56 0.81 -44.73
N VAL I 736 -45.17 1.93 -45.12
CA VAL I 736 -45.38 3.04 -44.19
C VAL I 736 -46.36 2.65 -43.11
N GLN I 737 -47.40 1.88 -43.46
CA GLN I 737 -48.36 1.40 -42.46
C GLN I 737 -47.71 0.42 -41.50
N ALA I 738 -46.82 -0.44 -42.01
CA ALA I 738 -46.10 -1.37 -41.14
C ALA I 738 -45.13 -0.64 -40.22
N LYS I 739 -44.49 0.42 -40.73
CA LYS I 739 -43.59 1.22 -39.90
C LYS I 739 -44.36 2.00 -38.84
N TYR I 740 -45.57 2.46 -39.16
CA TYR I 740 -46.39 3.19 -38.21
C TYR I 740 -47.07 2.27 -37.20
N ASN I 741 -47.02 0.96 -37.40
CA ASN I 741 -47.64 0.02 -36.47
C ASN I 741 -46.60 -0.59 -35.53
N ASN J 12 -59.82 -27.40 -21.03
CA ASN J 12 -59.94 -26.06 -21.61
C ASN J 12 -58.59 -25.63 -22.19
N LYS J 13 -58.32 -26.07 -23.41
CA LYS J 13 -57.01 -25.90 -24.03
C LYS J 13 -56.92 -24.65 -24.92
N ALA J 14 -57.88 -23.74 -24.81
CA ALA J 14 -57.79 -22.48 -25.55
C ALA J 14 -56.69 -21.61 -24.95
N PRO J 15 -56.09 -20.73 -25.75
CA PRO J 15 -55.08 -19.81 -25.23
C PRO J 15 -55.62 -18.92 -24.11
N ALA J 16 -54.79 -18.69 -23.10
CA ALA J 16 -55.18 -17.83 -22.00
C ALA J 16 -55.18 -16.37 -22.45
N PRO J 17 -56.14 -15.57 -21.99
CA PRO J 17 -56.15 -14.15 -22.38
C PRO J 17 -54.99 -13.35 -21.83
N ILE J 18 -54.55 -13.64 -20.61
CA ILE J 18 -53.41 -12.96 -20.00
C ILE J 18 -52.21 -13.89 -20.15
N GLN J 19 -51.41 -13.66 -21.19
CA GLN J 19 -50.24 -14.48 -21.43
C GLN J 19 -49.10 -14.06 -20.50
N ILE J 20 -48.47 -15.06 -19.87
CA ILE J 20 -47.40 -14.79 -18.92
C ILE J 20 -46.16 -14.33 -19.68
N SER J 21 -45.47 -13.33 -19.12
CA SER J 21 -44.22 -12.83 -19.68
C SER J 21 -43.13 -12.88 -18.62
N ALA J 22 -41.90 -12.56 -19.02
CA ALA J 22 -40.76 -12.63 -18.11
C ALA J 22 -40.81 -11.52 -17.06
N GLU J 23 -41.26 -10.34 -17.44
CA GLU J 23 -41.37 -9.24 -16.47
C GLU J 23 -42.43 -9.52 -15.43
N GLN J 24 -43.42 -10.36 -15.74
CA GLN J 24 -44.33 -10.85 -14.71
C GLN J 24 -43.58 -11.65 -13.65
N LEU J 25 -42.72 -12.58 -14.10
CA LEU J 25 -41.88 -13.34 -13.18
C LEU J 25 -40.98 -12.42 -12.37
N LEU J 26 -40.51 -11.33 -12.98
CA LEU J 26 -39.74 -10.34 -12.23
C LEU J 26 -40.60 -9.61 -11.19
N ARG J 27 -41.88 -9.37 -11.51
CA ARG J 27 -42.75 -8.69 -10.55
C ARG J 27 -43.06 -9.54 -9.33
N GLU J 28 -43.37 -10.83 -9.49
CA GLU J 28 -43.43 -11.64 -8.27
C GLU J 28 -42.06 -12.06 -7.74
N ALA J 29 -40.97 -11.79 -8.46
CA ALA J 29 -39.66 -11.98 -7.87
C ALA J 29 -39.30 -10.84 -6.91
N VAL J 30 -39.71 -9.62 -7.24
CA VAL J 30 -39.41 -8.47 -6.38
C VAL J 30 -40.19 -8.54 -5.08
N ASP J 31 -41.49 -8.84 -5.16
CA ASP J 31 -42.39 -8.74 -4.01
C ASP J 31 -42.19 -9.85 -3.00
N ARG J 32 -41.46 -10.91 -3.34
CA ARG J 32 -41.27 -12.05 -2.44
C ARG J 32 -39.85 -12.09 -1.87
N GLN J 33 -39.21 -10.93 -1.75
CA GLN J 33 -37.87 -10.87 -1.17
C GLN J 33 -37.92 -11.08 0.34
N GLN J 42 -32.40 4.13 21.19
CA GLN J 42 -33.03 3.37 22.26
C GLN J 42 -32.76 4.00 23.61
N ARG J 43 -33.76 4.01 24.48
CA ARG J 43 -33.63 4.60 25.80
C ARG J 43 -32.82 3.70 26.72
N PHE J 44 -32.13 4.32 27.68
CA PHE J 44 -31.32 3.62 28.66
C PHE J 44 -31.79 4.01 30.06
N ALA J 45 -32.00 3.00 30.91
CA ALA J 45 -32.53 3.25 32.25
C ALA J 45 -31.49 3.87 33.17
N ASP J 46 -30.25 3.37 33.11
CA ASP J 46 -29.18 3.83 33.99
C ASP J 46 -27.93 4.11 33.18
N LEU J 47 -26.87 4.55 33.86
CA LEU J 47 -25.61 4.85 33.20
C LEU J 47 -24.75 3.61 32.97
N GLU J 48 -25.06 2.49 33.61
CA GLU J 48 -24.29 1.28 33.40
C GLU J 48 -24.53 0.72 31.99
N GLU J 49 -25.79 0.60 31.59
CA GLU J 49 -26.06 0.18 30.23
C GLU J 49 -25.73 1.27 29.21
N LEU J 50 -25.70 2.53 29.63
CA LEU J 50 -25.19 3.59 28.78
C LEU J 50 -23.72 3.41 28.48
N LYS J 51 -22.93 3.05 29.50
CA LYS J 51 -21.51 2.76 29.28
C LYS J 51 -21.32 1.49 28.49
N GLU J 52 -22.20 0.50 28.68
CA GLU J 52 -22.14 -0.72 27.85
C GLU J 52 -22.41 -0.40 26.39
N TYR J 53 -23.40 0.45 26.12
CA TYR J 53 -23.70 0.88 24.77
C TYR J 53 -22.54 1.66 24.16
N GLN J 54 -21.94 2.55 24.95
CA GLN J 54 -20.78 3.31 24.48
C GLN J 54 -19.61 2.40 24.17
N GLY J 55 -19.35 1.41 25.02
CA GLY J 55 -18.27 0.48 24.77
C GLY J 55 -18.51 -0.38 23.54
N ARG J 56 -19.75 -0.83 23.35
CA ARG J 56 -20.05 -1.66 22.18
C ARG J 56 -19.96 -0.85 20.89
N LYS J 57 -20.45 0.39 20.91
CA LYS J 57 -20.33 1.25 19.73
C LYS J 57 -18.88 1.60 19.43
N ARG J 58 -18.09 1.88 20.47
CA ARG J 58 -16.67 2.16 20.27
C ARG J 58 -15.94 0.94 19.73
N ARG J 59 -16.30 -0.25 20.21
CA ARG J 59 -15.70 -1.48 19.72
C ARG J 59 -16.04 -1.71 18.25
N GLU J 60 -17.31 -1.50 17.88
CA GLU J 60 -17.72 -1.66 16.49
C GLU J 60 -17.02 -0.66 15.57
N PHE J 61 -16.95 0.61 15.99
CA PHE J 61 -16.30 1.63 15.18
C PHE J 61 -14.81 1.38 15.04
N GLU J 62 -14.14 0.99 16.12
CA GLU J 62 -12.72 0.70 16.05
C GLU J 62 -12.43 -0.55 15.25
N ASP J 63 -13.35 -1.53 15.26
CA ASP J 63 -13.17 -2.72 14.43
C ASP J 63 -13.37 -2.39 12.95
N TYR J 64 -14.29 -1.50 12.63
CA TYR J 64 -14.43 -1.03 11.26
C TYR J 64 -13.21 -0.23 10.82
N ILE J 65 -12.64 0.55 11.73
CA ILE J 65 -11.45 1.33 11.41
C ILE J 65 -10.24 0.42 11.18
N ARG J 66 -10.06 -0.57 12.05
CA ARG J 66 -8.98 -1.54 11.88
C ARG J 66 -9.18 -2.40 10.63
N ARG J 67 -10.43 -2.69 10.28
CA ARG J 67 -10.71 -3.56 9.14
C ARG J 67 -10.41 -2.87 7.81
N ASN J 68 -10.86 -1.61 7.67
CA ASN J 68 -10.60 -0.82 6.46
C ASN J 68 -10.41 0.64 6.89
N ARG J 69 -9.15 1.04 7.08
CA ARG J 69 -8.85 2.40 7.52
C ARG J 69 -8.83 3.41 6.39
N LEU J 70 -8.86 2.97 5.13
CA LEU J 70 -8.79 3.87 3.99
C LEU J 70 -10.16 4.31 3.50
N ARG J 71 -11.21 4.08 4.29
CA ARG J 71 -12.56 4.53 3.97
C ARG J 71 -12.94 5.61 4.97
N LEU J 72 -13.23 6.81 4.47
CA LEU J 72 -13.45 7.97 5.33
C LEU J 72 -14.75 7.89 6.11
N GLN J 73 -15.70 7.07 5.67
CA GLN J 73 -17.00 7.00 6.33
C GLN J 73 -16.90 6.44 7.74
N ASN J 74 -15.99 5.49 7.97
CA ASN J 74 -15.81 4.93 9.31
C ASN J 74 -15.33 5.98 10.30
N TRP J 75 -14.32 6.76 9.89
CA TRP J 75 -13.81 7.84 10.72
C TRP J 75 -14.89 8.89 10.97
N PHE J 76 -15.64 9.23 9.91
CA PHE J 76 -16.69 10.25 10.03
C PHE J 76 -17.78 9.80 10.99
N GLN J 77 -18.22 8.54 10.88
CA GLN J 77 -19.28 8.02 11.75
C GLN J 77 -18.81 7.93 13.20
N TYR J 78 -17.59 7.43 13.43
CA TYR J 78 -17.07 7.32 14.79
C TYR J 78 -16.92 8.70 15.43
N ALA J 79 -16.40 9.67 14.68
CA ALA J 79 -16.18 11.00 15.24
C ALA J 79 -17.51 11.72 15.47
N GLN J 80 -18.47 11.58 14.55
CA GLN J 80 -19.78 12.21 14.75
C GLN J 80 -20.51 11.59 15.93
N TRP J 81 -20.44 10.26 16.08
CA TRP J 81 -21.08 9.62 17.22
C TRP J 81 -20.45 10.07 18.53
N GLU J 82 -19.11 10.11 18.60
CA GLU J 82 -18.46 10.58 19.82
C GLU J 82 -18.73 12.07 20.07
N LEU J 83 -19.01 12.83 19.00
CA LEU J 83 -19.49 14.19 19.19
C LEU J 83 -20.88 14.21 19.81
N GLU J 84 -21.72 13.21 19.51
CA GLU J 84 -23.09 13.21 20.01
C GLU J 84 -23.18 13.01 21.52
N GLN J 85 -22.28 12.23 22.11
CA GLN J 85 -22.20 12.15 23.57
C GLN J 85 -21.28 13.21 24.18
N LYS J 86 -21.01 14.30 23.44
CA LYS J 86 -20.25 15.45 23.92
C LYS J 86 -18.83 15.09 24.37
N GLU J 87 -18.27 14.02 23.79
CA GLU J 87 -16.89 13.64 24.05
C GLU J 87 -16.03 14.33 23.00
N PHE J 88 -15.69 15.59 23.27
CA PHE J 88 -15.00 16.40 22.28
C PHE J 88 -13.53 16.03 22.15
N ALA J 89 -12.89 15.65 23.25
CA ALA J 89 -11.51 15.18 23.19
C ALA J 89 -11.40 13.87 22.40
N ARG J 90 -12.36 12.97 22.61
CA ARG J 90 -12.36 11.70 21.88
C ARG J 90 -12.59 11.92 20.39
N ALA J 91 -13.57 12.77 20.04
CA ALA J 91 -13.83 13.07 18.63
C ALA J 91 -12.65 13.77 17.98
N ARG J 92 -12.00 14.67 18.72
CA ARG J 92 -10.79 15.32 18.21
C ARG J 92 -9.68 14.30 17.98
N SER J 93 -9.52 13.33 18.89
CA SER J 93 -8.51 12.30 18.71
C SER J 93 -8.82 11.43 17.48
N ILE J 94 -10.09 11.08 17.28
CA ILE J 94 -10.48 10.27 16.12
C ILE J 94 -10.22 11.02 14.83
N PHE J 95 -10.59 12.31 14.79
CA PHE J 95 -10.34 13.13 13.61
C PHE J 95 -8.85 13.33 13.35
N GLU J 96 -8.04 13.48 14.40
CA GLU J 96 -6.60 13.62 14.19
C GLU J 96 -5.97 12.31 13.73
N ARG J 97 -6.46 11.17 14.21
CA ARG J 97 -6.00 9.89 13.68
C ARG J 97 -6.41 9.72 12.21
N ALA J 98 -7.61 10.18 11.84
CA ALA J 98 -8.01 10.16 10.45
C ALA J 98 -7.14 11.08 9.60
N LEU J 99 -6.74 12.23 10.14
CA LEU J 99 -5.78 13.11 9.49
C LEU J 99 -4.39 12.49 9.40
N ASP J 100 -4.05 11.59 10.32
CA ASP J 100 -2.83 10.81 10.18
C ASP J 100 -2.93 9.78 9.07
N VAL J 101 -4.10 9.16 8.89
CA VAL J 101 -4.32 8.26 7.77
C VAL J 101 -4.53 9.00 6.46
N HIS J 102 -5.28 10.12 6.47
CA HIS J 102 -5.59 10.89 5.27
C HIS J 102 -5.14 12.33 5.50
N PRO J 103 -3.86 12.64 5.24
CA PRO J 103 -3.38 14.00 5.51
C PRO J 103 -3.92 15.05 4.57
N ASN J 104 -4.04 14.75 3.28
CA ASN J 104 -4.37 15.75 2.27
C ASN J 104 -5.80 15.65 1.78
N ASN J 105 -6.68 15.03 2.57
CA ASN J 105 -8.09 14.96 2.23
C ASN J 105 -8.76 16.27 2.59
N THR J 106 -9.30 16.97 1.59
CA THR J 106 -9.94 18.26 1.87
C THR J 106 -11.29 18.06 2.56
N GLN J 107 -12.00 16.99 2.23
CA GLN J 107 -13.32 16.73 2.83
C GLN J 107 -13.21 16.47 4.32
N LEU J 108 -12.20 15.70 4.73
CA LEU J 108 -11.99 15.45 6.16
C LEU J 108 -11.63 16.72 6.91
N TRP J 109 -10.79 17.57 6.30
CA TRP J 109 -10.47 18.86 6.90
C TRP J 109 -11.72 19.73 7.04
N ILE J 110 -12.56 19.77 6.00
CA ILE J 110 -13.78 20.58 6.02
C ILE J 110 -14.73 20.10 7.10
N ARG J 111 -14.92 18.78 7.19
CA ARG J 111 -15.85 18.24 8.19
C ARG J 111 -15.32 18.43 9.60
N TYR J 112 -14.01 18.35 9.81
CA TYR J 112 -13.45 18.55 11.14
C TYR J 112 -13.47 20.02 11.57
N ILE J 113 -13.23 20.94 10.63
CA ILE J 113 -13.42 22.36 10.95
C ILE J 113 -14.89 22.65 11.23
N GLU J 114 -15.81 22.07 10.46
CA GLU J 114 -17.24 22.28 10.68
C GLU J 114 -17.69 21.70 12.02
N ALA J 115 -17.21 20.50 12.35
CA ALA J 115 -17.58 19.88 13.63
C ALA J 115 -17.01 20.66 14.80
N GLU J 116 -15.83 21.27 14.63
CA GLU J 116 -15.31 22.15 15.65
C GLU J 116 -16.12 23.44 15.77
N LEU J 117 -16.64 23.96 14.65
CA LEU J 117 -17.36 25.22 14.67
C LEU J 117 -18.77 25.09 15.23
N LYS J 118 -19.46 23.99 14.92
CA LYS J 118 -20.85 23.81 15.36
C LYS J 118 -20.97 23.58 16.86
N ASN J 119 -19.86 23.32 17.56
CA ASN J 119 -19.85 23.23 19.01
C ASN J 119 -19.28 24.49 19.65
N ARG J 120 -19.17 25.57 18.88
CA ARG J 120 -18.74 26.89 19.34
C ARG J 120 -17.31 26.89 19.89
N ASN J 121 -16.46 26.02 19.35
CA ASN J 121 -15.03 26.05 19.64
C ASN J 121 -14.35 26.88 18.56
N ILE J 122 -14.30 28.20 18.78
CA ILE J 122 -13.84 29.11 17.74
C ILE J 122 -12.32 29.07 17.59
N ASN J 123 -11.59 29.11 18.70
CA ASN J 123 -10.13 29.17 18.64
C ASN J 123 -9.54 27.85 18.16
N HIS J 124 -10.11 26.73 18.59
CA HIS J 124 -9.75 25.42 18.06
C HIS J 124 -9.93 25.37 16.54
N ALA J 125 -11.09 25.82 16.05
CA ALA J 125 -11.37 25.76 14.63
C ALA J 125 -10.50 26.74 13.83
N ARG J 126 -10.10 27.85 14.43
CA ARG J 126 -9.21 28.78 13.74
C ARG J 126 -7.80 28.21 13.64
N ASN J 127 -7.35 27.53 14.70
CA ASN J 127 -6.09 26.79 14.62
C ASN J 127 -6.18 25.70 13.55
N LEU J 128 -7.34 25.05 13.46
CA LEU J 128 -7.55 23.99 12.48
C LEU J 128 -7.52 24.52 11.06
N LEU J 129 -8.13 25.68 10.85
CA LEU J 129 -8.10 26.32 9.53
C LEU J 129 -6.70 26.80 9.16
N ASP J 130 -5.92 27.27 10.15
CA ASP J 130 -4.53 27.60 9.90
C ASP J 130 -3.74 26.36 9.47
N ARG J 131 -3.95 25.24 10.15
CA ARG J 131 -3.31 23.98 9.76
C ARG J 131 -3.76 23.54 8.37
N ALA J 132 -5.04 23.73 8.06
CA ALA J 132 -5.59 23.28 6.78
C ALA J 132 -5.06 24.10 5.61
N VAL J 133 -4.96 25.41 5.78
CA VAL J 133 -4.39 26.24 4.72
C VAL J 133 -2.88 26.18 4.70
N THR J 134 -2.25 25.70 5.77
CA THR J 134 -0.82 25.41 5.70
C THR J 134 -0.54 24.14 4.92
N ARG J 135 -1.34 23.09 5.17
CA ARG J 135 -1.09 21.81 4.51
C ARG J 135 -1.47 21.86 3.03
N LEU J 136 -2.60 22.48 2.70
CA LEU J 136 -3.12 22.53 1.33
C LEU J 136 -3.34 23.98 0.92
N PRO J 137 -2.27 24.71 0.59
CA PRO J 137 -2.44 26.12 0.20
C PRO J 137 -3.03 26.32 -1.18
N ARG J 138 -3.14 25.27 -1.99
CA ARG J 138 -3.65 25.39 -3.35
C ARG J 138 -5.08 24.87 -3.49
N VAL J 139 -5.73 24.53 -2.38
CA VAL J 139 -7.14 24.19 -2.38
C VAL J 139 -7.90 25.46 -2.00
N SER J 140 -8.58 26.07 -2.97
CA SER J 140 -9.29 27.32 -2.73
C SER J 140 -10.52 27.13 -1.86
N LYS J 141 -11.02 25.90 -1.73
CA LYS J 141 -12.17 25.63 -0.87
C LYS J 141 -11.87 25.94 0.59
N LEU J 142 -10.69 25.55 1.06
CA LEU J 142 -10.31 25.79 2.45
C LEU J 142 -10.11 27.27 2.72
N TRP J 143 -9.46 27.99 1.78
CA TRP J 143 -9.28 29.43 1.91
C TRP J 143 -10.62 30.16 1.91
N TYR J 144 -11.54 29.74 1.03
CA TYR J 144 -12.85 30.36 0.95
C TYR J 144 -13.66 30.13 2.23
N LYS J 145 -13.60 28.91 2.77
CA LYS J 145 -14.23 28.67 4.06
C LYS J 145 -13.60 29.50 5.16
N TYR J 146 -12.27 29.68 5.11
CA TYR J 146 -11.58 30.38 6.18
C TYR J 146 -11.93 31.87 6.19
N VAL J 147 -11.99 32.49 5.01
CA VAL J 147 -12.39 33.91 4.95
C VAL J 147 -13.87 34.04 5.27
N TYR J 148 -14.70 33.07 4.86
CA TYR J 148 -16.13 33.15 5.17
C TYR J 148 -16.39 33.04 6.67
N VAL J 149 -15.67 32.14 7.35
CA VAL J 149 -15.83 31.98 8.80
C VAL J 149 -15.33 33.21 9.53
N MET J 150 -14.16 33.74 9.16
CA MET J 150 -13.73 34.93 9.87
C MET J 150 -14.36 36.22 9.34
N GLU J 151 -15.28 36.14 8.37
CA GLU J 151 -16.15 37.29 8.12
C GLU J 151 -17.48 37.17 8.85
N MET J 152 -18.00 35.94 9.00
CA MET J 152 -19.20 35.68 9.79
C MET J 152 -19.04 36.09 11.26
N LEU J 153 -17.84 35.98 11.82
CA LEU J 153 -17.61 36.27 13.23
C LEU J 153 -17.14 37.71 13.45
N GLY J 154 -17.64 38.65 12.65
CA GLY J 154 -17.05 39.98 12.66
C GLY J 154 -15.64 39.90 12.09
N ASP J 155 -14.69 40.51 12.80
CA ASP J 155 -13.24 40.29 12.62
C ASP J 155 -12.79 40.59 11.19
N ILE J 156 -12.95 41.86 10.80
CA ILE J 156 -12.60 42.26 9.42
C ILE J 156 -11.10 42.37 9.21
N PRO J 157 -10.28 42.93 10.13
CA PRO J 157 -8.82 42.82 9.94
C PRO J 157 -8.29 41.40 9.90
N GLY J 158 -8.89 40.47 10.64
CA GLY J 158 -8.48 39.07 10.54
C GLY J 158 -8.77 38.48 9.18
N THR J 159 -9.95 38.80 8.62
CA THR J 159 -10.27 38.37 7.27
C THR J 159 -9.31 38.99 6.27
N ARG J 160 -8.91 40.24 6.51
CA ARG J 160 -7.98 40.92 5.63
C ARG J 160 -6.59 40.29 5.68
N GLN J 161 -6.12 39.87 6.85
CA GLN J 161 -4.80 39.26 6.91
C GLN J 161 -4.82 37.83 6.35
N VAL J 162 -5.95 37.13 6.49
CA VAL J 162 -6.09 35.83 5.82
C VAL J 162 -6.07 36.01 4.30
N PHE J 163 -6.78 37.03 3.80
CA PHE J 163 -6.72 37.35 2.38
C PHE J 163 -5.32 37.78 1.96
N ASP J 164 -4.56 38.44 2.85
CA ASP J 164 -3.19 38.81 2.53
C ASP J 164 -2.30 37.59 2.39
N ARG J 165 -2.48 36.59 3.25
CA ARG J 165 -1.76 35.32 3.10
C ARG J 165 -2.13 34.63 1.80
N TRP J 166 -3.43 34.61 1.48
CA TRP J 166 -3.90 34.01 0.25
C TRP J 166 -3.30 34.70 -0.97
N MET J 167 -3.26 36.03 -0.94
CA MET J 167 -2.66 36.79 -2.04
C MET J 167 -1.15 36.62 -2.09
N LYS J 168 -0.51 36.34 -0.95
CA LYS J 168 0.89 35.93 -0.97
C LYS J 168 1.07 34.63 -1.73
N TRP J 169 0.10 33.72 -1.64
CA TRP J 169 0.18 32.48 -2.41
C TRP J 169 -0.17 32.63 -3.88
N GLU J 170 -0.47 33.84 -4.34
CA GLU J 170 -0.78 34.14 -5.74
C GLU J 170 -1.88 33.25 -6.34
N PRO J 171 -3.13 33.43 -5.91
CA PRO J 171 -4.20 32.54 -6.35
C PRO J 171 -4.77 32.92 -7.71
N ASP J 172 -5.85 32.26 -8.11
CA ASP J 172 -6.55 32.63 -9.33
C ASP J 172 -7.29 33.95 -9.16
N GLU J 173 -7.90 34.41 -10.26
CA GLU J 173 -8.54 35.71 -10.29
C GLU J 173 -9.77 35.79 -9.38
N ASP J 174 -10.39 34.65 -9.07
CA ASP J 174 -11.58 34.64 -8.24
C ASP J 174 -11.30 35.12 -6.83
N ALA J 175 -10.15 34.74 -6.26
CA ALA J 175 -9.80 35.16 -4.92
C ALA J 175 -9.46 36.65 -4.88
N TRP J 176 -8.80 37.16 -5.93
CA TRP J 176 -8.56 38.60 -6.01
C TRP J 176 -9.86 39.37 -6.08
N ASN J 177 -10.82 38.88 -6.88
CA ASN J 177 -12.12 39.54 -6.98
C ASN J 177 -12.87 39.47 -5.64
N ALA J 178 -12.74 38.35 -4.92
CA ALA J 178 -13.36 38.22 -3.61
C ALA J 178 -12.76 39.20 -2.60
N TYR J 179 -11.44 39.38 -2.63
CA TYR J 179 -10.77 40.34 -1.77
C TYR J 179 -11.18 41.78 -2.09
N ILE J 180 -11.30 42.10 -3.38
CA ILE J 180 -11.77 43.42 -3.79
C ILE J 180 -13.21 43.65 -3.36
N LYS J 181 -14.04 42.61 -3.44
CA LYS J 181 -15.43 42.73 -3.01
C LYS J 181 -15.52 42.91 -1.49
N LEU J 182 -14.65 42.21 -0.74
CA LEU J 182 -14.54 42.42 0.70
C LEU J 182 -14.22 43.87 1.05
N GLU J 183 -13.19 44.41 0.41
CA GLU J 183 -12.79 45.78 0.75
C GLU J 183 -13.77 46.82 0.20
N LYS J 184 -14.49 46.50 -0.87
CA LYS J 184 -15.50 47.42 -1.39
C LYS J 184 -16.76 47.41 -0.53
N ARG J 185 -17.05 46.28 0.12
CA ARG J 185 -18.26 46.20 0.93
C ARG J 185 -18.19 47.12 2.14
N TYR J 186 -17.06 47.14 2.82
CA TYR J 186 -16.87 48.01 3.99
C TYR J 186 -16.17 49.32 3.62
N GLY J 187 -16.67 50.03 2.63
CA GLY J 187 -16.03 51.27 2.19
C GLY J 187 -14.70 51.02 1.50
N GLU J 188 -13.62 51.51 2.12
CA GLU J 188 -12.21 51.09 1.94
C GLU J 188 -11.83 50.85 0.48
N TYR J 189 -11.85 51.95 -0.29
CA TYR J 189 -11.62 51.88 -1.72
C TYR J 189 -10.14 52.00 -2.09
N GLU J 190 -9.38 52.78 -1.32
CA GLU J 190 -7.96 52.98 -1.62
C GLU J 190 -7.17 51.69 -1.39
N ARG J 191 -7.52 50.94 -0.35
CA ARG J 191 -6.85 49.66 -0.13
C ARG J 191 -7.21 48.67 -1.21
N ALA J 192 -8.44 48.75 -1.73
CA ALA J 192 -8.79 48.00 -2.92
C ALA J 192 -7.95 48.46 -4.13
N ARG J 193 -7.53 49.72 -4.16
CA ARG J 193 -6.65 50.16 -5.25
C ARG J 193 -5.27 49.51 -5.14
N GLN J 194 -4.72 49.38 -3.93
CA GLN J 194 -3.48 48.59 -3.82
C GLN J 194 -3.72 47.11 -4.16
N ILE J 195 -4.91 46.59 -3.87
CA ILE J 195 -5.21 45.21 -4.26
C ILE J 195 -5.25 45.07 -5.78
N PHE J 196 -5.83 46.05 -6.48
CA PHE J 196 -5.73 46.06 -7.95
C PHE J 196 -4.30 46.20 -8.45
N ALA J 197 -3.45 46.95 -7.74
CA ALA J 197 -2.04 47.02 -8.14
C ALA J 197 -1.37 45.66 -8.07
N ALA J 198 -1.53 44.96 -6.93
CA ALA J 198 -0.97 43.62 -6.79
C ALA J 198 -1.63 42.63 -7.75
N TYR J 199 -2.92 42.81 -8.02
CA TYR J 199 -3.67 41.96 -8.93
C TYR J 199 -3.14 42.08 -10.35
N THR J 200 -2.92 43.32 -10.81
CA THR J 200 -2.38 43.54 -12.15
C THR J 200 -0.93 43.13 -12.25
N GLN J 201 -0.19 43.10 -11.14
CA GLN J 201 1.12 42.47 -11.17
C GLN J 201 1.01 40.95 -11.31
N VAL J 202 0.09 40.33 -10.54
CA VAL J 202 -0.03 38.88 -10.55
C VAL J 202 -0.74 38.40 -11.80
N HIS J 203 -1.87 39.02 -12.13
CA HIS J 203 -2.67 38.64 -13.30
C HIS J 203 -2.65 39.74 -14.35
N PRO J 204 -1.59 39.84 -15.14
CA PRO J 204 -1.48 40.95 -16.08
C PRO J 204 -2.16 40.69 -17.41
N GLU J 205 -3.36 40.16 -17.38
CA GLU J 205 -4.22 40.04 -18.55
C GLU J 205 -5.01 41.33 -18.73
N PRO J 206 -5.45 41.63 -19.96
CA PRO J 206 -6.26 42.85 -20.17
C PRO J 206 -7.57 42.85 -19.41
N ARG J 207 -8.11 41.68 -19.06
CA ARG J 207 -9.36 41.59 -18.32
C ARG J 207 -9.25 42.23 -16.94
N THR J 208 -8.14 41.98 -16.23
CA THR J 208 -7.96 42.56 -14.91
C THR J 208 -7.71 44.06 -15.00
N TRP J 209 -7.01 44.51 -16.05
CA TRP J 209 -6.84 45.95 -16.27
C TRP J 209 -8.18 46.64 -16.55
N LEU J 210 -9.06 45.98 -17.30
CA LEU J 210 -10.39 46.55 -17.52
C LEU J 210 -11.23 46.54 -16.26
N LYS J 211 -11.07 45.53 -15.40
CA LYS J 211 -11.73 45.55 -14.11
C LYS J 211 -11.25 46.71 -13.24
N TRP J 212 -9.93 46.96 -13.25
CA TRP J 212 -9.40 48.12 -12.53
C TRP J 212 -9.92 49.42 -13.13
N ALA J 213 -10.06 49.46 -14.45
CA ALA J 213 -10.57 50.65 -15.12
C ALA J 213 -12.01 50.93 -14.72
N LYS J 214 -12.85 49.88 -14.67
CA LYS J 214 -14.23 50.05 -14.24
C LYS J 214 -14.31 50.46 -12.78
N PHE J 215 -13.48 49.87 -11.93
CA PHE J 215 -13.44 50.23 -10.51
C PHE J 215 -13.05 51.69 -10.33
N GLU J 216 -12.02 52.13 -11.05
CA GLU J 216 -11.56 53.51 -10.89
C GLU J 216 -12.51 54.50 -11.57
N GLU J 217 -13.29 54.04 -12.55
CA GLU J 217 -14.38 54.84 -13.07
C GLU J 217 -15.49 55.05 -12.05
N GLU J 218 -15.90 54.00 -11.37
CA GLU J 218 -16.99 54.10 -10.41
C GLU J 218 -16.57 54.80 -9.11
N PHE J 219 -15.34 54.56 -8.64
CA PHE J 219 -14.92 55.02 -7.32
C PHE J 219 -13.73 55.96 -7.35
N GLY J 220 -13.41 56.57 -8.48
CA GLY J 220 -12.24 57.44 -8.54
C GLY J 220 -12.34 58.44 -9.66
N THR J 221 -11.30 59.27 -9.77
CA THR J 221 -11.27 60.32 -10.76
C THR J 221 -10.98 59.76 -12.15
N ALA J 222 -11.23 60.59 -13.17
CA ALA J 222 -10.95 60.19 -14.54
C ALA J 222 -9.45 60.13 -14.82
N ASP J 223 -8.66 60.92 -14.09
CA ASP J 223 -7.21 60.85 -14.22
C ASP J 223 -6.66 59.50 -13.77
N MET J 224 -7.27 58.91 -12.74
CA MET J 224 -6.91 57.57 -12.33
C MET J 224 -7.22 56.55 -13.42
N VAL J 225 -8.36 56.71 -14.11
CA VAL J 225 -8.71 55.80 -15.20
C VAL J 225 -7.73 55.94 -16.35
N ARG J 226 -7.34 57.17 -16.67
CA ARG J 226 -6.34 57.42 -17.71
C ARG J 226 -5.00 56.80 -17.33
N ASP J 227 -4.60 56.93 -16.06
CA ASP J 227 -3.36 56.31 -15.60
C ASP J 227 -3.42 54.80 -15.67
N VAL J 228 -4.57 54.21 -15.32
CA VAL J 228 -4.73 52.76 -15.36
C VAL J 228 -4.62 52.25 -16.80
N PHE J 229 -5.29 52.92 -17.73
CA PHE J 229 -5.22 52.51 -19.13
C PHE J 229 -3.82 52.69 -19.71
N GLN J 230 -3.16 53.80 -19.37
CA GLN J 230 -1.80 54.04 -19.84
C GLN J 230 -0.83 53.02 -19.28
N SER J 231 -0.97 52.67 -17.99
CA SER J 231 -0.11 51.65 -17.40
C SER J 231 -0.36 50.29 -18.02
N ALA J 232 -1.63 49.99 -18.33
CA ALA J 232 -1.97 48.71 -18.97
C ALA J 232 -1.33 48.59 -20.34
N ILE J 233 -1.52 49.61 -21.19
CA ILE J 233 -0.97 49.54 -22.54
C ILE J 233 0.55 49.58 -22.52
N GLN J 234 1.15 50.33 -21.57
CA GLN J 234 2.60 50.40 -21.47
C GLN J 234 3.18 49.07 -21.03
N TYR J 235 2.56 48.42 -20.04
CA TYR J 235 3.07 47.15 -19.55
C TYR J 235 2.95 46.07 -20.62
N ILE J 236 1.77 45.97 -21.25
CA ILE J 236 1.58 44.94 -22.29
C ILE J 236 2.47 45.22 -23.50
N ALA J 237 2.78 46.50 -23.77
CA ALA J 237 3.74 46.81 -24.82
C ALA J 237 5.16 46.43 -24.44
N GLU J 238 5.51 46.48 -23.15
CA GLU J 238 6.90 46.16 -22.82
C GLU J 238 7.12 44.71 -22.41
N THR J 239 6.07 43.90 -22.25
CA THR J 239 6.29 42.48 -21.93
C THR J 239 5.86 41.54 -23.05
N LEU J 240 4.75 41.81 -23.73
CA LEU J 240 4.37 41.05 -24.94
C LEU J 240 4.82 41.74 -26.21
N GLY J 241 5.63 42.80 -26.12
CA GLY J 241 6.10 43.51 -27.29
C GLY J 241 5.11 44.54 -27.79
N ASP J 242 5.57 45.37 -28.73
CA ASP J 242 4.75 46.42 -29.31
C ASP J 242 3.64 45.87 -30.21
N ASP J 243 3.69 44.58 -30.56
CA ASP J 243 2.76 43.99 -31.51
C ASP J 243 1.55 43.35 -30.86
N ALA J 244 1.69 42.82 -29.64
CA ALA J 244 0.66 41.98 -29.04
C ALA J 244 -0.17 42.72 -27.99
N VAL J 245 -0.41 44.02 -28.19
CA VAL J 245 -1.34 44.74 -27.32
C VAL J 245 -2.77 44.42 -27.74
N ASP J 246 -3.63 44.15 -26.76
CA ASP J 246 -5.00 43.74 -27.04
C ASP J 246 -5.84 44.94 -27.47
N GLU J 247 -6.74 44.70 -28.41
CA GLU J 247 -7.60 45.76 -28.92
C GLU J 247 -8.69 46.16 -27.92
N ARG J 248 -9.02 45.27 -26.98
CA ARG J 248 -10.10 45.56 -26.03
C ARG J 248 -9.74 46.72 -25.10
N LEU J 249 -8.46 46.87 -24.78
CA LEU J 249 -8.02 48.02 -23.99
C LEU J 249 -8.28 49.32 -24.74
N PHE J 250 -7.94 49.35 -26.03
CA PHE J 250 -8.20 50.54 -26.85
C PHE J 250 -9.69 50.81 -26.98
N ILE J 251 -10.49 49.76 -27.18
CA ILE J 251 -11.94 49.93 -27.28
C ILE J 251 -12.52 50.50 -25.99
N ALA J 252 -12.13 49.94 -24.85
CA ALA J 252 -12.69 50.39 -23.58
C ALA J 252 -12.23 51.80 -23.23
N PHE J 253 -10.96 52.12 -23.50
CA PHE J 253 -10.48 53.48 -23.23
C PHE J 253 -11.15 54.49 -24.16
N ALA J 254 -11.38 54.12 -25.42
CA ALA J 254 -12.07 55.01 -26.35
C ALA J 254 -13.52 55.23 -25.92
N ARG J 255 -14.20 54.16 -25.47
CA ARG J 255 -15.58 54.33 -25.00
C ARG J 255 -15.63 55.13 -23.70
N PHE J 256 -14.62 55.00 -22.85
CA PHE J 256 -14.54 55.86 -21.66
C PHE J 256 -14.35 57.32 -22.07
N GLU J 257 -13.57 57.58 -23.11
CA GLU J 257 -13.39 58.95 -23.58
C GLU J 257 -14.67 59.49 -24.19
N THR J 258 -15.42 58.66 -24.93
CA THR J 258 -16.68 59.11 -25.51
C THR J 258 -17.72 59.38 -24.42
N ARG J 259 -17.80 58.51 -23.41
CA ARG J 259 -18.73 58.78 -22.31
C ARG J 259 -18.25 59.89 -21.39
N GLN J 260 -16.99 60.31 -21.51
CA GLN J 260 -16.52 61.56 -20.94
C GLN J 260 -16.60 62.70 -21.95
N LYS J 261 -17.17 62.45 -23.13
CA LYS J 261 -17.41 63.45 -24.18
C LYS J 261 -16.12 64.11 -24.67
N GLU J 262 -15.03 63.36 -24.66
CA GLU J 262 -13.74 63.78 -25.19
C GLU J 262 -13.57 63.12 -26.56
N TYR J 263 -14.10 63.79 -27.59
CA TYR J 263 -14.24 63.16 -28.90
C TYR J 263 -12.92 63.09 -29.65
N GLU J 264 -12.11 64.15 -29.57
CA GLU J 264 -10.81 64.12 -30.23
C GLU J 264 -9.85 63.15 -29.53
N ARG J 265 -9.98 63.00 -28.22
CA ARG J 265 -9.19 62.01 -27.48
C ARG J 265 -9.52 60.60 -27.95
N ALA J 266 -10.82 60.28 -28.05
CA ALA J 266 -11.24 58.97 -28.50
C ALA J 266 -10.87 58.73 -29.96
N ARG J 267 -10.94 59.77 -30.79
CA ARG J 267 -10.50 59.65 -32.17
C ARG J 267 -9.01 59.36 -32.26
N ALA J 268 -8.21 60.00 -31.40
CA ALA J 268 -6.78 59.71 -31.35
C ALA J 268 -6.50 58.28 -30.92
N ILE J 269 -7.25 57.79 -29.92
CA ILE J 269 -7.12 56.39 -29.49
C ILE J 269 -7.48 55.45 -30.63
N TYR J 270 -8.57 55.73 -31.33
CA TYR J 270 -9.01 54.86 -32.42
C TYR J 270 -8.01 54.82 -33.56
N LYS J 271 -7.47 55.99 -33.95
CA LYS J 271 -6.53 55.99 -35.07
C LYS J 271 -5.18 55.39 -34.68
N PHE J 272 -4.75 55.57 -33.43
CA PHE J 272 -3.50 54.95 -32.98
C PHE J 272 -3.65 53.44 -32.87
N GLY J 273 -4.81 52.97 -32.41
CA GLY J 273 -5.06 51.54 -32.38
C GLY J 273 -5.16 50.93 -33.76
N LEU J 274 -5.73 51.67 -34.71
CA LEU J 274 -5.82 51.19 -36.08
C LEU J 274 -4.55 51.41 -36.88
N ASP J 275 -3.55 52.11 -36.32
CA ASP J 275 -2.29 52.32 -37.01
C ASP J 275 -1.23 51.30 -36.57
N ASN J 276 -1.07 51.12 -35.26
CA ASN J 276 0.06 50.36 -34.71
C ASN J 276 -0.31 48.92 -34.38
N LEU J 277 -1.43 48.41 -34.87
CA LEU J 277 -1.82 47.03 -34.65
C LEU J 277 -2.09 46.38 -35.99
N PRO J 278 -1.87 45.07 -36.12
CA PRO J 278 -2.13 44.40 -37.40
C PRO J 278 -3.61 44.37 -37.74
N ARG J 279 -3.88 44.27 -39.04
CA ARG J 279 -5.25 44.18 -39.51
C ARG J 279 -5.90 42.85 -39.15
N SER J 280 -5.11 41.82 -38.83
CA SER J 280 -5.65 40.53 -38.44
C SER J 280 -6.20 40.53 -37.03
N ARG J 281 -5.85 41.52 -36.21
CA ARG J 281 -6.33 41.62 -34.84
C ARG J 281 -6.94 42.98 -34.57
N SER J 282 -7.67 43.52 -35.55
CA SER J 282 -8.24 44.85 -35.39
C SER J 282 -9.66 44.97 -35.95
N MET J 283 -10.35 43.85 -36.18
CA MET J 283 -11.70 43.91 -36.73
C MET J 283 -12.67 44.57 -35.75
N GLN J 284 -12.58 44.22 -34.47
CA GLN J 284 -13.47 44.80 -33.48
C GLN J 284 -13.16 46.27 -33.24
N LEU J 285 -11.87 46.63 -33.21
CA LEU J 285 -11.49 48.03 -33.04
C LEU J 285 -11.92 48.88 -34.22
N HIS J 286 -11.77 48.35 -35.45
CA HIS J 286 -12.24 49.06 -36.63
C HIS J 286 -13.75 49.19 -36.63
N ALA J 287 -14.46 48.15 -36.19
CA ALA J 287 -15.92 48.21 -36.11
C ALA J 287 -16.36 49.26 -35.09
N GLN J 288 -15.64 49.36 -33.98
CA GLN J 288 -15.95 50.39 -32.99
C GLN J 288 -15.66 51.79 -33.54
N TYR J 289 -14.60 51.92 -34.35
CA TYR J 289 -14.37 53.19 -35.04
C TYR J 289 -15.51 53.53 -35.99
N THR J 290 -15.99 52.55 -36.76
CA THR J 290 -17.08 52.81 -37.70
C THR J 290 -18.35 53.20 -36.98
N THR J 291 -18.68 52.52 -35.88
CA THR J 291 -19.92 52.87 -35.18
C THR J 291 -19.77 54.17 -34.40
N PHE J 292 -18.55 54.54 -33.99
CA PHE J 292 -18.35 55.84 -33.36
C PHE J 292 -18.50 56.97 -34.37
N GLU J 293 -17.93 56.80 -35.57
CA GLU J 293 -18.07 57.82 -36.61
C GLU J 293 -19.52 57.93 -37.09
N LYS J 294 -20.21 56.79 -37.21
CA LYS J 294 -21.63 56.80 -37.52
C LYS J 294 -22.46 57.35 -36.36
N GLN J 295 -21.93 57.31 -35.14
CA GLN J 295 -22.67 57.80 -33.98
C GLN J 295 -22.58 59.32 -33.88
N PHE J 296 -21.38 59.84 -33.61
CA PHE J 296 -21.19 61.25 -33.28
C PHE J 296 -20.07 61.89 -34.10
N GLY J 297 -19.80 61.36 -35.28
CA GLY J 297 -18.78 61.90 -36.16
C GLY J 297 -19.35 62.82 -37.22
N ASP J 298 -18.59 63.01 -38.29
CA ASP J 298 -18.98 63.83 -39.42
C ASP J 298 -19.38 62.94 -40.60
N LYS J 299 -19.78 63.59 -41.69
CA LYS J 299 -20.20 62.85 -42.87
C LYS J 299 -19.00 62.25 -43.62
N GLU J 300 -17.92 63.02 -43.72
CA GLU J 300 -16.73 62.54 -44.44
C GLU J 300 -16.06 61.39 -43.70
N GLY J 301 -15.96 61.49 -42.37
CA GLY J 301 -15.37 60.41 -41.60
C GLY J 301 -16.21 59.14 -41.64
N VAL J 302 -17.53 59.29 -41.57
CA VAL J 302 -18.43 58.13 -41.67
C VAL J 302 -18.33 57.49 -43.05
N GLU J 303 -18.23 58.32 -44.10
CA GLU J 303 -18.07 57.80 -45.45
C GLU J 303 -16.76 57.05 -45.61
N ASP J 304 -15.67 57.60 -45.04
CA ASP J 304 -14.37 56.93 -45.10
C ASP J 304 -14.37 55.61 -44.34
N VAL J 305 -15.01 55.59 -43.16
CA VAL J 305 -15.09 54.37 -42.37
C VAL J 305 -15.92 53.31 -43.08
N VAL J 306 -17.05 53.72 -43.68
CA VAL J 306 -17.89 52.77 -44.41
C VAL J 306 -17.17 52.25 -45.64
N LEU J 307 -16.40 53.11 -46.32
CA LEU J 307 -15.61 52.68 -47.48
C LEU J 307 -14.53 51.69 -47.07
N THR J 308 -13.86 51.94 -45.94
CA THR J 308 -12.85 51.01 -45.46
C THR J 308 -13.45 49.66 -45.08
N LYS J 309 -14.61 49.68 -44.39
CA LYS J 309 -15.27 48.43 -44.03
C LYS J 309 -15.75 47.66 -45.25
N ARG J 310 -16.31 48.36 -46.24
CA ARG J 310 -16.75 47.71 -47.47
C ARG J 310 -15.58 47.17 -48.26
N ARG J 311 -14.45 47.89 -48.27
CA ARG J 311 -13.25 47.39 -48.94
C ARG J 311 -12.71 46.14 -48.27
N ARG J 312 -12.71 46.11 -46.93
CA ARG J 312 -12.27 44.92 -46.21
C ARG J 312 -13.19 43.73 -46.48
N LEU J 313 -14.51 43.97 -46.47
CA LEU J 313 -15.46 42.89 -46.75
C LEU J 313 -15.32 42.38 -48.18
N TYR J 314 -15.13 43.30 -49.15
CA TYR J 314 -14.96 42.90 -50.54
C TYR J 314 -13.65 42.13 -50.75
N GLU J 315 -12.58 42.55 -50.05
CA GLU J 315 -11.32 41.82 -50.12
C GLU J 315 -11.45 40.42 -49.54
N GLU J 316 -12.17 40.29 -48.42
CA GLU J 316 -12.41 38.97 -47.84
C GLU J 316 -13.24 38.09 -48.77
N GLN J 317 -14.26 38.68 -49.41
CA GLN J 317 -15.09 37.92 -50.34
C GLN J 317 -14.30 37.50 -51.59
N VAL J 318 -13.41 38.38 -52.07
CA VAL J 318 -12.59 38.04 -53.24
C VAL J 318 -11.57 36.97 -52.89
N LYS J 319 -11.00 37.02 -51.68
CA LYS J 319 -10.10 35.97 -51.24
C LYS J 319 -10.82 34.64 -51.07
N GLU J 320 -12.05 34.67 -50.55
CA GLU J 320 -12.81 33.43 -50.42
C GLU J 320 -13.28 32.92 -51.78
N ASN J 321 -13.82 33.81 -52.60
CA ASN J 321 -14.35 33.44 -53.92
C ASN J 321 -13.73 34.35 -54.97
N PRO J 322 -12.63 33.92 -55.59
CA PRO J 322 -12.04 34.74 -56.67
C PRO J 322 -12.90 34.81 -57.92
N LYS J 323 -13.77 33.82 -58.15
CA LYS J 323 -14.63 33.80 -59.32
C LYS J 323 -15.93 34.57 -59.12
N ASN J 324 -16.14 35.15 -57.95
CA ASN J 324 -17.37 35.90 -57.66
C ASN J 324 -17.30 37.24 -58.39
N TYR J 325 -17.97 37.30 -59.55
CA TYR J 325 -17.97 38.53 -60.34
C TYR J 325 -18.83 39.61 -59.70
N ASP J 326 -19.87 39.23 -58.95
CA ASP J 326 -20.73 40.20 -58.28
C ASP J 326 -19.97 40.94 -57.18
N VAL J 327 -19.14 40.22 -56.43
CA VAL J 327 -18.34 40.85 -55.37
C VAL J 327 -17.30 41.79 -55.99
N TRP J 328 -16.70 41.38 -57.11
CA TRP J 328 -15.75 42.25 -57.80
C TRP J 328 -16.43 43.50 -58.34
N PHE J 329 -17.64 43.36 -58.88
CA PHE J 329 -18.39 44.52 -59.36
C PHE J 329 -18.77 45.45 -58.22
N ASP J 330 -19.15 44.89 -57.07
CA ASP J 330 -19.47 45.72 -55.90
C ASP J 330 -18.22 46.45 -55.40
N PHE J 331 -17.07 45.77 -55.40
CA PHE J 331 -15.83 46.42 -55.00
C PHE J 331 -15.44 47.53 -55.97
N ALA J 332 -15.65 47.31 -57.27
CA ALA J 332 -15.36 48.34 -58.26
C ALA J 332 -16.29 49.54 -58.10
N ARG J 333 -17.57 49.29 -57.81
CA ARG J 333 -18.51 50.38 -57.57
C ARG J 333 -18.14 51.16 -56.31
N LEU J 334 -17.72 50.46 -55.25
CA LEU J 334 -17.30 51.13 -54.03
C LEU J 334 -16.03 51.95 -54.25
N GLU J 335 -15.10 51.45 -55.05
CA GLU J 335 -13.88 52.19 -55.36
C GLU J 335 -14.19 53.41 -56.24
N GLU J 336 -15.15 53.27 -57.15
CA GLU J 336 -15.56 54.42 -57.98
C GLU J 336 -16.25 55.48 -57.13
N MET J 337 -17.07 55.05 -56.16
CA MET J 337 -17.70 56.01 -55.25
C MET J 337 -16.69 56.65 -54.32
N GLY J 338 -15.63 55.93 -53.96
CA GLY J 338 -14.58 56.51 -53.14
C GLY J 338 -13.80 57.60 -53.85
N GLY J 339 -13.55 57.42 -55.14
CA GLY J 339 -12.82 58.39 -55.92
C GLY J 339 -11.36 58.11 -56.12
N ASP J 340 -10.88 56.92 -55.76
CA ASP J 340 -9.47 56.56 -55.95
C ASP J 340 -9.32 55.91 -57.32
N PRO J 341 -8.56 56.51 -58.24
CA PRO J 341 -8.41 55.91 -59.57
C PRO J 341 -7.46 54.73 -59.58
N ASP J 342 -6.38 54.83 -58.80
CA ASP J 342 -5.40 53.75 -58.74
C ASP J 342 -5.98 52.50 -58.10
N ARG J 343 -6.77 52.66 -57.02
CA ARG J 343 -7.41 51.52 -56.39
C ARG J 343 -8.44 50.88 -57.29
N VAL J 344 -9.19 51.69 -58.04
CA VAL J 344 -10.18 51.16 -58.99
C VAL J 344 -9.49 50.42 -60.12
N ARG J 345 -8.37 50.95 -60.61
CA ARG J 345 -7.60 50.26 -61.65
C ARG J 345 -7.03 48.94 -61.15
N GLU J 346 -6.53 48.92 -59.90
CA GLU J 346 -6.02 47.69 -59.32
C GLU J 346 -7.13 46.66 -59.14
N VAL J 347 -8.31 47.11 -58.72
CA VAL J 347 -9.44 46.20 -58.55
C VAL J 347 -9.90 45.65 -59.90
N TYR J 348 -9.91 46.49 -60.94
CA TYR J 348 -10.26 46.03 -62.28
C TYR J 348 -9.24 45.04 -62.82
N GLU J 349 -7.95 45.27 -62.55
CA GLU J 349 -6.92 44.35 -62.98
C GLU J 349 -7.02 43.02 -62.24
N ARG J 350 -7.35 43.05 -60.94
CA ARG J 350 -7.53 41.83 -60.18
C ARG J 350 -8.76 41.05 -60.66
N ALA J 351 -9.83 41.75 -60.98
CA ALA J 351 -11.04 41.08 -61.47
C ALA J 351 -10.84 40.52 -62.87
N ILE J 352 -10.08 41.22 -63.72
CA ILE J 352 -9.81 40.71 -65.06
C ILE J 352 -8.91 39.49 -65.02
N ALA J 353 -8.04 39.39 -64.02
CA ALA J 353 -7.14 38.24 -63.91
C ALA J 353 -7.87 36.97 -63.51
N GLN J 354 -9.10 37.07 -63.00
CA GLN J 354 -9.89 35.90 -62.62
C GLN J 354 -10.53 35.32 -63.87
N VAL J 355 -9.71 34.61 -64.64
CA VAL J 355 -10.21 33.99 -65.89
C VAL J 355 -11.04 32.77 -65.53
N PRO J 356 -12.24 32.62 -66.06
CA PRO J 356 -13.07 31.45 -65.75
C PRO J 356 -12.53 30.21 -66.43
N PRO J 357 -12.30 29.12 -65.68
CA PRO J 357 -11.80 27.91 -66.32
C PRO J 357 -12.84 27.20 -67.16
N THR J 358 -14.08 27.14 -66.69
CA THR J 358 -15.15 26.52 -67.46
C THR J 358 -15.54 27.42 -68.65
N GLN J 359 -15.91 26.77 -69.75
CA GLN J 359 -16.32 27.45 -70.96
C GLN J 359 -17.84 27.60 -71.07
N GLU J 360 -18.52 27.68 -69.93
CA GLU J 360 -19.97 27.81 -69.92
C GLU J 360 -20.38 29.21 -70.37
N LYS J 361 -21.62 29.30 -70.88
CA LYS J 361 -22.13 30.58 -71.35
C LYS J 361 -22.37 31.56 -70.21
N ARG J 362 -22.77 31.06 -69.03
CA ARG J 362 -23.05 31.95 -67.91
C ARG J 362 -21.78 32.60 -67.37
N HIS J 363 -20.72 31.81 -67.21
CA HIS J 363 -19.45 32.36 -66.72
C HIS J 363 -18.83 33.32 -67.73
N TRP J 364 -18.89 32.98 -69.02
CA TRP J 364 -18.39 33.87 -70.06
C TRP J 364 -19.18 35.17 -70.12
N ARG J 365 -20.51 35.08 -69.96
CA ARG J 365 -21.35 36.27 -69.95
C ARG J 365 -21.06 37.14 -68.74
N ARG J 366 -20.83 36.52 -67.57
CA ARG J 366 -20.47 37.28 -66.38
C ARG J 366 -19.13 37.97 -66.53
N TYR J 367 -18.15 37.28 -67.12
CA TYR J 367 -16.84 37.87 -67.35
C TYR J 367 -16.93 39.02 -68.36
N ILE J 368 -17.75 38.87 -69.40
CA ILE J 368 -17.92 39.93 -70.38
C ILE J 368 -18.63 41.13 -69.77
N PHE J 369 -19.62 40.88 -68.90
CA PHE J 369 -20.30 41.96 -68.20
C PHE J 369 -19.36 42.71 -67.26
N LEU J 370 -18.49 41.96 -66.56
CA LEU J 370 -17.51 42.61 -65.68
C LEU J 370 -16.51 43.44 -66.48
N PHE J 371 -16.06 42.92 -67.63
CA PHE J 371 -15.15 43.67 -68.49
C PHE J 371 -15.81 44.92 -69.05
N LEU J 372 -17.09 44.81 -69.44
CA LEU J 372 -17.82 45.98 -69.93
C LEU J 372 -18.02 47.02 -68.83
N PHE J 373 -18.30 46.58 -67.60
CA PHE J 373 -18.44 47.51 -66.48
C PHE J 373 -17.11 48.20 -66.18
N TYR J 374 -16.00 47.45 -66.25
CA TYR J 374 -14.68 48.05 -66.03
C TYR J 374 -14.36 49.06 -67.13
N ALA J 375 -14.69 48.73 -68.38
CA ALA J 375 -14.46 49.66 -69.49
C ALA J 375 -15.32 50.92 -69.35
N ILE J 376 -16.57 50.77 -68.90
CA ILE J 376 -17.44 51.92 -68.71
C ILE J 376 -16.93 52.79 -67.57
N TRP J 377 -16.42 52.17 -66.50
CA TRP J 377 -15.85 52.92 -65.40
C TRP J 377 -14.58 53.66 -65.81
N GLU J 378 -13.75 53.02 -66.66
CA GLU J 378 -12.56 53.69 -67.16
C GLU J 378 -12.89 54.83 -68.11
N GLU J 379 -13.93 54.66 -68.93
CA GLU J 379 -14.31 55.71 -69.87
C GLU J 379 -14.99 56.89 -69.18
N LYS J 380 -15.79 56.62 -68.15
CA LYS J 380 -16.54 57.68 -67.49
C LYS J 380 -15.68 58.42 -66.48
N ASP J 381 -15.13 57.70 -65.49
CA ASP J 381 -14.39 58.35 -64.42
C ASP J 381 -12.93 58.58 -64.80
N ALA J 382 -12.23 57.52 -65.22
CA ALA J 382 -10.82 57.67 -65.55
C ALA J 382 -10.61 58.40 -66.87
N LYS J 383 -11.59 58.32 -67.78
CA LYS J 383 -11.58 58.98 -69.08
C LYS J 383 -10.35 58.59 -69.91
N ASN J 384 -10.01 57.31 -69.89
CA ASN J 384 -8.87 56.77 -70.64
C ASN J 384 -9.42 55.98 -71.82
N ILE J 385 -9.36 56.58 -73.01
CA ILE J 385 -9.87 55.94 -74.22
C ILE J 385 -8.96 54.79 -74.63
N GLU J 386 -7.64 54.98 -74.51
CA GLU J 386 -6.69 53.94 -74.90
C GLU J 386 -6.79 52.72 -73.99
N ARG J 387 -6.96 52.95 -72.68
CA ARG J 387 -7.13 51.83 -71.75
C ARG J 387 -8.42 51.08 -72.02
N ALA J 388 -9.50 51.80 -72.35
CA ALA J 388 -10.76 51.14 -72.68
C ALA J 388 -10.64 50.33 -73.98
N ARG J 389 -9.93 50.87 -74.98
CA ARG J 389 -9.71 50.14 -76.21
C ARG J 389 -8.87 48.89 -75.98
N ALA J 390 -7.84 49.00 -75.14
CA ALA J 390 -7.01 47.83 -74.82
C ALA J 390 -7.80 46.78 -74.05
N ILE J 391 -8.67 47.23 -73.14
CA ILE J 391 -9.51 46.29 -72.39
C ILE J 391 -10.50 45.59 -73.33
N TYR J 392 -11.08 46.33 -74.27
CA TYR J 392 -11.99 45.71 -75.24
C TYR J 392 -11.27 44.73 -76.14
N ASP J 393 -10.05 45.06 -76.57
CA ASP J 393 -9.26 44.14 -77.38
C ASP J 393 -8.89 42.88 -76.61
N THR J 394 -8.53 43.03 -75.33
CA THR J 394 -8.20 41.89 -74.49
C THR J 394 -9.43 41.01 -74.24
N CYS J 395 -10.60 41.62 -74.05
CA CYS J 395 -11.82 40.85 -73.87
C CYS J 395 -12.21 40.12 -75.14
N LEU J 396 -12.00 40.74 -76.30
CA LEU J 396 -12.29 40.08 -77.58
C LEU J 396 -11.32 38.93 -77.83
N ASN J 397 -10.04 39.11 -77.47
CA ASN J 397 -9.06 38.05 -77.71
C ASN J 397 -9.24 36.89 -76.74
N LEU J 398 -9.57 37.18 -75.48
CA LEU J 398 -9.70 36.15 -74.46
C LEU J 398 -11.02 35.39 -74.56
N ILE J 399 -11.99 35.91 -75.30
CA ILE J 399 -13.29 35.23 -75.46
C ILE J 399 -13.12 34.06 -76.42
N PRO J 400 -13.45 32.84 -76.00
CA PRO J 400 -13.34 31.68 -76.90
C PRO J 400 -14.47 31.65 -77.94
N HIS J 401 -14.27 32.41 -79.02
CA HIS J 401 -15.30 32.57 -80.04
C HIS J 401 -15.56 31.29 -80.84
N LYS J 402 -14.64 30.32 -80.79
CA LYS J 402 -14.89 29.04 -81.44
C LYS J 402 -15.95 28.23 -80.71
N LYS J 403 -16.18 28.49 -79.42
CA LYS J 403 -17.19 27.80 -78.64
C LYS J 403 -18.40 28.66 -78.31
N PHE J 404 -18.20 29.87 -77.80
CA PHE J 404 -19.30 30.75 -77.45
C PHE J 404 -18.90 32.18 -77.74
N THR J 405 -19.82 32.93 -78.36
CA THR J 405 -19.59 34.32 -78.71
C THR J 405 -20.70 35.19 -78.15
N PHE J 406 -20.34 36.39 -77.72
CA PHE J 406 -21.27 37.35 -77.14
C PHE J 406 -21.30 38.59 -78.00
N ALA J 407 -22.46 38.88 -78.60
CA ALA J 407 -22.62 40.08 -79.40
C ALA J 407 -22.70 41.35 -78.56
N LYS J 408 -22.97 41.21 -77.26
CA LYS J 408 -23.03 42.38 -76.38
C LYS J 408 -21.68 43.05 -76.24
N VAL J 409 -20.60 42.27 -76.18
CA VAL J 409 -19.25 42.83 -76.09
C VAL J 409 -18.91 43.59 -77.37
N TRP J 410 -19.25 43.03 -78.53
CA TRP J 410 -19.01 43.71 -79.80
C TRP J 410 -19.84 44.98 -79.92
N ILE J 411 -21.08 44.94 -79.45
CA ILE J 411 -21.93 46.13 -79.47
C ILE J 411 -21.38 47.22 -78.55
N ALA J 412 -20.88 46.82 -77.38
CA ALA J 412 -20.28 47.79 -76.46
C ALA J 412 -19.00 48.39 -77.03
N LYS J 413 -18.19 47.56 -77.71
CA LYS J 413 -16.98 48.07 -78.36
C LYS J 413 -17.33 49.04 -79.48
N ALA J 414 -18.36 48.72 -80.27
CA ALA J 414 -18.80 49.62 -81.33
C ALA J 414 -19.33 50.93 -80.77
N HIS J 415 -20.07 50.87 -79.65
CA HIS J 415 -20.58 52.08 -79.02
C HIS J 415 -19.45 52.92 -78.45
N PHE J 416 -18.43 52.27 -77.88
CA PHE J 416 -17.27 53.00 -77.37
C PHE J 416 -16.48 53.65 -78.50
N GLU J 417 -16.35 52.96 -79.64
CA GLU J 417 -15.69 53.55 -80.80
C GLU J 417 -16.50 54.71 -81.38
N ILE J 418 -17.82 54.61 -81.36
CA ILE J 418 -18.68 55.68 -81.85
C ILE J 418 -18.59 56.89 -80.92
N ARG J 419 -18.48 56.65 -79.62
CA ARG J 419 -18.32 57.74 -78.66
C ARG J 419 -16.97 58.44 -78.83
N GLN J 420 -15.96 57.72 -79.31
CA GLN J 420 -14.64 58.29 -79.57
C GLN J 420 -14.54 58.90 -80.97
N GLY J 421 -15.57 58.76 -81.80
CA GLY J 421 -15.57 59.33 -83.13
C GLY J 421 -14.90 58.49 -84.20
N ASN J 422 -14.42 57.29 -83.87
CA ASN J 422 -13.75 56.43 -84.83
C ASN J 422 -14.80 55.55 -85.51
N LEU J 423 -15.37 56.07 -86.60
CA LEU J 423 -16.38 55.32 -87.34
C LEU J 423 -15.77 54.18 -88.16
N THR J 424 -14.58 54.41 -88.72
CA THR J 424 -13.92 53.37 -89.52
C THR J 424 -13.51 52.18 -88.66
N ALA J 425 -13.00 52.45 -87.45
CA ALA J 425 -12.64 51.38 -86.53
C ALA J 425 -13.87 50.60 -86.09
N ALA J 426 -14.98 51.29 -85.85
CA ALA J 426 -16.23 50.63 -85.48
C ALA J 426 -16.75 49.76 -86.62
N ARG J 427 -16.66 50.26 -87.86
CA ARG J 427 -17.08 49.48 -89.02
C ARG J 427 -16.20 48.24 -89.22
N LYS J 428 -14.88 48.40 -89.02
CA LYS J 428 -13.98 47.26 -89.13
C LYS J 428 -14.25 46.22 -88.03
N THR J 429 -14.52 46.69 -86.81
CA THR J 429 -14.86 45.77 -85.72
C THR J 429 -16.16 45.04 -85.98
N LEU J 430 -17.17 45.74 -86.52
CA LEU J 430 -18.43 45.10 -86.87
C LEU J 430 -18.25 44.08 -87.97
N GLY J 431 -17.44 44.40 -88.98
CA GLY J 431 -17.17 43.43 -90.04
C GLY J 431 -16.41 42.21 -89.54
N ARG J 432 -15.44 42.41 -88.65
CA ARG J 432 -14.70 41.29 -88.08
C ARG J 432 -15.61 40.42 -87.21
N ALA J 433 -16.51 41.05 -86.45
CA ALA J 433 -17.45 40.30 -85.62
C ALA J 433 -18.44 39.51 -86.48
N ILE J 434 -18.87 40.10 -87.60
CA ILE J 434 -19.79 39.39 -88.49
C ILE J 434 -19.08 38.23 -89.18
N GLY J 435 -17.81 38.43 -89.57
CA GLY J 435 -17.07 37.34 -90.18
C GLY J 435 -16.75 36.21 -89.22
N MET J 436 -16.41 36.55 -87.97
CA MET J 436 -16.06 35.52 -87.00
C MET J 436 -17.29 34.77 -86.53
N CYS J 437 -18.40 35.47 -86.28
CA CYS J 437 -19.63 34.85 -85.81
C CYS J 437 -20.81 35.72 -86.25
N PRO J 438 -21.47 35.36 -87.35
CA PRO J 438 -22.61 36.17 -87.82
C PRO J 438 -23.81 35.98 -86.90
N LYS J 439 -24.22 37.06 -86.24
CA LYS J 439 -25.33 37.05 -85.31
C LYS J 439 -26.41 38.02 -85.78
N ASP J 440 -27.66 37.68 -85.49
CA ASP J 440 -28.78 38.54 -85.86
C ASP J 440 -28.76 39.85 -85.09
N LYS J 441 -28.42 39.79 -83.80
CA LYS J 441 -28.35 41.01 -82.99
C LYS J 441 -27.21 41.91 -83.44
N LEU J 442 -26.05 41.32 -83.75
CA LEU J 442 -24.92 42.11 -84.24
C LEU J 442 -25.23 42.74 -85.60
N PHE J 443 -25.89 41.98 -86.49
CA PHE J 443 -26.28 42.52 -87.78
C PHE J 443 -27.30 43.64 -87.63
N ARG J 444 -28.26 43.49 -86.71
CA ARG J 444 -29.24 44.55 -86.46
C ARG J 444 -28.58 45.80 -85.89
N GLU J 445 -27.61 45.63 -84.99
CA GLU J 445 -26.88 46.77 -84.44
C GLU J 445 -26.06 47.47 -85.52
N TYR J 446 -25.42 46.70 -86.40
CA TYR J 446 -24.66 47.29 -87.50
C TYR J 446 -25.58 48.03 -88.47
N ILE J 447 -26.76 47.48 -88.74
CA ILE J 447 -27.71 48.13 -89.63
C ILE J 447 -28.24 49.42 -89.00
N ALA J 448 -28.47 49.41 -87.68
CA ALA J 448 -28.91 50.62 -86.99
C ALA J 448 -27.82 51.68 -86.99
N ILE J 449 -26.55 51.26 -86.82
CA ILE J 449 -25.45 52.21 -86.85
C ILE J 449 -25.27 52.80 -88.24
N GLU J 450 -25.48 51.98 -89.28
CA GLU J 450 -25.40 52.47 -90.65
C GLU J 450 -26.55 53.43 -90.96
N GLN J 451 -27.75 53.14 -90.44
CA GLN J 451 -28.89 54.02 -90.65
C GLN J 451 -28.74 55.33 -89.89
N LYS J 452 -28.06 55.30 -88.73
CA LYS J 452 -27.79 56.54 -88.02
C LYS J 452 -26.77 57.40 -88.75
N LEU J 453 -25.91 56.79 -89.55
CA LEU J 453 -24.93 57.51 -90.35
C LEU J 453 -25.42 57.81 -91.76
N TYR J 454 -26.69 57.49 -92.06
CA TYR J 454 -27.32 57.71 -93.37
C TYR J 454 -26.56 57.00 -94.49
N GLU J 455 -26.11 55.78 -94.22
CA GLU J 455 -25.41 54.95 -95.20
C GLU J 455 -26.40 53.92 -95.73
N PHE J 456 -27.10 54.28 -96.81
CA PHE J 456 -28.11 53.39 -97.37
C PHE J 456 -27.46 52.20 -98.09
N ASP J 457 -26.34 52.43 -98.75
CA ASP J 457 -25.64 51.35 -99.44
C ASP J 457 -25.07 50.34 -98.47
N ARG J 458 -24.48 50.82 -97.37
CA ARG J 458 -23.96 49.91 -96.34
C ARG J 458 -25.08 49.12 -95.67
N CYS J 459 -26.22 49.78 -95.42
CA CYS J 459 -27.37 49.09 -94.84
C CYS J 459 -27.92 48.03 -95.79
N ARG J 460 -27.97 48.34 -97.09
CA ARG J 460 -28.42 47.36 -98.08
C ARG J 460 -27.46 46.18 -98.17
N THR J 461 -26.15 46.45 -98.12
CA THR J 461 -25.17 45.37 -98.13
C THR J 461 -25.28 44.50 -96.89
N LEU J 462 -25.49 45.12 -95.73
CA LEU J 462 -25.66 44.35 -94.49
C LEU J 462 -26.94 43.52 -94.52
N TYR J 463 -28.02 44.07 -95.09
CA TYR J 463 -29.26 43.31 -95.22
C TYR J 463 -29.09 42.14 -96.19
N GLU J 464 -28.35 42.35 -97.28
CA GLU J 464 -28.09 41.26 -98.22
C GLU J 464 -27.22 40.17 -97.58
N LYS J 465 -26.22 40.56 -96.78
CA LYS J 465 -25.39 39.59 -96.09
C LYS J 465 -26.19 38.82 -95.05
N HIS J 466 -27.10 39.49 -94.35
CA HIS J 466 -27.95 38.81 -93.36
C HIS J 466 -28.93 37.85 -94.05
N ALA J 467 -29.44 38.24 -95.22
CA ALA J 467 -30.34 37.36 -95.96
C ALA J 467 -29.59 36.15 -96.52
N LEU J 468 -28.34 36.35 -96.95
CA LEU J 468 -27.53 35.23 -97.41
C LEU J 468 -27.18 34.28 -96.26
N PHE J 469 -26.83 34.83 -95.10
CA PHE J 469 -26.49 33.99 -93.96
C PHE J 469 -27.73 33.35 -93.34
N ASN J 470 -28.81 34.11 -93.19
CA ASN J 470 -30.03 33.65 -92.54
C ASN J 470 -31.22 33.94 -93.44
N PRO J 471 -31.48 33.08 -94.44
CA PRO J 471 -32.64 33.30 -95.31
C PRO J 471 -33.97 33.02 -94.63
N ALA J 472 -33.98 32.25 -93.53
CA ALA J 472 -35.21 31.94 -92.82
C ALA J 472 -35.69 33.08 -91.94
N ASN J 473 -34.85 34.08 -91.68
CA ASN J 473 -35.22 35.21 -90.82
C ASN J 473 -36.04 36.20 -91.62
N CYS J 474 -37.35 36.17 -91.45
CA CYS J 474 -38.23 37.11 -92.14
C CYS J 474 -38.17 38.52 -91.55
N GLN J 475 -37.68 38.66 -90.31
CA GLN J 475 -37.56 39.98 -89.70
C GLN J 475 -36.52 40.83 -90.43
N THR J 476 -35.41 40.21 -90.85
CA THR J 476 -34.41 40.94 -91.62
C THR J 476 -34.95 41.38 -92.97
N TRP J 477 -35.72 40.52 -93.63
CA TRP J 477 -36.35 40.89 -94.89
C TRP J 477 -37.38 42.01 -94.70
N ILE J 478 -38.13 41.97 -93.60
CA ILE J 478 -39.09 43.04 -93.32
C ILE J 478 -38.36 44.36 -93.05
N ARG J 479 -37.24 44.30 -92.32
CA ARG J 479 -36.46 45.51 -92.06
C ARG J 479 -35.87 46.07 -93.34
N TRP J 480 -35.38 45.20 -94.23
CA TRP J 480 -34.86 45.64 -95.52
C TRP J 480 -35.95 46.26 -96.39
N ALA J 481 -37.16 45.67 -96.37
CA ALA J 481 -38.28 46.24 -97.11
C ALA J 481 -38.69 47.59 -96.55
N GLU J 482 -38.67 47.74 -95.22
CA GLU J 482 -38.98 49.03 -94.62
C GLU J 482 -37.92 50.08 -94.95
N LEU J 483 -36.65 49.68 -94.97
CA LEU J 483 -35.58 50.60 -95.35
C LEU J 483 -35.70 51.01 -96.82
N GLU J 484 -36.08 50.07 -97.69
CA GLU J 484 -36.28 50.40 -99.10
C GLU J 484 -37.49 51.31 -99.29
N ARG J 485 -38.56 51.10 -98.50
CA ARG J 485 -39.73 51.97 -98.57
C ARG J 485 -39.42 53.37 -98.04
N GLY J 486 -38.53 53.47 -97.04
CA GLY J 486 -38.13 54.78 -96.54
C GLY J 486 -37.23 55.54 -97.50
N LEU J 487 -36.62 54.84 -98.45
CA LEU J 487 -35.77 55.46 -99.46
C LEU J 487 -36.53 55.74 -100.76
N ASP J 488 -37.86 55.62 -100.75
CA ASP J 488 -38.73 55.84 -101.90
C ASP J 488 -38.36 54.95 -103.09
N ASP J 489 -38.05 53.70 -102.79
CA ASP J 489 -37.72 52.69 -103.80
C ASP J 489 -38.77 51.59 -103.72
N LEU J 490 -39.88 51.78 -104.45
CA LEU J 490 -40.95 50.79 -104.43
C LEU J 490 -40.56 49.55 -105.23
N ASP J 491 -39.83 49.73 -106.33
CA ASP J 491 -39.40 48.59 -107.14
C ASP J 491 -38.40 47.72 -106.39
N ARG J 492 -37.47 48.33 -105.67
CA ARG J 492 -36.51 47.57 -104.87
C ARG J 492 -37.20 46.81 -103.74
N THR J 493 -38.19 47.43 -103.10
CA THR J 493 -38.95 46.76 -102.05
C THR J 493 -39.76 45.59 -102.62
N ARG J 494 -40.37 45.78 -103.80
CA ARG J 494 -41.11 44.70 -104.43
C ARG J 494 -40.18 43.55 -104.83
N ALA J 495 -38.99 43.87 -105.33
CA ALA J 495 -38.02 42.82 -105.67
C ALA J 495 -37.55 42.08 -104.44
N ILE J 496 -37.33 42.79 -103.32
CA ILE J 496 -36.92 42.15 -102.08
C ILE J 496 -38.03 41.24 -101.55
N PHE J 497 -39.29 41.71 -101.64
CA PHE J 497 -40.42 40.88 -101.20
C PHE J 497 -40.57 39.64 -102.08
N GLU J 498 -40.36 39.79 -103.39
CA GLU J 498 -40.44 38.63 -104.29
C GLU J 498 -39.30 37.65 -104.01
N VAL J 499 -38.11 38.15 -103.70
CA VAL J 499 -36.98 37.27 -103.38
C VAL J 499 -37.23 36.55 -102.07
N ALA J 500 -37.83 37.24 -101.10
CA ALA J 500 -38.15 36.59 -99.82
C ALA J 500 -39.24 35.55 -99.98
N ILE J 501 -40.24 35.82 -100.84
CA ILE J 501 -41.31 34.86 -101.09
C ILE J 501 -40.77 33.65 -101.85
N SER J 502 -39.82 33.87 -102.77
CA SER J 502 -39.26 32.80 -103.57
C SER J 502 -38.37 31.85 -102.78
N GLN J 503 -37.96 32.22 -101.58
CA GLN J 503 -37.13 31.34 -100.75
C GLN J 503 -37.96 30.17 -100.25
N PRO J 504 -37.55 28.93 -100.49
CA PRO J 504 -38.36 27.78 -100.04
C PRO J 504 -38.27 27.53 -98.54
N VAL J 505 -37.27 28.08 -97.86
CA VAL J 505 -37.08 27.87 -96.43
C VAL J 505 -37.44 29.19 -95.74
N LEU J 506 -38.68 29.29 -95.26
CA LEU J 506 -39.16 30.47 -94.56
C LEU J 506 -39.73 30.05 -93.21
N ASP J 507 -39.30 30.74 -92.15
CA ASP J 507 -39.80 30.42 -90.81
C ASP J 507 -41.26 30.83 -90.66
N MET J 508 -41.64 31.98 -91.22
CA MET J 508 -43.02 32.47 -91.14
C MET J 508 -43.34 33.22 -92.41
N PRO J 509 -43.71 32.49 -93.48
CA PRO J 509 -44.08 33.18 -94.73
C PRO J 509 -45.39 33.93 -94.66
N GLU J 510 -46.26 33.61 -93.70
CA GLU J 510 -47.53 34.32 -93.56
C GLU J 510 -47.30 35.77 -93.16
N VAL J 511 -46.34 36.02 -92.27
CA VAL J 511 -46.04 37.39 -91.86
C VAL J 511 -45.47 38.20 -93.02
N VAL J 512 -44.60 37.58 -93.82
CA VAL J 512 -44.04 38.26 -94.99
C VAL J 512 -45.11 38.54 -96.02
N TRP J 513 -46.05 37.59 -96.22
CA TRP J 513 -47.15 37.80 -97.15
C TRP J 513 -48.07 38.92 -96.66
N LYS J 514 -48.34 38.97 -95.36
CA LYS J 514 -49.16 40.05 -94.81
C LYS J 514 -48.47 41.40 -94.94
N ALA J 515 -47.16 41.44 -94.73
CA ALA J 515 -46.41 42.68 -94.90
C ALA J 515 -46.41 43.14 -96.35
N TYR J 516 -46.27 42.20 -97.30
CA TYR J 516 -46.33 42.54 -98.72
C TYR J 516 -47.71 43.03 -99.11
N ILE J 517 -48.76 42.41 -98.56
CA ILE J 517 -50.13 42.84 -98.86
C ILE J 517 -50.39 44.23 -98.29
N ASP J 518 -49.88 44.51 -97.08
CA ASP J 518 -50.04 45.83 -96.49
C ASP J 518 -49.28 46.88 -97.28
N PHE J 519 -48.08 46.54 -97.76
CA PHE J 519 -47.31 47.47 -98.58
C PHE J 519 -48.00 47.74 -99.92
N GLU J 520 -48.61 46.71 -100.52
CA GLU J 520 -49.34 46.91 -101.77
C GLU J 520 -50.61 47.73 -101.56
N GLU J 521 -51.29 47.52 -100.43
CA GLU J 521 -52.52 48.28 -100.15
C GLU J 521 -52.22 49.72 -99.78
N GLU J 522 -51.11 49.98 -99.09
CA GLU J 522 -50.76 51.34 -98.72
C GLU J 522 -50.31 52.16 -99.93
N GLU J 523 -49.80 51.50 -100.96
CA GLU J 523 -49.38 52.17 -102.19
C GLU J 523 -50.51 52.36 -103.19
N GLY J 524 -51.72 51.90 -102.86
CA GLY J 524 -52.85 52.00 -103.76
C GLY J 524 -52.96 50.91 -104.80
N GLU J 525 -52.07 49.92 -104.77
CA GLU J 525 -52.09 48.82 -105.75
C GLU J 525 -53.06 47.76 -105.24
N TYR J 526 -54.35 48.00 -105.51
CA TYR J 526 -55.38 47.04 -105.12
C TYR J 526 -55.32 45.78 -105.97
N GLU J 527 -54.98 45.92 -107.25
CA GLU J 527 -54.85 44.76 -108.13
C GLU J 527 -53.67 43.88 -107.71
N ARG J 528 -52.55 44.50 -107.33
CA ARG J 528 -51.41 43.73 -106.86
C ARG J 528 -51.71 43.03 -105.53
N ALA J 529 -52.46 43.69 -104.65
CA ALA J 529 -52.87 43.07 -103.39
C ALA J 529 -53.81 41.90 -103.65
N ARG J 530 -54.74 42.04 -104.60
CA ARG J 530 -55.63 40.93 -104.94
C ARG J 530 -54.87 39.78 -105.56
N ALA J 531 -53.88 40.07 -106.40
CA ALA J 531 -53.05 39.01 -106.99
C ALA J 531 -52.23 38.29 -105.92
N LEU J 532 -51.68 39.05 -104.95
CA LEU J 532 -50.94 38.43 -103.86
C LEU J 532 -51.85 37.57 -102.98
N TYR J 533 -53.07 38.03 -102.73
CA TYR J 533 -54.03 37.24 -101.96
C TYR J 533 -54.41 35.96 -102.70
N GLU J 534 -54.60 36.05 -104.02
CA GLU J 534 -54.91 34.87 -104.81
C GLU J 534 -53.74 33.88 -104.82
N ARG J 535 -52.50 34.40 -104.92
CA ARG J 535 -51.32 33.54 -104.88
C ARG J 535 -51.17 32.87 -103.51
N LEU J 536 -51.47 33.60 -102.43
CA LEU J 536 -51.41 33.01 -101.10
C LEU J 536 -52.50 31.96 -100.90
N LEU J 537 -53.69 32.20 -101.46
CA LEU J 537 -54.77 31.21 -101.37
C LEU J 537 -54.44 29.97 -102.19
N GLN J 538 -53.78 30.14 -103.34
CA GLN J 538 -53.33 28.99 -104.11
C GLN J 538 -52.25 28.21 -103.38
N LYS J 539 -51.33 28.93 -102.72
CA LYS J 539 -50.30 28.25 -101.94
C LYS J 539 -50.87 27.64 -100.67
N ALA J 540 -51.82 28.31 -100.04
CA ALA J 540 -52.44 27.81 -98.81
C ALA J 540 -53.88 28.32 -98.75
N ASP J 541 -54.83 27.42 -98.99
CA ASP J 541 -56.25 27.77 -98.99
C ASP J 541 -56.76 27.71 -97.54
N HIS J 542 -56.52 28.80 -96.81
CA HIS J 542 -56.94 28.90 -95.43
C HIS J 542 -58.10 29.88 -95.29
N PRO J 543 -58.96 29.69 -94.28
CA PRO J 543 -60.04 30.67 -94.05
C PRO J 543 -59.55 32.04 -93.65
N LYS J 544 -58.39 32.12 -92.98
CA LYS J 544 -57.84 33.41 -92.58
C LYS J 544 -57.41 34.23 -93.78
N VAL J 545 -56.82 33.58 -94.78
CA VAL J 545 -56.40 34.29 -95.99
C VAL J 545 -57.61 34.80 -96.76
N TRP J 546 -58.68 33.99 -96.82
CA TRP J 546 -59.91 34.42 -97.48
C TRP J 546 -60.57 35.57 -96.74
N ILE J 547 -60.54 35.53 -95.39
CA ILE J 547 -61.08 36.62 -94.60
C ILE J 547 -60.28 37.90 -94.80
N SER J 548 -58.95 37.77 -94.90
CA SER J 548 -58.10 38.93 -95.16
C SER J 548 -58.37 39.50 -96.56
N TYR J 549 -58.58 38.63 -97.55
CA TYR J 549 -58.91 39.09 -98.89
C TYR J 549 -60.26 39.80 -98.93
N ALA J 550 -61.25 39.27 -98.19
CA ALA J 550 -62.55 39.92 -98.11
C ALA J 550 -62.45 41.28 -97.41
N GLN J 551 -61.64 41.36 -96.35
CA GLN J 551 -61.44 42.63 -95.66
C GLN J 551 -60.72 43.65 -96.55
N PHE J 552 -59.76 43.19 -97.35
CA PHE J 552 -59.07 44.08 -98.27
C PHE J 552 -60.00 44.56 -99.39
N GLU J 553 -60.89 43.68 -99.86
CA GLU J 553 -61.88 44.08 -100.86
C GLU J 553 -62.88 45.07 -100.29
N ILE J 554 -63.27 44.88 -99.03
CA ILE J 554 -64.20 45.80 -98.38
C ILE J 554 -63.54 47.16 -98.14
N ASN J 555 -62.26 47.15 -97.76
CA ASN J 555 -61.54 48.39 -97.48
C ASN J 555 -61.03 49.07 -98.75
N ILE J 556 -61.15 48.44 -99.91
CA ILE J 556 -60.72 49.03 -101.16
C ILE J 556 -61.71 50.12 -101.55
N PRO J 557 -61.26 51.36 -101.77
CA PRO J 557 -62.20 52.43 -102.10
C PRO J 557 -62.40 52.58 -103.60
N ASP J 558 -63.64 52.84 -103.98
CA ASP J 558 -63.98 53.04 -105.38
C ASP J 558 -63.47 54.40 -105.86
N THR J 559 -63.23 54.49 -107.18
CA THR J 559 -62.75 55.73 -107.77
C THR J 559 -63.84 56.80 -107.84
N GLU J 560 -65.11 56.39 -107.86
CA GLU J 560 -66.19 57.37 -107.92
C GLU J 560 -66.39 58.08 -106.59
N THR J 561 -66.09 57.42 -105.48
CA THR J 561 -66.25 58.01 -104.17
C THR J 561 -65.08 58.90 -103.76
N GLU J 562 -63.98 58.90 -104.52
CA GLU J 562 -62.83 59.73 -104.18
C GLU J 562 -63.10 61.20 -104.48
N ALA J 563 -63.92 61.49 -105.49
CA ALA J 563 -64.23 62.87 -105.85
C ALA J 563 -65.25 63.51 -104.94
N GLN J 564 -65.95 62.73 -104.10
CA GLN J 564 -66.96 63.26 -103.19
C GLN J 564 -66.59 63.06 -101.73
N ALA J 565 -65.39 62.55 -101.44
CA ALA J 565 -64.94 62.33 -100.07
C ALA J 565 -64.25 63.58 -99.57
N ALA J 566 -64.92 64.31 -98.68
CA ALA J 566 -64.34 65.52 -98.10
C ALA J 566 -63.30 65.17 -97.04
N GLU J 567 -62.45 66.15 -96.74
CA GLU J 567 -61.41 65.95 -95.73
C GLU J 567 -62.04 65.90 -94.34
N GLY J 568 -61.58 64.92 -93.55
CA GLY J 568 -62.10 64.74 -92.21
C GLY J 568 -63.36 63.91 -92.12
N GLU J 569 -63.88 63.42 -93.24
CA GLU J 569 -65.09 62.61 -93.26
C GLU J 569 -64.74 61.19 -93.67
N GLU J 570 -65.29 60.21 -92.95
CA GLU J 570 -65.02 58.81 -93.26
C GLU J 570 -65.75 58.39 -94.53
N ILE J 571 -65.05 57.68 -95.39
CA ILE J 571 -65.65 57.19 -96.64
C ILE J 571 -66.57 56.02 -96.33
N PRO J 572 -67.83 56.08 -96.73
CA PRO J 572 -68.74 54.94 -96.47
C PRO J 572 -68.37 53.72 -97.32
N VAL J 573 -68.73 52.55 -96.80
CA VAL J 573 -68.44 51.30 -97.49
C VAL J 573 -69.39 51.16 -98.67
N SER J 574 -68.84 51.00 -99.86
CA SER J 574 -69.66 50.87 -101.06
C SER J 574 -70.33 49.50 -101.12
N GLU J 575 -71.43 49.44 -101.87
CA GLU J 575 -72.13 48.17 -102.05
C GLU J 575 -71.33 47.19 -102.91
N ALA J 576 -70.50 47.72 -103.82
CA ALA J 576 -69.65 46.85 -104.63
C ALA J 576 -68.60 46.14 -103.79
N ALA J 577 -68.03 46.83 -102.81
CA ALA J 577 -67.07 46.21 -101.91
C ALA J 577 -67.72 45.12 -101.06
N LYS J 578 -68.94 45.38 -100.57
CA LYS J 578 -69.68 44.37 -99.82
C LYS J 578 -70.02 43.17 -100.69
N ALA J 579 -70.40 43.41 -101.94
CA ALA J 579 -70.69 42.31 -102.87
C ALA J 579 -69.44 41.48 -103.16
N ARG J 580 -68.29 42.15 -103.32
CA ARG J 580 -67.04 41.43 -103.54
C ARG J 580 -66.65 40.61 -102.31
N ALA J 581 -66.86 41.16 -101.11
CA ALA J 581 -66.57 40.41 -99.89
C ALA J 581 -67.51 39.21 -99.75
N ARG J 582 -68.78 39.38 -100.10
CA ARG J 582 -69.73 38.27 -100.06
C ARG J 582 -69.38 37.19 -101.08
N GLY J 583 -68.93 37.60 -102.27
CA GLY J 583 -68.50 36.62 -103.26
C GLY J 583 -67.25 35.87 -102.83
N VAL J 584 -66.30 36.57 -102.19
CA VAL J 584 -65.10 35.93 -101.67
C VAL J 584 -65.46 34.95 -100.56
N PHE J 585 -66.41 35.33 -99.69
CA PHE J 585 -66.87 34.43 -98.64
C PHE J 585 -67.58 33.20 -99.21
N GLU J 586 -68.37 33.39 -100.27
CA GLU J 586 -69.03 32.26 -100.92
C GLU J 586 -68.02 31.32 -101.57
N ARG J 587 -67.00 31.89 -102.21
CA ARG J 587 -65.94 31.06 -102.81
C ARG J 587 -65.17 30.30 -101.73
N ALA J 588 -64.90 30.95 -100.59
CA ALA J 588 -64.24 30.28 -99.48
C ALA J 588 -65.10 29.16 -98.91
N LEU J 589 -66.41 29.38 -98.80
CA LEU J 589 -67.32 28.34 -98.33
C LEU J 589 -67.37 27.17 -99.30
N LYS J 590 -67.37 27.45 -100.60
CA LYS J 590 -67.34 26.38 -101.59
C LYS J 590 -66.04 25.59 -101.53
N SER J 591 -64.91 26.29 -101.35
CA SER J 591 -63.62 25.61 -101.23
C SER J 591 -63.56 24.76 -99.96
N MET J 592 -64.11 25.26 -98.85
CA MET J 592 -64.16 24.49 -97.62
C MET J 592 -65.08 23.28 -97.72
N LYS J 593 -66.22 23.41 -98.43
CA LYS J 593 -67.09 22.27 -98.64
C LYS J 593 -66.43 21.23 -99.55
N GLU J 594 -65.67 21.68 -100.55
CA GLU J 594 -64.90 20.75 -101.37
C GLU J 594 -63.77 20.08 -100.60
N ARG J 595 -63.17 20.78 -99.63
CA ARG J 595 -62.11 20.20 -98.80
C ARG J 595 -62.65 19.45 -97.60
N ASP J 596 -63.96 19.50 -97.35
CA ASP J 596 -64.63 18.80 -96.25
C ASP J 596 -64.04 19.18 -94.88
N LEU J 597 -63.78 20.47 -94.71
CA LEU J 597 -63.27 21.00 -93.44
C LEU J 597 -64.45 21.62 -92.68
N LYS J 598 -64.91 20.92 -91.65
CA LYS J 598 -66.09 21.39 -90.91
C LYS J 598 -65.75 22.59 -90.03
N ALA J 599 -64.61 22.54 -89.34
CA ALA J 599 -64.22 23.64 -88.46
C ALA J 599 -63.91 24.90 -89.25
N GLU J 600 -63.22 24.76 -90.40
CA GLU J 600 -62.94 25.91 -91.25
C GLU J 600 -64.22 26.50 -91.83
N ARG J 601 -65.17 25.64 -92.21
CA ARG J 601 -66.46 26.13 -92.70
C ARG J 601 -67.24 26.85 -91.61
N VAL J 602 -67.18 26.34 -90.38
CA VAL J 602 -67.86 27.00 -89.27
C VAL J 602 -67.24 28.36 -88.97
N ALA J 603 -65.90 28.43 -89.01
CA ALA J 603 -65.21 29.71 -88.79
C ALA J 603 -65.53 30.70 -89.90
N LEU J 604 -65.58 30.23 -91.15
CA LEU J 604 -65.94 31.11 -92.27
C LEU J 604 -67.38 31.59 -92.17
N LEU J 605 -68.29 30.72 -91.72
CA LEU J 605 -69.68 31.12 -91.52
C LEU J 605 -69.81 32.15 -90.39
N ARG J 606 -69.04 31.97 -89.31
CA ARG J 606 -69.05 32.95 -88.23
C ARG J 606 -68.48 34.29 -88.69
N ALA J 607 -67.41 34.26 -89.49
CA ALA J 607 -66.85 35.50 -90.03
C ALA J 607 -67.83 36.20 -90.98
N TRP J 608 -68.53 35.41 -91.80
CA TRP J 608 -69.53 35.99 -92.70
C TRP J 608 -70.70 36.58 -91.93
N LEU J 609 -71.12 35.92 -90.85
CA LEU J 609 -72.19 36.47 -90.01
C LEU J 609 -71.74 37.76 -89.33
N GLU J 610 -70.49 37.81 -88.87
CA GLU J 610 -69.97 39.03 -88.27
C GLU J 610 -69.88 40.17 -89.29
N PHE J 611 -69.48 39.85 -90.52
CA PHE J 611 -69.42 40.86 -91.58
C PHE J 611 -70.81 41.35 -91.95
N GLU J 612 -71.79 40.44 -91.99
CA GLU J 612 -73.16 40.83 -92.29
C GLU J 612 -73.77 41.66 -91.16
N ARG J 613 -73.39 41.39 -89.92
CA ARG J 613 -73.83 42.23 -88.81
C ARG J 613 -73.16 43.59 -88.84
N THR J 614 -71.90 43.65 -89.25
CA THR J 614 -71.17 44.92 -89.23
C THR J 614 -71.61 45.84 -90.36
N HIS J 615 -71.78 45.31 -91.58
CA HIS J 615 -72.01 46.17 -92.74
C HIS J 615 -73.24 45.74 -93.54
N GLY J 616 -73.53 44.45 -93.55
CA GLY J 616 -74.62 43.93 -94.36
C GLY J 616 -75.98 44.16 -93.72
N ALA J 617 -77.01 43.71 -94.43
CA ALA J 617 -78.38 43.84 -93.95
C ALA J 617 -78.70 42.74 -92.95
N ALA J 618 -79.89 42.84 -92.34
CA ALA J 618 -80.31 41.82 -91.38
C ALA J 618 -80.70 40.52 -92.05
N GLU J 619 -81.17 40.60 -93.30
CA GLU J 619 -81.53 39.38 -94.05
C GLU J 619 -80.31 38.51 -94.31
N ASP J 620 -79.17 39.13 -94.65
CA ASP J 620 -77.94 38.36 -94.87
C ASP J 620 -77.47 37.72 -93.58
N VAL J 621 -77.60 38.43 -92.45
CA VAL J 621 -77.21 37.88 -91.16
C VAL J 621 -78.12 36.71 -90.78
N GLU J 622 -79.42 36.83 -91.05
CA GLU J 622 -80.35 35.74 -90.77
C GLU J 622 -80.07 34.53 -91.67
N ARG J 623 -79.71 34.77 -92.93
CA ARG J 623 -79.38 33.67 -93.83
C ARG J 623 -78.08 32.99 -93.41
N ILE J 624 -77.12 33.76 -92.91
CA ILE J 624 -75.86 33.17 -92.43
C ILE J 624 -76.10 32.37 -91.16
N ARG J 625 -76.99 32.86 -90.28
CA ARG J 625 -77.30 32.13 -89.06
C ARG J 625 -78.10 30.88 -89.34
N ARG J 626 -78.95 30.89 -90.36
CA ARG J 626 -79.74 29.71 -90.70
C ARG J 626 -78.87 28.61 -91.32
N GLN J 627 -77.78 29.00 -91.98
CA GLN J 627 -76.89 28.03 -92.60
C GLN J 627 -76.01 27.35 -91.56
N VAL K 4 -40.50 -36.35 -19.84
CA VAL K 4 -39.60 -36.76 -20.92
C VAL K 4 -38.65 -35.60 -21.27
N LYS K 5 -37.38 -35.93 -21.47
CA LYS K 5 -36.37 -34.92 -21.78
C LYS K 5 -36.50 -34.55 -23.26
N GLY K 6 -37.07 -33.38 -23.51
CA GLY K 6 -37.29 -32.93 -24.88
C GLY K 6 -38.71 -32.44 -25.09
N GLY K 7 -39.26 -32.67 -26.27
CA GLY K 7 -40.63 -32.32 -26.57
C GLY K 7 -40.77 -30.95 -27.18
N VAL K 8 -42.02 -30.63 -27.54
CA VAL K 8 -42.32 -29.33 -28.12
C VAL K 8 -42.19 -28.25 -27.05
N TRP K 9 -41.88 -27.03 -27.48
CA TRP K 9 -41.66 -25.91 -26.56
C TRP K 9 -42.96 -25.15 -26.33
N THR K 10 -43.25 -24.86 -25.08
CA THR K 10 -44.44 -24.11 -24.68
C THR K 10 -44.07 -22.64 -24.45
N ASN K 11 -45.10 -21.81 -24.31
CA ASN K 11 -44.88 -20.39 -24.01
C ASN K 11 -44.38 -20.19 -22.59
N ILE K 12 -44.85 -21.02 -21.65
CA ILE K 12 -44.39 -20.93 -20.26
C ILE K 12 -42.90 -21.26 -20.18
N GLU K 13 -42.49 -22.33 -20.86
CA GLU K 13 -41.07 -22.70 -20.91
C GLU K 13 -40.25 -21.62 -21.59
N ASP K 14 -40.79 -21.00 -22.64
CA ASP K 14 -40.09 -19.93 -23.33
C ASP K 14 -39.89 -18.72 -22.42
N GLU K 15 -40.91 -18.36 -21.64
CA GLU K 15 -40.79 -17.19 -20.78
C GLU K 15 -39.88 -17.47 -19.59
N ILE K 16 -39.90 -18.69 -19.05
CA ILE K 16 -38.96 -19.06 -18.00
C ILE K 16 -37.53 -19.07 -18.54
N LEU K 17 -37.35 -19.51 -19.79
CA LEU K 17 -36.06 -19.45 -20.44
C LEU K 17 -35.57 -18.01 -20.59
N LYS K 18 -36.45 -17.10 -20.99
CA LYS K 18 -36.07 -15.70 -21.12
C LYS K 18 -35.74 -15.07 -19.77
N ALA K 19 -36.52 -15.40 -18.74
CA ALA K 19 -36.25 -14.87 -17.40
C ALA K 19 -34.94 -15.40 -16.84
N ALA K 20 -34.64 -16.68 -17.05
CA ALA K 20 -33.38 -17.24 -16.58
C ALA K 20 -32.19 -16.71 -17.37
N VAL K 21 -32.38 -16.42 -18.66
CA VAL K 21 -31.33 -15.74 -19.43
C VAL K 21 -31.11 -14.34 -18.88
N SER K 22 -32.19 -13.67 -18.48
CA SER K 22 -32.07 -12.34 -17.88
C SER K 22 -31.29 -12.39 -16.57
N LYS K 23 -31.58 -13.37 -15.73
CA LYS K 23 -30.93 -13.44 -14.42
C LYS K 23 -29.53 -14.04 -14.48
N TYR K 24 -29.21 -14.84 -15.51
CA TYR K 24 -28.01 -15.66 -15.49
C TYR K 24 -27.06 -15.39 -16.65
N GLY K 25 -27.56 -15.07 -17.83
CA GLY K 25 -26.70 -14.85 -18.98
C GLY K 25 -26.73 -16.00 -19.96
N LEU K 26 -25.85 -15.91 -20.95
CA LEU K 26 -25.80 -16.88 -22.04
C LEU K 26 -24.71 -17.93 -21.87
N ASN K 27 -23.75 -17.72 -20.98
CA ASN K 27 -22.68 -18.66 -20.75
C ASN K 27 -22.97 -19.61 -19.60
N GLN K 28 -24.20 -19.62 -19.09
CA GLN K 28 -24.60 -20.50 -17.99
C GLN K 28 -25.95 -21.11 -18.36
N TRP K 29 -25.90 -22.28 -19.02
CA TRP K 29 -27.12 -22.93 -19.48
C TRP K 29 -27.60 -24.03 -18.54
N ALA K 30 -26.74 -24.54 -17.66
CA ALA K 30 -27.15 -25.58 -16.73
C ALA K 30 -28.14 -25.05 -15.69
N ARG K 31 -27.91 -23.83 -15.20
CA ARG K 31 -28.85 -23.21 -14.28
C ARG K 31 -30.19 -22.94 -14.96
N VAL K 32 -30.15 -22.45 -16.20
CA VAL K 32 -31.35 -22.16 -16.97
C VAL K 32 -32.15 -23.43 -17.21
N SER K 33 -31.47 -24.53 -17.52
CA SER K 33 -32.15 -25.81 -17.66
C SER K 33 -32.65 -26.32 -16.31
N SER K 34 -32.00 -25.92 -15.21
CA SER K 34 -32.45 -26.36 -13.90
C SER K 34 -33.72 -25.63 -13.46
N LEU K 35 -33.96 -24.41 -13.95
CA LEU K 35 -35.30 -23.82 -13.78
C LEU K 35 -36.34 -24.64 -14.51
N LEU K 36 -36.05 -25.07 -15.73
CA LEU K 36 -36.98 -25.90 -16.48
C LEU K 36 -36.96 -27.34 -15.95
N ALA K 37 -37.84 -28.17 -16.50
CA ALA K 37 -37.96 -29.54 -16.05
C ALA K 37 -37.77 -30.58 -17.13
N ARG K 38 -38.17 -30.29 -18.37
CA ARG K 38 -38.15 -31.27 -19.45
C ARG K 38 -37.10 -30.97 -20.52
N LYS K 39 -36.22 -30.01 -20.28
CA LYS K 39 -35.28 -29.57 -21.31
C LYS K 39 -33.85 -29.61 -20.78
N THR K 40 -32.94 -30.09 -21.63
CA THR K 40 -31.52 -30.16 -21.35
C THR K 40 -30.88 -28.78 -21.51
N PRO K 41 -29.67 -28.58 -20.96
CA PRO K 41 -28.96 -27.32 -21.26
C PRO K 41 -28.73 -27.09 -22.74
N LYS K 42 -28.44 -28.15 -23.50
CA LYS K 42 -28.25 -28.02 -24.94
C LYS K 42 -29.56 -27.66 -25.64
N GLN K 43 -30.67 -28.22 -25.17
CA GLN K 43 -31.97 -27.89 -25.79
C GLN K 43 -32.37 -26.44 -25.50
N CYS K 44 -32.12 -25.96 -24.28
CA CYS K 44 -32.38 -24.56 -23.97
C CYS K 44 -31.50 -23.64 -24.80
N LYS K 45 -30.22 -24.00 -24.96
CA LYS K 45 -29.31 -23.20 -25.78
C LYS K 45 -29.75 -23.19 -27.24
N ALA K 46 -30.21 -24.33 -27.76
CA ALA K 46 -30.69 -24.39 -29.13
C ALA K 46 -31.97 -23.58 -29.32
N ARG K 47 -32.87 -23.63 -28.33
CA ARG K 47 -34.10 -22.84 -28.40
C ARG K 47 -33.79 -21.35 -28.37
N TRP K 48 -32.82 -20.94 -27.55
CA TRP K 48 -32.42 -19.54 -27.53
C TRP K 48 -31.77 -19.13 -28.85
N ASN K 49 -30.86 -19.96 -29.37
CA ASN K 49 -30.08 -19.59 -30.55
C ASN K 49 -30.88 -19.68 -31.84
N GLU K 50 -31.97 -20.46 -31.86
CA GLU K 50 -32.74 -20.62 -33.09
C GLU K 50 -34.04 -19.86 -33.11
N TRP K 51 -34.75 -19.74 -31.98
CA TRP K 51 -36.01 -19.02 -31.95
C TRP K 51 -36.01 -17.82 -31.02
N LEU K 52 -35.68 -18.00 -29.75
CA LEU K 52 -36.03 -17.03 -28.72
C LEU K 52 -35.10 -15.83 -28.66
N ASP K 53 -34.01 -15.82 -29.40
CA ASP K 53 -33.20 -14.61 -29.48
C ASP K 53 -33.96 -13.56 -30.29
N PRO K 54 -34.18 -12.37 -29.74
CA PRO K 54 -34.87 -11.32 -30.49
C PRO K 54 -33.98 -10.53 -31.45
N SER K 55 -32.76 -10.98 -31.69
CA SER K 55 -31.98 -10.58 -32.84
C SER K 55 -32.23 -11.48 -34.03
N ILE K 56 -33.32 -12.23 -34.01
CA ILE K 56 -33.75 -13.05 -35.13
C ILE K 56 -34.89 -12.31 -35.83
N LYS K 57 -34.80 -12.18 -37.15
CA LYS K 57 -35.83 -11.51 -37.93
C LYS K 57 -36.99 -12.46 -38.15
N LYS K 58 -38.13 -12.16 -37.52
CA LYS K 58 -39.25 -13.10 -37.44
C LYS K 58 -40.47 -12.64 -38.23
N ILE K 59 -40.28 -11.91 -39.33
CA ILE K 59 -41.40 -11.51 -40.16
C ILE K 59 -41.24 -12.12 -41.54
N GLU K 60 -42.15 -11.78 -42.45
CA GLU K 60 -42.05 -12.21 -43.84
C GLU K 60 -40.79 -11.65 -44.49
N TRP K 61 -40.13 -12.49 -45.30
CA TRP K 61 -38.89 -12.10 -45.96
C TRP K 61 -39.12 -10.99 -46.97
N SER K 62 -38.18 -10.05 -47.03
CA SER K 62 -38.15 -9.09 -48.12
C SER K 62 -37.64 -9.78 -49.39
N ARG K 63 -37.83 -9.10 -50.52
CA ARG K 63 -37.45 -9.69 -51.80
C ARG K 63 -35.93 -9.80 -51.93
N GLU K 64 -35.21 -8.75 -51.54
CA GLU K 64 -33.75 -8.74 -51.67
C GLU K 64 -33.13 -9.82 -50.80
N GLU K 65 -33.74 -10.13 -49.67
CA GLU K 65 -33.37 -11.31 -48.90
C GLU K 65 -33.55 -12.58 -49.72
N ASP K 66 -34.58 -12.63 -50.58
CA ASP K 66 -34.79 -13.83 -51.38
C ASP K 66 -33.75 -13.98 -52.48
N GLU K 67 -33.37 -12.88 -53.16
CA GLU K 67 -32.27 -13.02 -54.11
C GLU K 67 -30.95 -13.34 -53.41
N LYS K 68 -30.72 -12.77 -52.22
CA LYS K 68 -29.51 -13.12 -51.46
C LYS K 68 -29.49 -14.60 -51.10
N LEU K 69 -30.63 -15.13 -50.64
CA LEU K 69 -30.72 -16.53 -50.28
C LEU K 69 -30.52 -17.44 -51.48
N LEU K 70 -31.11 -17.09 -52.63
CA LEU K 70 -30.99 -17.94 -53.81
C LEU K 70 -29.57 -17.90 -54.38
N HIS K 71 -28.93 -16.73 -54.41
CA HIS K 71 -27.55 -16.66 -54.87
C HIS K 71 -26.61 -17.41 -53.92
N LEU K 72 -26.84 -17.31 -52.61
CA LEU K 72 -25.97 -17.99 -51.67
C LEU K 72 -26.18 -19.50 -51.68
N ALA K 73 -27.41 -19.94 -51.94
CA ALA K 73 -27.68 -21.37 -52.12
C ALA K 73 -27.16 -21.88 -53.46
N LYS K 74 -26.95 -20.98 -54.42
CA LYS K 74 -26.27 -21.32 -55.65
C LYS K 74 -24.76 -21.45 -55.49
N LEU K 75 -24.13 -20.59 -54.69
CA LEU K 75 -22.68 -20.63 -54.54
C LEU K 75 -22.23 -21.59 -53.45
N MET K 76 -23.07 -21.87 -52.46
CA MET K 76 -22.74 -22.78 -51.36
C MET K 76 -23.85 -23.82 -51.23
N PRO K 77 -23.79 -24.90 -52.00
CA PRO K 77 -24.80 -25.96 -51.89
C PRO K 77 -24.77 -26.65 -50.54
N THR K 78 -25.89 -26.60 -49.82
CA THR K 78 -26.18 -27.32 -48.58
C THR K 78 -25.29 -26.91 -47.42
N GLN K 79 -24.60 -25.77 -47.49
CA GLN K 79 -23.87 -25.23 -46.36
C GLN K 79 -24.73 -24.13 -45.72
N TRP K 80 -25.79 -24.56 -45.03
CA TRP K 80 -26.77 -23.60 -44.53
C TRP K 80 -26.29 -22.86 -43.30
N ARG K 81 -25.44 -23.49 -42.47
CA ARG K 81 -24.84 -22.79 -41.35
C ARG K 81 -23.84 -21.73 -41.80
N THR K 82 -23.39 -21.78 -43.05
CA THR K 82 -22.55 -20.74 -43.63
C THR K 82 -23.38 -19.67 -44.33
N ILE K 83 -24.45 -20.09 -45.03
CA ILE K 83 -25.32 -19.14 -45.72
C ILE K 83 -26.03 -18.24 -44.72
N ALA K 84 -26.50 -18.80 -43.61
CA ALA K 84 -27.39 -18.07 -42.70
C ALA K 84 -26.78 -16.80 -42.08
N PRO K 85 -25.52 -16.75 -41.64
CA PRO K 85 -24.99 -15.44 -41.20
C PRO K 85 -24.96 -14.38 -42.29
N ILE K 86 -24.74 -14.76 -43.54
CA ILE K 86 -24.63 -13.79 -44.61
C ILE K 86 -26.01 -13.24 -44.99
N VAL K 87 -27.02 -14.12 -45.05
CA VAL K 87 -28.38 -13.68 -45.36
C VAL K 87 -28.93 -12.81 -44.24
N GLY K 88 -28.74 -13.24 -43.00
CA GLY K 88 -29.26 -12.52 -41.84
C GLY K 88 -30.31 -13.27 -41.06
N ARG K 89 -30.61 -14.52 -41.39
CA ARG K 89 -31.57 -15.34 -40.67
C ARG K 89 -30.85 -16.55 -40.06
N THR K 90 -31.63 -17.47 -39.51
CA THR K 90 -31.09 -18.71 -39.00
C THR K 90 -31.00 -19.75 -40.13
N ALA K 91 -30.29 -20.84 -39.85
CA ALA K 91 -30.11 -21.89 -40.86
C ALA K 91 -31.43 -22.57 -41.19
N ASN K 92 -32.25 -22.83 -40.18
CA ASN K 92 -33.55 -23.47 -40.42
C ASN K 92 -34.51 -22.53 -41.14
N GLN K 93 -34.46 -21.23 -40.80
CA GLN K 93 -35.31 -20.26 -41.49
C GLN K 93 -34.92 -20.13 -42.95
N CYS K 94 -33.62 -20.06 -43.23
CA CYS K 94 -33.14 -19.98 -44.61
C CYS K 94 -33.49 -21.25 -45.38
N LEU K 95 -33.34 -22.42 -44.75
CA LEU K 95 -33.69 -23.68 -45.40
C LEU K 95 -35.18 -23.77 -45.69
N GLU K 96 -36.01 -23.33 -44.74
CA GLU K 96 -37.46 -23.38 -44.93
C GLU K 96 -37.91 -22.40 -46.02
N ARG K 97 -37.32 -21.20 -46.06
CA ARG K 97 -37.66 -20.25 -47.11
C ARG K 97 -37.20 -20.74 -48.47
N TYR K 98 -36.02 -21.37 -48.54
CA TYR K 98 -35.53 -21.94 -49.79
C TYR K 98 -36.46 -23.05 -50.29
N GLN K 99 -36.87 -23.96 -49.39
CA GLN K 99 -37.78 -25.02 -49.78
C GLN K 99 -39.15 -24.47 -50.17
N LYS K 100 -39.59 -23.39 -49.49
CA LYS K 100 -40.86 -22.76 -49.85
C LYS K 100 -40.80 -22.12 -51.23
N LEU K 101 -39.67 -21.49 -51.57
CA LEU K 101 -39.52 -20.92 -52.91
C LEU K 101 -39.49 -22.01 -53.98
N LEU K 102 -38.81 -23.14 -53.69
CA LEU K 102 -38.83 -24.27 -54.62
C LEU K 102 -40.24 -24.82 -54.82
N ASP K 103 -40.99 -24.99 -53.73
CA ASP K 103 -42.35 -25.49 -53.86
C ASP K 103 -43.28 -24.49 -54.55
N GLU K 104 -43.07 -23.19 -54.32
CA GLU K 104 -43.88 -22.18 -55.00
C GLU K 104 -43.58 -22.14 -56.49
N ALA K 105 -42.32 -22.34 -56.87
CA ALA K 105 -42.00 -22.42 -58.30
C ALA K 105 -42.56 -23.69 -58.92
N GLU K 106 -42.59 -24.80 -58.16
CA GLU K 106 -43.26 -26.01 -58.65
C GLU K 106 -44.74 -25.78 -58.84
N GLN K 107 -45.38 -25.05 -57.92
CA GLN K 107 -46.79 -24.72 -58.05
C GLN K 107 -47.04 -23.80 -59.24
N ARG K 108 -46.12 -22.87 -59.51
CA ARG K 108 -46.23 -22.02 -60.70
C ARG K 108 -46.10 -22.83 -61.98
N GLU K 109 -45.15 -23.78 -62.00
CA GLU K 109 -45.01 -24.65 -63.16
C GLU K 109 -46.26 -25.50 -63.38
N ALA K 110 -46.87 -25.97 -62.30
CA ALA K 110 -48.15 -26.68 -62.41
C ALA K 110 -49.28 -25.76 -62.85
N SER K 111 -49.23 -24.49 -62.46
CA SER K 111 -50.31 -23.56 -62.78
C SER K 111 -50.32 -23.20 -64.26
N GLU K 112 -49.18 -22.73 -64.78
CA GLU K 112 -49.11 -22.47 -66.22
C GLU K 112 -48.84 -23.72 -67.05
N LEU K 113 -48.69 -24.89 -66.43
CA LEU K 113 -48.65 -26.12 -67.20
C LEU K 113 -50.04 -26.72 -67.39
N GLY K 114 -51.00 -26.34 -66.56
CA GLY K 114 -52.35 -26.86 -66.62
C GLY K 114 -52.67 -27.94 -65.61
N LEU K 115 -51.77 -28.23 -64.67
CA LEU K 115 -52.04 -29.25 -63.67
C LEU K 115 -53.03 -28.77 -62.62
N THR K 116 -53.21 -27.45 -62.49
CA THR K 116 -54.14 -26.89 -61.51
C THR K 116 -55.53 -26.87 -62.12
N GLY K 117 -56.32 -27.89 -61.82
CA GLY K 117 -57.67 -27.98 -62.33
C GLY K 117 -58.69 -27.56 -61.29
N PRO K 118 -59.39 -28.53 -60.70
CA PRO K 118 -60.35 -28.22 -59.63
C PRO K 118 -59.61 -27.81 -58.36
N ASP K 119 -59.92 -26.61 -57.88
CA ASP K 119 -59.29 -26.12 -56.66
C ASP K 119 -59.85 -26.85 -55.44
N GLY K 120 -58.96 -27.37 -54.60
CA GLY K 120 -59.36 -28.12 -53.44
C GLY K 120 -59.68 -29.58 -53.70
N GLY K 121 -59.49 -30.06 -54.94
CA GLY K 121 -59.81 -31.43 -55.25
C GLY K 121 -58.77 -32.40 -54.72
N GLU K 122 -59.18 -33.68 -54.64
CA GLU K 122 -58.31 -34.72 -54.14
C GLU K 122 -57.32 -35.24 -55.18
N THR K 123 -57.51 -34.89 -56.46
CA THR K 123 -56.58 -35.30 -57.50
C THR K 123 -55.39 -34.35 -57.64
N ARG K 124 -55.42 -33.22 -56.95
CA ARG K 124 -54.31 -32.29 -56.96
C ARG K 124 -53.11 -32.89 -56.25
N ALA K 125 -51.98 -32.98 -56.94
CA ALA K 125 -50.76 -33.50 -56.34
C ALA K 125 -50.26 -32.53 -55.28
N PRO K 126 -50.00 -32.98 -54.06
CA PRO K 126 -49.58 -32.06 -52.99
C PRO K 126 -48.15 -31.60 -53.18
N THR K 127 -47.82 -30.50 -52.50
CA THR K 127 -46.48 -29.95 -52.52
C THR K 127 -45.60 -30.70 -51.53
N ALA K 128 -44.34 -30.27 -51.42
CA ALA K 128 -43.41 -30.87 -50.46
C ALA K 128 -43.77 -30.48 -49.02
N GLU K 129 -44.54 -29.41 -48.83
CA GLU K 129 -44.93 -29.01 -47.48
C GLU K 129 -45.90 -30.01 -46.87
N ASP K 130 -46.79 -30.58 -47.68
CA ASP K 130 -47.71 -31.60 -47.19
C ASP K 130 -46.98 -32.87 -46.79
N VAL K 131 -45.94 -33.26 -47.53
CA VAL K 131 -45.13 -34.41 -47.14
C VAL K 131 -44.33 -34.08 -45.88
N ARG K 132 -43.82 -32.85 -45.78
CA ARG K 132 -43.08 -32.42 -44.61
C ARG K 132 -43.94 -32.26 -43.37
N LYS K 133 -45.27 -32.25 -43.52
CA LYS K 133 -46.16 -32.30 -42.37
C LYS K 133 -46.01 -33.63 -41.66
N LEU K 134 -46.01 -33.59 -40.32
CA LEU K 134 -45.76 -34.79 -39.53
C LEU K 134 -46.94 -35.74 -39.60
N ARG K 135 -46.65 -37.02 -39.86
CA ARG K 135 -47.66 -38.05 -39.78
C ARG K 135 -48.05 -38.31 -38.33
N PRO K 136 -49.24 -38.88 -38.09
CA PRO K 136 -49.59 -39.27 -36.71
C PRO K 136 -48.68 -40.35 -36.15
N GLY K 137 -47.86 -39.99 -35.17
CA GLY K 137 -46.90 -40.91 -34.60
C GLY K 137 -45.49 -40.65 -35.08
N GLU K 138 -45.15 -39.38 -35.27
CA GLU K 138 -43.87 -38.97 -35.81
C GLU K 138 -43.28 -37.86 -34.94
N ILE K 139 -41.96 -37.78 -34.90
CA ILE K 139 -41.24 -36.90 -33.98
C ILE K 139 -40.65 -35.75 -34.78
N ASP K 140 -40.86 -34.53 -34.30
CA ASP K 140 -40.28 -33.35 -34.91
C ASP K 140 -38.77 -33.32 -34.69
N PRO K 141 -37.96 -33.29 -35.75
CA PRO K 141 -36.50 -33.26 -35.54
C PRO K 141 -35.98 -31.93 -35.02
N ASP K 142 -36.71 -30.83 -35.22
CA ASP K 142 -36.29 -29.51 -34.77
C ASP K 142 -37.41 -28.85 -33.98
N PRO K 143 -37.62 -29.27 -32.72
CA PRO K 143 -38.66 -28.63 -31.90
C PRO K 143 -38.29 -27.23 -31.44
N GLU K 144 -37.01 -26.85 -31.51
CA GLU K 144 -36.59 -25.52 -31.11
C GLU K 144 -36.85 -24.47 -32.18
N THR K 145 -37.21 -24.87 -33.39
CA THR K 145 -37.48 -23.93 -34.47
C THR K 145 -38.95 -23.58 -34.59
N LYS K 146 -39.84 -24.47 -34.14
CA LYS K 146 -41.26 -24.19 -34.15
C LYS K 146 -41.58 -23.06 -33.17
N PRO K 147 -42.59 -22.21 -33.48
CA PRO K 147 -42.79 -20.96 -32.71
C PRO K 147 -43.05 -21.13 -31.23
N ALA K 148 -44.16 -21.79 -30.86
CA ALA K 148 -44.59 -21.90 -29.47
C ALA K 148 -45.76 -22.85 -29.33
N ARG K 149 -46.22 -23.06 -28.10
CA ARG K 149 -47.48 -23.72 -27.83
C ARG K 149 -48.32 -22.78 -26.99
N PRO K 150 -49.56 -22.48 -27.38
CA PRO K 150 -50.39 -21.59 -26.58
C PRO K 150 -50.77 -22.21 -25.24
N ASP K 151 -51.06 -21.34 -24.28
CA ASP K 151 -51.36 -21.76 -22.93
C ASP K 151 -52.78 -22.30 -22.83
N THR K 152 -53.17 -22.68 -21.62
CA THR K 152 -54.51 -23.14 -21.32
C THR K 152 -55.11 -22.29 -20.22
N ILE K 153 -56.44 -22.28 -20.13
CA ILE K 153 -57.11 -21.64 -19.00
C ILE K 153 -56.84 -22.42 -17.73
N ASP K 154 -56.95 -23.75 -17.79
CA ASP K 154 -56.62 -24.62 -16.67
C ASP K 154 -55.19 -25.13 -16.80
N LEU K 155 -54.27 -24.46 -16.11
CA LEU K 155 -52.88 -24.88 -16.14
C LEU K 155 -52.70 -26.21 -15.41
N ASP K 156 -51.77 -27.02 -15.91
CA ASP K 156 -51.41 -28.24 -15.20
C ASP K 156 -50.52 -27.90 -14.00
N GLU K 157 -50.32 -28.89 -13.13
CA GLU K 157 -49.57 -28.65 -11.90
C GLU K 157 -48.08 -28.48 -12.18
N ASP K 158 -47.60 -29.03 -13.31
CA ASP K 158 -46.18 -28.90 -13.64
C ASP K 158 -45.80 -27.47 -13.98
N GLU K 159 -46.65 -26.76 -14.75
CA GLU K 159 -46.38 -25.35 -14.98
C GLU K 159 -46.47 -24.53 -13.70
N LYS K 160 -47.40 -24.87 -12.80
CA LYS K 160 -47.51 -24.16 -11.53
C LYS K 160 -46.25 -24.31 -10.68
N GLU K 161 -45.78 -25.56 -10.52
CA GLU K 161 -44.59 -25.77 -9.71
C GLU K 161 -43.33 -25.22 -10.39
N MET K 162 -43.27 -25.26 -11.72
CA MET K 162 -42.13 -24.71 -12.43
C MET K 162 -42.09 -23.19 -12.30
N LEU K 163 -43.25 -22.53 -12.40
CA LEU K 163 -43.31 -21.09 -12.23
C LEU K 163 -43.01 -20.69 -10.79
N SER K 164 -43.48 -21.47 -9.81
CA SER K 164 -43.17 -21.18 -8.41
C SER K 164 -41.68 -21.32 -8.13
N GLU K 165 -41.05 -22.37 -8.68
CA GLU K 165 -39.62 -22.53 -8.49
C GLU K 165 -38.83 -21.45 -9.21
N ALA K 166 -39.31 -21.01 -10.38
CA ALA K 166 -38.67 -19.91 -11.08
C ALA K 166 -38.76 -18.61 -10.29
N ARG K 167 -39.92 -18.35 -9.66
CA ARG K 167 -40.06 -17.17 -8.80
C ARG K 167 -39.14 -17.27 -7.59
N ALA K 168 -39.03 -18.46 -6.99
CA ALA K 168 -38.18 -18.64 -5.81
C ALA K 168 -36.71 -18.46 -6.15
N ARG K 169 -36.27 -19.00 -7.29
CA ARG K 169 -34.86 -18.92 -7.68
C ARG K 169 -34.50 -17.59 -8.33
N LEU K 170 -35.49 -16.86 -8.86
CA LEU K 170 -35.24 -15.59 -9.54
C LEU K 170 -34.92 -14.46 -8.57
N ALA K 171 -35.15 -14.65 -7.26
CA ALA K 171 -34.92 -13.62 -6.27
C ALA K 171 -33.79 -13.96 -5.30
N ASN K 172 -33.22 -15.16 -5.39
CA ASN K 172 -32.14 -15.54 -4.50
C ASN K 172 -30.88 -14.76 -4.84
N THR K 173 -30.25 -14.17 -3.83
CA THR K 173 -29.08 -13.33 -4.02
C THR K 173 -27.88 -13.77 -3.19
N GLN K 174 -28.09 -14.14 -1.94
CA GLN K 174 -27.00 -14.40 -1.00
C GLN K 174 -26.54 -15.85 -1.10
N GLY K 175 -25.39 -16.11 -0.48
CA GLY K 175 -24.87 -17.45 -0.33
C GLY K 175 -25.17 -18.01 1.05
N LYS K 176 -24.54 -19.15 1.34
CA LYS K 176 -24.73 -19.77 2.64
C LYS K 176 -24.12 -18.94 3.76
N LYS K 177 -22.94 -18.35 3.51
CA LYS K 177 -22.23 -17.63 4.56
C LYS K 177 -22.91 -16.30 4.88
N ALA K 178 -23.39 -15.58 3.87
CA ALA K 178 -24.08 -14.33 4.11
C ALA K 178 -25.41 -14.55 4.83
N LYS K 179 -26.15 -15.59 4.43
CA LYS K 179 -27.39 -15.94 5.12
C LYS K 179 -27.13 -16.35 6.56
N ARG K 180 -26.07 -17.14 6.79
CA ARG K 180 -25.70 -17.54 8.14
C ARG K 180 -25.29 -16.35 8.99
N LYS K 181 -24.57 -15.40 8.40
CA LYS K 181 -24.16 -14.20 9.15
C LYS K 181 -25.35 -13.31 9.49
N ALA K 182 -26.31 -13.18 8.57
CA ALA K 182 -27.51 -12.41 8.87
C ALA K 182 -28.34 -13.07 9.97
N ARG K 183 -28.50 -14.41 9.90
CA ARG K 183 -29.22 -15.13 10.93
C ARG K 183 -28.51 -15.03 12.28
N GLU K 184 -27.18 -15.10 12.28
CA GLU K 184 -26.42 -15.00 13.51
C GLU K 184 -26.47 -13.58 14.08
N ARG K 185 -26.53 -12.56 13.23
CA ARG K 185 -26.70 -11.20 13.72
C ARG K 185 -28.08 -11.01 14.36
N GLN K 186 -29.12 -11.58 13.75
CA GLN K 186 -30.45 -11.53 14.34
C GLN K 186 -30.49 -12.26 15.68
N GLN K 187 -29.86 -13.44 15.75
CA GLN K 187 -29.82 -14.21 16.99
C GLN K 187 -29.00 -13.50 18.06
N GLU K 188 -27.90 -12.83 17.67
CA GLU K 188 -27.09 -12.08 18.61
C GLU K 188 -27.85 -10.88 19.16
N GLU K 189 -28.60 -10.18 18.31
CA GLU K 189 -29.43 -9.08 18.79
C GLU K 189 -30.51 -9.58 19.74
N SER K 190 -31.12 -10.73 19.42
CA SER K 190 -32.13 -11.30 20.30
C SER K 190 -31.53 -11.70 21.66
N ARG K 191 -30.35 -12.31 21.64
CA ARG K 191 -29.68 -12.70 22.88
C ARG K 191 -29.29 -11.49 23.71
N ARG K 192 -28.77 -10.44 23.06
CA ARG K 192 -28.41 -9.22 23.77
C ARG K 192 -29.64 -8.56 24.39
N LEU K 193 -30.75 -8.51 23.65
CA LEU K 193 -31.98 -7.94 24.19
C LEU K 193 -32.50 -8.75 25.38
N ALA K 194 -32.52 -10.08 25.25
CA ALA K 194 -33.02 -10.93 26.33
C ALA K 194 -32.13 -10.83 27.56
N ALA K 195 -30.82 -10.75 27.37
CA ALA K 195 -29.91 -10.48 28.47
C ALA K 195 -30.21 -9.13 29.12
N LEU K 196 -30.59 -8.14 28.31
CA LEU K 196 -30.93 -6.83 28.86
C LEU K 196 -32.19 -6.90 29.73
N GLN K 197 -33.24 -7.59 29.27
CA GLN K 197 -34.44 -7.65 30.11
C GLN K 197 -34.21 -8.50 31.35
N LYS K 198 -33.45 -9.59 31.25
CA LYS K 198 -33.21 -10.38 32.46
C LYS K 198 -32.30 -9.64 33.45
N ARG K 199 -31.35 -8.83 32.94
CA ARG K 199 -30.53 -8.01 33.83
C ARG K 199 -31.36 -6.92 34.49
N ARG K 200 -32.30 -6.32 33.76
CA ARG K 200 -33.19 -5.33 34.37
C ARG K 200 -34.11 -5.96 35.40
N GLU K 201 -34.62 -7.16 35.13
CA GLU K 201 -35.50 -7.85 36.06
C GLU K 201 -34.76 -8.23 37.35
N LEU K 202 -33.53 -8.72 37.22
CA LEU K 202 -32.74 -9.02 38.41
C LEU K 202 -32.20 -7.77 39.09
N LYS K 203 -32.10 -6.65 38.37
CA LYS K 203 -31.73 -5.38 38.97
C LYS K 203 -32.87 -4.84 39.82
N THR K 204 -34.11 -5.02 39.37
CA THR K 204 -35.27 -4.61 40.15
C THR K 204 -35.39 -5.43 41.42
N ALA K 205 -35.03 -6.71 41.37
CA ALA K 205 -35.16 -7.61 42.51
C ALA K 205 -33.92 -7.55 43.42
N GLY K 206 -33.59 -6.33 43.85
CA GLY K 206 -32.59 -6.12 44.88
C GLY K 206 -31.14 -6.21 44.45
N ILE K 207 -30.70 -7.42 44.07
CA ILE K 207 -29.28 -7.68 43.87
C ILE K 207 -28.78 -6.97 42.61
N ASN K 208 -27.54 -6.51 42.65
CA ASN K 208 -26.88 -5.84 41.53
C ASN K 208 -25.84 -6.80 40.96
N ILE K 209 -26.26 -7.61 39.99
CA ILE K 209 -25.37 -8.57 39.37
C ILE K 209 -24.45 -7.87 38.38
N LYS K 210 -23.15 -8.09 38.56
CA LYS K 210 -22.14 -7.44 37.69
C LYS K 210 -22.14 -8.07 36.30
N ILE K 211 -22.11 -7.24 35.26
CA ILE K 211 -22.09 -7.70 33.87
C ILE K 211 -20.68 -7.51 33.32
N THR K 212 -20.15 -8.55 32.69
CA THR K 212 -18.79 -8.54 32.17
C THR K 212 -18.79 -9.07 30.75
N THR K 213 -18.16 -8.33 29.84
CA THR K 213 -17.95 -8.76 28.45
C THR K 213 -16.47 -8.75 28.10
N ARG K 214 -15.60 -8.92 29.10
CA ARG K 214 -14.16 -8.81 28.93
C ARG K 214 -13.59 -10.15 28.48
N LYS K 215 -13.64 -10.39 27.17
CA LYS K 215 -12.98 -11.55 26.59
C LYS K 215 -11.47 -11.35 26.58
N LYS K 216 -10.74 -12.43 26.33
CA LYS K 216 -9.30 -12.32 26.16
C LYS K 216 -8.98 -11.77 24.76
N GLY K 217 -7.81 -11.14 24.66
CA GLY K 217 -7.44 -10.48 23.42
C GLY K 217 -8.24 -9.23 23.10
N GLN K 218 -8.77 -8.57 24.12
CA GLN K 218 -9.73 -7.47 23.96
C GLN K 218 -9.18 -6.19 24.57
N MET K 219 -9.38 -5.09 23.87
CA MET K 219 -8.88 -3.78 24.27
C MET K 219 -9.95 -3.01 25.03
N ASP K 220 -9.49 -2.14 25.93
CA ASP K 220 -10.38 -1.31 26.73
C ASP K 220 -10.55 0.04 26.03
N TYR K 221 -11.77 0.34 25.60
CA TYR K 221 -12.06 1.59 24.91
C TYR K 221 -12.69 2.65 25.82
N ASN K 222 -13.07 2.28 27.05
CA ASN K 222 -13.70 3.22 27.96
C ASN K 222 -12.76 3.73 29.04
N ALA K 223 -11.61 3.08 29.25
CA ALA K 223 -10.67 3.52 30.28
C ALA K 223 -10.03 4.84 29.88
N ASP K 224 -9.36 4.87 28.74
CA ASP K 224 -8.79 6.10 28.18
C ASP K 224 -9.13 6.15 26.70
N ILE K 225 -8.80 7.29 26.08
CA ILE K 225 -9.04 7.48 24.65
C ILE K 225 -8.09 6.56 23.88
N PRO K 226 -8.62 5.68 23.02
CA PRO K 226 -7.75 4.71 22.32
C PRO K 226 -6.84 5.40 21.31
N PHE K 227 -5.53 5.24 21.51
CA PHE K 227 -4.49 5.85 20.67
C PHE K 227 -4.66 7.37 20.58
N GLU K 228 -4.68 8.01 21.74
CA GLU K 228 -5.06 9.42 21.84
C GLU K 228 -4.07 10.31 21.12
N LYS K 229 -4.58 11.06 20.14
CA LYS K 229 -3.80 12.02 19.38
C LYS K 229 -4.40 13.39 19.67
N LYS K 230 -3.75 14.15 20.55
CA LYS K 230 -4.25 15.47 20.90
C LYS K 230 -4.06 16.43 19.72
N PRO K 231 -4.97 17.40 19.57
CA PRO K 231 -4.81 18.38 18.48
C PRO K 231 -3.57 19.23 18.65
N ALA K 232 -2.98 19.59 17.52
CA ALA K 232 -1.78 20.41 17.54
C ALA K 232 -2.14 21.83 17.98
N PRO K 233 -1.41 22.41 18.92
CA PRO K 233 -1.67 23.81 19.29
C PRO K 233 -1.31 24.76 18.16
N GLY K 234 -1.99 25.90 18.15
CA GLY K 234 -1.77 26.93 17.15
C GLY K 234 -1.49 28.27 17.81
N PHE K 235 -1.84 29.33 17.09
CA PHE K 235 -1.64 30.69 17.57
C PHE K 235 -2.77 31.16 18.47
N TYR K 236 -3.88 30.44 18.51
CA TYR K 236 -5.06 30.81 19.30
C TYR K 236 -5.09 29.97 20.57
N ASP K 237 -5.23 30.65 21.71
CA ASP K 237 -5.30 29.97 23.00
C ASP K 237 -6.65 29.30 23.16
N THR K 238 -6.64 28.01 23.50
CA THR K 238 -7.86 27.20 23.53
C THR K 238 -8.11 26.59 24.91
N THR K 239 -7.50 27.11 25.97
CA THR K 239 -7.65 26.51 27.29
C THR K 239 -9.05 26.75 27.87
N GLU K 240 -9.64 27.91 27.59
CA GLU K 240 -11.01 28.16 28.02
C GLU K 240 -11.98 27.21 27.33
N GLU K 241 -11.77 26.94 26.04
CA GLU K 241 -12.60 25.98 25.34
C GLU K 241 -12.33 24.56 25.82
N ILE K 242 -11.09 24.24 26.21
CA ILE K 242 -10.79 22.93 26.78
C ILE K 242 -11.54 22.72 28.08
N ALA K 243 -11.55 23.75 28.95
CA ALA K 243 -12.29 23.68 30.19
C ALA K 243 -13.80 23.59 29.95
N ARG K 244 -14.30 24.33 28.96
CA ARG K 244 -15.73 24.29 28.65
C ARG K 244 -16.15 22.93 28.09
N ASN K 245 -15.29 22.31 27.28
CA ASN K 245 -15.57 20.97 26.78
C ASN K 245 -15.50 19.93 27.90
N GLU K 246 -14.59 20.11 28.85
CA GLU K 246 -14.56 19.24 30.03
C GLU K 246 -15.84 19.37 30.83
N TRP K 247 -16.33 20.60 31.01
CA TRP K 247 -17.58 20.81 31.72
C TRP K 247 -18.76 20.20 30.98
N GLN K 248 -18.80 20.34 29.65
CA GLN K 248 -19.87 19.75 28.87
C GLN K 248 -19.81 18.23 28.86
N ARG K 249 -18.61 17.65 28.96
CA ARG K 249 -18.48 16.21 29.07
C ARG K 249 -18.94 15.72 30.43
N ALA K 250 -18.60 16.45 31.49
CA ALA K 250 -18.96 16.04 32.85
C ALA K 250 -20.43 16.24 33.18
N HIS K 251 -21.18 16.96 32.35
CA HIS K 251 -22.58 17.24 32.61
C HIS K 251 -23.51 16.74 31.50
N PHE K 252 -23.05 15.83 30.66
CA PHE K 252 -23.87 15.31 29.57
C PHE K 252 -24.97 14.41 30.13
N ASP K 253 -26.19 14.57 29.61
CA ASP K 253 -27.33 13.79 30.04
C ASP K 253 -27.96 13.09 28.84
N PRO K 254 -28.05 11.76 28.83
CA PRO K 254 -28.66 11.04 27.69
C PRO K 254 -30.18 10.97 27.79
N LYS K 255 -30.82 12.15 27.88
CA LYS K 255 -32.27 12.25 27.95
C LYS K 255 -32.87 12.90 26.72
N LYS K 256 -32.30 14.02 26.28
CA LYS K 256 -32.75 14.69 25.06
C LYS K 256 -31.97 14.24 23.83
N GLN K 257 -31.03 13.31 23.98
CA GLN K 257 -30.30 12.78 22.83
C GLN K 257 -31.16 11.80 22.05
N GLN K 258 -32.18 11.20 22.68
CA GLN K 258 -33.02 10.22 22.01
C GLN K 258 -33.84 10.85 20.89
N VAL K 259 -34.31 12.08 21.08
CA VAL K 259 -34.99 12.80 20.01
C VAL K 259 -33.94 13.44 19.11
N GLY K 260 -34.18 13.39 17.81
CA GLY K 260 -33.22 13.91 16.84
C GLY K 260 -33.08 15.42 16.84
N ARG K 308 -34.24 11.82 -39.77
CA ARG K 308 -34.50 11.38 -41.13
C ARG K 308 -33.29 10.70 -41.75
N LYS K 309 -33.48 9.48 -42.22
CA LYS K 309 -32.41 8.77 -42.93
C LYS K 309 -32.16 9.44 -44.28
N PRO K 310 -30.90 9.56 -44.70
CA PRO K 310 -30.60 10.23 -45.98
C PRO K 310 -31.02 9.36 -47.16
N LEU K 311 -31.87 9.91 -48.01
CA LEU K 311 -32.31 9.24 -49.22
C LEU K 311 -31.43 9.67 -50.39
N ILE K 312 -30.71 8.72 -50.97
CA ILE K 312 -29.83 9.01 -52.10
C ILE K 312 -30.67 9.09 -53.37
N LEU K 313 -31.06 10.31 -53.74
CA LEU K 313 -31.89 10.50 -54.92
C LEU K 313 -31.08 10.23 -56.18
N PRO K 314 -31.66 9.55 -57.17
CA PRO K 314 -30.94 9.33 -58.44
C PRO K 314 -30.81 10.63 -59.23
N ALA K 315 -29.80 10.66 -60.09
CA ALA K 315 -29.62 11.80 -60.98
C ALA K 315 -30.76 11.86 -61.98
N PRO K 316 -31.36 13.04 -62.21
CA PRO K 316 -32.46 13.14 -63.16
C PRO K 316 -32.00 12.90 -64.59
N GLN K 317 -32.91 12.34 -65.40
CA GLN K 317 -32.59 12.07 -66.80
C GLN K 317 -32.43 13.34 -67.62
N VAL K 318 -32.97 14.46 -67.15
CA VAL K 318 -32.75 15.77 -67.77
C VAL K 318 -31.94 16.62 -66.79
N SER K 319 -30.89 17.25 -67.30
CA SER K 319 -29.96 18.01 -66.47
C SER K 319 -30.30 19.50 -66.54
N ASP K 320 -29.52 20.29 -65.81
CA ASP K 320 -29.68 21.74 -65.84
C ASP K 320 -29.32 22.31 -67.20
N SER K 321 -28.27 21.78 -67.83
CA SER K 321 -27.90 22.24 -69.17
C SER K 321 -28.93 21.81 -70.21
N GLU K 322 -29.44 20.58 -70.10
CA GLU K 322 -30.46 20.11 -71.03
C GLU K 322 -31.74 20.92 -70.89
N LEU K 323 -32.15 21.22 -69.65
CA LEU K 323 -33.28 22.13 -69.43
C LEU K 323 -32.97 23.53 -69.94
N ASP K 324 -31.69 23.93 -69.90
CA ASP K 324 -31.30 25.23 -70.42
C ASP K 324 -31.53 25.31 -71.92
N GLU K 325 -31.05 24.32 -72.69
CA GLU K 325 -31.32 24.36 -74.13
C GLU K 325 -32.80 24.12 -74.44
N ILE K 326 -33.52 23.39 -73.58
CA ILE K 326 -34.96 23.22 -73.77
C ILE K 326 -35.66 24.56 -73.66
N VAL K 327 -35.30 25.37 -72.66
CA VAL K 327 -35.95 26.67 -72.53
C VAL K 327 -35.41 27.67 -73.54
N LYS K 328 -34.19 27.47 -74.07
CA LYS K 328 -33.75 28.27 -75.23
C LYS K 328 -34.67 28.05 -76.42
N MET K 329 -34.92 26.77 -76.74
CA MET K 329 -35.83 26.45 -77.85
C MET K 329 -37.25 26.92 -77.57
N GLY K 330 -37.67 26.82 -76.31
CA GLY K 330 -39.01 27.29 -75.94
C GLY K 330 -39.19 28.78 -76.13
N MET K 331 -38.22 29.58 -75.68
CA MET K 331 -38.37 31.01 -75.89
C MET K 331 -38.13 31.42 -77.32
N ILE K 332 -37.35 30.64 -78.09
CA ILE K 332 -37.22 30.90 -79.52
C ILE K 332 -38.56 30.69 -80.23
N GLY K 333 -39.26 29.62 -79.89
CA GLY K 333 -40.60 29.43 -80.43
C GLY K 333 -41.57 30.50 -79.99
N GLU K 334 -41.49 30.89 -78.72
CA GLU K 334 -42.38 31.94 -78.19
C GLU K 334 -42.12 33.28 -78.87
N ARG K 335 -40.86 33.64 -79.08
CA ARG K 335 -40.55 34.91 -79.74
C ARG K 335 -40.83 34.86 -81.23
N ALA K 336 -40.76 33.67 -81.85
CA ALA K 336 -41.20 33.54 -83.23
C ALA K 336 -42.70 33.76 -83.35
N SER K 337 -43.48 33.20 -82.42
CA SER K 337 -44.92 33.47 -82.39
C SER K 337 -45.20 34.93 -82.09
N ALA K 338 -44.38 35.55 -81.24
CA ALA K 338 -44.56 36.96 -80.91
C ALA K 338 -44.31 37.85 -82.11
N MET K 339 -43.23 37.61 -82.85
CA MET K 339 -42.96 38.43 -84.04
C MET K 339 -43.92 38.12 -85.17
N ALA K 340 -44.49 36.91 -85.21
CA ALA K 340 -45.58 36.65 -86.14
C ALA K 340 -46.85 37.39 -85.75
N ARG K 341 -47.09 37.57 -84.45
CA ARG K 341 -48.27 38.27 -83.97
C ARG K 341 -48.09 39.78 -83.90
N GLU K 342 -46.86 40.28 -83.92
CA GLU K 342 -46.60 41.70 -83.82
C GLU K 342 -46.50 42.40 -85.17
N SER K 343 -46.63 41.65 -86.27
CA SER K 343 -46.54 42.24 -87.61
C SER K 343 -47.93 42.55 -88.16
N GLY K 361 -47.40 12.27 -74.83
CA GLY K 361 -48.68 12.36 -74.16
C GLY K 361 -48.60 13.03 -72.80
N ALA K 362 -49.73 13.58 -72.35
CA ALA K 362 -49.77 14.22 -71.04
C ALA K 362 -49.51 13.25 -69.88
N PRO K 363 -50.05 12.02 -69.84
CA PRO K 363 -49.58 11.08 -68.82
C PRO K 363 -48.18 10.56 -69.14
N ILE K 364 -47.47 10.20 -68.08
CA ILE K 364 -46.16 9.57 -68.17
C ILE K 364 -46.24 8.26 -67.40
N ARG K 365 -46.05 7.14 -68.11
CA ARG K 365 -46.18 5.81 -67.53
C ARG K 365 -44.82 5.13 -67.54
N THR K 366 -44.42 4.61 -66.38
CA THR K 366 -43.16 3.88 -66.29
C THR K 366 -43.31 2.52 -66.98
N PRO K 367 -42.42 2.15 -67.89
CA PRO K 367 -42.53 0.85 -68.54
C PRO K 367 -42.30 -0.30 -67.56
N ARG K 368 -42.99 -1.40 -67.82
CA ARG K 368 -42.91 -2.57 -66.95
C ARG K 368 -41.56 -3.24 -67.09
N ALA K 369 -41.03 -3.75 -65.97
CA ALA K 369 -39.79 -4.51 -66.00
C ALA K 369 -39.99 -5.79 -66.81
N PRO K 370 -38.96 -6.23 -67.53
CA PRO K 370 -39.09 -7.43 -68.37
C PRO K 370 -39.38 -8.69 -67.55
N ALA K 371 -40.18 -9.58 -68.13
CA ALA K 371 -40.49 -10.84 -67.46
C ALA K 371 -39.26 -11.75 -67.38
N GLN K 372 -38.32 -11.60 -68.31
CA GLN K 372 -37.05 -12.32 -68.23
C GLN K 372 -36.11 -11.74 -67.19
N GLU K 373 -36.35 -10.51 -66.73
CA GLU K 373 -35.58 -9.92 -65.65
C GLU K 373 -36.24 -10.19 -64.29
N ASP K 374 -37.31 -10.97 -64.28
CA ASP K 374 -37.84 -11.49 -63.02
C ASP K 374 -36.83 -12.51 -62.51
N HIS K 375 -35.89 -12.04 -61.69
CA HIS K 375 -34.66 -12.78 -61.45
C HIS K 375 -34.85 -13.96 -60.50
N ILE K 376 -35.89 -13.91 -59.65
CA ILE K 376 -36.09 -14.97 -58.67
C ILE K 376 -36.52 -16.27 -59.34
N ALA K 377 -37.45 -16.19 -60.29
CA ALA K 377 -37.90 -17.39 -61.00
C ALA K 377 -36.78 -18.00 -61.84
N ASN K 378 -36.00 -17.16 -62.51
CA ASN K 378 -34.86 -17.64 -63.28
C ASN K 378 -33.82 -18.29 -62.38
N GLU K 379 -33.56 -17.68 -61.21
CA GLU K 379 -32.61 -18.26 -60.26
C GLU K 379 -33.09 -19.61 -59.74
N ILE K 380 -34.38 -19.74 -59.45
CA ILE K 380 -34.90 -21.01 -58.95
C ILE K 380 -34.86 -22.08 -60.03
N ARG K 381 -35.15 -21.69 -61.29
CA ARG K 381 -35.03 -22.64 -62.39
C ARG K 381 -33.59 -23.09 -62.59
N ASN K 382 -32.64 -22.17 -62.44
CA ASN K 382 -31.22 -22.55 -62.51
C ASN K 382 -30.83 -23.47 -61.36
N ILE K 383 -31.39 -23.21 -60.16
CA ILE K 383 -31.12 -24.07 -59.01
C ILE K 383 -31.61 -25.48 -59.26
N LYS K 384 -32.83 -25.61 -59.81
CA LYS K 384 -33.35 -26.92 -60.15
C LYS K 384 -32.56 -27.58 -61.27
N ALA K 385 -32.04 -26.77 -62.21
CA ALA K 385 -31.23 -27.31 -63.29
C ALA K 385 -29.86 -27.77 -62.82
N LEU K 386 -29.36 -27.23 -61.71
CA LEU K 386 -28.01 -27.54 -61.24
C LEU K 386 -27.98 -28.53 -60.08
N THR K 387 -28.94 -28.48 -59.16
CA THR K 387 -28.84 -29.25 -57.93
C THR K 387 -29.35 -30.68 -58.10
N GLU K 388 -30.63 -30.84 -58.45
CA GLU K 388 -31.23 -32.16 -58.57
C GLU K 388 -30.94 -32.70 -59.97
N THR K 389 -29.76 -33.32 -60.11
CA THR K 389 -29.28 -33.71 -61.42
C THR K 389 -28.72 -35.13 -61.52
N GLN K 390 -28.47 -35.82 -60.40
CA GLN K 390 -27.86 -37.15 -60.33
C GLN K 390 -26.44 -37.20 -60.91
N SER K 391 -25.79 -38.36 -60.77
CA SER K 391 -24.38 -38.49 -61.12
C SER K 391 -24.17 -38.36 -62.63
N SER K 392 -23.03 -37.78 -63.00
CA SER K 392 -22.65 -37.63 -64.40
C SER K 392 -22.12 -38.91 -65.03
N LEU K 393 -21.77 -39.91 -64.21
CA LEU K 393 -21.37 -41.20 -64.76
C LEU K 393 -22.54 -41.93 -65.39
N LEU K 394 -23.76 -41.68 -64.90
CA LEU K 394 -24.97 -42.28 -65.42
C LEU K 394 -25.44 -41.64 -66.71
N GLY K 395 -24.82 -40.56 -67.15
CA GLY K 395 -25.43 -39.79 -68.20
C GLY K 395 -26.62 -39.01 -67.65
N GLY K 396 -27.59 -38.79 -68.50
CA GLY K 396 -28.80 -38.08 -68.15
C GLY K 396 -28.93 -36.78 -68.92
N GLU K 397 -30.12 -36.18 -68.82
CA GLU K 397 -30.41 -34.94 -69.53
C GLU K 397 -29.98 -33.75 -68.71
N ASN K 398 -29.11 -32.92 -69.29
CA ASN K 398 -28.79 -31.64 -68.68
C ASN K 398 -29.99 -30.71 -68.80
N ALA K 399 -30.52 -30.28 -67.66
CA ALA K 399 -31.67 -29.39 -67.67
C ALA K 399 -31.23 -28.02 -68.17
N PRO K 400 -31.85 -27.48 -69.21
CA PRO K 400 -31.33 -26.25 -69.84
C PRO K 400 -31.44 -25.05 -68.91
N LEU K 401 -30.40 -24.22 -68.93
CA LEU K 401 -30.33 -23.07 -68.05
C LEU K 401 -31.28 -22.00 -68.53
N ALA K 402 -32.09 -21.47 -67.61
CA ALA K 402 -32.97 -20.35 -67.90
C ALA K 402 -32.26 -19.02 -67.60
N GLU K 403 -31.06 -18.90 -68.18
CA GLU K 403 -30.18 -17.76 -67.91
C GLU K 403 -30.59 -16.54 -68.73
N GLY K 404 -30.55 -16.66 -70.05
CA GLY K 404 -30.91 -15.58 -70.95
C GLY K 404 -30.00 -14.37 -70.82
N ALA K 405 -30.53 -13.27 -70.27
CA ALA K 405 -29.75 -12.07 -70.08
C ALA K 405 -29.25 -11.97 -68.63
N LYS K 496 -57.78 58.12 -60.29
CA LYS K 496 -57.15 59.43 -60.37
C LYS K 496 -55.68 59.36 -59.97
N GLN K 497 -54.80 59.73 -60.90
CA GLN K 497 -53.37 59.72 -60.62
C GLN K 497 -53.00 60.86 -59.70
N GLU K 498 -52.22 60.56 -58.68
CA GLU K 498 -51.79 61.59 -57.74
C GLU K 498 -50.76 62.50 -58.40
N PRO K 499 -50.75 63.80 -58.08
CA PRO K 499 -49.75 64.69 -58.68
C PRO K 499 -48.38 64.49 -58.08
N LYS K 500 -47.45 63.96 -58.88
CA LYS K 500 -46.08 63.68 -58.41
C LYS K 500 -45.31 64.98 -58.36
N THR K 501 -45.51 65.72 -57.26
CA THR K 501 -44.78 66.96 -57.05
C THR K 501 -43.32 66.67 -56.73
N GLN K 502 -42.42 67.39 -57.39
CA GLN K 502 -40.98 67.19 -57.20
C GLN K 502 -40.57 67.75 -55.84
N GLU K 503 -40.45 66.88 -54.84
CA GLU K 503 -40.03 67.31 -53.52
C GLU K 503 -38.55 67.67 -53.55
N GLU K 504 -38.20 68.78 -52.89
CA GLU K 504 -36.82 69.21 -52.83
C GLU K 504 -36.00 68.25 -51.97
N LEU K 505 -34.72 68.12 -52.31
CA LEU K 505 -33.80 67.27 -51.56
C LEU K 505 -33.60 67.84 -50.15
N GLU K 506 -33.91 67.03 -49.14
CA GLU K 506 -33.86 67.48 -47.75
C GLU K 506 -32.40 67.62 -47.32
N GLU K 507 -31.89 68.84 -47.35
CA GLU K 507 -30.53 69.11 -46.91
C GLU K 507 -30.47 69.01 -45.38
N ASP K 508 -29.52 68.25 -44.88
CA ASP K 508 -29.37 68.05 -43.44
C ASP K 508 -28.69 69.26 -42.81
N ALA K 509 -28.39 69.14 -41.52
CA ALA K 509 -27.59 70.16 -40.84
C ALA K 509 -26.19 70.22 -41.43
N ALA K 510 -25.62 69.06 -41.75
CA ALA K 510 -24.27 69.02 -42.32
C ALA K 510 -24.23 69.66 -43.70
N ASP K 511 -25.19 69.33 -44.57
CA ASP K 511 -25.17 69.84 -45.94
C ASP K 511 -25.46 71.34 -45.99
N ARG K 512 -26.50 71.77 -45.28
CA ARG K 512 -26.83 73.20 -45.25
C ARG K 512 -25.76 74.01 -44.54
N ASP K 513 -25.19 73.46 -43.47
CA ASP K 513 -24.09 74.12 -42.77
C ASP K 513 -22.85 74.23 -43.65
N ARG K 514 -22.57 73.19 -44.43
CA ARG K 514 -21.43 73.24 -45.36
C ARG K 514 -21.66 74.27 -46.46
N ARG K 515 -22.88 74.36 -46.97
CA ARG K 515 -23.19 75.35 -48.00
C ARG K 515 -23.07 76.77 -47.44
N GLU K 516 -23.61 77.00 -46.24
CA GLU K 516 -23.51 78.32 -45.62
C GLU K 516 -22.07 78.68 -45.27
N ARG K 517 -21.29 77.70 -44.81
CA ARG K 517 -19.89 77.95 -44.50
C ARG K 517 -19.08 78.21 -45.76
N GLU K 518 -19.41 77.53 -46.86
CA GLU K 518 -18.74 77.79 -48.14
C GLU K 518 -19.06 79.19 -48.64
N LEU K 519 -20.33 79.62 -48.51
CA LEU K 519 -20.70 80.97 -48.90
C LEU K 519 -20.01 82.02 -48.04
N ARG K 520 -19.94 81.79 -46.72
CA ARG K 520 -19.26 82.72 -45.83
C ARG K 520 -17.77 82.77 -46.10
N GLU K 521 -17.16 81.62 -46.39
CA GLU K 521 -15.73 81.59 -46.71
C GLU K 521 -15.44 82.28 -48.03
N ALA K 522 -16.33 82.12 -49.02
CA ALA K 522 -16.18 82.84 -50.27
C ALA K 522 -16.30 84.33 -50.09
N ARG K 523 -17.25 84.77 -49.25
CA ARG K 523 -17.40 86.19 -48.95
C ARG K 523 -16.16 86.74 -48.22
N GLU K 524 -15.64 85.97 -47.28
CA GLU K 524 -14.45 86.39 -46.55
C GLU K 524 -13.22 86.45 -47.46
N LEU K 525 -13.10 85.49 -48.38
CA LEU K 525 -11.99 85.50 -49.33
C LEU K 525 -12.12 86.67 -50.30
N ALA K 526 -13.34 86.99 -50.72
CA ALA K 526 -13.55 88.16 -51.58
C ALA K 526 -13.22 89.46 -50.84
N GLU K 527 -13.58 89.54 -49.56
CA GLU K 527 -13.24 90.71 -48.76
C GLU K 527 -11.73 90.83 -48.56
N ARG K 528 -11.04 89.70 -48.34
CA ARG K 528 -9.59 89.72 -48.18
C ARG K 528 -8.89 90.10 -49.48
N ARG K 529 -9.39 89.61 -50.62
CA ARG K 529 -8.82 89.98 -51.91
C ARG K 529 -9.09 91.45 -52.24
N ARG K 530 -10.25 91.97 -51.81
CA ARG K 530 -10.51 93.40 -51.98
C ARG K 530 -9.59 94.24 -51.10
N ARG K 531 -9.24 93.72 -49.93
CA ARG K 531 -8.29 94.39 -49.05
C ARG K 531 -6.89 94.33 -49.65
N THR K 532 -6.05 95.27 -49.22
CA THR K 532 -4.69 95.36 -49.75
C THR K 532 -3.85 94.18 -49.26
N GLN K 533 -2.97 93.71 -50.14
CA GLN K 533 -2.08 92.61 -49.81
C GLN K 533 -0.89 93.02 -48.95
N VAL K 534 -0.66 94.32 -48.79
CA VAL K 534 0.43 94.79 -47.94
C VAL K 534 0.12 94.50 -46.47
N MET K 535 -1.13 94.67 -46.07
CA MET K 535 -1.52 94.36 -44.70
C MET K 535 -1.54 92.86 -44.45
N GLN K 536 -1.87 92.06 -45.47
CA GLN K 536 -1.90 90.61 -45.34
C GLN K 536 -0.52 89.98 -45.43
N ARG K 537 0.51 90.75 -45.79
CA ARG K 537 1.87 90.24 -45.88
C ARG K 537 2.57 90.41 -44.54
N GLU K 538 3.88 90.15 -44.52
CA GLU K 538 4.66 90.27 -43.29
C GLU K 538 5.31 91.64 -43.13
N LEU K 539 5.05 92.58 -44.04
CA LEU K 539 5.61 93.91 -43.93
C LEU K 539 4.95 94.67 -42.78
N PRO K 540 5.72 95.38 -41.96
CA PRO K 540 5.12 96.15 -40.86
C PRO K 540 4.31 97.34 -41.37
N ARG K 541 3.27 97.68 -40.63
CA ARG K 541 2.40 98.79 -40.97
C ARG K 541 2.03 99.55 -39.70
N THR K 542 1.69 100.83 -39.90
CA THR K 542 1.28 101.66 -38.77
C THR K 542 -0.09 101.23 -38.26
N ALA K 543 -0.23 101.20 -36.93
CA ALA K 543 -1.50 100.80 -36.33
C ALA K 543 -2.58 101.86 -36.57
N VAL K 544 -2.26 103.12 -36.34
CA VAL K 544 -3.21 104.21 -36.53
C VAL K 544 -2.90 104.88 -37.86
N VAL K 545 -3.90 104.93 -38.74
CA VAL K 545 -3.76 105.52 -40.06
C VAL K 545 -4.77 106.66 -40.18
N ASP K 546 -4.26 107.85 -40.51
CA ASP K 546 -5.09 109.03 -40.69
C ASP K 546 -5.37 109.20 -42.18
N ILE K 547 -6.63 108.95 -42.58
CA ILE K 547 -6.99 109.05 -43.99
C ILE K 547 -7.00 110.51 -44.44
N ASP K 548 -7.52 111.41 -43.61
CA ASP K 548 -7.67 112.81 -44.01
C ASP K 548 -6.32 113.51 -44.14
N ALA K 549 -5.42 113.30 -43.18
CA ALA K 549 -4.10 113.93 -43.24
C ALA K 549 -3.28 113.41 -44.39
N LEU K 550 -3.33 112.08 -44.62
CA LEU K 550 -2.60 111.50 -45.74
C LEU K 550 -3.17 111.95 -47.08
N LEU K 551 -4.50 112.10 -47.16
CA LEU K 551 -5.11 112.61 -48.39
C LEU K 551 -4.73 114.07 -48.63
N ARG K 552 -4.67 114.87 -47.56
CA ARG K 552 -4.26 116.27 -47.69
C ARG K 552 -2.80 116.37 -48.12
N ALA K 553 -1.94 115.49 -47.60
CA ALA K 553 -0.55 115.45 -48.06
C ALA K 553 -0.46 114.97 -49.50
N ALA K 554 -1.34 114.07 -49.92
CA ALA K 554 -1.37 113.60 -51.30
C ALA K 554 -1.82 114.70 -52.25
N ASP K 555 -2.74 115.57 -51.82
CA ASP K 555 -3.24 116.63 -52.67
C ASP K 555 -2.20 117.72 -52.92
N GLU K 556 -1.13 117.77 -52.13
CA GLU K 556 -0.08 118.76 -52.29
C GLU K 556 0.98 118.36 -53.31
N ILE K 557 0.88 117.17 -53.89
CA ILE K 557 1.85 116.71 -54.87
C ILE K 557 1.62 117.43 -56.18
N GLU K 558 2.69 117.97 -56.77
CA GLU K 558 2.57 118.72 -58.01
C GLU K 558 2.26 117.81 -59.20
N ASP K 559 2.87 116.64 -59.25
CA ASP K 559 2.61 115.71 -60.34
C ASP K 559 1.23 115.10 -60.18
N PRO K 560 0.38 115.13 -61.22
CA PRO K 560 -0.99 114.60 -61.05
C PRO K 560 -1.03 113.09 -60.91
N ALA K 561 -0.19 112.37 -61.65
CA ALA K 561 -0.13 110.91 -61.50
C ALA K 561 0.38 110.52 -60.12
N ARG K 562 1.42 111.22 -59.63
CA ARG K 562 1.94 110.96 -58.30
C ARG K 562 0.92 111.31 -57.22
N ALA K 563 0.18 112.42 -57.42
CA ALA K 563 -0.86 112.79 -56.46
C ALA K 563 -1.99 111.76 -56.42
N LEU K 564 -2.41 111.27 -57.59
CA LEU K 564 -3.44 110.24 -57.64
C LEU K 564 -2.97 108.94 -57.00
N VAL K 565 -1.70 108.57 -57.26
CA VAL K 565 -1.14 107.36 -56.67
C VAL K 565 -1.06 107.49 -55.15
N ALA K 566 -0.64 108.65 -54.65
CA ALA K 566 -0.55 108.85 -53.21
C ALA K 566 -1.92 108.89 -52.56
N ARG K 567 -2.92 109.48 -53.22
CA ARG K 567 -4.29 109.48 -52.69
C ARG K 567 -4.87 108.08 -52.64
N GLU K 568 -4.66 107.29 -53.70
CA GLU K 568 -5.14 105.91 -53.69
C GLU K 568 -4.38 105.06 -52.69
N ALA K 569 -3.10 105.37 -52.45
CA ALA K 569 -2.35 104.66 -51.43
C ALA K 569 -2.84 105.01 -50.03
N ALA K 570 -3.21 106.27 -49.82
CA ALA K 570 -3.83 106.67 -48.55
C ALA K 570 -5.16 105.95 -48.33
N LEU K 571 -5.98 105.87 -49.39
CA LEU K 571 -7.24 105.14 -49.29
C LEU K 571 -7.01 103.66 -49.00
N LEU K 572 -6.01 103.05 -49.66
CA LEU K 572 -5.70 101.65 -49.43
C LEU K 572 -5.18 101.42 -48.01
N MET K 573 -4.36 102.34 -47.50
CA MET K 573 -3.87 102.22 -46.12
C MET K 573 -5.01 102.36 -45.11
N ALA K 574 -5.94 103.28 -45.37
CA ALA K 574 -7.11 103.42 -44.49
C ALA K 574 -7.97 102.17 -44.53
N HIS K 575 -8.17 101.59 -45.71
CA HIS K 575 -8.95 100.37 -45.84
C HIS K 575 -8.26 99.19 -45.15
N ASP K 576 -6.92 99.13 -45.25
CA ASP K 576 -6.17 98.07 -44.58
C ASP K 576 -6.23 98.23 -43.07
N ALA K 577 -6.17 99.46 -42.57
CA ALA K 577 -6.26 99.68 -41.14
C ALA K 577 -7.66 99.42 -40.60
N ALA K 578 -8.69 99.66 -41.42
CA ALA K 578 -10.07 99.47 -40.95
C ALA K 578 -10.49 98.00 -41.05
N LYS K 579 -10.29 97.38 -42.21
CA LYS K 579 -10.73 96.00 -42.41
C LYS K 579 -9.87 95.03 -41.61
N TYR K 580 -8.56 95.28 -41.55
CA TYR K 580 -7.65 94.43 -40.77
C TYR K 580 -7.16 95.20 -39.56
N PRO K 581 -7.70 94.93 -38.37
CA PRO K 581 -7.30 95.70 -37.18
C PRO K 581 -5.96 95.22 -36.63
N LEU K 582 -4.95 96.07 -36.74
CA LEU K 582 -3.63 95.76 -36.20
C LEU K 582 -3.64 95.89 -34.68
N PRO K 583 -2.65 95.31 -34.01
CA PRO K 583 -2.57 95.44 -32.54
C PRO K 583 -2.23 96.87 -32.14
N GLY K 584 -3.02 97.42 -31.22
CA GLY K 584 -2.87 98.79 -30.78
C GLY K 584 -3.63 99.80 -31.60
N ALA K 585 -4.30 99.37 -32.67
CA ALA K 585 -5.06 100.29 -33.49
C ALA K 585 -6.33 100.74 -32.78
N PRO K 586 -6.84 101.92 -33.10
CA PRO K 586 -8.09 102.38 -32.48
C PRO K 586 -9.28 101.64 -33.05
N PRO K 587 -10.22 101.24 -32.21
CA PRO K 587 -11.40 100.51 -32.69
C PRO K 587 -12.41 101.45 -33.35
N GLY K 588 -13.35 100.84 -34.06
CA GLY K 588 -14.38 101.60 -34.74
C GLY K 588 -13.92 102.33 -35.99
N VAL K 589 -12.88 101.84 -36.66
CA VAL K 589 -12.39 102.50 -37.87
C VAL K 589 -13.38 102.24 -39.01
N LYS K 590 -13.80 103.31 -39.67
CA LYS K 590 -14.77 103.19 -40.75
C LYS K 590 -14.10 102.61 -41.99
N PRO K 591 -14.65 101.56 -42.58
CA PRO K 591 -14.07 101.03 -43.82
C PRO K 591 -14.27 101.98 -44.99
N VAL K 592 -13.36 101.90 -45.95
CA VAL K 592 -13.37 102.74 -47.13
C VAL K 592 -13.75 101.88 -48.34
N GLU K 593 -14.78 102.32 -49.07
CA GLU K 593 -15.23 101.60 -50.24
C GLU K 593 -14.41 101.99 -51.45
N ILE K 594 -13.97 100.99 -52.22
CA ILE K 594 -13.18 101.23 -53.42
C ILE K 594 -13.81 100.47 -54.59
N PRO K 595 -13.62 100.91 -55.83
CA PRO K 595 -14.19 100.19 -56.96
C PRO K 595 -13.51 98.85 -57.19
N ARG K 596 -14.30 97.88 -57.63
CA ARG K 596 -13.79 96.55 -57.90
C ARG K 596 -13.04 96.52 -59.23
N PHE K 597 -11.89 95.84 -59.23
CA PHE K 597 -11.07 95.72 -60.42
C PHE K 597 -10.88 94.25 -60.74
N SER K 598 -11.04 93.90 -62.02
CA SER K 598 -10.87 92.52 -62.45
C SER K 598 -9.40 92.13 -62.43
N ASP K 599 -9.17 90.81 -62.34
CA ASP K 599 -7.80 90.30 -62.35
C ASP K 599 -7.14 90.47 -63.71
N ASP K 600 -7.93 90.41 -64.79
CA ASP K 600 -7.38 90.62 -66.12
C ASP K 600 -6.88 92.05 -66.30
N GLU K 601 -7.62 93.03 -65.76
CA GLU K 601 -7.19 94.42 -65.83
C GLU K 601 -5.91 94.65 -65.04
N LEU K 602 -5.81 94.04 -63.86
CA LEU K 602 -4.58 94.16 -63.06
C LEU K 602 -3.41 93.49 -63.75
N ALA K 603 -3.63 92.34 -64.38
CA ALA K 603 -2.57 91.67 -65.12
C ALA K 603 -2.12 92.50 -66.32
N GLU K 604 -3.08 93.13 -67.03
CA GLU K 604 -2.72 93.99 -68.15
C GLU K 604 -1.95 95.22 -67.69
N ALA K 605 -2.34 95.80 -66.55
CA ALA K 605 -1.60 96.94 -66.00
C ALA K 605 -0.19 96.54 -65.60
N ARG K 606 -0.04 95.36 -64.98
CA ARG K 606 1.28 94.87 -64.61
C ARG K 606 2.15 94.60 -65.84
N LEU K 607 1.55 94.04 -66.90
CA LEU K 607 2.29 93.80 -68.13
C LEU K 607 2.70 95.10 -68.80
N GLN K 608 1.82 96.11 -68.77
CA GLN K 608 2.17 97.41 -69.33
C GLN K 608 3.26 98.10 -68.53
N ILE K 609 3.25 97.92 -67.20
CA ILE K 609 4.29 98.50 -66.36
C ILE K 609 5.62 97.79 -66.59
N LEU K 610 5.58 96.47 -66.78
CA LEU K 610 6.80 95.71 -67.04
C LEU K 610 7.37 96.02 -68.42
N MET K 611 6.51 96.23 -69.41
CA MET K 611 6.98 96.57 -70.75
C MET K 611 7.57 97.98 -70.79
N GLU K 612 7.02 98.89 -69.98
CA GLU K 612 7.54 100.26 -69.90
C GLU K 612 8.64 100.40 -68.86
N MET K 613 8.97 99.33 -68.14
CA MET K 613 10.03 99.39 -67.14
C MET K 613 11.40 99.47 -67.82
N LYS K 614 12.33 100.15 -67.16
CA LYS K 614 13.68 100.30 -67.68
C LYS K 614 14.50 99.05 -67.35
N GLU K 615 15.79 99.11 -67.67
CA GLU K 615 16.68 97.99 -67.39
C GLU K 615 16.91 97.86 -65.89
N LYS K 616 16.80 96.64 -65.38
CA LYS K 616 17.00 96.40 -63.96
C LYS K 616 18.48 96.51 -63.61
N PRO K 617 18.85 97.32 -62.63
CA PRO K 617 20.26 97.41 -62.23
C PRO K 617 20.74 96.14 -61.55
N ALA K 618 22.04 95.90 -61.65
CA ALA K 618 22.64 94.72 -61.05
C ALA K 618 22.63 94.82 -59.53
N PRO K 619 22.67 93.68 -58.84
CA PRO K 619 22.76 93.72 -57.37
C PRO K 619 24.02 94.38 -56.85
N GLU K 620 25.13 94.30 -57.61
CA GLU K 620 26.36 94.98 -57.20
C GLU K 620 26.17 96.50 -57.21
N VAL K 621 25.45 97.02 -58.20
CA VAL K 621 25.20 98.46 -58.28
C VAL K 621 24.33 98.92 -57.10
N VAL K 622 23.31 98.13 -56.76
CA VAL K 622 22.45 98.47 -55.64
C VAL K 622 23.22 98.39 -54.32
N HIS K 623 24.10 97.39 -54.19
CA HIS K 623 24.94 97.29 -53.00
C HIS K 623 25.90 98.46 -52.89
N ALA K 624 26.47 98.91 -54.02
CA ALA K 624 27.34 100.06 -54.02
C ALA K 624 26.59 101.34 -53.66
N ILE K 625 25.34 101.47 -54.14
CA ILE K 625 24.52 102.62 -53.80
C ILE K 625 24.19 102.62 -52.31
N TRP K 626 23.86 101.45 -51.76
CA TRP K 626 23.59 101.35 -50.33
C TRP K 626 24.84 101.64 -49.50
N ASN K 627 26.01 101.19 -49.96
CA ASN K 627 27.25 101.50 -49.25
C ASN K 627 27.57 102.99 -49.30
N ARG K 628 27.31 103.62 -50.45
CA ARG K 628 27.52 105.07 -50.56
C ARG K 628 26.56 105.83 -49.66
N ARG K 629 25.31 105.37 -49.55
CA ARG K 629 24.35 105.99 -48.64
C ARG K 629 24.77 105.82 -47.19
N GLU K 630 25.28 104.64 -46.83
CA GLU K 630 25.73 104.39 -45.46
C GLU K 630 27.06 105.07 -45.15
N GLU K 631 27.83 105.44 -46.16
CA GLU K 631 29.08 106.16 -45.93
C GLU K 631 28.88 107.66 -45.88
N ASN K 632 28.04 108.22 -46.74
CA ASN K 632 27.77 109.66 -46.71
C ASN K 632 26.90 110.01 -45.50
N LEU K 633 25.69 109.44 -45.45
CA LEU K 633 24.86 109.58 -44.26
C LEU K 633 25.31 108.61 -43.19
N ASN K 634 25.33 109.08 -41.95
CA ASN K 634 25.83 108.28 -40.84
C ASN K 634 24.87 107.12 -40.54
N ALA K 635 25.42 106.08 -39.91
CA ALA K 635 24.62 104.92 -39.53
C ALA K 635 23.56 105.28 -38.50
N LEU K 636 23.90 106.17 -37.56
CA LEU K 636 22.91 106.68 -36.63
C LEU K 636 21.89 107.56 -37.35
N ARG K 637 22.34 108.33 -38.35
CA ARG K 637 21.42 109.16 -39.12
C ARG K 637 20.53 108.32 -40.02
N LEU K 638 21.09 107.27 -40.62
CA LEU K 638 20.29 106.40 -41.49
C LEU K 638 19.37 105.48 -40.70
N GLY K 639 19.66 105.24 -39.42
CA GLY K 639 18.81 104.40 -38.60
C GLY K 639 17.51 105.03 -38.15
N LEU K 640 17.37 106.34 -38.31
CA LEU K 640 16.15 107.06 -37.94
C LEU K 640 15.34 107.34 -39.19
N GLY K 641 14.03 107.06 -39.12
CA GLY K 641 13.14 107.26 -40.24
C GLY K 641 12.68 108.68 -40.48
N TYR K 642 13.05 109.61 -39.59
CA TYR K 642 12.67 111.01 -39.74
C TYR K 642 13.71 111.83 -40.48
N TYR K 643 14.81 111.21 -40.93
CA TYR K 643 15.85 111.92 -41.66
C TYR K 643 15.46 112.00 -43.13
N ASP K 644 14.70 113.04 -43.46
CA ASP K 644 14.28 113.25 -44.84
C ASP K 644 15.44 113.70 -45.71
N SER K 645 15.37 113.32 -46.99
CA SER K 645 16.44 113.68 -47.93
C SER K 645 16.44 115.16 -48.27
N ASP K 646 15.28 115.84 -48.17
CA ASP K 646 15.18 117.25 -48.47
C ASP K 646 15.31 118.13 -47.24
N SER K 647 15.54 117.54 -46.06
CA SER K 647 15.68 118.30 -44.82
C SER K 647 17.14 118.66 -44.64
N GLU K 648 17.53 119.82 -45.17
CA GLU K 648 18.91 120.29 -45.05
C GLU K 648 19.14 121.13 -43.81
N ASP K 649 18.08 121.49 -43.08
CA ASP K 649 18.22 122.31 -41.88
C ASP K 649 18.74 121.48 -40.72
N GLY K 650 19.76 121.99 -40.04
CA GLY K 650 20.32 121.28 -38.90
C GLY K 650 19.44 121.33 -37.66
N GLU K 651 18.57 122.32 -37.55
CA GLU K 651 17.67 122.41 -36.41
C GLU K 651 16.65 121.29 -36.42
N ASP K 652 16.10 120.96 -37.59
CA ASP K 652 15.16 119.85 -37.70
C ASP K 652 15.83 118.52 -37.38
N ASP K 653 17.06 118.33 -37.85
CA ASP K 653 17.81 117.11 -37.54
C ASP K 653 18.12 117.03 -36.05
N VAL K 654 18.45 118.16 -35.42
CA VAL K 654 18.71 118.17 -33.98
C VAL K 654 17.45 117.84 -33.20
N ALA K 655 16.31 118.39 -33.62
CA ALA K 655 15.04 118.09 -32.95
C ALA K 655 14.64 116.63 -33.12
N ASN K 656 14.86 116.07 -34.31
CA ASN K 656 14.58 114.65 -34.53
C ASN K 656 15.50 113.77 -33.70
N ILE K 657 16.77 114.15 -33.57
CA ILE K 657 17.71 113.39 -32.76
C ILE K 657 17.33 113.46 -31.29
N ARG K 658 16.88 114.64 -30.83
CA ARG K 658 16.43 114.78 -29.44
C ARG K 658 15.18 113.95 -29.17
N ALA K 659 14.23 113.94 -30.11
CA ALA K 659 13.03 113.11 -29.95
C ALA K 659 13.38 111.63 -29.94
N THR K 660 14.29 111.20 -30.82
CA THR K 660 14.73 109.81 -30.85
C THR K 660 15.45 109.43 -29.56
N LEU K 661 16.27 110.34 -29.02
CA LEU K 661 16.97 110.08 -27.77
C LEU K 661 15.98 109.98 -26.61
N GLU K 662 14.96 110.84 -26.58
CA GLU K 662 13.94 110.76 -25.53
C GLU K 662 13.15 109.45 -25.63
N ALA K 663 12.79 109.03 -26.85
CA ALA K 663 12.08 107.77 -27.02
C ALA K 663 12.96 106.59 -26.61
N ALA K 664 14.25 106.63 -26.96
CA ALA K 664 15.16 105.56 -26.57
C ALA K 664 15.36 105.52 -25.07
N LEU K 665 15.41 106.69 -24.42
CA LEU K 665 15.53 106.73 -22.96
C LEU K 665 14.29 106.17 -22.29
N ASP K 666 13.10 106.49 -22.81
CA ASP K 666 11.87 105.95 -22.24
C ASP K 666 11.80 104.43 -22.43
N ARG K 667 12.18 103.95 -23.61
CA ARG K 667 12.20 102.50 -23.86
C ARG K 667 13.22 101.80 -22.98
N LEU K 668 14.39 102.41 -22.78
CA LEU K 668 15.41 101.82 -21.92
C LEU K 668 14.95 101.79 -20.47
N MET K 669 14.25 102.84 -20.01
CA MET K 669 13.71 102.85 -18.66
C MET K 669 12.65 101.77 -18.47
N ALA K 670 11.76 101.60 -19.45
CA ALA K 670 10.75 100.56 -19.37
C ALA K 670 11.37 99.17 -19.38
N SER K 671 12.37 98.96 -20.24
CA SER K 671 13.04 97.67 -20.29
C SER K 671 13.83 97.39 -19.01
N ALA K 672 14.44 98.43 -18.43
CA ALA K 672 15.15 98.26 -17.17
C ALA K 672 14.20 97.94 -16.02
N GLU K 673 13.02 98.56 -16.01
CA GLU K 673 12.01 98.24 -15.00
C GLU K 673 11.52 96.80 -15.14
N LYS K 674 11.27 96.37 -16.38
CA LYS K 674 10.84 94.99 -16.61
C LYS K 674 11.92 93.99 -16.23
N GLY K 675 13.18 94.30 -16.56
CA GLY K 675 14.27 93.43 -16.19
C GLY K 675 14.51 93.37 -14.69
N ASN K 676 14.33 94.51 -14.01
CA ASN K 676 14.44 94.53 -12.55
C ASN K 676 13.35 93.71 -11.90
N LYS K 677 12.11 93.80 -12.42
CA LYS K 677 11.02 93.00 -11.88
C LYS K 677 11.27 91.51 -12.11
N LEU K 678 11.74 91.14 -13.30
CA LEU K 678 12.04 89.75 -13.59
C LEU K 678 13.18 89.23 -12.73
N GLU K 679 14.21 90.05 -12.52
CA GLU K 679 15.34 89.64 -11.67
C GLU K 679 14.91 89.50 -10.22
N LYS K 680 14.04 90.39 -9.73
CA LYS K 680 13.53 90.27 -8.37
C LYS K 680 12.69 89.01 -8.20
N LYS K 681 11.85 88.69 -9.20
CA LYS K 681 11.06 87.47 -9.14
C LYS K 681 11.94 86.23 -9.16
N LEU K 682 12.97 86.22 -10.02
CA LEU K 682 13.87 85.07 -10.08
C LEU K 682 14.70 84.92 -8.82
N ASN K 683 15.12 86.04 -8.22
CA ASN K 683 15.84 85.99 -6.96
C ASN K 683 14.97 85.48 -5.82
N LEU K 684 13.71 85.94 -5.75
CA LEU K 684 12.79 85.42 -4.75
C LEU K 684 12.48 83.94 -4.97
N HIS K 685 12.51 83.48 -6.22
CA HIS K 685 12.29 82.07 -6.50
C HIS K 685 13.49 81.20 -6.14
N LEU K 686 14.71 81.68 -6.39
CA LEU K 686 15.89 80.84 -6.30
C LEU K 686 16.88 81.25 -5.21
N GLY K 687 16.47 82.07 -4.25
CA GLY K 687 17.36 82.41 -3.15
C GLY K 687 17.73 81.22 -2.30
N GLY K 688 16.77 80.34 -2.02
CA GLY K 688 17.07 79.14 -1.25
C GLY K 688 17.99 78.19 -2.00
N TYR K 689 17.81 78.07 -3.32
CA TYR K 689 18.70 77.24 -4.13
C TYR K 689 20.12 77.82 -4.16
N LYS K 690 20.23 79.15 -4.27
CA LYS K 690 21.55 79.78 -4.25
C LYS K 690 22.23 79.60 -2.89
N ASN K 691 21.48 79.73 -1.79
CA ASN K 691 22.04 79.52 -0.46
C ASN K 691 22.48 78.07 -0.27
N ARG K 692 21.68 77.12 -0.76
CA ARG K 692 22.06 75.71 -0.67
C ARG K 692 23.31 75.41 -1.50
N ALA K 693 23.41 76.03 -2.68
CA ALA K 693 24.60 75.85 -3.51
C ALA K 693 25.84 76.44 -2.85
N GLU K 694 25.71 77.61 -2.21
CA GLU K 694 26.83 78.21 -1.50
C GLU K 694 27.26 77.36 -0.31
N MET K 695 26.29 76.81 0.43
CA MET K 695 26.61 75.94 1.55
C MET K 695 27.28 74.66 1.08
N LEU K 696 26.82 74.10 -0.04
CA LEU K 696 27.44 72.91 -0.61
C LEU K 696 28.87 73.19 -1.07
N ARG K 697 29.09 74.37 -1.66
CA ARG K 697 30.45 74.74 -2.08
C ARG K 697 31.38 74.90 -0.89
N LYS K 698 30.89 75.53 0.20
CA LYS K 698 31.70 75.68 1.40
C LYS K 698 32.01 74.32 2.03
N LYS K 699 31.01 73.42 2.05
CA LYS K 699 31.23 72.07 2.57
C LYS K 699 32.22 71.30 1.72
N LEU K 700 32.15 71.47 0.39
CA LEU K 700 33.10 70.80 -0.50
C LEU K 700 34.52 71.32 -0.30
N GLY K 701 34.67 72.64 -0.10
CA GLY K 701 35.99 73.18 0.18
C GLY K 701 36.56 72.69 1.50
N GLU K 702 35.71 72.63 2.54
CA GLU K 702 36.15 72.10 3.82
C GLU K 702 36.52 70.63 3.72
N ALA K 703 35.74 69.87 2.94
CA ALA K 703 36.04 68.45 2.74
C ALA K 703 37.32 68.25 1.97
N HIS K 704 37.60 69.11 0.98
CA HIS K 704 38.86 69.03 0.24
C HIS K 704 40.05 69.34 1.14
N ALA K 705 39.93 70.37 1.99
CA ALA K 705 41.01 70.67 2.94
C ALA K 705 41.23 69.53 3.92
N ALA K 706 40.13 68.95 4.43
CA ALA K 706 40.25 67.82 5.35
C ALA K 706 40.85 66.60 4.66
N LEU K 707 40.51 66.38 3.39
CA LEU K 707 41.07 65.25 2.64
C LEU K 707 42.56 65.44 2.40
N GLU K 708 43.00 66.66 2.09
CA GLU K 708 44.42 66.93 1.93
C GLU K 708 45.18 66.73 3.26
N LYS K 709 44.60 67.21 4.37
CA LYS K 709 45.23 67.01 5.67
C LYS K 709 45.27 65.52 6.04
N ALA K 710 44.21 64.78 5.72
CA ALA K 710 44.19 63.35 6.01
C ALA K 710 45.18 62.58 5.15
N ARG K 711 45.35 62.99 3.88
CA ARG K 711 46.35 62.35 3.03
C ARG K 711 47.76 62.60 3.55
N ASN K 712 48.05 63.83 3.97
CA ASN K 712 49.36 64.12 4.55
C ASN K 712 49.58 63.33 5.84
N ALA K 713 48.56 63.25 6.69
CA ALA K 713 48.67 62.49 7.93
C ALA K 713 48.84 61.00 7.65
N LEU K 714 48.18 60.48 6.63
CA LEU K 714 48.31 59.07 6.29
C LEU K 714 49.70 58.75 5.74
N ALA K 715 50.24 59.64 4.91
CA ALA K 715 51.62 59.46 4.43
C ALA K 715 52.62 59.51 5.57
N GLY K 716 52.45 60.47 6.50
CA GLY K 716 53.32 60.52 7.66
C GLY K 716 53.18 59.31 8.56
N PHE K 717 51.96 58.79 8.70
CA PHE K 717 51.74 57.61 9.53
C PHE K 717 52.34 56.37 8.90
N GLN K 718 52.27 56.25 7.57
CA GLN K 718 52.91 55.13 6.89
C GLN K 718 54.43 55.18 7.02
N VAL K 719 55.01 56.38 6.86
CA VAL K 719 56.45 56.54 7.03
C VAL K 719 56.87 56.21 8.46
N LEU K 720 56.09 56.70 9.43
CA LEU K 720 56.37 56.43 10.83
C LEU K 720 56.21 54.95 11.18
N ARG K 721 55.24 54.26 10.54
CA ARG K 721 55.06 52.84 10.79
C ARG K 721 56.21 52.03 10.22
N ALA K 722 56.68 52.38 9.02
CA ALA K 722 57.85 51.70 8.45
C ALA K 722 59.10 51.93 9.31
N SER K 723 59.30 53.19 9.75
CA SER K 723 60.43 53.50 10.60
C SER K 723 60.34 52.80 11.95
N GLU K 724 59.13 52.69 12.50
CA GLU K 724 58.92 52.02 13.77
C GLU K 724 59.16 50.52 13.64
N GLU K 725 58.77 49.92 12.52
CA GLU K 725 59.04 48.50 12.29
C GLU K 725 60.54 48.24 12.18
N GLN K 726 61.24 49.08 11.42
CA GLN K 726 62.70 48.92 11.29
C GLN K 726 63.40 49.13 12.64
N ALA K 727 62.96 50.14 13.39
CA ALA K 727 63.55 50.41 14.71
C ALA K 727 63.23 49.31 15.70
N ILE K 728 62.03 48.72 15.60
CA ILE K 728 61.67 47.61 16.48
C ILE K 728 62.52 46.38 16.18
N GLN K 729 62.77 46.11 14.89
CA GLN K 729 63.65 45.00 14.54
C GLN K 729 65.08 45.24 15.03
N ARG K 730 65.60 46.46 14.84
CA ARG K 730 66.95 46.77 15.29
C ARG K 730 67.06 46.73 16.82
N ARG K 731 66.06 47.25 17.52
CA ARG K 731 66.08 47.24 18.98
C ARG K 731 65.90 45.83 19.53
N LEU K 732 65.12 44.99 18.84
CA LEU K 732 65.00 43.60 19.25
C LEU K 732 66.33 42.86 19.07
N GLU K 733 67.03 43.11 17.96
CA GLU K 733 68.35 42.51 17.76
C GLU K 733 69.35 42.98 18.82
N ALA K 734 69.33 44.28 19.12
CA ALA K 734 70.24 44.83 20.12
C ALA K 734 69.93 44.29 21.52
N LEU K 735 68.65 44.18 21.86
CA LEU K 735 68.25 43.64 23.16
C LEU K 735 68.59 42.15 23.27
N ARG K 736 68.44 41.41 22.16
CA ARG K 736 68.85 40.01 22.15
C ARG K 736 70.36 39.87 22.35
N ALA K 737 71.14 40.74 21.70
CA ALA K 737 72.58 40.71 21.88
C ALA K 737 72.97 41.07 23.33
N GLU K 738 72.30 42.06 23.91
CA GLU K 738 72.59 42.45 25.29
C GLU K 738 72.18 41.35 26.27
N VAL K 739 71.06 40.68 26.02
CA VAL K 739 70.63 39.59 26.87
C VAL K 739 71.58 38.40 26.74
N ALA K 740 72.08 38.14 25.54
CA ALA K 740 73.07 37.09 25.35
C ALA K 740 74.37 37.41 26.06
N PHE K 741 74.79 38.68 26.03
CA PHE K 741 75.99 39.09 26.76
C PHE K 741 75.80 38.96 28.27
N VAL K 742 74.61 39.33 28.77
CA VAL K 742 74.33 39.21 30.20
C VAL K 742 74.28 37.74 30.61
N SER K 743 73.71 36.88 29.77
CA SER K 743 73.66 35.46 30.05
C SER K 743 75.06 34.84 30.02
N THR K 744 75.91 35.30 29.10
CA THR K 744 77.30 34.83 29.06
C THR K 744 78.06 35.27 30.30
N ARG K 745 77.82 36.51 30.76
CA ARG K 745 78.44 36.97 31.99
C ARG K 745 77.96 36.18 33.20
N GLU K 746 76.66 35.86 33.24
CA GLU K 746 76.13 35.05 34.33
C GLU K 746 76.70 33.63 34.31
N ARG K 747 76.85 33.06 33.11
CA ARG K 747 77.45 31.73 32.99
C ARG K 747 78.92 31.73 33.40
N LYS K 748 79.65 32.80 33.05
CA LYS K 748 81.04 32.93 33.47
C LYS K 748 81.14 33.08 34.99
N ALA K 749 80.21 33.83 35.58
CA ALA K 749 80.18 33.97 37.04
C ALA K 749 79.86 32.65 37.72
N GLN K 750 78.92 31.88 37.15
CA GLN K 750 78.59 30.56 37.70
C GLN K 750 79.76 29.60 37.59
N GLU K 751 80.48 29.63 36.46
CA GLU K 751 81.67 28.80 36.28
C GLU K 751 82.77 29.19 37.26
N LEU K 752 82.95 30.50 37.49
CA LEU K 752 83.93 30.97 38.46
C LEU K 752 83.55 30.56 39.87
N TYR K 753 82.26 30.62 40.20
CA TYR K 753 81.80 30.17 41.51
C TYR K 753 82.00 28.68 41.71
N ARG K 754 81.73 27.88 40.67
CA ARG K 754 81.97 26.45 40.75
C ARG K 754 83.45 26.12 40.89
N LYS K 755 84.31 26.83 40.15
CA LYS K 755 85.75 26.64 40.28
C LYS K 755 86.25 27.05 41.65
N LEU K 756 85.71 28.14 42.20
CA LEU K 756 86.10 28.57 43.55
C LEU K 756 85.64 27.56 44.60
N ARG K 757 84.44 27.00 44.45
CA ARG K 757 83.97 25.98 45.37
C ARG K 757 84.83 24.72 45.29
N ASP K 758 85.21 24.31 44.08
CA ASP K 758 86.09 23.16 43.91
C ASP K 758 87.47 23.42 44.52
N GLU K 759 88.00 24.63 44.33
CA GLU K 759 89.29 24.97 44.91
C GLU K 759 89.23 25.02 46.43
N LEU K 760 88.12 25.52 46.99
CA LEU K 760 87.94 25.53 48.44
C LEU K 760 87.84 24.12 48.99
N GLU K 761 87.11 23.23 48.28
CA GLU K 761 87.02 21.84 48.70
C GLU K 761 88.38 21.15 48.64
N GLU K 762 89.17 21.44 47.59
CA GLU K 762 90.51 20.86 47.48
C GLU K 762 91.42 21.37 48.58
N LEU K 763 91.32 22.66 48.92
CA LEU K 763 92.13 23.22 49.99
C LEU K 763 91.73 22.65 51.35
N ARG K 764 90.43 22.44 51.57
CA ARG K 764 89.98 21.82 52.82
C ARG K 764 90.40 20.37 52.92
N LEU K 765 90.44 19.65 51.79
CA LEU K 765 90.92 18.28 51.79
C LEU K 765 92.42 18.21 52.02
N GLU K 766 93.17 19.15 51.45
CA GLU K 766 94.62 19.18 51.65
C GLU K 766 94.99 19.59 53.06
N GLN K 767 94.25 20.51 53.67
CA GLN K 767 94.54 20.93 55.03
C GLN K 767 94.19 19.85 56.05
N ALA K 768 93.14 19.09 55.79
CA ALA K 768 92.73 18.02 56.69
C ALA K 768 93.50 16.74 56.40
N MET L 1 56.02 60.97 -2.85
CA MET L 1 56.58 60.12 -1.79
C MET L 1 57.64 60.87 -1.00
N PRO L 2 57.60 60.75 0.32
CA PRO L 2 58.61 61.40 1.16
C PRO L 2 59.99 60.77 0.97
N ALA L 3 61.01 61.61 1.17
CA ALA L 3 62.40 61.18 1.02
C ALA L 3 63.08 60.94 2.36
N ILE L 4 62.33 60.94 3.46
CA ILE L 4 62.89 60.73 4.79
C ILE L 4 63.14 59.24 4.98
N THR L 5 64.40 58.87 5.15
CA THR L 5 64.79 57.48 5.35
C THR L 5 65.57 57.24 6.63
N THR L 6 65.63 58.22 7.53
CA THR L 6 66.33 58.06 8.79
C THR L 6 65.55 57.14 9.72
N VAL L 7 66.27 56.34 10.49
CA VAL L 7 65.68 55.38 11.42
C VAL L 7 66.08 55.78 12.83
N HIS L 8 65.09 56.03 13.68
CA HIS L 8 65.29 56.36 15.08
C HIS L 8 64.56 55.36 15.95
N GLU L 9 65.21 54.90 17.02
CA GLU L 9 64.66 53.86 17.89
C GLU L 9 63.57 54.46 18.76
N SER L 10 62.39 54.64 18.16
CA SER L 10 61.23 55.22 18.82
C SER L 10 60.09 54.23 18.78
N LEU L 11 59.48 53.99 19.94
CA LEU L 11 58.32 53.10 20.09
C LEU L 11 57.24 53.85 20.84
N PRO L 12 56.46 54.68 20.15
CA PRO L 12 55.41 55.46 20.84
C PRO L 12 54.33 54.60 21.49
N TYR L 13 53.99 53.46 20.89
CA TYR L 13 52.96 52.60 21.48
C TYR L 13 53.52 51.66 22.53
N ILE L 14 54.85 51.56 22.66
CA ILE L 14 55.48 50.63 23.58
C ILE L 14 56.21 51.37 24.70
N ASP L 15 57.13 52.26 24.34
CA ASP L 15 57.92 52.98 25.34
C ASP L 15 57.04 54.00 26.06
N PRO L 16 57.43 54.37 27.29
CA PRO L 16 56.64 55.36 28.03
C PRO L 16 56.72 56.74 27.41
N GLU L 17 55.67 57.52 27.62
CA GLU L 17 55.62 58.88 27.10
C GLU L 17 56.60 59.76 27.86
N PRO L 18 57.48 60.48 27.19
CA PRO L 18 58.44 61.34 27.89
C PRO L 18 57.75 62.51 28.57
N THR L 19 58.34 62.93 29.68
CA THR L 19 57.82 64.06 30.44
C THR L 19 58.10 65.36 29.71
N PRO L 20 57.38 66.44 30.08
CA PRO L 20 57.67 67.74 29.47
C PRO L 20 59.09 68.25 29.74
N GLU L 21 59.64 67.93 30.91
CA GLU L 21 61.03 68.28 31.19
C GLU L 21 61.99 67.48 30.30
N GLN L 22 61.70 66.20 30.09
CA GLN L 22 62.52 65.39 29.19
C GLN L 22 62.41 65.87 27.75
N ARG L 23 61.20 66.27 27.32
CA ARG L 23 61.03 66.82 25.98
C ARG L 23 61.77 68.14 25.83
N ALA L 24 61.75 68.98 26.88
CA ALA L 24 62.51 70.23 26.84
C ALA L 24 64.01 69.98 26.77
N ALA L 25 64.50 68.99 27.52
CA ALA L 25 65.92 68.65 27.47
C ALA L 25 66.31 68.10 26.09
N ALA L 26 65.45 67.29 25.48
CA ALA L 26 65.71 66.78 24.14
C ALA L 26 65.72 67.91 23.11
N GLU L 27 64.78 68.86 23.26
CA GLU L 27 64.76 70.02 22.37
C GLU L 27 66.00 70.90 22.55
N ALA L 28 66.47 71.04 23.79
CA ALA L 28 67.70 71.79 24.04
C ALA L 28 68.91 71.10 23.43
N LEU L 29 68.96 69.77 23.53
CA LEU L 29 70.05 69.03 22.89
C LEU L 29 70.01 69.15 21.38
N ILE L 30 68.80 69.12 20.80
CA ILE L 30 68.66 69.28 19.35
C ILE L 30 69.07 70.68 18.93
N ALA L 31 68.73 71.70 19.73
CA ALA L 31 69.14 73.06 19.42
C ALA L 31 70.64 73.23 19.53
N GLU L 32 71.26 72.57 20.52
CA GLU L 32 72.72 72.61 20.64
C GLU L 32 73.39 71.94 19.45
N GLU L 33 72.83 70.82 18.98
CA GLU L 33 73.37 70.15 17.80
C GLU L 33 73.17 71.00 16.54
N ARG L 34 72.06 71.74 16.47
CA ARG L 34 71.83 72.63 15.35
C ARG L 34 72.76 73.84 15.37
N ALA L 35 73.12 74.32 16.55
CA ALA L 35 74.10 75.39 16.67
C ALA L 35 75.53 74.90 16.53
N LYS L 36 75.74 73.58 16.63
CA LYS L 36 77.09 73.03 16.49
C LYS L 36 77.61 73.15 15.06
N VAL L 37 76.76 72.85 14.08
CA VAL L 37 77.19 72.88 12.68
C VAL L 37 76.18 73.70 11.87
N PRO L 38 76.61 74.36 10.80
CA PRO L 38 75.67 75.16 10.01
C PRO L 38 74.74 74.29 9.18
N ASP L 39 73.55 74.83 8.90
CA ASP L 39 72.58 74.13 8.09
C ASP L 39 73.00 74.14 6.62
N ASP L 40 72.61 73.08 5.90
CA ASP L 40 72.97 72.94 4.50
C ASP L 40 71.79 73.34 3.62
N PRO L 41 71.87 74.45 2.88
CA PRO L 41 70.76 74.81 1.98
C PRO L 41 70.66 73.92 0.76
N TYR L 42 71.70 73.14 0.45
CA TYR L 42 71.70 72.25 -0.71
C TYR L 42 71.51 70.79 -0.30
N HIS L 43 70.67 70.55 0.70
CA HIS L 43 70.42 69.20 1.17
C HIS L 43 69.62 68.41 0.13
N ALA L 44 69.94 67.11 0.02
CA ALA L 44 69.25 66.26 -0.95
C ALA L 44 67.80 66.03 -0.54
N LEU L 45 67.52 65.98 0.76
CA LEU L 45 66.15 65.80 1.23
C LEU L 45 65.30 67.03 0.94
N LEU L 46 65.88 68.22 1.03
CA LEU L 46 65.15 69.44 0.72
C LEU L 46 64.89 69.53 -0.78
N PRO L 47 63.67 69.87 -1.20
CA PRO L 47 63.38 69.97 -2.63
C PRO L 47 63.96 71.24 -3.22
N PRO L 48 63.96 71.37 -4.54
CA PRO L 48 64.48 72.59 -5.16
C PRO L 48 63.56 73.77 -4.88
N PRO L 49 64.10 74.98 -4.83
CA PRO L 49 63.26 76.15 -4.56
C PRO L 49 62.38 76.51 -5.75
N LEU L 50 61.36 77.31 -5.48
CA LEU L 50 60.45 77.75 -6.51
C LEU L 50 61.16 78.70 -7.48
N PRO L 51 60.94 78.56 -8.78
CA PRO L 51 61.61 79.44 -9.75
C PRO L 51 60.97 80.81 -9.77
N PRO L 52 61.61 81.79 -10.39
CA PRO L 52 61.05 83.14 -10.43
C PRO L 52 59.89 83.23 -11.42
N LEU L 53 59.23 84.40 -11.42
CA LEU L 53 58.12 84.62 -12.33
C LEU L 53 58.57 84.62 -13.79
N ASN L 54 59.73 85.22 -14.06
CA ASN L 54 60.24 85.24 -15.43
C ASN L 54 60.79 83.87 -15.85
N GLU L 55 61.24 83.08 -14.90
CA GLU L 55 61.80 81.76 -15.18
C GLU L 55 60.75 80.66 -15.22
N SER L 56 59.49 80.97 -14.91
CA SER L 56 58.44 79.98 -14.93
C SER L 56 58.04 79.66 -16.37
N ARG L 57 57.94 78.36 -16.67
CA ARG L 57 57.59 77.94 -18.02
C ARG L 57 56.11 78.13 -18.31
N HIS L 58 55.27 78.19 -17.28
CA HIS L 58 53.82 78.31 -17.46
C HIS L 58 53.31 79.73 -17.28
N LEU L 59 54.06 80.59 -16.59
CA LEU L 59 53.61 81.95 -16.34
C LEU L 59 53.97 82.86 -17.50
N THR L 60 52.98 83.60 -18.00
CA THR L 60 53.19 84.54 -19.08
C THR L 60 53.77 85.85 -18.55
N PRO L 61 54.34 86.68 -19.43
CA PRO L 61 54.83 87.99 -18.98
C PRO L 61 53.74 88.90 -18.44
N ILE L 62 52.53 88.84 -18.99
CA ILE L 62 51.42 89.61 -18.45
C ILE L 62 51.03 89.06 -17.08
N LEU L 63 51.04 87.74 -16.93
CA LEU L 63 50.79 87.13 -15.63
C LEU L 63 51.89 87.48 -14.63
N GLN L 64 53.13 87.56 -15.09
CA GLN L 64 54.24 87.98 -14.23
C GLN L 64 54.07 89.43 -13.78
N ASN L 65 53.64 90.31 -14.69
CA ASN L 65 53.39 91.69 -14.34
C ASN L 65 52.23 91.82 -13.34
N GLU L 66 51.17 91.03 -13.54
CA GLU L 66 50.04 91.05 -12.61
C GLU L 66 50.46 90.52 -11.23
N LEU L 67 51.31 89.48 -11.20
CA LEU L 67 51.80 88.96 -9.94
C LEU L 67 52.70 89.97 -9.23
N ALA L 68 53.53 90.69 -9.99
CA ALA L 68 54.36 91.74 -9.40
C ALA L 68 53.51 92.88 -8.84
N ARG L 69 52.45 93.25 -9.56
CA ARG L 69 51.55 94.29 -9.08
C ARG L 69 50.81 93.85 -7.82
N LEU L 70 50.41 92.58 -7.77
CA LEU L 70 49.74 92.05 -6.57
C LEU L 70 50.69 91.98 -5.39
N ALA L 71 51.95 91.59 -5.63
CA ALA L 71 52.93 91.52 -4.56
C ALA L 71 53.34 92.90 -4.07
N SER L 72 53.32 93.91 -4.95
CA SER L 72 53.64 95.26 -4.54
C SER L 72 52.55 95.89 -3.66
N SER L 73 51.33 95.36 -3.72
CA SER L 73 50.27 95.86 -2.85
C SER L 73 50.52 95.45 -1.41
N PRO L 74 50.33 96.36 -0.45
CA PRO L 74 50.51 95.99 0.96
C PRO L 74 49.53 94.93 1.44
N ASP L 75 48.31 94.89 0.90
CA ASP L 75 47.29 93.92 1.27
C ASP L 75 46.91 93.12 0.02
N PRO L 76 47.53 91.96 -0.21
CA PRO L 76 47.18 91.18 -1.40
C PRO L 76 45.77 90.61 -1.35
N GLN L 77 45.20 90.39 -0.17
CA GLN L 77 43.83 89.90 -0.08
C GLN L 77 42.82 90.96 -0.50
N ALA L 78 43.10 92.23 -0.17
CA ALA L 78 42.21 93.34 -0.49
C ALA L 78 42.65 94.10 -1.74
N ALA L 79 43.63 93.58 -2.48
CA ALA L 79 44.14 94.24 -3.68
C ALA L 79 43.14 94.04 -4.80
N LYS L 80 42.26 95.03 -4.98
CA LYS L 80 41.25 95.00 -6.03
C LYS L 80 41.71 95.84 -7.20
N MET L 81 41.61 95.29 -8.41
CA MET L 81 42.01 96.00 -9.60
C MET L 81 40.99 97.07 -9.97
N ASP L 82 41.36 97.94 -10.89
CA ASP L 82 40.48 99.01 -11.33
C ASP L 82 39.36 98.45 -12.20
N ALA L 83 38.13 98.82 -11.87
CA ALA L 83 36.98 98.34 -12.62
C ALA L 83 36.86 99.07 -13.96
N LEU L 84 36.16 98.42 -14.89
CA LEU L 84 35.94 99.01 -16.20
C LEU L 84 34.86 100.08 -16.13
N ASP L 85 34.62 100.74 -17.26
CA ASP L 85 33.64 101.81 -17.33
C ASP L 85 32.23 101.24 -17.33
N PHE L 86 31.65 101.08 -16.14
CA PHE L 86 30.29 100.56 -16.01
C PHE L 86 29.24 101.66 -16.03
N SER L 87 29.65 102.92 -16.01
CA SER L 87 28.69 104.02 -16.07
C SER L 87 28.12 104.22 -17.47
N ARG L 88 28.80 103.70 -18.49
CA ARG L 88 28.31 103.84 -19.86
C ARG L 88 27.10 102.94 -20.15
N TYR L 89 26.91 101.90 -19.36
CA TYR L 89 25.79 100.98 -19.54
C TYR L 89 24.52 101.45 -18.83
N GLU L 90 24.58 102.56 -18.10
CA GLU L 90 23.42 103.08 -17.40
C GLU L 90 22.53 103.86 -18.35
N ALA L 91 21.46 104.43 -17.81
CA ALA L 91 20.52 105.20 -18.62
C ALA L 91 21.14 106.55 -18.98
N PRO L 92 21.25 106.90 -20.27
CA PRO L 92 21.87 108.18 -20.64
C PRO L 92 20.91 109.33 -20.40
N GLU L 93 21.31 110.28 -19.57
CA GLU L 93 20.50 111.45 -19.29
C GLU L 93 20.53 112.42 -20.46
N MET L 94 19.61 113.38 -20.45
CA MET L 94 19.53 114.38 -21.50
C MET L 94 20.70 115.34 -21.38
N PRO L 95 21.50 115.54 -22.43
CA PRO L 95 22.64 116.46 -22.32
C PRO L 95 22.18 117.90 -22.26
N SER L 96 22.91 118.71 -21.48
CA SER L 96 22.59 120.12 -21.32
C SER L 96 23.10 120.87 -22.54
N ILE L 97 22.22 121.04 -23.53
CA ILE L 97 22.57 121.74 -24.75
C ILE L 97 22.50 123.24 -24.47
N ASP L 98 23.67 123.88 -24.42
CA ASP L 98 23.74 125.31 -24.14
C ASP L 98 23.28 126.11 -25.35
N SER L 99 22.82 127.34 -25.08
CA SER L 99 22.40 128.23 -26.16
C SER L 99 23.58 128.70 -27.00
N SER L 100 24.76 128.83 -26.39
CA SER L 100 25.95 129.23 -27.12
C SER L 100 26.63 128.06 -27.83
N GLN L 101 26.18 126.84 -27.60
CA GLN L 101 26.75 125.68 -28.27
C GLN L 101 26.38 125.67 -29.75
N SER L 102 27.32 125.23 -30.59
CA SER L 102 27.09 125.18 -32.02
C SER L 102 26.13 124.06 -32.37
N LEU L 103 25.57 124.14 -33.59
CA LEU L 103 24.65 123.11 -34.06
C LEU L 103 25.37 121.79 -34.28
N GLU L 104 26.60 121.83 -34.80
CA GLU L 104 27.35 120.60 -35.04
C GLU L 104 27.75 119.93 -33.73
N GLU L 105 28.18 120.72 -32.74
CA GLU L 105 28.56 120.16 -31.45
C GLU L 105 27.34 119.58 -30.72
N THR L 106 26.21 120.27 -30.78
CA THR L 106 24.98 119.75 -30.18
C THR L 106 24.52 118.48 -30.88
N ALA L 107 24.64 118.43 -32.21
CA ALA L 107 24.28 117.23 -32.96
C ALA L 107 25.19 116.07 -32.61
N SER L 108 26.49 116.34 -32.44
CA SER L 108 27.43 115.28 -32.05
C SER L 108 27.15 114.78 -30.65
N GLN L 109 26.83 115.67 -29.72
CA GLN L 109 26.48 115.27 -28.36
C GLN L 109 25.19 114.46 -28.34
N LEU L 110 24.20 114.87 -29.14
CA LEU L 110 22.95 114.12 -29.23
C LEU L 110 23.17 112.74 -29.86
N TRP L 111 24.05 112.66 -30.86
CA TRP L 111 24.36 111.37 -31.48
C TRP L 111 25.08 110.44 -30.50
N GLU L 112 26.01 110.99 -29.70
CA GLU L 112 26.68 110.19 -28.69
C GLU L 112 25.71 109.71 -27.61
N THR L 113 24.80 110.58 -27.19
CA THR L 113 23.78 110.19 -26.20
C THR L 113 22.84 109.13 -26.77
N LEU L 114 22.48 109.27 -28.05
CA LEU L 114 21.61 108.28 -28.69
C LEU L 114 22.32 106.93 -28.84
N LYS L 115 23.62 106.95 -29.16
CA LYS L 115 24.39 105.71 -29.23
C LYS L 115 24.50 105.04 -27.87
N GLN L 116 24.73 105.82 -26.81
CA GLN L 116 24.77 105.26 -25.46
C GLN L 116 23.41 104.70 -25.06
N ALA L 117 22.34 105.40 -25.40
CA ALA L 117 20.99 104.91 -25.09
C ALA L 117 20.66 103.64 -25.87
N TYR L 118 21.11 103.55 -27.13
CA TYR L 118 20.89 102.36 -27.92
C TYR L 118 21.68 101.18 -27.36
N THR L 119 22.91 101.41 -26.92
CA THR L 119 23.69 100.35 -26.28
C THR L 119 23.04 99.89 -24.98
N ALA L 120 22.53 100.84 -24.18
CA ALA L 120 21.83 100.48 -22.95
C ALA L 120 20.54 99.72 -23.24
N GLN L 121 19.81 100.10 -24.29
CA GLN L 121 18.60 99.39 -24.66
C GLN L 121 18.90 97.98 -25.16
N ALA L 122 19.98 97.82 -25.92
CA ALA L 122 20.40 96.49 -26.35
C ALA L 122 20.80 95.62 -25.18
N TYR L 123 21.53 96.20 -24.21
CA TYR L 123 21.89 95.45 -23.00
C TYR L 123 20.66 95.07 -22.19
N LEU L 124 19.67 95.98 -22.11
CA LEU L 124 18.44 95.68 -21.39
C LEU L 124 17.62 94.60 -22.08
N SER L 125 17.61 94.62 -23.43
CA SER L 125 16.90 93.57 -24.16
C SER L 125 17.59 92.22 -24.00
N ALA L 126 18.93 92.21 -24.00
CA ALA L 126 19.66 90.97 -23.74
C ALA L 126 19.41 90.47 -22.32
N ARG L 127 19.34 91.38 -21.35
CA ARG L 127 19.01 91.00 -19.98
C ARG L 127 17.61 90.44 -19.86
N ARG L 128 16.66 91.03 -20.60
CA ARG L 128 15.29 90.51 -20.60
C ARG L 128 15.21 89.13 -21.23
N ALA L 129 15.95 88.91 -22.32
CA ALA L 129 15.98 87.58 -22.94
C ALA L 129 16.62 86.55 -22.01
N HIS L 130 17.70 86.94 -21.32
CA HIS L 130 18.34 86.04 -20.37
C HIS L 130 17.44 85.75 -19.19
N LEU L 131 16.67 86.75 -18.74
CA LEU L 131 15.71 86.52 -17.66
C LEU L 131 14.56 85.62 -18.09
N ALA L 132 14.13 85.74 -19.36
CA ALA L 132 13.11 84.82 -19.88
C ALA L 132 13.65 83.39 -19.94
N LEU L 133 14.89 83.23 -20.40
CA LEU L 133 15.50 81.89 -20.41
C LEU L 133 15.68 81.35 -18.99
N LEU L 134 16.01 82.22 -18.04
CA LEU L 134 16.11 81.80 -16.64
C LEU L 134 14.76 81.36 -16.10
N ASP L 135 13.71 82.14 -16.37
CA ASP L 135 12.36 81.75 -15.95
C ASP L 135 11.89 80.47 -16.66
N THR L 136 12.45 80.16 -17.82
CA THR L 136 12.10 78.92 -18.51
C THR L 136 12.80 77.71 -17.91
N HIS L 137 14.11 77.81 -17.65
CA HIS L 137 14.91 76.63 -17.32
C HIS L 137 15.65 76.69 -15.99
N GLY L 138 15.26 77.59 -15.08
CA GLY L 138 16.03 77.78 -13.87
C GLY L 138 15.90 76.65 -12.87
N LYS L 139 14.72 76.06 -12.75
CA LYS L 139 14.53 74.93 -11.85
C LYS L 139 15.37 73.74 -12.28
N ASN L 140 15.36 73.44 -13.59
CA ASN L 140 16.17 72.34 -14.11
C ASN L 140 17.66 72.62 -13.96
N ALA L 141 18.10 73.85 -14.27
CA ALA L 141 19.51 74.19 -14.15
C ALA L 141 19.98 74.13 -12.70
N TRP L 142 19.18 74.66 -11.77
CA TRP L 142 19.55 74.64 -10.36
C TRP L 142 19.55 73.22 -9.81
N LEU L 143 18.59 72.39 -10.24
CA LEU L 143 18.57 71.00 -9.79
C LEU L 143 19.78 70.23 -10.30
N ILE L 144 20.15 70.44 -11.57
CA ILE L 144 21.32 69.76 -12.12
C ILE L 144 22.60 70.22 -11.43
N GLY L 145 22.73 71.53 -11.19
CA GLY L 145 23.92 72.03 -10.51
C GLY L 145 24.01 71.56 -9.07
N ASN L 146 22.88 71.53 -8.36
CA ASN L 146 22.88 71.05 -6.98
C ASN L 146 23.20 69.56 -6.92
N TRP L 147 22.67 68.78 -7.88
CA TRP L 147 22.98 67.35 -7.92
C TRP L 147 24.45 67.11 -8.22
N HIS L 148 25.04 67.88 -9.14
CA HIS L 148 26.46 67.74 -9.44
C HIS L 148 27.33 68.13 -8.24
N LEU L 149 26.97 69.23 -7.56
CA LEU L 149 27.72 69.65 -6.38
C LEU L 149 27.61 68.64 -5.25
N GLU L 150 26.41 68.07 -5.05
CA GLU L 150 26.23 67.05 -4.02
C GLU L 150 27.01 65.78 -4.35
N GLY L 151 27.05 65.41 -5.63
CA GLY L 151 27.85 64.25 -6.02
C GLY L 151 29.33 64.46 -5.82
N GLU L 152 29.83 65.66 -6.15
CA GLU L 152 31.24 65.98 -5.93
C GLU L 152 31.57 65.99 -4.44
N VAL L 153 30.68 66.56 -3.62
CA VAL L 153 30.91 66.59 -2.18
C VAL L 153 30.88 65.19 -1.59
N LYS L 154 29.98 64.34 -2.09
CA LYS L 154 29.90 62.95 -1.62
C LYS L 154 31.14 62.18 -2.02
N ALA L 155 31.67 62.40 -3.22
CA ALA L 155 32.90 61.75 -3.64
C ALA L 155 34.09 62.19 -2.79
N VAL L 156 34.16 63.50 -2.49
CA VAL L 156 35.24 64.00 -1.65
C VAL L 156 35.14 63.43 -0.24
N GLU L 157 33.92 63.36 0.30
CA GLU L 157 33.72 62.79 1.64
C GLU L 157 34.06 61.31 1.67
N LYS L 158 33.71 60.57 0.62
CA LYS L 158 34.05 59.15 0.55
C LYS L 158 35.56 58.94 0.47
N GLU L 159 36.25 59.78 -0.32
CA GLU L 159 37.71 59.68 -0.39
C GLU L 159 38.36 60.01 0.95
N LEU L 160 37.87 61.04 1.64
CA LEU L 160 38.40 61.39 2.95
C LEU L 160 38.13 60.28 3.97
N ALA L 161 36.95 59.68 3.93
CA ALA L 161 36.62 58.58 4.85
C ALA L 161 37.49 57.36 4.57
N GLU L 162 37.74 57.05 3.30
CA GLU L 162 38.61 55.93 2.96
C GLU L 162 40.04 56.18 3.43
N THR L 163 40.54 57.41 3.25
CA THR L 163 41.88 57.75 3.73
C THR L 163 41.98 57.66 5.24
N LYS L 164 40.94 58.14 5.94
CA LYS L 164 40.93 58.06 7.40
C LYS L 164 40.87 56.62 7.89
N ARG L 165 40.08 55.77 7.21
CA ARG L 165 40.00 54.36 7.58
C ARG L 165 41.33 53.66 7.35
N GLU L 166 42.01 53.96 6.23
CA GLU L 166 43.32 53.38 5.97
C GLU L 166 44.34 53.82 7.01
N ILE L 167 44.31 55.10 7.39
CA ILE L 167 45.22 55.61 8.40
C ILE L 167 44.95 54.95 9.76
N ASP L 168 43.68 54.77 10.10
CA ASP L 168 43.32 54.12 11.35
C ASP L 168 43.76 52.65 11.37
N ARG L 169 43.60 51.95 10.24
CA ARG L 169 44.04 50.56 10.16
C ARG L 169 45.55 50.45 10.28
N VAL L 170 46.28 51.36 9.62
CA VAL L 170 47.74 51.35 9.71
C VAL L 170 48.19 51.66 11.14
N SER L 171 47.53 52.62 11.79
CA SER L 171 47.86 52.95 13.17
C SER L 171 47.57 51.78 14.11
N LEU L 172 46.46 51.07 13.89
CA LEU L 172 46.14 49.92 14.73
C LEU L 172 47.14 48.79 14.56
N ALA L 173 47.54 48.52 13.30
CA ALA L 173 48.53 47.47 13.06
C ALA L 173 49.88 47.83 13.66
N ARG L 174 50.29 49.10 13.52
CA ARG L 174 51.55 49.54 14.10
C ARG L 174 51.50 49.50 15.62
N GLN L 175 50.35 49.86 16.21
CA GLN L 175 50.20 49.82 17.66
C GLN L 175 50.28 48.38 18.18
N GLY L 176 49.63 47.45 17.48
CA GLY L 176 49.69 46.05 17.91
C GLY L 176 51.09 45.46 17.80
N MET L 177 51.77 45.71 16.68
CA MET L 177 53.14 45.21 16.52
C MET L 177 54.07 45.84 17.54
N GLN L 178 53.92 47.15 17.79
CA GLN L 178 54.74 47.83 18.78
C GLN L 178 54.46 47.33 20.18
N GLU L 179 53.20 47.01 20.49
CA GLU L 179 52.87 46.48 21.80
C GLU L 179 53.48 45.11 22.03
N ALA L 180 53.42 44.22 21.02
CA ALA L 180 54.03 42.91 21.14
C ALA L 180 55.55 43.02 21.28
N ALA L 181 56.18 43.86 20.46
CA ALA L 181 57.62 44.04 20.53
C ALA L 181 58.04 44.68 21.86
N GLY L 182 57.23 45.61 22.37
CA GLY L 182 57.53 46.25 23.64
C GLY L 182 57.39 45.30 24.82
N ALA L 183 56.38 44.42 24.77
CA ALA L 183 56.25 43.41 25.82
C ALA L 183 57.44 42.46 25.82
N GLU L 184 57.86 42.01 24.63
CA GLU L 184 59.02 41.13 24.52
C GLU L 184 60.29 41.85 24.99
N LEU L 185 60.46 43.12 24.61
CA LEU L 185 61.66 43.85 24.98
C LEU L 185 61.67 44.18 26.47
N LYS L 186 60.51 44.45 27.06
CA LYS L 186 60.44 44.69 28.49
C LYS L 186 60.78 43.43 29.28
N SER L 187 60.27 42.27 28.83
CA SER L 187 60.64 41.02 29.46
C SER L 187 62.15 40.75 29.34
N LEU L 188 62.71 41.01 28.15
CA LEU L 188 64.15 40.80 27.94
C LEU L 188 64.98 41.76 28.79
N GLU L 189 64.53 43.01 28.94
CA GLU L 189 65.28 43.98 29.72
C GLU L 189 65.22 43.67 31.21
N GLU L 190 64.05 43.24 31.70
CA GLU L 190 63.94 42.82 33.09
C GLU L 190 64.81 41.59 33.36
N THR L 191 64.83 40.64 32.41
CA THR L 191 65.70 39.48 32.53
C THR L 191 67.17 39.87 32.52
N TRP L 192 67.54 40.86 31.70
CA TRP L 192 68.92 41.31 31.63
C TRP L 192 69.35 42.00 32.92
N LYS L 193 68.47 42.83 33.49
CA LYS L 193 68.77 43.48 34.77
C LYS L 193 68.89 42.46 35.90
N ALA L 194 67.99 41.48 35.93
CA ALA L 194 68.06 40.43 36.93
C ALA L 194 69.33 39.59 36.76
N GLY L 195 69.71 39.31 35.52
CA GLY L 195 70.94 38.57 35.28
C GLY L 195 72.18 39.35 35.67
N VAL L 196 72.16 40.67 35.46
CA VAL L 196 73.27 41.52 35.89
C VAL L 196 73.39 41.52 37.41
N GLY L 197 72.26 41.62 38.11
CA GLY L 197 72.29 41.56 39.56
C GLY L 197 72.73 40.21 40.09
N ARG L 198 72.28 39.13 39.45
CA ARG L 198 72.70 37.79 39.85
C ARG L 198 74.18 37.56 39.57
N VAL L 199 74.68 38.10 38.46
CA VAL L 199 76.11 37.97 38.15
C VAL L 199 76.93 38.76 39.14
N LEU L 200 76.45 39.93 39.56
CA LEU L 200 77.14 40.70 40.59
C LEU L 200 77.17 39.96 41.93
N GLU L 201 76.05 39.35 42.31
CA GLU L 201 76.01 38.57 43.55
C GLU L 201 76.92 37.35 43.48
N THR L 202 76.94 36.66 42.33
CA THR L 202 77.81 35.51 42.15
C THR L 202 79.28 35.91 42.16
N GLU L 203 79.60 37.07 41.58
CA GLU L 203 80.98 37.55 41.59
C GLU L 203 81.41 37.96 43.00
N ALA L 204 80.49 38.53 43.78
CA ALA L 204 80.80 38.85 45.18
C ALA L 204 81.02 37.58 45.99
N ALA L 205 80.19 36.55 45.78
CA ALA L 205 80.40 35.28 46.46
C ALA L 205 81.70 34.62 46.04
N ALA L 206 82.06 34.73 44.75
CA ALA L 206 83.32 34.18 44.27
C ALA L 206 84.51 34.94 44.84
N GLU L 207 84.38 36.25 45.02
CA GLU L 207 85.44 37.03 45.65
C GLU L 207 85.62 36.65 47.12
N LYS L 208 84.50 36.44 47.84
CA LYS L 208 84.60 35.98 49.22
C LYS L 208 85.23 34.59 49.31
N LEU L 209 84.85 33.69 48.40
CA LEU L 209 85.43 32.35 48.37
C LEU L 209 86.91 32.41 48.00
N ARG L 210 87.29 33.31 47.10
CA ARG L 210 88.70 33.47 46.75
C ARG L 210 89.51 34.02 47.91
N ILE L 211 88.92 34.94 48.69
CA ILE L 211 89.60 35.45 49.89
C ILE L 211 89.78 34.34 50.90
N GLU L 212 88.75 33.51 51.11
CA GLU L 212 88.87 32.39 52.03
C GLU L 212 89.90 31.37 51.56
N VAL L 213 89.94 31.11 50.25
CA VAL L 213 90.91 30.17 49.69
C VAL L 213 92.32 30.72 49.80
N LEU L 214 92.49 32.04 49.62
CA LEU L 214 93.80 32.66 49.80
C LEU L 214 94.26 32.58 51.25
N GLU L 215 93.33 32.78 52.19
CA GLU L 215 93.66 32.62 53.61
C GLU L 215 94.06 31.19 53.94
N GLU L 216 93.33 30.21 53.39
CA GLU L 216 93.66 28.81 53.61
C GLU L 216 95.01 28.45 52.99
N ARG L 217 95.30 28.98 51.80
CA ARG L 217 96.59 28.73 51.15
C ARG L 217 97.73 29.38 51.92
N ARG L 218 97.51 30.57 52.47
CA ARG L 218 98.53 31.21 53.30
C ARG L 218 98.77 30.42 54.57
N ARG L 219 97.71 29.90 55.19
CA ARG L 219 97.86 29.05 56.38
C ARG L 219 98.62 27.77 56.05
N LEU L 220 98.32 27.16 54.90
CA LEU L 220 99.03 25.95 54.49
C LEU L 220 100.50 26.23 54.21
N ALA L 221 100.79 27.38 53.57
CA ALA L 221 102.18 27.75 53.30
C ALA L 221 102.94 28.03 54.59
N GLU L 222 102.27 28.68 55.56
CA GLU L 222 102.90 28.93 56.86
C GLU L 222 103.17 27.62 57.60
N ALA L 223 102.22 26.68 57.53
CA ALA L 223 102.42 25.37 58.16
C ALA L 223 103.56 24.61 57.51
N GLN L 224 103.65 24.67 56.17
CA GLN L 224 104.76 24.01 55.46
C GLN L 224 106.10 24.64 55.81
N ALA L 225 106.15 25.97 55.91
CA ALA L 225 107.38 26.65 56.30
C ALA L 225 107.78 26.30 57.72
N ALA L 226 106.80 26.22 58.64
CA ALA L 226 107.10 25.83 60.01
C ALA L 226 107.59 24.39 60.09
N LEU L 227 107.01 23.50 59.30
CA LEU L 227 107.45 22.10 59.28
C LEU L 227 108.85 21.98 58.68
N ALA L 228 109.17 22.80 57.68
CA ALA L 228 110.50 22.78 57.10
C ALA L 228 111.53 23.34 58.06
N VAL L 229 111.17 24.39 58.80
CA VAL L 229 112.10 25.00 59.75
C VAL L 229 112.32 24.08 60.94
N GLY L 230 111.27 23.43 61.43
CA GLY L 230 111.38 22.55 62.58
C GLY L 230 112.02 21.21 62.31
N ASN L 231 112.20 20.83 61.05
CA ASN L 231 112.82 19.56 60.71
C ASN L 231 114.34 19.67 60.75
N MET M 1 28.74 64.96 -16.88
CA MET M 1 29.30 63.61 -16.79
C MET M 1 28.36 62.69 -16.03
N LEU M 2 27.91 61.62 -16.69
CA LEU M 2 26.99 60.68 -16.08
C LEU M 2 27.17 59.32 -16.74
N CYS M 3 26.62 58.29 -16.11
CA CYS M 3 26.69 56.94 -16.64
C CYS M 3 25.84 56.81 -17.90
N ALA M 4 26.32 55.99 -18.83
CA ALA M 4 25.59 55.79 -20.09
C ALA M 4 24.32 54.99 -19.89
N LEU M 5 24.32 54.03 -18.95
CA LEU M 5 23.17 53.19 -18.68
C LEU M 5 22.39 53.64 -17.45
N SER M 6 23.07 53.88 -16.33
CA SER M 6 22.40 54.32 -15.11
C SER M 6 21.85 55.73 -15.23
N GLY M 7 22.55 56.62 -15.93
CA GLY M 7 22.10 57.98 -16.11
C GLY M 7 22.38 58.91 -14.94
N GLU M 8 23.07 58.44 -13.91
CA GLU M 8 23.41 59.25 -12.75
C GLU M 8 24.92 59.41 -12.66
N ILE M 9 25.37 60.18 -11.67
CA ILE M 9 26.79 60.41 -11.45
C ILE M 9 27.42 59.14 -10.89
N PRO M 10 28.44 58.59 -11.56
CA PRO M 10 29.04 57.35 -11.06
C PRO M 10 30.18 57.60 -10.08
N GLU M 11 30.13 56.94 -8.92
CA GLU M 11 31.20 57.08 -7.95
C GLU M 11 32.48 56.37 -8.41
N GLU M 12 32.34 55.35 -9.24
CA GLU M 12 33.48 54.61 -9.80
C GLU M 12 33.31 54.57 -11.31
N PRO M 13 33.61 55.65 -12.00
CA PRO M 13 33.40 55.69 -13.46
C PRO M 13 34.40 54.81 -14.20
N VAL M 14 33.93 54.21 -15.28
CA VAL M 14 34.75 53.37 -16.15
C VAL M 14 34.45 53.76 -17.60
N VAL M 15 35.49 53.73 -18.42
CA VAL M 15 35.39 54.13 -19.82
C VAL M 15 35.74 52.94 -20.71
N SER M 16 34.99 52.77 -21.78
CA SER M 16 35.27 51.71 -22.74
C SER M 16 36.52 52.04 -23.55
N LYS M 17 37.32 51.02 -23.85
CA LYS M 17 38.51 51.22 -24.66
C LYS M 17 38.21 51.35 -26.14
N LYS M 18 37.00 51.00 -26.57
CA LYS M 18 36.61 51.11 -27.97
C LYS M 18 35.69 52.29 -28.25
N THR M 19 34.82 52.66 -27.31
CA THR M 19 33.89 53.75 -27.49
C THR M 19 34.15 54.96 -26.63
N GLY M 20 34.80 54.80 -25.48
CA GLY M 20 35.07 55.92 -24.60
C GLY M 20 33.87 56.42 -23.82
N VAL M 21 32.83 55.60 -23.69
CA VAL M 21 31.63 56.00 -22.95
C VAL M 21 31.83 55.75 -21.46
N LEU M 22 31.56 56.78 -20.66
CA LEU M 22 31.69 56.65 -19.22
C LEU M 22 30.43 56.06 -18.62
N PHE M 23 30.60 55.11 -17.69
CA PHE M 23 29.47 54.44 -17.06
C PHE M 23 29.89 53.97 -15.68
N GLU M 24 28.91 53.45 -14.94
CA GLU M 24 29.18 52.88 -13.62
C GLU M 24 29.81 51.50 -13.77
N LYS M 25 30.61 51.13 -12.77
CA LYS M 25 31.34 49.86 -12.82
C LYS M 25 30.38 48.67 -12.68
N ARG M 26 29.47 48.74 -11.69
CA ARG M 26 28.50 47.66 -11.50
C ARG M 26 27.53 47.57 -12.67
N LEU M 27 27.11 48.72 -13.20
CA LEU M 27 26.23 48.71 -14.36
C LEU M 27 26.91 48.13 -15.59
N ILE M 28 28.19 48.45 -15.79
CA ILE M 28 28.94 47.90 -16.92
C ILE M 28 29.13 46.39 -16.75
N LEU M 29 29.41 45.94 -15.52
CA LEU M 29 29.54 44.51 -15.26
C LEU M 29 28.24 43.77 -15.52
N LYS M 30 27.11 44.34 -15.07
CA LYS M 30 25.81 43.73 -15.30
C LYS M 30 25.45 43.69 -16.79
N TYR M 31 25.78 44.77 -17.51
CA TYR M 31 25.50 44.80 -18.95
C TYR M 31 26.38 43.82 -19.72
N LEU M 32 27.63 43.66 -19.29
CA LEU M 32 28.52 42.69 -19.94
C LEU M 32 28.08 41.27 -19.65
N GLU M 33 27.61 41.01 -18.43
CA GLU M 33 27.11 39.67 -18.10
C GLU M 33 25.81 39.37 -18.84
N GLU M 34 24.93 40.36 -18.98
CA GLU M 34 23.64 40.14 -19.62
C GLU M 34 23.79 39.96 -21.13
N HIS M 35 24.58 40.80 -21.77
CA HIS M 35 24.71 40.81 -23.22
C HIS M 35 25.94 40.04 -23.70
N ASN M 36 26.53 39.21 -22.84
CA ASN M 36 27.70 38.38 -23.14
C ASN M 36 28.89 39.24 -23.61
N ASN M 37 29.34 40.11 -22.69
CA ASN M 37 30.51 40.99 -22.90
C ASN M 37 30.34 41.90 -24.11
N ILE M 38 29.15 42.49 -24.24
CA ILE M 38 28.85 43.43 -25.33
C ILE M 38 28.65 44.80 -24.72
N GLU M 39 29.34 45.80 -25.27
CA GLU M 39 29.20 47.16 -24.80
C GLU M 39 27.83 47.71 -25.17
N PRO M 40 27.23 48.56 -24.33
CA PRO M 40 25.91 49.12 -24.66
C PRO M 40 26.01 50.12 -25.79
N GLY M 41 25.16 49.94 -26.81
CA GLY M 41 25.17 50.79 -27.98
C GLY M 41 26.15 50.39 -29.07
N THR M 42 26.94 49.34 -28.85
CA THR M 42 27.92 48.89 -29.82
C THR M 42 27.78 47.38 -30.02
N THR M 43 27.92 46.95 -31.27
CA THR M 43 27.83 45.54 -31.63
C THR M 43 29.16 44.81 -31.45
N GLU M 44 30.23 45.51 -31.10
CA GLU M 44 31.53 44.90 -30.88
C GLU M 44 31.65 44.41 -29.44
N GLU M 45 32.41 43.34 -29.26
CA GLU M 45 32.62 42.77 -27.94
C GLU M 45 33.51 43.68 -27.09
N LEU M 46 33.19 43.76 -25.81
CA LEU M 46 33.97 44.56 -24.85
C LEU M 46 34.39 43.67 -23.70
N ASP M 47 35.69 43.60 -23.45
CA ASP M 47 36.21 42.79 -22.35
C ASP M 47 35.98 43.50 -21.02
N PRO M 48 35.40 42.82 -20.03
CA PRO M 48 35.22 43.47 -18.72
C PRO M 48 36.52 43.83 -18.03
N GLU M 49 37.59 43.07 -18.23
CA GLU M 49 38.85 43.33 -17.55
C GLU M 49 39.82 44.16 -18.39
N THR M 50 39.71 44.12 -19.71
CA THR M 50 40.64 44.81 -20.61
C THR M 50 40.06 46.05 -21.26
N ASP M 51 38.84 45.98 -21.78
CA ASP M 51 38.25 47.12 -22.47
C ASP M 51 37.70 48.17 -21.53
N LEU M 52 37.55 47.88 -20.25
CA LEU M 52 37.04 48.82 -19.27
C LEU M 52 38.20 49.41 -18.48
N LEU M 53 38.39 50.72 -18.57
CA LEU M 53 39.43 51.42 -17.84
C LEU M 53 38.80 52.26 -16.75
N PRO M 54 39.16 52.04 -15.48
CA PRO M 54 38.58 52.87 -14.41
C PRO M 54 39.09 54.31 -14.47
N ILE M 55 38.27 55.21 -13.97
CA ILE M 55 38.56 56.64 -13.95
C ILE M 55 38.99 57.03 -12.54
N LYS M 56 40.16 57.65 -12.43
CA LYS M 56 40.71 58.07 -11.15
C LYS M 56 40.71 59.60 -11.09
N THR M 57 40.17 60.15 -10.01
CA THR M 57 40.06 61.59 -9.82
C THR M 57 41.13 62.04 -8.82
N SER M 58 41.94 63.02 -9.22
CA SER M 58 42.99 63.56 -8.38
C SER M 58 42.50 64.85 -7.73
N ARG M 59 42.72 64.97 -6.42
CA ARG M 59 42.31 66.14 -5.65
C ARG M 59 43.48 67.04 -5.31
N VAL M 60 44.46 67.16 -6.22
CA VAL M 60 45.61 68.02 -5.97
C VAL M 60 45.22 69.49 -6.02
N VAL M 61 44.42 69.87 -7.01
CA VAL M 61 44.01 71.25 -7.19
C VAL M 61 42.73 71.51 -6.40
N ARG M 62 42.45 72.79 -6.17
CA ARG M 62 41.23 73.17 -5.47
C ARG M 62 40.01 72.91 -6.36
N PRO M 63 38.89 72.50 -5.75
CA PRO M 63 37.71 72.17 -6.55
C PRO M 63 36.96 73.44 -6.97
N ARG M 64 36.70 73.56 -8.27
CA ARG M 64 35.94 74.67 -8.82
C ARG M 64 34.57 74.17 -9.25
N PRO M 65 33.49 74.64 -8.61
CA PRO M 65 32.16 74.16 -8.99
C PRO M 65 31.76 74.71 -10.35
N PRO M 66 30.90 74.00 -11.08
CA PRO M 66 30.47 74.46 -12.41
C PRO M 66 29.34 75.47 -12.35
N ASN M 67 29.63 76.65 -11.80
CA ASN M 67 28.66 77.73 -11.68
C ASN M 67 28.89 78.76 -12.78
N PHE M 68 28.05 79.79 -12.78
CA PHE M 68 28.17 80.86 -13.77
C PHE M 68 29.33 81.80 -13.47
N THR M 69 29.85 81.78 -12.24
CA THR M 69 30.95 82.66 -11.85
C THR M 69 32.32 82.12 -12.25
N SER M 70 32.39 80.91 -12.81
CA SER M 70 33.66 80.36 -13.24
C SER M 70 34.20 81.10 -14.45
N ILE M 71 35.53 81.21 -14.51
CA ILE M 71 36.18 81.88 -15.65
C ILE M 71 35.94 81.13 -16.95
N PRO M 72 36.12 79.81 -17.03
CA PRO M 72 35.78 79.10 -18.27
C PRO M 72 34.30 79.17 -18.62
N SER M 73 33.43 79.14 -17.61
CA SER M 73 32.00 79.26 -17.87
C SER M 73 31.64 80.66 -18.39
N LEU M 74 32.26 81.69 -17.83
CA LEU M 74 32.06 83.06 -18.32
C LEU M 74 32.59 83.21 -19.74
N LEU M 75 33.75 82.60 -20.04
CA LEU M 75 34.29 82.65 -21.39
C LEU M 75 33.38 81.93 -22.39
N LYS M 76 32.83 80.78 -21.99
CA LYS M 76 31.90 80.05 -22.85
C LYS M 76 30.61 80.83 -23.08
N ALA M 77 30.10 81.49 -22.03
CA ALA M 77 28.90 82.31 -22.17
C ALA M 77 29.15 83.50 -23.08
N PHE M 78 30.33 84.14 -22.95
CA PHE M 78 30.68 85.26 -23.82
C PHE M 78 30.84 84.81 -25.26
N GLN M 79 31.44 83.64 -25.48
CA GLN M 79 31.59 83.10 -26.84
C GLN M 79 30.23 82.77 -27.45
N ASP M 80 29.32 82.19 -26.66
CA ASP M 80 27.98 81.89 -27.16
C ASP M 80 27.21 83.15 -27.48
N GLU M 81 27.33 84.19 -26.63
CA GLU M 81 26.67 85.46 -26.88
C GLU M 81 27.23 86.13 -28.13
N TRP M 82 28.56 86.06 -28.31
CA TRP M 82 29.19 86.63 -29.50
C TRP M 82 28.75 85.90 -30.77
N ASP M 83 28.67 84.56 -30.71
CA ASP M 83 28.21 83.79 -31.86
C ASP M 83 26.76 84.08 -32.20
N ALA M 84 25.90 84.21 -31.18
CA ALA M 84 24.50 84.55 -31.42
C ALA M 84 24.36 85.95 -31.99
N LEU M 85 25.15 86.91 -31.48
CA LEU M 85 25.12 88.27 -32.00
C LEU M 85 25.63 88.32 -33.44
N VAL M 86 26.66 87.53 -33.76
CA VAL M 86 27.18 87.50 -35.13
C VAL M 86 26.16 86.90 -36.08
N LEU M 87 25.48 85.82 -35.66
CA LEU M 87 24.46 85.21 -36.50
C LEU M 87 23.27 86.16 -36.71
N GLU M 88 22.86 86.85 -35.65
CA GLU M 88 21.77 87.82 -35.75
C GLU M 88 22.16 89.00 -36.65
N THR M 89 23.41 89.46 -36.54
CA THR M 89 23.88 90.55 -37.38
C THR M 89 23.96 90.13 -38.85
N TYR M 90 24.40 88.90 -39.11
CA TYR M 90 24.44 88.40 -40.49
C TYR M 90 23.05 88.27 -41.07
N THR M 91 22.09 87.75 -40.28
CA THR M 91 20.71 87.63 -40.76
C THR M 91 20.10 89.01 -41.00
N THR M 92 20.36 89.96 -40.10
CA THR M 92 19.83 91.32 -40.26
C THR M 92 20.46 92.00 -41.46
N ARG M 93 21.76 91.77 -41.71
CA ARG M 93 22.41 92.36 -42.88
C ARG M 93 21.86 91.77 -44.18
N GLU M 94 21.62 90.45 -44.20
CA GLU M 94 21.02 89.84 -45.38
C GLU M 94 19.61 90.35 -45.63
N GLN M 95 18.81 90.48 -44.55
CA GLN M 95 17.46 91.01 -44.68
C GLN M 95 17.47 92.47 -45.14
N LEU M 96 18.42 93.26 -44.62
CA LEU M 96 18.52 94.66 -45.02
C LEU M 96 18.95 94.80 -46.47
N ALA M 97 19.88 93.94 -46.92
CA ALA M 97 20.29 93.96 -48.33
C ALA M 97 19.14 93.56 -49.25
N ARG M 98 18.38 92.53 -48.87
CA ARG M 98 17.22 92.13 -49.65
C ARG M 98 16.16 93.22 -49.68
N VAL M 99 15.94 93.89 -48.54
CA VAL M 99 14.96 94.96 -48.47
C VAL M 99 15.41 96.16 -49.30
N ARG M 100 16.72 96.45 -49.31
CA ARG M 100 17.23 97.56 -50.11
C ARG M 100 17.12 97.27 -51.61
N GLU M 101 17.41 96.03 -52.01
CA GLU M 101 17.24 95.65 -53.41
C GLU M 101 15.78 95.70 -53.82
N GLU M 102 14.89 95.23 -52.96
CA GLU M 102 13.45 95.29 -53.23
C GLU M 102 12.95 96.73 -53.29
N LEU M 103 13.51 97.60 -52.43
CA LEU M 103 13.11 99.01 -52.45
C LEU M 103 13.60 99.71 -53.71
N ALA M 104 14.81 99.38 -54.17
CA ALA M 104 15.30 99.95 -55.43
C ALA M 104 14.47 99.47 -56.62
N THR M 105 14.14 98.17 -56.64
CA THR M 105 13.29 97.65 -57.71
C THR M 105 11.89 98.26 -57.67
N ALA M 106 11.35 98.45 -56.46
CA ALA M 106 10.04 99.08 -56.32
C ALA M 106 10.07 100.55 -56.70
N LEU M 107 11.17 101.25 -56.44
CA LEU M 107 11.29 102.64 -56.88
C LEU M 107 11.36 102.74 -58.39
N TYR M 108 12.12 101.85 -59.03
CA TYR M 108 12.17 101.83 -60.49
C TYR M 108 10.81 101.49 -61.09
N GLN M 109 10.12 100.50 -60.52
CA GLN M 109 8.79 100.15 -60.99
C GLN M 109 7.77 101.25 -60.73
N HIS M 110 7.93 101.99 -59.63
CA HIS M 110 7.03 103.10 -59.35
C HIS M 110 7.26 104.26 -60.30
N ASP M 111 8.52 104.52 -60.67
CA ASP M 111 8.81 105.53 -61.69
C ASP M 111 8.23 105.14 -63.04
N ALA M 112 8.38 103.87 -63.42
CA ALA M 112 7.81 103.39 -64.67
C ALA M 112 6.28 103.46 -64.66
N ALA M 113 5.67 103.09 -63.53
CA ALA M 113 4.22 103.15 -63.41
C ALA M 113 3.72 104.59 -63.38
N VAL M 114 4.49 105.51 -62.82
CA VAL M 114 4.10 106.92 -62.83
C VAL M 114 4.16 107.48 -64.24
N ARG M 115 5.19 107.11 -65.00
CA ARG M 115 5.27 107.51 -66.41
C ARG M 115 4.11 106.93 -67.21
N VAL M 116 3.79 105.66 -66.98
CA VAL M 116 2.68 105.02 -67.69
C VAL M 116 1.35 105.64 -67.31
N ILE M 117 1.20 106.01 -66.02
CA ILE M 117 -0.03 106.64 -65.57
C ILE M 117 -0.18 108.04 -66.15
N ALA M 118 0.94 108.77 -66.27
CA ALA M 118 0.89 110.08 -66.91
C ALA M 118 0.53 109.97 -68.39
N ARG M 119 1.10 108.97 -69.08
CA ARG M 119 0.75 108.75 -70.48
C ARG M 119 -0.71 108.35 -70.63
N LEU M 120 -1.21 107.50 -69.74
CA LEU M 120 -2.61 107.08 -69.78
C LEU M 120 -3.55 108.24 -69.47
N THR M 121 -3.16 109.11 -68.54
CA THR M 121 -3.97 110.29 -68.22
C THR M 121 -4.00 111.26 -69.39
N ARG M 122 -2.86 111.45 -70.08
CA ARG M 122 -2.84 112.30 -71.26
C ARG M 122 -3.70 111.72 -72.38
N GLU M 123 -3.65 110.40 -72.57
CA GLU M 123 -4.47 109.74 -73.58
C GLU M 123 -5.96 109.85 -73.24
N ARG M 124 -6.31 109.70 -71.96
CA ARG M 124 -7.70 109.83 -71.53
C ARG M 124 -8.20 111.26 -71.69
N ASP M 125 -7.34 112.24 -71.38
CA ASP M 125 -7.72 113.64 -71.59
C ASP M 125 -7.92 113.96 -73.06
N GLU M 126 -7.05 113.42 -73.93
CA GLU M 126 -7.21 113.62 -75.36
C GLU M 126 -8.49 112.95 -75.87
N ALA M 127 -8.80 111.75 -75.39
CA ALA M 127 -10.02 111.05 -75.78
C ALA M 127 -11.26 111.80 -75.30
N ARG M 128 -11.22 112.34 -74.08
CA ARG M 128 -12.35 113.11 -73.56
C ARG M 128 -12.53 114.40 -74.34
N GLU M 129 -11.43 115.06 -74.73
CA GLU M 129 -11.53 116.27 -75.54
C GLU M 129 -12.10 115.96 -76.92
N ALA M 130 -11.67 114.84 -77.52
CA ALA M 130 -12.20 114.43 -78.81
C ALA M 130 -13.69 114.09 -78.72
N LEU M 131 -14.10 113.42 -77.64
CA LEU M 131 -15.51 113.09 -77.46
C LEU M 131 -16.35 114.35 -77.25
N ALA M 132 -15.83 115.32 -76.48
CA ALA M 132 -16.53 116.58 -76.29
C ALA M 132 -16.64 117.37 -77.60
N ARG M 133 -15.57 117.36 -78.40
CA ARG M 133 -15.62 118.04 -79.69
C ARG M 133 -16.62 117.37 -80.64
N LEU M 134 -16.67 116.04 -80.62
CA LEU M 134 -17.62 115.31 -81.47
C LEU M 134 -19.06 115.55 -81.01
N THR M 135 -19.27 115.66 -79.69
CA THR M 135 -20.60 115.93 -79.18
C THR M 135 -21.04 117.36 -79.50
N VAL M 136 -20.11 118.32 -79.43
CA VAL M 136 -20.44 119.70 -79.75
C VAL M 136 -20.70 119.86 -81.24
N THR M 137 -19.86 119.27 -82.09
CA THR M 137 -20.04 119.38 -83.53
C THR M 137 -21.19 118.51 -84.03
N GLY M 138 -21.46 117.39 -83.36
CA GLY M 138 -22.53 116.51 -83.78
C GLY M 138 -23.90 116.96 -83.32
N ALA M 139 -24.40 118.04 -83.91
CA ALA M 139 -25.72 118.57 -83.56
C ALA M 139 -26.83 117.76 -84.23
N MET N 1 41.68 86.87 -46.65
CA MET N 1 40.55 85.95 -46.62
C MET N 1 39.87 85.97 -45.27
N LEU N 2 38.55 86.19 -45.28
CA LEU N 2 37.75 86.25 -44.07
C LEU N 2 36.53 85.36 -44.22
N CYS N 3 36.01 84.90 -43.08
CA CYS N 3 34.82 84.06 -43.07
C CYS N 3 33.59 84.86 -43.49
N ALA N 4 32.68 84.20 -44.20
CA ALA N 4 31.47 84.84 -44.70
C ALA N 4 30.41 85.04 -43.63
N LEU N 5 30.53 84.37 -42.49
CA LEU N 5 29.53 84.47 -41.43
C LEU N 5 29.86 85.54 -40.40
N SER N 6 31.13 85.65 -40.00
CA SER N 6 31.54 86.61 -38.99
C SER N 6 32.26 87.83 -39.56
N GLY N 7 32.74 87.77 -40.79
CA GLY N 7 33.45 88.87 -41.39
C GLY N 7 34.93 88.96 -41.04
N GLU N 8 35.44 88.05 -40.22
CA GLU N 8 36.84 88.01 -39.83
C GLU N 8 37.45 86.68 -40.27
N ILE N 9 38.74 86.53 -40.00
CA ILE N 9 39.47 85.30 -40.36
C ILE N 9 39.08 84.20 -39.40
N PRO N 10 38.54 83.08 -39.89
CA PRO N 10 38.15 82.00 -38.98
C PRO N 10 39.35 81.21 -38.49
N GLU N 11 39.24 80.72 -37.25
CA GLU N 11 40.30 79.89 -36.68
C GLU N 11 40.36 78.53 -37.38
N GLU N 12 39.21 77.94 -37.68
CA GLU N 12 39.12 76.66 -38.38
C GLU N 12 38.17 76.84 -39.55
N PRO N 13 38.62 77.49 -40.62
CA PRO N 13 37.74 77.75 -41.76
C PRO N 13 37.41 76.48 -42.53
N VAL N 14 36.21 76.45 -43.09
CA VAL N 14 35.74 75.36 -43.93
C VAL N 14 35.10 75.95 -45.18
N VAL N 15 35.34 75.31 -46.31
CA VAL N 15 34.87 75.78 -47.61
C VAL N 15 33.75 74.86 -48.07
N SER N 16 32.69 75.45 -48.62
CA SER N 16 31.59 74.67 -49.17
C SER N 16 32.03 73.96 -50.43
N LYS N 17 31.57 72.72 -50.59
CA LYS N 17 31.94 71.91 -51.75
C LYS N 17 31.23 72.33 -53.03
N LYS N 18 30.18 73.15 -52.93
CA LYS N 18 29.41 73.57 -54.10
C LYS N 18 29.73 75.00 -54.52
N THR N 19 29.67 75.96 -53.59
CA THR N 19 29.88 77.36 -53.91
C THR N 19 31.29 77.85 -53.58
N GLY N 20 32.07 77.08 -52.83
CA GLY N 20 33.40 77.50 -52.44
C GLY N 20 33.43 78.71 -51.51
N VAL N 21 32.55 78.73 -50.51
CA VAL N 21 32.45 79.83 -49.57
C VAL N 21 33.10 79.42 -48.25
N LEU N 22 34.09 80.19 -47.82
CA LEU N 22 34.78 79.90 -46.57
C LEU N 22 34.05 80.51 -45.39
N PHE N 23 33.89 79.73 -44.32
CA PHE N 23 33.19 80.19 -43.13
C PHE N 23 33.73 79.44 -41.92
N GLU N 24 33.50 80.03 -40.75
CA GLU N 24 33.87 79.39 -39.50
C GLU N 24 33.01 78.15 -39.26
N LYS N 25 33.63 77.13 -38.67
CA LYS N 25 32.95 75.85 -38.46
C LYS N 25 31.81 75.98 -37.45
N ARG N 26 32.07 76.67 -36.33
CA ARG N 26 31.04 76.86 -35.32
C ARG N 26 29.91 77.74 -35.84
N LEU N 27 30.25 78.80 -36.59
CA LEU N 27 29.23 79.69 -37.15
C LEU N 27 28.40 78.96 -38.20
N ILE N 28 29.03 78.13 -39.04
CA ILE N 28 28.29 77.37 -40.05
C ILE N 28 27.40 76.33 -39.38
N LEU N 29 27.88 75.71 -38.30
CA LEU N 29 27.07 74.73 -37.57
C LEU N 29 25.86 75.41 -36.92
N LYS N 30 26.06 76.60 -36.33
CA LYS N 30 24.95 77.33 -35.74
C LYS N 30 23.94 77.78 -36.79
N TYR N 31 24.43 78.21 -37.97
CA TYR N 31 23.54 78.61 -39.04
C TYR N 31 22.76 77.42 -39.59
N LEU N 32 23.40 76.25 -39.69
CA LEU N 32 22.70 75.06 -40.17
C LEU N 32 21.68 74.57 -39.15
N GLU N 33 21.99 74.73 -37.85
CA GLU N 33 21.03 74.34 -36.83
C GLU N 33 19.84 75.29 -36.78
N GLU N 34 20.09 76.60 -36.93
CA GLU N 34 19.02 77.58 -36.83
C GLU N 34 18.15 77.61 -38.09
N HIS N 35 18.75 77.44 -39.26
CA HIS N 35 18.04 77.56 -40.53
C HIS N 35 17.75 76.21 -41.17
N ASN N 36 17.89 75.12 -40.40
CA ASN N 36 17.62 73.75 -40.83
C ASN N 36 18.48 73.36 -42.05
N ASN N 37 19.80 73.41 -41.84
CA ASN N 37 20.81 73.01 -42.82
C ASN N 37 20.69 73.83 -44.12
N ILE N 38 20.62 75.15 -43.98
CA ILE N 38 20.53 76.07 -45.11
C ILE N 38 21.84 76.82 -45.22
N GLU N 39 22.40 76.86 -46.43
CA GLU N 39 23.65 77.56 -46.65
C GLU N 39 23.45 79.07 -46.53
N PRO N 40 24.46 79.81 -46.07
CA PRO N 40 24.31 81.26 -45.96
C PRO N 40 24.40 81.93 -47.32
N GLY N 41 23.39 82.72 -47.65
CA GLY N 41 23.33 83.42 -48.91
C GLY N 41 22.82 82.61 -50.09
N THR N 42 22.45 81.35 -49.87
CA THR N 42 21.94 80.50 -50.94
C THR N 42 20.77 79.68 -50.41
N THR N 43 19.91 79.27 -51.34
CA THR N 43 18.74 78.45 -51.01
C THR N 43 19.01 76.96 -51.17
N GLU N 44 20.23 76.58 -51.53
CA GLU N 44 20.59 75.17 -51.68
C GLU N 44 20.98 74.57 -50.33
N GLU N 45 20.68 73.29 -50.18
CA GLU N 45 21.00 72.60 -48.94
C GLU N 45 22.51 72.34 -48.84
N LEU N 46 23.08 72.62 -47.68
CA LEU N 46 24.50 72.43 -47.42
C LEU N 46 24.65 71.43 -46.28
N ASP N 47 25.26 70.29 -46.56
CA ASP N 47 25.48 69.27 -45.55
C ASP N 47 26.60 69.72 -44.61
N PRO N 48 26.36 69.75 -43.29
CA PRO N 48 27.43 70.17 -42.36
C PRO N 48 28.56 69.17 -42.25
N GLU N 49 28.37 67.92 -42.67
CA GLU N 49 29.40 66.90 -42.55
C GLU N 49 30.11 66.60 -43.86
N THR N 50 29.39 66.57 -44.99
CA THR N 50 29.96 66.18 -46.26
C THR N 50 30.22 67.34 -47.22
N ASP N 51 29.39 68.38 -47.18
CA ASP N 51 29.52 69.50 -48.12
C ASP N 51 30.51 70.55 -47.65
N LEU N 52 31.06 70.42 -46.44
CA LEU N 52 32.04 71.35 -45.90
C LEU N 52 33.39 70.65 -45.80
N LEU N 53 34.40 71.21 -46.47
CA LEU N 53 35.75 70.66 -46.42
C LEU N 53 36.63 71.59 -45.59
N PRO N 54 37.27 71.09 -44.53
CA PRO N 54 38.17 71.93 -43.75
C PRO N 54 39.42 72.29 -44.52
N ILE N 55 40.00 73.43 -44.18
CA ILE N 55 41.22 73.93 -44.81
C ILE N 55 42.36 73.80 -43.80
N LYS N 56 43.41 73.08 -44.18
CA LYS N 56 44.57 72.86 -43.34
C LYS N 56 45.71 73.73 -43.87
N THR N 57 45.94 74.86 -43.20
CA THR N 57 46.99 75.79 -43.58
C THR N 57 47.71 76.25 -42.32
N SER N 58 48.66 77.15 -42.49
CA SER N 58 49.40 77.71 -41.37
C SER N 58 48.49 78.60 -40.53
N ARG N 59 48.74 78.59 -39.22
CA ARG N 59 47.95 79.40 -38.29
C ARG N 59 48.30 80.87 -38.46
N VAL N 60 47.27 81.72 -38.52
CA VAL N 60 47.46 83.16 -38.67
C VAL N 60 47.92 83.70 -37.32
N VAL N 61 49.22 84.03 -37.21
CA VAL N 61 49.80 84.53 -35.97
C VAL N 61 49.42 86.00 -35.85
N ARG N 62 48.38 86.28 -35.07
CA ARG N 62 47.98 87.67 -34.85
C ARG N 62 48.99 88.36 -33.93
N PRO N 63 49.56 89.49 -34.32
CA PRO N 63 50.55 90.15 -33.47
C PRO N 63 49.87 90.83 -32.28
N ARG N 64 50.41 90.56 -31.09
CA ARG N 64 49.87 91.15 -29.87
C ARG N 64 50.31 92.60 -29.77
N PRO N 65 49.39 93.56 -29.65
CA PRO N 65 49.81 94.96 -29.53
C PRO N 65 50.44 95.23 -28.18
N PRO N 66 51.34 96.22 -28.08
CA PRO N 66 51.92 96.55 -26.78
C PRO N 66 50.93 97.13 -25.78
N ASN N 67 49.79 97.67 -26.26
CA ASN N 67 48.79 98.20 -25.34
C ASN N 67 48.07 97.08 -24.60
N PHE N 68 47.91 95.91 -25.22
CA PHE N 68 47.24 94.77 -24.60
C PHE N 68 48.25 93.87 -23.86
N THR N 69 49.05 94.48 -23.00
CA THR N 69 50.00 93.76 -22.17
C THR N 69 49.51 93.56 -20.74
N SER N 70 48.30 94.00 -20.43
CA SER N 70 47.73 93.88 -19.09
C SER N 70 46.30 93.37 -19.20
N ILE N 71 45.85 92.72 -18.11
CA ILE N 71 44.48 92.20 -18.08
C ILE N 71 43.45 93.33 -18.15
N PRO N 72 43.60 94.43 -17.42
CA PRO N 72 42.59 95.51 -17.50
C PRO N 72 42.50 96.16 -18.88
N SER N 73 43.63 96.31 -19.57
CA SER N 73 43.60 96.89 -20.91
C SER N 73 42.90 95.96 -21.89
N LEU N 74 43.18 94.66 -21.81
CA LEU N 74 42.49 93.70 -22.67
C LEU N 74 41.00 93.63 -22.36
N LEU N 75 40.63 93.71 -21.07
CA LEU N 75 39.23 93.73 -20.70
C LEU N 75 38.52 94.98 -21.21
N LYS N 76 39.19 96.14 -21.13
CA LYS N 76 38.60 97.37 -21.66
C LYS N 76 38.46 97.31 -23.17
N ALA N 77 39.45 96.74 -23.87
CA ALA N 77 39.35 96.58 -25.32
C ALA N 77 38.21 95.65 -25.71
N PHE N 78 38.06 94.54 -24.97
CA PHE N 78 36.96 93.60 -25.23
C PHE N 78 35.60 94.24 -24.95
N GLN N 79 35.51 95.03 -23.88
CA GLN N 79 34.26 95.73 -23.58
C GLN N 79 33.93 96.77 -24.64
N ASP N 80 34.93 97.50 -25.13
CA ASP N 80 34.71 98.47 -26.20
C ASP N 80 34.29 97.78 -27.50
N GLU N 81 34.90 96.63 -27.81
CA GLU N 81 34.52 95.88 -29.00
C GLU N 81 33.09 95.35 -28.89
N TRP N 82 32.71 94.87 -27.69
CA TRP N 82 31.35 94.38 -27.48
C TRP N 82 30.33 95.51 -27.58
N ASP N 83 30.66 96.68 -27.03
CA ASP N 83 29.76 97.83 -27.12
C ASP N 83 29.62 98.30 -28.56
N ALA N 84 30.73 98.31 -29.32
CA ALA N 84 30.67 98.67 -30.73
C ALA N 84 29.85 97.68 -31.53
N LEU N 85 29.99 96.38 -31.23
CA LEU N 85 29.20 95.37 -31.92
C LEU N 85 27.72 95.49 -31.60
N VAL N 86 27.39 95.80 -30.34
CA VAL N 86 26.00 95.97 -29.95
C VAL N 86 25.40 97.20 -30.63
N LEU N 87 26.16 98.30 -30.69
CA LEU N 87 25.69 99.50 -31.36
C LEU N 87 25.52 99.27 -32.86
N GLU N 88 26.44 98.52 -33.47
CA GLU N 88 26.32 98.20 -34.89
C GLU N 88 25.10 97.31 -35.16
N THR N 89 24.84 96.34 -34.28
CA THR N 89 23.65 95.50 -34.43
C THR N 89 22.37 96.29 -34.27
N TYR N 90 22.33 97.22 -33.30
CA TYR N 90 21.15 98.07 -33.12
C TYR N 90 20.94 98.98 -34.32
N THR N 91 22.03 99.55 -34.86
CA THR N 91 21.92 100.41 -36.04
C THR N 91 21.47 99.60 -37.25
N THR N 92 21.97 98.37 -37.41
CA THR N 92 21.54 97.51 -38.50
C THR N 92 20.07 97.14 -38.39
N ARG N 93 19.60 96.86 -37.17
CA ARG N 93 18.19 96.56 -36.96
C ARG N 93 17.31 97.77 -37.25
N GLU N 94 17.74 98.96 -36.82
CA GLU N 94 16.98 100.17 -37.12
C GLU N 94 16.95 100.47 -38.60
N GLN N 95 18.08 100.27 -39.29
CA GLN N 95 18.13 100.48 -40.73
C GLN N 95 17.26 99.47 -41.47
N LEU N 96 17.24 98.22 -41.01
CA LEU N 96 16.37 97.20 -41.60
C LEU N 96 14.90 97.55 -41.40
N ALA N 97 14.54 98.04 -40.21
CA ALA N 97 13.16 98.45 -39.96
C ALA N 97 12.77 99.64 -40.83
N ARG N 98 13.66 100.62 -40.97
CA ARG N 98 13.37 101.78 -41.82
C ARG N 98 13.26 101.37 -43.28
N VAL N 99 14.11 100.45 -43.74
CA VAL N 99 14.04 99.97 -45.12
C VAL N 99 12.77 99.18 -45.35
N ARG N 100 12.34 98.40 -44.35
CA ARG N 100 11.08 97.66 -44.47
C ARG N 100 9.88 98.61 -44.53
N GLU N 101 9.90 99.67 -43.72
CA GLU N 101 8.83 100.66 -43.77
C GLU N 101 8.80 101.38 -45.11
N GLU N 102 9.97 101.76 -45.63
CA GLU N 102 10.04 102.41 -46.93
C GLU N 102 9.59 101.48 -48.05
N LEU N 103 9.95 100.20 -47.97
CA LEU N 103 9.52 99.23 -48.96
C LEU N 103 8.03 98.99 -48.90
N ALA N 104 7.45 98.98 -47.68
CA ALA N 104 6.01 98.85 -47.55
C ALA N 104 5.28 100.05 -48.13
N THR N 105 5.80 101.27 -47.89
CA THR N 105 5.20 102.46 -48.48
C THR N 105 5.31 102.46 -49.99
N ALA N 106 6.47 102.03 -50.52
CA ALA N 106 6.65 101.95 -51.97
C ALA N 106 5.75 100.88 -52.59
N LEU N 107 5.55 99.76 -51.90
CA LEU N 107 4.65 98.72 -52.41
C LEU N 107 3.20 99.18 -52.39
N TYR N 108 2.80 99.91 -51.35
CA TYR N 108 1.46 100.48 -51.32
C TYR N 108 1.26 101.49 -52.43
N GLN N 109 2.27 102.33 -52.69
CA GLN N 109 2.19 103.29 -53.78
C GLN N 109 2.14 102.60 -55.13
N HIS N 110 2.88 101.50 -55.29
CA HIS N 110 2.89 100.76 -56.56
C HIS N 110 1.56 100.05 -56.79
N ASP N 111 0.97 99.48 -55.74
CA ASP N 111 -0.35 98.87 -55.87
C ASP N 111 -1.42 99.91 -56.18
N ALA N 112 -1.32 101.08 -55.55
CA ALA N 112 -2.24 102.17 -55.85
C ALA N 112 -2.08 102.64 -57.30
N ALA N 113 -0.83 102.73 -57.78
CA ALA N 113 -0.59 103.12 -59.16
C ALA N 113 -1.12 102.07 -60.14
N VAL N 114 -1.02 100.79 -59.78
CA VAL N 114 -1.55 99.72 -60.63
C VAL N 114 -3.08 99.80 -60.68
N ARG N 115 -3.72 100.04 -59.54
CA ARG N 115 -5.18 100.19 -59.53
C ARG N 115 -5.62 101.42 -60.31
N VAL N 116 -4.89 102.52 -60.18
CA VAL N 116 -5.21 103.74 -60.92
C VAL N 116 -5.00 103.53 -62.42
N ILE N 117 -3.97 102.75 -62.78
CA ILE N 117 -3.71 102.46 -64.19
C ILE N 117 -4.80 101.57 -64.76
N ALA N 118 -5.29 100.61 -63.98
CA ALA N 118 -6.41 99.78 -64.42
C ALA N 118 -7.68 100.60 -64.60
N ARG N 119 -7.95 101.51 -63.67
CA ARG N 119 -9.13 102.39 -63.79
C ARG N 119 -9.00 103.32 -65.00
N LEU N 120 -7.79 103.85 -65.23
CA LEU N 120 -7.57 104.73 -66.37
C LEU N 120 -7.67 103.95 -67.68
N THR N 121 -7.23 102.69 -67.70
CA THR N 121 -7.37 101.87 -68.90
C THR N 121 -8.83 101.57 -69.18
N ARG N 122 -9.63 101.29 -68.14
CA ARG N 122 -11.06 101.08 -68.33
C ARG N 122 -11.74 102.34 -68.83
N GLU N 123 -11.38 103.50 -68.28
CA GLU N 123 -11.96 104.77 -68.72
C GLU N 123 -11.55 105.09 -70.16
N ARG N 124 -10.30 104.79 -70.53
CA ARG N 124 -9.85 105.03 -71.90
C ARG N 124 -10.54 104.10 -72.88
N ASP N 125 -10.78 102.84 -72.48
CA ASP N 125 -11.52 101.91 -73.33
C ASP N 125 -12.97 102.38 -73.52
N GLU N 126 -13.60 102.86 -72.45
CA GLU N 126 -14.95 103.39 -72.56
C GLU N 126 -15.00 104.63 -73.45
N ALA N 127 -14.01 105.51 -73.31
CA ALA N 127 -13.95 106.71 -74.15
C ALA N 127 -13.70 106.35 -75.62
N ARG N 128 -12.85 105.35 -75.87
CA ARG N 128 -12.61 104.90 -77.24
C ARG N 128 -13.85 104.27 -77.85
N GLU N 129 -14.60 103.49 -77.06
CA GLU N 129 -15.85 102.92 -77.53
C GLU N 129 -16.88 104.00 -77.85
N ALA N 130 -16.97 105.02 -76.98
CA ALA N 130 -17.88 106.13 -77.23
C ALA N 130 -17.48 106.92 -78.47
N LEU N 131 -16.17 107.13 -78.67
CA LEU N 131 -15.70 107.84 -79.86
C LEU N 131 -15.97 107.03 -81.12
N ALA N 132 -15.79 105.71 -81.07
CA ALA N 132 -16.09 104.85 -82.21
C ALA N 132 -17.59 104.86 -82.53
N ARG N 133 -18.43 104.84 -81.49
CA ARG N 133 -19.88 104.92 -81.70
C ARG N 133 -20.29 106.26 -82.29
N LEU N 134 -19.66 107.35 -81.84
CA LEU N 134 -19.97 108.67 -82.39
C LEU N 134 -19.47 108.80 -83.83
N THR N 135 -18.34 108.19 -84.15
CA THR N 135 -17.84 108.23 -85.52
C THR N 135 -18.70 107.37 -86.45
N VAL N 136 -19.22 106.25 -85.95
CA VAL N 136 -20.12 105.42 -86.74
C VAL N 136 -21.46 106.12 -86.95
N THR N 137 -21.99 106.75 -85.91
CA THR N 137 -23.25 107.47 -86.04
C THR N 137 -23.09 108.79 -86.80
N GLY N 138 -21.93 109.42 -86.66
CA GLY N 138 -21.70 110.70 -87.34
C GLY N 138 -21.38 110.48 -88.81
N ALA N 139 -21.96 111.31 -89.67
CA ALA N 139 -21.75 111.23 -91.11
C ALA N 139 -20.54 112.07 -91.47
N ALA N 140 -19.39 111.42 -91.65
CA ALA N 140 -18.18 112.11 -92.03
C ALA N 140 -18.25 112.56 -93.48
N PRO N 141 -17.90 113.81 -93.81
CA PRO N 141 -17.95 114.32 -95.18
C PRO N 141 -16.81 113.79 -96.04
N MET O 1 32.76 64.12 -10.66
CA MET O 1 34.08 64.07 -11.27
C MET O 1 34.56 65.46 -11.67
N LEU O 2 35.88 65.63 -11.75
CA LEU O 2 36.46 66.91 -12.12
C LEU O 2 37.78 66.66 -12.84
N CYS O 3 38.20 67.66 -13.62
CA CYS O 3 39.48 67.57 -14.33
C CYS O 3 40.63 67.65 -13.35
N ALA O 4 41.67 66.84 -13.59
CA ALA O 4 42.82 66.83 -12.71
C ALA O 4 43.67 68.09 -12.86
N LEU O 5 43.63 68.72 -14.04
CA LEU O 5 44.48 69.89 -14.29
C LEU O 5 43.96 71.13 -13.59
N SER O 6 42.64 71.36 -13.60
CA SER O 6 42.08 72.60 -13.07
C SER O 6 41.16 72.41 -11.87
N GLY O 7 40.62 71.21 -11.66
CA GLY O 7 39.69 70.98 -10.58
C GLY O 7 38.24 71.29 -10.91
N GLU O 8 37.93 71.64 -12.16
CA GLU O 8 36.58 71.94 -12.59
C GLU O 8 36.12 70.89 -13.61
N ILE O 9 34.93 71.11 -14.16
CA ILE O 9 34.37 70.20 -15.14
C ILE O 9 35.04 70.46 -16.49
N PRO O 10 35.70 69.45 -17.08
CA PRO O 10 36.36 69.67 -18.37
C PRO O 10 35.36 69.69 -19.51
N GLU O 11 35.57 70.64 -20.44
CA GLU O 11 34.73 70.72 -21.62
C GLU O 11 34.94 69.52 -22.54
N GLU O 12 36.20 69.08 -22.68
CA GLU O 12 36.55 67.92 -23.49
C GLU O 12 37.36 66.98 -22.61
N PRO O 13 36.70 66.16 -21.80
CA PRO O 13 37.44 65.29 -20.88
C PRO O 13 38.10 64.13 -21.61
N VAL O 14 39.40 63.98 -21.38
CA VAL O 14 40.19 62.89 -21.93
C VAL O 14 40.95 62.23 -20.80
N VAL O 15 41.04 60.90 -20.86
CA VAL O 15 41.66 60.10 -19.82
C VAL O 15 42.90 59.43 -20.39
N SER O 16 43.95 59.32 -19.57
CA SER O 16 45.16 58.62 -19.98
C SER O 16 44.89 57.13 -20.08
N LYS O 17 45.47 56.51 -21.11
CA LYS O 17 45.28 55.07 -21.30
C LYS O 17 46.07 54.25 -20.29
N LYS O 18 47.10 54.82 -19.68
CA LYS O 18 47.92 54.13 -18.69
C LYS O 18 47.65 54.59 -17.26
N THR O 19 47.33 55.87 -17.07
CA THR O 19 47.10 56.41 -15.74
C THR O 19 45.63 56.53 -15.37
N GLY O 20 44.75 56.71 -16.36
CA GLY O 20 43.33 56.85 -16.08
C GLY O 20 42.92 58.16 -15.46
N VAL O 21 43.72 59.21 -15.63
CA VAL O 21 43.43 60.52 -15.07
C VAL O 21 42.71 61.36 -16.12
N LEU O 22 41.52 61.83 -15.78
CA LEU O 22 40.74 62.64 -16.71
C LEU O 22 41.11 64.12 -16.57
N PHE O 23 41.23 64.80 -17.70
CA PHE O 23 41.59 66.21 -17.71
C PHE O 23 41.10 66.83 -19.02
N GLU O 24 41.12 68.16 -19.06
CA GLU O 24 40.76 68.89 -20.26
C GLU O 24 41.79 68.63 -21.36
N LYS O 25 41.31 68.56 -22.60
CA LYS O 25 42.17 68.21 -23.74
C LYS O 25 43.21 69.30 -24.00
N ARG O 26 42.80 70.57 -23.95
CA ARG O 26 43.74 71.66 -24.16
C ARG O 26 44.76 71.75 -23.03
N LEU O 27 44.31 71.56 -21.79
CA LEU O 27 45.23 71.59 -20.65
C LEU O 27 46.20 70.41 -20.70
N ILE O 28 45.72 69.23 -21.10
CA ILE O 28 46.61 68.07 -21.19
C ILE O 28 47.61 68.26 -22.33
N LEU O 29 47.17 68.84 -23.45
CA LEU O 29 48.09 69.12 -24.55
C LEU O 29 49.15 70.14 -24.16
N LYS O 30 48.75 71.19 -23.42
CA LYS O 30 49.70 72.18 -22.95
C LYS O 30 50.69 71.59 -21.96
N TYR O 31 50.21 70.71 -21.06
CA TYR O 31 51.09 70.06 -20.11
C TYR O 31 52.06 69.10 -20.81
N LEU O 32 51.59 68.39 -21.84
CA LEU O 32 52.46 67.51 -22.60
C LEU O 32 53.52 68.30 -23.38
N GLU O 33 53.13 69.45 -23.93
CA GLU O 33 54.09 70.28 -24.64
C GLU O 33 55.10 70.91 -23.69
N GLU O 34 54.67 71.30 -22.49
CA GLU O 34 55.59 71.93 -21.53
C GLU O 34 56.52 70.91 -20.87
N HIS O 35 56.04 69.68 -20.65
CA HIS O 35 56.82 68.67 -19.96
C HIS O 35 57.37 67.60 -20.90
N ASN O 36 57.35 67.86 -22.21
CA ASN O 36 57.86 66.96 -23.26
C ASN O 36 57.14 65.61 -23.23
N ASN O 37 55.82 65.68 -23.43
CA ASN O 37 54.94 64.51 -23.53
C ASN O 37 55.01 63.62 -22.28
N ILE O 38 55.08 64.25 -21.11
CA ILE O 38 55.10 63.56 -19.83
C ILE O 38 53.81 63.87 -19.09
N GLU O 39 53.19 62.85 -18.52
CA GLU O 39 51.96 63.04 -17.76
C GLU O 39 52.25 63.82 -16.48
N PRO O 40 51.35 64.71 -16.06
CA PRO O 40 51.58 65.47 -14.83
C PRO O 40 51.45 64.59 -13.59
N GLY O 41 52.41 64.73 -12.67
CA GLY O 41 52.43 63.94 -11.46
C GLY O 41 53.01 62.55 -11.61
N THR O 42 53.46 62.17 -12.79
CA THR O 42 54.03 60.86 -13.03
C THR O 42 55.28 61.00 -13.90
N THR O 43 56.18 60.02 -13.77
CA THR O 43 57.41 60.00 -14.55
C THR O 43 57.26 59.29 -15.88
N GLU O 44 56.09 58.71 -16.17
CA GLU O 44 55.86 58.01 -17.41
C GLU O 44 55.54 59.00 -18.53
N GLU O 45 55.84 58.59 -19.76
CA GLU O 45 55.58 59.40 -20.94
C GLU O 45 54.18 59.10 -21.46
N LEU O 46 53.41 60.16 -21.70
CA LEU O 46 52.03 60.04 -22.16
C LEU O 46 51.93 60.55 -23.59
N ASP O 47 51.41 59.71 -24.48
CA ASP O 47 51.22 60.09 -25.87
C ASP O 47 49.96 60.94 -26.01
N PRO O 48 50.07 62.17 -26.54
CA PRO O 48 48.86 63.00 -26.69
C PRO O 48 47.91 62.51 -27.77
N GLU O 49 48.38 61.69 -28.72
CA GLU O 49 47.53 61.20 -29.79
C GLU O 49 47.15 59.74 -29.65
N THR O 50 47.86 58.98 -28.83
CA THR O 50 47.60 57.55 -28.66
C THR O 50 47.18 57.17 -27.25
N ASP O 51 47.82 57.74 -26.23
CA ASP O 51 47.52 57.40 -24.85
C ASP O 51 46.35 58.19 -24.27
N LEU O 52 45.79 59.13 -25.02
CA LEU O 52 44.66 59.94 -24.55
C LEU O 52 43.38 59.45 -25.22
N LEU O 53 42.40 59.07 -24.41
CA LEU O 53 41.10 58.62 -24.92
C LEU O 53 40.05 59.63 -24.50
N PRO O 54 39.35 60.26 -25.46
CA PRO O 54 38.30 61.22 -25.09
C PRO O 54 37.09 60.51 -24.50
N ILE O 55 36.34 61.26 -23.69
CA ILE O 55 35.14 60.76 -23.04
C ILE O 55 33.95 61.44 -23.69
N LYS O 56 33.04 60.63 -24.24
CA LYS O 56 31.83 61.13 -24.89
C LYS O 56 30.65 60.96 -23.94
N THR O 57 30.05 62.08 -23.55
CA THR O 57 28.92 62.07 -22.63
C THR O 57 28.10 63.34 -22.86
N SER O 58 27.05 63.49 -22.06
CA SER O 58 26.20 64.67 -22.16
C SER O 58 26.93 65.90 -21.63
N ARG O 59 26.60 67.05 -22.21
CA ARG O 59 27.23 68.30 -21.79
C ARG O 59 26.74 68.72 -20.42
N VAL O 60 27.65 69.21 -19.59
CA VAL O 60 27.31 69.65 -18.25
C VAL O 60 26.69 71.04 -18.32
N VAL O 61 25.52 71.19 -17.73
CA VAL O 61 24.80 72.47 -17.74
C VAL O 61 25.18 73.23 -16.47
N ARG O 62 25.89 74.34 -16.65
CA ARG O 62 26.30 75.16 -15.52
C ARG O 62 25.10 75.94 -14.99
N PRO O 63 25.00 76.11 -13.66
CA PRO O 63 23.88 76.90 -13.13
C PRO O 63 24.12 78.38 -13.33
N ARG O 64 23.20 79.03 -14.05
CA ARG O 64 23.32 80.45 -14.35
C ARG O 64 22.55 81.25 -13.31
N PRO O 65 23.22 82.11 -12.54
CA PRO O 65 22.49 82.93 -11.58
C PRO O 65 21.68 84.00 -12.29
N PRO O 66 20.57 84.45 -11.68
CA PRO O 66 19.77 85.51 -12.33
C PRO O 66 20.42 86.87 -12.32
N ASN O 67 21.40 87.10 -11.43
CA ASN O 67 22.06 88.40 -11.38
C ASN O 67 22.97 88.62 -12.59
N PHE O 68 23.61 87.56 -13.08
CA PHE O 68 24.51 87.67 -14.23
C PHE O 68 23.76 87.41 -15.53
N THR O 69 22.72 88.21 -15.76
CA THR O 69 21.90 88.12 -16.95
C THR O 69 22.24 89.18 -17.99
N SER O 70 23.19 90.06 -17.70
CA SER O 70 23.55 91.16 -18.59
C SER O 70 25.01 91.05 -18.99
N ILE O 71 25.32 91.66 -20.14
CA ILE O 71 26.71 91.67 -20.63
C ILE O 71 27.62 92.44 -19.68
N PRO O 72 27.27 93.63 -19.18
CA PRO O 72 28.14 94.31 -18.21
C PRO O 72 28.27 93.55 -16.90
N SER O 73 27.20 92.90 -16.44
CA SER O 73 27.28 92.08 -15.24
C SER O 73 28.19 90.87 -15.46
N LEU O 74 28.11 90.26 -16.64
CA LEU O 74 29.01 89.14 -16.96
C LEU O 74 30.46 89.60 -17.05
N LEU O 75 30.70 90.79 -17.61
CA LEU O 75 32.06 91.32 -17.67
C LEU O 75 32.61 91.63 -16.29
N LYS O 76 31.77 92.19 -15.41
CA LYS O 76 32.19 92.46 -14.03
C LYS O 76 32.48 91.17 -13.28
N ALA O 77 31.65 90.13 -13.48
CA ALA O 77 31.87 88.85 -12.86
C ALA O 77 33.17 88.20 -13.36
N PHE O 78 33.43 88.32 -14.66
CA PHE O 78 34.67 87.78 -15.23
C PHE O 78 35.89 88.51 -14.68
N GLN O 79 35.81 89.83 -14.55
CA GLN O 79 36.92 90.60 -13.98
C GLN O 79 37.15 90.24 -12.52
N ASP O 80 36.07 90.07 -11.75
CA ASP O 80 36.21 89.66 -10.36
C ASP O 80 36.80 88.25 -10.24
N GLU O 81 36.39 87.34 -11.12
CA GLU O 81 36.94 85.99 -11.12
C GLU O 81 38.42 85.99 -11.49
N TRP O 82 38.82 86.83 -12.46
CA TRP O 82 40.24 86.93 -12.82
C TRP O 82 41.06 87.52 -11.68
N ASP O 83 40.54 88.54 -11.00
CA ASP O 83 41.24 89.10 -9.85
C ASP O 83 41.37 88.10 -8.72
N ALA O 84 40.29 87.33 -8.46
CA ALA O 84 40.33 86.30 -7.43
C ALA O 84 41.32 85.20 -7.79
N LEU O 85 41.38 84.81 -9.06
CA LEU O 85 42.35 83.81 -9.49
C LEU O 85 43.78 84.29 -9.35
N VAL O 86 44.04 85.56 -9.68
CA VAL O 86 45.38 86.12 -9.51
C VAL O 86 45.77 86.18 -8.04
N LEU O 87 44.83 86.61 -7.18
CA LEU O 87 45.11 86.65 -5.75
C LEU O 87 45.34 85.25 -5.18
N GLU O 88 44.56 84.28 -5.64
CA GLU O 88 44.74 82.90 -5.20
C GLU O 88 46.09 82.34 -5.64
N THR O 89 46.52 82.66 -6.87
CA THR O 89 47.83 82.22 -7.33
C THR O 89 48.96 82.85 -6.53
N TYR O 90 48.83 84.15 -6.21
CA TYR O 90 49.84 84.81 -5.39
C TYR O 90 49.90 84.22 -3.98
N THR O 91 48.72 83.95 -3.39
CA THR O 91 48.67 83.35 -2.05
C THR O 91 49.24 81.93 -2.06
N THR O 92 48.97 81.17 -3.13
CA THR O 92 49.53 79.83 -3.26
C THR O 92 51.05 79.87 -3.39
N ARG O 93 51.58 80.83 -4.15
CA ARG O 93 53.02 80.96 -4.28
C ARG O 93 53.66 81.35 -2.94
N GLU O 94 53.03 82.27 -2.20
CA GLU O 94 53.56 82.66 -0.89
C GLU O 94 53.51 81.49 0.09
N GLN O 95 52.42 80.72 0.07
CA GLN O 95 52.31 79.56 0.95
C GLN O 95 53.32 78.48 0.58
N LEU O 96 53.59 78.30 -0.71
CA LEU O 96 54.59 77.34 -1.15
C LEU O 96 55.99 77.76 -0.70
N ALA O 97 56.30 79.06 -0.79
CA ALA O 97 57.59 79.55 -0.32
C ALA O 97 57.74 79.38 1.19
N ARG O 98 56.67 79.68 1.96
CA ARG O 98 56.71 79.50 3.40
C ARG O 98 56.86 78.03 3.77
N VAL O 99 56.17 77.14 3.03
CA VAL O 99 56.27 75.71 3.29
C VAL O 99 57.66 75.20 2.96
N ARG O 100 58.29 75.73 1.90
CA ARG O 100 59.65 75.33 1.58
C ARG O 100 60.65 75.79 2.64
N GLU O 101 60.47 77.01 3.16
CA GLU O 101 61.33 77.48 4.25
C GLU O 101 61.15 76.65 5.51
N GLU O 102 59.89 76.31 5.84
CA GLU O 102 59.62 75.47 7.00
C GLU O 102 60.18 74.07 6.83
N LEU O 103 60.12 73.54 5.60
CA LEU O 103 60.69 72.22 5.33
C LEU O 103 62.21 72.22 5.45
N ALA O 104 62.86 73.30 5.00
CA ALA O 104 64.31 73.41 5.16
C ALA O 104 64.70 73.49 6.64
N THR O 105 63.94 74.28 7.42
CA THR O 105 64.21 74.38 8.86
C THR O 105 63.97 73.03 9.55
N ALA O 106 62.92 72.32 9.14
CA ALA O 106 62.64 71.00 9.72
C ALA O 106 63.70 69.98 9.35
N LEU O 107 64.23 70.06 8.12
CA LEU O 107 65.31 69.17 7.72
C LEU O 107 66.58 69.43 8.53
N TYR O 108 66.90 70.71 8.75
CA TYR O 108 68.06 71.05 9.60
C TYR O 108 67.87 70.55 11.02
N GLN O 109 66.65 70.74 11.57
CA GLN O 109 66.36 70.26 12.92
C GLN O 109 66.42 68.74 12.99
N HIS O 110 65.97 68.05 11.94
CA HIS O 110 66.02 66.59 11.93
C HIS O 110 67.45 66.08 11.84
N ASP O 111 68.30 66.76 11.07
CA ASP O 111 69.72 66.39 11.02
C ASP O 111 70.38 66.60 12.38
N ALA O 112 70.06 67.72 13.04
CA ALA O 112 70.58 67.97 14.39
C ALA O 112 70.10 66.92 15.38
N ALA O 113 68.83 66.54 15.30
CA ALA O 113 68.28 65.52 16.19
C ALA O 113 68.92 64.16 15.93
N VAL O 114 69.21 63.85 14.66
CA VAL O 114 69.87 62.59 14.33
C VAL O 114 71.29 62.56 14.89
N ARG O 115 72.02 63.67 14.77
CA ARG O 115 73.37 63.74 15.33
C ARG O 115 73.36 63.63 16.85
N VAL O 116 72.42 64.32 17.50
CA VAL O 116 72.33 64.27 18.97
C VAL O 116 71.92 62.88 19.43
N ILE O 117 71.03 62.22 18.68
CA ILE O 117 70.60 60.87 19.04
C ILE O 117 71.73 59.88 18.85
N ALA O 118 72.55 60.07 17.81
CA ALA O 118 73.72 59.22 17.62
C ALA O 118 74.73 59.39 18.75
N ARG O 119 74.97 60.62 19.18
CA ARG O 119 75.88 60.87 20.29
C ARG O 119 75.35 60.27 21.59
N LEU O 120 74.05 60.44 21.86
CA LEU O 120 73.45 59.90 23.08
C LEU O 120 73.44 58.38 23.06
N THR O 121 73.20 57.77 21.88
CA THR O 121 73.25 56.32 21.76
C THR O 121 74.65 55.78 21.97
N ARG O 122 75.66 56.49 21.46
CA ARG O 122 77.05 56.09 21.70
C ARG O 122 77.40 56.17 23.18
N GLU O 123 76.98 57.25 23.86
CA GLU O 123 77.24 57.38 25.28
C GLU O 123 76.52 56.29 26.09
N ARG O 124 75.27 56.01 25.74
CA ARG O 124 74.50 54.98 26.44
C ARG O 124 75.08 53.59 26.19
N ASP O 125 75.56 53.33 24.98
CA ASP O 125 76.19 52.05 24.68
C ASP O 125 77.50 51.89 25.44
N GLU O 126 78.28 52.97 25.55
CA GLU O 126 79.50 52.92 26.34
C GLU O 126 79.20 52.66 27.81
N ALA O 127 78.17 53.33 28.36
CA ALA O 127 77.79 53.11 29.75
C ALA O 127 77.29 51.69 29.98
N ARG O 128 76.51 51.15 29.03
CA ARG O 128 76.01 49.79 29.16
C ARG O 128 77.13 48.76 29.05
N GLU O 129 78.10 49.01 28.17
CA GLU O 129 79.26 48.12 28.06
C GLU O 129 80.11 48.17 29.32
N ALA O 130 80.25 49.35 29.92
CA ALA O 130 80.99 49.46 31.18
C ALA O 130 80.26 48.74 32.32
N LEU O 131 78.94 48.86 32.38
CA LEU O 131 78.18 48.22 33.44
C LEU O 131 78.14 46.70 33.26
N ALA O 132 78.07 46.23 32.02
CA ALA O 132 77.99 44.80 31.77
C ALA O 132 79.32 44.11 32.03
N ARG O 133 80.42 44.74 31.62
CA ARG O 133 81.75 44.21 31.84
C ARG O 133 82.35 44.63 33.18
N LEU O 134 81.52 45.10 34.11
CA LEU O 134 81.99 45.54 35.42
C LEU O 134 82.28 44.32 36.27
N THR O 135 83.51 43.81 36.17
CA THR O 135 83.93 42.70 37.01
C THR O 135 84.10 43.16 38.45
N VAL O 136 83.52 42.40 39.39
CA VAL O 136 83.52 42.77 40.80
C VAL O 136 84.89 42.43 41.36
N THR O 137 85.72 43.45 41.55
CA THR O 137 87.03 43.25 42.17
C THR O 137 86.86 42.99 43.67
N GLY O 138 87.94 42.49 44.28
CA GLY O 138 87.95 42.22 45.70
C GLY O 138 87.81 43.46 46.55
N ALA O 139 86.67 43.61 47.22
CA ALA O 139 86.39 44.78 48.04
C ALA O 139 87.16 44.66 49.36
N ALA O 140 88.46 44.97 49.28
CA ALA O 140 89.30 44.90 50.45
C ALA O 140 89.01 46.09 51.37
N PRO O 141 88.95 45.87 52.68
CA PRO O 141 88.74 46.99 53.60
C PRO O 141 89.97 47.88 53.67
N ALA O 142 89.73 49.15 54.01
CA ALA O 142 90.81 50.14 54.12
C ALA O 142 91.59 49.88 55.40
N ALA O 143 92.68 49.13 55.28
CA ALA O 143 93.52 48.80 56.43
C ALA O 143 94.41 49.97 56.81
N MET P 1 45.44 83.30 -43.48
CA MET P 1 45.86 82.04 -44.09
C MET P 1 46.82 82.30 -45.26
N LEU P 2 47.69 81.34 -45.53
CA LEU P 2 48.66 81.43 -46.60
C LEU P 2 48.70 80.13 -47.38
N CYS P 3 49.14 80.23 -48.64
CA CYS P 3 49.25 79.06 -49.48
C CYS P 3 50.39 78.16 -49.03
N ALA P 4 50.25 76.86 -49.28
CA ALA P 4 51.27 75.91 -48.87
C ALA P 4 52.49 75.94 -49.79
N LEU P 5 52.27 76.18 -51.09
CA LEU P 5 53.38 76.13 -52.04
C LEU P 5 54.28 77.36 -51.91
N SER P 6 53.68 78.55 -51.73
CA SER P 6 54.44 79.79 -51.73
C SER P 6 54.64 80.41 -50.35
N GLY P 7 53.81 80.06 -49.37
CA GLY P 7 53.93 80.64 -48.05
C GLY P 7 53.26 81.98 -47.88
N GLU P 8 52.56 82.48 -48.89
CA GLU P 8 51.87 83.76 -48.84
C GLU P 8 50.39 83.56 -49.17
N ILE P 9 49.62 84.64 -49.03
CA ILE P 9 48.19 84.62 -49.30
C ILE P 9 47.98 84.56 -50.81
N PRO P 10 47.26 83.56 -51.32
CA PRO P 10 47.06 83.46 -52.77
C PRO P 10 45.97 84.40 -53.25
N GLU P 11 46.22 85.01 -54.42
CA GLU P 11 45.21 85.88 -55.03
C GLU P 11 44.04 85.07 -55.59
N GLU P 12 44.29 83.84 -56.02
CA GLU P 12 43.27 82.93 -56.52
C GLU P 12 43.39 81.63 -55.74
N PRO P 13 42.91 81.59 -54.51
CA PRO P 13 43.10 80.40 -53.68
C PRO P 13 42.21 79.24 -54.12
N VAL P 14 42.77 78.03 -54.07
CA VAL P 14 42.08 76.80 -54.40
C VAL P 14 42.33 75.79 -53.29
N VAL P 15 41.41 74.85 -53.15
CA VAL P 15 41.47 73.83 -52.13
C VAL P 15 41.41 72.45 -52.80
N SER P 16 42.26 71.55 -52.36
CA SER P 16 42.24 70.18 -52.89
C SER P 16 41.01 69.44 -52.39
N LYS P 17 40.39 68.66 -53.29
CA LYS P 17 39.21 67.89 -52.91
C LYS P 17 39.55 66.66 -52.09
N LYS P 18 40.80 66.22 -52.08
CA LYS P 18 41.22 65.04 -51.34
C LYS P 18 41.95 65.40 -50.05
N THR P 19 42.85 66.38 -50.09
CA THR P 19 43.65 66.75 -48.93
C THR P 19 43.14 67.99 -48.21
N GLY P 20 42.45 68.89 -48.91
CA GLY P 20 41.95 70.10 -48.27
C GLY P 20 43.00 71.15 -47.99
N VAL P 21 44.16 71.09 -48.65
CA VAL P 21 45.24 72.04 -48.43
C VAL P 21 45.04 73.22 -49.38
N LEU P 22 44.97 74.42 -48.81
CA LEU P 22 44.81 75.62 -49.60
C LEU P 22 46.11 75.99 -50.29
N PHE P 23 46.00 76.44 -51.54
CA PHE P 23 47.17 76.82 -52.32
C PHE P 23 46.76 77.83 -53.38
N GLU P 24 47.75 78.29 -54.15
CA GLU P 24 47.47 79.15 -55.29
C GLU P 24 47.09 78.30 -56.49
N LYS P 25 46.13 78.79 -57.28
CA LYS P 25 45.66 78.04 -58.45
C LYS P 25 46.75 77.90 -59.50
N ARG P 26 47.49 78.98 -59.76
CA ARG P 26 48.61 78.90 -60.70
C ARG P 26 49.72 78.02 -60.17
N LEU P 27 50.01 78.10 -58.86
CA LEU P 27 51.02 77.24 -58.26
C LEU P 27 50.61 75.78 -58.29
N ILE P 28 49.32 75.50 -58.03
CA ILE P 28 48.83 74.12 -58.08
C ILE P 28 48.88 73.58 -59.50
N LEU P 29 48.53 74.42 -60.49
CA LEU P 29 48.61 74.01 -61.88
C LEU P 29 50.05 73.73 -62.30
N LYS P 30 50.99 74.58 -61.87
CA LYS P 30 52.40 74.36 -62.18
C LYS P 30 52.94 73.11 -61.51
N TYR P 31 52.52 72.85 -60.27
CA TYR P 31 52.94 71.63 -59.58
C TYR P 31 52.37 70.38 -60.24
N LEU P 32 51.12 70.47 -60.72
CA LEU P 32 50.52 69.33 -61.42
C LEU P 32 51.19 69.09 -62.77
N GLU P 33 51.57 70.17 -63.47
CA GLU P 33 52.23 70.01 -64.76
C GLU P 33 53.65 69.49 -64.60
N GLU P 34 54.37 69.95 -63.58
CA GLU P 34 55.76 69.55 -63.40
C GLU P 34 55.88 68.14 -62.84
N HIS P 35 54.99 67.76 -61.93
CA HIS P 35 55.07 66.47 -61.25
C HIS P 35 54.06 65.47 -61.79
N ASN P 36 53.48 65.74 -62.97
CA ASN P 36 52.52 64.87 -63.66
C ASN P 36 51.28 64.62 -62.78
N ASN P 37 50.60 65.72 -62.45
CA ASN P 37 49.36 65.72 -61.67
C ASN P 37 49.55 65.06 -60.30
N ILE P 38 50.54 65.55 -59.55
CA ILE P 38 50.84 65.06 -58.22
C ILE P 38 50.71 66.22 -57.24
N GLU P 39 49.97 66.00 -56.16
CA GLU P 39 49.79 67.03 -55.15
C GLU P 39 51.09 67.22 -54.36
N PRO P 40 51.35 68.43 -53.87
CA PRO P 40 52.58 68.67 -53.09
C PRO P 40 52.44 68.10 -51.68
N GLY P 41 53.44 67.30 -51.28
CA GLY P 41 53.46 66.70 -49.97
C GLY P 41 52.72 65.39 -49.84
N THR P 42 52.04 64.94 -50.89
CA THR P 42 51.30 63.68 -50.85
C THR P 42 51.55 62.90 -52.13
N THR P 43 51.41 61.59 -52.03
CA THR P 43 51.59 60.70 -53.17
C THR P 43 50.31 60.49 -53.97
N GLU P 44 49.19 61.05 -53.52
CA GLU P 44 47.93 60.89 -54.24
C GLU P 44 47.88 61.84 -55.43
N GLU P 45 47.34 61.36 -56.54
CA GLU P 45 47.22 62.17 -57.74
C GLU P 45 46.13 63.21 -57.57
N LEU P 46 46.45 64.46 -57.91
CA LEU P 46 45.52 65.58 -57.80
C LEU P 46 45.16 66.09 -59.18
N ASP P 47 43.86 66.15 -59.47
CA ASP P 47 43.39 66.68 -60.75
C ASP P 47 43.40 68.20 -60.71
N PRO P 48 44.08 68.88 -61.64
CA PRO P 48 44.09 70.35 -61.62
C PRO P 48 42.76 70.97 -62.01
N GLU P 49 41.87 70.21 -62.66
CA GLU P 49 40.58 70.74 -63.08
C GLU P 49 39.41 70.21 -62.27
N THR P 50 39.55 69.04 -61.65
CA THR P 50 38.47 68.41 -60.90
C THR P 50 38.71 68.39 -59.39
N ASP P 51 39.93 68.09 -58.96
CA ASP P 51 40.23 68.01 -57.54
C ASP P 51 40.50 69.38 -56.91
N LEU P 52 40.61 70.43 -57.71
CA LEU P 52 40.86 71.78 -57.21
C LEU P 52 39.56 72.58 -57.25
N LEU P 53 39.12 73.05 -56.08
CA LEU P 53 37.90 73.84 -55.98
C LEU P 53 38.26 75.27 -55.61
N PRO P 54 37.77 76.27 -56.36
CA PRO P 54 38.08 77.66 -56.02
C PRO P 54 37.37 78.09 -54.74
N ILE P 55 37.95 79.09 -54.09
CA ILE P 55 37.44 79.63 -52.84
C ILE P 55 36.97 81.07 -53.10
N LYS P 56 35.71 81.34 -52.78
CA LYS P 56 35.12 82.66 -52.96
C LYS P 56 34.69 83.20 -51.61
N THR P 57 34.96 84.49 -51.39
CA THR P 57 34.63 85.16 -50.14
C THR P 57 33.44 86.08 -50.36
N SER P 58 32.41 85.91 -49.52
CA SER P 58 31.22 86.75 -49.62
C SER P 58 31.50 88.12 -49.02
N ARG P 59 30.94 89.15 -49.65
CA ARG P 59 31.12 90.54 -49.22
C ARG P 59 29.86 91.09 -48.55
N VAL P 60 29.02 90.22 -48.00
CA VAL P 60 27.81 90.67 -47.32
C VAL P 60 28.16 91.38 -46.02
N VAL P 61 29.09 90.83 -45.25
CA VAL P 61 29.50 91.42 -43.99
C VAL P 61 30.65 92.39 -44.25
N ARG P 62 30.87 93.29 -43.29
CA ARG P 62 31.95 94.25 -43.40
C ARG P 62 33.30 93.56 -43.24
N PRO P 63 34.34 94.06 -43.91
CA PRO P 63 35.67 93.44 -43.83
C PRO P 63 36.35 93.81 -42.52
N ARG P 64 36.45 92.84 -41.61
CA ARG P 64 37.11 93.06 -40.34
C ARG P 64 38.59 92.69 -40.46
N PRO P 65 39.51 93.60 -40.16
CA PRO P 65 40.92 93.25 -40.23
C PRO P 65 41.30 92.29 -39.12
N PRO P 66 42.32 91.45 -39.33
CA PRO P 66 42.73 90.48 -38.30
C PRO P 66 43.59 91.11 -37.22
N ASN P 67 42.96 91.95 -36.38
CA ASN P 67 43.63 92.63 -35.29
C ASN P 67 43.38 91.91 -33.97
N PHE P 68 44.12 92.32 -32.95
CA PHE P 68 43.98 91.74 -31.62
C PHE P 68 42.80 92.29 -30.85
N THR P 69 42.13 93.33 -31.36
CA THR P 69 40.99 93.94 -30.69
C THR P 69 39.68 93.24 -31.03
N SER P 70 39.70 92.21 -31.86
CA SER P 70 38.48 91.49 -32.21
C SER P 70 37.97 90.69 -31.01
N ILE P 71 36.65 90.46 -31.01
CA ILE P 71 36.04 89.68 -29.93
C ILE P 71 36.54 88.25 -29.90
N PRO P 72 36.61 87.52 -31.02
CA PRO P 72 37.21 86.17 -30.99
C PRO P 72 38.68 86.17 -30.60
N SER P 73 39.43 87.17 -31.04
CA SER P 73 40.84 87.27 -30.66
C SER P 73 40.99 87.54 -29.17
N LEU P 74 40.15 88.42 -28.62
CA LEU P 74 40.18 88.69 -27.18
C LEU P 74 39.77 87.46 -26.38
N LEU P 75 38.77 86.71 -26.87
CA LEU P 75 38.36 85.49 -26.19
C LEU P 75 39.46 84.43 -26.23
N LYS P 76 40.16 84.30 -27.36
CA LYS P 76 41.27 83.37 -27.46
C LYS P 76 42.42 83.77 -26.55
N ALA P 77 42.71 85.07 -26.47
CA ALA P 77 43.77 85.54 -25.57
C ALA P 77 43.40 85.31 -24.11
N PHE P 78 42.14 85.54 -23.75
CA PHE P 78 41.70 85.27 -22.38
C PHE P 78 41.74 83.79 -22.05
N GLN P 79 41.36 82.93 -23.01
CA GLN P 79 41.44 81.50 -22.79
C GLN P 79 42.89 81.03 -22.65
N ASP P 80 43.79 81.58 -23.45
CA ASP P 80 45.21 81.22 -23.34
C ASP P 80 45.79 81.68 -22.01
N GLU P 81 45.43 82.89 -21.56
CA GLU P 81 45.89 83.37 -20.27
C GLU P 81 45.34 82.52 -19.13
N TRP P 82 44.06 82.12 -19.22
CA TRP P 82 43.48 81.26 -18.20
C TRP P 82 44.14 79.89 -18.18
N ASP P 83 44.46 79.33 -19.35
CA ASP P 83 45.14 78.05 -19.41
C ASP P 83 46.55 78.13 -18.83
N ALA P 84 47.27 79.22 -19.14
CA ALA P 84 48.61 79.40 -18.58
C ALA P 84 48.56 79.57 -17.07
N LEU P 85 47.58 80.34 -16.57
CA LEU P 85 47.43 80.51 -15.13
C LEU P 85 47.04 79.20 -14.45
N VAL P 86 46.21 78.39 -15.11
CA VAL P 86 45.82 77.10 -14.56
C VAL P 86 47.01 76.15 -14.51
N LEU P 87 47.85 76.15 -15.55
CA LEU P 87 49.05 75.31 -15.55
C LEU P 87 50.03 75.74 -14.47
N GLU P 88 50.23 77.06 -14.31
CA GLU P 88 51.11 77.56 -13.26
C GLU P 88 50.57 77.24 -11.88
N THR P 89 49.26 77.36 -11.68
CA THR P 89 48.64 77.04 -10.40
C THR P 89 48.73 75.55 -10.10
N TYR P 90 48.59 74.70 -11.13
CA TYR P 90 48.72 73.26 -10.93
C TYR P 90 50.14 72.88 -10.57
N THR P 91 51.14 73.49 -11.22
CA THR P 91 52.53 73.22 -10.87
C THR P 91 52.85 73.70 -9.45
N THR P 92 52.34 74.88 -9.08
CA THR P 92 52.55 75.40 -7.74
C THR P 92 51.85 74.53 -6.69
N ARG P 93 50.66 74.03 -7.01
CA ARG P 93 49.93 73.17 -6.09
C ARG P 93 50.63 71.83 -5.91
N GLU P 94 51.19 71.27 -7.00
CA GLU P 94 51.94 70.03 -6.89
C GLU P 94 53.21 70.22 -6.06
N GLN P 95 53.92 71.34 -6.27
CA GLN P 95 55.11 71.63 -5.47
C GLN P 95 54.75 71.85 -4.00
N LEU P 96 53.64 72.55 -3.74
CA LEU P 96 53.22 72.79 -2.37
C LEU P 96 52.78 71.50 -1.68
N ALA P 97 52.11 70.61 -2.42
CA ALA P 97 51.72 69.32 -1.85
C ALA P 97 52.93 68.46 -1.53
N ARG P 98 53.92 68.44 -2.43
CA ARG P 98 55.15 67.71 -2.15
C ARG P 98 55.90 68.28 -0.96
N VAL P 99 55.94 69.62 -0.85
CA VAL P 99 56.61 70.27 0.26
C VAL P 99 55.87 70.00 1.57
N ARG P 100 54.53 69.99 1.53
CA ARG P 100 53.76 69.72 2.73
C ARG P 100 53.91 68.27 3.19
N GLU P 101 53.95 67.33 2.24
CA GLU P 101 54.19 65.93 2.59
C GLU P 101 55.59 65.74 3.18
N GLU P 102 56.59 66.40 2.59
CA GLU P 102 57.94 66.33 3.14
C GLU P 102 58.03 66.97 4.52
N LEU P 103 57.31 68.07 4.73
CA LEU P 103 57.31 68.72 6.04
C LEU P 103 56.61 67.87 7.10
N ALA P 104 55.51 67.21 6.73
CA ALA P 104 54.84 66.30 7.65
C ALA P 104 55.72 65.11 8.01
N THR P 105 56.40 64.54 7.01
CA THR P 105 57.33 63.44 7.27
C THR P 105 58.49 63.90 8.15
N ALA P 106 59.00 65.11 7.91
CA ALA P 106 60.08 65.64 8.73
C ALA P 106 59.63 65.91 10.17
N LEU P 107 58.40 66.40 10.34
CA LEU P 107 57.86 66.62 11.68
C LEU P 107 57.67 65.31 12.42
N TYR P 108 57.16 64.28 11.74
CA TYR P 108 57.02 62.96 12.37
C TYR P 108 58.38 62.37 12.73
N GLN P 109 59.37 62.52 11.85
CA GLN P 109 60.71 62.03 12.13
C GLN P 109 61.35 62.80 13.28
N HIS P 110 61.09 64.11 13.37
CA HIS P 110 61.62 64.91 14.46
C HIS P 110 60.99 64.52 15.79
N ASP P 111 59.68 64.26 15.80
CA ASP P 111 59.03 63.79 17.02
C ASP P 111 59.54 62.43 17.45
N ALA P 112 59.74 61.52 16.48
CA ALA P 112 60.30 60.20 16.80
C ALA P 112 61.73 60.31 17.31
N ALA P 113 62.52 61.20 16.71
CA ALA P 113 63.89 61.40 17.16
C ALA P 113 63.95 62.04 18.54
N VAL P 114 63.01 62.95 18.85
CA VAL P 114 62.94 63.55 20.18
C VAL P 114 62.59 62.49 21.22
N ARG P 115 61.62 61.62 20.90
CA ARG P 115 61.26 60.53 21.82
C ARG P 115 62.42 59.57 22.02
N VAL P 116 63.12 59.24 20.93
CA VAL P 116 64.26 58.33 21.02
C VAL P 116 65.40 58.95 21.82
N ILE P 117 65.61 60.26 21.66
CA ILE P 117 66.66 60.95 22.40
C ILE P 117 66.31 61.02 23.89
N ALA P 118 65.02 61.24 24.20
CA ALA P 118 64.60 61.24 25.60
C ALA P 118 64.77 59.86 26.23
N ARG P 119 64.41 58.80 25.50
CA ARG P 119 64.60 57.44 26.01
C ARG P 119 66.07 57.10 26.19
N LEU P 120 66.92 57.50 25.23
CA LEU P 120 68.35 57.24 25.34
C LEU P 120 68.97 58.03 26.49
N THR P 121 68.54 59.27 26.70
CA THR P 121 69.04 60.06 27.82
C THR P 121 68.61 59.47 29.15
N ARG P 122 67.36 58.98 29.24
CA ARG P 122 66.91 58.32 30.46
C ARG P 122 67.70 57.04 30.73
N GLU P 123 67.95 56.25 29.68
CA GLU P 123 68.72 55.02 29.85
C GLU P 123 70.17 55.32 30.26
N ARG P 124 70.78 56.34 29.65
CA ARG P 124 72.15 56.71 30.00
C ARG P 124 72.24 57.25 31.42
N ASP P 125 71.25 58.05 31.84
CA ASP P 125 71.23 58.55 33.21
C ASP P 125 71.04 57.42 34.22
N GLU P 126 70.17 56.46 33.89
CA GLU P 126 69.98 55.31 34.77
C GLU P 126 71.24 54.46 34.86
N ALA P 127 71.93 54.26 33.74
CA ALA P 127 73.17 53.50 33.75
C ALA P 127 74.27 54.21 34.55
N ARG P 128 74.37 55.54 34.39
CA ARG P 128 75.36 56.30 35.15
C ARG P 128 75.05 56.28 36.64
N GLU P 129 73.77 56.40 37.02
CA GLU P 129 73.39 56.34 38.43
C GLU P 129 73.66 54.96 39.00
N ALA P 130 73.39 53.90 38.23
CA ALA P 130 73.68 52.55 38.69
C ALA P 130 75.18 52.31 38.85
N LEU P 131 75.98 52.83 37.93
CA LEU P 131 77.43 52.71 38.05
C LEU P 131 77.97 53.47 39.26
N ALA P 132 77.43 54.67 39.50
CA ALA P 132 77.84 55.45 40.66
C ALA P 132 77.44 54.77 41.96
N ARG P 133 76.24 54.19 42.02
CA ARG P 133 75.79 53.48 43.21
C ARG P 133 76.62 52.21 43.44
N LEU P 134 76.99 51.52 42.36
CA LEU P 134 77.83 50.34 42.50
C LEU P 134 79.23 50.69 42.97
N THR P 135 79.78 51.81 42.48
CA THR P 135 81.08 52.26 42.95
C THR P 135 81.03 52.71 44.41
N VAL P 136 79.93 53.35 44.81
CA VAL P 136 79.79 53.82 46.19
C VAL P 136 79.61 52.65 47.14
N THR P 137 78.81 51.66 46.76
CA THR P 137 78.50 50.56 47.66
C THR P 137 79.64 49.56 47.78
N GLY P 138 80.00 48.93 46.67
CA GLY P 138 81.07 47.94 46.66
C GLY P 138 80.65 46.51 46.96
N ALA P 139 79.70 46.35 47.89
CA ALA P 139 79.23 45.01 48.27
C ALA P 139 77.97 44.68 47.47
N ALA P 140 78.03 43.60 46.70
CA ALA P 140 76.90 43.17 45.89
C ALA P 140 76.23 41.94 46.49
N MET Q 1 42.86 -46.36 41.58
CA MET Q 1 41.80 -45.94 40.67
C MET Q 1 40.48 -45.71 41.39
N PRO Q 2 39.89 -44.52 41.20
CA PRO Q 2 38.52 -44.30 41.70
C PRO Q 2 37.48 -45.17 41.00
N ALA Q 3 37.77 -45.68 39.81
CA ALA Q 3 36.87 -46.61 39.13
C ALA Q 3 36.97 -47.98 39.78
N ILE Q 4 35.81 -48.59 40.03
CA ILE Q 4 35.77 -49.85 40.75
C ILE Q 4 36.29 -50.99 39.89
N ARG Q 5 37.11 -51.86 40.49
CA ARG Q 5 37.60 -53.11 39.95
C ARG Q 5 36.97 -54.26 40.71
N PRO Q 6 36.69 -55.41 40.04
CA PRO Q 6 35.82 -56.42 40.67
C PRO Q 6 36.35 -57.06 41.95
N ALA Q 7 37.29 -58.01 41.85
CA ALA Q 7 38.00 -58.46 43.04
C ALA Q 7 39.43 -58.89 42.74
N SER Q 8 39.65 -59.40 41.53
CA SER Q 8 40.91 -60.01 41.16
C SER Q 8 41.84 -59.05 40.44
N LYS Q 9 41.35 -57.87 40.08
CA LYS Q 9 42.17 -56.82 39.49
C LYS Q 9 42.36 -55.67 40.45
N ARG Q 10 41.81 -55.78 41.66
CA ARG Q 10 42.03 -54.79 42.71
C ARG Q 10 43.44 -54.94 43.25
N LYS Q 11 44.14 -53.84 43.39
CA LYS Q 11 45.42 -53.90 44.08
C LYS Q 11 45.23 -53.48 45.53
N PRO Q 12 46.00 -54.06 46.46
CA PRO Q 12 45.80 -53.75 47.87
C PRO Q 12 46.27 -52.34 48.19
N PRO Q 13 45.67 -51.69 49.17
CA PRO Q 13 46.15 -50.36 49.60
C PRO Q 13 47.52 -50.47 50.25
N PRO Q 14 48.26 -49.37 50.33
CA PRO Q 14 49.55 -49.39 51.03
C PRO Q 14 49.40 -49.67 52.52
N ASP Q 15 50.51 -50.03 53.14
CA ASP Q 15 50.50 -50.45 54.53
C ASP Q 15 50.12 -49.30 55.45
N GLY Q 16 49.40 -49.63 56.52
CA GLY Q 16 48.84 -48.64 57.41
C GLY Q 16 47.42 -48.22 57.10
N PHE Q 17 46.85 -48.70 55.99
CA PHE Q 17 45.49 -48.33 55.63
C PHE Q 17 44.47 -48.91 56.62
N SER Q 18 44.70 -50.14 57.09
CA SER Q 18 43.75 -50.81 57.96
C SER Q 18 43.66 -50.18 59.34
N ASP Q 19 44.63 -49.35 59.72
CA ASP Q 19 44.55 -48.66 61.01
C ASP Q 19 43.54 -47.52 60.96
N ILE Q 20 43.47 -46.80 59.84
CA ILE Q 20 42.57 -45.67 59.67
C ILE Q 20 41.32 -46.02 58.88
N GLU Q 21 41.18 -47.28 58.47
CA GLU Q 21 40.06 -47.70 57.63
C GLU Q 21 38.71 -47.51 58.32
N GLU Q 22 38.66 -47.71 59.65
CA GLU Q 22 37.40 -47.56 60.36
C GLU Q 22 36.92 -46.12 60.35
N ASP Q 23 37.83 -45.17 60.55
CA ASP Q 23 37.45 -43.75 60.48
C ASP Q 23 37.11 -43.33 59.04
N LEU Q 24 37.79 -43.93 58.06
CA LEU Q 24 37.46 -43.64 56.67
C LEU Q 24 36.05 -44.11 56.32
N LEU Q 25 35.67 -45.30 56.78
CA LEU Q 25 34.28 -45.73 56.60
C LEU Q 25 33.31 -44.94 57.45
N ILE Q 26 33.75 -44.39 58.59
CA ILE Q 26 32.90 -43.48 59.36
C ILE Q 26 32.57 -42.24 58.53
N PHE Q 27 33.58 -41.65 57.89
CA PHE Q 27 33.35 -40.50 57.02
C PHE Q 27 32.50 -40.86 55.81
N ALA Q 28 32.74 -42.04 55.22
CA ALA Q 28 31.96 -42.48 54.07
C ALA Q 28 30.48 -42.67 54.43
N ASN Q 29 30.21 -43.28 55.59
CA ASN Q 29 28.83 -43.47 56.02
C ASN Q 29 28.19 -42.16 56.43
N LYS Q 30 28.97 -41.22 56.97
CA LYS Q 30 28.45 -39.89 57.25
C LYS Q 30 28.03 -39.18 55.97
N MET Q 31 28.83 -39.30 54.92
CA MET Q 31 28.48 -38.69 53.63
C MET Q 31 27.25 -39.37 53.02
N LYS Q 32 27.17 -40.69 53.13
CA LYS Q 32 26.00 -41.42 52.63
C LYS Q 32 24.74 -41.04 53.38
N ASP Q 33 24.85 -40.77 54.69
CA ASP Q 33 23.73 -40.26 55.45
C ASP Q 33 23.39 -38.83 55.04
N ALA Q 34 24.41 -38.04 54.71
CA ALA Q 34 24.19 -36.67 54.24
C ALA Q 34 23.47 -36.66 52.90
N GLN Q 35 23.60 -37.72 52.10
CA GLN Q 35 22.82 -37.84 50.89
C GLN Q 35 21.32 -37.92 51.18
N ASN Q 36 20.93 -38.49 52.31
CA ASN Q 36 19.48 -38.73 52.57
C ASN Q 36 18.96 -37.82 53.67
N THR Q 37 19.25 -36.53 53.58
CA THR Q 37 18.80 -35.57 54.61
C THR Q 37 17.68 -34.74 54.03
N PRO Q 38 16.49 -34.72 54.67
CA PRO Q 38 15.34 -34.01 54.13
C PRO Q 38 15.61 -32.56 53.73
N THR Q 39 15.12 -32.16 52.56
CA THR Q 39 15.33 -30.78 52.06
C THR Q 39 14.02 -30.02 52.21
N ASP Q 40 13.01 -30.67 52.77
CA ASP Q 40 11.66 -30.07 52.85
C ASP Q 40 11.61 -28.88 53.78
N ASN Q 41 12.49 -28.80 54.75
CA ASN Q 41 12.35 -27.73 55.77
C ASN Q 41 13.40 -26.64 55.60
N ILE Q 42 14.39 -26.87 54.75
CA ILE Q 42 15.52 -25.91 54.66
C ILE Q 42 15.60 -25.35 53.26
N PRO Q 43 16.11 -24.13 53.08
CA PRO Q 43 16.41 -23.60 51.75
C PRO Q 43 17.22 -24.58 50.91
N LYS Q 44 17.15 -24.38 49.59
CA LYS Q 44 17.79 -25.30 48.65
C LYS Q 44 19.31 -25.32 48.82
N HIS Q 45 19.95 -24.15 48.90
CA HIS Q 45 21.39 -24.08 49.06
C HIS Q 45 21.86 -24.65 50.38
N GLN Q 46 20.98 -24.73 51.39
CA GLN Q 46 21.33 -25.36 52.65
C GLN Q 46 21.29 -26.88 52.59
N ALA Q 47 20.76 -27.47 51.51
CA ALA Q 47 20.74 -28.92 51.41
C ALA Q 47 22.11 -29.50 51.09
N GLN Q 48 23.02 -28.69 50.57
CA GLN Q 48 24.34 -29.13 50.12
C GLN Q 48 25.44 -28.85 51.13
N TRP Q 49 25.12 -28.12 52.20
CA TRP Q 49 26.12 -27.78 53.22
C TRP Q 49 26.78 -28.98 53.92
N PRO Q 50 26.06 -30.03 54.37
CA PRO Q 50 26.76 -31.13 55.07
C PRO Q 50 27.76 -31.87 54.20
N ILE Q 51 27.59 -31.90 52.89
CA ILE Q 51 28.53 -32.61 52.03
C ILE Q 51 29.87 -31.89 52.00
N PHE Q 52 29.85 -30.54 51.88
CA PHE Q 52 31.08 -29.77 51.99
C PHE Q 52 31.68 -29.88 53.38
N GLN Q 53 30.85 -29.91 54.41
CA GLN Q 53 31.36 -30.04 55.78
C GLN Q 53 32.06 -31.38 55.99
N ILE Q 54 31.46 -32.48 55.52
CA ILE Q 54 32.06 -33.80 55.68
C ILE Q 54 33.30 -33.95 54.81
N ALA Q 55 33.30 -33.37 53.61
CA ALA Q 55 34.50 -33.38 52.78
C ALA Q 55 35.65 -32.64 53.46
N HIS Q 56 35.35 -31.49 54.08
CA HIS Q 56 36.34 -30.77 54.87
C HIS Q 56 36.83 -31.62 56.03
N GLN Q 57 35.92 -32.29 56.75
CA GLN Q 57 36.32 -33.07 57.92
C GLN Q 57 37.22 -34.24 57.54
N ARG Q 58 36.90 -34.95 56.45
CA ARG Q 58 37.71 -36.08 56.03
C ARG Q 58 39.07 -35.62 55.50
N SER Q 59 39.09 -34.54 54.71
CA SER Q 59 40.36 -34.00 54.23
C SER Q 59 41.22 -33.51 55.39
N ARG Q 60 40.60 -32.92 56.41
CA ARG Q 60 41.34 -32.44 57.58
C ARG Q 60 41.89 -33.61 58.39
N TYR Q 61 41.12 -34.70 58.49
CA TYR Q 61 41.61 -35.89 59.17
C TYR Q 61 42.86 -36.45 58.49
N VAL Q 62 42.82 -36.57 57.17
CA VAL Q 62 43.98 -37.06 56.44
C VAL Q 62 45.15 -36.08 56.57
N TYR Q 63 44.87 -34.79 56.42
CA TYR Q 63 45.88 -33.75 56.45
C TYR Q 63 46.63 -33.69 57.78
N GLU Q 64 45.89 -33.76 58.90
CA GLU Q 64 46.55 -33.71 60.19
C GLU Q 64 47.00 -35.06 60.71
N LEU Q 65 46.59 -36.16 60.06
CA LEU Q 65 47.28 -37.41 60.31
C LEU Q 65 48.63 -37.48 59.63
N TYR Q 66 48.80 -36.83 58.49
CA TYR Q 66 50.11 -36.84 57.83
C TYR Q 66 51.04 -35.72 58.26
N TYR Q 67 50.55 -34.52 58.53
CA TYR Q 67 51.41 -33.37 58.73
C TYR Q 67 51.64 -33.00 60.18
N GLN Q 68 50.65 -33.21 61.06
CA GLN Q 68 50.83 -32.93 62.49
C GLN Q 68 51.32 -34.15 63.26
N LYS Q 69 50.55 -35.24 63.24
CA LYS Q 69 50.94 -36.44 63.97
C LYS Q 69 51.93 -37.31 63.23
N GLN Q 70 51.96 -37.22 61.89
CA GLN Q 70 52.84 -38.03 61.04
C GLN Q 70 52.67 -39.53 61.29
N ALA Q 71 51.43 -39.96 61.49
CA ALA Q 71 51.13 -41.33 61.83
C ALA Q 71 50.85 -42.20 60.61
N ILE Q 72 50.95 -41.65 59.40
CA ILE Q 72 50.77 -42.40 58.16
C ILE Q 72 51.95 -42.13 57.26
N SER Q 73 52.28 -43.10 56.43
CA SER Q 73 53.41 -42.98 55.52
C SER Q 73 53.08 -42.02 54.38
N LYS Q 74 54.13 -41.56 53.70
CA LYS Q 74 53.95 -40.66 52.56
C LYS Q 74 53.26 -41.38 51.40
N GLN Q 75 53.63 -42.64 51.17
CA GLN Q 75 52.99 -43.42 50.12
C GLN Q 75 51.50 -43.62 50.40
N LEU Q 76 51.15 -43.90 51.66
CA LEU Q 76 49.75 -44.00 52.04
C LEU Q 76 49.03 -42.66 51.87
N TYR Q 77 49.72 -41.56 52.19
CA TYR Q 77 49.12 -40.23 52.05
C TYR Q 77 48.82 -39.91 50.58
N ASP Q 78 49.77 -40.20 49.69
CA ASP Q 78 49.53 -39.95 48.27
C ASP Q 78 48.48 -40.90 47.70
N TRP Q 79 48.40 -42.13 48.22
CA TRP Q 79 47.34 -43.03 47.78
C TRP Q 79 45.97 -42.55 48.24
N LEU Q 80 45.89 -41.99 49.45
CA LEU Q 80 44.63 -41.45 49.94
C LEU Q 80 44.23 -40.21 49.15
N LEU Q 81 45.19 -39.37 48.79
CA LEU Q 81 44.88 -38.19 47.99
C LEU Q 81 44.50 -38.55 46.56
N LYS Q 82 45.09 -39.62 46.03
CA LYS Q 82 44.83 -40.03 44.65
C LYS Q 82 43.54 -40.83 44.51
N ASN Q 83 43.09 -41.50 45.57
CA ASN Q 83 41.89 -42.33 45.51
C ASN Q 83 40.67 -41.65 46.10
N GLY Q 84 40.67 -40.32 46.16
CA GLY Q 84 39.48 -39.58 46.55
C GLY Q 84 39.15 -39.59 48.03
N TYR Q 85 40.08 -40.00 48.89
CA TYR Q 85 39.84 -39.96 50.32
C TYR Q 85 40.16 -38.60 50.93
N ALA Q 86 40.76 -37.69 50.17
CA ALA Q 86 40.98 -36.32 50.61
C ALA Q 86 41.09 -35.43 49.39
N ASP Q 87 40.70 -34.17 49.55
CA ASP Q 87 40.71 -33.20 48.47
C ASP Q 87 42.09 -32.55 48.46
N ALA Q 88 42.85 -32.78 47.39
CA ALA Q 88 44.24 -32.35 47.36
C ALA Q 88 44.38 -30.84 47.23
N MET Q 89 43.46 -30.18 46.53
CA MET Q 89 43.55 -28.73 46.37
C MET Q 89 43.17 -27.98 47.64
N LEU Q 90 42.19 -28.49 48.39
CA LEU Q 90 41.84 -27.88 49.67
C LEU Q 90 42.97 -28.05 50.67
N ILE Q 91 43.62 -29.22 50.66
CA ILE Q 91 44.82 -29.43 51.47
C ILE Q 91 45.94 -28.48 51.05
N ALA Q 92 46.09 -28.28 49.74
CA ALA Q 92 47.12 -27.36 49.22
C ALA Q 92 46.87 -25.94 49.70
N LYS Q 93 45.61 -25.51 49.74
CA LYS Q 93 45.31 -24.21 50.34
C LYS Q 93 45.58 -24.20 51.84
N TRP Q 94 45.32 -25.31 52.53
CA TRP Q 94 45.56 -25.38 53.97
C TRP Q 94 47.03 -25.24 54.35
N LYS Q 95 47.95 -25.52 53.43
CA LYS Q 95 49.37 -25.36 53.71
C LYS Q 95 49.87 -23.95 53.41
N LYS Q 96 49.01 -23.04 52.99
CA LYS Q 96 49.40 -21.67 52.66
C LYS Q 96 49.16 -20.74 53.84
N GLN Q 97 49.90 -19.62 53.82
CA GLN Q 97 49.78 -18.58 54.84
C GLN Q 97 48.49 -17.81 54.64
N GLY Q 98 47.54 -17.96 55.56
CA GLY Q 98 46.29 -17.25 55.51
C GLY Q 98 45.10 -18.10 55.11
N TYR Q 99 45.33 -19.31 54.62
CA TYR Q 99 44.25 -20.20 54.18
C TYR Q 99 44.24 -21.51 54.97
N GLU Q 100 44.84 -21.52 56.17
CA GLU Q 100 45.02 -22.76 56.92
C GLU Q 100 43.72 -23.35 57.41
N LYS Q 101 42.66 -22.55 57.54
CA LYS Q 101 41.37 -23.03 58.04
C LYS Q 101 40.26 -22.84 57.02
N LEU Q 102 40.61 -22.76 55.74
CA LEU Q 102 39.64 -22.49 54.69
C LEU Q 102 38.61 -23.61 54.59
N CYS Q 103 37.33 -23.22 54.56
CA CYS Q 103 36.23 -24.18 54.59
C CYS Q 103 36.20 -25.01 53.31
N CYS Q 104 36.22 -24.35 52.15
CA CYS Q 104 36.09 -25.03 50.87
C CYS Q 104 36.67 -24.13 49.79
N LEU Q 105 36.93 -24.75 48.63
CA LEU Q 105 37.57 -24.04 47.52
C LEU Q 105 36.66 -23.00 46.88
N ARG Q 106 35.37 -23.29 46.78
CA ARG Q 106 34.41 -22.39 46.14
C ARG Q 106 34.28 -21.05 46.84
N CYS Q 107 34.71 -20.95 48.10
CA CYS Q 107 34.65 -19.70 48.84
C CYS Q 107 35.85 -18.80 48.60
N ILE Q 108 36.81 -19.21 47.77
CA ILE Q 108 37.86 -18.28 47.34
C ILE Q 108 37.90 -18.15 45.83
N GLN Q 109 36.88 -18.63 45.14
CA GLN Q 109 36.77 -18.46 43.68
C GLN Q 109 36.27 -17.05 43.42
N THR Q 110 37.22 -16.12 43.25
CA THR Q 110 36.86 -14.72 43.09
C THR Q 110 36.29 -14.41 41.71
N LYS Q 111 36.58 -15.23 40.71
CA LYS Q 111 36.06 -15.00 39.37
C LYS Q 111 34.58 -15.29 39.24
N GLU Q 112 33.95 -15.88 40.26
CA GLU Q 112 32.58 -16.35 40.16
C GLU Q 112 31.65 -15.67 41.17
N THR Q 113 32.04 -14.52 41.69
CA THR Q 113 31.15 -13.68 42.50
C THR Q 113 30.73 -12.46 41.69
N ASN Q 114 29.75 -11.73 42.22
CA ASN Q 114 29.19 -10.59 41.51
C ASN Q 114 30.22 -9.47 41.36
N PHE Q 115 30.96 -9.18 42.42
CA PHE Q 115 31.89 -8.05 42.45
C PHE Q 115 33.33 -8.51 42.66
N ASN Q 116 33.62 -9.75 42.24
CA ASN Q 116 34.97 -10.34 42.30
C ASN Q 116 35.53 -10.36 43.72
N SER Q 117 34.67 -10.70 44.67
CA SER Q 117 35.05 -10.84 46.05
C SER Q 117 35.25 -12.31 46.42
N THR Q 118 35.81 -12.54 47.60
CA THR Q 118 35.78 -13.86 48.21
C THR Q 118 34.45 -14.00 48.93
N CYS Q 119 34.28 -15.09 49.66
CA CYS Q 119 33.09 -15.18 50.49
C CYS Q 119 33.22 -14.31 51.73
N ILE Q 120 32.07 -13.97 52.31
CA ILE Q 120 32.04 -13.19 53.54
C ILE Q 120 32.59 -13.97 54.73
N CYS Q 121 32.66 -15.30 54.63
CA CYS Q 121 33.23 -16.12 55.68
C CYS Q 121 34.76 -16.09 55.70
N ARG Q 122 35.40 -15.55 54.65
CA ARG Q 122 36.84 -15.35 54.65
C ARG Q 122 37.27 -14.17 55.50
N VAL Q 123 36.33 -13.31 55.89
CA VAL Q 123 36.62 -12.06 56.60
C VAL Q 123 36.93 -12.37 58.06
N PRO Q 124 37.94 -11.74 58.66
CA PRO Q 124 38.14 -11.87 60.10
C PRO Q 124 36.94 -11.35 60.88
N ARG Q 125 36.66 -12.01 62.00
CA ARG Q 125 35.45 -11.74 62.77
C ARG Q 125 35.47 -10.36 63.42
N ALA Q 126 36.66 -9.80 63.64
CA ALA Q 126 36.76 -8.49 64.28
C ALA Q 126 36.23 -7.38 63.40
N GLN Q 127 36.32 -7.52 62.08
CA GLN Q 127 35.81 -6.52 61.15
C GLN Q 127 34.32 -6.72 60.84
N LEU Q 128 33.68 -7.70 61.44
CA LEU Q 128 32.25 -7.93 61.28
C LEU Q 128 31.52 -7.46 62.52
N LYS Q 129 30.22 -7.22 62.37
CA LYS Q 129 29.40 -6.71 63.46
C LYS Q 129 29.22 -7.75 64.55
N GLU Q 130 28.86 -7.27 65.74
CA GLU Q 130 28.42 -8.18 66.79
C GLU Q 130 26.98 -8.61 66.53
N ASP Q 131 26.62 -9.76 67.10
CA ASP Q 131 25.36 -10.47 66.84
C ASP Q 131 25.15 -10.77 65.37
N GLN Q 132 26.23 -10.85 64.60
CA GLN Q 132 26.16 -11.19 63.17
C GLN Q 132 26.65 -12.62 63.00
N ASP Q 133 25.73 -13.57 63.10
CA ASP Q 133 26.06 -14.97 62.86
C ASP Q 133 25.89 -15.20 61.36
N ILE Q 134 26.93 -14.89 60.60
CA ILE Q 134 26.91 -15.16 59.17
C ILE Q 134 26.96 -16.67 58.96
N GLN Q 135 26.35 -17.11 57.85
CA GLN Q 135 26.34 -18.54 57.54
C GLN Q 135 26.37 -18.63 56.02
N CYS Q 136 27.58 -18.90 55.50
CA CYS Q 136 27.90 -18.96 54.08
C CYS Q 136 26.86 -19.70 53.25
N VAL Q 137 26.43 -19.08 52.14
CA VAL Q 137 25.46 -19.73 51.27
C VAL Q 137 26.10 -20.85 50.46
N ASN Q 138 27.42 -20.84 50.30
CA ASN Q 138 28.08 -21.93 49.57
C ASN Q 138 28.15 -23.20 50.39
N CYS Q 139 28.56 -23.10 51.66
CA CYS Q 139 28.79 -24.30 52.48
C CYS Q 139 28.28 -24.21 53.90
N GLY Q 140 27.73 -23.08 54.35
CA GLY Q 140 27.33 -22.95 55.74
C GLY Q 140 28.44 -22.53 56.68
N CYS Q 141 29.58 -22.09 56.15
CA CYS Q 141 30.70 -21.68 56.98
C CYS Q 141 30.35 -20.44 57.80
N ARG Q 142 30.74 -20.47 59.08
CA ARG Q 142 30.48 -19.38 60.00
C ARG Q 142 31.71 -18.51 60.24
N GLY Q 143 32.68 -18.56 59.33
CA GLY Q 143 33.93 -17.83 59.46
C GLY Q 143 35.12 -18.77 59.44
N CYS Q 144 35.95 -18.66 58.41
CA CYS Q 144 37.08 -19.55 58.22
C CYS Q 144 38.39 -18.78 58.08
N ALA Q 145 38.42 -17.54 58.53
CA ALA Q 145 39.67 -16.78 58.56
C ALA Q 145 40.64 -17.44 59.53
N SER Q 146 41.94 -17.31 59.22
CA SER Q 146 42.96 -17.98 60.02
C SER Q 146 43.02 -17.44 61.44
N THR Q 147 42.75 -16.15 61.63
CA THR Q 147 42.72 -15.59 62.98
C THR Q 147 41.51 -16.02 63.79
N ASP Q 148 40.52 -16.64 63.16
CA ASP Q 148 39.32 -17.10 63.86
C ASP Q 148 39.49 -18.55 64.31
N MET R 1 15.15 65.21 28.98
CA MET R 1 14.84 64.63 27.68
C MET R 1 15.17 63.13 27.65
N ALA R 2 14.37 62.37 26.89
CA ALA R 2 14.57 60.94 26.73
C ALA R 2 14.81 60.66 25.25
N THR R 3 15.84 59.87 24.96
CA THR R 3 16.16 59.53 23.57
C THR R 3 15.77 58.10 23.26
N ASP R 4 15.33 57.86 22.02
CA ASP R 4 14.67 56.61 21.66
C ASP R 4 15.63 55.65 20.95
N VAL R 5 15.48 54.37 21.27
CA VAL R 5 16.23 53.28 20.63
C VAL R 5 15.23 52.19 20.26
N ALA R 6 15.30 51.69 19.02
CA ALA R 6 14.29 50.77 18.50
C ALA R 6 14.86 49.36 18.34
N LEU R 7 14.38 48.46 19.18
CA LEU R 7 14.68 47.04 19.09
C LEU R 7 13.72 46.39 18.10
N GLU R 8 14.26 45.88 16.99
CA GLU R 8 13.51 45.14 15.98
C GLU R 8 13.74 43.66 16.25
N THR R 9 12.82 43.06 16.99
CA THR R 9 12.97 41.68 17.42
C THR R 9 12.24 40.74 16.47
N THR R 10 12.40 39.44 16.69
CA THR R 10 11.49 38.48 16.06
C THR R 10 10.30 38.17 16.96
N MET R 11 9.74 39.21 17.56
CA MET R 11 8.45 39.19 18.25
C MET R 11 7.61 40.43 17.98
N GLY R 12 8.20 41.49 17.44
CA GLY R 12 7.56 42.79 17.38
C GLY R 12 8.61 43.89 17.45
N THR R 13 8.15 45.07 17.84
CA THR R 13 9.02 46.24 17.97
C THR R 13 8.98 46.75 19.40
N ILE R 14 10.14 47.09 19.94
CA ILE R 14 10.24 47.68 21.28
C ILE R 14 10.95 49.03 21.15
N ILE R 15 10.24 50.10 21.47
CA ILE R 15 10.82 51.44 21.43
C ILE R 15 11.12 51.84 22.87
N LEU R 16 12.41 52.02 23.16
CA LEU R 16 12.90 52.32 24.49
C LEU R 16 13.26 53.79 24.60
N GLU R 17 12.84 54.43 25.69
CA GLU R 17 13.32 55.75 26.04
C GLU R 17 14.53 55.62 26.95
N LEU R 18 15.47 56.55 26.82
CA LEU R 18 16.73 56.54 27.54
C LEU R 18 16.90 57.85 28.28
N TYR R 19 17.38 57.74 29.51
CA TYR R 19 17.36 58.82 30.51
C TYR R 19 18.75 59.43 30.59
N ASN R 20 18.98 60.49 29.80
CA ASN R 20 20.31 61.09 29.75
C ASN R 20 20.66 61.87 31.02
N GLN R 21 19.67 62.53 31.65
CA GLN R 21 19.93 63.37 32.81
C GLN R 21 20.04 62.60 34.11
N HIS R 22 19.72 61.30 34.12
CA HIS R 22 19.81 60.49 35.33
C HIS R 22 20.97 59.51 35.34
N ALA R 23 21.28 58.89 34.21
CA ALA R 23 22.43 57.99 34.08
C ALA R 23 23.00 58.16 32.68
N PRO R 24 23.84 59.18 32.47
CA PRO R 24 24.27 59.52 31.10
C PRO R 24 25.14 58.46 30.43
N ARG R 25 26.24 58.08 31.08
CA ARG R 25 27.30 57.30 30.42
C ARG R 25 26.77 55.99 29.88
N THR R 26 25.90 55.31 30.63
CA THR R 26 25.21 54.14 30.12
C THR R 26 24.36 54.47 28.90
N CYS R 27 23.76 55.68 28.87
CA CYS R 27 22.88 56.01 27.75
C CYS R 27 23.67 56.27 26.47
N GLU R 28 24.79 57.02 26.52
CA GLU R 28 25.50 57.11 25.24
C GLU R 28 26.26 55.82 24.92
N ASN R 29 26.58 54.97 25.91
CA ASN R 29 27.10 53.65 25.59
C ASN R 29 26.08 52.83 24.82
N PHE R 30 24.83 52.84 25.27
CA PHE R 30 23.75 52.14 24.58
C PHE R 30 23.52 52.72 23.19
N LYS R 31 23.52 54.06 23.07
CA LYS R 31 23.30 54.69 21.77
C LYS R 31 24.44 54.37 20.79
N THR R 32 25.68 54.42 21.26
CA THR R 32 26.82 54.15 20.38
C THR R 32 26.86 52.68 19.97
N LEU R 33 26.54 51.77 20.89
CA LEU R 33 26.54 50.36 20.54
C LEU R 33 25.36 50.00 19.63
N ALA R 34 24.23 50.69 19.78
CA ALA R 34 23.08 50.43 18.91
C ALA R 34 23.29 51.00 17.52
N ALA R 35 23.83 52.22 17.41
CA ALA R 35 23.95 52.87 16.11
C ALA R 35 25.09 52.27 15.29
N ARG R 36 26.06 51.63 15.94
CA ARG R 36 27.18 51.03 15.23
C ARG R 36 26.86 49.67 14.62
N GLY R 37 25.67 49.13 14.87
CA GLY R 37 25.34 47.79 14.43
C GLY R 37 25.87 46.69 15.32
N TYR R 38 26.37 47.02 16.51
CA TYR R 38 26.92 46.02 17.41
C TYR R 38 25.82 45.15 18.01
N TYR R 39 24.70 45.74 18.38
CA TYR R 39 23.52 45.00 18.83
C TYR R 39 22.66 44.49 17.68
N ASP R 40 23.15 44.54 16.45
CA ASP R 40 22.46 43.98 15.30
C ASP R 40 22.93 42.55 15.10
N GLY R 41 22.07 41.59 15.44
CA GLY R 41 22.36 40.18 15.24
C GLY R 41 22.69 39.37 16.48
N THR R 42 22.58 39.96 17.67
CA THR R 42 22.80 39.20 18.89
C THR R 42 21.49 38.53 19.31
N ILE R 43 21.51 37.88 20.48
CA ILE R 43 20.35 37.14 20.95
C ILE R 43 19.92 37.70 22.31
N PHE R 44 18.67 37.39 22.67
CA PHE R 44 18.15 37.64 24.01
C PHE R 44 18.38 36.35 24.81
N HIS R 45 19.58 36.25 25.39
CA HIS R 45 20.09 34.96 25.85
C HIS R 45 19.38 34.43 27.08
N ARG R 46 18.79 35.28 27.91
CA ARG R 46 18.15 34.80 29.13
C ARG R 46 16.73 35.35 29.23
N VAL R 47 15.78 34.48 29.52
CA VAL R 47 14.40 34.86 29.79
C VAL R 47 13.93 34.07 31.01
N ILE R 48 13.56 34.78 32.07
CA ILE R 48 12.96 34.19 33.26
C ILE R 48 11.57 34.77 33.42
N LYS R 49 10.57 33.89 33.50
CA LYS R 49 9.18 34.30 33.66
C LYS R 49 9.01 35.06 34.97
N ASP R 50 8.34 36.22 34.87
CA ASP R 50 8.06 37.16 35.95
C ASP R 50 9.33 37.74 36.59
N PHE R 51 10.50 37.56 35.98
CA PHE R 51 11.71 38.21 36.48
C PHE R 51 12.40 39.08 35.43
N MET R 52 12.64 38.57 34.23
CA MET R 52 13.72 39.15 33.44
C MET R 52 13.61 38.77 31.96
N VAL R 53 13.97 39.72 31.10
CA VAL R 53 14.42 39.43 29.75
C VAL R 53 15.76 40.13 29.57
N GLN R 54 16.84 39.35 29.47
CA GLN R 54 18.20 39.87 29.44
C GLN R 54 18.90 39.44 28.17
N GLY R 55 19.55 40.40 27.49
CA GLY R 55 20.27 40.11 26.27
C GLY R 55 21.43 41.06 26.02
N GLY R 56 21.98 41.04 24.80
CA GLY R 56 23.06 41.93 24.43
C GLY R 56 24.40 41.29 24.24
N ASP R 57 24.52 39.98 24.43
CA ASP R 57 25.81 39.32 24.34
C ASP R 57 26.21 39.14 22.87
N PRO R 58 27.40 39.58 22.47
CA PRO R 58 27.89 39.27 21.12
C PRO R 58 28.07 37.78 20.89
N THR R 59 28.44 37.02 21.92
CA THR R 59 28.60 35.58 21.82
C THR R 59 27.34 34.81 22.19
N GLY R 60 26.34 35.49 22.77
CA GLY R 60 25.14 34.81 23.22
C GLY R 60 25.36 33.82 24.34
N THR R 61 26.30 34.11 25.24
CA THR R 61 26.65 33.19 26.31
C THR R 61 26.41 33.76 27.70
N GLY R 62 26.86 34.99 27.96
CA GLY R 62 26.74 35.57 29.28
C GLY R 62 28.03 36.23 29.73
N ARG R 63 29.02 36.29 28.83
CA ARG R 63 30.33 36.83 29.14
C ARG R 63 30.77 37.97 28.23
N GLY R 64 30.11 38.17 27.09
CA GLY R 64 30.57 39.17 26.15
C GLY R 64 30.21 40.58 26.60
N GLY R 65 31.14 41.50 26.34
CA GLY R 65 30.92 42.92 26.59
C GLY R 65 31.91 43.79 25.85
N ARG R 66 31.41 44.78 25.11
CA ARG R 66 32.24 45.64 24.27
C ARG R 66 31.84 47.10 24.44
N SER R 67 31.83 47.56 25.69
CA SER R 67 31.47 48.94 25.98
C SER R 67 32.44 49.92 25.34
N ILE R 68 31.92 51.08 24.96
CA ILE R 68 32.69 52.07 24.21
C ILE R 68 33.79 52.73 25.03
N TYR R 69 33.83 52.52 26.35
CA TYR R 69 34.89 53.03 27.20
C TYR R 69 36.00 52.01 27.41
N GLY R 70 36.24 51.14 26.44
CA GLY R 70 37.24 50.10 26.57
C GLY R 70 36.65 48.71 26.57
N ASP R 71 36.74 48.03 27.71
CA ASP R 71 36.08 46.74 27.90
C ASP R 71 35.01 46.76 28.99
N THR R 72 35.10 47.71 29.91
CA THR R 72 34.13 47.83 31.00
C THR R 72 34.19 49.25 31.53
N PHE R 73 33.18 49.60 32.34
CA PHE R 73 33.13 50.90 32.99
C PHE R 73 32.36 50.76 34.30
N GLU R 74 32.18 51.89 34.99
CA GLU R 74 31.73 51.88 36.38
C GLU R 74 30.21 52.04 36.47
N ASP R 75 29.69 51.88 37.69
CA ASP R 75 28.26 51.98 37.96
C ASP R 75 27.83 53.42 38.22
N GLU R 76 26.58 53.71 37.90
CA GLU R 76 25.98 55.04 38.01
C GLU R 76 24.60 54.97 38.65
N ILE R 77 24.49 54.30 39.80
CA ILE R 77 23.21 54.23 40.52
C ILE R 77 22.83 55.62 41.02
N HIS R 78 21.64 56.08 40.59
CA HIS R 78 21.04 57.30 41.08
C HIS R 78 19.78 56.86 41.82
N PRO R 79 19.63 57.21 43.11
CA PRO R 79 18.50 56.66 43.89
C PRO R 79 17.11 57.14 43.45
N GLY R 80 17.03 58.08 42.51
CA GLY R 80 15.71 58.47 41.99
C GLY R 80 15.06 57.38 41.19
N LEU R 81 15.87 56.53 40.54
CA LEU R 81 15.37 55.43 39.73
C LEU R 81 15.54 54.12 40.49
N ARG R 82 14.44 53.39 40.64
CA ARG R 82 14.43 52.07 41.29
C ARG R 82 13.63 51.12 40.42
N HIS R 83 14.00 49.84 40.43
CA HIS R 83 13.22 48.83 39.71
C HIS R 83 11.85 48.69 40.35
N THR R 84 10.81 49.09 39.62
CA THR R 84 9.51 49.32 40.24
C THR R 84 8.33 48.72 39.47
N GLY R 85 8.57 47.93 38.43
CA GLY R 85 7.47 47.38 37.67
C GLY R 85 7.95 46.56 36.51
N ALA R 86 7.08 46.40 35.53
CA ALA R 86 7.40 45.68 34.30
C ALA R 86 7.96 46.62 33.26
N GLY R 87 9.00 46.16 32.57
CA GLY R 87 9.52 46.85 31.41
C GLY R 87 10.60 47.89 31.65
N ILE R 88 11.39 47.76 32.72
CA ILE R 88 12.39 48.82 32.96
C ILE R 88 13.74 48.39 32.39
N LEU R 89 14.37 49.29 31.64
CA LEU R 89 15.66 49.04 31.03
C LEU R 89 16.79 49.39 32.00
N SER R 90 17.61 48.39 32.31
CA SER R 90 18.73 48.55 33.22
C SER R 90 19.95 47.85 32.65
N MET R 91 21.11 48.30 33.11
CA MET R 91 22.41 47.80 32.71
C MET R 91 22.88 46.83 33.78
N ALA R 92 23.16 45.59 33.39
CA ALA R 92 23.46 44.51 34.31
C ALA R 92 24.97 44.28 34.40
N ASN R 93 25.40 43.81 35.58
CA ASN R 93 26.80 43.57 35.86
C ASN R 93 26.93 42.24 36.57
N ALA R 94 28.12 41.98 37.12
CA ALA R 94 28.40 40.78 37.91
C ALA R 94 29.17 41.22 39.15
N GLY R 95 28.44 41.57 40.20
CA GLY R 95 29.05 42.00 41.45
C GLY R 95 29.36 43.48 41.49
N PRO R 96 30.65 43.83 41.60
CA PRO R 96 31.05 45.24 41.53
C PRO R 96 31.08 45.75 40.09
N ASN R 97 31.63 46.95 39.88
CA ASN R 97 31.47 47.67 38.62
C ASN R 97 32.13 46.93 37.46
N THR R 98 31.31 46.25 36.65
CA THR R 98 31.78 45.43 35.53
C THR R 98 30.88 45.61 34.30
N ASN R 99 30.38 46.83 34.10
CA ASN R 99 29.38 47.07 33.07
C ASN R 99 29.96 46.92 31.67
N GLY R 100 29.44 45.96 30.92
CA GLY R 100 29.93 45.69 29.57
C GLY R 100 28.96 46.10 28.50
N SER R 101 28.27 45.13 27.90
CA SER R 101 27.34 45.38 26.82
C SER R 101 26.09 44.51 26.95
N GLN R 102 25.65 44.27 28.18
CA GLN R 102 24.48 43.44 28.44
C GLN R 102 23.37 44.30 29.02
N PHE R 103 22.20 44.26 28.40
CA PHE R 103 21.06 45.02 28.87
C PHE R 103 19.98 44.08 29.39
N PHE R 104 19.07 44.66 30.16
CA PHE R 104 18.31 43.93 31.18
C PHE R 104 16.95 44.59 31.35
N LEU R 105 15.92 43.98 30.76
CA LEU R 105 14.57 44.49 30.81
C LEU R 105 13.82 43.78 31.92
N THR R 106 13.54 44.51 33.00
CA THR R 106 12.74 43.97 34.08
C THR R 106 11.30 43.81 33.61
N LEU R 107 10.77 42.62 33.89
CA LEU R 107 9.46 42.15 33.47
C LEU R 107 8.42 42.22 34.58
N ALA R 108 8.83 42.56 35.80
CA ALA R 108 7.96 42.60 36.96
C ALA R 108 8.63 43.47 38.01
N PRO R 109 7.87 43.98 39.00
CA PRO R 109 8.50 44.74 40.09
C PRO R 109 9.50 43.89 40.85
N THR R 110 10.77 44.30 40.80
CA THR R 110 11.88 43.57 41.42
C THR R 110 12.64 44.53 42.34
N PRO R 111 12.11 44.79 43.53
CA PRO R 111 12.78 45.73 44.45
C PRO R 111 13.89 45.09 45.27
N TRP R 112 14.76 44.31 44.64
CA TRP R 112 15.93 43.78 45.31
C TRP R 112 17.21 43.93 44.48
N LEU R 113 17.13 44.52 43.29
CA LEU R 113 18.30 44.83 42.49
C LEU R 113 18.68 46.31 42.58
N ASP R 114 18.09 47.04 43.52
CA ASP R 114 18.39 48.46 43.67
C ASP R 114 19.79 48.66 44.21
N GLY R 115 20.57 49.52 43.54
CA GLY R 115 21.94 49.76 43.92
C GLY R 115 22.94 48.79 43.35
N LYS R 116 22.49 47.74 42.68
CA LYS R 116 23.38 46.76 42.09
C LYS R 116 23.49 46.86 40.57
N HIS R 117 22.46 47.40 39.92
CA HIS R 117 22.44 47.52 38.47
C HIS R 117 21.96 48.92 38.09
N THR R 118 22.40 49.39 36.92
CA THR R 118 22.24 50.80 36.57
C THR R 118 20.96 50.99 35.77
N ILE R 119 19.92 51.49 36.40
CA ILE R 119 18.67 51.78 35.70
C ILE R 119 18.91 52.94 34.74
N PHE R 120 18.74 52.70 33.44
CA PHE R 120 19.08 53.77 32.51
C PHE R 120 18.07 53.91 31.37
N GLY R 121 16.85 53.41 31.54
CA GLY R 121 15.88 53.56 30.48
C GLY R 121 14.54 52.96 30.89
N ARG R 122 13.69 52.80 29.89
CA ARG R 122 12.32 52.35 30.06
C ARG R 122 11.78 51.92 28.70
N VAL R 123 10.95 50.88 28.70
CA VAL R 123 10.20 50.52 27.51
C VAL R 123 9.13 51.59 27.31
N LYS R 124 9.23 52.37 26.22
CA LYS R 124 8.22 53.38 25.96
C LYS R 124 7.05 52.77 25.19
N LYS R 125 7.32 52.22 24.01
CA LYS R 125 6.29 51.65 23.15
C LYS R 125 6.54 50.16 22.97
N GLY R 126 5.46 49.38 23.03
CA GLY R 126 5.56 47.96 22.73
C GLY R 126 5.82 47.07 23.92
N ILE R 127 5.02 47.22 24.98
CA ILE R 127 5.20 46.36 26.16
C ILE R 127 4.63 44.97 25.92
N ARG R 128 3.75 44.81 24.93
CA ARG R 128 3.20 43.49 24.63
C ARG R 128 4.26 42.57 24.03
N VAL R 129 5.22 43.15 23.30
CA VAL R 129 6.35 42.39 22.80
C VAL R 129 7.17 41.80 23.95
N LEU R 130 7.40 42.61 24.99
CA LEU R 130 8.15 42.12 26.14
C LEU R 130 7.35 41.10 26.94
N GLN R 131 6.02 41.30 27.04
CA GLN R 131 5.17 40.33 27.72
C GLN R 131 5.18 38.99 27.01
N ARG R 132 5.16 39.01 25.67
CA ARG R 132 5.28 37.76 24.92
C ARG R 132 6.69 37.19 24.99
N MET R 133 7.70 38.05 25.19
CA MET R 133 9.07 37.56 25.41
C MET R 133 9.18 36.79 26.72
N GLY R 134 8.54 37.29 27.77
CA GLY R 134 8.59 36.61 29.05
C GLY R 134 7.91 35.25 29.00
N LEU R 135 6.84 35.12 28.23
CA LEU R 135 6.06 33.89 28.16
C LEU R 135 6.55 32.98 27.03
N VAL R 136 7.85 32.69 27.04
CA VAL R 136 8.43 31.80 26.04
C VAL R 136 8.88 30.54 26.76
N PRO R 137 8.85 29.37 26.12
CA PRO R 137 9.46 28.17 26.74
C PRO R 137 10.98 28.31 26.83
N THR R 138 11.49 28.28 28.05
CA THR R 138 12.93 28.22 28.31
C THR R 138 13.26 26.88 28.95
N ASP R 139 14.38 26.29 28.53
CA ASP R 139 14.58 24.86 28.81
C ASP R 139 15.13 24.57 30.21
N ALA R 140 16.38 24.93 30.49
CA ALA R 140 16.94 24.63 31.81
C ALA R 140 17.70 25.80 32.43
N ASP R 141 18.47 26.51 31.59
CA ASP R 141 19.36 27.57 32.05
C ASP R 141 18.86 28.95 31.66
N ASP R 142 17.53 29.12 31.60
CA ASP R 142 16.80 30.34 31.26
C ASP R 142 17.01 30.78 29.81
N ARG R 143 17.74 30.02 29.00
CA ARG R 143 17.81 30.27 27.57
C ARG R 143 16.59 29.68 26.88
N PRO R 144 15.87 30.44 26.07
CA PRO R 144 14.67 29.90 25.42
C PRO R 144 15.01 28.81 24.41
N LYS R 145 14.06 27.89 24.23
CA LYS R 145 14.23 26.83 23.24
C LYS R 145 14.28 27.42 21.83
N THR R 146 13.41 28.38 21.54
CA THR R 146 13.48 29.13 20.30
C THR R 146 14.46 30.29 20.47
N GLU R 147 14.64 31.06 19.40
CA GLU R 147 15.58 32.17 19.38
C GLU R 147 14.82 33.48 19.23
N ILE R 148 15.22 34.48 20.02
CA ILE R 148 14.54 35.77 20.10
C ILE R 148 15.52 36.82 19.57
N LYS R 149 16.21 36.45 18.49
CA LYS R 149 17.20 37.28 17.80
C LYS R 149 16.75 38.72 17.62
N ILE R 150 17.64 39.64 17.98
CA ILE R 150 17.49 41.06 17.69
C ILE R 150 18.13 41.35 16.33
N ILE R 151 17.47 42.20 15.53
CA ILE R 151 17.93 42.54 14.20
C ILE R 151 18.39 43.99 14.12
N ARG R 152 17.53 44.92 14.55
CA ARG R 152 17.84 46.34 14.47
C ARG R 152 17.42 47.05 15.75
N ALA R 153 18.15 48.13 16.06
CA ALA R 153 17.98 48.95 17.26
C ALA R 153 18.60 50.30 16.89
N TYR R 154 17.75 51.26 16.55
CA TYR R 154 18.23 52.50 15.96
C TYR R 154 17.68 53.71 16.69
N VAL R 155 18.39 54.84 16.54
CA VAL R 155 18.12 56.05 17.30
C VAL R 155 16.82 56.73 16.88
N VAL R 156 16.29 56.35 15.71
CA VAL R 156 15.14 56.97 15.01
C VAL R 156 15.15 58.50 15.10
N GLY R 157 15.83 59.12 14.14
CA GLY R 157 15.98 60.56 14.11
C GLY R 157 17.42 60.98 13.90
N LEU S 158 4.02 40.29 -2.28
CA LEU S 158 4.37 39.45 -3.41
C LEU S 158 5.85 39.10 -3.38
N VAL S 159 6.17 37.85 -3.73
CA VAL S 159 7.55 37.41 -3.76
C VAL S 159 8.21 37.95 -5.02
N ARG S 160 9.35 38.62 -4.85
CA ARG S 160 10.01 39.28 -5.97
C ARG S 160 10.67 38.27 -6.91
N ARG S 161 10.66 38.59 -8.19
CA ARG S 161 11.36 37.82 -9.20
C ARG S 161 12.65 38.53 -9.59
N SER S 162 13.44 37.89 -10.44
CA SER S 162 14.68 38.45 -10.97
C SER S 162 14.45 38.93 -12.39
N GLU S 163 14.73 40.21 -12.65
CA GLU S 163 14.49 40.83 -13.95
C GLU S 163 15.78 41.03 -14.74
N SER S 164 16.84 40.30 -14.40
CA SER S 164 18.14 40.51 -15.03
C SER S 164 18.23 39.90 -16.42
N LEU S 165 17.27 39.03 -16.79
CA LEU S 165 17.30 38.24 -18.03
C LEU S 165 18.56 37.38 -18.14
N LEU S 166 19.13 37.00 -17.00
CA LEU S 166 20.16 35.99 -16.92
C LEU S 166 19.68 34.78 -16.13
N ALA S 167 18.45 34.83 -15.61
CA ALA S 167 17.85 33.68 -14.96
C ALA S 167 17.50 32.58 -15.96
N GLN S 168 17.39 32.91 -17.24
CA GLN S 168 17.15 31.91 -18.27
C GLN S 168 18.43 31.71 -19.04
N PRO S 169 19.16 30.62 -18.83
CA PRO S 169 20.33 30.34 -19.66
C PRO S 169 19.93 30.07 -21.11
N ARG S 170 20.75 30.56 -22.03
CA ARG S 170 20.51 30.25 -23.43
C ARG S 170 20.96 28.82 -23.71
N PRO S 171 20.12 27.99 -24.34
CA PRO S 171 20.46 26.58 -24.51
C PRO S 171 21.68 26.36 -25.39
N ASP S 172 22.50 25.39 -25.02
CA ASP S 172 23.57 24.93 -25.88
C ASP S 172 22.99 24.05 -26.98
N TRP S 173 23.67 24.03 -28.13
CA TRP S 173 23.19 23.24 -29.25
C TRP S 173 23.57 21.78 -29.08
N HIS S 174 22.59 20.90 -29.26
CA HIS S 174 22.82 19.47 -29.30
C HIS S 174 22.24 18.90 -30.58
N PRO S 175 22.93 17.95 -31.21
CA PRO S 175 22.39 17.35 -32.43
C PRO S 175 21.19 16.49 -32.13
N PRO S 176 20.25 16.35 -33.07
CA PRO S 176 19.10 15.46 -32.85
C PRO S 176 19.52 14.01 -32.88
N TRP S 177 18.66 13.16 -32.32
CA TRP S 177 18.91 11.74 -32.20
C TRP S 177 18.04 10.97 -33.19
N LYS S 178 18.58 9.86 -33.69
CA LYS S 178 17.96 9.03 -34.69
C LYS S 178 18.11 7.56 -34.33
N LEU S 179 17.17 6.78 -34.83
CA LEU S 179 17.12 5.35 -34.55
C LEU S 179 18.24 4.63 -35.27
N MET S 180 18.90 3.72 -34.57
CA MET S 180 20.05 2.97 -35.03
C MET S 180 19.82 1.47 -35.07
N ARG S 181 19.10 0.95 -34.08
CA ARG S 181 18.94 -0.48 -33.89
C ARG S 181 17.68 -0.71 -33.08
N VAL S 182 17.20 -1.95 -33.12
CA VAL S 182 15.97 -2.52 -32.58
C VAL S 182 16.34 -3.97 -32.42
N ILE S 183 16.37 -4.48 -31.20
CA ILE S 183 16.84 -5.83 -30.96
C ILE S 183 15.68 -6.66 -30.43
N SER S 184 15.30 -7.68 -31.17
CA SER S 184 14.22 -8.58 -30.81
C SER S 184 14.77 -9.84 -30.17
N GLY S 185 13.87 -10.58 -29.53
CA GLY S 185 14.25 -11.81 -28.86
C GLY S 185 13.62 -11.91 -27.47
N HIS S 186 13.43 -10.76 -26.83
CA HIS S 186 12.71 -10.74 -25.57
C HIS S 186 11.23 -11.04 -25.80
N LEU S 187 10.65 -11.83 -24.91
CA LEU S 187 9.24 -12.19 -24.99
C LEU S 187 8.41 -11.46 -23.93
N GLY S 188 8.93 -10.35 -23.40
CA GLY S 188 8.18 -9.49 -22.50
C GLY S 188 8.63 -8.07 -22.68
N TRP S 189 7.95 -7.16 -22.00
CA TRP S 189 8.33 -5.75 -22.04
C TRP S 189 9.69 -5.58 -21.37
N VAL S 190 10.61 -4.91 -22.05
CA VAL S 190 11.94 -4.68 -21.50
C VAL S 190 11.84 -3.56 -20.47
N ARG S 191 12.18 -3.87 -19.23
CA ARG S 191 12.02 -2.97 -18.10
C ARG S 191 13.33 -2.70 -17.37
N ALA S 192 14.39 -3.45 -17.69
CA ALA S 192 15.71 -3.23 -17.11
C ALA S 192 16.75 -3.19 -18.23
N LEU S 193 17.91 -2.62 -17.90
CA LEU S 193 18.96 -2.12 -18.78
C LEU S 193 20.11 -1.73 -17.85
N ALA S 194 21.31 -2.22 -18.11
CA ALA S 194 22.45 -1.88 -17.27
C ALA S 194 23.71 -2.06 -18.08
N VAL S 195 24.43 -0.97 -18.32
CA VAL S 195 25.70 -1.00 -19.05
C VAL S 195 26.80 -1.27 -18.03
N GLU S 196 27.69 -2.21 -18.36
CA GLU S 196 28.78 -2.55 -17.48
C GLU S 196 29.81 -1.42 -17.54
N PRO S 197 30.65 -1.27 -16.48
CA PRO S 197 31.50 -0.07 -16.39
C PRO S 197 32.54 0.08 -17.49
N ASN S 198 32.85 -0.96 -18.25
CA ASN S 198 33.83 -0.86 -19.32
C ASN S 198 33.19 -0.69 -20.70
N ASN S 199 31.87 -0.49 -20.75
CA ASN S 199 31.11 -0.11 -21.94
C ASN S 199 31.14 -1.16 -23.05
N GLN S 200 31.30 -2.45 -22.71
CA GLN S 200 31.33 -3.49 -23.73
C GLN S 200 29.99 -4.20 -23.91
N TRP S 201 29.28 -4.50 -22.83
CA TRP S 201 27.99 -5.17 -22.92
C TRP S 201 26.97 -4.45 -22.05
N PHE S 202 25.70 -4.73 -22.31
CA PHE S 202 24.62 -4.19 -21.49
C PHE S 202 23.62 -5.30 -21.15
N ALA S 203 22.79 -5.02 -20.14
CA ALA S 203 21.94 -6.02 -19.51
C ALA S 203 20.47 -5.60 -19.55
N SER S 204 19.66 -6.39 -20.24
CA SER S 204 18.24 -6.15 -20.36
C SER S 204 17.45 -7.19 -19.57
N GLY S 205 16.52 -6.73 -18.75
CA GLY S 205 15.59 -7.60 -18.07
C GLY S 205 14.19 -7.29 -18.56
N ALA S 206 13.40 -8.34 -18.79
CA ALA S 206 12.12 -8.16 -19.44
C ALA S 206 11.03 -8.91 -18.67
N GLY S 207 9.81 -8.84 -19.22
CA GLY S 207 8.64 -9.51 -18.69
C GLY S 207 8.60 -11.01 -18.91
N ASP S 208 9.51 -11.55 -19.70
CA ASP S 208 9.68 -12.99 -19.83
C ASP S 208 10.63 -13.56 -18.78
N ARG S 209 10.84 -12.83 -17.69
CA ARG S 209 11.70 -13.12 -16.54
C ARG S 209 13.09 -13.66 -16.89
N THR S 210 13.65 -13.28 -18.03
CA THR S 210 15.04 -13.56 -18.35
C THR S 210 15.84 -12.27 -18.26
N ILE S 211 17.15 -12.41 -18.02
CA ILE S 211 18.09 -11.31 -18.14
C ILE S 211 19.02 -11.64 -19.30
N LYS S 212 19.03 -10.79 -20.32
CA LYS S 212 19.85 -11.03 -21.50
C LYS S 212 21.02 -10.05 -21.52
N ILE S 213 22.20 -10.61 -21.78
CA ILE S 213 23.44 -9.85 -21.89
C ILE S 213 23.75 -9.71 -23.37
N TRP S 214 23.85 -8.46 -23.83
CA TRP S 214 24.03 -8.12 -25.23
C TRP S 214 25.34 -7.37 -25.40
N ASP S 215 26.08 -7.70 -26.46
CA ASP S 215 27.24 -6.90 -26.83
C ASP S 215 26.77 -5.53 -27.32
N LEU S 216 27.39 -4.47 -26.79
CA LEU S 216 26.91 -3.12 -27.07
C LEU S 216 27.24 -2.70 -28.50
N ALA S 217 28.39 -3.12 -29.02
CA ALA S 217 28.80 -2.70 -30.35
C ALA S 217 27.98 -3.39 -31.43
N SER S 218 27.72 -4.68 -31.27
CA SER S 218 27.05 -5.46 -32.31
C SER S 218 25.56 -5.64 -32.08
N GLY S 219 25.08 -5.43 -30.86
CA GLY S 219 23.70 -5.76 -30.54
C GLY S 219 23.43 -7.24 -30.62
N GLN S 220 24.40 -8.06 -30.23
CA GLN S 220 24.40 -9.48 -30.54
C GLN S 220 24.36 -10.26 -29.24
N LEU S 221 23.43 -11.21 -29.15
CA LEU S 221 23.02 -11.82 -27.88
C LEU S 221 24.13 -12.69 -27.32
N ARG S 222 24.82 -12.20 -26.30
CA ARG S 222 25.87 -12.99 -25.66
C ARG S 222 25.28 -14.07 -24.76
N LEU S 223 24.32 -13.72 -23.91
CA LEU S 223 23.89 -14.71 -22.92
C LEU S 223 22.45 -14.46 -22.49
N THR S 224 21.79 -15.52 -22.03
CA THR S 224 20.50 -15.44 -21.37
C THR S 224 20.60 -16.12 -20.01
N LEU S 225 20.13 -15.43 -18.96
CA LEU S 225 20.16 -15.91 -17.59
C LEU S 225 18.74 -16.00 -17.06
N THR S 226 18.39 -17.17 -16.51
CA THR S 226 17.10 -17.39 -15.88
C THR S 226 17.28 -17.59 -14.38
N GLY S 227 16.16 -17.59 -13.67
CA GLY S 227 16.18 -17.72 -12.22
C GLY S 227 15.15 -16.86 -11.53
N HIS S 228 14.80 -15.72 -12.12
CA HIS S 228 13.59 -15.02 -11.70
C HIS S 228 12.37 -15.77 -12.22
N ILE S 229 11.23 -15.56 -11.55
CA ILE S 229 9.96 -16.12 -12.01
C ILE S 229 8.95 -15.04 -12.37
N SER S 230 9.24 -13.78 -12.05
CA SER S 230 8.38 -12.66 -12.45
C SER S 230 9.26 -11.64 -13.18
N THR S 231 8.60 -10.58 -13.66
CA THR S 231 9.23 -9.56 -14.49
C THR S 231 10.43 -8.92 -13.80
N VAL S 232 11.55 -8.86 -14.51
CA VAL S 232 12.78 -8.27 -13.98
C VAL S 232 12.67 -6.75 -14.08
N ARG S 233 12.81 -6.07 -12.95
CA ARG S 233 12.63 -4.64 -12.87
C ARG S 233 13.93 -3.87 -12.64
N GLY S 234 14.95 -4.51 -12.05
CA GLY S 234 16.21 -3.85 -11.80
C GLY S 234 17.37 -4.78 -12.13
N LEU S 235 18.55 -4.16 -12.22
CA LEU S 235 19.75 -4.67 -12.87
C LEU S 235 20.84 -3.64 -12.59
N ALA S 236 22.02 -4.08 -12.18
CA ALA S 236 23.11 -3.16 -11.91
C ALA S 236 24.41 -3.94 -11.97
N VAL S 237 25.29 -3.55 -12.87
CA VAL S 237 26.61 -4.15 -12.95
C VAL S 237 27.54 -3.35 -12.05
N SER S 238 28.20 -4.02 -11.13
CA SER S 238 28.99 -3.33 -10.13
C SER S 238 30.30 -2.83 -10.74
N PRO S 239 30.68 -1.57 -10.53
CA PRO S 239 31.99 -1.10 -11.02
C PRO S 239 33.16 -1.55 -10.17
N ARG S 240 32.92 -2.03 -8.95
CA ARG S 240 33.99 -2.47 -8.06
C ARG S 240 34.02 -3.98 -7.83
N HIS S 241 32.94 -4.68 -8.16
CA HIS S 241 32.84 -6.12 -8.00
C HIS S 241 32.39 -6.76 -9.29
N PRO S 242 32.75 -8.02 -9.54
CA PRO S 242 32.21 -8.78 -10.68
C PRO S 242 30.80 -9.31 -10.42
N TYR S 243 29.89 -8.42 -10.04
CA TYR S 243 28.55 -8.77 -9.62
C TYR S 243 27.52 -8.03 -10.46
N MET S 244 26.41 -8.70 -10.71
CA MET S 244 25.23 -8.06 -11.29
C MET S 244 24.07 -8.19 -10.32
N PHE S 245 23.19 -7.19 -10.30
CA PHE S 245 22.13 -7.15 -9.29
C PHE S 245 20.76 -7.00 -9.93
N SER S 246 19.91 -7.99 -9.72
CA SER S 246 18.59 -8.02 -10.31
C SER S 246 17.54 -7.96 -9.21
N CYS S 247 16.44 -7.28 -9.52
CA CYS S 247 15.25 -7.35 -8.68
C CYS S 247 14.08 -7.67 -9.59
N GLY S 248 13.01 -8.19 -9.02
CA GLY S 248 11.88 -8.64 -9.80
C GLY S 248 10.55 -8.36 -9.12
N GLU S 249 9.48 -8.70 -9.82
CA GLU S 249 8.14 -8.63 -9.27
C GLU S 249 7.80 -9.84 -8.40
N ASP S 250 8.74 -10.77 -8.24
CA ASP S 250 8.60 -11.94 -7.40
C ASP S 250 9.23 -11.78 -6.03
N LYS S 251 9.42 -10.54 -5.58
CA LYS S 251 9.98 -10.13 -4.29
C LYS S 251 11.45 -10.53 -4.11
N MET S 252 12.13 -10.93 -5.18
CA MET S 252 13.48 -11.46 -5.09
C MET S 252 14.50 -10.41 -5.51
N VAL S 253 15.55 -10.25 -4.71
CA VAL S 253 16.69 -9.40 -5.05
C VAL S 253 17.90 -10.31 -5.10
N LYS S 254 18.37 -10.60 -6.32
CA LYS S 254 19.42 -11.57 -6.55
C LYS S 254 20.73 -10.89 -6.89
N CYS S 255 21.81 -11.45 -6.37
CA CYS S 255 23.18 -11.06 -6.71
C CYS S 255 23.82 -12.19 -7.49
N TRP S 256 24.16 -11.89 -8.74
CA TRP S 256 24.77 -12.81 -9.69
C TRP S 256 26.27 -12.62 -9.68
N ASP S 257 27.01 -13.71 -9.53
CA ASP S 257 28.46 -13.69 -9.71
C ASP S 257 28.75 -13.83 -11.21
N LEU S 258 29.33 -12.79 -11.80
CA LEU S 258 29.61 -12.80 -13.23
C LEU S 258 30.78 -13.68 -13.61
N GLU S 259 31.56 -14.16 -12.64
CA GLU S 259 32.61 -15.13 -12.91
C GLU S 259 32.07 -16.54 -13.03
N THR S 260 30.84 -16.80 -12.57
CA THR S 260 30.22 -18.10 -12.68
C THR S 260 28.86 -18.08 -13.37
N ASN S 261 28.30 -16.89 -13.64
CA ASN S 261 26.97 -16.71 -14.26
C ASN S 261 25.87 -17.35 -13.42
N LYS S 262 26.04 -17.39 -12.11
CA LYS S 262 25.11 -18.02 -11.19
C LYS S 262 24.71 -17.04 -10.10
N VAL S 263 23.47 -17.19 -9.62
CA VAL S 263 23.01 -16.41 -8.48
C VAL S 263 23.73 -16.91 -7.24
N ILE S 264 24.45 -16.01 -6.56
CA ILE S 264 25.17 -16.38 -5.36
C ILE S 264 24.57 -15.75 -4.10
N ARG S 265 23.78 -14.68 -4.22
CA ARG S 265 23.19 -14.12 -3.01
C ARG S 265 21.73 -13.75 -3.24
N HIS S 266 20.95 -13.82 -2.15
CA HIS S 266 19.57 -13.37 -2.12
C HIS S 266 19.42 -12.31 -1.04
N TYR S 267 18.69 -11.25 -1.37
CA TYR S 267 18.40 -10.17 -0.42
C TYR S 267 16.89 -10.19 -0.20
N HIS S 268 16.46 -10.93 0.81
CA HIS S 268 15.06 -11.21 1.04
C HIS S 268 14.47 -10.28 2.09
N GLY S 269 13.21 -9.91 1.92
CA GLY S 269 12.55 -9.02 2.85
C GLY S 269 11.52 -8.07 2.27
N HIS S 270 11.56 -7.83 0.97
CA HIS S 270 10.48 -7.09 0.31
C HIS S 270 9.18 -7.89 0.35
N LEU S 271 8.12 -7.25 0.82
CA LEU S 271 6.83 -7.92 0.95
C LEU S 271 6.08 -8.01 -0.36
N SER S 272 6.47 -7.21 -1.36
CA SER S 272 5.81 -7.24 -2.66
C SER S 272 6.84 -7.18 -3.77
N GLY S 273 6.39 -6.96 -5.00
CA GLY S 273 7.31 -6.85 -6.11
C GLY S 273 8.22 -5.65 -5.99
N VAL S 274 9.46 -5.80 -6.46
CA VAL S 274 10.50 -4.80 -6.30
C VAL S 274 10.67 -4.10 -7.64
N TYR S 275 10.73 -2.76 -7.60
CA TYR S 275 10.76 -1.94 -8.80
C TYR S 275 12.11 -1.30 -9.08
N THR S 276 12.94 -1.11 -8.05
CA THR S 276 14.19 -0.37 -8.20
C THR S 276 15.25 -0.97 -7.28
N LEU S 277 16.49 -0.54 -7.51
CA LEU S 277 17.73 -1.22 -7.14
C LEU S 277 18.85 -0.28 -7.55
N LYS S 278 19.60 0.25 -6.61
CA LYS S 278 20.74 1.10 -6.96
C LYS S 278 21.93 0.72 -6.11
N LEU S 279 23.10 0.76 -6.73
CA LEU S 279 24.35 0.51 -6.03
C LEU S 279 24.92 1.83 -5.57
N HIS S 280 25.33 1.89 -4.31
CA HIS S 280 25.94 3.10 -3.79
C HIS S 280 27.31 3.31 -4.44
N PRO S 281 27.61 4.52 -4.93
CA PRO S 281 28.82 4.71 -5.74
C PRO S 281 30.14 4.45 -5.01
N THR S 282 30.20 4.70 -3.70
CA THR S 282 31.43 4.49 -2.95
C THR S 282 31.33 3.42 -1.88
N LEU S 283 30.13 3.16 -1.34
CA LEU S 283 29.93 2.17 -0.30
C LEU S 283 29.46 0.86 -0.90
N ASP S 284 29.56 -0.20 -0.09
CA ASP S 284 29.23 -1.55 -0.53
C ASP S 284 27.78 -1.86 -0.12
N VAL S 285 26.86 -1.15 -0.78
CA VAL S 285 25.45 -1.10 -0.40
C VAL S 285 24.61 -1.15 -1.67
N LEU S 286 23.50 -1.90 -1.63
CA LEU S 286 22.49 -1.85 -2.69
C LEU S 286 21.14 -1.41 -2.12
N VAL S 287 20.36 -0.69 -2.93
CA VAL S 287 19.11 -0.10 -2.44
C VAL S 287 17.95 -0.48 -3.36
N THR S 288 16.92 -1.08 -2.76
CA THR S 288 15.75 -1.54 -3.46
C THR S 288 14.52 -0.80 -2.94
N GLY S 289 13.55 -0.62 -3.81
CA GLY S 289 12.26 -0.08 -3.41
C GLY S 289 11.18 -0.84 -4.15
N GLY S 290 10.00 -0.89 -3.54
CA GLY S 290 8.95 -1.68 -4.13
C GLY S 290 7.54 -1.23 -3.85
N ARG S 291 6.60 -2.16 -3.99
CA ARG S 291 5.18 -1.88 -3.81
C ARG S 291 4.78 -1.85 -2.34
N ASP S 292 5.70 -2.12 -1.42
CA ASP S 292 5.43 -2.08 0.01
C ASP S 292 5.70 -0.71 0.62
N GLY S 293 6.02 0.29 -0.19
CA GLY S 293 6.22 1.63 0.33
C GLY S 293 7.51 1.83 1.08
N VAL S 294 8.49 0.96 0.88
CA VAL S 294 9.69 0.90 1.70
C VAL S 294 10.90 0.87 0.78
N ALA S 295 11.92 1.64 1.12
CA ALA S 295 13.23 1.50 0.50
C ALA S 295 14.11 0.67 1.42
N ARG S 296 14.42 -0.55 1.01
CA ARG S 296 15.36 -1.39 1.75
C ARG S 296 16.78 -1.02 1.35
N VAL S 297 17.62 -0.78 2.35
CA VAL S 297 19.04 -0.56 2.19
C VAL S 297 19.76 -1.79 2.71
N TRP S 298 20.44 -2.50 1.81
CA TRP S 298 21.05 -3.79 2.09
C TRP S 298 22.57 -3.67 2.03
N ASP S 299 23.23 -4.33 2.98
CA ASP S 299 24.67 -4.57 2.91
C ASP S 299 24.95 -5.73 1.95
N MET S 300 25.91 -5.51 1.04
CA MET S 300 26.25 -6.52 0.04
C MET S 300 26.79 -7.80 0.65
N ARG S 301 27.67 -7.69 1.64
CA ARG S 301 28.42 -8.85 2.10
C ARG S 301 27.56 -9.81 2.92
N THR S 302 26.81 -9.28 3.88
CA THR S 302 26.09 -10.10 4.84
C THR S 302 24.64 -10.32 4.48
N ARG S 303 24.17 -9.73 3.37
CA ARG S 303 22.76 -9.75 2.94
C ARG S 303 21.82 -9.17 3.99
N SER S 304 22.33 -8.31 4.87
CA SER S 304 21.55 -7.80 5.98
C SER S 304 20.81 -6.53 5.58
N ASN S 305 19.52 -6.48 5.90
CA ASN S 305 18.69 -5.30 5.65
C ASN S 305 19.03 -4.29 6.72
N VAL S 306 20.00 -3.43 6.43
CA VAL S 306 20.49 -2.52 7.47
C VAL S 306 19.62 -1.28 7.60
N HIS S 307 18.85 -0.92 6.58
CA HIS S 307 17.90 0.17 6.78
C HIS S 307 16.56 -0.12 6.11
N VAL S 308 15.50 0.28 6.80
CA VAL S 308 14.13 0.25 6.30
C VAL S 308 13.69 1.70 6.21
N LEU S 309 13.65 2.24 4.99
CA LEU S 309 13.29 3.64 4.76
C LEU S 309 11.78 3.69 4.55
N SER S 310 11.07 4.15 5.57
CA SER S 310 9.61 4.22 5.58
C SER S 310 9.16 5.67 5.64
N GLY S 311 7.96 5.92 5.15
CA GLY S 311 7.41 7.26 5.16
C GLY S 311 6.60 7.54 3.91
N HIS S 312 6.94 6.85 2.83
CA HIS S 312 6.10 6.88 1.64
C HIS S 312 4.82 6.09 1.88
N THR S 313 3.73 6.54 1.27
CA THR S 313 2.44 5.85 1.36
C THR S 313 2.05 5.20 0.04
N GLY S 314 2.96 5.16 -0.93
CA GLY S 314 2.71 4.51 -2.20
C GLY S 314 3.91 3.67 -2.61
N THR S 315 3.82 3.09 -3.79
CA THR S 315 4.89 2.26 -4.33
C THR S 315 6.12 3.10 -4.61
N VAL S 316 7.25 2.72 -4.02
CA VAL S 316 8.52 3.39 -4.28
C VAL S 316 8.96 2.99 -5.69
N ALA S 317 8.86 3.91 -6.64
CA ALA S 317 9.09 3.61 -8.03
C ALA S 317 10.49 3.96 -8.52
N ASP S 318 11.18 4.90 -7.86
CA ASP S 318 12.55 5.23 -8.23
C ASP S 318 13.27 5.79 -7.00
N LEU S 319 14.56 6.04 -7.17
CA LEU S 319 15.59 5.88 -6.18
C LEU S 319 16.89 6.22 -6.88
N VAL S 320 17.75 7.04 -6.28
CA VAL S 320 19.10 7.23 -6.79
C VAL S 320 20.04 7.20 -5.60
N CYS S 321 21.25 6.70 -5.83
CA CYS S 321 22.30 6.70 -4.83
C CYS S 321 23.42 7.62 -5.31
N GLN S 322 23.86 8.51 -4.44
CA GLN S 322 24.98 9.38 -4.72
C GLN S 322 25.92 9.36 -3.53
N GLU S 323 27.11 9.91 -3.73
CA GLU S 323 28.18 9.83 -2.75
C GLU S 323 28.08 10.86 -1.65
N ALA S 324 27.18 11.82 -1.76
CA ALA S 324 27.00 12.85 -0.74
C ALA S 324 25.54 12.90 -0.32
N ASP S 325 25.29 13.50 0.85
CA ASP S 325 23.94 13.68 1.33
C ASP S 325 23.20 14.68 0.45
N PRO S 326 21.94 14.40 0.06
CA PRO S 326 21.09 13.24 0.34
C PRO S 326 21.50 11.97 -0.41
N GLN S 327 21.87 10.95 0.35
CA GLN S 327 22.43 9.76 -0.27
C GLN S 327 21.38 8.86 -0.91
N VAL S 328 20.13 8.90 -0.45
CA VAL S 328 19.07 8.15 -1.11
C VAL S 328 17.97 9.13 -1.54
N ILE S 329 17.47 8.98 -2.77
CA ILE S 329 16.31 9.74 -3.21
C ILE S 329 15.24 8.80 -3.79
N THR S 330 14.12 8.72 -3.08
CA THR S 330 13.05 7.80 -3.41
C THR S 330 11.86 8.60 -3.91
N GLY S 331 11.50 8.38 -5.17
CA GLY S 331 10.25 8.87 -5.73
C GLY S 331 9.22 7.77 -5.61
N SER S 332 7.99 8.16 -5.32
CA SER S 332 6.94 7.19 -5.06
C SER S 332 5.68 7.55 -5.83
N LEU S 333 4.79 6.58 -5.92
CA LEU S 333 3.51 6.75 -6.59
C LEU S 333 2.50 7.54 -5.77
N ASP S 334 2.84 7.90 -4.53
CA ASP S 334 2.03 8.81 -3.73
C ASP S 334 2.37 10.29 -4.02
N SER S 335 3.08 10.56 -5.11
CA SER S 335 3.42 11.87 -5.68
C SER S 335 4.48 12.61 -4.88
N THR S 336 5.11 11.98 -3.90
CA THR S 336 6.13 12.64 -3.09
C THR S 336 7.51 12.09 -3.41
N VAL S 337 8.51 12.93 -3.16
CA VAL S 337 9.92 12.56 -3.30
C VAL S 337 10.57 12.73 -1.94
N ARG S 338 11.31 11.72 -1.49
CA ARG S 338 11.95 11.77 -0.18
C ARG S 338 13.47 11.72 -0.32
N MET S 339 14.12 12.64 0.38
CA MET S 339 15.56 12.78 0.45
C MET S 339 16.01 12.19 1.79
N TRP S 340 16.86 11.17 1.73
CA TRP S 340 17.22 10.33 2.87
C TRP S 340 18.71 10.43 3.16
N ASP S 341 19.02 10.73 4.43
CA ASP S 341 20.35 10.52 4.98
C ASP S 341 20.57 9.03 5.23
N LEU S 342 21.62 8.48 4.61
CA LEU S 342 21.83 7.03 4.67
C LEU S 342 22.33 6.57 6.03
N ALA S 343 23.05 7.43 6.75
CA ALA S 343 23.68 7.02 8.00
C ALA S 343 22.66 6.75 9.10
N ALA S 344 21.57 7.51 9.13
CA ALA S 344 20.58 7.38 10.19
C ALA S 344 19.32 6.65 9.75
N GLY S 345 19.00 6.67 8.46
CA GLY S 345 17.75 6.10 8.00
C GLY S 345 16.58 7.04 8.16
N LYS S 346 16.84 8.35 8.18
CA LYS S 346 15.82 9.35 8.43
C LYS S 346 15.61 10.19 7.18
N THR S 347 14.39 10.71 7.03
CA THR S 347 14.06 11.58 5.91
C THR S 347 14.66 12.95 6.14
N MET S 348 15.60 13.36 5.27
CA MET S 348 16.08 14.73 5.33
C MET S 348 15.03 15.70 4.80
N GLY S 349 14.32 15.30 3.74
CA GLY S 349 13.34 16.23 3.17
C GLY S 349 12.27 15.53 2.36
N VAL S 350 11.14 16.21 2.22
CA VAL S 350 10.03 15.74 1.40
C VAL S 350 9.68 16.84 0.39
N LEU S 351 9.59 16.45 -0.88
CA LEU S 351 9.18 17.32 -1.97
C LEU S 351 7.81 16.86 -2.46
N THR S 352 6.83 17.77 -2.41
CA THR S 352 5.45 17.45 -2.77
C THR S 352 4.97 18.31 -3.94
N HIS S 353 5.89 18.69 -4.83
CA HIS S 353 5.53 19.55 -5.94
C HIS S 353 4.80 18.80 -7.04
N HIS S 354 5.11 17.52 -7.25
CA HIS S 354 4.43 16.73 -8.26
C HIS S 354 3.02 16.41 -7.84
N LYS S 355 2.09 16.45 -8.79
CA LYS S 355 0.70 16.14 -8.51
C LYS S 355 0.39 14.66 -8.65
N LYS S 356 1.17 13.94 -9.44
CA LYS S 356 0.92 12.54 -9.69
C LYS S 356 2.16 11.72 -9.30
N GLY S 357 2.02 10.41 -9.42
CA GLY S 357 3.05 9.48 -8.99
C GLY S 357 4.38 9.68 -9.66
N VAL S 358 5.43 9.83 -8.85
CA VAL S 358 6.76 10.10 -9.36
C VAL S 358 7.36 8.79 -9.85
N ARG S 359 7.58 8.69 -11.15
CA ARG S 359 8.07 7.45 -11.75
C ARG S 359 9.52 7.50 -12.18
N ALA S 360 10.09 8.67 -12.43
CA ALA S 360 11.46 8.72 -12.92
C ALA S 360 12.31 9.66 -12.08
N LEU S 361 13.55 9.24 -11.81
CA LEU S 361 14.57 10.08 -11.20
C LEU S 361 15.90 9.89 -11.92
N VAL S 362 16.73 10.93 -11.85
CA VAL S 362 18.08 10.87 -12.41
C VAL S 362 18.93 11.91 -11.68
N THR S 363 20.24 11.68 -11.65
CA THR S 363 21.19 12.67 -11.15
C THR S 363 22.17 13.07 -12.25
N HIS S 364 22.62 14.31 -12.18
CA HIS S 364 23.59 14.82 -13.14
C HIS S 364 24.98 14.27 -12.81
N PRO S 365 25.79 13.93 -13.83
CA PRO S 365 27.11 13.35 -13.55
C PRO S 365 28.09 14.34 -12.93
N THR S 366 28.04 15.61 -13.29
CA THR S 366 29.03 16.58 -12.83
C THR S 366 28.46 17.66 -11.93
N GLU S 367 27.18 17.97 -12.02
CA GLU S 367 26.55 18.95 -11.14
C GLU S 367 25.86 18.25 -9.97
N PHE S 368 25.69 19.00 -8.90
CA PHE S 368 25.13 18.46 -7.66
C PHE S 368 23.62 18.74 -7.62
N THR S 369 22.96 18.26 -8.67
CA THR S 369 21.54 18.46 -8.93
C THR S 369 20.92 17.14 -9.34
N PHE S 370 19.60 17.05 -9.22
CA PHE S 370 18.89 15.87 -9.71
C PHE S 370 17.60 16.30 -10.40
N ALA S 371 16.92 15.32 -10.99
CA ALA S 371 15.65 15.56 -11.66
C ALA S 371 14.68 14.45 -11.33
N THR S 372 13.42 14.83 -11.15
CA THR S 372 12.30 13.94 -10.93
C THR S 372 11.30 14.12 -12.06
N ALA S 373 10.49 13.11 -12.31
CA ALA S 373 9.53 13.18 -13.42
C ALA S 373 8.29 12.37 -13.09
N SER S 374 7.14 13.04 -13.23
CA SER S 374 5.82 12.45 -13.21
C SER S 374 5.09 12.89 -14.48
N THR S 375 3.83 12.46 -14.62
CA THR S 375 3.13 12.64 -15.88
C THR S 375 2.89 14.13 -16.18
N GLY S 376 3.36 14.55 -17.35
CA GLY S 376 3.27 15.93 -17.75
C GLY S 376 4.25 16.88 -17.12
N SER S 377 5.19 16.41 -16.29
CA SER S 377 6.03 17.34 -15.55
C SER S 377 7.38 16.73 -15.21
N ILE S 378 8.46 17.42 -15.58
CA ILE S 378 9.78 17.07 -15.08
C ILE S 378 10.31 18.25 -14.28
N LYS S 379 10.84 17.99 -13.09
CA LYS S 379 11.35 19.03 -12.23
C LYS S 379 12.82 18.80 -11.91
N GLN S 380 13.62 19.85 -12.07
CA GLN S 380 15.03 19.84 -11.73
C GLN S 380 15.22 20.54 -10.40
N TRP S 381 16.00 19.91 -9.51
CA TRP S 381 16.19 20.29 -8.12
C TRP S 381 17.68 20.35 -7.83
N LYS S 382 18.05 21.16 -6.84
CA LYS S 382 19.43 21.32 -6.43
C LYS S 382 19.66 20.73 -5.05
N CYS S 383 20.64 19.83 -4.96
CA CYS S 383 21.07 19.25 -3.69
C CYS S 383 21.97 20.23 -2.93
N PRO S 384 22.09 20.10 -1.60
CA PRO S 384 21.49 19.15 -0.63
C PRO S 384 20.20 19.63 0.01
N GLU S 385 19.72 20.81 -0.36
CA GLU S 385 18.52 21.37 0.25
C GLU S 385 17.25 21.09 -0.54
N GLY S 386 17.36 20.50 -1.73
CA GLY S 386 16.19 20.21 -2.53
C GLY S 386 15.46 21.45 -3.01
N ALA S 387 16.20 22.49 -3.38
CA ALA S 387 15.58 23.71 -3.86
C ALA S 387 15.19 23.54 -5.32
N PHE S 388 13.98 23.97 -5.65
CA PHE S 388 13.43 23.78 -6.99
C PHE S 388 14.20 24.63 -7.99
N MET S 389 14.84 23.98 -8.96
CA MET S 389 15.64 24.71 -9.93
C MET S 389 14.82 25.11 -11.14
N GLN S 390 14.19 24.15 -11.82
CA GLN S 390 13.42 24.51 -13.02
C GLN S 390 12.44 23.42 -13.39
N ASN S 391 11.61 23.72 -14.38
CA ASN S 391 10.67 22.79 -14.98
C ASN S 391 11.09 22.43 -16.40
N PHE S 392 10.95 21.16 -16.74
CA PHE S 392 10.93 20.69 -18.12
C PHE S 392 9.47 20.40 -18.46
N GLU S 393 8.98 21.09 -19.49
CA GLU S 393 7.56 21.26 -19.79
C GLU S 393 7.30 20.94 -21.25
N GLY S 394 6.21 20.22 -21.51
CA GLY S 394 5.79 19.98 -22.88
C GLY S 394 5.70 18.51 -23.25
N HIS S 395 6.01 17.64 -22.30
CA HIS S 395 5.91 16.19 -22.51
C HIS S 395 4.66 15.71 -21.77
N ASN S 396 3.52 15.77 -22.45
CA ASN S 396 2.22 15.48 -21.85
C ASN S 396 1.95 13.98 -21.94
N ALA S 397 2.62 13.23 -21.09
CA ALA S 397 2.52 11.78 -21.08
C ALA S 397 3.03 11.27 -19.74
N ILE S 398 2.68 10.02 -19.42
CA ILE S 398 3.29 9.34 -18.29
C ILE S 398 4.76 9.13 -18.60
N ILE S 399 5.64 9.72 -17.81
CA ILE S 399 7.07 9.65 -18.06
C ILE S 399 7.65 8.55 -17.20
N ASN S 400 8.17 7.50 -17.85
CA ASN S 400 8.75 6.36 -17.15
C ASN S 400 10.23 6.50 -16.90
N THR S 401 10.93 7.32 -17.69
CA THR S 401 12.38 7.33 -17.67
C THR S 401 12.91 8.70 -18.03
N LEU S 402 14.22 8.85 -17.91
CA LEU S 402 14.96 10.08 -17.76
C LEU S 402 16.43 9.72 -17.92
N ALA S 403 17.14 10.37 -18.83
CA ALA S 403 18.54 10.06 -19.02
C ALA S 403 19.28 11.33 -19.42
N VAL S 404 20.07 11.85 -18.50
CA VAL S 404 21.01 12.94 -18.68
C VAL S 404 22.35 12.35 -19.10
N ASN S 405 23.07 13.10 -19.92
CA ASN S 405 24.33 12.68 -20.48
C ASN S 405 25.46 13.45 -19.80
N ASP S 406 26.70 13.05 -20.08
CA ASP S 406 27.85 13.85 -19.67
C ASP S 406 27.92 15.15 -20.45
N GLN S 407 27.19 15.24 -21.57
CA GLN S 407 27.06 16.47 -22.35
C GLN S 407 25.71 17.15 -22.11
N ASN S 408 25.10 16.91 -20.95
CA ASN S 408 23.88 17.59 -20.49
C ASN S 408 22.68 17.35 -21.40
N VAL S 409 22.26 16.08 -21.47
CA VAL S 409 21.06 15.69 -22.20
C VAL S 409 20.10 14.98 -21.24
N LEU S 410 18.89 15.50 -21.15
CA LEU S 410 17.82 14.83 -20.41
C LEU S 410 16.95 14.08 -21.41
N PHE S 411 16.77 12.78 -21.17
CA PHE S 411 15.90 11.97 -22.01
C PHE S 411 14.69 11.51 -21.21
N SER S 412 13.51 11.98 -21.61
CA SER S 412 12.26 11.54 -21.02
C SER S 412 11.54 10.65 -22.02
N GLY S 413 11.23 9.43 -21.60
CA GLY S 413 10.45 8.49 -22.39
C GLY S 413 9.05 8.38 -21.80
N GLY S 414 8.07 8.52 -22.67
CA GLY S 414 6.67 8.60 -22.28
C GLY S 414 5.95 7.31 -22.64
N ASP S 415 5.10 6.85 -21.71
CA ASP S 415 4.44 5.56 -21.75
C ASP S 415 3.58 5.36 -22.98
N ASN S 416 3.14 6.44 -23.62
CA ASN S 416 2.41 6.36 -24.87
C ASN S 416 3.32 6.24 -26.08
N GLY S 417 4.61 6.01 -25.87
CA GLY S 417 5.58 5.91 -26.93
C GLY S 417 6.27 7.21 -27.29
N SER S 418 6.27 8.20 -26.41
CA SER S 418 6.77 9.51 -26.77
C SER S 418 8.19 9.72 -26.27
N MET S 419 8.90 10.68 -26.85
CA MET S 419 10.27 10.92 -26.47
C MET S 419 10.55 12.42 -26.47
N SER S 420 11.31 12.86 -25.47
CA SER S 420 11.76 14.25 -25.43
C SER S 420 13.23 14.28 -25.06
N PHE S 421 14.01 15.01 -25.86
CA PHE S 421 15.42 15.27 -25.60
C PHE S 421 15.57 16.75 -25.24
N TRP S 422 16.07 16.99 -24.03
CA TRP S 422 16.14 18.32 -23.45
C TRP S 422 17.59 18.70 -23.18
N ASP S 423 17.87 20.00 -23.26
CA ASP S 423 19.11 20.56 -22.74
C ASP S 423 18.97 20.76 -21.23
N TRP S 424 19.96 20.27 -20.48
CA TRP S 424 19.83 20.17 -19.03
C TRP S 424 19.84 21.53 -18.35
N LYS S 425 20.75 22.42 -18.77
CA LYS S 425 20.94 23.66 -18.03
C LYS S 425 19.80 24.65 -18.26
N SER S 426 19.28 24.71 -19.49
CA SER S 426 18.28 25.71 -19.85
C SER S 426 16.85 25.21 -19.74
N GLY S 427 16.62 23.91 -19.81
CA GLY S 427 15.28 23.40 -19.86
C GLY S 427 14.63 23.43 -21.22
N TYR S 428 15.41 23.67 -22.28
CA TYR S 428 14.88 23.75 -23.63
C TYR S 428 14.78 22.36 -24.24
N ARG S 429 13.63 22.08 -24.86
CA ARG S 429 13.41 20.80 -25.54
C ARG S 429 13.95 20.92 -26.96
N PHE S 430 15.13 20.35 -27.20
CA PHE S 430 15.69 20.43 -28.53
C PHE S 430 15.22 19.30 -29.45
N GLN S 431 14.57 18.26 -28.91
CA GLN S 431 14.02 17.25 -29.80
C GLN S 431 12.77 16.64 -29.18
N SER S 432 11.79 16.35 -30.04
CA SER S 432 10.55 15.72 -29.60
C SER S 432 10.20 14.64 -30.62
N LEU S 433 10.36 13.38 -30.22
CA LEU S 433 10.16 12.25 -31.11
C LEU S 433 8.97 11.41 -30.65
N ASP S 434 8.60 10.44 -31.48
CA ASP S 434 7.64 9.42 -31.11
C ASP S 434 8.17 8.10 -31.66
N THR S 435 8.35 7.11 -30.79
CA THR S 435 8.93 5.85 -31.21
C THR S 435 7.94 5.08 -32.07
N THR S 436 8.46 4.07 -32.78
CA THR S 436 7.66 3.24 -33.66
C THR S 436 7.67 1.80 -33.15
N ALA S 437 6.55 1.11 -33.33
CA ALA S 437 6.37 -0.22 -32.79
C ALA S 437 6.93 -1.27 -33.73
N GLN S 438 7.46 -2.34 -33.14
CA GLN S 438 7.86 -3.52 -33.89
C GLN S 438 6.64 -4.11 -34.60
N PRO S 439 6.79 -4.64 -35.81
CA PRO S 439 5.63 -5.20 -36.53
C PRO S 439 4.98 -6.34 -35.76
N GLY S 440 3.64 -6.36 -35.81
CA GLY S 440 2.84 -7.25 -35.00
C GLY S 440 2.28 -6.62 -33.74
N SER S 441 2.79 -5.47 -33.34
CA SER S 441 2.37 -4.83 -32.10
C SER S 441 1.06 -4.07 -32.28
N LEU S 442 0.42 -3.81 -31.15
CA LEU S 442 -0.75 -2.94 -31.11
C LEU S 442 -0.31 -1.48 -30.99
N ASP S 443 -1.26 -0.58 -31.20
CA ASP S 443 -1.02 0.84 -30.95
C ASP S 443 -0.78 1.08 -29.46
N ALA S 444 -1.48 0.32 -28.60
CA ALA S 444 -1.33 0.42 -27.16
C ALA S 444 0.02 -0.08 -26.65
N GLU S 445 0.77 -0.82 -27.46
CA GLU S 445 2.06 -1.34 -27.06
C GLU S 445 3.21 -0.37 -27.36
N LEU S 446 2.89 0.82 -27.87
CA LEU S 446 3.89 1.86 -28.05
C LEU S 446 4.21 2.48 -26.70
N GLY S 447 5.44 2.29 -26.22
CA GLY S 447 5.84 2.86 -24.95
C GLY S 447 7.29 2.59 -24.62
N ILE S 448 8.01 3.61 -24.18
CA ILE S 448 9.38 3.46 -23.70
C ILE S 448 9.30 3.14 -22.22
N MET S 449 9.72 1.94 -21.84
CA MET S 449 9.52 1.48 -20.48
C MET S 449 10.78 1.60 -19.64
N SER S 450 11.95 1.47 -20.26
CA SER S 450 13.21 1.72 -19.58
C SER S 450 14.16 2.40 -20.55
N SER S 451 15.15 3.10 -20.00
CA SER S 451 16.18 3.71 -20.83
C SER S 451 17.43 3.94 -20.00
N THR S 452 18.57 4.02 -20.71
CA THR S 452 19.85 4.37 -20.13
C THR S 452 20.75 4.92 -21.22
N PHE S 453 21.80 5.62 -20.80
CA PHE S 453 22.92 5.90 -21.67
C PHE S 453 24.03 4.90 -21.42
N ASP S 454 24.85 4.70 -22.45
CA ASP S 454 26.09 3.98 -22.26
C ASP S 454 27.10 4.87 -21.52
N MET S 455 28.26 4.30 -21.18
CA MET S 455 29.24 5.05 -20.42
C MET S 455 29.87 6.17 -21.25
N SER S 456 29.92 6.00 -22.58
CA SER S 456 30.40 7.08 -23.42
C SER S 456 29.39 8.21 -23.54
N GLY S 457 28.10 7.89 -23.46
CA GLY S 457 27.05 8.86 -23.66
C GLY S 457 26.62 9.05 -25.09
N ALA S 458 27.25 8.35 -26.04
CA ALA S 458 26.95 8.53 -27.45
C ALA S 458 25.78 7.68 -27.94
N ARG S 459 25.36 6.69 -27.16
CA ARG S 459 24.24 5.83 -27.53
C ARG S 459 23.19 5.86 -26.44
N LEU S 460 21.93 6.00 -26.84
CA LEU S 460 20.80 5.87 -25.93
C LEU S 460 20.16 4.49 -26.13
N ILE S 461 20.16 3.68 -25.08
CA ILE S 461 19.53 2.36 -25.11
C ILE S 461 18.17 2.49 -24.47
N THR S 462 17.12 2.10 -25.18
CA THR S 462 15.77 2.11 -24.65
C THR S 462 15.15 0.72 -24.78
N GLY S 463 14.54 0.24 -23.70
CA GLY S 463 13.75 -0.96 -23.73
C GLY S 463 12.28 -0.59 -23.77
N GLU S 464 11.57 -1.15 -24.76
CA GLU S 464 10.22 -0.70 -25.08
C GLU S 464 9.22 -1.84 -25.01
N ALA S 465 7.97 -1.45 -24.72
CA ALA S 465 6.83 -2.30 -24.43
C ALA S 465 6.34 -3.10 -25.63
N ASP S 466 6.88 -2.84 -26.82
CA ASP S 466 6.78 -3.79 -27.92
C ASP S 466 7.91 -4.82 -27.87
N LYS S 467 8.47 -5.07 -26.68
CA LYS S 467 9.49 -6.07 -26.40
C LYS S 467 10.79 -5.80 -27.14
N THR S 468 11.12 -4.53 -27.41
CA THR S 468 12.27 -4.25 -28.26
C THR S 468 13.37 -3.52 -27.53
N ILE S 469 14.55 -3.53 -28.16
CA ILE S 469 15.69 -2.73 -27.74
C ILE S 469 16.08 -1.78 -28.88
N LYS S 470 16.00 -0.50 -28.59
CA LYS S 470 16.27 0.54 -29.56
C LYS S 470 17.51 1.31 -29.16
N ILE S 471 18.48 1.37 -30.07
CA ILE S 471 19.70 2.15 -29.89
C ILE S 471 19.49 3.44 -30.66
N TRP S 472 19.93 4.55 -30.09
CA TRP S 472 19.75 5.85 -30.72
C TRP S 472 21.10 6.56 -30.74
N LYS S 473 21.49 7.04 -31.92
CA LYS S 473 22.70 7.85 -32.05
C LYS S 473 22.32 9.29 -32.30
N GLU S 474 23.18 10.21 -31.89
CA GLU S 474 22.97 11.60 -32.26
C GLU S 474 23.52 11.85 -33.66
N ASP S 475 22.86 12.75 -34.39
CA ASP S 475 23.10 12.88 -35.83
C ASP S 475 24.44 13.57 -36.09
N THR S 476 25.34 12.87 -36.76
CA THR S 476 26.66 13.41 -37.06
C THR S 476 26.65 14.39 -38.22
N THR S 477 25.63 14.34 -39.08
CA THR S 477 25.50 15.27 -40.20
C THR S 477 24.64 16.47 -39.86
N ALA S 478 24.57 16.84 -38.58
CA ALA S 478 23.76 17.97 -38.12
C ALA S 478 24.67 19.07 -37.61
N THR S 479 24.34 20.31 -37.96
CA THR S 479 25.03 21.51 -37.54
C THR S 479 24.03 22.48 -36.92
N PRO S 480 24.50 23.47 -36.16
CA PRO S 480 23.57 24.49 -35.62
C PRO S 480 22.81 25.28 -36.68
N GLU S 481 23.22 25.24 -37.95
CA GLU S 481 22.45 25.90 -39.00
C GLU S 481 21.35 25.01 -39.53
N THR S 482 21.60 23.70 -39.64
CA THR S 482 20.56 22.77 -40.09
C THR S 482 19.46 22.60 -39.05
N HIS S 483 19.81 22.61 -37.76
CA HIS S 483 18.84 22.49 -36.68
C HIS S 483 19.06 23.67 -35.73
N PRO S 484 18.52 24.84 -36.09
CA PRO S 484 18.72 26.02 -35.24
C PRO S 484 17.89 25.95 -33.96
N ILE S 485 18.43 26.55 -32.90
CA ILE S 485 17.71 26.65 -31.64
C ILE S 485 16.58 27.67 -31.82
N GLU S 486 15.35 27.24 -31.50
CA GLU S 486 14.16 28.07 -31.66
C GLU S 486 13.69 28.62 -30.33
N TRP S 487 14.63 28.96 -29.45
CA TRP S 487 14.32 29.47 -28.13
C TRP S 487 14.54 30.98 -28.08
N LYS S 488 13.58 31.68 -27.49
CA LYS S 488 13.66 33.12 -27.30
C LYS S 488 13.33 33.45 -25.85
N PRO S 489 13.98 34.47 -25.26
CA PRO S 489 13.71 34.79 -23.87
C PRO S 489 12.36 35.45 -23.69
N SER S 490 11.32 34.63 -23.53
CA SER S 490 9.96 35.13 -23.40
C SER S 490 9.81 35.92 -22.10
N LEU S 491 8.90 36.89 -22.13
CA LEU S 491 8.60 37.73 -20.98
C LEU S 491 7.16 37.41 -20.57
N VAL S 492 7.00 36.34 -19.79
CA VAL S 492 5.72 35.86 -19.34
C VAL S 492 5.81 35.70 -17.82
N ARG S 493 4.69 35.94 -17.13
CA ARG S 493 4.66 35.76 -15.68
C ARG S 493 4.93 34.33 -15.28
N ARG S 494 4.41 33.36 -16.05
CA ARG S 494 4.58 31.92 -15.82
C ARG S 494 4.07 31.54 -14.42
N LYS S 495 2.74 31.59 -14.31
CA LYS S 495 2.02 31.34 -13.07
C LYS S 495 2.41 30.01 -12.44
N TYR S 496 3.03 30.08 -11.26
CA TYR S 496 3.59 28.90 -10.62
C TYR S 496 2.67 28.34 -9.56
N ASP T 18 21.76 4.60 31.21
CA ASP T 18 22.79 3.67 31.65
C ASP T 18 23.05 3.83 33.14
N PHE T 19 22.23 4.64 33.80
CA PHE T 19 22.35 4.88 35.23
C PHE T 19 20.95 5.06 35.80
N PRO T 20 20.65 4.44 36.93
CA PRO T 20 19.30 4.55 37.50
C PRO T 20 19.06 5.89 38.18
N SER T 21 17.79 6.16 38.43
CA SER T 21 17.36 7.36 39.14
C SER T 21 16.78 6.90 40.46
N VAL T 22 17.66 6.78 41.46
CA VAL T 22 17.32 6.20 42.75
C VAL T 22 17.60 7.22 43.84
N CYS T 23 16.65 7.39 44.74
CA CYS T 23 16.75 8.34 45.84
C CYS T 23 17.81 7.90 46.85
N GLU T 24 18.16 8.83 47.74
CA GLU T 24 19.24 8.59 48.69
C GLU T 24 18.85 7.58 49.78
N ASN T 25 17.60 7.61 50.23
CA ASN T 25 17.18 6.68 51.28
C ASN T 25 17.03 5.26 50.78
N CYS T 26 16.83 5.08 49.47
CA CYS T 26 16.87 3.74 48.89
C CYS T 26 18.29 3.26 48.64
N LEU T 27 19.22 4.20 48.44
CA LEU T 27 20.61 3.86 48.24
C LEU T 27 21.24 3.45 49.58
N PRO T 28 22.33 2.68 49.54
CA PRO T 28 22.98 2.28 50.80
C PRO T 28 23.58 3.46 51.55
N GLU T 29 23.70 3.29 52.86
CA GLU T 29 24.35 4.30 53.71
C GLU T 29 25.83 4.44 53.36
N ASN T 30 26.44 3.37 52.89
CA ASN T 30 27.81 3.43 52.40
C ASN T 30 27.89 4.36 51.20
N PRO T 31 28.79 5.36 51.20
CA PRO T 31 28.95 6.22 50.02
C PRO T 31 29.52 5.51 48.81
N TYR T 32 29.94 4.25 48.93
CA TYR T 32 30.52 3.49 47.84
C TYR T 32 29.59 2.33 47.56
N VAL T 33 28.96 2.32 46.40
CA VAL T 33 27.86 1.42 46.09
C VAL T 33 28.35 0.40 45.08
N LYS T 34 28.23 -0.88 45.44
CA LYS T 34 28.45 -1.97 44.52
C LYS T 34 27.11 -2.35 43.89
N MET T 35 27.01 -2.20 42.57
CA MET T 35 25.73 -2.28 41.88
C MET T 35 25.81 -3.26 40.73
N LEU T 36 24.79 -4.12 40.63
CA LEU T 36 24.63 -5.05 39.52
C LEU T 36 23.69 -4.44 38.50
N LYS T 37 23.94 -4.74 37.21
CA LYS T 37 23.15 -4.20 36.12
C LYS T 37 22.79 -5.33 35.16
N GLU T 38 21.49 -5.47 34.87
CA GLU T 38 21.00 -6.54 34.01
C GLU T 38 20.14 -5.93 32.91
N ASP T 39 20.61 -6.01 31.67
CA ASP T 39 19.84 -5.53 30.54
C ASP T 39 18.63 -6.41 30.31
N TYR T 40 17.45 -5.78 30.24
CA TYR T 40 16.15 -6.46 30.12
C TYR T 40 15.95 -7.49 31.23
N GLY T 41 16.36 -7.12 32.45
CA GLY T 41 16.27 -8.05 33.56
C GLY T 41 14.87 -8.30 34.07
N ALA T 42 13.96 -7.35 33.84
CA ALA T 42 12.59 -7.48 34.31
C ALA T 42 11.72 -6.55 33.49
N GLU T 43 10.41 -6.74 33.59
CA GLU T 43 9.45 -5.82 33.01
C GLU T 43 9.11 -4.74 34.01
N CYS T 44 8.87 -3.53 33.51
CA CYS T 44 8.48 -2.41 34.36
C CYS T 44 7.15 -2.70 35.04
N LYS T 45 7.05 -2.30 36.30
CA LYS T 45 5.83 -2.57 37.06
C LYS T 45 4.68 -1.65 36.68
N LEU T 46 4.85 -0.74 35.72
CA LEU T 46 3.75 0.08 35.23
C LEU T 46 3.43 -0.21 33.77
N CYS T 47 4.39 -0.09 32.86
CA CYS T 47 4.13 -0.24 31.43
C CYS T 47 4.40 -1.64 30.91
N THR T 48 4.91 -2.56 31.75
CA THR T 48 5.20 -3.95 31.40
C THR T 48 6.17 -4.08 30.23
N ARG T 49 7.08 -3.11 30.08
CA ARG T 49 8.11 -3.25 29.06
C ARG T 49 9.41 -3.72 29.69
N PRO T 50 10.22 -4.51 29.00
CA PRO T 50 11.52 -4.92 29.56
C PRO T 50 12.47 -3.73 29.62
N PHE T 51 13.22 -3.64 30.72
CA PHE T 51 14.08 -2.51 30.98
C PHE T 51 15.31 -2.97 31.75
N THR T 52 16.35 -2.13 31.72
CA THR T 52 17.59 -2.44 32.42
C THR T 52 17.41 -2.27 33.92
N VAL T 53 17.63 -3.36 34.67
CA VAL T 53 17.41 -3.38 36.10
C VAL T 53 18.74 -3.20 36.81
N PHE T 54 18.79 -2.23 37.72
CA PHE T 54 19.95 -2.02 38.57
C PHE T 54 19.60 -2.48 39.97
N SER T 55 20.52 -3.20 40.61
CA SER T 55 20.25 -3.80 41.91
C SER T 55 21.46 -3.62 42.82
N TRP T 56 21.20 -3.57 44.12
CA TRP T 56 22.25 -3.35 45.10
C TRP T 56 21.81 -3.96 46.42
N ALA T 57 22.78 -4.15 47.30
CA ALA T 57 22.53 -4.73 48.62
C ALA T 57 22.34 -3.61 49.63
N GLY T 58 21.25 -3.68 50.39
CA GLY T 58 20.93 -2.64 51.34
C GLY T 58 21.83 -2.65 52.56
N ASP T 59 21.53 -1.72 53.48
CA ASP T 59 22.27 -1.64 54.74
C ASP T 59 21.95 -2.79 55.68
N GLY T 60 20.92 -3.57 55.39
CA GLY T 60 20.62 -4.77 56.14
C GLY T 60 21.52 -5.91 55.72
N ARG T 61 22.76 -5.89 56.18
CA ARG T 61 23.75 -6.87 55.79
C ARG T 61 23.36 -8.28 56.21
N ALA T 62 23.65 -9.24 55.31
CA ALA T 62 23.67 -10.69 55.51
C ALA T 62 22.30 -11.36 55.50
N HIS T 63 21.22 -10.57 55.47
CA HIS T 63 19.90 -11.04 55.05
C HIS T 63 19.01 -9.82 54.84
N GLY T 64 18.01 -10.00 53.98
CA GLY T 64 17.04 -8.96 53.69
C GLY T 64 16.49 -9.12 52.28
N ARG T 65 16.44 -8.03 51.53
CA ARG T 65 15.97 -8.07 50.15
C ARG T 65 16.94 -7.29 49.28
N LYS T 66 17.30 -7.88 48.14
CA LYS T 66 18.12 -7.20 47.14
C LYS T 66 17.30 -6.07 46.54
N LYS T 67 17.58 -4.83 46.95
CA LYS T 67 16.83 -3.70 46.45
C LYS T 67 17.19 -3.44 44.99
N ARG T 68 16.19 -3.00 44.22
CA ARG T 68 16.33 -2.91 42.78
C ARG T 68 15.42 -1.82 42.24
N THR T 69 15.69 -1.41 41.01
CA THR T 69 14.80 -0.51 40.28
C THR T 69 13.56 -1.28 39.85
N ASN T 70 12.42 -0.91 40.40
CA ASN T 70 11.18 -1.65 40.12
C ASN T 70 10.48 -1.18 38.85
N ILE T 71 10.64 0.09 38.48
CA ILE T 71 10.01 0.64 37.29
C ILE T 71 11.09 1.16 36.36
N CYS T 72 10.72 1.37 35.11
CA CYS T 72 11.65 1.84 34.10
C CYS T 72 11.91 3.34 34.28
N LEU T 73 12.84 3.87 33.50
CA LEU T 73 13.22 5.27 33.62
C LEU T 73 12.18 6.20 33.01
N THR T 74 11.54 5.76 31.91
CA THR T 74 10.50 6.57 31.29
C THR T 74 9.29 6.74 32.22
N CYS T 75 8.85 5.65 32.85
CA CYS T 75 7.79 5.75 33.85
C CYS T 75 8.23 6.51 35.09
N ALA T 76 9.52 6.52 35.41
CA ALA T 76 10.03 7.32 36.50
C ALA T 76 10.08 8.80 36.15
N ARG T 77 10.20 9.15 34.87
CA ARG T 77 10.06 10.54 34.46
C ARG T 77 8.59 10.96 34.46
N LEU T 78 7.71 10.07 33.99
CA LEU T 78 6.28 10.38 33.95
C LEU T 78 5.72 10.55 35.36
N LYS T 79 6.12 9.69 36.29
CA LYS T 79 5.59 9.76 37.65
C LYS T 79 6.40 10.64 38.58
N ASN T 80 7.60 11.07 38.16
CA ASN T 80 8.56 11.80 39.00
C ASN T 80 8.81 11.07 40.32
N ALA T 81 9.31 9.84 40.19
CA ALA T 81 9.43 8.96 41.34
C ALA T 81 10.75 8.20 41.28
N CYS T 82 11.20 7.77 42.45
CA CYS T 82 12.34 6.86 42.53
C CYS T 82 12.00 5.52 41.91
N GLN T 83 12.98 4.92 41.24
CA GLN T 83 12.76 3.65 40.56
C GLN T 83 12.61 2.49 41.53
N CYS T 84 13.07 2.63 42.77
CA CYS T 84 12.97 1.56 43.75
C CYS T 84 11.73 1.68 44.62
N CYS T 85 11.59 2.80 45.34
CA CYS T 85 10.54 2.93 46.34
C CYS T 85 9.18 3.28 45.73
N ILE T 86 9.18 3.88 44.53
CA ILE T 86 8.01 4.40 43.84
C ILE T 86 7.31 5.39 44.77
N MET T 87 8.03 6.42 45.19
CA MET T 87 7.44 7.56 45.88
C MET T 87 7.90 8.85 45.20
N ASP T 88 7.11 9.90 45.41
CA ASP T 88 7.41 11.23 44.86
C ASP T 88 8.77 11.72 45.30
N LEU T 89 9.56 12.22 44.35
CA LEU T 89 10.92 12.67 44.60
C LEU T 89 10.99 14.15 44.99
N GLN T 90 9.88 14.75 45.37
CA GLN T 90 9.88 16.10 45.91
C GLN T 90 9.39 16.19 47.34
N PHE T 91 8.43 15.34 47.74
CA PHE T 91 7.91 15.35 49.10
C PHE T 91 8.03 14.00 49.80
N GLY T 92 8.41 12.94 49.10
CA GLY T 92 8.45 11.62 49.71
C GLY T 92 7.09 11.03 49.96
N LEU T 93 6.15 11.24 49.04
CA LEU T 93 4.79 10.73 49.11
C LEU T 93 4.55 9.66 48.06
N PRO T 94 3.62 8.73 48.30
CA PRO T 94 3.21 7.83 47.22
C PRO T 94 2.59 8.59 46.07
N ILE T 95 2.69 8.00 44.87
CA ILE T 95 2.30 8.68 43.65
C ILE T 95 0.80 8.98 43.65
N VAL T 96 -0.02 8.00 44.05
CA VAL T 96 -1.46 8.21 44.05
C VAL T 96 -1.88 9.19 45.15
N ILE T 97 -1.19 9.19 46.30
CA ILE T 97 -1.49 10.14 47.37
C ILE T 97 -1.20 11.56 46.89
N ARG T 98 -0.05 11.74 46.25
CA ARG T 98 0.34 13.04 45.70
C ARG T 98 -0.65 13.50 44.63
N ASP T 99 -1.08 12.58 43.75
CA ASP T 99 -1.96 12.95 42.66
C ASP T 99 -3.36 13.28 43.15
N LYS T 100 -3.87 12.52 44.14
CA LYS T 100 -5.19 12.82 44.68
C LYS T 100 -5.18 14.12 45.47
N ALA T 101 -4.12 14.38 46.25
CA ALA T 101 -4.11 15.55 47.10
C ALA T 101 -3.60 16.80 46.41
N LEU T 102 -3.06 16.69 45.20
CA LEU T 102 -2.63 17.88 44.45
C LEU T 102 -3.34 18.04 43.12
N GLU T 103 -4.22 17.10 42.75
CA GLU T 103 -5.02 17.17 41.52
C GLU T 103 -4.16 17.32 40.27
N LEU T 104 -3.23 16.38 40.09
CA LEU T 104 -2.31 16.45 38.96
C LEU T 104 -2.83 15.65 37.77
N ILE T 105 -2.24 15.93 36.60
CA ILE T 105 -2.73 15.44 35.32
C ILE T 105 -2.46 13.96 35.12
N ALA T 106 -1.41 13.42 35.77
CA ALA T 106 -0.88 12.07 35.55
C ALA T 106 -0.59 11.88 34.06
N PRO T 107 0.50 12.46 33.56
CA PRO T 107 0.65 12.61 32.11
C PRO T 107 0.97 11.31 31.39
N GLY T 108 -0.07 10.53 31.11
CA GLY T 108 0.08 9.30 30.38
C GLY T 108 -1.09 8.37 30.62
N PRO T 109 -1.46 7.60 29.59
CA PRO T 109 -2.55 6.63 29.76
C PRO T 109 -2.16 5.50 30.68
N GLN T 110 -3.17 4.94 31.35
CA GLN T 110 -2.99 3.82 32.27
C GLN T 110 -3.70 2.56 31.78
N SER T 111 -4.13 2.53 30.53
CA SER T 111 -4.79 1.36 29.96
C SER T 111 -3.72 0.34 29.54
N GLU T 112 -4.14 -0.72 28.85
CA GLU T 112 -3.21 -1.80 28.54
C GLU T 112 -2.35 -1.45 27.31
N ILE T 113 -2.99 -1.31 26.15
CA ILE T 113 -2.24 -1.12 24.90
C ILE T 113 -1.79 0.34 24.76
N ASN T 114 -2.57 1.29 25.28
CA ASN T 114 -2.25 2.70 25.18
C ASN T 114 -0.95 3.05 25.91
N ARG T 115 -0.59 2.25 26.91
CA ARG T 115 0.68 2.48 27.62
C ARG T 115 1.87 2.26 26.69
N GLU T 116 1.90 1.10 26.00
CA GLU T 116 2.98 0.86 25.05
C GLU T 116 2.90 1.82 23.87
N TYR T 117 1.70 2.21 23.44
CA TYR T 117 1.57 3.18 22.36
C TYR T 117 2.18 4.53 22.73
N PHE T 118 1.85 5.03 23.91
CA PHE T 118 2.38 6.32 24.37
C PHE T 118 3.88 6.25 24.62
N ALA T 119 4.36 5.14 25.20
CA ALA T 119 5.80 5.00 25.44
C ALA T 119 6.57 4.85 24.13
N GLN T 120 5.98 4.19 23.14
CA GLN T 120 6.62 4.03 21.85
C GLN T 120 6.66 5.36 21.09
N ASN T 121 5.64 6.19 21.26
CA ASN T 121 5.54 7.42 20.49
C ASN T 121 6.06 8.65 21.20
N ASN T 122 6.44 8.56 22.48
CA ASN T 122 6.79 9.75 23.24
C ASN T 122 8.08 9.62 24.03
N GLU T 123 8.86 8.54 23.83
CA GLU T 123 10.03 8.30 24.69
C GLU T 123 11.15 9.30 24.49
N ARG T 124 11.11 10.10 23.42
CA ARG T 124 12.13 11.11 23.17
C ARG T 124 11.76 12.48 23.72
N ALA T 125 10.48 12.77 23.90
CA ALA T 125 10.06 14.03 24.49
C ALA T 125 9.89 13.94 26.00
N ILE T 126 9.60 12.74 26.53
CA ILE T 126 9.54 12.55 27.97
C ILE T 126 10.93 12.71 28.57
N GLU T 127 11.96 12.26 27.84
CA GLU T 127 13.35 12.40 28.31
C GLU T 127 13.76 13.86 28.46
N GLU T 128 13.25 14.73 27.60
CA GLU T 128 13.56 16.16 27.65
C GLU T 128 12.60 16.95 28.53
N GLY T 129 11.76 16.28 29.30
CA GLY T 129 10.88 16.96 30.24
C GLY T 129 9.61 17.54 29.63
N ARG T 130 9.18 17.02 28.49
CA ARG T 130 7.96 17.46 27.83
C ARG T 130 6.86 16.43 28.05
N ALA T 131 5.68 16.74 27.50
CA ALA T 131 4.48 15.90 27.57
C ALA T 131 4.09 15.54 29.00
N LYS T 138 6.56 20.12 37.98
CA LYS T 138 6.69 21.44 38.58
C LYS T 138 5.42 21.82 39.32
N THR T 139 5.20 21.23 40.50
CA THR T 139 3.98 21.49 41.25
C THR T 139 4.08 22.81 42.02
N ASP T 140 4.99 22.86 42.99
CA ASP T 140 5.31 24.03 43.82
C ASP T 140 4.10 24.80 44.34
N GLU T 141 3.44 25.56 43.46
CA GLU T 141 2.34 26.42 43.87
C GLU T 141 1.12 25.62 44.31
N LYS T 142 0.92 24.44 43.74
CA LYS T 142 -0.25 23.63 44.12
C LYS T 142 -0.13 23.07 45.53
N ALA T 143 1.10 22.89 46.02
CA ALA T 143 1.30 22.53 47.42
C ALA T 143 0.84 23.65 48.34
N ARG T 144 1.18 24.90 48.00
CA ARG T 144 0.70 26.04 48.77
C ARG T 144 -0.80 26.18 48.67
N GLU T 145 -1.37 25.87 47.50
CA GLU T 145 -2.82 25.89 47.34
C GLU T 145 -3.49 24.85 48.23
N LEU T 146 -2.90 23.66 48.32
CA LEU T 146 -3.43 22.62 49.20
C LEU T 146 -3.32 23.03 50.67
N LEU T 147 -2.22 23.66 51.04
CA LEU T 147 -2.05 24.12 52.43
C LEU T 147 -3.06 25.22 52.77
N ARG T 148 -3.29 26.16 51.84
CA ARG T 148 -4.31 27.19 52.06
C ARG T 148 -5.71 26.60 52.11
N ARG T 149 -5.98 25.59 51.27
CA ARG T 149 -7.27 24.93 51.28
C ARG T 149 -7.51 24.16 52.57
N LEU T 150 -6.46 23.60 53.16
CA LEU T 150 -6.62 22.92 54.45
C LEU T 150 -6.52 23.86 55.63
N ALA T 151 -6.11 25.12 55.41
CA ALA T 151 -6.20 26.13 56.47
C ALA T 151 -7.65 26.43 56.79
N ASN T 152 -8.46 26.71 55.78
CA ASN T 152 -9.91 26.83 55.92
C ASN T 152 -10.59 25.48 55.68
N SER T 153 -10.43 24.61 56.69
CA SER T 153 -10.76 23.20 56.55
C SER T 153 -12.25 22.97 56.34
N LYS T 154 -13.08 23.43 57.30
CA LYS T 154 -14.52 23.22 57.36
C LYS T 154 -14.84 21.73 57.23
N PRO T 155 -14.63 20.94 58.31
CA PRO T 155 -14.85 19.49 58.27
C PRO T 155 -16.31 19.10 58.04
N ALA T 221 -37.39 18.55 72.86
CA ALA T 221 -37.09 18.56 74.28
C ALA T 221 -35.76 17.85 74.56
N ALA T 222 -34.79 18.61 75.06
CA ALA T 222 -33.49 18.04 75.37
C ALA T 222 -33.56 17.18 76.62
N LEU T 223 -32.76 16.10 76.62
CA LEU T 223 -32.71 15.23 77.78
C LEU T 223 -32.02 15.95 78.95
N PRO T 224 -32.46 15.71 80.19
CA PRO T 224 -31.83 16.37 81.35
C PRO T 224 -30.40 15.90 81.54
N PRO T 225 -29.60 16.67 82.29
CA PRO T 225 -28.23 16.21 82.58
C PRO T 225 -28.26 14.94 83.40
N PRO T 226 -27.21 14.10 83.29
CA PRO T 226 -27.26 12.76 83.88
C PRO T 226 -27.30 12.78 85.40
N GLY T 227 -28.29 12.09 85.96
CA GLY T 227 -28.39 11.94 87.39
C GLY T 227 -27.49 10.84 87.90
N PRO T 228 -27.50 10.67 89.23
CA PRO T 228 -26.57 9.72 89.87
C PRO T 228 -26.75 8.27 89.46
N LYS T 229 -27.96 7.86 89.06
CA LYS T 229 -28.22 6.48 88.68
C LYS T 229 -27.48 6.07 87.41
N ASP T 230 -27.00 7.02 86.61
CA ASP T 230 -26.30 6.68 85.38
C ASP T 230 -24.93 6.07 85.66
N TRP T 231 -24.21 6.59 86.67
CA TRP T 231 -22.88 6.10 86.96
C TRP T 231 -22.79 5.28 88.25
N LEU T 232 -23.89 5.11 88.98
CA LEU T 232 -23.89 4.18 90.09
C LEU T 232 -23.88 2.75 89.57
N PRO T 233 -23.12 1.85 90.20
CA PRO T 233 -23.08 0.46 89.74
C PRO T 233 -24.41 -0.24 89.98
N PRO T 234 -24.90 -0.99 89.01
CA PRO T 234 -26.17 -1.71 89.19
C PRO T 234 -26.01 -2.87 90.15
N ALA T 235 -27.15 -3.32 90.68
CA ALA T 235 -27.16 -4.44 91.62
C ALA T 235 -26.81 -5.75 90.92
N ASP T 236 -27.08 -5.86 89.62
CA ASP T 236 -26.75 -7.06 88.88
C ASP T 236 -25.25 -7.11 88.60
N LYS T 237 -24.57 -8.11 89.14
CA LYS T 237 -23.14 -8.28 88.90
C LYS T 237 -22.83 -8.79 87.51
N SER T 238 -23.82 -9.32 86.79
CA SER T 238 -23.63 -9.75 85.41
C SER T 238 -23.59 -8.58 84.42
N ILE T 239 -24.01 -7.39 84.84
CA ILE T 239 -23.98 -6.23 83.97
C ILE T 239 -22.54 -5.77 83.83
N MET T 240 -22.04 -5.76 82.59
CA MET T 240 -20.64 -5.44 82.33
C MET T 240 -20.44 -4.34 81.29
N SER T 241 -21.38 -4.12 80.38
CA SER T 241 -21.12 -3.23 79.26
C SER T 241 -21.20 -1.76 79.68
N LEU T 242 -20.39 -0.95 79.03
CA LEU T 242 -20.41 0.50 79.18
C LEU T 242 -20.78 1.10 77.84
N PHE T 243 -21.93 1.77 77.78
CA PHE T 243 -22.45 2.33 76.55
C PHE T 243 -22.02 3.79 76.43
N ILE T 244 -21.44 4.13 75.28
CA ILE T 244 -20.99 5.48 74.98
C ILE T 244 -21.85 5.99 73.82
N THR T 245 -22.36 7.22 73.97
CA THR T 245 -23.08 7.89 72.89
C THR T 245 -22.48 9.26 72.66
N GLY T 246 -22.66 9.77 71.45
CA GLY T 246 -22.11 11.04 71.05
C GLY T 246 -20.82 10.98 70.27
N ILE T 247 -20.46 9.82 69.71
CA ILE T 247 -19.18 9.65 69.04
C ILE T 247 -19.26 10.24 67.64
N GLU T 248 -18.33 11.14 67.31
CA GLU T 248 -18.23 11.70 65.98
C GLU T 248 -17.37 10.80 65.09
N ASP T 249 -17.36 11.12 63.79
CA ASP T 249 -16.60 10.33 62.84
C ASP T 249 -15.10 10.58 62.92
N ASP T 250 -14.68 11.69 63.54
CA ASP T 250 -13.27 12.03 63.64
C ASP T 250 -12.55 11.27 64.76
N LEU T 251 -13.27 10.55 65.61
CA LEU T 251 -12.67 9.88 66.74
C LEU T 251 -12.36 8.43 66.38
N PRO T 252 -11.10 8.02 66.37
CA PRO T 252 -10.77 6.62 66.10
C PRO T 252 -11.04 5.73 67.31
N GLU T 253 -11.05 4.42 67.05
CA GLU T 253 -11.28 3.45 68.10
C GLU T 253 -10.09 3.38 69.07
N TRP T 254 -8.88 3.65 68.59
CA TRP T 254 -7.69 3.47 69.41
C TRP T 254 -7.59 4.53 70.49
N LYS T 255 -8.07 5.75 70.23
CA LYS T 255 -8.09 6.78 71.27
C LYS T 255 -9.00 6.38 72.42
N ILE T 256 -10.17 5.81 72.11
CA ILE T 256 -11.06 5.31 73.15
C ILE T 256 -10.41 4.14 73.88
N ARG T 257 -9.72 3.27 73.13
CA ARG T 257 -9.13 2.07 73.72
C ARG T 257 -8.03 2.42 74.72
N ASP T 258 -7.13 3.35 74.36
CA ASP T 258 -6.10 3.71 75.33
C ASP T 258 -6.53 4.80 76.30
N PHE T 259 -7.72 5.39 76.10
CA PHE T 259 -8.32 6.20 77.16
C PHE T 259 -8.92 5.32 78.24
N PHE T 260 -9.49 4.17 77.85
CA PHE T 260 -10.05 3.24 78.81
C PHE T 260 -9.08 2.12 79.21
N LYS T 261 -7.88 2.10 78.64
CA LYS T 261 -6.90 1.08 79.03
C LYS T 261 -6.34 1.36 80.41
N GLN T 262 -6.35 2.63 80.85
CA GLN T 262 -5.79 2.99 82.14
C GLN T 262 -6.66 2.51 83.30
N TYR T 263 -7.92 2.15 83.05
CA TYR T 263 -8.80 1.69 84.12
C TYR T 263 -8.77 0.19 84.32
N GLY T 264 -8.39 -0.57 83.30
CA GLY T 264 -8.34 -2.02 83.44
C GLY T 264 -8.18 -2.68 82.08
N LYS T 265 -8.26 -4.01 82.10
CA LYS T 265 -8.12 -4.81 80.89
C LYS T 265 -9.47 -4.87 80.15
N ILE T 266 -9.47 -4.38 78.91
CA ILE T 266 -10.68 -4.31 78.11
C ILE T 266 -10.77 -5.58 77.26
N LYS T 267 -11.84 -6.35 77.45
CA LYS T 267 -12.05 -7.54 76.62
C LYS T 267 -12.47 -7.16 75.20
N SER T 268 -13.35 -6.17 75.06
CA SER T 268 -13.84 -5.79 73.75
C SER T 268 -14.24 -4.32 73.75
N LEU T 269 -14.09 -3.69 72.58
CA LEU T 269 -14.51 -2.31 72.37
C LEU T 269 -15.11 -2.21 70.97
N VAL T 270 -16.43 -2.03 70.90
CA VAL T 270 -17.15 -1.91 69.64
C VAL T 270 -17.51 -0.45 69.44
N VAL T 271 -16.97 0.18 68.40
CA VAL T 271 -17.29 1.56 68.05
C VAL T 271 -17.94 1.56 66.68
N SER T 272 -19.20 1.99 66.63
CA SER T 272 -19.93 2.16 65.37
C SER T 272 -20.09 3.66 65.15
N HIS T 273 -19.27 4.21 64.24
CA HIS T 273 -19.35 5.62 63.90
C HIS T 273 -20.55 5.92 63.01
N MET T 274 -21.11 4.92 62.35
CA MET T 274 -22.31 5.10 61.55
C MET T 274 -23.51 5.43 62.43
N THR T 275 -23.59 4.80 63.61
CA THR T 275 -24.70 5.02 64.53
C THR T 275 -24.30 5.83 65.76
N HIS T 276 -23.04 6.28 65.84
CA HIS T 276 -22.50 7.03 67.00
C HIS T 276 -22.67 6.25 68.29
N CYS T 277 -22.44 4.94 68.25
CA CYS T 277 -22.61 4.10 69.42
C CYS T 277 -21.29 3.43 69.77
N ALA T 278 -21.12 3.11 71.05
CA ALA T 278 -19.95 2.33 71.44
C ALA T 278 -20.28 1.47 72.67
N PHE T 279 -19.68 0.28 72.69
CA PHE T 279 -19.84 -0.68 73.78
C PHE T 279 -18.46 -1.08 74.28
N VAL T 280 -18.25 -0.95 75.59
CA VAL T 280 -17.01 -1.37 76.23
C VAL T 280 -17.32 -2.56 77.12
N ASN T 281 -16.70 -3.70 76.85
CA ASN T 281 -16.84 -4.90 77.66
C ASN T 281 -15.51 -5.19 78.32
N TYR T 282 -15.48 -5.08 79.64
CA TYR T 282 -14.27 -5.33 80.42
C TYR T 282 -14.16 -6.82 80.74
N GLU T 283 -13.10 -7.17 81.46
CA GLU T 283 -12.95 -8.53 81.98
C GLU T 283 -13.26 -8.61 83.48
N THR T 284 -12.98 -7.55 84.23
CA THR T 284 -13.31 -7.47 85.64
C THR T 284 -14.31 -6.33 85.85
N ARG T 285 -15.27 -6.55 86.74
CA ARG T 285 -16.27 -5.52 87.02
C ARG T 285 -15.69 -4.34 87.78
N GLU T 286 -14.55 -4.53 88.45
CA GLU T 286 -13.91 -3.44 89.16
C GLU T 286 -13.45 -2.33 88.22
N GLY T 287 -12.94 -2.72 87.05
CA GLY T 287 -12.52 -1.71 86.08
C GLY T 287 -13.68 -0.89 85.54
N ALA T 288 -14.81 -1.55 85.25
CA ALA T 288 -15.99 -0.83 84.80
C ALA T 288 -16.56 0.06 85.90
N GLU T 289 -16.51 -0.42 87.15
CA GLU T 289 -16.95 0.40 88.27
C GLU T 289 -16.05 1.63 88.46
N LYS T 290 -14.74 1.46 88.28
CA LYS T 290 -13.83 2.61 88.34
C LYS T 290 -14.07 3.57 87.19
N ALA T 291 -14.37 3.04 86.00
CA ALA T 291 -14.69 3.90 84.86
C ALA T 291 -15.95 4.72 85.13
N ALA T 292 -16.97 4.10 85.70
CA ALA T 292 -18.18 4.84 86.07
C ALA T 292 -17.92 5.81 87.21
N THR T 293 -16.99 5.48 88.12
CA THR T 293 -16.72 6.34 89.27
C THR T 293 -16.00 7.61 88.85
N GLU T 294 -14.94 7.49 88.05
CA GLU T 294 -14.18 8.66 87.62
C GLU T 294 -14.62 9.24 86.29
N LEU T 295 -15.68 8.70 85.66
CA LEU T 295 -16.25 9.39 84.50
C LEU T 295 -17.50 10.18 84.88
N LYS T 296 -18.34 9.61 85.76
CA LYS T 296 -19.56 10.24 86.27
C LYS T 296 -20.52 10.64 85.15
N GLY T 297 -20.71 9.75 84.18
CA GLY T 297 -21.70 9.95 83.13
C GLY T 297 -21.28 10.86 82.00
N ARG T 298 -20.09 11.44 82.07
CA ARG T 298 -19.61 12.40 81.08
C ARG T 298 -18.18 12.07 80.70
N ALA T 299 -17.79 12.42 79.48
CA ALA T 299 -16.43 12.22 79.03
C ALA T 299 -16.09 13.23 77.94
N VAL T 300 -14.81 13.58 77.85
CA VAL T 300 -14.27 14.38 76.76
C VAL T 300 -13.04 13.67 76.22
N ILE T 301 -13.10 13.26 74.96
CA ILE T 301 -11.98 12.59 74.31
C ILE T 301 -11.63 13.36 73.04
N ALA T 302 -10.42 13.95 73.02
CA ALA T 302 -9.91 14.73 71.90
C ALA T 302 -10.85 15.86 71.50
N GLY T 303 -11.45 16.51 72.49
CA GLY T 303 -12.40 17.57 72.26
C GLY T 303 -13.80 17.11 71.92
N CYS T 304 -14.05 15.80 71.87
CA CYS T 304 -15.36 15.26 71.55
C CYS T 304 -16.10 14.93 72.84
N PRO T 305 -17.29 15.48 73.07
CA PRO T 305 -18.05 15.14 74.27
C PRO T 305 -18.83 13.84 74.07
N LEU T 306 -18.77 12.97 75.08
CA LEU T 306 -19.40 11.66 75.05
C LEU T 306 -20.13 11.41 76.35
N ARG T 307 -21.14 10.56 76.29
CA ARG T 307 -21.91 10.17 77.47
C ARG T 307 -21.74 8.67 77.72
N ILE T 308 -21.47 8.33 78.98
CA ILE T 308 -21.22 6.95 79.41
C ILE T 308 -22.32 6.51 80.37
N ARG T 309 -22.80 5.28 80.16
CA ARG T 309 -23.80 4.67 81.03
C ARG T 309 -23.50 3.19 81.19
N TRP T 310 -24.06 2.58 82.23
CA TRP T 310 -24.07 1.13 82.35
C TRP T 310 -25.07 0.54 81.37
N SER T 311 -24.74 -0.65 80.84
CA SER T 311 -25.58 -1.26 79.83
C SER T 311 -25.29 -2.76 79.74
N ILE T 312 -26.35 -3.54 79.61
CA ILE T 312 -26.27 -4.92 79.14
C ILE T 312 -25.99 -4.91 77.64
N PRO T 313 -25.04 -5.72 77.13
CA PRO T 313 -24.69 -5.64 75.71
C PRO T 313 -25.81 -6.07 74.77
N ARG T 314 -26.29 -5.12 73.96
CA ARG T 314 -27.26 -5.39 72.90
C ARG T 314 -26.68 -4.99 71.55
N PRO T 315 -27.06 -5.68 70.47
CA PRO T 315 -26.50 -5.36 69.16
C PRO T 315 -27.04 -4.05 68.60
N ILE T 316 -26.31 -3.52 67.63
CA ILE T 316 -26.68 -2.29 66.92
C ILE T 316 -27.09 -2.68 65.50
N GLY T 317 -28.33 -2.38 65.13
CA GLY T 317 -28.88 -2.75 63.85
C GLY T 317 -29.14 -1.55 62.94
N THR T 318 -29.91 -1.83 61.88
CA THR T 318 -30.33 -0.81 60.93
C THR T 318 -31.29 0.16 61.63
N MET T 319 -30.85 1.39 61.83
CA MET T 319 -31.43 2.28 62.82
C MET T 319 -31.71 3.65 62.18
N ASN T 320 -32.76 4.30 62.67
CA ASN T 320 -33.36 5.47 62.00
C ASN T 320 -32.50 6.72 62.18
N LYS T 321 -32.51 7.58 61.15
CA LYS T 321 -31.67 8.78 61.17
C LYS T 321 -32.08 9.75 62.27
N GLU T 322 -33.38 9.82 62.59
CA GLU T 322 -33.86 10.72 63.64
C GLU T 322 -33.37 10.27 65.02
N GLU T 323 -33.37 8.96 65.27
CA GLU T 323 -32.86 8.45 66.55
C GLU T 323 -31.36 8.70 66.66
N ARG T 324 -30.62 8.54 65.55
CA ARG T 324 -29.20 8.87 65.53
C ARG T 324 -28.96 10.34 65.85
N ALA T 325 -29.77 11.22 65.25
CA ALA T 325 -29.66 12.66 65.52
C ALA T 325 -29.98 12.99 66.97
N GLU T 326 -30.99 12.33 67.55
CA GLU T 326 -31.36 12.72 68.91
C GLU T 326 -30.35 12.19 69.94
N MET T 327 -29.75 11.01 69.73
CA MET T 327 -28.70 10.65 70.68
C MET T 327 -27.38 11.36 70.39
N LEU T 328 -27.16 11.87 69.17
CA LEU T 328 -26.05 12.79 68.96
C LEU T 328 -26.27 14.09 69.74
N ARG T 329 -27.49 14.60 69.73
CA ARG T 329 -27.83 15.77 70.54
C ARG T 329 -27.72 15.46 72.03
N ASP T 330 -28.07 14.25 72.43
CA ASP T 330 -27.90 13.84 73.83
C ASP T 330 -26.43 13.77 74.23
N GLY T 331 -25.58 13.24 73.34
CA GLY T 331 -24.16 13.22 73.61
C GLY T 331 -23.55 14.60 73.69
N ARG T 332 -24.06 15.53 72.87
CA ARG T 332 -23.67 16.93 73.03
C ARG T 332 -24.21 17.53 74.34
N SER T 333 -25.39 17.08 74.76
CA SER T 333 -26.02 17.55 76.00
C SER T 333 -25.41 16.91 77.24
N ALA T 334 -24.50 15.94 77.08
CA ALA T 334 -23.73 15.43 78.22
C ALA T 334 -22.92 16.53 78.88
N PHE T 335 -22.48 17.53 78.11
CA PHE T 335 -21.91 18.78 78.64
C PHE T 335 -22.89 19.90 78.35
N PRO T 336 -23.74 20.27 79.32
CA PRO T 336 -24.72 21.34 79.12
C PRO T 336 -24.08 22.73 79.13
N ARG U 50 15.25 -11.79 77.75
CA ARG U 50 14.15 -11.66 76.80
C ARG U 50 13.44 -12.99 76.59
N ARG U 51 13.10 -13.27 75.33
CA ARG U 51 12.34 -14.48 75.00
C ARG U 51 12.59 -14.88 73.55
N PRO U 52 13.06 -16.10 73.31
CA PRO U 52 13.21 -16.56 71.92
C PRO U 52 11.86 -16.84 71.28
N ALA U 53 11.87 -16.90 69.95
CA ALA U 53 10.65 -17.13 69.19
C ALA U 53 10.18 -18.57 69.37
N ARG U 54 8.91 -18.72 69.71
CA ARG U 54 8.34 -20.04 69.97
C ARG U 54 8.08 -20.77 68.65
N PRO U 55 8.57 -22.01 68.49
CA PRO U 55 8.19 -22.81 67.32
C PRO U 55 6.70 -23.14 67.36
N GLN U 56 6.00 -22.75 66.30
CA GLN U 56 4.54 -22.84 66.29
C GLN U 56 4.07 -24.26 66.05
N ILE U 57 4.45 -24.83 64.90
CA ILE U 57 4.08 -26.19 64.52
C ILE U 57 5.36 -27.00 64.42
N ASP U 58 5.30 -28.25 64.89
CA ASP U 58 6.46 -29.14 64.79
C ASP U 58 6.76 -29.45 63.32
N PRO U 59 8.03 -29.66 62.97
CA PRO U 59 8.39 -29.98 61.58
C PRO U 59 7.84 -31.31 61.09
N ALA U 60 7.42 -32.20 62.00
CA ALA U 60 6.82 -33.46 61.57
C ALA U 60 5.50 -33.26 60.86
N LEU U 61 4.74 -32.23 61.22
CA LEU U 61 3.46 -31.93 60.58
C LEU U 61 3.61 -31.00 59.39
N VAL U 62 4.78 -30.37 59.21
CA VAL U 62 5.01 -29.43 58.13
C VAL U 62 5.85 -30.13 57.06
N LYS U 63 5.25 -30.37 55.90
CA LYS U 63 5.95 -30.96 54.77
C LYS U 63 5.72 -30.06 53.55
N SER U 64 6.18 -30.53 52.40
CA SER U 64 5.93 -29.88 51.11
C SER U 64 5.40 -30.95 50.16
N GLU U 65 4.09 -31.19 50.21
CA GLU U 65 3.45 -32.23 49.43
C GLU U 65 2.54 -31.63 48.37
N ARG U 66 2.09 -32.48 47.46
CA ARG U 66 1.20 -32.05 46.39
C ARG U 66 -0.16 -31.66 46.95
N PRO U 67 -0.88 -30.80 46.24
CA PRO U 67 -2.27 -30.50 46.62
C PRO U 67 -3.15 -31.73 46.44
N PRO U 68 -4.34 -31.76 47.07
CA PRO U 68 -5.24 -32.90 46.90
C PRO U 68 -5.64 -33.10 45.44
N GLN U 69 -5.80 -34.37 45.06
CA GLN U 69 -5.93 -34.76 43.67
C GLN U 69 -7.28 -34.34 43.09
N THR U 70 -7.28 -33.28 42.30
CA THR U 70 -8.47 -32.79 41.61
C THR U 70 -8.37 -33.02 40.11
N GLY U 71 -7.82 -34.16 39.72
CA GLY U 71 -7.62 -34.44 38.32
C GLY U 71 -6.96 -35.79 38.14
N THR U 72 -6.48 -36.04 36.93
CA THR U 72 -5.80 -37.29 36.62
C THR U 72 -4.30 -37.13 36.47
N VAL U 73 -3.83 -36.02 35.90
CA VAL U 73 -2.40 -35.81 35.65
C VAL U 73 -1.95 -34.57 36.40
N PHE U 74 -0.89 -34.71 37.19
CA PHE U 74 -0.29 -33.56 37.87
C PHE U 74 0.65 -32.85 36.91
N ASN U 75 0.28 -31.62 36.51
CA ASN U 75 1.14 -30.79 35.69
C ASN U 75 2.27 -30.25 36.55
N ILE U 76 3.50 -30.63 36.20
CA ILE U 76 4.67 -30.30 37.02
C ILE U 76 5.27 -28.94 36.67
N TRP U 77 5.01 -28.39 35.49
CA TRP U 77 5.44 -27.03 35.21
C TRP U 77 4.62 -26.01 35.99
N TYR U 78 3.29 -26.18 35.99
CA TYR U 78 2.41 -25.28 36.71
C TYR U 78 2.06 -25.79 38.10
N ASN U 79 2.45 -27.03 38.42
CA ASN U 79 2.26 -27.66 39.73
C ASN U 79 0.77 -27.71 40.10
N LYS U 80 -0.05 -28.11 39.13
CA LYS U 80 -1.49 -28.06 39.31
C LYS U 80 -2.10 -29.33 38.73
N TRP U 81 -3.16 -29.82 39.36
CA TRP U 81 -3.82 -31.01 38.84
C TRP U 81 -4.63 -30.66 37.60
N SER U 82 -4.63 -31.56 36.63
CA SER U 82 -5.32 -31.37 35.36
C SER U 82 -6.04 -32.65 34.97
N GLY U 83 -7.15 -32.48 34.26
CA GLY U 83 -8.07 -33.57 33.99
C GLY U 83 -9.31 -33.42 34.84
N GLY U 84 -10.09 -34.49 34.98
CA GLY U 84 -11.31 -34.41 35.77
C GLY U 84 -12.36 -33.57 35.09
N ASP U 85 -13.10 -32.81 35.90
CA ASP U 85 -14.17 -31.95 35.43
C ASP U 85 -13.99 -30.54 35.98
N ARG U 86 -14.44 -29.55 35.20
CA ARG U 86 -14.35 -28.16 35.63
C ARG U 86 -15.43 -27.77 36.63
N GLU U 87 -16.37 -28.67 36.94
CA GLU U 87 -17.34 -28.40 38.00
C GLU U 87 -16.65 -28.30 39.35
N ASP U 88 -15.51 -28.95 39.52
CA ASP U 88 -14.71 -28.82 40.73
C ASP U 88 -14.13 -27.41 40.82
N LYS U 89 -13.25 -27.08 39.87
CA LYS U 89 -12.58 -25.79 39.73
C LYS U 89 -12.02 -25.26 41.05
N TYR U 90 -12.58 -24.15 41.54
CA TYR U 90 -12.11 -23.57 42.78
C TYR U 90 -12.60 -24.33 44.01
N LEU U 91 -13.66 -25.14 43.86
CA LEU U 91 -14.23 -25.98 44.91
C LEU U 91 -14.64 -25.17 46.14
N SER U 92 -13.77 -25.11 47.14
CA SER U 92 -14.05 -24.39 48.37
C SER U 92 -12.74 -23.94 48.99
N GLN U 93 -12.85 -23.02 49.94
CA GLN U 93 -11.70 -22.53 50.68
C GLN U 93 -11.60 -23.31 51.98
N THR U 94 -10.50 -24.01 52.18
CA THR U 94 -10.37 -24.91 53.32
C THR U 94 -10.08 -24.12 54.59
N HIS U 95 -9.97 -24.85 55.70
CA HIS U 95 -9.65 -24.26 56.99
C HIS U 95 -8.14 -24.37 57.22
N ALA U 96 -7.54 -23.26 57.64
CA ALA U 96 -6.09 -23.20 57.74
C ALA U 96 -5.58 -24.01 58.92
N LYS U 97 -4.28 -24.32 58.87
CA LYS U 97 -3.66 -25.28 59.79
C LYS U 97 -3.09 -24.60 61.04
N GLY U 98 -3.41 -23.33 61.28
CA GLY U 98 -2.92 -22.68 62.47
C GLY U 98 -3.33 -21.23 62.64
N ARG U 99 -3.59 -20.82 63.87
CA ARG U 99 -3.85 -19.44 64.23
C ARG U 99 -2.68 -18.90 65.05
N CYS U 100 -2.74 -17.63 65.40
CA CYS U 100 -1.64 -16.94 66.03
C CYS U 100 -2.06 -16.37 67.38
N ASN U 101 -1.20 -16.53 68.38
CA ASN U 101 -1.31 -15.82 69.64
C ASN U 101 -0.06 -14.96 69.76
N ILE U 102 -0.26 -13.63 69.73
CA ILE U 102 0.87 -12.71 69.76
C ILE U 102 1.57 -12.77 71.12
N ALA U 103 0.80 -12.93 72.20
CA ALA U 103 1.39 -13.04 73.53
C ALA U 103 2.16 -14.34 73.72
N ARG U 104 1.88 -15.37 72.93
CA ARG U 104 2.53 -16.67 73.09
C ARG U 104 3.62 -16.94 72.05
N ASP U 105 3.40 -16.55 70.79
CA ASP U 105 4.30 -16.93 69.71
C ASP U 105 5.38 -15.91 69.41
N SER U 106 5.35 -14.73 70.02
CA SER U 106 6.34 -13.71 69.72
C SER U 106 7.68 -14.03 70.37
N GLY U 107 8.72 -13.36 69.88
CA GLY U 107 10.05 -13.57 70.40
C GLY U 107 11.07 -12.86 69.52
N TYR U 108 12.32 -13.32 69.60
CA TYR U 108 13.37 -12.81 68.73
C TYR U 108 13.81 -13.93 67.79
N THR U 109 14.20 -13.53 66.59
CA THR U 109 14.72 -14.43 65.56
C THR U 109 16.12 -13.97 65.18
N ARG U 110 16.65 -14.53 64.10
CA ARG U 110 17.86 -13.98 63.50
C ARG U 110 17.51 -12.82 62.56
N ALA U 111 16.67 -11.90 63.03
CA ALA U 111 16.28 -10.72 62.28
C ALA U 111 16.29 -9.44 63.10
N ASP U 112 16.25 -9.51 64.43
CA ASP U 112 16.36 -8.29 65.24
C ASP U 112 17.76 -7.71 65.19
N SER U 113 18.76 -8.54 64.90
CA SER U 113 20.13 -8.05 64.75
C SER U 113 20.33 -7.30 63.44
N ARG U 114 19.54 -7.61 62.41
CA ARG U 114 19.68 -6.97 61.11
C ARG U 114 18.63 -5.88 60.96
N PRO U 115 19.03 -4.62 60.75
CA PRO U 115 18.03 -3.57 60.45
C PRO U 115 17.42 -3.80 59.07
N GLY U 116 16.15 -3.44 58.93
CA GLY U 116 15.46 -3.54 57.67
C GLY U 116 14.87 -4.91 57.33
N SER U 117 14.86 -5.85 58.28
CA SER U 117 14.30 -7.18 58.04
C SER U 117 12.78 -7.11 58.03
N TYR U 118 12.18 -7.82 57.08
CA TYR U 118 10.74 -7.84 56.96
C TYR U 118 10.11 -8.80 57.97
N PHE U 119 8.80 -8.68 58.13
CA PHE U 119 8.06 -9.59 58.99
C PHE U 119 7.85 -10.92 58.29
N CYS U 120 7.48 -11.93 59.07
CA CYS U 120 7.35 -13.28 58.56
C CYS U 120 5.91 -13.56 58.14
N LEU U 121 5.75 -14.01 56.89
CA LEU U 121 4.44 -14.41 56.38
C LEU U 121 3.88 -15.62 57.11
N TYR U 122 4.74 -16.58 57.43
CA TYR U 122 4.28 -17.84 58.01
C TYR U 122 4.14 -17.75 59.53
N PHE U 123 4.88 -16.85 60.17
CA PHE U 123 4.56 -16.52 61.55
C PHE U 123 3.20 -15.82 61.63
N ALA U 124 2.88 -15.00 60.64
CA ALA U 124 1.55 -14.42 60.56
C ALA U 124 0.50 -15.47 60.22
N ARG U 125 0.90 -16.55 59.55
CA ARG U 125 -0.01 -17.65 59.24
C ARG U 125 -0.02 -18.73 60.30
N GLY U 126 0.83 -18.60 61.32
CA GLY U 126 0.80 -19.55 62.43
C GLY U 126 1.44 -20.89 62.16
N ILE U 127 2.14 -21.04 61.05
CA ILE U 127 2.67 -22.34 60.64
C ILE U 127 4.17 -22.27 60.40
N CYS U 128 4.86 -21.38 61.12
CA CYS U 128 6.31 -21.21 60.98
C CYS U 128 7.03 -22.09 62.00
N PRO U 129 7.76 -23.13 61.56
CA PRO U 129 8.37 -24.05 62.52
C PRO U 129 9.76 -23.64 62.98
N LYS U 130 10.42 -22.72 62.27
CA LYS U 130 11.83 -22.44 62.54
C LYS U 130 12.05 -21.78 63.91
N GLY U 131 11.10 -20.98 64.37
CA GLY U 131 11.28 -20.33 65.67
C GLY U 131 12.36 -19.26 65.60
N GLN U 132 13.35 -19.38 66.50
CA GLN U 132 14.42 -18.39 66.60
C GLN U 132 15.40 -18.45 65.43
N ASP U 133 15.36 -19.49 64.61
CA ASP U 133 16.25 -19.61 63.47
C ASP U 133 15.69 -19.02 62.19
N CYS U 134 14.49 -18.45 62.24
CA CYS U 134 13.90 -17.80 61.07
C CYS U 134 14.66 -16.51 60.75
N ASP U 135 14.79 -16.23 59.46
CA ASP U 135 15.48 -15.03 59.01
C ASP U 135 14.61 -13.79 59.02
N TYR U 136 13.33 -13.92 59.34
CA TYR U 136 12.40 -12.79 59.37
C TYR U 136 11.88 -12.59 60.80
N LEU U 137 11.32 -11.41 61.03
CA LEU U 137 10.84 -11.05 62.35
C LEU U 137 9.61 -11.87 62.74
N HIS U 138 9.53 -12.23 64.02
CA HIS U 138 8.41 -12.99 64.54
C HIS U 138 7.68 -12.22 65.62
N ARG U 139 7.42 -10.93 65.38
CA ARG U 139 6.69 -10.10 66.32
C ARG U 139 5.58 -9.37 65.57
N LEU U 140 4.73 -8.70 66.34
CA LEU U 140 3.65 -7.92 65.76
C LEU U 140 4.17 -6.61 65.18
N PRO U 141 3.63 -6.17 64.04
CA PRO U 141 4.00 -4.84 63.53
C PRO U 141 3.47 -3.73 64.43
N THR U 142 4.36 -2.82 64.80
CA THR U 142 4.00 -1.69 65.63
C THR U 142 3.52 -0.54 64.74
N ILE U 143 3.32 0.64 65.33
CA ILE U 143 2.84 1.78 64.57
C ILE U 143 3.96 2.45 63.76
N HIS U 144 5.21 2.30 64.19
CA HIS U 144 6.36 2.84 63.46
C HIS U 144 6.90 1.87 62.41
N ASP U 145 6.17 0.79 62.13
CA ASP U 145 6.59 -0.18 61.11
C ASP U 145 5.89 0.19 59.80
N ILE U 146 6.43 1.22 59.14
CA ILE U 146 5.92 1.69 57.86
C ILE U 146 6.82 1.16 56.76
N PHE U 147 6.22 0.93 55.59
CA PHE U 147 6.95 0.36 54.46
C PHE U 147 6.66 1.18 53.21
N ASN U 148 7.62 1.13 52.28
CA ASN U 148 7.49 1.84 51.02
C ASN U 148 6.41 1.22 50.16
N PRO U 149 5.81 2.01 49.22
CA PRO U 149 4.79 1.48 48.30
C PRO U 149 5.34 0.62 47.17
N ASN U 150 6.17 -0.36 47.51
CA ASN U 150 6.52 -1.44 46.58
C ASN U 150 6.49 -2.81 47.21
N VAL U 151 6.48 -2.92 48.54
CA VAL U 151 6.47 -4.19 49.25
C VAL U 151 5.45 -4.11 50.37
N ASP U 152 5.03 -5.29 50.84
CA ASP U 152 4.19 -5.39 52.02
C ASP U 152 5.09 -5.51 53.26
N CYS U 153 4.49 -5.88 54.40
CA CYS U 153 5.28 -6.09 55.61
C CYS U 153 6.07 -7.39 55.57
N PHE U 154 5.71 -8.32 54.68
CA PHE U 154 6.43 -9.58 54.53
C PHE U 154 7.45 -9.55 53.40
N GLY U 155 7.57 -8.43 52.68
CA GLY U 155 8.56 -8.31 51.63
C GLY U 155 8.11 -8.72 50.26
N ARG U 156 6.89 -9.20 50.09
CA ARG U 156 6.38 -9.55 48.78
C ARG U 156 6.10 -8.30 47.96
N ASP U 157 6.36 -8.37 46.66
CA ASP U 157 6.23 -7.20 45.80
C ASP U 157 4.77 -6.88 45.53
N LYS U 158 4.42 -5.61 45.67
CA LYS U 158 3.07 -5.15 45.38
C LYS U 158 2.94 -4.80 43.91
N PHE U 159 1.71 -4.90 43.39
CA PHE U 159 1.47 -4.91 41.96
C PHE U 159 0.90 -3.58 41.49
N ALA U 160 0.82 -3.42 40.17
CA ALA U 160 0.25 -2.21 39.59
C ALA U 160 -1.24 -2.11 39.91
N ASP U 161 -2.01 -3.10 39.47
CA ASP U 161 -3.44 -3.15 39.71
C ASP U 161 -3.79 -4.37 40.54
N TYR U 162 -5.00 -4.35 41.10
CA TYR U 162 -5.49 -5.49 41.86
C TYR U 162 -5.82 -6.65 40.93
N ARG U 163 -5.97 -7.83 41.51
CA ARG U 163 -6.53 -8.96 40.80
C ARG U 163 -8.04 -8.96 40.99
N ASP U 164 -8.74 -9.59 40.04
CA ASP U 164 -10.20 -9.56 40.05
C ASP U 164 -10.77 -10.29 41.26
N ASP U 165 -10.28 -11.51 41.52
CA ASP U 165 -10.53 -12.14 42.80
C ASP U 165 -9.65 -11.46 43.83
N MET U 166 -10.15 -10.37 44.42
CA MET U 166 -9.30 -9.36 45.04
C MET U 166 -8.67 -9.84 46.33
N GLY U 167 -7.51 -10.48 46.22
CA GLY U 167 -6.71 -10.91 47.35
C GLY U 167 -5.23 -10.79 47.02
N GLY U 168 -4.39 -11.55 47.70
CA GLY U 168 -2.97 -11.54 47.41
C GLY U 168 -2.23 -10.43 48.14
N VAL U 169 -1.13 -10.00 47.53
CA VAL U 169 -0.27 -9.00 48.15
C VAL U 169 -0.96 -7.63 48.18
N GLY U 170 -1.54 -7.24 47.05
CA GLY U 170 -2.19 -5.94 46.93
C GLY U 170 -1.53 -5.09 45.85
N SER U 171 -2.05 -3.88 45.71
CA SER U 171 -1.58 -2.93 44.71
C SER U 171 -1.07 -1.67 45.40
N PHE U 172 -0.06 -1.05 44.80
CA PHE U 172 0.50 0.18 45.35
C PHE U 172 -0.18 1.43 44.82
N ASN U 173 -1.20 1.29 43.96
CA ASN U 173 -1.95 2.43 43.47
C ASN U 173 -3.10 2.81 44.40
N ARG U 174 -3.21 2.14 45.55
CA ARG U 174 -4.18 2.52 46.58
C ARG U 174 -3.57 2.18 47.93
N GLN U 175 -3.43 3.18 48.80
CA GLN U 175 -2.96 2.96 50.16
C GLN U 175 -4.13 2.36 50.95
N ASN U 176 -4.33 1.06 50.75
CA ASN U 176 -5.50 0.37 51.26
C ASN U 176 -5.17 -0.21 52.64
N ARG U 177 -5.82 0.35 53.66
CA ARG U 177 -5.75 -0.16 55.02
C ARG U 177 -7.04 -0.83 55.45
N THR U 178 -7.90 -1.15 54.48
CA THR U 178 -9.22 -1.72 54.72
C THR U 178 -9.25 -3.17 54.29
N ILE U 179 -9.64 -4.05 55.21
CA ILE U 179 -9.73 -5.48 54.92
C ILE U 179 -11.21 -5.88 54.92
N TYR U 180 -11.60 -6.67 53.92
CA TYR U 180 -13.01 -7.12 53.77
C TYR U 180 -13.12 -8.56 54.26
N VAL U 181 -13.85 -8.77 55.33
CA VAL U 181 -14.11 -10.11 55.85
C VAL U 181 -15.58 -10.46 55.65
N GLY U 182 -15.81 -11.71 55.23
CA GLY U 182 -17.14 -12.25 55.07
C GLY U 182 -17.19 -13.66 55.58
N ARG U 183 -18.28 -14.36 55.24
CA ARG U 183 -18.48 -15.77 55.68
C ARG U 183 -18.40 -15.84 57.20
N ILE U 184 -19.17 -14.98 57.87
CA ILE U 184 -19.28 -15.03 59.33
C ILE U 184 -20.62 -15.66 59.67
N HIS U 185 -20.62 -16.58 60.64
CA HIS U 185 -21.85 -17.21 61.09
C HIS U 185 -22.79 -16.17 61.68
N VAL U 186 -23.94 -15.99 61.01
CA VAL U 186 -24.83 -14.86 61.26
C VAL U 186 -25.52 -15.09 62.60
N THR U 187 -25.08 -14.36 63.61
CA THR U 187 -25.70 -14.32 64.94
C THR U 187 -25.97 -12.86 65.30
N ASP U 188 -26.34 -12.64 66.56
CA ASP U 188 -26.61 -11.29 67.05
C ASP U 188 -25.42 -10.63 67.73
N ASP U 189 -24.40 -11.39 68.12
CA ASP U 189 -23.21 -10.86 68.80
C ASP U 189 -22.01 -10.80 67.88
N ILE U 190 -22.21 -10.41 66.61
CA ILE U 190 -21.11 -10.33 65.66
C ILE U 190 -20.11 -9.26 66.06
N GLU U 191 -20.60 -8.09 66.48
CA GLU U 191 -19.75 -6.93 66.70
C GLU U 191 -18.75 -7.15 67.82
N GLU U 192 -19.19 -7.76 68.92
CA GLU U 192 -18.30 -7.99 70.05
C GLU U 192 -17.18 -8.98 69.69
N ILE U 193 -17.52 -10.06 69.01
CA ILE U 193 -16.50 -11.06 68.70
C ILE U 193 -15.56 -10.56 67.60
N VAL U 194 -16.06 -9.73 66.67
CA VAL U 194 -15.18 -9.12 65.68
C VAL U 194 -14.22 -8.14 66.33
N ALA U 195 -14.73 -7.30 67.25
CA ALA U 195 -13.85 -6.35 67.92
C ALA U 195 -12.88 -7.05 68.86
N ARG U 196 -13.24 -8.22 69.38
CA ARG U 196 -12.29 -8.97 70.20
C ARG U 196 -11.21 -9.63 69.36
N HIS U 197 -11.58 -10.23 68.22
CA HIS U 197 -10.62 -11.01 67.46
C HIS U 197 -9.91 -10.23 66.35
N PHE U 198 -10.50 -9.16 65.84
CA PHE U 198 -9.78 -8.26 64.93
C PHE U 198 -9.09 -7.13 65.71
N ALA U 199 -8.36 -7.49 66.76
CA ALA U 199 -7.70 -6.48 67.59
C ALA U 199 -6.28 -6.82 67.99
N GLU U 200 -5.84 -8.08 67.86
CA GLU U 200 -4.49 -8.46 68.24
C GLU U 200 -3.49 -8.35 67.10
N TRP U 201 -3.92 -7.86 65.94
CA TRP U 201 -3.05 -7.74 64.78
C TRP U 201 -2.46 -6.35 64.59
N GLY U 202 -3.05 -5.33 65.21
CA GLY U 202 -2.53 -3.99 65.07
C GLY U 202 -3.42 -2.99 65.77
N GLN U 203 -3.27 -1.74 65.37
CA GLN U 203 -4.07 -0.65 65.90
C GLN U 203 -5.14 -0.28 64.88
N ILE U 204 -6.39 -0.16 65.34
CA ILE U 204 -7.55 -0.12 64.46
C ILE U 204 -8.17 1.27 64.47
N GLU U 205 -8.44 1.81 63.28
CA GLU U 205 -9.21 3.04 63.13
C GLU U 205 -10.72 2.79 63.24
N ARG U 206 -11.26 1.95 62.36
CA ARG U 206 -12.72 1.93 62.20
C ARG U 206 -13.18 0.56 61.72
N ILE U 207 -14.08 -0.08 62.45
CA ILE U 207 -14.67 -1.37 61.98
C ILE U 207 -16.15 -1.11 61.71
N ARG U 208 -16.58 -1.22 60.47
CA ARG U 208 -18.03 -1.11 60.19
C ARG U 208 -18.54 -2.53 59.94
N VAL U 209 -19.39 -3.03 60.84
CA VAL U 209 -19.90 -4.42 60.69
C VAL U 209 -21.24 -4.36 59.96
N LEU U 210 -21.26 -4.65 58.66
CA LEU U 210 -22.54 -4.74 57.93
C LEU U 210 -23.19 -6.06 58.34
N ASN U 211 -23.83 -6.11 59.52
CA ASN U 211 -24.47 -7.34 60.05
C ASN U 211 -25.60 -7.83 59.13
N ASN U 212 -26.13 -9.03 59.38
CA ASN U 212 -27.19 -9.65 58.53
C ASN U 212 -26.56 -10.23 57.26
N ARG U 213 -25.63 -9.49 56.65
CA ARG U 213 -24.90 -10.00 55.46
C ARG U 213 -23.76 -10.89 55.95
N GLY U 214 -23.29 -10.69 57.19
CA GLY U 214 -22.12 -11.44 57.70
C GLY U 214 -20.85 -10.83 57.13
N VAL U 215 -20.85 -9.51 56.94
CA VAL U 215 -19.69 -8.83 56.28
C VAL U 215 -19.19 -7.68 57.15
N ALA U 216 -17.87 -7.58 57.34
CA ALA U 216 -17.31 -6.43 58.09
C ALA U 216 -16.12 -5.82 57.33
N PHE U 217 -15.85 -4.54 57.58
CA PHE U 217 -14.77 -3.84 56.84
C PHE U 217 -13.87 -3.22 57.89
N ILE U 218 -12.71 -3.83 58.16
CA ILE U 218 -11.84 -3.35 59.26
C ILE U 218 -10.74 -2.43 58.70
N THR U 219 -10.69 -1.20 59.15
CA THR U 219 -9.69 -0.23 58.72
C THR U 219 -8.71 -0.01 59.86
N TYR U 220 -7.49 -0.51 59.70
CA TYR U 220 -6.41 -0.23 60.62
C TYR U 220 -5.79 1.12 60.31
N THR U 221 -5.07 1.67 61.30
CA THR U 221 -4.36 2.93 61.05
C THR U 221 -3.08 2.70 60.26
N ASN U 222 -2.57 1.47 60.24
CA ASN U 222 -1.34 1.14 59.55
C ASN U 222 -1.62 0.12 58.45
N GLU U 223 -0.98 0.33 57.29
CA GLU U 223 -1.16 -0.60 56.16
C GLU U 223 -0.50 -1.95 56.44
N ALA U 224 0.65 -1.94 57.11
CA ALA U 224 1.32 -3.20 57.45
C ALA U 224 0.50 -4.03 58.41
N ASN U 225 -0.19 -3.38 59.35
CA ASN U 225 -1.09 -4.09 60.24
C ASN U 225 -2.29 -4.67 59.49
N ALA U 226 -2.77 -3.94 58.48
CA ALA U 226 -3.86 -4.45 57.65
C ALA U 226 -3.43 -5.68 56.85
N GLN U 227 -2.22 -5.65 56.28
CA GLN U 227 -1.71 -6.81 55.57
C GLN U 227 -1.49 -8.00 56.51
N PHE U 228 -0.98 -7.72 57.71
CA PHE U 228 -0.80 -8.77 58.71
C PHE U 228 -2.12 -9.40 59.11
N ALA U 229 -3.15 -8.57 59.30
CA ALA U 229 -4.47 -9.09 59.67
C ALA U 229 -5.08 -9.89 58.54
N LYS U 230 -4.89 -9.44 57.30
CA LYS U 230 -5.42 -10.17 56.15
C LYS U 230 -4.74 -11.53 55.99
N GLU U 231 -3.42 -11.58 56.20
CA GLU U 231 -2.72 -12.84 56.07
C GLU U 231 -2.85 -13.71 57.31
N ALA U 232 -3.33 -13.16 58.42
CA ALA U 232 -3.49 -13.93 59.65
C ALA U 232 -4.90 -14.51 59.81
N MET U 233 -5.93 -13.75 59.46
CA MET U 233 -7.30 -14.18 59.67
C MET U 233 -7.92 -14.90 58.49
N ALA U 234 -7.22 -14.97 57.35
CA ALA U 234 -7.76 -15.70 56.21
C ALA U 234 -7.83 -17.18 56.51
N HIS U 235 -9.00 -17.78 56.19
CA HIS U 235 -9.30 -19.19 56.43
C HIS U 235 -9.19 -19.57 57.90
N GLN U 236 -9.51 -18.64 58.79
CA GLN U 236 -9.60 -18.91 60.22
C GLN U 236 -11.06 -19.01 60.64
N SER U 237 -11.25 -19.33 61.92
CA SER U 237 -12.58 -19.44 62.52
C SER U 237 -12.76 -18.35 63.57
N LEU U 238 -13.96 -17.81 63.65
CA LEU U 238 -14.24 -16.74 64.61
C LEU U 238 -14.74 -17.30 65.93
N ASP U 239 -15.87 -18.00 65.92
CA ASP U 239 -16.35 -18.68 67.12
C ASP U 239 -16.77 -20.11 66.80
N HIS U 240 -17.27 -20.33 65.60
CA HIS U 240 -17.69 -21.66 65.15
C HIS U 240 -16.82 -22.07 63.96
N ASN U 241 -17.02 -23.30 63.51
CA ASN U 241 -16.19 -23.88 62.46
C ASN U 241 -16.62 -23.29 61.11
N GLU U 242 -16.00 -22.16 60.76
CA GLU U 242 -16.23 -21.49 59.49
C GLU U 242 -14.91 -21.05 58.90
N ILE U 243 -14.93 -20.79 57.60
CA ILE U 243 -13.76 -20.31 56.86
C ILE U 243 -14.01 -18.85 56.51
N LEU U 244 -13.21 -17.96 57.09
CA LEU U 244 -13.37 -16.54 56.85
C LEU U 244 -12.71 -16.15 55.53
N ASN U 245 -13.43 -15.36 54.74
CA ASN U 245 -12.92 -14.85 53.47
C ASN U 245 -12.39 -13.43 53.67
N VAL U 246 -11.20 -13.35 54.27
CA VAL U 246 -10.56 -12.07 54.54
C VAL U 246 -9.82 -11.65 53.27
N ARG U 247 -10.39 -10.68 52.55
CA ARG U 247 -9.86 -10.24 51.27
C ARG U 247 -9.64 -8.73 51.33
N TRP U 248 -9.08 -8.20 50.24
CA TRP U 248 -8.78 -6.76 50.20
C TRP U 248 -10.07 -6.02 49.92
N ALA U 249 -10.35 -5.01 50.73
CA ALA U 249 -11.63 -4.29 50.56
C ALA U 249 -11.55 -3.39 49.35
N THR U 250 -12.67 -3.20 48.65
CA THR U 250 -12.69 -2.23 47.55
C THR U 250 -12.90 -0.85 48.15
N ALA U 251 -13.63 0.03 47.47
CA ALA U 251 -13.77 1.39 48.01
C ALA U 251 -15.20 1.60 48.50
N ASP U 252 -15.34 2.10 49.73
CA ASP U 252 -16.68 2.34 50.33
C ASP U 252 -17.39 3.40 49.51
N PRO U 253 -18.54 3.09 48.86
CA PRO U 253 -19.22 4.07 48.02
C PRO U 253 -19.86 5.18 48.86
N ASN U 254 -20.03 4.99 50.17
CA ASN U 254 -20.56 6.04 51.08
C ASN U 254 -19.77 7.32 50.84
N PRO U 255 -20.39 8.40 50.33
CA PRO U 255 -19.70 9.69 50.13
C PRO U 255 -19.04 10.25 51.38
N LEU U 256 -19.56 9.93 52.58
CA LEU U 256 -18.90 10.33 53.80
C LEU U 256 -17.55 9.66 53.94
N ALA U 257 -17.47 8.36 53.65
CA ALA U 257 -16.19 7.67 53.64
C ALA U 257 -15.27 8.21 52.55
N GLN U 258 -15.84 8.58 51.40
CA GLN U 258 -15.05 9.14 50.31
C GLN U 258 -14.40 10.45 50.72
N LYS U 259 -15.16 11.35 51.35
CA LYS U 259 -14.58 12.62 51.76
C LYS U 259 -13.65 12.45 52.95
N ARG U 260 -13.90 11.47 53.82
CA ARG U 260 -12.95 11.16 54.89
C ARG U 260 -11.60 10.71 54.33
N GLU U 261 -11.63 9.79 53.36
CA GLU U 261 -10.38 9.30 52.77
C GLU U 261 -9.66 10.38 51.99
N GLN U 262 -10.41 11.20 51.24
CA GLN U 262 -9.82 12.30 50.49
C GLN U 262 -9.18 13.32 51.43
N ARG U 263 -9.86 13.65 52.53
CA ARG U 263 -9.28 14.56 53.50
C ARG U 263 -8.01 13.99 54.13
N ARG U 264 -8.06 12.71 54.56
CA ARG U 264 -6.90 12.08 55.19
C ARG U 264 -5.69 12.05 54.26
N ILE U 265 -5.94 11.80 52.97
CA ILE U 265 -4.90 11.93 51.95
C ILE U 265 -4.36 13.36 51.93
N GLU U 266 -5.26 14.35 52.05
CA GLU U 266 -4.84 15.75 51.98
C GLU U 266 -3.99 16.16 53.18
N GLU U 267 -4.35 15.77 54.42
CA GLU U 267 -3.43 16.10 55.51
C GLU U 267 -2.19 15.22 55.54
N GLN U 268 -2.19 14.03 54.94
CA GLN U 268 -0.92 13.31 54.80
C GLN U 268 0.04 14.06 53.88
N ALA U 269 -0.46 14.53 52.74
CA ALA U 269 0.36 15.34 51.86
C ALA U 269 0.75 16.66 52.50
N ALA U 270 -0.15 17.24 53.30
CA ALA U 270 0.15 18.48 54.01
C ALA U 270 1.24 18.28 55.04
N GLU U 271 1.24 17.13 55.73
CA GLU U 271 2.31 16.80 56.66
C GLU U 271 3.64 16.68 55.93
N ALA U 272 3.63 16.04 54.75
CA ALA U 272 4.86 15.94 53.97
C ALA U 272 5.36 17.32 53.52
N ILE U 273 4.45 18.18 53.07
CA ILE U 273 4.84 19.52 52.62
C ILE U 273 5.35 20.36 53.79
N ARG U 274 4.71 20.25 54.95
CA ARG U 274 5.17 20.95 56.15
C ARG U 274 6.54 20.47 56.60
N ARG U 275 6.82 19.17 56.43
CA ARG U 275 8.17 18.68 56.65
C ARG U 275 9.15 19.26 55.63
N ALA U 276 8.71 19.43 54.38
CA ALA U 276 9.60 19.94 53.35
C ALA U 276 9.91 21.42 53.54
N LEU U 277 8.88 22.24 53.82
CA LEU U 277 9.02 23.70 53.90
C LEU U 277 9.51 24.13 55.27
N PRO U 278 10.20 25.27 55.34
CA PRO U 278 10.55 25.85 56.64
C PRO U 278 9.33 26.30 57.43
N ALA U 279 9.48 26.35 58.75
CA ALA U 279 8.35 26.63 59.65
C ALA U 279 7.80 28.04 59.45
N GLU U 280 8.68 29.03 59.28
CA GLU U 280 8.22 30.39 59.02
C GLU U 280 7.50 30.49 57.68
N PHE U 281 7.98 29.74 56.67
CA PHE U 281 7.39 29.76 55.35
C PHE U 281 5.96 29.25 55.39
N VAL U 282 5.76 28.06 55.98
CA VAL U 282 4.41 27.49 56.06
C VAL U 282 3.53 28.31 56.98
N ALA U 283 4.10 28.84 58.07
CA ALA U 283 3.33 29.69 58.98
C ALA U 283 2.81 30.94 58.29
N GLU U 284 3.58 31.49 57.34
CA GLU U 284 3.03 32.52 56.47
C GLU U 284 2.09 31.96 55.42
N ILE U 285 2.24 30.68 55.06
CA ILE U 285 1.43 30.11 53.97
C ILE U 285 -0.02 29.94 54.38
N GLU U 286 -0.29 29.33 55.54
CA GLU U 286 -1.69 29.26 55.97
C GLU U 286 -2.20 30.64 56.40
N GLY U 287 -1.42 31.35 57.22
CA GLY U 287 -1.84 32.67 57.67
C GLY U 287 -2.99 32.68 58.63
N LYS U 288 -3.24 31.57 59.34
CA LYS U 288 -4.24 31.59 60.41
C LYS U 288 -3.78 32.44 61.57
N ASP U 289 -2.47 32.48 61.83
CA ASP U 289 -1.91 33.36 62.84
C ASP U 289 -1.87 34.79 62.33
N PRO U 290 -2.52 35.73 63.01
CA PRO U 290 -2.48 37.14 62.54
C PRO U 290 -1.09 37.76 62.54
N GLU U 291 -0.24 37.36 63.49
CA GLU U 291 1.13 37.88 63.52
C GLU U 291 1.92 37.43 62.29
N ALA U 292 1.67 36.20 61.82
CA ALA U 292 2.29 35.73 60.59
C ALA U 292 1.79 36.52 59.39
N ARG U 293 0.51 36.90 59.39
CA ARG U 293 -0.01 37.76 58.33
C ARG U 293 0.66 39.13 58.34
N LYS U 294 0.84 39.71 59.53
CA LYS U 294 1.53 40.99 59.62
C LYS U 294 2.99 40.88 59.18
N ARG U 295 3.63 39.76 59.51
CA ARG U 295 5.00 39.51 59.04
C ARG U 295 5.04 39.41 57.52
N ARG U 296 4.03 38.79 56.90
CA ARG U 296 3.99 38.73 55.45
C ARG U 296 3.79 40.11 54.84
N LYS U 297 2.91 40.93 55.43
CA LYS U 297 2.70 42.27 54.89
C LYS U 297 3.94 43.15 55.02
N LEU U 298 4.62 43.09 56.17
CA LEU U 298 5.78 43.95 56.35
C LEU U 298 7.00 43.45 55.59
N GLU U 299 7.20 42.13 55.55
CA GLU U 299 8.42 41.58 54.96
C GLU U 299 8.38 41.58 53.44
N SER U 300 7.21 41.34 52.84
CA SER U 300 7.10 41.29 51.38
C SER U 300 6.84 42.67 50.79
N SER U 301 7.70 43.63 51.15
CA SER U 301 7.67 44.97 50.58
C SER U 301 8.98 45.31 49.87
N TYR U 302 10.11 45.04 50.52
CA TYR U 302 11.46 45.19 49.95
C TYR U 302 11.74 46.62 49.48
N GLY U 303 11.25 47.61 50.23
CA GLY U 303 11.44 49.00 49.85
C GLY U 303 10.27 49.59 49.08
N LEU U 304 9.91 48.97 47.95
CA LEU U 304 8.75 49.43 47.18
C LEU U 304 7.46 49.19 47.94
N GLU U 305 6.71 50.26 48.17
CA GLU U 305 5.43 50.15 48.86
C GLU U 305 4.33 49.72 47.89
N GLY U 306 3.32 49.07 48.45
CA GLY U 306 2.22 48.57 47.63
C GLY U 306 2.62 47.47 46.67
N TYR U 307 3.58 46.64 47.08
CA TYR U 307 4.03 45.52 46.25
C TYR U 307 3.20 44.27 46.52
N GLU U 308 3.25 43.76 47.76
CA GLU U 308 2.69 42.47 48.17
C GLU U 308 3.20 41.36 47.24
N ALA U 309 4.52 41.10 47.37
CA ALA U 309 5.33 40.20 46.56
C ALA U 309 4.67 38.85 46.31
N PRO U 310 4.78 38.30 45.11
CA PRO U 310 4.12 37.03 44.79
C PRO U 310 4.74 35.87 45.54
N ASP U 311 3.95 34.80 45.69
CA ASP U 311 4.39 33.61 46.40
C ASP U 311 5.53 32.90 45.68
N ALA U 312 5.66 33.07 44.37
CA ALA U 312 6.81 32.52 43.66
C ALA U 312 8.10 33.21 44.07
N VAL U 313 8.05 34.52 44.30
CA VAL U 313 9.24 35.28 44.69
C VAL U 313 9.48 35.20 46.19
N HIS U 314 8.43 35.37 47.00
CA HIS U 314 8.60 35.37 48.44
C HIS U 314 8.87 33.97 48.97
N PHE U 315 7.95 33.04 48.74
CA PHE U 315 8.12 31.65 49.16
C PHE U 315 9.00 30.92 48.14
N ALA U 316 10.28 31.25 48.15
CA ALA U 316 11.26 30.64 47.28
C ALA U 316 12.47 30.20 48.10
N ARG U 317 13.06 29.08 47.73
CA ARG U 317 14.20 28.51 48.42
C ARG U 317 15.37 28.38 47.46
N GLY U 318 16.52 28.90 47.87
CA GLY U 318 17.71 28.83 47.07
C GLY U 318 18.83 29.70 47.62
N PRO U 319 20.03 29.57 47.06
CA PRO U 319 21.14 30.41 47.53
C PRO U 319 21.03 31.86 47.08
N ASN U 320 20.42 32.11 45.92
CA ASN U 320 20.34 33.46 45.36
C ASN U 320 18.96 34.09 45.52
N ALA U 321 18.07 33.48 46.29
CA ALA U 321 16.77 34.07 46.54
C ALA U 321 16.91 35.30 47.45
N VAL U 322 15.88 36.14 47.44
CA VAL U 322 15.85 37.34 48.28
C VAL U 322 14.75 37.16 49.31
N ASN U 323 15.15 36.62 50.47
CA ASN U 323 14.30 36.15 51.55
C ASN U 323 15.31 35.71 52.60
N PRO U 324 14.94 35.48 53.87
CA PRO U 324 15.82 34.70 54.76
C PRO U 324 16.27 33.32 54.24
N ARG U 325 15.68 32.80 53.16
CA ARG U 325 16.13 31.60 52.45
C ARG U 325 16.09 30.35 53.33
N GLY U 326 17.26 29.82 53.66
CA GLY U 326 17.37 28.62 54.48
C GLY U 326 18.78 28.09 54.57
N ALA V 2 9.49 50.44 -24.77
CA ALA V 2 8.39 50.37 -25.73
C ALA V 2 8.04 51.76 -26.25
N SER V 3 7.89 51.87 -27.57
CA SER V 3 7.57 53.14 -28.21
C SER V 3 6.08 53.38 -28.35
N ILE V 4 5.24 52.38 -28.13
CA ILE V 4 3.80 52.53 -28.28
C ILE V 4 3.25 53.45 -27.19
N ALA V 5 3.71 53.28 -25.95
CA ALA V 5 3.21 54.09 -24.84
C ALA V 5 3.62 55.56 -25.01
N ALA V 6 4.88 55.81 -25.37
CA ALA V 6 5.34 57.17 -25.58
C ALA V 6 4.68 57.81 -26.80
N GLY V 7 4.49 57.04 -27.87
CA GLY V 7 3.84 57.56 -29.06
C GLY V 7 2.40 57.93 -28.82
N LEU V 8 1.66 57.09 -28.08
CA LEU V 8 0.27 57.42 -27.79
C LEU V 8 0.18 58.55 -26.77
N ALA V 9 1.11 58.60 -25.81
CA ALA V 9 1.14 59.71 -24.85
C ALA V 9 1.41 61.03 -25.55
N ALA V 10 2.20 61.02 -26.62
CA ALA V 10 2.35 62.21 -27.45
C ALA V 10 1.15 62.41 -28.37
N ALA V 11 0.37 61.35 -28.62
CA ALA V 11 -0.72 61.44 -29.59
C ALA V 11 -1.93 62.18 -29.03
N LEU V 12 -2.20 62.04 -27.73
CA LEU V 12 -3.42 62.63 -27.18
C LEU V 12 -3.27 64.14 -27.05
N PRO V 13 -4.35 64.89 -27.20
CA PRO V 13 -4.32 66.32 -26.85
C PRO V 13 -4.72 66.56 -25.40
N LYS V 14 -4.74 67.82 -24.99
CA LYS V 14 -5.20 68.18 -23.67
C LYS V 14 -6.71 67.99 -23.60
N PRO V 15 -7.22 67.38 -22.51
CA PRO V 15 -8.68 67.23 -22.39
C PRO V 15 -9.39 68.57 -22.26
N LYS V 16 -10.53 68.67 -22.93
CA LYS V 16 -11.26 69.93 -23.06
C LYS V 16 -12.16 70.25 -21.86
N TYR V 17 -12.49 69.27 -21.01
CA TYR V 17 -13.13 69.55 -19.73
C TYR V 17 -12.07 69.38 -18.65
N SER V 18 -11.69 70.50 -18.04
CA SER V 18 -10.71 70.47 -16.96
C SER V 18 -11.33 69.87 -15.71
N SER V 19 -10.60 68.96 -15.07
CA SER V 19 -11.07 68.23 -13.90
C SER V 19 -10.08 68.34 -12.75
N GLU V 20 -9.56 69.54 -12.51
CA GLU V 20 -8.67 69.76 -11.37
C GLU V 20 -9.43 69.88 -10.05
N HIS V 21 -10.75 70.04 -10.09
CA HIS V 21 -11.59 70.06 -8.90
C HIS V 21 -12.31 68.74 -8.68
N GLU V 22 -11.81 67.65 -9.26
CA GLU V 22 -12.53 66.39 -9.29
C GLU V 22 -12.29 65.64 -7.99
N GLU V 23 -13.23 65.79 -7.06
CA GLU V 23 -13.27 64.94 -5.88
C GLU V 23 -13.67 63.53 -6.32
N PRO V 24 -13.09 62.49 -5.72
CA PRO V 24 -13.42 61.11 -6.12
C PRO V 24 -14.89 60.78 -5.91
N ARG V 25 -15.42 59.94 -6.81
CA ARG V 25 -16.86 59.70 -6.93
C ARG V 25 -17.45 58.98 -5.72
N ALA V 26 -16.65 58.42 -4.84
CA ALA V 26 -17.14 57.79 -3.63
C ALA V 26 -16.53 58.51 -2.43
N THR V 27 -17.37 59.22 -1.67
CA THR V 27 -16.93 59.95 -0.50
C THR V 27 -16.63 58.96 0.61
N GLN V 28 -15.35 58.70 0.87
CA GLN V 28 -14.96 57.76 1.90
C GLN V 28 -15.27 58.33 3.28
N ARG V 29 -15.94 57.54 4.11
CA ARG V 29 -16.38 58.00 5.43
C ARG V 29 -15.19 58.23 6.34
N GLY V 30 -15.37 59.15 7.29
CA GLY V 30 -14.36 59.43 8.27
C GLY V 30 -14.20 58.31 9.27
N PRO V 31 -13.04 58.25 9.96
CA PRO V 31 -11.87 59.10 9.75
C PRO V 31 -11.02 58.61 8.58
N ARG V 32 -10.14 59.46 8.07
CA ARG V 32 -9.18 59.05 7.05
C ARG V 32 -7.96 58.51 7.76
N ILE V 33 -7.80 57.19 7.78
CA ILE V 33 -6.66 56.54 8.40
C ILE V 33 -5.77 56.04 7.27
N VAL V 34 -4.51 56.48 7.26
CA VAL V 34 -3.60 56.24 6.16
C VAL V 34 -2.40 55.44 6.66
N SER V 35 -1.51 55.11 5.73
CA SER V 35 -0.32 54.31 6.03
C SER V 35 0.78 55.21 6.60
N ALA V 36 1.94 54.60 6.84
CA ALA V 36 3.08 55.34 7.40
C ALA V 36 3.75 56.25 6.37
N ASP V 37 3.45 56.09 5.08
CA ASP V 37 4.12 56.86 4.05
C ASP V 37 3.43 58.18 3.75
N GLN V 38 2.26 58.44 4.33
CA GLN V 38 1.51 59.66 4.07
C GLN V 38 1.64 60.69 5.18
N ILE V 39 2.57 60.50 6.12
CA ILE V 39 2.80 61.49 7.16
C ILE V 39 3.45 62.74 6.57
N ASP V 40 4.43 62.54 5.67
CA ASP V 40 5.04 63.69 5.01
C ASP V 40 4.14 64.28 3.94
N GLU V 41 3.21 63.48 3.41
CA GLU V 41 2.29 63.98 2.38
C GLU V 41 1.22 64.90 2.95
N THR V 42 0.96 64.83 4.26
CA THR V 42 -0.04 65.68 4.88
C THR V 42 0.60 66.63 5.89
N PRO V 52 2.77 62.18 30.08
CA PRO V 52 3.66 63.31 30.35
C PRO V 52 5.04 63.15 29.72
N PRO V 53 5.71 64.25 29.41
CA PRO V 53 7.08 64.18 28.90
C PRO V 53 8.06 63.87 30.03
N TYR V 54 9.35 63.89 29.69
CA TYR V 54 10.41 63.61 30.65
C TYR V 54 11.42 64.76 30.65
N PRO V 55 11.09 65.88 31.31
CA PRO V 55 12.12 66.58 32.08
C PRO V 55 12.04 66.15 33.55
N ASN V 56 10.88 65.61 33.90
CA ASN V 56 10.53 65.16 35.24
C ASN V 56 9.17 64.45 35.17
N ARG V 57 8.90 63.55 36.10
CA ARG V 57 7.58 62.93 36.21
C ARG V 57 7.11 62.81 37.65
N ALA V 58 7.74 63.49 38.59
CA ALA V 58 7.33 63.42 39.99
C ALA V 58 6.00 64.12 40.21
N GLY V 59 5.25 63.64 41.20
CA GLY V 59 3.95 64.16 41.52
C GLY V 59 2.81 63.63 40.68
N TRP V 60 3.10 62.78 39.70
CA TRP V 60 2.09 62.19 38.83
C TRP V 60 2.15 60.68 38.96
N ARG V 61 1.13 60.10 39.61
CA ARG V 61 1.03 58.65 39.75
C ARG V 61 0.24 58.07 38.59
N PRO V 62 0.74 57.01 37.93
CA PRO V 62 -0.11 56.22 37.04
C PRO V 62 -1.33 55.69 37.78
N ARG V 63 -2.52 56.17 37.40
CA ARG V 63 -3.77 55.57 37.85
C ARG V 63 -4.47 54.75 36.78
N ALA V 64 -4.19 55.01 35.51
CA ALA V 64 -4.89 54.34 34.42
C ALA V 64 -3.96 53.34 33.72
N PRO V 65 -4.52 52.28 33.11
CA PRO V 65 -3.68 51.39 32.28
C PRO V 65 -3.08 52.07 31.07
N GLU V 66 -3.65 53.18 30.61
CA GLU V 66 -3.10 53.93 29.49
C GLU V 66 -2.16 55.05 29.94
N ASP V 67 -1.92 55.18 31.25
CA ASP V 67 -1.00 56.21 31.73
C ASP V 67 0.44 55.90 31.34
N PHE V 68 0.77 54.64 31.10
CA PHE V 68 2.10 54.25 30.67
C PHE V 68 2.30 54.38 29.15
N GLY V 69 1.39 55.05 28.45
CA GLY V 69 1.42 55.02 27.00
C GLY V 69 1.05 53.64 26.52
N ASP V 70 1.91 53.05 25.70
CA ASP V 70 1.74 51.64 25.34
C ASP V 70 2.07 50.74 26.52
N GLY V 71 3.02 51.15 27.36
CA GLY V 71 3.41 50.37 28.51
C GLY V 71 4.77 50.80 29.01
N GLY V 72 5.24 50.12 30.05
CA GLY V 72 6.53 50.41 30.63
C GLY V 72 6.45 51.24 31.89
N ALA V 73 6.80 50.64 33.02
CA ALA V 73 6.72 51.34 34.29
C ALA V 73 7.82 52.38 34.42
N PHE V 74 7.47 53.51 35.03
CA PHE V 74 8.37 54.65 35.12
C PHE V 74 9.30 54.49 36.32
N PRO V 75 10.62 54.50 36.14
CA PRO V 75 11.53 54.34 37.29
C PRO V 75 11.48 55.49 38.29
N GLU V 76 11.06 56.68 37.86
CA GLU V 76 11.05 57.86 38.73
C GLU V 76 10.10 57.70 39.90
N ILE V 77 8.89 57.21 39.63
CA ILE V 77 7.88 56.99 40.67
C ILE V 77 8.28 55.78 41.51
N PRO V 78 8.46 55.94 42.83
CA PRO V 78 8.81 54.79 43.67
C PRO V 78 7.59 54.06 44.22
N VAL V 79 6.64 53.75 43.33
CA VAL V 79 5.47 52.95 43.66
C VAL V 79 5.43 51.79 42.67
N ALA V 80 5.02 50.61 43.16
CA ALA V 80 4.88 49.44 42.31
C ALA V 80 3.86 49.71 41.19
N GLN V 81 4.26 49.43 39.96
CA GLN V 81 3.50 49.77 38.78
C GLN V 81 3.30 48.54 37.93
N TYR V 82 2.09 48.38 37.39
CA TYR V 82 1.70 47.19 36.65
C TYR V 82 1.29 47.58 35.24
N PRO V 83 2.22 47.61 34.28
CA PRO V 83 1.86 48.00 32.91
C PRO V 83 0.88 47.06 32.21
N TRP V 84 0.76 45.80 32.65
CA TRP V 84 -0.24 44.91 32.08
C TRP V 84 -1.11 44.28 33.16
N GLY V 85 -1.36 45.01 34.23
CA GLY V 85 -2.32 44.58 35.24
C GLY V 85 -1.78 43.49 36.17
N LYS V 86 -2.72 42.91 36.91
CA LYS V 86 -2.39 41.88 37.87
C LYS V 86 -2.03 40.57 37.17
N ASN V 87 -0.87 40.02 37.52
CA ASN V 87 -0.54 38.64 37.17
C ASN V 87 -0.88 37.75 38.37
N ASP V 88 -2.14 37.82 38.78
CA ASP V 88 -2.67 37.00 39.86
C ASP V 88 -2.69 35.52 39.51
N SER V 89 -3.08 35.17 38.29
CA SER V 89 -2.95 33.82 37.79
C SER V 89 -1.77 33.74 36.81
N SER V 90 -1.40 32.51 36.49
CA SER V 90 -0.34 32.29 35.51
C SER V 90 -0.85 32.58 34.10
N SER V 91 0.06 32.46 33.13
CA SER V 91 -0.33 32.61 31.73
C SER V 91 -1.32 31.53 31.30
N LYS V 92 -1.03 30.28 31.66
CA LYS V 92 -1.82 29.06 31.42
C LYS V 92 -2.46 29.00 30.04
N SER V 93 -1.74 29.47 29.02
CA SER V 93 -2.22 29.46 27.64
C SER V 93 -1.35 28.50 26.83
N ASN V 94 -2.00 27.68 26.00
CA ASN V 94 -1.31 26.68 25.20
C ASN V 94 -1.05 27.14 23.77
N ALA V 95 -1.09 28.44 23.52
CA ALA V 95 -0.81 28.95 22.19
C ALA V 95 0.69 28.94 21.92
N LEU V 96 1.05 29.12 20.65
CA LEU V 96 2.43 29.18 20.23
C LEU V 96 2.98 30.60 20.33
N VAL V 97 4.30 30.68 20.39
CA VAL V 97 4.99 31.97 20.41
C VAL V 97 4.91 32.59 19.01
N VAL V 98 4.28 33.74 18.92
CA VAL V 98 4.09 34.40 17.63
C VAL V 98 5.37 35.14 17.27
N GLN V 99 5.95 34.81 16.13
CA GLN V 99 7.15 35.45 15.63
C GLN V 99 6.82 36.35 14.44
N VAL V 100 7.80 37.17 14.07
CA VAL V 100 7.70 38.03 12.89
C VAL V 100 8.91 37.76 12.00
N ASP V 101 8.74 38.04 10.71
CA ASP V 101 9.81 37.83 9.74
C ASP V 101 10.60 39.12 9.54
N SER V 102 11.46 39.15 8.51
CA SER V 102 12.40 40.25 8.34
C SER V 102 11.69 41.56 7.96
N GLU V 103 10.81 41.51 6.95
CA GLU V 103 10.06 42.70 6.57
C GLU V 103 8.99 43.05 7.59
N GLY V 104 8.50 42.06 8.34
CA GLY V 104 7.52 42.25 9.37
C GLY V 104 6.13 41.85 8.92
N LYS V 105 5.78 40.60 9.23
CA LYS V 105 4.45 39.99 9.11
C LYS V 105 4.43 38.83 10.10
N VAL V 106 3.23 38.35 10.41
CA VAL V 106 3.11 37.18 11.28
C VAL V 106 3.67 35.96 10.55
N ASP V 107 4.64 35.30 11.19
CA ASP V 107 5.29 34.15 10.56
C ASP V 107 4.45 32.91 10.79
N TYR V 108 4.07 32.25 9.70
CA TYR V 108 3.22 31.07 9.75
C TYR V 108 3.97 29.78 9.44
N THR V 109 5.30 29.82 9.43
CA THR V 109 6.10 28.62 9.22
C THR V 109 6.27 27.80 10.48
N ALA V 110 5.79 28.29 11.62
CA ALA V 110 5.81 27.50 12.85
C ALA V 110 4.75 26.42 12.86
N ILE V 111 3.77 26.50 11.95
CA ILE V 111 2.72 25.49 11.85
C ILE V 111 3.17 24.33 10.97
N ALA V 112 3.86 24.62 9.86
CA ALA V 112 4.38 23.57 9.01
C ALA V 112 5.55 22.85 9.66
N ARG V 113 6.35 23.56 10.45
CA ARG V 113 7.54 22.99 11.08
C ARG V 113 7.21 22.36 12.43
N GLN V 114 5.94 22.36 12.83
CA GLN V 114 5.54 21.85 14.14
C GLN V 114 5.69 20.33 14.19
N GLY V 115 6.50 19.85 15.13
CA GLY V 115 6.77 18.44 15.25
C GLY V 115 8.01 17.96 14.52
N HIS V 116 8.76 18.87 13.89
CA HIS V 116 9.93 18.53 13.11
C HIS V 116 11.16 19.23 13.69
N SER V 117 12.32 18.63 13.47
CA SER V 117 13.58 19.21 13.92
C SER V 117 14.01 20.33 12.98
N SER V 118 15.06 21.05 13.40
CA SER V 118 15.50 22.24 12.67
C SER V 118 16.24 21.89 11.39
N ASP V 119 16.84 20.70 11.31
CA ASP V 119 17.55 20.31 10.09
C ASP V 119 16.62 19.74 9.02
N ARG V 120 15.35 19.51 9.34
CA ARG V 120 14.39 19.04 8.35
C ARG V 120 14.12 20.13 7.33
N ILE V 121 14.14 19.75 6.05
CA ILE V 121 13.84 20.67 4.97
C ILE V 121 12.35 20.62 4.68
N ILE V 122 11.66 21.74 4.90
CA ILE V 122 10.22 21.84 4.69
C ILE V 122 9.95 23.02 3.77
N HIS V 123 9.34 22.76 2.62
CA HIS V 123 8.86 23.83 1.74
C HIS V 123 7.46 24.22 2.19
N ALA V 124 7.29 25.50 2.56
CA ALA V 124 6.02 25.93 3.13
C ALA V 124 5.55 27.29 2.64
N SER V 125 6.19 27.87 1.63
CA SER V 125 5.78 29.16 1.12
C SER V 125 5.84 29.14 -0.41
N PHE V 126 5.21 30.16 -1.01
CA PHE V 126 5.20 30.30 -2.46
C PHE V 126 6.60 30.55 -3.03
N LYS V 127 7.51 31.07 -2.20
CA LYS V 127 8.89 31.30 -2.63
C LYS V 127 9.60 30.02 -3.02
N ASP V 128 9.18 28.88 -2.46
CA ASP V 128 9.74 27.59 -2.86
C ASP V 128 9.25 27.13 -4.23
N LEU V 129 8.17 27.71 -4.76
CA LEU V 129 7.67 27.34 -6.08
C LEU V 129 8.32 28.13 -7.20
N ILE V 130 9.20 29.07 -6.88
CA ILE V 130 9.87 29.88 -7.88
C ILE V 130 11.20 29.21 -8.23
N PRO V 131 11.64 29.23 -9.49
CA PRO V 131 12.97 28.75 -9.84
C PRO V 131 14.06 29.51 -9.09
N LEU V 132 15.15 28.80 -8.80
CA LEU V 132 16.26 29.39 -8.04
C LEU V 132 16.89 30.57 -8.77
N ARG V 133 17.00 30.48 -10.09
CA ARG V 133 17.56 31.56 -10.87
C ARG V 133 16.68 32.81 -10.83
N GLN V 134 15.37 32.63 -10.73
CA GLN V 134 14.42 33.74 -10.70
C GLN V 134 14.04 34.15 -9.29
N ARG V 135 14.73 33.63 -8.27
CA ARG V 135 14.28 33.75 -6.89
C ARG V 135 14.91 34.96 -6.20
N ALA V 136 14.66 36.13 -6.79
CA ALA V 136 14.99 37.45 -6.22
C ALA V 136 16.45 37.58 -5.79
N GLU V 137 16.71 37.38 -4.49
CA GLU V 137 18.06 37.45 -3.94
C GLU V 137 18.80 36.16 -4.28
N ALA V 138 19.26 36.09 -5.53
CA ALA V 138 19.95 34.92 -6.03
C ALA V 138 20.86 35.36 -7.17
N GLY V 139 22.16 35.41 -6.90
CA GLY V 139 23.14 35.76 -7.91
C GLY V 139 23.84 34.54 -8.47
N GLN V 140 25.06 34.30 -8.01
CA GLN V 140 25.79 33.12 -8.44
C GLN V 140 25.34 31.90 -7.64
N ILE V 141 25.05 30.82 -8.34
CA ILE V 141 24.63 29.56 -7.74
C ILE V 141 25.71 28.53 -7.98
N ASP V 142 26.22 27.94 -6.91
CA ASP V 142 27.28 26.94 -7.01
C ASP V 142 26.67 25.57 -7.23
N LEU V 143 26.91 24.98 -8.40
CA LEU V 143 26.31 23.71 -8.77
C LEU V 143 27.38 22.65 -8.97
N SER V 144 28.34 22.58 -8.05
CA SER V 144 29.46 21.65 -8.15
C SER V 144 29.31 20.54 -7.12
N ARG V 145 29.78 19.34 -7.49
CA ARG V 145 29.82 18.23 -6.55
C ARG V 145 30.80 18.52 -5.42
N PRO V 146 30.56 17.93 -4.24
CA PRO V 146 31.54 18.05 -3.15
C PRO V 146 32.87 17.40 -3.52
N SER V 147 33.94 17.96 -2.96
CA SER V 147 35.28 17.47 -3.27
C SER V 147 35.52 16.12 -2.59
N LYS V 148 36.66 15.51 -2.93
CA LYS V 148 36.98 14.16 -2.47
C LYS V 148 37.12 14.10 -0.95
N GLU V 149 37.52 15.21 -0.32
CA GLU V 149 37.67 15.24 1.13
C GLU V 149 36.33 15.05 1.83
N GLU V 150 35.34 15.87 1.46
CA GLU V 150 34.01 15.77 2.06
C GLU V 150 33.34 14.46 1.69
N VAL V 151 33.55 14.00 0.45
CA VAL V 151 32.95 12.76 -0.03
C VAL V 151 33.48 11.59 0.78
N GLU V 152 34.79 11.54 1.01
CA GLU V 152 35.37 10.44 1.76
C GLU V 152 35.05 10.54 3.24
N ALA V 153 34.91 11.76 3.78
CA ALA V 153 34.49 11.91 5.17
C ALA V 153 33.07 11.39 5.39
N THR V 154 32.16 11.75 4.48
CA THR V 154 30.81 11.21 4.55
C THR V 154 30.78 9.71 4.34
N ALA V 155 31.65 9.20 3.46
CA ALA V 155 31.74 7.76 3.27
C ALA V 155 32.18 7.05 4.54
N GLU V 156 33.18 7.62 5.24
CA GLU V 156 33.64 7.04 6.50
C GLU V 156 32.54 7.05 7.55
N ARG V 157 31.84 8.17 7.70
CA ARG V 157 30.80 8.28 8.70
C ARG V 157 29.65 7.31 8.42
N THR V 158 29.17 7.28 7.17
CA THR V 158 28.06 6.40 6.83
C THR V 158 28.45 4.94 6.89
N LYS V 159 29.69 4.60 6.50
CA LYS V 159 30.08 3.20 6.57
C LYS V 159 30.36 2.76 7.99
N ASN V 160 30.76 3.66 8.89
CA ASN V 160 30.85 3.30 10.31
C ASN V 160 29.46 3.02 10.88
N ALA V 161 28.48 3.87 10.56
CA ALA V 161 27.11 3.64 11.03
C ALA V 161 26.53 2.34 10.48
N LEU V 162 26.72 2.10 9.18
CA LEU V 162 26.22 0.87 8.58
C LEU V 162 27.00 -0.35 9.05
N ALA V 163 28.28 -0.19 9.41
CA ALA V 163 29.03 -1.31 9.97
C ALA V 163 28.52 -1.68 11.36
N ALA V 164 28.15 -0.67 12.16
CA ALA V 164 27.49 -0.94 13.43
C ALA V 164 26.16 -1.67 13.21
N LEU V 165 25.40 -1.25 12.20
CA LEU V 165 24.14 -1.94 11.88
C LEU V 165 24.39 -3.38 11.41
N VAL V 166 25.44 -3.60 10.61
CA VAL V 166 25.77 -4.95 10.16
C VAL V 166 26.16 -5.83 11.34
N SER V 167 26.92 -5.28 12.29
CA SER V 167 27.28 -6.03 13.49
C SER V 167 26.05 -6.40 14.30
N GLY V 168 25.11 -5.46 14.47
CA GLY V 168 23.87 -5.77 15.16
C GLY V 168 23.04 -6.82 14.45
N ALA V 169 22.94 -6.71 13.11
CA ALA V 169 22.17 -7.67 12.33
C ALA V 169 22.80 -9.06 12.36
N LEU V 170 24.14 -9.13 12.34
CA LEU V 170 24.82 -10.42 12.42
C LEU V 170 24.68 -11.03 13.81
N ALA V 171 24.69 -10.21 14.86
CA ALA V 171 24.41 -10.72 16.20
C ALA V 171 22.99 -11.27 16.29
N ALA V 172 22.02 -10.60 15.67
CA ALA V 172 20.64 -11.06 15.73
C ALA V 172 20.40 -12.27 14.83
N GLN V 173 21.13 -12.39 13.72
CA GLN V 173 20.81 -13.40 12.71
C GLN V 173 21.17 -14.80 13.18
N LYS V 174 22.37 -14.96 13.76
CA LYS V 174 22.79 -16.24 14.30
C LYS V 174 23.44 -15.98 15.66
N PRO V 175 22.75 -16.29 16.75
CA PRO V 175 23.35 -16.14 18.08
C PRO V 175 24.51 -17.10 18.28
N LYS V 176 25.43 -16.69 19.16
CA LYS V 176 26.68 -17.43 19.35
C LYS V 176 26.53 -18.59 20.33
N ASN V 177 25.50 -19.42 20.10
CA ASN V 177 25.25 -20.67 20.82
C ASN V 177 25.02 -20.43 22.31
N VAL V 178 26.05 -20.02 23.04
CA VAL V 178 25.97 -19.69 24.45
C VAL V 178 26.29 -18.20 24.63
N GLN V 179 25.36 -17.47 25.22
CA GLN V 179 25.46 -16.02 25.35
C GLN V 179 25.92 -15.62 26.76
N VAL V 180 27.20 -15.89 27.04
CA VAL V 180 27.80 -15.44 28.29
C VAL V 180 29.10 -14.71 28.00
N ASN V 181 29.49 -13.84 28.93
CA ASN V 181 30.71 -13.05 28.80
C ASN V 181 31.26 -12.88 30.21
N THR V 182 32.36 -13.57 30.50
CA THR V 182 32.97 -13.52 31.82
C THR V 182 34.03 -12.43 31.93
N LYS V 183 34.18 -11.60 30.91
CA LYS V 183 35.04 -10.42 30.97
C LYS V 183 34.27 -9.21 31.48
N ARG V 184 33.66 -9.37 32.66
CA ARG V 184 32.73 -8.39 33.23
C ARG V 184 33.53 -7.28 33.92
N GLU V 185 34.03 -6.35 33.10
CA GLU V 185 34.79 -5.23 33.63
C GLU V 185 33.83 -4.18 34.21
N ALA V 186 34.15 -3.71 35.42
CA ALA V 186 33.29 -2.79 36.13
C ALA V 186 33.38 -1.38 35.53
N THR V 187 32.32 -0.62 35.74
CA THR V 187 32.25 0.78 35.32
C THR V 187 32.04 1.64 36.57
N PHE V 188 32.86 2.67 36.74
CA PHE V 188 32.80 3.50 37.93
C PHE V 188 32.13 4.82 37.58
N VAL V 189 31.20 5.25 38.45
CA VAL V 189 30.38 6.43 38.21
C VAL V 189 30.52 7.36 39.41
N LYS V 190 30.82 8.62 39.14
CA LYS V 190 30.80 9.66 40.18
C LYS V 190 29.42 10.30 40.18
N TYR V 191 28.64 10.01 41.21
CA TYR V 191 27.25 10.41 41.30
C TYR V 191 27.09 11.45 42.41
N THR V 192 26.71 12.66 42.04
CA THR V 192 26.49 13.72 43.02
C THR V 192 25.01 13.87 43.26
N PRO V 193 24.50 13.50 44.43
CA PRO V 193 23.05 13.57 44.67
C PRO V 193 22.56 15.00 44.81
N SER V 194 21.32 15.23 44.38
CA SER V 194 20.60 16.47 44.62
C SER V 194 19.76 16.33 45.88
N ALA V 195 18.87 17.29 46.12
CA ALA V 195 17.98 17.26 47.27
C ALA V 195 16.63 16.70 46.84
N GLN V 196 16.09 15.78 47.64
CA GLN V 196 14.83 15.14 47.31
C GLN V 196 14.18 14.59 48.56
N MET V 197 12.87 14.34 48.46
CA MET V 197 11.99 13.85 49.52
C MET V 197 12.06 14.74 50.76
N GLY V 198 11.73 16.02 50.58
CA GLY V 198 11.66 16.88 51.73
C GLY V 198 12.98 17.55 52.05
N ASN V 199 13.79 16.85 52.84
CA ASN V 199 15.03 17.37 53.41
C ASN V 199 15.99 17.85 52.32
N ASN V 200 16.77 18.89 52.66
CA ASN V 200 17.61 19.57 51.69
C ASN V 200 19.07 19.60 52.12
N THR V 201 19.47 18.70 53.03
CA THR V 201 20.86 18.62 53.44
C THR V 201 21.72 18.07 52.30
N LYS V 202 22.92 18.61 52.15
CA LYS V 202 23.82 18.18 51.10
C LYS V 202 24.40 16.81 51.46
N LYS V 203 23.95 15.78 50.78
CA LYS V 203 24.48 14.44 50.98
C LYS V 203 25.86 14.32 50.34
N GLN V 204 26.67 13.42 50.88
CA GLN V 204 28.01 13.20 50.36
C GLN V 204 27.92 12.55 48.98
N GLU V 205 28.83 12.95 48.09
CA GLU V 205 28.84 12.41 46.74
C GLU V 205 29.36 10.98 46.75
N ARG V 206 28.93 10.20 45.77
CA ARG V 206 29.08 8.76 45.79
C ARG V 206 29.94 8.27 44.63
N ILE V 207 30.68 7.20 44.88
CA ILE V 207 31.40 6.47 43.85
C ILE V 207 30.72 5.11 43.72
N ILE V 208 30.20 4.82 42.53
CA ILE V 208 29.34 3.65 42.34
C ILE V 208 30.00 2.71 41.34
N LYS V 209 30.17 1.47 41.75
CA LYS V 209 30.69 0.40 40.90
C LYS V 209 29.51 -0.33 40.27
N ILE V 210 29.45 -0.32 38.94
CA ILE V 210 28.36 -0.95 38.19
C ILE V 210 28.96 -2.11 37.41
N VAL V 211 28.48 -3.32 37.71
CA VAL V 211 28.96 -4.55 37.09
C VAL V 211 27.77 -5.24 36.45
N GLU V 212 27.98 -5.80 35.26
CA GLU V 212 26.97 -6.64 34.63
C GLU V 212 26.73 -7.88 35.49
N ARG V 213 25.47 -8.28 35.60
CA ARG V 213 25.12 -9.43 36.42
C ARG V 213 25.43 -10.73 35.69
N GLN V 214 25.94 -11.70 36.43
CA GLN V 214 26.16 -13.04 35.91
C GLN V 214 24.83 -13.69 35.55
N ARG V 215 24.66 -14.04 34.28
CA ARG V 215 23.43 -14.66 33.80
C ARG V 215 23.64 -16.15 33.58
N ASP V 216 22.60 -16.93 33.90
CA ASP V 216 22.59 -18.36 33.63
C ASP V 216 22.73 -18.59 32.13
N PRO V 217 23.73 -19.35 31.67
CA PRO V 217 23.83 -19.63 30.23
C PRO V 217 22.67 -20.42 29.67
N MET V 218 21.94 -21.15 30.50
CA MET V 218 20.84 -21.98 30.06
C MET V 218 19.51 -21.24 29.99
N GLU V 219 19.44 -20.00 30.44
CA GLU V 219 18.14 -19.32 30.55
C GLU V 219 17.59 -18.97 29.17
N PRO V 220 16.33 -19.31 28.89
CA PRO V 220 15.71 -18.92 27.62
C PRO V 220 15.32 -17.45 27.64
N PRO V 221 14.85 -16.89 26.53
CA PRO V 221 14.35 -15.50 26.57
C PRO V 221 13.18 -15.35 27.52
N LYS V 222 13.22 -14.28 28.32
CA LYS V 222 12.37 -14.16 29.50
C LYS V 222 10.96 -13.69 29.18
N PHE V 223 10.79 -12.90 28.12
CA PHE V 223 9.52 -12.20 27.89
C PHE V 223 9.05 -12.42 26.47
N LYS V 224 7.72 -12.39 26.31
CA LYS V 224 7.13 -12.56 25.00
C LYS V 224 7.23 -11.27 24.20
N HIS V 225 7.01 -11.38 22.90
CA HIS V 225 7.05 -10.26 21.99
C HIS V 225 5.63 -9.76 21.76
N LYS V 226 5.43 -8.45 21.93
CA LYS V 226 4.11 -7.84 21.85
C LYS V 226 3.96 -7.12 20.52
N LYS V 227 2.83 -7.35 19.86
CA LYS V 227 2.54 -6.72 18.57
C LYS V 227 1.77 -5.44 18.84
N ILE V 228 2.50 -4.33 18.92
CA ILE V 228 1.93 -3.00 19.15
C ILE V 228 1.67 -2.37 17.80
N PRO V 229 0.52 -1.73 17.58
CA PRO V 229 0.26 -1.08 16.29
C PRO V 229 1.19 0.08 16.03
N ARG V 230 1.29 0.44 14.76
CA ARG V 230 2.22 1.49 14.32
C ARG V 230 1.81 2.85 14.87
N GLY V 231 2.81 3.63 15.26
CA GLY V 231 2.60 4.99 15.69
C GLY V 231 2.27 5.88 14.51
N PRO V 232 1.81 7.10 14.78
CA PRO V 232 1.53 8.03 13.69
C PRO V 232 2.81 8.43 12.98
N PRO V 233 2.73 8.75 11.69
CA PRO V 233 3.94 9.15 10.94
C PRO V 233 4.42 10.53 11.38
N SER V 234 5.55 10.93 10.79
CA SER V 234 6.05 12.28 10.95
C SER V 234 5.04 13.27 10.38
N PRO V 235 4.97 14.48 10.92
CA PRO V 235 3.98 15.47 10.45
C PRO V 235 4.18 15.80 8.97
N PRO V 236 3.14 15.58 8.15
CA PRO V 236 3.34 15.65 6.70
C PRO V 236 3.57 17.07 6.25
N PRO V 237 4.33 17.26 5.16
CA PRO V 237 4.68 18.61 4.72
C PRO V 237 3.51 19.27 4.01
N PRO V 238 3.60 20.58 3.76
CA PRO V 238 2.60 21.22 2.88
C PRO V 238 2.65 20.66 1.47
N VAL V 239 1.49 20.67 0.83
CA VAL V 239 1.34 20.11 -0.51
C VAL V 239 1.56 21.23 -1.52
N MET V 240 2.70 21.18 -2.20
CA MET V 240 3.19 22.31 -3.00
C MET V 240 2.83 22.15 -4.48
N HIS V 241 1.54 21.99 -4.77
CA HIS V 241 1.15 21.83 -6.16
C HIS V 241 1.15 23.17 -6.90
N SER V 242 1.13 23.07 -8.23
CA SER V 242 0.81 24.17 -9.10
C SER V 242 -0.70 24.41 -9.05
N PRO V 243 -1.18 25.57 -9.51
CA PRO V 243 -2.63 25.81 -9.52
C PRO V 243 -3.33 24.78 -10.39
N PRO V 244 -4.53 24.37 -10.00
CA PRO V 244 -5.20 23.24 -10.67
C PRO V 244 -5.56 23.56 -12.13
N ARG V 245 -5.46 22.53 -12.97
CA ARG V 245 -5.83 22.67 -14.36
C ARG V 245 -7.34 22.88 -14.48
N LYS V 246 -7.74 23.73 -15.43
CA LYS V 246 -9.14 24.09 -15.58
C LYS V 246 -9.85 23.01 -16.38
N LEU V 247 -10.83 22.36 -15.77
CA LEU V 247 -11.53 21.24 -16.36
C LEU V 247 -12.85 21.71 -16.94
N THR V 248 -13.05 21.46 -18.24
CA THR V 248 -14.33 21.74 -18.86
C THR V 248 -15.29 20.58 -18.60
N ALA V 249 -16.55 20.77 -19.01
CA ALA V 249 -17.50 19.66 -18.96
C ALA V 249 -17.18 18.61 -20.03
N GLU V 250 -16.51 19.03 -21.10
CA GLU V 250 -16.09 18.09 -22.13
C GLU V 250 -15.13 17.05 -21.57
N ASP V 251 -14.17 17.48 -20.74
CA ASP V 251 -13.25 16.54 -20.12
C ASP V 251 -13.95 15.64 -19.11
N GLN V 252 -14.86 16.22 -18.31
CA GLN V 252 -15.56 15.46 -17.29
C GLN V 252 -16.47 14.39 -17.90
N GLU V 253 -17.00 14.64 -19.11
CA GLU V 253 -17.73 13.60 -19.82
C GLU V 253 -16.82 12.70 -20.64
N ALA V 254 -15.62 13.16 -21.02
CA ALA V 254 -14.68 12.35 -21.77
C ALA V 254 -13.97 11.32 -20.91
N TRP V 255 -13.91 11.52 -19.59
CA TRP V 255 -13.31 10.52 -18.72
C TRP V 255 -14.37 9.82 -17.88
N ARG V 256 -15.51 9.53 -18.48
CA ARG V 256 -16.58 8.77 -17.84
C ARG V 256 -16.45 7.30 -18.20
N ILE V 257 -16.29 6.45 -17.21
CA ILE V 257 -16.14 5.01 -17.46
C ILE V 257 -17.50 4.33 -17.36
N PRO V 258 -17.97 3.65 -18.40
CA PRO V 258 -19.24 2.93 -18.32
C PRO V 258 -19.15 1.77 -17.35
N PRO V 259 -20.27 1.37 -16.74
CA PRO V 259 -20.25 0.24 -15.82
C PRO V 259 -20.03 -1.07 -16.55
N PRO V 260 -19.31 -2.02 -15.96
CA PRO V 260 -18.98 -3.27 -16.67
C PRO V 260 -20.21 -4.17 -16.76
N VAL V 261 -20.63 -4.46 -17.99
CA VAL V 261 -21.74 -5.36 -18.23
C VAL V 261 -21.16 -6.76 -18.45
N SER V 262 -20.92 -7.45 -17.34
CA SER V 262 -20.30 -8.76 -17.39
C SER V 262 -21.29 -9.80 -17.90
N MET V 263 -20.88 -10.56 -18.91
CA MET V 263 -21.67 -11.66 -19.44
C MET V 263 -21.17 -13.01 -18.95
N TRP V 264 -20.39 -13.02 -17.89
CA TRP V 264 -19.95 -14.24 -17.21
C TRP V 264 -20.28 -14.24 -15.73
N LYS V 265 -20.22 -13.10 -15.05
CA LYS V 265 -20.22 -13.03 -13.61
C LYS V 265 -21.35 -12.14 -13.11
N ASN V 266 -22.08 -12.62 -12.11
CA ASN V 266 -22.99 -11.79 -11.30
C ASN V 266 -22.77 -12.13 -9.84
N PRO V 267 -21.75 -11.52 -9.20
CA PRO V 267 -21.49 -11.83 -7.78
C PRO V 267 -22.59 -11.38 -6.83
N LYS V 268 -23.46 -10.45 -7.25
CA LYS V 268 -24.57 -10.00 -6.42
C LYS V 268 -25.92 -10.43 -6.98
N GLY V 269 -25.93 -11.35 -7.95
CA GLY V 269 -27.16 -11.94 -8.45
C GLY V 269 -28.11 -10.97 -9.12
N PHE V 270 -27.60 -9.92 -9.74
CA PHE V 270 -28.46 -8.90 -10.34
C PHE V 270 -29.10 -9.41 -11.61
N THR V 271 -30.37 -9.05 -11.82
CA THR V 271 -31.09 -9.37 -13.04
C THR V 271 -30.86 -8.21 -14.01
N ILE V 272 -29.80 -8.30 -14.80
CA ILE V 272 -29.42 -7.28 -15.76
C ILE V 272 -30.34 -7.39 -16.95
N PRO V 273 -30.79 -6.29 -17.55
CA PRO V 273 -31.51 -6.38 -18.83
C PRO V 273 -30.64 -7.03 -19.90
N LEU V 274 -31.28 -7.78 -20.79
CA LEU V 274 -30.56 -8.47 -21.85
C LEU V 274 -29.97 -7.49 -22.85
N ASP V 275 -30.53 -6.28 -22.92
CA ASP V 275 -29.99 -5.23 -23.77
C ASP V 275 -28.58 -4.87 -23.34
N LYS V 276 -28.35 -4.73 -22.03
CA LYS V 276 -27.03 -4.37 -21.53
C LYS V 276 -26.06 -5.54 -21.62
N ARG V 277 -26.58 -6.78 -21.59
CA ARG V 277 -25.73 -7.97 -21.63
C ARG V 277 -24.98 -8.08 -22.95
N LEU V 278 -25.56 -7.58 -24.05
CA LEU V 278 -25.01 -7.77 -25.38
C LEU V 278 -24.36 -6.51 -25.93
N ALA V 279 -24.16 -5.48 -25.11
CA ALA V 279 -23.56 -4.25 -25.59
C ALA V 279 -22.06 -4.41 -25.83
N ALA V 280 -21.36 -5.08 -24.92
CA ALA V 280 -19.91 -5.27 -25.07
C ALA V 280 -19.55 -6.42 -26.00
N ASP V 281 -20.53 -7.22 -26.42
CA ASP V 281 -20.29 -8.31 -27.36
C ASP V 281 -19.99 -7.74 -28.74
N GLY V 282 -18.76 -7.91 -29.21
CA GLY V 282 -18.33 -7.40 -30.49
C GLY V 282 -18.74 -8.20 -31.69
N ARG V 283 -19.36 -9.38 -31.48
CA ARG V 283 -19.83 -10.20 -32.59
C ARG V 283 -20.94 -9.51 -33.37
N GLN V 284 -21.64 -8.55 -32.76
CA GLN V 284 -22.64 -7.76 -33.46
C GLN V 284 -22.02 -6.69 -34.36
N LEU V 285 -20.71 -6.50 -34.29
CA LEU V 285 -20.02 -5.51 -35.12
C LEU V 285 -19.20 -6.16 -36.23
N GLN V 286 -19.62 -7.31 -36.71
CA GLN V 286 -18.87 -8.09 -37.69
C GLN V 286 -19.49 -7.93 -39.07
N GLU V 287 -18.66 -7.65 -40.07
CA GLU V 287 -19.11 -7.54 -41.45
C GLU V 287 -19.09 -8.91 -42.11
N VAL V 288 -20.26 -9.41 -42.51
CA VAL V 288 -20.37 -10.70 -43.17
C VAL V 288 -20.21 -10.47 -44.67
N GLN V 289 -18.96 -10.41 -45.11
CA GLN V 289 -18.62 -10.21 -46.51
C GLN V 289 -17.73 -11.35 -46.97
N ILE V 290 -18.08 -11.95 -48.10
CA ILE V 290 -17.34 -13.08 -48.65
C ILE V 290 -16.65 -12.64 -49.94
N ASN V 291 -15.75 -13.48 -50.42
CA ASN V 291 -14.96 -13.19 -51.61
C ASN V 291 -15.77 -13.53 -52.86
N ASP V 292 -15.39 -12.92 -53.97
CA ASP V 292 -16.04 -13.17 -55.25
C ASP V 292 -15.56 -14.44 -55.92
N LYS V 293 -14.54 -15.10 -55.37
CA LYS V 293 -14.03 -16.34 -55.96
C LYS V 293 -14.97 -17.52 -55.74
N PHE V 294 -15.87 -17.43 -54.76
CA PHE V 294 -16.84 -18.51 -54.54
C PHE V 294 -17.78 -18.65 -55.72
N ALA V 295 -18.18 -17.53 -56.34
CA ALA V 295 -19.09 -17.58 -57.47
C ALA V 295 -18.43 -18.24 -58.67
N GLN V 296 -17.19 -17.85 -58.98
CA GLN V 296 -16.47 -18.47 -60.08
C GLN V 296 -16.20 -19.94 -59.81
N PHE V 297 -15.89 -20.27 -58.56
CA PHE V 297 -15.62 -21.66 -58.18
C PHE V 297 -16.86 -22.53 -58.39
N SER V 298 -18.02 -22.07 -57.89
CA SER V 298 -19.26 -22.83 -58.01
C SER V 298 -19.70 -22.94 -59.46
N GLU V 299 -19.61 -21.85 -60.23
CA GLU V 299 -20.01 -21.90 -61.64
C GLU V 299 -19.10 -22.81 -62.45
N ALA V 300 -17.79 -22.77 -62.19
CA ALA V 300 -16.86 -23.65 -62.90
C ALA V 300 -17.11 -25.11 -62.56
N LEU V 301 -17.39 -25.41 -61.29
CA LEU V 301 -17.70 -26.78 -60.91
C LEU V 301 -18.99 -27.27 -61.57
N PHE V 302 -20.01 -26.42 -61.62
CA PHE V 302 -21.28 -26.82 -62.22
C PHE V 302 -21.16 -27.04 -63.73
N MET V 303 -20.44 -26.14 -64.42
CA MET V 303 -20.25 -26.36 -65.86
C MET V 303 -19.36 -27.56 -66.14
N ALA V 304 -18.38 -27.85 -65.27
CA ALA V 304 -17.61 -29.08 -65.41
C ALA V 304 -18.51 -30.31 -65.26
N ASP V 305 -19.44 -30.27 -64.30
CA ASP V 305 -20.40 -31.36 -64.13
C ASP V 305 -21.24 -31.56 -65.39
N ARG V 306 -21.76 -30.46 -65.96
CA ARG V 306 -22.59 -30.56 -67.15
C ARG V 306 -21.80 -31.10 -68.35
N HIS V 307 -20.57 -30.60 -68.54
CA HIS V 307 -19.74 -31.05 -69.65
C HIS V 307 -19.36 -32.52 -69.50
N ALA V 308 -19.05 -32.95 -68.27
CA ALA V 308 -18.73 -34.34 -68.04
C ALA V 308 -19.93 -35.24 -68.30
N ARG V 309 -21.13 -34.82 -67.90
CA ARG V 309 -22.33 -35.62 -68.12
C ARG V 309 -22.64 -35.77 -69.60
N GLU V 310 -22.56 -34.66 -70.36
CA GLU V 310 -22.86 -34.77 -71.79
C GLU V 310 -21.77 -35.55 -72.53
N GLU V 311 -20.51 -35.46 -72.08
CA GLU V 311 -19.46 -36.25 -72.73
C GLU V 311 -19.61 -37.74 -72.41
N VAL V 312 -20.09 -38.06 -71.21
CA VAL V 312 -20.40 -39.44 -70.86
C VAL V 312 -21.54 -39.98 -71.73
N ARG V 313 -22.58 -39.16 -71.98
CA ARG V 313 -23.61 -39.58 -72.93
C ARG V 313 -23.01 -39.84 -74.32
N GLN V 314 -22.14 -38.95 -74.79
CA GLN V 314 -21.58 -39.10 -76.14
C GLN V 314 -20.76 -40.39 -76.27
N ARG V 315 -19.89 -40.66 -75.28
CA ARG V 315 -19.11 -41.88 -75.32
C ARG V 315 -20.00 -43.12 -75.16
N ALA V 316 -21.04 -43.02 -74.33
CA ALA V 316 -21.96 -44.14 -74.15
C ALA V 316 -22.70 -44.48 -75.44
N MET V 317 -23.17 -43.46 -76.16
CA MET V 317 -23.89 -43.73 -77.40
C MET V 317 -22.96 -44.23 -78.50
N MET V 318 -21.73 -43.72 -78.55
CA MET V 318 -20.78 -44.23 -79.54
C MET V 318 -20.44 -45.69 -79.27
N GLN V 319 -20.21 -46.05 -78.00
CA GLN V 319 -19.97 -47.45 -77.66
C GLN V 319 -21.21 -48.32 -77.91
N GLN V 320 -22.41 -47.77 -77.70
CA GLN V 320 -23.64 -48.52 -77.92
C GLN V 320 -23.84 -48.79 -79.42
N ARG V 321 -23.56 -47.80 -80.27
CA ARG V 321 -23.67 -48.01 -81.71
C ARG V 321 -22.60 -48.96 -82.23
N LEU V 322 -21.38 -48.90 -81.68
CA LEU V 322 -20.36 -49.87 -82.07
C LEU V 322 -20.73 -51.28 -81.60
N ALA V 323 -21.39 -51.39 -80.44
CA ALA V 323 -21.87 -52.70 -79.99
C ALA V 323 -22.96 -53.23 -80.92
N GLU V 324 -23.85 -52.35 -81.39
CA GLU V 324 -24.86 -52.77 -82.37
C GLU V 324 -24.21 -53.20 -83.67
N LYS V 325 -23.17 -52.49 -84.11
CA LYS V 325 -22.46 -52.86 -85.34
C LYS V 325 -21.78 -54.21 -85.20
N GLU V 326 -21.15 -54.48 -84.05
CA GLU V 326 -20.54 -55.78 -83.82
C GLU V 326 -21.59 -56.88 -83.73
N ARG V 327 -22.75 -56.58 -83.13
CA ARG V 327 -23.85 -57.54 -83.08
C ARG V 327 -24.38 -57.86 -84.47
N GLN V 328 -24.49 -56.85 -85.34
CA GLN V 328 -24.93 -57.09 -86.71
C GLN V 328 -23.88 -57.89 -87.50
N GLN V 329 -22.60 -57.63 -87.25
CA GLN V 329 -21.55 -58.43 -87.88
C GLN V 329 -21.60 -59.88 -87.43
N LYS V 330 -21.85 -60.11 -86.14
CA LYS V 330 -21.99 -61.47 -85.62
C LYS V 330 -23.23 -62.15 -86.21
N GLU V 331 -24.33 -61.41 -86.36
CA GLU V 331 -25.53 -61.96 -86.98
C GLU V 331 -25.30 -62.34 -88.44
N GLU V 332 -24.56 -61.49 -89.18
CA GLU V 332 -24.22 -61.81 -90.56
C GLU V 332 -23.33 -63.04 -90.64
N HIS V 333 -22.36 -63.15 -89.72
CA HIS V 333 -21.49 -64.33 -89.67
C HIS V 333 -22.29 -65.59 -89.37
N LEU V 334 -23.24 -65.51 -88.43
CA LEU V 334 -24.07 -66.66 -88.10
C LEU V 334 -24.99 -67.03 -89.27
N ARG V 335 -25.50 -66.03 -89.98
CA ARG V 335 -26.33 -66.31 -91.16
C ARG V 335 -25.53 -66.98 -92.27
N GLN V 336 -24.30 -66.51 -92.50
CA GLN V 336 -23.45 -67.15 -93.51
C GLN V 336 -23.07 -68.57 -93.10
N LEU V 337 -22.81 -68.79 -91.81
CA LEU V 337 -22.48 -70.14 -91.35
C LEU V 337 -23.69 -71.06 -91.42
N ALA V 338 -24.89 -70.54 -91.18
CA ALA V 338 -26.10 -71.33 -91.34
C ALA V 338 -26.36 -71.66 -92.80
N GLN V 339 -26.07 -70.72 -93.71
CA GLN V 339 -26.16 -71.02 -95.14
C GLN V 339 -25.17 -72.09 -95.55
N GLN V 340 -23.95 -72.04 -95.00
CA GLN V 340 -22.96 -73.09 -95.25
C GLN V 340 -23.43 -74.43 -94.70
N ALA V 341 -24.07 -74.42 -93.52
CA ALA V 341 -24.61 -75.65 -92.94
C ALA V 341 -25.73 -76.23 -93.81
N ARG V 342 -26.60 -75.37 -94.35
CA ARG V 342 -27.64 -75.84 -95.25
C ARG V 342 -27.06 -76.37 -96.55
N ALA V 343 -26.00 -75.74 -97.05
CA ALA V 343 -25.32 -76.26 -98.25
C ALA V 343 -24.70 -77.62 -97.99
N GLU V 344 -24.10 -77.80 -96.81
CA GLU V 344 -23.53 -79.10 -96.45
C GLU V 344 -24.62 -80.15 -96.24
N ARG V 345 -25.79 -79.74 -95.73
CA ARG V 345 -26.93 -80.65 -95.63
C ARG V 345 -27.41 -81.07 -97.02
N ALA V 346 -27.46 -80.13 -97.96
CA ALA V 346 -27.88 -80.47 -99.33
C ALA V 346 -26.86 -81.37 -100.02
N ALA V 347 -25.58 -81.14 -99.74
CA ALA V 347 -24.53 -81.98 -100.34
C ALA V 347 -24.53 -83.38 -99.74
N ALA V 348 -24.75 -83.49 -98.43
CA ALA V 348 -24.72 -84.80 -97.79
C ALA V 348 -25.94 -85.64 -98.14
N ALA V 349 -27.10 -85.00 -98.28
CA ALA V 349 -28.34 -85.71 -98.61
C ALA V 349 -28.37 -86.07 -100.09
N VAL W 34 42.46 28.93 24.66
CA VAL W 34 41.12 29.46 24.52
C VAL W 34 40.18 28.35 24.02
N PRO W 35 39.03 28.17 24.69
CA PRO W 35 38.54 28.86 25.89
C PRO W 35 39.00 28.21 27.20
N TYR W 36 40.21 27.66 27.20
CA TYR W 36 40.74 26.96 28.37
C TYR W 36 41.77 27.77 29.13
N THR W 37 42.07 28.99 28.69
CA THR W 37 43.06 29.81 29.38
C THR W 37 42.50 30.37 30.68
N GLY W 38 43.39 30.93 31.49
CA GLY W 38 43.01 31.41 32.81
C GLY W 38 42.10 32.61 32.79
N GLU W 39 42.31 33.54 31.86
CA GLU W 39 41.46 34.73 31.83
C GLU W 39 40.06 34.41 31.31
N ASN W 40 39.92 33.33 30.54
CA ASN W 40 38.60 32.92 30.10
C ASN W 40 37.82 32.23 31.21
N LEU W 41 38.49 31.40 32.01
CA LEU W 41 37.84 30.78 33.16
C LEU W 41 37.64 31.75 34.30
N ALA W 42 38.41 32.84 34.34
CA ALA W 42 38.32 33.82 35.43
C ALA W 42 37.11 34.74 35.29
N ARG W 43 36.68 35.02 34.07
CA ARG W 43 35.55 35.93 33.88
C ARG W 43 34.25 35.26 34.32
N PRO W 44 33.37 35.96 35.03
CA PRO W 44 32.11 35.34 35.46
C PRO W 44 30.99 35.52 34.44
N SER W 45 29.82 34.99 34.75
CA SER W 45 28.64 35.18 33.92
C SER W 45 27.92 36.45 34.36
N TYR W 46 27.65 37.34 33.42
CA TYR W 46 27.03 38.62 33.75
C TYR W 46 25.56 38.45 34.09
N GLY W 47 24.95 39.55 34.52
CA GLY W 47 23.53 39.58 34.76
C GLY W 47 23.14 39.14 36.14
N PRO W 48 21.86 39.30 36.47
CA PRO W 48 21.37 38.90 37.80
C PRO W 48 21.25 37.39 37.92
N ALA W 49 20.83 36.96 39.11
CA ALA W 49 20.63 35.56 39.40
C ALA W 49 19.14 35.23 39.46
N ASN W 50 18.81 33.98 39.13
CA ASN W 50 17.43 33.52 39.14
C ASN W 50 16.93 33.44 40.58
N PRO W 51 15.82 34.10 40.91
CA PRO W 51 15.29 33.99 42.29
C PRO W 51 14.52 32.70 42.54
N PHE W 52 14.29 31.89 41.52
CA PHE W 52 13.51 30.67 41.69
C PHE W 52 14.42 29.44 41.62
N LYS W 69 22.81 21.09 33.81
CA LYS W 69 22.40 20.73 35.16
C LYS W 69 22.53 19.22 35.41
N ASN W 70 21.70 18.67 36.30
CA ASN W 70 21.76 17.27 36.68
C ASN W 70 21.57 16.34 35.48
N ASN W 71 22.45 15.33 35.39
CA ASN W 71 22.42 14.43 34.25
C ASN W 71 21.24 13.48 34.32
N VAL W 72 20.97 12.92 35.50
CA VAL W 72 19.85 12.01 35.69
C VAL W 72 18.79 12.72 36.52
N LEU W 73 17.67 12.02 36.74
CA LEU W 73 16.51 12.61 37.39
C LEU W 73 16.74 12.93 38.86
N THR W 74 17.70 12.27 39.51
CA THR W 74 17.89 12.42 40.94
C THR W 74 19.17 13.17 41.28
N GLY W 75 20.12 13.25 40.37
CA GLY W 75 21.35 13.97 40.62
C GLY W 75 22.18 14.07 39.36
N HIS W 76 23.47 14.31 39.55
CA HIS W 76 24.42 14.37 38.44
C HIS W 76 25.37 13.19 38.55
N ALA W 77 25.43 12.40 37.48
CA ALA W 77 26.28 11.21 37.44
C ALA W 77 27.16 11.26 36.20
N GLU W 78 28.46 11.10 36.40
CA GLU W 78 29.41 11.08 35.31
C GLU W 78 30.26 9.80 35.38
N GLU W 79 30.75 9.37 34.23
CA GLU W 79 31.64 8.22 34.20
C GLU W 79 33.03 8.62 34.65
N MET W 80 33.61 7.83 35.54
CA MET W 80 34.92 8.12 36.11
C MET W 80 35.79 6.89 36.01
N TYR W 81 37.10 7.10 36.13
CA TYR W 81 38.08 6.02 36.02
C TYR W 81 39.01 6.07 37.23
N ILE W 82 38.91 5.05 38.09
CA ILE W 82 39.80 4.88 39.22
C ILE W 82 40.28 3.45 39.24
N SER W 83 41.35 3.23 40.02
CA SER W 83 41.84 1.88 40.23
C SER W 83 40.84 1.07 41.05
N GLU W 84 40.88 -0.25 40.84
CA GLU W 84 40.04 -1.15 41.62
C GLU W 84 40.40 -1.10 43.10
N ALA W 85 41.70 -0.99 43.40
CA ALA W 85 42.17 -0.97 44.78
C ALA W 85 41.68 0.26 45.53
N THR W 86 41.56 1.41 44.86
CA THR W 86 41.06 2.62 45.52
C THR W 86 39.61 2.45 45.98
N PHE W 87 38.74 1.96 45.08
CA PHE W 87 37.36 1.73 45.44
C PHE W 87 37.24 0.66 46.52
N ARG W 88 38.00 -0.42 46.40
CA ARG W 88 37.95 -1.47 47.42
C ARG W 88 38.41 -0.97 48.77
N ALA W 89 39.47 -0.15 48.81
CA ALA W 89 39.99 0.34 50.08
C ALA W 89 39.04 1.34 50.73
N LYS W 90 38.44 2.23 49.93
CA LYS W 90 37.50 3.19 50.52
C LYS W 90 36.20 2.53 50.96
N HIS W 91 35.68 1.60 50.15
CA HIS W 91 34.51 0.82 50.53
C HIS W 91 34.79 -0.02 51.77
N ARG W 92 36.01 -0.52 51.90
CA ARG W 92 36.40 -1.28 53.09
C ARG W 92 36.49 -0.38 54.31
N ALA W 93 37.05 0.82 54.14
CA ALA W 93 37.16 1.77 55.25
C ALA W 93 35.80 2.16 55.78
N VAL W 94 34.84 2.40 54.88
CA VAL W 94 33.48 2.70 55.34
C VAL W 94 32.81 1.46 55.92
N GLU W 95 32.92 0.31 55.22
CA GLU W 95 32.12 -0.87 55.53
C GLU W 95 32.58 -1.56 56.81
N ALA W 96 33.88 -1.75 56.98
CA ALA W 96 34.39 -2.53 58.10
C ALA W 96 34.19 -1.79 59.41
N VAL W 97 33.58 -2.47 60.38
CA VAL W 97 33.43 -1.90 61.72
C VAL W 97 34.80 -1.98 62.40
N GLY W 98 35.49 -0.84 62.40
CA GLY W 98 36.90 -0.79 62.75
C GLY W 98 37.67 -0.02 61.71
N GLY W 99 36.96 0.57 60.76
CA GLY W 99 37.59 1.45 59.79
C GLY W 99 38.08 2.71 60.49
N GLY W 100 39.38 2.90 60.53
CA GLY W 100 39.95 3.87 61.45
C GLY W 100 40.30 3.16 62.74
N VAL W 101 39.91 3.78 63.87
CA VAL W 101 40.25 3.43 65.26
C VAL W 101 41.64 2.81 65.42
N MET W 102 42.58 3.62 65.88
CA MET W 102 44.00 3.33 65.68
C MET W 102 44.43 2.13 66.51
N ARG W 103 45.11 1.18 65.87
CA ARG W 103 45.29 -0.14 66.43
C ARG W 103 46.48 -0.83 65.78
N SER W 104 47.41 -1.33 66.60
CA SER W 104 48.57 -2.06 66.14
C SER W 104 48.30 -3.56 66.15
N ASN W 105 49.34 -4.35 65.89
CA ASN W 105 49.15 -5.78 65.64
C ASN W 105 48.89 -6.58 66.92
N ARG W 106 49.52 -6.23 68.04
CA ARG W 106 49.41 -7.09 69.23
C ARG W 106 48.02 -7.02 69.85
N GLU W 107 47.44 -5.83 69.97
CA GLU W 107 46.10 -5.76 70.53
C GLU W 107 45.03 -6.20 69.54
N MET W 108 45.30 -6.12 68.23
CA MET W 108 44.42 -6.74 67.26
C MET W 108 44.44 -8.27 67.39
N LYS W 109 45.63 -8.83 67.63
CA LYS W 109 45.73 -10.26 67.93
C LYS W 109 45.04 -10.60 69.24
N GLU W 110 45.06 -9.67 70.20
CA GLU W 110 44.37 -9.89 71.46
C GLU W 110 42.86 -9.93 71.27
N VAL W 111 42.32 -9.01 70.47
CA VAL W 111 40.89 -9.01 70.14
C VAL W 111 40.52 -10.29 69.39
N ASN W 112 41.40 -10.72 68.49
CA ASN W 112 41.21 -12.00 67.81
C ASN W 112 41.19 -13.16 68.81
N LYS W 113 42.01 -13.09 69.85
CA LYS W 113 42.07 -14.16 70.84
C LYS W 113 40.80 -14.24 71.67
N ARG W 114 40.28 -13.09 72.13
CA ARG W 114 38.99 -13.10 72.83
C ARG W 114 37.85 -13.55 71.91
N LEU W 115 37.86 -13.12 70.65
CA LEU W 115 36.83 -13.56 69.72
C LEU W 115 36.91 -15.06 69.48
N ARG W 116 38.12 -15.61 69.43
CA ARG W 116 38.30 -17.04 69.23
C ARG W 116 37.87 -17.84 70.44
N GLU W 117 38.14 -17.35 71.65
CA GLU W 117 37.72 -18.11 72.83
C GLU W 117 36.24 -17.91 73.15
N MET W 118 35.58 -16.92 72.54
CA MET W 118 34.12 -16.85 72.67
C MET W 118 33.46 -17.99 71.89
N ARG W 119 34.03 -18.38 70.75
CA ARG W 119 33.50 -19.40 69.87
C ARG W 119 33.57 -20.78 70.53
N GLU W 120 32.85 -21.73 69.93
CA GLU W 120 32.89 -23.13 70.37
C GLU W 120 34.26 -23.74 70.09
N ASP W 121 34.48 -24.92 70.66
CA ASP W 121 35.71 -25.66 70.40
C ASP W 121 35.70 -26.20 68.98
N LYS W 122 36.83 -26.05 68.28
CA LYS W 122 36.93 -26.52 66.89
C LYS W 122 36.90 -28.03 66.81
N GLY W 123 37.38 -28.73 67.82
CA GLY W 123 37.45 -30.17 67.82
C GLY W 123 38.77 -30.68 67.30
N SER W 124 38.93 -32.00 67.38
CA SER W 124 40.13 -32.68 66.91
C SER W 124 39.81 -33.34 65.57
N ALA W 125 40.65 -33.07 64.56
CA ALA W 125 40.41 -33.64 63.24
C ALA W 125 40.75 -35.12 63.18
N THR W 126 41.55 -35.63 64.10
CA THR W 126 41.86 -37.05 64.14
C THR W 126 40.83 -37.83 64.93
N ILE W 127 39.82 -37.16 65.46
CA ILE W 127 38.65 -37.82 66.07
C ILE W 127 37.51 -37.74 65.07
N ALA W 128 37.09 -38.89 64.54
CA ALA W 128 36.12 -38.93 63.47
C ALA W 128 34.67 -39.03 63.95
N ASP W 129 34.46 -39.30 65.24
CA ASP W 129 33.11 -39.54 65.73
C ASP W 129 33.01 -39.19 67.21
N GLY W 130 31.84 -38.72 67.62
CA GLY W 130 31.56 -38.49 69.03
C GLY W 130 31.97 -37.11 69.50
N GLU W 131 32.11 -37.00 70.82
CA GLU W 131 32.58 -35.76 71.42
C GLU W 131 34.05 -35.55 71.06
N GLY W 132 34.38 -34.30 70.74
CA GLY W 132 35.72 -33.96 70.27
C GLY W 132 35.91 -34.10 68.78
N ALA W 133 34.89 -34.50 68.04
CA ALA W 133 34.98 -34.58 66.59
C ALA W 133 35.14 -33.20 65.97
N TYR W 134 35.78 -33.15 64.82
CA TYR W 134 36.14 -31.89 64.19
C TYR W 134 34.90 -31.19 63.65
N ILE W 135 34.67 -29.96 64.09
CA ILE W 135 33.60 -29.13 63.58
C ILE W 135 34.15 -28.03 62.67
N GLY W 136 35.22 -27.37 63.10
CA GLY W 136 35.96 -26.47 62.25
C GLY W 136 35.31 -25.13 62.04
N PRO W 137 35.34 -24.64 60.79
CA PRO W 137 34.76 -23.32 60.49
C PRO W 137 33.24 -23.26 60.65
N TRP W 138 32.58 -24.39 60.81
CA TRP W 138 31.15 -24.46 61.10
C TRP W 138 30.85 -24.36 62.59
N ALA W 139 31.84 -24.02 63.40
CA ALA W 139 31.59 -23.71 64.80
C ALA W 139 30.95 -22.34 64.92
N ARG W 140 29.85 -22.27 65.67
CA ARG W 140 29.08 -21.05 65.80
C ARG W 140 29.57 -20.22 66.97
N TYR W 141 29.21 -18.94 66.97
CA TYR W 141 29.62 -18.02 68.01
C TYR W 141 28.54 -17.99 69.09
N LYS W 142 28.96 -18.06 70.35
CA LYS W 142 28.02 -18.17 71.46
C LYS W 142 27.26 -16.87 71.65
N ARG W 143 25.93 -16.97 71.68
CA ARG W 143 25.05 -15.84 72.00
C ARG W 143 23.67 -16.35 72.39
N ALA X 22 17.58 -3.86 17.02
CA ALA X 22 17.68 -5.29 16.70
C ALA X 22 16.98 -5.61 15.39
N TYR X 23 17.10 -6.86 14.95
CA TYR X 23 16.43 -7.31 13.74
C TYR X 23 15.92 -8.73 13.94
N HIS X 24 15.01 -9.14 13.08
CA HIS X 24 14.47 -10.51 13.09
C HIS X 24 14.72 -11.12 11.71
N GLN X 25 15.91 -11.69 11.55
CA GLN X 25 16.26 -12.51 10.40
C GLN X 25 17.04 -13.71 10.92
N ARG X 26 16.95 -14.84 10.20
CA ARG X 26 17.61 -16.07 10.61
C ARG X 26 18.48 -16.63 9.50
N LEU X 27 19.30 -15.77 8.89
CA LEU X 27 20.26 -16.22 7.89
C LEU X 27 21.47 -16.84 8.57
N LEU X 28 21.83 -18.05 8.16
CA LEU X 28 23.14 -18.58 8.48
C LEU X 28 24.19 -17.87 7.62
N PRO X 29 25.43 -17.75 8.11
CA PRO X 29 26.47 -17.10 7.32
C PRO X 29 26.73 -17.84 6.02
N ALA X 30 26.82 -17.07 4.93
CA ALA X 30 27.03 -17.63 3.60
C ALA X 30 27.59 -16.53 2.71
N TYR X 31 28.66 -16.87 1.97
CA TYR X 31 29.35 -15.95 1.07
C TYR X 31 29.80 -14.69 1.82
N THR X 32 30.61 -14.91 2.85
CA THR X 32 30.95 -13.87 3.82
C THR X 32 32.11 -12.99 3.38
N THR X 33 32.67 -13.21 2.20
CA THR X 33 33.65 -12.31 1.62
C THR X 33 33.17 -11.85 0.26
N LEU X 34 33.26 -10.55 0.01
CA LEU X 34 32.93 -10.00 -1.29
C LEU X 34 34.10 -10.15 -2.25
N LYS X 35 33.79 -10.45 -3.50
CA LYS X 35 34.79 -10.50 -4.56
C LYS X 35 34.99 -9.10 -5.12
N PHE X 36 36.24 -8.76 -5.40
CA PHE X 36 36.58 -7.47 -5.95
C PHE X 36 37.17 -7.65 -7.34
N ARG X 37 36.97 -6.66 -8.19
CA ARG X 37 37.48 -6.71 -9.55
C ARG X 37 39.00 -6.63 -9.53
N GLN X 38 39.64 -7.76 -9.85
CA GLN X 38 41.09 -7.83 -9.89
C GLN X 38 41.61 -7.13 -11.14
N PRO X 39 42.91 -6.82 -11.20
CA PRO X 39 43.49 -6.31 -12.45
C PRO X 39 43.27 -7.29 -13.60
N GLY X 40 42.81 -6.75 -14.73
CA GLY X 40 42.40 -7.55 -15.86
C GLY X 40 40.90 -7.76 -15.97
N GLN X 41 40.15 -7.44 -14.92
CA GLN X 41 38.71 -7.62 -14.90
C GLN X 41 37.95 -6.33 -15.15
N GLY X 42 38.64 -5.24 -15.47
CA GLY X 42 38.01 -3.97 -15.73
C GLY X 42 37.38 -3.36 -14.48
N GLY X 43 36.40 -2.49 -14.71
CA GLY X 43 35.65 -1.91 -13.62
C GLY X 43 36.23 -0.64 -13.05
N ALA X 44 36.97 -0.77 -11.94
CA ALA X 44 37.48 0.38 -11.19
C ALA X 44 38.74 0.97 -11.86
N ALA X 45 38.56 1.39 -13.10
CA ALA X 45 39.62 2.06 -13.87
C ALA X 45 38.91 3.00 -14.84
N ASP X 46 39.07 4.30 -14.61
CA ASP X 46 38.27 5.31 -15.30
C ASP X 46 39.09 6.03 -16.37
N LYS X 47 38.45 6.26 -17.51
CA LYS X 47 39.00 7.06 -18.60
C LYS X 47 38.05 8.22 -18.89
N SER X 48 38.46 9.09 -19.80
CA SER X 48 37.58 10.17 -20.23
C SER X 48 36.49 9.62 -21.14
N THR X 49 35.35 10.33 -21.16
CA THR X 49 34.24 9.89 -21.98
C THR X 49 34.48 10.12 -23.47
N ARG X 50 35.41 11.02 -23.82
CA ARG X 50 35.81 11.14 -25.22
C ARG X 50 36.54 9.89 -25.68
N ASP X 51 37.38 9.31 -24.82
CA ASP X 51 38.03 8.05 -25.13
C ASP X 51 37.01 6.92 -25.26
N LEU X 52 35.99 6.92 -24.40
CA LEU X 52 34.94 5.91 -24.49
C LEU X 52 34.14 6.06 -25.77
N ARG X 53 33.86 7.30 -26.19
CA ARG X 53 33.19 7.53 -27.47
C ARG X 53 34.06 7.05 -28.64
N ALA X 54 35.36 7.32 -28.59
CA ALA X 54 36.26 6.89 -29.65
C ALA X 54 36.32 5.36 -29.74
N GLU X 55 36.42 4.69 -28.60
CA GLU X 55 36.46 3.23 -28.59
C GLU X 55 35.14 2.64 -29.09
N LEU X 56 34.01 3.24 -28.68
CA LEU X 56 32.71 2.77 -29.11
C LEU X 56 32.53 2.92 -30.61
N GLU X 57 32.90 4.09 -31.16
CA GLU X 57 32.78 4.29 -32.60
C GLU X 57 33.75 3.41 -33.38
N ALA X 58 34.95 3.16 -32.87
CA ALA X 58 35.89 2.27 -33.54
C ALA X 58 35.36 0.84 -33.59
N ALA X 59 34.83 0.34 -32.46
CA ALA X 59 34.30 -1.01 -32.43
C ALA X 59 33.05 -1.14 -33.29
N GLU X 60 32.18 -0.12 -33.28
CA GLU X 60 30.99 -0.13 -34.11
C GLU X 60 31.34 -0.11 -35.59
N ALA X 61 32.33 0.72 -35.96
CA ALA X 61 32.78 0.76 -37.35
C ALA X 61 33.41 -0.56 -37.78
N ALA X 62 34.16 -1.20 -36.87
CA ALA X 62 34.73 -2.51 -37.19
C ALA X 62 33.65 -3.56 -37.41
N HIS X 63 32.62 -3.57 -36.56
CA HIS X 63 31.55 -4.55 -36.71
C HIS X 63 30.74 -4.29 -37.98
N TYR X 64 30.44 -3.03 -38.28
CA TYR X 64 29.71 -2.71 -39.51
C TYR X 64 30.53 -3.02 -40.75
N ALA X 65 31.85 -2.78 -40.71
CA ALA X 65 32.70 -3.12 -41.84
C ALA X 65 32.79 -4.63 -42.02
N LYS X 66 32.77 -5.39 -40.92
CA LYS X 66 32.70 -6.84 -41.03
C LYS X 66 31.38 -7.29 -41.63
N LEU X 67 30.29 -6.60 -41.29
CA LEU X 67 28.98 -6.92 -41.88
C LEU X 67 28.98 -6.64 -43.38
N LYS X 68 29.48 -5.47 -43.80
CA LYS X 68 29.51 -5.16 -45.22
C LYS X 68 30.64 -5.90 -45.95
N GLY X 69 31.60 -6.44 -45.20
CA GLY X 69 32.73 -7.14 -45.78
C GLY X 69 33.95 -6.27 -46.03
N ALA X 70 33.86 -4.97 -45.77
CA ALA X 70 35.01 -4.09 -45.97
C ALA X 70 36.08 -4.36 -44.92
N PRO X 71 37.35 -4.55 -45.32
CA PRO X 71 38.42 -4.78 -44.36
C PRO X 71 38.92 -3.49 -43.70
N ARG X 217 8.94 -43.41 -73.25
CA ARG X 217 7.85 -42.64 -72.67
C ARG X 217 8.28 -41.93 -71.40
N ARG X 218 8.10 -40.61 -71.36
CA ARG X 218 8.38 -39.84 -70.16
C ARG X 218 7.33 -40.17 -69.11
N TRP X 219 7.78 -40.46 -67.88
CA TRP X 219 6.89 -41.04 -66.89
C TRP X 219 5.96 -40.00 -66.27
N ASP X 220 6.43 -38.78 -66.09
CA ASP X 220 5.62 -37.73 -65.45
C ASP X 220 4.96 -36.84 -66.50
N GLU X 221 4.21 -37.46 -67.40
CA GLU X 221 3.44 -36.73 -68.41
C GLU X 221 1.94 -36.79 -68.19
N ASP X 222 1.43 -37.83 -67.53
CA ASP X 222 0.01 -37.97 -67.28
C ASP X 222 -0.42 -37.37 -65.95
N VAL X 223 0.51 -36.81 -65.18
CA VAL X 223 0.17 -36.18 -63.92
C VAL X 223 -0.65 -34.92 -64.17
N VAL X 224 -1.68 -34.71 -63.37
CA VAL X 224 -2.62 -33.63 -63.61
C VAL X 224 -1.98 -32.28 -63.29
N PHE X 225 -1.27 -32.19 -62.17
CA PHE X 225 -0.71 -30.94 -61.69
C PHE X 225 0.81 -31.00 -61.74
N LYS X 226 1.42 -29.94 -62.27
CA LYS X 226 2.86 -29.87 -62.45
C LYS X 226 3.39 -28.56 -61.85
N ASN X 227 4.61 -28.64 -61.32
CA ASN X 227 5.33 -27.50 -60.75
C ASN X 227 4.55 -26.82 -59.62
N GLN X 228 3.89 -27.63 -58.79
CA GLN X 228 3.13 -27.09 -57.67
C GLN X 228 4.00 -26.79 -56.45
N ALA X 229 5.23 -27.31 -56.40
CA ALA X 229 6.11 -27.08 -55.27
C ALA X 229 7.07 -25.91 -55.49
N ARG X 230 6.97 -25.23 -56.63
CA ARG X 230 7.79 -24.06 -56.87
C ARG X 230 7.35 -22.91 -55.97
N GLY X 231 8.33 -22.23 -55.38
CA GLY X 231 8.05 -21.17 -54.42
C GLY X 231 7.92 -21.63 -52.99
N THR X 232 8.40 -22.82 -52.66
CA THR X 232 8.36 -23.37 -51.30
C THR X 232 9.69 -23.22 -50.58
N GLU X 233 10.81 -23.40 -51.30
CA GLU X 233 12.14 -23.27 -50.72
C GLU X 233 12.52 -21.83 -50.39
N ASP X 234 11.68 -20.85 -50.74
CA ASP X 234 11.99 -19.45 -50.48
C ASP X 234 11.79 -19.05 -49.02
N LYS X 235 11.43 -19.98 -48.14
CA LYS X 235 11.31 -19.67 -46.73
C LYS X 235 12.70 -19.44 -46.12
N GLY X 236 12.84 -18.35 -45.38
CA GLY X 236 14.09 -18.06 -44.70
C GLY X 236 14.99 -17.05 -45.40
N LYS X 237 14.39 -16.14 -46.17
CA LYS X 237 15.15 -15.03 -46.74
C LYS X 237 15.66 -14.11 -45.63
N ARG X 238 14.82 -13.80 -44.66
CA ARG X 238 15.21 -13.10 -43.44
C ARG X 238 14.22 -13.48 -42.36
N LYS X 239 14.73 -13.64 -41.14
CA LYS X 239 13.89 -14.05 -40.03
C LYS X 239 13.11 -12.85 -39.51
N GLU X 240 11.79 -13.00 -39.46
CA GLU X 240 10.88 -11.91 -39.09
C GLU X 240 10.31 -12.20 -37.72
N PHE X 241 10.75 -11.41 -36.73
CA PHE X 241 10.09 -11.44 -35.43
C PHE X 241 8.75 -10.72 -35.54
N VAL X 242 7.69 -11.38 -35.09
CA VAL X 242 6.35 -10.81 -35.06
C VAL X 242 5.93 -10.66 -33.61
N ASN X 243 5.55 -9.44 -33.24
CA ASN X 243 5.14 -9.15 -31.87
C ASN X 243 3.65 -9.44 -31.65
N ASP X 244 3.26 -10.65 -32.04
CA ASP X 244 1.92 -11.17 -31.81
C ASP X 244 2.13 -12.67 -31.63
N LEU X 245 1.98 -13.14 -30.39
CA LEU X 245 2.42 -14.49 -30.05
C LEU X 245 1.57 -15.55 -30.76
N LEU X 246 0.27 -15.31 -30.91
CA LEU X 246 -0.62 -16.24 -31.59
C LEU X 246 -0.40 -16.30 -33.09
N ARG X 247 0.39 -15.39 -33.66
CA ARG X 247 0.62 -15.36 -35.10
C ARG X 247 2.07 -15.60 -35.48
N SER X 248 2.96 -15.81 -34.51
CA SER X 248 4.36 -16.07 -34.79
C SER X 248 4.56 -17.48 -35.34
N ASP X 249 5.74 -17.69 -35.94
CA ASP X 249 6.07 -19.00 -36.48
C ASP X 249 6.27 -20.03 -35.37
N PHE X 250 6.74 -19.59 -34.20
CA PHE X 250 6.96 -20.50 -33.08
C PHE X 250 5.66 -21.12 -32.62
N HIS X 251 4.60 -20.32 -32.49
CA HIS X 251 3.31 -20.84 -32.06
C HIS X 251 2.66 -21.72 -33.11
N LYS X 252 2.82 -21.37 -34.40
CA LYS X 252 2.26 -22.21 -35.45
C LYS X 252 2.95 -23.56 -35.51
N ARG X 253 4.27 -23.57 -35.34
CA ARG X 253 4.99 -24.84 -35.25
C ARG X 253 4.57 -25.64 -34.03
N PHE X 254 4.36 -24.95 -32.89
CA PHE X 254 3.89 -25.61 -31.68
C PHE X 254 2.53 -26.26 -31.87
N MET X 255 1.59 -25.55 -32.48
CA MET X 255 0.23 -26.05 -32.61
C MET X 255 0.13 -27.12 -33.69
N SER X 256 0.97 -27.03 -34.73
CA SER X 256 0.99 -28.10 -35.72
C SER X 256 1.68 -29.34 -35.18
N LYS X 257 2.63 -29.18 -34.26
CA LYS X 257 3.28 -30.34 -33.66
C LYS X 257 2.38 -31.04 -32.66
N TYR X 258 1.68 -30.28 -31.81
CA TYR X 258 1.01 -30.88 -30.66
C TYR X 258 -0.46 -31.16 -30.86
N VAL X 259 -1.11 -30.55 -31.84
CA VAL X 259 -2.53 -30.80 -32.12
C VAL X 259 -2.63 -31.41 -33.50
N ARG X 260 -3.04 -32.67 -33.56
CA ARG X 260 -3.13 -33.38 -34.84
C ARG X 260 -4.58 -33.79 -35.12
N THR Y 24 -33.21 105.56 64.52
CA THR Y 24 -33.64 105.07 65.82
C THR Y 24 -33.83 106.21 66.81
N LEU Y 25 -34.32 105.88 68.01
CA LEU Y 25 -34.52 106.89 69.03
C LEU Y 25 -33.19 107.42 69.58
N GLU Y 26 -32.19 106.55 69.67
CA GLU Y 26 -30.89 106.97 70.18
C GLU Y 26 -30.13 107.84 69.19
N ASP Y 27 -30.42 107.72 67.89
CA ASP Y 27 -29.74 108.54 66.90
C ASP Y 27 -30.22 110.00 66.92
N LEU Y 28 -31.43 110.25 67.41
CA LEU Y 28 -31.96 111.60 67.49
C LEU Y 28 -31.37 112.41 68.64
N GLU Y 29 -30.68 111.76 69.57
CA GLU Y 29 -30.08 112.46 70.70
C GLU Y 29 -28.82 113.24 70.32
N GLY Y 30 -28.25 112.99 69.15
CA GLY Y 30 -27.07 113.69 68.71
C GLY Y 30 -27.39 115.05 68.11
N GLU Y 31 -26.34 115.67 67.55
CA GLU Y 31 -26.47 116.99 66.95
C GLU Y 31 -27.04 116.84 65.53
N ASN Y 32 -28.34 116.59 65.47
CA ASN Y 32 -29.03 116.44 64.20
C ASN Y 32 -29.37 117.81 63.62
N GLN Y 33 -29.73 117.81 62.33
CA GLN Y 33 -30.11 119.06 61.67
C GLN Y 33 -31.44 119.58 62.20
N PHE Y 34 -32.40 118.68 62.46
CA PHE Y 34 -33.68 119.09 63.00
C PHE Y 34 -33.55 119.63 64.42
N THR Y 35 -32.71 118.98 65.24
CA THR Y 35 -32.47 119.47 66.60
C THR Y 35 -31.77 120.82 66.59
N ASN Y 36 -30.81 121.01 65.66
CA ASN Y 36 -30.14 122.29 65.54
C ASN Y 36 -31.10 123.39 65.08
N LEU Y 37 -31.99 123.06 64.15
CA LEU Y 37 -32.99 124.04 63.70
C LEU Y 37 -33.97 124.39 64.81
N ALA Y 38 -34.37 123.40 65.61
CA ALA Y 38 -35.26 123.66 66.74
C ALA Y 38 -34.58 124.50 67.81
N ARG Y 39 -33.28 124.27 68.04
CA ARG Y 39 -32.54 125.07 69.00
C ARG Y 39 -32.35 126.50 68.50
N GLN Y 40 -32.13 126.67 67.20
CA GLN Y 40 -31.95 128.00 66.64
C GLN Y 40 -33.26 128.77 66.54
N HIS Y 41 -34.39 128.08 66.39
CA HIS Y 41 -35.68 128.72 66.21
C HIS Y 41 -36.49 128.85 67.49
N TRP Y 42 -36.50 127.81 68.33
CA TRP Y 42 -37.35 127.80 69.52
C TRP Y 42 -36.59 128.02 70.82
N LEU Y 43 -35.29 127.72 70.86
CA LEU Y 43 -34.48 127.86 72.06
C LEU Y 43 -33.64 129.12 72.05
N ASN Y 44 -34.19 130.22 71.50
CA ASN Y 44 -33.50 131.50 71.42
C ASN Y 44 -33.77 132.40 72.62
N VAL Y 45 -34.07 131.82 73.78
CA VAL Y 45 -34.33 132.61 74.98
C VAL Y 45 -33.03 133.26 75.46
N PRO Y 46 -33.08 134.47 76.02
CA PRO Y 46 -31.83 135.13 76.45
C PRO Y 46 -31.45 134.79 77.88
N GLN Y 47 -32.07 133.76 78.46
CA GLN Y 47 -31.78 133.36 79.82
C GLN Y 47 -30.38 132.79 79.95
N GLN Y 48 -29.67 133.21 81.01
CA GLN Y 48 -28.30 132.77 81.24
C GLN Y 48 -28.32 131.44 81.99
N ALA Y 49 -28.59 130.37 81.25
CA ALA Y 49 -28.60 129.04 81.82
C ALA Y 49 -27.18 128.57 82.12
N ALA Y 50 -27.08 127.67 83.11
CA ALA Y 50 -25.78 127.14 83.50
C ALA Y 50 -25.25 126.19 82.44
N LYS Y 51 -23.92 126.06 82.40
CA LYS Y 51 -23.25 125.18 81.44
C LYS Y 51 -23.17 123.76 82.01
N ILE Y 52 -24.33 123.11 82.00
CA ILE Y 52 -24.47 121.74 82.50
C ILE Y 52 -24.57 120.80 81.32
N LYS Y 53 -23.73 119.75 81.32
CA LYS Y 53 -23.71 118.77 80.24
C LYS Y 53 -24.86 117.78 80.45
N VAL Y 54 -26.05 118.21 80.06
CA VAL Y 54 -27.25 117.38 80.19
C VAL Y 54 -27.52 116.72 78.84
N LYS Y 55 -27.68 115.40 78.85
CA LYS Y 55 -27.94 114.67 77.62
C LYS Y 55 -29.35 114.92 77.14
N THR Y 56 -29.49 115.23 75.85
CA THR Y 56 -30.79 115.51 75.25
C THR Y 56 -31.48 114.18 74.96
N ASP Y 57 -32.19 113.66 75.96
CA ASP Y 57 -32.91 112.41 75.81
C ASP Y 57 -34.14 112.60 74.92
N VAL Y 58 -34.57 111.49 74.31
CA VAL Y 58 -35.75 111.53 73.46
C VAL Y 58 -37.02 111.75 74.28
N LEU Y 59 -37.10 111.12 75.46
CA LEU Y 59 -38.27 111.28 76.31
C LEU Y 59 -38.37 112.69 76.87
N LYS Y 60 -37.24 113.27 77.27
CA LYS Y 60 -37.24 114.65 77.77
C LYS Y 60 -37.61 115.63 76.66
N ARG Y 61 -37.10 115.42 75.46
CA ARG Y 61 -37.45 116.28 74.33
C ARG Y 61 -38.94 116.15 73.98
N GLU Y 62 -39.48 114.93 74.03
CA GLU Y 62 -40.90 114.73 73.77
C GLU Y 62 -41.76 115.40 74.84
N LEU Y 63 -41.35 115.30 76.10
CA LEU Y 63 -42.10 115.96 77.17
C LEU Y 63 -42.02 117.48 77.07
N TYR Y 64 -40.88 118.01 76.63
CA TYR Y 64 -40.77 119.46 76.44
C TYR Y 64 -41.59 119.92 75.23
N LEU Y 65 -41.66 119.11 74.18
CA LEU Y 65 -42.43 119.48 72.99
C LEU Y 65 -43.93 119.37 73.23
N TRP Y 66 -44.36 118.40 74.03
CA TRP Y 66 -45.78 118.24 74.33
C TRP Y 66 -46.36 119.43 75.10
N PRO Y 67 -45.71 119.93 76.16
CA PRO Y 67 -46.28 121.09 76.86
C PRO Y 67 -46.10 122.39 76.09
N GLY Y 68 -45.07 122.51 75.27
CA GLY Y 68 -44.82 123.70 74.49
C GLY Y 68 -45.59 123.82 73.19
N TYR Y 69 -46.37 122.80 72.84
CA TYR Y 69 -47.14 122.84 71.60
C TYR Y 69 -48.31 123.80 71.73
N GLY Y 70 -48.61 124.50 70.64
CA GLY Y 70 -49.70 125.46 70.65
C GLY Y 70 -50.13 125.79 69.23
N GLU Y 71 -51.12 126.67 69.14
CA GLU Y 71 -51.64 127.08 67.84
C GLU Y 71 -50.67 127.98 67.07
N ASP Y 72 -49.77 128.67 67.77
CA ASP Y 72 -48.81 129.55 67.14
C ASP Y 72 -47.51 128.85 66.77
N SER Y 73 -47.40 127.55 67.03
CA SER Y 73 -46.19 126.82 66.68
C SER Y 73 -46.08 126.64 65.17
N SER Y 74 -44.84 126.55 64.70
CA SER Y 74 -44.57 126.39 63.28
C SER Y 74 -44.77 124.93 62.87
N ASN Y 75 -44.61 124.66 61.57
CA ASN Y 75 -44.76 123.30 61.05
C ASN Y 75 -43.60 122.40 61.43
N TYR Y 76 -42.45 122.98 61.80
CA TYR Y 76 -41.30 122.17 62.20
C TYR Y 76 -41.58 121.42 63.51
N HIS Y 77 -42.26 122.06 64.46
CA HIS Y 77 -42.62 121.40 65.70
C HIS Y 77 -43.61 120.27 65.46
N VAL Y 78 -44.57 120.47 64.56
CA VAL Y 78 -45.54 119.42 64.23
C VAL Y 78 -44.86 118.27 63.53
N LEU Y 79 -43.90 118.56 62.64
CA LEU Y 79 -43.14 117.51 61.97
C LEU Y 79 -42.29 116.72 62.95
N LEU Y 80 -41.67 117.41 63.92
CA LEU Y 80 -40.89 116.72 64.95
C LEU Y 80 -41.78 115.85 65.83
N ILE Y 81 -42.97 116.34 66.17
CA ILE Y 81 -43.90 115.56 66.97
C ILE Y 81 -44.38 114.32 66.20
N ILE Y 82 -44.63 114.48 64.90
CA ILE Y 82 -45.05 113.34 64.07
C ILE Y 82 -43.91 112.32 63.95
N LEU Y 83 -42.67 112.80 63.81
CA LEU Y 83 -41.52 111.90 63.75
C LEU Y 83 -41.33 111.16 65.06
N ILE Y 84 -41.52 111.85 66.19
CA ILE Y 84 -41.41 111.20 67.50
C ILE Y 84 -42.51 110.17 67.69
N VAL Y 85 -43.72 110.47 67.22
CA VAL Y 85 -44.83 109.52 67.30
C VAL Y 85 -44.56 108.30 66.43
N ASN Y 86 -44.01 108.51 65.24
CA ASN Y 86 -43.68 107.39 64.37
C ASN Y 86 -42.56 106.54 64.97
N ALA Y 87 -41.57 107.17 65.60
CA ALA Y 87 -40.49 106.42 66.25
C ALA Y 87 -41.01 105.63 67.45
N LYS Y 88 -41.96 106.20 68.19
CA LYS Y 88 -42.56 105.47 69.31
C LYS Y 88 -43.42 104.31 68.83
N ARG Y 89 -44.12 104.50 67.71
CA ARG Y 89 -44.95 103.42 67.15
C ARG Y 89 -44.08 102.32 66.55
N ARG Y 90 -42.92 102.66 66.01
CA ARG Y 90 -42.02 101.65 65.46
C ARG Y 90 -41.38 100.81 66.56
N GLU Y 91 -41.27 101.36 67.77
CA GLU Y 91 -40.70 100.65 68.91
C GLU Y 91 -41.77 100.02 69.80
N ARG Y 92 -43.03 99.98 69.33
CA ARG Y 92 -44.16 99.43 70.07
C ARG Y 92 -44.34 100.12 71.42
N VAL Y 93 -44.20 101.44 71.44
CA VAL Y 93 -44.36 102.25 72.64
C VAL Y 93 -45.63 103.10 72.51
N SER Y 94 -46.31 103.28 73.64
CA SER Y 94 -47.54 104.05 73.64
C SER Y 94 -47.24 105.54 73.47
N THR Y 95 -47.98 106.19 72.58
CA THR Y 95 -47.79 107.62 72.32
C THR Y 95 -49.13 108.34 72.32
N TRP Y 96 -50.23 107.60 72.17
CA TRP Y 96 -51.55 108.21 72.16
C TRP Y 96 -51.98 108.67 73.54
N ASP Y 97 -51.44 108.05 74.59
CA ASP Y 97 -51.80 108.45 75.95
C ASP Y 97 -51.25 109.83 76.31
N ILE Y 98 -50.06 110.17 75.80
CA ILE Y 98 -49.45 111.47 76.08
C ILE Y 98 -50.27 112.61 75.49
N PHE Y 99 -50.95 112.35 74.37
CA PHE Y 99 -51.86 113.33 73.78
C PHE Y 99 -53.24 113.31 74.42
N ALA Y 100 -53.49 112.41 75.38
CA ALA Y 100 -54.80 112.34 76.03
C ALA Y 100 -55.03 113.50 76.98
N ASP Y 101 -53.97 114.18 77.43
CA ASP Y 101 -54.15 115.29 78.36
C ASP Y 101 -54.77 116.51 77.68
N ARG Y 102 -54.37 116.77 76.43
CA ARG Y 102 -54.87 117.91 75.67
C ARG Y 102 -55.61 117.43 74.42
N PRO Y 103 -56.94 117.37 74.44
CA PRO Y 103 -57.67 116.91 73.26
C PRO Y 103 -57.72 117.97 72.16
N ALA Y 104 -57.85 119.24 72.55
CA ALA Y 104 -57.90 120.33 71.58
C ALA Y 104 -56.56 120.49 70.87
N ASP Y 105 -55.46 120.38 71.60
CA ASP Y 105 -54.14 120.48 70.98
C ASP Y 105 -53.89 119.29 70.06
N PHE Y 106 -54.34 118.09 70.45
CA PHE Y 106 -54.21 116.92 69.59
C PHE Y 106 -55.04 117.08 68.32
N SER Y 107 -56.24 117.63 68.43
CA SER Y 107 -57.07 117.88 67.25
C SER Y 107 -56.44 118.92 66.34
N ASP Y 108 -55.85 119.98 66.92
CA ASP Y 108 -55.16 120.99 66.12
C ASP Y 108 -53.94 120.40 65.43
N LEU Y 109 -53.18 119.54 66.10
CA LEU Y 109 -52.04 118.88 65.49
C LEU Y 109 -52.47 117.95 64.37
N PHE Y 110 -53.58 117.22 64.55
CA PHE Y 110 -54.10 116.37 63.50
C PHE Y 110 -54.56 117.18 62.29
N ARG Y 111 -55.21 118.32 62.53
CA ARG Y 111 -55.62 119.19 61.43
C ARG Y 111 -54.42 119.76 60.69
N ARG Y 112 -53.37 120.14 61.44
CA ARG Y 112 -52.15 120.64 60.80
C ARG Y 112 -51.46 119.55 59.98
N ALA Y 113 -51.44 118.32 60.48
CA ALA Y 113 -50.87 117.21 59.74
C ALA Y 113 -51.67 116.91 58.48
N LEU Y 114 -53.00 116.99 58.58
CA LEU Y 114 -53.85 116.78 57.40
C LEU Y 114 -53.65 117.88 56.37
N SER Y 115 -53.48 119.12 56.82
CA SER Y 115 -53.20 120.22 55.90
C SER Y 115 -51.83 120.08 55.25
N MET Y 116 -50.83 119.62 56.01
CA MET Y 116 -49.50 119.44 55.45
C MET Y 116 -49.44 118.24 54.52
N THR Y 117 -50.31 117.25 54.71
CA THR Y 117 -50.34 116.09 53.82
C THR Y 117 -50.84 116.47 52.43
N LEU Y 118 -51.79 117.39 52.35
CA LEU Y 118 -52.33 117.86 51.08
C LEU Y 118 -51.50 118.99 50.47
N ASP Y 119 -50.47 119.47 51.17
CA ASP Y 119 -49.63 120.53 50.66
C ASP Y 119 -48.56 119.94 49.75
N SER Y 120 -48.44 120.49 48.53
CA SER Y 120 -47.47 120.03 47.56
C SER Y 120 -46.15 120.78 47.61
N SER Y 121 -46.03 121.77 48.51
CA SER Y 121 -44.79 122.53 48.61
C SER Y 121 -43.69 121.72 49.28
N LEU Y 122 -44.04 120.82 50.18
CA LEU Y 122 -43.05 120.03 50.89
C LEU Y 122 -42.54 118.89 50.01
N SER Y 123 -41.47 118.25 50.46
CA SER Y 123 -40.86 117.15 49.73
C SER Y 123 -41.71 115.88 49.88
N TRP Y 124 -41.39 114.89 49.04
CA TRP Y 124 -42.12 113.62 49.06
C TRP Y 124 -41.83 112.81 50.31
N THR Y 125 -40.66 113.00 50.94
CA THR Y 125 -40.33 112.29 52.17
C THR Y 125 -41.24 112.72 53.32
N ILE Y 126 -41.52 114.03 53.41
CA ILE Y 126 -42.42 114.52 54.45
C ILE Y 126 -43.84 114.02 54.21
N ARG Y 127 -44.26 113.95 52.95
CA ARG Y 127 -45.58 113.42 52.62
C ARG Y 127 -45.68 111.94 52.97
N THR Y 128 -44.61 111.18 52.70
CA THR Y 128 -44.59 109.76 53.07
C THR Y 128 -44.62 109.58 54.58
N HIS Y 129 -43.89 110.42 55.31
CA HIS Y 129 -43.92 110.36 56.78
C HIS Y 129 -45.31 110.70 57.32
N VAL Y 130 -45.97 111.70 56.73
CA VAL Y 130 -47.31 112.07 57.15
C VAL Y 130 -48.30 110.95 56.85
N LEU Y 131 -48.14 110.29 55.70
CA LEU Y 131 -49.00 109.16 55.35
C LEU Y 131 -48.78 107.98 56.31
N LEU Y 132 -47.53 107.73 56.68
CA LEU Y 132 -47.23 106.67 57.65
C LEU Y 132 -47.82 107.00 59.02
N PHE Y 133 -47.74 108.27 59.43
CA PHE Y 133 -48.33 108.68 60.69
C PHE Y 133 -49.85 108.55 60.66
N ILE Y 134 -50.47 108.89 59.53
CA ILE Y 134 -51.93 108.75 59.41
C ILE Y 134 -52.33 107.28 59.42
N ILE Y 135 -51.52 106.42 58.80
CA ILE Y 135 -51.81 104.98 58.81
C ILE Y 135 -51.64 104.41 60.21
N HIS Y 136 -50.65 104.89 60.96
CA HIS Y 136 -50.48 104.45 62.35
C HIS Y 136 -51.63 104.94 63.23
N ALA Y 137 -52.11 106.17 62.98
CA ALA Y 137 -53.25 106.68 63.73
C ALA Y 137 -54.54 105.94 63.39
N PHE Y 138 -54.68 105.50 62.13
CA PHE Y 138 -55.86 104.74 61.73
C PHE Y 138 -55.89 103.35 62.34
N GLN Y 139 -54.74 102.81 62.75
CA GLN Y 139 -54.65 101.52 63.41
C GLN Y 139 -54.80 101.63 64.93
N SER Y 140 -55.04 102.83 65.45
CA SER Y 140 -55.19 103.05 66.88
C SER Y 140 -56.58 103.59 67.19
N LEU Y 141 -57.61 102.98 66.59
CA LEU Y 141 -58.99 103.41 66.78
C LEU Y 141 -59.54 103.10 68.17
N ASP Y 142 -58.81 102.32 68.98
CA ASP Y 142 -59.27 102.02 70.33
C ASP Y 142 -59.30 103.27 71.22
N TYR Y 143 -58.40 104.23 70.97
CA TYR Y 143 -58.41 105.48 71.70
C TYR Y 143 -59.62 106.31 71.31
N ALA Y 144 -60.20 107.01 72.28
CA ALA Y 144 -61.40 107.81 72.02
C ALA Y 144 -61.09 109.03 71.16
N ILE Y 145 -59.96 109.69 71.43
CA ILE Y 145 -59.60 110.90 70.68
C ILE Y 145 -59.25 110.54 69.24
N VAL Y 146 -58.52 109.44 69.04
CA VAL Y 146 -58.15 109.03 67.69
C VAL Y 146 -59.38 108.59 66.89
N ARG Y 147 -60.30 107.88 67.54
CA ARG Y 147 -61.54 107.47 66.87
C ARG Y 147 -62.41 108.68 66.54
N LYS Y 148 -62.47 109.67 67.44
CA LYS Y 148 -63.23 110.88 67.16
C LYS Y 148 -62.61 111.69 66.02
N GLU Y 149 -61.27 111.70 65.95
CA GLU Y 149 -60.61 112.43 64.87
C GLU Y 149 -60.77 111.72 63.52
N CYS Y 150 -60.74 110.39 63.53
CA CYS Y 150 -60.85 109.62 62.29
C CYS Y 150 -62.29 109.33 61.88
N ALA Y 151 -63.26 109.64 62.74
CA ALA Y 151 -64.66 109.43 62.38
C ALA Y 151 -65.11 110.29 61.20
N PRO Y 152 -64.80 111.59 61.16
CA PRO Y 152 -65.25 112.41 60.02
C PRO Y 152 -64.49 112.14 58.73
N LEU Y 153 -63.30 111.52 58.80
CA LEU Y 153 -62.53 111.26 57.60
C LEU Y 153 -63.10 110.11 56.79
N VAL Y 154 -63.73 109.13 57.46
CA VAL Y 154 -64.29 107.96 56.77
C VAL Y 154 -65.81 107.99 56.88
N SER Y 155 -66.37 109.19 56.96
CA SER Y 155 -67.82 109.35 57.07
C SER Y 155 -68.47 109.25 55.70
N ILE Y 156 -69.79 109.48 55.68
CA ILE Y 156 -70.56 109.40 54.43
C ILE Y 156 -70.37 110.63 53.54
N SER Y 157 -69.77 111.70 54.07
CA SER Y 157 -69.55 112.92 53.29
C SER Y 157 -68.60 112.71 52.13
N ILE Y 158 -67.74 111.70 52.20
CA ILE Y 158 -66.90 111.33 51.06
C ILE Y 158 -67.73 110.87 49.87
N TRP Y 159 -68.93 110.35 50.13
CA TRP Y 159 -69.86 110.02 49.05
C TRP Y 159 -70.31 111.25 48.27
N HIS Y 160 -70.15 112.45 48.85
CA HIS Y 160 -70.39 113.67 48.09
C HIS Y 160 -69.34 113.90 47.01
N ASN Y 161 -68.18 113.23 47.12
CA ASN Y 161 -67.13 113.34 46.12
C ASN Y 161 -67.26 112.31 45.00
N LEU Y 162 -68.45 111.80 44.76
CA LEU Y 162 -68.66 110.81 43.72
C LEU Y 162 -68.58 111.46 42.34
N SER Y 163 -68.40 110.60 41.32
CA SER Y 163 -68.30 111.10 39.95
C SER Y 163 -69.64 111.60 39.43
N THR Y 164 -70.72 110.88 39.72
CA THR Y 164 -72.05 111.25 39.25
C THR Y 164 -73.03 111.19 40.41
N GLU Y 165 -74.05 112.07 40.34
CA GLU Y 165 -75.07 112.10 41.38
C GLU Y 165 -76.04 110.93 41.28
N GLU Y 166 -76.19 110.33 40.09
CA GLU Y 166 -77.08 109.19 39.93
C GLU Y 166 -76.59 107.97 40.69
N LYS Y 167 -75.27 107.74 40.68
CA LYS Y 167 -74.71 106.63 41.44
C LYS Y 167 -74.88 106.83 42.94
N ARG Y 168 -74.69 108.06 43.42
CA ARG Y 168 -74.92 108.37 44.83
C ARG Y 168 -76.38 108.20 45.21
N GLU Y 169 -77.30 108.61 44.33
CA GLU Y 169 -78.73 108.42 44.59
C GLU Y 169 -79.10 106.94 44.63
N ALA Y 170 -78.53 106.14 43.72
CA ALA Y 170 -78.78 104.71 43.73
C ALA Y 170 -78.22 104.05 44.99
N LEU Y 171 -77.04 104.48 45.43
CA LEU Y 171 -76.46 103.96 46.67
C LEU Y 171 -77.29 104.33 47.87
N LEU Y 172 -77.82 105.56 47.90
CA LEU Y 172 -78.68 105.98 49.00
C LEU Y 172 -80.02 105.24 48.99
N ASP Y 173 -80.56 104.95 47.80
CA ASP Y 173 -81.81 104.20 47.70
C ASP Y 173 -81.62 102.71 47.93
N SER Y 174 -80.39 102.21 47.85
CA SER Y 174 -80.14 100.79 48.07
C SER Y 174 -80.36 100.41 49.54
N ASN Y 175 -79.94 101.26 50.47
CA ASN Y 175 -80.10 100.98 51.90
C ASN Y 175 -80.69 102.22 52.57
N PRO Y 176 -81.80 102.08 53.30
CA PRO Y 176 -82.38 103.25 53.99
C PRO Y 176 -81.50 103.81 55.09
N HIS Y 177 -80.64 102.98 55.70
CA HIS Y 177 -79.73 103.47 56.73
C HIS Y 177 -78.71 104.44 56.15
N LEU Y 178 -78.20 104.14 54.95
CA LEU Y 178 -77.26 105.05 54.29
C LEU Y 178 -77.93 106.37 53.93
N ARG Y 179 -79.18 106.32 53.48
CA ARG Y 179 -79.92 107.55 53.17
C ARG Y 179 -80.17 108.36 54.43
N LYS Y 180 -80.50 107.70 55.55
CA LYS Y 180 -80.71 108.40 56.80
C LYS Y 180 -79.41 109.03 57.31
N ALA Y 181 -78.29 108.33 57.16
CA ALA Y 181 -76.99 108.87 57.55
C ALA Y 181 -76.61 110.07 56.68
N TRP Y 182 -76.89 109.99 55.38
CA TRP Y 182 -76.61 111.11 54.48
C TRP Y 182 -77.48 112.31 54.82
N ARG Y 183 -78.76 112.08 55.15
CA ARG Y 183 -79.64 113.17 55.54
C ARG Y 183 -79.18 113.81 56.85
N ALA Y 184 -78.75 112.99 57.81
CA ALA Y 184 -78.23 113.51 59.07
C ALA Y 184 -76.96 114.33 58.86
N ALA Y 185 -76.06 113.85 57.99
CA ALA Y 185 -74.84 114.59 57.68
C ALA Y 185 -75.15 115.90 56.98
N THR Y 186 -76.12 115.91 56.07
CA THR Y 186 -76.51 117.14 55.39
C THR Y 186 -77.14 118.13 56.36
N LYS Y 187 -77.96 117.65 57.30
CA LYS Y 187 -78.55 118.51 58.30
C LYS Y 187 -77.49 119.08 59.24
N ARG Y 188 -76.50 118.26 59.62
CA ARG Y 188 -75.42 118.75 60.47
C ARG Y 188 -74.55 119.77 59.75
N PHE Y 189 -74.32 119.58 58.44
CA PHE Y 189 -73.55 120.54 57.68
C PHE Y 189 -74.32 121.85 57.49
N GLU Y 190 -75.64 121.76 57.30
CA GLU Y 190 -76.44 122.96 57.12
C GLU Y 190 -76.58 123.75 58.42
N SER Y 191 -76.73 123.05 59.54
CA SER Y 191 -76.91 123.72 60.83
C SER Y 191 -75.61 124.22 61.44
N ALA Y 192 -74.46 123.86 60.86
CA ALA Y 192 -73.18 124.27 61.39
C ALA Y 192 -72.86 125.71 61.00
N ASP Y 193 -71.83 126.26 61.65
CA ASP Y 193 -71.36 127.61 61.35
C ASP Y 193 -70.47 127.58 60.12
N ASP Y 194 -69.85 128.73 59.80
CA ASP Y 194 -69.00 128.80 58.61
C ASP Y 194 -67.70 128.04 58.79
N ALA Y 195 -67.05 128.21 59.96
CA ALA Y 195 -65.80 127.50 60.22
C ALA Y 195 -66.03 126.00 60.34
N THR Y 196 -67.12 125.60 60.98
CA THR Y 196 -67.42 124.18 61.11
C THR Y 196 -67.75 123.55 59.75
N LYS Y 197 -68.48 124.28 58.89
CA LYS Y 197 -68.75 123.80 57.55
C LYS Y 197 -67.48 123.69 56.71
N ALA Y 198 -66.58 124.67 56.86
CA ALA Y 198 -65.30 124.60 56.16
C ALA Y 198 -64.46 123.42 56.63
N ARG Y 199 -64.44 123.17 57.94
CA ARG Y 199 -63.72 122.01 58.48
C ARG Y 199 -64.33 120.70 57.99
N LEU Y 200 -65.66 120.61 57.94
CA LEU Y 200 -66.32 119.42 57.45
C LEU Y 200 -66.04 119.20 55.97
N ARG Y 201 -66.03 120.27 55.17
CA ARG Y 201 -65.71 120.15 53.76
C ARG Y 201 -64.26 119.73 53.55
N PHE Y 202 -63.34 120.27 54.36
CA PHE Y 202 -61.94 119.86 54.28
C PHE Y 202 -61.75 118.40 54.65
N ASP Y 203 -62.45 117.95 55.70
CA ASP Y 203 -62.37 116.55 56.11
C ASP Y 203 -62.98 115.63 55.06
N ARG Y 204 -64.03 116.07 54.38
CA ARG Y 204 -64.64 115.25 53.33
C ARG Y 204 -63.75 115.20 52.09
N ALA Y 205 -63.09 116.30 51.74
CA ALA Y 205 -62.30 116.37 50.52
C ALA Y 205 -60.84 115.99 50.70
N TRP Y 206 -60.40 115.74 51.94
CA TRP Y 206 -59.00 115.34 52.16
C TRP Y 206 -58.68 114.00 51.51
N LEU Y 207 -59.58 113.03 51.63
CA LEU Y 207 -59.35 111.72 51.00
C LEU Y 207 -59.34 111.83 49.48
N TYR Y 208 -60.25 112.63 48.92
CA TYR Y 208 -60.28 112.83 47.47
C TYR Y 208 -59.01 113.54 46.98
N SER Y 209 -58.54 114.54 47.73
CA SER Y 209 -57.31 115.24 47.37
C SER Y 209 -56.10 114.32 47.46
N LEU Y 210 -56.05 113.46 48.49
CA LEU Y 210 -54.97 112.50 48.61
C LEU Y 210 -54.98 111.49 47.47
N VAL Y 211 -56.17 111.01 47.08
CA VAL Y 211 -56.28 110.08 45.97
C VAL Y 211 -55.87 110.73 44.66
N LEU Y 212 -56.28 111.99 44.45
CA LEU Y 212 -55.90 112.72 43.25
C LEU Y 212 -54.39 112.97 43.20
N ASP Y 213 -53.79 113.29 44.35
CA ASP Y 213 -52.34 113.49 44.40
C ASP Y 213 -51.58 112.20 44.14
N PHE Y 214 -52.09 111.07 44.67
CA PHE Y 214 -51.46 109.78 44.41
C PHE Y 214 -51.58 109.40 42.94
N LEU Y 215 -52.74 109.66 42.32
CA LEU Y 215 -52.91 109.36 40.90
C LEU Y 215 -52.04 110.26 40.03
N THR Y 216 -51.87 111.52 40.43
CA THR Y 216 -50.99 112.42 39.68
C THR Y 216 -49.53 112.02 39.80
N LEU Y 217 -49.11 111.61 41.01
CA LEU Y 217 -47.73 111.19 41.21
C LEU Y 217 -47.44 109.85 40.55
N LEU Y 218 -48.46 108.99 40.41
CA LEU Y 218 -48.27 107.73 39.71
C LEU Y 218 -48.02 107.93 38.22
N TYR Y 219 -48.69 108.91 37.61
CA TYR Y 219 -48.55 109.19 36.19
C TYR Y 219 -47.66 110.40 35.92
N SER Y 220 -46.94 110.89 36.93
CA SER Y 220 -46.07 112.04 36.73
C SER Y 220 -44.86 111.69 35.87
N GLY Y 221 -44.31 110.50 36.06
CA GLY Y 221 -43.13 110.07 35.33
C GLY Y 221 -41.85 110.49 36.03
N ASN Y 222 -40.78 109.75 35.70
CA ASN Y 222 -39.45 109.92 36.28
C ASN Y 222 -39.48 109.83 37.80
N ALA Y 223 -40.22 108.85 38.30
CA ALA Y 223 -40.40 108.67 39.74
C ALA Y 223 -39.11 108.15 40.38
N LYS Y 224 -38.73 108.75 41.50
CA LYS Y 224 -37.53 108.34 42.23
C LYS Y 224 -37.92 107.31 43.29
N GLN Y 225 -36.99 107.01 44.20
CA GLN Y 225 -37.28 106.07 45.28
C GLN Y 225 -38.27 106.65 46.29
N GLU Y 226 -38.24 107.97 46.49
CA GLU Y 226 -39.18 108.60 47.40
C GLU Y 226 -40.61 108.50 46.89
N HIS Y 227 -40.81 108.65 45.58
CA HIS Y 227 -42.15 108.51 45.00
C HIS Y 227 -42.65 107.07 45.12
N VAL Y 228 -41.77 106.09 44.93
CA VAL Y 228 -42.15 104.69 45.07
C VAL Y 228 -42.50 104.37 46.53
N LEU Y 229 -41.73 104.93 47.46
CA LEU Y 229 -42.03 104.74 48.89
C LEU Y 229 -43.36 105.39 49.26
N TYR Y 230 -43.64 106.57 48.71
CA TYR Y 230 -44.93 107.23 48.96
C TYR Y 230 -46.08 106.42 48.38
N CYS Y 231 -45.90 105.86 47.18
CA CYS Y 231 -46.93 105.01 46.57
C CYS Y 231 -47.16 103.75 47.40
N GLU Y 232 -46.09 103.13 47.90
CA GLU Y 232 -46.23 101.96 48.77
C GLU Y 232 -46.93 102.30 50.07
N ARG Y 233 -46.61 103.46 50.65
CA ARG Y 233 -47.28 103.89 51.88
C ARG Y 233 -48.76 104.17 51.63
N PHE Y 234 -49.08 104.77 50.47
CA PHE Y 234 -50.49 105.01 50.14
C PHE Y 234 -51.25 103.70 49.92
N VAL Y 235 -50.59 102.72 49.29
CA VAL Y 235 -51.23 101.42 49.09
C VAL Y 235 -51.45 100.72 50.42
N GLU Y 236 -50.47 100.81 51.34
CA GLU Y 236 -50.62 100.23 52.67
C GLU Y 236 -51.73 100.92 53.45
N PHE Y 237 -51.83 102.25 53.34
CA PHE Y 237 -52.90 102.98 54.01
C PHE Y 237 -54.27 102.61 53.45
N LEU Y 238 -54.37 102.43 52.13
CA LEU Y 238 -55.63 101.99 51.52
C LEU Y 238 -56.00 100.59 51.97
N THR Y 239 -55.02 99.69 52.07
CA THR Y 239 -55.28 98.34 52.55
C THR Y 239 -55.72 98.34 54.01
N ASP Y 240 -55.10 99.19 54.83
CA ASP Y 240 -55.49 99.30 56.24
C ASP Y 240 -56.88 99.89 56.38
N LEU Y 241 -57.24 100.86 55.52
CA LEU Y 241 -58.58 101.42 55.55
C LEU Y 241 -59.62 100.40 55.11
N GLN Y 242 -59.29 99.58 54.11
CA GLN Y 242 -60.20 98.54 53.67
C GLN Y 242 -60.27 97.38 54.64
N SER Y 243 -59.27 97.22 55.51
CA SER Y 243 -59.27 96.14 56.49
C SER Y 243 -60.21 96.39 57.66
N GLN Y 244 -60.58 97.64 57.92
CA GLN Y 244 -61.51 97.98 59.00
C GLN Y 244 -62.85 98.33 58.38
N LEU Y 245 -63.89 97.59 58.77
CA LEU Y 245 -65.19 97.70 58.11
C LEU Y 245 -65.84 99.07 58.24
N PRO Y 246 -65.80 99.75 59.39
CA PRO Y 246 -66.40 101.09 59.48
C PRO Y 246 -65.75 102.11 58.54
N THR Y 247 -64.45 101.98 58.27
CA THR Y 247 -63.83 102.80 57.25
C THR Y 247 -63.98 102.20 55.86
N ARG Y 248 -64.01 100.87 55.76
CA ARG Y 248 -64.10 100.22 54.45
C ARG Y 248 -65.44 100.47 53.77
N ARG Y 249 -66.50 100.68 54.56
CA ARG Y 249 -67.84 100.92 54.01
C ARG Y 249 -67.91 102.17 53.14
N TYR Y 250 -67.00 103.12 53.33
CA TYR Y 250 -66.85 104.26 52.43
C TYR Y 250 -65.60 104.16 51.56
N VAL Y 251 -64.55 103.49 52.05
CA VAL Y 251 -63.29 103.43 51.30
C VAL Y 251 -63.45 102.58 50.05
N ASN Y 252 -64.19 101.47 50.14
CA ASN Y 252 -64.41 100.61 48.98
C ASN Y 252 -65.22 101.34 47.90
N THR Y 253 -66.25 102.08 48.33
CA THR Y 253 -67.05 102.85 47.38
C THR Y 253 -66.21 103.96 46.73
N LEU Y 254 -65.37 104.64 47.52
CA LEU Y 254 -64.52 105.68 46.98
C LEU Y 254 -63.50 105.12 46.00
N LEU Y 255 -62.92 103.95 46.30
CA LEU Y 255 -61.95 103.34 45.41
C LEU Y 255 -62.60 102.83 44.14
N GLN Y 256 -63.84 102.32 44.25
CA GLN Y 256 -64.55 101.86 43.06
C GLN Y 256 -64.97 103.03 42.18
N ASP Y 257 -65.36 104.16 42.78
CA ASP Y 257 -65.74 105.32 41.98
C ASP Y 257 -64.52 106.00 41.35
N LEU Y 258 -63.41 106.06 42.07
CA LEU Y 258 -62.20 106.70 41.57
C LEU Y 258 -61.36 105.81 40.67
N HIS Y 259 -61.64 104.50 40.65
CA HIS Y 259 -60.91 103.50 39.86
C HIS Y 259 -59.42 103.53 40.20
N VAL Y 260 -59.13 103.32 41.48
CA VAL Y 260 -57.74 103.35 41.95
C VAL Y 260 -56.96 102.15 41.43
N LEU Y 261 -57.61 100.97 41.41
CA LEU Y 261 -56.93 99.77 40.91
C LEU Y 261 -56.61 99.87 39.42
N PRO Y 262 -57.52 100.30 38.55
CA PRO Y 262 -57.17 100.47 37.14
C PRO Y 262 -56.12 101.55 36.90
N ALA Y 263 -56.09 102.61 37.71
CA ALA Y 263 -55.07 103.63 37.56
C ALA Y 263 -53.71 103.12 38.02
N LEU Y 264 -53.68 102.32 39.09
CA LEU Y 264 -52.41 101.77 39.57
C LEU Y 264 -51.88 100.67 38.66
N SER Y 265 -52.78 99.93 38.01
CA SER Y 265 -52.34 98.87 37.10
C SER Y 265 -51.69 99.45 35.85
N LEU Y 266 -52.19 100.59 35.37
CA LEU Y 266 -51.65 101.23 34.19
C LEU Y 266 -50.59 102.29 34.52
N SER Y 267 -50.28 102.48 35.80
CA SER Y 267 -49.28 103.48 36.17
C SER Y 267 -47.88 102.99 35.83
N PRO Y 268 -46.97 103.90 35.48
CA PRO Y 268 -45.60 103.49 35.16
C PRO Y 268 -44.79 103.09 36.38
N ILE Y 269 -45.21 103.50 37.59
CA ILE Y 269 -44.48 103.13 38.80
C ILE Y 269 -44.65 101.63 39.09
N TYR Y 270 -45.87 101.13 38.98
CA TYR Y 270 -46.12 99.71 39.20
C TYR Y 270 -45.61 98.85 38.06
N ASN Y 271 -45.48 99.40 36.85
CA ASN Y 271 -44.99 98.66 35.71
C ASN Y 271 -43.48 98.42 35.75
N ASP Y 272 -42.76 99.13 36.63
CA ASP Y 272 -41.32 98.94 36.75
C ASP Y 272 -41.00 97.58 37.35
N GLU Y 273 -39.89 96.99 36.90
CA GLU Y 273 -39.49 95.68 37.39
C GLU Y 273 -38.99 95.74 38.83
N GLY Y 274 -38.39 96.86 39.23
CA GLY Y 274 -37.88 97.00 40.58
C GLY Y 274 -38.94 97.23 41.64
N ASN Y 275 -40.15 97.59 41.23
CA ASN Y 275 -41.26 97.84 42.17
C ASN Y 275 -42.09 96.58 42.39
N GLY Y 276 -41.42 95.48 42.77
CA GLY Y 276 -42.14 94.26 43.10
C GLY Y 276 -42.96 94.39 44.37
N LEU Y 277 -42.43 95.10 45.36
CA LEU Y 277 -43.16 95.32 46.61
C LEU Y 277 -44.40 96.18 46.37
N LEU Y 278 -44.28 97.19 45.50
CA LEU Y 278 -45.44 98.02 45.18
C LEU Y 278 -46.51 97.23 44.44
N ARG Y 279 -46.10 96.34 43.52
CA ARG Y 279 -47.05 95.49 42.82
C ARG Y 279 -47.73 94.51 43.78
N GLU Y 280 -46.97 93.94 44.72
CA GLU Y 280 -47.56 93.04 45.71
C GLU Y 280 -48.53 93.77 46.63
N LEU Y 281 -48.18 95.00 47.02
CA LEU Y 281 -49.09 95.80 47.84
C LEU Y 281 -50.36 96.16 47.08
N CYS Y 282 -50.23 96.48 45.79
CA CYS Y 282 -51.41 96.74 44.96
C CYS Y 282 -52.29 95.51 44.81
N ASN Y 283 -51.67 94.33 44.66
CA ASN Y 283 -52.44 93.09 44.59
C ASN Y 283 -53.15 92.80 45.91
N LEU Y 284 -52.48 93.05 47.04
CA LEU Y 284 -53.11 92.86 48.34
C LEU Y 284 -54.26 93.83 48.55
N PHE Y 285 -54.09 95.09 48.11
CA PHE Y 285 -55.17 96.06 48.22
C PHE Y 285 -56.35 95.70 47.33
N THR Y 286 -56.08 95.17 46.14
CA THR Y 286 -57.16 94.72 45.25
C THR Y 286 -57.88 93.51 45.84
N HIS Y 287 -57.14 92.61 46.48
CA HIS Y 287 -57.77 91.46 47.13
C HIS Y 287 -58.62 91.89 48.32
N TYR Y 288 -58.14 92.87 49.09
CA TYR Y 288 -58.90 93.34 50.24
C TYR Y 288 -60.12 94.14 49.82
N THR Y 289 -60.02 94.91 48.72
CA THR Y 289 -61.16 95.70 48.27
C THR Y 289 -62.23 94.83 47.62
N TYR Y 290 -61.84 93.75 46.96
CA TYR Y 290 -62.77 92.84 46.30
C TYR Y 290 -63.12 91.64 47.19
N PHE Y 291 -63.08 91.82 48.51
CA PHE Y 291 -63.42 90.73 49.42
C PHE Y 291 -64.92 90.47 49.39
N ALA Y 292 -65.28 89.19 49.55
CA ALA Y 292 -66.68 88.77 49.52
C ALA Y 292 -67.30 89.04 50.89
N VAL Y 293 -67.64 90.30 51.13
CA VAL Y 293 -68.25 90.72 52.39
C VAL Y 293 -69.09 91.95 52.12
N ASP Y 294 -70.19 92.08 52.87
CA ASP Y 294 -71.06 93.23 52.72
C ASP Y 294 -70.41 94.48 53.32
N ASP Y 295 -70.45 95.58 52.57
CA ASP Y 295 -69.84 96.81 53.05
C ASP Y 295 -70.69 97.47 54.14
N GLN Y 296 -72.01 97.47 53.96
CA GLN Y 296 -72.91 98.15 54.89
C GLN Y 296 -73.33 97.24 56.03
N SER Y 297 -73.86 96.06 55.71
CA SER Y 297 -74.35 95.15 56.75
C SER Y 297 -73.20 94.49 57.50
N GLY Y 298 -72.07 94.29 56.85
CA GLY Y 298 -70.93 93.65 57.48
C GLY Y 298 -70.99 92.13 57.49
N VAL Y 299 -72.02 91.52 56.90
CA VAL Y 299 -72.12 90.08 56.84
C VAL Y 299 -71.20 89.54 55.76
N GLN Y 300 -70.47 88.47 56.07
CA GLN Y 300 -69.57 87.87 55.10
C GLN Y 300 -70.35 87.17 53.99
N LEU Y 301 -69.98 87.45 52.75
CA LEU Y 301 -70.64 86.85 51.60
C LEU Y 301 -69.93 85.58 51.18
N SER Y 302 -70.72 84.57 50.83
CA SER Y 302 -70.18 83.30 50.37
C SER Y 302 -69.77 83.39 48.90
N ARG Y 303 -69.32 82.26 48.35
CA ARG Y 303 -68.96 82.22 46.94
C ARG Y 303 -70.20 82.34 46.05
N GLU Y 304 -71.32 81.79 46.50
CA GLU Y 304 -72.56 81.88 45.72
C GLU Y 304 -73.06 83.32 45.64
N GLN Y 305 -72.97 84.07 46.73
CA GLN Y 305 -73.41 85.47 46.73
C GLN Y 305 -72.52 86.33 45.82
N ALA Y 306 -71.20 86.10 45.86
CA ALA Y 306 -70.30 86.84 44.99
C ALA Y 306 -70.51 86.47 43.52
N TYR Y 307 -70.77 85.19 43.24
CA TYR Y 307 -71.07 84.77 41.88
C TYR Y 307 -72.38 85.38 41.39
N ASP Y 308 -73.39 85.46 42.26
CA ASP Y 308 -74.66 86.08 41.89
C ASP Y 308 -74.48 87.58 41.64
N ARG Y 309 -73.67 88.25 42.45
CA ARG Y 309 -73.41 89.68 42.23
C ARG Y 309 -72.67 89.91 40.92
N HIS Y 310 -71.67 89.07 40.63
CA HIS Y 310 -70.95 89.19 39.36
C HIS Y 310 -71.85 88.91 38.18
N CYS Y 311 -72.74 87.91 38.30
CA CYS Y 311 -73.69 87.61 37.22
C CYS Y 311 -74.68 88.76 37.03
N ALA Y 312 -75.12 89.38 38.12
CA ALA Y 312 -76.02 90.53 38.01
C ALA Y 312 -75.33 91.72 37.35
N ILE Y 313 -74.06 91.96 37.68
CA ILE Y 313 -73.30 93.04 37.05
C ILE Y 313 -73.11 92.77 35.57
N LEU Y 314 -72.79 91.52 35.22
CA LEU Y 314 -72.63 91.15 33.81
C LEU Y 314 -73.93 91.26 33.05
N ALA Y 315 -75.04 90.88 33.68
CA ALA Y 315 -76.36 90.99 33.03
C ALA Y 315 -76.75 92.45 32.84
N LYS Y 316 -76.43 93.31 33.81
CA LYS Y 316 -76.69 94.74 33.65
C LYS Y 316 -75.85 95.34 32.52
N LEU Y 317 -74.59 94.94 32.43
CA LEU Y 317 -73.73 95.41 31.35
C LEU Y 317 -74.23 94.91 30.00
N GLN Y 318 -74.67 93.66 29.93
CA GLN Y 318 -75.21 93.11 28.68
C GLN Y 318 -76.51 93.80 28.28
N ARG Y 319 -77.37 94.12 29.26
CA ARG Y 319 -78.60 94.84 28.97
C ARG Y 319 -78.31 96.26 28.48
N ILE Y 320 -77.32 96.92 29.08
CA ILE Y 320 -76.93 98.26 28.63
C ILE Y 320 -76.37 98.20 27.21
N ALA Y 321 -75.56 97.18 26.91
CA ALA Y 321 -75.00 97.03 25.57
C ALA Y 321 -76.10 96.74 24.55
N MET Y 322 -77.08 95.92 24.92
CA MET Y 322 -78.19 95.62 24.01
C MET Y 322 -79.08 96.84 23.80
N LYS Y 323 -79.27 97.66 24.83
CA LYS Y 323 -80.08 98.86 24.69
C LYS Y 323 -79.36 99.97 23.93
N HIS Y 324 -78.02 99.98 23.96
CA HIS Y 324 -77.25 101.07 23.37
C HIS Y 324 -76.54 100.69 22.08
N PHE Y 325 -75.83 99.56 22.05
CA PHE Y 325 -74.97 99.20 20.93
C PHE Y 325 -75.24 97.77 20.47
N LYS Y 326 -76.51 97.45 20.24
CA LYS Y 326 -76.88 96.10 19.81
C LYS Y 326 -76.38 95.81 18.40
N GLU Y 327 -76.17 96.84 17.58
CA GLU Y 327 -75.70 96.62 16.22
C GLU Y 327 -74.22 96.21 16.20
N LYS Y 328 -73.41 96.77 17.09
CA LYS Y 328 -71.98 96.52 17.10
C LYS Y 328 -71.53 95.57 18.21
N LEU Y 329 -72.23 95.54 19.34
CA LEU Y 329 -71.87 94.71 20.49
C LEU Y 329 -72.91 93.63 20.74
N THR Y 330 -73.40 93.01 19.66
CA THR Y 330 -74.36 91.92 19.81
C THR Y 330 -73.72 90.69 20.45
N VAL Y 331 -72.47 90.40 20.09
CA VAL Y 331 -71.78 89.25 20.67
C VAL Y 331 -71.46 89.49 22.15
N LEU Y 332 -71.11 90.73 22.50
CA LEU Y 332 -70.81 91.05 23.89
C LEU Y 332 -72.07 91.01 24.75
N ALA Y 333 -73.20 91.47 24.21
CA ALA Y 333 -74.44 91.45 24.96
C ALA Y 333 -74.99 90.03 25.11
N LEU Y 334 -74.76 89.18 24.11
CA LEU Y 334 -75.23 87.80 24.14
C LEU Y 334 -74.19 86.84 24.70
N SER Y 335 -73.06 87.34 25.20
CA SER Y 335 -72.06 86.48 25.77
C SER Y 335 -72.50 85.94 27.13
N ASN Y 336 -71.97 84.78 27.51
CA ASN Y 336 -72.30 84.15 28.76
C ASN Y 336 -71.51 84.79 29.91
N TYR Y 337 -71.81 84.35 31.13
CA TYR Y 337 -71.09 84.85 32.30
C TYR Y 337 -69.63 84.42 32.29
N GLY Y 338 -69.36 83.17 31.90
CA GLY Y 338 -68.01 82.69 31.81
C GLY Y 338 -67.25 83.12 30.57
N SER Y 339 -67.95 83.61 29.54
CA SER Y 339 -67.33 84.09 28.32
C SER Y 339 -67.06 85.59 28.35
N ILE Y 340 -67.47 86.30 29.39
CA ILE Y 340 -67.25 87.73 29.51
C ILE Y 340 -66.47 88.11 30.75
N ASP Y 341 -66.33 87.21 31.72
CA ASP Y 341 -65.58 87.52 32.94
C ASP Y 341 -64.07 87.52 32.70
N LYS Y 342 -63.60 86.80 31.68
CA LYS Y 342 -62.17 86.77 31.39
C LYS Y 342 -61.75 88.04 30.67
N ARG Y 343 -60.55 88.53 31.02
CA ARG Y 343 -60.04 89.75 30.39
C ARG Y 343 -59.69 89.51 28.93
N SER Y 344 -59.11 88.34 28.62
CA SER Y 344 -58.74 88.04 27.24
C SER Y 344 -59.96 87.87 26.35
N GLU Y 345 -61.03 87.25 26.88
CA GLU Y 345 -62.24 87.06 26.09
C GLU Y 345 -62.97 88.38 25.88
N LEU Y 346 -62.97 89.25 26.88
CA LEU Y 346 -63.65 90.54 26.79
C LEU Y 346 -62.79 91.61 26.13
N GLU Y 347 -61.52 91.33 25.85
CA GLU Y 347 -60.66 92.31 25.18
C GLU Y 347 -61.14 92.63 23.77
N PRO Y 348 -61.49 91.66 22.92
CA PRO Y 348 -61.98 92.00 21.58
C PRO Y 348 -63.34 92.69 21.59
N LEU Y 349 -64.21 92.35 22.55
CA LEU Y 349 -65.51 93.00 22.64
C LEU Y 349 -65.37 94.47 23.00
N LEU Y 350 -64.45 94.80 23.91
CA LEU Y 350 -64.17 96.18 24.24
C LEU Y 350 -63.38 96.90 23.16
N GLN Y 351 -62.54 96.17 22.41
CA GLN Y 351 -61.79 96.80 21.32
C GLN Y 351 -62.67 97.07 20.11
N ALA Y 352 -63.78 96.35 19.98
CA ALA Y 352 -64.71 96.61 18.88
C ALA Y 352 -65.38 97.97 19.02
N LEU Y 353 -65.75 98.36 20.24
CA LEU Y 353 -66.34 99.67 20.47
C LEU Y 353 -65.28 100.76 20.35
N THR Y 354 -65.71 101.92 19.88
CA THR Y 354 -64.83 103.06 19.74
C THR Y 354 -64.62 103.77 21.08
N ASP Y 355 -63.84 104.86 21.05
CA ASP Y 355 -63.61 105.63 22.28
C ASP Y 355 -64.88 106.32 22.75
N ASP Y 356 -65.66 106.89 21.82
CA ASP Y 356 -66.93 107.50 22.19
C ASP Y 356 -67.92 106.45 22.68
N GLU Y 357 -67.94 105.28 22.04
CA GLU Y 357 -68.81 104.20 22.48
C GLU Y 357 -68.41 103.69 23.86
N LEU Y 358 -67.10 103.59 24.12
CA LEU Y 358 -66.62 103.19 25.43
C LEU Y 358 -66.98 104.22 26.49
N VAL Y 359 -66.88 105.51 26.15
CA VAL Y 359 -67.26 106.57 27.09
C VAL Y 359 -68.75 106.52 27.39
N GLN Y 360 -69.57 106.28 26.36
CA GLN Y 360 -71.02 106.17 26.56
C GLN Y 360 -71.37 104.95 27.40
N LEU Y 361 -70.66 103.84 27.19
CA LEU Y 361 -70.91 102.64 27.99
C LEU Y 361 -70.49 102.85 29.44
N SER Y 362 -69.39 103.58 29.67
CA SER Y 362 -68.97 103.89 31.03
C SER Y 362 -69.94 104.84 31.71
N ASN Y 363 -70.48 105.81 30.96
CA ASN Y 363 -71.44 106.73 31.55
C ASN Y 363 -72.78 106.06 31.80
N LEU Y 364 -73.14 105.06 31.01
CA LEU Y 364 -74.40 104.34 31.23
C LEU Y 364 -74.34 103.45 32.46
N MET Y 365 -73.15 103.01 32.84
CA MET Y 365 -72.96 102.15 34.00
C MET Y 365 -72.52 102.92 35.25
N ASN Y 366 -72.62 104.25 35.21
CA ASN Y 366 -72.22 105.15 36.31
C ASN Y 366 -70.74 104.94 36.69
N ILE Y 367 -69.90 104.76 35.68
CA ILE Y 367 -68.47 104.58 35.87
C ILE Y 367 -67.76 105.87 35.49
N ARG Y 368 -66.79 106.28 36.30
CA ARG Y 368 -66.06 107.52 36.06
C ARG Y 368 -65.17 107.39 34.84
N THR Y 369 -65.25 108.39 33.95
CA THR Y 369 -64.43 108.42 32.75
C THR Y 369 -63.59 109.68 32.62
N SER Y 370 -63.80 110.68 33.47
CA SER Y 370 -63.04 111.92 33.43
C SER Y 370 -62.61 112.30 34.83
N TYR Y 371 -61.51 113.04 34.92
CA TYR Y 371 -60.94 113.50 36.17
C TYR Y 371 -60.74 114.99 36.13
N PRO Y 372 -60.36 115.60 37.25
CA PRO Y 372 -60.12 117.05 37.27
C PRO Y 372 -58.87 117.42 36.47
N ASP Y 373 -58.87 118.66 35.97
CA ASP Y 373 -57.74 119.14 35.18
C ASP Y 373 -56.50 119.38 36.03
N ALA Y 374 -56.66 119.62 37.33
CA ALA Y 374 -55.51 119.82 38.20
C ALA Y 374 -54.73 118.54 38.41
N ALA Y 375 -55.41 117.39 38.45
CA ALA Y 375 -54.72 116.13 38.63
C ALA Y 375 -53.96 115.71 37.38
N ARG Y 376 -54.44 116.14 36.20
CA ARG Y 376 -53.83 115.83 34.90
C ARG Y 376 -53.72 114.32 34.67
N ILE Y 377 -54.75 113.58 35.08
CA ILE Y 377 -54.79 112.14 34.91
C ILE Y 377 -55.08 111.83 33.44
N PRO Y 378 -54.24 111.02 32.77
CA PRO Y 378 -54.48 110.71 31.36
C PRO Y 378 -55.61 109.71 31.21
N VAL Y 379 -56.71 110.14 30.59
CA VAL Y 379 -57.87 109.28 30.38
C VAL Y 379 -58.00 108.98 28.89
N ASP Y 380 -57.43 107.86 28.46
CA ASP Y 380 -57.47 107.43 27.08
C ASP Y 380 -58.38 106.21 26.94
N ARG Y 381 -58.42 105.65 25.73
CA ARG Y 381 -59.22 104.45 25.49
C ARG Y 381 -58.64 103.23 26.19
N LYS Y 382 -57.31 103.16 26.32
CA LYS Y 382 -56.69 102.03 26.99
C LYS Y 382 -57.01 102.01 28.48
N PHE Y 383 -57.04 103.19 29.11
CA PHE Y 383 -57.39 103.26 30.53
C PHE Y 383 -58.84 102.86 30.76
N ILE Y 384 -59.74 103.29 29.88
CA ILE Y 384 -61.15 102.93 30.01
C ILE Y 384 -61.35 101.43 29.76
N VAL Y 385 -60.60 100.87 28.81
CA VAL Y 385 -60.67 99.44 28.54
C VAL Y 385 -60.15 98.65 29.74
N GLU Y 386 -59.06 99.10 30.36
CA GLU Y 386 -58.53 98.44 31.54
C GLU Y 386 -59.50 98.53 32.71
N VAL Y 387 -60.15 99.68 32.89
CA VAL Y 387 -61.13 99.84 33.96
C VAL Y 387 -62.33 98.93 33.73
N LEU Y 388 -62.81 98.83 32.48
CA LEU Y 388 -63.94 97.96 32.18
C LEU Y 388 -63.56 96.48 32.35
N LEU Y 389 -62.32 96.12 32.01
CA LEU Y 389 -61.87 94.75 32.20
C LEU Y 389 -61.74 94.42 33.68
N THR Y 390 -61.21 95.34 34.49
CA THR Y 390 -61.06 95.09 35.91
C THR Y 390 -62.40 95.07 36.64
N THR Y 391 -63.36 95.87 36.18
CA THR Y 391 -64.68 95.89 36.82
C THR Y 391 -65.44 94.60 36.54
N PHE Y 392 -65.27 94.03 35.35
CA PHE Y 392 -65.98 92.82 34.95
C PHE Y 392 -65.17 91.55 35.18
N GLU Y 393 -63.98 91.66 35.76
CA GLU Y 393 -63.14 90.48 36.00
C GLU Y 393 -63.67 89.69 37.19
N ARG Y 394 -63.78 88.37 37.03
CA ARG Y 394 -64.16 87.51 38.13
C ARG Y 394 -62.99 87.34 39.08
N ARG Y 395 -63.24 87.57 40.37
CA ARG Y 395 -62.19 87.52 41.39
C ARG Y 395 -62.44 86.34 42.32
N LYS Y 396 -61.36 85.62 42.64
CA LYS Y 396 -61.45 84.51 43.57
C LYS Y 396 -61.73 85.01 44.98
N THR Y 397 -62.57 84.27 45.71
CA THR Y 397 -62.93 84.65 47.06
C THR Y 397 -61.80 84.33 48.04
N PHE Y 398 -62.01 84.69 49.32
CA PHE Y 398 -61.02 84.40 50.34
C PHE Y 398 -60.91 82.89 50.60
N GLN Y 399 -62.03 82.18 50.55
CA GLN Y 399 -62.00 80.72 50.72
C GLN Y 399 -61.26 80.05 49.56
N ASP Y 400 -61.49 80.53 48.34
CA ASP Y 400 -60.78 79.97 47.18
C ASP Y 400 -59.29 80.27 47.24
N ALA Y 401 -58.93 81.48 47.70
CA ALA Y 401 -57.52 81.81 47.84
C ALA Y 401 -56.85 80.98 48.94
N ALA Y 402 -57.58 80.71 50.02
CA ALA Y 402 -57.03 79.86 51.08
C ALA Y 402 -56.89 78.42 50.63
N GLN Y 403 -57.85 77.93 49.83
CA GLN Y 403 -57.76 76.57 49.32
C GLN Y 403 -56.67 76.42 48.26
N ALA Y 404 -56.42 77.48 47.48
CA ALA Y 404 -55.38 77.40 46.47
C ALA Y 404 -53.98 77.47 47.05
N LEU Y 405 -53.83 77.95 48.29
CA LEU Y 405 -52.52 78.02 48.92
C LEU Y 405 -52.11 76.63 49.41
N SER Y 406 -50.93 76.20 49.02
CA SER Y 406 -50.42 74.89 49.41
C SER Y 406 -49.91 74.92 50.84
N VAL Y 407 -50.33 73.93 51.64
CA VAL Y 407 -49.86 73.85 53.01
C VAL Y 407 -48.39 73.45 53.06
N LEU Y 408 -47.99 72.49 52.23
CA LEU Y 408 -46.60 72.07 52.19
C LEU Y 408 -45.76 73.10 51.43
N PRO Y 409 -44.67 73.61 52.02
CA PRO Y 409 -43.84 74.57 51.31
C PRO Y 409 -43.09 73.93 50.16
N THR Y 410 -42.80 74.74 49.15
CA THR Y 410 -42.07 74.33 47.96
C THR Y 410 -40.78 75.13 47.84
N GLU Y 411 -40.06 74.87 46.74
CA GLU Y 411 -38.81 75.59 46.50
C GLU Y 411 -39.07 77.06 46.17
N GLU Y 412 -40.10 77.33 45.37
CA GLU Y 412 -40.42 78.71 45.00
C GLU Y 412 -41.07 79.47 46.15
N THR Y 413 -41.85 78.78 46.99
CA THR Y 413 -42.50 79.45 48.12
C THR Y 413 -41.50 79.82 49.21
N LEU Y 414 -40.49 78.96 49.42
CA LEU Y 414 -39.49 79.25 50.43
C LEU Y 414 -38.57 80.38 49.99
N PHE Y 415 -38.25 80.45 48.71
CA PHE Y 415 -37.38 81.49 48.15
C PHE Y 415 -38.18 82.59 47.46
N ASP Y 416 -39.35 82.92 48.00
CA ASP Y 416 -40.19 83.95 47.40
C ASP Y 416 -39.59 85.33 47.63
N ILE Y 417 -39.95 86.26 46.73
CA ILE Y 417 -39.47 87.64 46.84
C ILE Y 417 -40.08 88.33 48.06
N SER Y 418 -41.35 88.04 48.35
CA SER Y 418 -42.00 88.63 49.52
C SER Y 418 -41.37 88.16 50.82
N LEU Y 419 -40.99 86.88 50.89
CA LEU Y 419 -40.32 86.36 52.08
C LEU Y 419 -38.95 87.00 52.25
N LYS Y 420 -38.22 87.20 51.16
CA LYS Y 420 -36.92 87.86 51.23
C LYS Y 420 -37.05 89.32 51.63
N ARG Y 421 -38.11 89.99 51.17
CA ARG Y 421 -38.35 91.37 51.56
C ARG Y 421 -38.74 91.47 53.03
N THR Y 422 -39.54 90.52 53.53
CA THR Y 422 -39.92 90.53 54.94
C THR Y 422 -38.76 90.11 55.83
N ASP Y 423 -37.81 89.35 55.30
CA ASP Y 423 -36.64 88.96 56.10
C ASP Y 423 -35.75 90.17 56.40
N GLN Y 424 -35.63 91.09 55.45
CA GLN Y 424 -34.82 92.29 55.62
C GLN Y 424 -35.66 93.50 55.99
N TYR Y 425 -36.83 93.29 56.58
CA TYR Y 425 -37.71 94.38 56.97
C TYR Y 425 -37.16 95.09 58.20
N ASP Y 426 -37.13 96.43 58.15
CA ASP Y 426 -36.64 97.23 59.27
C ASP Y 426 -37.59 98.36 59.62
N GLY Y 427 -38.81 98.37 59.07
CA GLY Y 427 -39.76 99.42 59.34
C GLY Y 427 -39.67 100.63 58.44
N SER Y 428 -38.67 100.70 57.57
CA SER Y 428 -38.53 101.84 56.67
C SER Y 428 -39.55 101.80 55.54
N ARG Y 429 -39.92 100.62 55.08
CA ARG Y 429 -40.89 100.47 54.01
C ARG Y 429 -41.97 99.47 54.41
N PRO Y 430 -43.16 99.60 53.84
CA PRO Y 430 -44.25 98.69 54.20
C PRO Y 430 -44.07 97.33 53.54
N LEU Y 431 -44.81 96.35 54.05
CA LEU Y 431 -44.79 94.98 53.55
C LEU Y 431 -46.19 94.58 53.12
N ALA Y 432 -46.25 93.76 52.07
CA ALA Y 432 -47.53 93.31 51.51
C ALA Y 432 -48.00 92.03 52.19
N LEU Y 433 -48.25 92.14 53.49
CA LEU Y 433 -48.74 91.05 54.30
C LEU Y 433 -49.93 91.51 55.13
N PRO Y 434 -50.84 90.60 55.49
CA PRO Y 434 -51.97 90.99 56.32
C PRO Y 434 -51.53 91.36 57.73
N LYS Y 435 -52.26 92.31 58.31
CA LYS Y 435 -51.95 92.83 59.65
C LYS Y 435 -53.14 92.59 60.57
N LEU Y 436 -52.86 92.07 61.77
CA LEU Y 436 -53.89 91.84 62.76
C LEU Y 436 -54.18 93.13 63.51
N ASN Y 437 -55.47 93.47 63.63
CA ASN Y 437 -55.87 94.70 64.30
C ASN Y 437 -57.01 94.44 65.27
N LEU Y 438 -57.58 95.52 65.82
CA LEU Y 438 -58.68 95.37 66.77
C LEU Y 438 -59.96 94.94 66.08
N GLN Y 439 -60.16 95.35 64.83
CA GLN Y 439 -61.37 95.02 64.08
C GLN Y 439 -61.00 94.33 62.77
N TYR Y 440 -61.88 93.43 62.33
CA TYR Y 440 -61.70 92.70 61.09
C TYR Y 440 -62.97 92.77 60.26
N LEU Y 441 -62.82 92.59 58.95
CA LEU Y 441 -63.97 92.62 58.05
C LEU Y 441 -64.89 91.43 58.29
N SER Y 442 -64.33 90.24 58.50
CA SER Y 442 -65.13 89.05 58.71
C SER Y 442 -64.28 88.03 59.47
N VAL Y 443 -64.94 87.01 60.02
CA VAL Y 443 -64.24 85.93 60.69
C VAL Y 443 -63.44 85.10 59.69
N GLY Y 444 -63.99 84.89 58.49
CA GLY Y 444 -63.28 84.17 57.46
C GLY Y 444 -62.06 84.93 56.95
N ASP Y 445 -62.17 86.25 56.83
CA ASP Y 445 -61.03 87.07 56.44
C ASP Y 445 -59.92 87.04 57.49
N PHE Y 446 -60.29 87.09 58.77
CA PHE Y 446 -59.31 86.98 59.85
C PHE Y 446 -58.65 85.61 59.87
N LEU Y 447 -59.44 84.56 59.62
CA LEU Y 447 -58.88 83.21 59.57
C LEU Y 447 -57.91 83.06 58.40
N TRP Y 448 -58.27 83.64 57.24
CA TRP Y 448 -57.37 83.60 56.08
C TRP Y 448 -56.10 84.39 56.34
N ARG Y 449 -56.20 85.53 57.02
CA ARG Y 449 -55.03 86.33 57.36
C ARG Y 449 -54.11 85.57 58.33
N SER Y 450 -54.70 84.92 59.34
CA SER Y 450 -53.92 84.12 60.27
C SER Y 450 -53.26 82.93 59.58
N PHE Y 451 -53.98 82.29 58.66
CA PHE Y 451 -53.40 81.17 57.90
C PHE Y 451 -52.25 81.65 57.02
N VAL Y 452 -52.40 82.82 56.39
CA VAL Y 452 -51.33 83.36 55.55
C VAL Y 452 -50.11 83.71 56.38
N LEU Y 453 -50.32 84.31 57.56
CA LEU Y 453 -49.20 84.65 58.44
C LEU Y 453 -48.50 83.39 58.95
N TYR Y 454 -49.27 82.36 59.32
CA TYR Y 454 -48.67 81.11 59.78
C TYR Y 454 -47.90 80.41 58.66
N ARG Y 455 -48.45 80.43 57.45
CA ARG Y 455 -47.76 79.84 56.31
C ARG Y 455 -46.47 80.59 55.97
N CYS Y 456 -46.50 81.93 56.06
CA CYS Y 456 -45.30 82.71 55.82
C CYS Y 456 -44.24 82.44 56.88
N GLU Y 457 -44.64 82.34 58.14
CA GLU Y 457 -43.69 82.03 59.22
C GLU Y 457 -43.10 80.63 59.06
N SER Y 458 -43.94 79.66 58.70
CA SER Y 458 -43.45 78.29 58.48
C SER Y 458 -42.51 78.23 57.30
N PHE Y 459 -42.82 78.94 56.21
CA PHE Y 459 -41.95 78.98 55.04
C PHE Y 459 -40.61 79.64 55.37
N TYR Y 460 -40.64 80.72 56.16
CA TYR Y 460 -39.40 81.37 56.57
C TYR Y 460 -38.55 80.46 57.45
N ALA Y 461 -39.18 79.75 58.39
CA ALA Y 461 -38.45 78.82 59.25
C ALA Y 461 -37.86 77.67 58.45
N ILE Y 462 -38.63 77.13 57.48
CA ILE Y 462 -38.15 76.04 56.66
C ILE Y 462 -37.00 76.50 55.76
N ARG Y 463 -37.09 77.71 55.23
CA ARG Y 463 -36.01 78.26 54.40
C ARG Y 463 -34.76 78.48 55.23
N GLN Y 464 -34.90 78.98 56.46
CA GLN Y 464 -33.74 79.16 57.33
C GLN Y 464 -33.11 77.84 57.69
N ASP Y 465 -33.93 76.81 57.99
CA ASP Y 465 -33.39 75.49 58.30
C ASP Y 465 -32.69 74.87 57.10
N LEU Y 466 -33.25 75.03 55.90
CA LEU Y 466 -32.63 74.50 54.70
C LEU Y 466 -31.32 75.23 54.39
N GLU Y 467 -31.29 76.55 54.60
CA GLU Y 467 -30.05 77.30 54.39
C GLU Y 467 -28.97 76.88 55.39
N ASP Y 468 -29.35 76.66 56.65
CA ASP Y 468 -28.40 76.21 57.65
C ASP Y 468 -27.88 74.81 57.32
N ALA Y 469 -28.76 73.92 56.87
CA ALA Y 469 -28.35 72.57 56.49
C ALA Y 469 -27.42 72.59 55.27
N LEU Y 470 -27.72 73.45 54.30
CA LEU Y 470 -26.85 73.56 53.12
C LEU Y 470 -25.51 74.18 53.46
N ILE Y 471 -25.47 75.12 54.41
CA ILE Y 471 -24.22 75.72 54.82
C ILE Y 471 -23.38 74.72 55.61
N ARG Y 472 -24.01 73.93 56.48
CA ARG Y 472 -23.26 72.93 57.24
C ARG Y 472 -22.82 71.77 56.37
N LEU Y 473 -23.59 71.41 55.35
CA LEU Y 473 -23.23 70.31 54.48
C LEU Y 473 -22.08 70.67 53.55
N LYS Y 474 -22.00 71.94 53.12
CA LYS Y 474 -21.01 72.49 52.19
C LYS Y 474 -20.97 71.68 50.90
N PRO Y 475 -22.00 71.79 50.06
CA PRO Y 475 -21.99 71.04 48.79
C PRO Y 475 -20.93 71.54 47.84
N GLU Y 476 -20.42 70.62 47.02
CA GLU Y 476 -19.37 70.93 46.06
C GLU Y 476 -19.49 69.99 44.87
N VAL Y 477 -18.74 70.30 43.82
CA VAL Y 477 -18.73 69.50 42.60
C VAL Y 477 -17.50 68.61 42.62
N ARG Y 478 -17.71 67.30 42.56
CA ARG Y 478 -16.64 66.33 42.56
C ARG Y 478 -16.28 65.94 41.14
N ARG Y 479 -15.44 64.91 41.00
CA ARG Y 479 -15.07 64.43 39.67
C ARG Y 479 -16.25 63.75 38.99
N GLY Y 480 -16.38 63.97 37.69
CA GLY Y 480 -17.48 63.43 36.92
C GLY Y 480 -18.76 64.23 36.98
N GLY Y 481 -18.76 65.38 37.65
CA GLY Y 481 -19.95 66.21 37.75
C GLY Y 481 -20.93 65.82 38.84
N VAL Y 482 -20.60 64.82 39.65
CA VAL Y 482 -21.49 64.39 40.73
C VAL Y 482 -21.34 65.35 41.90
N THR Y 483 -22.46 65.88 42.37
CA THR Y 483 -22.45 66.81 43.50
C THR Y 483 -22.29 66.04 44.80
N GLY Y 484 -21.27 66.39 45.58
CA GLY Y 484 -21.00 65.74 46.84
C GLY Y 484 -21.05 66.74 47.99
N PHE Y 485 -20.91 66.20 49.21
CA PHE Y 485 -20.92 67.00 50.43
C PHE Y 485 -19.59 66.81 51.14
N ALA Y 486 -18.88 67.92 51.37
CA ALA Y 486 -17.59 67.87 52.04
C ALA Y 486 -17.74 67.96 53.56
N GLY Y 487 -18.65 68.80 54.05
CA GLY Y 487 -18.87 68.94 55.47
C GLY Y 487 -19.79 67.86 56.02
N PHE Y 488 -19.98 67.91 57.34
CA PHE Y 488 -20.84 66.98 58.06
C PHE Y 488 -21.95 67.76 58.76
N SER Y 489 -23.18 67.30 58.59
CA SER Y 489 -24.34 67.94 59.20
C SER Y 489 -25.29 66.88 59.73
N LYS Y 490 -25.81 67.12 60.94
CA LYS Y 490 -26.78 66.22 61.55
C LYS Y 490 -28.21 66.49 61.11
N MET Y 491 -28.47 67.65 60.47
CA MET Y 491 -29.81 68.00 60.02
C MET Y 491 -30.13 67.47 58.63
N ALA Y 492 -29.15 66.95 57.90
CA ALA Y 492 -29.38 66.42 56.57
C ALA Y 492 -28.42 65.28 56.32
N LEU Y 493 -28.80 64.40 55.38
CA LEU Y 493 -28.01 63.23 55.04
C LEU Y 493 -28.07 62.99 53.54
N PRO Y 494 -26.94 62.66 52.91
CA PRO Y 494 -26.97 62.33 51.48
C PRO Y 494 -27.60 60.96 51.26
N ILE Y 495 -28.42 60.88 50.21
CA ILE Y 495 -29.15 59.66 49.88
C ILE Y 495 -29.12 59.47 48.37
N SER Y 496 -29.62 58.32 47.93
CA SER Y 496 -29.71 58.01 46.50
C SER Y 496 -31.03 58.55 45.96
N LYS Y 497 -31.32 58.24 44.69
CA LYS Y 497 -32.56 58.68 44.08
C LYS Y 497 -33.72 57.84 44.62
N PRO Y 498 -34.79 58.46 45.12
CA PRO Y 498 -35.92 57.68 45.62
C PRO Y 498 -36.67 56.98 44.50
N VAL Y 499 -37.25 55.83 44.82
CA VAL Y 499 -38.00 55.01 43.88
C VAL Y 499 -39.45 54.97 44.34
N ILE Y 500 -40.37 55.33 43.44
CA ILE Y 500 -41.78 55.35 43.78
C ILE Y 500 -42.31 53.92 43.90
N LEU Y 501 -42.95 53.63 45.02
CA LEU Y 501 -43.50 52.30 45.29
C LEU Y 501 -44.97 52.18 44.90
N ASP Y 502 -45.79 53.15 45.28
CA ASP Y 502 -47.21 53.11 44.96
C ASP Y 502 -47.74 54.53 44.84
N VAL Y 503 -48.85 54.67 44.11
CA VAL Y 503 -49.48 55.97 43.90
C VAL Y 503 -50.98 55.84 44.00
N VAL Y 516 -47.71 60.26 46.99
CA VAL Y 516 -47.41 58.89 46.58
C VAL Y 516 -46.39 58.27 47.54
N LYS Y 517 -46.51 56.97 47.78
CA LYS Y 517 -45.64 56.28 48.73
C LYS Y 517 -44.38 55.82 47.99
N ALA Y 518 -43.22 56.20 48.52
CA ALA Y 518 -41.93 55.84 47.95
C ALA Y 518 -40.99 55.41 49.06
N GLU Y 519 -39.90 54.76 48.66
CA GLU Y 519 -38.88 54.28 49.57
C GLU Y 519 -37.57 55.02 49.35
N VAL Y 520 -36.96 55.48 50.43
CA VAL Y 520 -35.70 56.22 50.39
C VAL Y 520 -34.67 55.45 51.19
N THR Y 521 -33.49 55.25 50.60
CA THR Y 521 -32.40 54.53 51.26
C THR Y 521 -31.44 55.53 51.88
N ILE Y 522 -31.13 55.33 53.17
CA ILE Y 522 -30.23 56.20 53.90
C ILE Y 522 -29.13 55.37 54.53
N ASP Y 523 -27.97 55.99 54.72
CA ASP Y 523 -26.81 55.34 55.30
C ASP Y 523 -26.46 56.00 56.61
N LEU Y 524 -26.26 55.19 57.66
CA LEU Y 524 -25.90 55.68 58.98
C LEU Y 524 -24.52 55.19 59.41
N ARG Y 525 -23.67 54.85 58.44
CA ARG Y 525 -22.34 54.37 58.76
C ARG Y 525 -21.44 55.50 59.24
N ARG Y 526 -21.61 56.71 58.71
CA ARG Y 526 -20.79 57.86 59.07
C ARG Y 526 -21.47 58.75 60.11
N LEU Y 527 -22.59 58.32 60.67
CA LEU Y 527 -23.33 59.09 61.65
C LEU Y 527 -23.04 58.59 63.05
N THR Y 528 -23.19 59.48 64.04
CA THR Y 528 -22.98 59.13 65.42
C THR Y 528 -24.13 58.27 65.93
N PRO Y 529 -23.93 57.57 67.05
CA PRO Y 529 -25.03 56.75 67.61
C PRO Y 529 -26.25 57.58 68.02
N GLN Y 530 -26.04 58.80 68.53
CA GLN Y 530 -27.17 59.66 68.84
C GLN Y 530 -27.88 60.12 67.58
N ILE Y 531 -27.12 60.47 66.54
CA ILE Y 531 -27.73 60.88 65.28
C ILE Y 531 -28.44 59.70 64.61
N ARG Y 532 -27.86 58.51 64.69
CA ARG Y 532 -28.51 57.32 64.14
C ARG Y 532 -29.79 56.99 64.91
N ARG Y 533 -29.78 57.14 66.23
CA ARG Y 533 -30.98 56.91 67.02
C ARG Y 533 -32.06 57.94 66.72
N ASP Y 534 -31.66 59.20 66.51
CA ASP Y 534 -32.63 60.23 66.15
C ASP Y 534 -33.22 59.99 64.77
N TRP Y 535 -32.40 59.53 63.82
CA TRP Y 535 -32.90 59.26 62.48
C TRP Y 535 -33.77 58.01 62.43
N GLU Y 536 -33.46 57.01 63.23
CA GLU Y 536 -34.23 55.76 63.23
C GLU Y 536 -35.51 55.86 64.04
N SER Y 537 -35.68 56.90 64.85
CA SER Y 537 -36.88 57.09 65.66
C SER Y 537 -37.84 58.10 65.05
N LEU Y 538 -37.93 58.12 63.72
CA LEU Y 538 -38.82 59.05 63.04
C LEU Y 538 -40.28 58.65 63.27
N ARG Y 539 -41.08 59.59 63.76
CA ARG Y 539 -42.48 59.31 64.02
C ARG Y 539 -43.27 59.23 62.73
N PRO Y 540 -44.46 58.64 62.77
CA PRO Y 540 -45.30 58.57 61.57
C PRO Y 540 -45.75 59.96 61.13
N ASP Y 541 -45.83 60.13 59.80
CA ASP Y 541 -46.21 61.39 59.14
C ASP Y 541 -45.30 62.54 59.57
N ASP Y 542 -44.01 62.27 59.73
CA ASP Y 542 -43.06 63.31 60.12
C ASP Y 542 -42.66 64.14 58.90
N VAL Y 543 -42.56 65.45 59.09
CA VAL Y 543 -42.26 66.36 57.99
C VAL Y 543 -40.78 66.25 57.65
N VAL Y 544 -40.48 65.89 56.40
CA VAL Y 544 -39.11 65.79 55.91
C VAL Y 544 -39.05 66.48 54.55
N PHE Y 545 -37.82 66.78 54.12
CA PHE Y 545 -37.59 67.48 52.85
C PHE Y 545 -36.63 66.66 52.00
N LEU Y 546 -37.07 66.32 50.79
CA LEU Y 546 -36.19 65.72 49.79
C LEU Y 546 -35.60 66.85 48.95
N LEU Y 547 -34.29 66.98 48.98
CA LEU Y 547 -33.59 68.11 48.37
C LEU Y 547 -32.67 67.62 47.26
N ALA Y 548 -32.82 68.20 46.08
CA ALA Y 548 -31.91 68.01 44.97
C ALA Y 548 -31.08 69.30 44.82
N VAL Y 549 -29.76 69.17 44.93
CA VAL Y 549 -28.87 70.32 44.94
C VAL Y 549 -27.75 70.09 43.92
N ASP Y 550 -27.46 71.14 43.14
CA ASP Y 550 -26.36 71.12 42.18
C ASP Y 550 -25.53 72.38 42.40
N ALA Y 551 -24.31 72.21 42.92
CA ALA Y 551 -23.45 73.34 43.23
C ALA Y 551 -22.77 73.93 42.01
N SER Y 552 -22.77 73.22 40.89
CA SER Y 552 -22.09 73.70 39.69
C SER Y 552 -22.72 74.97 39.13
N ARG Y 553 -24.03 75.15 39.36
CA ARG Y 553 -24.69 76.40 38.96
C ARG Y 553 -24.15 77.59 39.75
N GLN Y 554 -23.61 77.35 40.95
CA GLN Y 554 -22.94 78.41 41.68
C GLN Y 554 -21.71 78.92 40.93
N LYS Y 555 -21.06 78.04 40.15
CA LYS Y 555 -19.98 78.47 39.28
C LYS Y 555 -20.46 79.45 38.21
N GLN Y 556 -21.75 79.41 37.85
CA GLN Y 556 -22.30 80.42 36.96
C GLN Y 556 -22.29 81.81 37.59
N SER Y 557 -22.32 81.87 38.93
CA SER Y 557 -22.15 83.15 39.60
C SER Y 557 -20.70 83.62 39.53
N ALA Y 558 -19.76 82.71 39.34
CA ALA Y 558 -18.34 83.07 39.26
C ALA Y 558 -17.88 83.41 37.85
N ASN Y 559 -18.76 83.27 36.86
CA ASN Y 559 -18.41 83.53 35.47
C ASN Y 559 -18.82 84.93 35.00
N GLY Y 560 -19.23 85.80 35.92
CA GLY Y 560 -19.63 87.14 35.55
C GLY Y 560 -20.99 87.23 34.89
N GLY Y 561 -21.86 86.26 35.13
CA GLY Y 561 -23.19 86.24 34.55
C GLY Y 561 -24.19 87.01 35.38
N ALA Y 562 -25.45 86.59 35.28
CA ALA Y 562 -26.53 87.23 36.01
C ALA Y 562 -26.43 86.91 37.50
N VAL Y 563 -27.12 87.73 38.30
CA VAL Y 563 -27.09 87.57 39.74
C VAL Y 563 -27.97 86.38 40.13
N LEU Y 564 -27.37 85.40 40.81
CA LEU Y 564 -28.09 84.22 41.24
C LEU Y 564 -28.94 84.52 42.47
N SER Y 565 -29.94 83.67 42.70
CA SER Y 565 -30.82 83.82 43.84
C SER Y 565 -30.19 83.21 45.08
N GLU Y 566 -30.95 83.21 46.19
CA GLU Y 566 -30.44 82.64 47.44
C GLU Y 566 -30.34 81.12 47.35
N ALA Y 567 -31.27 80.48 46.65
CA ALA Y 567 -31.21 79.03 46.50
C ALA Y 567 -30.08 78.62 45.55
N GLU Y 568 -29.85 79.41 44.50
CA GLU Y 568 -28.77 79.09 43.57
C GLU Y 568 -27.40 79.39 44.16
N ARG Y 569 -27.33 80.30 45.13
CA ARG Y 569 -26.06 80.60 45.78
C ARG Y 569 -25.56 79.43 46.61
N LEU Y 570 -26.47 78.75 47.31
CA LEU Y 570 -26.12 77.57 48.11
C LEU Y 570 -26.11 76.29 47.30
N GLY Y 571 -26.47 76.35 46.01
CA GLY Y 571 -26.48 75.18 45.16
C GLY Y 571 -27.76 74.38 45.18
N LEU Y 572 -28.72 74.72 46.04
CA LEU Y 572 -29.99 74.00 46.09
C LEU Y 572 -30.82 74.30 44.86
N VAL Y 573 -31.38 73.25 44.26
CA VAL Y 573 -32.18 73.35 43.05
C VAL Y 573 -33.66 73.12 43.34
N HIS Y 574 -33.98 72.06 44.07
CA HIS Y 574 -35.38 71.73 44.34
C HIS Y 574 -35.51 71.15 45.74
N VAL Y 575 -36.63 71.47 46.39
CA VAL Y 575 -36.97 70.93 47.70
C VAL Y 575 -38.44 70.51 47.68
N ARG Y 576 -38.71 69.27 48.10
CA ARG Y 576 -40.06 68.74 48.11
C ARG Y 576 -40.40 68.24 49.51
N ALA Y 577 -41.56 68.64 50.02
CA ALA Y 577 -42.00 68.19 51.33
C ALA Y 577 -42.58 66.78 51.24
N ALA Y 578 -42.38 66.01 52.30
CA ALA Y 578 -42.89 64.65 52.36
C ALA Y 578 -43.16 64.28 53.81
N GLU Y 579 -43.98 63.24 53.98
CA GLU Y 579 -44.33 62.73 55.31
C GLU Y 579 -43.79 61.32 55.47
N ILE Y 580 -42.85 61.15 56.38
CA ILE Y 580 -42.33 59.84 56.71
C ILE Y 580 -43.36 59.09 57.54
N ILE Y 581 -43.70 57.87 57.10
CA ILE Y 581 -44.76 57.09 57.75
C ILE Y 581 -44.14 56.00 58.63
N GLN Y 582 -43.17 55.27 58.08
CA GLN Y 582 -42.58 54.17 58.83
C GLN Y 582 -41.10 54.08 58.47
N VAL Y 583 -40.34 53.44 59.36
CA VAL Y 583 -38.91 53.24 59.19
C VAL Y 583 -38.65 51.73 59.11
N LEU Y 584 -37.95 51.30 58.07
CA LEU Y 584 -37.65 49.89 57.85
C LEU Y 584 -36.15 49.68 57.83
N ASP Y 585 -35.74 48.43 58.00
CA ASP Y 585 -34.34 48.05 58.01
C ASP Y 585 -33.85 47.85 56.58
N ASP Y 586 -32.65 47.27 56.44
CA ASP Y 586 -32.08 47.02 55.11
C ASP Y 586 -32.83 45.92 54.35
N LYS Y 587 -33.53 45.04 55.07
CA LYS Y 587 -34.29 43.97 54.44
C LYS Y 587 -35.73 44.35 54.12
N GLY Y 588 -36.11 45.60 54.39
CA GLY Y 588 -37.47 46.04 54.12
C GLY Y 588 -38.49 45.67 55.17
N LYS Y 589 -38.06 45.12 56.31
CA LYS Y 589 -38.97 44.73 57.37
C LYS Y 589 -39.06 45.82 58.42
N ALA Y 590 -40.28 46.11 58.87
CA ALA Y 590 -40.49 47.13 59.89
C ALA Y 590 -39.96 46.66 61.24
N ILE Y 591 -39.40 47.60 61.98
CA ILE Y 591 -38.83 47.30 63.30
C ILE Y 591 -39.97 47.26 64.31
N ARG Y 592 -40.29 46.06 64.80
CA ARG Y 592 -41.35 45.91 65.80
C ARG Y 592 -40.91 46.46 67.15
N ASP Y 593 -39.66 46.17 67.55
CA ASP Y 593 -39.12 46.64 68.82
C ASP Y 593 -38.00 47.64 68.55
N PRO Y 594 -38.23 48.95 68.73
CA PRO Y 594 -37.15 49.91 68.47
C PRO Y 594 -36.07 49.90 69.54
N GLN Y 595 -36.44 49.66 70.81
CA GLN Y 595 -35.44 49.61 71.88
C GLN Y 595 -34.51 48.41 71.71
N ALA Y 596 -35.06 47.25 71.32
CA ALA Y 596 -34.23 46.08 71.10
C ALA Y 596 -33.34 46.24 69.88
N TYR Y 597 -33.83 46.92 68.84
CA TYR Y 597 -33.00 47.16 67.66
C TYR Y 597 -31.90 48.17 67.95
N PHE Y 598 -32.19 49.17 68.79
CA PHE Y 598 -31.16 50.16 69.14
C PHE Y 598 -30.11 49.56 70.07
N ASP Y 599 -30.55 48.78 71.07
CA ASP Y 599 -29.60 48.17 71.99
C ASP Y 599 -28.85 47.01 71.34
N GLY Y 600 -29.51 46.25 70.48
CA GLY Y 600 -28.85 45.14 69.82
C GLY Y 600 -27.90 45.59 68.73
N HIS Y 601 -27.03 44.67 68.33
CA HIS Y 601 -26.03 44.95 67.30
C HIS Y 601 -26.69 44.86 65.93
N THR Y 602 -26.78 46.00 65.24
CA THR Y 602 -27.38 46.02 63.91
C THR Y 602 -26.43 45.41 62.89
N ARG Y 603 -26.95 44.50 62.07
CA ARG Y 603 -26.12 43.86 61.05
C ARG Y 603 -25.79 44.81 59.91
N SER Y 604 -26.73 45.69 59.55
CA SER Y 604 -26.54 46.63 58.46
C SER Y 604 -26.89 48.03 58.93
N ASP Y 605 -26.09 49.01 58.51
CA ASP Y 605 -26.31 50.40 58.84
C ASP Y 605 -27.18 51.13 57.81
N ILE Y 606 -27.62 50.44 56.77
CA ILE Y 606 -28.46 51.03 55.73
C ILE Y 606 -29.92 50.85 56.13
N ARG Y 607 -30.69 51.93 56.05
CA ARG Y 607 -32.08 51.94 56.44
C ARG Y 607 -32.96 52.37 55.28
N LYS Y 608 -34.21 51.91 55.31
CA LYS Y 608 -35.20 52.26 54.30
C LYS Y 608 -36.34 53.01 54.99
N ILE Y 609 -36.72 54.15 54.42
CA ILE Y 609 -37.75 55.02 54.99
C ILE Y 609 -38.89 55.13 53.97
N GLN Y 610 -40.11 54.89 54.44
CA GLN Y 610 -41.30 55.04 53.62
C GLN Y 610 -41.80 56.48 53.74
N LEU Y 611 -41.85 57.19 52.61
CA LEU Y 611 -42.24 58.59 52.59
C LEU Y 611 -43.38 58.80 51.61
N ARG Y 612 -44.43 59.47 52.05
CA ARG Y 612 -45.53 59.88 51.20
C ARG Y 612 -45.25 61.30 50.72
N LEU Y 613 -45.05 61.46 49.41
CA LEU Y 613 -44.89 62.77 48.81
C LEU Y 613 -46.25 63.42 48.57
N ASP Y 614 -46.24 64.75 48.47
CA ASP Y 614 -47.47 65.50 48.27
C ASP Y 614 -48.06 65.21 46.89
N ALA Y 615 -49.39 65.07 46.84
CA ALA Y 615 -50.05 64.76 45.59
C ALA Y 615 -50.04 65.94 44.62
N THR Y 616 -50.11 67.16 45.14
CA THR Y 616 -50.12 68.34 44.27
C THR Y 616 -48.79 68.52 43.57
N SER Y 617 -47.69 68.39 44.32
CA SER Y 617 -46.36 68.54 43.73
C SER Y 617 -46.07 67.41 42.75
N TYR Y 618 -46.48 66.18 43.07
CA TYR Y 618 -46.29 65.06 42.16
C TYR Y 618 -47.11 65.23 40.88
N LYS Y 619 -48.34 65.73 41.00
CA LYS Y 619 -49.18 65.98 39.83
C LYS Y 619 -48.60 67.10 38.97
N ALA Y 620 -48.05 68.14 39.61
CA ALA Y 620 -47.43 69.23 38.86
C ALA Y 620 -46.17 68.76 38.14
N ASP Y 621 -45.39 67.89 38.79
CA ASP Y 621 -44.19 67.35 38.14
C ASP Y 621 -44.56 66.41 36.99
N THR Y 622 -45.62 65.62 37.15
CA THR Y 622 -46.03 64.70 36.10
C THR Y 622 -46.64 65.44 34.92
N GLU Y 623 -47.38 66.53 35.18
CA GLU Y 623 -47.98 67.31 34.10
C GLU Y 623 -46.91 68.05 33.31
N ALA Y 624 -45.86 68.52 33.97
CA ALA Y 624 -44.78 69.24 33.32
C ALA Y 624 -43.67 68.32 32.84
N ASN Y 625 -43.81 67.00 33.06
CA ASN Y 625 -42.82 65.98 32.66
C ASN Y 625 -41.43 66.28 33.22
N ARG Y 626 -41.40 66.64 34.50
CA ARG Y 626 -40.15 66.96 35.19
C ARG Y 626 -39.77 65.82 36.12
N ASN Y 627 -38.53 65.35 35.99
CA ASN Y 627 -38.02 64.26 36.83
C ASN Y 627 -37.32 64.85 38.05
N VAL Y 628 -38.12 65.41 38.94
CA VAL Y 628 -37.59 66.01 40.17
C VAL Y 628 -37.07 64.94 41.12
N TYR Y 629 -37.77 63.82 41.22
CA TYR Y 629 -37.38 62.76 42.15
C TYR Y 629 -36.16 62.00 41.68
N GLU Y 630 -35.81 62.07 40.39
CA GLU Y 630 -34.65 61.35 39.90
C GLU Y 630 -33.35 62.01 40.33
N ASP Y 631 -33.34 63.33 40.46
CA ASP Y 631 -32.14 64.07 40.83
C ASP Y 631 -32.04 64.31 42.33
N ILE Y 632 -33.00 63.83 43.11
CA ILE Y 632 -32.99 64.06 44.56
C ILE Y 632 -31.86 63.25 45.19
N ASN Y 633 -31.03 63.91 46.01
CA ASN Y 633 -29.90 63.25 46.63
C ASN Y 633 -29.69 63.60 48.09
N LEU Y 634 -30.57 64.38 48.71
CA LEU Y 634 -30.43 64.72 50.12
C LEU Y 634 -31.76 64.58 50.82
N ILE Y 635 -31.71 64.17 52.08
CA ILE Y 635 -32.90 64.07 52.93
C ILE Y 635 -32.64 64.88 54.19
N VAL Y 636 -33.53 65.82 54.49
CA VAL Y 636 -33.39 66.74 55.61
C VAL Y 636 -34.57 66.52 56.55
N ARG Y 637 -34.27 66.30 57.83
CA ARG Y 637 -35.27 66.16 58.86
C ARG Y 637 -35.35 67.42 59.71
N ARG Y 638 -36.40 67.50 60.52
CA ARG Y 638 -36.63 68.65 61.39
C ARG Y 638 -36.98 68.16 62.79
N SER Y 639 -36.88 69.06 63.76
CA SER Y 639 -37.24 68.75 65.13
C SER Y 639 -38.76 68.54 65.24
N SER Y 640 -39.14 67.65 66.15
CA SER Y 640 -40.55 67.30 66.30
C SER Y 640 -41.38 68.46 66.85
N ARG Y 641 -40.75 69.37 67.60
CA ARG Y 641 -41.48 70.53 68.12
C ARG Y 641 -41.75 71.56 67.04
N GLU Y 642 -40.93 71.59 65.99
CA GLU Y 642 -41.07 72.56 64.91
C GLU Y 642 -41.58 71.95 63.62
N ASN Y 643 -42.05 70.70 63.65
CA ASN Y 643 -42.57 70.02 62.46
C ASN Y 643 -44.08 69.86 62.51
N ASN Y 644 -44.76 70.70 63.29
CA ASN Y 644 -46.21 70.68 63.40
C ASN Y 644 -46.88 71.78 62.59
N PHE Y 645 -46.14 72.41 61.67
CA PHE Y 645 -46.69 73.51 60.89
C PHE Y 645 -47.68 73.02 59.84
N LYS Y 646 -47.47 71.82 59.28
CA LYS Y 646 -48.40 71.31 58.27
C LYS Y 646 -49.78 71.04 58.85
N PRO Y 647 -49.93 70.36 59.99
CA PRO Y 647 -51.27 70.18 60.56
C PRO Y 647 -51.93 71.48 60.99
N VAL Y 648 -51.15 72.45 61.49
CA VAL Y 648 -51.71 73.74 61.86
C VAL Y 648 -52.21 74.49 60.63
N LEU Y 649 -51.44 74.44 59.53
CA LEU Y 649 -51.88 75.06 58.29
C LEU Y 649 -53.11 74.38 57.72
N GLU Y 650 -53.19 73.05 57.82
CA GLU Y 650 -54.36 72.33 57.35
C GLU Y 650 -55.59 72.68 58.19
N SER Y 651 -55.44 72.79 59.51
CA SER Y 651 -56.54 73.18 60.37
C SER Y 651 -56.99 74.62 60.08
N ILE Y 652 -56.04 75.51 59.83
CA ILE Y 652 -56.37 76.89 59.52
C ILE Y 652 -57.11 76.98 58.18
N GLN Y 653 -56.67 76.20 57.19
CA GLN Y 653 -57.35 76.17 55.90
C GLN Y 653 -58.76 75.59 56.02
N ASP Y 654 -58.92 74.55 56.85
CA ASP Y 654 -60.25 73.98 57.08
C ASP Y 654 -61.17 74.95 57.80
N LEU Y 655 -60.62 75.73 58.75
CA LEU Y 655 -61.42 76.73 59.44
C LEU Y 655 -61.80 77.88 58.51
N THR Y 656 -60.88 78.27 57.61
CA THR Y 656 -61.19 79.33 56.65
C THR Y 656 -62.23 78.87 55.64
N LEU Y 657 -62.15 77.61 55.20
CA LEU Y 657 -63.12 77.07 54.26
C LEU Y 657 -64.45 76.71 54.92
N SER Y 658 -64.51 76.67 56.25
CA SER Y 658 -65.75 76.36 56.94
C SER Y 658 -66.72 77.54 56.85
N GLU Y 659 -68.01 77.24 56.68
CA GLU Y 659 -69.01 78.28 56.58
C GLU Y 659 -69.31 78.91 57.93
N VAL Y 660 -69.30 78.12 59.00
CA VAL Y 660 -69.62 78.61 60.33
C VAL Y 660 -68.50 78.20 61.29
N PRO Y 661 -67.39 78.95 61.35
CA PRO Y 661 -66.31 78.60 62.25
C PRO Y 661 -66.36 79.27 63.62
N LEU Y 662 -67.33 80.17 63.84
CA LEU Y 662 -67.45 80.87 65.11
C LEU Y 662 -68.92 80.90 65.52
N ALA Y 663 -69.13 81.02 66.83
CA ALA Y 663 -70.49 81.10 67.35
C ALA Y 663 -71.12 82.44 67.01
N SER Y 664 -72.46 82.44 66.91
CA SER Y 664 -73.17 83.66 66.56
C SER Y 664 -73.16 84.68 67.69
N TRP Y 665 -73.17 84.22 68.95
CA TRP Y 665 -73.17 85.14 70.08
C TRP Y 665 -71.82 85.82 70.23
N LEU Y 666 -70.72 85.11 69.94
CA LEU Y 666 -69.38 85.64 70.08
C LEU Y 666 -68.81 86.18 68.77
N HIS Y 667 -69.63 86.23 67.71
CA HIS Y 667 -69.14 86.74 66.43
C HIS Y 667 -68.92 88.25 66.48
N GLU Y 668 -69.85 88.99 67.08
CA GLU Y 668 -69.72 90.44 67.16
C GLU Y 668 -68.59 90.86 68.09
N VAL Y 669 -68.36 90.11 69.17
CA VAL Y 669 -67.25 90.43 70.07
C VAL Y 669 -65.91 90.15 69.41
N PHE Y 670 -65.83 89.05 68.65
CA PHE Y 670 -64.59 88.71 67.97
C PHE Y 670 -64.31 89.65 66.80
N LEU Y 671 -65.36 90.12 66.12
CA LEU Y 671 -65.18 91.01 64.98
C LEU Y 671 -64.91 92.45 65.39
N GLY Y 672 -65.08 92.80 66.67
CA GLY Y 672 -64.85 94.15 67.12
C GLY Y 672 -65.91 95.16 66.72
N TYR Y 673 -67.11 94.68 66.40
CA TYR Y 673 -68.21 95.54 66.00
C TYR Y 673 -69.35 95.44 67.00
N GLY Y 674 -70.14 96.51 67.08
CA GLY Y 674 -71.26 96.54 67.99
C GLY Y 674 -70.82 96.77 69.43
N ASP Y 675 -71.68 96.35 70.35
CA ASP Y 675 -71.40 96.51 71.77
C ASP Y 675 -70.34 95.49 72.21
N PRO Y 676 -69.24 95.93 72.81
CA PRO Y 676 -68.23 94.96 73.27
C PRO Y 676 -68.68 94.12 74.46
N ALA Y 677 -69.71 94.54 75.18
CA ALA Y 677 -70.22 93.81 76.34
C ALA Y 677 -71.42 92.94 75.99
N GLY Y 678 -71.72 92.77 74.69
CA GLY Y 678 -72.85 91.95 74.30
C GLY Y 678 -72.64 90.47 74.50
N ALA Y 679 -71.38 90.03 74.56
CA ALA Y 679 -71.08 88.62 74.79
C ALA Y 679 -71.06 88.24 76.25
N THR Y 680 -71.25 89.20 77.16
CA THR Y 680 -71.25 88.93 78.58
C THR Y 680 -72.56 88.27 79.00
N PHE Y 681 -72.56 87.74 80.23
CA PHE Y 681 -73.75 87.07 80.75
C PHE Y 681 -74.87 88.05 81.10
N LYS Y 682 -74.55 89.32 81.31
CA LYS Y 682 -75.57 90.31 81.65
C LYS Y 682 -76.43 90.70 80.47
N GLN Y 683 -75.96 90.46 79.24
CA GLN Y 683 -76.70 90.80 78.03
C GLN Y 683 -77.24 89.59 77.28
N LEU Y 684 -76.70 88.40 77.53
CA LEU Y 684 -77.18 87.21 76.85
C LEU Y 684 -78.55 86.80 77.38
N PRO Y 685 -79.43 86.29 76.52
CA PRO Y 685 -80.76 85.86 77.00
C PRO Y 685 -80.75 84.51 77.72
N ASN Y 686 -79.66 83.75 77.65
CA ASN Y 686 -79.58 82.43 78.27
C ASN Y 686 -78.84 82.47 79.60
N ARG Y 687 -78.96 83.58 80.34
CA ARG Y 687 -78.31 83.70 81.63
C ARG Y 687 -79.02 82.82 82.66
N LEU Y 688 -78.23 82.10 83.45
CA LEU Y 688 -78.76 81.22 84.48
C LEU Y 688 -79.19 82.03 85.69
N LYS Y 689 -80.47 81.94 86.07
CA LYS Y 689 -80.97 82.69 87.21
C LYS Y 689 -80.46 82.10 88.53
N LYS Y 690 -80.47 80.78 88.65
CA LYS Y 690 -80.02 80.10 89.86
C LYS Y 690 -78.81 79.24 89.54
N ILE Y 691 -77.73 79.44 90.31
CA ILE Y 691 -76.50 78.68 90.16
C ILE Y 691 -76.10 78.13 91.53
N ASN Y 692 -75.79 76.84 91.58
CA ASN Y 692 -75.40 76.19 92.83
C ASN Y 692 -73.89 76.32 92.99
N PHE Y 693 -73.47 77.16 93.93
CA PHE Y 693 -72.05 77.38 94.19
C PHE Y 693 -71.43 76.30 95.04
N ARG Y 694 -72.24 75.48 95.72
CA ARG Y 694 -71.81 74.36 96.55
C ARG Y 694 -70.87 74.81 97.66
N ASP Y 695 -69.57 74.50 97.52
CA ASP Y 695 -68.56 74.84 98.51
C ASP Y 695 -67.66 75.98 98.04
N THR Y 696 -68.18 76.89 97.23
CA THR Y 696 -67.39 78.03 96.79
C THR Y 696 -67.10 78.99 97.94
N PHE Y 697 -68.07 79.17 98.84
CA PHE Y 697 -67.91 80.04 100.00
C PHE Y 697 -67.62 79.20 101.22
N LEU Y 698 -66.61 79.59 102.00
CA LEU Y 698 -66.25 78.84 103.19
C LEU Y 698 -67.32 78.96 104.28
N ASP Y 699 -67.87 80.16 104.45
CA ASP Y 699 -68.90 80.40 105.47
C ASP Y 699 -69.83 81.50 104.96
N TRP Y 700 -70.75 81.93 105.83
CA TRP Y 700 -71.67 82.99 105.47
C TRP Y 700 -70.97 84.34 105.39
N GLN Y 701 -69.97 84.57 106.23
CA GLN Y 701 -69.24 85.83 106.21
C GLN Y 701 -68.44 85.97 104.92
N HIS Y 702 -67.84 84.88 104.44
CA HIS Y 702 -67.10 84.92 103.18
C HIS Y 702 -68.03 85.19 102.00
N LEU Y 703 -69.23 84.61 102.02
CA LEU Y 703 -70.19 84.88 100.95
C LEU Y 703 -70.73 86.30 101.02
N VAL Y 704 -70.89 86.84 102.24
CA VAL Y 704 -71.36 88.21 102.39
C VAL Y 704 -70.31 89.21 101.92
N GLU Y 705 -69.04 88.95 102.25
CA GLU Y 705 -67.96 89.85 101.86
C GLU Y 705 -67.61 89.75 100.38
N SER Y 706 -68.00 88.66 99.71
CA SER Y 706 -67.69 88.49 98.30
C SER Y 706 -68.66 89.23 97.38
N PHE Y 707 -69.74 89.78 97.92
CA PHE Y 707 -70.75 90.49 97.13
C PHE Y 707 -71.01 91.85 97.76
N PRO Y 708 -70.06 92.78 97.64
CA PRO Y 708 -70.28 94.13 98.19
C PRO Y 708 -71.26 94.92 97.35
N GLY Y 709 -72.14 95.65 98.02
CA GLY Y 709 -73.14 96.46 97.35
C GLY Y 709 -74.37 95.71 96.91
N LYS Y 710 -74.47 94.41 97.18
CA LYS Y 710 -75.62 93.60 96.79
C LYS Y 710 -76.34 93.11 98.03
N ILE Y 711 -77.66 93.19 98.01
CA ILE Y 711 -78.48 92.75 99.14
C ILE Y 711 -78.63 91.23 99.09
N ILE Y 712 -78.30 90.57 100.19
CA ILE Y 712 -78.38 89.11 100.30
C ILE Y 712 -79.47 88.78 101.32
N GLU Y 713 -80.44 87.96 100.91
CA GLU Y 713 -81.53 87.56 101.77
C GLU Y 713 -81.63 86.04 101.76
N PRO Y 714 -81.87 85.41 102.92
CA PRO Y 714 -82.00 83.94 102.94
C PRO Y 714 -83.29 83.49 102.27
N SER Y 715 -83.24 82.29 101.71
CA SER Y 715 -84.41 81.72 101.06
C SER Y 715 -85.46 81.29 102.08
N ASP Y 716 -85.02 80.70 103.19
CA ASP Y 716 -85.93 80.26 104.24
C ASP Y 716 -86.28 81.41 105.18
N ASP Y 717 -87.20 81.12 106.10
CA ASP Y 717 -87.63 82.11 107.09
C ASP Y 717 -86.71 82.20 108.29
N VAL Y 718 -85.71 81.33 108.39
CA VAL Y 718 -84.77 81.36 109.52
C VAL Y 718 -83.78 82.49 109.32
N SER Y 719 -83.67 83.36 110.31
CA SER Y 719 -82.74 84.49 110.24
C SER Y 719 -81.31 84.10 110.55
N SER Y 720 -81.07 82.91 111.07
CA SER Y 720 -79.72 82.47 111.38
C SER Y 720 -78.94 82.15 110.10
N SER Y 721 -77.63 82.38 110.15
CA SER Y 721 -76.77 82.11 109.00
C SER Y 721 -76.60 80.62 108.80
N PHE Y 722 -76.46 80.22 107.53
CA PHE Y 722 -76.29 78.83 107.16
C PHE Y 722 -74.92 78.62 106.53
N GLY Y 723 -74.34 77.44 106.78
CA GLY Y 723 -73.03 77.12 106.27
C GLY Y 723 -73.08 76.52 104.88
N PRO Y 724 -71.95 75.97 104.43
CA PRO Y 724 -71.90 75.36 103.10
C PRO Y 724 -72.60 74.01 103.10
N PRO Y 725 -73.10 73.55 101.94
CA PRO Y 725 -73.13 74.15 100.60
C PRO Y 725 -74.19 75.23 100.44
N TYR Y 726 -73.99 76.13 99.49
CA TYR Y 726 -74.92 77.23 99.24
C TYR Y 726 -75.20 77.34 97.75
N VAL Y 727 -76.44 77.69 97.42
CA VAL Y 727 -76.86 77.93 96.05
C VAL Y 727 -77.36 79.37 95.95
N LEU Y 728 -76.81 80.12 95.00
CA LEU Y 728 -77.13 81.53 94.82
C LEU Y 728 -78.08 81.69 93.64
N GLU Y 729 -79.25 82.28 93.88
CA GLU Y 729 -80.23 82.55 92.85
C GLU Y 729 -80.36 84.06 92.68
N SER Y 730 -80.19 84.54 91.46
CA SER Y 730 -80.27 85.97 91.15
C SER Y 730 -81.69 86.29 90.74
N VAL Y 731 -82.37 87.11 91.54
CA VAL Y 731 -83.73 87.53 91.27
C VAL Y 731 -83.72 89.03 90.99
N GLU Y 732 -84.28 89.42 89.85
CA GLU Y 732 -84.35 90.84 89.51
C GLU Y 732 -85.42 91.52 90.33
N LYS Y 733 -85.07 92.67 90.93
CA LYS Y 733 -86.01 93.41 91.75
C LYS Y 733 -87.01 94.14 90.86
N GLN Y 734 -88.28 93.74 90.95
CA GLN Y 734 -89.32 94.35 90.12
C GLN Y 734 -89.67 95.72 90.68
N VAL Y 735 -89.57 96.75 89.84
CA VAL Y 735 -89.91 98.10 90.26
C VAL Y 735 -91.42 98.26 90.24
N GLU Y 736 -91.97 98.72 91.36
CA GLU Y 736 -93.41 98.91 91.47
C GLU Y 736 -93.83 100.16 90.72
N GLU Y 737 -94.53 99.98 89.60
CA GLU Y 737 -94.98 101.10 88.78
C GLU Y 737 -96.20 101.74 89.44
N HIS Y 738 -95.95 102.78 90.23
CA HIS Y 738 -97.03 103.48 90.90
C HIS Y 738 -97.84 104.29 89.88
N PRO Y 739 -99.13 104.50 90.16
CA PRO Y 739 -99.99 105.26 89.22
C PRO Y 739 -99.84 106.76 89.37
N SER Y 740 -98.63 107.27 89.13
CA SER Y 740 -98.37 108.69 89.20
C SER Y 740 -98.93 109.41 87.98
N LYS Y 741 -99.25 110.68 88.15
CA LYS Y 741 -99.76 111.48 87.05
C LYS Y 741 -98.66 111.76 86.02
N PRO Y 742 -98.99 111.84 84.75
CA PRO Y 742 -97.98 112.11 83.70
C PRO Y 742 -97.60 113.58 83.61
N SER Y 743 -96.73 114.00 84.52
CA SER Y 743 -96.28 115.39 84.54
C SER Y 743 -95.20 115.60 83.49
N LYS Y 744 -95.48 116.44 82.51
CA LYS Y 744 -94.53 116.74 81.43
C LYS Y 744 -93.69 117.97 81.71
N LYS Y 745 -93.86 118.61 82.86
CA LYS Y 745 -93.10 119.82 83.17
C LYS Y 745 -91.71 119.49 83.67
N ARG Y 746 -91.61 118.66 84.71
CA ARG Y 746 -90.32 118.30 85.31
C ARG Y 746 -89.74 117.11 84.54
N ARG Y 747 -89.26 117.40 83.33
CA ARG Y 747 -88.65 116.38 82.49
C ARG Y 747 -87.34 116.81 81.84
N ARG Y 748 -87.00 118.10 81.82
CA ARG Y 748 -85.78 118.54 81.16
C ARG Y 748 -84.58 118.44 82.10
N ASP Y 749 -84.71 118.98 83.32
CA ASP Y 749 -83.63 118.97 84.28
C ASP Y 749 -83.42 117.62 84.95
N VAL Y 750 -84.35 116.69 84.81
CA VAL Y 750 -84.25 115.37 85.42
C VAL Y 750 -83.37 114.52 84.50
N GLU Y 751 -82.07 114.47 84.80
CA GLU Y 751 -81.15 113.67 84.01
C GLU Y 751 -81.35 112.19 84.30
N PRO Y 752 -80.98 111.32 83.35
CA PRO Y 752 -81.14 109.88 83.59
C PRO Y 752 -80.11 109.34 84.58
N ALA Y 753 -80.56 109.04 85.79
CA ALA Y 753 -79.65 108.52 86.81
C ALA Y 753 -79.27 107.07 86.50
N LEU Y 754 -77.99 106.75 86.74
CA LEU Y 754 -77.49 105.39 86.53
C LEU Y 754 -77.83 104.56 87.76
N MET Y 755 -79.10 104.17 87.86
CA MET Y 755 -79.57 103.38 88.99
C MET Y 755 -79.16 101.93 88.81
N SER Y 756 -78.22 101.47 89.63
CA SER Y 756 -77.77 100.09 89.56
C SER Y 756 -78.86 99.16 90.09
N LYS Y 757 -79.21 98.14 89.31
CA LYS Y 757 -80.25 97.21 89.72
C LYS Y 757 -79.71 96.26 90.79
N VAL Y 758 -80.25 96.36 92.00
CA VAL Y 758 -79.82 95.51 93.10
C VAL Y 758 -80.49 94.14 92.96
N GLU Y 759 -79.79 93.21 92.32
CA GLU Y 759 -80.32 91.87 92.15
C GLU Y 759 -80.22 91.09 93.46
N THR Y 760 -81.35 90.55 93.90
CA THR Y 760 -81.39 89.79 95.15
C THR Y 760 -80.69 88.45 94.94
N LEU Y 761 -79.62 88.23 95.70
CA LEU Y 761 -78.88 86.96 95.65
C LEU Y 761 -79.41 86.08 96.77
N LYS Y 762 -80.48 85.35 96.49
CA LYS Y 762 -81.07 84.45 97.48
C LYS Y 762 -80.16 83.25 97.70
N VAL Y 763 -79.86 82.96 98.95
CA VAL Y 763 -78.97 81.87 99.32
C VAL Y 763 -79.82 80.72 99.84
N SER Y 764 -79.70 79.56 99.20
CA SER Y 764 -80.41 78.36 99.61
C SER Y 764 -79.42 77.33 100.12
N THR Y 765 -79.75 76.73 101.26
CA THR Y 765 -78.91 75.73 101.90
C THR Y 765 -79.61 74.38 101.86
N TYR Y 766 -78.91 73.37 101.36
CA TYR Y 766 -79.44 72.03 101.25
C TYR Y 766 -78.44 71.03 101.82
N LYS Y 767 -78.95 69.94 102.37
CA LYS Y 767 -78.10 68.90 102.91
C LYS Y 767 -77.38 68.17 101.79
N PRO Y 768 -76.06 68.07 101.83
CA PRO Y 768 -75.33 67.36 100.76
C PRO Y 768 -75.62 65.87 100.80
N PRO Y 769 -75.66 65.21 99.65
CA PRO Y 769 -75.92 63.76 99.64
C PRO Y 769 -74.70 62.98 100.10
N ASN Y 770 -74.93 62.03 101.00
CA ASN Y 770 -73.84 61.19 101.48
C ASN Y 770 -73.40 60.22 100.41
N ASN Y 771 -72.09 59.99 100.32
CA ASN Y 771 -71.51 59.07 99.36
C ASN Y 771 -71.02 57.77 100.01
N GLY Y 772 -71.31 57.57 101.29
CA GLY Y 772 -70.88 56.39 101.99
C GLY Y 772 -70.33 56.68 103.36
N PRO Y 773 -70.29 55.67 104.23
CA PRO Y 773 -69.76 55.88 105.59
C PRO Y 773 -68.26 55.86 105.69
N TYR Y 774 -67.55 55.45 104.63
CA TYR Y 774 -66.10 55.42 104.66
C TYR Y 774 -65.52 56.83 104.61
N PRO Y 775 -64.32 57.03 105.16
CA PRO Y 775 -63.69 58.37 105.09
C PRO Y 775 -63.31 58.78 103.68
N VAL Y 776 -63.07 57.84 102.77
CA VAL Y 776 -62.73 58.18 101.40
C VAL Y 776 -63.94 58.69 100.63
N ASP Y 777 -65.15 58.40 101.10
CA ASP Y 777 -66.37 58.84 100.43
C ASP Y 777 -66.71 60.30 100.69
N ALA Y 778 -66.01 60.96 101.62
CA ALA Y 778 -66.27 62.36 101.89
C ALA Y 778 -65.74 63.22 100.75
N PRO Y 779 -66.59 64.06 100.15
CA PRO Y 779 -66.11 64.91 99.04
C PRO Y 779 -65.13 65.97 99.51
N LYS Y 780 -64.20 66.33 98.63
CA LYS Y 780 -63.20 67.33 98.95
C LYS Y 780 -63.81 68.73 98.88
N LEU Y 781 -63.50 69.55 99.87
CA LEU Y 781 -63.99 70.91 99.95
C LEU Y 781 -62.84 71.90 99.75
N ASN Y 782 -63.14 73.02 99.09
CA ASN Y 782 -62.12 74.04 98.86
C ASN Y 782 -61.77 74.74 100.16
N LYS Y 783 -60.47 74.92 100.39
CA LYS Y 783 -59.96 75.57 101.60
C LYS Y 783 -59.32 76.92 101.31
N ILE Y 784 -59.61 77.51 100.16
CA ILE Y 784 -59.05 78.79 99.75
C ILE Y 784 -60.15 79.84 99.81
N ARG Y 785 -59.88 80.93 100.53
CA ARG Y 785 -60.84 82.04 100.65
C ARG Y 785 -60.65 82.96 99.46
N PHE Y 786 -61.56 82.89 98.50
CA PHE Y 786 -61.46 83.71 97.30
C PHE Y 786 -61.84 85.15 97.59
N THR Y 787 -61.18 86.07 96.89
CA THR Y 787 -61.47 87.48 97.01
C THR Y 787 -62.77 87.81 96.28
N PRO Y 788 -63.35 88.98 96.55
CA PRO Y 788 -64.57 89.39 95.83
C PRO Y 788 -64.37 89.51 94.33
N THR Y 789 -63.20 89.97 93.88
CA THR Y 789 -62.91 89.98 92.45
C THR Y 789 -62.81 88.56 91.90
N GLN Y 790 -62.18 87.66 92.64
CA GLN Y 790 -62.10 86.26 92.22
C GLN Y 790 -63.48 85.60 92.25
N ILE Y 791 -64.33 85.98 93.21
CA ILE Y 791 -65.68 85.45 93.28
C ILE Y 791 -66.50 85.93 92.08
N ASP Y 792 -66.34 87.22 91.71
CA ASP Y 792 -67.03 87.75 90.53
C ASP Y 792 -66.53 87.08 89.26
N ALA Y 793 -65.22 86.83 89.17
CA ALA Y 793 -64.67 86.13 88.00
C ALA Y 793 -65.20 84.70 87.90
N ILE Y 794 -65.31 84.01 89.04
CA ILE Y 794 -65.83 82.65 89.05
C ILE Y 794 -67.31 82.64 88.69
N TYR Y 795 -68.06 83.65 89.15
CA TYR Y 795 -69.48 83.75 88.80
C TYR Y 795 -69.66 84.04 87.31
N SER Y 796 -68.79 84.87 86.74
CA SER Y 796 -68.85 85.15 85.31
C SER Y 796 -68.47 83.92 84.50
N GLY Y 797 -67.47 83.17 84.96
CA GLY Y 797 -67.07 81.95 84.26
C GLY Y 797 -68.12 80.85 84.33
N THR Y 798 -68.81 80.74 85.46
CA THR Y 798 -69.85 79.73 85.61
C THR Y 798 -71.05 80.05 84.72
N GLN Y 799 -71.42 81.33 84.62
CA GLN Y 799 -72.52 81.72 83.76
C GLN Y 799 -72.10 81.64 82.29
N PRO Y 800 -73.05 81.36 81.40
CA PRO Y 800 -72.71 81.31 79.97
C PRO Y 800 -72.38 82.68 79.42
N GLY Y 801 -71.50 82.69 78.41
CA GLY Y 801 -71.05 83.90 77.76
C GLY Y 801 -69.54 83.93 77.70
N LEU Y 802 -69.01 85.13 77.45
CA LEU Y 802 -67.57 85.34 77.34
C LEU Y 802 -67.05 86.01 78.59
N THR Y 803 -66.00 85.44 79.19
CA THR Y 803 -65.42 85.95 80.41
C THR Y 803 -63.91 86.14 80.21
N ILE Y 804 -63.39 87.26 80.69
CA ILE Y 804 -61.98 87.57 80.63
C ILE Y 804 -61.50 87.85 82.06
N ILE Y 805 -60.43 87.16 82.46
CA ILE Y 805 -59.87 87.28 83.80
C ILE Y 805 -58.46 87.84 83.65
N VAL Y 806 -58.31 89.14 83.89
CA VAL Y 806 -57.01 89.80 83.84
C VAL Y 806 -56.38 89.67 85.22
N GLY Y 807 -55.55 88.66 85.40
CA GLY Y 807 -54.91 88.41 86.68
C GLY Y 807 -53.41 88.51 86.62
N PRO Y 808 -52.82 89.16 87.61
CA PRO Y 808 -51.36 89.30 87.64
C PRO Y 808 -50.71 88.02 88.18
N PRO Y 809 -49.38 88.00 88.29
CA PRO Y 809 -48.72 86.80 88.83
C PRO Y 809 -48.97 86.68 90.32
N GLY Y 810 -49.29 85.46 90.74
CA GLY Y 810 -49.60 85.19 92.13
C GLY Y 810 -51.00 85.57 92.56
N THR Y 811 -51.90 85.84 91.61
CA THR Y 811 -53.27 86.23 91.93
C THR Y 811 -54.22 85.04 92.04
N GLY Y 812 -53.71 83.81 91.90
CA GLY Y 812 -54.56 82.63 91.99
C GLY Y 812 -55.52 82.48 90.82
N LYS Y 813 -55.08 82.77 89.60
CA LYS Y 813 -55.94 82.59 88.44
C LYS Y 813 -56.17 81.11 88.16
N THR Y 814 -55.17 80.27 88.40
CA THR Y 814 -55.33 78.83 88.22
C THR Y 814 -56.32 78.24 89.22
N ASP Y 815 -56.31 78.75 90.46
CA ASP Y 815 -57.28 78.30 91.46
C ASP Y 815 -58.69 78.70 91.07
N VAL Y 816 -58.86 79.92 90.54
CA VAL Y 816 -60.18 80.36 90.09
C VAL Y 816 -60.65 79.55 88.90
N ALA Y 817 -59.74 79.22 87.98
CA ALA Y 817 -60.09 78.38 86.84
C ALA Y 817 -60.49 76.98 87.27
N VAL Y 818 -59.78 76.41 88.26
CA VAL Y 818 -60.11 75.09 88.77
C VAL Y 818 -61.46 75.12 89.49
N GLN Y 819 -61.74 76.19 90.23
CA GLN Y 819 -63.03 76.31 90.90
C GLN Y 819 -64.16 76.46 89.89
N ILE Y 820 -63.94 77.20 88.81
CA ILE Y 820 -64.96 77.35 87.77
C ILE Y 820 -65.19 76.02 87.05
N ILE Y 821 -64.11 75.26 86.80
CA ILE Y 821 -64.25 73.96 86.17
C ILE Y 821 -65.02 73.00 87.06
N SER Y 822 -64.72 73.01 88.37
CA SER Y 822 -65.44 72.16 89.32
C SER Y 822 -66.92 72.54 89.41
N ASN Y 823 -67.21 73.85 89.41
CA ASN Y 823 -68.60 74.30 89.43
C ASN Y 823 -69.34 73.91 88.17
N ILE Y 824 -68.67 73.98 87.01
CA ILE Y 824 -69.30 73.58 85.75
C ILE Y 824 -69.53 72.08 85.71
N TYR Y 825 -68.60 71.30 86.27
CA TYR Y 825 -68.77 69.85 86.31
C TYR Y 825 -69.89 69.45 87.27
N HIS Y 826 -70.00 70.13 88.40
CA HIS Y 826 -71.03 69.78 89.38
C HIS Y 826 -72.41 70.22 88.92
N ASN Y 827 -72.52 71.44 88.38
CA ASN Y 827 -73.82 71.95 87.96
C ASN Y 827 -74.29 71.33 86.65
N PHE Y 828 -73.37 71.03 85.73
CA PHE Y 828 -73.71 70.50 84.41
C PHE Y 828 -72.91 69.22 84.18
N PRO Y 829 -73.38 68.08 84.69
CA PRO Y 829 -72.68 66.82 84.43
C PRO Y 829 -72.74 66.36 82.99
N GLU Y 830 -73.73 66.82 82.22
CA GLU Y 830 -73.85 66.44 80.81
C GLU Y 830 -73.01 67.31 79.88
N GLN Y 831 -72.38 68.36 80.40
CA GLN Y 831 -71.57 69.26 79.61
C GLN Y 831 -70.10 68.87 79.71
N LYS Y 832 -69.35 69.19 78.66
CA LYS Y 832 -67.93 68.89 78.58
C LYS Y 832 -67.12 70.19 78.61
N THR Y 833 -66.04 70.18 79.38
CA THR Y 833 -65.18 71.36 79.54
C THR Y 833 -63.83 71.08 78.90
N LEU Y 834 -63.43 71.97 77.99
CA LEU Y 834 -62.15 71.84 77.29
C LEU Y 834 -61.21 72.93 77.79
N LEU Y 835 -60.10 72.51 78.39
CA LEU Y 835 -59.09 73.40 78.91
C LEU Y 835 -57.93 73.48 77.93
N VAL Y 836 -57.51 74.72 77.62
CA VAL Y 836 -56.41 74.97 76.71
C VAL Y 836 -55.33 75.72 77.48
N ALA Y 837 -54.16 75.08 77.60
CA ALA Y 837 -53.05 75.63 78.37
C ALA Y 837 -51.92 76.02 77.43
N HIS Y 838 -51.26 77.14 77.75
CA HIS Y 838 -50.13 77.60 76.95
C HIS Y 838 -48.92 76.69 77.12
N SER Y 839 -48.72 76.14 78.31
CA SER Y 839 -47.59 75.28 78.62
C SER Y 839 -48.08 74.05 79.36
N ASN Y 840 -47.24 73.01 79.34
CA ASN Y 840 -47.59 71.77 80.03
C ASN Y 840 -47.54 71.92 81.54
N GLN Y 841 -46.75 72.87 82.04
CA GLN Y 841 -46.68 73.12 83.48
C GLN Y 841 -48.01 73.68 84.00
N ALA Y 842 -48.64 74.56 83.22
CA ALA Y 842 -49.95 75.09 83.61
C ALA Y 842 -51.01 73.99 83.61
N LEU Y 843 -50.96 73.09 82.62
CA LEU Y 843 -51.88 71.96 82.59
C LEU Y 843 -51.67 71.02 83.77
N ASN Y 844 -50.40 70.78 84.14
CA ASN Y 844 -50.10 69.95 85.30
C ASN Y 844 -50.58 70.59 86.59
N GLN Y 845 -50.41 71.92 86.72
CA GLN Y 845 -50.91 72.62 87.90
C GLN Y 845 -52.43 72.59 87.97
N LEU Y 846 -53.10 72.73 86.82
CA LEU Y 846 -54.56 72.65 86.79
C LEU Y 846 -55.04 71.25 87.15
N PHE Y 847 -54.35 70.21 86.68
CA PHE Y 847 -54.70 68.85 87.03
C PHE Y 847 -54.48 68.57 88.52
N ALA Y 848 -53.40 69.12 89.09
CA ALA Y 848 -53.14 68.96 90.51
C ALA Y 848 -54.18 69.70 91.35
N LYS Y 849 -54.63 70.87 90.89
CA LYS Y 849 -55.67 71.61 91.59
C LYS Y 849 -57.02 70.88 91.50
N ILE Y 850 -57.31 70.28 90.34
CA ILE Y 850 -58.56 69.55 90.17
C ILE Y 850 -58.54 68.25 90.99
N VAL Y 851 -57.35 67.65 91.16
CA VAL Y 851 -57.25 66.44 91.96
C VAL Y 851 -57.54 66.72 93.43
N ALA Y 852 -57.14 67.89 93.92
CA ALA Y 852 -57.40 68.27 95.30
C ALA Y 852 -58.85 68.63 95.55
N LEU Y 853 -59.64 68.87 94.51
CA LEU Y 853 -61.05 69.19 94.64
C LEU Y 853 -61.90 67.93 94.46
N ASP Y 854 -63.22 68.12 94.53
CA ASP Y 854 -64.16 67.01 94.40
C ASP Y 854 -64.48 66.78 92.92
N ILE Y 855 -63.48 66.27 92.20
CA ILE Y 855 -63.58 65.98 90.79
C ILE Y 855 -63.17 64.53 90.57
N ASP Y 856 -64.00 63.78 89.86
CA ASP Y 856 -63.69 62.38 89.56
C ASP Y 856 -62.53 62.28 88.58
N GLU Y 857 -61.64 61.32 88.82
CA GLU Y 857 -60.49 61.13 87.95
C GLU Y 857 -60.87 60.47 86.63
N ARG Y 858 -62.00 59.77 86.58
CA ARG Y 858 -62.42 59.13 85.33
C ARG Y 858 -62.96 60.12 84.31
N HIS Y 859 -63.40 61.29 84.75
CA HIS Y 859 -63.93 62.31 83.86
C HIS Y 859 -62.87 63.30 83.39
N LEU Y 860 -61.62 63.14 83.81
CA LEU Y 860 -60.53 64.02 83.43
C LEU Y 860 -59.58 63.28 82.50
N LEU Y 861 -59.29 63.89 81.34
CA LEU Y 861 -58.38 63.30 80.36
C LEU Y 861 -57.50 64.39 79.78
N ARG Y 862 -56.24 64.05 79.56
CA ARG Y 862 -55.27 64.97 78.97
C ARG Y 862 -54.78 64.41 77.65
N LEU Y 863 -54.75 65.26 76.62
CA LEU Y 863 -54.32 64.87 75.29
C LEU Y 863 -53.01 65.59 74.94
N GLY Y 864 -52.07 64.84 74.38
CA GLY Y 864 -50.78 65.41 74.02
C GLY Y 864 -49.77 64.32 73.74
N HIS Y 865 -48.49 64.71 73.78
CA HIS Y 865 -47.41 63.78 73.54
C HIS Y 865 -47.27 62.83 74.73
N GLY Y 866 -47.11 61.53 74.43
CA GLY Y 866 -46.98 60.53 75.47
C GLY Y 866 -45.61 60.45 76.12
N GLU Y 867 -44.61 61.12 75.55
CA GLU Y 867 -43.27 61.11 76.11
C GLU Y 867 -43.06 62.17 77.19
N GLU Y 868 -44.03 63.05 77.40
CA GLU Y 868 -43.90 64.08 78.42
C GLU Y 868 -44.06 63.47 79.82
N GLU Y 869 -43.18 63.87 80.73
CA GLU Y 869 -43.24 63.37 82.10
C GLU Y 869 -44.41 64.02 82.83
N LEU Y 870 -45.21 63.20 83.52
CA LEU Y 870 -46.35 63.69 84.27
C LEU Y 870 -45.94 63.98 85.70
N GLU Y 871 -46.02 65.25 86.09
CA GLU Y 871 -45.66 65.65 87.46
C GLU Y 871 -46.70 65.26 88.48
N THR Y 872 -47.93 64.97 88.06
CA THR Y 872 -48.99 64.59 88.98
C THR Y 872 -48.80 63.14 89.44
N GLU Y 873 -49.47 62.81 90.54
CA GLU Y 873 -49.41 61.44 91.06
C GLU Y 873 -50.09 60.46 90.12
N GLY Y 874 -51.21 60.86 89.52
CA GLY Y 874 -51.93 60.02 88.59
C GLY Y 874 -51.56 60.34 87.15
N SER Y 875 -51.67 59.34 86.29
CA SER Y 875 -51.34 59.48 84.88
C SER Y 875 -52.58 59.93 84.12
N PHE Y 876 -52.50 61.10 83.48
CA PHE Y 876 -53.62 61.67 82.74
C PHE Y 876 -53.55 61.39 81.25
N SER Y 877 -52.60 60.56 80.81
CA SER Y 877 -52.49 60.21 79.41
C SER Y 877 -53.55 59.17 79.04
N LYS Y 878 -53.60 58.81 77.76
CA LYS Y 878 -54.59 57.84 77.29
C LYS Y 878 -54.29 56.44 77.84
N HIS Y 879 -53.02 56.01 77.77
CA HIS Y 879 -52.64 54.72 78.34
C HIS Y 879 -52.77 54.74 79.85
N GLY Y 880 -52.43 55.86 80.48
CA GLY Y 880 -52.61 55.98 81.92
C GLY Y 880 -54.07 55.94 82.34
N ARG Y 881 -54.94 56.60 81.57
CA ARG Y 881 -56.37 56.54 81.84
C ARG Y 881 -56.92 55.13 81.63
N VAL Y 882 -56.42 54.42 80.62
CA VAL Y 882 -56.83 53.05 80.37
C VAL Y 882 -56.40 52.14 81.52
N GLU Y 883 -55.17 52.31 82.02
CA GLU Y 883 -54.69 51.53 83.14
C GLU Y 883 -55.47 51.83 84.42
N SER Y 884 -55.78 53.12 84.65
CA SER Y 884 -56.58 53.50 85.81
C SER Y 884 -57.99 52.94 85.73
N PHE Y 885 -58.58 52.94 84.52
CA PHE Y 885 -59.90 52.35 84.33
C PHE Y 885 -59.89 50.85 84.56
N LEU Y 886 -58.83 50.18 84.10
CA LEU Y 886 -58.70 48.74 84.35
C LEU Y 886 -58.55 48.43 85.83
N ASP Y 887 -57.74 49.23 86.54
CA ASP Y 887 -57.59 49.04 87.99
C ASP Y 887 -58.90 49.30 88.73
N ASN Y 888 -59.63 50.34 88.33
CA ASN Y 888 -60.92 50.63 88.94
C ASN Y 888 -61.93 49.52 88.65
N ARG Y 889 -61.90 48.97 87.43
CA ARG Y 889 -62.78 47.85 87.10
C ARG Y 889 -62.45 46.61 87.92
N GLN Y 890 -61.16 46.33 88.13
CA GLN Y 890 -60.77 45.20 88.97
C GLN Y 890 -61.20 45.42 90.42
N ARG Y 891 -61.04 46.64 90.94
CA ARG Y 891 -61.46 46.93 92.30
C ARG Y 891 -62.98 46.83 92.45
N PHE Y 892 -63.73 47.32 91.46
CA PHE Y 892 -65.18 47.22 91.49
C PHE Y 892 -65.65 45.78 91.39
N LEU Y 893 -64.97 44.96 90.57
CA LEU Y 893 -65.30 43.54 90.48
C LEU Y 893 -65.02 42.83 91.80
N TYR Y 894 -63.91 43.15 92.45
CA TYR Y 894 -63.61 42.56 93.76
C TYR Y 894 -64.64 42.98 94.81
N GLU Y 895 -65.04 44.25 94.79
CA GLU Y 895 -66.05 44.73 95.73
C GLU Y 895 -67.41 44.07 95.47
N VAL Y 896 -67.77 43.88 94.20
CA VAL Y 896 -69.03 43.24 93.86
C VAL Y 896 -69.01 41.76 94.26
N SER Y 897 -67.86 41.10 94.08
CA SER Y 897 -67.74 39.71 94.52
C SER Y 897 -67.84 39.60 96.04
N ARG Y 898 -67.21 40.54 96.76
CA ARG Y 898 -67.31 40.54 98.22
C ARG Y 898 -68.75 40.79 98.68
N LEU Y 899 -69.46 41.71 98.01
CA LEU Y 899 -70.84 41.99 98.35
C LEU Y 899 -71.74 40.80 98.05
N ALA Y 900 -71.49 40.10 96.94
CA ALA Y 900 -72.26 38.91 96.62
C ALA Y 900 -72.00 37.78 97.60
N ALA Y 901 -70.74 37.63 98.04
CA ALA Y 901 -70.43 36.62 99.04
C ALA Y 901 -71.06 36.95 100.39
N SER Y 902 -71.10 38.24 100.74
CA SER Y 902 -71.71 38.65 102.00
C SER Y 902 -73.23 38.49 101.96
N MET Y 903 -73.84 38.76 100.81
CA MET Y 903 -75.29 38.65 100.67
C MET Y 903 -75.74 37.23 100.35
N GLY Y 904 -74.81 36.29 100.16
CA GLY Y 904 -75.19 34.92 99.86
C GLY Y 904 -75.68 34.69 98.44
N ALA Y 905 -75.31 35.58 97.51
CA ALA Y 905 -75.73 35.42 96.12
C ALA Y 905 -74.94 34.30 95.46
N PRO Y 906 -75.60 33.29 94.90
CA PRO Y 906 -74.85 32.21 94.24
C PRO Y 906 -74.23 32.66 92.94
N GLY Y 907 -73.16 31.97 92.55
CA GLY Y 907 -72.46 32.29 91.32
C GLY Y 907 -71.34 33.28 91.52
N ALA Y 908 -70.63 33.55 90.43
CA ALA Y 908 -69.50 34.48 90.41
C ALA Y 908 -69.92 35.70 89.59
N HIS Y 909 -70.43 36.72 90.29
CA HIS Y 909 -70.89 37.94 89.64
C HIS Y 909 -69.76 38.94 89.40
N GLY Y 910 -68.57 38.70 89.93
CA GLY Y 910 -67.46 39.61 89.75
C GLY Y 910 -66.54 39.21 88.62
N ASN Y 911 -67.00 38.29 87.77
CA ASN Y 911 -66.18 37.84 86.65
C ASN Y 911 -66.06 38.92 85.58
N SER Y 912 -67.10 39.72 85.38
CA SER Y 912 -67.08 40.75 84.36
C SER Y 912 -67.97 41.91 84.81
N ALA Y 913 -67.81 43.05 84.14
CA ALA Y 913 -68.61 44.23 84.46
C ALA Y 913 -70.07 44.04 84.07
N GLU Y 914 -70.32 43.33 82.97
CA GLU Y 914 -71.70 43.04 82.56
C GLU Y 914 -72.38 42.11 83.57
N THR Y 915 -71.65 41.13 84.09
CA THR Y 915 -72.20 40.24 85.11
C THR Y 915 -72.49 41.01 86.40
N ALA Y 916 -71.61 41.95 86.77
CA ALA Y 916 -71.85 42.77 87.95
C ALA Y 916 -73.07 43.67 87.76
N GLY Y 917 -73.24 44.24 86.57
CA GLY Y 917 -74.42 45.05 86.29
C GLY Y 917 -75.70 44.23 86.30
N TYR Y 918 -75.65 43.01 85.77
CA TYR Y 918 -76.81 42.12 85.79
C TYR Y 918 -77.16 41.72 87.23
N PHE Y 919 -76.15 41.45 88.06
CA PHE Y 919 -76.39 41.13 89.45
C PHE Y 919 -76.95 42.32 90.23
N ASN Y 920 -76.48 43.53 89.90
CA ASN Y 920 -77.02 44.73 90.53
C ASN Y 920 -78.46 44.98 90.13
N LYS Y 921 -78.79 44.77 88.85
CA LYS Y 921 -80.15 44.97 88.37
C LYS Y 921 -81.10 43.84 88.79
N VAL Y 922 -80.58 42.68 89.14
CA VAL Y 922 -81.43 41.54 89.48
C VAL Y 922 -81.57 41.40 91.00
N TYR Y 923 -80.49 41.54 91.75
CA TYR Y 923 -80.49 41.31 93.18
C TYR Y 923 -80.43 42.59 94.01
N VAL Y 924 -79.52 43.50 93.66
CA VAL Y 924 -79.38 44.74 94.44
C VAL Y 924 -80.58 45.65 94.21
N GLU Y 925 -81.06 45.75 92.96
CA GLU Y 925 -82.22 46.57 92.67
C GLU Y 925 -83.48 46.08 93.35
N PRO Y 926 -83.82 44.78 93.32
CA PRO Y 926 -85.00 44.32 94.07
C PRO Y 926 -84.87 44.50 95.57
N ALA Y 927 -83.67 44.33 96.12
CA ALA Y 927 -83.46 44.56 97.55
C ALA Y 927 -83.65 46.02 97.91
N TRP Y 928 -83.14 46.93 97.06
CA TRP Y 928 -83.33 48.35 97.29
C TRP Y 928 -84.81 48.74 97.18
N ALA Y 929 -85.52 48.15 96.21
CA ALA Y 929 -86.95 48.41 96.08
C ALA Y 929 -87.73 47.91 97.29
N LYS Y 930 -87.38 46.72 97.79
CA LYS Y 930 -88.03 46.19 98.99
C LYS Y 930 -87.73 47.06 100.22
N PHE Y 931 -86.49 47.54 100.34
CA PHE Y 931 -86.14 48.43 101.45
C PHE Y 931 -86.89 49.75 101.36
N ASN Y 932 -87.05 50.29 100.15
CA ASN Y 932 -87.80 51.53 99.97
C ASN Y 932 -89.28 51.33 100.27
N ASP Y 933 -89.83 50.17 99.90
CA ASP Y 933 -91.22 49.88 100.20
C ASP Y 933 -91.44 49.68 101.69
N ILE Y 934 -90.48 49.06 102.38
CA ILE Y 934 -90.59 48.88 103.83
C ILE Y 934 -90.45 50.23 104.54
N ILE Y 935 -89.57 51.10 104.05
CA ILE Y 935 -89.39 52.41 104.66
C ILE Y 935 -90.52 53.37 104.29
N GLN Y 936 -91.34 53.03 103.31
CA GLN Y 936 -92.44 53.91 102.91
C GLN Y 936 -93.57 53.93 103.93
N ARG Y 937 -93.64 52.93 104.81
CA ARG Y 937 -94.68 52.89 105.83
C ARG Y 937 -94.43 53.94 106.90
N GLU Y 938 -95.49 54.65 107.28
CA GLU Y 938 -95.36 55.70 108.28
C GLU Y 938 -95.21 55.15 109.70
N ASP Y 939 -95.60 53.90 109.93
CA ASP Y 939 -95.52 53.29 111.24
C ASP Y 939 -94.17 52.60 111.49
N VAL Y 940 -93.27 52.62 110.53
CA VAL Y 940 -91.96 51.98 110.70
C VAL Y 940 -91.02 52.96 111.39
N GLY Y 941 -90.47 52.53 112.52
CA GLY Y 941 -89.54 53.36 113.27
C GLY Y 941 -88.13 53.26 112.73
N PRO Y 942 -87.24 54.06 113.33
CA PRO Y 942 -85.81 53.97 112.93
C PRO Y 942 -85.17 52.62 113.22
N GLU Y 943 -85.59 51.94 114.29
CA GLU Y 943 -85.05 50.62 114.59
C GLU Y 943 -85.48 49.59 113.55
N ASP Y 944 -86.73 49.67 113.10
CA ASP Y 944 -87.20 48.77 112.05
C ASP Y 944 -86.54 49.07 110.72
N ILE Y 945 -86.25 50.34 110.44
CA ILE Y 945 -85.54 50.69 109.22
C ILE Y 945 -84.09 50.20 109.26
N VAL Y 946 -83.46 50.28 110.44
CA VAL Y 946 -82.09 49.79 110.59
C VAL Y 946 -82.06 48.27 110.48
N ARG Y 947 -83.06 47.59 111.03
CA ARG Y 947 -83.09 46.13 110.97
C ARG Y 947 -83.45 45.61 109.60
N ALA Y 948 -84.04 46.43 108.73
CA ALA Y 948 -84.43 46.02 107.40
C ALA Y 948 -83.36 46.28 106.35
N PHE Y 949 -82.19 46.77 106.75
CA PHE Y 949 -81.12 47.05 105.80
C PHE Y 949 -80.50 45.74 105.32
N PRO Y 950 -80.48 45.47 104.01
CA PRO Y 950 -79.90 44.22 103.52
C PRO Y 950 -78.40 44.25 103.28
N PHE Y 951 -77.77 45.42 103.38
CA PHE Y 951 -76.33 45.56 103.16
C PHE Y 951 -75.57 45.74 104.47
N HIS Y 952 -76.04 45.14 105.56
CA HIS Y 952 -75.38 45.29 106.85
C HIS Y 952 -74.09 44.48 106.91
N ALA Y 953 -74.01 43.40 106.13
CA ALA Y 953 -72.80 42.58 106.12
C ALA Y 953 -71.63 43.30 105.47
N TYR Y 954 -71.88 44.02 104.37
CA TYR Y 954 -70.83 44.81 103.75
C TYR Y 954 -70.49 46.04 104.61
N PHE Y 955 -71.50 46.64 105.22
CA PHE Y 955 -71.33 47.83 106.06
C PHE Y 955 -70.55 47.54 107.34
N SER Y 956 -70.35 46.27 107.69
CA SER Y 956 -69.46 45.94 108.80
C SER Y 956 -68.00 46.25 108.45
N ASP Y 957 -67.67 46.33 107.16
CA ASP Y 957 -66.33 46.75 106.77
C ASP Y 957 -66.09 48.24 107.04
N ALA Y 958 -67.15 49.04 107.09
CA ALA Y 958 -67.02 50.44 107.43
C ALA Y 958 -66.82 50.61 108.93
N PRO Y 959 -66.42 51.81 109.37
CA PRO Y 959 -66.20 52.03 110.80
C PRO Y 959 -67.49 51.98 111.62
N GLN Y 960 -67.54 51.04 112.57
CA GLN Y 960 -68.72 50.87 113.39
C GLN Y 960 -68.86 52.03 114.37
N PRO Y 961 -70.09 52.44 114.73
CA PRO Y 961 -71.39 51.96 114.26
C PRO Y 961 -71.83 52.60 112.94
N LEU Y 962 -72.56 51.84 112.11
CA LEU Y 962 -73.10 52.40 110.89
C LEU Y 962 -74.28 53.30 111.19
N PHE Y 963 -75.17 52.89 112.10
CA PHE Y 963 -76.31 53.69 112.52
C PHE Y 963 -76.18 54.00 113.99
N PRO Y 964 -76.15 55.28 114.39
CA PRO Y 964 -76.03 55.60 115.82
C PRO Y 964 -77.31 55.24 116.56
N PRO Y 965 -77.21 54.88 117.84
CA PRO Y 965 -78.43 54.55 118.59
C PRO Y 965 -79.27 55.76 118.93
N GLU Y 966 -78.66 56.93 119.06
CA GLU Y 966 -79.39 58.17 119.35
C GLU Y 966 -79.85 58.89 118.08
N ALA Y 967 -79.51 58.37 116.91
CA ALA Y 967 -79.92 58.99 115.65
C ALA Y 967 -81.41 58.77 115.41
N ASP Y 968 -82.03 59.77 114.78
CA ASP Y 968 -83.45 59.70 114.47
C ASP Y 968 -83.66 58.91 113.17
N ARG Y 969 -84.90 58.92 112.66
CA ARG Y 969 -85.18 58.21 111.42
C ARG Y 969 -84.57 58.92 110.22
N GLU Y 970 -84.45 60.25 110.27
CA GLU Y 970 -83.87 60.99 109.16
C GLU Y 970 -82.39 60.67 108.98
N THR Y 971 -81.65 60.55 110.08
CA THR Y 971 -80.22 60.22 109.99
C THR Y 971 -80.01 58.79 109.49
N VAL Y 972 -80.85 57.86 109.93
CA VAL Y 972 -80.75 56.48 109.45
C VAL Y 972 -81.11 56.40 107.97
N LEU Y 973 -82.12 57.16 107.54
CA LEU Y 973 -82.48 57.21 106.13
C LEU Y 973 -81.36 57.82 105.30
N GLU Y 974 -80.69 58.85 105.84
CA GLU Y 974 -79.56 59.46 105.14
C GLU Y 974 -78.39 58.50 105.03
N ILE Y 975 -78.14 57.71 106.08
CA ILE Y 975 -77.06 56.72 106.04
C ILE Y 975 -77.37 55.62 105.02
N ALA Y 976 -78.63 55.15 104.99
CA ALA Y 976 -79.03 54.14 104.01
C ALA Y 976 -78.95 54.70 102.59
N ASN Y 977 -79.34 55.95 102.39
CA ASN Y 977 -79.22 56.59 101.09
C ASN Y 977 -77.77 56.77 100.69
N GLY Y 978 -76.88 57.06 101.65
CA GLY Y 978 -75.46 57.15 101.34
C GLY Y 978 -74.86 55.81 100.93
N CYS Y 979 -75.25 54.74 101.63
CA CYS Y 979 -74.81 53.40 101.24
C CYS Y 979 -75.33 53.01 99.87
N TYR Y 980 -76.60 53.33 99.59
CA TYR Y 980 -77.17 53.05 98.27
C TYR Y 980 -76.49 53.88 97.19
N ARG Y 981 -76.12 55.13 97.50
CA ARG Y 981 -75.41 55.97 96.54
C ARG Y 981 -74.00 55.45 96.28
N HIS Y 982 -73.34 54.92 97.31
CA HIS Y 982 -72.03 54.30 97.11
C HIS Y 982 -72.14 53.06 96.23
N ILE Y 983 -73.16 52.24 96.46
CA ILE Y 983 -73.37 51.05 95.63
C ILE Y 983 -73.70 51.45 94.19
N SER Y 984 -74.52 52.49 94.02
CA SER Y 984 -74.85 52.97 92.67
C SER Y 984 -73.64 53.58 91.98
N LYS Y 985 -72.76 54.25 92.72
CA LYS Y 985 -71.54 54.78 92.13
C LYS Y 985 -70.60 53.68 91.70
N ILE Y 986 -70.50 52.61 92.50
CA ILE Y 986 -69.70 51.45 92.12
C ILE Y 986 -70.27 50.79 90.87
N PHE Y 987 -71.59 50.65 90.81
CA PHE Y 987 -72.24 50.08 89.63
C PHE Y 987 -72.05 50.95 88.40
N GLU Y 988 -72.11 52.27 88.56
CA GLU Y 988 -71.90 53.18 87.44
C GLU Y 988 -70.45 53.14 86.95
N GLU Y 989 -69.50 53.02 87.88
CA GLU Y 989 -68.10 52.87 87.48
C GLU Y 989 -67.88 51.56 86.74
N LEU Y 990 -68.52 50.47 87.19
CA LEU Y 990 -68.44 49.20 86.49
C LEU Y 990 -69.06 49.29 85.10
N ALA Y 991 -70.20 49.97 84.98
CA ALA Y 991 -70.84 50.15 83.67
C ALA Y 991 -70.01 51.02 82.74
N ASP Y 992 -69.34 52.03 83.28
CA ASP Y 992 -68.46 52.87 82.46
C ASP Y 992 -67.22 52.11 82.00
N VAL Y 993 -66.68 51.25 82.87
CA VAL Y 993 -65.53 50.44 82.49
C VAL Y 993 -65.91 49.27 81.60
N LEU Y 994 -67.20 48.91 81.57
CA LEU Y 994 -67.67 47.88 80.63
C LEU Y 994 -67.44 48.24 79.18
N PRO Y 995 -67.66 49.48 78.74
CA PRO Y 995 -67.33 49.84 77.34
C PRO Y 995 -65.85 49.71 77.02
N PHE Y 996 -64.97 49.93 77.99
CA PHE Y 996 -63.54 49.72 77.76
C PHE Y 996 -63.22 48.24 77.62
N GLU Y 997 -63.89 47.39 78.41
CA GLU Y 997 -63.68 45.95 78.31
C GLU Y 997 -64.27 45.38 77.01
N ILE Y 998 -65.35 45.99 76.52
CA ILE Y 998 -65.95 45.55 75.26
C ILE Y 998 -65.01 45.83 74.10
N LEU Y 999 -64.39 47.01 74.08
CA LEU Y 999 -63.44 47.34 73.03
C LEU Y 999 -62.13 46.58 73.23
N ARG Y 1000 -61.44 46.35 72.12
CA ARG Y 1000 -60.18 45.60 72.13
C ARG Y 1000 -58.98 46.48 71.82
N ARG Y 1001 -59.06 47.30 70.76
CA ARG Y 1001 -57.94 48.16 70.40
C ARG Y 1001 -57.81 49.32 71.38
N ASP Y 1002 -56.57 49.71 71.66
CA ASP Y 1002 -56.33 50.82 72.57
C ASP Y 1002 -56.72 52.15 71.96
N LYS Y 1003 -56.52 52.33 70.65
CA LYS Y 1003 -56.90 53.58 70.00
C LYS Y 1003 -58.41 53.77 69.98
N ASP Y 1004 -59.17 52.69 69.72
CA ASP Y 1004 -60.63 52.78 69.74
C ASP Y 1004 -61.14 53.06 71.14
N LYS Y 1005 -60.53 52.45 72.16
CA LYS Y 1005 -60.92 52.72 73.54
C LYS Y 1005 -60.62 54.16 73.93
N ALA Y 1006 -59.46 54.68 73.50
CA ALA Y 1006 -59.11 56.06 73.79
C ALA Y 1006 -60.06 57.03 73.08
N ASN Y 1007 -60.43 56.74 71.83
CA ASN Y 1007 -61.38 57.59 71.11
C ASN Y 1007 -62.75 57.56 71.76
N TYR Y 1008 -63.21 56.38 72.20
CA TYR Y 1008 -64.50 56.28 72.87
C TYR Y 1008 -64.48 56.99 74.22
N LEU Y 1009 -63.36 56.93 74.94
CA LEU Y 1009 -63.25 57.64 76.21
C LEU Y 1009 -63.24 59.15 76.02
N LEU Y 1010 -62.51 59.64 75.01
CA LEU Y 1010 -62.41 61.08 74.78
C LEU Y 1010 -63.71 61.63 74.22
N THR Y 1011 -64.42 60.86 73.40
CA THR Y 1011 -65.62 61.36 72.77
C THR Y 1011 -66.79 61.45 73.74
N SER Y 1012 -66.96 60.43 74.59
CA SER Y 1012 -68.13 60.34 75.46
C SER Y 1012 -67.78 60.33 76.94
N GLU Y 1013 -66.80 59.51 77.34
CA GLU Y 1013 -66.55 59.32 78.76
C GLU Y 1013 -65.87 60.53 79.39
N ALA Y 1014 -64.96 61.17 78.67
CA ALA Y 1014 -64.23 62.30 79.22
C ALA Y 1014 -65.12 63.54 79.30
N ARG Y 1015 -65.16 64.17 80.47
CA ARG Y 1015 -65.91 65.39 80.67
C ARG Y 1015 -65.03 66.63 80.84
N ILE Y 1016 -63.77 66.45 81.22
CA ILE Y 1016 -62.81 67.55 81.36
C ILE Y 1016 -61.59 67.16 80.54
N ILE Y 1017 -61.48 67.72 79.34
CA ILE Y 1017 -60.39 67.40 78.41
C ILE Y 1017 -59.41 68.56 78.40
N ALA Y 1018 -58.18 68.29 78.80
CA ALA Y 1018 -57.13 69.31 78.87
C ALA Y 1018 -56.11 69.07 77.77
N MET Y 1019 -55.70 70.16 77.11
CA MET Y 1019 -54.76 70.06 76.00
C MET Y 1019 -54.03 71.39 75.87
N THR Y 1020 -53.06 71.42 74.96
CA THR Y 1020 -52.30 72.64 74.66
C THR Y 1020 -52.79 73.26 73.36
N SER Y 1021 -52.35 74.50 73.13
CA SER Y 1021 -52.73 75.20 71.91
C SER Y 1021 -52.12 74.56 70.67
N THR Y 1022 -50.85 74.16 70.76
CA THR Y 1022 -50.19 73.49 69.64
C THR Y 1022 -50.81 72.13 69.37
N HIS Y 1023 -51.13 71.38 70.43
CA HIS Y 1023 -51.78 70.08 70.26
C HIS Y 1023 -53.17 70.24 69.67
N ALA Y 1024 -53.91 71.27 70.08
CA ALA Y 1024 -55.22 71.52 69.51
C ALA Y 1024 -55.13 71.91 68.04
N ALA Y 1025 -54.14 72.74 67.69
CA ALA Y 1025 -53.94 73.12 66.29
C ALA Y 1025 -53.51 71.93 65.44
N MET Y 1026 -52.77 70.99 66.03
CA MET Y 1026 -52.34 69.81 65.29
C MET Y 1026 -53.47 68.81 65.12
N LYS Y 1027 -54.34 68.66 66.12
CA LYS Y 1027 -55.35 67.60 66.13
C LYS Y 1027 -56.77 68.13 66.00
N ARG Y 1028 -56.95 69.36 65.50
CA ARG Y 1028 -58.29 69.86 65.23
C ARG Y 1028 -59.00 69.03 64.17
N GLY Y 1029 -58.28 68.62 63.12
CA GLY Y 1029 -58.88 67.76 62.12
C GLY Y 1029 -59.27 66.40 62.66
N GLU Y 1030 -58.43 65.82 63.52
CA GLU Y 1030 -58.75 64.53 64.14
C GLU Y 1030 -59.94 64.66 65.09
N ILE Y 1031 -60.03 65.78 65.81
CA ILE Y 1031 -61.17 66.00 66.71
C ILE Y 1031 -62.45 66.19 65.92
N ALA Y 1032 -62.37 66.88 64.77
CA ALA Y 1032 -63.55 67.06 63.92
C ALA Y 1032 -63.97 65.74 63.28
N SER Y 1033 -63.01 64.90 62.90
CA SER Y 1033 -63.35 63.62 62.30
C SER Y 1033 -63.89 62.64 63.33
N LEU Y 1034 -63.42 62.74 64.59
CA LEU Y 1034 -63.87 61.83 65.64
C LEU Y 1034 -65.24 62.18 66.20
N GLY Y 1035 -65.80 63.34 65.83
CA GLY Y 1035 -67.12 63.71 66.31
C GLY Y 1035 -67.16 64.16 67.75
N PHE Y 1036 -66.04 64.61 68.32
CA PHE Y 1036 -66.03 65.09 69.69
C PHE Y 1036 -66.75 66.42 69.80
N GLN Y 1037 -67.48 66.62 70.90
CA GLN Y 1037 -68.27 67.82 71.13
C GLN Y 1037 -67.97 68.36 72.52
N TYR Y 1038 -68.11 69.69 72.65
CA TYR Y 1038 -67.89 70.36 73.92
C TYR Y 1038 -68.82 71.57 74.00
N ASP Y 1039 -69.05 72.02 75.23
CA ASP Y 1039 -69.93 73.16 75.48
C ASP Y 1039 -69.24 74.33 76.16
N ASN Y 1040 -68.23 74.09 76.99
CA ASN Y 1040 -67.50 75.15 77.67
C ASN Y 1040 -66.01 75.04 77.37
N VAL Y 1041 -65.39 76.19 77.12
CA VAL Y 1041 -63.97 76.26 76.81
C VAL Y 1041 -63.32 77.23 77.78
N ILE Y 1042 -62.26 76.79 78.45
CA ILE Y 1042 -61.50 77.60 79.39
C ILE Y 1042 -60.05 77.62 78.94
N MET Y 1043 -59.48 78.80 78.79
CA MET Y 1043 -58.11 78.98 78.35
C MET Y 1043 -57.30 79.62 79.46
N GLU Y 1044 -56.12 79.06 79.72
CA GLU Y 1044 -55.19 79.59 80.71
C GLU Y 1044 -53.98 80.20 80.01
N GLU Y 1045 -53.59 81.39 80.47
CA GLU Y 1045 -52.51 82.19 79.88
C GLU Y 1045 -52.77 82.46 78.40
N ALA Y 1046 -53.93 83.04 78.11
CA ALA Y 1046 -54.32 83.32 76.74
C ALA Y 1046 -53.50 84.44 76.11
N ALA Y 1047 -52.85 85.29 76.92
CA ALA Y 1047 -52.02 86.36 76.39
C ALA Y 1047 -50.73 85.84 75.77
N GLN Y 1048 -50.29 84.63 76.14
CA GLN Y 1048 -49.10 84.02 75.58
C GLN Y 1048 -49.41 83.15 74.36
N ILE Y 1049 -50.67 83.09 73.94
CA ILE Y 1049 -51.10 82.30 72.79
C ILE Y 1049 -51.58 83.24 71.71
N THR Y 1050 -51.36 82.86 70.45
CA THR Y 1050 -51.75 83.69 69.33
C THR Y 1050 -53.27 83.65 69.13
N GLU Y 1051 -53.75 84.55 68.27
CA GLU Y 1051 -55.18 84.60 67.97
C GLU Y 1051 -55.64 83.36 67.23
N ILE Y 1052 -54.81 82.85 66.31
CA ILE Y 1052 -55.15 81.63 65.57
C ILE Y 1052 -55.18 80.44 66.51
N GLU Y 1053 -54.22 80.35 67.42
CA GLU Y 1053 -54.19 79.26 68.39
C GLU Y 1053 -55.34 79.33 69.39
N ASN Y 1054 -55.81 80.52 69.72
CA ASN Y 1054 -56.97 80.68 70.58
C ASN Y 1054 -58.27 80.36 69.86
N PHE Y 1055 -58.38 80.73 68.58
CA PHE Y 1055 -59.56 80.44 67.80
C PHE Y 1055 -59.66 78.97 67.38
N ILE Y 1056 -58.53 78.28 67.29
CA ILE Y 1056 -58.55 76.85 66.97
C ILE Y 1056 -59.24 76.05 68.07
N PRO Y 1057 -58.95 76.27 69.36
CA PRO Y 1057 -59.67 75.51 70.40
C PRO Y 1057 -61.14 75.84 70.50
N LEU Y 1058 -61.56 77.02 70.05
CA LEU Y 1058 -62.97 77.40 70.09
C LEU Y 1058 -63.78 76.81 68.94
N ALA Y 1059 -63.12 76.21 67.95
CA ALA Y 1059 -63.78 75.62 66.79
C ALA Y 1059 -63.30 74.19 66.58
N LEU Y 1060 -63.09 73.45 67.67
CA LEU Y 1060 -62.63 72.07 67.58
C LEU Y 1060 -63.75 71.09 67.28
N GLN Y 1061 -65.01 71.51 67.39
CA GLN Y 1061 -66.16 70.66 67.12
C GLN Y 1061 -66.95 71.21 65.95
N LYS Y 1062 -67.50 70.31 65.14
CA LYS Y 1062 -68.30 70.71 64.01
C LYS Y 1062 -69.64 71.27 64.48
N PRO Y 1063 -70.18 72.26 63.76
CA PRO Y 1063 -71.47 72.82 64.15
C PRO Y 1063 -72.61 71.84 63.91
N LYS Y 1064 -73.65 71.98 64.73
CA LYS Y 1064 -74.85 71.14 64.64
C LYS Y 1064 -76.02 72.01 64.21
N ASN Y 1065 -76.66 71.62 63.10
CA ASN Y 1065 -77.81 72.32 62.52
C ASN Y 1065 -77.48 73.79 62.21
N GLY Y 1066 -76.25 74.03 61.74
CA GLY Y 1066 -75.83 75.37 61.38
C GLY Y 1066 -75.43 76.24 62.54
N GLN Y 1067 -75.38 75.71 63.76
CA GLN Y 1067 -75.02 76.50 64.94
C GLN Y 1067 -73.99 75.74 65.77
N MET Y 1068 -73.19 76.49 66.50
CA MET Y 1068 -72.15 75.91 67.35
C MET Y 1068 -72.73 75.59 68.73
N ALA Y 1069 -72.16 74.56 69.35
CA ALA Y 1069 -72.60 74.10 70.67
C ALA Y 1069 -71.86 74.78 71.81
N LEU Y 1070 -70.92 75.68 71.51
CA LEU Y 1070 -70.18 76.37 72.55
C LEU Y 1070 -71.07 77.40 73.24
N GLN Y 1071 -71.05 77.41 74.56
CA GLN Y 1071 -71.85 78.33 75.36
C GLN Y 1071 -71.03 79.25 76.25
N ARG Y 1072 -69.99 78.73 76.89
CA ARG Y 1072 -69.15 79.51 77.79
C ARG Y 1072 -67.72 79.51 77.26
N VAL Y 1073 -67.13 80.71 77.20
CA VAL Y 1073 -65.75 80.89 76.74
C VAL Y 1073 -65.06 81.77 77.77
N VAL Y 1074 -64.22 81.16 78.61
CA VAL Y 1074 -63.49 81.87 79.66
C VAL Y 1074 -62.02 81.89 79.28
N LEU Y 1075 -61.38 83.05 79.43
CA LEU Y 1075 -59.96 83.21 79.12
C LEU Y 1075 -59.30 83.95 80.27
N CYS Y 1076 -58.30 83.33 80.88
CA CYS Y 1076 -57.56 83.93 82.00
C CYS Y 1076 -56.15 84.23 81.55
N GLY Y 1077 -55.70 85.47 81.76
CA GLY Y 1077 -54.37 85.85 81.34
C GLY Y 1077 -53.99 87.19 81.92
N ASP Y 1078 -52.89 87.74 81.39
CA ASP Y 1078 -52.37 89.03 81.81
C ASP Y 1078 -51.85 89.76 80.59
N HIS Y 1079 -52.55 90.84 80.20
CA HIS Y 1079 -52.14 91.62 79.03
C HIS Y 1079 -50.84 92.37 79.25
N TYR Y 1080 -50.47 92.63 80.50
CA TYR Y 1080 -49.20 93.29 80.81
C TYR Y 1080 -48.02 92.34 80.79
N GLN Y 1081 -48.25 91.04 80.65
CA GLN Y 1081 -47.17 90.07 80.61
C GLN Y 1081 -46.59 89.98 79.20
N ASN Y 1082 -45.66 89.03 79.00
CA ASN Y 1082 -45.02 88.86 77.72
C ASN Y 1082 -45.98 88.26 76.70
N SER Y 1083 -45.87 88.71 75.46
CA SER Y 1083 -46.72 88.23 74.37
C SER Y 1083 -46.16 86.93 73.82
N PRO Y 1084 -46.83 86.35 72.83
CA PRO Y 1084 -46.31 85.12 72.21
C PRO Y 1084 -45.03 85.35 71.45
N VAL Y 1085 -44.19 84.33 71.41
CA VAL Y 1085 -42.90 84.41 70.75
C VAL Y 1085 -43.09 84.19 69.25
N ILE Y 1086 -42.59 85.13 68.45
CA ILE Y 1086 -42.66 85.06 66.99
C ILE Y 1086 -41.24 85.10 66.46
N GLN Y 1087 -40.90 84.12 65.61
CA GLN Y 1087 -39.56 84.08 65.03
C GLN Y 1087 -39.34 85.19 64.02
N GLY Y 1088 -40.35 85.48 63.21
CA GLY Y 1088 -40.22 86.54 62.20
C GLY Y 1088 -40.41 87.91 62.83
N LEU Y 1089 -39.44 88.79 62.60
CA LEU Y 1089 -39.53 90.15 63.12
C LEU Y 1089 -40.60 90.95 62.38
N ALA Y 1090 -40.71 90.77 61.06
CA ALA Y 1090 -41.72 91.47 60.28
C ALA Y 1090 -43.12 90.99 60.64
N PHE Y 1091 -43.27 89.70 60.92
CA PHE Y 1091 -44.58 89.19 61.33
C PHE Y 1091 -44.97 89.70 62.71
N ARG Y 1092 -43.99 89.83 63.61
CA ARG Y 1092 -44.29 90.30 64.96
C ARG Y 1092 -44.58 91.79 64.98
N HIS Y 1093 -43.84 92.57 64.19
CA HIS Y 1093 -43.97 94.03 64.23
C HIS Y 1093 -44.95 94.56 63.20
N TYR Y 1094 -44.68 94.31 61.91
CA TYR Y 1094 -45.52 94.87 60.86
C TYR Y 1094 -46.85 94.16 60.77
N ALA Y 1095 -46.86 92.83 60.82
CA ALA Y 1095 -48.08 92.06 60.71
C ALA Y 1095 -48.81 91.89 62.04
N ASN Y 1096 -48.16 92.24 63.16
CA ASN Y 1096 -48.74 92.14 64.50
C ASN Y 1096 -49.23 90.73 64.82
N LEU Y 1097 -48.44 89.73 64.44
CA LEU Y 1097 -48.79 88.35 64.72
C LEU Y 1097 -48.63 87.98 66.19
N GLU Y 1098 -47.85 88.77 66.95
CA GLU Y 1098 -47.66 88.49 68.36
C GLU Y 1098 -48.82 88.95 69.23
N GLN Y 1099 -49.79 89.67 68.66
CA GLN Y 1099 -50.95 90.11 69.42
C GLN Y 1099 -51.84 88.92 69.75
N SER Y 1100 -52.36 88.91 70.98
CA SER Y 1100 -53.20 87.83 71.46
C SER Y 1100 -54.67 88.21 71.40
N LEU Y 1101 -55.54 87.20 71.52
CA LEU Y 1101 -56.97 87.44 71.52
C LEU Y 1101 -57.41 88.17 72.77
N PHE Y 1102 -56.80 87.85 73.92
CA PHE Y 1102 -57.15 88.52 75.17
C PHE Y 1102 -56.73 89.99 75.15
N SER Y 1103 -55.55 90.28 74.59
CA SER Y 1103 -55.10 91.66 74.48
C SER Y 1103 -55.98 92.46 73.51
N ARG Y 1104 -56.40 91.81 72.41
CA ARG Y 1104 -57.29 92.48 71.47
C ARG Y 1104 -58.66 92.74 72.08
N LEU Y 1105 -59.16 91.80 72.90
CA LEU Y 1105 -60.44 92.00 73.56
C LEU Y 1105 -60.35 93.08 74.63
N VAL Y 1106 -59.20 93.16 75.32
CA VAL Y 1106 -59.01 94.21 76.32
C VAL Y 1106 -58.90 95.57 75.65
N ARG Y 1107 -58.22 95.64 74.51
CA ARG Y 1107 -58.08 96.91 73.79
C ARG Y 1107 -59.38 97.33 73.12
N LEU Y 1108 -60.28 96.40 72.81
CA LEU Y 1108 -61.53 96.72 72.16
C LEU Y 1108 -62.56 97.33 73.11
N GLY Y 1109 -62.31 97.32 74.41
CA GLY Y 1109 -63.23 97.87 75.38
C GLY Y 1109 -64.19 96.89 76.00
N VAL Y 1110 -63.95 95.59 75.84
CA VAL Y 1110 -64.81 94.55 76.42
C VAL Y 1110 -64.62 94.56 77.94
N PRO Y 1111 -65.65 94.23 78.72
CA PRO Y 1111 -65.49 94.23 80.18
C PRO Y 1111 -64.72 93.00 80.64
N THR Y 1112 -63.74 93.22 81.52
CA THR Y 1112 -62.91 92.16 82.07
C THR Y 1112 -62.81 92.30 83.57
N ILE Y 1113 -62.66 91.16 84.25
CA ILE Y 1113 -62.51 91.13 85.70
C ILE Y 1113 -61.03 91.15 86.03
N ASN Y 1114 -60.61 92.14 86.81
CA ASN Y 1114 -59.21 92.32 87.17
C ASN Y 1114 -59.00 91.89 88.62
N LEU Y 1115 -58.06 90.96 88.81
CA LEU Y 1115 -57.71 90.50 90.15
C LEU Y 1115 -56.83 91.53 90.84
N ASP Y 1116 -57.18 91.88 92.08
CA ASP Y 1116 -56.46 92.88 92.84
C ASP Y 1116 -55.83 92.32 94.11
N GLN Y 1117 -55.71 90.99 94.23
CA GLN Y 1117 -55.14 90.36 95.42
C GLN Y 1117 -54.06 89.39 94.99
N GLN Y 1118 -52.87 89.50 95.61
CA GLN Y 1118 -51.76 88.61 95.35
C GLN Y 1118 -51.21 88.09 96.67
N GLY Y 1119 -50.89 86.81 96.72
CA GLY Y 1119 -50.40 86.19 97.94
C GLY Y 1119 -49.26 85.21 97.73
N ARG Y 1120 -48.44 85.44 96.70
CA ARG Y 1120 -47.34 84.54 96.39
C ARG Y 1120 -45.97 85.15 96.64
N ALA Y 1121 -45.79 86.45 96.44
CA ALA Y 1121 -44.50 87.11 96.59
C ALA Y 1121 -44.55 88.06 97.79
N ARG Y 1122 -43.40 88.67 98.06
CA ARG Y 1122 -43.30 89.62 99.16
C ARG Y 1122 -44.01 90.92 98.81
N PRO Y 1123 -44.34 91.73 99.84
CA PRO Y 1123 -45.00 93.02 99.56
C PRO Y 1123 -44.16 93.99 98.74
N SER Y 1124 -42.83 93.96 98.89
CA SER Y 1124 -41.98 94.85 98.11
C SER Y 1124 -41.98 94.47 96.64
N ILE Y 1125 -41.86 93.17 96.33
CA ILE Y 1125 -41.88 92.71 94.95
C ILE Y 1125 -43.26 92.92 94.33
N SER Y 1126 -44.31 92.70 95.13
CA SER Y 1126 -45.67 92.93 94.65
C SER Y 1126 -45.91 94.41 94.35
N ASN Y 1127 -45.41 95.31 95.20
CA ASN Y 1127 -45.52 96.74 94.94
C ASN Y 1127 -44.68 97.18 93.75
N LEU Y 1128 -43.51 96.56 93.54
CA LEU Y 1128 -42.72 96.85 92.35
C LEU Y 1128 -43.40 96.34 91.09
N TYR Y 1129 -44.17 95.27 91.19
CA TYR Y 1129 -44.92 94.73 90.06
C TYR Y 1129 -46.31 95.34 89.91
N ARG Y 1130 -46.72 96.19 90.84
CA ARG Y 1130 -48.03 96.83 90.77
C ARG Y 1130 -48.01 98.19 90.10
N TRP Y 1131 -46.84 98.65 89.65
CA TRP Y 1131 -46.76 99.94 88.98
C TRP Y 1131 -47.46 99.91 87.63
N ARG Y 1132 -47.30 98.81 86.88
CA ARG Y 1132 -47.94 98.70 85.58
C ARG Y 1132 -49.44 98.44 85.72
N TYR Y 1133 -49.82 97.63 86.71
CA TYR Y 1133 -51.23 97.30 86.91
C TYR Y 1133 -51.98 98.48 87.52
N PRO Y 1134 -53.27 98.62 87.19
CA PRO Y 1134 -54.03 99.74 87.78
C PRO Y 1134 -54.38 99.52 89.24
N GLN Y 1135 -54.79 98.30 89.61
CA GLN Y 1135 -55.15 98.00 90.98
C GLN Y 1135 -54.56 96.64 91.34
N LEU Y 1136 -53.71 96.61 92.36
CA LEU Y 1136 -53.08 95.38 92.82
C LEU Y 1136 -52.73 95.51 94.29
N GLY Y 1137 -53.14 94.53 95.09
CA GLY Y 1137 -52.86 94.56 96.50
C GLY Y 1137 -52.12 93.33 97.00
N ASP Y 1138 -52.11 93.12 98.31
CA ASP Y 1138 -51.44 91.97 98.92
C ASP Y 1138 -52.42 91.22 99.80
N LEU Y 1139 -52.29 89.89 99.79
CA LEU Y 1139 -53.18 89.06 100.60
C LEU Y 1139 -52.81 89.18 102.08
N PRO Y 1140 -53.76 88.91 102.97
CA PRO Y 1140 -53.44 88.97 104.41
C PRO Y 1140 -52.49 87.88 104.88
N HIS Y 1141 -52.38 86.77 104.14
CA HIS Y 1141 -51.46 85.72 104.52
C HIS Y 1141 -50.01 86.12 104.29
N THR Y 1142 -49.75 86.96 103.28
CA THR Y 1142 -48.39 87.42 103.03
C THR Y 1142 -47.89 88.40 104.08
N GLN Y 1143 -48.79 89.08 104.78
CA GLN Y 1143 -48.42 90.03 105.82
C GLN Y 1143 -48.41 89.42 107.21
N THR Y 1144 -48.65 88.11 107.33
CA THR Y 1144 -48.66 87.44 108.62
C THR Y 1144 -47.82 86.17 108.68
N GLU Y 1145 -47.50 85.56 107.55
CA GLU Y 1145 -46.70 84.34 107.57
C GLU Y 1145 -45.24 84.68 107.92
N PRO Y 1146 -44.56 83.79 108.64
CA PRO Y 1146 -43.15 84.05 108.98
C PRO Y 1146 -42.20 83.92 107.81
N GLU Y 1147 -42.59 83.22 106.74
CA GLU Y 1147 -41.72 83.07 105.59
C GLU Y 1147 -41.59 84.37 104.80
N PHE Y 1148 -42.68 85.12 104.70
CA PHE Y 1148 -42.67 86.40 103.98
C PHE Y 1148 -42.26 87.57 104.87
N LEU Y 1149 -42.11 87.36 106.17
CA LEU Y 1149 -41.71 88.42 107.08
C LEU Y 1149 -40.23 88.37 107.46
N THR Y 1150 -39.64 87.19 107.47
CA THR Y 1150 -38.23 87.04 107.80
C THR Y 1150 -37.36 87.52 106.64
N ALA Y 1151 -36.27 88.21 106.97
CA ALA Y 1151 -35.36 88.71 105.96
C ALA Y 1151 -34.46 87.59 105.45
N ASN Y 1152 -33.85 87.83 104.28
CA ASN Y 1152 -32.95 86.85 103.70
C ASN Y 1152 -31.64 86.80 104.47
N ALA Y 1153 -31.08 85.60 104.59
CA ALA Y 1153 -29.82 85.43 105.30
C ALA Y 1153 -28.66 85.95 104.46
N GLY Y 1154 -27.80 86.76 105.08
CA GLY Y 1154 -26.66 87.33 104.39
C GLY Y 1154 -26.96 88.55 103.55
N PHE Y 1155 -28.19 89.04 103.53
CA PHE Y 1155 -28.58 90.20 102.74
C PHE Y 1155 -29.17 91.26 103.65
N ARG Y 1156 -28.81 92.52 103.40
CA ARG Y 1156 -29.34 93.63 104.19
C ARG Y 1156 -30.82 93.86 103.90
N TYR Y 1157 -31.21 93.78 102.62
CA TYR Y 1157 -32.58 93.97 102.20
C TYR Y 1157 -33.09 92.72 101.48
N ASP Y 1158 -34.30 92.81 100.95
CA ASP Y 1158 -34.90 91.69 100.22
C ASP Y 1158 -34.62 91.78 98.73
N TYR Y 1159 -34.96 92.91 98.10
CA TYR Y 1159 -34.73 93.14 96.69
C TYR Y 1159 -33.85 94.37 96.51
N GLN Y 1160 -32.75 94.21 95.79
CA GLN Y 1160 -31.81 95.30 95.56
C GLN Y 1160 -31.29 95.23 94.12
N PHE Y 1161 -30.93 96.39 93.59
CA PHE Y 1161 -30.36 96.50 92.25
C PHE Y 1161 -28.87 96.81 92.40
N VAL Y 1162 -28.04 96.01 91.73
CA VAL Y 1162 -26.58 96.14 91.81
C VAL Y 1162 -26.07 96.69 90.49
N ASN Y 1163 -25.31 97.78 90.56
CA ASN Y 1163 -24.71 98.37 89.37
C ASN Y 1163 -23.46 97.59 89.00
N VAL Y 1164 -23.42 97.09 87.77
CA VAL Y 1164 -22.31 96.25 87.29
C VAL Y 1164 -21.40 97.13 86.43
N PRO Y 1165 -20.18 97.41 86.86
CA PRO Y 1165 -19.26 98.20 86.03
C PRO Y 1165 -18.55 97.31 85.03
N ASP Y 1166 -17.61 97.91 84.30
CA ASP Y 1166 -16.85 97.17 83.31
C ASP Y 1166 -15.86 96.23 84.00
N TYR Y 1167 -15.84 94.98 83.57
CA TYR Y 1167 -14.96 93.95 84.13
C TYR Y 1167 -13.82 93.67 83.14
N ARG Y 1168 -12.58 93.80 83.63
CA ARG Y 1168 -11.36 93.61 82.82
C ARG Y 1168 -11.34 94.52 81.60
N GLY Y 1169 -11.85 95.74 81.76
CA GLY Y 1169 -11.86 96.71 80.68
C GLY Y 1169 -12.92 96.50 79.63
N MET Y 1170 -13.85 95.58 79.84
CA MET Y 1170 -14.90 95.29 78.87
C MET Y 1170 -16.24 95.18 79.57
N GLY Y 1171 -17.29 95.60 78.87
CA GLY Y 1171 -18.64 95.49 79.38
C GLY Y 1171 -19.44 94.41 78.68
N GLU Y 1172 -20.33 94.81 77.77
CA GLU Y 1172 -21.09 93.85 77.00
C GLU Y 1172 -20.24 93.27 75.87
N SER Y 1173 -20.39 91.97 75.63
CA SER Y 1173 -19.63 91.27 74.61
C SER Y 1173 -20.57 90.67 73.57
N GLU Y 1174 -20.21 90.83 72.31
CA GLU Y 1174 -21.00 90.32 71.18
C GLU Y 1174 -20.09 89.56 70.23
N PRO Y 1175 -19.61 88.39 70.65
CA PRO Y 1175 -18.76 87.59 69.74
C PRO Y 1175 -19.53 86.99 68.57
N THR Y 1176 -20.84 86.87 68.68
CA THR Y 1176 -21.70 86.33 67.64
C THR Y 1176 -22.89 87.26 67.44
N PRO Y 1177 -23.58 87.14 66.31
CA PRO Y 1177 -24.73 88.02 66.06
C PRO Y 1177 -25.90 87.67 67.00
N HIS Y 1178 -26.44 88.71 67.64
CA HIS Y 1178 -27.53 88.65 68.61
C HIS Y 1178 -27.21 87.79 69.83
N PHE Y 1179 -25.94 87.51 70.10
CA PHE Y 1179 -25.52 86.74 71.26
C PHE Y 1179 -25.00 87.72 72.32
N ILE Y 1180 -25.95 88.37 73.00
CA ILE Y 1180 -25.60 89.35 74.03
C ILE Y 1180 -25.16 88.61 75.28
N GLN Y 1181 -23.94 88.89 75.74
CA GLN Y 1181 -23.39 88.25 76.92
C GLN Y 1181 -22.63 89.29 77.75
N ASN Y 1182 -22.52 89.01 79.05
CA ASN Y 1182 -21.81 89.88 79.98
C ASN Y 1182 -21.01 88.99 80.93
N LEU Y 1183 -19.69 89.02 80.79
CA LEU Y 1183 -18.84 88.19 81.64
C LEU Y 1183 -18.85 88.67 83.08
N GLY Y 1184 -18.83 89.99 83.29
CA GLY Y 1184 -18.85 90.53 84.64
C GLY Y 1184 -20.15 90.25 85.38
N GLU Y 1185 -21.28 90.41 84.69
CA GLU Y 1185 -22.57 90.13 85.31
C GLU Y 1185 -22.72 88.65 85.62
N ALA Y 1186 -22.26 87.77 84.72
CA ALA Y 1186 -22.31 86.33 84.96
C ALA Y 1186 -21.40 85.95 86.13
N GLU Y 1187 -20.22 86.55 86.22
CA GLU Y 1187 -19.32 86.27 87.34
C GLU Y 1187 -19.92 86.75 88.66
N TYR Y 1188 -20.56 87.93 88.65
CA TYR Y 1188 -21.22 88.43 89.86
C TYR Y 1188 -22.38 87.53 90.28
N ALA Y 1189 -23.16 87.06 89.30
CA ALA Y 1189 -24.27 86.15 89.61
C ALA Y 1189 -23.76 84.82 90.15
N VAL Y 1190 -22.66 84.31 89.60
CA VAL Y 1190 -22.08 83.06 90.08
C VAL Y 1190 -21.55 83.23 91.50
N ALA Y 1191 -20.90 84.37 91.78
CA ALA Y 1191 -20.40 84.65 93.13
C ALA Y 1191 -21.55 84.79 94.12
N ILE Y 1192 -22.64 85.43 93.71
CA ILE Y 1192 -23.81 85.57 94.59
C ILE Y 1192 -24.45 84.22 94.86
N PHE Y 1193 -24.53 83.36 93.83
CA PHE Y 1193 -25.07 82.02 94.02
C PHE Y 1193 -24.19 81.19 94.93
N GLN Y 1194 -22.87 81.30 94.79
CA GLN Y 1194 -21.95 80.58 95.67
C GLN Y 1194 -22.06 81.06 97.11
N TYR Y 1195 -22.21 82.38 97.29
CA TYR Y 1195 -22.37 82.93 98.64
C TYR Y 1195 -23.69 82.50 99.26
N MET Y 1196 -24.75 82.41 98.46
CA MET Y 1196 -26.04 81.96 98.97
C MET Y 1196 -26.00 80.47 99.31
N ARG Y 1197 -25.29 79.67 98.50
CA ARG Y 1197 -25.18 78.25 98.79
C ARG Y 1197 -24.28 77.97 99.98
N LEU Y 1198 -23.27 78.82 100.22
CA LEU Y 1198 -22.39 78.63 101.36
C LEU Y 1198 -23.06 79.00 102.67
N LEU Y 1199 -24.14 79.77 102.64
CA LEU Y 1199 -24.85 80.17 103.84
C LEU Y 1199 -25.85 79.12 104.33
N GLY Y 1200 -26.02 78.03 103.58
CA GLY Y 1200 -26.95 76.98 103.96
C GLY Y 1200 -28.29 77.01 103.27
N TYR Y 1201 -28.49 77.89 102.29
CA TYR Y 1201 -29.74 77.93 101.57
C TYR Y 1201 -29.88 76.71 100.65
N PRO Y 1202 -31.10 76.26 100.40
CA PRO Y 1202 -31.28 75.11 99.51
C PRO Y 1202 -30.96 75.46 98.06
N ALA Y 1203 -30.49 74.45 97.33
CA ALA Y 1203 -30.15 74.65 95.92
C ALA Y 1203 -31.38 74.74 95.04
N SER Y 1204 -32.48 74.12 95.45
CA SER Y 1204 -33.70 74.14 94.64
C SER Y 1204 -34.49 75.44 94.76
N LYS Y 1205 -34.14 76.31 95.70
CA LYS Y 1205 -34.84 77.57 95.92
C LYS Y 1205 -34.13 78.75 95.27
N ILE Y 1206 -33.09 78.50 94.47
CA ILE Y 1206 -32.31 79.55 93.81
C ILE Y 1206 -32.42 79.37 92.32
N SER Y 1207 -32.76 80.45 91.60
CA SER Y 1207 -32.89 80.43 90.16
C SER Y 1207 -32.11 81.59 89.56
N ILE Y 1208 -31.61 81.38 88.35
CA ILE Y 1208 -30.84 82.39 87.62
C ILE Y 1208 -31.54 82.67 86.30
N LEU Y 1209 -31.76 83.95 86.02
CA LEU Y 1209 -32.43 84.39 84.80
C LEU Y 1209 -31.59 85.43 84.08
N ALA Y 1210 -31.64 85.40 82.75
CA ALA Y 1210 -30.91 86.33 81.92
C ALA Y 1210 -31.83 86.90 80.84
N THR Y 1211 -31.56 88.14 80.44
CA THR Y 1211 -32.34 88.79 79.40
C THR Y 1211 -31.99 88.31 78.00
N TYR Y 1212 -30.88 87.58 77.84
CA TYR Y 1212 -30.47 87.05 76.54
C TYR Y 1212 -30.01 85.62 76.72
N ALA Y 1213 -30.05 84.86 75.62
CA ALA Y 1213 -29.62 83.47 75.65
C ALA Y 1213 -28.11 83.35 75.81
N GLY Y 1214 -27.35 84.31 75.28
CA GLY Y 1214 -25.90 84.28 75.44
C GLY Y 1214 -25.46 84.49 76.87
N GLN Y 1215 -26.13 85.40 77.59
CA GLN Y 1215 -25.81 85.61 79.00
C GLN Y 1215 -26.15 84.38 79.83
N LYS Y 1216 -27.28 83.73 79.52
CA LYS Y 1216 -27.65 82.49 80.22
C LYS Y 1216 -26.64 81.38 79.93
N ALA Y 1217 -26.18 81.27 78.68
CA ALA Y 1217 -25.17 80.27 78.33
C ALA Y 1217 -23.84 80.56 79.05
N LEU Y 1218 -23.45 81.83 79.14
CA LEU Y 1218 -22.24 82.19 79.87
C LEU Y 1218 -22.36 81.90 81.35
N ILE Y 1219 -23.53 82.15 81.94
CA ILE Y 1219 -23.75 81.84 83.35
C ILE Y 1219 -23.72 80.34 83.59
N LYS Y 1220 -24.30 79.57 82.67
CA LYS Y 1220 -24.25 78.10 82.78
C LYS Y 1220 -22.83 77.58 82.65
N ASP Y 1221 -22.04 78.15 81.74
CA ASP Y 1221 -20.64 77.75 81.59
C ASP Y 1221 -19.83 78.11 82.84
N VAL Y 1222 -20.10 79.28 83.43
CA VAL Y 1222 -19.39 79.67 84.65
C VAL Y 1222 -19.77 78.76 85.82
N LEU Y 1223 -21.06 78.38 85.91
CA LEU Y 1223 -21.49 77.46 86.95
C LEU Y 1223 -20.92 76.06 86.75
N ALA Y 1224 -20.77 75.63 85.50
CA ALA Y 1224 -20.15 74.34 85.23
C ALA Y 1224 -18.66 74.37 85.56
N HIS Y 1225 -17.98 75.47 85.27
CA HIS Y 1225 -16.55 75.57 85.53
C HIS Y 1225 -16.23 75.76 87.02
N ARG Y 1226 -17.11 76.41 87.77
CA ARG Y 1226 -16.82 76.77 89.15
C ARG Y 1226 -17.62 76.01 90.19
N CYS Y 1227 -18.89 75.67 89.91
CA CYS Y 1227 -19.76 75.08 90.91
C CYS Y 1227 -20.15 73.64 90.65
N ALA Y 1228 -19.97 73.12 89.43
CA ALA Y 1228 -20.35 71.74 89.15
C ALA Y 1228 -19.39 70.76 89.81
N LYS Y 1229 -18.09 71.08 89.81
CA LYS Y 1229 -17.10 70.20 90.43
C LYS Y 1229 -17.06 70.30 91.95
N ASN Y 1230 -17.71 71.29 92.53
CA ASN Y 1230 -17.74 71.45 93.98
C ASN Y 1230 -19.08 70.98 94.52
N PRO Y 1231 -19.13 69.90 95.30
CA PRO Y 1231 -20.42 69.46 95.85
C PRO Y 1231 -21.02 70.40 96.88
N ILE Y 1232 -20.20 71.25 97.50
CA ILE Y 1232 -20.73 72.20 98.48
C ILE Y 1232 -21.55 73.29 97.79
N PHE Y 1233 -21.06 73.80 96.66
CA PHE Y 1233 -21.79 74.83 95.93
C PHE Y 1233 -23.03 74.25 95.25
N GLY Y 1234 -22.90 73.07 94.64
CA GLY Y 1234 -24.01 72.46 93.95
C GLY Y 1234 -24.33 73.15 92.63
N LEU Y 1235 -25.57 72.97 92.20
CA LEU Y 1235 -26.07 73.54 90.96
C LEU Y 1235 -27.41 74.21 91.21
N PRO Y 1236 -27.78 75.19 90.39
CA PRO Y 1236 -29.07 75.86 90.57
C PRO Y 1236 -30.22 74.97 90.12
N ARG Y 1237 -31.43 75.37 90.54
CA ARG Y 1237 -32.63 74.62 90.18
C ARG Y 1237 -32.93 74.74 88.69
N VAL Y 1238 -32.83 75.95 88.15
CA VAL Y 1238 -33.10 76.19 86.74
C VAL Y 1238 -32.29 77.39 86.29
N VAL Y 1239 -31.79 77.33 85.07
CA VAL Y 1239 -31.01 78.41 84.45
C VAL Y 1239 -31.56 78.59 83.04
N THR Y 1240 -32.42 79.58 82.86
CA THR Y 1240 -33.05 79.85 81.58
C THR Y 1240 -33.26 81.35 81.43
N THR Y 1241 -33.82 81.74 80.29
CA THR Y 1241 -34.08 83.14 80.01
C THR Y 1241 -35.34 83.62 80.74
N VAL Y 1242 -35.55 84.94 80.69
CA VAL Y 1242 -36.72 85.52 81.33
C VAL Y 1242 -37.99 85.12 80.60
N ASP Y 1243 -37.93 85.03 79.27
CA ASP Y 1243 -39.10 84.61 78.49
C ASP Y 1243 -39.45 83.14 78.75
N LYS Y 1244 -38.44 82.30 78.91
CA LYS Y 1244 -38.65 80.88 79.18
C LYS Y 1244 -39.04 80.61 80.63
N TYR Y 1245 -38.92 81.59 81.51
CA TYR Y 1245 -39.25 81.43 82.92
C TYR Y 1245 -40.64 81.96 83.26
N GLN Y 1246 -41.47 82.23 82.25
CA GLN Y 1246 -42.83 82.72 82.50
C GLN Y 1246 -43.69 81.61 83.10
N GLY Y 1247 -44.41 81.95 84.16
CA GLY Y 1247 -45.25 80.99 84.88
C GLY Y 1247 -44.56 80.34 86.06
N GLU Y 1248 -43.26 80.08 85.94
CA GLU Y 1248 -42.51 79.48 87.02
C GLU Y 1248 -42.14 80.53 88.07
N GLN Y 1249 -41.73 80.07 89.24
CA GLN Y 1249 -41.36 80.96 90.33
C GLN Y 1249 -40.34 80.25 91.22
N ASN Y 1250 -39.62 81.06 92.01
CA ASN Y 1250 -38.62 80.54 92.92
C ASN Y 1250 -38.52 81.47 94.13
N ASP Y 1251 -37.97 80.93 95.22
CA ASP Y 1251 -37.82 81.72 96.43
C ASP Y 1251 -36.77 82.82 96.26
N TYR Y 1252 -35.66 82.50 95.61
CA TYR Y 1252 -34.60 83.46 95.32
C TYR Y 1252 -34.33 83.48 93.83
N ILE Y 1253 -34.29 84.67 93.24
CA ILE Y 1253 -34.09 84.84 91.81
C ILE Y 1253 -32.96 85.85 91.60
N ILE Y 1254 -32.00 85.49 90.76
CA ILE Y 1254 -30.91 86.37 90.37
C ILE Y 1254 -31.07 86.66 88.89
N LEU Y 1255 -31.47 87.88 88.55
CA LEU Y 1255 -31.70 88.28 87.17
C LEU Y 1255 -30.58 89.18 86.71
N SER Y 1256 -30.05 88.90 85.51
CA SER Y 1256 -28.97 89.67 84.92
C SER Y 1256 -29.49 90.38 83.68
N LEU Y 1257 -29.35 91.71 83.63
CA LEU Y 1257 -29.82 92.46 82.48
C LEU Y 1257 -28.90 92.30 81.28
N THR Y 1258 -27.58 92.22 81.53
CA THR Y 1258 -26.54 92.07 80.50
C THR Y 1258 -26.60 93.16 79.44
N ARG Y 1259 -26.91 94.38 79.85
CA ARG Y 1259 -26.98 95.53 78.96
C ARG Y 1259 -26.08 96.63 79.48
N THR Y 1260 -25.25 97.19 78.59
CA THR Y 1260 -24.34 98.27 78.96
C THR Y 1260 -24.35 99.45 78.02
N THR Y 1261 -25.02 99.35 76.87
CA THR Y 1261 -25.08 100.44 75.90
C THR Y 1261 -26.49 100.92 75.63
N ARG Y 1262 -27.46 100.01 75.56
CA ARG Y 1262 -28.85 100.38 75.30
C ARG Y 1262 -29.76 99.46 76.08
N VAL Y 1263 -31.00 99.91 76.27
CA VAL Y 1263 -31.99 99.10 76.98
C VAL Y 1263 -32.36 97.87 76.18
N GLY Y 1264 -32.66 98.05 74.89
CA GLY Y 1264 -33.00 96.92 74.04
C GLY Y 1264 -34.35 96.32 74.39
N TYR Y 1265 -34.37 94.99 74.51
CA TYR Y 1265 -35.60 94.27 74.82
C TYR Y 1265 -36.11 94.56 76.23
N LEU Y 1266 -35.25 95.09 77.11
CA LEU Y 1266 -35.69 95.54 78.42
C LEU Y 1266 -36.46 96.86 78.37
N ARG Y 1267 -36.48 97.53 77.21
CA ARG Y 1267 -37.24 98.77 77.09
C ARG Y 1267 -38.75 98.52 77.18
N ASP Y 1268 -39.21 97.37 76.72
CA ASP Y 1268 -40.61 97.03 76.83
C ASP Y 1268 -40.99 96.74 78.28
N LEU Y 1269 -42.17 97.22 78.69
CA LEU Y 1269 -42.61 97.04 80.06
C LEU Y 1269 -43.05 95.60 80.35
N ARG Y 1270 -43.43 94.84 79.32
CA ARG Y 1270 -43.86 93.46 79.53
C ARG Y 1270 -42.73 92.58 80.01
N ARG Y 1271 -41.53 92.73 79.43
CA ARG Y 1271 -40.39 91.94 79.87
C ARG Y 1271 -39.96 92.30 81.28
N LEU Y 1272 -39.99 93.59 81.63
CA LEU Y 1272 -39.67 94.02 82.98
C LEU Y 1272 -40.69 93.49 84.00
N THR Y 1273 -41.98 93.51 83.63
CA THR Y 1273 -43.01 92.99 84.51
C THR Y 1273 -42.88 91.48 84.69
N VAL Y 1274 -42.50 90.76 83.62
CA VAL Y 1274 -42.30 89.32 83.73
C VAL Y 1274 -41.08 88.99 84.58
N ALA Y 1275 -40.01 89.78 84.43
CA ALA Y 1275 -38.80 89.51 85.20
C ALA Y 1275 -38.95 89.88 86.67
N LEU Y 1276 -39.71 90.94 86.96
CA LEU Y 1276 -39.88 91.40 88.33
C LEU Y 1276 -40.88 90.57 89.12
N SER Y 1277 -41.68 89.73 88.44
CA SER Y 1277 -42.67 88.90 89.11
C SER Y 1277 -42.21 87.46 89.28
N ARG Y 1278 -40.95 87.17 88.98
CA ARG Y 1278 -40.42 85.81 89.08
C ARG Y 1278 -39.76 85.53 90.43
N ALA Y 1279 -39.76 86.50 91.34
CA ALA Y 1279 -39.13 86.34 92.65
C ALA Y 1279 -40.20 86.36 93.75
N ARG Y 1280 -40.06 85.45 94.70
CA ARG Y 1280 -41.00 85.33 95.81
C ARG Y 1280 -40.48 85.97 97.09
N LEU Y 1281 -39.24 85.68 97.48
CA LEU Y 1281 -38.65 86.21 98.70
C LEU Y 1281 -37.44 87.10 98.46
N GLY Y 1282 -36.63 86.80 97.46
CA GLY Y 1282 -35.44 87.58 97.18
C GLY Y 1282 -35.16 87.78 95.72
N LEU Y 1283 -34.83 89.01 95.32
CA LEU Y 1283 -34.52 89.35 93.95
C LEU Y 1283 -33.19 90.08 93.90
N TYR Y 1284 -32.29 89.63 93.04
CA TYR Y 1284 -30.97 90.26 92.85
C TYR Y 1284 -30.86 90.67 91.39
N ILE Y 1285 -30.97 91.96 91.11
CA ILE Y 1285 -30.94 92.48 89.75
C ILE Y 1285 -29.55 93.03 89.47
N LEU Y 1286 -28.93 92.56 88.39
CA LEU Y 1286 -27.61 92.99 87.98
C LEU Y 1286 -27.69 93.65 86.61
N GLY Y 1287 -27.10 94.82 86.48
CA GLY Y 1287 -27.12 95.54 85.22
C GLY Y 1287 -26.49 96.91 85.37
N ARG Y 1288 -26.53 97.67 84.29
CA ARG Y 1288 -25.99 99.02 84.28
C ARG Y 1288 -27.04 100.00 84.81
N ARG Y 1289 -26.67 100.80 85.81
CA ARG Y 1289 -27.61 101.75 86.39
C ARG Y 1289 -27.85 102.93 85.45
N ALA Y 1290 -26.79 103.42 84.80
CA ALA Y 1290 -26.91 104.58 83.92
C ALA Y 1290 -27.68 104.26 82.63
N VAL Y 1291 -27.60 103.02 82.16
CA VAL Y 1291 -28.34 102.63 80.95
C VAL Y 1291 -29.83 102.59 81.20
N PHE Y 1292 -30.24 102.04 82.34
CA PHE Y 1292 -31.65 101.91 82.68
C PHE Y 1292 -32.22 103.13 83.41
N GLU Y 1293 -31.38 104.08 83.81
CA GLU Y 1293 -31.88 105.25 84.51
C GLU Y 1293 -32.53 106.24 83.56
N SER Y 1294 -32.05 106.35 82.32
CA SER Y 1294 -32.59 107.31 81.36
C SER Y 1294 -33.84 106.81 80.66
N CYS Y 1295 -34.23 105.55 80.84
CA CYS Y 1295 -35.40 105.00 80.19
C CYS Y 1295 -36.66 105.44 80.93
N TYR Y 1296 -37.49 106.24 80.27
CA TYR Y 1296 -38.74 106.71 80.87
C TYR Y 1296 -39.83 105.65 80.88
N GLU Y 1297 -39.72 104.63 80.02
CA GLU Y 1297 -40.71 103.56 80.01
C GLU Y 1297 -40.63 102.74 81.29
N LEU Y 1298 -39.42 102.44 81.76
CA LEU Y 1298 -39.21 101.76 83.02
C LEU Y 1298 -38.69 102.70 84.10
N ARG Y 1299 -39.15 103.95 84.09
CA ARG Y 1299 -38.66 104.94 85.05
C ARG Y 1299 -39.15 104.65 86.45
N ASP Y 1300 -40.38 104.15 86.59
CA ASP Y 1300 -40.94 103.85 87.90
C ASP Y 1300 -40.21 102.69 88.57
N ALA Y 1301 -39.95 101.62 87.81
CA ALA Y 1301 -39.21 100.48 88.36
C ALA Y 1301 -37.77 100.84 88.68
N PHE Y 1302 -37.14 101.66 87.82
CA PHE Y 1302 -35.77 102.10 88.09
C PHE Y 1302 -35.70 103.01 89.31
N SER Y 1303 -36.70 103.87 89.50
CA SER Y 1303 -36.73 104.74 90.68
C SER Y 1303 -37.00 103.93 91.94
N LEU Y 1304 -37.85 102.90 91.85
CA LEU Y 1304 -38.10 102.04 93.00
C LEU Y 1304 -36.87 101.22 93.38
N LEU Y 1305 -36.13 100.74 92.37
CA LEU Y 1305 -34.92 99.98 92.65
C LEU Y 1305 -33.77 100.88 93.10
N LEU Y 1306 -33.79 102.14 92.69
CA LEU Y 1306 -32.72 103.08 93.02
C LEU Y 1306 -32.92 103.75 94.37
N ARG Y 1307 -34.03 103.48 95.06
CA ARG Y 1307 -34.21 103.98 96.42
C ARG Y 1307 -33.20 103.38 97.37
N ARG Y 1308 -32.94 102.08 97.24
CA ARG Y 1308 -31.88 101.42 97.98
C ARG Y 1308 -30.53 101.74 97.36
N PRO Y 1309 -29.44 101.49 98.07
CA PRO Y 1309 -28.11 101.74 97.51
C PRO Y 1309 -27.80 100.81 96.35
N ASP Y 1310 -26.97 101.30 95.43
CA ASP Y 1310 -26.60 100.55 94.23
C ASP Y 1310 -25.54 99.49 94.50
N LYS Y 1311 -24.97 99.44 95.70
CA LYS Y 1311 -23.97 98.46 96.07
C LYS Y 1311 -24.61 97.38 96.94
N LEU Y 1312 -24.30 96.12 96.64
CA LEU Y 1312 -24.88 95.00 97.38
C LEU Y 1312 -24.24 94.92 98.76
N ALA Y 1313 -25.07 95.05 99.80
CA ALA Y 1313 -24.60 94.99 101.18
C ALA Y 1313 -24.87 93.60 101.75
N LEU Y 1314 -23.84 93.01 102.35
CA LEU Y 1314 -23.93 91.68 102.94
C LEU Y 1314 -23.89 91.76 104.44
N VAL Y 1315 -24.46 90.76 105.10
CA VAL Y 1315 -24.52 90.66 106.55
C VAL Y 1315 -23.70 89.45 106.97
N THR Y 1316 -22.72 89.66 107.83
CA THR Y 1316 -21.85 88.58 108.30
C THR Y 1316 -22.44 87.96 109.56
N GLY Y 1317 -22.10 86.69 109.77
CA GLY Y 1317 -22.58 85.97 110.93
C GLY Y 1317 -24.00 85.46 110.84
N GLU Y 1318 -24.61 85.50 109.66
CA GLU Y 1318 -25.98 85.05 109.46
C GLU Y 1318 -25.99 83.81 108.58
N LEU Y 1319 -26.72 82.78 108.99
CA LEU Y 1319 -26.83 81.54 108.26
C LEU Y 1319 -28.30 81.18 108.08
N TRP Y 1320 -28.58 80.46 107.01
CA TRP Y 1320 -29.96 80.05 106.72
C TRP Y 1320 -30.38 78.96 107.71
N PRO Y 1321 -31.60 79.05 108.27
CA PRO Y 1321 -32.60 80.11 108.10
C PRO Y 1321 -32.33 81.34 108.97
N SER Y 1322 -32.70 82.51 108.48
CA SER Y 1322 -32.45 83.75 109.19
C SER Y 1322 -33.63 84.09 110.11
N LYS Y 1323 -33.32 84.47 111.34
CA LYS Y 1323 -34.32 84.86 112.32
C LYS Y 1323 -34.56 86.36 112.34
N ARG Y 1324 -33.88 87.12 111.50
CA ARG Y 1324 -34.06 88.57 111.46
C ARG Y 1324 -35.37 88.93 110.80
N LEU Y 1325 -36.01 89.98 111.32
CA LEU Y 1325 -37.29 90.45 110.81
C LEU Y 1325 -37.10 91.73 110.00
N LEU Y 1326 -37.77 91.80 108.85
CA LEU Y 1326 -37.66 92.97 108.00
C LEU Y 1326 -38.45 94.16 108.53
N ALA Y 1327 -39.36 93.93 109.49
CA ALA Y 1327 -40.13 95.04 110.05
C ALA Y 1327 -39.28 95.93 110.95
N ASP Y 1328 -38.22 95.38 111.53
CA ASP Y 1328 -37.33 96.15 112.39
C ASP Y 1328 -36.25 96.89 111.63
N GLU Y 1329 -36.20 96.75 110.31
CA GLU Y 1329 -35.21 97.41 109.47
C GLU Y 1329 -35.86 98.44 108.54
N THR Y 1330 -36.83 99.19 109.06
CA THR Y 1330 -37.52 100.20 108.26
C THR Y 1330 -36.63 101.42 107.99
N ASP Y 1331 -35.62 101.66 108.82
CA ASP Y 1331 -34.72 102.79 108.63
C ASP Y 1331 -33.52 102.33 107.80
N ASP Y 1332 -33.46 102.76 106.55
CA ASP Y 1332 -32.36 102.36 105.68
C ASP Y 1332 -31.07 103.10 105.99
N THR Y 1333 -31.15 104.22 106.70
CA THR Y 1333 -29.96 104.99 107.04
C THR Y 1333 -29.18 104.40 108.22
N LYS Y 1334 -29.78 103.48 108.96
CA LYS Y 1334 -29.12 102.86 110.11
C LYS Y 1334 -28.36 101.63 109.63
N LYS Y 1335 -27.05 101.60 109.90
CA LYS Y 1335 -26.22 100.47 109.50
C LYS Y 1335 -26.31 99.35 110.53
N LEU Y 1336 -26.59 98.14 110.05
CA LEU Y 1336 -26.69 96.99 110.93
C LEU Y 1336 -25.30 96.50 111.34
N GLU Y 1337 -25.27 95.67 112.38
CA GLU Y 1337 -24.01 95.12 112.87
C GLU Y 1337 -23.49 94.08 111.89
N GLY Y 1338 -22.21 94.19 111.54
CA GLY Y 1338 -21.59 93.28 110.61
C GLY Y 1338 -21.89 93.54 109.15
N GLU Y 1339 -22.49 94.68 108.82
CA GLU Y 1339 -22.81 95.00 107.44
C GLU Y 1339 -21.55 95.38 106.67
N VAL Y 1340 -21.37 94.77 105.50
CA VAL Y 1340 -20.21 95.02 104.65
C VAL Y 1340 -20.69 95.43 103.27
N VAL Y 1341 -20.15 96.52 102.75
CA VAL Y 1341 -20.51 97.04 101.43
C VAL Y 1341 -19.42 96.64 100.45
N MET Y 1342 -19.81 95.89 99.41
CA MET Y 1342 -18.87 95.43 98.40
C MET Y 1342 -18.65 96.50 97.35
N GLU Y 1343 -17.41 96.55 96.84
CA GLU Y 1343 -17.04 97.53 95.82
C GLU Y 1343 -17.26 97.01 94.41
N GLY Y 1344 -16.95 95.74 94.16
CA GLY Y 1344 -17.10 95.18 92.84
C GLY Y 1344 -17.15 93.68 92.87
N VAL Y 1345 -16.99 93.08 91.68
CA VAL Y 1345 -17.04 91.62 91.56
C VAL Y 1345 -15.80 90.98 92.18
N GLU Y 1346 -14.66 91.68 92.15
CA GLU Y 1346 -13.42 91.10 92.68
C GLU Y 1346 -13.47 90.94 94.19
N HIS Y 1347 -14.00 91.94 94.90
CA HIS Y 1347 -14.12 91.84 96.36
C HIS Y 1347 -15.10 90.75 96.76
N LEU Y 1348 -16.22 90.64 96.04
CA LEU Y 1348 -17.19 89.57 96.32
C LEU Y 1348 -16.60 88.20 96.03
N GLY Y 1349 -15.81 88.08 94.96
CA GLY Y 1349 -15.15 86.82 94.67
C GLY Y 1349 -14.11 86.45 95.71
N GLN Y 1350 -13.35 87.42 96.20
CA GLN Y 1350 -12.38 87.17 97.26
C GLN Y 1350 -13.07 86.76 98.55
N TRP Y 1351 -14.18 87.42 98.89
CA TRP Y 1351 -14.94 87.04 100.09
C TRP Y 1351 -15.53 85.64 99.95
N VAL Y 1352 -16.01 85.30 98.75
CA VAL Y 1352 -16.57 83.96 98.52
C VAL Y 1352 -15.48 82.91 98.60
N PHE Y 1353 -14.28 83.21 98.09
CA PHE Y 1353 -13.16 82.28 98.19
C PHE Y 1353 -12.74 82.08 99.64
N GLU Y 1354 -12.70 83.17 100.43
CA GLU Y 1354 -12.36 83.05 101.85
C GLU Y 1354 -13.40 82.24 102.60
N MET Y 1355 -14.69 82.46 102.29
CA MET Y 1355 -15.75 81.70 102.94
C MET Y 1355 -15.69 80.23 102.55
N THR Y 1356 -15.36 79.93 101.28
CA THR Y 1356 -15.23 78.55 100.84
C THR Y 1356 -14.04 77.87 101.51
N LYS Y 1357 -12.93 78.60 101.68
CA LYS Y 1357 -11.77 78.04 102.38
C LYS Y 1357 -12.10 77.77 103.84
N THR Y 1358 -12.83 78.68 104.50
CA THR Y 1358 -13.23 78.47 105.88
C THR Y 1358 -14.18 77.29 106.02
N LYS Y 1359 -15.12 77.14 105.07
CA LYS Y 1359 -16.03 76.01 105.09
C LYS Y 1359 -15.32 74.70 104.84
N ILE Y 1360 -14.31 74.70 103.95
CA ILE Y 1360 -13.53 73.50 103.70
C ILE Y 1360 -12.71 73.12 104.91
N ALA Y 1361 -12.15 74.11 105.61
CA ALA Y 1361 -11.40 73.83 106.84
C ALA Y 1361 -12.33 73.28 107.93
N GLU Y 1362 -13.53 73.84 108.04
CA GLU Y 1362 -14.50 73.35 109.02
C GLU Y 1362 -14.94 71.92 108.70
N LEU Y 1363 -15.16 71.63 107.41
CA LEU Y 1363 -15.54 70.28 107.01
C LEU Y 1363 -14.41 69.28 107.25
N ARG Y 1364 -13.17 69.70 107.02
CA ARG Y 1364 -12.03 68.82 107.29
C ARG Y 1364 -11.85 68.58 108.78
N LYS Y 1365 -12.11 69.60 109.60
CA LYS Y 1365 -12.05 69.43 111.05
C LYS Y 1365 -13.17 68.51 111.54
N GLU Y 1366 -14.37 68.64 110.96
CA GLU Y 1366 -15.49 67.81 111.40
C GLU Y 1366 -15.32 66.37 110.96
N LYS Y 1367 -14.83 66.15 109.74
CA LYS Y 1367 -14.64 64.80 109.21
C LYS Y 1367 -13.29 64.20 109.58
N GLY Y 1368 -12.43 64.95 110.26
CA GLY Y 1368 -11.13 64.45 110.65
C GLY Y 1368 -10.12 64.43 109.51
N ARG Z 7 -37.73 -25.20 19.77
CA ARG Z 7 -38.45 -25.29 18.51
C ARG Z 7 -39.32 -26.54 18.46
N ALA Z 8 -39.32 -27.31 19.56
CA ALA Z 8 -40.17 -28.49 19.64
C ALA Z 8 -41.64 -28.13 19.77
N ALA Z 9 -41.96 -27.01 20.42
CA ALA Z 9 -43.35 -26.58 20.53
C ALA Z 9 -43.92 -26.18 19.18
N TYR Z 10 -43.11 -25.58 18.31
CA TYR Z 10 -43.59 -25.17 16.99
C TYR Z 10 -43.97 -26.37 16.14
N GLU Z 11 -43.11 -27.39 16.08
CA GLU Z 11 -43.46 -28.58 15.32
C GLU Z 11 -44.59 -29.36 16.00
N ALA Z 12 -44.65 -29.32 17.34
CA ALA Z 12 -45.71 -30.02 18.07
C ALA Z 12 -47.09 -29.44 17.75
N ASP Z 13 -47.26 -28.12 17.90
CA ASP Z 13 -48.57 -27.57 17.62
C ASP Z 13 -48.83 -27.40 16.13
N LEU Z 14 -47.79 -27.40 15.29
CA LEU Z 14 -48.01 -27.48 13.85
C LEU Z 14 -48.55 -28.85 13.44
N THR Z 15 -48.03 -29.91 14.05
CA THR Z 15 -48.58 -31.25 13.81
C THR Z 15 -49.99 -31.36 14.38
N ALA Z 16 -50.24 -30.71 15.52
CA ALA Z 16 -51.59 -30.70 16.09
C ALA Z 16 -52.58 -29.97 15.19
N GLN Z 17 -52.14 -28.87 14.57
CA GLN Z 17 -53.03 -28.11 13.69
C GLN Z 17 -53.26 -28.85 12.37
N GLN Z 18 -52.19 -29.38 11.78
CA GLN Z 18 -52.33 -30.03 10.46
C GLN Z 18 -53.06 -31.36 10.56
N SER Z 19 -52.77 -32.15 11.59
CA SER Z 19 -53.38 -33.45 11.79
C SER Z 19 -53.97 -33.52 13.19
N PRO Z 20 -55.15 -32.94 13.40
CA PRO Z 20 -55.75 -32.94 14.74
C PRO Z 20 -56.38 -34.27 15.14
N TYR Z 21 -57.01 -34.98 14.21
CA TYR Z 21 -57.70 -36.23 14.52
C TYR Z 21 -56.82 -37.46 14.24
N VAL Z 22 -55.75 -37.63 15.02
CA VAL Z 22 -54.95 -38.85 14.97
C VAL Z 22 -55.02 -39.46 16.36
N PHE Z 23 -56.02 -40.34 16.56
CA PHE Z 23 -56.14 -41.07 17.81
C PHE Z 23 -55.64 -42.50 17.69
N PHE Z 24 -55.15 -42.91 16.52
CA PHE Z 24 -54.58 -44.23 16.31
C PHE Z 24 -53.31 -44.08 15.50
N GLY Z 25 -52.24 -44.74 15.94
CA GLY Z 25 -50.97 -44.63 15.25
C GLY Z 25 -50.25 -43.34 15.56
N THR Z 26 -49.37 -42.95 14.63
CA THR Z 26 -48.53 -41.78 14.79
C THR Z 26 -48.82 -40.78 13.69
N PRO Z 27 -49.10 -39.51 14.02
CA PRO Z 27 -49.32 -38.50 12.97
C PRO Z 27 -48.05 -38.20 12.19
N LEU Z 28 -48.24 -37.82 10.93
CA LEU Z 28 -47.11 -37.51 10.06
C LEU Z 28 -46.54 -36.14 10.41
N PRO Z 29 -45.23 -35.94 10.18
CA PRO Z 29 -44.65 -34.60 10.36
C PRO Z 29 -45.22 -33.63 9.34
N PRO Z 30 -45.37 -32.36 9.71
CA PRO Z 30 -46.07 -31.41 8.83
C PRO Z 30 -45.35 -31.13 7.53
N LEU Z 31 -46.14 -30.84 6.49
CA LEU Z 31 -45.62 -30.54 5.16
C LEU Z 31 -45.20 -29.07 5.13
N ASP Z 32 -43.93 -28.82 5.42
CA ASP Z 32 -43.39 -27.48 5.45
C ASP Z 32 -41.95 -27.52 4.98
N PRO Z 33 -41.44 -26.44 4.37
CA PRO Z 33 -40.02 -26.40 4.01
C PRO Z 33 -39.09 -26.41 5.22
N ASP Z 34 -39.56 -25.93 6.38
CA ASP Z 34 -38.70 -25.88 7.56
C ASP Z 34 -38.45 -27.27 8.13
N VAL Z 35 -39.49 -28.09 8.21
CA VAL Z 35 -39.40 -29.41 8.81
C VAL Z 35 -39.24 -30.45 7.71
N ARG Z 36 -38.16 -31.23 7.77
CA ARG Z 36 -37.90 -32.26 6.77
C ARG Z 36 -38.85 -33.43 6.95
N ASP Z 37 -38.97 -34.24 5.90
CA ASP Z 37 -39.81 -35.44 5.91
C ASP Z 37 -38.87 -36.64 6.05
N ASP Z 38 -38.79 -37.19 7.26
CA ASP Z 38 -37.92 -38.34 7.49
C ASP Z 38 -38.51 -39.62 6.93
N GLY Z 39 -39.84 -39.76 6.95
CA GLY Z 39 -40.45 -40.99 6.48
C GLY Z 39 -40.58 -41.10 4.99
N SER Z 40 -40.44 -39.98 4.26
CA SER Z 40 -40.60 -40.00 2.81
C SER Z 40 -39.43 -40.74 2.16
N TYR Z 41 -39.74 -41.51 1.11
CA TYR Z 41 -38.68 -42.24 0.35
C TYR Z 41 -38.13 -41.34 -0.75
N VAL Z 42 -36.85 -40.98 -0.63
CA VAL Z 42 -36.21 -40.08 -1.64
C VAL Z 42 -35.28 -40.96 -2.45
N PRO Z 43 -35.70 -41.47 -3.61
CA PRO Z 43 -34.95 -42.43 -4.40
C PRO Z 43 -33.73 -43.09 -3.74
N ILE Z 44 -32.59 -43.08 -4.41
CA ILE Z 44 -31.33 -43.68 -3.90
C ILE Z 44 -30.28 -42.70 -4.36
N TRP Z 45 -30.40 -42.25 -5.61
CA TRP Z 45 -29.49 -41.24 -6.17
C TRP Z 45 -29.71 -39.88 -5.50
N LYS Z 46 -30.49 -39.85 -4.43
CA LYS Z 46 -30.77 -38.60 -3.68
C LYS Z 46 -30.49 -38.87 -2.22
N GLN Z 47 -30.21 -40.12 -1.86
CA GLN Z 47 -30.04 -40.46 -0.42
C GLN Z 47 -28.61 -40.17 0.04
N GLU Z 48 -28.42 -39.89 1.33
CA GLU Z 48 -27.08 -39.66 1.84
C GLU Z 48 -26.76 -40.71 2.89
N ALA Z 49 -25.47 -41.04 2.99
CA ALA Z 49 -24.99 -42.07 3.90
C ALA Z 49 -24.80 -41.43 5.29
N ARG Z 50 -25.59 -41.88 6.25
CA ARG Z 50 -25.53 -41.38 7.62
C ARG Z 50 -25.44 -42.56 8.58
N ASP Z 51 -24.78 -42.34 9.71
CA ASP Z 51 -24.59 -43.37 10.72
C ASP Z 51 -25.79 -43.42 11.65
N GLU Z 52 -25.64 -44.11 12.79
CA GLU Z 52 -26.67 -44.13 13.81
C GLU Z 52 -26.87 -42.76 14.44
N ARG Z 53 -25.84 -41.93 14.46
CA ARG Z 53 -25.89 -40.61 15.07
C ARG Z 53 -26.27 -39.52 14.08
N GLY Z 54 -26.46 -39.86 12.80
CA GLY Z 54 -26.89 -38.91 11.81
C GLY Z 54 -25.79 -38.18 11.07
N ARG Z 55 -24.55 -38.25 11.54
CA ARG Z 55 -23.44 -37.62 10.84
C ARG Z 55 -23.03 -38.47 9.65
N LYS Z 56 -22.48 -37.80 8.63
CA LYS Z 56 -22.13 -38.45 7.37
C LYS Z 56 -20.70 -38.96 7.45
N ARG Z 57 -20.54 -40.19 7.92
CA ARG Z 57 -19.23 -40.81 8.04
C ARG Z 57 -19.41 -42.33 8.08
N PHE Z 58 -18.32 -43.04 7.84
CA PHE Z 58 -18.26 -44.48 7.99
C PHE Z 58 -17.30 -44.82 9.13
N HIS Z 59 -17.37 -46.06 9.61
CA HIS Z 59 -16.57 -46.44 10.77
C HIS Z 59 -15.85 -47.77 10.64
N GLY Z 60 -16.18 -48.61 9.67
CA GLY Z 60 -15.50 -49.86 9.49
C GLY Z 60 -14.32 -49.76 8.54
N ALA Z 61 -13.37 -50.69 8.68
CA ALA Z 61 -12.30 -50.77 7.70
C ALA Z 61 -12.81 -51.30 6.36
N PHE Z 62 -13.69 -52.30 6.42
CA PHE Z 62 -14.29 -52.89 5.24
C PHE Z 62 -15.66 -52.29 4.91
N THR Z 63 -16.06 -51.25 5.64
CA THR Z 63 -17.24 -50.46 5.30
C THR Z 63 -16.89 -49.00 5.04
N GLY Z 64 -15.65 -48.75 4.59
CA GLY Z 64 -15.31 -47.47 4.03
C GLY Z 64 -14.98 -46.36 5.00
N GLY Z 65 -14.57 -46.67 6.22
CA GLY Z 65 -14.19 -45.66 7.18
C GLY Z 65 -12.69 -45.47 7.27
N TRP Z 66 -12.30 -44.29 7.74
CA TRP Z 66 -10.90 -43.98 7.98
C TRP Z 66 -10.48 -44.25 9.42
N SER Z 67 -11.41 -44.70 10.25
CA SER Z 67 -11.12 -45.25 11.57
C SER Z 67 -11.75 -46.62 11.66
N ALA Z 68 -11.49 -47.32 12.77
CA ALA Z 68 -12.13 -48.60 13.06
C ALA Z 68 -12.05 -48.86 14.55
N GLY Z 69 -12.92 -49.74 15.03
CA GLY Z 69 -12.89 -50.09 16.43
C GLY Z 69 -13.33 -48.94 17.33
N TYR Z 70 -12.77 -48.92 18.53
CA TYR Z 70 -13.05 -47.89 19.52
C TYR Z 70 -11.98 -46.80 19.39
N PHE Z 71 -12.18 -45.91 18.40
CA PHE Z 71 -11.29 -44.81 18.07
C PHE Z 71 -9.87 -45.30 17.76
N ASN Z 72 -9.78 -46.09 16.69
CA ASN Z 72 -8.53 -46.70 16.20
C ASN Z 72 -7.86 -47.57 17.26
N THR Z 73 -8.66 -48.18 18.14
CA THR Z 73 -8.18 -49.02 19.22
C THR Z 73 -9.13 -50.20 19.33
N VAL Z 74 -8.58 -51.36 19.71
CA VAL Z 74 -9.33 -52.60 19.72
C VAL Z 74 -9.99 -52.84 21.07
N GLY Z 75 -10.01 -51.82 21.91
CA GLY Z 75 -10.55 -51.91 23.24
C GLY Z 75 -11.98 -51.42 23.35
N SER Z 76 -12.38 -51.09 24.57
CA SER Z 76 -13.73 -50.59 24.84
C SER Z 76 -13.66 -49.59 25.99
N LYS Z 77 -14.71 -48.78 26.09
CA LYS Z 77 -14.80 -47.83 27.19
C LYS Z 77 -14.96 -48.54 28.53
N GLU Z 78 -15.77 -49.60 28.57
CA GLU Z 78 -16.00 -50.33 29.82
C GLU Z 78 -14.79 -51.16 30.23
N GLY Z 79 -13.92 -51.47 29.28
CA GLY Z 79 -12.79 -52.35 29.56
C GLY Z 79 -13.19 -53.80 29.53
N TRP Z 80 -12.22 -54.65 29.85
CA TRP Z 80 -12.41 -56.09 29.87
C TRP Z 80 -12.04 -56.63 31.23
N THR Z 81 -12.81 -57.60 31.72
CA THR Z 81 -12.58 -58.22 33.01
C THR Z 81 -12.68 -59.73 32.87
N PRO Z 82 -11.62 -60.49 33.11
CA PRO Z 82 -11.69 -61.95 33.00
C PRO Z 82 -12.46 -62.55 34.17
N SER Z 83 -13.63 -63.11 33.87
CA SER Z 83 -14.38 -63.84 34.87
C SER Z 83 -13.61 -65.09 35.29
N SER Z 84 -13.77 -65.48 36.56
CA SER Z 84 -12.92 -66.50 37.15
C SER Z 84 -13.52 -67.90 36.97
N PHE Z 85 -12.73 -68.90 37.38
CA PHE Z 85 -13.17 -70.29 37.29
C PHE Z 85 -12.41 -71.09 38.35
N VAL Z 86 -13.15 -71.63 39.31
CA VAL Z 86 -12.59 -72.50 40.33
C VAL Z 86 -13.42 -73.78 40.40
N SER Z 87 -12.75 -74.90 40.66
CA SER Z 87 -13.42 -76.19 40.78
C SER Z 87 -12.55 -77.13 41.60
N SER Z 88 -13.16 -78.20 42.08
CA SER Z 88 -12.48 -79.19 42.92
C SER Z 88 -13.24 -80.51 42.81
N ARG Z 89 -12.83 -81.48 43.62
CA ARG Z 89 -13.58 -82.74 43.72
C ARG Z 89 -14.93 -82.53 44.39
N THR Z 90 -15.00 -81.63 45.37
CA THR Z 90 -16.26 -81.38 46.08
C THR Z 90 -17.22 -80.61 45.18
N LYS Z 91 -16.85 -79.40 44.77
CA LYS Z 91 -17.66 -78.59 43.87
C LYS Z 91 -17.08 -78.74 42.47
N ARG Z 92 -17.44 -79.83 41.81
CA ARG Z 92 -17.02 -80.10 40.43
C ARG Z 92 -17.85 -79.23 39.49
N TRP Z 93 -17.25 -78.78 38.40
CA TRP Z 93 -17.91 -77.83 37.52
C TRP Z 93 -18.97 -78.51 36.66
N LYS Z 94 -18.77 -79.80 36.33
CA LYS Z 94 -19.63 -80.45 35.33
C LYS Z 94 -21.03 -80.72 35.87
N ASP Z 95 -21.18 -80.93 37.18
CA ASP Z 95 -22.49 -81.26 37.72
C ASP Z 95 -23.14 -80.09 38.47
N ASP Z 96 -22.60 -78.88 38.31
CA ASP Z 96 -23.24 -77.69 38.86
C ASP Z 96 -24.53 -77.41 38.11
N PRO Z 97 -25.57 -76.90 38.78
CA PRO Z 97 -26.82 -76.60 38.05
C PRO Z 97 -26.71 -75.39 37.14
N ASN Z 98 -25.98 -74.36 37.55
CA ASN Z 98 -25.86 -73.13 36.77
C ASN Z 98 -24.66 -73.24 35.81
N LYS Z 99 -24.86 -74.05 34.78
CA LYS Z 99 -23.84 -74.24 33.74
C LYS Z 99 -23.94 -73.07 32.77
N VAL Z 100 -23.11 -72.04 32.99
CA VAL Z 100 -23.00 -70.96 32.02
C VAL Z 100 -22.15 -71.45 30.84
N GLU Z 101 -22.81 -71.70 29.71
CA GLU Z 101 -22.13 -72.32 28.59
C GLU Z 101 -21.35 -71.29 27.78
N GLN Z 102 -20.39 -71.79 27.00
CA GLN Z 102 -19.47 -70.94 26.25
C GLN Z 102 -19.97 -70.85 24.81
N ARG Z 103 -20.99 -70.02 24.63
CA ARG Z 103 -21.63 -69.80 23.34
C ARG Z 103 -20.77 -68.87 22.47
N PRO Z 104 -20.86 -68.99 21.15
CA PRO Z 104 -20.18 -68.02 20.28
C PRO Z 104 -20.96 -66.72 20.11
N GLU Z 105 -21.44 -66.15 21.22
CA GLU Z 105 -22.03 -64.82 21.22
C GLU Z 105 -21.54 -63.95 22.37
N ASP Z 106 -20.88 -64.53 23.38
CA ASP Z 106 -20.19 -63.72 24.37
C ASP Z 106 -18.97 -63.03 23.77
N PHE Z 107 -18.41 -63.61 22.72
CA PHE Z 107 -17.21 -63.08 22.08
C PHE Z 107 -17.52 -62.26 20.83
N MET Z 108 -18.79 -61.99 20.55
CA MET Z 108 -19.17 -61.19 19.39
C MET Z 108 -19.48 -59.76 19.80
N ASP Z 109 -19.90 -58.97 18.82
CA ASP Z 109 -20.23 -57.56 19.00
C ASP Z 109 -21.58 -57.32 18.35
N GLU Z 110 -22.14 -56.13 18.57
CA GLU Z 110 -23.45 -55.80 18.02
C GLU Z 110 -23.43 -55.77 16.49
N GLU Z 111 -22.31 -55.38 15.88
CA GLU Z 111 -22.19 -55.46 14.43
C GLU Z 111 -22.19 -56.91 13.96
N ASP Z 112 -21.52 -57.80 14.70
CA ASP Z 112 -21.51 -59.21 14.34
C ASP Z 112 -22.89 -59.82 14.43
N LEU Z 113 -23.65 -59.49 15.47
CA LEU Z 113 -25.01 -59.99 15.60
C LEU Z 113 -25.92 -59.40 14.52
N ALA Z 114 -25.71 -58.13 14.18
CA ALA Z 114 -26.49 -57.49 13.12
C ALA Z 114 -26.25 -58.17 11.77
N ASP Z 115 -24.99 -58.50 11.48
CA ASP Z 115 -24.70 -59.21 10.23
C ASP Z 115 -25.19 -60.67 10.28
N LEU Z 116 -25.19 -61.27 11.48
CA LEU Z 116 -25.71 -62.63 11.61
C LEU Z 116 -27.21 -62.69 11.33
N GLU Z 117 -27.97 -61.73 11.85
CA GLU Z 117 -29.39 -61.69 11.52
C GLU Z 117 -29.65 -61.17 10.12
N GLU Z 118 -28.70 -60.40 9.55
CA GLU Z 118 -28.80 -60.02 8.14
C GLU Z 118 -28.68 -61.24 7.23
N SER Z 119 -27.73 -62.13 7.55
CA SER Z 119 -27.59 -63.36 6.77
C SER Z 119 -28.76 -64.31 6.96
N ARG Z 120 -29.43 -64.26 8.11
CA ARG Z 120 -30.59 -65.10 8.38
C ARG Z 120 -31.79 -64.49 7.67
N LYS Z 121 -32.17 -65.08 6.53
CA LYS Z 121 -33.29 -64.60 5.76
C LYS Z 121 -34.58 -65.34 6.18
N LEU Z 122 -35.68 -65.00 5.54
CA LEU Z 122 -36.98 -65.63 5.80
C LEU Z 122 -37.52 -66.26 4.52
N GLN Z 123 -38.01 -67.48 4.66
CA GLN Z 123 -38.67 -68.17 3.55
C GLN Z 123 -39.79 -69.03 4.12
N THR Z 124 -40.74 -69.38 3.25
CA THR Z 124 -41.87 -70.18 3.68
C THR Z 124 -41.45 -71.63 3.90
N ARG Z 125 -42.30 -72.37 4.60
CA ARG Z 125 -42.04 -73.77 4.87
C ARG Z 125 -42.30 -74.62 3.62
N GLU Z 126 -41.89 -75.88 3.70
CA GLU Z 126 -42.02 -76.76 2.54
C GLU Z 126 -43.47 -77.17 2.30
N ALA Z 127 -44.28 -77.25 3.35
CA ALA Z 127 -45.66 -77.69 3.22
C ALA Z 127 -46.60 -76.61 2.72
N PHE Z 128 -46.16 -75.35 2.69
CA PHE Z 128 -47.00 -74.23 2.27
C PHE Z 128 -46.36 -73.52 1.09
N SER Z 129 -47.17 -73.14 0.12
CA SER Z 129 -46.70 -72.38 -1.03
C SER Z 129 -46.88 -70.89 -0.79
N GLY Z 130 -45.94 -70.11 -1.30
CA GLY Z 130 -45.93 -68.68 -1.10
C GLY Z 130 -46.42 -67.91 -2.31
N LEU Z 131 -46.52 -66.59 -2.14
CA LEU Z 131 -46.95 -65.72 -3.21
C LEU Z 131 -45.83 -65.56 -4.24
N GLY Z 132 -46.17 -65.75 -5.51
CA GLY Z 132 -45.21 -65.55 -6.58
C GLY Z 132 -44.12 -66.58 -6.70
N SER Z 133 -44.27 -67.75 -6.06
CA SER Z 133 -43.25 -68.78 -6.09
C SER Z 133 -43.24 -69.45 -7.45
N THR Z 134 -42.20 -69.19 -8.24
CA THR Z 134 -42.02 -69.78 -9.56
C THR Z 134 -40.60 -70.33 -9.64
N ALA Z 135 -40.44 -71.59 -9.19
CA ALA Z 135 -39.13 -72.22 -9.19
C ALA Z 135 -39.15 -73.66 -9.70
N ASP Z 136 -40.30 -74.19 -10.10
CA ASP Z 136 -40.39 -75.56 -10.55
C ASP Z 136 -40.22 -75.72 -12.05
N ASP Z 137 -40.06 -74.62 -12.80
CA ASP Z 137 -39.91 -74.71 -14.25
C ASP Z 137 -38.57 -75.33 -14.63
N ALA Z 138 -37.51 -75.02 -13.89
CA ALA Z 138 -36.20 -75.62 -14.17
C ALA Z 138 -36.19 -77.11 -13.89
N VAL Z 139 -36.94 -77.55 -12.87
CA VAL Z 139 -37.04 -78.97 -12.58
C VAL Z 139 -37.87 -79.68 -13.65
N ARG Z 140 -39.00 -79.08 -14.04
CA ARG Z 140 -39.92 -79.75 -14.96
C ARG Z 140 -39.36 -79.78 -16.38
N ALA Z 141 -38.80 -78.66 -16.84
CA ALA Z 141 -38.27 -78.58 -18.20
C ALA Z 141 -36.82 -79.06 -18.25
N SER Z 142 -36.65 -80.34 -17.91
CA SER Z 142 -35.33 -80.98 -17.93
C SER Z 142 -35.32 -82.36 -18.58
N GLY Z 143 -36.47 -82.97 -18.81
CA GLY Z 143 -36.53 -84.28 -19.44
C GLY Z 143 -36.53 -85.42 -18.44
N LEU Z 144 -35.54 -86.30 -18.52
CA LEU Z 144 -35.46 -87.44 -17.62
C LEU Z 144 -35.07 -87.03 -16.20
N MET Z 145 -34.42 -85.88 -16.04
CA MET Z 145 -34.12 -85.37 -14.70
C MET Z 145 -35.39 -85.02 -13.95
N GLY Z 146 -36.35 -84.38 -14.63
CA GLY Z 146 -37.60 -84.01 -14.00
C GLY Z 146 -38.60 -85.14 -13.81
N LEU Z 147 -38.37 -86.28 -14.47
CA LEU Z 147 -39.26 -87.42 -14.30
C LEU Z 147 -39.10 -88.10 -12.94
N PHE Z 148 -37.96 -87.92 -12.28
CA PHE Z 148 -37.76 -88.46 -10.93
C PHE Z 148 -38.14 -87.46 -9.84
N ARG Z 149 -37.82 -86.18 -10.04
CA ARG Z 149 -38.16 -85.15 -9.05
C ARG Z 149 -39.63 -84.81 -9.19
N VAL Z 150 -40.44 -85.27 -8.24
CA VAL Z 150 -41.86 -85.00 -8.21
C VAL Z 150 -42.08 -83.92 -7.16
N GLU Z 151 -43.26 -83.28 -7.21
CA GLU Z 151 -43.63 -82.28 -6.21
C GLU Z 151 -43.58 -82.85 -4.80
N GLY Z 152 -43.02 -82.07 -3.89
CA GLY Z 152 -42.71 -82.54 -2.55
C GLY Z 152 -43.87 -82.55 -1.57
N GLU Z 153 -45.08 -82.79 -2.08
CA GLU Z 153 -46.29 -82.99 -1.28
C GLU Z 153 -46.58 -81.77 -0.39
N THR Z 154 -46.91 -80.66 -1.04
CA THR Z 154 -47.58 -79.57 -0.33
C THR Z 154 -48.87 -80.11 0.24
N MET Z 155 -49.10 -79.81 1.52
CA MET Z 155 -50.00 -80.64 2.33
C MET Z 155 -51.47 -80.44 1.96
N GLY Z 156 -51.81 -79.36 1.24
CA GLY Z 156 -53.15 -79.26 0.68
C GLY Z 156 -53.45 -80.38 -0.31
N VAL Z 157 -52.46 -80.73 -1.14
CA VAL Z 157 -52.59 -81.88 -2.03
C VAL Z 157 -52.72 -83.16 -1.21
N LYS Z 158 -52.03 -83.24 -0.07
CA LYS Z 158 -52.13 -84.43 0.78
C LYS Z 158 -53.51 -84.56 1.42
N LEU Z 159 -54.10 -83.46 1.88
CA LEU Z 159 -55.43 -83.51 2.48
C LEU Z 159 -56.50 -83.75 1.43
N LEU Z 160 -56.27 -83.30 0.19
CA LEU Z 160 -57.15 -83.73 -0.90
C LEU Z 160 -56.95 -85.20 -1.23
N LYS Z 161 -55.72 -85.70 -1.10
CA LYS Z 161 -55.41 -87.10 -1.35
C LYS Z 161 -56.10 -88.03 -0.35
N LYS Z 162 -56.17 -87.62 0.91
CA LYS Z 162 -56.78 -88.47 1.93
C LYS Z 162 -58.27 -88.69 1.66
N MET Z 163 -58.98 -87.66 1.19
CA MET Z 163 -60.42 -87.73 1.02
C MET Z 163 -60.83 -88.30 -0.34
N GLY Z 164 -59.89 -88.83 -1.12
CA GLY Z 164 -60.23 -89.62 -2.29
C GLY Z 164 -59.83 -89.05 -3.64
N TRP Z 165 -58.78 -88.24 -3.68
CA TRP Z 165 -58.33 -87.60 -4.91
C TRP Z 165 -56.92 -88.07 -5.25
N LYS Z 166 -56.69 -88.32 -6.54
CA LYS Z 166 -55.37 -88.64 -7.06
C LYS Z 166 -55.03 -87.63 -8.14
N GLU Z 167 -53.80 -87.12 -8.13
CA GLU Z 167 -53.42 -86.08 -9.08
C GLU Z 167 -53.29 -86.64 -10.49
N GLY Z 168 -53.53 -85.77 -11.47
CA GLY Z 168 -53.59 -86.14 -12.87
C GLY Z 168 -55.00 -86.07 -13.44
N GLN Z 169 -56.00 -85.92 -12.58
CA GLN Z 169 -57.40 -85.82 -12.98
C GLN Z 169 -58.10 -84.74 -12.17
N GLY Z 170 -59.21 -84.23 -12.72
CA GLY Z 170 -59.92 -83.11 -12.14
C GLY Z 170 -60.81 -83.48 -10.97
N ILE Z 171 -61.87 -82.69 -10.79
CA ILE Z 171 -62.82 -82.89 -9.71
C ILE Z 171 -64.23 -82.97 -10.30
N GLY Z 172 -65.18 -83.35 -9.45
CA GLY Z 172 -66.56 -83.46 -9.85
C GLY Z 172 -67.12 -84.85 -9.55
N PRO Z 173 -68.38 -85.08 -9.91
CA PRO Z 173 -68.95 -86.42 -9.77
C PRO Z 173 -68.28 -87.39 -10.73
N LYS Z 174 -68.20 -88.65 -10.30
CA LYS Z 174 -67.45 -89.66 -11.05
C LYS Z 174 -68.12 -89.94 -12.39
N VAL Z 175 -67.30 -90.08 -13.42
CA VAL Z 175 -67.78 -90.19 -14.80
C VAL Z 175 -67.90 -91.66 -15.16
N ARG Z 176 -69.06 -92.04 -15.71
CA ARG Z 176 -69.34 -93.42 -16.09
C ARG Z 176 -69.12 -93.57 -17.59
N ARG Z 177 -67.86 -93.63 -17.97
CA ARG Z 177 -67.46 -94.01 -19.33
C ARG Z 177 -66.66 -95.31 -19.27
N LYS Z 178 -66.81 -96.13 -20.30
CA LYS Z 178 -66.23 -97.48 -20.27
C LYS Z 178 -64.71 -97.46 -20.20
N ALA Z 179 -64.04 -97.05 -21.29
CA ALA Z 179 -62.59 -97.02 -21.41
C ALA Z 179 -62.14 -96.52 -22.77
N ARG Z 180 -60.83 -96.30 -22.92
CA ARG Z 180 -60.14 -96.39 -24.21
C ARG Z 180 -58.88 -97.21 -23.98
N LEU Z 181 -58.68 -98.23 -24.82
CA LEU Z 181 -57.58 -99.18 -24.64
C LEU Z 181 -56.42 -98.93 -25.59
N GLY Z 182 -56.48 -97.87 -26.39
CA GLY Z 182 -55.50 -97.67 -27.43
C GLY Z 182 -55.75 -98.45 -28.69
N LEU Z 183 -56.88 -99.17 -28.77
CA LEU Z 183 -57.23 -99.93 -29.96
C LEU Z 183 -58.07 -99.09 -30.92
N GLY Z 184 -57.55 -97.92 -31.28
CA GLY Z 184 -58.27 -96.99 -32.14
C GLY Z 184 -59.51 -96.43 -31.50
N SER Z 185 -60.64 -96.56 -32.17
CA SER Z 185 -61.94 -96.09 -31.69
C SER Z 185 -62.98 -97.20 -31.82
N ASP Z 186 -62.62 -98.39 -31.34
CA ASP Z 186 -63.48 -99.57 -31.48
C ASP Z 186 -64.66 -99.46 -30.53
N ALA Z 187 -65.87 -99.45 -31.09
CA ALA Z 187 -67.10 -99.42 -30.31
C ALA Z 187 -67.66 -100.81 -30.03
N ASN Z 188 -66.94 -101.87 -30.40
CA ASN Z 188 -67.39 -103.24 -30.18
C ASN Z 188 -67.11 -103.73 -28.76
N ILE Z 189 -66.55 -102.88 -27.90
CA ILE Z 189 -66.33 -103.23 -26.50
C ILE Z 189 -67.69 -103.43 -25.81
N THR Z 190 -67.69 -104.26 -24.75
CA THR Z 190 -68.93 -104.61 -24.05
C THR Z 190 -69.61 -103.41 -23.43
N GLU Z 191 -68.84 -102.36 -23.09
CA GLU Z 191 -69.34 -101.10 -22.53
C GLU Z 191 -70.09 -101.33 -21.22
N GLU Z 192 -69.40 -101.94 -20.27
CA GLU Z 192 -69.93 -102.17 -18.93
C GLU Z 192 -69.55 -101.08 -17.94
N THR Z 193 -68.79 -100.07 -18.37
CA THR Z 193 -68.79 -98.71 -17.82
C THR Z 193 -68.42 -98.66 -16.33
N HIS Z 194 -67.13 -98.95 -16.06
CA HIS Z 194 -66.58 -98.63 -14.74
C HIS Z 194 -66.68 -97.13 -14.44
N LEU Z 195 -66.71 -96.81 -13.15
CA LEU Z 195 -66.77 -95.43 -12.69
C LEU Z 195 -65.37 -94.83 -12.69
N PHE Z 196 -65.10 -93.95 -13.63
CA PHE Z 196 -63.81 -93.26 -13.72
C PHE Z 196 -63.85 -91.98 -12.89
N ALA Z 197 -62.79 -91.18 -13.00
CA ALA Z 197 -62.64 -89.90 -12.34
C ALA Z 197 -62.68 -88.78 -13.38
N PRO Z 198 -63.22 -87.61 -13.02
CA PRO Z 198 -63.30 -86.51 -14.01
C PRO Z 198 -61.93 -86.00 -14.40
N ASP Z 199 -61.80 -85.62 -15.67
CA ASP Z 199 -60.54 -85.14 -16.20
C ASP Z 199 -60.28 -83.71 -15.74
N ASN Z 200 -59.02 -83.28 -15.89
CA ASN Z 200 -58.59 -81.96 -15.46
C ASN Z 200 -58.70 -80.99 -16.63
N VAL Z 201 -59.65 -80.06 -16.54
CA VAL Z 201 -59.68 -78.92 -17.47
C VAL Z 201 -58.48 -78.02 -17.19
N PRO Z 202 -57.78 -77.54 -18.20
CA PRO Z 202 -56.60 -76.70 -17.94
C PRO Z 202 -56.96 -75.31 -17.47
N MET Z 203 -56.00 -74.68 -16.79
CA MET Z 203 -56.12 -73.27 -16.42
C MET Z 203 -55.97 -72.36 -17.64
N ILE Z 204 -56.23 -71.09 -17.38
CA ILE Z 204 -56.11 -70.02 -18.36
C ILE Z 204 -54.93 -69.14 -17.98
N SER Z 205 -54.22 -68.64 -18.99
CA SER Z 205 -53.08 -67.77 -18.78
C SER Z 205 -53.15 -66.67 -19.85
N PHE Z 206 -53.75 -65.53 -19.48
CA PHE Z 206 -53.89 -64.44 -20.43
C PHE Z 206 -52.54 -63.79 -20.70
N VAL Z 207 -52.27 -63.52 -21.98
CA VAL Z 207 -51.08 -62.79 -22.37
C VAL Z 207 -51.21 -61.34 -21.89
N ARG Z 208 -50.11 -60.79 -21.37
CA ARG Z 208 -50.11 -59.44 -20.84
C ARG Z 208 -50.41 -58.43 -21.95
N LYS Z 209 -51.32 -57.50 -21.66
CA LYS Z 209 -51.82 -56.54 -22.66
C LYS Z 209 -51.61 -55.14 -22.12
N THR Z 210 -50.55 -54.48 -22.58
CA THR Z 210 -50.29 -53.08 -22.28
C THR Z 210 -50.49 -52.18 -23.48
N ASP Z 211 -50.36 -52.71 -24.69
CA ASP Z 211 -50.53 -51.97 -25.92
C ASP Z 211 -52.00 -51.78 -26.26
N HIS Z 212 -52.25 -50.91 -27.23
CA HIS Z 212 -53.58 -50.71 -27.79
C HIS Z 212 -53.74 -51.38 -29.15
N LYS Z 213 -52.86 -52.31 -29.49
CA LYS Z 213 -52.94 -53.01 -30.76
C LYS Z 213 -54.14 -53.95 -30.76
N GLY Z 214 -54.87 -53.95 -31.88
CA GLY Z 214 -56.15 -54.63 -31.97
C GLY Z 214 -56.03 -56.12 -32.16
N LEU Z 215 -57.19 -56.76 -32.27
CA LEU Z 215 -57.25 -58.20 -32.45
C LEU Z 215 -56.73 -58.61 -33.83
N GLY Z 216 -55.98 -59.71 -33.86
CA GLY Z 216 -55.45 -60.24 -35.09
C GLY Z 216 -54.31 -59.46 -35.70
N TYR Z 217 -53.73 -58.51 -34.97
CA TYR Z 217 -52.64 -57.70 -35.48
C TYR Z 217 -51.32 -58.29 -34.99
N ALA Z 218 -50.46 -58.67 -35.95
CA ALA Z 218 -49.20 -59.32 -35.60
C ALA Z 218 -48.23 -58.32 -34.96
N GLY Z 219 -48.12 -57.13 -35.52
CA GLY Z 219 -47.23 -56.11 -35.01
C GLY Z 219 -45.82 -56.24 -35.59
N GLU Z 220 -45.01 -55.23 -35.28
CA GLU Z 220 -43.64 -55.17 -35.76
C GLU Z 220 -42.76 -56.09 -34.92
N THR Z 221 -42.03 -56.97 -35.57
CA THR Z 221 -41.10 -57.84 -34.86
C THR Z 221 -39.78 -57.12 -34.63
N GLY Z 222 -39.07 -57.52 -33.57
CA GLY Z 222 -37.85 -56.86 -33.18
C GLY Z 222 -36.61 -57.51 -33.75
N LEU Z 223 -35.48 -56.83 -33.54
CA LEU Z 223 -34.18 -57.33 -33.97
C LEU Z 223 -33.35 -57.71 -32.76
N THR Z 224 -32.63 -58.83 -32.88
CA THR Z 224 -31.81 -59.25 -31.76
C THR Z 224 -30.43 -58.61 -31.85
N PRO Z 225 -29.80 -58.31 -30.71
CA PRO Z 225 -28.42 -57.81 -30.75
C PRO Z 225 -27.46 -58.85 -31.31
N LEU Z 226 -26.39 -58.36 -31.92
CA LEU Z 226 -25.48 -59.20 -32.72
C LEU Z 226 -24.60 -60.02 -31.77
N SER Z 227 -25.23 -61.01 -31.14
CA SER Z 227 -24.65 -61.97 -30.19
C SER Z 227 -24.02 -61.30 -28.96
N LYS Z 228 -23.54 -62.11 -28.04
CA LYS Z 228 -22.83 -61.61 -26.86
C LYS Z 228 -21.58 -62.43 -26.60
N PRO Z 266 -11.37 -71.85 -7.27
CA PRO Z 266 -11.01 -70.48 -6.90
C PRO Z 266 -11.71 -69.43 -7.76
N ARG Z 267 -13.03 -69.51 -7.85
CA ARG Z 267 -13.80 -68.62 -8.70
C ARG Z 267 -13.75 -67.18 -8.18
N GLY Z 268 -13.80 -66.24 -9.11
CA GLY Z 268 -13.88 -64.84 -8.75
C GLY Z 268 -12.52 -64.22 -8.47
N SER Z 269 -12.57 -62.99 -7.99
CA SER Z 269 -11.37 -62.21 -7.70
C SER Z 269 -11.73 -61.08 -6.75
N ILE Z 270 -10.70 -60.50 -6.14
CA ILE Z 270 -10.90 -59.29 -5.34
C ILE Z 270 -11.34 -58.16 -6.26
N GLY Z 271 -12.38 -57.44 -5.83
CA GLY Z 271 -12.98 -56.43 -6.68
C GLY Z 271 -12.10 -55.21 -6.87
N VAL Z 272 -12.49 -54.38 -7.84
CA VAL Z 272 -11.76 -53.15 -8.16
C VAL Z 272 -12.41 -51.94 -7.53
N GLY Z 273 -13.42 -52.13 -6.69
CA GLY Z 273 -14.17 -51.04 -6.11
C GLY Z 273 -15.51 -50.85 -6.80
N ILE Z 274 -16.51 -50.47 -6.01
CA ILE Z 274 -17.87 -50.29 -6.55
C ILE Z 274 -18.00 -49.00 -7.35
N LEU Z 275 -17.07 -48.06 -7.18
CA LEU Z 275 -17.08 -46.82 -7.93
C LEU Z 275 -16.02 -46.78 -9.02
N ASN Z 276 -14.99 -47.63 -8.93
CA ASN Z 276 -14.01 -47.79 -9.99
C ASN Z 276 -14.37 -48.94 -10.93
N ASP Z 277 -15.57 -49.48 -10.79
CA ASP Z 277 -16.04 -50.50 -11.72
C ASP Z 277 -16.55 -49.84 -13.01
N THR Z 278 -16.73 -48.52 -12.99
CA THR Z 278 -17.01 -47.62 -14.12
C THR Z 278 -17.94 -48.20 -15.17
N GLY Z 279 -17.36 -48.87 -16.16
CA GLY Z 279 -18.12 -49.56 -17.18
C GLY Z 279 -17.76 -51.02 -17.30
N SER Z 280 -17.17 -51.58 -16.23
CA SER Z 280 -16.60 -52.93 -16.22
C SER Z 280 -15.61 -53.12 -17.37
N ASP Z 281 -14.53 -52.34 -17.31
CA ASP Z 281 -13.48 -52.35 -18.32
C ASP Z 281 -12.77 -53.70 -18.38
N ASP Z 282 -12.80 -54.46 -17.28
CA ASP Z 282 -12.21 -55.79 -17.22
C ASP Z 282 -13.26 -56.88 -17.41
N GLU Z 283 -13.02 -57.75 -18.40
CA GLU Z 283 -13.80 -58.96 -18.55
C GLU Z 283 -12.85 -60.14 -18.44
N ASP Z 284 -11.79 -60.18 -19.25
CA ASP Z 284 -10.81 -61.26 -19.22
C ASP Z 284 -9.55 -60.80 -19.95
N PRO Z 285 -8.36 -60.97 -19.37
CA PRO Z 285 -7.14 -60.56 -20.09
C PRO Z 285 -6.67 -61.60 -21.10
N TYR Z 286 -6.87 -62.89 -20.84
CA TYR Z 286 -6.13 -63.93 -21.54
C TYR Z 286 -6.60 -64.14 -22.98
N GLU Z 287 -7.83 -63.73 -23.29
CA GLU Z 287 -8.29 -63.75 -24.68
C GLU Z 287 -9.26 -62.59 -24.89
N LEU Z 288 -9.34 -62.15 -26.15
CA LEU Z 288 -10.02 -60.92 -26.52
C LEU Z 288 -11.48 -61.15 -26.89
N GLY Z 289 -12.33 -60.24 -26.41
CA GLY Z 289 -13.70 -60.17 -26.85
C GLY Z 289 -14.64 -61.05 -26.05
N PRO Z 290 -15.91 -61.04 -26.42
CA PRO Z 290 -16.88 -61.92 -25.76
C PRO Z 290 -16.71 -63.37 -26.20
N LYS Z 291 -17.49 -64.24 -25.58
CA LYS Z 291 -17.47 -65.65 -25.93
C LYS Z 291 -18.14 -65.86 -27.27
N ILE Z 292 -17.38 -66.31 -28.26
CA ILE Z 292 -17.93 -66.51 -29.61
C ILE Z 292 -18.65 -67.85 -29.63
N SER Z 293 -19.96 -67.81 -29.87
CA SER Z 293 -20.73 -69.04 -29.99
C SER Z 293 -20.56 -69.61 -31.39
N TYR Z 294 -20.40 -70.93 -31.46
CA TYR Z 294 -20.03 -71.58 -32.71
C TYR Z 294 -21.13 -72.54 -33.14
N ASN Z 295 -21.20 -72.78 -34.45
CA ASN Z 295 -22.06 -73.79 -35.03
C ASN Z 295 -21.28 -75.11 -35.11
N ARG Z 296 -21.83 -76.19 -35.62
CA ARG Z 296 -21.04 -77.41 -35.82
C ARG Z 296 -21.07 -77.80 -37.29
N VAL Z 297 -22.02 -77.26 -38.04
CA VAL Z 297 -22.10 -77.46 -39.48
C VAL Z 297 -21.17 -76.42 -40.13
N ILE Z 298 -21.66 -75.58 -41.03
CA ILE Z 298 -20.87 -74.49 -41.58
C ILE Z 298 -21.80 -73.39 -42.10
N ARG Z 343 -76.46 -49.41 -49.34
CA ARG Z 343 -75.89 -48.32 -48.54
C ARG Z 343 -74.37 -48.41 -48.50
N LEU Z 344 -73.71 -47.30 -48.81
CA LEU Z 344 -72.25 -47.26 -48.76
C LEU Z 344 -71.80 -47.24 -47.30
N PRO Z 345 -70.93 -48.17 -46.90
CA PRO Z 345 -70.49 -48.21 -45.49
C PRO Z 345 -69.52 -47.08 -45.18
N LEU Z 346 -69.14 -47.01 -43.91
CA LEU Z 346 -68.21 -46.00 -43.43
C LEU Z 346 -66.81 -46.25 -43.99
N ASP Z 347 -65.98 -45.21 -43.93
CA ASP Z 347 -64.62 -45.29 -44.46
C ASP Z 347 -63.78 -46.25 -43.61
N GLY Z 348 -63.08 -47.16 -44.27
CA GLY Z 348 -62.25 -48.14 -43.60
C GLY Z 348 -63.00 -49.34 -43.04
N PHE Z 349 -64.31 -49.43 -43.27
CA PHE Z 349 -65.13 -50.51 -42.75
C PHE Z 349 -65.69 -51.32 -43.91
N VAL Z 350 -65.53 -52.64 -43.83
CA VAL Z 350 -66.05 -53.55 -44.84
C VAL Z 350 -67.39 -54.09 -44.39
N PHE Z 351 -68.22 -54.49 -45.35
CA PHE Z 351 -69.51 -55.08 -45.07
C PHE Z 351 -69.36 -56.57 -44.81
N GLY Z 352 -70.07 -57.06 -43.78
CA GLY Z 352 -70.01 -58.47 -43.46
C GLY Z 352 -70.67 -59.31 -44.53
N LYS Z 353 -69.95 -60.34 -45.01
CA LYS Z 353 -70.51 -61.23 -46.03
C LYS Z 353 -71.66 -62.06 -45.48
N GLU Z 354 -71.60 -62.44 -44.21
CA GLU Z 354 -72.69 -63.15 -43.56
C GLU Z 354 -73.05 -62.44 -42.26
N PRO Z 355 -74.33 -62.40 -41.91
CA PRO Z 355 -74.73 -61.80 -40.63
C PRO Z 355 -74.36 -62.72 -39.48
N ASP Z 356 -74.33 -62.11 -38.29
CA ASP Z 356 -74.05 -62.87 -37.07
C ASP Z 356 -75.23 -63.79 -36.77
N PRO Z 357 -75.01 -65.11 -36.64
CA PRO Z 357 -76.14 -66.00 -36.29
C PRO Z 357 -76.74 -65.71 -34.92
N LEU Z 358 -75.90 -65.38 -33.93
CA LEU Z 358 -76.36 -65.21 -32.55
C LEU Z 358 -77.36 -64.07 -32.41
N ILE Z 359 -77.18 -62.98 -33.17
CA ILE Z 359 -78.22 -61.95 -33.22
C ILE Z 359 -79.36 -62.36 -34.14
N SER Z 360 -79.15 -63.36 -34.99
CA SER Z 360 -80.21 -63.77 -35.91
C SER Z 360 -81.26 -64.64 -35.22
N GLU Z 361 -80.87 -65.44 -34.22
CA GLU Z 361 -81.94 -66.17 -33.52
C GLU Z 361 -82.74 -65.29 -32.56
N ILE Z 362 -82.35 -64.03 -32.37
CA ILE Z 362 -83.10 -63.14 -31.48
C ILE Z 362 -84.48 -62.87 -32.04
N ILE Z 363 -84.56 -62.55 -33.34
CA ILE Z 363 -85.84 -62.30 -34.00
C ILE Z 363 -86.40 -63.53 -34.69
N ALA Z 364 -85.62 -64.60 -34.83
CA ALA Z 364 -86.11 -65.82 -35.46
C ALA Z 364 -86.99 -66.60 -34.49
N GLU Z 365 -87.66 -67.62 -35.01
CA GLU Z 365 -88.58 -68.42 -34.22
C GLU Z 365 -87.87 -69.46 -33.34
N GLY Z 366 -86.55 -69.62 -33.49
CA GLY Z 366 -85.83 -70.56 -32.69
C GLY Z 366 -85.97 -72.00 -33.17
N LYS Z 367 -85.55 -72.92 -32.31
CA LYS Z 367 -85.58 -74.35 -32.62
C LYS Z 367 -86.43 -75.15 -31.64
N TYR Z 368 -87.22 -74.47 -30.80
CA TYR Z 368 -88.07 -75.16 -29.83
C TYR Z 368 -89.54 -74.84 -30.09
N PRO Z 369 -90.35 -75.80 -30.51
CA PRO Z 369 -91.79 -75.56 -30.61
C PRO Z 369 -92.41 -75.39 -29.23
N PRO Z 370 -93.39 -74.51 -29.08
CA PRO Z 370 -94.01 -74.32 -27.78
C PRO Z 370 -94.83 -75.53 -27.38
N PRO Z 371 -95.11 -75.70 -26.09
CA PRO Z 371 -95.89 -76.87 -25.65
C PRO Z 371 -97.32 -76.85 -26.19
N ARG Z 372 -97.87 -78.06 -26.34
CA ARG Z 372 -99.17 -78.23 -26.98
C ARG Z 372 -100.31 -77.60 -26.20
N ILE Z 373 -100.33 -77.75 -24.88
CA ILE Z 373 -101.35 -77.23 -23.97
C ILE Z 373 -102.77 -77.59 -24.42
N PRO Z 374 -103.21 -78.83 -24.28
CA PRO Z 374 -104.57 -79.17 -24.69
C PRO Z 374 -105.58 -78.60 -23.71
N PRO Z 375 -106.82 -78.39 -24.14
CA PRO Z 375 -107.86 -77.93 -23.20
C PRO Z 375 -108.23 -79.04 -22.22
N GLY Z 376 -108.20 -78.70 -20.94
CA GLY Z 376 -108.48 -79.68 -19.89
C GLY Z 376 -107.56 -79.51 -18.69
N TRP Z 377 -106.37 -78.96 -18.91
CA TRP Z 377 -105.46 -78.67 -17.81
C TRP Z 377 -105.90 -77.43 -17.06
N VAL Z 378 -105.79 -77.48 -15.73
CA VAL Z 378 -106.21 -76.39 -14.87
C VAL Z 378 -105.10 -76.13 -13.85
N SER Z 379 -104.91 -74.86 -13.49
CA SER Z 379 -103.94 -74.50 -12.47
C SER Z 379 -104.44 -74.96 -11.10
N SER Z 380 -103.63 -75.79 -10.43
CA SER Z 380 -104.05 -76.32 -9.14
C SER Z 380 -104.04 -75.25 -8.05
N LYS Z 381 -103.06 -74.34 -8.09
CA LYS Z 381 -102.92 -73.32 -7.07
C LYS Z 381 -103.87 -72.18 -7.38
N LYS Z 382 -104.95 -72.09 -6.60
CA LYS Z 382 -105.90 -70.99 -6.77
C LYS Z 382 -105.29 -69.68 -6.27
N PRO Z 383 -105.50 -68.58 -6.99
CA PRO Z 383 -105.00 -67.26 -6.56
C PRO Z 383 -105.83 -66.66 -5.43
N SER Z 395 -88.85 -64.14 10.49
CA SER Z 395 -87.94 -63.56 9.49
C SER Z 395 -86.71 -64.44 9.29
N THR Z 396 -85.86 -64.05 8.35
CA THR Z 396 -84.65 -64.82 8.09
C THR Z 396 -83.64 -64.67 9.22
N ALA Z 397 -83.51 -63.47 9.79
CA ALA Z 397 -82.56 -63.23 10.87
C ALA Z 397 -82.96 -63.97 12.14
N GLU Z 398 -84.25 -63.95 12.47
CA GLU Z 398 -84.73 -64.65 13.67
C GLU Z 398 -84.57 -66.15 13.53
N ALA Z 399 -84.83 -66.69 12.34
CA ALA Z 399 -84.63 -68.12 12.11
C ALA Z 399 -83.15 -68.48 12.11
N ALA Z 400 -82.28 -67.57 11.65
CA ALA Z 400 -80.85 -67.82 11.67
C ALA Z 400 -80.31 -67.77 13.10
N LYS Z 401 -80.89 -66.94 13.95
CA LYS Z 401 -80.50 -66.91 15.35
C LYS Z 401 -80.85 -68.22 16.05
N SER Z 402 -82.02 -68.78 15.75
CA SER Z 402 -82.46 -70.05 16.31
C SER Z 402 -81.95 -71.25 15.52
N SER Z 403 -81.19 -71.03 14.46
CA SER Z 403 -80.68 -72.11 13.62
C SER Z 403 -79.56 -72.83 14.37
N THR Z 404 -79.92 -73.91 15.07
CA THR Z 404 -78.96 -74.75 15.76
C THR Z 404 -78.44 -75.88 14.90
N LEU Z 405 -78.79 -75.90 13.61
CA LEU Z 405 -78.38 -76.95 12.71
C LEU Z 405 -76.91 -76.82 12.34
N ASP Z 406 -76.04 -77.53 13.08
CA ASP Z 406 -74.64 -77.60 12.72
C ASP Z 406 -74.47 -78.42 11.45
N PRO Z 407 -73.36 -78.22 10.71
CA PRO Z 407 -73.15 -78.97 9.46
C PRO Z 407 -73.08 -80.49 9.64
N ARG Z 408 -72.82 -80.99 10.85
CA ARG Z 408 -72.94 -82.42 11.10
C ARG Z 408 -74.39 -82.87 10.95
N ALA Z 409 -75.34 -82.06 11.40
CA ALA Z 409 -76.76 -82.37 11.27
C ALA Z 409 -77.45 -81.60 10.15
N ARG Z 410 -76.80 -80.57 9.60
CA ARG Z 410 -77.37 -79.86 8.46
C ARG Z 410 -77.31 -80.70 7.20
N ALA Z 411 -76.21 -81.40 6.96
CA ALA Z 411 -76.05 -82.24 5.79
C ALA Z 411 -76.69 -83.62 5.96
N ALA Z 412 -77.17 -83.94 7.16
CA ALA Z 412 -77.85 -85.22 7.37
C ALA Z 412 -79.17 -85.27 6.62
N ILE Z 413 -79.93 -84.17 6.65
CA ILE Z 413 -81.18 -84.11 5.90
C ILE Z 413 -80.96 -83.82 4.42
N LEU Z 414 -79.74 -83.46 4.03
CA LEU Z 414 -79.41 -83.16 2.64
C LEU Z 414 -78.98 -84.40 1.86
N GLY Z 415 -78.89 -85.56 2.51
CA GLY Z 415 -78.56 -86.78 1.81
C GLY Z 415 -77.14 -86.90 1.35
N GLU Z 416 -76.22 -86.14 1.94
CA GLU Z 416 -74.81 -86.18 1.55
C GLU Z 416 -74.03 -87.12 2.46
N LYS Z 417 -73.00 -87.74 1.89
CA LYS Z 417 -72.14 -88.65 2.63
C LYS Z 417 -70.96 -87.86 3.20
N GLN Z 418 -70.81 -87.90 4.52
CA GLN Z 418 -69.74 -87.18 5.19
C GLN Z 418 -68.39 -87.84 4.90
N LEU Z 419 -67.35 -87.01 4.83
CA LEU Z 419 -65.99 -87.52 4.63
C LEU Z 419 -65.55 -88.36 5.84
N PRO Z 420 -64.77 -89.41 5.60
CA PRO Z 420 -64.27 -90.21 6.74
C PRO Z 420 -63.29 -89.42 7.58
N GLY Z 421 -63.43 -89.55 8.89
CA GLY Z 421 -62.60 -88.85 9.85
C GLY Z 421 -61.53 -89.74 10.45
N LYS Z 422 -61.18 -89.45 11.69
CA LYS Z 422 -60.16 -90.22 12.41
C LYS Z 422 -60.79 -91.50 12.93
N SER Z 423 -60.39 -92.64 12.36
CA SER Z 423 -60.93 -93.93 12.76
C SER Z 423 -59.81 -94.90 13.11
N ALA AA 18 -95.72 -54.16 -20.48
CA ALA AA 18 -96.07 -55.48 -19.97
C ALA AA 18 -96.83 -56.28 -21.01
N ALA AA 19 -97.93 -55.71 -21.51
CA ALA AA 19 -98.73 -56.39 -22.52
C ALA AA 19 -98.01 -56.44 -23.86
N LEU AA 20 -97.24 -55.39 -24.19
CA LEU AA 20 -96.52 -55.37 -25.46
C LEU AA 20 -95.32 -56.31 -25.47
N LEU AA 21 -94.88 -56.78 -24.31
CA LEU AA 21 -93.74 -57.68 -24.25
C LEU AA 21 -94.14 -59.07 -24.76
N PRO AA 22 -93.25 -59.75 -25.50
CA PRO AA 22 -93.60 -61.07 -26.05
C PRO AA 22 -93.72 -62.16 -24.99
N ILE AA 23 -93.22 -61.94 -23.78
CA ILE AA 23 -93.20 -62.98 -22.75
C ILE AA 23 -94.62 -63.41 -22.38
N ALA AA 24 -95.54 -62.44 -22.30
CA ALA AA 24 -96.95 -62.74 -22.03
C ALA AA 24 -97.55 -63.62 -23.11
N LYS AA 25 -97.04 -63.53 -24.34
CA LYS AA 25 -97.52 -64.35 -25.44
C LYS AA 25 -97.24 -65.84 -25.21
N HIS AA 26 -96.32 -66.18 -24.31
CA HIS AA 26 -96.10 -67.57 -23.92
C HIS AA 26 -96.44 -67.82 -22.46
N ARG AA 27 -97.03 -66.83 -21.78
CA ARG AA 27 -97.20 -66.77 -20.32
C ARG AA 27 -97.76 -68.05 -19.72
N GLU AA 28 -99.02 -68.38 -20.06
CA GLU AA 28 -99.66 -69.54 -19.49
C GLU AA 28 -98.92 -70.82 -19.82
N SER AA 29 -98.24 -70.85 -20.99
CA SER AA 29 -97.44 -72.00 -21.38
C SER AA 29 -96.38 -72.29 -20.34
N LEU AA 30 -95.61 -71.26 -19.96
CA LEU AA 30 -94.57 -71.50 -18.95
C LEU AA 30 -95.19 -71.78 -17.60
N LEU AA 31 -96.40 -71.26 -17.36
CA LEU AA 31 -97.12 -71.61 -16.14
C LEU AA 31 -97.39 -73.11 -16.11
N TYR AA 32 -97.81 -73.67 -17.25
CA TYR AA 32 -97.97 -75.11 -17.36
C TYR AA 32 -96.66 -75.81 -17.04
N LEU AA 33 -95.55 -75.27 -17.55
CA LEU AA 33 -94.24 -75.83 -17.28
C LEU AA 33 -93.92 -75.78 -15.79
N VAL AA 34 -94.23 -74.66 -15.14
CA VAL AA 34 -93.86 -74.59 -13.71
C VAL AA 34 -94.84 -75.40 -12.89
N GLU AA 35 -95.96 -75.83 -13.48
CA GLU AA 35 -96.84 -76.78 -12.83
C GLU AA 35 -96.49 -78.23 -13.16
N THR AA 36 -95.71 -78.47 -14.22
CA THR AA 36 -95.42 -79.83 -14.65
C THR AA 36 -93.94 -80.18 -14.53
N ASN AA 37 -93.07 -79.41 -15.16
CA ASN AA 37 -91.65 -79.74 -15.11
C ASN AA 37 -91.03 -79.22 -13.82
N PRO AA 38 -90.31 -80.06 -13.08
CA PRO AA 38 -89.63 -79.62 -11.85
C PRO AA 38 -88.59 -78.53 -12.11
N VAL AA 39 -87.95 -78.59 -13.28
CA VAL AA 39 -87.00 -77.58 -13.71
C VAL AA 39 -87.33 -77.19 -15.16
N THR AA 40 -87.27 -75.90 -15.45
CA THR AA 40 -87.66 -75.37 -16.76
C THR AA 40 -86.71 -74.23 -17.13
N ILE AA 41 -85.84 -74.47 -18.10
CA ILE AA 41 -84.91 -73.46 -18.56
C ILE AA 41 -85.62 -72.54 -19.56
N VAL AA 42 -85.38 -71.23 -19.41
CA VAL AA 42 -85.99 -70.23 -20.28
C VAL AA 42 -84.89 -69.63 -21.15
N VAL AA 43 -85.11 -69.65 -22.46
CA VAL AA 43 -84.24 -68.96 -23.41
C VAL AA 43 -84.93 -67.67 -23.82
N GLY AA 44 -84.24 -66.55 -23.62
CA GLY AA 44 -84.78 -65.25 -23.99
C GLY AA 44 -83.74 -64.16 -23.99
N GLN AA 45 -83.74 -63.35 -25.06
CA GLN AA 45 -82.83 -62.22 -25.15
C GLN AA 45 -83.18 -61.16 -24.11
N THR AA 46 -82.15 -60.50 -23.59
CA THR AA 46 -82.34 -59.48 -22.58
C THR AA 46 -83.05 -58.27 -23.19
N GLY AA 47 -84.16 -57.85 -22.58
CA GLY AA 47 -85.01 -56.81 -23.11
C GLY AA 47 -86.37 -57.29 -23.56
N SER AA 48 -86.66 -58.59 -23.46
CA SER AA 48 -87.97 -59.13 -23.80
C SER AA 48 -88.94 -59.09 -22.63
N GLY AA 49 -88.50 -58.62 -21.47
CA GLY AA 49 -89.39 -58.47 -20.33
C GLY AA 49 -89.60 -59.71 -19.49
N LYS AA 50 -88.67 -60.68 -19.54
CA LYS AA 50 -88.80 -61.87 -18.71
C LYS AA 50 -88.66 -61.54 -17.23
N SER AA 51 -87.67 -60.72 -16.88
CA SER AA 51 -87.41 -60.40 -15.49
C SER AA 51 -88.52 -59.53 -14.89
N THR AA 52 -89.17 -58.71 -15.71
CA THR AA 52 -90.20 -57.80 -15.21
C THR AA 52 -91.57 -58.43 -15.14
N GLN AA 53 -91.82 -59.51 -15.90
CA GLN AA 53 -93.15 -60.09 -15.99
C GLN AA 53 -93.27 -61.50 -15.46
N ILE AA 54 -92.21 -62.32 -15.58
CA ILE AA 54 -92.28 -63.70 -15.11
C ILE AA 54 -92.55 -63.81 -13.60
N PRO AA 55 -91.89 -63.06 -12.71
CA PRO AA 55 -92.33 -63.08 -11.30
C PRO AA 55 -93.75 -62.57 -11.10
N GLN AA 56 -94.16 -61.56 -11.86
CA GLN AA 56 -95.54 -61.09 -11.80
C GLN AA 56 -96.52 -62.16 -12.29
N PHE AA 57 -96.14 -62.89 -13.34
CA PHE AA 57 -96.99 -63.97 -13.85
C PHE AA 57 -97.10 -65.10 -12.83
N LEU AA 58 -96.00 -65.42 -12.15
CA LEU AA 58 -96.04 -66.47 -11.13
C LEU AA 58 -96.85 -66.02 -9.91
N GLU AA 59 -96.78 -64.74 -9.56
CA GLU AA 59 -97.57 -64.23 -8.44
C GLU AA 59 -99.05 -64.22 -8.78
N LYS AA 60 -99.39 -63.89 -10.03
CA LYS AA 60 -100.78 -63.90 -10.46
C LYS AA 60 -101.31 -65.30 -10.76
N ALA AA 61 -100.44 -66.30 -10.81
CA ALA AA 61 -100.86 -67.67 -11.03
C ALA AA 61 -101.27 -68.39 -9.76
N GLY AA 62 -101.17 -67.73 -8.60
CA GLY AA 62 -101.54 -68.35 -7.35
C GLY AA 62 -100.42 -69.07 -6.63
N TRP AA 63 -99.16 -68.81 -6.99
CA TRP AA 63 -98.04 -69.49 -6.37
C TRP AA 63 -97.65 -68.89 -5.02
N CYS AA 64 -98.24 -67.77 -4.63
CA CYS AA 64 -97.99 -67.15 -3.33
C CYS AA 64 -99.21 -67.17 -2.42
N ALA AA 65 -100.27 -67.89 -2.80
CA ALA AA 65 -101.46 -67.95 -1.97
C ALA AA 65 -101.24 -68.81 -0.73
N ASP AA 66 -100.31 -69.76 -0.79
CA ASP AA 66 -100.00 -70.64 0.33
C ASP AA 66 -98.84 -70.13 1.17
N GLY AA 67 -98.60 -68.82 1.19
CA GLY AA 67 -97.51 -68.26 1.96
C GLY AA 67 -96.14 -68.55 1.39
N LYS AA 68 -96.05 -68.81 0.09
CA LYS AA 68 -94.79 -69.10 -0.56
C LYS AA 68 -94.18 -67.82 -1.14
N LEU AA 69 -92.97 -67.94 -1.67
CA LEU AA 69 -92.22 -66.79 -2.16
C LEU AA 69 -91.65 -67.09 -3.54
N ILE AA 70 -91.46 -66.03 -4.32
CA ILE AA 70 -90.81 -66.10 -5.63
C ILE AA 70 -89.43 -65.48 -5.49
N ALA AA 71 -88.40 -66.24 -5.85
CA ALA AA 71 -87.03 -65.76 -5.74
C ALA AA 71 -86.45 -65.47 -7.11
N VAL AA 72 -85.85 -64.29 -7.26
CA VAL AA 72 -85.14 -63.89 -8.47
C VAL AA 72 -83.68 -63.73 -8.11
N THR AA 73 -82.83 -64.66 -8.53
CA THR AA 73 -81.42 -64.54 -8.20
C THR AA 73 -80.70 -63.83 -9.34
N GLN AA 74 -80.00 -62.75 -9.00
CA GLN AA 74 -79.31 -61.90 -9.95
C GLN AA 74 -77.80 -62.00 -9.71
N PRO AA 75 -76.98 -62.22 -10.73
CA PRO AA 75 -75.52 -62.10 -10.55
C PRO AA 75 -75.08 -60.68 -10.25
N ARG AA 76 -75.82 -59.69 -10.73
CA ARG AA 76 -75.47 -58.29 -10.53
C ARG AA 76 -76.28 -57.70 -9.38
N ARG AA 77 -75.67 -56.76 -8.66
CA ARG AA 77 -76.30 -56.21 -7.46
C ARG AA 77 -77.19 -55.01 -7.80
N VAL AA 78 -76.61 -53.98 -8.43
CA VAL AA 78 -77.39 -52.82 -8.83
C VAL AA 78 -78.46 -53.14 -9.87
N ALA AA 79 -78.21 -54.12 -10.74
CA ALA AA 79 -79.27 -54.58 -11.64
C ALA AA 79 -80.41 -55.24 -10.86
N ALA AA 80 -80.09 -55.97 -9.78
CA ALA AA 80 -81.14 -56.52 -8.93
C ALA AA 80 -81.96 -55.41 -8.29
N VAL AA 81 -81.30 -54.35 -7.80
CA VAL AA 81 -82.03 -53.24 -7.19
C VAL AA 81 -82.93 -52.55 -8.21
N THR AA 82 -82.40 -52.27 -9.40
CA THR AA 82 -83.19 -51.58 -10.42
C THR AA 82 -84.35 -52.44 -10.91
N LEU AA 83 -84.12 -53.74 -11.07
CA LEU AA 83 -85.19 -54.63 -11.51
C LEU AA 83 -86.28 -54.77 -10.44
N ALA AA 84 -85.88 -54.84 -9.16
CA ALA AA 84 -86.88 -54.88 -8.09
C ALA AA 84 -87.69 -53.59 -8.03
N ILE AA 85 -87.03 -52.45 -8.22
CA ILE AA 85 -87.72 -51.16 -8.23
C ILE AA 85 -88.70 -51.09 -9.40
N ARG AA 86 -88.27 -51.55 -10.58
CA ARG AA 86 -89.14 -51.54 -11.76
C ARG AA 86 -90.35 -52.46 -11.58
N VAL AA 87 -90.14 -53.64 -11.00
CA VAL AA 87 -91.24 -54.58 -10.78
C VAL AA 87 -92.21 -54.03 -9.73
N ALA AA 88 -91.68 -53.37 -8.69
CA ALA AA 88 -92.54 -52.74 -7.70
C ALA AA 88 -93.35 -51.60 -8.31
N GLU AA 89 -92.73 -50.83 -9.21
CA GLU AA 89 -93.44 -49.75 -9.89
C GLU AA 89 -94.53 -50.30 -10.82
N GLU AA 90 -94.23 -51.40 -11.52
CA GLU AA 90 -95.23 -52.01 -12.40
C GLU AA 90 -96.38 -52.63 -11.60
N PHE AA 91 -96.08 -53.17 -10.42
CA PHE AA 91 -97.10 -53.80 -9.58
C PHE AA 91 -97.94 -52.79 -8.82
N GLY AA 92 -97.57 -51.52 -8.82
CA GLY AA 92 -98.31 -50.52 -8.07
C GLY AA 92 -98.12 -50.58 -6.58
N CYS AA 93 -97.02 -51.15 -6.11
CA CYS AA 93 -96.75 -51.29 -4.69
C CYS AA 93 -95.39 -50.68 -4.37
N GLU AA 94 -95.22 -50.32 -3.10
CA GLU AA 94 -93.94 -49.79 -2.64
C GLU AA 94 -92.88 -50.89 -2.61
N VAL AA 95 -91.62 -50.48 -2.68
CA VAL AA 95 -90.52 -51.42 -2.69
C VAL AA 95 -90.34 -52.00 -1.28
N GLY AA 96 -90.39 -53.32 -1.18
CA GLY AA 96 -90.29 -54.02 0.08
C GLY AA 96 -91.61 -54.42 0.69
N LYS AA 97 -92.71 -53.80 0.26
CA LYS AA 97 -94.03 -54.15 0.82
C LYS AA 97 -94.56 -55.44 0.20
N GLU AA 98 -94.75 -55.45 -1.12
CA GLU AA 98 -95.12 -56.66 -1.84
C GLU AA 98 -94.04 -57.14 -2.81
N VAL AA 99 -93.24 -56.22 -3.34
CA VAL AA 99 -92.06 -56.55 -4.14
C VAL AA 99 -90.85 -56.00 -3.41
N GLY AA 100 -89.91 -56.88 -3.05
CA GLY AA 100 -88.77 -56.52 -2.24
C GLY AA 100 -87.47 -57.05 -2.82
N TYR AA 101 -86.38 -56.65 -2.17
CA TYR AA 101 -85.06 -57.08 -2.62
C TYR AA 101 -84.15 -57.36 -1.43
N SER AA 102 -83.11 -58.14 -1.69
CA SER AA 102 -82.10 -58.44 -0.69
C SER AA 102 -80.77 -58.67 -1.38
N ILE AA 103 -79.86 -57.74 -1.16
CA ILE AA 103 -78.48 -57.80 -1.65
C ILE AA 103 -77.59 -57.83 -0.41
N ARG AA 104 -76.29 -57.92 -0.62
CA ARG AA 104 -75.33 -58.10 0.47
C ARG AA 104 -75.41 -56.93 1.46
N PHE AA 105 -75.75 -57.26 2.70
CA PHE AA 105 -75.90 -56.34 3.83
C PHE AA 105 -77.05 -55.34 3.65
N GLU AA 106 -77.97 -55.59 2.71
CA GLU AA 106 -79.13 -54.71 2.53
C GLU AA 106 -80.35 -55.55 2.19
N ASP AA 107 -81.27 -55.69 3.15
CA ASP AA 107 -82.47 -56.52 3.00
C ASP AA 107 -83.69 -55.62 3.16
N ALA AA 108 -84.28 -55.20 2.04
CA ALA AA 108 -85.54 -54.45 2.06
C ALA AA 108 -86.65 -55.40 1.63
N THR AA 109 -87.17 -56.14 2.60
CA THR AA 109 -88.30 -57.05 2.42
C THR AA 109 -89.22 -56.92 3.64
N SER AA 110 -90.40 -57.54 3.52
CA SER AA 110 -91.35 -57.58 4.63
C SER AA 110 -92.06 -58.94 4.61
N GLU AA 111 -92.95 -59.13 5.58
CA GLU AA 111 -93.70 -60.37 5.66
C GLU AA 111 -94.75 -60.47 4.55
N SER AA 112 -95.30 -59.32 4.12
CA SER AA 112 -96.28 -59.31 3.05
C SER AA 112 -95.64 -59.40 1.67
N THR AA 113 -94.32 -59.36 1.58
CA THR AA 113 -93.62 -59.47 0.31
C THR AA 113 -93.79 -60.87 -0.28
N ARG AA 114 -94.03 -60.93 -1.59
CA ARG AA 114 -94.14 -62.18 -2.31
C ARG AA 114 -93.09 -62.35 -3.40
N ILE AA 115 -92.83 -61.31 -4.18
CA ILE AA 115 -91.79 -61.31 -5.20
C ILE AA 115 -90.55 -60.67 -4.60
N LYS AA 116 -89.46 -61.43 -4.53
CA LYS AA 116 -88.24 -60.97 -3.91
C LYS AA 116 -87.05 -61.18 -4.85
N TYR AA 117 -86.26 -60.11 -5.00
CA TYR AA 117 -85.10 -60.08 -5.89
C TYR AA 117 -83.84 -60.10 -5.03
N MET AA 118 -83.11 -61.20 -5.05
CA MET AA 118 -81.91 -61.32 -4.24
C MET AA 118 -80.66 -61.47 -5.10
N THR AA 119 -79.53 -61.24 -4.44
CA THR AA 119 -78.25 -61.70 -4.96
C THR AA 119 -78.16 -63.22 -4.82
N ASP AA 120 -77.61 -63.88 -5.85
CA ASP AA 120 -77.47 -65.34 -5.81
C ASP AA 120 -76.48 -65.78 -4.74
N GLY AA 121 -75.43 -64.98 -4.53
CA GLY AA 121 -74.55 -65.21 -3.40
C GLY AA 121 -75.26 -65.09 -2.06
N LEU AA 122 -76.29 -64.25 -2.00
CA LEU AA 122 -77.10 -64.17 -0.79
C LEU AA 122 -78.03 -65.37 -0.65
N LEU AA 123 -78.34 -66.07 -1.75
CA LEU AA 123 -78.98 -67.38 -1.62
C LEU AA 123 -78.00 -68.42 -1.11
N ILE AA 124 -76.74 -68.33 -1.54
CA ILE AA 124 -75.72 -69.25 -1.05
C ILE AA 124 -75.50 -69.04 0.45
N ARG AA 125 -75.47 -67.78 0.89
CA ARG AA 125 -75.20 -67.48 2.29
C ARG AA 125 -76.44 -67.58 3.17
N GLU AA 126 -77.62 -67.28 2.63
CA GLU AA 126 -78.86 -67.43 3.37
C GLU AA 126 -79.36 -68.86 3.42
N ALA AA 127 -78.68 -69.78 2.74
CA ALA AA 127 -79.02 -71.19 2.79
C ALA AA 127 -78.71 -71.83 4.14
N LEU AA 128 -77.99 -71.13 5.03
CA LEU AA 128 -77.80 -71.60 6.39
C LEU AA 128 -78.92 -71.11 7.31
N VAL AA 129 -80.16 -71.24 6.83
CA VAL AA 129 -81.36 -70.96 7.60
C VAL AA 129 -82.29 -72.15 7.48
N ASP AA 130 -82.61 -72.51 6.24
CA ASP AA 130 -83.47 -73.65 5.92
C ASP AA 130 -82.81 -74.41 4.79
N PRO AA 131 -82.22 -75.57 5.09
CA PRO AA 131 -81.55 -76.35 4.02
C PRO AA 131 -82.47 -76.84 2.92
N LEU AA 132 -83.74 -77.12 3.25
CA LEU AA 132 -84.70 -77.55 2.24
C LEU AA 132 -85.35 -76.40 1.51
N LEU AA 133 -85.17 -75.16 1.98
CA LEU AA 133 -85.76 -73.95 1.39
C LEU AA 133 -87.28 -74.05 1.29
N SER AA 134 -87.91 -74.41 2.41
CA SER AA 134 -89.37 -74.52 2.44
C SER AA 134 -90.05 -73.15 2.44
N ARG AA 135 -89.32 -72.08 2.71
CA ARG AA 135 -89.89 -70.74 2.65
C ARG AA 135 -90.15 -70.29 1.21
N TYR AA 136 -89.59 -70.97 0.22
CA TYR AA 136 -89.70 -70.59 -1.17
C TYR AA 136 -90.27 -71.74 -1.98
N SER AA 137 -91.03 -71.42 -3.03
CA SER AA 137 -91.60 -72.41 -3.93
C SER AA 137 -91.02 -72.35 -5.33
N VAL AA 138 -90.71 -71.17 -5.84
CA VAL AA 138 -90.14 -71.01 -7.18
C VAL AA 138 -88.85 -70.20 -7.07
N ILE AA 139 -87.77 -70.75 -7.63
CA ILE AA 139 -86.45 -70.15 -7.63
C ILE AA 139 -86.10 -69.96 -9.10
N MET AA 140 -85.95 -68.72 -9.54
CA MET AA 140 -85.57 -68.48 -10.93
C MET AA 140 -84.26 -67.71 -10.95
N ILE AA 141 -83.35 -68.15 -11.81
CA ILE AA 141 -81.99 -67.62 -11.89
C ILE AA 141 -81.90 -66.80 -13.17
N ASP AA 142 -81.85 -65.48 -13.04
CA ASP AA 142 -81.80 -64.64 -14.23
C ASP AA 142 -80.35 -64.33 -14.56
N GLU AA 143 -80.12 -63.99 -15.84
CA GLU AA 143 -78.78 -63.73 -16.39
C GLU AA 143 -77.84 -64.91 -16.14
N ALA AA 144 -78.36 -66.12 -16.37
CA ALA AA 144 -77.59 -67.34 -16.16
C ALA AA 144 -76.50 -67.53 -17.20
N HIS AA 145 -76.56 -66.82 -18.32
CA HIS AA 145 -75.49 -66.85 -19.30
C HIS AA 145 -74.25 -66.10 -18.84
N GLU AA 146 -74.37 -65.25 -17.82
CA GLU AA 146 -73.19 -64.64 -17.23
C GLU AA 146 -72.30 -65.68 -16.56
N ARG AA 147 -72.92 -66.68 -15.92
CA ARG AA 147 -72.24 -67.83 -15.31
C ARG AA 147 -71.24 -67.39 -14.23
N SER AA 148 -71.77 -66.78 -13.19
CA SER AA 148 -70.97 -66.46 -12.01
C SER AA 148 -70.71 -67.72 -11.20
N ILE AA 149 -69.90 -67.57 -10.13
CA ILE AA 149 -69.61 -68.71 -9.26
C ILE AA 149 -70.87 -69.11 -8.51
N SER AA 150 -71.57 -68.11 -7.95
CA SER AA 150 -72.76 -68.38 -7.15
C SER AA 150 -73.87 -69.00 -7.97
N SER AA 151 -73.92 -68.70 -9.27
CA SER AA 151 -74.90 -69.34 -10.15
C SER AA 151 -74.68 -70.84 -10.24
N ASP AA 152 -73.42 -71.26 -10.42
CA ASP AA 152 -73.12 -72.69 -10.50
C ASP AA 152 -73.30 -73.38 -9.15
N ILE AA 153 -72.90 -72.71 -8.06
CA ILE AA 153 -73.05 -73.30 -6.74
C ILE AA 153 -74.53 -73.44 -6.37
N LEU AA 154 -75.35 -72.43 -6.73
CA LEU AA 154 -76.78 -72.52 -6.52
C LEU AA 154 -77.43 -73.55 -7.44
N LEU AA 155 -76.88 -73.75 -8.64
CA LEU AA 155 -77.38 -74.80 -9.52
C LEU AA 155 -77.16 -76.18 -8.90
N GLY AA 156 -75.95 -76.41 -8.37
CA GLY AA 156 -75.70 -77.67 -7.69
C GLY AA 156 -76.54 -77.84 -6.44
N LEU AA 157 -76.72 -76.75 -5.69
CA LEU AA 157 -77.54 -76.78 -4.48
C LEU AA 157 -79.00 -77.09 -4.80
N LEU AA 158 -79.54 -76.49 -5.87
CA LEU AA 158 -80.92 -76.75 -6.26
C LEU AA 158 -81.09 -78.15 -6.81
N LYS AA 159 -80.09 -78.66 -7.55
CA LYS AA 159 -80.14 -80.03 -8.04
C LYS AA 159 -80.13 -81.02 -6.88
N LYS AA 160 -79.33 -80.76 -5.86
CA LYS AA 160 -79.26 -81.65 -4.70
C LYS AA 160 -80.48 -81.50 -3.79
N ILE AA 161 -81.06 -80.31 -3.70
CA ILE AA 161 -82.26 -80.11 -2.90
C ILE AA 161 -83.47 -80.76 -3.56
N ARG AA 162 -83.58 -80.65 -4.89
CA ARG AA 162 -84.73 -81.15 -5.61
C ARG AA 162 -84.85 -82.67 -5.58
N ARG AA 163 -83.78 -83.38 -5.21
CA ARG AA 163 -83.87 -84.81 -4.97
C ARG AA 163 -84.76 -85.14 -3.79
N LYS AA 164 -84.83 -84.24 -2.80
CA LYS AA 164 -85.67 -84.43 -1.63
C LYS AA 164 -86.96 -83.64 -1.68
N ARG AA 165 -86.98 -82.52 -2.40
CA ARG AA 165 -88.16 -81.66 -2.51
C ARG AA 165 -88.47 -81.44 -3.99
N PRO AA 166 -89.25 -82.33 -4.62
CA PRO AA 166 -89.63 -82.12 -6.02
C PRO AA 166 -90.63 -80.99 -6.21
N ASP AA 167 -91.32 -80.56 -5.14
CA ASP AA 167 -92.26 -79.46 -5.25
C ASP AA 167 -91.57 -78.12 -5.52
N LEU AA 168 -90.30 -77.98 -5.14
CA LEU AA 168 -89.55 -76.77 -5.45
C LEU AA 168 -89.27 -76.71 -6.94
N ARG AA 169 -89.61 -75.57 -7.56
CA ARG AA 169 -89.47 -75.39 -9.00
C ARG AA 169 -88.29 -74.49 -9.29
N ILE AA 170 -87.53 -74.84 -10.33
CA ILE AA 170 -86.31 -74.12 -10.72
C ILE AA 170 -86.48 -73.63 -12.14
N ILE AA 171 -86.28 -72.34 -12.35
CA ILE AA 171 -86.31 -71.72 -13.67
C ILE AA 171 -84.94 -71.11 -13.94
N ILE AA 172 -84.45 -71.28 -15.17
CA ILE AA 172 -83.13 -70.81 -15.56
C ILE AA 172 -83.29 -69.92 -16.78
N SER AA 173 -82.76 -68.69 -16.70
CA SER AA 173 -82.85 -67.75 -17.81
C SER AA 173 -81.56 -67.77 -18.63
N SER AA 174 -81.34 -68.90 -19.30
CA SER AA 174 -80.19 -69.08 -20.17
C SER AA 174 -80.44 -68.30 -21.46
N ALA AA 175 -79.91 -67.06 -21.51
CA ALA AA 175 -80.18 -66.18 -22.64
C ALA AA 175 -79.46 -66.62 -23.91
N THR AA 176 -78.43 -67.46 -23.81
CA THR AA 176 -77.68 -67.91 -24.96
C THR AA 176 -78.21 -69.27 -25.43
N LEU AA 177 -77.51 -69.85 -26.40
CA LEU AA 177 -77.84 -71.17 -26.92
C LEU AA 177 -77.18 -72.29 -26.12
N GLN AA 178 -76.67 -71.99 -24.92
CA GLN AA 178 -76.05 -72.98 -24.05
C GLN AA 178 -77.04 -73.59 -23.07
N ALA AA 179 -78.34 -73.43 -23.30
CA ALA AA 179 -79.34 -74.03 -22.42
C ALA AA 179 -79.35 -75.55 -22.50
N GLU AA 180 -78.86 -76.10 -23.61
CA GLU AA 180 -78.73 -77.55 -23.74
C GLU AA 180 -77.72 -78.10 -22.76
N ASP AA 181 -76.72 -77.30 -22.38
CA ASP AA 181 -75.78 -77.71 -21.34
C ASP AA 181 -76.48 -77.82 -19.98
N TYR AA 182 -77.37 -76.87 -19.68
CA TYR AA 182 -78.19 -76.94 -18.47
C TYR AA 182 -79.08 -78.18 -18.50
N ARG AA 183 -79.70 -78.44 -19.65
CA ARG AA 183 -80.57 -79.62 -19.77
C ARG AA 183 -79.79 -80.91 -19.58
N ALA AA 184 -78.61 -81.01 -20.21
CA ALA AA 184 -77.76 -82.19 -20.06
C ALA AA 184 -77.27 -82.34 -18.62
N TYR AA 185 -77.07 -81.22 -17.92
CA TYR AA 185 -76.85 -81.27 -16.48
C TYR AA 185 -78.07 -81.77 -15.71
N PHE AA 186 -79.28 -81.61 -16.27
CA PHE AA 186 -80.49 -81.90 -15.52
C PHE AA 186 -81.18 -83.23 -15.87
N GLU AA 187 -80.52 -84.17 -16.54
CA GLU AA 187 -80.95 -85.55 -16.36
C GLU AA 187 -80.00 -86.36 -15.50
N LYS AA 188 -78.74 -85.94 -15.42
CA LYS AA 188 -77.76 -86.58 -14.55
C LYS AA 188 -78.13 -86.22 -13.13
N ALA AA 189 -78.88 -87.10 -12.47
CA ALA AA 189 -79.37 -86.83 -11.12
C ALA AA 189 -78.40 -87.35 -10.06
N SER AA 190 -78.16 -88.65 -10.05
CA SER AA 190 -77.26 -89.26 -9.08
C SER AA 190 -76.82 -90.62 -9.59
N GLU AA 191 -75.71 -91.10 -9.05
CA GLU AA 191 -75.28 -92.47 -9.31
C GLU AA 191 -76.09 -93.46 -8.49
N THR AA 192 -76.74 -93.00 -7.43
CA THR AA 192 -77.52 -93.88 -6.57
C THR AA 192 -78.84 -94.30 -7.21
N GLN AA 193 -79.35 -93.53 -8.16
CA GLN AA 193 -80.61 -93.86 -8.82
C GLN AA 193 -80.44 -94.90 -9.91
N GLU AA 194 -79.20 -95.27 -10.25
CA GLU AA 194 -78.97 -96.32 -11.25
C GLU AA 194 -79.36 -97.70 -10.73
N GLU AA 195 -79.27 -97.92 -9.41
CA GLU AA 195 -79.65 -99.22 -8.85
C GLU AA 195 -81.16 -99.41 -8.88
N ASP AA 196 -81.93 -98.35 -8.72
CA ASP AA 196 -83.39 -98.42 -8.69
C ASP AA 196 -84.02 -98.30 -10.08
N SER AA 197 -83.21 -98.16 -11.12
CA SER AA 197 -83.73 -98.05 -12.49
C SER AA 197 -83.92 -99.44 -13.09
N SER AA 198 -84.87 -100.17 -12.50
CA SER AA 198 -85.19 -101.53 -12.95
C SER AA 198 -86.46 -101.59 -13.79
N ASN AA 199 -87.42 -100.71 -13.54
CA ASN AA 199 -88.65 -100.69 -14.31
C ASN AA 199 -88.40 -100.15 -15.72
N ASP AA 200 -89.32 -100.48 -16.63
CA ASP AA 200 -89.26 -100.02 -18.01
C ASP AA 200 -90.10 -98.77 -18.25
N LYS AA 201 -90.24 -97.93 -17.23
CA LYS AA 201 -90.98 -96.69 -17.36
C LYS AA 201 -90.24 -95.70 -18.26
N GLN AA 202 -91.01 -94.90 -18.99
CA GLN AA 202 -90.42 -93.90 -19.86
C GLN AA 202 -89.77 -92.79 -19.04
N LYS AA 203 -88.61 -92.33 -19.50
CA LYS AA 203 -87.88 -91.27 -18.82
C LYS AA 203 -88.62 -89.95 -19.05
N GLU AA 204 -89.30 -89.48 -18.01
CA GLU AA 204 -90.06 -88.24 -18.11
C GLU AA 204 -89.14 -87.04 -18.27
N SER AA 205 -89.62 -86.04 -19.01
CA SER AA 205 -88.83 -84.84 -19.25
C SER AA 205 -88.80 -83.97 -18.00
N ILE AA 206 -87.76 -84.16 -17.17
CA ILE AA 206 -87.59 -83.33 -15.98
C ILE AA 206 -87.25 -81.90 -16.39
N ALA AA 207 -86.38 -81.74 -17.38
CA ALA AA 207 -85.94 -80.43 -17.86
C ALA AA 207 -86.54 -80.18 -19.22
N SER AA 208 -87.29 -79.09 -19.34
CA SER AA 208 -87.81 -78.61 -20.61
C SER AA 208 -87.34 -77.19 -20.84
N ILE AA 209 -86.81 -76.93 -22.02
CA ILE AA 209 -86.26 -75.62 -22.36
C ILE AA 209 -87.26 -74.88 -23.24
N ILE AA 210 -87.81 -73.79 -22.73
CA ILE AA 210 -88.76 -72.96 -23.45
C ILE AA 210 -88.04 -71.71 -23.94
N SER AA 211 -88.25 -71.37 -25.21
CA SER AA 211 -87.56 -70.27 -25.87
C SER AA 211 -88.57 -69.16 -26.12
N ILE AA 212 -88.56 -68.15 -25.26
CA ILE AA 212 -89.37 -66.95 -25.46
C ILE AA 212 -88.54 -65.95 -26.27
N GLU AA 213 -89.00 -65.65 -27.47
CA GLU AA 213 -88.23 -64.82 -28.40
C GLU AA 213 -88.58 -63.35 -28.23
N GLY AA 214 -87.53 -62.53 -28.11
CA GLY AA 214 -87.68 -61.10 -28.03
C GLY AA 214 -87.65 -60.44 -29.40
N ARG AA 215 -87.55 -59.12 -29.40
CA ARG AA 215 -87.54 -58.34 -30.64
C ARG AA 215 -86.35 -57.39 -30.63
N THR AA 216 -85.65 -57.34 -31.77
CA THR AA 216 -84.57 -56.38 -31.98
C THR AA 216 -84.68 -55.82 -33.38
N TYR AA 217 -84.50 -54.51 -33.50
CA TYR AA 217 -84.47 -53.88 -34.81
C TYR AA 217 -83.18 -54.27 -35.54
N PRO AA 218 -83.21 -54.32 -36.88
CA PRO AA 218 -82.03 -54.79 -37.62
C PRO AA 218 -80.83 -53.87 -37.45
N ILE AA 219 -79.67 -54.48 -37.18
CA ILE AA 219 -78.43 -53.77 -36.93
C ILE AA 219 -77.40 -54.21 -37.95
N ASP AA 220 -76.76 -53.25 -38.61
CA ASP AA 220 -75.72 -53.53 -39.59
C ASP AA 220 -74.37 -53.65 -38.87
N ILE AA 221 -73.67 -54.75 -39.10
CA ILE AA 221 -72.38 -55.01 -38.48
C ILE AA 221 -71.29 -54.83 -39.52
N LEU AA 222 -70.34 -53.95 -39.24
CA LEU AA 222 -69.24 -53.66 -40.15
C LEU AA 222 -67.92 -54.01 -39.48
N TYR AA 223 -67.11 -54.80 -40.18
CA TYR AA 223 -65.80 -55.21 -39.69
C TYR AA 223 -64.72 -54.40 -40.40
N LEU AA 224 -63.46 -54.77 -40.16
CA LEU AA 224 -62.31 -54.07 -40.74
C LEU AA 224 -61.61 -54.95 -41.76
N ASP AA 225 -61.07 -54.31 -42.81
CA ASP AA 225 -60.28 -55.04 -43.78
C ASP AA 225 -58.92 -55.43 -43.21
N THR AA 226 -58.35 -54.59 -42.35
CA THR AA 226 -57.06 -54.82 -41.72
C THR AA 226 -57.19 -54.59 -40.22
N PRO AA 227 -56.42 -55.32 -39.41
CA PRO AA 227 -56.42 -55.08 -37.97
C PRO AA 227 -55.82 -53.71 -37.63
N THR AA 228 -56.32 -53.14 -36.54
CA THR AA 228 -55.93 -51.78 -36.16
C THR AA 228 -54.69 -51.79 -35.28
N GLU AA 229 -54.01 -50.66 -35.25
CA GLU AA 229 -52.84 -50.45 -34.39
C GLU AA 229 -53.19 -49.79 -33.07
N ASP AA 230 -54.29 -49.04 -33.02
CA ASP AA 230 -54.71 -48.38 -31.79
C ASP AA 230 -56.24 -48.36 -31.79
N TYR AA 231 -56.86 -49.27 -31.03
CA TYR AA 231 -58.31 -49.37 -31.06
C TYR AA 231 -58.99 -48.16 -30.42
N LEU AA 232 -58.31 -47.48 -29.49
CA LEU AA 232 -58.87 -46.28 -28.89
C LEU AA 232 -58.96 -45.15 -29.92
N GLU AA 233 -57.85 -44.89 -30.62
CA GLU AA 233 -57.86 -43.83 -31.62
C GLU AA 233 -58.70 -44.21 -32.83
N LYS AA 234 -58.72 -45.50 -33.20
CA LYS AA 234 -59.60 -45.95 -34.27
C LYS AA 234 -61.06 -45.78 -33.88
N ALA AA 235 -61.39 -46.03 -32.61
CA ALA AA 235 -62.75 -45.81 -32.13
C ALA AA 235 -63.11 -44.33 -32.14
N ILE AA 236 -62.17 -43.46 -31.78
CA ILE AA 236 -62.42 -42.02 -31.81
C ILE AA 236 -62.66 -41.54 -33.25
N SER AA 237 -61.84 -42.04 -34.19
CA SER AA 237 -62.05 -41.72 -35.59
C SER AA 237 -63.38 -42.27 -36.10
N THR AA 238 -63.76 -43.46 -35.61
CA THR AA 238 -65.07 -44.03 -35.97
C THR AA 238 -66.21 -43.16 -35.46
N VAL AA 239 -66.09 -42.64 -34.24
CA VAL AA 239 -67.10 -41.74 -33.69
C VAL AA 239 -67.22 -40.47 -34.53
N PHE AA 240 -66.07 -39.88 -34.89
CA PHE AA 240 -66.14 -38.63 -35.64
C PHE AA 240 -66.64 -38.86 -37.08
N ASP AA 241 -66.28 -39.99 -37.69
CA ASP AA 241 -66.80 -40.31 -39.01
C ASP AA 241 -68.29 -40.64 -38.98
N ILE AA 242 -68.76 -41.30 -37.92
CA ILE AA 242 -70.18 -41.63 -37.82
C ILE AA 242 -71.00 -40.41 -37.44
N HIS AA 243 -70.37 -39.40 -36.80
CA HIS AA 243 -71.04 -38.14 -36.57
C HIS AA 243 -71.12 -37.30 -37.83
N THR AA 244 -70.04 -37.26 -38.62
CA THR AA 244 -70.01 -36.40 -39.78
C THR AA 244 -70.85 -36.96 -40.94
N ASN AA 245 -70.87 -38.28 -41.09
CA ASN AA 245 -71.53 -38.89 -42.24
C ASN AA 245 -72.98 -39.27 -41.96
N GLU AA 246 -73.20 -40.15 -40.98
CA GLU AA 246 -74.53 -40.65 -40.69
C GLU AA 246 -75.34 -39.61 -39.90
N PRO AA 247 -76.69 -39.70 -39.98
CA PRO AA 247 -77.52 -38.69 -39.29
C PRO AA 247 -77.54 -38.82 -37.78
N LYS AA 248 -78.42 -38.05 -37.13
CA LYS AA 248 -78.45 -37.90 -35.69
C LYS AA 248 -78.68 -39.22 -34.97
N GLY AA 249 -77.85 -39.48 -33.96
CA GLY AA 249 -77.97 -40.67 -33.14
C GLY AA 249 -76.87 -40.75 -32.11
N ASP AA 250 -77.21 -41.09 -30.87
CA ASP AA 250 -76.23 -41.12 -29.79
C ASP AA 250 -75.32 -42.33 -29.93
N ILE AA 251 -74.02 -42.10 -29.75
CA ILE AA 251 -72.98 -43.11 -29.95
C ILE AA 251 -72.65 -43.73 -28.60
N LEU AA 252 -72.69 -45.05 -28.53
CA LEU AA 252 -72.13 -45.80 -27.43
C LEU AA 252 -70.93 -46.59 -27.97
N VAL AA 253 -69.85 -46.59 -27.18
CA VAL AA 253 -68.60 -47.26 -27.49
C VAL AA 253 -68.27 -48.17 -26.32
N PHE AA 254 -67.89 -49.41 -26.62
CA PHE AA 254 -67.50 -50.38 -25.58
C PHE AA 254 -65.99 -50.32 -25.40
N LEU AA 255 -65.56 -49.75 -24.27
CA LEU AA 255 -64.15 -49.72 -23.90
C LEU AA 255 -63.92 -50.64 -22.71
N THR AA 256 -62.69 -50.65 -22.18
CA THR AA 256 -62.30 -51.57 -21.12
C THR AA 256 -62.05 -50.88 -19.80
N GLY AA 257 -61.17 -49.87 -19.75
CA GLY AA 257 -60.75 -49.26 -18.51
C GLY AA 257 -61.12 -47.79 -18.44
N ARG AA 258 -60.93 -47.23 -17.23
CA ARG AA 258 -61.26 -45.83 -16.98
C ARG AA 258 -60.31 -44.89 -17.72
N ASP AA 259 -59.02 -45.27 -17.79
CA ASP AA 259 -58.03 -44.41 -18.43
C ASP AA 259 -58.29 -44.25 -19.92
N GLU AA 260 -58.71 -45.32 -20.59
CA GLU AA 260 -59.03 -45.23 -22.02
C GLU AA 260 -60.24 -44.33 -22.24
N ILE AA 261 -61.23 -44.41 -21.36
CA ILE AA 261 -62.41 -43.54 -21.45
C ILE AA 261 -62.00 -42.08 -21.23
N GLU AA 262 -61.09 -41.84 -20.28
CA GLU AA 262 -60.62 -40.47 -20.03
C GLU AA 262 -59.89 -39.90 -21.23
N GLN AA 263 -59.00 -40.70 -21.84
CA GLN AA 263 -58.29 -40.26 -23.03
C GLN AA 263 -59.25 -40.05 -24.19
N ALA AA 264 -60.26 -40.92 -24.31
CA ALA AA 264 -61.25 -40.79 -25.38
C ALA AA 264 -62.06 -39.52 -25.25
N VAL AA 265 -62.56 -39.23 -24.04
CA VAL AA 265 -63.38 -38.03 -23.86
C VAL AA 265 -62.54 -36.77 -24.02
N GLN AA 266 -61.27 -36.79 -23.57
CA GLN AA 266 -60.40 -35.63 -23.77
C GLN AA 266 -60.10 -35.41 -25.25
N ALA AA 267 -59.83 -36.49 -26.00
CA ALA AA 267 -59.53 -36.36 -27.42
C ALA AA 267 -60.75 -35.88 -28.20
N VAL AA 268 -61.94 -36.42 -27.90
CA VAL AA 268 -63.11 -35.98 -28.65
C VAL AA 268 -63.52 -34.57 -28.25
N SER AA 269 -63.24 -34.14 -27.01
CA SER AA 269 -63.48 -32.75 -26.64
C SER AA 269 -62.54 -31.81 -27.39
N GLU AA 270 -61.25 -32.19 -27.48
CA GLU AA 270 -60.28 -31.35 -28.19
C GLU AA 270 -60.61 -31.27 -29.68
N ARG AA 271 -61.03 -32.39 -30.28
CA ARG AA 271 -61.37 -32.35 -31.70
C ARG AA 271 -62.74 -31.72 -31.96
N SER AA 272 -63.65 -31.77 -30.98
CA SER AA 272 -64.93 -31.08 -31.12
C SER AA 272 -64.76 -29.58 -30.93
N ALA AA 273 -63.70 -29.15 -30.24
CA ALA AA 273 -63.34 -27.74 -30.28
C ALA AA 273 -62.91 -27.31 -31.67
N SER AA 274 -62.38 -28.24 -32.47
CA SER AA 274 -61.99 -27.98 -33.85
C SER AA 274 -63.09 -28.30 -34.85
N LEU AA 275 -64.28 -28.69 -34.39
CA LEU AA 275 -65.39 -28.95 -35.29
C LEU AA 275 -65.85 -27.65 -35.96
N PRO AA 276 -66.29 -27.73 -37.22
CA PRO AA 276 -66.77 -26.52 -37.90
C PRO AA 276 -68.03 -25.99 -37.26
N PRO AA 277 -68.22 -24.67 -37.26
CA PRO AA 277 -69.45 -24.10 -36.69
C PRO AA 277 -70.67 -24.42 -37.55
N GLY AA 278 -71.82 -24.46 -36.90
CA GLY AA 278 -73.07 -24.79 -37.55
C GLY AA 278 -73.41 -26.26 -37.59
N SER AA 279 -72.45 -27.14 -37.28
CA SER AA 279 -72.70 -28.56 -37.23
C SER AA 279 -73.24 -28.95 -35.84
N GLU AA 280 -73.58 -30.22 -35.69
CA GLU AA 280 -74.09 -30.71 -34.41
C GLU AA 280 -72.94 -30.86 -33.42
N ALA AA 281 -73.11 -30.28 -32.23
CA ALA AA 281 -72.12 -30.40 -31.18
C ALA AA 281 -72.13 -31.83 -30.62
N LEU AA 282 -70.99 -32.23 -30.07
CA LEU AA 282 -70.81 -33.57 -29.51
C LEU AA 282 -70.56 -33.47 -28.01
N LEU AA 283 -71.30 -34.27 -27.25
CA LEU AA 283 -71.18 -34.28 -25.79
C LEU AA 283 -70.53 -35.58 -25.34
N PRO AA 284 -69.29 -35.55 -24.86
CA PRO AA 284 -68.66 -36.77 -24.33
C PRO AA 284 -69.21 -37.12 -22.95
N LEU AA 285 -69.41 -38.41 -22.72
CA LEU AA 285 -69.97 -38.87 -21.46
C LEU AA 285 -69.34 -40.19 -21.03
N PRO AA 286 -68.62 -40.21 -19.90
CA PRO AA 286 -68.04 -41.46 -19.41
C PRO AA 286 -69.06 -42.32 -18.68
N LEU AA 287 -68.82 -43.63 -18.71
CA LEU AA 287 -69.64 -44.60 -17.99
C LEU AA 287 -68.72 -45.56 -17.23
N TYR AA 288 -68.46 -45.25 -15.96
CA TYR AA 288 -67.68 -46.11 -15.09
C TYR AA 288 -68.61 -46.91 -14.18
N SER AA 289 -68.02 -47.64 -13.24
CA SER AA 289 -68.80 -48.35 -12.23
C SER AA 289 -68.99 -47.51 -10.95
N GLY AA 290 -67.98 -46.73 -10.58
CA GLY AA 290 -68.05 -45.91 -9.38
C GLY AA 290 -68.30 -44.45 -9.68
N LEU AA 291 -69.20 -44.18 -10.63
CA LEU AA 291 -69.53 -42.81 -10.99
C LEU AA 291 -70.26 -42.10 -9.86
N SER AA 292 -70.11 -40.78 -9.82
CA SER AA 292 -70.90 -39.96 -8.91
C SER AA 292 -72.32 -39.81 -9.46
N ALA AA 293 -73.19 -39.21 -8.63
CA ALA AA 293 -74.58 -39.04 -9.02
C ALA AA 293 -74.73 -38.04 -10.16
N GLU AA 294 -73.91 -36.98 -10.18
CA GLU AA 294 -74.04 -35.93 -11.17
C GLU AA 294 -73.71 -36.44 -12.57
N GLN AA 295 -72.58 -37.12 -12.72
CA GLN AA 295 -72.21 -37.68 -14.02
C GLN AA 295 -73.17 -38.76 -14.47
N GLN AA 296 -73.67 -39.57 -13.53
CA GLN AA 296 -74.62 -40.62 -13.87
C GLN AA 296 -75.94 -40.04 -14.37
N MET AA 297 -76.45 -38.98 -13.72
CA MET AA 297 -77.69 -38.37 -14.21
C MET AA 297 -77.46 -37.54 -15.47
N TYR AA 298 -76.24 -37.03 -15.70
CA TYR AA 298 -75.94 -36.41 -16.98
C TYR AA 298 -75.94 -37.45 -18.10
N VAL AA 299 -75.43 -38.66 -17.82
CA VAL AA 299 -75.44 -39.73 -18.81
C VAL AA 299 -76.87 -40.18 -19.09
N PHE AA 300 -77.66 -40.39 -18.04
CA PHE AA 300 -79.01 -40.92 -18.19
C PHE AA 300 -80.00 -39.90 -18.76
N GLU AA 301 -79.65 -38.63 -18.79
CA GLU AA 301 -80.55 -37.60 -19.33
C GLU AA 301 -80.31 -37.44 -20.83
N GLU AA 302 -81.38 -37.11 -21.55
CA GLU AA 302 -81.35 -37.07 -23.00
C GLU AA 302 -80.50 -35.90 -23.51
N ALA AA 303 -80.08 -35.99 -24.77
CA ALA AA 303 -79.25 -34.96 -25.37
C ALA AA 303 -80.03 -33.66 -25.55
N PRO AA 304 -79.37 -32.52 -25.37
CA PRO AA 304 -80.03 -31.23 -25.62
C PRO AA 304 -80.26 -30.94 -27.10
N GLU AA 305 -80.79 -29.77 -27.40
CA GLU AA 305 -81.09 -29.40 -28.79
C GLU AA 305 -79.81 -29.19 -29.58
N ASN AA 306 -79.78 -29.77 -30.79
CA ASN AA 306 -78.62 -29.75 -31.70
C ASN AA 306 -77.37 -30.29 -31.01
N THR AA 307 -77.54 -31.35 -30.23
CA THR AA 307 -76.45 -31.97 -29.49
C THR AA 307 -76.54 -33.47 -29.64
N ARG AA 308 -75.41 -34.13 -29.90
CA ARG AA 308 -75.34 -35.56 -30.10
C ARG AA 308 -74.37 -36.14 -29.09
N LYS AA 309 -74.76 -37.22 -28.42
CA LYS AA 309 -74.04 -37.74 -27.27
C LYS AA 309 -73.10 -38.88 -27.70
N VAL AA 310 -71.90 -38.86 -27.14
CA VAL AA 310 -70.93 -39.94 -27.31
C VAL AA 310 -70.68 -40.53 -25.93
N ILE AA 311 -71.27 -41.68 -25.66
CA ILE AA 311 -71.13 -42.34 -24.37
C ILE AA 311 -70.01 -43.37 -24.50
N PHE AA 312 -68.88 -43.09 -23.85
CA PHE AA 312 -67.79 -44.05 -23.76
C PHE AA 312 -68.01 -44.91 -22.52
N SER AA 313 -68.29 -46.19 -22.74
CA SER AA 313 -68.84 -47.05 -21.70
C SER AA 313 -67.98 -48.30 -21.53
N THR AA 314 -68.00 -48.81 -20.30
CA THR AA 314 -67.46 -50.12 -19.96
C THR AA 314 -68.55 -51.17 -20.19
N ASN AA 315 -68.36 -52.36 -19.64
CA ASN AA 315 -69.23 -53.52 -19.85
C ASN AA 315 -70.65 -53.35 -19.23
N LEU AA 316 -70.88 -52.31 -18.42
CA LEU AA 316 -72.19 -52.10 -17.78
C LEU AA 316 -73.32 -52.13 -18.79
N ALA AA 317 -73.20 -51.33 -19.86
CA ALA AA 317 -74.22 -51.21 -20.89
C ALA AA 317 -74.42 -52.50 -21.67
N GLU AA 318 -73.52 -53.47 -21.54
CA GLU AA 318 -73.79 -54.79 -22.11
C GLU AA 318 -74.91 -55.50 -21.36
N ALA AA 319 -74.86 -55.51 -20.03
CA ALA AA 319 -75.80 -56.36 -19.30
C ALA AA 319 -76.46 -55.67 -18.12
N SER AA 320 -75.78 -54.70 -17.51
CA SER AA 320 -76.25 -54.17 -16.23
C SER AA 320 -77.23 -53.02 -16.41
N VAL AA 321 -76.82 -51.97 -17.13
CA VAL AA 321 -77.64 -50.80 -17.31
C VAL AA 321 -78.02 -50.68 -18.79
N THR AA 322 -79.10 -49.94 -19.04
CA THR AA 322 -79.61 -49.71 -20.38
C THR AA 322 -79.87 -48.22 -20.55
N ILE AA 323 -79.17 -47.58 -21.48
CA ILE AA 323 -79.34 -46.17 -21.77
C ILE AA 323 -80.14 -46.03 -23.06
N GLU AA 324 -81.16 -45.17 -23.03
CA GLU AA 324 -82.10 -45.06 -24.14
C GLU AA 324 -81.55 -44.17 -25.24
N GLY AA 325 -82.15 -44.29 -26.42
CA GLY AA 325 -81.80 -43.45 -27.56
C GLY AA 325 -80.40 -43.66 -28.09
N ILE AA 326 -79.94 -44.91 -28.13
CA ILE AA 326 -78.59 -45.24 -28.57
C ILE AA 326 -78.68 -45.89 -29.95
N VAL AA 327 -77.91 -45.35 -30.90
CA VAL AA 327 -77.91 -45.86 -32.26
C VAL AA 327 -76.60 -46.56 -32.59
N TYR AA 328 -75.48 -46.04 -32.09
CA TYR AA 328 -74.16 -46.55 -32.42
C TYR AA 328 -73.48 -47.11 -31.17
N VAL AA 329 -72.66 -48.14 -31.40
CA VAL AA 329 -72.01 -49.02 -30.43
C VAL AA 329 -70.74 -49.52 -31.12
N ILE AA 330 -69.59 -49.28 -30.52
CA ILE AA 330 -68.31 -49.72 -31.09
C ILE AA 330 -67.68 -50.70 -30.11
N ASP AA 331 -67.49 -51.94 -30.58
CA ASP AA 331 -66.87 -52.98 -29.78
C ASP AA 331 -65.37 -52.99 -30.02
N SER AA 332 -64.60 -52.68 -28.97
CA SER AA 332 -63.15 -52.66 -29.08
C SER AA 332 -62.54 -54.06 -29.17
N GLY AA 333 -63.32 -55.11 -28.90
CA GLY AA 333 -62.81 -56.46 -28.94
C GLY AA 333 -62.06 -56.88 -27.70
N PHE AA 334 -62.05 -56.07 -26.65
CA PHE AA 334 -61.32 -56.36 -25.44
C PHE AA 334 -62.19 -56.06 -24.23
N VAL AA 335 -61.94 -56.78 -23.14
CA VAL AA 335 -62.64 -56.58 -21.87
C VAL AA 335 -61.70 -57.04 -20.76
N LYS AA 336 -61.68 -56.28 -19.67
CA LYS AA 336 -60.84 -56.63 -18.54
C LYS AA 336 -61.47 -57.78 -17.75
N LEU AA 337 -60.64 -58.75 -17.39
CA LEU AA 337 -61.09 -59.92 -16.65
C LEU AA 337 -60.11 -60.22 -15.53
N ARG AA 338 -60.64 -60.72 -14.42
CA ARG AA 338 -59.85 -61.07 -13.26
C ARG AA 338 -59.63 -62.59 -13.24
N ALA AA 339 -58.38 -63.00 -13.05
CA ALA AA 339 -58.02 -64.41 -13.04
C ALA AA 339 -57.01 -64.64 -11.93
N TYR AA 340 -57.43 -65.36 -10.88
CA TYR AA 340 -56.53 -65.69 -9.78
C TYR AA 340 -55.59 -66.80 -10.21
N ASN AA 341 -54.28 -66.51 -10.18
CA ASN AA 341 -53.29 -67.51 -10.55
C ASN AA 341 -53.19 -68.56 -9.44
N PRO AA 342 -53.23 -69.85 -9.78
CA PRO AA 342 -53.21 -70.89 -8.73
C PRO AA 342 -51.82 -71.18 -8.17
N LYS AA 343 -50.79 -71.02 -9.00
CA LYS AA 343 -49.44 -71.33 -8.55
C LYS AA 343 -48.85 -70.18 -7.75
N THR AA 344 -48.89 -68.97 -8.31
CA THR AA 344 -48.37 -67.80 -7.59
C THR AA 344 -49.30 -67.40 -6.45
N GLY AA 345 -50.54 -67.05 -6.78
CA GLY AA 345 -51.51 -66.66 -5.77
C GLY AA 345 -51.87 -65.18 -5.82
N ILE AA 346 -51.82 -64.59 -7.02
CA ILE AA 346 -52.17 -63.20 -7.20
C ILE AA 346 -53.24 -63.10 -8.27
N GLU AA 347 -54.02 -62.03 -8.21
CA GLU AA 347 -55.02 -61.77 -9.24
C GLU AA 347 -54.35 -61.16 -10.47
N SER AA 348 -55.09 -61.14 -11.58
CA SER AA 348 -54.56 -60.59 -12.82
C SER AA 348 -55.72 -59.98 -13.61
N LEU AA 349 -55.91 -58.66 -13.47
CA LEU AA 349 -56.91 -57.93 -14.23
C LEU AA 349 -56.31 -57.61 -15.61
N THR AA 350 -56.53 -58.52 -16.55
CA THR AA 350 -55.92 -58.44 -17.87
C THR AA 350 -56.97 -58.26 -18.96
N ALA AA 351 -56.54 -57.70 -20.08
CA ALA AA 351 -57.44 -57.38 -21.20
C ALA AA 351 -57.61 -58.63 -22.07
N THR AA 352 -58.62 -59.43 -21.73
CA THR AA 352 -59.00 -60.62 -22.49
C THR AA 352 -59.77 -60.21 -23.74
N PRO AA 353 -59.52 -60.86 -24.88
CA PRO AA 353 -60.41 -60.70 -26.04
C PRO AA 353 -61.84 -61.13 -25.70
N VAL AA 354 -62.80 -60.42 -26.27
CA VAL AA 354 -64.20 -60.65 -25.93
C VAL AA 354 -64.67 -61.98 -26.51
N SER AA 355 -65.67 -62.58 -25.87
CA SER AA 355 -66.25 -63.83 -26.33
C SER AA 355 -67.25 -63.57 -27.45
N LYS AA 356 -67.67 -64.65 -28.10
CA LYS AA 356 -68.67 -64.54 -29.17
C LYS AA 356 -70.02 -64.08 -28.62
N ALA AA 357 -70.43 -64.65 -27.49
CA ALA AA 357 -71.72 -64.29 -26.89
C ALA AA 357 -71.69 -62.86 -26.34
N SER AA 358 -70.57 -62.47 -25.72
CA SER AA 358 -70.46 -61.11 -25.20
C SER AA 358 -70.47 -60.08 -26.33
N ALA AA 359 -69.76 -60.36 -27.42
CA ALA AA 359 -69.78 -59.46 -28.57
C ALA AA 359 -71.15 -59.44 -29.24
N ALA AA 360 -71.85 -60.58 -29.25
CA ALA AA 360 -73.20 -60.61 -29.78
C ALA AA 360 -74.15 -59.76 -28.94
N GLN AA 361 -74.02 -59.83 -27.62
CA GLN AA 361 -74.83 -58.97 -26.74
C GLN AA 361 -74.48 -57.50 -26.92
N ARG AA 362 -73.20 -57.18 -27.10
CA ARG AA 362 -72.77 -55.81 -27.34
C ARG AA 362 -73.35 -55.28 -28.66
N ALA AA 363 -73.37 -56.13 -29.69
CA ALA AA 363 -73.99 -55.73 -30.96
C ALA AA 363 -75.49 -55.57 -30.81
N GLY AA 364 -76.15 -56.46 -30.09
CA GLY AA 364 -77.59 -56.40 -29.91
C GLY AA 364 -78.07 -55.32 -28.96
N ARG AA 365 -77.17 -54.72 -28.20
CA ARG AA 365 -77.54 -53.60 -27.34
C ARG AA 365 -77.68 -52.28 -28.10
N ALA AA 366 -77.35 -52.26 -29.39
CA ALA AA 366 -77.45 -51.02 -30.17
C ALA AA 366 -78.87 -50.76 -30.64
N GLY AA 367 -79.44 -51.69 -31.40
CA GLY AA 367 -80.75 -51.48 -32.00
C GLY AA 367 -81.91 -51.75 -31.05
N ARG AA 368 -82.15 -50.82 -30.12
CA ARG AA 368 -83.23 -50.95 -29.16
C ARG AA 368 -84.40 -50.01 -29.48
N THR AA 369 -84.12 -48.72 -29.69
CA THR AA 369 -85.15 -47.74 -30.01
C THR AA 369 -85.35 -47.55 -31.51
N LYS AA 370 -84.29 -47.55 -32.29
CA LYS AA 370 -84.35 -47.47 -33.73
C LYS AA 370 -83.26 -48.37 -34.31
N PRO AA 371 -83.40 -48.82 -35.58
CA PRO AA 371 -82.35 -49.65 -36.19
C PRO AA 371 -81.01 -48.94 -36.29
N GLY AA 372 -80.02 -49.45 -35.57
CA GLY AA 372 -78.70 -48.86 -35.52
C GLY AA 372 -77.67 -49.64 -36.32
N LYS AA 373 -76.41 -49.37 -36.02
CA LYS AA 373 -75.28 -50.00 -36.70
C LYS AA 373 -74.28 -50.50 -35.66
N CYS AA 374 -73.56 -51.56 -36.04
CA CYS AA 374 -72.54 -52.16 -35.20
C CYS AA 374 -71.17 -51.96 -35.85
N PHE AA 375 -70.17 -51.62 -35.04
CA PHE AA 375 -68.86 -51.20 -35.51
C PHE AA 375 -67.74 -51.89 -34.74
N ARG AA 376 -67.80 -53.22 -34.67
CA ARG AA 376 -66.73 -54.01 -34.09
C ARG AA 376 -65.40 -53.73 -34.77
N LEU AA 377 -64.38 -53.43 -33.96
CA LEU AA 377 -63.09 -52.97 -34.48
C LEU AA 377 -62.10 -54.14 -34.62
N TYR AA 378 -62.51 -55.12 -35.43
CA TYR AA 378 -61.63 -56.21 -35.80
C TYR AA 378 -62.12 -56.78 -37.12
N THR AA 379 -61.28 -57.61 -37.74
CA THR AA 379 -61.62 -58.19 -39.02
C THR AA 379 -62.70 -59.27 -38.87
N GLU AA 380 -63.30 -59.65 -40.01
CA GLU AA 380 -64.32 -60.68 -39.97
C GLU AA 380 -63.74 -62.05 -39.65
N GLU AA 381 -62.51 -62.32 -40.07
CA GLU AA 381 -61.84 -63.55 -39.67
C GLU AA 381 -61.36 -63.50 -38.23
N ALA AA 382 -61.24 -62.31 -37.64
CA ALA AA 382 -60.99 -62.21 -36.21
C ALA AA 382 -62.22 -62.60 -35.40
N TYR AA 383 -63.41 -62.45 -35.97
CA TYR AA 383 -64.63 -62.98 -35.38
C TYR AA 383 -64.91 -64.39 -35.89
N GLN AA 384 -63.88 -65.24 -35.88
CA GLN AA 384 -64.00 -66.64 -36.22
C GLN AA 384 -63.21 -67.56 -35.30
N SER AA 385 -62.15 -67.08 -34.63
CA SER AA 385 -61.38 -67.86 -33.68
C SER AA 385 -61.57 -67.38 -32.25
N LEU AA 386 -62.48 -66.42 -32.04
CA LEU AA 386 -62.78 -65.96 -30.70
C LEU AA 386 -63.50 -67.07 -29.93
N PRO AA 387 -63.37 -67.07 -28.59
CA PRO AA 387 -64.12 -68.05 -27.80
C PRO AA 387 -65.62 -67.88 -27.95
N ASP AA 388 -66.33 -69.02 -28.01
CA ASP AA 388 -67.78 -68.98 -28.15
C ASP AA 388 -68.46 -68.39 -26.93
N ALA AA 389 -67.96 -68.70 -25.73
CA ALA AA 389 -68.46 -68.16 -24.48
C ALA AA 389 -67.29 -67.72 -23.63
N THR AA 390 -67.59 -66.98 -22.57
CA THR AA 390 -66.54 -66.50 -21.67
C THR AA 390 -65.98 -67.66 -20.85
N VAL AA 391 -64.80 -67.41 -20.27
CA VAL AA 391 -64.19 -68.39 -19.36
C VAL AA 391 -65.08 -68.55 -18.14
N PRO AA 392 -65.30 -69.77 -17.63
CA PRO AA 392 -66.11 -69.93 -16.41
C PRO AA 392 -65.54 -69.17 -15.23
N GLU AA 393 -66.44 -68.50 -14.50
CA GLU AA 393 -66.03 -67.67 -13.38
C GLU AA 393 -65.52 -68.52 -12.21
N ILE AA 394 -65.96 -69.77 -12.12
CA ILE AA 394 -65.47 -70.65 -11.07
C ILE AA 394 -64.06 -71.16 -11.36
N GLN AA 395 -63.57 -70.96 -12.59
CA GLN AA 395 -62.24 -71.40 -12.97
C GLN AA 395 -61.18 -70.31 -12.81
N ARG AA 396 -61.57 -69.08 -12.52
CA ARG AA 396 -60.63 -67.96 -12.42
C ARG AA 396 -60.96 -67.10 -11.21
N SER AA 397 -61.20 -67.74 -10.07
CA SER AA 397 -61.50 -67.04 -8.83
C SER AA 397 -60.87 -67.79 -7.67
N ASN AA 398 -60.76 -67.09 -6.53
CA ASN AA 398 -60.25 -67.71 -5.31
C ASN AA 398 -61.32 -68.60 -4.71
N LEU AA 399 -61.12 -69.92 -4.78
CA LEU AA 399 -62.11 -70.88 -4.32
C LEU AA 399 -62.20 -71.01 -2.80
N ALA AA 400 -61.31 -70.35 -2.05
CA ALA AA 400 -61.32 -70.50 -0.59
C ALA AA 400 -62.61 -70.01 0.08
N PRO AA 401 -63.19 -68.84 -0.26
CA PRO AA 401 -64.55 -68.56 0.26
C PRO AA 401 -65.60 -69.55 -0.24
N ILE AA 402 -65.44 -70.09 -1.44
CA ILE AA 402 -66.41 -71.04 -1.96
C ILE AA 402 -66.33 -72.37 -1.23
N ILE AA 403 -65.12 -72.88 -0.99
CA ILE AA 403 -64.96 -74.10 -0.22
C ILE AA 403 -65.41 -73.88 1.22
N LEU AA 404 -65.13 -72.68 1.75
CA LEU AA 404 -65.63 -72.28 3.07
C LEU AA 404 -67.16 -72.34 3.14
N GLN AA 405 -67.84 -71.78 2.13
CA GLN AA 405 -69.30 -71.80 2.12
C GLN AA 405 -69.83 -73.22 1.94
N LEU AA 406 -69.17 -74.02 1.11
CA LEU AA 406 -69.62 -75.40 0.88
C LEU AA 406 -69.48 -76.24 2.14
N LYS AA 407 -68.40 -76.04 2.91
CA LYS AA 407 -68.28 -76.72 4.19
C LYS AA 407 -69.20 -76.11 5.24
N ALA AA 408 -69.61 -74.85 5.08
CA ALA AA 408 -70.62 -74.27 5.96
C ALA AA 408 -71.97 -74.93 5.75
N LEU AA 409 -72.33 -75.22 4.49
CA LEU AA 409 -73.56 -75.97 4.22
C LEU AA 409 -73.47 -77.43 4.64
N GLY AA 410 -72.27 -77.94 4.93
CA GLY AA 410 -72.09 -79.32 5.34
C GLY AA 410 -71.53 -80.23 4.27
N ILE AA 411 -71.51 -79.80 3.01
CA ILE AA 411 -70.95 -80.62 1.95
C ILE AA 411 -69.44 -80.46 2.00
N ASP AA 412 -68.78 -81.36 2.73
CA ASP AA 412 -67.33 -81.34 2.84
C ASP AA 412 -66.65 -82.10 1.71
N ASN AA 413 -67.38 -82.97 1.02
CA ASN AA 413 -66.86 -83.69 -0.15
C ASN AA 413 -66.95 -82.78 -1.37
N VAL AA 414 -66.07 -81.77 -1.38
CA VAL AA 414 -66.04 -80.81 -2.46
C VAL AA 414 -65.48 -81.42 -3.74
N LEU AA 415 -64.70 -82.49 -3.62
CA LEU AA 415 -64.25 -83.23 -4.80
C LEU AA 415 -65.43 -83.90 -5.49
N ARG AA 416 -66.32 -84.52 -4.72
CA ARG AA 416 -67.52 -85.17 -5.27
C ARG AA 416 -68.72 -84.25 -5.03
N PHE AA 417 -68.82 -83.23 -5.89
CA PHE AA 417 -69.91 -82.27 -5.83
C PHE AA 417 -70.38 -81.97 -7.24
N ASP AA 418 -71.70 -81.83 -7.41
CA ASP AA 418 -72.31 -81.66 -8.72
C ASP AA 418 -72.15 -80.20 -9.16
N TYR AA 419 -70.93 -79.88 -9.59
CA TYR AA 419 -70.66 -78.57 -10.17
C TYR AA 419 -71.23 -78.49 -11.58
N PHE AA 420 -71.62 -77.28 -11.97
CA PHE AA 420 -72.05 -77.06 -13.36
C PHE AA 420 -70.88 -77.23 -14.31
N THR AA 421 -69.74 -76.60 -14.01
CA THR AA 421 -68.47 -76.82 -14.68
C THR AA 421 -67.44 -76.95 -13.56
N PRO AA 422 -66.68 -78.03 -13.52
CA PRO AA 422 -65.76 -78.25 -12.39
C PRO AA 422 -64.57 -77.31 -12.45
N PRO AA 423 -64.16 -76.75 -11.32
CA PRO AA 423 -62.92 -75.97 -11.28
C PRO AA 423 -61.72 -76.87 -11.54
N PRO AA 424 -60.64 -76.33 -12.10
CA PRO AA 424 -59.48 -77.17 -12.43
C PRO AA 424 -58.75 -77.62 -11.18
N ALA AA 425 -58.19 -78.84 -11.25
CA ALA AA 425 -57.74 -79.68 -10.14
C ALA AA 425 -56.66 -79.07 -9.24
N GLU AA 426 -55.97 -77.95 -9.47
CA GLU AA 426 -55.04 -77.46 -8.47
C GLU AA 426 -55.37 -76.07 -7.94
N GLN AA 427 -56.43 -75.43 -8.42
CA GLN AA 427 -56.84 -74.16 -7.84
C GLN AA 427 -57.44 -74.37 -6.45
N MET AA 428 -58.29 -75.38 -6.29
CA MET AA 428 -58.85 -75.65 -4.97
C MET AA 428 -57.82 -76.25 -4.02
N THR AA 429 -56.72 -76.81 -4.53
CA THR AA 429 -55.62 -77.18 -3.64
C THR AA 429 -55.00 -75.95 -3.00
N ARG AA 430 -54.81 -74.89 -3.80
CA ARG AA 430 -54.36 -73.60 -3.25
C ARG AA 430 -55.40 -73.03 -2.29
N ALA AA 431 -56.68 -73.20 -2.62
CA ALA AA 431 -57.75 -72.73 -1.73
C ALA AA 431 -57.71 -73.46 -0.39
N LEU AA 432 -57.52 -74.79 -0.42
CA LEU AA 432 -57.46 -75.57 0.81
C LEU AA 432 -56.20 -75.26 1.61
N GLU AA 433 -55.08 -74.98 0.93
CA GLU AA 433 -53.88 -74.50 1.62
C GLU AA 433 -54.14 -73.18 2.33
N LEU AA 434 -54.84 -72.26 1.65
CA LEU AA 434 -55.18 -70.97 2.24
C LEU AA 434 -56.13 -71.14 3.43
N LEU AA 435 -57.08 -72.08 3.33
CA LEU AA 435 -58.01 -72.30 4.43
C LEU AA 435 -57.33 -72.97 5.63
N TYR AA 436 -56.39 -73.88 5.37
CA TYR AA 436 -55.65 -74.48 6.48
C TYR AA 436 -54.76 -73.46 7.17
N SER AA 437 -54.10 -72.59 6.40
CA SER AA 437 -53.25 -71.57 7.00
C SER AA 437 -54.07 -70.61 7.85
N LEU AA 438 -55.33 -70.38 7.48
CA LEU AA 438 -56.21 -69.48 8.21
C LEU AA 438 -57.03 -70.22 9.26
N GLY AA 439 -56.36 -71.05 10.07
CA GLY AA 439 -57.06 -71.88 11.03
C GLY AA 439 -58.02 -72.82 10.34
N ALA AA 440 -59.30 -72.71 10.71
CA ALA AA 440 -60.44 -73.25 9.97
C ALA AA 440 -60.42 -74.76 9.80
N LEU AA 441 -59.46 -75.27 9.04
CA LEU AA 441 -59.40 -76.68 8.69
C LEU AA 441 -58.35 -77.40 9.51
N ASP AA 442 -58.60 -78.70 9.75
CA ASP AA 442 -57.66 -79.55 10.45
C ASP AA 442 -56.73 -80.23 9.45
N ASP AA 443 -55.98 -81.23 9.92
CA ASP AA 443 -55.17 -82.05 9.03
C ASP AA 443 -56.01 -83.05 8.22
N TYR AA 444 -57.29 -83.20 8.56
CA TYR AA 444 -58.15 -84.20 7.93
C TYR AA 444 -59.19 -83.57 7.00
N ALA AA 445 -58.95 -82.35 6.53
CA ALA AA 445 -59.79 -81.64 5.55
C ALA AA 445 -61.23 -81.49 6.05
N LYS AA 446 -61.39 -81.19 7.33
CA LYS AA 446 -62.71 -81.01 7.93
C LYS AA 446 -62.80 -79.66 8.62
N LEU AA 447 -63.99 -79.09 8.60
CA LEU AA 447 -64.24 -77.85 9.33
C LEU AA 447 -64.24 -78.16 10.83
N THR AA 448 -63.48 -77.39 11.59
CA THR AA 448 -63.13 -77.78 12.95
C THR AA 448 -64.22 -77.41 13.95
N ARG AA 449 -63.86 -77.54 15.23
CA ARG AA 449 -64.54 -77.06 16.42
C ARG AA 449 -64.70 -75.56 16.21
N PRO AA 450 -65.86 -74.91 16.57
CA PRO AA 450 -66.39 -73.76 15.80
C PRO AA 450 -65.50 -72.62 15.30
N LEU AA 451 -64.20 -72.62 15.60
CA LEU AA 451 -63.22 -71.83 14.84
C LEU AA 451 -63.53 -71.80 13.35
N GLY AA 452 -63.56 -72.97 12.71
CA GLY AA 452 -63.93 -73.05 11.32
C GLY AA 452 -65.36 -72.63 11.05
N LEU AA 453 -66.26 -72.93 12.00
CA LEU AA 453 -67.64 -72.45 11.87
C LEU AA 453 -67.72 -70.94 12.04
N ARG AA 454 -66.85 -70.34 12.84
CA ARG AA 454 -66.88 -68.89 12.99
C ARG AA 454 -66.31 -68.18 11.77
N MET AA 455 -65.29 -68.75 11.10
CA MET AA 455 -64.99 -68.21 9.78
C MET AA 455 -66.01 -68.62 8.72
N ALA AA 456 -66.86 -69.60 9.00
CA ALA AA 456 -67.78 -70.11 7.97
C ALA AA 456 -68.90 -69.11 7.69
N GLU AA 457 -69.51 -68.55 8.72
CA GLU AA 457 -70.72 -67.77 8.51
C GLU AA 457 -70.47 -66.28 8.32
N LEU AA 458 -69.24 -65.80 8.51
CA LEU AA 458 -68.96 -64.37 8.40
C LEU AA 458 -68.85 -63.95 6.93
N ALA AA 459 -69.48 -62.83 6.60
CA ALA AA 459 -69.45 -62.29 5.24
C ALA AA 459 -68.29 -61.33 5.04
N VAL AA 460 -67.10 -61.81 5.41
CA VAL AA 460 -65.85 -61.07 5.29
C VAL AA 460 -64.91 -61.97 4.50
N GLU AA 461 -63.89 -61.37 3.89
CA GLU AA 461 -62.76 -62.15 3.40
C GLU AA 461 -62.18 -62.97 4.55
N PRO AA 462 -61.95 -64.27 4.36
CA PRO AA 462 -61.61 -65.14 5.50
C PRO AA 462 -60.31 -64.80 6.21
N MET AA 463 -59.42 -64.03 5.55
CA MET AA 463 -58.16 -63.61 6.17
C MET AA 463 -58.42 -62.79 7.42
N MET AA 464 -59.23 -61.74 7.27
CA MET AA 464 -59.35 -60.88 8.42
C MET AA 464 -60.58 -61.28 9.26
N ALA AA 465 -61.41 -62.19 8.75
CA ALA AA 465 -62.31 -62.93 9.64
C ALA AA 465 -61.52 -63.79 10.62
N LYS AA 466 -60.45 -64.45 10.14
CA LYS AA 466 -59.52 -65.12 11.05
C LYS AA 466 -58.88 -64.15 12.03
N THR AA 467 -58.52 -62.95 11.54
CA THR AA 467 -58.02 -61.91 12.45
C THR AA 467 -59.04 -61.56 13.54
N LEU AA 468 -60.29 -61.31 13.15
CA LEU AA 468 -61.33 -60.93 14.10
C LEU AA 468 -61.63 -62.04 15.10
N LEU AA 469 -61.47 -63.31 14.69
CA LEU AA 469 -61.55 -64.36 15.68
C LEU AA 469 -60.34 -64.30 16.61
N SER AA 470 -59.14 -64.13 16.05
CA SER AA 470 -57.94 -64.03 16.87
C SER AA 470 -57.67 -62.57 17.24
N ALA AA 471 -58.73 -61.93 17.69
CA ALA AA 471 -58.74 -60.60 18.29
C ALA AA 471 -59.16 -60.61 19.75
N GLN AA 472 -60.18 -61.40 20.11
CA GLN AA 472 -60.71 -61.37 21.47
C GLN AA 472 -59.73 -61.95 22.48
N SER AA 473 -58.99 -63.00 22.08
CA SER AA 473 -58.00 -63.58 22.96
C SER AA 473 -56.84 -62.61 23.22
N PHE AA 474 -56.56 -61.72 22.28
CA PHE AA 474 -55.51 -60.71 22.42
C PHE AA 474 -56.09 -59.30 22.54
N GLY AA 475 -57.15 -59.13 23.31
CA GLY AA 475 -57.57 -57.80 23.69
C GLY AA 475 -58.51 -57.09 22.73
N CYS AA 476 -57.95 -56.24 21.87
CA CYS AA 476 -58.75 -55.33 21.06
C CYS AA 476 -59.59 -56.08 20.03
N LEU AA 477 -60.88 -55.77 20.01
CA LEU AA 477 -61.84 -56.36 19.08
C LEU AA 477 -62.62 -55.32 18.30
N SER AA 478 -63.00 -54.20 18.92
CA SER AA 478 -63.89 -53.25 18.27
C SER AA 478 -63.17 -52.43 17.20
N GLU AA 479 -61.87 -52.17 17.41
CA GLU AA 479 -61.11 -51.37 16.45
C GLU AA 479 -60.95 -52.10 15.12
N ILE AA 480 -60.57 -53.37 15.17
CA ILE AA 480 -60.48 -54.08 13.90
C ILE AA 480 -61.84 -54.59 13.44
N LEU AA 481 -62.87 -54.55 14.29
CA LEU AA 481 -64.24 -54.66 13.78
C LEU AA 481 -64.59 -53.47 12.89
N THR AA 482 -64.18 -52.27 13.32
CA THR AA 482 -64.30 -51.09 12.46
C THR AA 482 -63.49 -51.24 11.18
N ILE AA 483 -62.25 -51.70 11.29
CA ILE AA 483 -61.42 -51.92 10.11
C ILE AA 483 -62.05 -52.99 9.20
N ALA AA 484 -62.80 -53.94 9.79
CA ALA AA 484 -63.52 -54.93 9.00
C ALA AA 484 -64.68 -54.29 8.25
N ALA AA 485 -65.32 -53.31 8.87
CA ALA AA 485 -66.33 -52.54 8.14
C ALA AA 485 -65.72 -51.78 6.97
N MET AA 486 -64.53 -51.21 7.16
CA MET AA 486 -63.90 -50.46 6.06
C MET AA 486 -63.34 -51.36 4.97
N THR AA 487 -62.89 -52.57 5.31
CA THR AA 487 -62.25 -53.42 4.30
C THR AA 487 -63.27 -54.03 3.34
N SER AA 488 -64.40 -54.48 3.85
CA SER AA 488 -65.46 -55.05 3.01
C SER AA 488 -66.24 -53.92 2.35
N LEU AA 489 -65.57 -53.29 1.38
CA LEU AA 489 -66.05 -52.04 0.79
C LEU AA 489 -65.34 -51.82 -0.54
N ASP AA 490 -66.11 -51.82 -1.64
CA ASP AA 490 -65.51 -51.75 -2.97
C ASP AA 490 -65.21 -50.31 -3.39
N GLY AA 491 -66.25 -49.49 -3.51
CA GLY AA 491 -66.07 -48.12 -3.95
C GLY AA 491 -65.42 -47.29 -2.86
N THR AA 492 -64.31 -46.62 -3.18
CA THR AA 492 -63.44 -46.02 -2.18
C THR AA 492 -64.12 -44.87 -1.44
N LEU AA 493 -63.66 -44.64 -0.21
CA LEU AA 493 -64.26 -43.62 0.64
C LEU AA 493 -64.02 -42.22 0.08
N TRP AA 494 -62.81 -41.94 -0.39
CA TRP AA 494 -62.46 -40.62 -0.87
C TRP AA 494 -63.06 -40.37 -2.24
N ILE AA 495 -63.75 -39.25 -2.40
CA ILE AA 495 -64.21 -38.81 -3.71
C ILE AA 495 -63.02 -38.31 -4.50
N GLN AA 496 -62.80 -38.90 -5.67
CA GLN AA 496 -61.61 -38.60 -6.46
C GLN AA 496 -61.70 -37.20 -7.07
N HIS AA 497 -61.06 -36.23 -6.44
CA HIS AA 497 -61.06 -34.84 -6.90
C HIS AA 497 -59.76 -34.60 -7.65
N GLU AA 498 -59.85 -34.60 -8.99
CA GLU AA 498 -58.68 -34.39 -9.82
C GLU AA 498 -58.18 -32.95 -9.78
N GLY AA 499 -59.06 -32.00 -9.48
CA GLY AA 499 -58.65 -30.60 -9.42
C GLY AA 499 -57.78 -30.27 -8.23
N ASP AA 500 -57.84 -31.08 -7.16
CA ASP AA 500 -57.03 -30.87 -5.96
C ASP AA 500 -55.96 -31.94 -5.89
N LYS AA 501 -54.71 -31.51 -5.74
CA LYS AA 501 -53.58 -32.43 -5.62
C LYS AA 501 -52.95 -32.35 -4.23
N LYS AA 502 -52.53 -31.15 -3.81
CA LYS AA 502 -52.01 -30.99 -2.45
C LYS AA 502 -53.13 -30.99 -1.41
N LYS AA 503 -54.32 -30.53 -1.81
CA LYS AA 503 -55.45 -30.52 -0.88
C LYS AA 503 -55.92 -31.94 -0.56
N THR AA 504 -55.90 -32.83 -1.56
CA THR AA 504 -56.25 -34.22 -1.31
C THR AA 504 -55.24 -34.89 -0.39
N GLU AA 505 -53.95 -34.57 -0.57
CA GLU AA 505 -52.93 -35.09 0.34
C GLU AA 505 -53.13 -34.53 1.75
N SER AA 506 -53.49 -33.25 1.87
CA SER AA 506 -53.68 -32.64 3.19
C SER AA 506 -54.87 -33.23 3.92
N VAL AA 507 -56.00 -33.43 3.21
CA VAL AA 507 -57.16 -34.04 3.86
C VAL AA 507 -56.95 -35.54 4.07
N LYS AA 508 -56.06 -36.18 3.31
CA LYS AA 508 -55.63 -37.52 3.67
C LYS AA 508 -54.66 -37.49 4.84
N ARG AA 509 -53.94 -36.40 5.01
CA ARG AA 509 -53.06 -36.21 6.17
C ARG AA 509 -53.79 -35.68 7.39
N LYS AA 510 -55.07 -35.30 7.25
CA LYS AA 510 -55.84 -34.88 8.42
C LYS AA 510 -56.11 -36.04 9.36
N PHE AA 511 -56.14 -37.26 8.83
CA PHE AA 511 -56.40 -38.46 9.64
C PHE AA 511 -55.27 -39.47 9.50
N ALA AA 512 -54.07 -39.02 9.14
CA ALA AA 512 -52.99 -39.92 8.76
C ALA AA 512 -52.40 -40.62 9.98
N ALA AA 513 -52.03 -41.88 9.80
CA ALA AA 513 -51.33 -42.67 10.80
C ALA AA 513 -50.08 -43.26 10.17
N GLU AA 514 -48.95 -43.09 10.84
CA GLU AA 514 -47.69 -43.65 10.33
C GLU AA 514 -47.69 -45.17 10.38
N GLU AA 515 -48.39 -45.76 11.35
CA GLU AA 515 -48.39 -47.21 11.55
C GLU AA 515 -49.44 -47.90 10.67
N GLY AA 516 -49.40 -47.65 9.38
CA GLY AA 516 -50.23 -48.36 8.43
C GLY AA 516 -51.37 -47.50 7.89
N ASP AA 517 -52.14 -48.13 7.00
CA ASP AA 517 -53.27 -47.48 6.35
C ASP AA 517 -54.62 -47.83 6.97
N HIS AA 518 -54.69 -48.96 7.70
CA HIS AA 518 -55.93 -49.36 8.33
C HIS AA 518 -56.33 -48.39 9.45
N LEU AA 519 -55.34 -47.86 10.17
CA LEU AA 519 -55.62 -46.93 11.26
C LEU AA 519 -56.15 -45.61 10.74
N THR AA 520 -55.82 -45.24 9.49
CA THR AA 520 -56.44 -44.06 8.88
C THR AA 520 -57.93 -44.25 8.66
N LEU AA 521 -58.32 -45.45 8.20
CA LEU AA 521 -59.75 -45.76 8.04
C LEU AA 521 -60.45 -45.82 9.39
N LEU AA 522 -59.77 -46.36 10.41
CA LEU AA 522 -60.31 -46.34 11.76
C LEU AA 522 -60.49 -44.91 12.27
N ASN AA 523 -59.53 -44.03 11.96
CA ASN AA 523 -59.61 -42.64 12.37
C ASN AA 523 -60.77 -41.91 11.68
N VAL AA 524 -60.97 -42.15 10.38
CA VAL AA 524 -62.07 -41.47 9.70
C VAL AA 524 -63.42 -42.01 10.15
N TYR AA 525 -63.51 -43.31 10.49
CA TYR AA 525 -64.76 -43.84 11.03
C TYR AA 525 -65.06 -43.25 12.40
N GLN AA 526 -64.03 -43.14 13.26
CA GLN AA 526 -64.24 -42.56 14.58
C GLN AA 526 -64.57 -41.08 14.49
N ALA AA 527 -64.01 -40.38 13.50
CA ALA AA 527 -64.35 -38.98 13.29
C ALA AA 527 -65.78 -38.82 12.82
N PHE AA 528 -66.26 -39.72 11.95
CA PHE AA 528 -67.63 -39.64 11.47
C PHE AA 528 -68.63 -39.99 12.55
N VAL AA 529 -68.35 -41.04 13.33
CA VAL AA 529 -69.37 -41.58 14.23
C VAL AA 529 -69.40 -40.81 15.55
N THR AA 530 -68.25 -40.64 16.19
CA THR AA 530 -68.24 -40.07 17.54
C THR AA 530 -68.46 -38.56 17.50
N LYS AA 531 -67.60 -37.82 16.83
CA LYS AA 531 -67.68 -36.37 16.85
C LYS AA 531 -68.42 -35.78 15.65
N GLY AA 532 -68.46 -36.50 14.53
CA GLY AA 532 -69.09 -35.97 13.33
C GLY AA 532 -70.60 -35.91 13.39
N ARG AA 533 -71.22 -36.65 14.33
CA ARG AA 533 -72.67 -36.68 14.55
C ARG AA 533 -73.44 -37.12 13.30
N LYS AA 534 -72.83 -38.01 12.50
CA LYS AA 534 -73.43 -38.59 11.30
C LYS AA 534 -73.88 -37.52 10.30
N GLU AA 535 -72.96 -36.60 10.00
CA GLU AA 535 -73.26 -35.43 9.17
C GLU AA 535 -72.56 -35.58 7.83
N ALA AA 536 -73.31 -35.34 6.74
CA ALA AA 536 -72.81 -35.58 5.39
C ALA AA 536 -72.02 -34.42 4.81
N HIS AA 537 -72.39 -33.18 5.14
CA HIS AA 537 -71.67 -32.03 4.58
C HIS AA 537 -70.25 -31.95 5.14
N TRP AA 538 -70.05 -32.40 6.38
CA TRP AA 538 -68.69 -32.52 6.93
C TRP AA 538 -67.84 -33.46 6.09
N CYS AA 539 -68.43 -34.57 5.64
CA CYS AA 539 -67.76 -35.42 4.65
C CYS AA 539 -67.62 -34.72 3.30
N HIS AA 540 -68.48 -33.75 3.00
CA HIS AA 540 -68.35 -33.04 1.73
C HIS AA 540 -67.15 -32.10 1.71
N GLU AA 541 -66.81 -31.46 2.85
CA GLU AA 541 -65.53 -30.75 2.84
C GLU AA 541 -64.35 -31.70 2.94
N ASN AA 542 -64.52 -32.85 3.60
CA ASN AA 542 -63.42 -33.80 3.80
C ASN AA 542 -63.18 -34.72 2.60
N MET AA 543 -63.78 -34.40 1.44
CA MET AA 543 -63.53 -35.08 0.17
C MET AA 543 -63.89 -36.57 0.24
N LEU AA 544 -64.90 -36.91 1.04
CA LEU AA 544 -65.25 -38.30 1.29
C LEU AA 544 -66.67 -38.58 0.81
N ASN AA 545 -66.90 -39.85 0.42
CA ASN AA 545 -68.23 -40.29 0.05
C ASN AA 545 -69.11 -40.43 1.30
N TYR AA 546 -70.40 -40.68 1.06
CA TYR AA 546 -71.35 -40.80 2.16
C TYR AA 546 -72.12 -42.12 2.17
N LYS AA 547 -72.59 -42.59 1.01
CA LYS AA 547 -73.50 -43.72 0.97
C LYS AA 547 -72.80 -45.03 1.31
N ALA AA 548 -71.63 -45.28 0.69
CA ALA AA 548 -70.92 -46.53 0.92
C ALA AA 548 -70.38 -46.61 2.35
N MET AA 549 -70.06 -45.47 2.96
CA MET AA 549 -69.49 -45.51 4.29
C MET AA 549 -70.54 -45.59 5.40
N ILE AA 550 -71.73 -45.01 5.20
CA ILE AA 550 -72.82 -45.32 6.13
C ILE AA 550 -73.30 -46.76 5.93
N ARG AA 551 -73.17 -47.28 4.70
CA ARG AA 551 -73.35 -48.71 4.48
C ARG AA 551 -72.33 -49.51 5.28
N ALA AA 552 -71.09 -49.03 5.35
CA ALA AA 552 -70.07 -49.67 6.18
C ALA AA 552 -70.40 -49.56 7.66
N VAL AA 553 -71.06 -48.48 8.09
CA VAL AA 553 -71.57 -48.39 9.47
C VAL AA 553 -72.57 -49.50 9.73
N SER AA 554 -73.50 -49.70 8.79
CA SER AA 554 -74.46 -50.80 8.90
C SER AA 554 -73.76 -52.16 8.87
N ILE AA 555 -72.69 -52.27 8.10
CA ILE AA 555 -71.90 -53.50 8.04
C ILE AA 555 -71.24 -53.77 9.39
N ARG AA 556 -70.71 -52.73 10.04
CA ARG AA 556 -70.12 -52.90 11.36
C ARG AA 556 -71.17 -53.34 12.38
N ALA AA 557 -72.37 -52.76 12.29
CA ALA AA 557 -73.46 -53.20 13.16
C ALA AA 557 -73.83 -54.66 12.92
N GLN AA 558 -73.89 -55.07 11.65
CA GLN AA 558 -74.23 -56.45 11.30
C GLN AA 558 -73.16 -57.43 11.78
N LEU AA 559 -71.88 -57.06 11.64
CA LEU AA 559 -70.80 -57.92 12.12
C LEU AA 559 -70.73 -57.96 13.64
N LYS AA 560 -71.08 -56.85 14.31
CA LYS AA 560 -71.23 -56.87 15.77
C LYS AA 560 -72.32 -57.84 16.18
N ARG AA 561 -73.44 -57.84 15.45
CA ARG AA 561 -74.51 -58.81 15.70
C ARG AA 561 -74.03 -60.25 15.45
N PHE AA 562 -73.25 -60.44 14.39
CA PHE AA 562 -72.75 -61.77 14.04
C PHE AA 562 -71.82 -62.31 15.13
N LEU AA 563 -70.95 -61.46 15.67
CA LEU AA 563 -70.11 -61.91 16.77
C LEU AA 563 -70.86 -61.95 18.10
N GLU AA 564 -72.01 -61.28 18.19
CA GLU AA 564 -72.90 -61.50 19.33
C GLU AA 564 -73.48 -62.90 19.30
N ARG AA 565 -73.83 -63.40 18.11
CA ARG AA 565 -74.19 -64.81 17.98
C ARG AA 565 -73.00 -65.77 18.10
N PHE AA 566 -71.77 -65.27 18.13
CA PHE AA 566 -70.62 -66.13 18.38
C PHE AA 566 -70.43 -66.46 19.86
N GLY AA 567 -71.16 -65.81 20.75
CA GLY AA 567 -71.05 -66.07 22.17
C GLY AA 567 -70.01 -65.24 22.90
N ILE AA 568 -69.23 -64.43 22.18
CA ILE AA 568 -68.23 -63.57 22.79
C ILE AA 568 -68.87 -62.21 23.07
N ASP AA 569 -68.72 -61.74 24.31
CA ASP AA 569 -69.28 -60.44 24.69
C ASP AA 569 -68.57 -59.31 23.96
N VAL AA 570 -69.28 -58.20 23.77
CA VAL AA 570 -68.75 -57.07 23.00
C VAL AA 570 -68.12 -56.07 23.96
N GLU AA 571 -66.87 -55.70 23.69
CA GLU AA 571 -66.15 -54.73 24.51
C GLU AA 571 -66.11 -53.40 23.77
N GLU AA 572 -67.18 -52.62 23.92
CA GLU AA 572 -67.28 -51.30 23.32
C GLU AA 572 -66.76 -50.29 24.32
N SER AA 573 -65.44 -50.07 24.30
CA SER AA 573 -64.80 -49.09 25.15
C SER AA 573 -64.55 -47.76 24.42
N LEU AA 574 -64.99 -47.66 23.16
CA LEU AA 574 -64.80 -46.42 22.41
C LEU AA 574 -65.69 -45.30 22.95
N SER AA 575 -66.92 -45.63 23.36
CA SER AA 575 -67.79 -44.62 23.96
C SER AA 575 -67.30 -44.18 25.33
N SER AA 576 -66.68 -45.08 26.07
CA SER AA 576 -66.13 -44.71 27.38
C SER AA 576 -64.91 -43.82 27.20
N PRO AA 577 -64.67 -42.87 28.12
CA PRO AA 577 -63.49 -42.01 28.01
C PRO AA 577 -62.25 -42.62 28.63
N SER AA 578 -62.23 -43.94 28.83
CA SER AA 578 -61.11 -44.63 29.47
C SER AA 578 -59.95 -44.70 28.48
N VAL AA 579 -59.14 -43.64 28.49
CA VAL AA 579 -57.96 -43.55 27.64
C VAL AA 579 -56.70 -43.86 28.47
N SER AA 580 -56.89 -44.43 29.66
CA SER AA 580 -55.77 -44.72 30.56
C SER AA 580 -54.82 -45.77 30.00
N GLN AA 581 -55.31 -46.63 29.12
CA GLN AA 581 -54.40 -47.51 28.37
C GLN AA 581 -53.58 -46.68 27.39
N GLN AA 582 -52.29 -46.97 27.32
CA GLN AA 582 -51.40 -46.20 26.45
C GLN AA 582 -51.69 -46.50 24.98
N PRO AA 583 -51.71 -45.49 24.11
CA PRO AA 583 -52.15 -45.73 22.73
C PRO AA 583 -51.10 -46.37 21.84
N ALA AA 584 -49.81 -46.29 22.19
CA ALA AA 584 -48.78 -46.94 21.40
C ALA AA 584 -48.91 -48.46 21.47
N ASN AA 585 -49.12 -48.98 22.68
CA ASN AA 585 -49.35 -50.41 22.85
C ASN AA 585 -50.64 -50.86 22.19
N LYS AA 586 -51.66 -50.00 22.21
CA LYS AA 586 -52.91 -50.31 21.52
C LYS AA 586 -52.73 -50.38 20.00
N ALA AA 587 -51.95 -49.45 19.43
CA ALA AA 587 -51.71 -49.45 18.00
C ALA AA 587 -50.89 -50.67 17.57
N GLU AA 588 -49.83 -50.99 18.33
CA GLU AA 588 -49.06 -52.17 17.99
C GLU AA 588 -49.83 -53.45 18.29
N LYS AA 589 -50.79 -53.40 19.22
CA LYS AA 589 -51.69 -54.53 19.44
C LYS AA 589 -52.59 -54.76 18.23
N ILE AA 590 -53.13 -53.67 17.66
CA ILE AA 590 -53.97 -53.77 16.47
C ILE AA 590 -53.19 -54.34 15.30
N GLN AA 591 -51.99 -53.79 15.05
CA GLN AA 591 -51.20 -54.31 13.92
C GLN AA 591 -50.60 -55.69 14.22
N ARG AA 592 -50.40 -56.03 15.49
CA ARG AA 592 -49.97 -57.38 15.86
C ARG AA 592 -51.06 -58.40 15.59
N CYS AA 593 -52.31 -58.05 15.92
CA CYS AA 593 -53.43 -58.91 15.54
C CYS AA 593 -53.56 -59.00 14.02
N LEU AA 594 -53.30 -57.89 13.32
CA LEU AA 594 -53.37 -57.89 11.87
C LEU AA 594 -52.34 -58.84 11.25
N THR AA 595 -51.10 -58.83 11.75
CA THR AA 595 -50.12 -59.77 11.22
C THR AA 595 -50.27 -61.17 11.78
N ILE AA 596 -51.00 -61.34 12.89
CA ILE AA 596 -51.51 -62.66 13.26
C ILE AA 596 -52.42 -63.18 12.15
N GLY AA 597 -53.30 -62.32 11.65
CA GLY AA 597 -54.16 -62.69 10.55
C GLY AA 597 -53.47 -62.70 9.20
N TYR AA 598 -52.84 -61.59 8.81
CA TYR AA 598 -52.37 -61.35 7.45
C TYR AA 598 -50.94 -61.83 7.22
N PHE AA 599 -50.52 -62.93 7.85
CA PHE AA 599 -49.16 -63.42 7.69
C PHE AA 599 -48.89 -63.92 6.27
N ALA AA 600 -49.94 -64.37 5.56
CA ALA AA 600 -49.76 -64.84 4.19
C ALA AA 600 -49.43 -63.70 3.24
N HIS AA 601 -50.08 -62.55 3.41
CA HIS AA 601 -49.82 -61.37 2.58
C HIS AA 601 -48.74 -60.52 3.23
N ALA AA 602 -47.52 -61.03 3.20
CA ALA AA 602 -46.36 -60.37 3.78
C ALA AA 602 -45.38 -59.99 2.68
N ALA AA 603 -44.76 -58.81 2.82
CA ALA AA 603 -43.80 -58.34 1.84
C ALA AA 603 -42.73 -57.51 2.54
N LYS AA 604 -41.59 -57.38 1.87
CA LYS AA 604 -40.48 -56.56 2.35
C LYS AA 604 -40.15 -55.52 1.30
N MET AA 605 -39.97 -54.27 1.74
CA MET AA 605 -39.61 -53.20 0.83
C MET AA 605 -38.12 -53.28 0.49
N GLN AA 606 -37.80 -53.06 -0.77
CA GLN AA 606 -36.47 -53.09 -1.36
C GLN AA 606 -35.93 -51.67 -1.53
N PRO AA 607 -34.60 -51.51 -1.62
CA PRO AA 607 -34.03 -50.15 -1.76
C PRO AA 607 -34.50 -49.38 -2.99
N ASP AA 608 -34.81 -50.06 -4.10
CA ASP AA 608 -35.22 -49.34 -5.30
C ASP AA 608 -36.64 -48.81 -5.23
N GLY AA 609 -37.33 -48.99 -4.10
CA GLY AA 609 -38.66 -48.46 -3.90
C GLY AA 609 -39.75 -49.48 -4.04
N THR AA 610 -39.51 -50.56 -4.78
CA THR AA 610 -40.51 -51.61 -4.96
C THR AA 610 -40.52 -52.53 -3.75
N PHE AA 611 -41.59 -53.31 -3.64
CA PHE AA 611 -41.71 -54.34 -2.63
C PHE AA 611 -41.45 -55.70 -3.25
N ARG AA 612 -41.28 -56.70 -2.39
CA ARG AA 612 -41.04 -58.05 -2.87
C ARG AA 612 -41.59 -59.04 -1.86
N ASN AA 613 -41.98 -60.22 -2.34
CA ASN AA 613 -42.53 -61.24 -1.48
C ASN AA 613 -41.45 -61.87 -0.61
N VAL AA 614 -41.88 -62.75 0.29
CA VAL AA 614 -40.95 -63.48 1.15
C VAL AA 614 -40.07 -64.41 0.33
N SER AA 615 -40.63 -65.00 -0.74
CA SER AA 615 -39.84 -65.82 -1.65
C SER AA 615 -38.84 -64.99 -2.46
N GLY AA 616 -39.05 -63.68 -2.56
CA GLY AA 616 -38.13 -62.81 -3.28
C GLY AA 616 -38.11 -63.02 -4.77
N THR AA 617 -39.27 -63.23 -5.39
CA THR AA 617 -39.34 -63.51 -6.83
C THR AA 617 -40.11 -62.45 -7.61
N THR AA 618 -41.29 -62.06 -7.13
CA THR AA 618 -42.16 -61.15 -7.88
C THR AA 618 -42.05 -59.74 -7.33
N VAL AA 619 -42.07 -58.77 -8.25
CA VAL AA 619 -41.94 -57.36 -7.91
C VAL AA 619 -43.32 -56.80 -7.60
N LEU AA 620 -43.47 -56.18 -6.43
CA LEU AA 620 -44.73 -55.58 -6.01
C LEU AA 620 -44.51 -54.10 -5.77
N HIS AA 621 -45.55 -53.31 -6.04
CA HIS AA 621 -45.49 -51.86 -5.87
C HIS AA 621 -46.67 -51.39 -5.02
N ALA AA 622 -46.47 -50.27 -4.34
CA ALA AA 622 -47.52 -49.68 -3.52
C ALA AA 622 -48.59 -49.06 -4.40
N HIS AA 623 -49.85 -49.27 -4.02
CA HIS AA 623 -50.97 -48.71 -4.76
C HIS AA 623 -51.04 -47.21 -4.51
N PRO AA 624 -51.28 -46.39 -5.55
CA PRO AA 624 -51.31 -44.93 -5.35
C PRO AA 624 -52.61 -44.41 -4.73
N SER AA 625 -53.08 -45.08 -3.69
CA SER AA 625 -54.22 -44.60 -2.90
C SER AA 625 -53.91 -44.83 -1.42
N SER AA 626 -53.00 -45.76 -1.15
CA SER AA 626 -52.62 -46.08 0.22
C SER AA 626 -51.79 -44.95 0.82
N ILE AA 627 -51.69 -44.97 2.15
CA ILE AA 627 -50.95 -43.93 2.86
C ILE AA 627 -49.44 -44.08 2.71
N MET AA 628 -48.96 -45.28 2.36
CA MET AA 628 -47.53 -45.56 2.31
C MET AA 628 -47.02 -45.57 0.87
N PHE AA 629 -47.56 -44.67 0.03
CA PHE AA 629 -47.07 -44.57 -1.34
C PHE AA 629 -45.66 -44.00 -1.38
N ASN AA 630 -45.41 -42.93 -0.62
CA ASN AA 630 -44.09 -42.32 -0.55
C ASN AA 630 -43.37 -42.60 0.76
N ARG AA 631 -44.04 -43.23 1.73
CA ARG AA 631 -43.43 -43.51 3.02
C ARG AA 631 -42.49 -44.71 2.93
N LYS AA 632 -41.48 -44.71 3.77
CA LYS AA 632 -40.51 -45.79 3.84
C LYS AA 632 -40.87 -46.76 4.97
N ALA AA 633 -40.90 -48.04 4.65
CA ALA AA 633 -41.12 -49.09 5.63
C ALA AA 633 -40.17 -50.24 5.32
N ASP AA 634 -40.06 -51.18 6.25
CA ASP AA 634 -39.21 -52.35 6.08
C ASP AA 634 -40.03 -53.59 5.72
N TRP AA 635 -41.00 -53.95 6.56
CA TRP AA 635 -41.87 -55.09 6.33
C TRP AA 635 -43.32 -54.61 6.37
N VAL AA 636 -44.13 -55.08 5.41
CA VAL AA 636 -45.51 -54.63 5.29
C VAL AA 636 -46.44 -55.83 5.09
N ILE AA 637 -47.70 -55.62 5.43
CA ILE AA 637 -48.82 -56.45 5.01
C ILE AA 637 -49.75 -55.61 4.14
N PHE AA 638 -50.47 -56.28 3.25
CA PHE AA 638 -51.41 -55.67 2.34
C PHE AA 638 -52.72 -56.44 2.34
N HIS AA 639 -53.82 -55.71 2.13
CA HIS AA 639 -55.15 -56.33 2.13
C HIS AA 639 -55.34 -57.24 0.93
N GLU AA 640 -55.00 -56.75 -0.26
CA GLU AA 640 -55.22 -57.51 -1.48
C GLU AA 640 -54.19 -57.07 -2.53
N VAL AA 641 -53.82 -58.02 -3.39
CA VAL AA 641 -52.87 -57.79 -4.47
C VAL AA 641 -53.61 -57.92 -5.80
N LEU AA 642 -53.37 -56.98 -6.70
CA LEU AA 642 -53.99 -57.02 -8.02
C LEU AA 642 -52.97 -56.62 -9.08
N GLU AA 643 -53.00 -57.33 -10.20
CA GLU AA 643 -52.11 -57.05 -11.31
C GLU AA 643 -52.81 -56.14 -12.31
N THR AA 644 -52.25 -54.94 -12.50
CA THR AA 644 -52.69 -54.03 -13.56
C THR AA 644 -52.06 -54.42 -14.89
N LYS AA 645 -52.07 -53.50 -15.85
CA LYS AA 645 -51.53 -53.73 -17.19
C LYS AA 645 -50.11 -54.28 -17.17
N ASP AA 646 -49.20 -53.66 -16.42
CA ASP AA 646 -47.86 -54.21 -16.22
C ASP AA 646 -47.40 -54.29 -14.77
N LYS AA 647 -47.76 -53.33 -13.92
CA LYS AA 647 -47.35 -53.35 -12.52
C LYS AA 647 -48.35 -54.10 -11.66
N THR AA 648 -47.82 -54.81 -10.66
CA THR AA 648 -48.63 -55.56 -9.70
C THR AA 648 -48.70 -54.76 -8.40
N PHE AA 649 -49.87 -54.17 -8.14
CA PHE AA 649 -50.04 -53.31 -6.99
C PHE AA 649 -50.58 -54.07 -5.79
N ILE AA 650 -50.35 -53.51 -4.60
CA ILE AA 650 -50.86 -54.02 -3.34
C ILE AA 650 -51.49 -52.87 -2.56
N ARG AA 651 -52.64 -53.15 -1.93
CA ARG AA 651 -53.47 -52.13 -1.30
C ARG AA 651 -53.45 -52.28 0.22
N ASP AA 652 -53.74 -51.16 0.90
CA ASP AA 652 -53.87 -51.07 2.36
C ASP AA 652 -52.59 -51.53 3.06
N ILE AA 653 -51.53 -50.74 2.83
CA ILE AA 653 -50.21 -51.06 3.34
C ILE AA 653 -50.15 -50.80 4.83
N THR AA 654 -49.63 -51.77 5.58
CA THR AA 654 -49.54 -51.66 7.04
C THR AA 654 -48.19 -52.19 7.50
N ARG AA 655 -47.52 -51.44 8.37
CA ARG AA 655 -46.17 -51.78 8.81
C ARG AA 655 -46.20 -52.92 9.84
N ILE AA 656 -45.26 -53.87 9.70
CA ILE AA 656 -45.18 -55.02 10.59
C ILE AA 656 -43.72 -55.26 10.98
N LYS AA 657 -43.47 -56.37 11.68
CA LYS AA 657 -42.13 -56.80 12.05
C LYS AA 657 -41.91 -58.24 11.61
N LYS AA 658 -40.64 -58.57 11.35
CA LYS AA 658 -40.28 -59.91 10.86
C LYS AA 658 -40.46 -60.96 11.96
N GLU AA 659 -40.08 -60.63 13.19
CA GLU AA 659 -40.25 -61.58 14.29
C GLU AA 659 -41.71 -61.81 14.63
N TRP AA 660 -42.60 -60.88 14.27
CA TRP AA 660 -44.03 -61.17 14.35
C TRP AA 660 -44.41 -62.31 13.42
N LEU AA 661 -43.82 -62.32 12.22
CA LEU AA 661 -44.05 -63.41 11.27
C LEU AA 661 -43.46 -64.72 11.78
N LEU AA 662 -42.26 -64.67 12.35
CA LEU AA 662 -41.64 -65.88 12.89
C LEU AA 662 -42.31 -66.38 14.16
N GLU AA 663 -43.07 -65.54 14.85
CA GLU AA 663 -43.76 -65.92 16.07
C GLU AA 663 -45.18 -66.41 15.82
N TYR AA 664 -45.94 -65.74 14.96
CA TYR AA 664 -47.33 -66.06 14.74
C TYR AA 664 -47.60 -66.92 13.51
N ALA AA 665 -46.56 -67.27 12.74
CA ALA AA 665 -46.67 -68.26 11.67
C ALA AA 665 -45.54 -69.26 11.79
N PRO AA 666 -45.57 -70.12 12.83
CA PRO AA 666 -44.46 -71.07 13.02
C PRO AA 666 -44.48 -72.22 12.04
N ASP AA 667 -45.65 -72.58 11.50
CA ASP AA 667 -45.75 -73.66 10.52
C ASP AA 667 -45.70 -73.15 9.09
N PHE AA 668 -45.93 -71.86 8.87
CA PHE AA 668 -45.87 -71.28 7.54
C PHE AA 668 -44.47 -70.78 7.20
N TYR AA 669 -43.85 -70.03 8.10
CA TYR AA 669 -42.54 -69.42 7.87
C TYR AA 669 -41.51 -70.00 8.82
N LYS AA 670 -40.30 -70.17 8.30
CA LYS AA 670 -39.16 -70.63 9.08
C LYS AA 670 -37.92 -69.89 8.61
N THR AA 671 -37.04 -69.57 9.57
CA THR AA 671 -35.80 -68.88 9.22
C THR AA 671 -34.75 -69.88 8.73
N THR AA 672 -33.67 -69.34 8.18
CA THR AA 672 -32.59 -70.18 7.67
C THR AA 672 -31.60 -70.51 8.77
N ARG BA 11 110.20 -51.09 -5.71
CA ARG BA 11 110.86 -50.07 -4.92
C ARG BA 11 110.66 -50.31 -3.43
N VAL BA 12 111.76 -50.24 -2.68
CA VAL BA 12 111.73 -50.41 -1.22
C VAL BA 12 112.20 -49.11 -0.57
N LEU BA 13 111.47 -48.69 0.46
CA LEU BA 13 111.77 -47.47 1.18
C LEU BA 13 112.92 -47.71 2.15
N LEU BA 14 113.70 -46.66 2.39
CA LEU BA 14 114.76 -46.71 3.40
C LEU BA 14 114.48 -45.68 4.48
N PRO BA 15 114.05 -46.10 5.68
CA PRO BA 15 113.92 -45.13 6.77
C PRO BA 15 115.28 -44.61 7.21
N PRO BA 16 115.35 -43.36 7.65
CA PRO BA 16 116.63 -42.84 8.19
C PRO BA 16 117.10 -43.56 9.43
N ILE BA 17 116.18 -44.04 10.27
CA ILE BA 17 116.57 -44.84 11.43
C ILE BA 17 117.13 -46.19 10.98
N ASN BA 18 116.60 -46.74 9.88
CA ASN BA 18 117.18 -47.94 9.30
C ASN BA 18 118.58 -47.66 8.75
N PHE BA 19 118.78 -46.48 8.17
CA PHE BA 19 120.12 -46.09 7.72
C PHE BA 19 121.09 -45.96 8.88
N LEU BA 20 120.64 -45.38 9.99
CA LEU BA 20 121.48 -45.28 11.18
C LEU BA 20 121.80 -46.65 11.76
N PHE BA 21 120.83 -47.56 11.76
CA PHE BA 21 121.09 -48.92 12.22
C PHE BA 21 122.05 -49.65 11.30
N ARG BA 22 121.96 -49.41 9.99
CA ARG BA 22 122.90 -49.99 9.04
C ARG BA 22 124.31 -49.46 9.26
N LEU BA 23 124.42 -48.16 9.55
CA LEU BA 23 125.72 -47.57 9.90
C LEU BA 23 126.27 -48.19 11.18
N LEU BA 24 125.40 -48.42 12.17
CA LEU BA 24 125.83 -49.00 13.44
C LEU BA 24 126.32 -50.42 13.26
N GLN BA 25 125.59 -51.24 12.51
CA GLN BA 25 126.00 -52.63 12.32
C GLN BA 25 127.18 -52.76 11.36
N GLN BA 26 127.36 -51.78 10.45
CA GLN BA 26 128.49 -51.81 9.53
C GLN BA 26 129.73 -51.15 10.11
N ARG BA 27 129.57 -50.36 11.18
CA ARG BA 27 130.65 -49.59 11.82
C ARG BA 27 131.34 -48.67 10.82
N THR BA 28 130.56 -48.10 9.92
CA THR BA 28 131.10 -47.16 8.94
C THR BA 28 131.32 -45.79 9.59
N PRO BA 29 132.48 -45.17 9.42
CA PRO BA 29 132.67 -43.81 9.92
C PRO BA 29 131.77 -42.82 9.19
N VAL BA 30 131.36 -41.77 9.91
CA VAL BA 30 130.45 -40.77 9.39
C VAL BA 30 131.03 -39.38 9.63
N GLN BA 31 130.56 -38.45 8.80
CA GLN BA 31 130.91 -37.03 8.84
C GLN BA 31 129.65 -36.24 9.17
N ILE BA 32 129.72 -35.42 10.20
CA ILE BA 32 128.56 -34.67 10.69
C ILE BA 32 128.86 -33.18 10.59
N TRP BA 33 128.01 -32.46 9.87
CA TRP BA 33 128.10 -31.00 9.81
C TRP BA 33 127.38 -30.42 11.02
N LEU BA 34 127.90 -29.31 11.56
CA LEU BA 34 127.16 -28.69 12.65
C LEU BA 34 126.11 -27.72 12.11
N TYR BA 35 125.12 -27.43 12.95
CA TYR BA 35 123.93 -26.67 12.55
C TYR BA 35 124.32 -25.20 12.39
N GLU BA 36 124.33 -24.74 11.13
CA GLU BA 36 124.86 -23.46 10.63
C GLU BA 36 126.17 -23.04 11.28
N GLN BA 37 127.05 -24.01 11.52
CA GLN BA 37 128.49 -23.78 11.63
C GLN BA 37 129.06 -24.51 10.42
N LEU BA 38 129.17 -23.78 9.30
CA LEU BA 38 129.41 -24.39 8.01
C LEU BA 38 130.80 -24.98 7.90
N ALA BA 39 131.74 -24.52 8.72
CA ALA BA 39 133.12 -24.98 8.66
C ALA BA 39 133.45 -26.04 9.70
N ILE BA 40 132.51 -26.44 10.55
CA ILE BA 40 132.80 -27.33 11.66
C ILE BA 40 132.07 -28.66 11.47
N ARG BA 41 132.84 -29.74 11.46
CA ARG BA 41 132.37 -31.10 11.22
C ARG BA 41 132.98 -32.03 12.25
N ILE BA 42 132.38 -33.22 12.36
CA ILE BA 42 132.84 -34.27 13.27
C ILE BA 42 132.96 -35.56 12.48
N THR BA 43 134.13 -36.20 12.54
CA THR BA 43 134.40 -37.44 11.84
C THR BA 43 134.58 -38.55 12.87
N GLY BA 44 133.77 -39.60 12.78
CA GLY BA 44 133.91 -40.69 13.75
C GLY BA 44 133.01 -41.86 13.42
N VAL BA 45 133.31 -42.99 14.06
CA VAL BA 45 132.56 -44.23 13.86
C VAL BA 45 131.42 -44.29 14.88
N ILE BA 46 130.24 -44.68 14.40
CA ILE BA 46 129.02 -44.59 15.20
C ILE BA 46 128.98 -45.71 16.23
N ARG BA 47 128.59 -45.36 17.46
CA ARG BA 47 128.43 -46.32 18.54
C ARG BA 47 127.00 -46.52 18.98
N GLY BA 48 126.16 -45.48 18.91
CA GLY BA 48 124.77 -45.65 19.32
C GLY BA 48 123.91 -44.48 18.92
N PHE BA 49 122.60 -44.72 18.91
CA PHE BA 49 121.62 -43.72 18.55
C PHE BA 49 120.29 -44.07 19.18
N ASP BA 50 119.39 -43.10 19.24
CA ASP BA 50 118.07 -43.29 19.81
C ASP BA 50 116.98 -42.79 18.87
N GLU BA 51 115.73 -42.72 19.37
CA GLU BA 51 114.64 -42.19 18.56
C GLU BA 51 114.77 -40.69 18.30
N PHE BA 52 115.50 -39.97 19.14
CA PHE BA 52 115.81 -38.57 18.91
C PHE BA 52 117.12 -38.39 18.15
N MET BA 53 117.68 -39.49 17.64
CA MET BA 53 118.94 -39.57 16.86
C MET BA 53 120.10 -38.81 17.54
N ASN BA 54 120.11 -38.83 18.87
CA ASN BA 54 121.26 -38.37 19.62
C ASN BA 54 122.40 -39.36 19.43
N LEU BA 55 123.56 -38.87 18.99
CA LEU BA 55 124.58 -39.74 18.41
C LEU BA 55 125.71 -39.99 19.41
N VAL BA 56 125.80 -41.21 19.92
CA VAL BA 56 126.99 -41.65 20.64
C VAL BA 56 128.01 -42.08 19.59
N ILE BA 57 129.10 -41.31 19.49
CA ILE BA 57 130.07 -41.43 18.41
C ILE BA 57 131.42 -41.82 19.02
N ASP BA 58 132.17 -42.63 18.28
CA ASP BA 58 133.48 -43.11 18.73
C ASP BA 58 134.57 -42.66 17.76
N ASP BA 59 135.78 -42.47 18.29
CA ASP BA 59 136.96 -42.05 17.54
C ASP BA 59 136.72 -40.74 16.79
N ALA BA 60 135.95 -39.85 17.40
CA ALA BA 60 135.53 -38.63 16.72
C ALA BA 60 136.60 -37.55 16.80
N VAL BA 61 136.82 -36.89 15.67
CA VAL BA 61 137.75 -35.79 15.54
C VAL BA 61 136.99 -34.59 15.00
N GLU BA 62 137.28 -33.41 15.55
CA GLU BA 62 136.64 -32.18 15.12
C GLU BA 62 137.46 -31.56 14.00
N ILE BA 63 136.78 -31.20 12.90
CA ILE BA 63 137.42 -30.64 11.72
C ILE BA 63 136.89 -29.23 11.53
N LYS BA 64 137.79 -28.26 11.54
CA LYS BA 64 137.45 -26.87 11.25
C LYS BA 64 137.91 -26.55 9.83
N LEU BA 65 136.99 -26.07 9.00
CA LEU BA 65 137.31 -25.76 7.62
C LEU BA 65 137.78 -24.32 7.48
N SER BA 66 138.56 -24.08 6.42
CA SER BA 66 139.03 -22.74 6.14
C SER BA 66 137.87 -21.84 5.69
N PRO BA 67 137.83 -20.59 6.15
CA PRO BA 67 136.72 -19.70 5.74
C PRO BA 67 136.83 -19.20 4.31
N LYS BA 68 137.93 -19.44 3.62
CA LYS BA 68 138.13 -18.86 2.29
C LYS BA 68 137.88 -19.87 1.16
N THR BA 69 138.26 -21.13 1.35
CA THR BA 69 138.14 -22.15 0.31
C THR BA 69 137.63 -23.48 0.85
N ASN BA 70 137.30 -23.56 2.14
CA ASN BA 70 136.65 -24.73 2.76
C ASN BA 70 137.51 -25.98 2.69
N GLU BA 71 138.77 -25.86 3.07
CA GLU BA 71 139.64 -27.00 3.29
C GLU BA 71 139.84 -27.23 4.78
N PRO BA 72 140.07 -28.47 5.21
CA PRO BA 72 140.29 -28.74 6.64
C PRO BA 72 141.54 -28.03 7.15
N GLU BA 73 141.36 -27.25 8.22
CA GLU BA 73 142.40 -26.40 8.77
C GLU BA 73 143.01 -26.95 10.06
N SER BA 74 142.17 -27.41 10.99
CA SER BA 74 142.64 -27.90 12.28
C SER BA 74 141.98 -29.23 12.60
N LYS BA 75 142.72 -30.08 13.32
CA LYS BA 75 142.24 -31.38 13.76
C LYS BA 75 142.19 -31.42 15.27
N ARG BA 76 141.02 -31.77 15.81
CA ARG BA 76 140.82 -31.85 17.26
C ARG BA 76 140.28 -33.24 17.60
N PRO BA 77 141.14 -34.19 17.96
CA PRO BA 77 140.66 -35.53 18.34
C PRO BA 77 139.94 -35.48 19.68
N LEU BA 78 138.76 -36.08 19.74
CA LEU BA 78 137.90 -35.93 20.90
C LEU BA 78 137.44 -37.26 21.47
N GLY BA 79 137.27 -38.28 20.62
CA GLY BA 79 136.97 -39.61 21.12
C GLY BA 79 135.51 -40.02 21.12
N GLN BA 80 134.95 -40.29 22.29
CA GLN BA 80 133.58 -40.76 22.43
C GLN BA 80 132.69 -39.62 22.94
N ILE BA 81 131.70 -39.25 22.12
CA ILE BA 81 130.88 -38.06 22.37
C ILE BA 81 129.41 -38.41 22.18
N LEU BA 82 128.56 -37.99 23.11
CA LEU BA 82 127.12 -37.94 22.87
C LEU BA 82 126.77 -36.57 22.28
N LEU BA 83 126.57 -36.53 20.98
CA LEU BA 83 126.18 -35.32 20.26
C LEU BA 83 124.66 -35.16 20.31
N LYS BA 84 124.23 -33.94 20.61
CA LYS BA 84 122.81 -33.60 20.66
C LYS BA 84 122.19 -33.71 19.28
N GLY BA 85 120.93 -34.15 19.22
CA GLY BA 85 120.29 -34.40 17.96
C GLY BA 85 119.92 -33.15 17.18
N ASP BA 86 119.89 -32.00 17.85
CA ASP BA 86 119.44 -30.77 17.22
C ASP BA 86 120.52 -30.07 16.41
N ASN BA 87 121.76 -30.56 16.42
CA ASN BA 87 122.86 -29.88 15.76
C ASN BA 87 123.35 -30.56 14.48
N ILE BA 88 122.79 -31.73 14.14
CA ILE BA 88 123.18 -32.40 12.90
C ILE BA 88 122.55 -31.69 11.71
N SER BA 89 123.39 -31.36 10.72
CA SER BA 89 122.92 -30.87 9.43
C SER BA 89 122.89 -31.97 8.38
N LEU BA 90 123.99 -32.71 8.24
CA LEU BA 90 124.08 -33.82 7.29
C LEU BA 90 125.02 -34.87 7.86
N ILE BA 91 124.69 -36.14 7.59
CA ILE BA 91 125.53 -37.27 7.98
C ILE BA 91 126.01 -37.95 6.70
N GLN BA 92 127.30 -37.91 6.46
CA GLN BA 92 127.92 -38.56 5.30
C GLN BA 92 128.49 -39.90 5.74
N ALA BA 93 128.12 -40.95 5.02
CA ALA BA 93 128.71 -42.28 5.24
C ALA BA 93 130.06 -42.31 4.54
N LEU BA 94 131.13 -42.23 5.32
CA LEU BA 94 132.49 -42.21 4.76
C LEU BA 94 132.83 -43.60 4.25
N SER BA 95 132.72 -43.79 2.95
CA SER BA 95 133.03 -45.07 2.34
C SER BA 95 134.55 -45.24 2.25
N GLY BA 96 135.09 -46.10 3.09
CA GLY BA 96 136.53 -46.33 3.08
C GLY BA 96 136.95 -47.11 1.85
N SER BA 97 138.20 -46.88 1.42
CA SER BA 97 138.75 -47.54 0.25
C SER BA 97 139.22 -48.94 0.64
N ALA BA 98 138.35 -49.92 0.44
CA ALA BA 98 138.67 -51.30 0.79
C ALA BA 98 139.11 -52.07 -0.45
N MET CA 1 97.43 -36.04 17.54
CA MET CA 1 97.59 -36.80 16.31
C MET CA 1 99.04 -36.82 15.87
N ALA CA 2 99.54 -38.02 15.53
CA ALA CA 2 100.88 -38.16 15.02
C ALA CA 2 100.98 -37.53 13.63
N PRO CA 3 102.13 -36.96 13.29
CA PRO CA 3 102.29 -36.37 11.95
C PRO CA 3 102.26 -37.44 10.87
N ALA CA 4 101.48 -37.17 9.82
CA ALA CA 4 101.38 -38.10 8.69
C ALA CA 4 102.65 -38.04 7.85
N GLN CA 5 102.82 -39.05 7.00
CA GLN CA 5 103.97 -39.08 6.10
C GLN CA 5 103.84 -37.96 5.07
N PRO CA 6 104.94 -37.26 4.77
CA PRO CA 6 104.86 -36.19 3.77
C PRO CA 6 104.72 -36.77 2.37
N GLU CA 7 104.16 -35.94 1.47
CA GLU CA 7 103.82 -36.38 0.11
C GLU CA 7 105.06 -36.34 -0.78
N LEU CA 8 105.96 -37.28 -0.52
CA LEU CA 8 107.19 -37.47 -1.30
C LEU CA 8 107.11 -38.69 -2.20
N LYS CA 9 105.91 -39.24 -2.42
CA LYS CA 9 105.77 -40.47 -3.20
C LYS CA 9 106.14 -40.27 -4.66
N LYS CA 10 105.90 -39.08 -5.21
CA LYS CA 10 106.24 -38.81 -6.59
C LYS CA 10 107.75 -38.75 -6.82
N TYR CA 11 108.53 -38.51 -5.77
CA TYR CA 11 109.95 -38.21 -5.92
C TYR CA 11 110.85 -39.42 -5.70
N LEU CA 12 110.30 -40.62 -5.61
CA LEU CA 12 111.11 -41.82 -5.50
C LEU CA 12 111.91 -42.07 -6.77
N ASP CA 13 113.20 -42.40 -6.58
CA ASP CA 13 114.15 -42.66 -7.67
C ASP CA 13 114.27 -41.49 -8.63
N LYS CA 14 114.25 -40.27 -8.08
CA LYS CA 14 114.37 -39.04 -8.87
C LYS CA 14 115.55 -38.23 -8.37
N ARG CA 15 116.35 -37.73 -9.31
CA ARG CA 15 117.46 -36.84 -8.97
C ARG CA 15 116.89 -35.50 -8.51
N LEU CA 16 117.22 -35.09 -7.29
CA LEU CA 16 116.62 -33.91 -6.69
C LEU CA 16 117.69 -32.95 -6.21
N PHE CA 17 117.25 -31.71 -6.00
CA PHE CA 17 118.05 -30.57 -5.58
C PHE CA 17 117.54 -30.15 -4.22
N VAL CA 18 118.44 -30.03 -3.25
CA VAL CA 18 118.05 -29.73 -1.87
C VAL CA 18 118.80 -28.46 -1.45
N GLU CA 19 118.04 -27.44 -1.08
CA GLU CA 19 118.59 -26.18 -0.58
C GLU CA 19 118.48 -26.20 0.93
N LEU CA 20 119.63 -26.11 1.60
CA LEU CA 20 119.77 -26.20 3.04
C LEU CA 20 120.24 -24.87 3.62
N ASN CA 21 119.93 -24.66 4.90
CA ASN CA 21 120.30 -23.44 5.61
C ASN CA 21 121.82 -23.30 5.66
N GLY CA 22 122.26 -22.05 5.59
CA GLY CA 22 123.64 -21.78 5.22
C GLY CA 22 123.88 -21.79 3.73
N SER CA 23 122.79 -21.82 2.94
CA SER CA 23 122.84 -21.79 1.47
C SER CA 23 123.63 -22.96 0.90
N ARG CA 24 123.52 -24.12 1.53
CA ARG CA 24 124.16 -25.32 1.02
C ARG CA 24 123.27 -25.97 -0.03
N ARG CA 25 123.90 -26.66 -1.00
CA ARG CA 25 123.09 -27.40 -1.96
C ARG CA 25 123.52 -28.86 -1.99
N VAL CA 26 122.55 -29.76 -2.07
CA VAL CA 26 122.80 -31.19 -2.15
C VAL CA 26 122.01 -31.73 -3.34
N ILE CA 27 122.73 -32.35 -4.29
CA ILE CA 27 122.11 -32.89 -5.50
C ILE CA 27 122.28 -34.40 -5.48
N GLY CA 28 121.17 -35.12 -5.55
CA GLY CA 28 121.28 -36.57 -5.51
C GLY CA 28 119.93 -37.22 -5.72
N VAL CA 29 119.96 -38.50 -6.08
CA VAL CA 29 118.73 -39.25 -6.31
C VAL CA 29 118.14 -39.64 -4.96
N LEU CA 30 116.81 -39.58 -4.86
CA LEU CA 30 116.15 -39.86 -3.60
C LEU CA 30 116.20 -41.35 -3.28
N ARG CA 31 116.39 -41.66 -2.01
CA ARG CA 31 116.33 -43.04 -1.53
C ARG CA 31 115.15 -43.29 -0.59
N GLY CA 32 114.85 -42.36 0.31
CA GLY CA 32 113.71 -42.58 1.19
C GLY CA 32 113.53 -41.44 2.17
N TYR CA 33 112.48 -41.59 2.98
CA TYR CA 33 112.06 -40.54 3.91
C TYR CA 33 111.29 -41.18 5.05
N ASP CA 34 110.98 -40.38 6.06
CA ASP CA 34 110.19 -40.83 7.20
C ASP CA 34 108.99 -39.92 7.43
N VAL CA 35 108.30 -40.10 8.56
CA VAL CA 35 107.14 -39.26 8.88
C VAL CA 35 107.51 -37.85 9.29
N PHE CA 36 108.80 -37.58 9.54
CA PHE CA 36 109.26 -36.25 9.88
C PHE CA 36 109.93 -35.55 8.70
N LEU CA 37 110.19 -36.27 7.61
CA LEU CA 37 110.97 -35.82 6.45
C LEU CA 37 112.42 -35.54 6.88
N ASN CA 38 113.04 -36.54 7.50
CA ASN CA 38 114.49 -36.70 7.39
C ASN CA 38 114.74 -37.48 6.11
N ILE CA 39 115.59 -36.95 5.25
CA ILE CA 39 115.62 -37.41 3.86
C ILE CA 39 116.93 -38.13 3.59
N VAL CA 40 116.85 -39.37 3.10
CA VAL CA 40 118.04 -40.14 2.75
C VAL CA 40 118.13 -40.21 1.23
N LEU CA 41 119.33 -39.92 0.72
CA LEU CA 41 119.58 -39.83 -0.71
C LEU CA 41 120.78 -40.69 -1.08
N ASP CA 42 120.85 -41.06 -2.36
CA ASP CA 42 121.98 -41.76 -2.93
C ASP CA 42 122.66 -40.86 -3.95
N ASP CA 43 123.98 -41.07 -4.12
CA ASP CA 43 124.83 -40.33 -5.05
C ASP CA 43 124.74 -38.82 -4.78
N ALA CA 44 125.13 -38.45 -3.56
CA ALA CA 44 125.00 -37.08 -3.10
C ALA CA 44 126.21 -36.24 -3.52
N VAL CA 45 125.94 -35.04 -4.00
CA VAL CA 45 126.97 -34.07 -4.36
C VAL CA 45 126.67 -32.76 -3.64
N GLU CA 46 127.65 -32.27 -2.90
CA GLU CA 46 127.53 -31.00 -2.19
C GLU CA 46 128.01 -29.86 -3.09
N GLU CA 47 127.29 -28.74 -3.02
CA GLU CA 47 127.55 -27.55 -3.81
C GLU CA 47 127.58 -26.35 -2.89
N ARG CA 48 128.66 -25.58 -2.98
CA ARG CA 48 128.98 -24.38 -2.23
C ARG CA 48 128.75 -23.16 -3.11
N PRO CA 49 128.74 -21.95 -2.54
CA PRO CA 49 128.57 -20.74 -3.37
C PRO CA 49 129.65 -20.53 -4.42
N ASN CA 50 130.85 -21.10 -4.27
CA ASN CA 50 131.87 -20.94 -5.29
C ASN CA 50 131.60 -21.79 -6.53
N GLY CA 51 130.78 -22.82 -6.42
CA GLY CA 51 130.35 -23.59 -7.58
C GLY CA 51 131.05 -24.91 -7.83
N GLU CA 52 131.68 -25.50 -6.82
CA GLU CA 52 132.39 -26.76 -7.01
C GLU CA 52 131.53 -27.94 -6.54
N LYS CA 53 131.97 -29.13 -6.91
CA LYS CA 53 131.24 -30.37 -6.63
C LYS CA 53 132.01 -31.18 -5.58
N VAL CA 54 131.28 -31.69 -4.59
CA VAL CA 54 131.86 -32.59 -3.60
C VAL CA 54 131.10 -33.92 -3.64
N LYS CA 55 131.82 -35.02 -3.76
CA LYS CA 55 131.21 -36.33 -3.72
C LYS CA 55 130.99 -36.77 -2.27
N LEU CA 56 129.81 -37.35 -2.00
CA LEU CA 56 129.45 -37.78 -0.66
C LEU CA 56 129.10 -39.27 -0.56
N GLY CA 57 128.56 -39.85 -1.62
CA GLY CA 57 127.99 -41.19 -1.53
C GLY CA 57 126.50 -41.12 -1.28
N MET CA 58 126.00 -42.00 -0.41
CA MET CA 58 124.61 -41.96 0.03
C MET CA 58 124.56 -41.47 1.46
N VAL CA 59 123.71 -40.47 1.72
CA VAL CA 59 123.72 -39.70 2.96
C VAL CA 59 122.30 -39.56 3.49
N THR CA 60 122.20 -38.98 4.69
CA THR CA 60 120.94 -38.55 5.26
C THR CA 60 121.04 -37.07 5.62
N ILE CA 61 119.88 -36.41 5.64
CA ILE CA 61 119.78 -34.99 5.96
C ILE CA 61 118.68 -34.81 7.00
N ARG CA 62 119.02 -34.07 8.06
CA ARG CA 62 118.10 -33.73 9.13
C ARG CA 62 116.95 -32.86 8.60
N GLY CA 63 115.75 -33.08 9.15
CA GLY CA 63 114.57 -32.40 8.64
C GLY CA 63 114.57 -30.91 8.91
N ASN CA 64 115.05 -30.49 10.08
CA ASN CA 64 115.11 -29.07 10.39
C ASN CA 64 116.17 -28.34 9.57
N SER CA 65 117.18 -29.04 9.08
CA SER CA 65 118.12 -28.44 8.15
C SER CA 65 117.52 -28.31 6.76
N VAL CA 66 116.56 -29.17 6.42
CA VAL CA 66 115.92 -29.13 5.11
C VAL CA 66 115.07 -27.86 5.00
N VAL CA 67 115.32 -27.09 3.94
CA VAL CA 67 114.55 -25.89 3.65
C VAL CA 67 113.73 -26.04 2.37
N ILE CA 68 114.39 -26.41 1.27
CA ILE CA 68 113.72 -26.44 -0.04
C ILE CA 68 114.09 -27.72 -0.78
N LEU CA 69 113.09 -28.41 -1.33
CA LEU CA 69 113.28 -29.48 -2.29
C LEU CA 69 112.96 -28.98 -3.70
N GLU CA 70 113.56 -29.63 -4.70
CA GLU CA 70 113.34 -29.24 -6.09
C GLU CA 70 113.60 -30.40 -7.04
N PRO CA 71 112.60 -30.84 -7.81
CA PRO CA 71 112.84 -31.91 -8.79
C PRO CA 71 113.57 -31.38 -10.02
N LEU CA 72 114.61 -32.11 -10.43
CA LEU CA 72 115.30 -31.77 -11.68
C LEU CA 72 114.48 -32.19 -12.89
N GLU CA 73 113.56 -33.13 -12.72
CA GLU CA 73 112.80 -33.68 -13.83
C GLU CA 73 111.33 -33.91 -13.44
N VAL DA 8 126.23 -48.16 22.07
CA VAL DA 8 125.80 -47.70 23.39
C VAL DA 8 124.70 -46.65 23.25
N ASN DA 9 123.55 -46.94 23.86
CA ASN DA 9 122.43 -46.01 23.81
C ASN DA 9 122.74 -44.75 24.62
N PRO DA 10 122.21 -43.59 24.20
CA PRO DA 10 122.60 -42.32 24.84
C PRO DA 10 122.28 -42.21 26.32
N ARG DA 11 121.09 -42.64 26.75
CA ARG DA 11 120.75 -42.54 28.17
C ARG DA 11 121.61 -43.44 29.05
N PRO DA 12 121.86 -44.73 28.73
CA PRO DA 12 122.88 -45.45 29.50
C PRO DA 12 124.28 -44.89 29.37
N PHE DA 13 124.61 -44.26 28.24
CA PHE DA 13 125.93 -43.66 28.09
C PHE DA 13 126.14 -42.51 29.06
N LEU DA 14 125.13 -41.65 29.21
CA LEU DA 14 125.23 -40.57 30.20
C LEU DA 14 124.95 -41.05 31.61
N GLN DA 15 124.33 -42.22 31.78
CA GLN DA 15 124.21 -42.82 33.10
C GLN DA 15 125.53 -43.43 33.56
N ASP DA 16 126.38 -43.85 32.62
CA ASP DA 16 127.70 -44.36 32.96
C ASP DA 16 128.71 -43.26 33.25
N LEU DA 17 128.40 -42.01 32.91
CA LEU DA 17 129.31 -40.89 33.14
C LEU DA 17 128.92 -40.08 34.36
N VAL DA 18 128.05 -40.60 35.22
CA VAL DA 18 127.63 -39.91 36.42
C VAL DA 18 128.76 -39.93 37.44
N ASN DA 19 129.04 -38.76 38.04
CA ASN DA 19 130.06 -38.57 39.07
C ASN DA 19 131.46 -38.96 38.59
N GLN DA 20 131.80 -38.58 37.36
CA GLN DA 20 133.14 -38.78 36.84
C GLN DA 20 133.53 -37.54 36.03
N ASP DA 21 134.79 -37.52 35.58
CA ASP DA 21 135.34 -36.34 34.92
C ASP DA 21 134.73 -36.14 33.54
N VAL DA 22 134.05 -35.02 33.34
CA VAL DA 22 133.26 -34.77 32.14
C VAL DA 22 133.56 -33.38 31.60
N ILE DA 23 133.50 -33.26 30.27
CA ILE DA 23 133.64 -32.01 29.53
C ILE DA 23 132.28 -31.63 28.96
N VAL DA 24 131.85 -30.40 29.21
CA VAL DA 24 130.65 -29.83 28.61
C VAL DA 24 131.11 -28.84 27.55
N ARG DA 25 130.97 -29.24 26.28
CA ARG DA 25 131.18 -28.40 25.11
C ARG DA 25 129.90 -27.62 24.86
N LEU DA 26 129.88 -26.32 25.20
CA LEU DA 26 128.66 -25.56 24.98
C LEU DA 26 128.50 -25.20 23.51
N LYS DA 27 127.46 -24.42 23.22
CA LYS DA 27 126.95 -24.20 21.88
C LYS DA 27 127.30 -22.81 21.35
N TRP DA 28 127.66 -21.85 22.20
CA TRP DA 28 128.07 -20.53 21.76
C TRP DA 28 129.26 -20.06 22.58
N GLY DA 29 130.01 -19.11 22.01
CA GLY DA 29 131.05 -18.42 22.73
C GLY DA 29 132.33 -19.19 22.93
N GLN DA 30 132.45 -20.38 22.35
CA GLN DA 30 133.61 -21.28 22.51
C GLN DA 30 133.90 -21.54 23.99
N THR DA 31 132.92 -22.13 24.68
CA THR DA 31 132.99 -22.37 26.11
C THR DA 31 132.99 -23.87 26.40
N GLU DA 32 133.83 -24.27 27.36
CA GLU DA 32 133.84 -25.63 27.87
C GLU DA 32 133.87 -25.61 29.38
N TYR DA 33 133.32 -26.65 29.99
CA TYR DA 33 133.32 -26.84 31.43
C TYR DA 33 133.93 -28.19 31.77
N LYS DA 34 134.75 -28.22 32.80
CA LYS DA 34 135.34 -29.46 33.33
C LYS DA 34 134.76 -29.70 34.71
N GLY DA 35 134.32 -30.93 34.97
CA GLY DA 35 133.86 -31.24 36.33
C GLY DA 35 133.33 -32.65 36.49
N ARG DA 36 132.42 -32.80 37.46
CA ARG DA 36 131.82 -34.09 37.80
C ARG DA 36 130.32 -34.03 37.56
N LEU DA 37 129.84 -34.86 36.63
CA LEU DA 37 128.41 -34.93 36.29
C LEU DA 37 127.63 -35.53 37.46
N VAL DA 38 126.86 -34.71 38.16
CA VAL DA 38 126.19 -35.15 39.37
C VAL DA 38 124.86 -35.82 39.04
N SER DA 39 123.95 -35.09 38.38
CA SER DA 39 122.63 -35.66 38.13
C SER DA 39 122.06 -35.20 36.81
N ILE DA 40 121.08 -35.97 36.33
CA ILE DA 40 120.54 -35.88 34.97
C ILE DA 40 119.09 -36.36 35.00
N ASP DA 41 118.22 -35.71 34.22
CA ASP DA 41 116.82 -36.05 34.11
C ASP DA 41 116.52 -36.68 32.75
N SER DA 42 115.23 -36.90 32.48
CA SER DA 42 114.81 -37.48 31.20
C SER DA 42 115.02 -36.49 30.05
N TYR DA 43 114.97 -35.19 30.34
CA TYR DA 43 115.32 -34.15 29.37
C TYR DA 43 116.82 -33.94 29.28
N MET DA 44 117.59 -34.73 30.04
CA MET DA 44 119.06 -34.69 30.15
C MET DA 44 119.59 -33.27 30.33
N ASN DA 45 118.94 -32.53 31.22
CA ASN DA 45 119.57 -31.36 31.83
C ASN DA 45 120.67 -31.83 32.76
N ILE DA 46 121.59 -30.91 33.08
CA ILE DA 46 122.82 -31.25 33.79
C ILE DA 46 122.83 -30.53 35.13
N GLN DA 47 123.01 -31.28 36.21
CA GLN DA 47 123.49 -30.72 37.46
C GLN DA 47 124.90 -31.25 37.66
N LEU DA 48 125.87 -30.35 37.77
CA LEU DA 48 127.27 -30.72 37.73
C LEU DA 48 128.03 -29.89 38.74
N ALA DA 49 128.92 -30.54 39.48
CA ALA DA 49 129.64 -29.91 40.58
C ALA DA 49 131.12 -29.81 40.26
N ASN DA 50 131.80 -28.93 41.01
CA ASN DA 50 133.22 -28.62 40.84
C ASN DA 50 133.52 -28.16 39.41
N THR DA 51 132.66 -27.28 38.90
CA THR DA 51 132.81 -26.76 37.55
C THR DA 51 133.99 -25.79 37.48
N GLU DA 52 134.83 -25.97 36.46
CA GLU DA 52 135.74 -24.88 36.12
C GLU DA 52 135.68 -24.67 34.61
N GLU DA 53 135.70 -23.41 34.21
CA GLU DA 53 135.27 -22.96 32.89
C GLU DA 53 136.44 -22.43 32.09
N PHE DA 54 136.54 -22.89 30.83
CA PHE DA 54 137.48 -22.41 29.84
C PHE DA 54 136.72 -21.73 28.71
N ILE DA 55 137.23 -20.59 28.25
CA ILE DA 55 136.69 -19.88 27.09
C ILE DA 55 137.83 -19.62 26.13
N ASN DA 56 137.63 -19.98 24.85
CA ASN DA 56 138.64 -19.87 23.80
C ASN DA 56 139.91 -20.64 24.16
N TYR DA 57 139.73 -21.82 24.76
CA TYR DA 57 140.80 -22.72 25.18
C TYR DA 57 141.78 -22.07 26.16
N LYS DA 58 141.31 -21.10 26.93
CA LYS DA 58 142.08 -20.53 28.03
C LYS DA 58 141.19 -20.46 29.27
N SER DA 59 141.82 -20.54 30.44
CA SER DA 59 141.10 -20.69 31.69
C SER DA 59 140.37 -19.40 32.05
N THR DA 60 139.09 -19.52 32.41
CA THR DA 60 138.33 -18.40 32.93
C THR DA 60 137.90 -18.56 34.38
N GLY DA 61 137.84 -19.79 34.90
CA GLY DA 61 137.78 -19.93 36.34
C GLY DA 61 136.75 -20.89 36.92
N HIS DA 62 136.87 -21.17 38.22
CA HIS DA 62 135.99 -22.11 38.89
C HIS DA 62 134.69 -21.43 39.30
N LEU DA 63 133.59 -22.18 39.21
CA LEU DA 63 132.27 -21.67 39.59
C LEU DA 63 131.64 -22.45 40.73
N GLY DA 64 131.54 -23.77 40.62
CA GLY DA 64 130.94 -24.58 41.67
C GLY DA 64 129.78 -25.43 41.20
N GLN DA 65 128.71 -25.48 41.98
CA GLN DA 65 127.52 -26.25 41.62
C GLN DA 65 126.74 -25.50 40.55
N VAL DA 66 126.56 -26.13 39.39
CA VAL DA 66 126.07 -25.46 38.19
C VAL DA 66 124.96 -26.29 37.57
N LEU DA 67 123.85 -25.63 37.25
CA LEU DA 67 122.81 -26.18 36.39
C LEU DA 67 123.07 -25.75 34.95
N ILE DA 68 123.15 -26.73 34.06
CA ILE DA 68 123.34 -26.51 32.63
C ILE DA 68 122.10 -27.00 31.91
N ARG DA 69 121.46 -26.11 31.16
CA ARG DA 69 120.33 -26.50 30.33
C ARG DA 69 120.85 -27.09 29.01
N CYS DA 70 120.24 -28.19 28.59
CA CYS DA 70 120.79 -28.98 27.49
C CYS DA 70 120.65 -28.31 26.13
N ASN DA 71 119.75 -27.33 25.99
CA ASN DA 71 119.60 -26.67 24.70
C ASN DA 71 120.74 -25.72 24.36
N ASN DA 72 121.51 -25.29 25.36
CA ASN DA 72 122.63 -24.38 25.16
C ASN DA 72 123.95 -25.12 25.01
N VAL DA 73 123.92 -26.43 24.73
CA VAL DA 73 125.09 -27.28 24.76
C VAL DA 73 125.27 -27.90 23.38
N LEU DA 74 126.49 -27.83 22.84
CA LEU DA 74 126.82 -28.64 21.69
C LEU DA 74 126.81 -30.12 22.05
N TRP DA 75 127.66 -30.52 23.00
CA TRP DA 75 127.70 -31.90 23.45
C TRP DA 75 128.44 -32.02 24.78
N VAL DA 76 128.43 -33.24 25.32
CA VAL DA 76 129.09 -33.59 26.57
C VAL DA 76 129.86 -34.89 26.34
N THR DA 77 131.11 -34.92 26.79
CA THR DA 77 131.94 -36.12 26.63
C THR DA 77 132.62 -36.48 27.95
N ALA DA 78 133.14 -37.70 28.00
CA ALA DA 78 133.99 -38.11 29.12
C ALA DA 78 135.38 -37.53 28.94
N ALA DA 79 136.00 -37.15 30.05
CA ALA DA 79 137.31 -36.51 30.04
C ALA DA 79 138.41 -37.42 30.59
N ALA DA 80 138.36 -38.71 30.28
CA ALA DA 80 139.37 -39.65 30.77
C ALA DA 80 140.65 -39.50 29.95
N GLY DA 81 141.59 -38.71 30.47
CA GLY DA 81 142.87 -38.52 29.80
C GLY DA 81 142.81 -37.80 28.47
N LYS DA 82 142.02 -36.74 28.38
CA LYS DA 82 141.87 -35.98 27.14
C LYS DA 82 142.30 -34.55 27.38
N GLN DA 83 143.19 -34.05 26.52
CA GLN DA 83 143.66 -32.67 26.59
C GLN DA 83 142.85 -31.80 25.64
N MET DA 84 142.54 -30.59 26.09
CA MET DA 84 141.65 -29.69 25.35
C MET DA 84 142.36 -28.43 24.84
N THR DA 85 143.69 -28.47 24.77
CA THR DA 85 144.42 -27.42 24.08
C THR DA 85 144.23 -27.57 22.57
N PRO DA 86 144.25 -26.47 21.81
CA PRO DA 86 144.10 -26.57 20.35
C PRO DA 86 145.32 -27.22 19.72
N THR DA 87 145.13 -28.43 19.19
CA THR DA 87 146.23 -29.16 18.57
C THR DA 87 146.58 -28.55 17.21
N GLU DA 88 147.86 -28.60 16.87
CA GLU DA 88 148.33 -28.06 15.60
C GLU DA 88 148.62 -29.18 14.61
N ALA EA 507 113.36 -32.97 42.84
CA ALA EA 507 113.64 -33.85 43.96
C ALA EA 507 114.99 -34.56 43.79
N ASN EA 508 115.08 -35.39 42.75
CA ASN EA 508 116.30 -36.12 42.45
C ASN EA 508 116.95 -35.68 41.15
N GLY EA 509 116.27 -34.88 40.34
CA GLY EA 509 116.83 -34.41 39.09
C GLY EA 509 117.72 -33.21 39.27
N PRO EA 510 118.19 -32.64 38.14
CA PRO EA 510 119.00 -31.41 38.23
C PRO EA 510 118.26 -30.23 38.83
N LEU EA 511 116.95 -30.10 38.55
CA LEU EA 511 116.16 -28.98 39.04
C LEU EA 511 116.09 -28.93 40.56
N SER EA 512 116.43 -30.04 41.24
CA SER EA 512 116.49 -30.07 42.70
C SER EA 512 117.50 -29.06 43.25
N LEU EA 513 118.54 -28.69 42.48
CA LEU EA 513 119.44 -27.66 42.98
C LEU EA 513 118.71 -26.33 43.11
N LEU EA 514 117.82 -26.04 42.14
CA LEU EA 514 116.93 -24.90 42.29
C LEU EA 514 116.05 -25.06 43.51
N GLN EA 515 115.58 -26.30 43.77
CA GLN EA 515 114.92 -26.58 45.03
C GLN EA 515 115.86 -26.36 46.21
N THR EA 516 117.13 -26.75 46.04
CA THR EA 516 118.15 -26.40 47.03
C THR EA 516 118.32 -24.88 47.11
N ALA EA 517 118.13 -24.19 45.98
CA ALA EA 517 118.09 -22.73 46.01
C ALA EA 517 116.84 -22.25 46.74
N VAL EA 518 115.73 -22.98 46.60
CA VAL EA 518 114.53 -22.65 47.37
C VAL EA 518 114.72 -22.97 48.84
N ARG EA 519 115.32 -24.11 49.15
CA ARG EA 519 115.50 -24.56 50.52
C ARG EA 519 116.56 -23.78 51.28
N SER EA 520 117.36 -22.94 50.60
CA SER EA 520 118.41 -22.18 51.25
C SER EA 520 118.37 -20.69 50.99
N HIS EA 521 117.64 -20.22 49.96
CA HIS EA 521 117.50 -18.81 49.60
C HIS EA 521 118.85 -18.14 49.34
N THR EA 522 119.77 -18.88 48.71
CA THR EA 522 121.09 -18.36 48.41
C THR EA 522 121.10 -17.63 47.06
N GLN EA 523 122.13 -16.80 46.88
CA GLN EA 523 122.25 -16.04 45.64
C GLN EA 523 122.68 -16.95 44.50
N VAL EA 524 122.13 -16.68 43.31
CA VAL EA 524 122.31 -17.49 42.13
C VAL EA 524 122.70 -16.58 40.99
N LEU EA 525 123.74 -16.96 40.24
CA LEU EA 525 124.25 -16.20 39.09
C LEU EA 525 123.77 -16.88 37.82
N ILE EA 526 122.98 -16.17 37.02
CA ILE EA 526 122.35 -16.73 35.83
C ILE EA 526 122.88 -16.00 34.61
N SER EA 527 123.42 -16.75 33.65
CA SER EA 527 123.80 -16.20 32.37
C SER EA 527 122.69 -16.46 31.36
N VAL EA 528 122.29 -15.41 30.65
CA VAL EA 528 121.13 -15.42 29.77
C VAL EA 528 121.63 -15.31 28.33
N ARG EA 529 120.77 -15.72 27.38
CA ARG EA 529 121.11 -15.70 25.95
C ARG EA 529 121.21 -14.29 25.37
N SER EA 530 120.83 -13.26 26.11
CA SER EA 530 120.99 -11.88 25.68
C SER EA 530 122.38 -11.33 25.96
N GLY EA 531 123.26 -12.11 26.58
CA GLY EA 531 124.58 -11.65 26.93
C GLY EA 531 124.67 -10.93 28.26
N ARG EA 532 123.62 -10.98 29.08
CA ARG EA 532 123.58 -10.32 30.37
C ARG EA 532 123.71 -11.33 31.50
N LYS EA 533 123.90 -10.83 32.71
CA LYS EA 533 124.03 -11.69 33.88
C LYS EA 533 123.11 -11.22 34.99
N LEU EA 534 122.60 -12.19 35.76
CA LEU EA 534 121.63 -11.97 36.83
C LEU EA 534 122.22 -12.50 38.13
N LEU EA 535 121.91 -11.83 39.24
CA LEU EA 535 122.26 -12.32 40.57
C LEU EA 535 121.03 -12.17 41.45
N ALA EA 536 120.43 -13.29 41.85
CA ALA EA 536 119.14 -13.20 42.54
C ALA EA 536 118.92 -14.42 43.42
N ARG EA 537 117.98 -14.28 44.34
CA ARG EA 537 117.57 -15.38 45.21
C ARG EA 537 116.34 -16.05 44.62
N VAL EA 538 116.37 -17.38 44.52
CA VAL EA 538 115.31 -18.13 43.86
C VAL EA 538 114.11 -18.23 44.80
N LYS EA 539 113.00 -17.64 44.40
CA LYS EA 539 111.75 -17.75 45.16
C LYS EA 539 110.91 -18.93 44.69
N ALA EA 540 110.81 -19.15 43.38
CA ALA EA 540 110.02 -20.26 42.86
C ALA EA 540 110.60 -20.74 41.54
N PHE EA 541 110.28 -21.98 41.19
CA PHE EA 541 110.71 -22.58 39.94
C PHE EA 541 109.76 -23.71 39.59
N ASP EA 542 109.97 -24.30 38.42
CA ASP EA 542 109.13 -25.40 37.95
C ASP EA 542 109.99 -26.39 37.17
N ARG EA 543 109.32 -27.39 36.57
CA ARG EA 543 110.00 -28.32 35.68
C ARG EA 543 110.44 -27.67 34.38
N HIS EA 544 109.74 -26.63 33.94
CA HIS EA 544 110.04 -25.93 32.69
C HIS EA 544 111.13 -24.87 32.86
N CYS EA 545 111.74 -24.78 34.04
CA CYS EA 545 112.83 -23.85 34.36
C CYS EA 545 112.40 -22.39 34.25
N ASN EA 546 111.11 -22.12 34.40
CA ASN EA 546 110.63 -20.74 34.57
C ASN EA 546 110.76 -20.39 36.04
N MET EA 547 111.55 -19.36 36.37
CA MET EA 547 111.77 -19.06 37.78
C MET EA 547 111.31 -17.66 38.15
N ILE EA 548 110.91 -17.54 39.41
CA ILE EA 548 110.54 -16.28 40.05
C ILE EA 548 111.60 -15.98 41.10
N LEU EA 549 112.15 -14.77 41.05
CA LEU EA 549 113.30 -14.38 41.85
C LEU EA 549 113.00 -13.10 42.63
N GLU EA 550 113.68 -12.96 43.77
CA GLU EA 550 113.60 -11.78 44.61
C GLU EA 550 115.00 -11.29 44.94
N ASN EA 551 115.11 -9.99 45.24
CA ASN EA 551 116.37 -9.31 45.54
C ASN EA 551 117.35 -9.47 44.37
N VAL EA 552 116.97 -8.88 43.24
CA VAL EA 552 117.59 -9.18 41.95
C VAL EA 552 118.50 -8.03 41.55
N LYS EA 553 119.73 -8.35 41.14
CA LYS EA 553 120.68 -7.38 40.65
C LYS EA 553 121.21 -7.88 39.31
N GLU EA 554 120.91 -7.16 38.24
CA GLU EA 554 121.21 -7.61 36.89
C GLU EA 554 122.25 -6.68 36.29
N MET EA 555 123.38 -7.24 35.86
CA MET EA 555 124.46 -6.45 35.29
C MET EA 555 124.75 -6.94 33.87
N TRP EA 556 125.31 -6.04 33.06
CA TRP EA 556 125.64 -6.33 31.68
C TRP EA 556 126.76 -5.41 31.23
N THR EA 557 127.29 -5.69 30.04
CA THR EA 557 128.42 -4.98 29.48
C THR EA 557 128.01 -4.35 28.15
N GLU EA 558 128.27 -3.06 28.00
CA GLU EA 558 127.96 -2.35 26.76
C GLU EA 558 129.13 -1.47 26.36
N THR EA 559 129.32 -1.33 25.05
CA THR EA 559 130.38 -0.47 24.52
C THR EA 559 129.76 0.80 23.96
N PRO EA 560 129.88 1.94 24.64
CA PRO EA 560 129.29 3.18 24.11
C PRO EA 560 130.09 3.72 22.93
N VAL EA 561 129.37 4.08 21.87
CA VAL EA 561 129.98 4.64 20.67
C VAL EA 561 129.83 6.15 20.76
N THR EA 562 130.93 6.83 21.10
CA THR EA 562 130.94 8.28 21.25
C THR EA 562 131.59 8.91 20.02
N ASN EA 563 130.79 9.72 19.30
CA ASN EA 563 131.24 10.45 18.10
C ASN EA 563 131.80 9.51 17.04
N GLY EA 564 131.18 8.34 16.88
CA GLY EA 564 131.60 7.38 15.90
C GLY EA 564 132.77 6.51 16.28
N LYS EA 565 133.28 6.65 17.50
CA LYS EA 565 134.41 5.86 17.98
C LYS EA 565 133.93 4.86 19.02
N LYS EA 566 134.32 3.60 18.87
CA LYS EA 566 133.93 2.55 19.81
C LYS EA 566 134.69 2.74 21.11
N GLY EA 567 133.98 3.10 22.18
CA GLY EA 567 134.59 3.30 23.47
C GLY EA 567 134.89 2.01 24.19
N ARG EA 568 135.49 2.14 25.37
CA ARG EA 568 135.80 0.98 26.19
C ARG EA 568 134.53 0.36 26.75
N PRO EA 569 134.50 -0.96 26.90
CA PRO EA 569 133.30 -1.62 27.45
C PRO EA 569 133.09 -1.26 28.91
N VAL EA 570 131.85 -0.91 29.25
CA VAL EA 570 131.47 -0.51 30.59
C VAL EA 570 130.44 -1.51 31.11
N ASN EA 571 130.65 -1.99 32.33
CA ASN EA 571 129.72 -2.88 33.01
C ASN EA 571 128.78 -2.03 33.87
N LYS EA 572 127.49 -2.03 33.53
CA LYS EA 572 126.50 -1.33 34.34
C LYS EA 572 125.45 -2.34 34.81
N ASP EA 573 124.50 -1.85 35.61
CA ASP EA 573 123.65 -2.74 36.38
C ASP EA 573 122.33 -2.06 36.69
N ARG EA 574 121.40 -2.86 37.23
CA ARG EA 574 120.08 -2.38 37.61
C ARG EA 574 119.51 -3.32 38.68
N PHE EA 575 118.80 -2.73 39.63
CA PHE EA 575 118.22 -3.47 40.74
C PHE EA 575 116.72 -3.66 40.50
N ILE EA 576 116.27 -4.92 40.53
CA ILE EA 576 114.88 -5.27 40.34
C ILE EA 576 114.43 -6.09 41.55
N SER EA 577 113.32 -5.68 42.16
CA SER EA 577 112.84 -6.34 43.38
C SER EA 577 112.26 -7.72 43.09
N LYS EA 578 111.38 -7.81 42.09
CA LYS EA 578 110.69 -9.05 41.77
C LYS EA 578 110.88 -9.38 40.30
N MET EA 579 111.19 -10.66 40.02
CA MET EA 579 111.72 -11.08 38.74
C MET EA 579 110.96 -12.31 38.28
N PHE EA 580 110.53 -12.32 37.01
CA PHE EA 580 109.90 -13.48 36.40
C PHE EA 580 110.73 -13.81 35.17
N LEU EA 581 111.75 -14.66 35.33
CA LEU EA 581 112.64 -14.98 34.25
C LEU EA 581 112.21 -16.28 33.59
N ARG EA 582 112.16 -16.25 32.26
CA ARG EA 582 111.56 -17.28 31.44
C ARG EA 582 112.66 -18.22 30.93
N GLY EA 583 112.29 -19.49 30.77
CA GLY EA 583 113.26 -20.57 30.93
C GLY EA 583 114.27 -20.69 29.80
N ASP EA 584 113.81 -20.63 28.55
CA ASP EA 584 114.65 -21.00 27.43
C ASP EA 584 115.76 -20.01 27.14
N SER EA 585 115.61 -18.75 27.58
CA SER EA 585 116.63 -17.73 27.39
C SER EA 585 117.84 -17.93 28.30
N VAL EA 586 117.75 -18.78 29.31
CA VAL EA 586 118.86 -18.96 30.24
C VAL EA 586 119.95 -19.78 29.56
N VAL EA 587 121.17 -19.24 29.50
CA VAL EA 587 122.31 -20.04 29.10
C VAL EA 587 122.69 -21.02 30.19
N ILE EA 588 122.92 -20.51 31.41
CA ILE EA 588 123.48 -21.36 32.46
C ILE EA 588 123.12 -20.78 33.82
N VAL EA 589 123.05 -21.66 34.83
CA VAL EA 589 122.68 -21.32 36.19
C VAL EA 589 123.81 -21.76 37.12
N LEU EA 590 124.26 -20.85 37.99
CA LEU EA 590 125.29 -21.13 38.98
C LEU EA 590 124.71 -20.90 40.38
N LEU EA 591 124.65 -21.96 41.17
CA LEU EA 591 124.18 -21.88 42.55
C LEU EA 591 125.36 -21.52 43.44
N SER EA 592 125.40 -20.27 43.90
CA SER EA 592 126.48 -19.81 44.76
C SER EA 592 126.09 -19.88 46.23
N MET FA 1 104.28 -28.45 39.51
CA MET FA 1 103.49 -27.23 39.50
C MET FA 1 103.86 -26.35 38.31
N LYS FA 2 102.83 -25.84 37.61
CA LYS FA 2 103.02 -24.97 36.45
C LYS FA 2 102.89 -23.52 36.87
N LEU FA 3 103.79 -22.68 36.35
CA LEU FA 3 103.79 -21.26 36.66
C LEU FA 3 102.80 -20.46 35.82
N VAL FA 4 102.08 -21.10 34.90
CA VAL FA 4 101.03 -20.41 34.16
C VAL FA 4 99.89 -20.01 35.09
N ARG FA 5 99.60 -20.85 36.10
CA ARG FA 5 98.58 -20.52 37.07
C ARG FA 5 98.98 -19.32 37.93
N PHE FA 6 100.28 -19.19 38.22
CA PHE FA 6 100.77 -18.00 38.90
C PHE FA 6 100.67 -16.76 38.02
N LEU FA 7 100.78 -16.94 36.69
CA LEU FA 7 100.51 -15.84 35.77
C LEU FA 7 99.03 -15.48 35.76
N MET FA 8 98.17 -16.49 35.94
CA MET FA 8 96.73 -16.24 36.09
C MET FA 8 96.45 -15.43 37.35
N LYS FA 9 97.15 -15.76 38.45
CA LYS FA 9 96.86 -15.13 39.74
C LYS FA 9 97.39 -13.70 39.84
N CYS FA 10 98.34 -13.30 38.98
CA CYS FA 10 98.92 -11.96 39.03
C CYS FA 10 98.31 -11.03 37.98
N ALA FA 11 97.02 -11.21 37.68
CA ALA FA 11 96.35 -10.33 36.73
C ALA FA 11 96.09 -8.97 37.35
N ASN FA 12 95.72 -8.01 36.48
CA ASN FA 12 95.43 -6.62 36.85
C ASN FA 12 96.62 -5.97 37.55
N GLU FA 13 97.82 -6.22 37.05
CA GLU FA 13 99.05 -5.67 37.60
C GLU FA 13 99.80 -4.92 36.50
N THR FA 14 100.35 -3.76 36.86
CA THR FA 14 101.11 -2.93 35.91
C THR FA 14 102.54 -3.45 35.85
N VAL FA 15 102.86 -4.17 34.78
CA VAL FA 15 104.14 -4.84 34.65
C VAL FA 15 104.91 -4.26 33.45
N THR FA 16 106.19 -4.62 33.41
CA THR FA 16 107.08 -4.28 32.30
C THR FA 16 107.57 -5.58 31.66
N ILE FA 17 107.52 -5.64 30.33
CA ILE FA 17 107.82 -6.86 29.58
C ILE FA 17 109.03 -6.59 28.71
N GLU FA 18 110.04 -7.46 28.82
CA GLU FA 18 111.23 -7.43 27.98
C GLU FA 18 111.21 -8.65 27.07
N LEU FA 19 111.39 -8.40 25.78
CA LEU FA 19 111.14 -9.37 24.72
C LEU FA 19 112.44 -10.02 24.26
N LYS FA 20 112.30 -11.10 23.47
CA LYS FA 20 113.47 -11.83 22.99
C LYS FA 20 114.19 -11.10 21.86
N ASN FA 21 113.56 -10.12 21.23
CA ASN FA 21 114.24 -9.36 20.19
C ASN FA 21 114.82 -8.05 20.74
N GLY FA 22 114.15 -7.43 21.70
CA GLY FA 22 114.72 -6.27 22.38
C GLY FA 22 113.77 -5.13 22.69
N ALA FA 23 112.52 -5.24 22.22
CA ALA FA 23 111.55 -4.19 22.48
C ALA FA 23 111.06 -4.25 23.92
N ILE FA 24 110.56 -3.11 24.41
CA ILE FA 24 110.08 -2.99 25.78
C ILE FA 24 108.60 -2.64 25.76
N VAL FA 25 107.80 -3.34 26.56
CA VAL FA 25 106.37 -3.10 26.69
C VAL FA 25 106.11 -2.76 28.16
N HIS FA 26 105.14 -1.87 28.41
CA HIS FA 26 104.76 -1.59 29.79
C HIS FA 26 103.27 -1.28 29.89
N GLY FA 27 102.64 -1.74 30.95
CA GLY FA 27 101.25 -1.44 31.19
C GLY FA 27 100.60 -2.47 32.08
N THR FA 28 99.29 -2.28 32.29
CA THR FA 28 98.52 -3.12 33.21
C THR FA 28 97.93 -4.33 32.50
N ILE FA 29 98.06 -5.49 33.13
CA ILE FA 29 97.70 -6.76 32.51
C ILE FA 29 96.18 -6.89 32.45
N ALA FA 30 95.67 -7.19 31.25
CA ALA FA 30 94.25 -7.50 31.08
C ALA FA 30 93.96 -8.98 31.29
N SER FA 31 94.69 -9.85 30.59
CA SER FA 31 94.49 -11.29 30.73
C SER FA 31 95.73 -12.02 30.24
N VAL FA 32 95.81 -13.30 30.59
CA VAL FA 32 96.90 -14.17 30.16
C VAL FA 32 96.32 -15.51 29.76
N THR FA 33 96.85 -16.08 28.68
CA THR FA 33 96.36 -17.34 28.15
C THR FA 33 97.01 -18.53 28.86
N PRO FA 34 96.37 -19.70 28.83
CA PRO FA 34 97.02 -20.92 29.36
C PRO FA 34 98.29 -21.31 28.61
N LYS FA 35 98.47 -20.84 27.37
CA LYS FA 35 99.73 -20.99 26.66
C LYS FA 35 100.63 -19.77 26.84
N MET FA 36 100.55 -19.12 28.00
CA MET FA 36 101.43 -18.04 28.49
C MET FA 36 101.61 -16.89 27.48
N ASP FA 37 100.66 -16.72 26.56
CA ASP FA 37 100.51 -15.47 25.83
C ASP FA 37 99.71 -14.52 26.70
N THR FA 38 99.94 -13.22 26.57
CA THR FA 38 99.23 -12.28 27.43
C THR FA 38 98.76 -11.05 26.67
N ALA FA 39 97.53 -10.64 26.96
CA ALA FA 39 96.95 -9.41 26.41
C ALA FA 39 96.92 -8.37 27.53
N LEU FA 40 97.36 -7.15 27.20
CA LEU FA 40 97.63 -6.11 28.18
C LEU FA 40 97.02 -4.80 27.71
N ARG FA 41 96.64 -3.95 28.66
CA ARG FA 41 96.00 -2.68 28.38
C ARG FA 41 96.81 -1.53 28.96
N ASN FA 42 96.52 -0.33 28.48
CA ASN FA 42 97.26 0.90 28.78
C ASN FA 42 98.75 0.72 28.49
N VAL FA 43 99.01 0.50 27.21
CA VAL FA 43 100.28 -0.05 26.73
C VAL FA 43 101.16 1.08 26.22
N ARG FA 44 102.43 1.08 26.62
CA ARG FA 44 103.45 1.88 25.96
C ARG FA 44 104.56 0.95 25.47
N TYR FA 45 104.99 1.17 24.22
CA TYR FA 45 105.88 0.28 23.50
C TYR FA 45 107.08 1.06 23.00
N THR FA 46 108.29 0.62 23.36
CA THR FA 46 109.52 1.25 22.90
C THR FA 46 110.28 0.25 22.04
N PRO FA 47 110.48 0.55 20.74
CA PRO FA 47 111.36 -0.29 19.90
C PRO FA 47 112.83 0.10 20.05
N LYS FA 48 113.67 -0.47 19.20
CA LYS FA 48 115.13 -0.35 19.33
C LYS FA 48 115.59 1.04 18.92
N GLY FA 49 115.45 1.99 19.84
CA GLY FA 49 116.04 3.30 19.69
C GLY FA 49 115.17 4.35 19.03
N GLU FA 50 114.03 3.97 18.46
CA GLU FA 50 113.11 4.94 17.89
C GLU FA 50 112.04 5.32 18.91
N GLU FA 51 111.14 6.20 18.48
CA GLU FA 51 110.21 6.83 19.40
C GLU FA 51 109.16 5.83 19.91
N PRO FA 52 108.91 5.81 21.22
CA PRO FA 52 107.88 4.92 21.75
C PRO FA 52 106.48 5.42 21.41
N TYR FA 53 105.53 4.49 21.34
CA TYR FA 53 104.14 4.86 21.09
C TYR FA 53 103.23 4.11 22.06
N SER FA 54 102.10 4.74 22.37
CA SER FA 54 101.15 4.21 23.34
C SER FA 54 99.88 3.79 22.63
N VAL FA 55 99.39 2.60 22.98
CA VAL FA 55 98.14 2.07 22.45
C VAL FA 55 97.27 1.62 23.62
N GLU FA 56 95.96 1.55 23.35
CA GLU FA 56 95.01 1.18 24.40
C GLU FA 56 95.12 -0.29 24.78
N SER FA 57 95.54 -1.15 23.85
CA SER FA 57 95.69 -2.56 24.16
C SER FA 57 96.73 -3.17 23.23
N LEU FA 58 97.32 -4.27 23.68
CA LEU FA 58 98.35 -4.99 22.94
C LEU FA 58 98.37 -6.43 23.43
N THR FA 59 98.17 -7.38 22.52
CA THR FA 59 98.22 -8.80 22.87
C THR FA 59 99.57 -9.34 22.43
N VAL FA 60 100.49 -9.46 23.37
CA VAL FA 60 101.84 -9.94 23.07
C VAL FA 60 101.87 -11.46 23.24
N ARG FA 61 102.42 -12.13 22.24
CA ARG FA 61 102.46 -13.58 22.15
C ARG FA 61 103.77 -14.05 22.77
N GLY FA 62 103.68 -15.05 23.65
CA GLY FA 62 104.67 -15.27 24.69
C GLY FA 62 105.89 -16.08 24.33
N ASN FA 63 106.06 -16.50 23.08
CA ASN FA 63 107.30 -17.23 22.77
C ASN FA 63 108.47 -16.29 22.49
N THR FA 64 108.21 -14.99 22.39
CA THR FA 64 109.23 -14.00 22.10
C THR FA 64 109.54 -13.08 23.27
N ILE FA 65 109.10 -13.43 24.49
CA ILE FA 65 109.40 -12.62 25.67
C ILE FA 65 110.68 -13.14 26.31
N ARG FA 66 111.44 -12.23 26.92
CA ARG FA 66 112.55 -12.64 27.76
C ARG FA 66 112.13 -12.73 29.23
N TYR FA 67 111.57 -11.64 29.77
CA TYR FA 67 111.22 -11.64 31.18
C TYR FA 67 110.22 -10.52 31.50
N TYR FA 68 109.85 -10.47 32.77
CA TYR FA 68 108.91 -9.50 33.32
C TYR FA 68 109.52 -8.80 34.53
N ILE FA 69 109.06 -7.57 34.77
CA ILE FA 69 109.18 -6.91 36.06
C ILE FA 69 107.77 -6.66 36.57
N LEU FA 70 107.43 -7.30 37.68
CA LEU FA 70 106.16 -7.16 38.36
C LEU FA 70 106.21 -5.97 39.32
N PRO FA 71 105.05 -5.48 39.75
CA PRO FA 71 105.04 -4.49 40.85
C PRO FA 71 105.64 -5.07 42.12
N ASP FA 72 106.36 -4.22 42.86
CA ASP FA 72 107.04 -4.64 44.07
C ASP FA 72 106.08 -4.87 45.24
N SER FA 73 104.84 -4.43 45.14
CA SER FA 73 103.85 -4.62 46.19
C SER FA 73 103.03 -5.89 46.00
N LEU FA 74 103.40 -6.73 45.04
CA LEU FA 74 102.65 -7.96 44.77
C LEU FA 74 102.88 -8.99 45.87
N PRO FA 75 101.83 -9.48 46.53
CA PRO FA 75 102.02 -10.51 47.56
C PRO FA 75 102.27 -11.88 46.96
N LEU FA 76 103.55 -12.18 46.68
CA LEU FA 76 103.91 -13.43 46.02
C LEU FA 76 103.60 -14.64 46.91
N ASP FA 77 103.77 -14.51 48.22
CA ASP FA 77 103.56 -15.64 49.12
C ASP FA 77 102.09 -16.02 49.21
N THR FA 78 101.17 -15.04 49.11
CA THR FA 78 99.75 -15.37 49.08
C THR FA 78 99.37 -16.07 47.79
N LEU FA 79 100.03 -15.73 46.68
CA LEU FA 79 99.75 -16.36 45.40
C LEU FA 79 100.41 -17.74 45.28
N LEU FA 80 101.28 -18.10 46.22
CA LEU FA 80 102.04 -19.34 46.14
C LEU FA 80 101.24 -20.56 46.59
N ILE FA 81 100.02 -20.39 47.06
CA ILE FA 81 99.19 -21.52 47.47
C ILE FA 81 98.74 -22.29 46.24
N ASP FA 82 98.64 -23.61 46.37
CA ASP FA 82 98.25 -24.46 45.25
C ASP FA 82 96.75 -24.72 45.32
N ASP FA 83 96.00 -24.07 44.43
CA ASP FA 83 94.55 -24.26 44.35
C ASP FA 83 94.15 -25.30 43.31
N ALA FA 84 95.12 -25.85 42.57
CA ALA FA 84 94.81 -26.90 41.60
C ALA FA 84 94.50 -28.20 42.34
N PRO FA 85 93.54 -28.98 41.86
CA PRO FA 85 93.22 -30.25 42.51
C PRO FA 85 94.32 -31.28 42.34
N LYS FA 86 94.48 -32.12 43.36
CA LYS FA 86 95.48 -33.17 43.33
C LYS FA 86 94.97 -34.34 42.49
N PRO FA 87 95.73 -34.80 41.48
CA PRO FA 87 95.31 -35.92 40.64
C PRO FA 87 95.37 -37.26 41.37
N TYR GA 14 86.80 -11.61 20.01
CA TYR GA 14 87.45 -10.52 19.29
C TYR GA 14 87.60 -10.86 17.81
N ILE GA 15 86.75 -11.78 17.34
CA ILE GA 15 86.77 -12.14 15.93
C ILE GA 15 86.24 -10.97 15.10
N ASN GA 16 86.84 -10.77 13.92
CA ASN GA 16 86.52 -9.79 12.88
C ASN GA 16 86.90 -8.36 13.25
N TRP GA 17 87.56 -8.13 14.38
CA TRP GA 17 87.98 -6.80 14.78
C TRP GA 17 89.20 -6.40 13.97
N ARG GA 18 89.28 -5.13 13.54
CA ARG GA 18 90.35 -4.73 12.63
C ARG GA 18 91.63 -4.49 13.41
N MET GA 19 92.70 -5.22 13.06
CA MET GA 19 93.89 -5.32 13.90
C MET GA 19 95.16 -5.07 13.09
N ARG GA 20 96.21 -4.72 13.83
CA ARG GA 20 97.55 -4.50 13.32
C ARG GA 20 98.49 -5.49 14.00
N VAL GA 21 99.40 -6.08 13.21
CA VAL GA 21 100.28 -7.15 13.68
C VAL GA 21 101.73 -6.71 13.50
N THR GA 22 102.54 -6.93 14.52
CA THR GA 22 103.98 -6.69 14.43
C THR GA 22 104.67 -7.98 14.01
N LEU GA 23 105.48 -7.91 12.97
CA LEU GA 23 106.15 -9.06 12.40
C LEU GA 23 107.54 -9.22 13.03
N ASN GA 24 108.15 -10.38 12.79
CA ASN GA 24 109.43 -10.71 13.42
C ASN GA 24 110.55 -9.77 12.96
N ASP GA 25 110.56 -9.41 11.68
CA ASP GA 25 111.56 -8.50 11.15
C ASP GA 25 111.16 -7.03 11.27
N GLY GA 26 110.26 -6.70 12.18
CA GLY GA 26 109.87 -5.33 12.43
C GLY GA 26 108.83 -4.77 11.49
N ARG GA 27 108.33 -5.56 10.54
CA ARG GA 27 107.33 -5.08 9.61
C ARG GA 27 105.95 -5.06 10.27
N GLN GA 28 105.03 -4.33 9.66
CA GLN GA 28 103.65 -4.26 10.15
C GLN GA 28 102.70 -4.89 9.14
N MET GA 29 101.67 -5.56 9.65
CA MET GA 29 100.68 -6.25 8.83
C MET GA 29 99.31 -5.85 9.38
N THR GA 30 98.63 -4.92 8.73
CA THR GA 30 97.37 -4.41 9.27
C THR GA 30 96.20 -4.84 8.38
N GLY GA 31 95.02 -4.89 8.97
CA GLY GA 31 93.81 -5.15 8.21
C GLY GA 31 92.75 -5.87 9.02
N GLN GA 32 91.81 -6.45 8.30
CA GLN GA 32 90.62 -7.09 8.86
C GLN GA 32 90.91 -8.56 9.12
N MET GA 33 91.09 -8.93 10.38
CA MET GA 33 91.37 -10.32 10.70
C MET GA 33 90.10 -11.15 10.59
N LEU GA 34 90.26 -12.37 10.10
CA LEU GA 34 89.12 -13.26 9.95
C LEU GA 34 89.21 -14.47 10.87
N ALA GA 35 90.41 -14.98 11.13
CA ALA GA 35 90.50 -16.23 11.89
C ALA GA 35 91.82 -16.32 12.65
N PHE GA 36 91.82 -17.18 13.67
CA PHE GA 36 93.04 -17.55 14.37
C PHE GA 36 92.86 -18.96 14.94
N ASP GA 37 93.98 -19.60 15.26
CA ASP GA 37 93.96 -20.96 15.80
C ASP GA 37 94.82 -21.08 17.05
N LYS GA 38 95.07 -22.32 17.48
CA LYS GA 38 95.83 -22.54 18.71
C LYS GA 38 97.30 -22.17 18.55
N HIS GA 39 97.82 -22.19 17.34
CA HIS GA 39 99.21 -21.83 17.06
C HIS GA 39 99.37 -20.34 16.75
N MET GA 40 98.32 -19.55 16.95
CA MET GA 40 98.32 -18.08 16.80
C MET GA 40 98.68 -17.71 15.35
N ASN GA 41 98.17 -18.49 14.40
CA ASN GA 41 98.27 -18.17 12.98
C ASN GA 41 97.02 -17.42 12.58
N LEU GA 42 97.18 -16.28 11.91
CA LEU GA 42 96.07 -15.36 11.67
C LEU GA 42 95.69 -15.35 10.19
N VAL GA 43 94.42 -15.58 9.92
CA VAL GA 43 93.81 -15.27 8.63
C VAL GA 43 93.33 -13.83 8.70
N LEU GA 44 93.88 -12.98 7.83
CA LEU GA 44 93.78 -11.53 7.89
C LEU GA 44 93.42 -10.99 6.52
N ALA GA 45 92.20 -10.47 6.36
CA ALA GA 45 91.76 -9.98 5.07
C ALA GA 45 92.32 -8.59 4.80
N ASP GA 46 92.10 -8.12 3.55
CA ASP GA 46 92.44 -6.83 2.93
C ASP GA 46 93.72 -6.23 3.51
N THR GA 47 94.78 -7.04 3.54
CA THR GA 47 95.96 -6.73 4.34
C THR GA 47 96.83 -5.67 3.67
N GLU GA 48 97.35 -4.77 4.49
CA GLU GA 48 98.35 -3.80 4.07
C GLU GA 48 99.64 -4.09 4.84
N GLU GA 49 100.71 -4.32 4.10
CA GLU GA 49 102.04 -4.47 4.68
C GLU GA 49 102.71 -3.10 4.75
N PHE GA 50 103.20 -2.75 5.93
CA PHE GA 50 103.82 -1.47 6.20
C PHE GA 50 105.28 -1.70 6.52
N ARG GA 51 106.17 -1.02 5.79
CA ARG GA 51 107.61 -1.20 5.97
C ARG GA 51 108.26 0.12 6.33
N LYS GA 52 109.22 0.06 7.25
CA LYS GA 52 109.96 1.22 7.73
C LYS GA 52 111.43 1.04 7.38
N THR GA 53 112.04 2.08 6.81
CA THR GA 53 113.50 2.07 6.62
C THR GA 53 114.09 3.38 7.11
N LYS GA 54 115.18 3.29 7.86
CA LYS GA 54 115.85 4.46 8.42
C LYS GA 54 116.78 5.05 7.36
N ARG GA 55 116.26 5.99 6.58
CA ARG GA 55 117.02 6.64 5.53
C ARG GA 55 117.80 7.83 6.07
N MET GA 56 118.98 8.05 5.50
CA MET GA 56 119.84 9.19 5.82
C MET GA 56 119.67 10.18 4.66
N GLN GA 57 118.61 10.97 4.70
CA GLN GA 57 118.33 11.92 3.63
C GLN GA 57 119.23 13.14 3.83
N ALA GA 58 120.30 13.22 3.05
CA ALA GA 58 121.28 14.31 3.14
C ALA GA 58 120.88 15.40 2.15
N LYS GA 59 120.47 16.55 2.69
CA LYS GA 59 120.12 17.68 1.84
C LYS GA 59 121.39 18.27 1.23
N PRO GA 60 121.32 18.80 0.00
CA PRO GA 60 122.51 19.41 -0.61
C PRO GA 60 122.98 20.68 0.08
N ASN GA 61 122.14 21.33 0.87
CA ASN GA 61 122.51 22.58 1.53
C ASN GA 61 122.89 22.39 3.00
N SER GA 62 122.40 21.35 3.66
CA SER GA 62 122.69 21.08 5.06
C SER GA 62 123.62 19.89 5.16
N SER GA 63 124.70 20.05 5.92
CA SER GA 63 125.67 18.96 6.09
C SER GA 63 125.14 17.84 6.98
N THR GA 64 124.13 18.12 7.80
CA THR GA 64 123.57 17.11 8.69
C THR GA 64 122.63 16.22 7.91
N THR GA 65 122.98 14.93 7.81
CA THR GA 65 122.12 13.96 7.13
C THR GA 65 120.90 13.70 8.00
N GLN GA 66 119.71 13.97 7.47
CA GLN GA 66 118.49 13.84 8.23
C GLN GA 66 118.14 12.36 8.43
N THR GA 67 118.09 11.92 9.68
CA THR GA 67 117.68 10.57 10.01
C THR GA 67 116.16 10.52 10.00
N LEU GA 68 115.58 9.85 9.01
CA LEU GA 68 114.12 9.76 8.92
C LEU GA 68 113.70 8.33 8.65
N ILE GA 69 112.74 7.85 9.43
CA ILE GA 69 112.25 6.46 9.29
C ILE GA 69 111.11 6.52 8.28
N GLN GA 70 111.47 6.37 7.00
CA GLN GA 70 110.47 6.57 5.97
C GLN GA 70 109.58 5.34 5.87
N GLU GA 71 108.35 5.56 5.42
CA GLU GA 71 107.27 4.60 5.45
C GLU GA 71 106.90 4.24 4.03
N GLU GA 72 106.82 2.94 3.73
CA GLU GA 72 106.39 2.49 2.42
C GLU GA 72 105.29 1.43 2.54
N LYS GA 73 104.43 1.40 1.53
CA LYS GA 73 103.17 0.69 1.57
C LYS GA 73 103.24 -0.54 0.66
N ARG GA 74 102.40 -1.53 0.96
CA ARG GA 74 102.08 -2.56 -0.03
C ARG GA 74 100.72 -3.15 0.32
N THR GA 75 99.97 -3.55 -0.70
CA THR GA 75 98.69 -4.21 -0.52
C THR GA 75 98.81 -5.69 -0.87
N LEU GA 76 98.14 -6.53 -0.10
CA LEU GA 76 98.19 -7.97 -0.34
C LEU GA 76 96.82 -8.61 -0.47
N GLY GA 77 95.84 -8.15 0.29
CA GLY GA 77 94.51 -8.73 0.26
C GLY GA 77 94.33 -9.75 1.38
N LEU GA 78 93.93 -10.97 1.01
CA LEU GA 78 93.73 -12.03 1.98
C LEU GA 78 95.07 -12.69 2.31
N THR GA 79 95.44 -12.69 3.59
CA THR GA 79 96.73 -13.18 4.04
C THR GA 79 96.55 -14.20 5.15
N ILE GA 80 97.60 -14.98 5.38
CA ILE GA 80 97.64 -16.00 6.42
C ILE GA 80 99.05 -16.04 7.00
N VAL GA 81 99.21 -15.52 8.21
CA VAL GA 81 100.52 -15.40 8.85
C VAL GA 81 100.68 -16.49 9.90
N ARG GA 82 101.91 -17.00 10.02
CA ARG GA 82 102.24 -18.05 10.96
C ARG GA 82 102.56 -17.47 12.33
N GLY GA 83 102.23 -18.23 13.37
CA GLY GA 83 102.49 -17.82 14.74
C GLY GA 83 103.93 -17.95 15.19
N ALA GA 84 104.78 -18.58 14.40
CA ALA GA 84 106.20 -18.67 14.73
C ALA GA 84 106.96 -17.39 14.40
N ASN GA 85 106.33 -16.47 13.67
CA ASN GA 85 106.96 -15.21 13.28
C ASN GA 85 106.20 -13.99 13.78
N ILE GA 86 105.18 -14.18 14.60
CA ILE GA 86 104.43 -13.06 15.17
C ILE GA 86 105.14 -12.59 16.43
N ILE GA 87 105.04 -11.30 16.71
CA ILE GA 87 105.65 -10.72 17.91
C ILE GA 87 104.54 -10.23 18.84
N ALA GA 88 103.73 -9.31 18.35
CA ALA GA 88 102.67 -8.72 19.17
C ALA GA 88 101.45 -8.44 18.31
N LEU GA 89 100.30 -8.36 18.96
CA LEU GA 89 99.00 -8.18 18.31
C LEU GA 89 98.37 -6.91 18.86
N SER GA 90 98.09 -5.96 17.97
CA SER GA 90 97.62 -4.63 18.35
C SER GA 90 96.31 -4.29 17.66
N VAL GA 91 95.47 -3.55 18.38
CA VAL GA 91 94.20 -3.09 17.84
C VAL GA 91 94.45 -1.95 16.86
N GLU GA 92 93.83 -2.06 15.67
CA GLU GA 92 93.86 -0.98 14.68
C GLU GA 92 92.58 -0.15 14.72
N SER GA 93 91.43 -0.77 14.43
CA SER GA 93 90.17 -0.04 14.33
C SER GA 93 89.01 -1.03 14.40
N PRO GA 94 87.83 -0.58 14.81
CA PRO GA 94 86.62 -1.40 14.71
C PRO GA 94 86.25 -1.65 13.25
N PRO GA 95 85.47 -2.69 12.97
CA PRO GA 95 85.07 -2.95 11.59
C PRO GA 95 84.18 -1.83 11.06
N PRO GA 96 84.39 -1.42 9.80
CA PRO GA 96 83.57 -0.37 9.16
C PRO GA 96 82.15 -0.82 8.90
N THR GA 114 62.27 -7.13 14.17
CA THR GA 114 61.86 -7.93 15.32
C THR GA 114 60.84 -7.15 16.15
N LEU GA 115 60.98 -5.82 16.15
CA LEU GA 115 60.04 -4.95 16.84
C LEU GA 115 58.72 -4.91 16.07
N THR GA 116 57.70 -5.59 16.60
CA THR GA 116 56.41 -5.61 15.96
C THR GA 116 55.63 -4.34 16.28
N ALA GA 117 54.56 -4.11 15.51
CA ALA GA 117 53.68 -2.98 15.75
C ALA GA 117 52.74 -3.27 16.91
N GLY GA 118 52.09 -2.22 17.39
CA GLY GA 118 51.20 -2.34 18.53
C GLY GA 118 49.74 -2.39 18.15
N PRO GA 119 48.88 -2.63 19.13
CA PRO GA 119 47.44 -2.64 18.89
C PRO GA 119 46.73 -1.32 19.12
N GLY GA 120 47.47 -0.24 19.38
CA GLY GA 120 46.83 1.03 19.67
C GLY GA 120 46.40 1.77 18.43
N VAL GA 121 45.49 2.71 18.63
CA VAL GA 121 44.97 3.55 17.56
C VAL GA 121 45.01 5.01 18.01
N ALA GA 122 44.97 5.89 17.02
CA ALA GA 122 45.02 7.33 17.26
C ALA GA 122 43.95 8.01 16.42
N ARG GA 123 43.22 8.93 17.05
CA ARG GA 123 42.15 9.65 16.39
C ARG GA 123 42.09 11.07 16.94
N PRO GA 124 41.61 12.03 16.15
CA PRO GA 124 41.44 13.39 16.67
C PRO GA 124 40.36 13.45 17.73
N ALA GA 125 40.52 14.40 18.65
CA ALA GA 125 39.60 14.54 19.78
C ALA GA 125 39.63 15.97 20.25
N GLY GA 126 38.64 16.31 21.08
CA GLY GA 126 38.60 17.62 21.70
C GLY GA 126 38.68 17.51 23.21
N ARG GA 127 38.95 18.64 23.89
CA ARG GA 127 39.01 18.64 25.34
C ARG GA 127 37.64 18.67 26.01
N GLY GA 128 36.56 18.52 25.24
CA GLY GA 128 35.24 18.56 25.81
C GLY GA 128 34.81 19.96 26.18
N ALA GA 129 33.66 20.03 26.86
CA ALA GA 129 33.12 21.29 27.35
C ALA GA 129 33.66 21.52 28.76
N ALA GA 130 34.60 22.45 28.90
CA ALA GA 130 35.12 22.81 30.21
C ALA GA 130 34.02 23.43 31.07
N ALA GA 131 34.07 23.14 32.36
CA ALA GA 131 33.11 23.72 33.28
C ALA GA 131 33.38 25.22 33.43
N PRO GA 132 32.43 26.08 33.09
CA PRO GA 132 32.69 27.52 33.14
C PRO GA 132 32.74 28.06 34.57
N ILE GA 133 33.95 28.33 35.05
CA ILE GA 133 34.14 28.80 36.42
C ILE GA 133 34.17 30.33 36.46
N MET HA 1 89.30 -35.41 22.91
CA MET HA 1 89.88 -34.22 22.30
C MET HA 1 90.57 -34.54 20.97
N THR HA 2 89.76 -34.74 19.93
CA THR HA 2 90.31 -34.94 18.60
C THR HA 2 90.94 -33.65 18.10
N SER HA 3 92.11 -33.78 17.46
CA SER HA 3 92.85 -32.61 17.00
C SER HA 3 92.17 -31.96 15.81
N SER HA 4 91.38 -30.92 16.08
CA SER HA 4 90.68 -30.23 15.01
C SER HA 4 91.64 -29.37 14.20
N ILE HA 5 91.56 -29.50 12.88
CA ILE HA 5 92.38 -28.69 11.98
C ILE HA 5 91.92 -27.23 12.06
N GLY HA 6 92.89 -26.33 12.24
CA GLY HA 6 92.56 -24.93 12.39
C GLY HA 6 92.01 -24.31 11.12
N ILE HA 7 91.27 -23.21 11.32
CA ILE HA 7 90.70 -22.47 10.18
C ILE HA 7 91.76 -21.96 9.22
N PRO HA 8 92.93 -21.42 9.66
CA PRO HA 8 93.98 -21.10 8.68
C PRO HA 8 94.45 -22.28 7.83
N ILE HA 9 94.65 -23.45 8.44
CA ILE HA 9 95.09 -24.61 7.68
C ILE HA 9 93.96 -25.08 6.76
N LYS HA 10 92.71 -24.93 7.19
CA LYS HA 10 91.57 -25.21 6.31
C LYS HA 10 91.56 -24.29 5.11
N LEU HA 11 91.86 -23.00 5.31
CA LEU HA 11 91.93 -22.05 4.19
C LEU HA 11 93.08 -22.38 3.26
N LEU HA 12 94.20 -22.85 3.82
CA LEU HA 12 95.31 -23.31 2.98
C LEU HA 12 94.91 -24.54 2.16
N ASN HA 13 94.11 -25.43 2.74
CA ASN HA 13 93.59 -26.56 1.99
C ASN HA 13 92.62 -26.12 0.91
N GLU HA 14 91.87 -25.04 1.16
CA GLU HA 14 91.03 -24.46 0.13
C GLU HA 14 91.86 -23.85 -1.00
N ALA HA 15 93.06 -23.37 -0.68
CA ALA HA 15 93.84 -22.59 -1.63
C ALA HA 15 94.59 -23.43 -2.65
N GLN HA 16 94.57 -24.76 -2.53
CA GLN HA 16 95.25 -25.59 -3.51
C GLN HA 16 94.54 -25.54 -4.85
N GLY HA 17 95.32 -25.51 -5.93
CA GLY HA 17 94.80 -25.28 -7.26
C GLY HA 17 94.74 -23.83 -7.66
N HIS HA 18 94.80 -22.91 -6.70
CA HIS HA 18 94.82 -21.48 -6.99
C HIS HA 18 96.26 -20.98 -7.11
N ILE HA 19 96.40 -19.70 -7.41
CA ILE HA 19 97.70 -19.04 -7.46
C ILE HA 19 97.95 -18.35 -6.13
N VAL HA 20 99.01 -18.76 -5.43
CA VAL HA 20 99.36 -18.19 -4.14
C VAL HA 20 100.76 -17.62 -4.21
N THR HA 21 101.03 -16.64 -3.34
CA THR HA 21 102.36 -16.04 -3.24
C THR HA 21 102.86 -16.20 -1.81
N LEU HA 22 103.94 -16.95 -1.65
CA LEU HA 22 104.53 -17.28 -0.36
C LEU HA 22 105.78 -16.44 -0.09
N GLU HA 23 105.81 -15.82 1.10
CA GLU HA 23 106.97 -15.15 1.64
C GLU HA 23 107.54 -16.01 2.75
N LEU HA 24 108.82 -16.37 2.62
CA LEU HA 24 109.50 -17.22 3.58
C LEU HA 24 110.28 -16.35 4.58
N THR HA 25 110.67 -16.96 5.69
CA THR HA 25 111.62 -16.32 6.60
C THR HA 25 113.07 -16.53 6.18
N THR HA 26 113.32 -17.38 5.18
CA THR HA 26 114.64 -17.54 4.60
C THR HA 26 114.82 -16.68 3.35
N GLY HA 27 113.94 -15.72 3.13
CA GLY HA 27 114.19 -14.68 2.16
C GLY HA 27 113.60 -14.85 0.79
N GLN HA 28 112.95 -15.98 0.50
CA GLN HA 28 112.45 -16.23 -0.84
C GLN HA 28 110.98 -15.92 -0.94
N THR HA 29 110.55 -15.43 -2.11
CA THR HA 29 109.16 -15.18 -2.44
C THR HA 29 108.80 -16.00 -3.67
N TYR HA 30 107.73 -16.78 -3.59
CA TYR HA 30 107.31 -17.65 -4.69
C TYR HA 30 105.90 -17.31 -5.11
N ARG HA 31 105.68 -17.14 -6.42
CA ARG HA 31 104.35 -17.01 -6.99
C ARG HA 31 104.08 -18.27 -7.80
N GLY HA 32 103.07 -19.05 -7.39
CA GLY HA 32 102.86 -20.30 -8.09
C GLY HA 32 101.52 -20.93 -7.77
N LYS HA 33 101.22 -21.97 -8.53
CA LYS HA 33 99.99 -22.75 -8.33
C LYS HA 33 100.23 -23.75 -7.20
N LEU HA 34 99.44 -23.63 -6.13
CA LEU HA 34 99.54 -24.54 -5.00
C LEU HA 34 98.98 -25.89 -5.41
N ILE HA 35 99.84 -26.89 -5.59
CA ILE HA 35 99.39 -28.23 -5.93
C ILE HA 35 99.01 -29.02 -4.69
N GLU HA 36 99.90 -29.09 -3.70
CA GLU HA 36 99.66 -29.97 -2.56
C GLU HA 36 99.91 -29.21 -1.27
N ALA HA 37 99.08 -29.49 -0.26
CA ALA HA 37 99.21 -28.84 1.04
C ALA HA 37 99.00 -29.89 2.13
N GLU HA 38 99.58 -29.62 3.29
CA GLU HA 38 99.51 -30.50 4.45
C GLU HA 38 98.95 -29.74 5.65
N ASP HA 39 98.68 -30.49 6.73
CA ASP HA 39 98.21 -29.87 7.96
C ASP HA 39 99.31 -29.13 8.70
N ASN HA 40 100.57 -29.43 8.41
CA ASN HA 40 101.72 -28.73 8.98
C ASN HA 40 102.40 -27.81 7.97
N MET HA 41 101.63 -27.29 7.02
CA MET HA 41 101.99 -26.18 6.13
C MET HA 41 103.14 -26.51 5.17
N ASN HA 42 103.41 -27.78 4.91
CA ASN HA 42 104.33 -28.13 3.83
C ASN HA 42 103.58 -28.09 2.51
N VAL HA 43 104.12 -27.35 1.55
CA VAL HA 43 103.40 -27.01 0.32
C VAL HA 43 104.23 -27.38 -0.90
N GLN HA 44 103.55 -27.94 -1.90
CA GLN HA 44 104.14 -28.27 -3.19
C GLN HA 44 103.50 -27.38 -4.25
N LEU HA 45 104.35 -26.66 -4.99
CA LEU HA 45 103.91 -25.64 -5.95
C LEU HA 45 104.51 -25.89 -7.32
N LYS HA 46 103.95 -25.21 -8.32
CA LYS HA 46 104.27 -25.45 -9.72
C LYS HA 46 104.94 -24.26 -10.41
N ASP HA 47 104.30 -23.08 -10.44
CA ASP HA 47 104.74 -22.01 -11.33
C ASP HA 47 105.96 -21.27 -10.79
N ILE HA 48 105.89 -20.82 -9.54
CA ILE HA 48 106.96 -20.23 -8.72
C ILE HA 48 107.92 -19.26 -9.44
N THR HA 49 107.44 -18.08 -9.78
CA THR HA 49 108.35 -16.98 -10.04
C THR HA 49 108.93 -16.50 -8.72
N VAL HA 50 110.24 -16.28 -8.69
CA VAL HA 50 111.00 -16.12 -7.45
C VAL HA 50 111.41 -14.66 -7.30
N THR HA 51 111.26 -14.12 -6.10
CA THR HA 51 111.65 -12.74 -5.79
C THR HA 51 112.11 -12.66 -4.35
N ALA HA 52 113.36 -12.23 -4.14
CA ALA HA 52 113.94 -12.04 -2.83
C ALA HA 52 114.24 -10.56 -2.59
N ARG HA 53 114.71 -10.22 -1.39
CA ARG HA 53 115.15 -8.85 -1.14
C ARG HA 53 116.42 -8.46 -1.90
N ASP HA 54 117.32 -9.41 -2.20
CA ASP HA 54 118.51 -9.06 -2.97
C ASP HA 54 118.29 -9.12 -4.47
N GLY HA 55 117.08 -9.42 -4.91
CA GLY HA 55 116.74 -9.36 -6.33
C GLY HA 55 117.07 -10.63 -7.09
N ARG HA 56 116.63 -11.78 -6.58
CA ARG HA 56 116.90 -13.07 -7.21
C ARG HA 56 115.68 -13.48 -8.03
N VAL HA 57 115.54 -12.85 -9.19
CA VAL HA 57 114.43 -13.14 -10.10
C VAL HA 57 114.77 -14.37 -10.92
N SER HA 58 113.96 -15.41 -10.82
CA SER HA 58 114.18 -16.65 -11.56
C SER HA 58 112.85 -17.36 -11.72
N HIS HA 59 112.81 -18.28 -12.69
CA HIS HA 59 111.62 -19.07 -12.96
C HIS HA 59 112.01 -20.54 -13.13
N LEU HA 60 111.22 -21.42 -12.53
CA LEU HA 60 111.45 -22.85 -12.59
C LEU HA 60 110.13 -23.55 -12.25
N GLU HA 61 110.18 -24.88 -12.17
CA GLU HA 61 108.98 -25.69 -12.01
C GLU HA 61 109.15 -26.70 -10.88
N GLN HA 62 108.06 -26.89 -10.12
CA GLN HA 62 107.93 -27.83 -9.00
C GLN HA 62 108.79 -27.48 -7.80
N ILE HA 63 108.19 -27.36 -6.63
CA ILE HA 63 108.94 -27.10 -5.40
C ILE HA 63 108.19 -27.67 -4.20
N TYR HA 64 108.95 -28.13 -3.22
CA TYR HA 64 108.47 -28.52 -1.90
C TYR HA 64 109.07 -27.55 -0.88
N ILE HA 65 108.21 -26.90 -0.11
CA ILE HA 65 108.63 -25.94 0.90
C ILE HA 65 108.03 -26.38 2.24
N ARG HA 66 108.88 -26.47 3.26
CA ARG HA 66 108.44 -26.86 4.59
C ARG HA 66 107.80 -25.70 5.32
N GLY HA 67 106.86 -26.01 6.20
CA GLY HA 67 106.07 -25.00 6.89
C GLY HA 67 106.78 -24.26 8.00
N SER HA 68 107.91 -24.79 8.49
CA SER HA 68 108.65 -24.09 9.53
C SER HA 68 109.46 -22.93 8.97
N HIS HA 69 109.90 -23.02 7.72
CA HIS HA 69 110.79 -22.03 7.11
C HIS HA 69 110.04 -20.91 6.41
N VAL HA 70 108.72 -20.88 6.48
CA VAL HA 70 107.92 -19.89 5.77
C VAL HA 70 107.36 -18.88 6.76
N ARG HA 71 107.10 -17.66 6.25
CA ARG HA 71 106.44 -16.64 7.05
C ARG HA 71 104.95 -16.57 6.79
N PHE HA 72 104.54 -16.31 5.54
CA PHE HA 72 103.11 -16.12 5.27
C PHE HA 72 102.79 -16.30 3.79
N PHE HA 73 101.62 -16.87 3.53
CA PHE HA 73 101.05 -16.97 2.19
C PHE HA 73 100.14 -15.78 1.93
N ILE HA 74 99.91 -15.51 0.64
CA ILE HA 74 98.84 -14.62 0.18
C ILE HA 74 98.01 -15.42 -0.81
N VAL HA 75 96.70 -15.44 -0.57
CA VAL HA 75 95.75 -16.31 -1.27
C VAL HA 75 94.72 -15.40 -1.93
N PRO HA 76 94.00 -15.90 -2.95
CA PRO HA 76 93.04 -15.05 -3.66
C PRO HA 76 91.92 -14.51 -2.77
N ASP HA 77 91.35 -13.39 -3.23
CA ASP HA 77 90.36 -12.64 -2.45
C ASP HA 77 89.08 -13.46 -2.27
N MET HA 78 88.69 -14.22 -3.30
CA MET HA 78 87.43 -14.96 -3.28
C MET HA 78 87.38 -16.01 -2.18
N LEU HA 79 88.54 -16.52 -1.75
CA LEU HA 79 88.62 -17.46 -0.64
C LEU HA 79 88.19 -16.85 0.69
N ARG HA 80 88.07 -15.52 0.77
CA ARG HA 80 87.44 -14.88 1.92
C ARG HA 80 86.02 -15.37 2.12
N ASN HA 81 85.30 -15.63 1.03
CA ASN HA 81 83.91 -16.06 1.10
C ASN HA 81 83.76 -17.58 1.22
N ALA HA 82 84.77 -18.27 1.76
CA ALA HA 82 84.71 -19.70 1.93
C ALA HA 82 83.65 -20.07 2.97
N PRO HA 83 83.07 -21.28 2.88
CA PRO HA 83 82.05 -21.67 3.86
C PRO HA 83 82.55 -21.78 5.29
N MET HA 84 83.86 -21.88 5.51
CA MET HA 84 84.39 -21.96 6.86
C MET HA 84 84.26 -20.65 7.63
N PHE HA 85 84.12 -19.52 6.92
CA PHE HA 85 84.02 -18.22 7.56
C PHE HA 85 82.58 -17.83 7.87
N ARG HA 86 81.62 -18.70 7.59
CA ARG HA 86 80.23 -18.48 7.97
C ARG HA 86 79.93 -19.29 9.22
N SER HA 87 79.38 -18.65 10.24
CA SER HA 87 79.16 -19.27 11.54
C SER HA 87 78.01 -20.26 11.45
N ARG HA 88 78.32 -21.55 11.55
CA ARG HA 88 77.29 -22.58 11.61
C ARG HA 88 76.58 -22.49 12.95
N ASN HA 89 75.27 -22.24 12.91
CA ASN HA 89 74.50 -22.12 14.15
C ASN HA 89 74.29 -23.49 14.77
N VAL HA 90 74.73 -23.65 16.02
CA VAL HA 90 74.60 -24.91 16.73
C VAL HA 90 73.74 -24.72 17.97
N ASP IA 3 34.81 -54.10 -22.01
CA ASP IA 3 33.65 -54.62 -21.28
C ASP IA 3 32.86 -53.49 -20.62
N ASN IA 4 33.03 -52.27 -21.15
CA ASN IA 4 32.31 -51.10 -20.66
C ASN IA 4 31.06 -50.90 -21.49
N VAL IA 5 30.05 -51.73 -21.21
CA VAL IA 5 28.79 -51.71 -21.95
C VAL IA 5 27.62 -51.57 -20.98
N GLY IA 6 26.67 -50.69 -21.33
CA GLY IA 6 25.38 -50.65 -20.67
C GLY IA 6 25.31 -49.98 -19.32
N LEU IA 7 24.24 -49.20 -19.11
CA LEU IA 7 23.79 -48.69 -17.81
C LEU IA 7 24.87 -47.94 -17.03
N PRO IA 8 25.15 -46.67 -17.38
CA PRO IA 8 26.05 -45.86 -16.56
C PRO IA 8 25.65 -45.80 -15.09
N THR IA 9 24.36 -45.72 -14.80
CA THR IA 9 23.83 -45.88 -13.46
C THR IA 9 22.61 -46.80 -13.48
N PRO IA 10 22.45 -47.64 -12.46
CA PRO IA 10 21.20 -48.39 -12.29
C PRO IA 10 20.15 -47.67 -11.45
N ARG IA 11 20.33 -46.39 -11.16
CA ARG IA 11 19.42 -45.67 -10.29
C ARG IA 11 18.12 -45.31 -11.00
N GLY IA 12 18.19 -44.94 -12.28
CA GLY IA 12 16.99 -44.57 -13.01
C GLY IA 12 16.04 -45.73 -13.24
N SER IA 13 16.59 -46.89 -13.59
CA SER IA 13 15.76 -48.05 -13.87
C SER IA 13 15.63 -48.93 -12.63
N GLY IA 14 14.63 -49.81 -12.66
CA GLY IA 14 14.49 -50.83 -11.64
C GLY IA 14 15.18 -52.11 -12.07
N THR IA 15 16.47 -51.99 -12.41
CA THR IA 15 17.21 -53.07 -13.05
C THR IA 15 18.27 -53.69 -12.17
N SER IA 16 19.05 -52.85 -11.45
CA SER IA 16 20.25 -53.27 -10.73
C SER IA 16 21.21 -53.96 -11.70
N GLY IA 17 21.74 -53.18 -12.64
CA GLY IA 17 22.30 -53.71 -13.87
C GLY IA 17 23.59 -54.47 -13.75
N TYR IA 18 23.51 -55.67 -13.17
CA TYR IA 18 24.61 -56.63 -13.13
C TYR IA 18 24.88 -57.07 -14.56
N VAL IA 19 26.09 -56.82 -15.05
CA VAL IA 19 26.43 -57.11 -16.44
C VAL IA 19 27.18 -58.44 -16.50
N GLN IA 20 26.83 -59.26 -17.50
CA GLN IA 20 27.47 -60.55 -17.72
C GLN IA 20 28.08 -60.58 -19.11
N ARG IA 21 28.90 -61.60 -19.35
CA ARG IA 21 29.67 -61.70 -20.58
C ARG IA 21 28.87 -62.28 -21.74
N ASN IA 22 27.66 -62.77 -21.46
CA ASN IA 22 26.82 -63.50 -22.43
C ASN IA 22 27.59 -64.71 -22.96
N LEU IA 23 27.85 -65.64 -22.05
CA LEU IA 23 28.67 -66.82 -22.28
C LEU IA 23 28.06 -67.84 -23.28
N ALA IA 24 26.91 -67.57 -23.90
CA ALA IA 24 26.42 -68.34 -25.03
C ALA IA 24 26.77 -67.70 -26.37
N HIS IA 25 27.54 -66.61 -26.35
CA HIS IA 25 27.97 -65.96 -27.59
C HIS IA 25 29.08 -66.77 -28.24
N LEU IA 26 28.90 -67.10 -29.52
CA LEU IA 26 29.87 -67.91 -30.24
C LEU IA 26 31.11 -67.10 -30.55
N ARG IA 27 32.25 -67.55 -30.02
CA ARG IA 27 33.52 -66.89 -30.28
C ARG IA 27 33.92 -67.09 -31.75
N PRO IA 28 34.75 -66.19 -32.29
CA PRO IA 28 35.17 -66.33 -33.69
C PRO IA 28 35.93 -67.62 -33.95
N ARG IA 29 35.73 -68.17 -35.13
CA ARG IA 29 36.30 -69.46 -35.51
C ARG IA 29 37.05 -69.37 -36.83
N PRO IA 47 63.51 -67.69 -63.78
CA PRO IA 47 64.84 -67.05 -63.80
C PRO IA 47 65.13 -66.35 -65.13
N ASP IA 48 65.72 -65.16 -65.06
CA ASP IA 48 66.04 -64.39 -66.25
C ASP IA 48 67.44 -64.75 -66.74
N PRO IA 49 67.63 -65.12 -68.01
CA PRO IA 49 68.99 -65.34 -68.51
C PRO IA 49 69.84 -64.08 -68.53
N GLY IA 50 69.21 -62.91 -68.58
CA GLY IA 50 69.96 -61.67 -68.44
C GLY IA 50 70.62 -61.53 -67.09
N LEU IA 51 69.99 -62.06 -66.04
CA LEU IA 51 70.63 -62.09 -64.73
C LEU IA 51 71.87 -62.97 -64.73
N LEU IA 52 71.82 -64.11 -65.43
CA LEU IA 52 73.00 -64.96 -65.56
C LEU IA 52 74.11 -64.28 -66.36
N GLU IA 53 73.73 -63.56 -67.42
CA GLU IA 53 74.72 -62.81 -68.19
C GLU IA 53 75.35 -61.70 -67.36
N HIS IA 54 74.55 -61.02 -66.55
CA HIS IA 54 75.08 -59.99 -65.65
C HIS IA 54 75.98 -60.59 -64.59
N ASP IA 55 75.64 -61.79 -64.10
CA ASP IA 55 76.50 -62.47 -63.13
C ASP IA 55 77.82 -62.87 -63.74
N ARG IA 56 77.81 -63.36 -65.00
CA ARG IA 56 79.05 -63.69 -65.69
C ARG IA 56 79.90 -62.45 -65.93
N LYS IA 57 79.26 -61.34 -66.31
CA LYS IA 57 79.99 -60.09 -66.51
C LYS IA 57 80.57 -59.57 -65.20
N ARG IA 58 79.83 -59.73 -64.10
CA ARG IA 58 80.33 -59.34 -62.79
C ARG IA 58 81.50 -60.21 -62.35
N GLU IA 59 81.45 -61.50 -62.66
CA GLU IA 59 82.57 -62.38 -62.35
C GLU IA 59 83.82 -62.01 -63.16
N VAL IA 60 83.63 -61.66 -64.44
CA VAL IA 60 84.75 -61.23 -65.27
C VAL IA 60 85.33 -59.92 -64.74
N GLU IA 61 84.45 -58.99 -64.33
CA GLU IA 61 84.91 -57.73 -63.77
C GLU IA 61 85.61 -57.93 -62.42
N VAL IA 62 85.16 -58.91 -61.63
CA VAL IA 62 85.83 -59.22 -60.37
C VAL IA 62 87.21 -59.79 -60.62
N LYS IA 63 87.34 -60.65 -61.63
CA LYS IA 63 88.65 -61.18 -62.00
C LYS IA 63 89.58 -60.05 -62.49
N VAL IA 64 89.03 -59.12 -63.27
CA VAL IA 64 89.82 -57.98 -63.75
C VAL IA 64 90.25 -57.09 -62.59
N PHE IA 65 89.35 -56.88 -61.62
CA PHE IA 65 89.69 -56.06 -60.45
C PHE IA 65 90.74 -56.75 -59.59
N GLU IA 66 90.66 -58.08 -59.46
CA GLU IA 66 91.67 -58.83 -58.72
C GLU IA 66 93.02 -58.75 -59.40
N LEU IA 67 93.04 -58.84 -60.74
CA LEU IA 67 94.29 -58.69 -61.48
C LEU IA 67 94.87 -57.29 -61.33
N ARG IA 68 94.00 -56.27 -61.36
CA ARG IA 68 94.46 -54.90 -61.16
C ARG IA 68 95.01 -54.68 -59.75
N ASP IA 69 94.37 -55.27 -58.74
CA ASP IA 69 94.87 -55.17 -57.38
C ASP IA 69 96.20 -55.90 -57.22
N LYS IA 70 96.35 -57.05 -57.88
CA LYS IA 70 97.63 -57.77 -57.84
C LYS IA 70 98.73 -56.97 -58.54
N LEU IA 71 98.40 -56.31 -59.64
CA LEU IA 71 99.38 -55.46 -60.32
C LEU IA 71 99.76 -54.25 -59.48
N GLU IA 72 98.78 -53.66 -58.79
CA GLU IA 72 99.06 -52.50 -57.94
C GLU IA 72 99.87 -52.89 -56.71
N GLU IA 73 99.65 -54.10 -56.19
CA GLU IA 73 100.43 -54.56 -55.04
C GLU IA 73 101.87 -54.86 -55.44
N GLU IA 74 102.11 -55.28 -56.68
CA GLU IA 74 103.46 -55.57 -57.14
C GLU IA 74 104.21 -54.33 -57.58
N GLY IA 75 103.57 -53.16 -57.62
CA GLY IA 75 104.22 -51.95 -58.04
C GLY IA 75 104.43 -51.80 -59.52
N VAL IA 76 103.61 -52.46 -60.34
CA VAL IA 76 103.74 -52.40 -61.80
C VAL IA 76 103.23 -51.06 -62.30
N ASP IA 77 103.54 -50.74 -63.56
CA ASP IA 77 103.11 -49.48 -64.15
C ASP IA 77 101.62 -49.51 -64.46
N GLU IA 78 101.04 -48.31 -64.61
CA GLU IA 78 99.61 -48.21 -64.85
C GLU IA 78 99.23 -48.63 -66.26
N GLU IA 79 100.07 -48.30 -67.25
CA GLU IA 79 99.75 -48.64 -68.64
C GLU IA 79 99.81 -50.14 -68.89
N GLU IA 80 100.82 -50.81 -68.33
CA GLU IA 80 100.92 -52.26 -68.48
C GLU IA 80 99.78 -52.97 -67.74
N ILE IA 81 99.40 -52.44 -66.58
CA ILE IA 81 98.28 -53.01 -65.83
C ILE IA 81 96.97 -52.83 -66.61
N GLU IA 82 96.79 -51.66 -67.23
CA GLU IA 82 95.59 -51.43 -68.03
C GLU IA 82 95.55 -52.33 -69.26
N SER IA 83 96.69 -52.52 -69.92
CA SER IA 83 96.74 -53.43 -71.07
C SER IA 83 96.45 -54.87 -70.67
N ARG IA 84 97.01 -55.30 -69.52
CA ARG IA 84 96.75 -56.64 -69.02
C ARG IA 84 95.29 -56.81 -68.64
N CYS IA 85 94.67 -55.78 -68.06
CA CYS IA 85 93.26 -55.84 -67.71
C CYS IA 85 92.38 -55.91 -68.94
N SER IA 86 92.73 -55.15 -69.99
CA SER IA 86 91.97 -55.22 -71.24
C SER IA 86 92.11 -56.58 -71.90
N GLU IA 87 93.31 -57.15 -71.90
CA GLU IA 87 93.52 -58.49 -72.45
C GLU IA 87 92.76 -59.54 -71.65
N LEU IA 88 92.75 -59.41 -70.32
CA LEU IA 88 92.00 -60.35 -69.47
C LEU IA 88 90.50 -60.23 -69.70
N ARG IA 89 90.00 -59.00 -69.89
CA ARG IA 89 88.58 -58.82 -70.17
C ARG IA 89 88.20 -59.42 -71.51
N GLN IA 90 89.05 -59.23 -72.53
CA GLN IA 90 88.79 -59.83 -73.84
C GLN IA 90 88.82 -61.35 -73.77
N LYS IA 91 89.78 -61.91 -73.02
CA LYS IA 91 89.87 -63.36 -72.86
C LYS IA 91 88.67 -63.90 -72.09
N LEU IA 92 88.21 -63.18 -71.07
CA LEU IA 92 87.02 -63.61 -70.33
C LEU IA 92 85.77 -63.56 -71.19
N LEU IA 93 85.64 -62.53 -72.03
CA LEU IA 93 84.50 -62.45 -72.94
C LEU IA 93 84.54 -63.58 -73.96
N ALA IA 94 85.73 -63.89 -74.49
CA ALA IA 94 85.85 -65.01 -75.44
C ALA IA 94 85.54 -66.34 -74.77
N GLU IA 95 86.00 -66.52 -73.52
CA GLU IA 95 85.71 -67.76 -72.79
C GLU IA 95 84.23 -67.89 -72.48
N MET IA 96 83.57 -66.79 -72.13
CA MET IA 96 82.13 -66.82 -71.89
C MET IA 96 81.36 -67.14 -73.17
N GLU IA 97 81.78 -66.57 -74.30
CA GLU IA 97 81.15 -66.87 -75.58
C GLU IA 97 81.36 -68.33 -75.98
N ARG IA 98 82.55 -68.87 -75.68
CA ARG IA 98 82.83 -70.27 -76.03
C ARG IA 98 82.06 -71.24 -75.14
N ASN IA 99 81.99 -70.95 -73.83
CA ASN IA 99 81.36 -71.85 -72.87
C ASN IA 99 79.97 -71.41 -72.46
N LYS IA 100 79.29 -70.60 -73.29
CA LYS IA 100 77.90 -70.26 -73.02
C LYS IA 100 76.99 -71.49 -73.09
N ASP IA 101 77.24 -72.39 -74.03
CA ASP IA 101 76.45 -73.61 -74.15
C ASP IA 101 76.80 -74.59 -73.05
N ARG JA 343 15.86 -95.65 -2.98
CA ARG JA 343 15.46 -95.22 -4.31
C ARG JA 343 14.42 -94.12 -4.24
N ASP JA 344 14.34 -93.32 -5.31
CA ASP JA 344 13.41 -92.20 -5.40
C ASP JA 344 12.46 -92.47 -6.56
N GLN JA 345 11.32 -93.11 -6.25
CA GLN JA 345 10.33 -93.39 -7.27
C GLN JA 345 9.56 -92.15 -7.70
N THR JA 346 9.41 -91.16 -6.83
CA THR JA 346 8.77 -89.91 -7.22
C THR JA 346 9.63 -89.07 -8.14
N ASN JA 347 10.95 -89.32 -8.15
CA ASN JA 347 11.92 -88.66 -9.04
C ASN JA 347 11.89 -87.14 -8.86
N ALA JA 348 12.25 -86.71 -7.65
CA ALA JA 348 12.29 -85.28 -7.34
C ALA JA 348 13.35 -84.57 -8.17
N ASP JA 349 14.51 -85.20 -8.36
CA ASP JA 349 15.60 -84.58 -9.12
C ASP JA 349 15.23 -84.38 -10.58
N LEU JA 350 14.63 -85.39 -11.21
CA LEU JA 350 14.33 -85.31 -12.64
C LEU JA 350 13.20 -84.31 -12.90
N VAL JA 351 12.14 -84.37 -12.10
CA VAL JA 351 11.02 -83.44 -12.25
C VAL JA 351 11.45 -82.01 -11.95
N ASN JA 352 12.25 -81.82 -10.90
CA ASN JA 352 12.76 -80.50 -10.56
C ASN JA 352 13.68 -79.95 -11.64
N LEU JA 353 14.53 -80.80 -12.22
CA LEU JA 353 15.42 -80.35 -13.29
C LEU JA 353 14.65 -79.98 -14.54
N ARG JA 354 13.65 -80.79 -14.91
CA ARG JA 354 12.83 -80.47 -16.07
C ARG JA 354 12.01 -79.20 -15.84
N ARG JA 355 11.56 -78.96 -14.60
CA ARG JA 355 10.80 -77.75 -14.31
C ARG JA 355 11.67 -76.52 -14.34
N THR JA 356 12.90 -76.62 -13.80
CA THR JA 356 13.82 -75.49 -13.86
C THR JA 356 14.25 -75.17 -15.28
N ILE JA 357 14.49 -76.20 -16.10
CA ILE JA 357 14.84 -75.99 -17.50
C ILE JA 357 13.67 -75.35 -18.25
N TYR JA 358 12.44 -75.85 -18.02
CA TYR JA 358 11.27 -75.32 -18.70
C TYR JA 358 11.02 -73.86 -18.32
N LEU JA 359 11.11 -73.53 -17.03
CA LEU JA 359 10.88 -72.15 -16.61
C LEU JA 359 12.04 -71.23 -16.96
N THR JA 360 13.25 -71.75 -17.09
CA THR JA 360 14.36 -70.96 -17.61
C THR JA 360 14.13 -70.61 -19.07
N ILE JA 361 13.62 -71.56 -19.86
CA ILE JA 361 13.33 -71.28 -21.26
C ILE JA 361 12.14 -70.34 -21.39
N GLN JA 362 11.09 -70.55 -20.59
CA GLN JA 362 9.84 -69.80 -20.73
C GLN JA 362 9.99 -68.34 -20.30
N SER JA 363 11.02 -68.00 -19.54
CA SER JA 363 11.20 -66.64 -19.04
C SER JA 363 12.24 -65.85 -19.84
N SER JA 364 12.63 -66.35 -21.01
CA SER JA 364 13.62 -65.68 -21.85
C SER JA 364 12.97 -65.13 -23.11
N ALA JA 365 13.47 -63.98 -23.55
CA ALA JA 365 13.00 -63.32 -24.76
C ALA JA 365 13.93 -63.56 -25.94
N ASP JA 366 15.21 -63.21 -25.79
CA ASP JA 366 16.21 -63.48 -26.81
C ASP JA 366 16.46 -64.99 -26.89
N PRO JA 367 16.62 -65.55 -28.10
CA PRO JA 367 17.18 -66.91 -28.19
C PRO JA 367 18.70 -66.92 -28.15
N GLU JA 368 19.27 -66.12 -27.25
CA GLU JA 368 20.67 -66.17 -26.87
C GLU JA 368 20.69 -66.11 -25.34
N GLU JA 369 19.68 -65.45 -24.79
CA GLU JA 369 19.50 -65.34 -23.35
C GLU JA 369 19.12 -66.69 -22.74
N ALA JA 370 18.28 -67.45 -23.45
CA ALA JA 370 17.86 -68.76 -22.96
C ALA JA 370 19.03 -69.72 -22.89
N ALA JA 371 19.86 -69.74 -23.93
CA ALA JA 371 21.05 -70.61 -23.93
C ALA JA 371 22.03 -70.18 -22.85
N HIS JA 372 22.21 -68.87 -22.66
CA HIS JA 372 23.12 -68.35 -21.64
C HIS JA 372 22.67 -68.76 -20.25
N LYS JA 373 21.37 -68.66 -19.97
CA LYS JA 373 20.88 -69.06 -18.65
C LYS JA 373 20.79 -70.57 -18.49
N LEU JA 374 20.67 -71.32 -19.59
CA LEU JA 374 20.68 -72.77 -19.48
C LEU JA 374 22.08 -73.31 -19.24
N MET JA 375 23.10 -72.67 -19.81
CA MET JA 375 24.47 -73.07 -19.50
C MET JA 375 24.89 -72.72 -18.08
N LYS JA 376 24.22 -71.72 -17.47
CA LYS JA 376 24.50 -71.35 -16.09
C LYS JA 376 23.89 -72.30 -15.08
N LEU JA 377 23.02 -73.21 -15.51
CA LEU JA 377 22.41 -74.17 -14.61
C LEU JA 377 23.47 -75.14 -14.09
N LYS JA 378 23.55 -75.27 -12.77
CA LYS JA 378 24.50 -76.20 -12.18
C LYS JA 378 23.96 -77.62 -12.30
N LEU JA 379 24.79 -78.53 -12.80
CA LEU JA 379 24.32 -79.86 -13.14
C LEU JA 379 25.14 -80.93 -12.44
N PRO JA 380 24.49 -81.98 -11.94
CA PRO JA 380 25.20 -83.22 -11.61
C PRO JA 380 25.84 -83.81 -12.86
N PRO JA 381 26.89 -84.64 -12.72
CA PRO JA 381 27.87 -84.82 -13.83
C PRO JA 381 27.32 -85.22 -15.19
N GLY JA 382 26.25 -86.01 -15.25
CA GLY JA 382 25.59 -86.13 -16.53
C GLY JA 382 24.09 -86.30 -16.47
N GLN JA 383 23.38 -85.32 -17.04
CA GLN JA 383 21.94 -85.38 -17.32
C GLN JA 383 21.61 -84.70 -18.64
N GLU JA 384 22.62 -84.47 -19.49
CA GLU JA 384 22.38 -83.79 -20.76
C GLU JA 384 21.40 -84.49 -21.70
N PRO JA 385 21.26 -85.83 -21.73
CA PRO JA 385 20.11 -86.40 -22.45
C PRO JA 385 18.76 -85.89 -21.97
N GLU JA 386 18.60 -85.65 -20.66
CA GLU JA 386 17.35 -85.09 -20.16
C GLU JA 386 17.14 -83.67 -20.67
N LEU JA 387 18.21 -82.87 -20.71
CA LEU JA 387 18.09 -81.50 -21.22
C LEU JA 387 17.75 -81.48 -22.71
N VAL JA 388 18.37 -82.38 -23.48
CA VAL JA 388 18.07 -82.45 -24.91
C VAL JA 388 16.64 -82.94 -25.15
N SER JA 389 16.20 -83.94 -24.38
CA SER JA 389 14.82 -84.40 -24.48
C SER JA 389 13.84 -83.31 -24.11
N MET JA 390 14.16 -82.51 -23.08
CA MET JA 390 13.23 -81.47 -22.65
C MET JA 390 13.20 -80.31 -23.64
N ILE JA 391 14.33 -79.95 -24.24
CA ILE JA 391 14.32 -78.86 -25.22
C ILE JA 391 13.58 -79.28 -26.49
N ILE JA 392 13.74 -80.54 -26.92
CA ILE JA 392 13.02 -80.98 -28.11
C ILE JA 392 11.53 -81.14 -27.81
N GLU JA 393 11.20 -81.56 -26.58
CA GLU JA 393 9.79 -81.65 -26.19
C GLU JA 393 9.16 -80.26 -26.04
N SER JA 394 9.95 -79.26 -25.61
CA SER JA 394 9.45 -77.90 -25.55
C SER JA 394 9.21 -77.33 -26.94
N CYS JA 395 10.08 -77.67 -27.90
CA CYS JA 395 9.80 -77.33 -29.29
C CYS JA 395 8.57 -78.06 -29.81
N ALA JA 396 8.35 -79.29 -29.34
CA ALA JA 396 7.17 -80.06 -29.73
C ALA JA 396 5.89 -79.46 -29.17
N GLN JA 397 5.95 -78.88 -27.97
CA GLN JA 397 4.76 -78.36 -27.29
C GLN JA 397 4.22 -77.11 -27.95
N GLU JA 398 5.06 -76.38 -28.69
CA GLU JA 398 4.63 -75.14 -29.33
C GLU JA 398 3.55 -75.39 -30.36
N LYS JA 399 2.62 -74.43 -30.49
CA LYS JA 399 1.57 -74.52 -31.49
C LYS JA 399 2.15 -74.47 -32.90
N VAL JA 400 3.00 -73.49 -33.17
CA VAL JA 400 3.71 -73.36 -34.43
C VAL JA 400 5.19 -73.22 -34.11
N TYR JA 401 6.03 -73.86 -34.91
CA TYR JA 401 7.48 -73.78 -34.72
C TYR JA 401 7.98 -72.35 -34.84
N SER JA 402 8.86 -71.96 -33.93
CA SER JA 402 9.50 -70.66 -33.94
C SER JA 402 11.01 -70.83 -33.99
N LYS JA 403 11.69 -69.81 -34.52
CA LYS JA 403 13.14 -69.82 -34.62
C LYS JA 403 13.83 -69.73 -33.26
N PHE JA 404 13.09 -69.42 -32.19
CA PHE JA 404 13.61 -69.50 -30.83
C PHE JA 404 14.18 -70.88 -30.54
N MET JA 405 13.39 -71.92 -30.80
CA MET JA 405 13.83 -73.28 -30.48
C MET JA 405 14.95 -73.74 -31.40
N GLY JA 406 14.90 -73.32 -32.67
CA GLY JA 406 15.97 -73.68 -33.60
C GLY JA 406 17.30 -73.05 -33.20
N LEU JA 407 17.30 -71.76 -32.87
CA LEU JA 407 18.51 -71.10 -32.39
C LEU JA 407 18.98 -71.67 -31.06
N LEU JA 408 18.03 -72.01 -30.18
CA LEU JA 408 18.37 -72.53 -28.86
C LEU JA 408 19.04 -73.90 -28.97
N GLY JA 409 18.54 -74.75 -29.87
CA GLY JA 409 19.22 -76.00 -30.15
C GLY JA 409 20.55 -75.81 -30.86
N GLU JA 410 20.62 -74.83 -31.76
CA GLU JA 410 21.84 -74.61 -32.55
C GLU JA 410 22.98 -74.12 -31.68
N LYS JA 411 22.70 -73.26 -30.71
CA LYS JA 411 23.76 -72.81 -29.81
C LYS JA 411 24.20 -73.89 -28.83
N PHE JA 412 23.37 -74.93 -28.64
CA PHE JA 412 23.80 -76.16 -28.01
C PHE JA 412 24.38 -77.16 -29.00
N ALA JA 413 24.83 -76.68 -30.16
CA ALA JA 413 25.52 -77.53 -31.12
C ALA JA 413 26.79 -76.91 -31.70
N ARG JA 414 26.96 -75.59 -31.66
CA ARG JA 414 28.23 -74.96 -32.00
C ARG JA 414 29.20 -74.95 -30.83
N LEU JA 415 28.78 -75.48 -29.68
CA LEU JA 415 29.63 -75.68 -28.50
C LEU JA 415 30.38 -76.99 -28.70
N ASN JA 416 30.98 -77.54 -27.64
CA ASN JA 416 31.82 -78.73 -27.74
C ASN JA 416 31.05 -79.94 -28.29
N ARG JA 417 31.82 -80.94 -28.73
CA ARG JA 417 31.33 -81.96 -29.66
C ARG JA 417 30.29 -82.88 -29.01
N MET JA 418 30.38 -83.09 -27.69
CA MET JA 418 29.48 -84.05 -27.03
C MET JA 418 28.02 -83.61 -27.12
N TRP JA 419 27.76 -82.30 -27.13
CA TRP JA 419 26.40 -81.81 -27.35
C TRP JA 419 25.91 -82.14 -28.76
N MET JA 420 26.79 -82.01 -29.76
CA MET JA 420 26.43 -82.35 -31.14
C MET JA 420 26.12 -83.83 -31.28
N GLU JA 421 26.93 -84.69 -30.64
CA GLU JA 421 26.65 -86.12 -30.66
C GLU JA 421 25.34 -86.44 -29.93
N LEU JA 422 25.04 -85.70 -28.85
CA LEU JA 422 23.79 -85.89 -28.15
C LEU JA 422 22.59 -85.53 -29.02
N TYR JA 423 22.68 -84.44 -29.77
CA TYR JA 423 21.57 -84.09 -30.67
C TYR JA 423 21.47 -85.05 -31.85
N GLU JA 424 22.59 -85.59 -32.33
CA GLU JA 424 22.52 -86.62 -33.38
C GLU JA 424 21.83 -87.88 -32.86
N GLU JA 425 22.18 -88.30 -31.65
CA GLU JA 425 21.51 -89.44 -31.02
C GLU JA 425 20.03 -89.14 -30.77
N ALA JA 426 19.71 -87.90 -30.41
CA ALA JA 426 18.32 -87.50 -30.22
C ALA JA 426 17.54 -87.55 -31.52
N PHE JA 427 18.15 -87.13 -32.63
CA PHE JA 427 17.47 -87.21 -33.93
C PHE JA 427 17.22 -88.67 -34.29
N THR JA 428 18.20 -89.54 -34.02
CA THR JA 428 17.99 -90.97 -34.25
C THR JA 428 16.85 -91.51 -33.39
N LYS JA 429 16.83 -91.15 -32.10
CA LYS JA 429 15.79 -91.62 -31.19
C LYS JA 429 14.41 -91.13 -31.59
N TYR JA 430 14.30 -89.87 -32.02
CA TYR JA 430 13.02 -89.32 -32.41
C TYR JA 430 12.55 -89.84 -33.75
N TYR JA 431 13.49 -90.25 -34.63
CA TYR JA 431 13.05 -90.88 -35.86
C TYR JA 431 12.57 -92.30 -35.60
N ASN JA 432 13.22 -93.02 -34.67
CA ASN JA 432 12.73 -94.35 -34.33
C ASN JA 432 11.48 -94.29 -33.45
N THR JA 433 11.12 -93.12 -32.92
CA THR JA 433 9.90 -92.93 -32.14
C THR JA 433 9.01 -91.88 -32.78
N ILE JA 434 8.85 -91.94 -34.11
CA ILE JA 434 8.02 -90.97 -34.82
C ILE JA 434 6.54 -91.18 -34.50
N HIS JA 435 6.09 -92.45 -34.48
CA HIS JA 435 4.67 -92.74 -34.54
C HIS JA 435 3.91 -92.39 -33.25
N ARG JA 436 4.60 -92.09 -32.16
CA ARG JA 436 3.91 -91.60 -30.97
C ARG JA 436 3.85 -90.07 -30.93
N TYR JA 437 3.44 -89.45 -32.04
CA TYR JA 437 3.43 -88.00 -32.16
C TYR JA 437 2.39 -87.58 -33.19
N GLU JA 438 1.73 -86.45 -32.93
CA GLU JA 438 0.71 -85.92 -33.83
C GLU JA 438 1.35 -85.17 -34.99
N THR JA 439 0.50 -84.73 -35.93
CA THR JA 439 0.98 -84.18 -37.20
C THR JA 439 1.68 -82.84 -37.01
N ASN JA 440 1.05 -81.91 -36.28
CA ASN JA 440 1.64 -80.59 -36.07
C ASN JA 440 2.86 -80.69 -35.16
N LYS JA 441 2.80 -81.58 -34.17
CA LYS JA 441 3.95 -81.84 -33.31
C LYS JA 441 5.12 -82.41 -34.10
N LEU JA 442 4.83 -83.34 -35.02
CA LEU JA 442 5.85 -83.87 -35.90
C LEU JA 442 6.39 -82.79 -36.84
N ARG JA 443 5.54 -81.85 -37.27
CA ARG JA 443 6.02 -80.75 -38.09
C ARG JA 443 6.97 -79.86 -37.31
N ASN JA 444 6.67 -79.61 -36.04
CA ASN JA 444 7.58 -78.83 -35.18
C ASN JA 444 8.91 -79.54 -35.00
N ILE JA 445 8.88 -80.86 -34.79
CA ILE JA 445 10.12 -81.63 -34.65
C ILE JA 445 10.93 -81.60 -35.95
N ALA JA 446 10.25 -81.76 -37.08
CA ALA JA 446 10.92 -81.74 -38.37
C ALA JA 446 11.52 -80.37 -38.66
N ARG JA 447 10.82 -79.30 -38.28
CA ARG JA 447 11.37 -77.96 -38.50
C ARG JA 447 12.57 -77.69 -37.61
N PHE JA 448 12.52 -78.17 -36.35
CA PHE JA 448 13.67 -78.03 -35.45
C PHE JA 448 14.89 -78.77 -36.01
N PHE JA 449 14.69 -79.99 -36.50
CA PHE JA 449 15.84 -80.75 -36.99
C PHE JA 449 16.29 -80.25 -38.36
N GLY JA 450 15.38 -79.66 -39.15
CA GLY JA 450 15.80 -79.00 -40.38
C GLY JA 450 16.64 -77.77 -40.11
N HIS JA 451 16.29 -77.01 -39.07
CA HIS JA 451 17.14 -75.89 -38.66
C HIS JA 451 18.50 -76.39 -38.17
N LEU JA 452 18.52 -77.50 -37.43
CA LEU JA 452 19.79 -78.04 -36.96
C LEU JA 452 20.64 -78.57 -38.11
N LEU JA 453 20.02 -79.10 -39.16
CA LEU JA 453 20.78 -79.68 -40.26
C LEU JA 453 21.14 -78.67 -41.34
N SER JA 454 20.40 -77.56 -41.46
CA SER JA 454 20.65 -76.62 -42.55
C SER JA 454 21.94 -75.83 -42.35
N TYR JA 455 22.25 -75.47 -41.10
CA TYR JA 455 23.39 -74.62 -40.80
C TYR JA 455 24.59 -75.40 -40.29
N ASP JA 456 24.62 -76.71 -40.55
CA ASP JA 456 25.71 -77.61 -40.15
C ASP JA 456 25.94 -77.59 -38.63
N ALA JA 457 24.86 -77.48 -37.88
CA ALA JA 457 24.96 -77.59 -36.42
C ALA JA 457 25.23 -79.03 -36.01
N ILE JA 458 24.64 -79.99 -36.72
CA ILE JA 458 24.93 -81.41 -36.55
C ILE JA 458 25.25 -82.00 -37.92
N GLY JA 459 25.93 -83.15 -37.90
CA GLY JA 459 26.50 -83.69 -39.11
C GLY JA 459 25.47 -84.27 -40.06
N TRP JA 460 25.81 -84.23 -41.35
CA TRP JA 460 25.01 -84.84 -42.42
C TRP JA 460 25.41 -86.29 -42.64
N HIS JA 461 25.42 -87.07 -41.55
CA HIS JA 461 25.65 -88.50 -41.61
C HIS JA 461 24.60 -89.29 -40.82
N VAL JA 462 23.76 -88.61 -40.04
CA VAL JA 462 22.69 -89.26 -39.30
C VAL JA 462 21.52 -89.60 -40.21
N LEU JA 463 21.48 -89.02 -41.41
CA LEU JA 463 20.42 -89.28 -42.39
C LEU JA 463 20.44 -90.72 -42.90
N SER JA 464 21.49 -91.48 -42.61
CA SER JA 464 21.50 -92.92 -42.85
C SER JA 464 20.47 -93.68 -42.03
N VAL JA 465 19.90 -93.06 -40.98
CA VAL JA 465 18.83 -93.72 -40.25
C VAL JA 465 17.55 -93.79 -41.08
N ILE JA 466 17.43 -92.95 -42.10
CA ILE JA 466 16.24 -92.93 -42.96
C ILE JA 466 16.30 -94.15 -43.88
N GLN JA 467 15.26 -94.98 -43.81
CA GLN JA 467 15.19 -96.21 -44.59
C GLN JA 467 13.93 -96.13 -45.46
N LEU JA 468 14.13 -95.89 -46.76
CA LEU JA 468 13.02 -95.67 -47.68
C LEU JA 468 12.56 -97.02 -48.23
N THR JA 469 11.79 -97.74 -47.43
CA THR JA 469 11.17 -99.01 -47.82
C THR JA 469 9.71 -99.01 -47.41
N GLU JA 470 8.98 -100.00 -47.95
CA GLU JA 470 7.57 -100.17 -47.57
C GLU JA 470 7.43 -100.57 -46.11
N GLU JA 471 8.30 -101.45 -45.62
CA GLU JA 471 8.12 -102.01 -44.29
C GLU JA 471 8.62 -101.09 -43.19
N GLU JA 472 9.79 -100.48 -43.37
CA GLU JA 472 10.43 -99.73 -42.30
C GLU JA 472 9.96 -98.28 -42.22
N THR JA 473 9.09 -97.83 -43.11
CA THR JA 473 8.67 -96.44 -43.16
C THR JA 473 7.14 -96.38 -43.13
N THR JA 474 6.58 -95.89 -42.03
CA THR JA 474 5.13 -95.73 -41.91
C THR JA 474 4.69 -94.41 -42.54
N ALA JA 475 3.39 -94.11 -42.43
CA ALA JA 475 2.85 -92.89 -43.01
C ALA JA 475 3.38 -91.65 -42.28
N ALA JA 476 3.46 -91.72 -40.95
CA ALA JA 476 3.98 -90.59 -40.18
C ALA JA 476 5.46 -90.38 -40.46
N SER JA 477 6.21 -91.45 -40.73
CA SER JA 477 7.60 -91.31 -41.13
C SER JA 477 7.73 -90.60 -42.47
N ARG JA 478 6.83 -90.92 -43.42
CA ARG JA 478 6.81 -90.21 -44.70
C ARG JA 478 6.48 -88.74 -44.51
N ILE JA 479 5.54 -88.44 -43.62
CA ILE JA 479 5.19 -87.04 -43.31
C ILE JA 479 6.39 -86.30 -42.72
N PHE JA 480 7.11 -86.95 -41.80
CA PHE JA 480 8.29 -86.36 -41.18
C PHE JA 480 9.38 -86.10 -42.20
N ILE JA 481 9.62 -87.06 -43.10
CA ILE JA 481 10.63 -86.89 -44.16
C ILE JA 481 10.24 -85.76 -45.09
N ARG JA 482 8.96 -85.68 -45.46
CA ARG JA 482 8.47 -84.62 -46.34
C ARG JA 482 8.68 -83.24 -45.71
N PHE JA 483 8.28 -83.08 -44.44
CA PHE JA 483 8.44 -81.79 -43.78
C PHE JA 483 9.91 -81.42 -43.59
N LEU JA 484 10.74 -82.39 -43.21
CA LEU JA 484 12.16 -82.11 -42.97
C LEU JA 484 12.87 -81.72 -44.27
N PHE JA 485 12.61 -82.44 -45.36
CA PHE JA 485 13.26 -82.08 -46.62
C PHE JA 485 12.71 -80.79 -47.20
N GLU JA 486 11.43 -80.48 -46.92
CA GLU JA 486 10.90 -79.17 -47.29
C GLU JA 486 11.62 -78.06 -46.55
N ASP JA 487 11.87 -78.25 -45.24
CA ASP JA 487 12.60 -77.26 -44.45
C ASP JA 487 14.03 -77.10 -44.95
N ILE JA 488 14.68 -78.21 -45.30
CA ILE JA 488 16.05 -78.14 -45.82
C ILE JA 488 16.07 -77.39 -47.15
N GLN JA 489 15.06 -77.62 -48.00
CA GLN JA 489 14.92 -76.88 -49.25
C GLN JA 489 14.70 -75.39 -49.00
N GLU JA 490 13.88 -75.05 -48.00
CA GLU JA 490 13.61 -73.64 -47.73
C GLU JA 490 14.86 -72.90 -47.25
N ASN JA 491 15.58 -73.47 -46.29
CA ASN JA 491 16.78 -72.78 -45.80
C ASN JA 491 17.92 -72.79 -46.82
N LEU JA 492 18.16 -73.92 -47.49
CA LEU JA 492 19.32 -74.01 -48.37
C LEU JA 492 19.00 -73.64 -49.81
N GLY JA 493 18.04 -74.31 -50.43
CA GLY JA 493 17.71 -74.05 -51.82
C GLY JA 493 17.94 -75.25 -52.71
N THR JA 494 17.37 -75.24 -53.91
CA THR JA 494 17.44 -76.40 -54.80
C THR JA 494 18.87 -76.64 -55.29
N ALA JA 495 19.57 -75.58 -55.66
CA ALA JA 495 20.94 -75.71 -56.13
C ALA JA 495 21.86 -76.21 -55.04
N LYS JA 496 21.66 -75.75 -53.80
CA LYS JA 496 22.45 -76.24 -52.68
C LYS JA 496 22.18 -77.72 -52.41
N LEU JA 497 20.91 -78.13 -52.46
CA LEU JA 497 20.58 -79.54 -52.25
C LEU JA 497 21.15 -80.42 -53.36
N LYS JA 498 21.20 -79.93 -54.59
CA LYS JA 498 21.86 -80.68 -55.65
C LYS JA 498 23.37 -80.71 -55.45
N ALA JA 499 23.96 -79.63 -54.93
CA ALA JA 499 25.42 -79.56 -54.81
C ALA JA 499 25.93 -80.46 -53.69
N ARG JA 500 25.30 -80.40 -52.51
CA ARG JA 500 25.84 -81.14 -51.37
C ARG JA 500 25.61 -82.64 -51.49
N LEU JA 501 24.41 -83.05 -51.89
CA LEU JA 501 24.07 -84.48 -51.91
C LEU JA 501 24.66 -85.21 -53.11
N GLY JA 502 25.22 -84.50 -54.09
CA GLY JA 502 25.85 -85.15 -55.22
C GLY JA 502 27.32 -85.40 -55.01
N ASP JA 503 27.80 -85.18 -53.78
CA ASP JA 503 29.20 -85.39 -53.45
C ASP JA 503 29.51 -86.87 -53.39
N GLU JA 504 30.77 -87.20 -53.70
CA GLU JA 504 31.21 -88.60 -53.72
C GLU JA 504 31.34 -89.18 -52.31
N ALA JA 505 31.69 -88.34 -51.33
CA ALA JA 505 32.08 -88.84 -50.02
C ALA JA 505 30.88 -89.36 -49.21
N LEU JA 506 29.74 -88.71 -49.32
CA LEU JA 506 28.55 -89.05 -48.54
C LEU JA 506 27.68 -90.10 -49.20
N GLN JA 507 28.11 -90.66 -50.33
CA GLN JA 507 27.37 -91.75 -50.97
C GLN JA 507 27.19 -92.99 -50.09
N PRO JA 508 28.17 -93.48 -49.32
CA PRO JA 508 27.85 -94.54 -48.34
C PRO JA 508 26.87 -94.10 -47.27
N TYR JA 509 26.90 -92.83 -46.85
CA TYR JA 509 25.97 -92.35 -45.84
C TYR JA 509 24.60 -92.00 -46.39
N LEU JA 510 24.46 -91.95 -47.71
CA LEU JA 510 23.17 -91.68 -48.34
C LEU JA 510 22.60 -92.89 -49.05
N GLU JA 511 23.13 -94.09 -48.78
CA GLU JA 511 22.63 -95.29 -49.45
C GLU JA 511 21.24 -95.68 -48.95
N GLY JA 512 20.87 -95.25 -47.74
CA GLY JA 512 19.53 -95.50 -47.24
C GLY JA 512 18.46 -94.67 -47.92
N ILE JA 513 18.84 -93.58 -48.57
CA ILE JA 513 17.93 -92.73 -49.32
C ILE JA 513 18.15 -92.88 -50.82
N PHE JA 514 19.38 -92.65 -51.27
CA PHE JA 514 19.74 -92.83 -52.68
C PHE JA 514 20.05 -94.31 -52.91
N ARG JA 515 19.00 -95.09 -53.07
CA ARG JA 515 19.13 -96.52 -53.24
C ARG JA 515 19.51 -96.87 -54.67
N HIS JA 516 20.39 -97.87 -54.80
CA HIS JA 516 20.87 -98.30 -56.12
C HIS JA 516 20.94 -99.81 -56.27
N ASP JA 517 20.29 -100.58 -55.40
CA ASP JA 517 20.38 -102.03 -55.47
C ASP JA 517 19.17 -102.67 -56.14
N THR JA 518 17.96 -102.32 -55.69
CA THR JA 518 16.73 -102.87 -56.24
C THR JA 518 15.97 -101.77 -56.97
N ARG JA 519 15.58 -102.05 -58.22
CA ARG JA 519 14.88 -101.04 -59.01
C ARG JA 519 13.47 -100.77 -58.50
N ARG JA 520 12.88 -101.70 -57.74
CA ARG JA 520 11.61 -101.43 -57.09
C ARG JA 520 11.76 -100.32 -56.06
N ASN JA 521 12.83 -100.35 -55.27
CA ASN JA 521 13.10 -99.28 -54.32
C ASN JA 521 13.42 -97.97 -55.01
N VAL JA 522 14.13 -98.05 -56.16
CA VAL JA 522 14.44 -96.85 -56.93
C VAL JA 522 13.16 -96.20 -57.47
N THR JA 523 12.25 -97.02 -58.00
CA THR JA 523 10.98 -96.50 -58.49
C THR JA 523 10.11 -95.95 -57.36
N PHE JA 524 10.14 -96.60 -56.20
CA PHE JA 524 9.43 -96.09 -55.02
C PHE JA 524 9.97 -94.73 -54.61
N ALA JA 525 11.30 -94.58 -54.56
CA ALA JA 525 11.90 -93.31 -54.18
C ALA JA 525 11.61 -92.23 -55.21
N ILE JA 526 11.67 -92.57 -56.50
CA ILE JA 526 11.40 -91.60 -57.56
C ILE JA 526 9.95 -91.14 -57.52
N ASN JA 527 9.00 -92.08 -57.36
CA ASN JA 527 7.58 -91.72 -57.30
C ASN JA 527 7.27 -90.90 -56.05
N TYR JA 528 7.87 -91.28 -54.90
CA TYR JA 528 7.63 -90.54 -53.67
C TYR JA 528 8.20 -89.12 -53.75
N PHE JA 529 9.39 -88.97 -54.33
CA PHE JA 529 9.99 -87.64 -54.46
C PHE JA 529 9.24 -86.79 -55.49
N THR JA 530 8.71 -87.41 -56.55
CA THR JA 530 7.91 -86.68 -57.51
C THR JA 530 6.58 -86.24 -56.91
N ALA JA 531 5.99 -87.06 -56.03
CA ALA JA 531 4.73 -86.72 -55.39
C ALA JA 531 4.87 -85.58 -54.39
N ILE JA 532 6.08 -85.26 -53.95
CA ILE JA 532 6.31 -84.19 -52.99
C ILE JA 532 7.11 -83.04 -53.60
N LYS JA 533 7.00 -82.87 -54.92
CA LYS JA 533 7.52 -81.71 -55.67
C LYS JA 533 9.03 -81.58 -55.56
N MET JA 534 9.73 -82.69 -55.35
CA MET JA 534 11.19 -82.73 -55.33
C MET JA 534 11.71 -83.90 -56.16
N GLY JA 535 11.23 -84.01 -57.39
CA GLY JA 535 11.81 -84.95 -58.33
C GLY JA 535 13.08 -84.48 -58.99
N TYR JA 536 13.55 -83.27 -58.67
CA TYR JA 536 14.73 -82.72 -59.33
C TYR JA 536 16.02 -83.37 -58.84
N LEU JA 537 16.07 -83.81 -57.58
CA LEU JA 537 17.26 -84.46 -57.05
C LEU JA 537 17.23 -85.98 -57.22
N THR JA 538 16.26 -86.50 -57.97
CA THR JA 538 16.29 -87.90 -58.39
C THR JA 538 16.99 -88.01 -59.76
N ASP JA 539 18.19 -87.43 -59.81
CA ASP JA 539 18.99 -87.36 -61.03
C ASP JA 539 19.93 -88.55 -61.16
N GLU JA 540 20.55 -88.98 -60.05
CA GLU JA 540 21.42 -90.15 -60.05
C GLU JA 540 20.66 -91.47 -59.96
N MET JA 541 19.35 -91.44 -59.74
CA MET JA 541 18.53 -92.65 -59.73
C MET JA 541 18.21 -93.00 -61.18
N HIS JA 542 18.89 -94.01 -61.72
CA HIS JA 542 18.82 -94.35 -63.15
C HIS JA 542 18.33 -95.78 -63.33
N PRO JA 543 17.01 -96.02 -63.38
CA PRO JA 543 16.54 -97.40 -63.51
C PRO JA 543 16.63 -97.97 -64.90
N GLY JA 544 16.92 -97.16 -65.92
CA GLY JA 544 17.07 -97.69 -67.26
C GLY JA 544 18.29 -98.57 -67.45
N ARG JA 545 19.40 -98.20 -66.81
CA ARG JA 545 20.66 -98.92 -66.96
C ARG JA 545 20.91 -99.96 -65.85
N HIS JA 546 19.91 -100.27 -65.03
CA HIS JA 546 19.95 -101.50 -64.24
C HIS JA 546 19.57 -102.68 -65.13
N HIS JA 547 20.56 -103.18 -65.87
CA HIS JA 547 20.35 -104.30 -66.78
C HIS JA 547 20.28 -105.64 -66.06
N GLY JA 548 20.67 -105.69 -64.79
CA GLY JA 548 20.56 -106.93 -64.03
C GLY JA 548 19.12 -107.32 -63.77
N ARG JA 549 18.27 -106.34 -63.49
CA ARG JA 549 16.83 -106.55 -63.27
C ARG JA 549 16.03 -106.17 -64.51
N GLY JA 550 16.59 -106.41 -65.70
CA GLY JA 550 15.90 -106.07 -66.94
C GLY JA 550 14.83 -107.08 -67.31
N LEU JA 551 13.72 -107.08 -66.56
CA LEU JA 551 12.63 -108.01 -66.83
C LEU JA 551 11.91 -107.66 -68.13
N GLY JA 552 11.73 -106.36 -68.39
CA GLY JA 552 11.03 -105.92 -69.58
C GLY JA 552 11.97 -105.48 -70.68
N PRO JA 553 11.69 -105.92 -71.92
CA PRO JA 553 12.53 -105.55 -73.06
C PRO JA 553 12.31 -104.11 -73.51
N ASP KA 343 -33.39 -71.06 -44.70
CA ASP KA 343 -33.64 -69.88 -45.51
C ASP KA 343 -32.58 -69.80 -46.61
N ASP KA 344 -33.03 -69.69 -47.85
CA ASP KA 344 -32.12 -69.68 -48.99
C ASP KA 344 -31.30 -68.40 -49.05
N SER KA 345 -31.93 -67.26 -48.75
CA SER KA 345 -31.23 -65.98 -48.75
C SER KA 345 -30.15 -65.95 -47.67
N GLU KA 346 -30.49 -66.43 -46.46
CA GLU KA 346 -29.53 -66.52 -45.37
C GLU KA 346 -28.36 -67.41 -45.73
N ALA KA 347 -28.63 -68.55 -46.39
CA ALA KA 347 -27.55 -69.42 -46.85
C ALA KA 347 -26.66 -68.72 -47.86
N GLU KA 348 -27.27 -67.93 -48.76
CA GLU KA 348 -26.50 -67.19 -49.75
C GLU KA 348 -25.58 -66.16 -49.10
N GLU KA 349 -26.06 -65.44 -48.09
CA GLU KA 349 -25.25 -64.35 -47.55
C GLU KA 349 -24.23 -64.87 -46.52
N ARG KA 350 -24.54 -65.99 -45.86
CA ARG KA 350 -23.50 -66.68 -45.09
C ARG KA 350 -22.42 -67.26 -46.00
N ALA KA 351 -22.80 -67.79 -47.17
CA ALA KA 351 -21.81 -68.20 -48.15
C ALA KA 351 -20.98 -67.02 -48.62
N ALA KA 352 -21.62 -65.86 -48.79
CA ALA KA 352 -20.90 -64.65 -49.15
C ALA KA 352 -19.87 -64.28 -48.09
N TYR KA 353 -20.21 -64.45 -46.80
CA TYR KA 353 -19.21 -64.34 -45.75
C TYR KA 353 -18.09 -65.34 -45.94
N GLU KA 354 -18.43 -66.55 -46.40
CA GLU KA 354 -17.40 -67.59 -46.54
C GLU KA 354 -16.39 -67.24 -47.63
N GLU KA 355 -16.84 -66.82 -48.83
CA GLU KA 355 -15.85 -66.38 -49.81
C GLU KA 355 -15.19 -65.06 -49.41
N ALA KA 356 -15.86 -64.23 -48.60
CA ALA KA 356 -15.17 -63.05 -48.09
C ALA KA 356 -13.99 -63.41 -47.21
N GLN KA 357 -14.14 -64.37 -46.30
CA GLN KA 357 -13.04 -64.84 -45.47
C GLN KA 357 -11.98 -65.57 -46.26
N VAL KA 358 -12.36 -66.36 -47.28
CA VAL KA 358 -11.35 -67.03 -48.08
C VAL KA 358 -10.54 -66.03 -48.92
N ARG KA 359 -11.20 -65.04 -49.53
CA ARG KA 359 -10.47 -64.01 -50.26
C ARG KA 359 -9.61 -63.15 -49.34
N ALA KA 360 -10.05 -62.94 -48.09
CA ALA KA 360 -9.20 -62.28 -47.11
C ALA KA 360 -7.96 -63.11 -46.81
N ALA KA 361 -8.12 -64.44 -46.71
CA ALA KA 361 -6.96 -65.29 -46.46
C ALA KA 361 -6.10 -65.47 -47.72
N MET KA 362 -6.72 -65.50 -48.89
CA MET KA 362 -6.00 -65.68 -50.15
C MET KA 362 -5.66 -64.34 -50.80
N ASP KA 363 -4.87 -63.51 -50.13
CA ASP KA 363 -4.37 -62.29 -50.74
C ASP KA 363 -2.96 -62.55 -51.25
N GLY KA 364 -2.76 -62.40 -52.56
CA GLY KA 364 -1.50 -62.69 -53.21
C GLY KA 364 -1.34 -64.11 -53.68
N LEU KA 365 -1.84 -65.07 -52.89
CA LEU KA 365 -1.80 -66.47 -53.31
C LEU KA 365 -2.73 -66.71 -54.50
N ARG KA 366 -3.85 -65.99 -54.56
CA ARG KA 366 -4.81 -66.14 -55.64
C ARG KA 366 -4.23 -65.65 -56.97
N GLY KA 367 -3.40 -64.63 -56.91
CA GLY KA 367 -2.80 -64.06 -58.10
C GLY KA 367 -1.72 -64.92 -58.72
N UNK LA 1 -28.58 -64.89 -74.02
CA UNK LA 1 -29.62 -65.91 -73.99
C UNK LA 1 -29.03 -67.28 -73.65
N UNK LA 2 -28.05 -67.71 -74.45
CA UNK LA 2 -27.40 -69.00 -74.24
C UNK LA 2 -26.35 -68.92 -73.14
N UNK LA 3 -25.92 -67.69 -72.83
CA UNK LA 3 -24.91 -67.48 -71.80
C UNK LA 3 -25.56 -67.30 -70.43
N UNK LA 4 -26.90 -67.39 -70.39
CA UNK LA 4 -27.64 -67.28 -69.14
C UNK LA 4 -28.21 -68.64 -68.74
N UNK LA 5 -28.24 -69.57 -69.69
CA UNK LA 5 -28.75 -70.91 -69.44
C UNK LA 5 -27.64 -71.80 -68.89
N UNK LA 6 -26.39 -71.36 -69.03
CA UNK LA 6 -25.25 -72.11 -68.54
C UNK LA 6 -25.13 -71.98 -67.03
N UNK LA 7 -25.64 -70.88 -66.48
CA UNK LA 7 -25.61 -70.64 -65.05
C UNK LA 7 -26.64 -71.52 -64.34
N UNK LA 8 -26.22 -72.18 -63.27
CA UNK LA 8 -27.11 -73.06 -62.51
C UNK LA 8 -28.08 -72.25 -61.67
N UNK LA 9 -27.68 -71.05 -61.29
CA UNK LA 9 -28.52 -70.17 -60.48
C UNK LA 9 -29.57 -69.49 -61.34
N UNK LA 10 -29.19 -69.11 -62.55
CA UNK LA 10 -30.11 -68.45 -63.48
C UNK LA 10 -31.08 -69.46 -64.08
N UNK LA 11 -30.71 -70.73 -64.04
CA UNK LA 11 -31.60 -71.80 -64.49
C UNK LA 11 -32.77 -71.92 -63.51
N UNK LA 12 -33.98 -71.89 -64.06
CA UNK LA 12 -35.19 -71.89 -63.24
C UNK LA 12 -35.41 -73.22 -62.53
N UNK LA 13 -35.98 -73.15 -61.33
CA UNK LA 13 -36.30 -74.35 -60.56
C UNK LA 13 -37.44 -75.10 -61.22
N UNK LA 14 -37.14 -76.30 -61.72
CA UNK LA 14 -38.11 -77.10 -62.46
C UNK LA 14 -39.24 -77.60 -61.58
N UNK LA 15 -40.41 -77.00 -61.74
CA UNK LA 15 -41.61 -77.42 -61.01
C UNK LA 15 -42.22 -78.65 -61.67
N UNK LA 16 -43.20 -79.24 -61.01
CA UNK LA 16 -43.88 -80.42 -61.53
C UNK LA 16 -44.75 -80.06 -62.73
N UNK LA 17 -45.08 -81.07 -63.53
CA UNK LA 17 -45.94 -80.87 -64.70
C UNK LA 17 -47.37 -80.59 -64.26
N UNK LA 18 -47.94 -79.50 -64.77
CA UNK LA 18 -49.29 -79.09 -64.41
C UNK LA 18 -50.33 -80.05 -64.98
N UNK LA 19 -51.51 -80.08 -64.35
CA UNK LA 19 -52.59 -80.95 -64.80
C UNK LA 19 -53.77 -80.11 -65.28
N UNK LA 20 -54.43 -80.56 -66.34
CA UNK LA 20 -55.59 -79.87 -66.88
C UNK LA 20 -56.80 -80.05 -65.97
N UNK LA 21 -56.85 -81.18 -65.28
CA UNK LA 21 -57.95 -81.49 -64.37
C UNK LA 21 -57.98 -80.56 -63.17
N UNK LA 22 -56.80 -80.27 -62.61
CA UNK LA 22 -56.68 -79.39 -61.46
C UNK LA 22 -57.06 -77.95 -61.85
N UNK LA 23 -56.62 -77.52 -63.02
CA UNK LA 23 -56.95 -76.19 -63.53
C UNK LA 23 -58.45 -76.07 -63.81
N UNK LA 24 -59.03 -77.12 -64.34
CA UNK LA 24 -60.47 -77.17 -64.61
C UNK LA 24 -61.27 -77.11 -63.32
N UNK LA 25 -60.79 -77.83 -62.30
CA UNK LA 25 -61.43 -77.83 -60.98
C UNK LA 25 -61.34 -76.45 -60.33
N UNK LA 26 -60.19 -75.80 -60.48
CA UNK LA 26 -59.99 -74.45 -59.96
C UNK LA 26 -60.91 -73.45 -60.65
N UNK LA 27 -61.04 -73.57 -61.96
CA UNK LA 27 -61.92 -72.71 -62.74
C UNK LA 27 -63.38 -72.93 -62.36
N UNK LA 28 -63.76 -74.19 -62.14
CA UNK LA 28 -65.11 -74.53 -61.71
C UNK LA 28 -65.41 -73.97 -60.31
N UNK LA 29 -64.41 -74.04 -59.43
CA UNK LA 29 -64.55 -73.49 -58.09
C UNK LA 29 -64.70 -71.97 -58.13
N UNK LA 30 -63.94 -71.32 -59.00
CA UNK LA 30 -64.02 -69.88 -59.19
C UNK LA 30 -65.40 -69.47 -59.74
N UNK LA 31 -65.90 -70.26 -60.69
CA UNK LA 31 -67.22 -70.02 -61.27
C UNK LA 31 -68.33 -70.21 -60.23
N UNK LA 32 -68.17 -71.23 -59.38
CA UNK LA 32 -69.11 -71.49 -58.31
C UNK LA 32 -69.11 -70.36 -57.28
N UNK LA 33 -67.93 -69.85 -56.97
CA UNK LA 33 -67.78 -68.72 -56.05
C UNK LA 33 -68.43 -67.47 -56.62
N UNK LA 34 -68.24 -67.25 -57.92
CA UNK LA 34 -68.86 -66.12 -58.62
C UNK LA 34 -70.38 -66.23 -58.61
N UNK LA 35 -70.90 -67.44 -58.84
CA UNK LA 35 -72.33 -67.69 -58.82
C UNK LA 35 -72.91 -67.48 -57.41
N UNK LA 36 -72.16 -67.90 -56.40
CA UNK LA 36 -72.56 -67.72 -55.01
C UNK LA 36 -72.60 -66.23 -54.65
N UNK LA 37 -71.61 -65.48 -55.14
CA UNK LA 37 -71.56 -64.04 -54.93
C UNK LA 37 -72.72 -63.34 -55.63
N UNK LA 38 -73.06 -63.81 -56.82
CA UNK LA 38 -74.18 -63.27 -57.58
C UNK LA 38 -75.52 -63.56 -56.89
N UNK LA 39 -75.62 -64.74 -56.29
CA UNK LA 39 -76.82 -65.13 -55.56
C UNK LA 39 -76.96 -64.35 -54.26
N UNK LA 40 -75.83 -64.08 -53.61
CA UNK LA 40 -75.83 -63.33 -52.35
C UNK LA 40 -76.08 -61.84 -52.59
N UNK LA 41 -75.67 -61.35 -53.75
CA UNK LA 41 -75.85 -59.95 -54.10
C UNK LA 41 -77.31 -59.65 -54.43
N UNK LA 42 -77.99 -60.64 -55.00
CA UNK LA 42 -79.39 -60.48 -55.36
C UNK LA 42 -80.30 -60.72 -54.16
N UNK MA 1 -76.39 -53.66 -58.89
CA UNK MA 1 -75.29 -53.26 -59.76
C UNK MA 1 -74.18 -54.30 -59.75
N UNK MA 2 -73.84 -54.78 -58.56
CA UNK MA 2 -72.80 -55.80 -58.41
C UNK MA 2 -73.31 -57.17 -58.80
N UNK MA 3 -74.62 -57.37 -58.65
CA UNK MA 3 -75.26 -58.64 -58.96
C UNK MA 3 -75.19 -58.97 -60.45
N UNK MA 4 -75.48 -57.97 -61.28
CA UNK MA 4 -75.45 -58.14 -62.73
C UNK MA 4 -74.03 -58.41 -63.23
N UNK MA 5 -73.07 -57.69 -62.64
CA UNK MA 5 -71.66 -57.86 -62.99
C UNK MA 5 -71.16 -59.25 -62.59
N UNK MA 6 -71.57 -59.70 -61.40
CA UNK MA 6 -71.20 -61.03 -60.91
C UNK MA 6 -71.83 -62.13 -61.77
N UNK MA 7 -73.07 -61.92 -62.20
CA UNK MA 7 -73.75 -62.85 -63.08
C UNK MA 7 -73.07 -62.93 -64.44
N UNK MA 8 -72.66 -61.78 -64.96
CA UNK MA 8 -71.94 -61.71 -66.23
C UNK MA 8 -70.59 -62.42 -66.14
N UNK MA 9 -69.90 -62.22 -65.01
CA UNK MA 9 -68.62 -62.88 -64.76
C UNK MA 9 -68.79 -64.40 -64.67
N UNK MA 10 -69.84 -64.84 -63.99
CA UNK MA 10 -70.15 -66.25 -63.86
C UNK MA 10 -70.48 -66.88 -65.22
N UNK MA 11 -71.24 -66.14 -66.03
CA UNK MA 11 -71.59 -66.59 -67.37
C UNK MA 11 -70.35 -66.70 -68.26
N UNK MA 12 -69.45 -65.72 -68.15
CA UNK MA 12 -68.20 -65.73 -68.89
C UNK MA 12 -67.32 -66.90 -68.48
N UNK MA 13 -67.26 -67.17 -67.17
CA UNK MA 13 -66.50 -68.30 -66.63
C UNK MA 13 -67.07 -69.63 -67.12
N UNK MA 14 -68.39 -69.73 -67.14
CA UNK MA 14 -69.07 -70.93 -67.62
C UNK MA 14 -68.81 -71.16 -69.10
N UNK MA 15 -68.84 -70.07 -69.88
CA UNK MA 15 -68.55 -70.13 -71.31
C UNK MA 15 -67.11 -70.56 -71.56
N UNK MA 16 -66.18 -70.03 -70.77
CA UNK MA 16 -64.77 -70.38 -70.87
C UNK MA 16 -64.54 -71.86 -70.52
N UNK MA 17 -65.24 -72.33 -69.48
CA UNK MA 17 -65.15 -73.72 -69.06
C UNK MA 17 -65.72 -74.65 -70.14
N UNK MA 18 -66.82 -74.25 -70.76
CA UNK MA 18 -67.44 -75.01 -71.84
C UNK MA 18 -66.52 -75.07 -73.06
N UNK MA 19 -65.87 -73.95 -73.37
CA UNK MA 19 -64.93 -73.89 -74.49
C UNK MA 19 -63.71 -74.76 -74.22
N UNK MA 20 -63.22 -74.76 -72.98
CA UNK MA 20 -62.08 -75.58 -72.59
C UNK MA 20 -62.42 -77.07 -72.62
N UNK MA 21 -63.67 -77.39 -72.28
CA UNK MA 21 -64.14 -78.77 -72.30
C UNK MA 21 -64.33 -79.26 -73.73
N UNK MA 22 -64.80 -78.37 -74.60
CA UNK MA 22 -65.02 -78.72 -76.00
C UNK MA 22 -63.70 -78.79 -76.77
N UNK MA 23 -62.71 -78.04 -76.32
CA UNK MA 23 -61.40 -78.02 -76.96
C UNK MA 23 -60.54 -79.19 -76.49
N UNK MA 24 -60.97 -79.86 -75.43
CA UNK MA 24 -60.24 -80.98 -74.88
C UNK MA 24 -60.44 -82.24 -75.71
N UNK MA 25 -61.56 -82.29 -76.45
CA UNK MA 25 -61.88 -83.43 -77.28
C UNK MA 25 -61.70 -83.10 -78.76
N UNK MA 26 -60.48 -83.33 -79.26
CA UNK MA 26 -60.17 -83.05 -80.66
C UNK MA 26 -60.68 -84.17 -81.56
N UNK MA 27 -60.66 -83.94 -82.87
CA UNK MA 27 -61.12 -84.92 -83.83
C UNK MA 27 -60.10 -86.05 -83.98
N UNK MA 28 -60.59 -87.26 -84.19
CA UNK MA 28 -59.72 -88.42 -84.34
C UNK MA 28 -59.08 -88.46 -85.71
N UNK MA 29 -57.87 -88.99 -85.78
CA UNK MA 29 -57.14 -89.09 -87.05
C UNK MA 29 -57.28 -90.48 -87.66
N UNK MA 30 -57.20 -90.55 -88.98
CA UNK MA 30 -57.33 -91.83 -89.68
C UNK MA 30 -55.97 -92.44 -89.95
N UNK MA 31 -54.91 -91.80 -89.44
CA UNK MA 31 -53.56 -92.30 -89.62
C UNK MA 31 -53.29 -93.51 -88.74
N UNK MA 32 -52.68 -94.54 -89.33
CA UNK MA 32 -52.38 -95.76 -88.61
C UNK MA 32 -51.16 -95.57 -87.70
N UNK MA 33 -50.29 -94.63 -88.07
CA UNK MA 33 -49.10 -94.34 -87.29
C UNK MA 33 -49.46 -93.58 -86.01
N UNK MA 34 -48.82 -93.95 -84.91
CA UNK MA 34 -49.09 -93.32 -83.63
C UNK MA 34 -48.49 -91.91 -83.57
N UNK MA 35 -47.28 -91.77 -84.11
CA UNK MA 35 -46.58 -90.49 -84.11
C UNK MA 35 -47.30 -89.47 -85.00
N UNK MA 36 -47.75 -89.92 -86.16
CA UNK MA 36 -48.48 -89.05 -87.09
C UNK MA 36 -49.81 -88.60 -86.49
N UNK MA 37 -50.50 -89.53 -85.83
CA UNK MA 37 -51.77 -89.23 -85.16
C UNK MA 37 -51.57 -88.25 -84.02
N UNK MA 38 -50.48 -88.44 -83.25
CA UNK MA 38 -50.15 -87.54 -82.15
C UNK MA 38 -49.82 -86.14 -82.66
N UNK MA 39 -49.08 -86.07 -83.76
CA UNK MA 39 -48.73 -84.80 -84.38
C UNK MA 39 -49.97 -84.08 -84.91
N UNK MA 40 -50.87 -84.84 -85.51
CA UNK MA 40 -52.13 -84.29 -86.03
C UNK MA 40 -53.01 -83.76 -84.89
N UNK MA 41 -53.07 -84.50 -83.79
CA UNK MA 41 -53.83 -84.10 -82.61
C UNK MA 41 -53.25 -82.83 -81.99
N UNK MA 42 -51.92 -82.77 -81.91
CA UNK MA 42 -51.23 -81.60 -81.38
C UNK MA 42 -51.47 -80.37 -82.26
N UNK MA 43 -51.42 -80.56 -83.58
CA UNK MA 43 -51.67 -79.49 -84.52
C UNK MA 43 -53.11 -78.99 -84.43
N UNK MA 44 -54.06 -79.91 -84.27
CA UNK MA 44 -55.46 -79.56 -84.12
C UNK MA 44 -55.71 -78.79 -82.83
N UNK MA 45 -55.07 -79.23 -81.74
CA UNK MA 45 -55.18 -78.56 -80.46
C UNK MA 45 -54.58 -77.15 -80.51
N UNK MA 46 -53.44 -77.02 -81.18
CA UNK MA 46 -52.78 -75.73 -81.34
C UNK MA 46 -53.62 -74.78 -82.19
N UNK MA 47 -54.23 -75.31 -83.24
CA UNK MA 47 -55.11 -74.52 -84.11
C UNK MA 47 -56.35 -74.05 -83.35
N UNK MA 48 -56.91 -74.94 -82.52
CA UNK MA 48 -58.07 -74.60 -81.70
C UNK MA 48 -57.71 -73.52 -80.67
N UNK MA 49 -56.54 -73.64 -80.06
CA UNK MA 49 -56.06 -72.67 -79.10
C UNK MA 49 -55.83 -71.30 -79.76
N UNK MA 50 -55.25 -71.31 -80.96
CA UNK MA 50 -55.02 -70.09 -81.72
C UNK MA 50 -56.33 -69.42 -82.11
N UNK MA 51 -57.31 -70.22 -82.51
CA UNK MA 51 -58.64 -69.72 -82.88
C UNK MA 51 -59.35 -69.12 -81.66
N UNK MA 52 -59.21 -69.78 -80.51
CA UNK MA 52 -59.82 -69.29 -79.28
C UNK MA 52 -59.14 -68.00 -78.79
N UNK MA 53 -57.84 -67.88 -79.05
CA UNK MA 53 -57.10 -66.69 -78.66
C UNK MA 53 -57.42 -65.52 -79.60
N UNK MA 54 -57.61 -65.81 -80.87
CA UNK MA 54 -57.91 -64.77 -81.85
C UNK MA 54 -59.37 -64.31 -81.78
N UNK MA 55 -60.26 -65.21 -81.39
CA UNK MA 55 -61.67 -64.89 -81.29
C UNK MA 55 -61.99 -64.07 -80.05
N UNK MA 56 -61.15 -64.23 -79.02
CA UNK MA 56 -61.35 -63.52 -77.75
C UNK MA 56 -60.73 -62.13 -77.79
N UNK MA 57 -61.40 -61.17 -77.18
CA UNK MA 57 -60.90 -59.80 -77.10
C UNK MA 57 -59.82 -59.69 -76.03
N UNK MA 58 -58.75 -58.96 -76.34
CA UNK MA 58 -57.64 -58.80 -75.42
C UNK MA 58 -57.87 -57.63 -74.47
N UNK MA 59 -58.91 -56.85 -74.74
CA UNK MA 59 -59.21 -55.67 -73.92
C UNK MA 59 -60.05 -56.04 -72.70
N UNK MA 60 -60.71 -57.19 -72.76
CA UNK MA 60 -61.57 -57.65 -71.68
C UNK MA 60 -61.06 -58.96 -71.08
N UNK MA 61 -59.83 -59.33 -71.41
CA UNK MA 61 -59.25 -60.57 -70.91
C UNK MA 61 -58.33 -60.30 -69.73
N UNK MA 62 -58.52 -61.05 -68.65
CA UNK MA 62 -57.70 -60.91 -67.46
C UNK MA 62 -56.36 -61.62 -67.63
N UNK MA 63 -55.41 -61.30 -66.77
CA UNK MA 63 -54.07 -61.89 -66.84
C UNK MA 63 -54.06 -63.28 -66.22
N UNK MA 64 -54.82 -63.46 -65.15
CA UNK MA 64 -54.89 -64.73 -64.44
C UNK MA 64 -55.55 -65.82 -65.30
N UNK MA 65 -56.62 -65.44 -65.98
CA UNK MA 65 -57.33 -66.37 -66.88
C UNK MA 65 -56.44 -66.77 -68.04
N UNK MA 66 -55.69 -65.80 -68.57
CA UNK MA 66 -54.75 -66.04 -69.65
C UNK MA 66 -53.64 -66.98 -69.20
N UNK MA 67 -53.14 -66.78 -67.99
CA UNK MA 67 -52.09 -67.62 -67.43
C UNK MA 67 -52.60 -69.05 -67.21
N UNK MA 68 -53.84 -69.17 -66.73
CA UNK MA 68 -54.45 -70.49 -66.51
C UNK MA 68 -54.65 -71.22 -67.83
N UNK MA 69 -55.13 -70.50 -68.84
CA UNK MA 69 -55.32 -71.08 -70.18
C UNK MA 69 -53.99 -71.51 -70.78
N UNK MA 70 -52.96 -70.69 -70.57
CA UNK MA 70 -51.61 -70.99 -71.06
C UNK MA 70 -51.06 -72.24 -70.38
N UNK MA 71 -51.28 -72.37 -69.08
CA UNK MA 71 -50.83 -73.54 -68.32
C UNK MA 71 -51.55 -74.81 -68.78
N UNK MA 72 -52.85 -74.69 -69.00
CA UNK MA 72 -53.67 -75.81 -69.48
C UNK MA 72 -53.22 -76.27 -70.86
N UNK MA 73 -53.02 -75.31 -71.77
CA UNK MA 73 -52.55 -75.60 -73.12
C UNK MA 73 -51.15 -76.19 -73.10
N UNK MA 74 -50.32 -75.70 -72.18
CA UNK MA 74 -48.96 -76.20 -72.02
C UNK MA 74 -48.97 -77.65 -71.57
N UNK MA 75 -49.83 -78.00 -70.61
CA UNK MA 75 -49.95 -79.38 -70.15
C UNK MA 75 -50.49 -80.31 -71.24
N UNK MA 76 -51.53 -79.84 -71.93
CA UNK MA 76 -52.17 -80.62 -72.98
C UNK MA 76 -51.24 -80.84 -74.18
N UNK MA 77 -50.33 -79.90 -74.40
CA UNK MA 77 -49.35 -80.04 -75.46
C UNK MA 77 -48.15 -80.86 -74.98
N UNK MA 78 -47.85 -80.76 -73.69
CA UNK MA 78 -46.70 -81.44 -73.10
C UNK MA 78 -46.90 -82.95 -73.06
N UNK MA 79 -48.13 -83.38 -72.81
CA UNK MA 79 -48.45 -84.81 -72.84
C UNK MA 79 -48.15 -85.43 -74.22
N UNK MA 80 -48.70 -84.80 -75.25
CA UNK MA 80 -48.49 -85.24 -76.63
C UNK MA 80 -47.04 -85.09 -77.05
N UNK MA 81 -46.35 -84.07 -76.53
CA UNK MA 81 -44.96 -83.82 -76.85
C UNK MA 81 -44.07 -84.92 -76.26
N UNK MA 82 -44.35 -85.31 -75.02
CA UNK MA 82 -43.63 -86.40 -74.37
C UNK MA 82 -43.88 -87.71 -75.11
N UNK MA 83 -45.13 -87.93 -75.52
CA UNK MA 83 -45.49 -89.11 -76.31
C UNK MA 83 -44.74 -89.17 -77.64
N UNK MA 84 -44.66 -88.03 -78.33
CA UNK MA 84 -43.98 -87.95 -79.62
C UNK MA 84 -42.46 -88.06 -79.47
N UNK MA 85 -41.93 -87.55 -78.37
CA UNK MA 85 -40.50 -87.62 -78.10
C UNK MA 85 -40.09 -89.04 -77.74
N UNK MA 86 -41.00 -89.77 -77.09
CA UNK MA 86 -40.76 -91.17 -76.78
C UNK MA 86 -41.01 -92.05 -77.99
N UNK MA 87 -41.77 -91.52 -78.95
CA UNK MA 87 -42.13 -92.28 -80.15
C UNK MA 87 -41.21 -91.99 -81.32
N UNK MA 88 -40.89 -90.71 -81.55
CA UNK MA 88 -40.11 -90.32 -82.72
C UNK MA 88 -38.71 -89.84 -82.35
N UNK MA 89 -37.86 -89.70 -83.37
CA UNK MA 89 -36.49 -89.23 -83.19
C UNK MA 89 -36.30 -87.87 -83.87
N UNK MA 90 -35.31 -87.11 -83.40
CA UNK MA 90 -35.06 -85.79 -83.92
C UNK MA 90 -34.08 -85.82 -85.10
N UNK MA 91 -33.42 -86.95 -85.28
CA UNK MA 91 -32.46 -87.10 -86.37
C UNK MA 91 -33.17 -87.26 -87.71
N UNK MA 92 -34.23 -88.05 -87.72
CA UNK MA 92 -35.01 -88.26 -88.94
C UNK MA 92 -36.01 -87.14 -89.14
N UNK MA 93 -36.88 -86.93 -88.15
CA UNK MA 93 -37.88 -85.87 -88.21
C UNK MA 93 -37.41 -84.66 -87.42
N UNK MA 94 -36.89 -83.66 -88.15
CA UNK MA 94 -36.37 -82.45 -87.52
C UNK MA 94 -37.44 -81.38 -87.43
N UNK MA 95 -38.33 -81.34 -88.41
CA UNK MA 95 -39.39 -80.34 -88.44
C UNK MA 95 -40.76 -80.99 -88.37
N UNK MA 96 -41.47 -80.76 -87.27
CA UNK MA 96 -42.81 -81.31 -87.08
C UNK MA 96 -43.85 -80.36 -87.64
N UNK MA 97 -45.04 -80.88 -87.91
CA UNK MA 97 -46.14 -80.07 -88.45
C UNK MA 97 -46.85 -79.31 -87.34
N UNK MA 98 -46.62 -79.72 -86.10
CA UNK MA 98 -47.23 -79.07 -84.95
C UNK MA 98 -46.40 -77.87 -84.50
N UNK MA 99 -45.20 -77.73 -85.07
CA UNK MA 99 -44.31 -76.62 -84.75
C UNK MA 99 -44.90 -75.30 -85.23
N UNK MA 100 -45.54 -75.32 -86.40
CA UNK MA 100 -46.18 -74.14 -86.94
C UNK MA 100 -47.38 -73.73 -86.07
N UNK MA 101 -48.09 -74.71 -85.56
CA UNK MA 101 -49.23 -74.47 -84.68
C UNK MA 101 -48.76 -73.93 -83.32
N UNK MA 102 -47.59 -74.39 -82.88
CA UNK MA 102 -47.01 -73.91 -81.63
C UNK MA 102 -46.51 -72.48 -81.79
N UNK MA 103 -45.99 -72.17 -82.97
CA UNK MA 103 -45.52 -70.81 -83.28
C UNK MA 103 -46.71 -69.87 -83.45
N UNK MA 104 -47.84 -70.42 -83.89
CA UNK MA 104 -49.06 -69.64 -84.03
C UNK MA 104 -49.65 -69.31 -82.66
N UNK MA 105 -49.40 -70.18 -81.69
CA UNK MA 105 -49.86 -69.97 -80.33
C UNK MA 105 -48.68 -69.69 -79.40
N UNK MA 106 -47.74 -68.88 -79.88
CA UNK MA 106 -46.55 -68.54 -79.10
C UNK MA 106 -46.87 -67.48 -78.05
N UNK MA 107 -47.88 -66.66 -78.34
CA UNK MA 107 -48.29 -65.59 -77.43
C UNK MA 107 -49.09 -66.16 -76.26
N UNK MA 108 -49.76 -67.28 -76.50
CA UNK MA 108 -50.57 -67.92 -75.47
C UNK MA 108 -49.69 -68.80 -74.57
N UNK MA 109 -48.52 -69.15 -75.06
CA UNK MA 109 -47.59 -69.98 -74.31
C UNK MA 109 -46.84 -69.16 -73.26
N UNK MA 110 -46.75 -67.85 -73.50
CA UNK MA 110 -46.05 -66.95 -72.59
C UNK MA 110 -44.63 -66.71 -73.06
N UNK MA 111 -44.31 -67.20 -74.25
CA UNK MA 111 -42.99 -67.03 -74.83
C UNK MA 111 -42.82 -65.64 -75.42
N UNK MA 112 -43.93 -65.02 -75.80
CA UNK MA 112 -43.93 -63.69 -76.35
C UNK MA 112 -43.65 -62.65 -75.26
N UNK MA 113 -44.20 -62.90 -74.08
CA UNK MA 113 -43.99 -62.02 -72.93
C UNK MA 113 -42.61 -62.24 -72.34
N UNK MA 114 -41.98 -61.16 -71.88
CA UNK MA 114 -40.65 -61.25 -71.29
C UNK MA 114 -40.70 -61.89 -69.92
N UNK MA 115 -39.64 -62.64 -69.58
CA UNK MA 115 -39.55 -63.32 -68.30
C UNK MA 115 -38.99 -62.40 -67.22
N UNK MA 116 -39.86 -61.88 -66.37
CA UNK MA 116 -39.44 -61.02 -65.27
C UNK MA 116 -38.80 -61.84 -64.16
N UNK MA 117 -37.52 -62.14 -64.31
CA UNK MA 117 -36.78 -62.94 -63.33
C UNK MA 117 -36.54 -62.13 -62.06
N UNK MA 118 -36.66 -62.80 -60.91
CA UNK MA 118 -36.44 -62.16 -59.62
C UNK MA 118 -34.96 -61.85 -59.41
N UNK MA 119 -34.66 -60.64 -58.96
CA UNK MA 119 -33.29 -60.20 -58.75
C UNK MA 119 -32.67 -60.88 -57.53
N UNK MA 120 -33.49 -61.17 -56.54
CA UNK MA 120 -33.02 -61.80 -55.30
C UNK MA 120 -33.16 -63.31 -55.36
N UNK MA 121 -34.40 -63.78 -55.41
CA UNK MA 121 -34.67 -65.21 -55.44
C UNK MA 121 -34.67 -65.75 -56.87
N UNK MA 122 -35.04 -67.02 -57.03
CA UNK MA 122 -35.07 -67.66 -58.33
C UNK MA 122 -36.45 -67.52 -58.98
N UNK MA 123 -36.47 -67.53 -60.31
CA UNK MA 123 -37.73 -67.45 -61.05
C UNK MA 123 -38.31 -68.84 -61.24
N UNK MA 124 -39.63 -68.96 -61.08
CA UNK MA 124 -40.31 -70.24 -61.22
C UNK MA 124 -40.39 -70.66 -62.68
N UNK MA 125 -40.08 -71.92 -62.95
CA UNK MA 125 -40.15 -72.46 -64.30
C UNK MA 125 -41.60 -72.68 -64.72
N UNK MA 126 -41.92 -72.24 -65.93
CA UNK MA 126 -43.26 -72.42 -66.48
C UNK MA 126 -43.46 -73.87 -66.91
N UNK MA 127 -44.70 -74.22 -67.21
CA UNK MA 127 -45.04 -75.59 -67.62
C UNK MA 127 -44.42 -75.92 -68.98
N UNK MA 128 -44.49 -74.97 -69.90
CA UNK MA 128 -43.94 -75.14 -71.24
C UNK MA 128 -42.42 -75.27 -71.19
N UNK MA 129 -41.78 -74.43 -70.39
CA UNK MA 129 -40.32 -74.44 -70.25
C UNK MA 129 -39.85 -75.74 -69.61
N UNK MA 130 -40.56 -76.18 -68.58
CA UNK MA 130 -40.23 -77.44 -67.89
C UNK MA 130 -40.45 -78.64 -68.82
N UNK MA 131 -41.49 -78.56 -69.64
CA UNK MA 131 -41.78 -79.62 -70.60
C UNK MA 131 -40.72 -79.69 -71.70
N UNK MA 132 -40.23 -78.53 -72.12
CA UNK MA 132 -39.19 -78.47 -73.14
C UNK MA 132 -37.84 -78.90 -72.59
N UNK MA 133 -37.60 -78.64 -71.31
CA UNK MA 133 -36.31 -78.96 -70.70
C UNK MA 133 -36.28 -80.37 -70.12
N UNK MA 134 -37.44 -81.00 -69.97
CA UNK MA 134 -37.51 -82.32 -69.37
C UNK MA 134 -37.72 -83.42 -70.39
N UNK MA 135 -38.48 -83.14 -71.45
CA UNK MA 135 -38.82 -84.14 -72.44
C UNK MA 135 -38.01 -83.98 -73.73
N UNK MA 136 -38.08 -82.78 -74.31
CA UNK MA 136 -37.43 -82.52 -75.59
C UNK MA 136 -35.92 -82.40 -75.47
N UNK MA 137 -35.47 -81.82 -74.35
CA UNK MA 137 -34.04 -81.56 -74.14
C UNK MA 137 -33.24 -82.86 -73.98
N UNK MA 138 -33.77 -83.78 -73.18
CA UNK MA 138 -33.11 -85.06 -72.94
C UNK MA 138 -33.04 -85.89 -74.22
N UNK MA 139 -34.13 -85.87 -74.98
CA UNK MA 139 -34.20 -86.58 -76.26
C UNK MA 139 -33.21 -85.99 -77.27
N UNK MA 140 -33.12 -84.65 -77.28
CA UNK MA 140 -32.19 -83.96 -78.16
C UNK MA 140 -30.74 -84.27 -77.79
N UNK MA 141 -30.46 -84.32 -76.49
CA UNK MA 141 -29.13 -84.66 -76.00
C UNK MA 141 -28.75 -86.09 -76.36
N UNK MA 142 -29.71 -87.01 -76.21
CA UNK MA 142 -29.49 -88.41 -76.57
C UNK MA 142 -29.26 -88.57 -78.08
N UNK MA 143 -30.01 -87.82 -78.87
CA UNK MA 143 -29.86 -87.85 -80.33
C UNK MA 143 -28.52 -87.27 -80.76
N UNK MA 144 -28.07 -86.23 -80.07
CA UNK MA 144 -26.78 -85.61 -80.37
C UNK MA 144 -25.63 -86.52 -79.97
N UNK MA 145 -25.81 -87.26 -78.88
CA UNK MA 145 -24.80 -88.20 -78.42
C UNK MA 145 -24.78 -89.46 -79.28
N UNK MA 146 -25.91 -89.75 -79.93
CA UNK MA 146 -26.03 -90.94 -80.77
C UNK MA 146 -25.58 -90.67 -82.20
N UNK MA 147 -25.73 -89.42 -82.65
CA UNK MA 147 -25.38 -89.06 -84.02
C UNK MA 147 -23.88 -88.88 -84.20
N UNK MA 148 -23.44 -88.84 -85.44
CA UNK MA 148 -22.03 -88.64 -85.77
C UNK MA 148 -21.73 -87.16 -85.95
N UNK MA 149 -20.47 -86.79 -85.76
CA UNK MA 149 -20.06 -85.39 -85.89
C UNK MA 149 -19.83 -85.02 -87.36
N UNK MA 150 -19.66 -86.03 -88.20
CA UNK MA 150 -19.47 -85.81 -89.62
C UNK MA 150 -20.78 -85.36 -90.28
N UNK MA 151 -21.89 -85.79 -89.70
CA UNK MA 151 -23.21 -85.41 -90.20
C UNK MA 151 -23.98 -84.64 -89.13
N UNK MA 152 -23.65 -83.36 -88.97
CA UNK MA 152 -24.32 -82.52 -88.00
C UNK MA 152 -25.40 -81.67 -88.68
N UNK MA 153 -26.00 -82.23 -89.72
CA UNK MA 153 -27.03 -81.53 -90.48
C UNK MA 153 -28.40 -81.70 -89.84
N UNK MA 154 -28.65 -82.88 -89.28
CA UNK MA 154 -29.94 -83.19 -88.64
C UNK MA 154 -30.16 -82.35 -87.40
N UNK MA 155 -29.12 -82.22 -86.57
CA UNK MA 155 -29.19 -81.42 -85.36
C UNK MA 155 -29.39 -79.95 -85.69
N UNK MA 156 -28.71 -79.48 -86.74
CA UNK MA 156 -28.83 -78.11 -87.20
C UNK MA 156 -30.24 -77.83 -87.72
N UNK MA 157 -30.80 -78.79 -88.45
CA UNK MA 157 -32.15 -78.67 -88.98
C UNK MA 157 -33.18 -78.65 -87.84
N UNK MA 158 -32.97 -79.49 -86.84
CA UNK MA 158 -33.84 -79.53 -85.68
C UNK MA 158 -33.78 -78.23 -84.87
N UNK MA 159 -32.57 -77.70 -84.73
CA UNK MA 159 -32.38 -76.44 -84.02
C UNK MA 159 -32.99 -75.26 -84.78
N UNK MA 160 -32.95 -75.32 -86.11
CA UNK MA 160 -33.53 -74.28 -86.94
C UNK MA 160 -35.05 -74.35 -86.95
N UNK MA 161 -35.59 -75.57 -86.88
CA UNK MA 161 -37.03 -75.77 -86.91
C UNK MA 161 -37.68 -75.52 -85.55
N UNK MA 162 -36.91 -75.71 -84.48
CA UNK MA 162 -37.44 -75.53 -83.13
C UNK MA 162 -36.81 -74.34 -82.43
N UNK MA 163 -36.46 -73.31 -83.20
CA UNK MA 163 -35.81 -72.13 -82.63
C UNK MA 163 -36.83 -71.15 -82.06
N UNK MA 164 -38.08 -71.25 -82.53
CA UNK MA 164 -39.10 -70.29 -82.16
C UNK MA 164 -39.91 -70.73 -80.93
N UNK MA 165 -39.73 -71.96 -80.50
CA UNK MA 165 -40.52 -72.50 -79.39
C UNK MA 165 -39.66 -72.89 -78.19
N UNK MA 166 -38.42 -73.29 -78.44
CA UNK MA 166 -37.54 -73.75 -77.37
C UNK MA 166 -37.05 -72.60 -76.50
N UNK MA 167 -36.77 -72.89 -75.23
CA UNK MA 167 -36.27 -71.89 -74.30
C UNK MA 167 -34.78 -71.68 -74.50
N UNK MA 168 -34.22 -70.71 -73.79
CA UNK MA 168 -32.80 -70.38 -73.91
C UNK MA 168 -31.93 -71.43 -73.22
N UNK MA 169 -32.40 -71.94 -72.09
CA UNK MA 169 -31.64 -72.88 -71.28
C UNK MA 169 -31.46 -74.23 -71.96
N UNK MA 170 -32.55 -74.79 -72.50
CA UNK MA 170 -32.51 -76.07 -73.19
C UNK MA 170 -31.67 -76.00 -74.46
N UNK MA 171 -31.83 -74.91 -75.20
CA UNK MA 171 -31.06 -74.67 -76.42
C UNK MA 171 -29.58 -74.52 -76.10
N UNK MA 172 -29.28 -73.83 -74.99
CA UNK MA 172 -27.91 -73.64 -74.54
C UNK MA 172 -27.27 -74.97 -74.13
N UNK MA 173 -28.05 -75.81 -73.45
CA UNK MA 173 -27.59 -77.13 -73.04
C UNK MA 173 -27.31 -78.02 -74.25
N UNK MA 174 -28.20 -77.97 -75.24
CA UNK MA 174 -28.04 -78.72 -76.47
C UNK MA 174 -26.80 -78.25 -77.25
N UNK MA 175 -26.60 -76.94 -77.29
CA UNK MA 175 -25.45 -76.35 -77.96
C UNK MA 175 -24.15 -76.73 -77.24
N UNK MA 176 -24.18 -76.78 -75.91
CA UNK MA 176 -23.03 -77.19 -75.12
C UNK MA 176 -22.69 -78.65 -75.37
N UNK MA 177 -23.71 -79.49 -75.44
CA UNK MA 177 -23.53 -80.91 -75.73
C UNK MA 177 -22.94 -81.13 -77.13
N UNK MA 178 -23.45 -80.37 -78.10
CA UNK MA 178 -22.96 -80.43 -79.47
C UNK MA 178 -21.52 -79.95 -79.56
N UNK MA 179 -21.19 -78.90 -78.79
CA UNK MA 179 -19.84 -78.37 -78.75
C UNK MA 179 -18.87 -79.37 -78.12
N UNK MA 180 -19.33 -80.05 -77.08
CA UNK MA 180 -18.53 -81.08 -76.42
C UNK MA 180 -18.27 -82.25 -77.37
N UNK MA 181 -19.29 -82.65 -78.11
CA UNK MA 181 -19.17 -83.71 -79.10
C UNK MA 181 -18.19 -83.33 -80.22
N UNK MA 182 -18.29 -82.08 -80.68
CA UNK MA 182 -17.40 -81.56 -81.72
C UNK MA 182 -15.96 -81.49 -81.23
N UNK MA 183 -15.78 -81.09 -79.96
CA UNK MA 183 -14.46 -81.02 -79.35
C UNK MA 183 -13.85 -82.41 -79.22
N UNK MA 184 -14.67 -83.39 -78.82
CA UNK MA 184 -14.22 -84.77 -78.73
C UNK MA 184 -13.82 -85.33 -80.09
N UNK MA 185 -14.61 -84.99 -81.10
CA UNK MA 185 -14.33 -85.41 -82.48
C UNK MA 185 -13.05 -84.78 -83.01
N UNK MA 186 -12.82 -83.51 -82.66
CA UNK MA 186 -11.63 -82.80 -83.09
C UNK MA 186 -10.39 -83.32 -82.37
N UNK MA 187 -10.55 -83.72 -81.12
CA UNK MA 187 -9.46 -84.29 -80.35
C UNK MA 187 -9.14 -85.70 -80.85
N UNK MA 188 -10.15 -86.38 -81.37
CA UNK MA 188 -9.96 -87.71 -81.94
C UNK MA 188 -9.65 -87.64 -83.43
N UNK MA 189 -9.55 -86.43 -83.95
CA UNK MA 189 -9.28 -86.23 -85.37
C UNK MA 189 -7.78 -86.28 -85.67
N UNK MA 190 -7.42 -87.02 -86.71
CA UNK MA 190 -6.04 -87.10 -87.16
C UNK MA 190 -5.93 -86.59 -88.59
N UNK MA 191 -5.37 -85.39 -88.75
CA UNK MA 191 -5.27 -84.74 -90.05
C UNK MA 191 -4.19 -85.36 -90.92
N UNK MA 192 -3.27 -86.11 -90.29
CA UNK MA 192 -2.19 -86.76 -91.01
C UNK MA 192 -2.69 -87.97 -91.79
N UNK MA 193 -3.62 -88.71 -91.19
CA UNK MA 193 -4.16 -89.91 -91.82
C UNK MA 193 -5.50 -89.65 -92.50
N UNK MA 194 -6.47 -89.19 -91.72
CA UNK MA 194 -7.81 -88.92 -92.24
C UNK MA 194 -7.83 -87.65 -93.08
N UNK MA 195 -7.52 -87.79 -94.37
CA UNK MA 195 -7.52 -86.65 -95.28
C UNK MA 195 -8.92 -86.37 -95.81
N UNK MA 196 -9.73 -87.42 -95.85
CA UNK MA 196 -11.11 -87.30 -96.33
C UNK MA 196 -12.00 -86.70 -95.25
N UNK MA 197 -11.70 -87.00 -94.00
CA UNK MA 197 -12.45 -86.48 -92.86
C UNK MA 197 -12.02 -85.05 -92.53
N UNK MA 198 -12.51 -84.09 -93.30
CA UNK MA 198 -12.17 -82.69 -93.10
C UNK MA 198 -12.89 -82.12 -91.87
N UNK MA 199 -12.17 -81.35 -91.08
CA UNK MA 199 -12.74 -80.75 -89.88
C UNK MA 199 -13.58 -79.52 -90.22
N UNK MA 200 -13.31 -78.94 -91.40
CA UNK MA 200 -14.03 -77.75 -91.85
C UNK MA 200 -15.45 -78.10 -92.30
N UNK MA 201 -15.66 -79.37 -92.64
CA UNK MA 201 -16.97 -79.84 -93.08
C UNK MA 201 -17.87 -80.16 -91.90
N UNK MA 202 -17.28 -80.21 -90.71
CA UNK MA 202 -18.03 -80.52 -89.50
C UNK MA 202 -18.04 -79.35 -88.53
N UNK MA 203 -17.16 -78.37 -88.76
CA UNK MA 203 -17.07 -77.20 -87.89
C UNK MA 203 -17.92 -76.04 -88.43
N UNK MA 204 -18.33 -76.15 -89.69
CA UNK MA 204 -19.14 -75.10 -90.32
C UNK MA 204 -20.60 -75.49 -90.35
N UNK MA 205 -21.06 -76.19 -89.31
CA UNK MA 205 -22.45 -76.64 -89.25
C UNK MA 205 -22.91 -76.81 -87.80
N UNK MA 206 -22.03 -76.53 -86.85
CA UNK MA 206 -22.35 -76.70 -85.44
C UNK MA 206 -22.11 -75.41 -84.65
N UNK MA 207 -21.51 -74.42 -85.30
CA UNK MA 207 -21.20 -73.15 -84.65
C UNK MA 207 -22.28 -72.12 -84.92
N UNK MA 208 -23.41 -72.56 -85.46
CA UNK MA 208 -24.52 -71.65 -85.74
C UNK MA 208 -25.31 -71.37 -84.47
N UNK MA 209 -25.43 -72.37 -83.62
CA UNK MA 209 -26.16 -72.23 -82.37
C UNK MA 209 -25.20 -72.12 -81.19
N UNK MA 210 -23.91 -72.32 -81.46
CA UNK MA 210 -22.88 -72.25 -80.44
C UNK MA 210 -22.61 -70.78 -80.06
N UNK MA 211 -21.93 -70.59 -78.93
CA UNK MA 211 -21.64 -69.25 -78.45
C UNK MA 211 -20.46 -68.63 -79.20
N UNK MA 212 -20.12 -67.39 -78.86
CA UNK MA 212 -19.02 -66.69 -79.50
C UNK MA 212 -17.68 -67.19 -78.97
N UNK MA 213 -17.69 -67.80 -77.80
CA UNK MA 213 -16.48 -68.35 -77.19
C UNK MA 213 -16.04 -69.61 -77.93
N UNK MA 214 -16.98 -70.30 -78.55
CA UNK MA 214 -16.68 -71.48 -79.34
C UNK MA 214 -16.23 -71.10 -80.75
N UNK MA 215 -16.62 -69.90 -81.17
CA UNK MA 215 -16.25 -69.40 -82.49
C UNK MA 215 -14.96 -68.60 -82.41
N UNK MA 216 -14.56 -68.25 -81.19
CA UNK MA 216 -13.34 -67.48 -80.99
C UNK MA 216 -12.11 -68.36 -81.15
N UNK MA 217 -11.11 -67.85 -81.86
CA UNK MA 217 -9.87 -68.59 -82.08
C UNK MA 217 -8.81 -68.18 -81.06
N UNK MA 218 -9.05 -67.05 -80.38
CA UNK MA 218 -8.11 -66.55 -79.39
C UNK MA 218 -8.35 -67.21 -78.04
N UNK MA 219 -9.50 -67.86 -77.88
CA UNK MA 219 -9.84 -68.55 -76.65
C UNK MA 219 -8.99 -69.81 -76.50
N UNK MA 220 -8.53 -70.07 -75.28
CA UNK MA 220 -7.68 -71.22 -75.01
C UNK MA 220 -8.47 -72.52 -75.03
N UNK MA 221 -9.77 -72.42 -74.76
CA UNK MA 221 -10.65 -73.59 -74.77
C UNK MA 221 -11.80 -73.39 -75.75
N UNK MA 222 -11.91 -74.31 -76.71
CA UNK MA 222 -12.97 -74.24 -77.71
C UNK MA 222 -12.70 -75.20 -78.86
N UNK MA 223 -13.53 -75.14 -79.89
CA UNK MA 223 -13.40 -76.01 -81.04
C UNK MA 223 -12.47 -75.39 -82.09
N UNK MA 224 -12.52 -74.07 -82.19
CA UNK MA 224 -11.70 -73.32 -83.15
C UNK MA 224 -10.22 -73.42 -82.80
N UNK MA 225 -9.91 -73.32 -81.51
CA UNK MA 225 -8.54 -73.44 -81.02
C UNK MA 225 -7.99 -74.84 -81.28
N UNK MA 226 -8.81 -75.85 -81.03
CA UNK MA 226 -8.42 -77.24 -81.25
C UNK MA 226 -8.19 -77.51 -82.74
N UNK MA 227 -9.07 -76.93 -83.58
CA UNK MA 227 -8.93 -77.07 -85.03
C UNK MA 227 -7.66 -76.40 -85.53
N UNK MA 228 -7.36 -75.22 -85.00
CA UNK MA 228 -6.15 -74.49 -85.36
C UNK MA 228 -4.90 -75.24 -84.92
N UNK MA 229 -4.95 -75.84 -83.73
CA UNK MA 229 -3.84 -76.63 -83.21
C UNK MA 229 -3.61 -77.88 -84.06
N UNK MA 230 -4.70 -78.52 -84.48
CA UNK MA 230 -4.63 -79.69 -85.35
C UNK MA 230 -4.05 -79.32 -86.71
N UNK MA 231 -4.47 -78.17 -87.25
CA UNK MA 231 -3.96 -77.68 -88.52
C UNK MA 231 -2.47 -77.36 -88.43
N UNK MA 232 -2.05 -76.75 -87.32
CA UNK MA 232 -0.64 -76.43 -87.10
C UNK MA 232 0.20 -77.70 -86.96
N UNK MA 233 -0.33 -78.70 -86.27
CA UNK MA 233 0.35 -79.97 -86.09
C UNK MA 233 0.45 -80.73 -87.42
N UNK MA 234 -0.55 -80.56 -88.27
CA UNK MA 234 -0.54 -81.18 -89.58
C UNK MA 234 0.46 -80.49 -90.51
N UNK MA 235 0.52 -79.16 -90.43
CA UNK MA 235 1.42 -78.37 -91.27
C UNK MA 235 2.86 -78.51 -90.81
N UNK MA 236 3.07 -78.84 -89.53
CA UNK MA 236 4.41 -79.05 -89.00
C UNK MA 236 5.01 -80.34 -89.55
N UNK MA 237 4.14 -81.31 -89.84
CA UNK MA 237 4.58 -82.57 -90.43
C UNK MA 237 3.87 -82.80 -91.76
N UNK MA 238 3.89 -81.79 -92.61
CA UNK MA 238 3.22 -81.85 -93.90
C UNK MA 238 4.18 -82.16 -95.03
N UNK MA 239 3.69 -82.86 -96.05
CA UNK MA 239 4.47 -83.15 -97.24
C UNK MA 239 3.95 -82.31 -98.41
N UNK MA 240 4.88 -81.63 -99.09
CA UNK MA 240 4.49 -80.75 -100.19
C UNK MA 240 4.25 -81.52 -101.48
N UNK MA 241 4.61 -82.80 -101.48
CA UNK MA 241 4.41 -83.66 -102.63
C UNK MA 241 2.94 -84.06 -102.76
N UNK MA 242 2.22 -84.00 -101.64
CA UNK MA 242 0.80 -84.35 -101.61
C UNK MA 242 -0.05 -83.19 -102.10
N UNK MA 243 0.51 -81.99 -102.07
CA UNK MA 243 -0.20 -80.80 -102.51
C UNK MA 243 -0.54 -79.88 -101.33
N UNK MA 244 -1.72 -79.28 -101.39
CA UNK MA 244 -2.16 -78.37 -100.34
C UNK MA 244 -3.02 -79.10 -99.30
N UNK MA 245 -3.10 -78.53 -98.11
CA UNK MA 245 -3.91 -79.11 -97.05
C UNK MA 245 -5.38 -78.77 -97.25
N UNK MA 246 -6.23 -79.80 -97.26
CA UNK MA 246 -7.66 -79.61 -97.48
C UNK MA 246 -8.34 -79.06 -96.23
N UNK MA 247 -9.40 -78.29 -96.43
CA UNK MA 247 -10.15 -77.70 -95.32
C UNK MA 247 -9.40 -76.51 -94.75
N UNK MA 248 -8.58 -75.87 -95.57
CA UNK MA 248 -7.80 -74.72 -95.14
C UNK MA 248 -8.47 -73.41 -95.53
N UNK MA 249 -9.23 -73.44 -96.62
CA UNK MA 249 -9.91 -72.26 -97.13
C UNK MA 249 -11.00 -71.77 -96.18
N UNK MA 250 -11.89 -72.68 -95.79
CA UNK MA 250 -12.98 -72.36 -94.87
C UNK MA 250 -12.44 -71.99 -93.50
N UNK MA 251 -11.37 -72.66 -93.08
CA UNK MA 251 -10.72 -72.38 -91.81
C UNK MA 251 -10.10 -70.98 -91.80
N UNK MA 252 -9.49 -70.61 -92.91
CA UNK MA 252 -8.88 -69.28 -93.05
C UNK MA 252 -9.95 -68.21 -93.14
N UNK MA 253 -11.09 -68.54 -93.75
CA UNK MA 253 -12.20 -67.61 -93.87
C UNK MA 253 -12.88 -67.37 -92.52
N UNK MA 254 -12.94 -68.41 -91.71
CA UNK MA 254 -13.58 -68.32 -90.40
C UNK MA 254 -12.63 -67.74 -89.34
N UNK MA 255 -11.34 -67.93 -89.55
CA UNK MA 255 -10.34 -67.46 -88.59
C UNK MA 255 -10.00 -65.98 -88.79
N UNK MA 256 -10.17 -65.50 -90.02
CA UNK MA 256 -9.91 -64.10 -90.32
C UNK MA 256 -11.04 -63.23 -89.80
N UNK MA 257 -10.71 -62.30 -88.90
CA UNK MA 257 -11.70 -61.41 -88.32
C UNK MA 257 -12.12 -60.34 -89.32
N UNK MA 258 -13.34 -59.84 -89.17
CA UNK MA 258 -13.86 -58.80 -90.05
C UNK MA 258 -13.22 -57.46 -89.75
N UNK MA 259 -12.97 -57.20 -88.47
CA UNK MA 259 -12.34 -55.96 -88.04
C UNK MA 259 -11.39 -56.21 -86.87
N UNK MA 260 -10.09 -56.12 -87.14
CA UNK MA 260 -9.08 -56.34 -86.11
C UNK MA 260 -7.86 -57.05 -86.69
N UNK MA 261 -6.68 -56.60 -86.28
CA UNK MA 261 -5.43 -57.18 -86.76
C UNK MA 261 -4.76 -58.00 -85.67
N UNK MA 262 -5.14 -57.74 -84.43
CA UNK MA 262 -4.58 -58.46 -83.28
C UNK MA 262 -5.26 -59.82 -83.11
N UNK MA 263 -6.48 -59.93 -83.60
CA UNK MA 263 -7.25 -61.17 -83.47
C UNK MA 263 -7.04 -62.07 -84.69
N UNK MA 264 -6.19 -61.63 -85.61
CA UNK MA 264 -5.88 -62.42 -86.80
C UNK MA 264 -4.94 -63.56 -86.45
N UNK MA 265 -5.51 -64.74 -86.21
CA UNK MA 265 -4.73 -65.91 -85.84
C UNK MA 265 -4.48 -66.83 -87.02
N UNK MA 266 -4.99 -66.45 -88.18
CA UNK MA 266 -4.83 -67.25 -89.39
C UNK MA 266 -3.50 -66.97 -90.08
N UNK MA 267 -3.23 -65.68 -90.33
CA UNK MA 267 -2.04 -65.26 -91.05
C UNK MA 267 -0.76 -65.55 -90.28
N UNK MA 268 -0.80 -65.35 -88.96
CA UNK MA 268 0.35 -65.60 -88.10
C UNK MA 268 0.73 -67.08 -88.09
N UNK MA 269 -0.25 -67.94 -87.86
CA UNK MA 269 -0.04 -69.38 -87.85
C UNK MA 269 0.39 -69.89 -89.23
N UNK MA 270 -0.19 -69.29 -90.27
CA UNK MA 270 0.17 -69.63 -91.64
C UNK MA 270 1.63 -69.32 -91.94
N UNK MA 271 2.06 -68.10 -91.62
CA UNK MA 271 3.44 -67.68 -91.83
C UNK MA 271 4.42 -68.43 -90.93
N UNK MA 272 3.93 -68.89 -89.78
CA UNK MA 272 4.78 -69.65 -88.86
C UNK MA 272 4.96 -71.10 -89.30
N UNK MA 273 3.95 -71.67 -89.92
CA UNK MA 273 4.01 -73.09 -90.28
C UNK MA 273 4.21 -73.36 -91.77
N UNK MA 274 3.24 -72.93 -92.58
CA UNK MA 274 3.16 -73.37 -93.98
C UNK MA 274 4.28 -72.83 -94.85
N UNK MA 275 4.65 -71.56 -94.65
CA UNK MA 275 5.71 -70.92 -95.41
C UNK MA 275 7.06 -71.61 -95.14
N UNK MA 276 7.34 -71.85 -93.87
CA UNK MA 276 8.57 -72.53 -93.46
C UNK MA 276 8.60 -73.96 -93.98
N UNK MA 277 7.47 -74.66 -93.92
CA UNK MA 277 7.37 -76.03 -94.41
C UNK MA 277 7.61 -76.10 -95.92
N UNK MA 278 6.99 -75.18 -96.66
CA UNK MA 278 7.15 -75.11 -98.10
C UNK MA 278 8.59 -74.77 -98.49
N UNK MA 279 9.21 -73.85 -97.74
CA UNK MA 279 10.60 -73.47 -97.97
C UNK MA 279 11.54 -74.66 -97.75
N UNK MA 280 11.33 -75.38 -96.64
CA UNK MA 280 12.13 -76.55 -96.32
C UNK MA 280 11.96 -77.65 -97.36
N UNK MA 281 10.72 -77.88 -97.78
CA UNK MA 281 10.43 -78.91 -98.79
C UNK MA 281 11.04 -78.56 -100.14
N UNK MA 282 10.99 -77.28 -100.52
CA UNK MA 282 11.56 -76.84 -101.79
C UNK MA 282 13.08 -76.85 -101.74
N UNK MA 283 13.66 -76.63 -100.58
CA UNK MA 283 15.10 -76.67 -100.41
C UNK MA 283 15.61 -78.10 -100.41
N UNK MA 284 14.78 -79.02 -99.93
CA UNK MA 284 15.19 -80.42 -99.83
C UNK MA 284 14.86 -81.24 -101.08
N UNK MA 285 13.89 -80.79 -101.87
CA UNK MA 285 13.44 -81.58 -103.01
C UNK MA 285 13.68 -80.89 -104.36
N UNK MA 286 13.21 -79.66 -104.50
CA UNK MA 286 13.26 -78.94 -105.76
C UNK MA 286 14.68 -78.53 -106.14
N UNK MA 287 15.02 -78.72 -107.40
CA UNK MA 287 16.33 -78.35 -107.92
C UNK MA 287 16.22 -77.81 -109.34
N UNK MA 288 17.19 -77.00 -109.75
CA UNK MA 288 17.18 -76.39 -111.08
C UNK MA 288 18.03 -77.19 -112.06
N UNK MA 289 17.40 -77.63 -113.16
CA UNK MA 289 18.11 -78.38 -114.18
C UNK MA 289 17.66 -77.92 -115.57
N UNK MA 290 18.63 -77.53 -116.40
CA UNK MA 290 18.34 -77.04 -117.74
C UNK MA 290 18.04 -78.18 -118.70
N UNK MA 291 18.56 -79.36 -118.39
CA UNK MA 291 18.36 -80.54 -119.23
C UNK MA 291 16.96 -81.09 -119.09
N UNK MA 292 16.53 -81.29 -117.84
CA UNK MA 292 15.20 -81.81 -117.56
C UNK MA 292 14.69 -81.30 -116.22
N UNK MA 293 13.65 -80.48 -116.26
CA UNK MA 293 13.06 -79.92 -115.05
C UNK MA 293 11.60 -80.32 -114.92
N UNK MA 294 11.32 -81.61 -115.15
CA UNK MA 294 9.95 -82.12 -115.05
C UNK MA 294 9.51 -82.20 -113.59
N UNK MA 295 10.42 -82.67 -112.74
CA UNK MA 295 10.16 -82.76 -111.30
C UNK MA 295 10.02 -81.35 -110.71
N UNK MA 296 10.84 -80.44 -111.21
CA UNK MA 296 10.77 -79.04 -110.82
C UNK MA 296 9.45 -78.41 -111.25
N UNK MA 297 8.98 -78.81 -112.44
CA UNK MA 297 7.70 -78.35 -112.96
C UNK MA 297 6.55 -78.87 -112.11
N UNK MA 298 6.65 -80.13 -111.68
CA UNK MA 298 5.64 -80.74 -110.82
C UNK MA 298 5.61 -80.05 -109.45
N UNK MA 299 6.79 -79.75 -108.93
CA UNK MA 299 6.92 -79.03 -107.66
C UNK MA 299 6.33 -77.62 -107.77
N UNK MA 300 6.57 -76.96 -108.89
CA UNK MA 300 6.02 -75.63 -109.14
C UNK MA 300 4.50 -75.67 -109.26
N UNK MA 301 3.99 -76.73 -109.88
CA UNK MA 301 2.54 -76.93 -110.00
C UNK MA 301 1.90 -77.14 -108.64
N UNK MA 302 2.56 -77.95 -107.80
CA UNK MA 302 2.10 -78.17 -106.43
C UNK MA 302 2.13 -76.89 -105.61
N UNK MA 303 3.18 -76.09 -105.82
CA UNK MA 303 3.33 -74.80 -105.15
C UNK MA 303 2.22 -73.84 -105.58
N UNK MA 304 1.87 -73.85 -106.87
CA UNK MA 304 0.79 -73.02 -107.38
C UNK MA 304 -0.57 -73.46 -106.83
N UNK MA 305 -0.73 -74.78 -106.70
CA UNK MA 305 -1.96 -75.34 -106.13
C UNK MA 305 -2.11 -74.96 -104.66
N UNK MA 306 -0.98 -74.91 -103.95
CA UNK MA 306 -0.98 -74.46 -102.57
C UNK MA 306 -1.19 -72.94 -102.48
N UNK MA 307 -0.73 -72.24 -103.52
CA UNK MA 307 -0.88 -70.79 -103.61
C UNK MA 307 -2.30 -70.38 -103.93
N UNK MA 308 -3.07 -71.31 -104.49
CA UNK MA 308 -4.47 -71.08 -104.81
C UNK MA 308 -5.31 -70.89 -103.54
N UNK MA 309 -4.85 -71.45 -102.43
CA UNK MA 309 -5.56 -71.33 -101.16
C UNK MA 309 -5.16 -70.06 -100.42
N UNK MA 310 -3.86 -69.80 -100.34
CA UNK MA 310 -3.35 -68.63 -99.62
C UNK MA 310 -3.29 -67.41 -100.52
N UNK MA 311 -2.65 -66.35 -100.03
CA UNK MA 311 -2.51 -65.11 -100.79
C UNK MA 311 -1.47 -65.27 -101.89
N UNK MA 312 -1.52 -64.38 -102.88
CA UNK MA 312 -0.62 -64.45 -104.02
C UNK MA 312 0.77 -63.89 -103.68
N UNK MA 313 0.79 -62.81 -102.90
CA UNK MA 313 2.02 -62.11 -102.58
C UNK MA 313 2.98 -62.94 -101.72
N UNK MA 314 2.47 -63.48 -100.63
CA UNK MA 314 3.28 -64.28 -99.70
C UNK MA 314 3.78 -65.56 -100.36
N UNK MA 315 2.91 -66.20 -101.13
CA UNK MA 315 3.25 -67.42 -101.84
C UNK MA 315 4.29 -67.15 -102.93
N UNK MA 316 4.15 -66.00 -103.60
CA UNK MA 316 5.10 -65.58 -104.62
C UNK MA 316 6.47 -65.31 -104.01
N UNK MA 317 6.47 -64.66 -102.84
CA UNK MA 317 7.70 -64.37 -102.11
C UNK MA 317 8.38 -65.66 -101.66
N UNK MA 318 7.57 -66.63 -101.20
CA UNK MA 318 8.09 -67.93 -100.78
C UNK MA 318 8.71 -68.69 -101.95
N UNK MA 319 8.00 -68.68 -103.09
CA UNK MA 319 8.49 -69.34 -104.31
C UNK MA 319 9.78 -68.68 -104.80
N UNK MA 320 9.84 -67.36 -104.69
CA UNK MA 320 11.04 -66.61 -105.05
C UNK MA 320 12.21 -67.01 -104.16
N UNK MA 321 12.04 -66.91 -102.85
CA UNK MA 321 13.09 -67.26 -101.89
C UNK MA 321 13.48 -68.74 -101.94
N UNK MA 322 12.62 -69.58 -102.49
CA UNK MA 322 12.92 -71.00 -102.60
C UNK MA 322 13.55 -71.40 -103.94
N UNK MA 323 13.27 -70.66 -105.02
CA UNK MA 323 13.71 -71.12 -106.33
C UNK MA 323 14.56 -70.13 -107.15
N UNK MA 324 14.48 -68.84 -106.87
CA UNK MA 324 15.15 -67.83 -107.69
C UNK MA 324 16.67 -67.91 -107.59
N UNK MA 325 17.18 -68.23 -106.40
CA UNK MA 325 18.62 -68.37 -106.20
C UNK MA 325 19.15 -69.56 -107.00
N UNK MA 326 18.43 -70.67 -106.96
CA UNK MA 326 18.79 -71.86 -107.70
C UNK MA 326 18.72 -71.62 -109.21
N UNK MA 327 17.70 -70.88 -109.63
CA UNK MA 327 17.53 -70.52 -111.04
C UNK MA 327 18.66 -69.64 -111.53
N UNK MA 328 19.05 -68.66 -110.71
CA UNK MA 328 20.16 -67.77 -111.04
C UNK MA 328 21.48 -68.53 -111.10
N UNK MA 329 21.66 -69.47 -110.18
CA UNK MA 329 22.85 -70.32 -110.16
C UNK MA 329 22.93 -71.20 -111.41
N UNK MA 330 21.79 -71.76 -111.80
CA UNK MA 330 21.71 -72.59 -113.01
C UNK MA 330 21.98 -71.76 -114.27
N UNK MA 331 21.45 -70.55 -114.30
CA UNK MA 331 21.66 -69.64 -115.43
C UNK MA 331 23.13 -69.22 -115.53
N UNK MA 332 23.76 -68.97 -114.38
CA UNK MA 332 25.16 -68.59 -114.34
C UNK MA 332 26.06 -69.76 -114.74
N UNK MA 333 25.65 -70.97 -114.38
CA UNK MA 333 26.39 -72.17 -114.76
C UNK MA 333 26.27 -72.46 -116.25
N UNK MA 334 25.09 -72.19 -116.80
CA UNK MA 334 24.84 -72.41 -118.22
C UNK MA 334 25.50 -71.32 -119.06
N UNK MA 335 25.64 -70.13 -118.50
CA UNK MA 335 26.26 -69.02 -119.20
C UNK MA 335 27.78 -69.06 -119.09
N UNK MA 336 28.29 -69.90 -118.20
CA UNK MA 336 29.72 -70.05 -118.01
C UNK MA 336 30.31 -71.04 -119.01
N UNK MA 337 29.44 -71.76 -119.70
CA UNK MA 337 29.86 -72.73 -120.70
C UNK MA 337 30.38 -72.04 -121.95
N UNK MA 338 31.38 -72.63 -122.59
CA UNK MA 338 31.98 -72.05 -123.79
C UNK MA 338 31.05 -72.22 -124.99
N UNK MA 339 30.32 -73.33 -125.01
CA UNK MA 339 29.39 -73.62 -126.10
C UNK MA 339 27.96 -73.29 -125.69
N UNK MA 340 27.79 -72.15 -125.03
CA UNK MA 340 26.48 -71.72 -124.56
C UNK MA 340 25.68 -71.06 -125.68
N UNK MA 341 24.53 -71.64 -126.02
CA UNK MA 341 23.67 -71.10 -127.05
C UNK MA 341 22.81 -69.97 -126.49
N UNK MA 342 22.85 -68.82 -127.14
CA UNK MA 342 22.08 -67.66 -126.70
C UNK MA 342 20.60 -67.82 -127.03
N UNK MA 343 20.32 -68.44 -128.18
CA UNK MA 343 18.95 -68.65 -128.63
C UNK MA 343 18.20 -69.61 -127.72
N UNK MA 344 18.86 -70.70 -127.34
CA UNK MA 344 18.27 -71.70 -126.45
C UNK MA 344 18.02 -71.11 -125.07
N UNK MA 345 18.95 -70.30 -124.59
CA UNK MA 345 18.82 -69.62 -123.30
C UNK MA 345 17.67 -68.62 -123.32
N UNK MA 346 17.54 -67.89 -124.42
CA UNK MA 346 16.45 -66.93 -124.60
C UNK MA 346 15.10 -67.63 -124.65
N UNK MA 347 15.05 -68.77 -125.34
CA UNK MA 347 13.83 -69.57 -125.43
C UNK MA 347 13.43 -70.12 -124.06
N UNK MA 348 14.43 -70.58 -123.30
CA UNK MA 348 14.20 -71.08 -121.95
C UNK MA 348 13.70 -69.99 -121.03
N UNK MA 349 14.28 -68.80 -121.14
CA UNK MA 349 13.86 -67.65 -120.35
C UNK MA 349 12.43 -67.23 -120.69
N UNK MA 350 12.10 -67.25 -121.98
CA UNK MA 350 10.76 -66.92 -122.44
C UNK MA 350 9.73 -67.94 -121.94
N UNK MA 351 10.10 -69.21 -121.97
CA UNK MA 351 9.23 -70.28 -121.49
C UNK MA 351 9.05 -70.22 -119.98
N UNK MA 352 10.08 -69.77 -119.28
CA UNK MA 352 10.01 -69.65 -117.82
C UNK MA 352 9.21 -68.43 -117.39
N UNK MA 353 9.24 -67.38 -118.22
CA UNK MA 353 8.55 -66.14 -117.89
C UNK MA 353 7.13 -66.07 -118.46
N UNK MA 354 6.80 -66.98 -119.36
CA UNK MA 354 5.49 -66.94 -120.01
C UNK MA 354 4.64 -68.19 -119.76
N UNK MA 355 5.28 -69.34 -119.64
CA UNK MA 355 4.55 -70.60 -119.53
C UNK MA 355 4.67 -71.25 -118.15
N UNK MA 356 5.78 -71.01 -117.47
CA UNK MA 356 6.02 -71.64 -116.17
C UNK MA 356 5.16 -71.01 -115.07
N UNK MA 357 5.15 -69.68 -115.02
CA UNK MA 357 4.38 -68.97 -114.01
C UNK MA 357 2.94 -68.75 -114.46
N UNK MA 358 2.03 -68.64 -113.51
CA UNK MA 358 0.62 -68.41 -113.82
C UNK MA 358 0.36 -66.93 -114.10
N UNK MA 359 -0.87 -66.61 -114.47
CA UNK MA 359 -1.24 -65.23 -114.79
C UNK MA 359 -1.31 -64.38 -113.53
N UNK MA 360 -1.69 -65.00 -112.41
CA UNK MA 360 -1.79 -64.29 -111.15
C UNK MA 360 -0.42 -64.17 -110.48
N UNK MA 361 0.50 -65.06 -110.88
CA UNK MA 361 1.85 -65.06 -110.33
C UNK MA 361 2.75 -64.11 -111.08
N UNK MA 362 2.51 -63.97 -112.39
CA UNK MA 362 3.31 -63.09 -113.23
C UNK MA 362 2.88 -61.64 -113.08
N UNK MA 363 1.71 -61.42 -112.49
CA UNK MA 363 1.18 -60.08 -112.26
C UNK MA 363 1.79 -59.47 -111.01
N UNK MA 364 2.44 -60.31 -110.20
CA UNK MA 364 3.08 -59.84 -108.97
C UNK MA 364 4.32 -59.03 -109.29
N UNK MA 365 4.71 -58.16 -108.36
CA UNK MA 365 5.88 -57.30 -108.55
C UNK MA 365 7.17 -58.06 -108.33
N UNK MA 366 7.13 -59.05 -107.45
CA UNK MA 366 8.31 -59.84 -107.10
C UNK MA 366 8.79 -60.69 -108.27
N UNK MA 367 7.85 -61.39 -108.90
CA UNK MA 367 8.17 -62.24 -110.05
C UNK MA 367 8.62 -61.40 -111.24
N UNK MA 368 8.01 -60.24 -111.40
CA UNK MA 368 8.39 -59.30 -112.45
C UNK MA 368 9.80 -58.78 -112.24
N UNK MA 369 10.13 -58.46 -110.99
CA UNK MA 369 11.46 -57.99 -110.63
C UNK MA 369 12.50 -59.09 -110.84
N UNK MA 370 12.14 -60.32 -110.51
CA UNK MA 370 13.02 -61.47 -110.72
C UNK MA 370 13.28 -61.70 -112.20
N UNK MA 371 12.23 -61.59 -113.01
CA UNK MA 371 12.34 -61.74 -114.46
C UNK MA 371 13.21 -60.62 -115.06
N UNK MA 372 13.05 -59.40 -114.54
CA UNK MA 372 13.84 -58.26 -114.98
C UNK MA 372 15.32 -58.46 -114.62
N UNK MA 373 15.58 -58.98 -113.42
CA UNK MA 373 16.93 -59.26 -112.99
C UNK MA 373 17.57 -60.35 -113.84
N UNK MA 374 16.78 -61.37 -114.19
CA UNK MA 374 17.25 -62.45 -115.06
C UNK MA 374 17.59 -61.93 -116.46
N UNK MA 375 16.73 -61.05 -116.97
CA UNK MA 375 16.94 -60.44 -118.28
C UNK MA 375 18.19 -59.55 -118.27
N UNK MA 376 18.39 -58.83 -117.17
CA UNK MA 376 19.57 -57.97 -117.00
C UNK MA 376 20.85 -58.81 -116.94
N UNK MA 377 20.77 -59.95 -116.25
CA UNK MA 377 21.89 -60.87 -116.17
C UNK MA 377 22.23 -61.47 -117.53
N UNK MA 378 21.18 -61.81 -118.28
CA UNK MA 378 21.34 -62.35 -119.63
C UNK MA 378 21.97 -61.31 -120.56
N UNK MA 379 21.53 -60.06 -120.44
CA UNK MA 379 22.08 -58.96 -121.22
C UNK MA 379 23.55 -58.71 -120.87
N UNK MA 380 23.87 -58.79 -119.58
CA UNK MA 380 25.24 -58.64 -119.11
C UNK MA 380 26.14 -59.75 -119.65
N UNK MA 381 25.61 -60.97 -119.66
CA UNK MA 381 26.33 -62.12 -120.21
C UNK MA 381 26.57 -61.95 -121.72
N UNK MA 382 25.55 -61.49 -122.43
CA UNK MA 382 25.65 -61.26 -123.87
C UNK MA 382 26.64 -60.13 -124.20
N UNK MA 383 26.72 -59.15 -123.30
CA UNK MA 383 27.65 -58.04 -123.48
C UNK MA 383 29.09 -58.44 -123.14
N UNK MA 384 29.25 -59.31 -122.15
CA UNK MA 384 30.57 -59.74 -121.71
C UNK MA 384 31.06 -60.94 -122.50
N UNK MA 385 30.22 -61.47 -123.37
CA UNK MA 385 30.62 -62.42 -124.41
C UNK MA 385 31.32 -63.70 -123.97
N UNK MA 386 32.57 -63.86 -124.42
CA UNK MA 386 33.38 -65.02 -124.10
C UNK MA 386 34.21 -64.78 -122.84
N UNK MA 387 34.30 -63.52 -122.43
CA UNK MA 387 35.01 -63.16 -121.22
C UNK MA 387 34.06 -63.25 -120.02
N UNK MA 388 32.80 -63.51 -120.31
CA UNK MA 388 31.76 -63.67 -119.29
C UNK MA 388 31.96 -64.93 -118.45
N UNK MA 389 32.69 -65.90 -118.99
CA UNK MA 389 32.95 -67.16 -118.28
C UNK MA 389 33.88 -66.93 -117.09
N UNK MA 390 34.75 -65.94 -117.20
CA UNK MA 390 35.68 -65.61 -116.13
C UNK MA 390 35.17 -64.43 -115.31
N UNK MA 391 34.43 -63.54 -115.97
CA UNK MA 391 33.87 -62.37 -115.32
C UNK MA 391 32.36 -62.49 -115.17
N ARG OA 33 -29.96 -32.26 45.18
CA ARG OA 33 -30.05 -31.58 46.46
C ARG OA 33 -30.96 -32.34 47.42
N PRO OA 34 -30.72 -32.18 48.73
CA PRO OA 34 -31.58 -32.84 49.72
C PRO OA 34 -32.99 -32.26 49.71
N ARG OA 35 -33.97 -33.11 50.01
CA ARG OA 35 -35.36 -32.66 50.05
C ARG OA 35 -35.62 -31.78 51.26
N VAL OA 36 -35.03 -32.12 52.40
CA VAL OA 36 -35.25 -31.36 53.64
C VAL OA 36 -34.39 -30.11 53.64
N ILE OA 37 -34.96 -28.98 53.22
CA ILE OA 37 -34.23 -27.72 53.21
C ILE OA 37 -33.99 -27.22 54.62
N THR OA 38 -34.96 -27.41 55.52
CA THR OA 38 -34.84 -26.90 56.87
C THR OA 38 -33.82 -27.68 57.68
N GLU OA 39 -33.61 -28.95 57.34
CA GLU OA 39 -32.65 -29.77 58.08
C GLU OA 39 -31.21 -29.39 57.74
N VAL OA 40 -31.01 -28.74 56.60
CA VAL OA 40 -29.67 -28.33 56.20
C VAL OA 40 -29.24 -27.14 57.04
N ASP OA 41 -28.08 -27.26 57.70
CA ASP OA 41 -27.57 -26.19 58.54
C ASP OA 41 -26.17 -25.79 58.11
N SER OA 42 -25.56 -26.59 57.23
CA SER OA 42 -24.24 -26.27 56.71
C SER OA 42 -24.31 -25.07 55.78
N ILE OA 43 -23.42 -24.09 56.00
CA ILE OA 43 -23.37 -22.91 55.15
C ILE OA 43 -22.97 -23.25 53.72
N PRO OA 44 -21.96 -24.10 53.48
CA PRO OA 44 -21.54 -24.35 52.09
C PRO OA 44 -22.54 -25.18 51.31
N ALA OA 45 -23.18 -26.17 51.93
CA ALA OA 45 -24.19 -26.97 51.25
C ALA OA 45 -25.41 -26.11 50.89
N CYS OA 46 -25.83 -25.23 51.82
CA CYS OA 46 -26.93 -24.33 51.55
C CYS OA 46 -26.58 -23.34 50.45
N GLU OA 47 -25.33 -22.84 50.45
CA GLU OA 47 -24.90 -21.93 49.39
C GLU OA 47 -24.87 -22.62 48.03
N LYS OA 48 -24.41 -23.87 47.99
CA LYS OA 48 -24.41 -24.62 46.74
C LYS OA 48 -25.82 -24.89 46.25
N TRP OA 49 -26.74 -25.23 47.17
CA TRP OA 49 -28.13 -25.45 46.79
C TRP OA 49 -28.78 -24.16 46.26
N ARG OA 50 -28.48 -23.03 46.92
CA ARG OA 50 -29.00 -21.75 46.45
C ARG OA 50 -28.43 -21.36 45.09
N GLY OA 51 -27.15 -21.66 44.87
CA GLY OA 51 -26.56 -21.39 43.56
C GLY OA 51 -27.15 -22.25 42.47
N GLN OA 52 -27.41 -23.52 42.77
CA GLN OA 52 -28.05 -24.41 41.81
C GLN OA 52 -29.48 -23.96 41.50
N VAL OA 53 -30.21 -23.51 42.53
CA VAL OA 53 -31.57 -23.01 42.34
C VAL OA 53 -31.57 -21.74 41.51
N LEU OA 54 -30.58 -20.86 41.75
CA LEU OA 54 -30.47 -19.63 40.96
C LEU OA 54 -30.12 -19.93 39.51
N LYS OA 55 -29.25 -20.91 39.28
CA LYS OA 55 -28.92 -21.32 37.91
C LYS OA 55 -30.13 -21.91 37.21
N GLU OA 56 -30.92 -22.72 37.93
CA GLU OA 56 -32.15 -23.26 37.35
C GLU OA 56 -33.17 -22.16 37.05
N ILE OA 57 -33.27 -21.15 37.92
CA ILE OA 57 -34.20 -20.05 37.68
C ILE OA 57 -33.75 -19.23 36.47
N SER OA 58 -32.45 -19.01 36.34
CA SER OA 58 -31.92 -18.29 35.18
C SER OA 58 -32.15 -19.08 33.88
N ARG OA 59 -31.98 -20.40 33.94
CA ARG OA 59 -32.25 -21.23 32.76
C ARG OA 59 -33.73 -21.22 32.40
N LYS OA 60 -34.60 -21.24 33.41
CA LYS OA 60 -36.04 -21.16 33.15
C LYS OA 60 -36.42 -19.81 32.56
N VAL OA 61 -35.81 -18.73 33.04
CA VAL OA 61 -36.09 -17.40 32.48
C VAL OA 61 -35.59 -17.30 31.04
N SER OA 62 -34.43 -17.87 30.76
CA SER OA 62 -33.91 -17.88 29.40
C SER OA 62 -34.79 -18.71 28.47
N ARG OA 63 -35.32 -19.83 28.96
CA ARG OA 63 -36.24 -20.64 28.17
C ARG OA 63 -37.56 -19.91 27.93
N ILE OA 64 -38.04 -19.17 28.93
CA ILE OA 64 -39.26 -18.39 28.78
C ILE OA 64 -39.05 -17.22 27.83
N GLN OA 65 -37.81 -16.73 27.72
CA GLN OA 65 -37.52 -15.62 26.83
C GLN OA 65 -37.56 -16.05 25.37
N ASP OA 66 -37.49 -17.36 25.11
CA ASP OA 66 -37.52 -17.86 23.74
C ASP OA 66 -38.92 -17.68 23.16
N PRO OA 67 -39.05 -17.14 21.94
CA PRO OA 67 -40.38 -16.97 21.34
C PRO OA 67 -41.02 -18.26 20.88
N ALA OA 68 -40.26 -19.36 20.80
CA ALA OA 68 -40.83 -20.63 20.33
C ALA OA 68 -41.73 -21.26 21.38
N LEU OA 69 -41.64 -20.80 22.63
CA LEU OA 69 -42.45 -21.34 23.72
C LEU OA 69 -43.93 -20.99 23.54
N SER OA 70 -44.78 -22.00 23.49
CA SER OA 70 -46.23 -21.80 23.37
C SER OA 70 -46.82 -21.48 24.74
N ASP OA 71 -48.15 -21.49 24.82
CA ASP OA 71 -48.84 -21.18 26.07
C ASP OA 71 -48.55 -22.24 27.13
N TYR OA 72 -48.59 -23.52 26.75
CA TYR OA 72 -48.23 -24.58 27.69
C TYR OA 72 -46.76 -24.51 28.07
N GLN OA 73 -45.90 -24.20 27.09
CA GLN OA 73 -44.47 -24.09 27.37
C GLN OA 73 -44.18 -22.89 28.25
N ILE OA 74 -44.87 -21.76 28.04
CA ILE OA 74 -44.68 -20.60 28.88
C ILE OA 74 -45.19 -20.85 30.29
N ARG OA 75 -46.30 -21.58 30.41
CA ARG OA 75 -46.81 -21.95 31.74
C ARG OA 75 -45.85 -22.88 32.46
N ASP OA 76 -45.27 -23.84 31.74
CA ASP OA 76 -44.29 -24.74 32.34
C ASP OA 76 -43.03 -23.99 32.77
N LEU OA 77 -42.58 -23.04 31.94
CA LEU OA 77 -41.41 -22.23 32.29
C LEU OA 77 -41.69 -21.35 33.50
N ASN OA 78 -42.89 -20.76 33.59
CA ASN OA 78 -43.25 -19.96 34.75
C ASN OA 78 -43.34 -20.81 36.01
N ASP OA 79 -43.89 -22.02 35.89
CA ASP OA 79 -43.96 -22.92 37.04
C ASP OA 79 -42.57 -23.36 37.49
N GLU OA 80 -41.68 -23.63 36.54
CA GLU OA 80 -40.31 -24.01 36.88
C GLU OA 80 -39.56 -22.85 37.54
N ILE OA 81 -39.80 -21.63 37.05
CA ILE OA 81 -39.18 -20.44 37.64
C ILE OA 81 -39.68 -20.22 39.07
N ASN OA 82 -40.99 -20.41 39.27
CA ASN OA 82 -41.57 -20.27 40.61
C ASN OA 82 -41.04 -21.33 41.57
N LYS OA 83 -40.90 -22.57 41.08
CA LYS OA 83 -40.37 -23.64 41.91
C LYS OA 83 -38.90 -23.40 42.27
N LEU OA 84 -38.12 -22.91 41.30
CA LEU OA 84 -36.72 -22.59 41.56
C LEU OA 84 -36.60 -21.43 42.53
N MET OA 85 -37.48 -20.42 42.41
CA MET OA 85 -37.48 -19.31 43.36
C MET OA 85 -37.85 -19.77 44.76
N ARG OA 86 -38.82 -20.67 44.87
CA ARG OA 86 -39.19 -21.21 46.18
C ARG OA 86 -38.07 -22.03 46.80
N GLU OA 87 -37.39 -22.84 45.98
CA GLU OA 87 -36.26 -23.62 46.48
C GLU OA 87 -35.10 -22.71 46.92
N LYS OA 88 -34.84 -21.65 46.14
CA LYS OA 88 -33.80 -20.70 46.51
C LYS OA 88 -34.18 -19.94 47.78
N HIS OA 89 -35.47 -19.62 47.95
CA HIS OA 89 -35.93 -18.95 49.16
C HIS OA 89 -35.78 -19.85 50.37
N MET OA 90 -36.09 -21.14 50.22
CA MET OA 90 -35.92 -22.08 51.33
C MET OA 90 -34.45 -22.27 51.67
N TRP OA 91 -33.58 -22.37 50.67
CA TRP OA 91 -32.15 -22.50 50.92
C TRP OA 91 -31.59 -21.25 51.58
N GLU OA 92 -32.04 -20.07 51.15
CA GLU OA 92 -31.58 -18.82 51.75
C GLU OA 92 -32.10 -18.66 53.16
N VAL OA 93 -33.31 -19.16 53.44
CA VAL OA 93 -33.85 -19.13 54.80
C VAL OA 93 -33.04 -20.02 55.72
N GLN OA 94 -32.68 -21.22 55.23
CA GLN OA 94 -31.85 -22.13 56.00
C GLN OA 94 -30.46 -21.53 56.23
N ILE OA 95 -29.92 -20.85 55.22
CA ILE OA 95 -28.61 -20.22 55.34
C ILE OA 95 -28.66 -19.09 56.37
N ARG OA 96 -29.67 -18.23 56.28
CA ARG OA 96 -29.81 -17.12 57.23
C ARG OA 96 -30.07 -17.63 58.64
N ASN OA 97 -30.68 -18.81 58.75
CA ASN OA 97 -30.81 -19.44 60.06
C ASN OA 97 -29.45 -19.93 60.58
N LEU OA 98 -28.62 -20.50 59.70
CA LEU OA 98 -27.41 -21.18 60.12
C LEU OA 98 -26.21 -20.80 59.25
N GLY OA 99 -26.00 -19.50 59.05
CA GLY OA 99 -24.76 -19.03 58.46
C GLY OA 99 -24.84 -18.64 56.99
N GLY OA 100 -24.85 -17.34 56.71
CA GLY OA 100 -24.94 -16.86 55.35
C GLY OA 100 -25.48 -15.44 55.25
#